data_7QCO
#
_entry.id   7QCO
#
_cell.length_a   1.00
_cell.length_b   1.00
_cell.length_c   1.00
_cell.angle_alpha   90.00
_cell.angle_beta   90.00
_cell.angle_gamma   90.00
#
_symmetry.space_group_name_H-M   'P 1'
#
loop_
_entity.id
_entity.type
_entity.pdbx_description
1 polymer 'Photosystem I P700 chlorophyll a apoprotein A1'
2 polymer 'Photosystem I P700 chlorophyll a apoprotein A2'
3 polymer 'Photosystem I iron-sulfur center'
4 polymer 'Photosystem I reaction center subunit II'
5 polymer 'Photosystem I reaction center subunit IV'
6 polymer 'Photosystem I reaction center subunit III'
7 polymer 'Photosystem I reaction center subunit VIII'
8 polymer 'Photosystem I reaction center subunit IX'
9 polymer 'Photosystem I reaction center subunit PsaK'
10 polymer 'Photosystem I reaction center subunit XI'
11 polymer 'Photosystem I reaction center subunit XII'
12 non-polymer 1,2-DIPALMITOYL-PHOSPHATIDYL-GLYCEROLE
13 non-polymer 'CHLOROPHYLL A'
14 non-polymer PHYLLOQUINONE
15 non-polymer BETA-CAROTENE
16 non-polymer 'IRON/SULFUR CLUSTER'
#
loop_
_entity_poly.entity_id
_entity_poly.type
_entity_poly.pdbx_seq_one_letter_code
_entity_poly.pdbx_strand_id
1 'polypeptide(L)'
;MTMSPPEREEKKARVIVDNDPVPTSFEKWGQPGHFDRTLAKGPKTTTWIWNLHALAHDFDTHTSDLEDISRKIFAAHFGQ
LAVIFLWLSGMEFHGARFSNYEAWLSDPIGIKPSAQVVWPIVGQDILNADVGGGFHGIQITSGLFQVWRAAGFTNSFQLY
VTAIGGLVAAALMLFAGWFHYHKRAPKLEWFQNAESMLNHHLAGLLGLGCLSWAGHQIHVALPVNKLLDAGVAPKDIPLP
HEFILNNSLMAELYPSFAKGLTPFWTLNWGQYADFLTFKGGLNPVTGGLWLTDTAHHHLALAVLFIVAGHMYRTNWGIGH
SIKEILENHKGPFTGDGHKGLYENMTTSWHAQLGTNLAMLGSLTIIVAHHMYAMPPYPYLATDYATALSIFTHHMWIGGF
LIVGGAAHATIFMVRDYDPAVNQNNVLDRVIRHRDAIISHLNWVCMFLGFHSFGLYIHNDTMQALGRPQDMFSDTAIQLQ
PVFAQFVQNIHTLAPGSTAPNALEPVSYAFGGGVVAVGGKIAMMPIALGTADFMIHHIHAFQIHVTVLILLKGFLFARNS
RLIPDKANLGFRFPCDGPGRGGTCQVSGWDHVFLGLFWMFNTIAIAVYHFSWKMQSDVWGTIDPDGTIAHITGGNFAMSA
NTINGWLRDYQWAQAAQVIQSYGSALSAYGLLFLGAHFVWAFSLMFLFSGRGYWQELIESIVWAHNKLKVAPTIQPRALS
IIQGRAVGVAHYLLGAIVTIWAFFEARIISVG
;
A,E,e,a
2 'polypeptide(L)'
;MATKFPKFSQDLAQDPTTRRLWYGIATAHDFETHDGMTEENLYQKLFATHFGHVAIIFLWTSSLLFHVAWQGNFEQWIKD
PLNVRPIAHAIWDPHFGKAAVDAFTQAGATYPVNIAYSGVYHWWYTIGMRTNNDLYSGAVFLLILAGVFLFAGWLHLQPK
FRPSLSWFKSAEPRLNHHLAGLFGVSSLAWTGHLVHVAIPESRGQHVGWDNFLTTLPHPEGLRPFFTGNWGVYAANPDTA
NHVFGTSQGAGTAILTFLGGFHPQTQSLWLTDMAHHHLAIAVLFIIAGHMYRTNFGIGHSIKEMLNAKNFFGTKTEGQFN
LPHQGLYDTINNSLHFQLSLALAALGTITSLVAQHMYALPPYAFMGQDFTTQAALYTHHQYIAVFLMVGAFAHAGIFWVR
DYDAEQNKGNVLDRVLQHKEAIISHLSWVSLFLGFHTLGLYVHNDVVVAFGTPEKQILIEPVFAQFIQASHGKVLYGLNT
LLSNPDSVASTAGAAWLPGWLDAINNGTNSLFLTIGPGDFLVHHAFALGIHTTVLVLVKGALDARGSKLMPDKKDFGYAF
PCDGPGRGGTCDISAWDAFYLALFWALNTVGWVTFYWHWKHLGIWQGNVAQFNESSTYLMGWLRDYLWLYSAQLINGYNP
YGMNNLSVWAWMFLFGHLVWATGFMFLISWRGYWQELIETLVWAHERTPLASLVRWKDKPVAMSIVQGRLVGLAHFTVGY
VLTYAAFVIASTAGKFG
;
B,G,g,b
3 'polypeptide(L)'
;MSHSVKIYDTCIGCTQCVRACPTDVLEMVPWDGCKAGQIAASPRTEDCVGCKRCETACPTDFLSIRVYLSNAETTRSMGL
AY
;
C,H,h,c
4 'polypeptide(L)'
;MAEELSGQTPIFGGSTGGLLTKAFREEKYVITWTSPKEQVFEMPTGGAAIMRQGPNKLELARKEYCIALGGQQLRAKFRI
TDYKIYRVYPNGEVQYLHPSDGVFPEKVNEGRQKVGYVDRNIGKNPDPAKLKFSGMTTYNAPGPKSSEAGKGSQDTKSGS
LPRQGIEM
;
D,N,n,d
5 'polypeptide(L)'
;MVERGSKVRILRKESYWFQDVGVVASVDKSGIRYPVIVRFDKVNYAGVNTNNFAETELVEIEKPTAKAKKATPAATGGKQ
TTIDERTRTTGQGTPLKPEAKTTAAPESGEGSSTVVGDANQGTESR
;
V,W,v,w
6 'polypeptide(L)'
;MRRLFALVLVISLWFSFAPQALAVGAGLVPCSESPEFIQRAASARNTTADPNSGQKRFERYAQELCGPEGLPHLIVDGRL
NHAGDFLIPSILFLYIAGWIGWVGRAYLQEIKKRDNTELREVIIDVPTALPLMLSGFTWPLAAVKELLSGELVAKDDEIP
VSPR
;
F,O,o,f
7 'polypeptide(L)' MFSASFLPSILVPLTGLVFPAIAMALLLIYVEREDPSGI I,P,p,i
8 'polypeptide(L)' MQKKGDNQNYLLRYLSLGPVLLFAWLSFTAVLLIVFNYLYPDLLFHPLP J,Q,q,j
9 'polypeptide(L)'
;MTDLILLAAVQSTVPDTVRWSWTGSAIIIGASLVILFIASRTIRFPQVGPKMPLPFPALFNNPSVGTVLGSVSLGHIVGI
GIILGLNNLGILK
;
K,R,r,k
10 'polypeptide(L)'
;MAQAIDASKNRPSDPRNQEVVYPSRRDPQIGNLETPINNSSLVKWFINNLPAYRPGITPLRRGLEVGMAHGYWLLGPFAK
LGPLRDTDVANIAGLLATLGMVVISTLAVSLYAATDPPKPVATVTVPNPPDTFDTTEGWNTFASGFLIGGVGGAVVAYFI
LANIELIQNIFK
;
L,S,s,l
11 'polypeptide(L)' MSISDTQVFVALVIALIPGVLAFRLATELYK M,T,t,m
#
loop_
_chem_comp.id
_chem_comp.type
_chem_comp.name
_chem_comp.formula
BCR non-polymer BETA-CAROTENE 'C40 H56'
CLA non-polymer 'CHLOROPHYLL A' 'C55 H72 Mg N4 O5'
LHG non-polymer 1,2-DIPALMITOYL-PHOSPHATIDYL-GLYCEROLE 'C38 H75 O10 P'
PQN non-polymer PHYLLOQUINONE 'C31 H46 O2'
SF4 non-polymer 'IRON/SULFUR CLUSTER' 'Fe4 S4'
#
# COMPACT_ATOMS: atom_id res chain seq x y z
N SER A 25 -27.35 51.52 -98.64
CA SER A 25 -26.63 51.72 -97.40
C SER A 25 -26.54 50.42 -96.62
N PHE A 26 -25.66 49.53 -97.10
CA PHE A 26 -25.49 48.19 -96.54
C PHE A 26 -24.04 47.76 -96.49
N GLU A 27 -23.11 48.68 -96.68
CA GLU A 27 -21.69 48.38 -96.79
C GLU A 27 -20.98 48.20 -95.46
N LYS A 28 -21.67 47.96 -94.34
CA LYS A 28 -21.06 48.22 -93.03
C LYS A 28 -21.13 47.07 -92.02
N TRP A 29 -22.06 46.13 -92.15
CA TRP A 29 -22.22 45.11 -91.12
C TRP A 29 -21.02 44.17 -91.05
N GLY A 30 -20.67 43.54 -92.16
CA GLY A 30 -19.64 42.52 -92.18
C GLY A 30 -18.24 43.04 -92.00
N GLN A 31 -18.05 43.90 -91.00
CA GLN A 31 -16.75 44.42 -90.61
C GLN A 31 -16.63 44.23 -89.10
N PRO A 32 -16.53 42.98 -88.65
CA PRO A 32 -16.64 42.69 -87.21
C PRO A 32 -15.57 43.39 -86.39
N GLY A 33 -15.77 43.35 -85.07
CA GLY A 33 -14.93 44.12 -84.18
C GLY A 33 -15.02 45.61 -84.42
N HIS A 34 -16.16 46.09 -84.90
CA HIS A 34 -16.29 47.50 -85.20
C HIS A 34 -16.20 48.36 -83.93
N PHE A 35 -16.52 47.78 -82.77
CA PHE A 35 -16.53 48.54 -81.53
C PHE A 35 -15.26 48.38 -80.70
N ASP A 36 -14.44 47.37 -80.98
CA ASP A 36 -13.18 47.17 -80.27
C ASP A 36 -12.01 47.26 -81.23
N ARG A 37 -10.95 47.92 -80.78
CA ARG A 37 -9.75 48.11 -81.60
C ARG A 37 -8.85 46.89 -81.60
N THR A 38 -8.93 46.05 -80.58
CA THR A 38 -8.02 44.91 -80.45
C THR A 38 -8.49 43.72 -81.28
N LEU A 39 -9.71 43.25 -81.02
CA LEU A 39 -10.25 42.10 -81.75
C LEU A 39 -10.74 42.47 -83.14
N ALA A 40 -10.54 43.70 -83.60
CA ALA A 40 -10.90 44.07 -84.95
C ALA A 40 -9.93 43.57 -85.99
N LYS A 41 -8.70 43.24 -85.60
CA LYS A 41 -7.68 42.92 -86.60
C LYS A 41 -7.95 41.57 -87.26
N GLY A 42 -7.98 40.49 -86.48
CA GLY A 42 -8.14 39.17 -87.05
C GLY A 42 -8.21 38.06 -86.03
N PRO A 43 -8.86 36.96 -86.40
CA PRO A 43 -8.98 35.82 -85.49
C PRO A 43 -7.76 34.91 -85.48
N LYS A 44 -6.77 35.23 -84.65
CA LYS A 44 -5.60 34.36 -84.53
C LYS A 44 -6.01 32.94 -84.13
N THR A 45 -6.61 32.80 -82.95
CA THR A 45 -7.11 31.50 -82.50
C THR A 45 -8.59 31.58 -82.17
N THR A 46 -9.17 30.49 -81.69
CA THR A 46 -10.59 30.45 -81.40
C THR A 46 -11.00 31.43 -80.31
N THR A 47 -10.04 31.88 -79.49
CA THR A 47 -10.35 32.85 -78.44
C THR A 47 -11.02 34.08 -79.03
N TRP A 48 -10.58 34.52 -80.21
CA TRP A 48 -11.14 35.70 -80.84
C TRP A 48 -12.64 35.57 -81.05
N ILE A 49 -13.13 34.35 -81.24
CA ILE A 49 -14.57 34.15 -81.37
C ILE A 49 -15.25 34.46 -80.05
N TRP A 50 -14.75 33.88 -78.96
CA TRP A 50 -15.46 33.93 -77.68
C TRP A 50 -15.70 35.37 -77.24
N ASN A 51 -14.64 36.17 -77.15
CA ASN A 51 -14.79 37.55 -76.72
C ASN A 51 -15.73 38.34 -77.61
N LEU A 52 -15.93 37.90 -78.85
CA LEU A 52 -16.86 38.59 -79.74
C LEU A 52 -18.26 38.65 -79.13
N HIS A 53 -18.68 37.60 -78.44
CA HIS A 53 -19.99 37.57 -77.82
C HIS A 53 -19.96 38.04 -76.38
N ALA A 54 -18.86 38.66 -75.95
CA ALA A 54 -18.69 39.04 -74.55
C ALA A 54 -18.64 40.54 -74.31
N LEU A 55 -18.15 41.32 -75.27
CA LEU A 55 -17.98 42.76 -75.09
C LEU A 55 -18.83 43.56 -76.05
N ALA A 56 -19.95 42.98 -76.51
CA ALA A 56 -20.79 43.62 -77.50
C ALA A 56 -21.71 44.69 -76.92
N HIS A 57 -21.77 44.82 -75.60
CA HIS A 57 -22.73 45.75 -75.01
C HIS A 57 -22.15 46.68 -73.94
N ASP A 58 -21.10 46.30 -73.24
CA ASP A 58 -20.53 47.15 -72.21
C ASP A 58 -19.77 48.31 -72.83
N PHE A 59 -20.48 49.22 -73.50
CA PHE A 59 -19.77 50.28 -74.18
C PHE A 59 -19.22 51.33 -73.23
N ASP A 60 -19.46 51.20 -71.93
CA ASP A 60 -18.66 51.95 -70.98
C ASP A 60 -17.19 51.55 -71.05
N THR A 61 -16.91 50.37 -71.60
CA THR A 61 -15.56 49.90 -71.86
C THR A 61 -15.05 50.29 -73.24
N HIS A 62 -15.64 51.32 -73.85
CA HIS A 62 -15.26 51.76 -75.18
C HIS A 62 -14.70 53.18 -75.20
N THR A 63 -15.26 54.09 -74.42
CA THR A 63 -14.77 55.46 -74.33
C THR A 63 -15.06 55.97 -72.92
N SER A 64 -14.85 57.28 -72.74
CA SER A 64 -15.21 57.97 -71.50
C SER A 64 -16.44 58.85 -71.66
N ASP A 65 -16.92 59.04 -72.89
CA ASP A 65 -18.06 59.90 -73.13
C ASP A 65 -19.34 59.24 -72.65
N LEU A 66 -20.37 60.05 -72.47
CA LEU A 66 -21.62 59.58 -71.88
C LEU A 66 -22.84 59.75 -72.76
N GLU A 67 -22.91 60.84 -73.54
CA GLU A 67 -24.07 61.04 -74.40
C GLU A 67 -24.26 59.87 -75.36
N ASP A 68 -23.16 59.37 -75.92
CA ASP A 68 -23.22 58.18 -76.75
C ASP A 68 -23.80 56.99 -75.99
N ILE A 69 -23.34 56.79 -74.75
CA ILE A 69 -23.84 55.71 -73.91
C ILE A 69 -25.35 55.82 -73.77
N SER A 70 -25.82 57.01 -73.38
CA SER A 70 -27.24 57.21 -73.16
C SER A 70 -28.04 56.95 -74.43
N ARG A 71 -27.54 57.42 -75.57
CA ARG A 71 -28.25 57.19 -76.83
C ARG A 71 -28.35 55.69 -77.13
N LYS A 72 -27.25 54.96 -76.93
CA LYS A 72 -27.29 53.52 -77.13
C LYS A 72 -28.33 52.87 -76.24
N ILE A 73 -28.40 53.31 -74.98
CA ILE A 73 -29.38 52.73 -74.05
C ILE A 73 -30.79 53.01 -74.52
N PHE A 74 -31.05 54.22 -75.01
CA PHE A 74 -32.38 54.54 -75.53
C PHE A 74 -32.76 53.62 -76.67
N ALA A 75 -31.86 53.48 -77.65
CA ALA A 75 -32.16 52.65 -78.81
C ALA A 75 -32.39 51.20 -78.41
N ALA A 76 -31.56 50.69 -77.50
CA ALA A 76 -31.74 49.31 -77.06
C ALA A 76 -33.08 49.13 -76.38
N HIS A 77 -33.49 50.09 -75.56
CA HIS A 77 -34.78 50.01 -74.91
C HIS A 77 -35.90 49.96 -75.96
N PHE A 78 -35.81 50.82 -76.98
CA PHE A 78 -36.80 50.80 -78.05
C PHE A 78 -36.86 49.43 -78.71
N GLY A 79 -35.70 48.83 -78.99
CA GLY A 79 -35.70 47.51 -79.61
C GLY A 79 -36.36 46.46 -78.75
N GLN A 80 -36.09 46.50 -77.44
CA GLN A 80 -36.74 45.56 -76.54
C GLN A 80 -38.25 45.73 -76.56
N LEU A 81 -38.72 46.99 -76.53
CA LEU A 81 -40.15 47.23 -76.62
C LEU A 81 -40.71 46.69 -77.93
N ALA A 82 -39.94 46.82 -79.02
CA ALA A 82 -40.41 46.34 -80.31
C ALA A 82 -40.61 44.84 -80.30
N VAL A 83 -39.64 44.10 -79.76
CA VAL A 83 -39.83 42.65 -79.71
C VAL A 83 -40.98 42.31 -78.77
N ILE A 84 -41.20 43.11 -77.74
CA ILE A 84 -42.34 42.91 -76.85
C ILE A 84 -43.63 42.96 -77.66
N PHE A 85 -43.84 44.06 -78.36
CA PHE A 85 -45.07 44.22 -79.16
C PHE A 85 -45.21 43.08 -80.15
N LEU A 86 -44.12 42.74 -80.83
CA LEU A 86 -44.15 41.68 -81.82
C LEU A 86 -44.68 40.38 -81.22
N TRP A 87 -44.07 39.93 -80.12
CA TRP A 87 -44.42 38.63 -79.60
C TRP A 87 -45.84 38.64 -79.02
N LEU A 88 -46.25 39.74 -78.39
CA LEU A 88 -47.61 39.75 -77.86
C LEU A 88 -48.66 39.72 -78.97
N SER A 89 -48.43 40.48 -80.05
CA SER A 89 -49.38 40.49 -81.16
C SER A 89 -49.42 39.12 -81.85
N GLY A 90 -48.25 38.49 -82.03
CA GLY A 90 -48.23 37.16 -82.61
C GLY A 90 -48.94 36.12 -81.76
N MET A 91 -48.79 36.22 -80.43
CA MET A 91 -49.48 35.29 -79.56
C MET A 91 -50.99 35.51 -79.64
N GLU A 92 -51.41 36.77 -79.68
CA GLU A 92 -52.82 37.04 -80.01
C GLU A 92 -53.23 36.29 -81.26
N PHE A 93 -52.54 36.57 -82.38
CA PHE A 93 -52.94 36.00 -83.67
C PHE A 93 -53.09 34.48 -83.59
N HIS A 94 -52.16 33.82 -82.90
CA HIS A 94 -52.36 32.39 -82.65
C HIS A 94 -53.63 32.15 -81.86
N GLY A 95 -53.92 33.01 -80.89
CA GLY A 95 -55.14 32.87 -80.12
C GLY A 95 -56.40 33.07 -80.92
N ALA A 96 -56.30 33.71 -82.09
CA ALA A 96 -57.48 34.01 -82.90
C ALA A 96 -57.79 32.93 -83.91
N ARG A 97 -56.77 32.37 -84.55
CA ARG A 97 -56.97 31.44 -85.66
C ARG A 97 -56.74 29.98 -85.28
N PHE A 98 -56.13 29.70 -84.12
CA PHE A 98 -55.80 28.33 -83.79
C PHE A 98 -56.08 28.00 -82.33
N SER A 99 -56.97 28.75 -81.68
CA SER A 99 -57.29 28.55 -80.27
C SER A 99 -58.80 28.39 -80.12
N ASN A 100 -59.20 27.43 -79.29
CA ASN A 100 -60.62 27.17 -79.09
C ASN A 100 -61.21 28.15 -78.10
N TYR A 101 -61.01 29.45 -78.32
CA TYR A 101 -61.55 30.44 -77.38
C TYR A 101 -63.06 30.57 -77.53
N GLU A 102 -63.52 30.95 -78.72
CA GLU A 102 -64.92 31.27 -78.91
C GLU A 102 -65.85 30.08 -78.72
N ALA A 103 -65.32 28.86 -78.73
CA ALA A 103 -66.10 27.71 -78.29
C ALA A 103 -66.02 27.54 -76.78
N TRP A 104 -64.84 27.74 -76.21
CA TRP A 104 -64.68 27.76 -74.77
C TRP A 104 -65.36 28.96 -74.12
N LEU A 105 -65.75 29.96 -74.93
CA LEU A 105 -66.48 31.11 -74.42
C LEU A 105 -67.72 30.68 -73.64
N SER A 106 -68.64 29.99 -74.31
CA SER A 106 -69.92 29.66 -73.70
C SER A 106 -69.76 28.74 -72.49
N ASP A 107 -68.68 27.97 -72.44
CA ASP A 107 -68.42 27.07 -71.32
C ASP A 107 -66.95 27.16 -70.93
N PRO A 108 -66.63 27.88 -69.85
CA PRO A 108 -65.24 27.90 -69.36
C PRO A 108 -64.89 26.77 -68.41
N ILE A 109 -65.83 25.87 -68.12
CA ILE A 109 -65.59 24.79 -67.17
C ILE A 109 -65.34 23.49 -67.93
N GLY A 110 -66.33 23.05 -68.70
CA GLY A 110 -66.24 21.79 -69.41
C GLY A 110 -65.31 21.78 -70.61
N ILE A 111 -64.57 22.86 -70.84
CA ILE A 111 -63.61 22.95 -71.94
C ILE A 111 -62.29 23.46 -71.38
N LYS A 112 -61.19 22.87 -71.83
CA LYS A 112 -59.86 23.29 -71.41
C LYS A 112 -59.19 24.02 -72.55
N PRO A 113 -58.84 25.30 -72.39
CA PRO A 113 -58.29 26.06 -73.50
C PRO A 113 -57.02 25.44 -74.08
N SER A 114 -56.74 25.79 -75.33
CA SER A 114 -55.62 25.21 -76.05
C SER A 114 -55.19 26.17 -77.16
N ALA A 115 -54.11 25.80 -77.82
CA ALA A 115 -53.56 26.57 -78.95
C ALA A 115 -52.50 25.70 -79.62
N GLN A 116 -51.81 26.28 -80.60
CA GLN A 116 -50.66 25.65 -81.25
C GLN A 116 -50.99 24.24 -81.73
N VAL A 117 -51.89 24.18 -82.71
CA VAL A 117 -52.33 22.90 -83.24
C VAL A 117 -51.14 22.17 -83.87
N VAL A 118 -51.13 20.84 -83.72
CA VAL A 118 -50.00 20.01 -84.10
C VAL A 118 -49.97 19.82 -85.61
N TRP A 119 -48.77 19.84 -86.20
CA TRP A 119 -48.64 19.69 -87.65
C TRP A 119 -48.65 18.21 -88.03
N PRO A 120 -49.54 17.78 -88.92
CA PRO A 120 -49.77 16.34 -89.18
C PRO A 120 -48.72 15.70 -90.06
N ILE A 121 -47.56 15.41 -89.50
CA ILE A 121 -46.51 14.66 -90.17
C ILE A 121 -46.03 13.55 -89.23
N VAL A 122 -45.05 12.78 -89.69
CA VAL A 122 -44.50 11.70 -88.89
C VAL A 122 -43.83 12.28 -87.66
N GLY A 123 -44.26 11.82 -86.49
CA GLY A 123 -43.63 12.20 -85.25
C GLY A 123 -44.53 13.03 -84.37
N GLN A 124 -45.25 13.99 -84.95
CA GLN A 124 -46.22 14.79 -84.23
C GLN A 124 -47.56 14.65 -84.96
N ASP A 125 -48.23 13.56 -84.69
CA ASP A 125 -49.58 13.32 -85.15
C ASP A 125 -50.47 12.82 -84.01
N ILE A 126 -49.92 12.01 -83.12
CA ILE A 126 -50.64 11.50 -81.96
C ILE A 126 -50.81 12.56 -80.89
N LEU A 127 -50.14 13.70 -81.01
CA LEU A 127 -50.15 14.72 -79.98
C LEU A 127 -51.35 15.67 -80.08
N ASN A 128 -52.43 15.26 -80.73
CA ASN A 128 -53.58 16.13 -80.91
C ASN A 128 -54.26 16.34 -79.56
N ALA A 129 -53.99 17.47 -78.92
CA ALA A 129 -54.65 17.76 -77.65
C ALA A 129 -56.10 18.12 -77.91
N ASP A 130 -56.97 17.12 -77.89
CA ASP A 130 -58.39 17.34 -78.12
C ASP A 130 -59.06 17.72 -76.80
N VAL A 131 -59.69 18.89 -76.78
CA VAL A 131 -60.23 19.46 -75.55
C VAL A 131 -61.74 19.62 -75.67
N GLY A 132 -62.38 18.71 -76.38
CA GLY A 132 -63.80 18.80 -76.61
C GLY A 132 -64.14 19.66 -77.80
N GLY A 133 -65.25 19.35 -78.46
CA GLY A 133 -65.59 20.06 -79.68
C GLY A 133 -64.67 19.74 -80.85
N GLY A 134 -63.94 18.62 -80.78
CA GLY A 134 -63.02 18.24 -81.83
C GLY A 134 -61.77 19.07 -81.96
N PHE A 135 -61.63 20.12 -81.17
CA PHE A 135 -60.48 21.02 -81.29
C PHE A 135 -59.23 20.33 -80.74
N HIS A 136 -58.35 19.91 -81.64
CA HIS A 136 -57.08 19.33 -81.23
C HIS A 136 -56.06 20.44 -80.96
N GLY A 137 -54.81 20.05 -80.75
CA GLY A 137 -53.74 21.02 -80.63
C GLY A 137 -52.80 20.82 -79.46
N ILE A 138 -52.69 21.83 -78.61
CA ILE A 138 -51.83 21.79 -77.43
C ILE A 138 -52.58 22.46 -76.28
N GLN A 139 -52.86 21.71 -75.22
CA GLN A 139 -53.56 22.25 -74.05
C GLN A 139 -52.62 23.19 -73.30
N ILE A 140 -52.80 24.49 -73.51
CA ILE A 140 -51.89 25.48 -72.96
C ILE A 140 -52.24 25.76 -71.51
N THR A 141 -51.28 26.37 -70.80
CA THR A 141 -51.52 26.86 -69.43
C THR A 141 -50.82 28.21 -69.30
N SER A 142 -51.51 29.26 -69.70
CA SER A 142 -51.06 30.61 -69.40
C SER A 142 -52.22 31.56 -69.12
N GLY A 143 -53.46 31.09 -69.14
CA GLY A 143 -54.61 31.87 -68.69
C GLY A 143 -54.82 33.20 -69.37
N LEU A 144 -54.48 33.30 -70.65
CA LEU A 144 -54.79 34.54 -71.37
C LEU A 144 -56.29 34.67 -71.61
N PHE A 145 -56.97 33.54 -71.85
CA PHE A 145 -58.42 33.55 -71.98
C PHE A 145 -59.10 34.13 -70.75
N GLN A 146 -58.48 33.98 -69.58
CA GLN A 146 -59.00 34.62 -68.37
C GLN A 146 -59.06 36.13 -68.54
N VAL A 147 -57.98 36.73 -69.03
CA VAL A 147 -58.05 38.12 -69.44
C VAL A 147 -59.14 38.30 -70.48
N TRP A 148 -59.22 37.37 -71.42
CA TRP A 148 -60.26 37.37 -72.44
C TRP A 148 -61.61 36.90 -71.92
N ARG A 149 -61.73 36.59 -70.64
CA ARG A 149 -63.04 36.50 -70.00
C ARG A 149 -63.40 37.76 -69.23
N ALA A 150 -62.44 38.67 -69.04
CA ALA A 150 -62.71 39.96 -68.41
C ALA A 150 -62.77 41.08 -69.43
N ALA A 151 -61.92 41.04 -70.45
CA ALA A 151 -61.98 42.04 -71.51
C ALA A 151 -63.23 41.91 -72.37
N GLY A 152 -64.01 40.83 -72.22
CA GLY A 152 -65.21 40.64 -73.00
C GLY A 152 -64.96 40.55 -74.49
N PHE A 153 -64.32 39.47 -74.91
CA PHE A 153 -63.89 39.30 -76.30
C PHE A 153 -64.81 38.31 -76.99
N THR A 154 -65.52 38.77 -78.03
CA THR A 154 -66.50 37.96 -78.73
C THR A 154 -65.92 37.31 -79.99
N ASN A 155 -65.46 38.11 -80.94
CA ASN A 155 -65.02 37.62 -82.24
C ASN A 155 -63.52 37.84 -82.41
N SER A 156 -62.89 36.93 -83.17
CA SER A 156 -61.45 36.96 -83.34
C SER A 156 -60.97 38.02 -84.32
N PHE A 157 -61.87 38.64 -85.10
CA PHE A 157 -61.42 39.64 -86.06
C PHE A 157 -60.94 40.90 -85.37
N GLN A 158 -61.67 41.36 -84.34
CA GLN A 158 -61.17 42.48 -83.55
C GLN A 158 -59.80 42.16 -82.99
N LEU A 159 -59.59 40.91 -82.57
CA LEU A 159 -58.29 40.50 -82.07
C LEU A 159 -57.23 40.55 -83.18
N TYR A 160 -57.60 40.15 -84.40
CA TYR A 160 -56.74 40.28 -85.56
C TYR A 160 -56.28 41.74 -85.71
N VAL A 161 -57.23 42.66 -85.65
CA VAL A 161 -56.88 44.08 -85.71
C VAL A 161 -55.96 44.46 -84.56
N THR A 162 -56.17 43.86 -83.38
CA THR A 162 -55.33 44.18 -82.24
C THR A 162 -53.87 43.80 -82.52
N ALA A 163 -53.66 42.60 -83.05
CA ALA A 163 -52.31 42.18 -83.39
C ALA A 163 -51.70 43.11 -84.43
N ILE A 164 -52.50 43.50 -85.43
CA ILE A 164 -51.99 44.42 -86.45
C ILE A 164 -51.52 45.71 -85.80
N GLY A 165 -52.32 46.24 -84.87
CA GLY A 165 -51.93 47.46 -84.18
C GLY A 165 -50.67 47.29 -83.38
N GLY A 166 -50.56 46.16 -82.67
CA GLY A 166 -49.36 45.92 -81.88
C GLY A 166 -48.11 45.89 -82.74
N LEU A 167 -48.17 45.17 -83.86
CA LEU A 167 -46.98 45.06 -84.70
C LEU A 167 -46.65 46.38 -85.38
N VAL A 168 -47.66 47.13 -85.80
CA VAL A 168 -47.36 48.40 -86.45
C VAL A 168 -46.78 49.37 -85.44
N ALA A 169 -47.23 49.34 -84.19
CA ALA A 169 -46.64 50.20 -83.17
C ALA A 169 -45.20 49.78 -82.89
N ALA A 170 -44.94 48.48 -82.88
CA ALA A 170 -43.57 47.99 -82.74
C ALA A 170 -42.68 48.60 -83.80
N ALA A 171 -43.03 48.39 -85.07
CA ALA A 171 -42.24 48.94 -86.18
C ALA A 171 -42.12 50.45 -86.05
N LEU A 172 -43.19 51.11 -85.60
CA LEU A 172 -43.21 52.55 -85.48
C LEU A 172 -42.15 53.03 -84.51
N MET A 173 -42.16 52.49 -83.29
CA MET A 173 -41.20 52.95 -82.31
C MET A 173 -39.78 52.48 -82.62
N LEU A 174 -39.64 51.38 -83.38
CA LEU A 174 -38.30 51.02 -83.84
C LEU A 174 -37.76 52.07 -84.81
N PHE A 175 -38.59 52.46 -85.77
CA PHE A 175 -38.24 53.57 -86.66
C PHE A 175 -37.93 54.83 -85.86
N ALA A 176 -38.68 55.05 -84.78
CA ALA A 176 -38.42 56.21 -83.93
C ALA A 176 -37.05 56.13 -83.30
N GLY A 177 -36.64 54.94 -82.85
CA GLY A 177 -35.31 54.78 -82.31
C GLY A 177 -34.25 55.05 -83.35
N TRP A 178 -34.43 54.51 -84.55
CA TRP A 178 -33.50 54.80 -85.63
C TRP A 178 -33.36 56.29 -85.85
N PHE A 179 -34.50 56.99 -85.90
CA PHE A 179 -34.46 58.43 -86.14
C PHE A 179 -33.74 59.15 -85.00
N HIS A 180 -34.15 58.90 -83.77
CA HIS A 180 -33.56 59.57 -82.62
C HIS A 180 -32.12 59.16 -82.36
N TYR A 181 -31.58 58.18 -83.09
CA TYR A 181 -30.14 57.95 -83.03
C TYR A 181 -29.37 58.49 -84.23
N HIS A 182 -29.95 58.42 -85.43
CA HIS A 182 -29.20 58.73 -86.65
C HIS A 182 -29.43 60.13 -87.17
N LYS A 183 -30.57 60.75 -86.86
CA LYS A 183 -30.89 62.08 -87.37
C LYS A 183 -30.90 63.14 -86.29
N ARG A 184 -31.71 62.96 -85.25
CA ARG A 184 -31.86 63.95 -84.18
C ARG A 184 -31.69 63.23 -82.84
N ALA A 185 -30.47 63.27 -82.31
CA ALA A 185 -30.28 62.60 -81.03
C ALA A 185 -30.28 63.61 -79.89
N PRO A 186 -30.83 63.23 -78.74
CA PRO A 186 -30.93 64.18 -77.63
C PRO A 186 -29.57 64.59 -77.09
N LYS A 187 -29.58 65.70 -76.35
CA LYS A 187 -28.37 66.29 -75.80
C LYS A 187 -28.09 65.73 -74.41
N LEU A 188 -27.16 66.38 -73.69
CA LEU A 188 -26.63 65.77 -72.48
C LEU A 188 -27.34 66.24 -71.21
N GLU A 189 -27.57 67.55 -71.04
CA GLU A 189 -28.42 68.00 -69.95
C GLU A 189 -29.80 67.37 -69.97
N TRP A 190 -30.22 66.78 -71.08
CA TRP A 190 -31.49 66.07 -71.11
C TRP A 190 -31.50 64.86 -70.19
N PHE A 191 -30.38 64.49 -69.58
CA PHE A 191 -30.35 63.29 -68.74
C PHE A 191 -30.88 63.57 -67.34
N GLN A 192 -30.18 64.42 -66.59
CA GLN A 192 -30.27 64.41 -65.13
C GLN A 192 -31.32 65.37 -64.58
N ASN A 193 -32.53 65.36 -65.13
CA ASN A 193 -33.66 65.97 -64.45
C ASN A 193 -34.53 64.85 -63.85
N ALA A 194 -34.04 64.26 -62.76
CA ALA A 194 -34.82 63.24 -62.08
C ALA A 194 -36.10 63.80 -61.52
N GLU A 195 -36.15 65.11 -61.26
CA GLU A 195 -37.35 65.73 -60.72
C GLU A 195 -38.49 65.64 -61.73
N SER A 196 -38.31 66.23 -62.90
CA SER A 196 -39.31 66.12 -63.96
C SER A 196 -39.55 64.68 -64.35
N MET A 197 -38.49 63.85 -64.30
CA MET A 197 -38.65 62.42 -64.54
C MET A 197 -39.73 61.84 -63.63
N LEU A 198 -39.52 61.97 -62.32
CA LEU A 198 -40.47 61.43 -61.36
C LEU A 198 -41.85 62.03 -61.56
N ASN A 199 -41.92 63.35 -61.72
CA ASN A 199 -43.22 64.00 -61.86
C ASN A 199 -43.97 63.44 -63.06
N HIS A 200 -43.39 63.56 -64.26
CA HIS A 200 -44.02 63.07 -65.47
C HIS A 200 -44.41 61.61 -65.33
N HIS A 201 -43.46 60.75 -64.98
CA HIS A 201 -43.77 59.33 -64.93
C HIS A 201 -44.86 59.06 -63.91
N LEU A 202 -44.54 59.27 -62.63
CA LEU A 202 -45.47 59.06 -61.53
C LEU A 202 -46.87 59.52 -61.86
N ALA A 203 -47.01 60.77 -62.29
CA ALA A 203 -48.35 61.31 -62.53
C ALA A 203 -48.87 60.90 -63.90
N GLY A 204 -48.26 61.41 -64.96
CA GLY A 204 -48.83 61.24 -66.29
C GLY A 204 -48.90 59.80 -66.73
N LEU A 205 -47.79 59.07 -66.64
CA LEU A 205 -47.80 57.68 -67.08
C LEU A 205 -48.79 56.87 -66.26
N LEU A 206 -48.51 56.72 -64.97
CA LEU A 206 -49.24 55.76 -64.16
C LEU A 206 -50.70 56.18 -63.97
N GLY A 207 -50.93 57.41 -63.51
CA GLY A 207 -52.29 57.82 -63.21
C GLY A 207 -53.19 57.86 -64.43
N LEU A 208 -52.68 58.41 -65.53
CA LEU A 208 -53.53 58.54 -66.71
C LEU A 208 -53.81 57.18 -67.32
N GLY A 209 -52.80 56.31 -67.41
CA GLY A 209 -53.05 54.97 -67.91
C GLY A 209 -54.03 54.20 -67.04
N CYS A 210 -53.87 54.31 -65.72
CA CYS A 210 -54.74 53.56 -64.82
C CYS A 210 -56.18 54.06 -64.88
N LEU A 211 -56.36 55.39 -64.90
CA LEU A 211 -57.72 55.92 -64.97
C LEU A 211 -58.36 55.64 -66.34
N SER A 212 -57.55 55.63 -67.40
CA SER A 212 -58.09 55.25 -68.70
C SER A 212 -58.54 53.81 -68.70
N TRP A 213 -57.75 52.91 -68.11
CA TRP A 213 -58.15 51.51 -68.06
C TRP A 213 -59.39 51.32 -67.19
N ALA A 214 -59.50 52.09 -66.11
CA ALA A 214 -60.71 52.04 -65.29
C ALA A 214 -61.92 52.50 -66.09
N GLY A 215 -61.76 53.58 -66.86
CA GLY A 215 -62.86 54.02 -67.71
C GLY A 215 -63.27 52.97 -68.71
N HIS A 216 -62.29 52.28 -69.31
CA HIS A 216 -62.62 51.16 -70.17
C HIS A 216 -63.39 50.09 -69.41
N GLN A 217 -62.95 49.79 -68.18
CA GLN A 217 -63.60 48.77 -67.38
C GLN A 217 -65.09 49.08 -67.17
N ILE A 218 -65.38 50.24 -66.60
CA ILE A 218 -66.76 50.57 -66.25
C ILE A 218 -67.64 50.62 -67.49
N HIS A 219 -67.08 51.03 -68.63
CA HIS A 219 -67.91 51.18 -69.81
C HIS A 219 -68.25 49.84 -70.44
N VAL A 220 -67.33 48.87 -70.42
CA VAL A 220 -67.46 47.65 -71.18
C VAL A 220 -67.37 46.40 -70.30
N ALA A 221 -66.41 46.38 -69.37
CA ALA A 221 -66.08 45.15 -68.67
C ALA A 221 -67.26 44.62 -67.85
N LEU A 222 -67.63 45.34 -66.80
CA LEU A 222 -68.75 44.90 -65.97
C LEU A 222 -70.07 44.81 -66.71
N PRO A 223 -70.37 45.63 -67.71
CA PRO A 223 -71.57 45.36 -68.52
C PRO A 223 -71.60 43.95 -69.10
N VAL A 224 -70.57 43.57 -69.85
CA VAL A 224 -70.56 42.22 -70.40
C VAL A 224 -70.43 41.17 -69.30
N ASN A 225 -69.87 41.53 -68.14
CA ASN A 225 -69.81 40.58 -67.03
C ASN A 225 -71.20 40.26 -66.51
N LYS A 226 -71.97 41.31 -66.18
CA LYS A 226 -73.42 41.16 -66.05
C LYS A 226 -73.99 40.25 -67.13
N LEU A 227 -73.63 40.51 -68.37
CA LEU A 227 -74.20 39.75 -69.49
C LEU A 227 -73.61 38.34 -69.61
N LEU A 228 -72.68 37.96 -68.74
CA LEU A 228 -72.14 36.60 -68.72
C LEU A 228 -72.62 35.80 -67.52
N ASP A 229 -73.83 36.09 -67.02
CA ASP A 229 -74.35 35.35 -65.88
C ASP A 229 -75.27 34.21 -66.27
N ALA A 230 -75.98 34.30 -67.40
CA ALA A 230 -76.98 33.30 -67.75
C ALA A 230 -77.05 32.95 -69.23
N GLY A 231 -76.01 33.25 -70.02
CA GLY A 231 -76.09 32.92 -71.44
C GLY A 231 -76.92 33.93 -72.21
N VAL A 232 -76.41 35.15 -72.32
CA VAL A 232 -77.19 36.28 -72.80
C VAL A 232 -76.76 36.59 -74.24
N ALA A 233 -76.39 35.54 -74.99
CA ALA A 233 -76.09 35.65 -76.41
C ALA A 233 -74.90 36.57 -76.65
N PRO A 234 -73.68 36.10 -76.37
CA PRO A 234 -72.50 36.98 -76.35
C PRO A 234 -72.33 37.88 -77.57
N LYS A 235 -72.26 37.29 -78.77
CA LYS A 235 -72.11 38.11 -79.97
C LYS A 235 -73.31 39.01 -80.17
N ASP A 236 -74.50 38.54 -79.80
CA ASP A 236 -75.69 39.37 -79.93
C ASP A 236 -75.63 40.58 -79.00
N ILE A 237 -74.92 40.45 -77.89
CA ILE A 237 -74.72 41.58 -76.98
C ILE A 237 -74.08 42.73 -77.74
N PRO A 238 -74.57 43.96 -77.60
CA PRO A 238 -74.13 45.04 -78.48
C PRO A 238 -72.66 45.36 -78.30
N LEU A 239 -72.18 46.19 -79.20
CA LEU A 239 -70.79 46.62 -79.25
C LEU A 239 -70.63 47.96 -78.54
N PRO A 240 -69.41 48.37 -78.23
CA PRO A 240 -69.22 49.63 -77.48
C PRO A 240 -69.82 50.84 -78.16
N HIS A 241 -69.86 50.86 -79.49
CA HIS A 241 -70.47 51.97 -80.20
C HIS A 241 -71.94 52.12 -79.83
N GLU A 242 -72.59 51.01 -79.50
CA GLU A 242 -73.95 51.01 -78.99
C GLU A 242 -74.04 51.50 -77.56
N PHE A 243 -72.95 52.00 -76.99
CA PHE A 243 -72.95 52.57 -75.65
C PHE A 243 -72.14 53.84 -75.54
N ILE A 244 -71.49 54.29 -76.62
CA ILE A 244 -70.75 55.55 -76.58
C ILE A 244 -71.71 56.70 -76.32
N LEU A 245 -72.74 56.82 -77.14
CA LEU A 245 -73.77 57.84 -76.96
C LEU A 245 -75.13 57.27 -76.64
N ASN A 246 -75.28 55.95 -76.64
CA ASN A 246 -76.54 55.30 -76.28
C ASN A 246 -76.53 55.06 -74.78
N ASN A 247 -77.16 55.96 -74.04
CA ASN A 247 -77.21 55.86 -72.60
C ASN A 247 -78.45 55.13 -72.11
N SER A 248 -79.33 54.69 -73.01
CA SER A 248 -80.56 54.02 -72.60
C SER A 248 -80.27 52.72 -71.90
N LEU A 249 -79.57 51.81 -72.58
CA LEU A 249 -79.14 50.57 -71.93
C LEU A 249 -78.23 50.87 -70.75
N MET A 250 -77.45 51.96 -70.84
CA MET A 250 -76.65 52.39 -69.70
C MET A 250 -77.53 52.92 -68.59
N ALA A 251 -78.75 53.37 -68.90
CA ALA A 251 -79.72 53.76 -67.88
C ALA A 251 -80.59 52.61 -67.42
N GLU A 252 -80.53 51.45 -68.08
CA GLU A 252 -81.23 50.27 -67.59
C GLU A 252 -80.77 49.94 -66.19
N LEU A 253 -79.50 49.56 -66.07
CA LEU A 253 -78.90 49.37 -64.77
C LEU A 253 -78.40 50.71 -64.23
N TYR A 254 -78.17 50.78 -62.92
CA TYR A 254 -77.57 51.95 -62.29
C TYR A 254 -78.40 53.19 -62.59
N PRO A 255 -79.56 53.36 -61.95
CA PRO A 255 -80.40 54.54 -62.24
C PRO A 255 -79.64 55.85 -62.17
N SER A 256 -78.71 55.99 -61.23
CA SER A 256 -77.84 57.16 -61.22
C SER A 256 -77.02 57.28 -62.49
N PHE A 257 -76.77 56.16 -63.17
CA PHE A 257 -76.07 56.18 -64.45
C PHE A 257 -77.08 56.38 -65.58
N ALA A 258 -77.83 57.48 -65.48
CA ALA A 258 -78.69 57.90 -66.58
C ALA A 258 -77.85 58.57 -67.67
N LYS A 259 -77.24 59.71 -67.35
CA LYS A 259 -75.99 60.12 -67.97
C LYS A 259 -74.84 59.87 -67.01
N GLY A 260 -74.82 60.58 -65.89
CA GLY A 260 -74.24 60.15 -64.65
C GLY A 260 -75.07 60.78 -63.56
N LEU A 261 -76.09 61.53 -64.00
CA LEU A 261 -76.77 62.59 -63.27
C LEU A 261 -75.81 63.75 -63.05
N THR A 262 -74.55 63.56 -63.45
CA THR A 262 -73.41 64.45 -63.23
C THR A 262 -73.48 65.16 -61.87
N PRO A 263 -73.70 64.44 -60.76
CA PRO A 263 -73.74 65.12 -59.47
C PRO A 263 -72.38 65.55 -58.97
N PHE A 264 -71.31 65.16 -59.67
CA PHE A 264 -69.99 65.70 -59.37
C PHE A 264 -69.97 67.21 -59.54
N TRP A 265 -70.77 67.74 -60.48
CA TRP A 265 -70.96 69.18 -60.54
C TRP A 265 -71.50 69.72 -59.23
N THR A 266 -72.33 68.93 -58.54
CA THR A 266 -72.94 69.31 -57.28
C THR A 266 -72.17 68.73 -56.09
N LEU A 267 -71.01 68.14 -56.34
CA LEU A 267 -70.13 67.61 -55.29
C LEU A 267 -70.77 66.45 -54.54
N ASN A 268 -71.95 66.01 -54.97
CA ASN A 268 -72.63 64.90 -54.33
C ASN A 268 -72.26 63.60 -55.03
N TRP A 269 -71.85 62.61 -54.24
CA TRP A 269 -71.44 61.31 -54.78
C TRP A 269 -72.26 60.16 -54.22
N GLY A 270 -73.28 60.45 -53.40
CA GLY A 270 -74.11 59.39 -52.87
C GLY A 270 -74.92 58.66 -53.93
N GLN A 271 -75.20 59.31 -55.06
CA GLN A 271 -75.98 58.68 -56.11
C GLN A 271 -75.24 57.49 -56.72
N TYR A 272 -73.91 57.57 -56.77
CA TYR A 272 -73.10 56.62 -57.51
C TYR A 272 -72.87 55.31 -56.78
N ALA A 273 -73.69 55.00 -55.78
CA ALA A 273 -73.54 53.75 -55.03
C ALA A 273 -73.87 52.53 -55.88
N ASP A 274 -74.20 52.75 -57.16
CA ASP A 274 -74.59 51.64 -58.02
C ASP A 274 -73.40 50.78 -58.40
N PHE A 275 -72.42 51.36 -59.08
CA PHE A 275 -71.26 50.63 -59.56
C PHE A 275 -70.01 50.84 -58.72
N LEU A 276 -69.78 52.07 -58.24
CA LEU A 276 -68.55 52.41 -57.54
C LEU A 276 -68.75 52.08 -56.07
N THR A 277 -68.56 50.82 -55.73
CA THR A 277 -68.85 50.30 -54.40
C THR A 277 -67.59 49.70 -53.77
N PHE A 278 -67.79 49.03 -52.63
CA PHE A 278 -66.69 48.47 -51.85
C PHE A 278 -67.22 47.19 -51.19
N LYS A 279 -66.94 46.05 -51.83
CA LYS A 279 -67.37 44.77 -51.30
C LYS A 279 -66.24 44.00 -50.63
N GLY A 280 -65.14 43.79 -51.34
CA GLY A 280 -63.95 43.21 -50.74
C GLY A 280 -64.06 41.74 -50.37
N GLY A 281 -64.16 40.88 -51.38
CA GLY A 281 -64.23 39.45 -51.11
C GLY A 281 -64.39 38.67 -52.39
N LEU A 282 -64.86 37.43 -52.26
CA LEU A 282 -65.05 36.55 -53.39
C LEU A 282 -66.48 36.67 -53.91
N ASN A 283 -66.62 36.69 -55.22
CA ASN A 283 -67.92 36.71 -55.87
C ASN A 283 -68.19 35.34 -56.49
N PRO A 284 -69.00 34.49 -55.86
CA PRO A 284 -69.10 33.09 -56.31
C PRO A 284 -69.79 32.92 -57.66
N VAL A 285 -70.10 34.02 -58.35
CA VAL A 285 -70.67 33.95 -59.68
C VAL A 285 -69.66 34.32 -60.76
N THR A 286 -68.42 34.64 -60.40
CA THR A 286 -67.40 35.02 -61.36
C THR A 286 -66.11 34.23 -61.27
N GLY A 287 -65.95 33.35 -60.27
CA GLY A 287 -64.68 32.71 -60.04
C GLY A 287 -63.57 33.62 -59.58
N GLY A 288 -63.82 34.93 -59.48
CA GLY A 288 -62.88 35.88 -58.94
C GLY A 288 -63.56 36.83 -57.99
N LEU A 289 -62.99 38.00 -57.77
CA LEU A 289 -63.53 38.94 -56.80
C LEU A 289 -64.63 39.78 -57.45
N TRP A 290 -65.06 40.84 -56.75
CA TRP A 290 -66.04 41.77 -57.27
C TRP A 290 -65.31 42.88 -58.00
N LEU A 291 -65.56 42.99 -59.30
CA LEU A 291 -64.75 43.85 -60.16
C LEU A 291 -64.94 45.33 -59.84
N THR A 292 -66.08 45.69 -59.28
CA THR A 292 -66.33 47.07 -58.88
C THR A 292 -65.27 47.55 -57.90
N ASP A 293 -64.89 46.69 -56.96
CA ASP A 293 -63.82 47.04 -56.04
C ASP A 293 -62.54 47.34 -56.78
N THR A 294 -62.21 46.56 -57.81
CA THR A 294 -61.00 46.81 -58.57
C THR A 294 -61.09 48.14 -59.31
N ALA A 295 -62.27 48.46 -59.83
CA ALA A 295 -62.43 49.73 -60.55
C ALA A 295 -62.22 50.92 -59.61
N HIS A 296 -62.88 50.90 -58.46
CA HIS A 296 -62.74 51.99 -57.50
C HIS A 296 -61.32 52.04 -56.95
N HIS A 297 -60.71 50.87 -56.71
CA HIS A 297 -59.28 50.75 -56.47
C HIS A 297 -58.47 51.58 -57.45
N HIS A 298 -58.65 51.30 -58.74
CA HIS A 298 -57.82 51.94 -59.75
C HIS A 298 -58.05 53.44 -59.75
N LEU A 299 -59.31 53.87 -59.59
CA LEU A 299 -59.60 55.29 -59.47
C LEU A 299 -58.79 55.92 -58.34
N ALA A 300 -58.90 55.35 -57.14
CA ALA A 300 -58.25 55.90 -55.97
C ALA A 300 -56.74 55.97 -56.17
N LEU A 301 -56.14 54.89 -56.63
CA LEU A 301 -54.72 54.89 -56.89
C LEU A 301 -54.34 55.99 -57.86
N ALA A 302 -55.11 56.10 -58.95
CA ALA A 302 -54.81 57.10 -59.98
C ALA A 302 -54.68 58.48 -59.36
N VAL A 303 -55.74 58.97 -58.71
CA VAL A 303 -55.67 60.32 -58.18
C VAL A 303 -54.64 60.42 -57.05
N LEU A 304 -54.51 59.35 -56.26
CA LEU A 304 -53.61 59.39 -55.12
C LEU A 304 -52.17 59.63 -55.56
N PHE A 305 -51.65 58.78 -56.43
CA PHE A 305 -50.29 59.09 -56.82
C PHE A 305 -50.21 60.14 -57.92
N ILE A 306 -51.32 60.63 -58.46
CA ILE A 306 -51.23 61.87 -59.23
C ILE A 306 -50.83 63.02 -58.31
N VAL A 307 -51.54 63.18 -57.20
CA VAL A 307 -51.25 64.28 -56.29
C VAL A 307 -49.92 64.03 -55.58
N ALA A 308 -49.54 62.76 -55.44
CA ALA A 308 -48.20 62.44 -54.98
C ALA A 308 -47.16 62.94 -55.96
N GLY A 309 -47.18 62.42 -57.19
CA GLY A 309 -46.22 62.77 -58.21
C GLY A 309 -46.16 64.24 -58.56
N HIS A 310 -47.08 65.04 -58.03
CA HIS A 310 -46.96 66.48 -58.22
C HIS A 310 -46.00 67.15 -57.23
N MET A 311 -45.03 66.43 -56.66
CA MET A 311 -44.27 66.93 -55.51
C MET A 311 -43.10 67.83 -55.90
N TYR A 312 -42.13 67.28 -56.62
CA TYR A 312 -40.77 67.81 -56.58
C TYR A 312 -40.65 69.13 -57.35
N ARG A 313 -39.48 69.77 -57.22
CA ARG A 313 -39.25 71.09 -57.78
C ARG A 313 -38.90 71.01 -59.26
N THR A 314 -39.40 71.97 -60.01
CA THR A 314 -39.24 72.03 -61.46
C THR A 314 -39.19 73.50 -61.89
N ASN A 315 -39.50 73.75 -63.16
CA ASN A 315 -39.37 74.99 -63.92
C ASN A 315 -40.27 76.12 -63.42
N TRP A 316 -41.01 76.02 -62.32
CA TRP A 316 -41.81 77.14 -61.84
C TRP A 316 -41.31 77.71 -60.53
N GLY A 317 -40.06 77.44 -60.16
CA GLY A 317 -39.49 77.99 -58.96
C GLY A 317 -40.23 77.62 -57.70
N ILE A 318 -40.72 76.38 -57.61
CA ILE A 318 -41.48 75.91 -56.46
C ILE A 318 -41.21 74.42 -56.28
N GLY A 319 -40.75 74.04 -55.09
CA GLY A 319 -40.58 72.63 -54.80
C GLY A 319 -39.41 72.29 -53.90
N HIS A 320 -39.27 71.00 -53.60
CA HIS A 320 -38.18 70.54 -52.74
C HIS A 320 -36.84 70.62 -53.48
N SER A 321 -35.84 71.18 -52.80
CA SER A 321 -34.46 71.08 -53.25
C SER A 321 -33.92 69.78 -52.68
N ILE A 322 -34.14 68.70 -53.42
CA ILE A 322 -33.97 67.35 -52.88
C ILE A 322 -32.53 67.06 -52.46
N LYS A 323 -31.56 67.71 -53.05
CA LYS A 323 -30.18 67.49 -52.62
C LYS A 323 -29.87 68.16 -51.29
N GLU A 324 -30.84 68.86 -50.70
CA GLU A 324 -30.69 69.44 -49.37
C GLU A 324 -31.42 68.65 -48.30
N ILE A 325 -32.47 67.91 -48.68
CA ILE A 325 -33.16 67.05 -47.73
C ILE A 325 -32.17 66.09 -47.09
N LEU A 326 -31.48 65.31 -47.91
CA LEU A 326 -30.51 64.34 -47.40
C LEU A 326 -29.39 65.02 -46.62
N GLU A 327 -29.17 66.31 -46.83
CA GLU A 327 -28.17 67.02 -46.04
C GLU A 327 -28.61 67.19 -44.59
N ASN A 328 -29.92 67.24 -44.36
CA ASN A 328 -30.42 67.62 -43.04
C ASN A 328 -30.36 66.46 -42.05
N HIS A 329 -30.64 65.24 -42.52
CA HIS A 329 -30.78 64.09 -41.62
C HIS A 329 -29.40 63.58 -41.23
N LYS A 330 -28.88 64.13 -40.14
CA LYS A 330 -27.66 63.64 -39.52
C LYS A 330 -27.83 63.74 -38.01
N GLY A 331 -26.83 63.28 -37.27
CA GLY A 331 -26.92 63.27 -35.82
C GLY A 331 -25.74 62.61 -35.15
N PRO A 332 -25.93 62.21 -33.88
CA PRO A 332 -24.82 61.66 -33.10
C PRO A 332 -24.28 60.35 -33.65
N PHE A 333 -25.14 59.35 -33.80
CA PHE A 333 -24.72 58.08 -34.37
C PHE A 333 -24.57 58.16 -35.88
N THR A 334 -25.25 59.11 -36.54
CA THR A 334 -25.23 59.20 -37.99
C THR A 334 -23.86 59.55 -38.53
N GLY A 335 -23.05 60.27 -37.76
CA GLY A 335 -21.88 60.90 -38.34
C GLY A 335 -22.28 62.20 -39.02
N ASP A 336 -22.32 62.19 -40.36
CA ASP A 336 -22.74 63.36 -41.12
C ASP A 336 -23.92 63.06 -42.04
N GLY A 337 -24.62 61.95 -41.80
CA GLY A 337 -25.87 61.71 -42.49
C GLY A 337 -25.68 61.29 -43.94
N HIS A 338 -26.66 61.68 -44.76
CA HIS A 338 -26.75 61.25 -46.16
C HIS A 338 -26.12 62.27 -47.09
N LYS A 339 -25.08 62.96 -46.63
CA LYS A 339 -24.44 63.98 -47.44
C LYS A 339 -23.72 63.36 -48.64
N GLY A 340 -23.85 64.00 -49.79
CA GLY A 340 -23.10 63.59 -50.97
C GLY A 340 -23.47 62.23 -51.51
N LEU A 341 -24.68 62.12 -52.08
CA LEU A 341 -25.13 60.86 -52.66
C LEU A 341 -25.61 60.98 -54.10
N TYR A 342 -25.73 62.20 -54.63
CA TYR A 342 -26.34 62.34 -55.95
C TYR A 342 -25.33 62.14 -57.07
N GLU A 343 -24.08 62.57 -56.85
CA GLU A 343 -23.02 62.21 -57.79
C GLU A 343 -23.05 60.71 -58.08
N ASN A 344 -23.33 59.91 -57.06
CA ASN A 344 -23.41 58.48 -57.26
C ASN A 344 -24.66 58.10 -58.06
N MET A 345 -25.78 58.74 -57.79
CA MET A 345 -27.05 58.33 -58.39
C MET A 345 -27.25 58.84 -59.80
N THR A 346 -26.48 59.83 -60.24
CA THR A 346 -26.60 60.30 -61.62
C THR A 346 -25.33 60.18 -62.44
N THR A 347 -24.15 60.46 -61.87
CA THR A 347 -22.94 60.34 -62.67
C THR A 347 -22.70 58.90 -63.11
N SER A 348 -23.01 57.93 -62.24
CA SER A 348 -22.85 56.52 -62.54
C SER A 348 -24.20 55.90 -62.85
N TRP A 349 -24.16 54.80 -63.60
CA TRP A 349 -25.37 54.12 -64.06
C TRP A 349 -25.61 52.79 -63.37
N HIS A 350 -24.54 52.00 -63.17
CA HIS A 350 -24.66 50.70 -62.55
C HIS A 350 -25.32 50.78 -61.19
N ALA A 351 -25.14 51.90 -60.48
CA ALA A 351 -25.81 52.07 -59.19
C ALA A 351 -27.31 51.95 -59.36
N GLN A 352 -27.89 52.90 -60.09
CA GLN A 352 -29.32 52.88 -60.40
C GLN A 352 -29.77 51.50 -60.87
N LEU A 353 -29.00 50.92 -61.79
CA LEU A 353 -29.33 49.59 -62.29
C LEU A 353 -29.52 48.62 -61.13
N GLY A 354 -28.52 48.51 -60.27
CA GLY A 354 -28.58 47.54 -59.19
C GLY A 354 -29.73 47.77 -58.25
N THR A 355 -29.94 49.02 -57.84
CA THR A 355 -30.97 49.27 -56.85
C THR A 355 -32.35 48.98 -57.42
N ASN A 356 -32.61 49.45 -58.65
CA ASN A 356 -33.90 49.19 -59.26
C ASN A 356 -34.11 47.71 -59.50
N LEU A 357 -33.04 46.98 -59.83
CA LEU A 357 -33.19 45.54 -60.01
C LEU A 357 -33.58 44.87 -58.70
N ALA A 358 -32.89 45.20 -57.60
CA ALA A 358 -33.24 44.62 -56.31
C ALA A 358 -34.70 44.90 -55.97
N MET A 359 -35.12 46.15 -56.14
CA MET A 359 -36.48 46.52 -55.78
C MET A 359 -37.48 45.78 -56.65
N LEU A 360 -37.24 45.73 -57.96
CA LEU A 360 -38.15 44.98 -58.83
C LEU A 360 -38.21 43.52 -58.44
N GLY A 361 -37.07 42.91 -58.13
CA GLY A 361 -37.09 41.51 -57.75
C GLY A 361 -37.97 41.28 -56.54
N SER A 362 -37.72 42.04 -55.47
CA SER A 362 -38.54 41.93 -54.27
C SER A 362 -40.02 42.12 -54.60
N LEU A 363 -40.33 43.16 -55.37
CA LEU A 363 -41.71 43.46 -55.72
C LEU A 363 -42.35 42.28 -56.45
N THR A 364 -41.61 41.71 -57.39
CA THR A 364 -42.12 40.57 -58.15
C THR A 364 -42.40 39.39 -57.25
N ILE A 365 -41.52 39.12 -56.29
CA ILE A 365 -41.78 37.92 -55.51
C ILE A 365 -42.94 38.16 -54.56
N ILE A 366 -43.13 39.39 -54.09
CA ILE A 366 -44.32 39.62 -53.28
C ILE A 366 -45.58 39.51 -54.14
N VAL A 367 -45.49 39.93 -55.41
CA VAL A 367 -46.60 39.70 -56.34
C VAL A 367 -46.93 38.23 -56.40
N ALA A 368 -45.91 37.40 -56.58
CA ALA A 368 -46.11 35.95 -56.59
C ALA A 368 -46.77 35.51 -55.29
N HIS A 369 -46.22 35.93 -54.16
CA HIS A 369 -46.69 35.58 -52.84
C HIS A 369 -48.01 36.20 -52.51
N HIS A 370 -48.57 36.90 -53.48
CA HIS A 370 -49.76 37.70 -53.29
C HIS A 370 -51.01 37.16 -53.98
N MET A 371 -50.92 36.85 -55.28
CA MET A 371 -52.11 36.64 -56.11
C MET A 371 -52.60 35.20 -56.09
N TYR A 372 -52.33 34.45 -55.02
CA TYR A 372 -52.99 33.17 -54.80
C TYR A 372 -54.00 33.23 -53.68
N ALA A 373 -54.16 34.38 -53.03
CA ALA A 373 -55.20 34.59 -52.03
C ALA A 373 -56.24 35.62 -52.45
N MET A 374 -55.95 36.45 -53.46
CA MET A 374 -56.88 37.44 -53.99
C MET A 374 -56.84 37.37 -55.50
N PRO A 375 -57.51 36.40 -56.10
CA PRO A 375 -57.50 36.26 -57.56
C PRO A 375 -58.20 37.44 -58.22
N PRO A 376 -57.49 38.23 -59.01
CA PRO A 376 -58.07 39.43 -59.61
C PRO A 376 -58.69 39.25 -61.00
N TYR A 377 -58.83 38.03 -61.49
CA TYR A 377 -59.41 37.76 -62.79
C TYR A 377 -60.54 36.76 -62.64
N PRO A 378 -61.43 36.67 -63.64
CA PRO A 378 -62.50 35.65 -63.58
C PRO A 378 -61.94 34.25 -63.77
N TYR A 379 -62.51 33.30 -63.02
CA TYR A 379 -62.14 31.89 -63.09
C TYR A 379 -60.64 31.70 -62.85
N LEU A 380 -60.23 32.01 -61.62
CA LEU A 380 -58.84 31.81 -61.23
C LEU A 380 -58.69 30.73 -60.17
N ALA A 381 -59.35 30.87 -59.02
CA ALA A 381 -59.26 29.83 -58.00
C ALA A 381 -59.95 28.57 -58.44
N THR A 382 -60.94 28.69 -59.33
CA THR A 382 -61.60 27.53 -59.90
C THR A 382 -60.77 26.86 -60.98
N ASP A 383 -59.71 27.51 -61.46
CA ASP A 383 -58.82 26.95 -62.47
C ASP A 383 -57.50 26.62 -61.79
N TYR A 384 -57.28 25.34 -61.50
CA TYR A 384 -56.18 24.88 -60.67
C TYR A 384 -54.95 24.49 -61.49
N ALA A 385 -54.75 25.11 -62.64
CA ALA A 385 -53.59 24.83 -63.48
C ALA A 385 -52.72 26.07 -63.70
N THR A 386 -53.33 27.19 -64.04
CA THR A 386 -52.57 28.40 -64.32
C THR A 386 -51.97 29.01 -63.06
N ALA A 387 -52.56 28.74 -61.90
CA ALA A 387 -52.19 29.41 -60.66
C ALA A 387 -50.73 29.22 -60.34
N LEU A 388 -50.33 27.97 -60.07
CA LEU A 388 -48.95 27.75 -59.64
C LEU A 388 -47.97 27.96 -60.77
N SER A 389 -48.38 27.78 -62.02
CA SER A 389 -47.50 28.13 -63.13
C SER A 389 -47.10 29.59 -63.05
N ILE A 390 -48.09 30.48 -62.99
CA ILE A 390 -47.81 31.92 -62.88
C ILE A 390 -46.98 32.18 -61.62
N PHE A 391 -47.40 31.60 -60.50
CA PHE A 391 -46.74 31.80 -59.22
C PHE A 391 -45.25 31.50 -59.31
N THR A 392 -44.93 30.25 -59.67
CA THR A 392 -43.54 29.82 -59.71
C THR A 392 -42.75 30.58 -60.75
N HIS A 393 -43.34 30.85 -61.92
CA HIS A 393 -42.64 31.64 -62.92
C HIS A 393 -42.17 32.96 -62.33
N HIS A 394 -43.12 33.76 -61.83
CA HIS A 394 -42.76 35.07 -61.29
C HIS A 394 -41.78 34.94 -60.13
N MET A 395 -42.01 33.98 -59.25
CA MET A 395 -41.15 33.80 -58.09
C MET A 395 -39.71 33.53 -58.52
N TRP A 396 -39.53 32.67 -59.51
CA TRP A 396 -38.18 32.39 -60.01
C TRP A 396 -37.55 33.64 -60.59
N ILE A 397 -38.29 34.39 -61.41
CA ILE A 397 -37.72 35.59 -62.01
C ILE A 397 -37.26 36.56 -60.93
N GLY A 398 -38.03 36.67 -59.85
CA GLY A 398 -37.71 37.59 -58.78
C GLY A 398 -36.31 37.43 -58.23
N GLY A 399 -36.04 36.27 -57.62
CA GLY A 399 -34.69 35.99 -57.17
C GLY A 399 -33.70 36.09 -58.31
N PHE A 400 -33.96 35.34 -59.40
CA PHE A 400 -33.05 35.26 -60.52
C PHE A 400 -32.56 36.63 -60.97
N LEU A 401 -33.30 37.69 -60.68
CA LEU A 401 -32.85 39.03 -61.02
C LEU A 401 -32.41 39.88 -59.83
N ILE A 402 -32.85 39.57 -58.60
CA ILE A 402 -32.35 40.36 -57.48
C ILE A 402 -30.88 40.04 -57.23
N VAL A 403 -30.48 38.79 -57.47
CA VAL A 403 -29.05 38.51 -57.40
C VAL A 403 -28.29 39.35 -58.41
N GLY A 404 -28.86 39.56 -59.58
CA GLY A 404 -28.22 40.44 -60.55
C GLY A 404 -28.16 41.87 -60.08
N GLY A 405 -29.20 42.32 -59.38
CA GLY A 405 -29.13 43.64 -58.77
C GLY A 405 -27.94 43.76 -57.83
N ALA A 406 -27.75 42.75 -56.99
CA ALA A 406 -26.60 42.77 -56.08
C ALA A 406 -25.29 42.75 -56.84
N ALA A 407 -25.25 41.97 -57.93
CA ALA A 407 -24.04 41.91 -58.74
C ALA A 407 -23.71 43.29 -59.31
N HIS A 408 -24.73 44.00 -59.79
CA HIS A 408 -24.45 45.33 -60.33
C HIS A 408 -24.11 46.32 -59.23
N ALA A 409 -24.60 46.11 -58.02
CA ALA A 409 -24.11 46.89 -56.89
C ALA A 409 -22.61 46.70 -56.74
N THR A 410 -22.16 45.44 -56.74
CA THR A 410 -20.73 45.17 -56.63
C THR A 410 -19.95 45.78 -57.79
N ILE A 411 -20.51 45.71 -59.00
CA ILE A 411 -19.80 46.25 -60.15
C ILE A 411 -19.71 47.76 -60.05
N PHE A 412 -20.70 48.40 -59.42
CA PHE A 412 -20.57 49.82 -59.13
C PHE A 412 -19.41 50.04 -58.17
N MET A 413 -19.37 49.26 -57.09
CA MET A 413 -18.28 49.39 -56.12
C MET A 413 -16.91 49.32 -56.77
N VAL A 414 -16.76 48.44 -57.76
CA VAL A 414 -15.45 48.32 -58.39
C VAL A 414 -15.24 49.37 -59.47
N ARG A 415 -16.32 49.82 -60.12
CA ARG A 415 -16.20 50.76 -61.23
C ARG A 415 -16.31 52.21 -60.79
N ASP A 416 -17.20 52.51 -59.84
CA ASP A 416 -17.53 53.89 -59.52
C ASP A 416 -17.51 54.08 -58.01
N TYR A 417 -16.77 55.09 -57.57
CA TYR A 417 -16.65 55.44 -56.17
C TYR A 417 -15.87 56.75 -56.11
N ASP A 418 -15.60 57.22 -54.90
CA ASP A 418 -14.73 58.39 -54.77
C ASP A 418 -14.20 58.50 -53.35
N PRO A 419 -12.89 58.64 -53.18
CA PRO A 419 -12.35 58.91 -51.85
C PRO A 419 -12.65 60.30 -51.34
N ALA A 420 -13.02 61.23 -52.22
CA ALA A 420 -13.21 62.62 -51.82
C ALA A 420 -14.62 62.93 -51.36
N VAL A 421 -15.62 62.51 -52.13
CA VAL A 421 -17.01 62.89 -51.85
C VAL A 421 -17.63 61.92 -50.86
N ASN A 422 -16.82 61.05 -50.26
CA ASN A 422 -17.32 59.98 -49.40
C ASN A 422 -16.61 59.99 -48.06
N GLN A 423 -16.58 61.16 -47.43
CA GLN A 423 -15.95 61.32 -46.12
C GLN A 423 -16.99 61.09 -45.02
N ASN A 424 -16.82 60.00 -44.28
CA ASN A 424 -17.57 59.73 -43.05
C ASN A 424 -19.07 59.55 -43.28
N ASN A 425 -19.50 59.55 -44.54
CA ASN A 425 -20.91 59.39 -44.85
C ASN A 425 -21.42 58.04 -44.34
N VAL A 426 -22.75 57.93 -44.26
CA VAL A 426 -23.36 56.69 -43.82
C VAL A 426 -22.88 55.53 -44.69
N LEU A 427 -22.46 55.82 -45.92
CA LEU A 427 -21.82 54.80 -46.73
C LEU A 427 -20.48 54.38 -46.13
N ASP A 428 -19.56 55.34 -45.97
CA ASP A 428 -18.22 55.02 -45.51
C ASP A 428 -18.21 54.43 -44.11
N ARG A 429 -19.24 54.70 -43.31
CA ARG A 429 -19.20 54.29 -41.91
C ARG A 429 -19.32 52.78 -41.73
N VAL A 430 -19.76 52.05 -42.74
CA VAL A 430 -19.80 50.60 -42.62
C VAL A 430 -18.52 49.97 -43.16
N ILE A 431 -17.97 50.51 -44.24
CA ILE A 431 -16.77 49.97 -44.86
C ILE A 431 -15.58 50.09 -43.92
N ARG A 432 -15.75 50.82 -42.82
CA ARG A 432 -14.70 50.92 -41.81
C ARG A 432 -14.83 49.90 -40.69
N HIS A 433 -16.02 49.36 -40.45
CA HIS A 433 -16.20 48.36 -39.40
C HIS A 433 -16.87 47.11 -39.95
N ARG A 434 -16.47 46.70 -41.15
CA ARG A 434 -17.09 45.56 -41.81
C ARG A 434 -16.88 44.26 -41.05
N ASP A 435 -15.73 44.10 -40.39
CA ASP A 435 -15.38 42.83 -39.78
C ASP A 435 -16.36 42.44 -38.69
N ALA A 436 -16.73 43.39 -37.84
CA ALA A 436 -17.71 43.09 -36.79
C ALA A 436 -19.04 42.67 -37.39
N ILE A 437 -19.51 43.44 -38.37
CA ILE A 437 -20.78 43.11 -39.05
C ILE A 437 -20.75 41.68 -39.53
N ILE A 438 -19.75 41.34 -40.35
CA ILE A 438 -19.76 40.04 -41.00
C ILE A 438 -19.50 38.92 -40.00
N SER A 439 -18.73 39.19 -38.94
CA SER A 439 -18.49 38.17 -37.93
C SER A 439 -19.78 37.83 -37.20
N HIS A 440 -20.50 38.85 -36.73
CA HIS A 440 -21.79 38.61 -36.10
C HIS A 440 -22.74 37.93 -37.07
N LEU A 441 -22.64 38.28 -38.36
CA LEU A 441 -23.49 37.64 -39.36
C LEU A 441 -23.23 36.14 -39.43
N ASN A 442 -21.96 35.77 -39.61
CA ASN A 442 -21.55 34.36 -39.59
C ASN A 442 -22.07 33.67 -38.34
N TRP A 443 -21.96 34.34 -37.20
CA TRP A 443 -22.48 33.83 -35.94
C TRP A 443 -23.96 33.46 -36.08
N VAL A 444 -24.76 34.42 -36.55
CA VAL A 444 -26.20 34.19 -36.69
C VAL A 444 -26.46 33.01 -37.61
N CYS A 445 -25.77 32.98 -38.75
CA CYS A 445 -26.01 31.93 -39.73
C CYS A 445 -25.75 30.57 -39.14
N MET A 446 -24.59 30.39 -38.52
CA MET A 446 -24.27 29.12 -37.87
C MET A 446 -25.37 28.74 -36.88
N PHE A 447 -25.72 29.68 -36.01
CA PHE A 447 -26.74 29.44 -35.00
C PHE A 447 -28.02 28.89 -35.62
N LEU A 448 -28.63 29.69 -36.49
CA LEU A 448 -29.89 29.29 -37.10
C LEU A 448 -29.75 27.97 -37.85
N GLY A 449 -28.66 27.82 -38.59
CA GLY A 449 -28.45 26.67 -39.43
C GLY A 449 -28.56 25.39 -38.65
N PHE A 450 -27.70 25.18 -37.65
CA PHE A 450 -27.82 23.90 -36.98
C PHE A 450 -29.01 23.88 -36.02
N HIS A 451 -29.32 25.00 -35.37
CA HIS A 451 -30.48 25.09 -34.50
C HIS A 451 -31.73 24.55 -35.18
N SER A 452 -31.80 24.70 -36.51
CA SER A 452 -32.93 24.16 -37.26
C SER A 452 -32.64 22.75 -37.79
N PHE A 453 -31.60 22.59 -38.60
CA PHE A 453 -31.41 21.33 -39.30
C PHE A 453 -31.00 20.20 -38.38
N GLY A 454 -30.11 20.46 -37.41
CA GLY A 454 -29.75 19.41 -36.49
C GLY A 454 -30.90 18.99 -35.62
N LEU A 455 -31.76 19.95 -35.27
CA LEU A 455 -33.02 19.62 -34.61
C LEU A 455 -33.84 18.67 -35.48
N TYR A 456 -33.92 18.98 -36.76
CA TYR A 456 -34.68 18.15 -37.70
C TYR A 456 -34.14 16.72 -37.71
N ILE A 457 -32.82 16.58 -37.87
CA ILE A 457 -32.24 15.24 -37.95
C ILE A 457 -32.28 14.56 -36.59
N HIS A 458 -32.31 15.32 -35.51
CA HIS A 458 -32.53 14.74 -34.19
C HIS A 458 -33.88 14.04 -34.14
N ASN A 459 -34.94 14.75 -34.56
CA ASN A 459 -36.25 14.12 -34.61
C ASN A 459 -36.26 12.95 -35.58
N ASP A 460 -35.53 13.06 -36.69
CA ASP A 460 -35.37 11.94 -37.61
C ASP A 460 -34.86 10.71 -36.89
N THR A 461 -33.73 10.85 -36.19
CA THR A 461 -33.15 9.75 -35.45
C THR A 461 -34.13 9.19 -34.44
N MET A 462 -34.80 10.07 -33.69
CA MET A 462 -35.75 9.60 -32.68
C MET A 462 -36.83 8.73 -33.30
N GLN A 463 -37.41 9.16 -34.43
CA GLN A 463 -38.42 8.34 -35.09
C GLN A 463 -37.84 7.01 -35.55
N ALA A 464 -36.61 7.03 -36.06
CA ALA A 464 -35.99 5.77 -36.45
C ALA A 464 -35.50 4.94 -35.26
N LEU A 465 -35.64 5.46 -34.04
CA LEU A 465 -35.06 4.83 -32.86
C LEU A 465 -36.13 4.35 -31.88
N GLY A 466 -37.36 4.17 -32.32
CA GLY A 466 -38.40 3.69 -31.42
C GLY A 466 -38.57 4.53 -30.18
N ARG A 467 -38.33 5.84 -30.30
CA ARG A 467 -38.53 6.78 -29.20
C ARG A 467 -39.53 7.85 -29.61
N PRO A 468 -40.70 7.48 -30.12
CA PRO A 468 -41.55 8.47 -30.80
C PRO A 468 -41.98 9.61 -29.91
N GLN A 469 -41.98 9.45 -28.58
CA GLN A 469 -42.36 10.53 -27.70
C GLN A 469 -41.40 11.72 -27.77
N ASP A 470 -40.24 11.54 -28.38
CA ASP A 470 -39.26 12.61 -28.54
C ASP A 470 -39.42 13.35 -29.87
N MET A 471 -40.54 13.14 -30.54
CA MET A 471 -40.87 13.89 -31.75
C MET A 471 -41.22 15.32 -31.34
N PHE A 472 -41.58 16.17 -32.31
CA PHE A 472 -41.77 17.58 -32.01
C PHE A 472 -43.10 18.16 -32.49
N SER A 473 -44.01 17.37 -33.03
CA SER A 473 -45.29 17.89 -33.49
C SER A 473 -46.24 18.07 -32.30
N ASP A 474 -47.51 18.30 -32.60
CA ASP A 474 -48.50 18.48 -31.54
C ASP A 474 -48.61 17.23 -30.66
N THR A 475 -48.57 16.05 -31.27
CA THR A 475 -48.67 14.80 -30.51
C THR A 475 -47.42 14.49 -29.72
N ALA A 476 -46.46 15.41 -29.65
CA ALA A 476 -45.20 15.19 -28.95
C ALA A 476 -44.72 16.54 -28.43
N ILE A 477 -43.43 16.63 -28.11
CA ILE A 477 -42.82 17.85 -27.58
C ILE A 477 -43.31 19.07 -28.35
N GLN A 478 -43.63 20.13 -27.62
CA GLN A 478 -44.47 21.20 -28.16
C GLN A 478 -43.65 22.41 -28.58
N LEU A 479 -44.18 23.12 -29.58
CA LEU A 479 -43.75 24.46 -29.96
C LEU A 479 -44.80 25.03 -30.92
N GLN A 480 -45.27 26.25 -30.65
CA GLN A 480 -46.38 26.77 -31.42
C GLN A 480 -46.16 28.23 -31.79
N PRO A 481 -46.16 28.56 -33.06
CA PRO A 481 -45.93 29.95 -33.48
C PRO A 481 -47.12 30.86 -33.18
N VAL A 482 -47.19 31.33 -31.93
CA VAL A 482 -48.37 32.08 -31.48
C VAL A 482 -48.48 33.42 -32.21
N PHE A 483 -47.37 33.98 -32.69
CA PHE A 483 -47.41 35.31 -33.26
C PHE A 483 -48.21 35.34 -34.55
N ALA A 484 -47.97 34.39 -35.45
CA ALA A 484 -48.74 34.33 -36.69
C ALA A 484 -50.21 34.11 -36.39
N GLN A 485 -50.51 33.22 -35.45
CA GLN A 485 -51.90 32.94 -35.09
C GLN A 485 -52.60 34.21 -34.60
N PHE A 486 -51.93 34.98 -33.74
CA PHE A 486 -52.57 36.16 -33.19
C PHE A 486 -52.73 37.25 -34.24
N VAL A 487 -51.76 37.40 -35.14
CA VAL A 487 -51.91 38.40 -36.18
C VAL A 487 -53.04 38.03 -37.14
N GLN A 488 -53.10 36.75 -37.53
CA GLN A 488 -54.21 36.29 -38.35
C GLN A 488 -55.55 36.54 -37.65
N ASN A 489 -55.61 36.24 -36.35
CA ASN A 489 -56.83 36.48 -35.59
C ASN A 489 -57.24 37.94 -35.65
N ILE A 490 -56.35 38.84 -35.22
CA ILE A 490 -56.68 40.26 -35.24
C ILE A 490 -56.99 40.73 -36.65
N HIS A 491 -56.60 39.95 -37.66
CA HIS A 491 -57.07 40.23 -39.02
C HIS A 491 -58.45 39.66 -39.29
N THR A 492 -58.88 38.64 -38.56
CA THR A 492 -60.13 37.96 -38.88
C THR A 492 -61.33 38.88 -38.71
N LEU A 493 -61.45 39.52 -37.54
CA LEU A 493 -62.59 40.35 -37.21
C LEU A 493 -62.39 41.81 -37.59
N ALA A 494 -61.61 42.09 -38.64
CA ALA A 494 -61.28 43.46 -38.99
C ALA A 494 -62.50 44.32 -39.33
N PRO A 495 -63.42 43.91 -40.20
CA PRO A 495 -64.47 44.84 -40.64
C PRO A 495 -65.38 45.27 -39.49
N GLY A 496 -66.19 46.28 -39.78
CA GLY A 496 -67.07 46.83 -38.78
C GLY A 496 -66.44 47.94 -37.97
N SER A 497 -65.34 47.66 -37.30
CA SER A 497 -64.65 48.64 -36.46
C SER A 497 -63.44 49.25 -37.15
N THR A 498 -62.45 48.43 -37.51
CA THR A 498 -61.35 48.94 -38.31
C THR A 498 -61.78 49.25 -39.73
N ALA A 499 -62.69 48.44 -40.27
CA ALA A 499 -63.22 48.63 -41.62
C ALA A 499 -64.75 48.73 -41.55
N PRO A 500 -65.27 49.85 -41.07
CA PRO A 500 -66.73 50.03 -41.04
C PRO A 500 -67.37 49.95 -42.41
N ASN A 501 -66.95 50.81 -43.33
CA ASN A 501 -67.45 50.75 -44.70
C ASN A 501 -66.75 49.63 -45.45
N ALA A 502 -66.87 48.42 -44.95
CA ALA A 502 -66.32 47.23 -45.60
C ALA A 502 -67.15 46.04 -45.18
N LEU A 503 -67.32 45.10 -46.10
CA LEU A 503 -68.36 44.08 -45.98
C LEU A 503 -67.81 42.73 -45.52
N GLU A 504 -66.77 42.24 -46.18
CA GLU A 504 -66.16 40.96 -45.88
C GLU A 504 -64.68 41.17 -45.61
N PRO A 505 -64.01 40.22 -44.94
CA PRO A 505 -62.57 40.32 -44.76
C PRO A 505 -61.85 40.41 -46.09
N VAL A 506 -60.58 40.82 -46.03
CA VAL A 506 -59.80 41.02 -47.24
C VAL A 506 -59.55 39.71 -47.95
N SER A 507 -59.32 38.63 -47.19
CA SER A 507 -59.16 37.30 -47.77
C SER A 507 -59.95 36.32 -46.91
N TYR A 508 -59.84 35.04 -47.25
CA TYR A 508 -60.49 34.00 -46.46
C TYR A 508 -59.52 32.95 -45.95
N ALA A 509 -58.22 33.13 -46.16
CA ALA A 509 -57.23 32.27 -45.54
C ALA A 509 -56.98 32.65 -44.08
N PHE A 510 -57.05 33.95 -43.77
CA PHE A 510 -57.00 34.38 -42.37
C PHE A 510 -58.25 33.94 -41.63
N GLY A 511 -59.41 34.41 -42.08
CA GLY A 511 -60.67 34.13 -41.42
C GLY A 511 -61.83 34.42 -42.35
N GLY A 512 -63.01 34.01 -41.91
CA GLY A 512 -64.22 34.06 -42.69
C GLY A 512 -64.74 32.68 -42.98
N GLY A 513 -65.64 32.60 -43.97
CA GLY A 513 -66.19 31.34 -44.38
C GLY A 513 -65.44 30.72 -45.54
N VAL A 514 -65.50 29.40 -45.63
CA VAL A 514 -64.85 28.69 -46.73
C VAL A 514 -65.60 29.00 -48.02
N VAL A 515 -65.00 29.81 -48.86
CA VAL A 515 -65.64 30.25 -50.10
C VAL A 515 -65.25 29.30 -51.22
N ALA A 516 -66.24 28.94 -52.03
CA ALA A 516 -66.05 27.88 -53.02
C ALA A 516 -67.09 28.00 -54.11
N VAL A 517 -67.01 27.10 -55.07
CA VAL A 517 -68.00 26.98 -56.14
C VAL A 517 -67.93 25.56 -56.69
N GLY A 518 -69.09 24.93 -56.82
CA GLY A 518 -69.09 23.55 -57.27
C GLY A 518 -68.41 22.64 -56.27
N GLY A 519 -67.98 21.48 -56.77
CA GLY A 519 -67.21 20.55 -55.98
C GLY A 519 -65.73 20.89 -56.03
N LYS A 520 -65.42 22.17 -55.93
CA LYS A 520 -64.10 22.68 -56.25
C LYS A 520 -63.81 23.86 -55.36
N ILE A 521 -62.71 23.79 -54.59
CA ILE A 521 -62.43 24.79 -53.59
C ILE A 521 -61.91 26.07 -54.25
N ALA A 522 -62.30 27.21 -53.69
CA ALA A 522 -61.77 28.51 -54.07
C ALA A 522 -60.82 29.07 -53.03
N MET A 523 -61.22 29.09 -51.76
CA MET A 523 -60.33 29.53 -50.69
C MET A 523 -60.92 29.13 -49.34
N MET A 524 -60.10 28.49 -48.51
CA MET A 524 -60.43 28.15 -47.14
C MET A 524 -59.35 28.70 -46.21
N PRO A 525 -59.67 28.91 -44.94
CA PRO A 525 -58.63 29.36 -43.99
C PRO A 525 -57.51 28.34 -43.89
N ILE A 526 -56.29 28.85 -43.76
CA ILE A 526 -55.08 28.01 -43.72
C ILE A 526 -54.65 27.85 -42.28
N ALA A 527 -54.21 26.62 -41.93
CA ALA A 527 -53.87 26.27 -40.57
C ALA A 527 -52.36 26.23 -40.40
N LEU A 528 -51.87 26.86 -39.33
CA LEU A 528 -50.46 26.90 -38.99
C LEU A 528 -50.27 26.15 -37.67
N GLY A 529 -49.71 24.94 -37.76
CA GLY A 529 -49.50 24.13 -36.58
C GLY A 529 -48.07 24.16 -36.08
N THR A 530 -47.41 23.00 -36.07
CA THR A 530 -46.02 22.88 -35.64
C THR A 530 -45.04 22.90 -36.79
N ALA A 531 -45.34 22.20 -37.89
CA ALA A 531 -44.40 22.08 -39.00
C ALA A 531 -44.03 23.43 -39.61
N ASP A 532 -44.86 24.45 -39.41
CA ASP A 532 -44.56 25.76 -39.97
C ASP A 532 -43.26 26.34 -39.42
N PHE A 533 -42.95 26.04 -38.16
CA PHE A 533 -41.86 26.65 -37.41
C PHE A 533 -40.52 26.46 -38.10
N MET A 534 -40.06 25.22 -38.18
CA MET A 534 -38.75 24.96 -38.76
C MET A 534 -38.70 25.32 -40.23
N ILE A 535 -39.82 25.21 -40.95
CA ILE A 535 -39.82 25.58 -42.36
C ILE A 535 -39.51 27.06 -42.52
N HIS A 536 -40.27 27.92 -41.85
CA HIS A 536 -39.98 29.35 -41.91
C HIS A 536 -38.58 29.65 -41.41
N HIS A 537 -38.13 28.91 -40.40
CA HIS A 537 -36.82 29.21 -39.83
C HIS A 537 -35.69 28.83 -40.77
N ILE A 538 -35.84 27.75 -41.53
CA ILE A 538 -34.81 27.42 -42.50
C ILE A 538 -34.88 28.34 -43.71
N HIS A 539 -36.08 28.83 -44.04
CA HIS A 539 -36.19 29.91 -45.02
C HIS A 539 -35.29 31.06 -44.61
N ALA A 540 -35.51 31.56 -43.39
CA ALA A 540 -34.69 32.65 -42.86
C ALA A 540 -33.22 32.27 -42.86
N PHE A 541 -32.92 31.02 -42.52
CA PHE A 541 -31.54 30.54 -42.49
C PHE A 541 -30.88 30.76 -43.84
N GLN A 542 -31.46 30.19 -44.90
CA GLN A 542 -30.83 30.29 -46.20
C GLN A 542 -30.76 31.73 -46.68
N ILE A 543 -31.79 32.53 -46.40
CA ILE A 543 -31.71 33.93 -46.78
C ILE A 543 -30.54 34.60 -46.08
N HIS A 544 -30.32 34.26 -44.82
CA HIS A 544 -29.20 34.82 -44.08
C HIS A 544 -27.88 34.47 -44.74
N VAL A 545 -27.68 33.20 -45.08
CA VAL A 545 -26.39 32.82 -45.66
C VAL A 545 -26.21 33.45 -47.04
N THR A 546 -27.30 33.56 -47.80
CA THR A 546 -27.22 34.22 -49.09
C THR A 546 -26.74 35.65 -48.93
N VAL A 547 -27.41 36.42 -48.07
CA VAL A 547 -26.95 37.77 -47.77
C VAL A 547 -25.49 37.73 -47.33
N LEU A 548 -25.12 36.72 -46.55
CA LEU A 548 -23.74 36.64 -46.08
C LEU A 548 -22.78 36.62 -47.25
N ILE A 549 -22.98 35.69 -48.19
CA ILE A 549 -22.07 35.57 -49.32
C ILE A 549 -22.04 36.87 -50.12
N LEU A 550 -23.23 37.39 -50.46
CA LEU A 550 -23.29 38.53 -51.36
C LEU A 550 -22.68 39.77 -50.71
N LEU A 551 -23.11 40.09 -49.50
CA LEU A 551 -22.55 41.23 -48.78
C LEU A 551 -21.06 41.06 -48.51
N LYS A 552 -20.61 39.82 -48.30
CA LYS A 552 -19.19 39.59 -48.10
C LYS A 552 -18.41 39.99 -49.34
N GLY A 553 -18.85 39.52 -50.50
CA GLY A 553 -18.23 39.99 -51.73
C GLY A 553 -18.35 41.49 -51.90
N PHE A 554 -19.45 42.07 -51.43
CA PHE A 554 -19.66 43.50 -51.55
C PHE A 554 -18.58 44.28 -50.79
N LEU A 555 -18.49 44.05 -49.47
CA LEU A 555 -17.53 44.78 -48.65
C LEU A 555 -16.11 44.44 -49.04
N PHE A 556 -15.77 43.16 -49.02
CA PHE A 556 -14.43 42.74 -49.40
C PHE A 556 -14.29 42.71 -50.92
N ALA A 557 -14.61 43.83 -51.57
CA ALA A 557 -14.50 43.89 -53.02
C ALA A 557 -13.20 44.55 -53.46
N ARG A 558 -12.87 45.69 -52.86
CA ARG A 558 -11.70 46.44 -53.26
C ARG A 558 -10.44 46.00 -52.51
N ASN A 559 -10.56 45.70 -51.22
CA ASN A 559 -9.40 45.38 -50.40
C ASN A 559 -9.76 44.30 -49.41
N SER A 560 -8.98 43.22 -49.40
CA SER A 560 -9.06 42.18 -48.40
C SER A 560 -7.91 42.31 -47.42
N ARG A 561 -7.97 41.54 -46.34
CA ARG A 561 -6.90 41.56 -45.37
C ARG A 561 -5.60 40.99 -45.93
N LEU A 562 -5.66 40.36 -47.09
CA LEU A 562 -4.48 39.81 -47.74
C LEU A 562 -4.25 40.37 -49.14
N ILE A 563 -5.31 40.66 -49.87
CA ILE A 563 -5.21 41.16 -51.24
C ILE A 563 -5.54 42.65 -51.22
N PRO A 564 -4.57 43.54 -51.20
CA PRO A 564 -4.84 44.98 -51.29
C PRO A 564 -4.87 45.56 -52.69
N ASP A 565 -4.96 44.73 -53.73
CA ASP A 565 -4.95 45.23 -55.11
C ASP A 565 -6.19 44.81 -55.88
N LYS A 566 -7.24 44.33 -55.20
CA LYS A 566 -8.42 43.81 -55.91
C LYS A 566 -8.99 44.84 -56.88
N ALA A 567 -9.48 45.96 -56.35
CA ALA A 567 -9.96 47.02 -57.23
C ALA A 567 -8.84 47.58 -58.09
N ASN A 568 -7.61 47.50 -57.63
CA ASN A 568 -6.45 47.87 -58.44
C ASN A 568 -6.19 46.90 -59.57
N LEU A 569 -6.92 45.79 -59.63
CA LEU A 569 -6.65 44.74 -60.60
C LEU A 569 -7.88 44.27 -61.36
N GLY A 570 -9.08 44.50 -60.85
CA GLY A 570 -10.31 44.12 -61.52
C GLY A 570 -11.21 43.33 -60.61
N PHE A 571 -12.36 42.94 -61.16
CA PHE A 571 -13.30 42.11 -60.43
C PHE A 571 -13.65 40.83 -61.18
N ARG A 572 -13.18 40.66 -62.41
CA ARG A 572 -13.36 39.43 -63.18
C ARG A 572 -11.96 38.91 -63.51
N PHE A 573 -11.40 38.12 -62.60
CA PHE A 573 -10.11 37.49 -62.82
C PHE A 573 -10.06 36.21 -62.00
N PRO A 574 -9.39 35.18 -62.49
CA PRO A 574 -9.47 33.87 -61.83
C PRO A 574 -8.82 33.79 -60.46
N CYS A 575 -7.55 34.18 -60.36
CA CYS A 575 -6.80 33.95 -59.12
C CYS A 575 -5.57 34.85 -59.10
N ASP A 576 -4.77 34.69 -58.05
CA ASP A 576 -3.54 35.45 -57.87
C ASP A 576 -2.39 34.52 -57.50
N GLY A 577 -2.25 33.43 -58.24
CA GLY A 577 -1.15 32.52 -58.04
C GLY A 577 -1.25 31.74 -56.74
N PRO A 578 -0.42 30.71 -56.60
CA PRO A 578 -0.47 29.91 -55.37
C PRO A 578 0.29 30.55 -54.24
N GLY A 579 0.10 31.85 -54.07
CA GLY A 579 0.65 32.52 -52.91
C GLY A 579 -0.26 32.34 -51.70
N ARG A 580 0.35 32.35 -50.52
CA ARG A 580 -0.37 32.19 -49.26
C ARG A 580 -1.09 30.86 -49.22
N GLY A 581 -0.55 29.87 -49.88
CA GLY A 581 -1.27 28.63 -50.15
C GLY A 581 -2.02 28.68 -51.49
N GLY A 582 -3.33 28.82 -51.41
CA GLY A 582 -4.16 29.03 -52.58
C GLY A 582 -4.88 30.36 -52.50
N THR A 583 -5.25 30.89 -53.66
CA THR A 583 -6.04 32.11 -53.70
C THR A 583 -7.11 32.06 -54.77
N CYS A 584 -7.29 30.92 -55.44
CA CYS A 584 -8.29 30.82 -56.49
C CYS A 584 -9.67 31.14 -55.95
N GLN A 585 -10.50 31.74 -56.82
CA GLN A 585 -11.84 32.22 -56.46
C GLN A 585 -11.76 33.28 -55.35
N VAL A 586 -11.15 34.41 -55.71
CA VAL A 586 -11.09 35.58 -54.83
C VAL A 586 -11.70 36.82 -55.48
N SER A 587 -12.33 36.70 -56.65
CA SER A 587 -13.05 37.81 -57.26
C SER A 587 -14.41 37.94 -56.60
N GLY A 588 -15.31 38.73 -57.18
CA GLY A 588 -16.62 38.88 -56.57
C GLY A 588 -17.72 38.07 -57.24
N TRP A 589 -17.67 37.99 -58.56
CA TRP A 589 -18.71 37.24 -59.25
C TRP A 589 -18.64 35.75 -58.94
N ASP A 590 -17.54 35.23 -58.42
CA ASP A 590 -17.58 33.89 -57.86
C ASP A 590 -18.37 33.87 -56.56
N HIS A 591 -18.27 34.94 -55.78
CA HIS A 591 -19.17 35.08 -54.64
C HIS A 591 -20.62 35.00 -55.10
N VAL A 592 -20.95 35.68 -56.20
CA VAL A 592 -22.33 35.62 -56.64
C VAL A 592 -22.64 34.26 -57.27
N PHE A 593 -21.64 33.54 -57.77
CA PHE A 593 -21.84 32.15 -58.17
C PHE A 593 -22.38 31.34 -57.01
N LEU A 594 -21.62 31.31 -55.92
CA LEU A 594 -22.05 30.58 -54.75
C LEU A 594 -23.41 31.06 -54.28
N GLY A 595 -23.63 32.37 -54.34
CA GLY A 595 -24.91 32.91 -53.94
C GLY A 595 -26.05 32.42 -54.80
N LEU A 596 -25.83 32.28 -56.10
CA LEU A 596 -26.91 31.85 -56.96
C LEU A 596 -27.20 30.36 -56.76
N PHE A 597 -26.17 29.57 -56.48
CA PHE A 597 -26.42 28.22 -56.02
C PHE A 597 -27.36 28.22 -54.81
N TRP A 598 -27.04 29.06 -53.83
CA TRP A 598 -27.82 29.04 -52.60
C TRP A 598 -29.24 29.51 -52.83
N MET A 599 -29.42 30.56 -53.62
CA MET A 599 -30.78 31.03 -53.88
C MET A 599 -31.57 30.01 -54.68
N PHE A 600 -30.89 29.25 -55.54
CA PHE A 600 -31.54 28.09 -56.15
C PHE A 600 -32.13 27.19 -55.08
N ASN A 601 -31.31 26.81 -54.10
CA ASN A 601 -31.83 25.97 -53.01
C ASN A 601 -33.06 26.62 -52.37
N THR A 602 -32.92 27.90 -52.02
CA THR A 602 -33.98 28.62 -51.32
C THR A 602 -35.28 28.51 -52.08
N ILE A 603 -35.30 29.00 -53.31
CA ILE A 603 -36.53 29.07 -54.07
C ILE A 603 -37.07 27.68 -54.37
N ALA A 604 -36.17 26.70 -54.57
CA ALA A 604 -36.64 25.35 -54.85
C ALA A 604 -37.43 24.80 -53.67
N ILE A 605 -36.86 24.89 -52.46
CA ILE A 605 -37.61 24.34 -51.33
C ILE A 605 -38.83 25.21 -51.04
N ALA A 606 -38.77 26.50 -51.37
CA ALA A 606 -39.94 27.35 -51.18
C ALA A 606 -41.11 26.88 -52.03
N VAL A 607 -40.84 26.60 -53.31
CA VAL A 607 -41.92 26.16 -54.19
C VAL A 607 -42.38 24.77 -53.79
N TYR A 608 -41.45 23.92 -53.34
CA TYR A 608 -41.86 22.64 -52.76
C TYR A 608 -42.90 22.84 -51.68
N HIS A 609 -42.58 23.67 -50.69
CA HIS A 609 -43.45 23.91 -49.56
C HIS A 609 -44.82 24.44 -50.01
N PHE A 610 -44.80 25.49 -50.85
CA PHE A 610 -46.04 26.08 -51.32
C PHE A 610 -46.92 25.07 -52.03
N SER A 611 -46.36 24.37 -53.02
CA SER A 611 -47.16 23.41 -53.77
C SER A 611 -47.72 22.33 -52.87
N TRP A 612 -46.89 21.78 -51.98
CA TRP A 612 -47.37 20.68 -51.15
C TRP A 612 -48.49 21.13 -50.22
N LYS A 613 -48.36 22.32 -49.61
CA LYS A 613 -49.43 22.74 -48.70
C LYS A 613 -50.71 23.07 -49.47
N MET A 614 -50.60 23.83 -50.55
CA MET A 614 -51.80 24.23 -51.27
C MET A 614 -52.37 23.11 -52.12
N GLN A 615 -51.73 21.94 -52.16
CA GLN A 615 -52.41 20.74 -52.64
C GLN A 615 -52.77 19.78 -51.53
N SER A 616 -52.30 20.02 -50.31
CA SER A 616 -52.58 19.11 -49.21
C SER A 616 -53.76 19.51 -48.34
N ASP A 617 -53.88 20.79 -47.99
CA ASP A 617 -54.98 21.22 -47.13
C ASP A 617 -55.69 22.45 -47.68
N VAL A 618 -55.51 22.80 -48.95
CA VAL A 618 -56.24 23.93 -49.50
C VAL A 618 -57.06 23.50 -50.70
N TRP A 619 -56.60 22.48 -51.43
CA TRP A 619 -57.20 22.14 -52.71
C TRP A 619 -57.56 20.65 -52.75
N GLY A 620 -58.57 20.34 -53.57
CA GLY A 620 -59.13 19.01 -53.67
C GLY A 620 -60.44 19.01 -54.44
N THR A 621 -61.46 18.39 -53.87
CA THR A 621 -62.83 18.41 -54.39
C THR A 621 -63.77 18.80 -53.24
N ILE A 622 -65.07 18.93 -53.55
CA ILE A 622 -66.07 19.32 -52.58
C ILE A 622 -67.35 18.53 -52.78
N ASP A 623 -68.05 18.26 -51.70
CA ASP A 623 -69.34 17.59 -51.64
C ASP A 623 -70.47 18.60 -51.41
N PRO A 624 -71.73 18.18 -51.55
CA PRO A 624 -72.83 19.12 -51.29
C PRO A 624 -72.82 19.73 -49.90
N ASP A 625 -72.20 19.09 -48.92
CA ASP A 625 -72.07 19.68 -47.60
C ASP A 625 -70.95 20.69 -47.51
N GLY A 626 -70.40 21.15 -48.64
CA GLY A 626 -69.15 21.88 -48.58
C GLY A 626 -67.97 21.05 -48.14
N THR A 627 -68.11 19.72 -48.14
CA THR A 627 -67.08 18.82 -47.62
C THR A 627 -65.85 18.85 -48.53
N ILE A 628 -64.80 19.52 -48.08
CA ILE A 628 -63.57 19.61 -48.86
C ILE A 628 -62.79 18.31 -48.68
N ALA A 629 -62.77 17.49 -49.72
CA ALA A 629 -61.94 16.29 -49.76
C ALA A 629 -60.66 16.68 -50.50
N HIS A 630 -59.63 17.03 -49.73
CA HIS A 630 -58.40 17.53 -50.34
C HIS A 630 -57.70 16.44 -51.14
N ILE A 631 -56.76 16.86 -51.98
CA ILE A 631 -56.10 15.94 -52.90
C ILE A 631 -55.31 14.88 -52.14
N THR A 632 -54.42 15.32 -51.25
CA THR A 632 -53.49 14.39 -50.60
C THR A 632 -54.02 13.84 -49.29
N GLY A 633 -54.55 14.71 -48.43
CA GLY A 633 -55.08 14.29 -47.15
C GLY A 633 -54.37 14.83 -45.91
N GLY A 634 -53.77 16.01 -45.98
CA GLY A 634 -53.10 16.56 -44.82
C GLY A 634 -51.87 15.78 -44.41
N ASN A 635 -50.82 15.83 -45.22
CA ASN A 635 -49.67 14.97 -45.03
C ASN A 635 -48.57 15.62 -44.19
N PHE A 636 -48.63 16.94 -43.97
CA PHE A 636 -47.63 17.61 -43.15
C PHE A 636 -47.71 17.18 -41.70
N ALA A 637 -48.91 17.17 -41.13
CA ALA A 637 -49.08 16.69 -39.77
C ALA A 637 -48.66 15.24 -39.60
N MET A 638 -48.37 14.54 -40.70
CA MET A 638 -48.06 13.12 -40.67
C MET A 638 -46.61 12.81 -41.03
N SER A 639 -46.05 13.46 -42.05
CA SER A 639 -44.72 13.09 -42.54
C SER A 639 -43.78 14.26 -42.77
N ALA A 640 -44.26 15.49 -42.85
CA ALA A 640 -43.38 16.61 -43.15
C ALA A 640 -42.64 17.04 -41.89
N ASN A 641 -42.03 16.07 -41.22
CA ASN A 641 -41.24 16.31 -40.03
C ASN A 641 -39.93 15.55 -40.02
N THR A 642 -39.80 14.50 -40.83
CA THR A 642 -38.60 13.70 -40.92
C THR A 642 -38.17 13.65 -42.38
N ILE A 643 -36.88 13.43 -42.61
CA ILE A 643 -36.33 13.56 -43.96
C ILE A 643 -36.84 12.44 -44.86
N ASN A 644 -36.74 11.19 -44.40
CA ASN A 644 -37.18 10.07 -45.23
C ASN A 644 -38.64 10.22 -45.65
N GLY A 645 -39.46 10.80 -44.79
CA GLY A 645 -40.83 11.08 -45.17
C GLY A 645 -40.91 12.11 -46.28
N TRP A 646 -40.00 13.09 -46.27
CA TRP A 646 -40.07 14.16 -47.26
C TRP A 646 -39.82 13.66 -48.67
N LEU A 647 -38.96 12.67 -48.86
CA LEU A 647 -38.79 12.08 -50.17
C LEU A 647 -39.93 11.13 -50.51
N ARG A 648 -40.38 10.34 -49.54
CA ARG A 648 -41.47 9.41 -49.78
C ARG A 648 -42.73 10.15 -50.18
N ASP A 649 -43.27 10.92 -49.24
CA ASP A 649 -44.58 11.55 -49.37
C ASP A 649 -44.56 12.75 -50.25
N TYR A 650 -43.49 13.11 -50.96
CA TYR A 650 -43.61 14.15 -51.97
C TYR A 650 -43.36 13.62 -53.37
N GLN A 651 -42.19 13.04 -53.63
CA GLN A 651 -41.89 12.64 -55.00
C GLN A 651 -42.53 11.32 -55.40
N TRP A 652 -42.96 10.48 -54.44
CA TRP A 652 -43.79 9.35 -54.85
C TRP A 652 -45.01 9.85 -55.60
N ALA A 653 -45.68 10.86 -55.05
CA ALA A 653 -46.80 11.46 -55.75
C ALA A 653 -46.36 12.28 -56.95
N GLN A 654 -45.21 12.94 -56.86
CA GLN A 654 -44.82 13.87 -57.91
C GLN A 654 -44.27 13.19 -59.17
N ALA A 655 -44.16 11.86 -59.17
CA ALA A 655 -43.64 11.18 -60.36
C ALA A 655 -44.37 9.91 -60.74
N ALA A 656 -45.23 9.35 -59.89
CA ALA A 656 -45.75 8.01 -60.09
C ALA A 656 -46.53 7.87 -61.40
N GLN A 657 -46.83 8.98 -62.05
CA GLN A 657 -47.46 8.92 -63.36
C GLN A 657 -46.51 9.25 -64.51
N VAL A 658 -45.54 10.13 -64.27
CA VAL A 658 -44.62 10.55 -65.34
C VAL A 658 -43.92 9.35 -65.95
N ILE A 659 -43.70 8.31 -65.16
CA ILE A 659 -43.15 7.06 -65.70
C ILE A 659 -44.05 6.53 -66.80
N GLN A 660 -45.36 6.53 -66.57
CA GLN A 660 -46.31 6.00 -67.54
C GLN A 660 -47.16 7.08 -68.19
N SER A 661 -46.89 8.36 -67.91
CA SER A 661 -47.75 9.43 -68.45
C SER A 661 -47.66 9.57 -69.95
N TYR A 662 -46.88 8.73 -70.63
CA TYR A 662 -46.82 8.70 -72.08
C TYR A 662 -47.52 7.46 -72.60
N GLY A 663 -47.99 7.53 -73.84
CA GLY A 663 -48.39 6.33 -74.55
C GLY A 663 -49.79 6.31 -75.12
N SER A 664 -50.36 7.48 -75.38
CA SER A 664 -51.66 7.58 -76.03
C SER A 664 -51.74 8.94 -76.71
N ALA A 665 -52.96 9.29 -77.14
CA ALA A 665 -53.19 10.52 -77.89
C ALA A 665 -52.84 11.75 -77.06
N LEU A 666 -53.60 12.03 -76.00
CA LEU A 666 -53.29 13.19 -75.19
C LEU A 666 -52.35 12.82 -74.04
N SER A 667 -51.33 12.04 -74.38
CA SER A 667 -50.26 11.70 -73.44
C SER A 667 -48.89 11.68 -74.09
N ALA A 668 -48.79 11.68 -75.41
CA ALA A 668 -47.57 11.30 -76.10
C ALA A 668 -46.37 12.18 -75.79
N TYR A 669 -46.57 13.31 -75.11
CA TYR A 669 -45.47 14.24 -74.91
C TYR A 669 -44.48 13.68 -73.89
N GLY A 670 -43.70 12.70 -74.31
CA GLY A 670 -42.62 12.20 -73.50
C GLY A 670 -41.75 13.36 -73.08
N LEU A 671 -41.77 13.69 -71.80
CA LEU A 671 -41.16 14.92 -71.33
C LEU A 671 -39.66 14.75 -71.14
N LEU A 672 -38.94 15.86 -71.27
CA LEU A 672 -37.49 15.86 -71.20
C LEU A 672 -37.00 15.97 -69.77
N PHE A 673 -37.59 15.17 -68.88
CA PHE A 673 -37.14 15.02 -67.50
C PHE A 673 -36.10 13.90 -67.45
N LEU A 674 -36.44 12.77 -68.05
CA LEU A 674 -35.49 11.78 -68.53
C LEU A 674 -34.33 12.43 -69.27
N GLY A 675 -34.59 13.55 -69.93
CA GLY A 675 -33.55 14.20 -70.72
C GLY A 675 -32.71 15.20 -69.95
N ALA A 676 -33.27 15.79 -68.89
CA ALA A 676 -32.56 16.87 -68.21
C ALA A 676 -31.45 16.35 -67.32
N HIS A 677 -31.60 15.13 -66.79
CA HIS A 677 -30.54 14.54 -65.97
C HIS A 677 -29.22 14.52 -66.73
N PHE A 678 -29.27 14.19 -68.01
CA PHE A 678 -28.06 14.11 -68.81
C PHE A 678 -27.34 15.45 -68.84
N VAL A 679 -28.09 16.52 -69.10
CA VAL A 679 -27.46 17.84 -69.13
C VAL A 679 -26.93 18.19 -67.75
N TRP A 680 -27.57 17.69 -66.69
CA TRP A 680 -27.09 17.96 -65.34
C TRP A 680 -25.73 17.32 -65.08
N ALA A 681 -25.58 16.04 -65.42
CA ALA A 681 -24.30 15.39 -65.22
C ALA A 681 -23.23 15.98 -66.13
N PHE A 682 -23.59 16.23 -67.40
CA PHE A 682 -22.68 16.90 -68.31
C PHE A 682 -22.26 18.24 -67.75
N SER A 683 -23.15 18.90 -67.01
CA SER A 683 -22.84 20.14 -66.33
C SER A 683 -21.73 19.89 -65.33
N LEU A 684 -22.02 19.03 -64.36
CA LEU A 684 -21.08 18.83 -63.26
C LEU A 684 -19.72 18.34 -63.75
N MET A 685 -19.67 17.77 -64.95
CA MET A 685 -18.37 17.42 -65.52
C MET A 685 -17.47 18.63 -65.64
N PHE A 686 -18.03 19.76 -66.09
CA PHE A 686 -17.20 20.94 -66.31
C PHE A 686 -16.64 21.51 -65.02
N LEU A 687 -17.32 21.28 -63.90
CA LEU A 687 -16.93 21.93 -62.65
C LEU A 687 -15.67 21.30 -62.08
N PHE A 688 -15.66 19.98 -61.95
CA PHE A 688 -14.65 19.30 -61.15
C PHE A 688 -13.27 19.26 -61.82
N SER A 689 -13.17 19.61 -63.09
CA SER A 689 -11.95 19.39 -63.86
C SER A 689 -11.26 20.70 -64.20
N GLY A 690 -9.94 20.64 -64.31
CA GLY A 690 -9.13 21.75 -64.76
C GLY A 690 -9.20 21.92 -66.26
N ARG A 691 -8.13 22.48 -66.82
CA ARG A 691 -8.10 22.73 -68.26
C ARG A 691 -6.85 22.18 -68.95
N GLY A 692 -5.70 22.17 -68.26
CA GLY A 692 -4.48 21.70 -68.90
C GLY A 692 -4.62 20.32 -69.51
N TYR A 693 -5.39 19.46 -68.85
CA TYR A 693 -5.67 18.13 -69.39
C TYR A 693 -6.30 18.23 -70.77
N TRP A 694 -7.36 19.04 -70.89
CA TRP A 694 -8.02 19.20 -72.18
C TRP A 694 -7.09 19.82 -73.19
N GLN A 695 -6.24 20.76 -72.77
CA GLN A 695 -5.28 21.37 -73.69
C GLN A 695 -4.34 20.32 -74.27
N GLU A 696 -3.85 19.41 -73.44
CA GLU A 696 -2.93 18.40 -73.93
C GLU A 696 -3.62 17.41 -74.86
N LEU A 697 -4.84 16.99 -74.51
CA LEU A 697 -5.58 16.14 -75.43
C LEU A 697 -5.78 16.82 -76.77
N ILE A 698 -6.09 18.12 -76.73
CA ILE A 698 -6.25 18.91 -77.95
C ILE A 698 -4.96 18.87 -78.77
N GLU A 699 -3.83 19.04 -78.10
CA GLU A 699 -2.55 19.04 -78.82
C GLU A 699 -2.29 17.68 -79.50
N SER A 700 -2.68 16.59 -78.84
CA SER A 700 -2.51 15.28 -79.48
C SER A 700 -3.38 15.13 -80.73
N ILE A 701 -4.65 15.50 -80.62
CA ILE A 701 -5.53 15.45 -81.79
C ILE A 701 -4.98 16.34 -82.91
N VAL A 702 -4.40 17.48 -82.54
CA VAL A 702 -3.77 18.36 -83.52
C VAL A 702 -2.60 17.67 -84.20
N TRP A 703 -1.79 16.94 -83.43
CA TRP A 703 -0.69 16.18 -84.03
C TRP A 703 -1.23 15.25 -85.11
N ALA A 704 -2.27 14.49 -84.78
CA ALA A 704 -2.82 13.54 -85.75
C ALA A 704 -3.32 14.27 -87.01
N HIS A 705 -4.13 15.30 -86.82
CA HIS A 705 -4.67 16.03 -87.95
C HIS A 705 -3.57 16.63 -88.81
N ASN A 706 -2.51 17.14 -88.17
CA ASN A 706 -1.38 17.67 -88.93
C ASN A 706 -0.66 16.57 -89.69
N LYS A 707 -0.62 15.36 -89.14
CA LYS A 707 -0.04 14.26 -89.88
C LYS A 707 -0.85 13.95 -91.14
N LEU A 708 -2.16 14.08 -91.08
CA LEU A 708 -2.94 13.85 -92.29
C LEU A 708 -3.28 15.13 -93.06
N LYS A 709 -2.54 16.21 -92.84
CA LYS A 709 -2.66 17.43 -93.65
C LYS A 709 -4.08 17.99 -93.63
N VAL A 710 -4.64 18.10 -92.43
CA VAL A 710 -5.98 18.68 -92.32
C VAL A 710 -5.97 19.71 -91.17
N ALA A 711 -4.78 20.10 -90.73
CA ALA A 711 -4.62 21.01 -89.61
C ALA A 711 -5.44 22.28 -89.82
N PRO A 712 -6.39 22.58 -88.94
CA PRO A 712 -7.11 23.86 -89.04
C PRO A 712 -6.18 25.02 -88.75
N THR A 713 -6.16 25.99 -89.67
CA THR A 713 -5.26 27.13 -89.53
C THR A 713 -5.48 27.84 -88.20
N ILE A 714 -6.73 28.18 -87.91
CA ILE A 714 -7.07 28.77 -86.62
C ILE A 714 -6.86 27.72 -85.54
N GLN A 715 -5.84 27.92 -84.71
CA GLN A 715 -5.41 26.89 -83.77
C GLN A 715 -6.37 26.81 -82.60
N PRO A 716 -7.05 25.69 -82.39
CA PRO A 716 -7.98 25.59 -81.26
C PRO A 716 -7.24 25.67 -79.93
N ARG A 717 -7.89 26.31 -78.96
CA ARG A 717 -7.37 26.41 -77.61
C ARG A 717 -8.51 26.13 -76.64
N ALA A 718 -8.20 25.42 -75.56
CA ALA A 718 -9.21 25.03 -74.60
C ALA A 718 -9.83 26.26 -73.93
N LEU A 719 -10.97 26.05 -73.29
CA LEU A 719 -11.67 27.14 -72.64
C LEU A 719 -10.86 27.71 -71.49
N SER A 720 -11.11 28.97 -71.18
CA SER A 720 -10.53 29.56 -69.98
C SER A 720 -11.35 29.14 -68.77
N ILE A 721 -10.68 29.04 -67.62
CA ILE A 721 -11.29 28.41 -66.45
C ILE A 721 -12.55 29.15 -66.03
N ILE A 722 -12.58 30.48 -66.19
CA ILE A 722 -13.79 31.22 -65.87
C ILE A 722 -14.88 30.89 -66.89
N GLN A 723 -14.53 30.78 -68.16
CA GLN A 723 -15.49 30.35 -69.17
C GLN A 723 -16.06 28.98 -68.84
N GLY A 724 -15.20 28.04 -68.44
CA GLY A 724 -15.68 26.70 -68.11
C GLY A 724 -16.58 26.72 -66.88
N ARG A 725 -16.19 27.49 -65.87
CA ARG A 725 -17.04 27.62 -64.69
C ARG A 725 -18.40 28.16 -65.06
N ALA A 726 -18.43 29.16 -65.95
CA ALA A 726 -19.70 29.76 -66.35
C ALA A 726 -20.57 28.75 -67.08
N VAL A 727 -20.01 28.02 -68.04
CA VAL A 727 -20.84 27.08 -68.77
C VAL A 727 -21.30 25.96 -67.86
N GLY A 728 -20.46 25.55 -66.89
CA GLY A 728 -20.87 24.53 -65.96
C GLY A 728 -22.07 24.96 -65.13
N VAL A 729 -21.99 26.15 -64.55
CA VAL A 729 -23.08 26.61 -63.70
C VAL A 729 -24.34 26.84 -64.53
N ALA A 730 -24.19 27.33 -65.77
CA ALA A 730 -25.33 27.52 -66.64
C ALA A 730 -26.05 26.21 -66.89
N HIS A 731 -25.29 25.19 -67.31
CA HIS A 731 -25.91 23.90 -67.60
C HIS A 731 -26.53 23.30 -66.35
N TYR A 732 -25.87 23.47 -65.19
CA TYR A 732 -26.43 22.98 -63.94
C TYR A 732 -27.81 23.55 -63.68
N LEU A 733 -27.90 24.89 -63.68
CA LEU A 733 -29.17 25.55 -63.44
C LEU A 733 -30.21 25.13 -64.45
N LEU A 734 -29.84 25.08 -65.74
CA LEU A 734 -30.79 24.72 -66.77
C LEU A 734 -31.39 23.34 -66.51
N GLY A 735 -30.53 22.35 -66.29
CA GLY A 735 -31.01 21.01 -66.05
C GLY A 735 -31.94 20.95 -64.86
N ALA A 736 -31.54 21.59 -63.75
CA ALA A 736 -32.35 21.51 -62.54
C ALA A 736 -33.74 22.11 -62.76
N ILE A 737 -33.79 23.31 -63.32
CA ILE A 737 -35.08 23.99 -63.45
C ILE A 737 -35.96 23.28 -64.48
N VAL A 738 -35.36 22.74 -65.55
CA VAL A 738 -36.13 21.97 -66.51
C VAL A 738 -36.75 20.77 -65.82
N THR A 739 -35.94 20.03 -65.06
CA THR A 739 -36.43 18.89 -64.30
C THR A 739 -37.65 19.26 -63.48
N ILE A 740 -37.54 20.32 -62.68
CA ILE A 740 -38.61 20.61 -61.71
C ILE A 740 -39.87 21.08 -62.41
N TRP A 741 -39.73 21.90 -63.47
CA TRP A 741 -40.95 22.35 -64.12
C TRP A 741 -41.64 21.19 -64.82
N ALA A 742 -40.87 20.27 -65.41
CA ALA A 742 -41.47 19.05 -65.93
C ALA A 742 -42.26 18.34 -64.84
N PHE A 743 -41.65 18.18 -63.67
CA PHE A 743 -42.30 17.53 -62.54
C PHE A 743 -43.70 18.07 -62.30
N PHE A 744 -43.79 19.34 -61.91
CA PHE A 744 -45.10 19.78 -61.47
C PHE A 744 -46.05 20.10 -62.61
N GLU A 745 -45.54 20.34 -63.82
CA GLU A 745 -46.44 20.46 -64.96
C GLU A 745 -47.21 19.15 -65.17
N ALA A 746 -46.50 18.04 -65.28
CA ALA A 746 -47.20 16.76 -65.41
C ALA A 746 -48.05 16.46 -64.19
N ARG A 747 -47.60 16.89 -63.00
CA ARG A 747 -48.37 16.63 -61.80
C ARG A 747 -49.72 17.36 -61.83
N ILE A 748 -49.74 18.59 -62.31
CA ILE A 748 -51.01 19.31 -62.42
C ILE A 748 -51.87 18.73 -63.53
N ILE A 749 -51.24 18.32 -64.63
CA ILE A 749 -51.99 17.68 -65.70
C ILE A 749 -52.70 16.44 -65.18
N SER A 750 -52.10 15.76 -64.19
CA SER A 750 -52.76 14.59 -63.60
C SER A 750 -54.00 14.95 -62.78
N VAL A 751 -54.20 16.21 -62.45
CA VAL A 751 -55.40 16.63 -61.72
C VAL A 751 -56.18 17.72 -62.45
N GLY A 752 -55.55 18.53 -63.28
CA GLY A 752 -56.24 19.58 -64.01
C GLY A 752 -56.66 19.15 -65.40
N THR B 3 11.87 20.35 -32.30
CA THR B 3 12.27 19.38 -33.31
C THR B 3 11.59 18.04 -33.07
N LYS B 4 10.70 18.00 -32.09
CA LYS B 4 10.09 16.73 -31.71
C LYS B 4 9.10 16.26 -32.77
N PHE B 5 8.04 17.03 -33.00
CA PHE B 5 7.10 16.61 -34.03
C PHE B 5 7.02 17.64 -35.14
N PRO B 6 7.19 17.23 -36.40
CA PRO B 6 7.57 15.86 -36.73
C PRO B 6 9.08 15.69 -36.84
N LYS B 7 9.64 14.69 -36.16
CA LYS B 7 11.08 14.52 -36.16
C LYS B 7 11.58 14.04 -37.52
N PHE B 8 10.80 13.22 -38.22
CA PHE B 8 11.25 12.64 -39.48
C PHE B 8 11.42 13.70 -40.55
N SER B 9 11.11 14.95 -40.24
CA SER B 9 11.36 16.06 -41.13
C SER B 9 11.61 17.30 -40.27
N GLN B 10 12.89 17.67 -40.15
CA GLN B 10 13.26 18.84 -39.37
C GLN B 10 12.59 20.10 -39.92
N ASP B 11 12.29 20.13 -41.21
CA ASP B 11 11.67 21.30 -41.81
C ASP B 11 10.27 21.53 -41.26
N LEU B 12 9.40 20.52 -41.39
CA LEU B 12 7.98 20.71 -41.10
C LEU B 12 7.72 21.10 -39.65
N ALA B 13 8.69 20.97 -38.76
CA ALA B 13 8.53 21.39 -37.38
C ALA B 13 8.96 22.83 -37.16
N GLN B 14 8.88 23.67 -38.19
CA GLN B 14 9.28 25.08 -38.12
C GLN B 14 8.18 25.95 -38.71
N ASP B 15 6.95 25.72 -38.28
CA ASP B 15 5.82 26.46 -38.83
C ASP B 15 4.66 26.52 -37.84
N PRO B 16 4.24 27.72 -37.43
CA PRO B 16 3.13 27.85 -36.48
C PRO B 16 1.76 27.96 -37.15
N THR B 17 1.43 27.02 -38.02
CA THR B 17 0.12 26.94 -38.64
C THR B 17 -0.40 25.52 -38.51
N THR B 18 -1.69 25.40 -38.21
CA THR B 18 -2.30 24.10 -37.95
C THR B 18 -2.03 23.11 -39.07
N ARG B 19 -1.78 23.61 -40.28
CA ARG B 19 -1.50 22.72 -41.41
C ARG B 19 -0.35 21.77 -41.10
N ARG B 20 0.55 22.16 -40.20
CA ARG B 20 1.59 21.26 -39.72
C ARG B 20 1.00 19.90 -39.38
N LEU B 21 0.05 19.88 -38.45
CA LEU B 21 -0.61 18.63 -38.09
C LEU B 21 -1.17 17.95 -39.34
N TRP B 22 -1.85 18.71 -40.19
CA TRP B 22 -2.41 18.12 -41.41
C TRP B 22 -1.31 17.49 -42.25
N TYR B 23 -0.18 18.17 -42.39
CA TYR B 23 0.91 17.59 -43.15
C TYR B 23 1.77 16.65 -42.32
N GLY B 24 1.58 16.63 -41.00
CA GLY B 24 2.35 15.73 -40.17
C GLY B 24 1.95 14.28 -40.34
N ILE B 25 0.69 14.03 -40.67
CA ILE B 25 0.17 12.68 -40.73
C ILE B 25 -0.10 12.25 -42.18
N ALA B 26 0.48 12.95 -43.15
CA ALA B 26 0.36 12.55 -44.55
C ALA B 26 1.72 12.23 -45.15
N THR B 27 2.73 12.03 -44.32
CA THR B 27 4.07 11.67 -44.78
C THR B 27 4.69 10.56 -43.95
N ALA B 28 4.14 10.24 -42.78
CA ALA B 28 4.76 9.26 -41.89
C ALA B 28 4.89 7.88 -42.52
N HIS B 29 4.19 7.63 -43.62
CA HIS B 29 4.33 6.38 -44.35
C HIS B 29 4.94 6.59 -45.73
N ASP B 30 5.63 7.69 -45.93
CA ASP B 30 6.46 7.91 -47.10
C ASP B 30 7.90 7.98 -46.58
N PHE B 31 8.56 6.81 -46.57
CA PHE B 31 9.80 6.68 -45.81
C PHE B 31 10.95 7.41 -46.47
N GLU B 32 11.19 7.14 -47.75
CA GLU B 32 12.37 7.65 -48.43
C GLU B 32 12.35 9.18 -48.55
N THR B 33 11.29 9.81 -48.04
CA THR B 33 11.24 11.26 -47.95
C THR B 33 11.62 11.78 -46.58
N HIS B 34 11.75 10.90 -45.58
CA HIS B 34 12.23 11.33 -44.27
C HIS B 34 13.66 11.84 -44.38
N ASP B 35 14.11 12.53 -43.34
CA ASP B 35 15.43 13.14 -43.32
C ASP B 35 16.46 12.13 -42.81
N GLY B 36 17.41 11.78 -43.67
CA GLY B 36 18.56 11.01 -43.24
C GLY B 36 18.34 9.53 -43.04
N MET B 37 18.01 8.80 -44.10
CA MET B 37 17.95 7.34 -44.01
C MET B 37 18.32 6.75 -45.36
N THR B 38 19.47 6.09 -45.41
CA THR B 38 19.94 5.46 -46.64
C THR B 38 19.20 4.14 -46.85
N GLU B 39 19.63 3.36 -47.84
CA GLU B 39 18.83 2.26 -48.36
C GLU B 39 18.58 1.18 -47.30
N GLU B 40 19.65 0.61 -46.74
CA GLU B 40 19.47 -0.60 -45.94
C GLU B 40 18.59 -0.35 -44.73
N ASN B 41 18.64 0.85 -44.17
CA ASN B 41 17.68 1.22 -43.13
C ASN B 41 16.26 0.98 -43.63
N LEU B 42 15.95 1.53 -44.80
CA LEU B 42 14.60 1.38 -45.36
C LEU B 42 14.26 -0.08 -45.60
N TYR B 43 15.21 -0.82 -46.18
CA TYR B 43 14.96 -2.22 -46.49
C TYR B 43 14.64 -3.02 -45.22
N GLN B 44 15.44 -2.85 -44.18
CA GLN B 44 15.23 -3.61 -42.96
C GLN B 44 13.94 -3.21 -42.27
N LYS B 45 13.65 -1.92 -42.19
CA LYS B 45 12.41 -1.55 -41.52
C LYS B 45 11.19 -1.94 -42.34
N LEU B 46 11.31 -1.97 -43.67
CA LEU B 46 10.24 -2.50 -44.50
C LEU B 46 10.02 -3.98 -44.23
N PHE B 47 11.12 -4.73 -44.10
CA PHE B 47 11.06 -6.12 -43.65
C PHE B 47 10.18 -6.24 -42.41
N ALA B 48 10.55 -5.49 -41.37
CA ALA B 48 9.83 -5.57 -40.09
C ALA B 48 8.37 -5.15 -40.23
N THR B 49 8.11 -4.08 -40.97
CA THR B 49 6.75 -3.57 -41.07
C THR B 49 5.85 -4.53 -41.86
N HIS B 50 6.39 -5.15 -42.91
CA HIS B 50 5.64 -6.18 -43.60
C HIS B 50 5.32 -7.33 -42.65
N PHE B 51 6.30 -7.71 -41.83
CA PHE B 51 6.02 -8.69 -40.78
C PHE B 51 4.80 -8.29 -39.97
N GLY B 52 4.81 -7.05 -39.46
CA GLY B 52 3.70 -6.57 -38.66
C GLY B 52 2.37 -6.62 -39.40
N HIS B 53 2.40 -6.32 -40.69
CA HIS B 53 1.18 -6.38 -41.48
C HIS B 53 0.60 -7.78 -41.49
N VAL B 54 1.42 -8.78 -41.81
CA VAL B 54 0.85 -10.14 -41.83
C VAL B 54 0.43 -10.56 -40.43
N ALA B 55 1.12 -10.05 -39.40
CA ALA B 55 0.72 -10.37 -38.03
C ALA B 55 -0.68 -9.87 -37.75
N ILE B 56 -0.97 -8.62 -38.12
CA ILE B 56 -2.30 -8.10 -37.85
C ILE B 56 -3.34 -8.78 -38.72
N ILE B 57 -2.96 -9.26 -39.91
CA ILE B 57 -3.87 -10.08 -40.69
C ILE B 57 -4.27 -11.33 -39.91
N PHE B 58 -3.27 -12.01 -39.34
CA PHE B 58 -3.56 -13.18 -38.51
C PHE B 58 -4.47 -12.82 -37.36
N LEU B 59 -4.20 -11.68 -36.71
CA LEU B 59 -5.04 -11.23 -35.61
C LEU B 59 -6.48 -11.04 -36.07
N TRP B 60 -6.67 -10.47 -37.25
CA TRP B 60 -8.02 -10.27 -37.79
C TRP B 60 -8.74 -11.60 -37.99
N THR B 61 -8.04 -12.56 -38.61
CA THR B 61 -8.63 -13.88 -38.80
C THR B 61 -9.04 -14.49 -37.47
N SER B 62 -8.13 -14.46 -36.49
CA SER B 62 -8.45 -14.95 -35.16
C SER B 62 -9.65 -14.24 -34.58
N SER B 63 -9.76 -12.94 -34.83
CA SER B 63 -10.86 -12.14 -34.33
C SER B 63 -12.19 -12.71 -34.79
N LEU B 64 -12.36 -12.77 -36.11
CA LEU B 64 -13.64 -13.24 -36.65
C LEU B 64 -13.92 -14.66 -36.22
N LEU B 65 -12.90 -15.51 -36.22
CA LEU B 65 -13.13 -16.94 -35.95
C LEU B 65 -13.48 -17.16 -34.48
N PHE B 66 -12.77 -16.52 -33.55
CA PHE B 66 -13.10 -16.66 -32.15
C PHE B 66 -14.49 -16.09 -31.86
N HIS B 67 -14.83 -14.95 -32.47
CA HIS B 67 -16.14 -14.37 -32.19
C HIS B 67 -17.26 -15.28 -32.66
N VAL B 68 -17.13 -15.86 -33.84
CA VAL B 68 -18.17 -16.79 -34.26
C VAL B 68 -18.15 -18.04 -33.37
N ALA B 69 -16.98 -18.41 -32.84
CA ALA B 69 -16.93 -19.52 -31.90
C ALA B 69 -17.65 -19.22 -30.60
N TRP B 70 -17.77 -17.93 -30.25
CA TRP B 70 -18.31 -17.57 -28.94
C TRP B 70 -19.83 -17.61 -28.92
N GLN B 71 -20.47 -16.79 -29.76
CA GLN B 71 -21.90 -16.55 -29.64
C GLN B 71 -22.61 -16.77 -30.98
N GLY B 72 -22.31 -17.89 -31.65
CA GLY B 72 -22.89 -18.21 -32.93
C GLY B 72 -23.74 -19.47 -32.91
N ASN B 73 -24.31 -19.78 -34.07
CA ASN B 73 -25.16 -20.94 -34.26
C ASN B 73 -24.61 -21.87 -35.35
N PHE B 74 -23.29 -22.08 -35.33
CA PHE B 74 -22.67 -22.87 -36.38
C PHE B 74 -23.22 -24.29 -36.43
N GLU B 75 -23.43 -24.90 -35.26
CA GLU B 75 -23.98 -26.26 -35.22
C GLU B 75 -25.47 -26.26 -35.55
N GLN B 76 -26.20 -25.27 -35.03
CA GLN B 76 -27.59 -25.09 -35.42
C GLN B 76 -27.70 -24.79 -36.91
N TRP B 77 -26.61 -24.35 -37.53
CA TRP B 77 -26.51 -24.27 -38.98
C TRP B 77 -26.09 -25.60 -39.60
N ILE B 78 -25.43 -26.47 -38.84
CA ILE B 78 -25.14 -27.80 -39.33
C ILE B 78 -26.42 -28.60 -39.51
N LYS B 79 -27.31 -28.54 -38.52
CA LYS B 79 -28.51 -29.38 -38.54
C LYS B 79 -29.42 -29.02 -39.71
N ASP B 80 -29.85 -27.77 -39.79
CA ASP B 80 -30.71 -27.33 -40.88
C ASP B 80 -29.96 -26.33 -41.75
N PRO B 81 -29.08 -26.80 -42.64
CA PRO B 81 -28.17 -25.88 -43.35
C PRO B 81 -28.87 -24.88 -44.26
N LEU B 82 -29.68 -25.38 -45.20
CA LEU B 82 -30.21 -24.53 -46.26
C LEU B 82 -31.19 -23.48 -45.77
N ASN B 83 -31.56 -23.49 -44.49
CA ASN B 83 -32.49 -22.49 -43.97
C ASN B 83 -31.91 -21.67 -42.84
N VAL B 84 -31.20 -22.29 -41.90
CA VAL B 84 -30.67 -21.56 -40.75
C VAL B 84 -29.67 -20.53 -41.23
N ARG B 85 -29.79 -19.32 -40.70
CA ARG B 85 -28.94 -18.17 -41.02
C ARG B 85 -27.79 -18.05 -40.01
N PRO B 86 -26.60 -17.72 -40.48
CA PRO B 86 -25.45 -17.61 -39.57
C PRO B 86 -25.57 -16.46 -38.58
N ILE B 87 -24.58 -16.33 -37.70
CA ILE B 87 -24.56 -15.33 -36.64
C ILE B 87 -23.26 -14.54 -36.73
N ALA B 88 -23.35 -13.22 -36.67
CA ALA B 88 -22.14 -12.40 -36.69
C ALA B 88 -21.53 -12.27 -35.30
N HIS B 89 -22.24 -11.61 -34.38
CA HIS B 89 -21.75 -11.39 -33.03
C HIS B 89 -22.90 -10.79 -32.22
N ALA B 90 -22.60 -10.41 -30.98
CA ALA B 90 -23.60 -9.83 -30.10
C ALA B 90 -23.83 -8.36 -30.45
N ILE B 91 -24.86 -7.79 -29.83
CA ILE B 91 -25.27 -6.41 -30.08
C ILE B 91 -25.39 -5.71 -28.73
N TRP B 92 -24.82 -4.51 -28.63
CA TRP B 92 -24.83 -3.80 -27.35
C TRP B 92 -24.78 -2.30 -27.60
N ASP B 93 -25.93 -1.63 -27.49
CA ASP B 93 -25.96 -0.18 -27.56
C ASP B 93 -27.14 0.35 -26.77
N PRO B 94 -26.89 1.18 -25.76
CA PRO B 94 -28.01 1.72 -24.96
C PRO B 94 -28.94 2.61 -25.76
N HIS B 95 -28.43 3.32 -26.77
CA HIS B 95 -29.23 4.23 -27.57
C HIS B 95 -30.23 3.51 -28.47
N PHE B 96 -30.23 2.18 -28.49
CA PHE B 96 -30.94 1.43 -29.50
C PHE B 96 -32.45 1.67 -29.41
N GLY B 97 -33.16 1.18 -30.43
CA GLY B 97 -34.58 1.39 -30.55
C GLY B 97 -35.42 0.50 -29.67
N LYS B 98 -36.62 0.14 -30.14
CA LYS B 98 -37.49 -0.77 -29.40
C LYS B 98 -37.69 -2.08 -30.13
N ALA B 99 -38.16 -2.05 -31.38
CA ALA B 99 -38.37 -3.27 -32.14
C ALA B 99 -37.07 -3.97 -32.49
N ALA B 100 -35.92 -3.36 -32.17
CA ALA B 100 -34.62 -3.96 -32.48
C ALA B 100 -34.49 -5.33 -31.81
N VAL B 101 -34.47 -5.34 -30.47
CA VAL B 101 -34.51 -6.61 -29.74
C VAL B 101 -35.71 -7.43 -30.18
N ASP B 102 -36.79 -6.76 -30.55
CA ASP B 102 -38.01 -7.46 -30.95
C ASP B 102 -37.91 -8.02 -32.36
N ALA B 103 -36.97 -7.55 -33.17
CA ALA B 103 -36.80 -8.05 -34.53
C ALA B 103 -35.42 -8.67 -34.76
N PHE B 104 -34.72 -9.04 -33.70
CA PHE B 104 -33.38 -9.62 -33.82
C PHE B 104 -33.28 -11.06 -33.32
N THR B 105 -33.84 -11.37 -32.15
CA THR B 105 -33.60 -12.65 -31.50
C THR B 105 -34.26 -13.76 -32.31
N GLN B 106 -33.44 -14.51 -33.05
CA GLN B 106 -33.93 -15.65 -33.83
C GLN B 106 -32.93 -16.78 -33.67
N ALA B 107 -33.08 -17.82 -34.50
CA ALA B 107 -32.26 -19.02 -34.40
C ALA B 107 -32.23 -19.58 -32.98
N GLY B 108 -33.34 -19.43 -32.27
CA GLY B 108 -33.44 -19.87 -30.90
C GLY B 108 -32.77 -18.97 -29.88
N ALA B 109 -32.13 -17.89 -30.31
CA ALA B 109 -31.40 -17.03 -29.39
C ALA B 109 -32.34 -16.14 -28.59
N THR B 110 -31.86 -15.70 -27.43
CA THR B 110 -32.59 -14.78 -26.57
C THR B 110 -31.95 -13.41 -26.48
N TYR B 111 -30.71 -13.27 -26.92
CA TYR B 111 -29.99 -12.01 -26.93
C TYR B 111 -29.99 -11.40 -28.32
N PRO B 112 -29.67 -10.11 -28.46
CA PRO B 112 -29.75 -9.46 -29.78
C PRO B 112 -28.66 -9.92 -30.74
N VAL B 113 -28.91 -11.04 -31.40
CA VAL B 113 -27.95 -11.56 -32.37
C VAL B 113 -27.83 -10.62 -33.56
N ASN B 114 -26.67 -10.66 -34.22
CA ASN B 114 -26.43 -9.94 -35.45
C ASN B 114 -26.25 -10.94 -36.59
N ILE B 115 -27.00 -10.75 -37.67
CA ILE B 115 -26.91 -11.64 -38.82
C ILE B 115 -25.52 -11.54 -39.43
N ALA B 116 -25.08 -12.63 -40.06
CA ALA B 116 -23.80 -12.66 -40.76
C ALA B 116 -24.04 -12.87 -42.25
N TYR B 117 -23.18 -12.25 -43.07
CA TYR B 117 -23.33 -12.31 -44.52
C TYR B 117 -22.09 -12.74 -45.28
N SER B 118 -20.89 -12.62 -44.69
CA SER B 118 -19.68 -12.94 -45.44
C SER B 118 -19.67 -14.40 -45.90
N GLY B 119 -20.06 -15.32 -45.02
CA GLY B 119 -20.22 -16.70 -45.42
C GLY B 119 -19.08 -17.63 -45.03
N VAL B 120 -18.56 -17.48 -43.82
CA VAL B 120 -17.50 -18.37 -43.38
C VAL B 120 -18.02 -19.74 -42.98
N TYR B 121 -19.32 -19.86 -42.68
CA TYR B 121 -19.86 -21.14 -42.24
C TYR B 121 -19.76 -22.19 -43.34
N HIS B 122 -20.18 -21.83 -44.55
CA HIS B 122 -20.17 -22.78 -45.66
C HIS B 122 -18.76 -23.24 -45.97
N TRP B 123 -17.85 -22.30 -46.14
CA TRP B 123 -16.46 -22.64 -46.44
C TRP B 123 -15.85 -23.49 -45.32
N TRP B 124 -16.10 -23.12 -44.07
CA TRP B 124 -15.48 -23.85 -42.95
C TRP B 124 -16.01 -25.27 -42.85
N TYR B 125 -17.33 -25.44 -42.93
CA TYR B 125 -17.88 -26.79 -42.92
C TYR B 125 -17.41 -27.59 -44.11
N THR B 126 -17.22 -26.93 -45.26
CA THR B 126 -16.61 -27.59 -46.40
C THR B 126 -15.22 -28.11 -46.05
N ILE B 127 -14.45 -27.34 -45.27
CA ILE B 127 -13.16 -27.83 -44.81
C ILE B 127 -13.30 -28.93 -43.76
N GLY B 128 -14.49 -29.12 -43.19
CA GLY B 128 -14.74 -30.25 -42.33
C GLY B 128 -14.67 -29.97 -40.84
N MET B 129 -15.32 -28.90 -40.40
CA MET B 129 -15.45 -28.60 -38.98
C MET B 129 -16.79 -29.10 -38.46
N ARG B 130 -16.84 -29.38 -37.16
CA ARG B 130 -18.05 -29.95 -36.59
C ARG B 130 -18.54 -29.22 -35.33
N THR B 131 -17.63 -28.76 -34.49
CA THR B 131 -17.98 -28.29 -33.16
C THR B 131 -17.32 -26.96 -32.86
N ASN B 132 -17.86 -26.27 -31.85
CA ASN B 132 -17.31 -24.99 -31.43
C ASN B 132 -15.85 -25.13 -31.02
N ASN B 133 -15.52 -26.20 -30.27
CA ASN B 133 -14.16 -26.37 -29.78
C ASN B 133 -13.13 -26.37 -30.90
N ASP B 134 -13.50 -26.88 -32.08
CA ASP B 134 -12.59 -26.88 -33.22
C ASP B 134 -12.03 -25.48 -33.45
N LEU B 135 -12.92 -24.54 -33.72
CA LEU B 135 -12.47 -23.19 -34.02
C LEU B 135 -12.05 -22.44 -32.77
N TYR B 136 -12.53 -22.84 -31.60
CA TYR B 136 -11.96 -22.33 -30.36
C TYR B 136 -10.45 -22.54 -30.34
N SER B 137 -10.03 -23.80 -30.45
CA SER B 137 -8.60 -24.10 -30.49
C SER B 137 -7.94 -23.45 -31.70
N GLY B 138 -8.64 -23.38 -32.82
CA GLY B 138 -8.08 -22.70 -33.98
C GLY B 138 -7.63 -21.29 -33.66
N ALA B 139 -8.54 -20.51 -33.07
CA ALA B 139 -8.19 -19.18 -32.61
C ALA B 139 -7.01 -19.23 -31.65
N VAL B 140 -7.11 -20.08 -30.63
CA VAL B 140 -6.09 -20.11 -29.59
C VAL B 140 -4.71 -20.32 -30.19
N PHE B 141 -4.60 -21.12 -31.24
CA PHE B 141 -3.24 -21.36 -31.70
C PHE B 141 -2.77 -20.39 -32.78
N LEU B 142 -3.65 -19.95 -33.69
CA LEU B 142 -3.08 -18.98 -34.63
C LEU B 142 -2.82 -17.65 -33.94
N LEU B 143 -3.39 -17.44 -32.75
CA LEU B 143 -3.00 -16.29 -31.93
C LEU B 143 -1.54 -16.38 -31.51
N ILE B 144 -1.13 -17.52 -30.95
CA ILE B 144 0.27 -17.65 -30.58
C ILE B 144 1.15 -17.59 -31.81
N LEU B 145 0.67 -18.10 -32.94
CA LEU B 145 1.43 -17.98 -34.18
C LEU B 145 1.69 -16.52 -34.49
N ALA B 146 0.64 -15.68 -34.39
CA ALA B 146 0.81 -14.26 -34.65
C ALA B 146 1.82 -13.65 -33.70
N GLY B 147 1.74 -13.99 -32.43
CA GLY B 147 2.67 -13.43 -31.45
C GLY B 147 4.11 -13.80 -31.75
N VAL B 148 4.34 -15.07 -32.06
CA VAL B 148 5.68 -15.53 -32.40
C VAL B 148 6.18 -14.81 -33.65
N PHE B 149 5.29 -14.62 -34.61
CA PHE B 149 5.71 -13.93 -35.82
C PHE B 149 6.09 -12.49 -35.51
N LEU B 150 5.35 -11.84 -34.61
CA LEU B 150 5.70 -10.51 -34.14
C LEU B 150 7.09 -10.50 -33.53
N PHE B 151 7.37 -11.46 -32.64
CA PHE B 151 8.70 -11.52 -32.03
C PHE B 151 9.77 -11.71 -33.09
N ALA B 152 9.50 -12.57 -34.07
CA ALA B 152 10.43 -12.76 -35.17
C ALA B 152 10.73 -11.44 -35.85
N GLY B 153 9.69 -10.66 -36.13
CA GLY B 153 9.91 -9.32 -36.64
C GLY B 153 10.81 -8.50 -35.74
N TRP B 154 10.64 -8.63 -34.43
CA TRP B 154 11.47 -7.85 -33.51
C TRP B 154 12.94 -8.27 -33.58
N LEU B 155 13.20 -9.57 -33.71
CA LEU B 155 14.57 -10.06 -33.58
C LEU B 155 15.50 -9.40 -34.59
N HIS B 156 15.09 -9.37 -35.86
CA HIS B 156 15.95 -8.90 -36.93
C HIS B 156 16.25 -7.41 -36.81
N LEU B 157 15.67 -6.77 -35.80
CA LEU B 157 16.04 -5.40 -35.49
C LEU B 157 17.34 -5.31 -34.71
N GLN B 158 17.72 -6.39 -34.03
CA GLN B 158 18.94 -6.39 -33.26
C GLN B 158 20.16 -6.42 -34.17
N PRO B 159 21.28 -5.84 -33.74
CA PRO B 159 22.41 -5.64 -34.66
C PRO B 159 22.92 -6.93 -35.30
N LYS B 160 23.16 -7.98 -34.51
CA LYS B 160 23.72 -9.21 -35.04
C LYS B 160 22.77 -9.94 -35.97
N PHE B 161 21.58 -9.42 -36.22
CA PHE B 161 20.58 -10.08 -37.04
C PHE B 161 20.09 -9.14 -38.13
N ARG B 162 21.00 -8.43 -38.77
CA ARG B 162 20.67 -7.45 -39.77
C ARG B 162 21.03 -7.98 -41.15
N PRO B 163 20.06 -8.37 -41.97
CA PRO B 163 20.38 -8.91 -43.30
C PRO B 163 21.11 -7.91 -44.17
N SER B 164 21.68 -8.41 -45.26
CA SER B 164 22.53 -7.61 -46.13
C SER B 164 21.74 -7.12 -47.35
N LEU B 165 22.16 -5.96 -47.87
CA LEU B 165 21.53 -5.43 -49.07
C LEU B 165 21.68 -6.39 -50.24
N SER B 166 22.86 -7.01 -50.37
CA SER B 166 23.03 -8.04 -51.38
C SER B 166 22.09 -9.21 -51.12
N TRP B 167 21.87 -9.53 -49.85
CA TRP B 167 20.91 -10.57 -49.51
C TRP B 167 19.51 -10.23 -49.99
N PHE B 168 19.23 -8.94 -50.20
CA PHE B 168 17.97 -8.52 -50.77
C PHE B 168 17.99 -8.51 -52.29
N LYS B 169 19.14 -8.17 -52.89
CA LYS B 169 19.19 -8.04 -54.35
C LYS B 169 19.15 -9.40 -55.04
N SER B 170 19.75 -10.42 -54.43
CA SER B 170 19.78 -11.74 -55.04
C SER B 170 18.37 -12.31 -55.16
N ALA B 171 17.91 -12.51 -56.40
CA ALA B 171 16.51 -12.78 -56.66
C ALA B 171 16.21 -14.28 -56.77
N GLU B 172 16.92 -14.99 -57.65
CA GLU B 172 16.66 -16.38 -58.00
C GLU B 172 16.38 -17.29 -56.80
N PRO B 173 17.10 -17.14 -55.67
CA PRO B 173 16.71 -17.93 -54.49
C PRO B 173 15.30 -17.62 -54.03
N ARG B 174 14.94 -16.34 -53.87
CA ARG B 174 13.57 -15.99 -53.54
C ARG B 174 12.61 -16.54 -54.58
N LEU B 175 12.96 -16.42 -55.85
CA LEU B 175 12.12 -16.95 -56.94
C LEU B 175 11.80 -18.41 -56.69
N ASN B 176 12.82 -19.24 -56.63
CA ASN B 176 12.61 -20.68 -56.49
C ASN B 176 11.90 -21.00 -55.20
N HIS B 177 12.39 -20.45 -54.09
CA HIS B 177 11.80 -20.75 -52.79
C HIS B 177 10.32 -20.42 -52.75
N HIS B 178 9.92 -19.32 -53.40
CA HIS B 178 8.51 -18.96 -53.39
C HIS B 178 7.72 -19.83 -54.35
N LEU B 179 8.07 -19.80 -55.63
CA LEU B 179 7.22 -20.46 -56.61
C LEU B 179 7.23 -21.98 -56.47
N ALA B 180 8.17 -22.55 -55.73
CA ALA B 180 8.12 -23.97 -55.40
C ALA B 180 7.76 -24.21 -53.94
N GLY B 181 8.54 -23.65 -53.02
CA GLY B 181 8.39 -23.91 -51.61
C GLY B 181 7.45 -23.02 -50.85
N LEU B 182 6.75 -22.09 -51.50
CA LEU B 182 5.76 -21.33 -50.76
C LEU B 182 4.37 -21.95 -50.85
N PHE B 183 3.95 -22.35 -52.04
CA PHE B 183 2.62 -22.89 -52.21
C PHE B 183 2.59 -24.30 -52.80
N GLY B 184 3.53 -24.65 -53.67
CA GLY B 184 3.61 -25.99 -54.19
C GLY B 184 3.61 -26.99 -53.07
N VAL B 185 4.62 -26.91 -52.20
CA VAL B 185 4.63 -27.74 -51.00
C VAL B 185 3.43 -27.43 -50.12
N SER B 186 2.98 -26.17 -50.11
CA SER B 186 1.83 -25.83 -49.27
C SER B 186 0.55 -26.42 -49.82
N SER B 187 0.39 -26.44 -51.14
CA SER B 187 -0.78 -27.10 -51.70
C SER B 187 -0.67 -28.62 -51.53
N LEU B 188 0.55 -29.15 -51.50
CA LEU B 188 0.73 -30.55 -51.13
C LEU B 188 0.21 -30.80 -49.72
N ALA B 189 0.59 -29.95 -48.78
CA ALA B 189 0.13 -30.10 -47.40
C ALA B 189 -1.39 -29.96 -47.32
N TRP B 190 -1.96 -29.03 -48.08
CA TRP B 190 -3.40 -28.91 -48.12
C TRP B 190 -4.04 -30.17 -48.68
N THR B 191 -3.41 -30.77 -49.69
CA THR B 191 -3.93 -32.02 -50.25
C THR B 191 -3.89 -33.13 -49.21
N GLY B 192 -2.82 -33.18 -48.42
CA GLY B 192 -2.75 -34.15 -47.34
C GLY B 192 -3.85 -33.93 -46.32
N HIS B 193 -4.11 -32.68 -45.97
CA HIS B 193 -5.24 -32.38 -45.09
C HIS B 193 -6.56 -32.76 -45.73
N LEU B 194 -6.65 -32.67 -47.06
CA LEU B 194 -7.87 -33.04 -47.76
C LEU B 194 -8.13 -34.54 -47.64
N VAL B 195 -7.17 -35.35 -48.07
CA VAL B 195 -7.39 -36.79 -48.11
C VAL B 195 -7.40 -37.38 -46.70
N HIS B 196 -6.73 -36.72 -45.75
CA HIS B 196 -6.70 -37.25 -44.39
C HIS B 196 -7.90 -36.82 -43.58
N VAL B 197 -8.41 -35.62 -43.79
CA VAL B 197 -9.46 -35.07 -42.94
C VAL B 197 -10.69 -34.69 -43.74
N ALA B 198 -10.49 -33.89 -44.80
CA ALA B 198 -11.62 -33.26 -45.48
C ALA B 198 -12.56 -34.29 -46.09
N ILE B 199 -12.03 -35.18 -46.92
CA ILE B 199 -12.88 -36.21 -47.55
C ILE B 199 -13.53 -37.11 -46.53
N PRO B 200 -12.86 -37.61 -45.48
CA PRO B 200 -13.56 -38.36 -44.45
C PRO B 200 -14.75 -37.61 -43.86
N GLU B 201 -14.54 -36.38 -43.41
CA GLU B 201 -15.63 -35.61 -42.84
C GLU B 201 -16.75 -35.39 -43.84
N SER B 202 -16.41 -35.26 -45.13
CA SER B 202 -17.43 -35.22 -46.16
C SER B 202 -18.24 -36.50 -46.17
N ARG B 203 -17.57 -37.64 -46.00
CA ARG B 203 -18.23 -38.94 -46.03
C ARG B 203 -18.75 -39.37 -44.66
N GLY B 204 -18.68 -38.51 -43.65
CA GLY B 204 -19.33 -38.75 -42.38
C GLY B 204 -18.48 -39.36 -41.29
N GLN B 205 -17.23 -39.69 -41.57
CA GLN B 205 -16.35 -40.30 -40.57
C GLN B 205 -15.55 -39.21 -39.86
N HIS B 206 -15.52 -39.28 -38.53
CA HIS B 206 -14.83 -38.30 -37.72
C HIS B 206 -13.37 -38.74 -37.52
N VAL B 207 -12.44 -37.85 -37.86
CA VAL B 207 -11.01 -38.13 -37.76
C VAL B 207 -10.39 -36.97 -36.98
N GLY B 208 -10.16 -37.17 -35.69
CA GLY B 208 -9.59 -36.13 -34.85
C GLY B 208 -8.09 -36.03 -34.97
N TRP B 209 -7.48 -35.52 -33.90
CA TRP B 209 -6.03 -35.31 -33.85
C TRP B 209 -5.29 -36.51 -33.30
N ASP B 210 -5.98 -37.59 -32.99
CA ASP B 210 -5.32 -38.80 -32.51
C ASP B 210 -5.63 -40.01 -33.37
N ASN B 211 -6.87 -40.17 -33.81
CA ASN B 211 -7.23 -41.32 -34.63
C ASN B 211 -6.63 -41.26 -36.02
N PHE B 212 -6.12 -40.10 -36.44
CA PHE B 212 -5.57 -40.00 -37.79
C PHE B 212 -4.26 -40.77 -37.92
N LEU B 213 -3.63 -41.09 -36.79
CA LEU B 213 -2.34 -41.75 -36.83
C LEU B 213 -2.43 -43.23 -37.20
N THR B 214 -3.61 -43.84 -37.07
CA THR B 214 -3.74 -45.28 -37.23
C THR B 214 -4.65 -45.70 -38.37
N THR B 215 -5.57 -44.86 -38.81
CA THR B 215 -6.52 -45.21 -39.85
C THR B 215 -6.02 -44.69 -41.20
N LEU B 216 -6.59 -45.26 -42.26
CA LEU B 216 -6.07 -45.09 -43.61
C LEU B 216 -6.91 -44.10 -44.41
N PRO B 217 -6.31 -43.45 -45.40
CA PRO B 217 -7.12 -42.81 -46.44
C PRO B 217 -7.91 -43.83 -47.24
N HIS B 218 -7.24 -44.85 -47.78
CA HIS B 218 -7.88 -45.83 -48.63
C HIS B 218 -7.54 -47.24 -48.19
N PRO B 219 -8.50 -48.18 -48.26
CA PRO B 219 -8.17 -49.59 -47.96
C PRO B 219 -7.14 -50.16 -48.91
N GLU B 220 -7.16 -49.75 -50.17
CA GLU B 220 -6.10 -50.05 -51.11
C GLU B 220 -4.88 -49.18 -50.90
N GLY B 221 -4.80 -48.52 -49.76
CA GLY B 221 -3.74 -47.55 -49.55
C GLY B 221 -2.36 -48.18 -49.61
N LEU B 222 -1.40 -47.36 -50.03
CA LEU B 222 0.02 -47.72 -50.10
C LEU B 222 0.28 -48.81 -51.13
N ARG B 223 -0.76 -49.30 -51.80
CA ARG B 223 -0.52 -50.28 -52.84
C ARG B 223 0.01 -49.58 -54.09
N PRO B 224 -0.73 -48.63 -54.69
CA PRO B 224 -0.15 -47.89 -55.82
C PRO B 224 0.95 -46.94 -55.40
N PHE B 225 1.19 -46.79 -54.09
CA PHE B 225 2.29 -46.00 -53.55
C PHE B 225 3.58 -46.20 -54.34
N PHE B 226 3.99 -47.45 -54.49
CA PHE B 226 5.24 -47.77 -55.16
C PHE B 226 5.06 -48.97 -56.08
N THR B 227 3.94 -49.03 -56.81
CA THR B 227 3.82 -50.04 -57.85
C THR B 227 3.31 -49.40 -59.13
N GLY B 228 2.58 -48.28 -59.02
CA GLY B 228 2.23 -47.49 -60.17
C GLY B 228 0.88 -47.74 -60.81
N ASN B 229 -0.04 -48.42 -60.12
CA ASN B 229 -1.40 -48.59 -60.63
C ASN B 229 -2.30 -47.56 -59.95
N TRP B 230 -2.20 -46.32 -60.41
CA TRP B 230 -2.88 -45.23 -59.74
C TRP B 230 -4.38 -45.22 -59.97
N GLY B 231 -4.86 -45.99 -60.95
CA GLY B 231 -6.30 -46.15 -61.10
C GLY B 231 -6.96 -46.86 -59.94
N VAL B 232 -6.17 -47.59 -59.14
CA VAL B 232 -6.72 -48.28 -57.99
C VAL B 232 -7.25 -47.27 -56.97
N TYR B 233 -6.52 -46.17 -56.77
CA TYR B 233 -7.03 -45.10 -55.91
C TYR B 233 -8.25 -44.44 -56.53
N ALA B 234 -8.35 -44.44 -57.85
CA ALA B 234 -9.58 -44.06 -58.56
C ALA B 234 -10.56 -45.24 -58.53
N ALA B 235 -10.87 -45.67 -57.31
CA ALA B 235 -11.77 -46.79 -57.08
C ALA B 235 -13.20 -46.32 -57.25
N ASN B 236 -14.15 -47.12 -56.78
CA ASN B 236 -15.57 -46.78 -56.81
C ASN B 236 -15.80 -45.35 -56.38
N PRO B 237 -16.23 -44.48 -57.29
CA PRO B 237 -16.49 -43.09 -56.92
C PRO B 237 -17.73 -42.98 -56.05
N ASP B 238 -18.02 -41.78 -55.56
CA ASP B 238 -19.22 -41.58 -54.77
C ASP B 238 -20.46 -41.76 -55.62
N THR B 239 -21.53 -42.26 -55.01
CA THR B 239 -22.70 -42.67 -55.75
C THR B 239 -23.51 -41.45 -56.21
N ALA B 240 -24.56 -41.74 -56.97
CA ALA B 240 -25.46 -40.71 -57.48
C ALA B 240 -26.48 -40.27 -56.44
N ASN B 241 -26.30 -40.62 -55.17
CA ASN B 241 -27.23 -40.22 -54.13
C ASN B 241 -26.51 -39.80 -52.84
N HIS B 242 -25.18 -39.72 -52.86
CA HIS B 242 -24.43 -39.49 -51.64
C HIS B 242 -24.83 -38.17 -50.99
N VAL B 243 -24.79 -38.15 -49.66
CA VAL B 243 -25.06 -36.95 -48.89
C VAL B 243 -23.84 -36.67 -48.02
N PHE B 244 -23.28 -35.47 -48.16
CA PHE B 244 -22.13 -35.04 -47.38
C PHE B 244 -22.39 -35.23 -45.88
N GLY B 245 -21.31 -35.52 -45.16
CA GLY B 245 -21.42 -35.74 -43.72
C GLY B 245 -22.17 -37.00 -43.36
N THR B 246 -22.64 -37.73 -44.36
CA THR B 246 -23.33 -39.00 -44.19
C THR B 246 -22.62 -40.05 -45.05
N SER B 247 -23.16 -41.27 -45.03
CA SER B 247 -22.62 -42.36 -45.82
C SER B 247 -23.65 -43.01 -46.75
N GLN B 248 -24.82 -42.40 -46.91
CA GLN B 248 -25.86 -42.95 -47.77
C GLN B 248 -25.36 -42.96 -49.21
N GLY B 249 -25.02 -44.14 -49.70
CA GLY B 249 -24.42 -44.25 -51.02
C GLY B 249 -23.06 -43.60 -51.05
N ALA B 250 -22.17 -44.04 -50.16
CA ALA B 250 -20.86 -43.44 -50.04
C ALA B 250 -19.95 -43.92 -51.18
N GLY B 251 -18.68 -43.53 -51.09
CA GLY B 251 -17.69 -43.96 -52.06
C GLY B 251 -16.36 -44.20 -51.37
N THR B 252 -15.46 -44.85 -52.11
CA THR B 252 -14.11 -45.13 -51.63
C THR B 252 -13.10 -44.82 -52.72
N ALA B 253 -13.22 -43.64 -53.31
CA ALA B 253 -12.29 -43.15 -54.32
C ALA B 253 -11.65 -41.87 -53.83
N ILE B 254 -10.35 -41.72 -54.05
CA ILE B 254 -9.58 -40.61 -53.52
C ILE B 254 -9.35 -39.53 -54.58
N LEU B 255 -8.81 -39.91 -55.73
CA LEU B 255 -8.53 -38.97 -56.82
C LEU B 255 -9.42 -39.32 -58.00
N THR B 256 -10.50 -38.56 -58.18
CA THR B 256 -11.38 -38.73 -59.32
C THR B 256 -11.31 -37.50 -60.23
N PHE B 257 -11.87 -37.66 -61.42
CA PHE B 257 -11.92 -36.61 -62.43
C PHE B 257 -13.34 -36.47 -62.96
N LEU B 258 -14.31 -36.53 -62.06
CA LEU B 258 -15.71 -36.58 -62.48
C LEU B 258 -16.08 -35.37 -63.35
N GLY B 259 -15.79 -34.17 -62.87
CA GLY B 259 -16.04 -32.98 -63.65
C GLY B 259 -17.50 -32.59 -63.71
N GLY B 260 -17.78 -31.29 -63.74
CA GLY B 260 -19.15 -30.83 -63.78
C GLY B 260 -19.63 -30.31 -62.44
N PHE B 261 -20.44 -31.09 -61.74
CA PHE B 261 -20.97 -30.68 -60.45
C PHE B 261 -21.39 -31.93 -59.68
N HIS B 262 -21.65 -31.74 -58.40
CA HIS B 262 -22.17 -32.81 -57.57
C HIS B 262 -23.68 -32.67 -57.45
N PRO B 263 -24.45 -33.71 -57.75
CA PRO B 263 -25.92 -33.54 -57.90
C PRO B 263 -26.63 -33.06 -56.64
N GLN B 264 -25.95 -32.95 -55.51
CA GLN B 264 -26.58 -32.48 -54.27
C GLN B 264 -26.11 -31.09 -53.85
N THR B 265 -24.80 -30.86 -53.83
CA THR B 265 -24.26 -29.55 -53.49
C THR B 265 -24.07 -28.66 -54.70
N GLN B 266 -24.34 -29.18 -55.91
CA GLN B 266 -24.19 -28.47 -57.18
C GLN B 266 -22.88 -27.69 -57.24
N SER B 267 -21.86 -28.16 -56.54
CA SER B 267 -20.57 -27.52 -56.45
C SER B 267 -19.51 -28.36 -57.15
N LEU B 268 -18.27 -27.90 -57.06
CA LEU B 268 -17.16 -28.70 -57.55
C LEU B 268 -16.99 -29.96 -56.70
N TRP B 269 -16.59 -31.04 -57.35
CA TRP B 269 -16.34 -32.30 -56.65
C TRP B 269 -15.05 -32.20 -55.85
N LEU B 270 -15.06 -32.80 -54.67
CA LEU B 270 -13.92 -32.68 -53.76
C LEU B 270 -12.72 -33.48 -54.26
N THR B 271 -12.95 -34.63 -54.87
CA THR B 271 -11.84 -35.41 -55.40
C THR B 271 -11.20 -34.71 -56.59
N ASP B 272 -12.00 -34.09 -57.44
CA ASP B 272 -11.44 -33.25 -58.49
C ASP B 272 -10.57 -32.16 -57.91
N MET B 273 -11.00 -31.59 -56.78
CA MET B 273 -10.20 -30.57 -56.11
C MET B 273 -8.85 -31.13 -55.66
N ALA B 274 -8.85 -32.31 -55.04
CA ALA B 274 -7.61 -32.88 -54.55
C ALA B 274 -6.65 -33.18 -55.71
N HIS B 275 -7.17 -33.80 -56.77
CA HIS B 275 -6.32 -34.12 -57.92
C HIS B 275 -5.79 -32.85 -58.57
N HIS B 276 -6.64 -31.82 -58.65
CA HIS B 276 -6.22 -30.52 -59.13
C HIS B 276 -5.03 -29.99 -58.33
N HIS B 277 -5.20 -29.90 -57.01
CA HIS B 277 -4.15 -29.36 -56.16
C HIS B 277 -2.86 -30.15 -56.32
N LEU B 278 -2.95 -31.47 -56.37
CA LEU B 278 -1.76 -32.29 -56.58
C LEU B 278 -1.07 -31.92 -57.89
N ALA B 279 -1.87 -31.78 -58.95
CA ALA B 279 -1.33 -31.39 -60.24
C ALA B 279 -0.52 -30.11 -60.13
N ILE B 280 -1.13 -29.04 -59.63
CA ILE B 280 -0.43 -27.76 -59.62
C ILE B 280 0.76 -27.82 -58.67
N ALA B 281 0.65 -28.58 -57.59
CA ALA B 281 1.77 -28.70 -56.65
C ALA B 281 3.00 -29.26 -57.35
N VAL B 282 2.87 -30.45 -57.92
CA VAL B 282 4.01 -31.05 -58.59
C VAL B 282 4.44 -30.19 -59.77
N LEU B 283 3.49 -29.47 -60.37
CA LEU B 283 3.82 -28.65 -61.54
C LEU B 283 4.67 -27.46 -61.15
N PHE B 284 4.38 -26.85 -60.00
CA PHE B 284 5.22 -25.76 -59.51
C PHE B 284 6.55 -26.28 -59.00
N ILE B 285 6.58 -27.49 -58.44
CA ILE B 285 7.85 -28.06 -58.00
C ILE B 285 8.78 -28.27 -59.19
N ILE B 286 8.26 -28.91 -60.25
CA ILE B 286 9.08 -29.04 -61.46
C ILE B 286 9.37 -27.66 -62.04
N ALA B 287 8.50 -26.69 -61.78
CA ALA B 287 8.81 -25.31 -62.14
C ALA B 287 9.80 -24.67 -61.18
N GLY B 288 10.09 -25.33 -60.05
CA GLY B 288 10.94 -24.72 -59.04
C GLY B 288 12.39 -24.58 -59.48
N HIS B 289 12.99 -25.67 -59.96
CA HIS B 289 14.40 -25.70 -60.32
C HIS B 289 14.65 -25.09 -61.70
N MET B 290 13.73 -24.28 -62.19
CA MET B 290 13.76 -23.75 -63.53
C MET B 290 14.83 -22.68 -63.76
N TYR B 291 15.27 -21.97 -62.74
CA TYR B 291 16.27 -20.93 -62.92
C TYR B 291 17.61 -21.37 -62.36
N ARG B 292 18.56 -20.44 -62.37
CA ARG B 292 19.94 -20.68 -61.94
C ARG B 292 20.14 -20.16 -60.53
N THR B 293 20.71 -20.99 -59.67
CA THR B 293 21.00 -20.65 -58.29
C THR B 293 22.48 -20.35 -58.11
N ASN B 294 22.91 -20.25 -56.86
CA ASN B 294 24.32 -20.13 -56.49
C ASN B 294 25.10 -21.43 -56.67
N PHE B 295 24.53 -22.47 -57.28
CA PHE B 295 25.17 -23.77 -57.28
C PHE B 295 25.90 -24.08 -58.58
N GLY B 296 25.44 -23.55 -59.71
CA GLY B 296 26.18 -23.70 -60.95
C GLY B 296 25.45 -24.34 -62.12
N ILE B 297 24.12 -24.26 -62.15
CA ILE B 297 23.35 -24.73 -63.30
C ILE B 297 22.18 -23.77 -63.49
N GLY B 298 21.53 -23.88 -64.65
CA GLY B 298 20.24 -23.24 -64.84
C GLY B 298 20.22 -21.98 -65.69
N HIS B 299 19.19 -21.16 -65.48
CA HIS B 299 18.92 -19.98 -66.29
C HIS B 299 19.28 -18.72 -65.51
N SER B 300 20.22 -17.95 -66.05
CA SER B 300 20.63 -16.68 -65.43
C SER B 300 19.75 -15.58 -65.98
N ILE B 301 18.70 -15.22 -65.21
CA ILE B 301 17.68 -14.30 -65.69
C ILE B 301 18.30 -13.03 -66.26
N LYS B 302 19.08 -12.34 -65.43
CA LYS B 302 19.66 -11.07 -65.86
C LYS B 302 20.63 -11.23 -67.03
N GLU B 303 20.89 -12.46 -67.48
CA GLU B 303 21.68 -12.67 -68.67
C GLU B 303 21.04 -13.60 -69.70
N MET B 304 19.94 -14.27 -69.36
CA MET B 304 19.20 -15.00 -70.39
C MET B 304 18.75 -14.05 -71.49
N LEU B 305 18.02 -13.00 -71.13
CA LEU B 305 17.66 -11.98 -72.09
C LEU B 305 18.85 -11.10 -72.49
N ASN B 306 20.03 -11.33 -71.93
CA ASN B 306 21.26 -10.80 -72.49
C ASN B 306 21.81 -11.77 -73.55
N ALA B 307 20.94 -12.10 -74.50
CA ALA B 307 21.28 -12.98 -75.60
C ALA B 307 20.99 -12.23 -76.89
N LYS B 308 22.03 -11.85 -77.62
CA LYS B 308 21.89 -11.07 -78.84
C LYS B 308 22.51 -11.80 -80.03
N ASN B 309 22.47 -13.14 -80.02
CA ASN B 309 23.02 -13.93 -81.11
C ASN B 309 22.48 -15.35 -81.02
N PHE B 310 22.03 -15.88 -82.16
CA PHE B 310 21.65 -17.28 -82.28
C PHE B 310 21.49 -17.65 -83.74
N PHE B 311 22.10 -18.75 -84.17
CA PHE B 311 21.90 -19.30 -85.50
C PHE B 311 22.30 -18.27 -86.57
N GLY B 312 23.48 -17.71 -86.39
CA GLY B 312 24.00 -16.76 -87.36
C GLY B 312 23.31 -15.42 -87.29
N THR B 313 22.03 -15.38 -87.67
CA THR B 313 21.24 -14.16 -87.58
C THR B 313 21.13 -13.76 -86.12
N LYS B 314 21.83 -12.70 -85.72
CA LYS B 314 22.13 -12.54 -84.30
C LYS B 314 20.88 -12.37 -83.46
N THR B 315 20.34 -11.13 -83.44
CA THR B 315 18.99 -10.71 -83.07
C THR B 315 18.97 -9.20 -82.92
N GLU B 316 17.80 -8.64 -82.60
CA GLU B 316 17.74 -7.42 -81.81
C GLU B 316 17.37 -7.74 -80.37
N GLY B 317 17.09 -9.00 -80.07
CA GLY B 317 16.64 -9.50 -78.80
C GLY B 317 15.68 -10.63 -79.02
N GLN B 318 15.01 -11.07 -77.97
CA GLN B 318 13.96 -12.06 -78.12
C GLN B 318 12.78 -11.44 -78.87
N PHE B 319 12.19 -12.22 -79.77
CA PHE B 319 11.23 -11.73 -80.77
C PHE B 319 11.82 -10.62 -81.63
N ASN B 320 13.14 -10.44 -81.62
CA ASN B 320 13.82 -9.45 -82.45
C ASN B 320 13.43 -8.02 -82.04
N LEU B 321 13.57 -7.73 -80.75
CA LEU B 321 13.37 -6.39 -80.21
C LEU B 321 14.37 -6.10 -79.12
N PRO B 322 14.79 -4.84 -78.97
CA PRO B 322 15.81 -4.52 -77.97
C PRO B 322 15.31 -4.75 -76.56
N HIS B 323 16.18 -5.30 -75.71
CA HIS B 323 15.84 -5.55 -74.33
C HIS B 323 17.00 -5.27 -73.37
N GLN B 324 18.09 -4.67 -73.82
CA GLN B 324 19.30 -4.58 -73.02
C GLN B 324 19.23 -3.40 -72.05
N GLY B 325 19.44 -3.67 -70.77
CA GLY B 325 19.70 -2.64 -69.78
C GLY B 325 18.60 -2.35 -68.80
N LEU B 326 17.45 -3.03 -68.87
CA LEU B 326 16.35 -2.72 -67.97
C LEU B 326 16.18 -3.72 -66.85
N TYR B 327 16.81 -4.89 -66.93
CA TYR B 327 16.61 -5.92 -65.92
C TYR B 327 17.18 -5.52 -64.57
N ASP B 328 18.11 -4.57 -64.54
CA ASP B 328 18.54 -4.02 -63.26
C ASP B 328 17.47 -3.12 -62.65
N THR B 329 16.66 -2.47 -63.49
CA THR B 329 15.66 -1.53 -62.99
C THR B 329 14.65 -2.23 -62.09
N ILE B 330 14.13 -3.37 -62.54
CA ILE B 330 13.21 -4.15 -61.70
C ILE B 330 13.87 -4.50 -60.38
N ASN B 331 15.19 -4.60 -60.36
CA ASN B 331 15.92 -4.76 -59.12
C ASN B 331 16.41 -3.42 -58.55
N ASN B 332 16.39 -2.35 -59.35
CA ASN B 332 16.75 -1.04 -58.82
C ASN B 332 15.57 -0.38 -58.11
N SER B 333 14.49 -0.14 -58.85
CA SER B 333 13.32 0.51 -58.31
C SER B 333 12.50 -0.44 -57.46
N LEU B 334 11.57 0.13 -56.68
CA LEU B 334 10.52 -0.61 -56.00
C LEU B 334 9.13 -0.32 -56.54
N HIS B 335 8.89 0.92 -56.98
CA HIS B 335 7.60 1.24 -57.58
C HIS B 335 7.30 0.35 -58.76
N PHE B 336 8.34 -0.08 -59.50
CA PHE B 336 8.12 -0.96 -60.64
C PHE B 336 7.50 -2.28 -60.19
N GLN B 337 8.17 -3.00 -59.28
CA GLN B 337 7.64 -4.26 -58.79
C GLN B 337 6.28 -4.07 -58.17
N LEU B 338 6.10 -2.99 -57.42
CA LEU B 338 4.82 -2.73 -56.78
C LEU B 338 3.72 -2.60 -57.82
N SER B 339 3.98 -1.85 -58.89
CA SER B 339 2.98 -1.67 -59.93
C SER B 339 2.66 -3.00 -60.60
N LEU B 340 3.69 -3.79 -60.92
CA LEU B 340 3.44 -5.09 -61.54
C LEU B 340 2.56 -5.95 -60.64
N ALA B 341 2.89 -6.01 -59.35
CA ALA B 341 2.14 -6.83 -58.42
C ALA B 341 0.69 -6.35 -58.32
N LEU B 342 0.50 -5.03 -58.22
CA LEU B 342 -0.84 -4.48 -58.11
C LEU B 342 -1.67 -4.82 -59.34
N ALA B 343 -1.11 -4.61 -60.52
CA ALA B 343 -1.83 -4.92 -61.75
C ALA B 343 -2.21 -6.39 -61.80
N ALA B 344 -1.23 -7.27 -61.55
CA ALA B 344 -1.51 -8.69 -61.56
C ALA B 344 -2.63 -9.02 -60.59
N LEU B 345 -2.50 -8.58 -59.35
CA LEU B 345 -3.48 -8.90 -58.31
C LEU B 345 -4.87 -8.44 -58.72
N GLY B 346 -5.00 -7.21 -59.20
CA GLY B 346 -6.30 -6.73 -59.61
C GLY B 346 -6.91 -7.58 -60.71
N THR B 347 -6.10 -7.94 -61.71
CA THR B 347 -6.60 -8.77 -62.79
C THR B 347 -7.12 -10.10 -62.26
N ILE B 348 -6.32 -10.79 -61.45
CA ILE B 348 -6.76 -12.11 -61.03
C ILE B 348 -7.92 -11.99 -60.05
N THR B 349 -8.01 -10.91 -59.29
CA THR B 349 -9.18 -10.71 -58.44
C THR B 349 -10.45 -10.58 -59.26
N SER B 350 -10.39 -9.79 -60.34
CA SER B 350 -11.55 -9.72 -61.22
C SER B 350 -11.89 -11.09 -61.77
N LEU B 351 -10.88 -11.87 -62.16
CA LEU B 351 -11.14 -13.21 -62.66
C LEU B 351 -11.82 -14.07 -61.61
N VAL B 352 -11.32 -14.01 -60.36
CA VAL B 352 -11.96 -14.69 -59.23
C VAL B 352 -13.43 -14.30 -59.17
N ALA B 353 -13.68 -12.99 -59.08
CA ALA B 353 -15.05 -12.49 -59.05
C ALA B 353 -15.89 -13.01 -60.20
N GLN B 354 -15.24 -13.41 -61.30
CA GLN B 354 -15.98 -13.98 -62.42
C GLN B 354 -16.17 -15.49 -62.31
N HIS B 355 -15.22 -16.22 -61.71
CA HIS B 355 -15.37 -17.66 -61.55
C HIS B 355 -16.01 -18.03 -60.22
N MET B 356 -17.11 -17.36 -59.87
CA MET B 356 -17.83 -17.70 -58.65
C MET B 356 -19.30 -18.01 -58.90
N TYR B 357 -19.98 -17.17 -59.66
CA TYR B 357 -21.41 -17.32 -59.91
C TYR B 357 -21.73 -18.38 -60.94
N ALA B 358 -20.76 -19.18 -61.36
CA ALA B 358 -21.03 -20.25 -62.32
C ALA B 358 -20.41 -21.56 -61.85
N LEU B 359 -19.34 -21.47 -61.06
CA LEU B 359 -18.64 -22.63 -60.51
C LEU B 359 -18.68 -22.52 -58.99
N PRO B 360 -19.77 -22.90 -58.36
CA PRO B 360 -19.86 -22.84 -56.90
C PRO B 360 -18.79 -23.72 -56.28
N PRO B 361 -17.86 -23.14 -55.55
CA PRO B 361 -16.78 -23.95 -54.97
C PRO B 361 -17.23 -24.69 -53.72
N TYR B 362 -18.18 -24.12 -53.00
CA TYR B 362 -18.63 -24.68 -51.73
C TYR B 362 -20.10 -25.06 -51.83
N ALA B 363 -20.55 -25.79 -50.81
CA ALA B 363 -21.94 -26.24 -50.77
C ALA B 363 -22.86 -25.08 -50.42
N PHE B 364 -24.13 -25.22 -50.80
CA PHE B 364 -25.19 -24.26 -50.53
C PHE B 364 -24.90 -22.88 -51.09
N MET B 365 -23.89 -22.74 -51.95
CA MET B 365 -23.51 -21.42 -52.43
C MET B 365 -24.58 -20.82 -53.33
N GLY B 366 -25.14 -21.62 -54.23
CA GLY B 366 -26.04 -21.08 -55.23
C GLY B 366 -27.38 -20.62 -54.69
N GLN B 367 -27.92 -21.34 -53.70
CA GLN B 367 -29.25 -21.03 -53.22
C GLN B 367 -29.28 -19.73 -52.43
N ASP B 368 -28.24 -19.44 -51.64
CA ASP B 368 -28.20 -18.27 -50.78
C ASP B 368 -27.72 -17.08 -51.60
N PHE B 369 -28.68 -16.29 -52.09
CA PHE B 369 -28.37 -15.24 -53.06
C PHE B 369 -27.61 -14.09 -52.42
N THR B 370 -28.08 -13.59 -51.28
CA THR B 370 -27.54 -12.36 -50.72
C THR B 370 -26.04 -12.48 -50.46
N THR B 371 -25.60 -13.62 -49.94
CA THR B 371 -24.20 -13.80 -49.59
C THR B 371 -23.31 -13.70 -50.83
N GLN B 372 -23.58 -14.53 -51.83
CA GLN B 372 -22.74 -14.55 -53.03
C GLN B 372 -22.82 -13.23 -53.77
N ALA B 373 -23.99 -12.59 -53.78
CA ALA B 373 -24.11 -11.30 -54.44
C ALA B 373 -23.21 -10.26 -53.80
N ALA B 374 -23.32 -10.11 -52.47
CA ALA B 374 -22.48 -9.17 -51.77
C ALA B 374 -21.00 -9.48 -51.99
N LEU B 375 -20.63 -10.76 -51.94
CA LEU B 375 -19.23 -11.13 -52.16
C LEU B 375 -18.77 -10.72 -53.55
N TYR B 376 -19.60 -10.94 -54.56
CA TYR B 376 -19.23 -10.61 -55.92
C TYR B 376 -18.95 -9.13 -56.08
N THR B 377 -19.92 -8.28 -55.70
CA THR B 377 -19.69 -6.85 -55.87
C THR B 377 -18.57 -6.36 -54.97
N HIS B 378 -18.45 -6.93 -53.77
CA HIS B 378 -17.36 -6.63 -52.86
C HIS B 378 -16.01 -6.83 -53.54
N HIS B 379 -15.80 -8.02 -54.09
CA HIS B 379 -14.51 -8.33 -54.68
C HIS B 379 -14.24 -7.48 -55.92
N GLN B 380 -15.27 -7.24 -56.74
CA GLN B 380 -15.04 -6.42 -57.92
C GLN B 380 -14.69 -4.99 -57.54
N TYR B 381 -15.39 -4.43 -56.54
CA TYR B 381 -15.07 -3.09 -56.07
C TYR B 381 -13.63 -3.04 -55.55
N ILE B 382 -13.25 -4.02 -54.73
CA ILE B 382 -11.86 -4.12 -54.31
C ILE B 382 -10.95 -4.08 -55.52
N ALA B 383 -11.33 -4.77 -56.58
CA ALA B 383 -10.46 -4.91 -57.74
C ALA B 383 -10.26 -3.60 -58.47
N VAL B 384 -11.32 -2.81 -58.63
CA VAL B 384 -11.26 -1.71 -59.61
C VAL B 384 -10.10 -0.76 -59.29
N PHE B 385 -10.17 -0.08 -58.15
CA PHE B 385 -9.11 0.88 -57.88
C PHE B 385 -7.82 0.24 -57.40
N LEU B 386 -7.83 -1.08 -57.19
CA LEU B 386 -6.58 -1.79 -57.02
C LEU B 386 -5.69 -1.59 -58.24
N MET B 387 -6.29 -1.65 -59.43
CA MET B 387 -5.54 -1.40 -60.66
C MET B 387 -5.09 0.04 -60.75
N VAL B 388 -5.97 0.98 -60.36
CA VAL B 388 -5.60 2.39 -60.35
C VAL B 388 -4.37 2.61 -59.51
N GLY B 389 -4.21 1.84 -58.43
CA GLY B 389 -2.97 1.89 -57.69
C GLY B 389 -1.77 1.52 -58.55
N ALA B 390 -1.92 0.48 -59.38
CA ALA B 390 -0.84 0.08 -60.25
C ALA B 390 -0.48 1.20 -61.22
N PHE B 391 -1.49 1.81 -61.83
CA PHE B 391 -1.20 2.88 -62.79
C PHE B 391 -0.59 4.09 -62.12
N ALA B 392 -1.06 4.42 -60.91
CA ALA B 392 -0.50 5.56 -60.19
C ALA B 392 0.94 5.32 -59.82
N HIS B 393 1.26 4.11 -59.36
CA HIS B 393 2.64 3.84 -59.01
C HIS B 393 3.52 3.74 -60.24
N ALA B 394 2.96 3.32 -61.37
CA ALA B 394 3.68 3.43 -62.64
C ALA B 394 4.02 4.88 -62.93
N GLY B 395 3.04 5.77 -62.74
CA GLY B 395 3.30 7.17 -62.96
C GLY B 395 4.39 7.73 -62.06
N ILE B 396 4.34 7.37 -60.77
CA ILE B 396 5.32 7.93 -59.84
C ILE B 396 6.69 7.31 -60.07
N PHE B 397 6.74 6.08 -60.57
CA PHE B 397 8.00 5.49 -60.99
C PHE B 397 8.65 6.31 -62.09
N TRP B 398 7.83 6.86 -62.98
CA TRP B 398 8.33 7.55 -64.16
C TRP B 398 9.06 8.84 -63.80
N VAL B 399 8.82 9.38 -62.62
CA VAL B 399 9.50 10.61 -62.19
C VAL B 399 10.71 10.29 -61.33
N ARG B 400 10.54 9.42 -60.33
CA ARG B 400 11.62 9.12 -59.40
C ARG B 400 12.63 8.16 -60.00
N ASP B 401 12.18 6.96 -60.33
CA ASP B 401 13.07 5.86 -60.73
C ASP B 401 13.13 5.81 -62.25
N TYR B 402 14.05 6.58 -62.82
CA TYR B 402 14.30 6.50 -64.26
C TYR B 402 15.59 7.18 -64.66
N ASP B 403 16.46 6.45 -65.37
CA ASP B 403 17.70 6.99 -65.89
C ASP B 403 17.65 6.97 -67.41
N ALA B 404 18.22 8.00 -68.04
CA ALA B 404 18.07 8.17 -69.48
C ALA B 404 19.08 7.33 -70.26
N GLU B 405 20.38 7.58 -70.04
CA GLU B 405 21.40 6.96 -70.86
C GLU B 405 21.45 5.44 -70.68
N GLN B 406 21.07 4.96 -69.49
CA GLN B 406 21.08 3.53 -69.23
C GLN B 406 20.09 2.78 -70.11
N ASN B 407 19.12 3.46 -70.70
CA ASN B 407 18.11 2.84 -71.54
C ASN B 407 18.05 3.46 -72.92
N LYS B 408 19.11 4.15 -73.33
CA LYS B 408 19.16 4.79 -74.64
C LYS B 408 18.88 3.79 -75.76
N GLY B 409 17.77 3.98 -76.46
CA GLY B 409 17.47 3.19 -77.65
C GLY B 409 16.82 1.84 -77.39
N ASN B 410 16.59 1.45 -76.15
CA ASN B 410 15.94 0.18 -75.89
C ASN B 410 14.44 0.33 -76.14
N VAL B 411 13.66 -0.70 -75.77
CA VAL B 411 12.27 -0.74 -76.21
C VAL B 411 11.46 0.38 -75.55
N LEU B 412 11.79 0.74 -74.32
CA LEU B 412 11.04 1.78 -73.62
C LEU B 412 11.08 3.10 -74.38
N ASP B 413 12.28 3.51 -74.80
CA ASP B 413 12.40 4.76 -75.53
C ASP B 413 11.66 4.69 -76.87
N ARG B 414 11.65 3.51 -77.51
CA ARG B 414 10.90 3.38 -78.75
C ARG B 414 9.41 3.45 -78.51
N VAL B 415 8.94 3.14 -77.31
CA VAL B 415 7.55 3.40 -76.96
C VAL B 415 7.30 4.90 -76.82
N LEU B 416 8.17 5.56 -76.05
CA LEU B 416 8.02 7.00 -75.83
C LEU B 416 8.08 7.79 -77.13
N GLN B 417 8.82 7.29 -78.11
CA GLN B 417 8.97 8.02 -79.38
C GLN B 417 7.68 8.08 -80.18
N HIS B 418 6.69 7.23 -79.87
CA HIS B 418 5.48 7.17 -80.67
C HIS B 418 4.22 7.14 -79.82
N LYS B 419 4.33 7.50 -78.54
CA LYS B 419 3.16 7.69 -77.66
C LYS B 419 2.03 8.49 -78.30
N GLU B 420 2.38 9.39 -79.22
CA GLU B 420 1.43 10.33 -79.78
C GLU B 420 0.30 9.61 -80.52
N ALA B 421 0.68 8.78 -81.50
CA ALA B 421 -0.33 8.03 -82.24
C ALA B 421 -1.16 7.16 -81.31
N ILE B 422 -0.54 6.62 -80.26
CA ILE B 422 -1.27 5.80 -79.30
C ILE B 422 -2.41 6.60 -78.70
N ILE B 423 -2.09 7.73 -78.08
CA ILE B 423 -3.14 8.50 -77.38
C ILE B 423 -4.16 9.02 -78.38
N SER B 424 -3.71 9.37 -79.59
CA SER B 424 -4.63 9.90 -80.60
C SER B 424 -5.66 8.84 -81.01
N HIS B 425 -5.19 7.65 -81.37
CA HIS B 425 -6.10 6.59 -81.77
C HIS B 425 -6.99 6.16 -80.61
N LEU B 426 -6.48 6.24 -79.39
CA LEU B 426 -7.30 5.89 -78.24
C LEU B 426 -8.46 6.87 -78.07
N SER B 427 -8.15 8.17 -78.10
CA SER B 427 -9.21 9.18 -78.14
C SER B 427 -10.17 8.91 -79.27
N TRP B 428 -9.65 8.48 -80.41
CA TRP B 428 -10.50 8.22 -81.56
C TRP B 428 -11.52 7.13 -81.26
N VAL B 429 -11.06 5.99 -80.76
CA VAL B 429 -11.97 4.87 -80.55
C VAL B 429 -12.97 5.21 -79.45
N SER B 430 -12.53 5.95 -78.43
CA SER B 430 -13.47 6.38 -77.39
C SER B 430 -14.57 7.25 -77.97
N LEU B 431 -14.18 8.27 -78.75
CA LEU B 431 -15.18 9.14 -79.36
C LEU B 431 -16.14 8.35 -80.24
N PHE B 432 -15.61 7.44 -81.05
CA PHE B 432 -16.44 6.65 -81.94
C PHE B 432 -17.47 5.86 -81.15
N LEU B 433 -17.00 5.06 -80.20
CA LEU B 433 -17.92 4.19 -79.47
C LEU B 433 -18.96 5.00 -78.70
N GLY B 434 -18.54 6.09 -78.06
CA GLY B 434 -19.49 6.90 -77.33
C GLY B 434 -20.55 7.48 -78.23
N PHE B 435 -20.11 8.18 -79.29
CA PHE B 435 -21.05 8.74 -80.25
C PHE B 435 -22.07 7.72 -80.69
N HIS B 436 -21.60 6.56 -81.15
CA HIS B 436 -22.52 5.64 -81.79
C HIS B 436 -23.43 4.94 -80.80
N THR B 437 -22.91 4.56 -79.62
CA THR B 437 -23.78 3.93 -78.64
C THR B 437 -24.85 4.90 -78.16
N LEU B 438 -24.48 6.16 -77.94
CA LEU B 438 -25.48 7.14 -77.52
C LEU B 438 -26.49 7.40 -78.63
N GLY B 439 -26.01 7.44 -79.88
CA GLY B 439 -26.92 7.65 -81.00
C GLY B 439 -27.94 6.53 -81.11
N LEU B 440 -27.49 5.29 -80.98
CA LEU B 440 -28.43 4.17 -81.03
C LEU B 440 -29.41 4.23 -79.87
N TYR B 441 -28.91 4.56 -78.67
CA TYR B 441 -29.81 4.72 -77.53
C TYR B 441 -30.90 5.74 -77.84
N VAL B 442 -30.50 6.94 -78.28
CA VAL B 442 -31.48 8.00 -78.48
C VAL B 442 -32.40 7.66 -79.64
N HIS B 443 -31.90 6.97 -80.66
CA HIS B 443 -32.73 6.35 -81.68
C HIS B 443 -33.91 5.65 -81.05
N ASN B 444 -33.59 4.65 -80.23
CA ASN B 444 -34.62 3.88 -79.55
C ASN B 444 -35.55 4.79 -78.77
N ASP B 445 -34.99 5.75 -78.03
CA ASP B 445 -35.82 6.60 -77.18
C ASP B 445 -36.86 7.35 -77.99
N VAL B 446 -36.44 8.03 -79.06
CA VAL B 446 -37.42 8.84 -79.79
C VAL B 446 -38.41 7.94 -80.48
N VAL B 447 -37.93 6.85 -81.09
CA VAL B 447 -38.84 5.99 -81.87
C VAL B 447 -39.91 5.41 -80.96
N VAL B 448 -39.53 4.95 -79.78
CA VAL B 448 -40.54 4.47 -78.85
C VAL B 448 -41.35 5.61 -78.27
N ALA B 449 -40.81 6.84 -78.30
CA ALA B 449 -41.55 8.00 -77.83
C ALA B 449 -42.61 8.47 -78.81
N PHE B 450 -42.87 7.70 -79.86
CA PHE B 450 -43.92 8.05 -80.82
C PHE B 450 -45.05 7.03 -80.83
N GLY B 451 -44.91 5.93 -80.09
CA GLY B 451 -45.92 4.89 -80.07
C GLY B 451 -45.66 3.74 -81.01
N THR B 452 -44.75 3.89 -81.98
CA THR B 452 -44.41 2.81 -82.88
C THR B 452 -43.04 2.24 -82.55
N PRO B 453 -42.97 1.05 -81.93
CA PRO B 453 -41.67 0.45 -81.63
C PRO B 453 -41.03 -0.30 -82.79
N GLU B 454 -41.79 -0.61 -83.85
CA GLU B 454 -41.24 -1.36 -84.96
C GLU B 454 -40.30 -0.51 -85.82
N LYS B 455 -40.32 0.82 -85.65
CA LYS B 455 -39.42 1.72 -86.37
C LYS B 455 -38.09 1.88 -85.65
N GLN B 456 -37.72 0.91 -84.83
CA GLN B 456 -36.59 1.02 -83.91
C GLN B 456 -35.67 -0.18 -84.09
N ILE B 457 -34.37 0.07 -83.94
CA ILE B 457 -33.36 -0.91 -84.33
C ILE B 457 -33.16 -1.94 -83.22
N LEU B 458 -33.03 -3.21 -83.62
CA LEU B 458 -32.64 -4.28 -82.71
C LEU B 458 -31.46 -5.00 -83.31
N ILE B 459 -30.31 -4.96 -82.64
CA ILE B 459 -29.15 -5.73 -83.05
C ILE B 459 -29.25 -7.12 -82.45
N GLU B 460 -28.44 -8.04 -82.94
CA GLU B 460 -28.42 -9.37 -82.36
C GLU B 460 -27.01 -9.95 -82.36
N PRO B 461 -26.39 -10.11 -81.20
CA PRO B 461 -25.03 -10.65 -81.17
C PRO B 461 -25.01 -12.13 -81.50
N VAL B 462 -24.03 -12.53 -82.30
CA VAL B 462 -23.90 -13.93 -82.69
C VAL B 462 -22.52 -14.48 -82.45
N PHE B 463 -21.50 -13.66 -82.19
CA PHE B 463 -20.16 -14.19 -81.93
C PHE B 463 -20.13 -14.95 -80.62
N ALA B 464 -20.73 -14.38 -79.57
CA ALA B 464 -20.85 -15.10 -78.31
C ALA B 464 -21.74 -16.32 -78.45
N GLN B 465 -22.75 -16.26 -79.32
CA GLN B 465 -23.57 -17.43 -79.60
C GLN B 465 -22.74 -18.55 -80.21
N PHE B 466 -21.88 -18.20 -81.15
CA PHE B 466 -21.02 -19.19 -81.80
C PHE B 466 -20.03 -19.77 -80.81
N ILE B 467 -19.43 -18.93 -79.97
CA ILE B 467 -18.49 -19.49 -79.00
C ILE B 467 -19.23 -20.35 -77.99
N GLN B 468 -20.47 -19.99 -77.67
CA GLN B 468 -21.26 -20.76 -76.72
C GLN B 468 -21.52 -22.16 -77.25
N ALA B 469 -22.07 -22.26 -78.45
CA ALA B 469 -22.30 -23.57 -79.06
C ALA B 469 -20.98 -24.31 -79.26
N SER B 470 -19.93 -23.58 -79.65
CA SER B 470 -18.65 -24.20 -79.94
C SER B 470 -17.98 -24.77 -78.70
N HIS B 471 -18.28 -24.23 -77.52
CA HIS B 471 -17.80 -24.90 -76.31
C HIS B 471 -18.52 -26.21 -76.08
N GLY B 472 -19.69 -26.39 -76.67
CA GLY B 472 -20.43 -27.62 -76.50
C GLY B 472 -21.90 -27.42 -76.20
N LYS B 473 -22.41 -26.22 -76.41
CA LYS B 473 -23.82 -25.96 -76.17
C LYS B 473 -24.65 -26.39 -77.38
N VAL B 474 -25.79 -27.04 -77.11
CA VAL B 474 -26.64 -27.57 -78.16
C VAL B 474 -27.92 -26.75 -78.34
N LEU B 475 -28.28 -25.92 -77.38
CA LEU B 475 -29.49 -25.09 -77.42
C LEU B 475 -29.78 -24.51 -78.81
N TYR B 476 -28.75 -24.05 -79.49
CA TYR B 476 -28.94 -23.38 -80.77
C TYR B 476 -28.81 -24.32 -81.96
N GLY B 477 -28.36 -25.55 -81.75
CA GLY B 477 -28.34 -26.55 -82.78
C GLY B 477 -27.52 -26.18 -84.00
N LEU B 478 -26.22 -26.02 -83.82
CA LEU B 478 -25.32 -25.73 -84.92
C LEU B 478 -24.41 -26.90 -85.24
N ASN B 479 -24.32 -27.90 -84.37
CA ASN B 479 -23.52 -29.10 -84.58
C ASN B 479 -22.08 -28.76 -84.96
N THR B 480 -21.41 -28.12 -84.01
CA THR B 480 -19.99 -27.75 -84.17
C THR B 480 -19.29 -27.93 -82.82
N LEU B 481 -18.24 -28.76 -82.80
CA LEU B 481 -17.26 -28.78 -81.73
C LEU B 481 -17.91 -29.04 -80.36
N LEU B 482 -18.37 -30.28 -80.22
CA LEU B 482 -19.11 -30.84 -79.10
C LEU B 482 -20.58 -30.47 -79.16
N SER B 483 -21.01 -29.67 -80.13
CA SER B 483 -22.37 -29.74 -80.62
C SER B 483 -22.47 -30.69 -81.80
N ASN B 484 -21.36 -30.91 -82.50
CA ASN B 484 -21.18 -31.97 -83.48
C ASN B 484 -20.53 -33.16 -82.78
N PRO B 485 -21.30 -34.17 -82.40
CA PRO B 485 -20.73 -35.26 -81.61
C PRO B 485 -19.88 -36.22 -82.43
N ASP B 486 -19.52 -35.81 -83.65
CA ASP B 486 -18.77 -36.68 -84.55
C ASP B 486 -17.53 -35.99 -85.14
N SER B 487 -17.26 -34.75 -84.77
CA SER B 487 -16.08 -34.08 -85.30
C SER B 487 -14.82 -34.72 -84.74
N VAL B 488 -13.67 -34.24 -85.23
CA VAL B 488 -12.39 -34.83 -84.83
C VAL B 488 -12.14 -34.63 -83.34
N ALA B 489 -12.53 -33.48 -82.80
CA ALA B 489 -12.36 -33.21 -81.37
C ALA B 489 -13.51 -33.72 -80.53
N SER B 490 -14.47 -34.41 -81.13
CA SER B 490 -15.65 -34.90 -80.42
C SER B 490 -15.37 -36.16 -79.60
N THR B 491 -14.11 -36.52 -79.40
CA THR B 491 -13.70 -37.67 -78.61
C THR B 491 -12.56 -37.28 -77.67
N ALA B 492 -12.74 -36.15 -76.99
CA ALA B 492 -11.63 -35.51 -76.26
C ALA B 492 -12.20 -34.75 -75.06
N GLY B 493 -11.42 -33.80 -74.55
CA GLY B 493 -11.82 -32.87 -73.52
C GLY B 493 -11.51 -33.18 -72.07
N ALA B 494 -12.18 -34.14 -71.45
CA ALA B 494 -12.05 -34.32 -70.00
C ALA B 494 -11.87 -35.75 -69.54
N ALA B 495 -12.17 -36.76 -70.37
CA ALA B 495 -12.25 -38.16 -70.02
C ALA B 495 -13.39 -38.44 -69.05
N TRP B 496 -14.11 -37.41 -68.59
CA TRP B 496 -15.38 -37.54 -67.91
C TRP B 496 -16.35 -36.46 -68.37
N LEU B 497 -16.27 -36.09 -69.66
CA LEU B 497 -17.13 -35.10 -70.27
C LEU B 497 -18.62 -35.45 -70.27
N PRO B 498 -19.04 -36.73 -70.15
CA PRO B 498 -20.50 -36.98 -70.04
C PRO B 498 -21.18 -36.20 -68.93
N GLY B 499 -20.63 -36.22 -67.72
CA GLY B 499 -21.25 -35.47 -66.63
C GLY B 499 -21.20 -33.97 -66.88
N TRP B 500 -20.09 -33.49 -67.42
CA TRP B 500 -20.00 -32.08 -67.80
C TRP B 500 -21.07 -31.72 -68.82
N LEU B 501 -21.37 -32.63 -69.74
CA LEU B 501 -22.38 -32.38 -70.76
C LEU B 501 -23.77 -32.36 -70.16
N ASP B 502 -24.06 -33.31 -69.27
CA ASP B 502 -25.32 -33.28 -68.54
C ASP B 502 -25.49 -31.95 -67.81
N ALA B 503 -24.41 -31.47 -67.20
CA ALA B 503 -24.48 -30.21 -66.47
C ALA B 503 -24.74 -29.03 -67.41
N ILE B 504 -23.92 -28.89 -68.45
CA ILE B 504 -24.00 -27.70 -69.29
C ILE B 504 -25.27 -27.69 -70.11
N ASN B 505 -25.70 -28.85 -70.61
CA ASN B 505 -27.01 -28.96 -71.24
C ASN B 505 -28.10 -28.49 -70.29
N ASN B 506 -27.99 -28.86 -69.02
CA ASN B 506 -28.87 -28.36 -67.99
C ASN B 506 -28.50 -26.91 -67.67
N GLY B 507 -28.74 -26.00 -68.62
CA GLY B 507 -28.45 -24.60 -68.41
C GLY B 507 -29.42 -23.93 -67.46
N THR B 508 -30.19 -24.74 -66.74
CA THR B 508 -31.13 -24.22 -65.75
C THR B 508 -30.41 -23.41 -64.68
N ASN B 509 -29.19 -23.80 -64.32
CA ASN B 509 -28.40 -23.04 -63.36
C ASN B 509 -27.64 -21.93 -64.08
N SER B 510 -26.81 -21.22 -63.33
CA SER B 510 -26.05 -20.10 -63.86
C SER B 510 -24.83 -20.64 -64.61
N LEU B 511 -25.09 -21.14 -65.82
CA LEU B 511 -24.03 -21.68 -66.68
C LEU B 511 -24.28 -21.21 -68.11
N PHE B 512 -23.69 -20.06 -68.45
CA PHE B 512 -23.68 -19.54 -69.82
C PHE B 512 -25.11 -19.37 -70.35
N LEU B 513 -25.85 -18.47 -69.72
CA LEU B 513 -27.22 -18.20 -70.12
C LEU B 513 -27.25 -17.49 -71.47
N THR B 514 -28.36 -17.67 -72.18
CA THR B 514 -28.60 -17.01 -73.46
C THR B 514 -28.54 -15.49 -73.31
N ILE B 515 -28.50 -14.78 -74.44
CA ILE B 515 -28.30 -13.34 -74.46
C ILE B 515 -29.21 -12.74 -75.52
N GLY B 516 -29.14 -11.41 -75.66
CA GLY B 516 -29.92 -10.70 -76.65
C GLY B 516 -29.27 -9.38 -77.03
N PRO B 517 -30.08 -8.43 -77.53
CA PRO B 517 -29.50 -7.16 -77.98
C PRO B 517 -28.94 -6.31 -76.84
N GLY B 518 -29.61 -6.31 -75.70
CA GLY B 518 -29.15 -5.49 -74.58
C GLY B 518 -27.71 -5.79 -74.23
N ASP B 519 -27.36 -7.07 -74.14
CA ASP B 519 -26.00 -7.44 -73.79
C ASP B 519 -25.00 -6.87 -74.79
N PHE B 520 -25.35 -6.88 -76.07
CA PHE B 520 -24.56 -6.17 -77.07
C PHE B 520 -24.32 -4.73 -76.64
N LEU B 521 -25.41 -4.03 -76.32
CA LEU B 521 -25.31 -2.62 -75.93
C LEU B 521 -24.36 -2.44 -74.74
N VAL B 522 -24.69 -3.04 -73.60
CA VAL B 522 -23.94 -2.75 -72.37
C VAL B 522 -22.50 -3.20 -72.49
N HIS B 523 -22.22 -4.27 -73.23
CA HIS B 523 -20.84 -4.72 -73.37
C HIS B 523 -20.02 -3.68 -74.12
N HIS B 524 -20.59 -3.09 -75.17
CA HIS B 524 -19.90 -1.97 -75.81
C HIS B 524 -19.72 -0.82 -74.86
N ALA B 525 -20.67 -0.61 -73.94
CA ALA B 525 -20.53 0.43 -72.93
C ALA B 525 -19.32 0.15 -72.03
N PHE B 526 -19.16 -1.10 -71.59
CA PHE B 526 -17.97 -1.47 -70.83
C PHE B 526 -16.71 -1.16 -71.62
N ALA B 527 -16.67 -1.58 -72.88
CA ALA B 527 -15.53 -1.29 -73.72
C ALA B 527 -15.18 0.19 -73.66
N LEU B 528 -16.17 1.04 -73.92
CA LEU B 528 -15.97 2.48 -73.84
C LEU B 528 -15.39 2.88 -72.48
N GLY B 529 -16.02 2.42 -71.41
CA GLY B 529 -15.60 2.84 -70.08
C GLY B 529 -14.14 2.58 -69.82
N ILE B 530 -13.71 1.33 -69.98
CA ILE B 530 -12.30 1.02 -69.72
C ILE B 530 -11.41 1.78 -70.70
N HIS B 531 -11.90 2.01 -71.93
CA HIS B 531 -11.09 2.73 -72.91
C HIS B 531 -10.75 4.13 -72.42
N THR B 532 -11.76 4.90 -72.00
CA THR B 532 -11.46 6.25 -71.52
C THR B 532 -10.70 6.22 -70.21
N THR B 533 -10.96 5.24 -69.35
CA THR B 533 -10.22 5.14 -68.10
C THR B 533 -8.73 5.00 -68.36
N VAL B 534 -8.35 4.01 -69.16
CA VAL B 534 -6.94 3.83 -69.49
C VAL B 534 -6.43 5.03 -70.24
N LEU B 535 -7.30 5.73 -70.98
CA LEU B 535 -6.89 6.93 -71.69
C LEU B 535 -6.34 7.97 -70.73
N VAL B 536 -7.17 8.39 -69.78
CA VAL B 536 -6.75 9.44 -68.85
C VAL B 536 -5.55 8.97 -68.03
N LEU B 537 -5.53 7.68 -67.66
CA LEU B 537 -4.44 7.18 -66.85
C LEU B 537 -3.11 7.26 -67.60
N VAL B 538 -3.10 6.78 -68.85
CA VAL B 538 -1.84 6.80 -69.59
C VAL B 538 -1.47 8.23 -69.94
N LYS B 539 -2.44 9.11 -70.10
CA LYS B 539 -2.10 10.51 -70.33
C LYS B 539 -1.35 11.07 -69.14
N GLY B 540 -1.88 10.86 -67.94
CA GLY B 540 -1.18 11.32 -66.74
C GLY B 540 0.20 10.67 -66.61
N ALA B 541 0.27 9.36 -66.87
CA ALA B 541 1.54 8.64 -66.78
C ALA B 541 2.58 9.25 -67.71
N LEU B 542 2.25 9.34 -68.99
CA LEU B 542 3.20 9.84 -69.97
C LEU B 542 3.39 11.35 -69.88
N ASP B 543 2.62 12.04 -69.05
CA ASP B 543 2.93 13.40 -68.68
C ASP B 543 3.61 13.53 -67.32
N ALA B 544 3.89 12.41 -66.66
CA ALA B 544 4.66 12.48 -65.42
C ALA B 544 6.00 13.19 -65.60
N ARG B 545 6.48 13.32 -66.84
CA ARG B 545 7.74 14.03 -67.08
C ARG B 545 7.51 15.49 -67.43
N GLY B 546 6.65 15.75 -68.40
CA GLY B 546 6.43 17.12 -68.83
C GLY B 546 5.50 17.15 -70.03
N SER B 547 4.93 18.33 -70.26
CA SER B 547 4.01 18.57 -71.36
C SER B 547 4.63 19.52 -72.37
N LYS B 548 3.98 19.65 -73.52
CA LYS B 548 4.45 20.57 -74.54
C LYS B 548 4.44 22.00 -74.03
N LEU B 549 3.37 22.39 -73.35
CA LEU B 549 3.25 23.74 -72.80
C LEU B 549 3.66 23.80 -71.34
N MET B 550 4.25 22.75 -70.80
CA MET B 550 4.88 22.76 -69.49
C MET B 550 5.83 21.57 -69.35
N PRO B 551 7.03 21.66 -69.94
CA PRO B 551 7.93 20.50 -69.91
C PRO B 551 8.72 20.36 -68.63
N ASP B 552 8.85 21.43 -67.84
CA ASP B 552 9.74 21.42 -66.69
C ASP B 552 9.29 20.46 -65.60
N LYS B 553 8.00 20.13 -65.53
CA LYS B 553 7.40 19.55 -64.34
C LYS B 553 8.16 18.33 -63.81
N LYS B 554 9.01 17.70 -64.63
CA LYS B 554 9.83 16.60 -64.16
C LYS B 554 10.57 16.96 -62.88
N ASP B 555 11.05 18.20 -62.76
CA ASP B 555 11.74 18.62 -61.55
C ASP B 555 10.80 19.19 -60.50
N PHE B 556 9.60 19.60 -60.89
CA PHE B 556 8.64 20.11 -59.92
C PHE B 556 8.14 19.02 -59.00
N GLY B 557 8.05 17.79 -59.50
CA GLY B 557 7.73 16.65 -58.67
C GLY B 557 6.29 16.20 -58.81
N TYR B 558 6.03 14.98 -58.35
CA TYR B 558 4.69 14.44 -58.25
C TYR B 558 3.99 15.14 -57.09
N ALA B 559 3.61 16.39 -57.31
CA ALA B 559 3.35 17.33 -56.24
C ALA B 559 2.27 18.30 -56.70
N PHE B 560 2.23 19.48 -56.08
CA PHE B 560 1.15 20.42 -56.36
C PHE B 560 1.15 21.05 -57.77
N PRO B 561 2.30 21.25 -58.48
CA PRO B 561 2.45 22.45 -59.33
C PRO B 561 1.21 22.97 -60.04
N CYS B 562 0.93 24.26 -59.85
CA CYS B 562 -0.23 24.92 -60.45
C CYS B 562 0.11 25.83 -61.61
N ASP B 563 1.25 26.54 -61.54
CA ASP B 563 1.71 27.38 -62.63
C ASP B 563 0.65 28.43 -63.00
N GLY B 564 0.50 29.39 -62.09
CA GLY B 564 -0.60 30.35 -62.13
C GLY B 564 -0.80 31.03 -63.46
N PRO B 565 -1.86 31.84 -63.57
CA PRO B 565 -2.56 31.96 -64.86
C PRO B 565 -1.70 32.55 -65.97
N GLY B 566 -0.80 31.72 -66.50
CA GLY B 566 0.00 32.09 -67.64
C GLY B 566 -0.85 32.28 -68.88
N ARG B 567 -1.60 31.24 -69.25
CA ARG B 567 -2.50 31.29 -70.39
C ARG B 567 -3.86 30.78 -69.95
N GLY B 568 -4.76 31.69 -69.61
CA GLY B 568 -6.09 31.32 -69.17
C GLY B 568 -6.14 30.54 -67.87
N GLY B 569 -4.99 30.17 -67.33
CA GLY B 569 -4.87 29.30 -66.19
C GLY B 569 -4.23 27.99 -66.57
N THR B 570 -3.62 27.34 -65.58
CA THR B 570 -3.01 26.02 -65.78
C THR B 570 -3.28 25.12 -64.60
N CYS B 571 -4.42 25.32 -63.93
CA CYS B 571 -4.79 24.47 -62.81
C CYS B 571 -5.03 23.04 -63.27
N ASP B 572 -4.83 22.10 -62.34
CA ASP B 572 -4.99 20.67 -62.58
C ASP B 572 -4.07 20.21 -63.72
N ILE B 573 -2.77 20.26 -63.42
CA ILE B 573 -1.75 19.81 -64.34
C ILE B 573 -0.76 18.90 -63.60
N SER B 574 -1.08 18.60 -62.34
CA SER B 574 -0.09 18.04 -61.41
C SER B 574 -0.10 16.51 -61.36
N ALA B 575 -0.08 15.86 -62.52
CA ALA B 575 0.40 14.48 -62.65
C ALA B 575 -0.43 13.45 -61.88
N TRP B 576 -1.35 13.91 -61.03
CA TRP B 576 -2.38 13.03 -60.50
C TRP B 576 -3.72 13.74 -60.38
N ASP B 577 -3.81 14.99 -60.80
CA ASP B 577 -5.06 15.50 -61.31
C ASP B 577 -5.74 14.42 -62.15
N ALA B 578 -4.95 13.77 -63.01
CA ALA B 578 -5.45 12.63 -63.77
C ALA B 578 -5.99 11.54 -62.87
N PHE B 579 -5.42 11.37 -61.68
CA PHE B 579 -5.86 10.29 -60.81
C PHE B 579 -7.29 10.50 -60.34
N TYR B 580 -7.65 11.74 -60.00
CA TYR B 580 -9.04 12.02 -59.61
C TYR B 580 -10.00 11.67 -60.73
N LEU B 581 -9.73 12.20 -61.91
CA LEU B 581 -10.57 11.95 -63.08
C LEU B 581 -10.70 10.45 -63.32
N ALA B 582 -9.58 9.74 -63.26
CA ALA B 582 -9.60 8.30 -63.46
C ALA B 582 -10.44 7.62 -62.40
N LEU B 583 -10.40 8.11 -61.17
CA LEU B 583 -11.18 7.49 -60.11
C LEU B 583 -12.67 7.63 -60.39
N PHE B 584 -13.10 8.82 -60.81
CA PHE B 584 -14.49 8.99 -61.20
C PHE B 584 -14.86 8.04 -62.34
N TRP B 585 -14.00 8.00 -63.37
CA TRP B 585 -14.26 7.19 -64.55
C TRP B 585 -14.23 5.71 -64.26
N ALA B 586 -13.62 5.31 -63.14
CA ALA B 586 -13.66 3.92 -62.74
C ALA B 586 -14.90 3.62 -61.91
N LEU B 587 -15.29 4.57 -61.05
CA LEU B 587 -16.46 4.36 -60.22
C LEU B 587 -17.71 4.19 -61.06
N ASN B 588 -17.90 5.08 -62.04
CA ASN B 588 -19.12 4.94 -62.84
C ASN B 588 -19.10 3.65 -63.66
N THR B 589 -17.92 3.25 -64.14
CA THR B 589 -17.81 2.01 -64.90
C THR B 589 -18.21 0.81 -64.05
N VAL B 590 -17.64 0.71 -62.84
CA VAL B 590 -17.94 -0.44 -62.00
C VAL B 590 -19.40 -0.41 -61.58
N GLY B 591 -19.98 0.78 -61.42
CA GLY B 591 -21.41 0.83 -61.14
C GLY B 591 -22.24 0.27 -62.27
N TRP B 592 -21.96 0.71 -63.50
CA TRP B 592 -22.61 0.14 -64.67
C TRP B 592 -22.55 -1.38 -64.65
N VAL B 593 -21.35 -1.94 -64.50
CA VAL B 593 -21.19 -3.37 -64.67
C VAL B 593 -21.89 -4.14 -63.54
N THR B 594 -21.78 -3.66 -62.30
CA THR B 594 -22.40 -4.40 -61.23
C THR B 594 -23.92 -4.33 -61.31
N PHE B 595 -24.47 -3.21 -61.77
CA PHE B 595 -25.92 -3.19 -61.94
C PHE B 595 -26.35 -4.10 -63.09
N TYR B 596 -25.54 -4.22 -64.14
CA TYR B 596 -25.87 -5.17 -65.20
C TYR B 596 -25.95 -6.59 -64.65
N TRP B 597 -24.91 -7.00 -63.92
CA TRP B 597 -24.92 -8.30 -63.26
C TRP B 597 -26.16 -8.47 -62.40
N HIS B 598 -26.50 -7.43 -61.63
CA HIS B 598 -27.60 -7.53 -60.69
C HIS B 598 -28.92 -7.76 -61.41
N TRP B 599 -29.18 -6.98 -62.47
CA TRP B 599 -30.42 -7.16 -63.21
C TRP B 599 -30.47 -8.52 -63.88
N LYS B 600 -29.37 -8.94 -64.50
CA LYS B 600 -29.33 -10.27 -65.11
C LYS B 600 -29.76 -11.34 -64.12
N HIS B 601 -29.04 -11.43 -63.00
CA HIS B 601 -29.31 -12.50 -62.06
C HIS B 601 -30.67 -12.33 -61.38
N LEU B 602 -31.15 -11.10 -61.23
CA LEU B 602 -32.47 -10.91 -60.66
C LEU B 602 -33.55 -11.48 -61.57
N GLY B 603 -33.46 -11.18 -62.87
CA GLY B 603 -34.37 -11.80 -63.81
C GLY B 603 -34.23 -13.31 -63.86
N ILE B 604 -33.01 -13.81 -63.63
CA ILE B 604 -32.82 -15.25 -63.61
C ILE B 604 -33.46 -15.88 -62.37
N TRP B 605 -33.59 -15.12 -61.28
CA TRP B 605 -34.10 -15.68 -60.04
C TRP B 605 -35.48 -16.31 -60.23
N GLN B 606 -36.46 -15.51 -60.66
CA GLN B 606 -37.80 -16.01 -60.89
C GLN B 606 -38.06 -16.32 -62.36
N GLY B 607 -37.00 -16.39 -63.17
CA GLY B 607 -37.11 -16.73 -64.57
C GLY B 607 -37.74 -15.69 -65.46
N ASN B 608 -38.35 -14.65 -64.89
CA ASN B 608 -39.06 -13.65 -65.67
C ASN B 608 -38.04 -12.73 -66.34
N VAL B 609 -37.45 -13.23 -67.43
CA VAL B 609 -36.47 -12.47 -68.20
C VAL B 609 -37.12 -11.42 -69.09
N ALA B 610 -38.46 -11.37 -69.12
CA ALA B 610 -39.16 -10.50 -70.06
C ALA B 610 -38.84 -9.04 -69.82
N GLN B 611 -38.75 -8.62 -68.55
CA GLN B 611 -38.55 -7.21 -68.26
C GLN B 611 -37.22 -6.70 -68.78
N PHE B 612 -36.15 -7.46 -68.54
CA PHE B 612 -34.83 -7.04 -69.00
C PHE B 612 -34.82 -6.83 -70.51
N ASN B 613 -35.07 -7.91 -71.27
CA ASN B 613 -35.03 -7.82 -72.73
C ASN B 613 -36.04 -6.80 -73.25
N GLU B 614 -37.12 -6.57 -72.52
CA GLU B 614 -38.18 -5.71 -73.02
C GLU B 614 -37.85 -4.23 -72.83
N SER B 615 -37.17 -3.88 -71.73
CA SER B 615 -36.89 -2.49 -71.42
C SER B 615 -35.39 -2.22 -71.31
N SER B 616 -34.58 -2.97 -72.04
CA SER B 616 -33.15 -2.71 -72.08
C SER B 616 -32.75 -1.70 -73.15
N THR B 617 -33.63 -1.45 -74.11
CA THR B 617 -33.28 -0.62 -75.26
C THR B 617 -33.23 0.86 -74.87
N TYR B 618 -34.36 1.41 -74.46
CA TYR B 618 -34.45 2.82 -74.10
C TYR B 618 -34.27 2.99 -72.60
N LEU B 619 -33.63 4.09 -72.21
CA LEU B 619 -33.17 4.29 -70.85
C LEU B 619 -34.30 4.56 -69.86
N MET B 620 -35.43 5.07 -70.34
CA MET B 620 -36.62 5.16 -69.51
C MET B 620 -36.90 3.82 -68.84
N GLY B 621 -36.88 2.74 -69.62
CA GLY B 621 -37.08 1.42 -69.05
C GLY B 621 -36.07 1.09 -67.98
N TRP B 622 -34.81 1.48 -68.20
CA TRP B 622 -33.77 1.26 -67.20
C TRP B 622 -34.13 1.91 -65.89
N LEU B 623 -34.42 3.21 -65.90
CA LEU B 623 -34.68 3.87 -64.63
C LEU B 623 -36.08 3.64 -64.10
N ARG B 624 -36.95 2.94 -64.84
CA ARG B 624 -38.29 2.68 -64.34
C ARG B 624 -38.47 1.27 -63.81
N ASP B 625 -37.82 0.27 -64.40
CA ASP B 625 -38.14 -1.10 -64.05
C ASP B 625 -37.40 -1.59 -62.83
N TYR B 626 -36.20 -1.08 -62.56
CA TYR B 626 -35.39 -1.59 -61.47
C TYR B 626 -34.96 -0.54 -60.45
N LEU B 627 -35.17 0.75 -60.73
CA LEU B 627 -34.73 1.77 -59.79
C LEU B 627 -35.65 1.82 -58.57
N TRP B 628 -36.93 2.13 -58.79
CA TRP B 628 -37.87 2.29 -57.69
C TRP B 628 -38.79 1.10 -57.50
N LEU B 629 -38.73 0.10 -58.38
CA LEU B 629 -39.59 -1.07 -58.24
C LEU B 629 -39.04 -2.08 -57.26
N TYR B 630 -38.06 -1.69 -56.44
CA TYR B 630 -37.53 -2.58 -55.42
C TYR B 630 -37.23 -1.85 -54.11
N SER B 631 -37.57 -0.56 -54.02
CA SER B 631 -37.15 0.26 -52.89
C SER B 631 -38.21 0.39 -51.80
N ALA B 632 -39.49 0.38 -52.17
CA ALA B 632 -40.53 0.42 -51.14
C ALA B 632 -40.42 -0.79 -50.22
N GLN B 633 -39.87 -1.90 -50.71
CA GLN B 633 -39.53 -3.03 -49.84
C GLN B 633 -38.50 -2.64 -48.80
N LEU B 634 -37.78 -1.54 -49.04
CA LEU B 634 -36.77 -1.03 -48.12
C LEU B 634 -37.09 0.35 -47.57
N ILE B 635 -37.73 1.22 -48.36
CA ILE B 635 -37.85 2.62 -47.96
C ILE B 635 -38.63 2.78 -46.66
N ASN B 636 -39.63 1.92 -46.42
CA ASN B 636 -40.46 2.01 -45.23
C ASN B 636 -39.95 1.14 -44.09
N GLY B 637 -38.64 0.94 -44.03
CA GLY B 637 -38.07 0.27 -42.87
C GLY B 637 -38.39 0.99 -41.58
N TYR B 638 -38.47 2.33 -41.62
CA TYR B 638 -39.03 3.12 -40.56
C TYR B 638 -39.82 4.26 -41.18
N ASN B 639 -40.87 4.68 -40.47
CA ASN B 639 -41.82 5.66 -40.96
C ASN B 639 -42.70 6.06 -39.77
N PRO B 640 -43.55 7.08 -39.89
CA PRO B 640 -44.33 7.53 -38.72
C PRO B 640 -45.21 6.47 -38.09
N TYR B 641 -45.27 5.26 -38.64
CA TYR B 641 -46.21 4.25 -38.16
C TYR B 641 -45.54 3.05 -37.51
N GLY B 642 -44.34 2.67 -37.94
CA GLY B 642 -43.71 1.52 -37.35
C GLY B 642 -42.26 1.40 -37.75
N MET B 643 -41.65 0.28 -37.36
CA MET B 643 -40.27 -0.01 -37.71
C MET B 643 -40.13 -1.44 -38.23
N ASN B 644 -38.90 -1.82 -38.57
CA ASN B 644 -38.60 -3.16 -39.09
C ASN B 644 -37.17 -3.49 -38.68
N ASN B 645 -36.58 -4.48 -39.34
CA ASN B 645 -35.16 -4.75 -39.24
C ASN B 645 -34.39 -4.13 -40.40
N LEU B 646 -34.81 -2.94 -40.86
CA LEU B 646 -34.19 -2.26 -41.99
C LEU B 646 -33.94 -0.78 -41.71
N SER B 647 -34.49 -0.24 -40.63
CA SER B 647 -34.30 1.16 -40.29
C SER B 647 -32.84 1.55 -40.37
N VAL B 648 -31.95 0.69 -39.88
CA VAL B 648 -30.53 0.98 -39.94
C VAL B 648 -30.09 1.12 -41.39
N TRP B 649 -30.70 0.37 -42.32
CA TRP B 649 -30.31 0.46 -43.72
C TRP B 649 -30.83 1.73 -44.39
N ALA B 650 -32.03 2.18 -44.05
CA ALA B 650 -32.44 3.50 -44.53
C ALA B 650 -31.51 4.57 -44.01
N TRP B 651 -31.10 4.46 -42.74
CA TRP B 651 -30.12 5.38 -42.20
C TRP B 651 -28.82 5.32 -43.00
N MET B 652 -28.42 4.12 -43.40
CA MET B 652 -27.27 3.96 -44.30
C MET B 652 -27.44 4.82 -45.54
N PHE B 653 -28.55 4.62 -46.26
CA PHE B 653 -28.88 5.42 -47.44
C PHE B 653 -28.64 6.89 -47.22
N LEU B 654 -29.35 7.43 -46.22
CA LEU B 654 -29.40 8.88 -46.07
C LEU B 654 -28.05 9.43 -45.63
N PHE B 655 -27.36 8.70 -44.74
CA PHE B 655 -26.02 9.09 -44.36
C PHE B 655 -25.12 9.21 -45.58
N GLY B 656 -25.17 8.20 -46.45
CA GLY B 656 -24.34 8.24 -47.66
C GLY B 656 -24.66 9.44 -48.54
N HIS B 657 -25.94 9.72 -48.75
CA HIS B 657 -26.32 10.89 -49.54
C HIS B 657 -25.76 12.16 -48.94
N LEU B 658 -25.84 12.28 -47.61
CA LEU B 658 -25.35 13.49 -46.95
C LEU B 658 -23.87 13.70 -47.22
N VAL B 659 -23.05 12.67 -46.96
CA VAL B 659 -21.63 12.85 -47.19
C VAL B 659 -21.35 13.08 -48.67
N TRP B 660 -22.18 12.51 -49.54
CA TRP B 660 -22.05 12.74 -50.98
C TRP B 660 -22.12 14.22 -51.30
N ALA B 661 -23.19 14.89 -50.84
CA ALA B 661 -23.31 16.32 -51.13
C ALA B 661 -22.23 17.13 -50.43
N THR B 662 -21.80 16.71 -49.24
CA THR B 662 -20.67 17.36 -48.58
C THR B 662 -19.45 17.36 -49.50
N GLY B 663 -19.25 16.24 -50.20
CA GLY B 663 -18.19 16.19 -51.17
C GLY B 663 -18.28 17.30 -52.20
N PHE B 664 -19.48 17.54 -52.74
CA PHE B 664 -19.66 18.63 -53.68
C PHE B 664 -19.25 19.95 -53.08
N MET B 665 -19.66 20.19 -51.82
CA MET B 665 -19.28 21.43 -51.15
C MET B 665 -17.77 21.59 -51.17
N PHE B 666 -17.04 20.55 -50.78
CA PHE B 666 -15.59 20.66 -50.77
C PHE B 666 -15.02 20.84 -52.17
N LEU B 667 -15.68 20.27 -53.17
CA LEU B 667 -15.09 20.28 -54.51
C LEU B 667 -15.25 21.62 -55.19
N ILE B 668 -16.41 22.26 -55.06
CA ILE B 668 -16.70 23.44 -55.88
C ILE B 668 -15.99 24.67 -55.33
N SER B 669 -16.33 25.08 -54.11
CA SER B 669 -15.72 26.27 -53.53
C SER B 669 -14.23 26.07 -53.33
N TRP B 670 -13.46 27.13 -53.54
CA TRP B 670 -12.01 27.06 -53.49
C TRP B 670 -11.43 28.04 -52.48
N ARG B 671 -10.12 27.94 -52.27
CA ARG B 671 -9.45 28.62 -51.17
C ARG B 671 -9.06 30.03 -51.56
N GLY B 672 -10.08 30.86 -51.77
CA GLY B 672 -9.84 32.28 -51.95
C GLY B 672 -10.95 33.04 -51.27
N TYR B 673 -11.85 32.28 -50.68
CA TYR B 673 -13.01 32.78 -49.98
C TYR B 673 -13.08 32.33 -48.54
N TRP B 674 -12.58 31.14 -48.24
CA TRP B 674 -12.60 30.59 -46.90
C TRP B 674 -11.46 31.10 -46.04
N GLN B 675 -10.84 32.20 -46.43
CA GLN B 675 -9.80 32.84 -45.64
C GLN B 675 -10.15 34.25 -45.22
N GLU B 676 -10.89 35.00 -46.03
CA GLU B 676 -11.31 36.34 -45.66
C GLU B 676 -12.11 36.32 -44.36
N LEU B 677 -13.04 35.38 -44.23
CA LEU B 677 -13.88 35.36 -43.04
C LEU B 677 -13.17 34.76 -41.84
N ILE B 678 -12.11 33.97 -42.06
CA ILE B 678 -11.33 33.54 -40.91
C ILE B 678 -10.60 34.71 -40.30
N GLU B 679 -10.23 35.71 -41.10
CA GLU B 679 -9.64 36.92 -40.55
C GLU B 679 -10.56 37.57 -39.54
N THR B 680 -11.74 38.00 -40.00
CA THR B 680 -12.69 38.65 -39.10
C THR B 680 -13.09 37.73 -37.95
N LEU B 681 -13.02 36.42 -38.15
CA LEU B 681 -13.40 35.54 -37.05
C LEU B 681 -12.29 35.38 -36.02
N VAL B 682 -11.05 35.61 -36.42
CA VAL B 682 -9.98 35.78 -35.45
C VAL B 682 -10.14 37.11 -34.72
N TRP B 683 -10.60 38.14 -35.44
CA TRP B 683 -10.80 39.44 -34.83
C TRP B 683 -11.71 39.40 -33.61
N ALA B 684 -12.58 38.39 -33.51
CA ALA B 684 -13.56 38.36 -32.42
C ALA B 684 -12.91 38.06 -31.07
N HIS B 685 -12.24 36.90 -30.96
CA HIS B 685 -11.67 36.48 -29.69
C HIS B 685 -10.76 37.54 -29.08
N GLU B 686 -10.05 38.27 -29.92
CA GLU B 686 -9.14 39.29 -29.41
C GLU B 686 -9.85 40.36 -28.62
N ARG B 687 -11.13 40.63 -28.90
CA ARG B 687 -11.80 41.79 -28.36
C ARG B 687 -13.08 41.48 -27.60
N THR B 688 -13.40 40.23 -27.40
CA THR B 688 -14.50 40.13 -26.45
C THR B 688 -13.97 39.81 -25.06
N PRO B 689 -14.63 40.29 -24.01
CA PRO B 689 -14.17 40.02 -22.66
C PRO B 689 -14.84 38.79 -22.07
N LEU B 690 -14.23 38.28 -21.00
CA LEU B 690 -14.60 37.07 -20.26
C LEU B 690 -14.28 35.81 -21.06
N ALA B 691 -13.82 35.92 -22.30
CA ALA B 691 -13.35 34.77 -23.04
C ALA B 691 -11.99 35.00 -23.68
N SER B 692 -11.45 36.22 -23.59
CA SER B 692 -10.13 36.47 -24.15
C SER B 692 -9.02 35.88 -23.29
N LEU B 693 -9.36 35.21 -22.19
CA LEU B 693 -8.35 34.54 -21.38
C LEU B 693 -7.56 33.54 -22.20
N VAL B 694 -8.25 32.57 -22.81
CA VAL B 694 -7.58 31.52 -23.55
C VAL B 694 -6.92 32.10 -24.80
N ARG B 695 -5.98 31.33 -25.35
CA ARG B 695 -5.20 31.76 -26.51
C ARG B 695 -5.01 30.54 -27.41
N TRP B 696 -4.06 30.62 -28.34
CA TRP B 696 -3.92 29.62 -29.38
C TRP B 696 -2.74 28.71 -29.11
N LYS B 697 -3.03 27.41 -28.96
CA LYS B 697 -2.06 26.36 -29.20
C LYS B 697 -1.25 26.67 -30.46
N ASP B 698 -1.95 27.02 -31.54
CA ASP B 698 -1.31 27.27 -32.82
C ASP B 698 -2.25 28.12 -33.66
N LYS B 699 -1.68 29.04 -34.42
CA LYS B 699 -2.47 30.01 -35.16
C LYS B 699 -3.22 29.32 -36.29
N PRO B 700 -4.55 29.33 -36.27
CA PRO B 700 -5.31 28.60 -37.30
C PRO B 700 -5.40 29.37 -38.60
N VAL B 701 -5.33 28.63 -39.71
CA VAL B 701 -5.51 29.18 -41.05
C VAL B 701 -6.42 28.24 -41.82
N ALA B 702 -6.72 28.63 -43.07
CA ALA B 702 -7.57 27.81 -43.91
C ALA B 702 -6.85 26.54 -44.33
N MET B 703 -7.59 25.65 -44.98
CA MET B 703 -7.04 24.40 -45.47
C MET B 703 -6.04 24.68 -46.58
N SER B 704 -5.45 23.61 -47.11
CA SER B 704 -4.59 23.69 -48.29
C SER B 704 -5.37 23.25 -49.51
N ILE B 705 -4.78 23.48 -50.68
CA ILE B 705 -5.46 23.17 -51.92
C ILE B 705 -5.50 21.68 -52.17
N VAL B 706 -4.34 21.04 -52.21
CA VAL B 706 -4.27 19.61 -52.45
C VAL B 706 -5.06 18.85 -51.39
N GLN B 707 -4.96 19.28 -50.13
CA GLN B 707 -5.72 18.65 -49.08
C GLN B 707 -7.21 18.83 -49.30
N GLY B 708 -7.62 20.01 -49.78
CA GLY B 708 -9.02 20.21 -50.09
C GLY B 708 -9.51 19.25 -51.16
N ARG B 709 -8.76 19.15 -52.26
CA ARG B 709 -9.09 18.19 -53.31
C ARG B 709 -9.21 16.78 -52.75
N LEU B 710 -8.24 16.38 -51.91
CA LEU B 710 -8.21 15.03 -51.38
C LEU B 710 -9.43 14.76 -50.51
N VAL B 711 -9.77 15.70 -49.62
CA VAL B 711 -10.91 15.48 -48.73
C VAL B 711 -12.20 15.46 -49.52
N GLY B 712 -12.32 16.31 -50.53
CA GLY B 712 -13.51 16.26 -51.38
C GLY B 712 -13.66 14.92 -52.06
N LEU B 713 -12.57 14.41 -52.61
CA LEU B 713 -12.62 13.11 -53.27
C LEU B 713 -12.97 12.01 -52.29
N ALA B 714 -12.39 12.07 -51.09
CA ALA B 714 -12.69 11.05 -50.08
C ALA B 714 -14.16 11.06 -49.71
N HIS B 715 -14.71 12.26 -49.48
CA HIS B 715 -16.13 12.35 -49.16
C HIS B 715 -16.98 11.79 -50.28
N PHE B 716 -16.65 12.13 -51.53
CA PHE B 716 -17.42 11.64 -52.67
C PHE B 716 -17.39 10.12 -52.72
N THR B 717 -16.21 9.53 -52.58
CA THR B 717 -16.08 8.08 -52.70
C THR B 717 -16.79 7.37 -51.56
N VAL B 718 -16.69 7.90 -50.34
CA VAL B 718 -17.35 7.23 -49.23
C VAL B 718 -18.86 7.35 -49.37
N GLY B 719 -19.34 8.49 -49.86
CA GLY B 719 -20.77 8.60 -50.11
C GLY B 719 -21.23 7.61 -51.17
N TYR B 720 -20.42 7.43 -52.21
CA TYR B 720 -20.80 6.49 -53.26
C TYR B 720 -20.84 5.06 -52.76
N VAL B 721 -19.88 4.70 -51.90
CA VAL B 721 -19.75 3.30 -51.49
C VAL B 721 -20.99 2.85 -50.73
N LEU B 722 -21.36 3.59 -49.68
CA LEU B 722 -22.31 3.09 -48.71
C LEU B 722 -23.67 2.80 -49.34
N THR B 723 -24.30 3.81 -49.92
CA THR B 723 -25.68 3.68 -50.38
C THR B 723 -25.88 2.46 -51.28
N TYR B 724 -24.97 2.24 -52.22
CA TYR B 724 -25.15 1.15 -53.16
C TYR B 724 -25.12 -0.20 -52.45
N ALA B 725 -24.21 -0.36 -51.50
CA ALA B 725 -24.15 -1.61 -50.75
C ALA B 725 -25.46 -1.85 -50.01
N ALA B 726 -25.91 -0.85 -49.24
CA ALA B 726 -27.17 -0.99 -48.53
C ALA B 726 -28.27 -1.41 -49.48
N PHE B 727 -28.38 -0.72 -50.62
CA PHE B 727 -29.43 -1.03 -51.58
C PHE B 727 -29.36 -2.48 -52.04
N VAL B 728 -28.16 -2.95 -52.41
CA VAL B 728 -28.06 -4.27 -53.01
C VAL B 728 -28.40 -5.36 -52.00
N ILE B 729 -27.83 -5.29 -50.79
CA ILE B 729 -28.11 -6.37 -49.84
C ILE B 729 -29.55 -6.31 -49.37
N ALA B 730 -30.08 -5.10 -49.13
CA ALA B 730 -31.48 -5.01 -48.73
C ALA B 730 -32.41 -5.58 -49.79
N SER B 731 -32.17 -5.24 -51.05
CA SER B 731 -33.01 -5.76 -52.13
C SER B 731 -32.92 -7.28 -52.21
N THR B 732 -31.70 -7.82 -52.17
CA THR B 732 -31.54 -9.26 -52.32
C THR B 732 -32.19 -10.02 -51.16
N ALA B 733 -32.08 -9.49 -49.95
CA ALA B 733 -32.70 -10.16 -48.81
C ALA B 733 -34.17 -9.84 -48.67
N GLY B 734 -34.71 -8.90 -49.44
CA GLY B 734 -36.12 -8.59 -49.39
C GLY B 734 -36.94 -9.14 -50.55
N LYS B 735 -36.28 -9.59 -51.61
CA LYS B 735 -37.00 -10.12 -52.76
C LYS B 735 -36.72 -11.59 -53.03
N PHE B 736 -35.54 -12.11 -52.70
CA PHE B 736 -35.16 -13.50 -52.94
C PHE B 736 -35.28 -13.87 -54.42
N SER C 2 12.63 31.54 -47.79
CA SER C 2 11.43 30.71 -47.86
C SER C 2 11.53 29.71 -49.01
N HIS C 3 10.74 29.93 -50.06
CA HIS C 3 10.84 29.13 -51.26
C HIS C 3 12.11 29.52 -52.02
N SER C 4 12.44 28.75 -53.04
CA SER C 4 13.68 28.95 -53.76
C SER C 4 13.42 29.63 -55.10
N VAL C 5 14.39 30.42 -55.54
CA VAL C 5 14.29 31.15 -56.79
C VAL C 5 15.36 30.60 -57.74
N LYS C 6 15.10 30.70 -59.04
CA LYS C 6 15.97 30.11 -60.05
C LYS C 6 16.13 31.08 -61.20
N ILE C 7 17.38 31.38 -61.56
CA ILE C 7 17.70 32.36 -62.59
C ILE C 7 18.37 31.65 -63.77
N TYR C 8 18.28 32.28 -64.93
CA TYR C 8 18.82 31.69 -66.15
C TYR C 8 19.55 32.77 -66.93
N ASP C 9 19.90 32.44 -68.17
CA ASP C 9 20.66 33.34 -69.03
C ASP C 9 19.79 34.15 -69.98
N THR C 10 18.57 33.72 -70.23
CA THR C 10 17.67 34.34 -71.20
C THR C 10 17.15 35.69 -70.74
N CYS C 11 17.65 36.27 -69.66
CA CYS C 11 17.19 37.57 -69.20
C CYS C 11 17.61 38.62 -70.22
N ILE C 12 16.65 39.10 -71.02
CA ILE C 12 16.96 40.16 -71.98
C ILE C 12 17.30 41.45 -71.26
N GLY C 13 16.68 41.69 -70.12
CA GLY C 13 16.92 42.90 -69.36
C GLY C 13 15.85 43.96 -69.49
N CYS C 14 14.65 43.60 -69.95
CA CYS C 14 13.54 44.55 -69.96
C CYS C 14 13.13 44.96 -68.56
N THR C 15 13.38 44.11 -67.56
CA THR C 15 13.14 44.43 -66.16
C THR C 15 11.66 44.71 -65.89
N GLN C 16 10.79 43.93 -66.51
CA GLN C 16 9.38 43.97 -66.14
C GLN C 16 9.08 43.15 -64.90
N CYS C 17 9.93 42.18 -64.58
CA CYS C 17 9.69 41.36 -63.39
C CYS C 17 10.01 42.15 -62.13
N VAL C 18 11.09 42.93 -62.14
CA VAL C 18 11.47 43.68 -60.95
C VAL C 18 10.42 44.72 -60.62
N ARG C 19 9.69 45.21 -61.62
CA ARG C 19 8.60 46.15 -61.39
C ARG C 19 7.28 45.45 -61.09
N ALA C 20 7.25 44.12 -61.14
CA ALA C 20 6.04 43.35 -60.90
C ALA C 20 6.01 42.71 -59.52
N CYS C 21 7.14 42.19 -59.05
CA CYS C 21 7.18 41.56 -57.74
C CYS C 21 6.93 42.59 -56.65
N PRO C 22 5.87 42.44 -55.86
CA PRO C 22 5.62 43.41 -54.79
C PRO C 22 6.32 43.04 -53.49
N THR C 23 7.30 42.15 -53.57
CA THR C 23 7.90 41.55 -52.38
C THR C 23 9.40 41.82 -52.25
N ASP C 24 9.99 42.63 -53.12
CA ASP C 24 11.39 43.04 -53.01
C ASP C 24 12.32 41.83 -52.88
N VAL C 25 12.34 41.00 -53.92
CA VAL C 25 13.21 39.84 -53.94
C VAL C 25 14.08 39.78 -55.20
N LEU C 26 14.25 40.91 -55.88
CA LEU C 26 15.01 40.93 -57.13
C LEU C 26 15.89 42.16 -57.21
N GLU C 27 16.96 42.04 -58.01
CA GLU C 27 17.85 43.15 -58.32
C GLU C 27 18.70 42.77 -59.53
N MET C 28 19.04 43.78 -60.34
CA MET C 28 19.79 43.55 -61.58
C MET C 28 21.27 43.76 -61.30
N VAL C 29 21.98 42.65 -61.07
CA VAL C 29 23.40 42.67 -60.75
C VAL C 29 24.19 42.77 -62.05
N PRO C 30 25.37 43.40 -62.06
CA PRO C 30 26.06 43.68 -63.33
C PRO C 30 26.44 42.41 -64.09
N TRP C 31 26.09 42.39 -65.37
CA TRP C 31 26.38 41.29 -66.27
C TRP C 31 27.19 41.82 -67.45
N ASP C 32 27.60 40.91 -68.34
CA ASP C 32 28.42 41.31 -69.48
C ASP C 32 27.96 40.71 -70.80
N GLY C 33 27.33 39.54 -70.75
CA GLY C 33 27.13 38.72 -71.94
C GLY C 33 26.40 39.38 -73.09
N CYS C 34 25.11 39.65 -72.92
CA CYS C 34 24.31 40.26 -73.97
C CYS C 34 24.28 41.78 -73.77
N LYS C 35 23.41 42.45 -74.50
CA LYS C 35 23.23 43.89 -74.35
C LYS C 35 22.66 44.28 -72.99
N ALA C 36 22.31 43.30 -72.15
CA ALA C 36 21.70 43.62 -70.86
C ALA C 36 22.70 44.31 -69.94
N GLY C 37 23.87 43.71 -69.74
CA GLY C 37 24.87 44.26 -68.84
C GLY C 37 24.50 44.19 -67.38
N GLN C 38 23.24 43.91 -67.09
CA GLN C 38 22.74 43.78 -65.71
C GLN C 38 21.59 42.79 -65.74
N ILE C 39 21.79 41.65 -65.10
CA ILE C 39 20.84 40.54 -65.15
C ILE C 39 20.15 40.43 -63.80
N ALA C 40 18.87 40.05 -63.84
CA ALA C 40 18.09 39.95 -62.61
C ALA C 40 18.57 38.78 -61.76
N ALA C 41 18.36 38.91 -60.45
CA ALA C 41 18.68 37.86 -59.50
C ALA C 41 17.87 38.08 -58.23
N SER C 42 17.89 37.08 -57.36
CA SER C 42 17.10 37.11 -56.13
C SER C 42 18.00 37.22 -54.91
N PRO C 43 18.15 38.39 -54.33
CA PRO C 43 19.00 38.52 -53.14
C PRO C 43 18.26 38.29 -51.83
N ARG C 44 16.94 38.46 -51.84
CA ARG C 44 16.13 38.52 -50.63
C ARG C 44 14.98 37.52 -50.69
N THR C 45 15.33 36.26 -50.98
CA THR C 45 14.35 35.18 -51.09
C THR C 45 13.41 35.09 -49.90
N GLU C 46 13.90 35.38 -48.69
CA GLU C 46 13.15 35.15 -47.45
C GLU C 46 11.76 35.78 -47.44
N ASP C 47 11.49 36.73 -48.33
CA ASP C 47 10.18 37.35 -48.41
C ASP C 47 9.35 36.85 -49.59
N CYS C 48 9.76 35.74 -50.21
CA CYS C 48 9.00 35.18 -51.31
C CYS C 48 7.58 34.86 -50.88
N VAL C 49 6.64 35.03 -51.79
CA VAL C 49 5.23 34.91 -51.47
C VAL C 49 4.53 33.79 -52.23
N GLY C 50 5.04 33.38 -53.39
CA GLY C 50 4.33 32.41 -54.19
C GLY C 50 3.27 32.99 -55.10
N CYS C 51 3.21 34.32 -55.22
CA CYS C 51 2.29 34.91 -56.18
C CYS C 51 2.75 34.68 -57.60
N LYS C 52 4.06 34.59 -57.81
CA LYS C 52 4.70 34.42 -59.11
C LYS C 52 4.02 35.25 -60.19
N ARG C 53 3.79 36.52 -59.88
CA ARG C 53 3.45 37.52 -60.88
C ARG C 53 4.67 37.93 -61.69
N CYS C 54 5.86 37.49 -61.30
CA CYS C 54 7.08 37.99 -61.91
C CYS C 54 7.32 37.39 -63.29
N GLU C 55 7.28 36.06 -63.39
CA GLU C 55 7.54 35.43 -64.68
C GLU C 55 6.43 35.71 -65.68
N THR C 56 5.20 35.96 -65.20
CA THR C 56 4.16 36.46 -66.09
C THR C 56 4.55 37.79 -66.70
N ALA C 57 5.44 38.53 -66.06
CA ALA C 57 5.99 39.76 -66.63
C ALA C 57 7.28 39.52 -67.41
N CYS C 58 7.77 38.28 -67.45
CA CYS C 58 8.96 37.96 -68.23
C CYS C 58 8.56 37.67 -69.67
N PRO C 59 8.95 38.50 -70.64
CA PRO C 59 8.54 38.26 -72.02
C PRO C 59 9.39 37.24 -72.75
N THR C 60 10.55 36.87 -72.21
CA THR C 60 11.48 36.01 -72.94
C THR C 60 10.84 34.66 -73.23
N ASP C 61 11.13 34.12 -74.42
CA ASP C 61 10.70 32.77 -74.76
C ASP C 61 11.24 31.80 -73.72
N PHE C 62 10.34 30.99 -73.15
CA PHE C 62 10.65 30.19 -71.97
C PHE C 62 11.24 31.07 -70.87
N LEU C 63 10.35 31.91 -70.33
CA LEU C 63 10.65 33.00 -69.42
C LEU C 63 11.82 32.74 -68.47
N SER C 64 12.71 33.74 -68.38
CA SER C 64 14.07 33.53 -67.87
C SER C 64 14.11 33.19 -66.38
N ILE C 65 13.08 33.53 -65.62
CA ILE C 65 13.06 33.28 -64.18
C ILE C 65 12.12 32.12 -63.88
N ARG C 66 12.43 31.36 -62.85
CA ARG C 66 11.54 30.33 -62.33
C ARG C 66 11.58 30.38 -60.82
N VAL C 67 10.58 29.77 -60.20
CA VAL C 67 10.51 29.73 -58.74
C VAL C 67 10.21 28.30 -58.33
N TYR C 68 11.13 27.68 -57.60
CA TYR C 68 10.94 26.33 -57.09
C TYR C 68 10.27 26.44 -55.73
N LEU C 69 9.00 26.04 -55.67
CA LEU C 69 8.14 26.36 -54.55
C LEU C 69 8.40 25.37 -53.43
N SER C 70 9.10 25.81 -52.40
CA SER C 70 9.64 24.91 -51.39
C SER C 70 8.62 24.43 -50.41
N ASN C 71 9.12 24.05 -49.23
CA ASN C 71 8.29 23.46 -48.19
C ASN C 71 8.58 24.02 -46.80
N ALA C 72 9.54 24.93 -46.66
CA ALA C 72 9.89 25.50 -45.36
C ALA C 72 9.18 26.84 -45.15
N GLU C 73 7.86 26.78 -45.06
CA GLU C 73 7.07 27.98 -44.92
C GLU C 73 7.01 28.43 -43.47
N THR C 74 6.76 29.73 -43.29
CA THR C 74 6.67 30.35 -41.97
C THR C 74 5.62 31.44 -42.01
N THR C 75 5.50 32.16 -40.89
CA THR C 75 4.55 33.28 -40.82
C THR C 75 4.86 34.32 -41.89
N ARG C 76 6.13 34.47 -42.28
CA ARG C 76 6.47 35.42 -43.32
C ARG C 76 6.09 34.89 -44.70
N SER C 77 6.50 33.65 -45.01
CA SER C 77 6.18 33.08 -46.31
C SER C 77 4.69 32.84 -46.47
N MET C 78 3.98 32.62 -45.38
CA MET C 78 2.53 32.42 -45.47
C MET C 78 1.77 33.74 -45.48
N GLY C 79 2.37 34.82 -45.00
CA GLY C 79 1.77 36.13 -45.11
C GLY C 79 0.49 36.31 -44.33
N LEU C 80 0.57 36.31 -43.01
CA LEU C 80 -0.58 36.54 -42.14
C LEU C 80 -0.42 37.84 -41.38
N ALA C 81 -1.49 38.62 -41.32
CA ALA C 81 -1.53 39.80 -40.45
C ALA C 81 -1.89 39.45 -39.02
N TYR C 82 -2.16 38.19 -38.74
CA TYR C 82 -2.52 37.75 -37.39
C TYR C 82 -1.67 36.56 -36.98
N LEU D 5 10.96 59.15 -34.51
CA LEU D 5 11.02 59.93 -35.75
C LEU D 5 9.95 61.02 -35.74
N SER D 6 8.82 60.73 -36.37
CA SER D 6 7.70 61.67 -36.43
C SER D 6 6.67 61.35 -35.36
N GLY D 7 5.87 62.34 -35.02
CA GLY D 7 4.90 62.22 -33.95
C GLY D 7 3.51 62.69 -34.34
N GLN D 8 3.09 62.37 -35.55
CA GLN D 8 1.80 62.87 -36.05
C GLN D 8 1.31 61.96 -37.16
N THR D 9 -0.02 61.93 -37.32
CA THR D 9 -0.68 60.99 -38.22
C THR D 9 -1.75 61.71 -39.03
N PRO D 10 -2.09 61.18 -40.21
CA PRO D 10 -3.18 61.76 -41.01
C PRO D 10 -4.51 61.78 -40.28
N ILE D 11 -5.46 62.51 -40.85
CA ILE D 11 -6.79 62.65 -40.28
C ILE D 11 -7.57 61.38 -40.58
N PHE D 12 -7.88 60.62 -39.53
CA PHE D 12 -8.61 59.35 -39.69
C PHE D 12 -9.32 59.06 -38.38
N GLY D 13 -10.65 59.02 -38.43
CA GLY D 13 -11.41 58.77 -37.22
C GLY D 13 -11.04 57.44 -36.57
N GLY D 14 -11.23 56.34 -37.28
CA GLY D 14 -10.95 55.03 -36.74
C GLY D 14 -11.66 53.92 -37.48
N SER D 15 -11.30 52.68 -37.16
CA SER D 15 -11.89 51.52 -37.83
C SER D 15 -11.62 50.30 -36.98
N THR D 16 -11.90 49.11 -37.54
CA THR D 16 -11.68 47.85 -36.86
C THR D 16 -10.62 47.00 -37.55
N GLY D 17 -10.01 47.48 -38.62
CA GLY D 17 -8.97 46.75 -39.29
C GLY D 17 -7.58 47.23 -38.91
N GLY D 18 -7.40 47.56 -37.64
CA GLY D 18 -6.13 48.06 -37.17
C GLY D 18 -5.17 46.96 -36.80
N LEU D 19 -4.62 47.01 -35.60
CA LEU D 19 -3.61 46.06 -35.17
C LEU D 19 -4.22 44.94 -34.32
N LEU D 20 -3.48 43.86 -34.20
CA LEU D 20 -3.85 42.68 -33.42
C LEU D 20 -2.78 42.46 -32.34
N THR D 21 -2.89 41.33 -31.64
CA THR D 21 -1.89 41.01 -30.63
C THR D 21 -0.57 40.56 -31.23
N LYS D 22 -0.58 40.15 -32.51
CA LYS D 22 0.67 39.80 -33.17
C LYS D 22 1.53 41.02 -33.41
N ALA D 23 0.91 42.20 -33.58
CA ALA D 23 1.64 43.38 -34.00
C ALA D 23 2.61 43.85 -32.92
N PHE D 24 2.08 44.25 -31.76
CA PHE D 24 2.92 44.79 -30.71
C PHE D 24 3.71 43.74 -29.97
N ARG D 25 3.69 42.48 -30.43
CA ARG D 25 4.46 41.43 -29.81
C ARG D 25 5.28 40.62 -30.81
N GLU D 26 5.15 40.86 -32.10
CA GLU D 26 6.06 40.24 -33.05
C GLU D 26 6.76 41.23 -33.97
N GLU D 27 6.04 42.23 -34.50
CA GLU D 27 6.65 43.10 -35.49
C GLU D 27 5.70 44.24 -35.84
N LYS D 28 6.29 45.36 -36.26
CA LYS D 28 5.58 46.48 -36.84
C LYS D 28 6.39 47.00 -38.03
N TYR D 29 5.69 47.42 -39.08
CA TYR D 29 6.33 48.14 -40.18
C TYR D 29 6.00 49.62 -40.08
N VAL D 30 6.93 50.45 -40.55
CA VAL D 30 6.82 51.90 -40.47
C VAL D 30 7.16 52.48 -41.84
N ILE D 31 6.39 53.48 -42.27
CA ILE D 31 6.67 54.16 -43.52
C ILE D 31 6.46 55.67 -43.34
N THR D 32 7.38 56.44 -43.89
CA THR D 32 7.35 57.89 -43.81
C THR D 32 7.65 58.49 -45.18
N TRP D 33 7.20 59.72 -45.39
CA TRP D 33 7.47 60.44 -46.64
C TRP D 33 7.14 61.92 -46.40
N THR D 34 7.16 62.71 -47.47
CA THR D 34 6.98 64.15 -47.42
C THR D 34 5.82 64.56 -48.33
N SER D 35 4.68 64.89 -47.73
CA SER D 35 3.50 65.37 -48.45
C SER D 35 3.17 66.77 -47.98
N PRO D 36 3.85 67.79 -48.49
CA PRO D 36 3.58 69.16 -48.04
C PRO D 36 2.18 69.63 -48.38
N LYS D 37 1.38 68.77 -49.01
CA LYS D 37 -0.02 69.04 -49.27
C LYS D 37 -0.87 67.96 -48.59
N GLU D 38 -2.07 68.36 -48.15
CA GLU D 38 -2.99 67.46 -47.44
C GLU D 38 -4.13 67.11 -48.39
N GLN D 39 -4.10 65.88 -48.92
CA GLN D 39 -5.12 65.42 -49.84
C GLN D 39 -5.70 64.10 -49.35
N VAL D 40 -7.01 63.94 -49.57
CA VAL D 40 -7.68 62.71 -49.15
C VAL D 40 -7.19 61.55 -50.01
N PHE D 41 -7.10 60.38 -49.38
CA PHE D 41 -6.57 59.18 -50.02
C PHE D 41 -7.16 57.97 -49.33
N GLU D 42 -6.82 56.79 -49.85
CA GLU D 42 -7.36 55.52 -49.42
C GLU D 42 -6.29 54.70 -48.71
N MET D 43 -6.73 53.75 -47.89
CA MET D 43 -5.83 52.87 -47.15
C MET D 43 -6.26 51.43 -47.30
N PRO D 44 -5.32 50.48 -47.22
CA PRO D 44 -5.64 49.09 -47.55
C PRO D 44 -6.46 48.36 -46.50
N THR D 45 -6.58 48.91 -45.28
CA THR D 45 -7.32 48.26 -44.22
C THR D 45 -8.78 48.73 -44.16
N GLY D 46 -9.32 49.23 -45.26
CA GLY D 46 -10.68 49.72 -45.29
C GLY D 46 -10.80 51.15 -44.84
N GLY D 47 -11.51 51.97 -45.61
CA GLY D 47 -11.72 53.37 -45.26
C GLY D 47 -10.76 54.29 -45.97
N ALA D 48 -10.89 55.58 -45.66
CA ALA D 48 -10.07 56.62 -46.26
C ALA D 48 -9.61 57.59 -45.17
N ALA D 49 -8.68 58.46 -45.54
CA ALA D 49 -8.13 59.47 -44.63
C ALA D 49 -7.61 60.63 -45.48
N ILE D 50 -6.84 61.52 -44.87
CA ILE D 50 -6.22 62.63 -45.60
C ILE D 50 -4.85 62.90 -45.02
N MET D 51 -3.86 63.05 -45.91
CA MET D 51 -2.47 63.20 -45.52
C MET D 51 -2.26 64.47 -44.69
N ARG D 52 -1.06 64.60 -44.15
CA ARG D 52 -0.65 65.76 -43.38
C ARG D 52 0.54 66.44 -44.05
N GLN D 53 0.96 67.57 -43.49
CA GLN D 53 1.99 68.42 -44.09
C GLN D 53 3.38 67.95 -43.68
N GLY D 54 4.28 67.86 -44.65
CA GLY D 54 5.64 67.46 -44.39
C GLY D 54 5.75 66.01 -44.00
N PRO D 55 6.27 65.75 -42.80
CA PRO D 55 6.46 64.36 -42.37
C PRO D 55 5.12 63.67 -42.11
N ASN D 56 5.07 62.39 -42.45
CA ASN D 56 3.82 61.63 -42.44
C ASN D 56 4.13 60.23 -41.94
N LYS D 57 3.75 59.95 -40.70
CA LYS D 57 4.06 58.68 -40.05
C LYS D 57 2.89 57.73 -40.24
N LEU D 58 3.12 56.65 -41.00
CA LEU D 58 2.12 55.61 -41.17
C LEU D 58 2.70 54.29 -40.70
N GLU D 59 2.10 53.73 -39.65
CA GLU D 59 2.59 52.52 -39.02
C GLU D 59 1.57 51.42 -39.21
N LEU D 60 2.06 50.20 -39.41
CA LEU D 60 1.23 49.13 -39.96
C LEU D 60 1.77 47.78 -39.51
N ALA D 61 1.03 46.72 -39.82
CA ALA D 61 1.35 45.38 -39.35
C ALA D 61 2.07 44.54 -40.39
N ARG D 62 1.82 44.76 -41.67
CA ARG D 62 2.40 43.98 -42.75
C ARG D 62 3.28 44.87 -43.62
N LYS D 63 3.75 44.32 -44.72
CA LYS D 63 4.66 45.02 -45.62
C LYS D 63 4.03 45.39 -46.95
N GLU D 64 3.23 44.49 -47.53
CA GLU D 64 2.73 44.69 -48.88
C GLU D 64 1.90 45.96 -49.00
N TYR D 65 1.26 46.39 -47.92
CA TYR D 65 0.44 47.59 -47.99
C TYR D 65 1.31 48.82 -48.23
N CYS D 66 2.45 48.90 -47.55
CA CYS D 66 3.38 50.00 -47.77
C CYS D 66 3.91 49.99 -49.20
N ILE D 67 4.21 48.80 -49.73
CA ILE D 67 4.68 48.71 -51.12
C ILE D 67 3.61 49.21 -52.07
N ALA D 68 2.36 48.79 -51.85
CA ALA D 68 1.26 49.22 -52.70
C ALA D 68 1.08 50.73 -52.64
N LEU D 69 1.16 51.30 -51.45
CA LEU D 69 0.98 52.75 -51.32
C LEU D 69 2.13 53.51 -51.99
N GLY D 70 3.36 53.09 -51.73
CA GLY D 70 4.50 53.76 -52.34
C GLY D 70 4.47 53.69 -53.85
N GLY D 71 4.23 52.51 -54.41
CA GLY D 71 4.28 52.33 -55.85
C GLY D 71 3.05 52.84 -56.57
N GLN D 72 1.88 52.32 -56.20
CA GLN D 72 0.65 52.62 -56.91
C GLN D 72 0.00 53.93 -56.47
N GLN D 73 0.24 54.37 -55.24
CA GLN D 73 -0.47 55.52 -54.70
C GLN D 73 0.39 56.77 -54.61
N LEU D 74 1.59 56.69 -54.06
CA LEU D 74 2.34 57.90 -53.77
C LEU D 74 2.97 58.50 -55.03
N ARG D 75 3.90 57.78 -55.66
CA ARG D 75 4.58 58.33 -56.81
C ARG D 75 3.82 58.12 -58.11
N ALA D 76 2.88 57.17 -58.14
CA ALA D 76 2.06 56.99 -59.33
C ALA D 76 0.98 58.04 -59.45
N LYS D 77 0.58 58.64 -58.32
CA LYS D 77 -0.45 59.69 -58.32
C LYS D 77 0.10 61.04 -57.88
N PHE D 78 0.74 61.11 -56.72
CA PHE D 78 1.09 62.37 -56.10
C PHE D 78 2.59 62.67 -56.13
N ARG D 79 3.39 61.79 -56.74
CA ARG D 79 4.79 62.08 -57.04
C ARG D 79 5.60 62.39 -55.78
N ILE D 80 5.59 61.46 -54.82
CA ILE D 80 6.45 61.54 -53.65
C ILE D 80 7.27 60.25 -53.60
N THR D 81 8.59 60.38 -53.62
CA THR D 81 9.46 59.25 -53.84
C THR D 81 10.52 59.07 -52.76
N ASP D 82 10.29 59.57 -51.55
CA ASP D 82 11.26 59.43 -50.47
C ASP D 82 10.60 58.83 -49.23
N TYR D 83 9.80 57.78 -49.44
CA TYR D 83 9.16 57.08 -48.35
C TYR D 83 10.06 55.95 -47.87
N LYS D 84 10.39 55.97 -46.58
CA LYS D 84 11.26 54.96 -46.00
C LYS D 84 10.44 54.03 -45.11
N ILE D 85 10.85 52.76 -45.08
CA ILE D 85 10.14 51.70 -44.36
C ILE D 85 11.11 50.96 -43.46
N TYR D 86 10.59 50.55 -42.30
CA TYR D 86 11.40 49.93 -41.25
C TYR D 86 10.58 48.86 -40.55
N ARG D 87 11.28 47.95 -39.89
CA ARG D 87 10.68 46.84 -39.18
C ARG D 87 11.01 46.95 -37.69
N VAL D 88 10.00 46.79 -36.84
CA VAL D 88 10.12 47.05 -35.41
C VAL D 88 10.03 45.73 -34.65
N TYR D 89 11.06 45.43 -33.86
CA TYR D 89 11.11 44.19 -33.12
C TYR D 89 10.10 44.20 -31.96
N PRO D 90 9.76 43.03 -31.42
CA PRO D 90 8.84 43.02 -30.28
C PRO D 90 9.42 43.65 -29.03
N ASN D 91 10.71 43.47 -28.80
CA ASN D 91 11.34 44.01 -27.60
C ASN D 91 11.62 45.51 -27.69
N GLY D 92 11.30 46.14 -28.82
CA GLY D 92 11.40 47.57 -28.95
C GLY D 92 12.46 48.08 -29.89
N GLU D 93 13.23 47.20 -30.52
CA GLU D 93 14.31 47.64 -31.41
C GLU D 93 13.73 48.32 -32.65
N VAL D 94 14.61 48.91 -33.44
CA VAL D 94 14.27 49.56 -34.71
C VAL D 94 15.25 49.07 -35.76
N GLN D 95 14.73 48.40 -36.79
CA GLN D 95 15.57 47.82 -37.82
C GLN D 95 15.59 48.72 -39.04
N TYR D 96 16.15 48.22 -40.14
CA TYR D 96 16.29 48.99 -41.37
C TYR D 96 16.28 48.02 -42.53
N LEU D 97 15.11 47.86 -43.15
CA LEU D 97 14.99 47.04 -44.35
C LEU D 97 15.26 47.82 -45.63
N HIS D 98 15.18 49.15 -45.57
CA HIS D 98 15.11 49.97 -46.77
C HIS D 98 15.38 51.41 -46.38
N PRO D 99 15.85 52.25 -47.31
CA PRO D 99 16.28 51.98 -48.70
C PRO D 99 17.52 51.10 -48.84
N SER D 100 17.31 49.91 -49.39
CA SER D 100 18.41 48.98 -49.65
C SER D 100 19.19 49.32 -50.90
N ASP D 101 18.70 50.25 -51.72
CA ASP D 101 19.46 50.78 -52.85
C ASP D 101 19.41 52.30 -52.89
N GLY D 102 19.11 52.94 -51.77
CA GLY D 102 19.20 54.39 -51.66
C GLY D 102 18.08 55.16 -52.34
N VAL D 103 18.04 55.08 -53.67
CA VAL D 103 17.23 55.99 -54.48
C VAL D 103 16.02 55.29 -55.09
N PHE D 104 15.68 54.10 -54.60
CA PHE D 104 14.62 53.27 -55.18
C PHE D 104 14.82 53.05 -56.67
N PRO D 105 16.04 52.81 -57.15
CA PRO D 105 16.24 52.80 -58.60
C PRO D 105 15.75 51.52 -59.25
N GLU D 106 16.09 50.40 -58.62
CA GLU D 106 15.86 49.04 -59.09
C GLU D 106 16.75 48.71 -60.28
N LYS D 107 17.41 49.72 -60.87
CA LYS D 107 18.55 49.46 -61.75
C LYS D 107 19.46 50.69 -61.76
N VAL D 108 20.39 50.75 -60.82
CA VAL D 108 21.64 51.50 -60.94
C VAL D 108 22.53 51.11 -59.77
N ASN D 109 23.83 51.02 -60.02
CA ASN D 109 24.87 50.99 -58.98
C ASN D 109 26.22 50.88 -59.65
N GLU D 110 27.25 51.23 -58.89
CA GLU D 110 28.64 50.94 -59.29
C GLU D 110 29.04 49.72 -58.48
N GLY D 111 28.75 48.54 -59.03
CA GLY D 111 28.91 47.30 -58.29
C GLY D 111 27.66 46.97 -57.50
N ARG D 112 27.38 45.68 -57.33
CA ARG D 112 26.19 45.23 -56.63
C ARG D 112 26.58 44.10 -55.68
N GLN D 113 25.58 43.42 -55.14
CA GLN D 113 25.82 42.26 -54.30
C GLN D 113 26.06 41.04 -55.17
N LYS D 114 27.12 40.30 -54.89
CA LYS D 114 27.53 39.13 -55.66
C LYS D 114 27.23 37.90 -54.82
N VAL D 115 25.99 37.42 -54.90
CA VAL D 115 25.53 36.29 -54.11
C VAL D 115 25.15 35.17 -55.08
N GLY D 116 25.85 34.04 -54.96
CA GLY D 116 25.66 32.91 -55.85
C GLY D 116 25.71 33.31 -57.31
N TYR D 117 25.22 32.43 -58.19
CA TYR D 117 24.80 32.67 -59.57
C TYR D 117 24.32 31.33 -60.11
N VAL D 118 23.51 31.40 -61.16
CA VAL D 118 23.37 30.24 -62.04
C VAL D 118 23.09 30.71 -63.46
N ASP D 119 24.07 30.54 -64.34
CA ASP D 119 23.91 30.75 -65.78
C ASP D 119 24.13 29.40 -66.42
N ARG D 120 23.08 28.59 -66.45
CA ARG D 120 23.15 27.22 -66.95
C ARG D 120 21.94 26.95 -67.82
N ASN D 121 22.19 26.30 -68.96
CA ASN D 121 21.10 26.00 -69.88
C ASN D 121 20.22 24.89 -69.32
N ILE D 122 18.92 24.99 -69.60
CA ILE D 122 17.94 24.13 -68.97
C ILE D 122 17.77 22.81 -69.71
N GLY D 123 18.04 22.77 -71.01
CA GLY D 123 18.01 21.51 -71.73
C GLY D 123 18.94 20.48 -71.13
N LYS D 124 20.10 20.92 -70.63
CA LYS D 124 21.04 20.06 -69.91
C LYS D 124 20.78 20.25 -68.42
N ASN D 125 19.70 19.64 -67.95
CA ASN D 125 19.33 19.72 -66.55
C ASN D 125 19.42 18.35 -65.90
N PRO D 126 19.91 18.28 -64.66
CA PRO D 126 20.03 16.97 -64.00
C PRO D 126 18.68 16.29 -63.84
N ASP D 127 18.74 14.96 -63.75
CA ASP D 127 17.60 14.07 -63.60
C ASP D 127 17.60 13.46 -62.20
N PRO D 128 16.43 13.09 -61.67
CA PRO D 128 16.40 12.37 -60.38
C PRO D 128 17.22 11.08 -60.37
N ALA D 129 17.82 10.68 -61.48
CA ALA D 129 18.68 9.50 -61.47
C ALA D 129 20.09 9.84 -61.00
N LYS D 130 20.65 10.94 -61.49
CA LYS D 130 22.05 11.26 -61.20
C LYS D 130 22.25 11.86 -59.81
N LEU D 131 21.24 12.54 -59.28
CA LEU D 131 21.31 13.12 -57.94
C LEU D 131 20.39 12.30 -57.03
N LYS D 132 20.96 11.28 -56.40
CA LYS D 132 20.21 10.38 -55.54
C LYS D 132 20.88 10.31 -54.17
N PHE D 133 20.05 10.10 -53.15
CA PHE D 133 20.50 10.04 -51.76
C PHE D 133 21.32 11.27 -51.39
N SER D 134 20.92 12.40 -51.94
CA SER D 134 21.45 13.71 -51.57
C SER D 134 20.30 14.57 -51.07
N GLY D 135 20.63 15.76 -50.59
CA GLY D 135 19.61 16.67 -50.07
C GLY D 135 19.33 17.83 -51.00
N MET D 136 20.07 17.90 -52.10
CA MET D 136 19.98 18.99 -53.03
C MET D 136 19.00 18.62 -54.16
N THR D 137 18.88 19.52 -55.14
CA THR D 137 17.93 19.39 -56.23
C THR D 137 18.68 19.74 -57.50
N THR D 138 17.94 20.02 -58.57
CA THR D 138 18.52 20.28 -59.87
C THR D 138 19.40 21.52 -59.89
N TYR D 139 19.57 22.19 -58.74
CA TYR D 139 20.33 23.43 -58.71
C TYR D 139 21.81 23.22 -59.00
N ASN D 140 22.34 22.02 -58.75
CA ASN D 140 23.73 21.75 -59.04
C ASN D 140 23.99 21.72 -60.55
N ALA D 141 25.25 21.89 -60.92
CA ALA D 141 25.64 21.87 -62.33
C ALA D 141 26.52 20.67 -62.64
N VAL E 2 21.43 30.23 -96.17
CA VAL E 2 21.09 30.82 -94.88
C VAL E 2 21.60 32.26 -94.83
N GLU E 3 20.78 33.19 -95.31
CA GLU E 3 21.12 34.61 -95.28
C GLU E 3 19.87 35.38 -94.90
N ARG E 4 19.94 36.71 -95.00
CA ARG E 4 18.78 37.53 -94.69
C ARG E 4 17.67 37.27 -95.69
N GLY E 5 16.62 36.56 -95.24
CA GLY E 5 15.53 36.21 -96.12
C GLY E 5 15.58 34.79 -96.63
N SER E 6 16.08 33.87 -95.81
CA SER E 6 16.15 32.46 -96.15
C SER E 6 15.41 31.63 -95.09
N LYS E 7 14.83 30.53 -95.54
CA LYS E 7 13.99 29.67 -94.71
C LYS E 7 14.84 28.55 -94.12
N VAL E 8 14.89 28.48 -92.79
CA VAL E 8 15.75 27.52 -92.08
C VAL E 8 14.98 26.91 -90.91
N ARG E 9 15.33 25.67 -90.58
CA ARG E 9 14.80 24.96 -89.42
C ARG E 9 15.78 25.05 -88.26
N ILE E 10 15.27 24.71 -87.08
CA ILE E 10 15.88 25.04 -85.81
C ILE E 10 16.50 23.79 -85.19
N LEU E 11 17.62 23.98 -84.50
CA LEU E 11 18.30 22.90 -83.79
C LEU E 11 18.15 22.99 -82.27
N ARG E 12 17.76 24.16 -81.74
CA ARG E 12 17.54 24.29 -80.31
C ARG E 12 16.43 23.36 -79.84
N LYS E 13 16.72 22.51 -78.86
CA LYS E 13 15.78 21.46 -78.48
C LYS E 13 14.55 22.01 -77.77
N GLU E 14 14.75 22.77 -76.70
CA GLU E 14 13.64 23.29 -75.92
C GLU E 14 12.76 24.27 -76.70
N SER E 15 13.15 24.61 -77.92
CA SER E 15 12.42 25.61 -78.70
C SER E 15 11.01 25.13 -79.02
N TYR E 16 10.04 26.05 -78.92
CA TYR E 16 8.66 25.74 -79.26
C TYR E 16 8.51 25.41 -80.74
N TRP E 17 9.32 26.02 -81.60
CA TRP E 17 9.31 25.75 -83.02
C TRP E 17 10.48 24.86 -83.44
N PHE E 18 10.81 23.86 -82.62
CA PHE E 18 11.89 22.95 -82.96
C PHE E 18 11.58 22.27 -84.29
N GLN E 19 12.58 22.25 -85.17
CA GLN E 19 12.52 21.67 -86.51
C GLN E 19 11.64 22.49 -87.44
N ASP E 20 11.00 23.52 -86.91
CA ASP E 20 10.13 24.36 -87.71
C ASP E 20 10.94 25.42 -88.45
N VAL E 21 10.41 25.85 -89.58
CA VAL E 21 11.13 26.73 -90.49
C VAL E 21 10.68 28.17 -90.27
N GLY E 22 11.67 29.06 -90.18
CA GLY E 22 11.41 30.48 -90.14
C GLY E 22 12.39 31.21 -91.04
N VAL E 23 12.11 32.49 -91.26
CA VAL E 23 12.90 33.32 -92.17
C VAL E 23 13.91 34.12 -91.35
N VAL E 24 15.14 34.20 -91.85
CA VAL E 24 16.19 34.98 -91.17
C VAL E 24 15.90 36.45 -91.43
N ALA E 25 15.31 37.13 -90.45
CA ALA E 25 14.90 38.52 -90.67
C ALA E 25 16.11 39.44 -90.73
N SER E 26 16.97 39.37 -89.73
CA SER E 26 18.18 40.20 -89.69
C SER E 26 19.35 39.32 -89.29
N VAL E 27 20.35 39.22 -90.16
CA VAL E 27 21.57 38.49 -89.82
C VAL E 27 22.46 39.42 -89.00
N ASP E 28 22.44 39.24 -87.68
CA ASP E 28 23.42 39.83 -86.80
C ASP E 28 24.58 38.86 -86.64
N LYS E 29 25.76 39.41 -86.39
CA LYS E 29 26.89 38.50 -86.23
C LYS E 29 27.81 38.95 -85.10
N SER E 30 27.27 39.67 -84.11
CA SER E 30 28.08 40.35 -83.12
C SER E 30 28.55 39.37 -82.04
N GLY E 31 29.11 39.92 -80.96
CA GLY E 31 29.68 39.11 -79.90
C GLY E 31 28.67 38.40 -79.02
N ILE E 32 27.38 38.67 -79.21
CA ILE E 32 26.35 37.97 -78.43
C ILE E 32 26.34 36.51 -78.82
N ARG E 33 26.02 35.65 -77.85
CA ARG E 33 25.99 34.22 -78.11
C ARG E 33 24.85 33.80 -79.03
N TYR E 34 23.87 34.69 -79.25
CA TYR E 34 22.67 34.37 -80.02
C TYR E 34 22.49 35.40 -81.13
N PRO E 35 23.28 35.31 -82.20
CA PRO E 35 23.25 36.34 -83.24
C PRO E 35 22.00 36.33 -84.11
N VAL E 36 21.60 35.15 -84.61
CA VAL E 36 20.62 35.10 -85.69
C VAL E 36 19.23 35.45 -85.16
N ILE E 37 18.56 36.37 -85.85
CA ILE E 37 17.19 36.76 -85.55
C ILE E 37 16.29 36.13 -86.61
N VAL E 38 15.41 35.23 -86.17
CA VAL E 38 14.51 34.51 -87.07
C VAL E 38 13.09 34.95 -86.75
N ARG E 39 12.24 34.97 -87.77
CA ARG E 39 10.82 35.26 -87.63
C ARG E 39 9.99 34.08 -88.13
N PHE E 40 8.96 33.75 -87.36
CA PHE E 40 7.99 32.72 -87.72
C PHE E 40 6.60 33.35 -87.77
N ASP E 41 5.56 32.53 -87.90
CA ASP E 41 4.19 33.04 -87.83
C ASP E 41 3.33 32.19 -86.90
N LYS E 42 3.74 30.95 -86.67
CA LYS E 42 3.05 30.10 -85.71
C LYS E 42 3.30 30.62 -84.30
N VAL E 43 2.26 30.62 -83.47
CA VAL E 43 2.26 31.33 -82.19
C VAL E 43 2.46 30.35 -81.05
N ASN E 44 3.48 30.63 -80.23
CA ASN E 44 3.61 30.11 -78.88
C ASN E 44 2.90 31.11 -77.95
N TYR E 45 3.20 31.05 -76.65
CA TYR E 45 2.76 32.07 -75.71
C TYR E 45 2.84 33.46 -76.32
N ALA E 46 1.68 34.12 -76.44
CA ALA E 46 1.58 35.51 -76.87
C ALA E 46 2.31 35.80 -78.18
N GLY E 47 2.59 34.80 -79.00
CA GLY E 47 3.16 35.06 -80.30
C GLY E 47 4.59 35.56 -80.29
N VAL E 48 5.54 34.67 -80.00
CA VAL E 48 6.96 35.01 -79.94
C VAL E 48 7.57 34.50 -81.24
N ASN E 49 6.78 34.58 -82.31
CA ASN E 49 7.18 34.17 -83.66
C ASN E 49 8.51 34.76 -84.11
N THR E 50 9.03 35.73 -83.37
CA THR E 50 10.37 36.25 -83.57
C THR E 50 11.25 35.85 -82.39
N ASN E 51 12.48 35.42 -82.69
CA ASN E 51 13.39 34.99 -81.64
C ASN E 51 14.82 35.07 -82.14
N ASN E 52 15.76 34.80 -81.24
CA ASN E 52 17.17 34.77 -81.57
C ASN E 52 17.77 33.41 -81.20
N PHE E 53 18.85 33.08 -81.90
CA PHE E 53 19.54 31.81 -81.70
C PHE E 53 21.01 32.03 -82.04
N ALA E 54 21.82 31.03 -81.72
CA ALA E 54 23.16 30.93 -82.29
C ALA E 54 23.08 30.17 -83.61
N GLU E 55 23.61 30.76 -84.68
CA GLU E 55 23.49 30.15 -86.00
C GLU E 55 24.25 28.83 -86.09
N THR E 56 24.96 28.43 -85.05
CA THR E 56 25.40 27.04 -84.90
C THR E 56 24.25 26.14 -84.46
N GLU E 57 23.01 26.64 -84.51
CA GLU E 57 21.82 25.88 -84.18
C GLU E 57 20.76 25.96 -85.29
N LEU E 58 21.15 26.23 -86.53
CA LEU E 58 20.19 26.42 -87.63
C LEU E 58 20.65 25.65 -88.85
N VAL E 59 19.70 25.12 -89.63
CA VAL E 59 20.02 24.41 -90.87
C VAL E 59 18.99 24.78 -91.93
N GLU E 60 19.46 25.03 -93.15
CA GLU E 60 18.53 25.40 -94.22
C GLU E 60 17.87 24.15 -94.80
N ILE E 61 16.91 24.40 -95.68
CA ILE E 61 16.07 23.35 -96.24
C ILE E 61 16.34 23.13 -97.71
N GLU E 62 16.64 24.20 -98.45
CA GLU E 62 16.63 24.19 -99.91
C GLU E 62 18.03 24.36 -100.48
N VAL F 24 -29.55 -17.56 -88.95
CA VAL F 24 -30.86 -17.00 -88.63
C VAL F 24 -31.54 -17.85 -87.58
N GLY F 25 -30.74 -18.54 -86.77
CA GLY F 25 -31.27 -19.44 -85.75
C GLY F 25 -31.64 -18.73 -84.47
N ALA F 26 -31.12 -19.23 -83.35
CA ALA F 26 -31.33 -18.65 -82.02
C ALA F 26 -32.79 -18.69 -81.58
N GLY F 27 -33.61 -19.50 -82.25
CA GLY F 27 -35.01 -19.62 -81.87
C GLY F 27 -35.81 -18.38 -82.22
N LEU F 28 -35.81 -18.01 -83.49
CA LEU F 28 -36.49 -16.82 -83.97
C LEU F 28 -37.45 -17.22 -85.08
N VAL F 29 -38.73 -16.94 -84.88
CA VAL F 29 -39.77 -17.31 -85.83
C VAL F 29 -39.78 -16.31 -86.99
N PRO F 30 -40.13 -16.74 -88.21
CA PRO F 30 -40.23 -15.79 -89.32
C PRO F 30 -41.32 -14.76 -89.05
N CYS F 31 -41.04 -13.51 -89.42
CA CYS F 31 -42.00 -12.45 -89.21
C CYS F 31 -43.25 -12.64 -90.07
N SER F 32 -43.20 -13.50 -91.07
CA SER F 32 -44.40 -13.84 -91.83
C SER F 32 -45.41 -14.57 -90.96
N GLU F 33 -44.97 -15.64 -90.29
CA GLU F 33 -45.87 -16.53 -89.56
C GLU F 33 -45.80 -16.37 -88.05
N SER F 34 -45.18 -15.32 -87.55
CA SER F 34 -45.22 -15.09 -86.10
C SER F 34 -46.61 -14.60 -85.72
N PRO F 35 -47.40 -15.36 -84.96
CA PRO F 35 -48.80 -14.95 -84.71
C PRO F 35 -48.90 -13.57 -84.08
N GLU F 36 -48.10 -13.29 -83.06
CA GLU F 36 -48.18 -11.99 -82.39
C GLU F 36 -47.83 -10.85 -83.34
N PHE F 37 -47.01 -11.13 -84.36
CA PHE F 37 -46.68 -10.09 -85.33
C PHE F 37 -47.93 -9.61 -86.04
N ILE F 38 -48.72 -10.53 -86.61
CA ILE F 38 -49.96 -10.15 -87.27
C ILE F 38 -50.97 -9.64 -86.25
N GLN F 39 -50.90 -10.13 -85.00
CA GLN F 39 -51.78 -9.61 -83.96
C GLN F 39 -51.56 -8.12 -83.77
N ARG F 40 -50.30 -7.70 -83.68
CA ARG F 40 -50.00 -6.27 -83.67
C ARG F 40 -50.42 -5.61 -84.98
N ALA F 41 -50.17 -6.28 -86.10
CA ALA F 41 -50.47 -5.71 -87.41
C ALA F 41 -51.95 -5.36 -87.56
N ALA F 42 -52.83 -6.08 -86.86
CA ALA F 42 -54.26 -5.85 -87.02
C ALA F 42 -54.64 -4.42 -86.66
N SER F 43 -54.42 -4.05 -85.40
CA SER F 43 -54.62 -2.67 -84.95
C SER F 43 -53.34 -1.86 -85.00
N ALA F 44 -52.42 -2.20 -85.90
CA ALA F 44 -51.19 -1.44 -86.04
C ALA F 44 -51.51 0.03 -86.30
N ARG F 45 -51.11 0.88 -85.37
CA ARG F 45 -51.51 2.28 -85.41
C ARG F 45 -50.93 2.95 -86.65
N ASN F 46 -51.79 3.22 -87.63
CA ASN F 46 -51.37 3.85 -88.89
C ASN F 46 -50.87 5.25 -88.58
N THR F 47 -49.55 5.43 -88.66
CA THR F 47 -48.89 6.65 -88.20
C THR F 47 -49.30 7.89 -88.96
N THR F 48 -48.96 7.93 -90.25
CA THR F 48 -49.06 9.16 -91.03
C THR F 48 -50.50 9.39 -91.46
N ALA F 49 -50.71 10.34 -92.38
CA ALA F 49 -52.00 10.76 -92.89
C ALA F 49 -52.60 9.80 -93.90
N ASP F 50 -52.11 8.57 -94.05
CA ASP F 50 -52.66 7.62 -94.99
C ASP F 50 -53.09 6.35 -94.27
N PRO F 51 -54.31 5.87 -94.48
CA PRO F 51 -54.80 4.73 -93.69
C PRO F 51 -54.01 3.46 -93.90
N ASN F 52 -53.33 3.32 -95.04
CA ASN F 52 -52.56 2.10 -95.28
C ASN F 52 -51.17 2.16 -94.66
N SER F 53 -50.82 3.26 -93.99
CA SER F 53 -49.46 3.44 -93.50
C SER F 53 -49.00 2.26 -92.64
N GLY F 54 -49.68 2.01 -91.53
CA GLY F 54 -49.30 0.93 -90.64
C GLY F 54 -49.28 -0.44 -91.30
N GLN F 55 -50.45 -0.87 -91.78
CA GLN F 55 -50.56 -2.19 -92.41
C GLN F 55 -49.47 -2.41 -93.43
N LYS F 56 -49.29 -1.47 -94.36
CA LYS F 56 -48.26 -1.59 -95.38
C LYS F 56 -46.90 -1.90 -94.78
N ARG F 57 -46.50 -1.15 -93.75
CA ARG F 57 -45.16 -1.39 -93.21
C ARG F 57 -45.07 -2.78 -92.61
N PHE F 58 -46.15 -3.24 -91.96
CA PHE F 58 -46.14 -4.60 -91.44
C PHE F 58 -46.01 -5.61 -92.58
N GLU F 59 -46.66 -5.34 -93.70
CA GLU F 59 -46.48 -6.18 -94.88
C GLU F 59 -45.04 -6.14 -95.36
N ARG F 60 -44.40 -4.98 -95.27
CA ARG F 60 -43.00 -4.86 -95.63
C ARG F 60 -42.10 -5.58 -94.63
N TYR F 61 -42.63 -5.96 -93.47
CA TYR F 61 -41.85 -6.63 -92.44
C TYR F 61 -42.13 -8.14 -92.40
N ALA F 62 -42.35 -8.74 -93.56
CA ALA F 62 -42.48 -10.19 -93.65
C ALA F 62 -41.17 -10.85 -94.05
N GLN F 63 -40.24 -10.10 -94.65
CA GLN F 63 -39.00 -10.68 -95.11
C GLN F 63 -38.10 -11.09 -93.93
N GLU F 64 -38.09 -10.30 -92.88
CA GLU F 64 -37.27 -10.62 -91.71
C GLU F 64 -37.96 -11.70 -90.88
N LEU F 65 -37.30 -12.11 -89.80
CA LEU F 65 -37.80 -13.19 -88.96
C LEU F 65 -37.89 -12.70 -87.51
N CYS F 66 -39.09 -12.78 -86.94
CA CYS F 66 -39.40 -12.22 -85.64
C CYS F 66 -38.95 -13.15 -84.52
N GLY F 67 -39.44 -12.89 -83.31
CA GLY F 67 -39.21 -13.76 -82.18
C GLY F 67 -40.37 -13.70 -81.21
N PRO F 68 -40.17 -14.21 -79.98
CA PRO F 68 -41.23 -14.12 -78.98
C PRO F 68 -41.65 -12.69 -78.68
N GLU F 69 -40.72 -11.74 -78.73
CA GLU F 69 -41.05 -10.33 -78.57
C GLU F 69 -41.96 -9.82 -79.69
N GLY F 70 -42.10 -10.58 -80.77
CA GLY F 70 -42.93 -10.16 -81.88
C GLY F 70 -42.32 -9.11 -82.77
N LEU F 71 -41.06 -8.73 -82.54
CA LEU F 71 -40.43 -7.70 -83.34
C LEU F 71 -39.12 -8.21 -83.93
N PRO F 72 -38.74 -7.76 -85.11
CA PRO F 72 -37.69 -8.43 -85.87
C PRO F 72 -36.28 -8.04 -85.44
N HIS F 73 -35.40 -9.03 -85.44
CA HIS F 73 -33.97 -8.83 -85.25
C HIS F 73 -33.28 -8.84 -86.61
N LEU F 74 -32.11 -8.21 -86.67
CA LEU F 74 -31.36 -8.09 -87.92
C LEU F 74 -30.08 -8.92 -87.84
N ILE F 75 -29.87 -9.75 -88.86
CA ILE F 75 -28.68 -10.59 -88.97
C ILE F 75 -27.70 -9.93 -89.93
N VAL F 76 -26.43 -9.91 -89.55
CA VAL F 76 -25.38 -9.25 -90.30
C VAL F 76 -24.27 -10.28 -90.52
N ASP F 77 -24.21 -10.85 -91.72
CA ASP F 77 -23.18 -11.82 -92.06
C ASP F 77 -22.69 -11.76 -93.49
N GLY F 78 -23.22 -10.89 -94.34
CA GLY F 78 -23.15 -11.11 -95.77
C GLY F 78 -24.08 -12.20 -96.26
N ARG F 79 -24.65 -12.98 -95.35
CA ARG F 79 -25.66 -13.98 -95.67
C ARG F 79 -26.83 -13.33 -96.40
N LEU F 80 -27.13 -13.85 -97.59
CA LEU F 80 -28.08 -13.20 -98.49
C LEU F 80 -29.50 -13.22 -97.93
N ASN F 81 -29.70 -13.88 -96.79
CA ASN F 81 -30.97 -13.76 -96.09
C ASN F 81 -31.21 -12.33 -95.64
N HIS F 82 -30.15 -11.65 -95.17
CA HIS F 82 -30.26 -10.27 -94.75
C HIS F 82 -29.05 -9.43 -95.16
N ALA F 83 -28.38 -9.79 -96.27
CA ALA F 83 -27.15 -9.10 -96.66
C ALA F 83 -27.43 -7.64 -97.04
N GLY F 84 -28.31 -7.44 -98.03
CA GLY F 84 -28.59 -6.09 -98.49
C GLY F 84 -29.23 -5.21 -97.44
N ASP F 85 -29.85 -5.80 -96.41
CA ASP F 85 -30.49 -5.01 -95.37
C ASP F 85 -29.49 -4.31 -94.46
N PHE F 86 -28.19 -4.58 -94.62
CA PHE F 86 -27.17 -3.83 -93.89
C PHE F 86 -25.99 -3.39 -94.76
N LEU F 87 -25.74 -4.03 -95.89
CA LEU F 87 -24.51 -3.76 -96.63
C LEU F 87 -24.58 -2.43 -97.37
N ILE F 88 -25.58 -2.27 -98.23
CA ILE F 88 -25.66 -1.07 -99.08
C ILE F 88 -25.83 0.20 -98.26
N PRO F 89 -26.49 0.23 -97.08
CA PRO F 89 -26.47 1.47 -96.30
C PRO F 89 -25.07 1.82 -95.83
N SER F 90 -24.31 0.82 -95.39
CA SER F 90 -22.92 1.04 -95.03
C SER F 90 -22.16 1.67 -96.19
N ILE F 91 -22.30 1.10 -97.38
CA ILE F 91 -21.55 1.61 -98.52
C ILE F 91 -21.99 3.02 -98.89
N LEU F 92 -23.29 3.31 -98.75
CA LEU F 92 -23.77 4.67 -98.99
C LEU F 92 -23.12 5.66 -98.02
N PHE F 93 -23.06 5.29 -96.74
CA PHE F 93 -22.41 6.17 -95.77
C PHE F 93 -20.95 6.38 -96.15
N LEU F 94 -20.27 5.32 -96.56
CA LEU F 94 -18.87 5.47 -96.96
C LEU F 94 -18.75 6.42 -98.14
N TYR F 95 -19.64 6.28 -99.13
CA TYR F 95 -19.67 7.22 -100.26
C TYR F 95 -19.74 8.66 -99.78
N ILE F 96 -20.77 8.98 -98.99
CA ILE F 96 -21.02 10.37 -98.65
C ILE F 96 -19.95 10.91 -97.72
N ALA F 97 -19.49 10.10 -96.77
CA ALA F 97 -18.42 10.53 -95.88
C ALA F 97 -17.14 10.82 -96.65
N GLY F 98 -16.79 9.93 -97.58
CA GLY F 98 -15.65 10.20 -98.43
C GLY F 98 -15.81 11.50 -99.20
N TRP F 99 -16.99 11.72 -99.78
CA TRP F 99 -17.21 12.96 -100.53
C TRP F 99 -16.97 14.18 -99.65
N ILE F 100 -17.62 14.22 -98.48
CA ILE F 100 -17.55 15.43 -97.66
C ILE F 100 -16.12 15.65 -97.15
N GLY F 101 -15.48 14.60 -96.65
CA GLY F 101 -14.10 14.75 -96.20
C GLY F 101 -13.19 15.21 -97.32
N TRP F 102 -13.37 14.64 -98.52
CA TRP F 102 -12.52 14.97 -99.65
C TRP F 102 -12.67 16.43 -100.03
N VAL F 103 -13.91 16.91 -100.15
CA VAL F 103 -14.13 18.28 -100.57
C VAL F 103 -13.65 19.25 -99.50
N GLY F 104 -13.81 18.89 -98.21
CA GLY F 104 -13.31 19.76 -97.16
C GLY F 104 -11.80 19.89 -97.21
N ARG F 105 -11.09 18.76 -97.30
CA ARG F 105 -9.63 18.80 -97.38
C ARG F 105 -9.18 19.57 -98.61
N ALA F 106 -9.86 19.37 -99.74
CA ALA F 106 -9.48 20.06 -100.96
C ALA F 106 -9.64 21.57 -100.82
N TYR F 107 -10.78 22.00 -100.27
CA TYR F 107 -10.99 23.42 -100.03
C TYR F 107 -9.89 23.98 -99.15
N LEU F 108 -9.57 23.29 -98.06
CA LEU F 108 -8.54 23.77 -97.14
C LEU F 108 -7.21 23.92 -97.87
N GLN F 109 -6.80 22.88 -98.60
CA GLN F 109 -5.57 22.96 -99.38
C GLN F 109 -5.59 24.15 -100.33
N GLU F 110 -6.74 24.41 -100.95
CA GLU F 110 -6.82 25.48 -101.93
C GLU F 110 -6.66 26.85 -101.29
N ILE F 111 -7.30 27.07 -100.14
CA ILE F 111 -7.32 28.40 -99.53
C ILE F 111 -5.90 28.92 -99.35
N LYS F 112 -4.98 28.06 -98.93
CA LYS F 112 -3.65 28.51 -98.51
C LYS F 112 -2.86 29.13 -99.67
N LYS F 113 -3.22 28.84 -100.91
CA LYS F 113 -2.57 29.49 -102.05
C LYS F 113 -3.28 30.79 -102.42
N ARG F 114 -3.53 31.62 -101.40
CA ARG F 114 -4.10 32.95 -101.61
C ARG F 114 -3.45 34.04 -100.78
N ASP F 115 -2.69 33.71 -99.74
CA ASP F 115 -2.06 34.68 -98.85
C ASP F 115 -3.07 35.62 -98.19
N ASN F 116 -4.34 35.24 -98.19
CA ASN F 116 -5.40 35.88 -97.42
C ASN F 116 -5.99 34.86 -96.46
N THR F 117 -5.12 34.11 -95.79
CA THR F 117 -5.51 32.83 -95.20
C THR F 117 -6.64 32.97 -94.20
N GLU F 118 -6.38 33.66 -93.09
CA GLU F 118 -7.36 33.76 -92.01
C GLU F 118 -8.37 34.88 -92.21
N LEU F 119 -8.13 35.77 -93.16
CA LEU F 119 -9.19 36.67 -93.59
C LEU F 119 -10.38 35.89 -94.13
N ARG F 120 -10.13 34.97 -95.06
CA ARG F 120 -11.18 34.18 -95.66
C ARG F 120 -11.55 32.94 -94.85
N GLU F 121 -10.91 32.72 -93.71
CA GLU F 121 -11.23 31.54 -92.92
C GLU F 121 -12.66 31.59 -92.41
N VAL F 122 -13.22 32.79 -92.26
CA VAL F 122 -14.59 32.95 -91.83
C VAL F 122 -15.49 33.44 -92.96
N ILE F 123 -14.95 34.12 -93.96
CA ILE F 123 -15.70 34.59 -95.12
C ILE F 123 -15.48 33.56 -96.22
N ILE F 124 -16.51 32.78 -96.51
CA ILE F 124 -16.41 31.76 -97.55
C ILE F 124 -16.44 32.42 -98.93
N ASP F 125 -15.49 32.03 -99.78
CA ASP F 125 -15.45 32.51 -101.16
C ASP F 125 -16.36 31.62 -101.99
N VAL F 126 -17.63 32.01 -102.08
CA VAL F 126 -18.63 31.18 -102.74
C VAL F 126 -18.27 30.88 -104.20
N PRO F 127 -17.94 31.87 -105.04
CA PRO F 127 -17.60 31.53 -106.44
C PRO F 127 -16.47 30.54 -106.59
N THR F 128 -15.66 30.34 -105.55
CA THR F 128 -14.66 29.28 -105.56
C THR F 128 -15.07 28.08 -104.73
N ALA F 129 -15.82 28.29 -103.65
CA ALA F 129 -16.29 27.17 -102.83
C ALA F 129 -17.27 26.28 -103.58
N LEU F 130 -17.97 26.81 -104.58
CA LEU F 130 -18.93 25.99 -105.32
C LEU F 130 -18.24 24.91 -106.14
N PRO F 131 -17.39 25.23 -107.13
CA PRO F 131 -16.89 24.17 -108.01
C PRO F 131 -16.15 23.06 -107.29
N LEU F 132 -15.48 23.37 -106.17
CA LEU F 132 -14.85 22.32 -105.38
C LEU F 132 -15.89 21.33 -104.88
N MET F 133 -17.00 21.84 -104.33
CA MET F 133 -18.10 20.97 -103.93
C MET F 133 -18.63 20.18 -105.11
N LEU F 134 -18.83 20.85 -106.24
CA LEU F 134 -19.39 20.20 -107.41
C LEU F 134 -18.44 19.17 -108.01
N SER F 135 -17.15 19.24 -107.68
CA SER F 135 -16.14 18.38 -108.30
C SER F 135 -15.67 17.27 -107.35
N GLY F 136 -16.57 16.72 -106.55
CA GLY F 136 -16.22 15.60 -105.69
C GLY F 136 -16.73 14.29 -106.25
N PHE F 137 -16.98 14.26 -107.56
CA PHE F 137 -17.69 13.14 -108.17
C PHE F 137 -16.89 11.84 -108.07
N THR F 138 -15.59 11.90 -108.31
CA THR F 138 -14.78 10.69 -108.40
C THR F 138 -13.74 10.66 -107.28
N TRP F 139 -14.18 10.97 -106.05
CA TRP F 139 -13.25 10.99 -104.92
C TRP F 139 -12.53 9.66 -104.66
N PRO F 140 -13.19 8.47 -104.70
CA PRO F 140 -12.49 7.25 -104.25
C PRO F 140 -11.25 6.93 -105.08
N LEU F 141 -11.43 6.72 -106.38
CA LEU F 141 -10.31 6.26 -107.19
C LEU F 141 -9.23 7.33 -107.30
N ALA F 142 -9.63 8.60 -107.40
CA ALA F 142 -8.65 9.68 -107.35
C ALA F 142 -7.82 9.60 -106.07
N ALA F 143 -8.50 9.38 -104.94
CA ALA F 143 -7.77 9.20 -103.69
C ALA F 143 -6.82 8.02 -103.78
N VAL F 144 -7.28 6.92 -104.40
CA VAL F 144 -6.41 5.77 -104.60
C VAL F 144 -5.15 6.20 -105.33
N LYS F 145 -5.30 7.03 -106.37
CA LYS F 145 -4.15 7.52 -107.10
C LYS F 145 -3.21 8.28 -106.17
N GLU F 146 -3.76 9.19 -105.37
CA GLU F 146 -2.92 9.94 -104.45
C GLU F 146 -2.25 9.04 -103.43
N LEU F 147 -2.85 7.88 -103.17
CA LEU F 147 -2.20 6.87 -102.34
C LEU F 147 -0.99 6.29 -103.06
N LEU F 148 -1.18 5.87 -104.31
CA LEU F 148 -0.08 5.24 -105.05
C LEU F 148 0.99 6.27 -105.38
N SER F 149 0.59 7.47 -105.78
CA SER F 149 1.55 8.55 -105.96
C SER F 149 2.14 9.02 -104.63
N GLY F 150 1.53 8.63 -103.52
CA GLY F 150 1.98 9.13 -102.23
C GLY F 150 1.68 10.60 -102.01
N GLU F 151 0.53 11.06 -102.50
CA GLU F 151 0.12 12.46 -102.39
C GLU F 151 -0.87 12.67 -101.25
N LEU F 152 -0.72 11.94 -100.16
CA LEU F 152 -1.66 12.04 -99.05
C LEU F 152 -0.99 12.17 -97.69
N VAL F 153 0.33 11.98 -97.59
CA VAL F 153 1.03 12.01 -96.31
C VAL F 153 2.31 12.83 -96.46
N ALA F 154 2.66 13.56 -95.42
CA ALA F 154 3.95 14.23 -95.31
C ALA F 154 4.84 13.42 -94.38
N LYS F 155 6.13 13.73 -94.40
CA LYS F 155 7.14 12.88 -93.79
C LYS F 155 7.32 13.17 -92.30
N ASP F 156 7.37 12.09 -91.51
CA ASP F 156 7.48 12.13 -90.06
C ASP F 156 8.30 13.31 -89.54
N ASP F 157 9.43 13.61 -90.17
CA ASP F 157 10.28 14.70 -89.75
C ASP F 157 10.02 16.00 -90.50
N GLU F 158 9.53 15.93 -91.73
CA GLU F 158 9.12 17.14 -92.43
C GLU F 158 7.96 17.79 -91.70
N ILE F 159 6.97 17.01 -91.28
CA ILE F 159 5.95 17.55 -90.39
C ILE F 159 6.66 17.92 -89.12
N PRO F 160 6.68 19.20 -88.79
CA PRO F 160 7.56 19.70 -87.73
C PRO F 160 6.85 19.84 -86.39
N VAL F 161 5.65 19.30 -86.28
CA VAL F 161 4.87 19.47 -85.07
C VAL F 161 5.57 18.71 -83.94
N SER F 162 6.24 19.46 -83.09
CA SER F 162 7.13 18.88 -82.11
C SER F 162 6.35 18.14 -81.03
N PRO F 163 6.63 16.87 -80.80
CA PRO F 163 6.09 16.20 -79.61
C PRO F 163 6.98 16.46 -78.40
N ARG F 164 6.68 15.79 -77.28
CA ARG F 164 7.45 15.88 -76.04
C ARG F 164 7.29 17.23 -75.35
N MET G 1 -29.33 -14.90 -21.81
CA MET G 1 -28.20 -14.82 -22.72
C MET G 1 -27.59 -16.20 -23.02
N PHE G 2 -26.35 -16.41 -22.62
CA PHE G 2 -25.62 -17.63 -22.92
C PHE G 2 -24.71 -17.97 -21.74
N SER G 3 -23.76 -18.87 -21.98
CA SER G 3 -22.94 -19.44 -20.93
C SER G 3 -21.81 -18.53 -20.47
N ALA G 4 -21.62 -17.38 -21.10
CA ALA G 4 -20.61 -16.44 -20.65
C ALA G 4 -21.18 -15.59 -19.52
N SER G 5 -20.35 -14.73 -18.96
CA SER G 5 -20.74 -13.91 -17.83
C SER G 5 -21.17 -12.53 -18.32
N PHE G 6 -21.32 -11.62 -17.36
CA PHE G 6 -21.84 -10.28 -17.64
C PHE G 6 -21.02 -9.53 -18.67
N LEU G 7 -19.75 -9.90 -18.85
CA LEU G 7 -18.76 -9.05 -19.53
C LEU G 7 -19.29 -8.21 -20.68
N PRO G 8 -20.01 -8.76 -21.67
CA PRO G 8 -20.50 -7.91 -22.76
C PRO G 8 -21.47 -6.83 -22.29
N SER G 9 -21.89 -6.85 -21.02
CA SER G 9 -22.75 -5.78 -20.52
C SER G 9 -21.96 -4.50 -20.36
N ILE G 10 -20.92 -4.52 -19.52
CA ILE G 10 -20.06 -3.36 -19.31
C ILE G 10 -18.61 -3.80 -19.52
N LEU G 11 -18.15 -3.73 -20.77
CA LEU G 11 -16.75 -3.54 -21.07
C LEU G 11 -16.55 -2.67 -22.30
N VAL G 12 -17.64 -2.18 -22.90
CA VAL G 12 -17.58 -1.27 -24.04
C VAL G 12 -17.29 0.16 -23.63
N PRO G 13 -17.80 0.69 -22.48
CA PRO G 13 -17.71 2.15 -22.28
C PRO G 13 -16.28 2.62 -22.13
N LEU G 14 -15.49 1.92 -21.32
CA LEU G 14 -14.10 2.31 -21.13
C LEU G 14 -13.34 2.26 -22.44
N THR G 15 -13.52 1.19 -23.22
CA THR G 15 -12.94 1.16 -24.56
C THR G 15 -13.59 2.20 -25.45
N GLY G 16 -14.90 2.42 -25.26
CA GLY G 16 -15.59 3.40 -26.08
C GLY G 16 -15.23 4.82 -25.72
N LEU G 17 -15.12 5.12 -24.42
CA LEU G 17 -14.98 6.50 -23.98
C LEU G 17 -13.65 6.79 -23.31
N VAL G 18 -13.27 6.08 -22.25
CA VAL G 18 -12.18 6.58 -21.43
C VAL G 18 -10.84 6.32 -22.10
N PHE G 19 -10.67 5.16 -22.74
CA PHE G 19 -9.42 4.90 -23.43
C PHE G 19 -9.19 5.90 -24.56
N PRO G 20 -10.17 6.23 -25.40
CA PRO G 20 -9.97 7.38 -26.30
C PRO G 20 -9.59 8.65 -25.57
N ALA G 21 -10.20 8.88 -24.40
CA ALA G 21 -9.90 10.10 -23.66
C ALA G 21 -8.43 10.20 -23.32
N ILE G 22 -7.90 9.20 -22.62
CA ILE G 22 -6.49 9.23 -22.27
C ILE G 22 -5.63 9.23 -23.52
N ALA G 23 -6.05 8.49 -24.56
CA ALA G 23 -5.29 8.48 -25.81
C ALA G 23 -5.08 9.90 -26.31
N MET G 24 -6.18 10.63 -26.52
CA MET G 24 -6.06 11.96 -27.09
C MET G 24 -5.39 12.94 -26.13
N ALA G 25 -5.61 12.79 -24.82
CA ALA G 25 -4.95 13.67 -23.87
C ALA G 25 -3.43 13.52 -23.94
N LEU G 26 -2.97 12.28 -23.77
CA LEU G 26 -1.54 12.00 -23.89
C LEU G 26 -1.01 12.46 -25.23
N LEU G 27 -1.79 12.26 -26.29
CA LEU G 27 -1.34 12.65 -27.62
C LEU G 27 -1.12 14.15 -27.71
N LEU G 28 -2.11 14.92 -27.23
CA LEU G 28 -2.01 16.37 -27.27
C LEU G 28 -0.82 16.86 -26.46
N ILE G 29 -0.66 16.34 -25.24
CA ILE G 29 0.49 16.80 -24.47
C ILE G 29 1.78 16.33 -25.11
N TYR G 30 1.73 15.28 -25.93
CA TYR G 30 2.93 14.86 -26.65
C TYR G 30 3.27 15.83 -27.78
N VAL G 31 2.27 16.40 -28.43
CA VAL G 31 2.52 17.19 -29.63
C VAL G 31 2.93 18.62 -29.26
N GLU G 32 3.19 18.86 -27.97
CA GLU G 32 3.66 20.15 -27.50
C GLU G 32 4.98 20.06 -26.73
N ARG G 33 5.65 18.91 -26.79
CA ARG G 33 6.76 18.61 -25.89
C ARG G 33 7.92 19.60 -26.08
N GLU G 34 8.73 19.71 -25.03
CA GLU G 34 9.93 20.55 -25.03
C GLU G 34 11.06 19.81 -25.75
N ASP G 35 12.28 20.34 -25.63
CA ASP G 35 13.42 19.78 -26.32
C ASP G 35 14.55 19.44 -25.35
N PRO G 36 15.33 18.40 -25.63
CA PRO G 36 15.15 17.49 -26.77
C PRO G 36 14.52 16.15 -26.39
N SER G 37 13.98 16.04 -25.18
CA SER G 37 13.38 14.82 -24.67
C SER G 37 11.87 14.81 -24.92
N GLY G 38 11.30 13.61 -24.95
CA GLY G 38 9.88 13.45 -25.13
C GLY G 38 9.35 12.04 -24.93
N ILE G 39 8.29 11.91 -24.14
CA ILE G 39 7.64 10.62 -23.92
C ILE G 39 6.13 10.81 -24.01
N GLN H 8 -27.02 47.07 -104.02
CA GLN H 8 -26.21 46.36 -105.02
C GLN H 8 -26.11 44.88 -104.67
N ASN H 9 -25.23 44.18 -105.37
CA ASN H 9 -24.92 42.78 -105.04
C ASN H 9 -23.85 42.67 -103.97
N TYR H 10 -23.41 43.79 -103.38
CA TYR H 10 -22.42 43.75 -102.32
C TYR H 10 -22.96 43.11 -101.05
N LEU H 11 -24.28 42.93 -100.96
CA LEU H 11 -24.89 42.37 -99.75
C LEU H 11 -24.29 41.03 -99.38
N LEU H 12 -23.95 40.20 -100.38
CA LEU H 12 -23.40 38.90 -100.07
C LEU H 12 -22.00 39.05 -99.46
N ARG H 13 -21.23 40.03 -99.93
CA ARG H 13 -20.00 40.43 -99.27
C ARG H 13 -20.18 40.65 -97.78
N TYR H 14 -21.38 41.00 -97.34
CA TYR H 14 -21.68 41.28 -95.96
C TYR H 14 -22.71 40.31 -95.41
N LEU H 15 -23.20 39.39 -96.24
CA LEU H 15 -24.02 38.28 -95.76
C LEU H 15 -23.20 37.02 -95.56
N SER H 16 -22.14 36.83 -96.35
CA SER H 16 -21.23 35.70 -96.17
C SER H 16 -20.41 35.96 -94.92
N LEU H 17 -20.85 35.41 -93.80
CA LEU H 17 -20.16 35.53 -92.53
C LEU H 17 -19.70 34.21 -91.94
N GLY H 18 -20.23 33.08 -92.44
CA GLY H 18 -20.10 31.80 -91.79
C GLY H 18 -21.30 31.43 -90.94
N PRO H 19 -21.51 32.07 -89.79
CA PRO H 19 -22.67 31.72 -88.96
C PRO H 19 -23.99 31.75 -89.72
N VAL H 20 -24.34 32.87 -90.35
CA VAL H 20 -25.55 32.91 -91.18
C VAL H 20 -25.47 31.84 -92.26
N LEU H 21 -24.26 31.61 -92.80
CA LEU H 21 -24.09 30.55 -93.78
C LEU H 21 -24.23 29.17 -93.15
N LEU H 22 -23.82 29.02 -91.88
CA LEU H 22 -24.02 27.76 -91.20
C LEU H 22 -25.49 27.39 -91.22
N PHE H 23 -26.33 28.21 -90.57
CA PHE H 23 -27.75 27.93 -90.47
C PHE H 23 -28.36 27.73 -91.85
N ALA H 24 -27.90 28.48 -92.84
CA ALA H 24 -28.40 28.31 -94.20
C ALA H 24 -28.16 26.89 -94.69
N TRP H 25 -26.90 26.45 -94.63
CA TRP H 25 -26.55 25.12 -95.11
C TRP H 25 -27.27 24.04 -94.29
N LEU H 26 -27.36 24.24 -92.98
CA LEU H 26 -27.98 23.24 -92.11
C LEU H 26 -29.47 23.11 -92.41
N SER H 27 -30.16 24.24 -92.62
CA SER H 27 -31.57 24.19 -92.96
C SER H 27 -31.78 23.60 -94.34
N PHE H 28 -30.90 23.91 -95.29
CA PHE H 28 -30.95 23.27 -96.60
C PHE H 28 -30.90 21.76 -96.46
N THR H 29 -29.87 21.27 -95.75
CA THR H 29 -29.74 19.83 -95.54
C THR H 29 -30.94 19.27 -94.77
N ALA H 30 -31.52 20.06 -93.88
CA ALA H 30 -32.65 19.58 -93.09
C ALA H 30 -33.88 19.36 -93.96
N VAL H 31 -34.24 20.36 -94.75
CA VAL H 31 -35.38 20.18 -95.65
C VAL H 31 -35.07 19.12 -96.69
N LEU H 32 -33.79 18.99 -97.07
CA LEU H 32 -33.34 17.87 -97.89
C LEU H 32 -33.76 16.55 -97.26
N LEU H 33 -33.34 16.32 -96.02
CA LEU H 33 -33.69 15.10 -95.30
C LEU H 33 -35.20 14.96 -95.15
N ILE H 34 -35.92 16.07 -95.07
CA ILE H 34 -37.37 16.02 -94.88
C ILE H 34 -38.05 15.48 -96.13
N VAL H 35 -37.72 16.03 -97.30
CA VAL H 35 -38.51 15.73 -98.50
C VAL H 35 -38.47 14.24 -98.82
N PHE H 36 -37.30 13.60 -98.66
CA PHE H 36 -37.23 12.15 -98.86
C PHE H 36 -38.00 11.42 -97.77
N ASN H 37 -37.99 11.96 -96.56
CA ASN H 37 -38.84 11.45 -95.50
C ASN H 37 -40.28 11.96 -95.64
N TYR H 38 -40.51 12.95 -96.50
CA TYR H 38 -41.85 13.46 -96.75
C TYR H 38 -42.50 12.83 -97.96
N LEU H 39 -41.71 12.39 -98.95
CA LEU H 39 -42.25 11.86 -100.19
C LEU H 39 -42.39 10.35 -100.19
N TYR H 40 -41.36 9.64 -99.72
CA TYR H 40 -41.42 8.17 -99.64
C TYR H 40 -40.92 7.70 -98.27
N PRO H 41 -41.65 8.02 -97.19
CA PRO H 41 -41.27 7.45 -95.89
C PRO H 41 -41.88 6.08 -95.71
N ASP H 42 -41.84 5.26 -96.75
CA ASP H 42 -42.54 3.99 -96.77
C ASP H 42 -41.69 2.93 -97.46
N LEU H 43 -40.37 3.04 -97.31
CA LEU H 43 -39.45 2.07 -97.91
C LEU H 43 -38.55 1.53 -96.80
N LEU H 44 -38.75 0.28 -96.42
CA LEU H 44 -37.89 -0.40 -95.45
C LEU H 44 -37.59 -1.83 -95.90
N ILE I 29 -69.41 75.89 -49.52
CA ILE I 29 -69.44 76.92 -50.54
C ILE I 29 -68.04 77.46 -50.81
N GLY I 30 -67.82 78.00 -52.01
CA GLY I 30 -66.50 78.43 -52.44
C GLY I 30 -65.90 79.52 -51.56
N ALA I 31 -66.74 80.23 -50.81
CA ALA I 31 -66.25 81.27 -49.90
C ALA I 31 -65.10 80.74 -49.06
N SER I 32 -65.37 79.72 -48.23
CA SER I 32 -64.33 79.12 -47.41
C SER I 32 -63.06 78.79 -48.19
N LEU I 33 -63.24 78.37 -49.45
CA LEU I 33 -62.09 78.04 -50.28
C LEU I 33 -61.17 79.24 -50.47
N VAL I 34 -61.73 80.35 -50.95
CA VAL I 34 -60.92 81.55 -51.14
C VAL I 34 -60.41 82.08 -49.81
N ILE I 35 -61.19 81.92 -48.74
CA ILE I 35 -60.77 82.37 -47.42
C ILE I 35 -59.48 81.69 -47.01
N LEU I 36 -59.50 80.36 -46.96
CA LEU I 36 -58.32 79.61 -46.57
C LEU I 36 -57.17 79.83 -47.56
N PHE I 37 -57.50 79.97 -48.85
CA PHE I 37 -56.46 80.24 -49.85
C PHE I 37 -55.68 81.49 -49.50
N ILE I 38 -56.38 82.62 -49.37
CA ILE I 38 -55.66 83.87 -49.13
C ILE I 38 -55.05 83.87 -47.75
N ALA I 39 -55.68 83.18 -46.79
CA ALA I 39 -55.09 83.03 -45.46
C ALA I 39 -53.72 82.36 -45.56
N SER I 40 -53.59 81.37 -46.44
CA SER I 40 -52.33 80.69 -46.62
C SER I 40 -51.36 81.44 -47.54
N ARG I 41 -51.88 82.28 -48.43
CA ARG I 41 -51.04 82.89 -49.47
C ARG I 41 -50.64 84.32 -49.18
N THR I 42 -51.60 85.23 -49.03
CA THR I 42 -51.30 86.66 -49.11
C THR I 42 -51.34 87.38 -47.77
N ILE I 43 -52.28 87.05 -46.89
CA ILE I 43 -52.33 87.71 -45.59
C ILE I 43 -51.15 87.35 -44.72
N ARG I 44 -50.33 86.39 -45.14
CA ARG I 44 -49.18 85.91 -44.38
C ARG I 44 -47.93 85.94 -45.26
N PHE I 45 -46.84 85.46 -44.69
CA PHE I 45 -45.58 85.28 -45.42
C PHE I 45 -45.22 83.80 -45.43
N PRO I 46 -45.47 83.09 -46.52
CA PRO I 46 -44.99 81.71 -46.62
C PRO I 46 -43.48 81.65 -46.84
N GLN I 47 -42.84 80.62 -46.28
CA GLN I 47 -41.45 80.36 -46.64
C GLN I 47 -41.34 79.49 -47.88
N VAL I 48 -42.37 79.49 -48.71
CA VAL I 48 -42.55 78.45 -49.71
C VAL I 48 -41.35 78.41 -50.64
N GLY I 49 -40.53 77.37 -50.49
CA GLY I 49 -39.33 77.19 -51.27
C GLY I 49 -38.50 78.45 -51.36
N PRO I 50 -38.23 78.90 -52.59
CA PRO I 50 -37.50 80.15 -52.79
C PRO I 50 -38.33 81.41 -52.59
N LYS I 51 -39.51 81.29 -51.97
CA LYS I 51 -40.33 82.42 -51.55
C LYS I 51 -40.83 83.25 -52.73
N MET I 52 -40.78 82.70 -53.93
CA MET I 52 -41.08 83.48 -55.13
C MET I 52 -42.55 83.87 -55.18
N PRO I 53 -42.89 85.16 -55.09
CA PRO I 53 -44.29 85.57 -55.22
C PRO I 53 -44.69 85.98 -56.63
N LEU I 54 -43.74 86.12 -57.55
CA LEU I 54 -44.01 86.54 -58.91
C LEU I 54 -43.31 85.61 -59.89
N PRO I 55 -43.79 84.37 -60.05
CA PRO I 55 -43.44 83.61 -61.25
C PRO I 55 -44.14 84.21 -62.46
N PHE I 56 -45.43 84.48 -62.31
CA PHE I 56 -46.23 85.23 -63.26
C PHE I 56 -47.44 85.82 -62.52
N PRO I 57 -47.60 87.14 -62.47
CA PRO I 57 -48.63 87.74 -61.64
C PRO I 57 -49.97 87.92 -62.37
N ALA I 58 -51.00 88.08 -61.56
CA ALA I 58 -52.36 88.39 -62.01
C ALA I 58 -52.92 89.51 -61.14
N LEU I 59 -54.23 89.78 -61.25
CA LEU I 59 -54.84 90.84 -60.45
C LEU I 59 -56.25 90.46 -60.07
N PHE I 60 -56.55 90.41 -58.78
CA PHE I 60 -57.93 90.43 -58.31
C PHE I 60 -58.21 91.66 -57.45
N ASN I 61 -57.55 91.80 -56.31
CA ASN I 61 -57.52 93.03 -55.54
C ASN I 61 -56.10 93.52 -55.29
N ASN I 62 -55.26 92.68 -54.71
CA ASN I 62 -53.85 92.95 -54.45
C ASN I 62 -53.13 91.63 -54.20
N PRO I 63 -52.97 90.79 -55.21
CA PRO I 63 -52.34 89.47 -54.99
C PRO I 63 -50.85 89.44 -55.29
N SER I 64 -50.22 88.31 -54.97
CA SER I 64 -48.88 87.97 -55.43
C SER I 64 -48.99 86.61 -56.10
N VAL I 65 -48.99 86.59 -57.43
CA VAL I 65 -49.52 85.48 -58.21
C VAL I 65 -48.38 84.74 -58.91
N GLY I 66 -48.62 83.45 -59.18
CA GLY I 66 -47.69 82.60 -59.87
C GLY I 66 -47.69 81.22 -59.26
N THR I 67 -47.95 81.17 -57.96
CA THR I 67 -48.22 79.95 -57.23
C THR I 67 -49.64 79.91 -56.70
N VAL I 68 -50.38 81.01 -56.83
CA VAL I 68 -51.73 81.09 -56.28
C VAL I 68 -52.63 80.06 -56.91
N LEU I 69 -52.34 79.63 -58.14
CA LEU I 69 -53.15 78.60 -58.76
C LEU I 69 -53.06 77.29 -57.99
N GLY I 70 -51.85 76.88 -57.63
CA GLY I 70 -51.70 75.66 -56.85
C GLY I 70 -52.27 75.82 -55.45
N SER I 71 -52.04 76.97 -54.82
CA SER I 71 -52.62 77.19 -53.50
C SER I 71 -54.15 77.08 -53.57
N VAL I 72 -54.75 77.68 -54.60
CA VAL I 72 -56.19 77.63 -54.79
C VAL I 72 -56.65 76.19 -54.98
N SER I 73 -55.89 75.40 -55.73
CA SER I 73 -56.33 74.03 -56.01
C SER I 73 -56.27 73.16 -54.77
N LEU I 74 -55.22 73.29 -53.96
CA LEU I 74 -55.30 72.53 -52.72
C LEU I 74 -56.38 73.11 -51.82
N GLY I 75 -56.66 74.41 -51.91
CA GLY I 75 -57.81 74.94 -51.24
C GLY I 75 -59.08 74.20 -51.61
N HIS I 76 -59.24 73.96 -52.92
CA HIS I 76 -60.30 73.07 -53.39
C HIS I 76 -60.29 71.77 -52.62
N ILE I 77 -59.11 71.17 -52.46
CA ILE I 77 -59.03 69.85 -51.81
C ILE I 77 -59.46 69.92 -50.35
N VAL I 78 -58.91 70.87 -49.59
CA VAL I 78 -59.27 70.94 -48.17
C VAL I 78 -60.75 71.26 -48.02
N GLY I 79 -61.31 72.07 -48.91
CA GLY I 79 -62.74 72.27 -48.87
C GLY I 79 -63.52 71.00 -49.15
N ILE I 80 -63.01 70.17 -50.07
CA ILE I 80 -63.64 68.88 -50.35
C ILE I 80 -63.66 68.02 -49.10
N GLY I 81 -62.52 67.96 -48.41
CA GLY I 81 -62.45 67.20 -47.17
C GLY I 81 -63.40 67.74 -46.11
N ILE I 82 -63.46 69.07 -46.00
CA ILE I 82 -64.38 69.69 -45.05
C ILE I 82 -65.82 69.32 -45.37
N ILE I 83 -66.19 69.33 -46.64
CA ILE I 83 -67.59 69.13 -47.00
C ILE I 83 -68.00 67.66 -46.84
N LEU I 84 -67.12 66.74 -47.19
CA LEU I 84 -67.48 65.35 -46.87
C LEU I 84 -67.19 64.98 -45.42
N GLY I 85 -66.64 65.89 -44.62
CA GLY I 85 -66.77 65.77 -43.19
C GLY I 85 -68.17 66.21 -42.78
N LEU I 86 -68.62 67.31 -43.38
CA LEU I 86 -69.95 67.86 -43.16
C LEU I 86 -71.05 66.97 -43.74
N ASN I 87 -70.67 65.94 -44.49
CA ASN I 87 -71.57 65.04 -45.21
C ASN I 87 -72.87 64.74 -44.48
N ASN I 88 -72.79 64.49 -43.16
CA ASN I 88 -73.99 64.14 -42.40
C ASN I 88 -75.05 65.22 -42.53
N LEU I 89 -74.74 66.43 -42.07
CA LEU I 89 -75.60 67.59 -42.27
C LEU I 89 -74.84 68.83 -41.84
N GLY I 90 -75.17 69.96 -42.46
CA GLY I 90 -74.50 71.20 -42.12
C GLY I 90 -74.96 72.39 -42.94
N ILE I 91 -74.01 73.19 -43.41
CA ILE I 91 -74.33 74.38 -44.19
C ILE I 91 -74.58 73.98 -45.63
N LEU I 92 -75.85 73.72 -45.97
CA LEU I 92 -76.29 73.52 -47.34
C LEU I 92 -77.40 74.49 -47.71
N LYS I 93 -77.76 75.37 -46.78
CA LYS I 93 -79.08 76.00 -46.78
C LYS I 93 -79.03 77.47 -46.38
N PRO J 23 -12.39 58.44 -30.24
CA PRO J 23 -11.42 58.40 -29.15
C PRO J 23 -11.12 56.97 -28.69
N SER J 24 -10.20 56.30 -29.37
CA SER J 24 -9.87 54.92 -29.05
C SER J 24 -9.13 54.84 -27.71
N ARG J 25 -8.78 53.61 -27.33
CA ARG J 25 -8.15 53.39 -26.03
C ARG J 25 -6.79 54.07 -25.95
N ARG J 26 -5.96 53.87 -26.96
CA ARG J 26 -4.66 54.55 -27.03
C ARG J 26 -4.34 55.15 -28.40
N ASP J 27 -4.99 54.71 -29.46
CA ASP J 27 -4.70 55.21 -30.80
C ASP J 27 -5.89 54.97 -31.71
N PRO J 28 -6.41 56.01 -32.37
CA PRO J 28 -7.63 55.84 -33.18
C PRO J 28 -7.42 54.96 -34.40
N GLN J 29 -6.18 54.60 -34.74
CA GLN J 29 -5.92 53.73 -35.87
C GLN J 29 -5.87 52.25 -35.51
N ILE J 30 -5.92 51.91 -34.23
CA ILE J 30 -5.89 50.51 -33.80
C ILE J 30 -7.25 49.89 -34.09
N GLY J 31 -7.26 48.56 -34.21
CA GLY J 31 -8.49 47.86 -34.52
C GLY J 31 -9.45 47.72 -33.35
N ASN J 32 -9.77 48.84 -32.70
CA ASN J 32 -10.67 48.85 -31.58
C ASN J 32 -11.52 50.11 -31.67
N LEU J 33 -12.71 50.07 -31.08
CA LEU J 33 -13.64 51.18 -31.16
C LEU J 33 -14.22 51.49 -29.80
N GLU J 34 -14.53 52.76 -29.58
CA GLU J 34 -15.07 53.25 -28.32
C GLU J 34 -16.60 53.28 -28.34
N THR J 35 -17.21 52.18 -28.75
CA THR J 35 -18.66 52.13 -28.79
C THR J 35 -19.20 51.99 -27.37
N PRO J 36 -20.33 52.62 -27.07
CA PRO J 36 -20.80 52.65 -25.68
C PRO J 36 -21.42 51.33 -25.24
N ILE J 37 -20.77 50.22 -25.59
CA ILE J 37 -21.09 48.92 -25.03
C ILE J 37 -19.88 48.21 -24.45
N ASN J 38 -18.67 48.51 -24.90
CA ASN J 38 -17.47 47.93 -24.32
C ASN J 38 -16.69 48.93 -23.48
N ASN J 39 -17.17 50.17 -23.34
CA ASN J 39 -16.52 51.12 -22.45
C ASN J 39 -17.54 51.96 -21.69
N SER J 40 -18.71 51.39 -21.40
CA SER J 40 -19.70 52.06 -20.58
C SER J 40 -19.38 51.83 -19.10
N SER J 41 -19.54 52.89 -18.30
CA SER J 41 -19.15 52.81 -16.89
C SER J 41 -19.90 51.71 -16.17
N LEU J 42 -21.20 51.59 -16.43
CA LEU J 42 -21.98 50.51 -15.85
C LEU J 42 -21.35 49.16 -16.15
N VAL J 43 -21.10 48.88 -17.42
CA VAL J 43 -20.59 47.56 -17.80
C VAL J 43 -19.20 47.33 -17.25
N LYS J 44 -18.33 48.34 -17.26
CA LYS J 44 -16.98 48.11 -16.75
C LYS J 44 -17.01 47.84 -15.25
N TRP J 45 -17.86 48.55 -14.50
CA TRP J 45 -18.00 48.23 -13.09
C TRP J 45 -18.55 46.82 -12.91
N PHE J 46 -19.52 46.44 -13.74
CA PHE J 46 -20.14 45.13 -13.59
C PHE J 46 -19.21 43.99 -13.97
N ILE J 47 -18.21 44.26 -14.80
CA ILE J 47 -17.33 43.21 -15.29
C ILE J 47 -16.08 43.14 -14.42
N ASN J 48 -15.66 44.27 -13.86
CA ASN J 48 -14.44 44.30 -13.06
C ASN J 48 -14.60 43.50 -11.79
N ASN J 49 -15.74 43.63 -11.12
CA ASN J 49 -15.90 43.02 -9.81
C ASN J 49 -16.32 41.56 -9.87
N LEU J 50 -16.36 40.96 -11.06
CA LEU J 50 -16.66 39.54 -11.15
C LEU J 50 -15.54 38.72 -10.52
N PRO J 51 -15.84 37.52 -10.03
CA PRO J 51 -14.80 36.69 -9.40
C PRO J 51 -13.64 36.38 -10.32
N ALA J 52 -13.81 36.55 -11.63
CA ALA J 52 -12.68 36.38 -12.52
C ALA J 52 -11.69 37.54 -12.44
N TYR J 53 -12.12 38.70 -11.93
CA TYR J 53 -11.27 39.87 -11.91
C TYR J 53 -11.22 40.63 -10.59
N ARG J 54 -12.23 40.52 -9.73
CA ARG J 54 -12.26 41.38 -8.55
C ARG J 54 -11.08 41.07 -7.64
N PRO J 55 -10.29 42.06 -7.25
CA PRO J 55 -9.08 41.82 -6.48
C PRO J 55 -9.41 41.58 -5.01
N GLY J 56 -8.35 41.39 -4.22
CA GLY J 56 -8.52 41.13 -2.81
C GLY J 56 -8.95 39.73 -2.47
N ILE J 57 -8.82 38.79 -3.41
CA ILE J 57 -9.18 37.39 -3.18
C ILE J 57 -8.05 36.50 -3.67
N THR J 58 -8.15 35.24 -3.34
CA THR J 58 -7.28 34.13 -3.69
C THR J 58 -7.87 33.36 -4.87
N PRO J 59 -7.02 32.73 -5.69
CA PRO J 59 -7.54 31.84 -6.73
C PRO J 59 -8.44 30.75 -6.18
N LEU J 60 -8.19 30.31 -4.95
CA LEU J 60 -9.03 29.30 -4.32
C LEU J 60 -10.49 29.74 -4.31
N ARG J 61 -10.76 30.92 -3.75
CA ARG J 61 -12.13 31.41 -3.69
C ARG J 61 -12.73 31.56 -5.07
N ARG J 62 -11.92 31.98 -6.05
CA ARG J 62 -12.40 32.09 -7.42
C ARG J 62 -12.96 30.75 -7.89
N GLY J 63 -12.16 29.70 -7.76
CA GLY J 63 -12.63 28.38 -8.13
C GLY J 63 -13.88 27.98 -7.37
N LEU J 64 -13.88 28.22 -6.05
CA LEU J 64 -15.04 27.88 -5.24
C LEU J 64 -16.30 28.53 -5.79
N GLU J 65 -16.25 29.84 -6.05
CA GLU J 65 -17.45 30.56 -6.45
C GLU J 65 -17.91 30.16 -7.84
N VAL J 66 -16.98 30.02 -8.78
CA VAL J 66 -17.38 29.64 -10.13
C VAL J 66 -18.01 28.26 -10.12
N GLY J 67 -17.42 27.34 -9.36
CA GLY J 67 -18.03 26.03 -9.21
C GLY J 67 -19.42 26.11 -8.61
N MET J 68 -19.55 26.87 -7.52
CA MET J 68 -20.86 27.07 -6.90
C MET J 68 -21.88 27.48 -7.93
N ALA J 69 -21.63 28.58 -8.63
CA ALA J 69 -22.59 29.10 -9.61
C ALA J 69 -22.92 28.06 -10.65
N HIS J 70 -21.92 27.55 -11.36
CA HIS J 70 -22.18 26.71 -12.52
C HIS J 70 -22.84 25.39 -12.10
N GLY J 71 -22.26 24.70 -11.12
CA GLY J 71 -22.90 23.51 -10.61
C GLY J 71 -24.26 23.76 -9.99
N TYR J 72 -24.59 25.02 -9.70
CA TYR J 72 -25.91 25.31 -9.16
C TYR J 72 -26.93 25.47 -10.28
N TRP J 73 -26.51 25.93 -11.46
CA TRP J 73 -27.46 26.02 -12.56
C TRP J 73 -27.32 24.89 -13.56
N LEU J 74 -26.12 24.32 -13.72
CA LEU J 74 -25.95 23.27 -14.71
C LEU J 74 -26.42 21.92 -14.20
N LEU J 75 -27.62 21.85 -13.66
CA LEU J 75 -28.27 20.55 -13.49
C LEU J 75 -29.69 20.53 -13.99
N GLY J 76 -30.42 21.64 -13.95
CA GLY J 76 -31.71 21.72 -14.60
C GLY J 76 -31.73 21.39 -16.08
N PRO J 77 -30.79 21.92 -16.87
CA PRO J 77 -30.87 21.72 -18.33
C PRO J 77 -31.06 20.28 -18.76
N PHE J 78 -30.82 19.31 -17.88
CA PHE J 78 -31.15 17.92 -18.17
C PHE J 78 -31.91 17.27 -17.03
N ALA J 79 -32.19 18.01 -15.95
CA ALA J 79 -32.90 17.44 -14.81
C ALA J 79 -34.26 16.90 -15.23
N LYS J 80 -35.13 17.77 -15.71
CA LYS J 80 -36.42 17.37 -16.24
C LYS J 80 -36.40 17.24 -17.76
N LEU J 81 -35.21 17.34 -18.38
CA LEU J 81 -35.08 17.24 -19.82
C LEU J 81 -34.48 15.93 -20.29
N GLY J 82 -33.81 15.18 -19.42
CA GLY J 82 -33.16 13.95 -19.81
C GLY J 82 -34.15 12.91 -20.30
N PRO J 83 -33.64 11.82 -20.87
CA PRO J 83 -34.53 10.74 -21.33
C PRO J 83 -35.35 10.13 -20.22
N LEU J 84 -34.93 10.28 -18.96
CA LEU J 84 -35.73 9.89 -17.80
C LEU J 84 -36.58 11.04 -17.29
N ARG J 85 -37.03 11.92 -18.18
CA ARG J 85 -37.63 13.20 -17.81
C ARG J 85 -38.70 13.02 -16.73
N ASP J 86 -39.71 12.21 -17.01
CA ASP J 86 -40.88 12.18 -16.14
C ASP J 86 -40.90 10.99 -15.20
N THR J 87 -39.82 10.22 -15.12
CA THR J 87 -39.78 9.13 -14.16
C THR J 87 -39.61 9.70 -12.74
N ASP J 88 -39.93 8.86 -11.76
CA ASP J 88 -39.95 9.25 -10.36
C ASP J 88 -38.57 9.33 -9.71
N VAL J 89 -37.49 9.24 -10.48
CA VAL J 89 -36.14 9.32 -9.94
C VAL J 89 -35.32 10.48 -10.48
N ALA J 90 -35.77 11.13 -11.57
CA ALA J 90 -34.89 11.94 -12.41
C ALA J 90 -34.09 12.99 -11.66
N ASN J 91 -34.46 13.31 -10.42
CA ASN J 91 -33.70 14.29 -9.65
C ASN J 91 -32.26 13.83 -9.43
N ILE J 92 -32.09 12.69 -8.76
CA ILE J 92 -30.74 12.17 -8.53
C ILE J 92 -30.07 11.78 -9.84
N ALA J 93 -30.85 11.45 -10.87
CA ALA J 93 -30.27 11.17 -12.18
C ALA J 93 -29.55 12.40 -12.73
N GLY J 94 -30.26 13.54 -12.78
CA GLY J 94 -29.61 14.77 -13.18
C GLY J 94 -28.46 15.13 -12.26
N LEU J 95 -28.57 14.81 -10.98
CA LEU J 95 -27.46 15.06 -10.06
C LEU J 95 -26.21 14.31 -10.48
N LEU J 96 -26.34 13.01 -10.71
CA LEU J 96 -25.19 12.21 -11.15
C LEU J 96 -24.64 12.73 -12.47
N ALA J 97 -25.54 13.11 -13.38
CA ALA J 97 -25.11 13.62 -14.67
C ALA J 97 -24.23 14.85 -14.50
N THR J 98 -24.71 15.85 -13.77
CA THR J 98 -23.92 17.06 -13.59
C THR J 98 -22.66 16.79 -12.77
N LEU J 99 -22.70 15.77 -11.91
CA LEU J 99 -21.48 15.38 -11.21
C LEU J 99 -20.41 14.97 -12.20
N GLY J 100 -20.71 13.98 -13.04
CA GLY J 100 -19.76 13.57 -14.06
C GLY J 100 -19.35 14.74 -14.95
N MET J 101 -20.29 15.63 -15.25
CA MET J 101 -20.00 16.78 -16.10
C MET J 101 -18.91 17.65 -15.48
N VAL J 102 -19.11 18.06 -14.23
CA VAL J 102 -18.13 18.94 -13.60
C VAL J 102 -16.80 18.20 -13.44
N VAL J 103 -16.84 16.89 -13.19
CA VAL J 103 -15.60 16.13 -13.11
C VAL J 103 -14.81 16.26 -14.40
N ILE J 104 -15.45 15.95 -15.53
CA ILE J 104 -14.70 15.96 -16.79
C ILE J 104 -14.29 17.38 -17.14
N SER J 105 -15.06 18.39 -16.74
CA SER J 105 -14.64 19.76 -16.97
C SER J 105 -13.35 20.07 -16.21
N THR J 106 -13.28 19.64 -14.94
CA THR J 106 -12.07 19.81 -14.17
C THR J 106 -10.90 19.08 -14.83
N LEU J 107 -11.15 17.86 -15.32
CA LEU J 107 -10.14 17.14 -16.06
C LEU J 107 -9.59 17.97 -17.21
N ALA J 108 -10.50 18.55 -18.00
CA ALA J 108 -10.10 19.33 -19.16
C ALA J 108 -9.23 20.51 -18.76
N VAL J 109 -9.69 21.29 -17.78
CA VAL J 109 -8.93 22.49 -17.41
C VAL J 109 -7.58 22.08 -16.81
N SER J 110 -7.53 20.97 -16.08
CA SER J 110 -6.29 20.53 -15.48
C SER J 110 -5.28 20.16 -16.55
N LEU J 111 -5.70 19.41 -17.57
CA LEU J 111 -4.75 19.06 -18.63
C LEU J 111 -4.35 20.29 -19.42
N TYR J 112 -5.27 21.23 -19.63
CA TYR J 112 -4.91 22.49 -20.26
C TYR J 112 -3.79 23.17 -19.49
N ALA J 113 -3.91 23.21 -18.16
CA ALA J 113 -2.82 23.73 -17.34
C ALA J 113 -1.55 22.91 -17.54
N ALA J 114 -1.70 21.59 -17.67
CA ALA J 114 -0.54 20.72 -17.83
C ALA J 114 0.25 21.10 -19.09
N THR J 115 -0.44 21.52 -20.15
CA THR J 115 0.23 21.90 -21.38
C THR J 115 0.21 23.40 -21.63
N ASP J 116 0.03 24.19 -20.58
CA ASP J 116 -0.35 25.60 -20.67
C ASP J 116 0.68 26.60 -21.20
N PRO J 117 1.97 26.48 -20.90
CA PRO J 117 2.85 27.67 -20.93
C PRO J 117 3.54 27.91 -22.27
N PRO J 118 2.85 27.90 -23.41
CA PRO J 118 3.28 28.79 -24.49
C PRO J 118 2.60 30.15 -24.42
N LYS J 119 3.38 31.24 -24.42
CA LYS J 119 2.88 32.62 -24.26
C LYS J 119 2.09 32.73 -22.96
N PRO J 120 2.75 32.57 -21.80
CA PRO J 120 1.99 32.43 -20.54
C PRO J 120 1.29 33.70 -20.15
N VAL J 121 0.29 34.09 -20.95
CA VAL J 121 -0.50 35.28 -20.68
C VAL J 121 -1.95 35.01 -21.06
N ALA J 122 -2.79 35.98 -20.76
CA ALA J 122 -4.15 36.03 -21.27
C ALA J 122 -4.34 37.38 -21.96
N THR J 123 -5.11 37.38 -23.05
CA THR J 123 -5.32 38.61 -23.80
C THR J 123 -6.03 39.64 -22.92
N VAL J 124 -5.41 40.80 -22.75
CA VAL J 124 -5.87 41.81 -21.80
C VAL J 124 -6.61 42.91 -22.54
N THR J 125 -7.83 43.20 -22.10
CA THR J 125 -8.58 44.33 -22.61
C THR J 125 -9.17 45.15 -21.47
N VAL J 126 -9.35 44.52 -20.31
CA VAL J 126 -9.70 45.30 -19.12
C VAL J 126 -8.56 46.26 -18.82
N PRO J 127 -8.85 47.53 -18.49
CA PRO J 127 -7.77 48.53 -18.33
C PRO J 127 -6.54 48.05 -17.56
N ASN J 128 -6.74 47.23 -16.53
CA ASN J 128 -5.65 46.67 -15.77
C ASN J 128 -5.43 45.20 -16.11
N PRO J 129 -4.28 44.65 -15.78
CA PRO J 129 -4.13 43.19 -15.78
C PRO J 129 -5.08 42.58 -14.76
N PRO J 130 -5.61 41.39 -15.03
CA PRO J 130 -6.59 40.81 -14.10
C PRO J 130 -6.00 40.52 -12.73
N ASP J 131 -4.96 39.67 -12.70
CA ASP J 131 -4.30 39.28 -11.46
C ASP J 131 -3.16 38.32 -11.74
N THR J 132 -2.41 37.95 -10.70
CA THR J 132 -1.37 36.93 -10.81
C THR J 132 -1.95 35.52 -10.94
N PHE J 133 -3.27 35.40 -11.10
CA PHE J 133 -3.93 34.13 -11.34
C PHE J 133 -3.40 33.41 -12.57
N ASP J 134 -2.56 34.07 -13.36
CA ASP J 134 -2.08 33.55 -14.64
C ASP J 134 -0.75 32.83 -14.43
N THR J 135 -0.83 31.56 -14.01
CA THR J 135 0.32 30.71 -13.75
C THR J 135 -0.18 29.29 -13.56
N THR J 136 0.69 28.33 -13.85
CA THR J 136 0.31 26.91 -13.87
C THR J 136 -0.30 26.43 -12.56
N GLU J 137 0.48 26.46 -11.48
CA GLU J 137 -0.02 26.00 -10.19
C GLU J 137 -1.24 26.80 -9.76
N GLY J 138 -1.29 28.08 -10.11
CA GLY J 138 -2.52 28.83 -9.92
C GLY J 138 -3.70 28.19 -10.62
N TRP J 139 -3.49 27.78 -11.87
CA TRP J 139 -4.55 27.12 -12.61
C TRP J 139 -4.97 25.82 -11.94
N ASN J 140 -4.00 25.07 -11.40
CA ASN J 140 -4.31 23.81 -10.74
C ASN J 140 -5.17 24.04 -9.50
N THR J 141 -4.74 24.96 -8.64
CA THR J 141 -5.53 25.29 -7.46
C THR J 141 -6.92 25.78 -7.86
N PHE J 142 -6.99 26.59 -8.91
CA PHE J 142 -8.27 27.05 -9.41
C PHE J 142 -9.17 25.88 -9.80
N ALA J 143 -8.59 24.88 -10.47
CA ALA J 143 -9.37 23.72 -10.87
C ALA J 143 -9.88 22.96 -9.65
N SER J 144 -9.04 22.83 -8.63
CA SER J 144 -9.48 22.16 -7.41
C SER J 144 -10.67 22.88 -6.78
N GLY J 145 -10.54 24.20 -6.61
CA GLY J 145 -11.64 24.96 -6.06
C GLY J 145 -12.87 24.89 -6.93
N PHE J 146 -12.69 24.86 -8.25
CA PHE J 146 -13.80 24.66 -9.16
C PHE J 146 -14.51 23.35 -8.86
N LEU J 147 -13.74 22.27 -8.71
CA LEU J 147 -14.34 20.97 -8.40
C LEU J 147 -15.18 21.06 -7.12
N ILE J 148 -14.61 21.61 -6.06
CA ILE J 148 -15.31 21.67 -4.78
C ILE J 148 -16.59 22.47 -4.92
N GLY J 149 -16.48 23.70 -5.43
CA GLY J 149 -17.65 24.55 -5.55
C GLY J 149 -18.71 23.97 -6.47
N GLY J 150 -18.29 23.27 -7.53
CA GLY J 150 -19.25 22.67 -8.42
C GLY J 150 -20.04 21.58 -7.73
N VAL J 151 -19.34 20.70 -7.02
CA VAL J 151 -20.05 19.68 -6.25
C VAL J 151 -21.02 20.36 -5.29
N GLY J 152 -20.57 21.42 -4.62
CA GLY J 152 -21.42 22.07 -3.64
C GLY J 152 -22.69 22.64 -4.25
N GLY J 153 -22.53 23.44 -5.32
CA GLY J 153 -23.69 23.95 -6.02
C GLY J 153 -24.63 22.84 -6.46
N ALA J 154 -24.07 21.73 -6.91
CA ALA J 154 -24.90 20.59 -7.30
C ALA J 154 -25.77 20.13 -6.16
N VAL J 155 -25.17 19.84 -5.01
CA VAL J 155 -25.97 19.27 -3.91
C VAL J 155 -26.98 20.30 -3.41
N VAL J 156 -26.59 21.57 -3.36
CA VAL J 156 -27.51 22.55 -2.80
C VAL J 156 -28.70 22.76 -3.73
N ALA J 157 -28.46 22.75 -5.04
CA ALA J 157 -29.59 22.81 -5.97
C ALA J 157 -30.46 21.58 -5.84
N TYR J 158 -29.84 20.41 -5.67
CA TYR J 158 -30.62 19.19 -5.49
C TYR J 158 -31.47 19.27 -4.23
N PHE J 159 -30.98 19.94 -3.21
CA PHE J 159 -31.76 20.10 -1.98
C PHE J 159 -32.92 21.07 -2.19
N ILE J 160 -32.67 22.19 -2.86
CA ILE J 160 -33.74 23.13 -3.17
C ILE J 160 -34.83 22.40 -3.95
N LEU J 161 -34.45 21.57 -4.90
CA LEU J 161 -35.39 20.86 -5.75
C LEU J 161 -35.91 19.58 -5.13
N ALA J 162 -35.37 19.15 -3.99
CA ALA J 162 -35.71 17.83 -3.46
C ALA J 162 -37.18 17.74 -3.08
N ASN J 163 -37.61 18.54 -2.12
CA ASN J 163 -39.01 18.58 -1.74
C ASN J 163 -39.78 19.38 -2.79
N ILE J 164 -40.41 18.66 -3.73
CA ILE J 164 -41.31 19.30 -4.69
C ILE J 164 -42.27 20.24 -3.97
N GLU J 165 -42.69 19.85 -2.76
CA GLU J 165 -43.51 20.65 -1.87
C GLU J 165 -42.75 21.83 -1.24
N LEU J 166 -41.55 22.18 -1.71
CA LEU J 166 -40.82 23.30 -1.13
C LEU J 166 -41.67 24.56 -1.03
N ILE J 167 -42.61 24.76 -1.94
CA ILE J 167 -43.49 25.91 -1.88
C ILE J 167 -44.86 25.45 -1.43
N GLN J 168 -45.17 24.17 -1.65
CA GLN J 168 -46.49 23.65 -1.25
C GLN J 168 -46.68 23.72 0.26
N ASN J 169 -45.62 23.47 1.03
CA ASN J 169 -45.69 23.70 2.47
C ASN J 169 -45.97 25.15 2.77
N ILE J 170 -45.34 26.06 2.00
CA ILE J 170 -45.67 27.47 2.11
C ILE J 170 -47.03 27.75 1.46
N PHE J 171 -47.29 27.10 0.33
CA PHE J 171 -48.49 27.32 -0.48
C PHE J 171 -48.79 28.81 -0.64
N LYS J 172 -47.74 29.56 -1.01
CA LYS J 172 -47.87 30.98 -1.20
C LYS J 172 -47.54 31.30 -2.64
N MET K 1 -19.89 -27.97 -26.39
CA MET K 1 -20.70 -26.77 -26.61
C MET K 1 -19.91 -25.49 -26.37
N SER K 2 -20.56 -24.50 -25.75
CA SER K 2 -19.96 -23.19 -25.54
C SER K 2 -19.02 -23.25 -24.34
N ILE K 3 -18.57 -22.09 -23.86
CA ILE K 3 -17.40 -22.02 -23.00
C ILE K 3 -17.69 -21.38 -21.65
N SER K 4 -16.64 -21.23 -20.85
CA SER K 4 -16.73 -20.83 -19.45
C SER K 4 -15.58 -19.89 -19.16
N ASP K 5 -15.19 -19.79 -17.88
CA ASP K 5 -14.03 -19.02 -17.44
C ASP K 5 -12.82 -19.21 -18.35
N THR K 6 -12.77 -20.34 -19.08
CA THR K 6 -11.78 -20.54 -20.12
C THR K 6 -11.69 -19.35 -21.08
N GLN K 7 -12.74 -18.54 -21.19
CA GLN K 7 -12.60 -17.34 -22.00
C GLN K 7 -11.85 -16.24 -21.25
N VAL K 8 -12.01 -16.16 -19.93
CA VAL K 8 -11.09 -15.32 -19.16
C VAL K 8 -9.67 -15.81 -19.35
N PHE K 9 -9.49 -17.13 -19.45
CA PHE K 9 -8.20 -17.71 -19.77
C PHE K 9 -7.64 -17.16 -21.09
N VAL K 10 -8.38 -17.35 -22.18
CA VAL K 10 -7.84 -16.93 -23.47
C VAL K 10 -7.61 -15.42 -23.48
N ALA K 11 -8.35 -14.68 -22.66
CA ALA K 11 -7.97 -13.28 -22.45
C ALA K 11 -6.62 -13.18 -21.73
N LEU K 12 -6.37 -14.06 -20.76
CA LEU K 12 -5.13 -13.99 -19.98
C LEU K 12 -3.90 -14.31 -20.80
N VAL K 13 -4.03 -15.11 -21.86
CA VAL K 13 -2.85 -15.39 -22.68
C VAL K 13 -2.37 -14.12 -23.37
N ILE K 14 -3.28 -13.18 -23.60
CA ILE K 14 -2.94 -11.89 -24.17
C ILE K 14 -2.48 -10.99 -23.04
N ALA K 15 -1.96 -9.81 -23.37
CA ALA K 15 -1.52 -8.73 -22.49
C ALA K 15 -0.16 -9.01 -21.88
N LEU K 16 0.41 -10.20 -22.06
CA LEU K 16 1.83 -10.38 -21.80
C LEU K 16 2.59 -10.73 -23.07
N ILE K 17 2.24 -11.81 -23.77
CA ILE K 17 2.99 -12.12 -24.97
C ILE K 17 2.65 -11.09 -26.03
N PRO K 18 1.42 -11.09 -26.59
CA PRO K 18 1.18 -10.18 -27.71
C PRO K 18 1.23 -8.73 -27.28
N GLY K 19 0.69 -8.42 -26.11
CA GLY K 19 0.65 -7.05 -25.63
C GLY K 19 2.00 -6.36 -25.61
N VAL K 20 2.89 -6.75 -24.71
CA VAL K 20 4.13 -6.01 -24.64
C VAL K 20 5.09 -6.40 -25.76
N LEU K 21 4.88 -7.53 -26.43
CA LEU K 21 5.67 -7.78 -27.63
C LEU K 21 5.38 -6.71 -28.69
N ALA K 22 4.09 -6.45 -28.95
CA ALA K 22 3.74 -5.37 -29.87
C ALA K 22 4.15 -4.01 -29.32
N PHE K 23 4.09 -3.84 -27.99
CA PHE K 23 4.55 -2.59 -27.40
C PHE K 23 6.01 -2.32 -27.75
N ARG K 24 6.86 -3.34 -27.61
CA ARG K 24 8.27 -3.15 -27.95
C ARG K 24 8.46 -2.94 -29.45
N LEU K 25 7.78 -3.76 -30.26
CA LEU K 25 7.89 -3.58 -31.71
C LEU K 25 7.40 -2.21 -32.14
N ALA K 26 6.59 -1.56 -31.32
CA ALA K 26 6.20 -0.18 -31.61
C ALA K 26 7.28 0.79 -31.17
N THR K 27 7.63 0.76 -29.89
CA THR K 27 8.55 1.74 -29.34
C THR K 27 9.94 1.60 -29.84
N GLU K 28 10.25 0.59 -30.65
CA GLU K 28 11.59 0.51 -31.22
C GLU K 28 11.95 1.74 -32.04
N LEU K 29 10.97 2.35 -32.73
CA LEU K 29 11.26 3.34 -33.75
C LEU K 29 11.19 4.77 -33.24
N TYR K 30 11.45 4.98 -31.95
CA TYR K 30 11.82 6.30 -31.43
C TYR K 30 10.74 7.34 -31.70
N LYS K 31 9.61 7.17 -31.01
CA LYS K 31 8.51 8.14 -31.00
C LYS K 31 8.92 9.56 -31.33
N SER L 25 -38.97 95.71 71.05
CA SER L 25 -37.94 95.02 70.29
C SER L 25 -38.51 94.50 69.00
N PHE L 26 -38.72 95.41 68.04
CA PHE L 26 -39.33 95.10 66.75
C PHE L 26 -38.68 95.85 65.60
N GLU L 27 -37.51 96.44 65.83
CA GLU L 27 -36.85 97.29 64.86
C GLU L 27 -36.04 96.55 63.80
N LYS L 28 -36.26 95.24 63.57
CA LYS L 28 -35.25 94.44 62.89
C LYS L 28 -35.72 93.62 61.70
N TRP L 29 -37.02 93.29 61.59
CA TRP L 29 -37.47 92.40 60.51
C TRP L 29 -37.32 93.03 59.14
N GLY L 30 -37.91 94.19 58.93
CA GLY L 30 -37.95 94.81 57.61
C GLY L 30 -36.62 95.36 57.14
N GLN L 31 -35.57 94.55 57.27
CA GLN L 31 -34.24 94.87 56.75
C GLN L 31 -33.77 93.67 55.95
N PRO L 32 -34.41 93.41 54.81
CA PRO L 32 -34.18 92.14 54.10
C PRO L 32 -32.74 91.96 53.67
N GLY L 33 -32.43 90.74 53.23
CA GLY L 33 -31.06 90.37 52.96
C GLY L 33 -30.18 90.44 54.19
N HIS L 34 -30.75 90.22 55.37
CA HIS L 34 -29.97 90.31 56.59
C HIS L 34 -28.90 89.24 56.66
N PHE L 35 -29.10 88.12 55.95
CA PHE L 35 -28.15 87.01 56.01
C PHE L 35 -27.16 86.99 54.86
N ASP L 36 -27.42 87.71 53.78
CA ASP L 36 -26.50 87.77 52.66
C ASP L 36 -26.02 89.20 52.44
N ARG L 37 -24.73 89.33 52.15
CA ARG L 37 -24.11 90.63 51.93
C ARG L 37 -24.36 91.20 50.55
N THR L 38 -24.64 90.33 49.57
CA THR L 38 -24.79 90.76 48.19
C THR L 38 -26.20 91.30 47.91
N LEU L 39 -27.21 90.47 48.15
CA LEU L 39 -28.59 90.88 47.91
C LEU L 39 -29.14 91.78 49.01
N ALA L 40 -28.32 92.20 49.96
CA ALA L 40 -28.77 93.14 50.98
C ALA L 40 -28.85 94.57 50.48
N LYS L 41 -28.15 94.90 49.40
CA LYS L 41 -28.06 96.29 48.98
C LYS L 41 -29.38 96.81 48.42
N GLY L 42 -29.88 96.20 47.34
CA GLY L 42 -31.07 96.67 46.70
C GLY L 42 -31.52 95.84 45.52
N PRO L 43 -32.82 95.88 45.24
CA PRO L 43 -33.37 95.11 44.12
C PRO L 43 -33.21 95.79 42.77
N LYS L 44 -32.07 95.59 42.12
CA LYS L 44 -31.86 96.15 40.79
C LYS L 44 -32.95 95.68 39.83
N THR L 45 -33.03 94.37 39.58
CA THR L 45 -34.08 93.82 38.75
C THR L 45 -34.87 92.76 39.51
N THR L 46 -35.82 92.10 38.83
CA THR L 46 -36.66 91.12 39.50
C THR L 46 -35.88 89.93 40.00
N THR L 47 -34.67 89.70 39.47
CA THR L 47 -33.85 88.59 39.93
C THR L 47 -33.64 88.66 41.43
N TRP L 48 -33.46 89.87 41.97
CA TRP L 48 -33.23 90.04 43.40
C TRP L 48 -34.35 89.44 44.22
N ILE L 49 -35.58 89.42 43.68
CA ILE L 49 -36.68 88.79 44.40
C ILE L 49 -36.46 87.29 44.49
N TRP L 50 -36.14 86.66 43.35
CA TRP L 50 -36.12 85.20 43.28
C TRP L 50 -35.14 84.62 44.27
N ASN L 51 -33.88 85.06 44.22
CA ASN L 51 -32.89 84.52 45.14
C ASN L 51 -33.26 84.73 46.60
N LEU L 52 -34.13 85.71 46.89
CA LEU L 52 -34.55 85.93 48.27
C LEU L 52 -35.20 84.69 48.85
N HIS L 53 -35.94 83.94 48.04
CA HIS L 53 -36.60 82.73 48.51
C HIS L 53 -35.76 81.49 48.26
N ALA L 54 -34.48 81.66 47.92
CA ALA L 54 -33.63 80.53 47.55
C ALA L 54 -32.49 80.27 48.52
N LEU L 55 -31.97 81.28 49.19
CA LEU L 55 -30.82 81.14 50.07
C LEU L 55 -31.16 81.46 51.51
N ALA L 56 -32.42 81.31 51.89
CA ALA L 56 -32.85 81.67 53.23
C ALA L 56 -32.52 80.63 54.29
N HIS L 57 -32.01 79.46 53.90
CA HIS L 57 -31.78 78.39 54.88
C HIS L 57 -30.42 77.74 54.81
N ASP L 58 -29.76 77.71 53.65
CA ASP L 58 -28.45 77.07 53.55
C ASP L 58 -27.39 77.93 54.21
N PHE L 59 -27.45 78.08 55.53
CA PHE L 59 -26.50 78.97 56.18
C PHE L 59 -25.10 78.39 56.26
N ASP L 60 -24.90 77.16 55.79
CA ASP L 60 -23.54 76.72 55.50
C ASP L 60 -22.90 77.57 54.41
N THR L 61 -23.72 78.26 53.63
CA THR L 61 -23.25 79.20 52.63
C THR L 61 -23.14 80.62 53.18
N HIS L 62 -23.02 80.77 54.49
CA HIS L 62 -22.93 82.08 55.13
C HIS L 62 -21.62 82.30 55.85
N THR L 63 -21.09 81.28 56.52
CA THR L 63 -19.80 81.38 57.20
C THR L 63 -19.15 80.01 57.18
N SER L 64 -18.05 79.87 57.94
CA SER L 64 -17.40 78.58 58.14
C SER L 64 -17.64 78.03 59.54
N ASP L 65 -18.24 78.81 60.44
CA ASP L 65 -18.46 78.36 61.80
C ASP L 65 -19.57 77.32 61.84
N LEU L 66 -19.62 76.58 62.95
CA LEU L 66 -20.54 75.46 63.06
C LEU L 66 -21.51 75.56 64.22
N GLU L 67 -21.08 76.12 65.36
CA GLU L 67 -21.98 76.24 66.51
C GLU L 67 -23.23 77.02 66.13
N ASP L 68 -23.07 78.10 65.38
CA ASP L 68 -24.21 78.86 64.87
C ASP L 68 -25.13 77.97 64.04
N ILE L 69 -24.54 77.18 63.14
CA ILE L 69 -25.32 76.27 62.30
C ILE L 69 -26.16 75.34 63.17
N SER L 70 -25.51 74.71 64.14
CA SER L 70 -26.22 73.76 65.00
C SER L 70 -27.34 74.43 65.76
N ARG L 71 -27.09 75.64 66.27
CA ARG L 71 -28.14 76.36 67.00
C ARG L 71 -29.33 76.64 66.10
N LYS L 72 -29.06 77.10 64.87
CA LYS L 72 -30.14 77.33 63.92
C LYS L 72 -30.95 76.06 63.68
N ILE L 73 -30.26 74.93 63.53
CA ILE L 73 -30.95 73.67 63.29
C ILE L 73 -31.84 73.32 64.47
N PHE L 74 -31.35 73.52 65.69
CA PHE L 74 -32.15 73.25 66.88
C PHE L 74 -33.43 74.09 66.87
N ALA L 75 -33.28 75.40 66.65
CA ALA L 75 -34.45 76.28 66.68
C ALA L 75 -35.44 75.91 65.60
N ALA L 76 -34.95 75.59 64.41
CA ALA L 76 -35.85 75.21 63.32
C ALA L 76 -36.61 73.94 63.66
N HIS L 77 -35.92 72.97 64.27
CA HIS L 77 -36.60 71.75 64.69
C HIS L 77 -37.69 72.06 65.69
N PHE L 78 -37.41 72.93 66.66
CA PHE L 78 -38.43 73.32 67.63
C PHE L 78 -39.63 73.94 66.94
N GLY L 79 -39.40 74.81 65.96
CA GLY L 79 -40.51 75.42 65.25
C GLY L 79 -41.35 74.41 64.51
N GLN L 80 -40.70 73.44 63.87
CA GLN L 80 -41.45 72.39 63.19
C GLN L 80 -42.30 71.61 64.18
N LEU L 81 -41.74 71.26 65.33
CA LEU L 81 -42.53 70.57 66.35
C LEU L 81 -43.71 71.43 66.79
N ALA L 82 -43.51 72.74 66.89
CA ALA L 82 -44.58 73.63 67.32
C ALA L 82 -45.73 73.60 66.33
N VAL L 83 -45.44 73.70 65.04
CA VAL L 83 -46.52 73.65 64.07
C VAL L 83 -47.18 72.27 64.09
N ILE L 84 -46.40 71.23 64.38
CA ILE L 84 -46.98 69.89 64.53
C ILE L 84 -48.05 69.90 65.60
N PHE L 85 -47.68 70.32 66.81
CA PHE L 85 -48.62 70.34 67.92
C PHE L 85 -49.84 71.18 67.57
N LEU L 86 -49.60 72.36 66.97
CA LEU L 86 -50.70 73.25 66.62
C LEU L 86 -51.72 72.54 65.74
N TRP L 87 -51.24 71.96 64.63
CA TRP L 87 -52.19 71.40 63.67
C TRP L 87 -52.89 70.17 64.24
N LEU L 88 -52.19 69.35 65.03
CA LEU L 88 -52.87 68.18 65.57
C LEU L 88 -53.94 68.60 66.58
N SER L 89 -53.65 69.58 67.44
CA SER L 89 -54.64 70.03 68.41
C SER L 89 -55.84 70.67 67.72
N GLY L 90 -55.59 71.48 66.68
CA GLY L 90 -56.68 72.06 65.94
C GLY L 90 -57.55 71.03 65.24
N MET L 91 -56.93 69.98 64.70
CA MET L 91 -57.71 68.92 64.06
C MET L 91 -58.55 68.20 65.09
N GLU L 92 -57.99 67.93 66.27
CA GLU L 92 -58.80 67.46 67.38
C GLU L 92 -60.03 68.36 67.57
N PHE L 93 -59.78 69.65 67.83
CA PHE L 93 -60.87 70.58 68.15
C PHE L 93 -61.96 70.52 67.11
N HIS L 94 -61.59 70.46 65.82
CA HIS L 94 -62.60 70.23 64.80
C HIS L 94 -63.32 68.91 65.03
N GLY L 95 -62.58 67.88 65.42
CA GLY L 95 -63.19 66.60 65.70
C GLY L 95 -64.15 66.61 66.87
N ALA L 96 -64.04 67.62 67.74
CA ALA L 96 -64.86 67.67 68.94
C ALA L 96 -66.17 68.44 68.73
N ARG L 97 -66.11 69.56 68.01
CA ARG L 97 -67.27 70.44 67.88
C ARG L 97 -67.98 70.32 66.55
N PHE L 98 -67.38 69.68 65.55
CA PHE L 98 -67.99 69.66 64.22
C PHE L 98 -67.89 68.28 63.56
N SER L 99 -67.72 67.22 64.35
CA SER L 99 -67.58 65.87 63.82
C SER L 99 -68.60 64.96 64.48
N ASN L 100 -69.24 64.11 63.69
CA ASN L 100 -70.26 63.22 64.22
C ASN L 100 -69.63 61.99 64.87
N TYR L 101 -68.69 62.21 65.78
CA TYR L 101 -68.03 61.08 66.43
C TYR L 101 -68.96 60.40 67.43
N GLU L 102 -69.40 61.14 68.44
CA GLU L 102 -70.15 60.56 69.54
C GLU L 102 -71.50 59.98 69.11
N ALA L 103 -72.00 60.34 67.92
CA ALA L 103 -73.13 59.64 67.36
C ALA L 103 -72.68 58.40 66.60
N TRP L 104 -71.58 58.52 65.85
CA TRP L 104 -70.97 57.38 65.20
C TRP L 104 -70.37 56.40 66.20
N LEU L 105 -70.21 56.82 67.47
CA LEU L 105 -69.71 55.93 68.50
C LEU L 105 -70.53 54.64 68.58
N SER L 106 -71.83 54.78 68.85
CA SER L 106 -72.67 53.62 69.10
C SER L 106 -72.79 52.73 67.86
N ASP L 107 -72.59 53.29 66.67
CA ASP L 107 -72.66 52.52 65.42
C ASP L 107 -71.52 52.96 64.51
N PRO L 108 -70.45 52.18 64.42
CA PRO L 108 -69.36 52.48 63.47
C PRO L 108 -69.59 51.92 62.08
N ILE L 109 -70.71 51.25 61.83
CA ILE L 109 -70.97 50.63 60.53
C ILE L 109 -71.95 51.49 59.75
N GLY L 110 -73.16 51.65 60.29
CA GLY L 110 -74.21 52.38 59.61
C GLY L 110 -74.03 53.88 59.55
N ILE L 111 -72.90 54.40 60.02
CA ILE L 111 -72.60 55.82 59.99
C ILE L 111 -71.21 56.01 59.39
N LYS L 112 -71.06 57.01 58.53
CA LYS L 112 -69.77 57.32 57.91
C LYS L 112 -69.23 58.60 58.53
N PRO L 113 -68.07 58.56 59.19
CA PRO L 113 -67.59 59.75 59.89
C PRO L 113 -67.40 60.94 58.95
N SER L 114 -67.41 62.13 59.54
CA SER L 114 -67.33 63.36 58.77
C SER L 114 -66.79 64.46 59.68
N ALA L 115 -66.56 65.63 59.07
CA ALA L 115 -66.08 66.81 59.77
C ALA L 115 -66.23 68.00 58.82
N GLN L 116 -65.72 69.16 59.22
CA GLN L 116 -65.64 70.35 58.39
C GLN L 116 -66.99 70.67 57.73
N VAL L 117 -67.94 71.03 58.59
CA VAL L 117 -69.28 71.34 58.11
C VAL L 117 -69.23 72.54 57.16
N VAL L 118 -70.09 72.50 56.15
CA VAL L 118 -70.05 73.48 55.05
C VAL L 118 -70.69 74.77 55.50
N TRP L 119 -70.12 75.91 55.07
CA TRP L 119 -70.63 77.21 55.47
C TRP L 119 -71.78 77.62 54.55
N PRO L 120 -72.96 77.94 55.09
CA PRO L 120 -74.18 78.12 54.27
C PRO L 120 -74.25 79.48 53.56
N ILE L 121 -73.50 79.62 52.48
CA ILE L 121 -73.57 80.79 51.61
C ILE L 121 -73.70 80.31 50.17
N VAL L 122 -73.76 81.26 49.25
CA VAL L 122 -73.86 80.93 47.83
C VAL L 122 -72.61 80.20 47.39
N GLY L 123 -72.80 79.00 46.82
CA GLY L 123 -71.69 78.25 46.27
C GLY L 123 -71.41 76.98 47.02
N GLN L 124 -71.42 77.05 48.35
CA GLN L 124 -71.25 75.88 49.19
C GLN L 124 -72.45 75.81 50.13
N ASP L 125 -73.53 75.29 49.61
CA ASP L 125 -74.73 74.99 50.37
C ASP L 125 -75.25 73.60 50.07
N ILE L 126 -75.15 73.17 48.80
CA ILE L 126 -75.56 71.84 48.38
C ILE L 126 -74.57 70.76 48.82
N LEU L 127 -73.41 71.16 49.32
CA LEU L 127 -72.35 70.21 49.66
C LEU L 127 -72.50 69.62 51.06
N ASN L 128 -73.71 69.61 51.62
CA ASN L 128 -73.91 69.12 52.98
C ASN L 128 -73.74 67.61 52.97
N ALA L 129 -72.58 67.13 53.39
CA ALA L 129 -72.36 65.70 53.46
C ALA L 129 -73.14 65.13 54.63
N ASP L 130 -74.37 64.72 54.38
CA ASP L 130 -75.22 64.15 55.43
C ASP L 130 -74.93 62.67 55.56
N VAL L 131 -74.53 62.25 56.75
CA VAL L 131 -74.06 60.89 56.98
C VAL L 131 -74.96 60.19 58.00
N GLY L 132 -76.24 60.52 57.97
CA GLY L 132 -77.18 59.95 58.93
C GLY L 132 -77.21 60.74 60.21
N GLY L 133 -78.37 60.74 60.87
CA GLY L 133 -78.52 61.56 62.05
C GLY L 133 -78.56 63.05 61.78
N GLY L 134 -78.81 63.45 60.53
CA GLY L 134 -78.86 64.84 60.15
C GLY L 134 -77.53 65.55 60.10
N PHE L 135 -76.44 64.89 60.48
CA PHE L 135 -75.14 65.54 60.54
C PHE L 135 -74.61 65.77 59.12
N HIS L 136 -74.65 67.01 58.67
CA HIS L 136 -74.08 67.37 57.38
C HIS L 136 -72.58 67.61 57.51
N GLY L 137 -71.97 68.11 56.44
CA GLY L 137 -70.57 68.50 56.51
C GLY L 137 -69.70 68.01 55.36
N ILE L 138 -68.65 67.28 55.69
CA ILE L 138 -67.71 66.72 54.72
C ILE L 138 -67.34 65.32 55.17
N GLN L 139 -67.67 64.32 54.36
CA GLN L 139 -67.35 62.93 54.68
C GLN L 139 -65.85 62.72 54.54
N ILE L 140 -65.13 62.72 55.67
CA ILE L 140 -63.68 62.67 55.66
C ILE L 140 -63.21 61.24 55.48
N THR L 141 -61.94 61.09 55.10
CA THR L 141 -61.29 59.78 55.06
C THR L 141 -59.87 59.95 55.59
N SER L 142 -59.74 59.87 56.90
CA SER L 142 -58.41 59.76 57.51
C SER L 142 -58.40 58.85 58.74
N GLY L 143 -59.54 58.25 59.10
CA GLY L 143 -59.59 57.23 60.13
C GLY L 143 -59.06 57.61 61.49
N LEU L 144 -59.20 58.87 61.89
CA LEU L 144 -58.81 59.25 63.23
C LEU L 144 -59.76 58.66 64.27
N PHE L 145 -61.05 58.57 63.93
CA PHE L 145 -62.03 57.93 64.80
C PHE L 145 -61.64 56.49 65.11
N GLN L 146 -60.93 55.83 64.18
CA GLN L 146 -60.43 54.48 64.46
C GLN L 146 -59.49 54.50 65.66
N VAL L 147 -58.55 55.45 65.68
CA VAL L 147 -57.78 55.66 66.91
C VAL L 147 -58.72 55.97 68.05
N TRP L 148 -59.73 56.79 67.79
CA TRP L 148 -60.75 57.12 68.78
C TRP L 148 -61.76 56.01 69.00
N ARG L 149 -61.60 54.86 68.32
CA ARG L 149 -62.29 53.63 68.73
C ARG L 149 -61.40 52.72 69.55
N ALA L 150 -60.09 53.00 69.59
CA ALA L 150 -59.16 52.26 70.43
C ALA L 150 -58.79 53.02 71.70
N ALA L 151 -58.63 54.33 71.59
CA ALA L 151 -58.35 55.14 72.78
C ALA L 151 -59.53 55.22 73.73
N GLY L 152 -60.72 54.76 73.31
CA GLY L 152 -61.89 54.80 74.16
C GLY L 152 -62.30 56.20 74.54
N PHE L 153 -62.78 56.97 73.57
CA PHE L 153 -63.10 58.37 73.76
C PHE L 153 -64.61 58.56 73.82
N THR L 154 -65.10 59.03 74.97
CA THR L 154 -66.53 59.17 75.20
C THR L 154 -67.04 60.58 74.91
N ASN L 155 -66.52 61.58 75.62
CA ASN L 155 -67.02 62.94 75.52
C ASN L 155 -65.97 63.86 74.91
N SER L 156 -66.45 64.89 74.21
CA SER L 156 -65.56 65.79 73.48
C SER L 156 -64.86 66.81 74.37
N PHE L 157 -65.29 66.96 75.63
CA PHE L 157 -64.65 67.95 76.50
C PHE L 157 -63.24 67.52 76.87
N GLN L 158 -63.03 66.26 77.20
CA GLN L 158 -61.67 65.77 77.43
C GLN L 158 -60.82 66.02 76.20
N LEU L 159 -61.40 65.86 75.02
CA LEU L 159 -60.67 66.15 73.79
C LEU L 159 -60.33 67.63 73.67
N TYR L 160 -61.28 68.49 74.06
CA TYR L 160 -61.02 69.93 74.14
C TYR L 160 -59.80 70.22 75.00
N VAL L 161 -59.74 69.61 76.19
CA VAL L 161 -58.58 69.74 77.05
C VAL L 161 -57.33 69.23 76.34
N THR L 162 -57.47 68.16 75.56
CA THR L 162 -56.31 67.61 74.86
C THR L 162 -55.73 68.62 73.88
N ALA L 163 -56.60 69.26 73.11
CA ALA L 163 -56.14 70.28 72.17
C ALA L 163 -55.47 71.43 72.93
N ILE L 164 -56.05 71.84 74.05
CA ILE L 164 -55.46 72.90 74.83
C ILE L 164 -54.05 72.52 75.27
N GLY L 165 -53.88 71.29 75.73
CA GLY L 165 -52.56 70.83 76.12
C GLY L 165 -51.58 70.81 74.96
N GLY L 166 -52.04 70.34 73.80
CA GLY L 166 -51.16 70.31 72.64
C GLY L 166 -50.67 71.70 72.27
N LEU L 167 -51.59 72.66 72.21
CA LEU L 167 -51.19 74.01 71.80
C LEU L 167 -50.32 74.68 72.85
N VAL L 168 -50.60 74.45 74.13
CA VAL L 168 -49.76 75.09 75.14
C VAL L 168 -48.36 74.48 75.11
N ALA L 169 -48.25 73.17 74.86
CA ALA L 169 -46.93 72.57 74.74
C ALA L 169 -46.20 73.10 73.52
N ALA L 170 -46.92 73.31 72.43
CA ALA L 170 -46.32 73.94 71.25
C ALA L 170 -45.70 75.27 71.61
N ALA L 171 -46.51 76.18 72.16
CA ALA L 171 -46.01 77.49 72.56
C ALA L 171 -44.86 77.35 73.54
N LEU L 172 -44.94 76.37 74.44
CA LEU L 172 -43.92 76.17 75.45
C LEU L 172 -42.57 75.87 74.82
N MET L 173 -42.53 74.87 73.94
CA MET L 173 -41.25 74.50 73.36
C MET L 173 -40.78 75.53 72.34
N LEU L 174 -41.69 76.32 71.76
CA LEU L 174 -41.24 77.43 70.94
C LEU L 174 -40.51 78.48 71.79
N PHE L 175 -41.11 78.84 72.92
CA PHE L 175 -40.43 79.71 73.86
C PHE L 175 -39.10 79.12 74.29
N ALA L 176 -39.06 77.80 74.45
CA ALA L 176 -37.80 77.13 74.81
C ALA L 176 -36.75 77.33 73.72
N GLY L 177 -37.16 77.21 72.46
CA GLY L 177 -36.23 77.48 71.38
C GLY L 177 -35.71 78.90 71.41
N TRP L 178 -36.62 79.85 71.58
CA TRP L 178 -36.19 81.24 71.71
C TRP L 178 -35.15 81.41 72.80
N PHE L 179 -35.42 80.81 73.97
CA PHE L 179 -34.50 80.94 75.09
C PHE L 179 -33.15 80.32 74.75
N HIS L 180 -33.16 79.06 74.31
CA HIS L 180 -31.92 78.35 74.02
C HIS L 180 -31.19 78.92 72.81
N TYR L 181 -31.76 79.88 72.09
CA TYR L 181 -30.98 80.59 71.09
C TYR L 181 -30.53 81.98 71.52
N HIS L 182 -31.36 82.70 72.27
CA HIS L 182 -31.09 84.10 72.56
C HIS L 182 -30.46 84.34 73.92
N LYS L 183 -30.65 83.44 74.88
CA LYS L 183 -30.14 83.64 76.23
C LYS L 183 -29.05 82.64 76.57
N ARG L 184 -29.33 81.34 76.49
CA ARG L 184 -28.37 80.29 76.86
C ARG L 184 -28.30 79.29 75.71
N ALA L 185 -27.31 79.47 74.85
CA ALA L 185 -27.20 78.54 73.75
C ALA L 185 -26.12 77.50 74.03
N PRO L 186 -26.32 76.25 73.60
CA PRO L 186 -25.36 75.20 73.90
C PRO L 186 -24.02 75.42 73.23
N LYS L 187 -23.01 74.72 73.74
CA LYS L 187 -21.65 74.86 73.28
C LYS L 187 -21.36 73.85 72.16
N LEU L 188 -20.08 73.69 71.83
CA LEU L 188 -19.73 72.98 70.60
C LEU L 188 -19.43 71.49 70.85
N GLU L 189 -18.63 71.15 71.86
CA GLU L 189 -18.49 69.73 72.23
C GLU L 189 -19.81 69.07 72.55
N TRP L 190 -20.86 69.84 72.79
CA TRP L 190 -22.17 69.25 73.00
C TRP L 190 -22.69 68.53 71.76
N PHE L 191 -22.01 68.62 70.62
CA PHE L 191 -22.52 68.00 69.41
C PHE L 191 -22.19 66.51 69.34
N GLN L 192 -20.90 66.19 69.27
CA GLN L 192 -20.46 64.90 68.73
C GLN L 192 -20.29 63.82 69.80
N ASN L 193 -21.27 63.66 70.69
CA ASN L 193 -21.34 62.45 71.50
C ASN L 193 -22.46 61.56 70.94
N ALA L 194 -22.16 60.93 69.80
CA ALA L 194 -23.13 60.01 69.22
C ALA L 194 -23.38 58.82 70.13
N GLU L 195 -22.43 58.49 71.00
CA GLU L 195 -22.59 57.38 71.92
C GLU L 195 -23.73 57.63 72.89
N SER L 196 -23.62 58.70 73.68
CA SER L 196 -24.70 59.07 74.58
C SER L 196 -25.97 59.37 73.81
N MET L 197 -25.85 59.93 72.61
CA MET L 197 -27.01 60.14 71.76
C MET L 197 -27.78 58.85 71.56
N LEU L 198 -27.11 57.83 71.03
CA LEU L 198 -27.75 56.55 70.79
C LEU L 198 -28.29 55.96 72.07
N ASN L 199 -27.50 55.98 73.14
CA ASN L 199 -27.93 55.39 74.40
C ASN L 199 -29.21 56.04 74.89
N HIS L 200 -29.17 57.35 75.12
CA HIS L 200 -30.33 58.09 75.60
C HIS L 200 -31.54 57.86 74.71
N HIS L 201 -31.40 58.11 73.41
CA HIS L 201 -32.55 57.99 72.52
C HIS L 201 -33.08 56.57 72.54
N LEU L 202 -32.28 55.63 72.01
CA LEU L 202 -32.65 54.23 71.93
C LEU L 202 -33.35 53.75 73.18
N ALA L 203 -32.73 53.96 74.35
CA ALA L 203 -33.30 53.44 75.58
C ALA L 203 -34.40 54.35 76.12
N GLY L 204 -34.02 55.55 76.57
CA GLY L 204 -34.96 56.38 77.29
C GLY L 204 -36.14 56.80 76.46
N LEU L 205 -35.90 57.35 75.27
CA LEU L 205 -37.00 57.81 74.45
C LEU L 205 -37.91 56.65 74.08
N LEU L 206 -37.39 55.70 73.31
CA LEU L 206 -38.23 54.70 72.69
C LEU L 206 -38.81 53.75 73.74
N GLY L 207 -37.97 53.17 74.58
CA GLY L 207 -38.46 52.16 75.52
C GLY L 207 -39.43 52.74 76.53
N LEU L 208 -39.11 53.89 77.09
CA LEU L 208 -39.97 54.46 78.12
C LEU L 208 -41.29 54.91 77.54
N GLY L 209 -41.27 55.57 76.38
CA GLY L 209 -42.52 55.94 75.74
C GLY L 209 -43.37 54.74 75.39
N CYS L 210 -42.74 53.69 74.85
CA CYS L 210 -43.50 52.52 74.43
C CYS L 210 -44.10 51.79 75.63
N LEU L 211 -43.33 51.63 76.70
CA LEU L 211 -43.86 50.94 77.88
C LEU L 211 -44.92 51.78 78.57
N SER L 212 -44.79 53.11 78.54
CA SER L 212 -45.84 53.96 79.09
C SER L 212 -47.13 53.82 78.29
N TRP L 213 -47.02 53.78 76.95
CA TRP L 213 -48.21 53.61 76.14
C TRP L 213 -48.84 52.24 76.36
N ALA L 214 -48.00 51.21 76.55
CA ALA L 214 -48.55 49.90 76.86
C ALA L 214 -49.29 49.91 78.19
N GLY L 215 -48.71 50.58 79.19
CA GLY L 215 -49.39 50.71 80.46
C GLY L 215 -50.73 51.41 80.33
N HIS L 216 -50.78 52.46 79.51
CA HIS L 216 -52.06 53.10 79.22
C HIS L 216 -53.02 52.11 78.57
N GLN L 217 -52.53 51.32 77.63
CA GLN L 217 -53.36 50.36 76.93
C GLN L 217 -54.03 49.40 77.91
N ILE L 218 -53.22 48.68 78.69
CA ILE L 218 -53.76 47.64 79.55
C ILE L 218 -54.73 48.23 80.58
N HIS L 219 -54.48 49.46 81.02
CA HIS L 219 -55.32 50.03 82.07
C HIS L 219 -56.67 50.47 81.52
N VAL L 220 -56.73 50.98 80.29
CA VAL L 220 -57.92 51.65 79.78
C VAL L 220 -58.41 51.02 78.49
N ALA L 221 -57.49 50.73 77.56
CA ALA L 221 -57.87 50.39 76.20
C ALA L 221 -58.70 49.11 76.15
N LEU L 222 -58.09 47.97 76.46
CA LEU L 222 -58.82 46.71 76.44
C LEU L 222 -59.99 46.65 77.41
N PRO L 223 -59.97 47.30 78.58
CA PRO L 223 -61.21 47.37 79.37
C PRO L 223 -62.38 47.94 78.59
N VAL L 224 -62.24 49.14 78.04
CA VAL L 224 -63.35 49.69 77.26
C VAL L 224 -63.60 48.89 75.99
N ASN L 225 -62.60 48.18 75.48
CA ASN L 225 -62.82 47.32 74.31
C ASN L 225 -63.75 46.18 74.66
N LYS L 226 -63.43 45.42 75.72
CA LYS L 226 -64.41 44.57 76.37
C LYS L 226 -65.77 45.24 76.45
N LEU L 227 -65.80 46.48 76.95
CA LEU L 227 -67.06 47.17 77.14
C LEU L 227 -67.69 47.67 75.85
N LEU L 228 -67.06 47.44 74.70
CA LEU L 228 -67.62 47.79 73.40
C LEU L 228 -68.08 46.57 72.62
N ASP L 229 -68.48 45.50 73.30
CA ASP L 229 -68.93 44.30 72.61
C ASP L 229 -70.44 44.22 72.45
N ALA L 230 -71.21 44.81 73.36
CA ALA L 230 -72.66 44.64 73.33
C ALA L 230 -73.45 45.89 73.69
N GLY L 231 -72.86 47.08 73.64
CA GLY L 231 -73.62 48.26 74.01
C GLY L 231 -73.74 48.42 75.52
N VAL L 232 -72.62 48.71 76.17
CA VAL L 232 -72.51 48.64 77.62
C VAL L 232 -72.52 50.06 78.17
N ALA L 233 -73.26 50.96 77.50
CA ALA L 233 -73.48 52.32 77.98
C ALA L 233 -72.16 53.09 78.08
N PRO L 234 -71.60 53.52 76.94
CA PRO L 234 -70.23 54.07 76.92
C PRO L 234 -69.94 55.14 77.95
N LYS L 235 -70.71 56.23 77.96
CA LYS L 235 -70.46 57.28 78.95
C LYS L 235 -70.69 56.77 80.36
N ASP L 236 -71.64 55.86 80.54
CA ASP L 236 -71.89 55.29 81.86
C ASP L 236 -70.71 54.46 82.33
N ILE L 237 -69.95 53.89 81.40
CA ILE L 237 -68.74 53.15 81.74
C ILE L 237 -67.81 54.06 82.53
N PRO L 238 -67.23 53.61 83.64
CA PRO L 238 -66.51 54.52 84.54
C PRO L 238 -65.28 55.13 83.87
N LEU L 239 -64.71 56.09 84.55
CA LEU L 239 -63.55 56.83 84.11
C LEU L 239 -62.28 56.22 84.72
N PRO L 240 -61.11 56.58 84.21
CA PRO L 240 -59.88 55.95 84.72
C PRO L 240 -59.65 56.15 86.20
N HIS L 241 -60.13 57.26 86.76
CA HIS L 241 -60.02 57.48 88.20
C HIS L 241 -60.73 56.38 88.98
N GLU L 242 -61.79 55.83 88.41
CA GLU L 242 -62.49 54.68 88.97
C GLU L 242 -61.71 53.38 88.81
N PHE L 243 -60.48 53.45 88.33
CA PHE L 243 -59.63 52.27 88.22
C PHE L 243 -58.20 52.52 88.64
N ILE L 244 -57.84 53.76 89.03
CA ILE L 244 -56.49 54.03 89.52
C ILE L 244 -56.23 53.23 90.79
N LEU L 245 -57.10 53.38 91.78
CA LEU L 245 -56.99 52.63 93.03
C LEU L 245 -58.15 51.67 93.25
N ASN L 246 -59.15 51.68 92.37
CA ASN L 246 -60.28 50.76 92.46
C ASN L 246 -59.92 49.51 91.68
N ASN L 247 -59.45 48.50 92.40
CA ASN L 247 -59.05 47.24 91.78
C ASN L 247 -60.19 46.22 91.75
N SER L 248 -61.36 46.56 92.28
CA SER L 248 -62.46 45.61 92.33
C SER L 248 -62.93 45.25 90.92
N LEU L 249 -63.34 46.25 90.15
CA LEU L 249 -63.68 46.00 88.75
C LEU L 249 -62.48 45.45 87.99
N MET L 250 -61.27 45.87 88.38
CA MET L 250 -60.08 45.29 87.80
C MET L 250 -59.88 43.85 88.23
N ALA L 251 -60.48 43.45 89.36
CA ALA L 251 -60.48 42.06 89.79
C ALA L 251 -61.66 41.27 89.25
N GLU L 252 -62.65 41.94 88.63
CA GLU L 252 -63.74 41.23 87.99
C GLU L 252 -63.18 40.30 86.92
N LEU L 253 -62.58 40.88 85.90
CA LEU L 253 -61.88 40.11 84.90
C LEU L 253 -60.45 39.83 85.39
N TYR L 254 -59.82 38.83 84.77
CA TYR L 254 -58.41 38.54 85.05
C TYR L 254 -58.19 38.28 86.52
N PRO L 255 -58.60 37.12 87.04
CA PRO L 255 -58.44 36.86 88.49
C PRO L 255 -57.03 37.11 89.00
N SER L 256 -56.01 36.79 88.20
CA SER L 256 -54.64 37.16 88.56
C SER L 256 -54.48 38.67 88.69
N PHE L 257 -55.31 39.44 88.01
CA PHE L 257 -55.29 40.89 88.14
C PHE L 257 -56.20 41.32 89.29
N ALA L 258 -55.88 40.77 90.48
CA ALA L 258 -56.53 41.24 91.70
C ALA L 258 -55.91 42.56 92.14
N LYS L 259 -54.63 42.53 92.51
CA LYS L 259 -53.76 43.68 92.36
C LYS L 259 -52.86 43.48 91.15
N GLY L 260 -51.97 42.50 91.21
CA GLY L 260 -51.47 41.77 90.08
C GLY L 260 -51.20 40.37 90.57
N LEU L 261 -51.50 40.18 91.87
CA LEU L 261 -50.95 39.13 92.72
C LEU L 261 -49.46 39.37 92.95
N THR L 262 -48.92 40.38 92.25
CA THR L 262 -47.50 40.73 92.17
C THR L 262 -46.60 39.50 92.19
N PRO L 263 -46.85 38.48 91.36
CA PRO L 263 -45.96 37.31 91.36
C PRO L 263 -44.62 37.59 90.71
N PHE L 264 -44.44 38.76 90.10
CA PHE L 264 -43.12 39.15 89.64
C PHE L 264 -42.13 39.22 90.80
N TRP L 265 -42.61 39.57 91.99
CA TRP L 265 -41.76 39.44 93.17
C TRP L 265 -41.30 38.00 93.35
N THR L 266 -42.13 37.04 92.96
CA THR L 266 -41.81 35.62 93.07
C THR L 266 -41.32 35.05 91.76
N LEU L 267 -41.06 35.90 90.77
CA LEU L 267 -40.50 35.50 89.48
C LEU L 267 -41.44 34.59 88.69
N ASN L 268 -42.65 34.38 89.20
CA ASN L 268 -43.62 33.54 88.52
C ASN L 268 -44.52 34.41 87.66
N TRP L 269 -44.66 34.02 86.39
CA TRP L 269 -45.46 34.78 85.43
C TRP L 269 -46.59 33.94 84.84
N GLY L 270 -46.76 32.70 85.29
CA GLY L 270 -47.85 31.87 84.78
C GLY L 270 -49.22 32.39 85.11
N GLN L 271 -49.34 33.17 86.19
CA GLN L 271 -50.65 33.69 86.59
C GLN L 271 -51.19 34.67 85.55
N TYR L 272 -50.29 35.41 84.89
CA TYR L 272 -50.68 36.51 84.04
C TYR L 272 -51.18 36.10 82.67
N ALA L 273 -51.58 34.84 82.50
CA ALA L 273 -52.07 34.35 81.22
C ALA L 273 -53.41 34.99 80.85
N ASP L 274 -53.92 35.88 81.69
CA ASP L 274 -55.22 36.48 81.45
C ASP L 274 -55.18 37.48 80.31
N PHE L 275 -54.39 38.54 80.46
CA PHE L 275 -54.31 39.60 79.46
C PHE L 275 -53.08 39.52 78.59
N LEU L 276 -51.92 39.16 79.16
CA LEU L 276 -50.65 39.19 78.44
C LEU L 276 -50.49 37.84 77.73
N THR L 277 -51.12 37.74 76.57
CA THR L 277 -51.20 36.49 75.83
C THR L 277 -50.59 36.65 74.44
N PHE L 278 -50.77 35.62 73.61
CA PHE L 278 -50.19 35.55 72.27
C PHE L 278 -51.18 34.80 71.38
N LYS L 279 -51.99 35.56 70.65
CA LYS L 279 -52.97 34.96 69.75
C LYS L 279 -52.53 35.04 68.29
N GLY L 280 -52.21 36.23 67.80
CA GLY L 280 -51.64 36.38 66.48
C GLY L 280 -52.59 36.10 65.32
N GLY L 281 -53.59 36.95 65.15
CA GLY L 281 -54.51 36.78 64.05
C GLY L 281 -55.59 37.83 64.08
N LEU L 282 -56.70 37.54 63.38
CA LEU L 282 -57.82 38.46 63.30
C LEU L 282 -58.83 38.15 64.39
N ASN L 283 -59.37 39.19 65.01
CA ASN L 283 -60.42 39.07 66.02
C ASN L 283 -61.73 39.53 65.41
N PRO L 284 -62.63 38.63 65.00
CA PRO L 284 -63.79 39.04 64.23
C PRO L 284 -64.82 39.84 65.01
N VAL L 285 -64.50 40.19 66.25
CA VAL L 285 -65.37 41.04 67.06
C VAL L 285 -64.85 42.47 67.19
N THR L 286 -63.70 42.78 66.58
CA THR L 286 -63.13 44.12 66.68
C THR L 286 -62.80 44.76 65.33
N GLY L 287 -62.95 44.05 64.22
CA GLY L 287 -62.50 44.56 62.94
C GLY L 287 -61.00 44.69 62.80
N GLY L 288 -60.24 44.38 63.85
CA GLY L 288 -58.79 44.36 63.80
C GLY L 288 -58.26 43.13 64.49
N LEU L 289 -57.01 43.17 64.94
CA LEU L 289 -56.38 42.01 65.54
C LEU L 289 -56.73 41.93 67.02
N TRP L 290 -56.05 41.05 67.75
CA TRP L 290 -56.23 40.92 69.19
C TRP L 290 -55.24 41.85 69.88
N LEU L 291 -55.77 42.83 70.62
CA LEU L 291 -54.97 43.93 71.13
C LEU L 291 -53.96 43.47 72.19
N THR L 292 -54.27 42.37 72.87
CA THR L 292 -53.34 41.81 73.85
C THR L 292 -51.99 41.50 73.22
N ASP L 293 -52.01 40.96 72.00
CA ASP L 293 -50.76 40.71 71.29
C ASP L 293 -49.98 42.00 71.09
N THR L 294 -50.67 43.08 70.74
CA THR L 294 -49.98 44.35 70.55
C THR L 294 -49.39 44.86 71.86
N ALA L 295 -50.11 44.66 72.97
CA ALA L 295 -49.59 45.11 74.26
C ALA L 295 -48.32 44.35 74.63
N HIS L 296 -48.36 43.02 74.53
CA HIS L 296 -47.19 42.21 74.86
C HIS L 296 -46.05 42.48 73.89
N HIS L 297 -46.38 42.67 72.61
CA HIS L 297 -45.46 43.21 71.62
C HIS L 297 -44.71 44.42 72.16
N HIS L 298 -45.46 45.45 72.56
CA HIS L 298 -44.83 46.69 72.97
C HIS L 298 -43.96 46.49 74.19
N LEU L 299 -44.42 45.67 75.14
CA LEU L 299 -43.59 45.32 76.29
C LEU L 299 -42.25 44.76 75.84
N ALA L 300 -42.31 43.70 75.01
CA ALA L 300 -41.11 43.01 74.58
C ALA L 300 -40.15 43.96 73.87
N LEU L 301 -40.68 44.74 72.93
CA LEU L 301 -39.84 45.71 72.23
C LEU L 301 -39.19 46.67 73.21
N ALA L 302 -39.98 47.18 74.16
CA ALA L 302 -39.46 48.14 75.12
C ALA L 302 -38.21 47.60 75.81
N VAL L 303 -38.34 46.47 76.49
CA VAL L 303 -37.18 45.97 77.24
C VAL L 303 -36.07 45.54 76.28
N LEU L 304 -36.44 45.01 75.11
CA LEU L 304 -35.44 44.50 74.19
C LEU L 304 -34.50 45.61 73.73
N PHE L 305 -35.06 46.68 73.17
CA PHE L 305 -34.10 47.70 72.78
C PHE L 305 -33.71 48.61 73.94
N ILE L 306 -34.27 48.46 75.14
CA ILE L 306 -33.63 49.09 76.29
C ILE L 306 -32.27 48.45 76.52
N VAL L 307 -32.24 47.11 76.60
CA VAL L 307 -30.98 46.43 76.89
C VAL L 307 -30.06 46.53 75.68
N ALA L 308 -30.64 46.69 74.49
CA ALA L 308 -29.83 47.02 73.32
C ALA L 308 -29.15 48.37 73.49
N GLY L 309 -29.95 49.44 73.60
CA GLY L 309 -29.45 50.79 73.72
C GLY L 309 -28.53 51.02 74.90
N HIS L 310 -28.39 50.04 75.79
CA HIS L 310 -27.39 50.18 76.85
C HIS L 310 -25.97 49.79 76.40
N MET L 311 -25.65 49.87 75.11
CA MET L 311 -24.42 49.26 74.59
C MET L 311 -23.18 50.14 74.75
N TYR L 312 -23.18 51.29 74.08
CA TYR L 312 -21.93 51.94 73.69
C TYR L 312 -21.22 52.57 74.88
N ARG L 313 -19.99 53.02 74.65
CA ARG L 313 -19.13 53.54 75.70
C ARG L 313 -19.47 54.99 76.03
N THR L 314 -19.39 55.31 77.32
CA THR L 314 -19.75 56.63 77.84
C THR L 314 -18.87 56.92 79.05
N ASN L 315 -19.33 57.83 79.92
CA ASN L 315 -18.66 58.46 81.05
C ASN L 315 -18.29 57.49 82.17
N TRP L 316 -18.46 56.18 82.07
CA TRP L 316 -18.05 55.29 83.15
C TRP L 316 -16.87 54.40 82.76
N GLY L 317 -16.14 54.75 81.72
CA GLY L 317 -14.96 53.99 81.32
C GLY L 317 -15.27 52.55 80.97
N ILE L 318 -16.40 52.31 80.30
CA ILE L 318 -16.81 50.95 79.93
C ILE L 318 -17.59 51.04 78.62
N GLY L 319 -17.15 50.29 77.61
CA GLY L 319 -17.89 50.22 76.38
C GLY L 319 -17.07 50.08 75.12
N HIS L 320 -17.76 49.99 73.98
CA HIS L 320 -17.08 49.86 72.70
C HIS L 320 -16.42 51.17 72.31
N SER L 321 -15.16 51.08 71.89
CA SER L 321 -14.49 52.20 71.22
C SER L 321 -14.84 52.07 69.74
N ILE L 322 -15.98 52.66 69.37
CA ILE L 322 -16.60 52.36 68.08
C ILE L 322 -15.74 52.77 66.89
N LYS L 323 -14.85 53.76 67.06
CA LYS L 323 -13.98 54.12 65.95
C LYS L 323 -12.86 53.11 65.75
N GLU L 324 -12.80 52.07 66.56
CA GLU L 324 -11.85 50.98 66.36
C GLU L 324 -12.49 49.73 65.78
N ILE L 325 -13.79 49.55 65.98
CA ILE L 325 -14.51 48.43 65.36
C ILE L 325 -14.30 48.47 63.86
N LEU L 326 -14.68 49.57 63.22
CA LEU L 326 -14.55 49.70 61.78
C LEU L 326 -13.10 49.58 61.33
N GLU L 327 -12.14 49.79 62.23
CA GLU L 327 -10.74 49.61 61.87
C GLU L 327 -10.41 48.14 61.67
N ASN L 328 -11.13 47.25 62.35
CA ASN L 328 -10.74 45.85 62.37
C ASN L 328 -11.16 45.11 61.11
N HIS L 329 -12.32 45.43 60.56
CA HIS L 329 -12.90 44.67 59.45
C HIS L 329 -12.22 45.08 58.15
N LYS L 330 -11.13 44.40 57.82
CA LYS L 330 -10.47 44.54 56.53
C LYS L 330 -9.99 43.16 56.10
N GLY L 331 -9.41 43.08 54.92
CA GLY L 331 -8.97 41.80 54.39
C GLY L 331 -8.43 41.88 52.98
N PRO L 332 -8.39 40.74 52.29
CA PRO L 332 -7.78 40.69 50.96
C PRO L 332 -8.51 41.52 49.92
N PHE L 333 -9.81 41.26 49.74
CA PHE L 333 -10.60 42.05 48.81
C PHE L 333 -10.98 43.40 49.38
N THR L 334 -10.99 43.54 50.71
CA THR L 334 -11.41 44.78 51.34
C THR L 334 -10.49 45.94 51.04
N GLY L 335 -9.21 45.66 50.80
CA GLY L 335 -8.22 46.72 50.85
C GLY L 335 -7.83 47.01 52.28
N ASP L 336 -8.31 48.13 52.82
CA ASP L 336 -8.05 48.50 54.22
C ASP L 336 -9.33 48.67 55.02
N GLY L 337 -10.45 48.17 54.51
CA GLY L 337 -11.66 48.12 55.31
C GLY L 337 -12.33 49.48 55.49
N HIS L 338 -12.98 49.65 56.63
CA HIS L 338 -13.82 50.81 56.93
C HIS L 338 -13.03 51.87 57.69
N LYS L 339 -11.74 51.98 57.43
CA LYS L 339 -10.90 52.94 58.13
C LYS L 339 -11.28 54.37 57.75
N GLY L 340 -11.32 55.25 58.74
CA GLY L 340 -11.52 56.67 58.50
C GLY L 340 -12.88 57.01 57.95
N LEU L 341 -13.93 56.87 58.76
CA LEU L 341 -15.28 57.20 58.32
C LEU L 341 -16.00 58.16 59.25
N TYR L 342 -15.43 58.49 60.41
CA TYR L 342 -16.17 59.28 61.38
C TYR L 342 -16.05 60.77 61.12
N GLU L 343 -14.89 61.21 60.64
CA GLU L 343 -14.77 62.58 60.16
C GLU L 343 -15.91 62.91 59.22
N ASN L 344 -16.30 61.95 58.37
CA ASN L 344 -17.40 62.16 57.46
C ASN L 344 -18.73 62.21 58.19
N MET L 345 -18.92 61.36 59.19
CA MET L 345 -20.22 61.23 59.82
C MET L 345 -20.50 62.30 60.88
N THR L 346 -19.48 63.01 61.34
CA THR L 346 -19.71 64.09 62.31
C THR L 346 -19.26 65.46 61.83
N THR L 347 -18.11 65.58 61.15
CA THR L 347 -17.69 66.89 60.70
C THR L 347 -18.67 67.48 59.69
N SER L 348 -19.23 66.64 58.82
CA SER L 348 -20.19 67.07 57.83
C SER L 348 -21.60 66.66 58.24
N TRP L 349 -22.59 67.39 57.72
CA TRP L 349 -23.99 67.19 58.09
C TRP L 349 -24.81 66.56 56.98
N HIS L 350 -24.59 67.00 55.74
CA HIS L 350 -25.35 66.49 54.61
C HIS L 350 -25.24 64.98 54.49
N ALA L 351 -24.11 64.41 54.92
CA ALA L 351 -23.98 62.95 54.91
C ALA L 351 -25.09 62.32 55.73
N GLN L 352 -25.08 62.57 57.04
CA GLN L 352 -26.11 62.08 57.94
C GLN L 352 -27.49 62.34 57.38
N LEU L 353 -27.72 63.56 56.89
CA LEU L 353 -29.01 63.89 56.31
C LEU L 353 -29.40 62.87 55.25
N GLY L 354 -28.53 62.66 54.27
CA GLY L 354 -28.87 61.78 53.17
C GLY L 354 -29.13 60.36 53.61
N THR L 355 -28.26 59.83 54.47
CA THR L 355 -28.42 58.43 54.84
C THR L 355 -29.70 58.21 55.62
N ASN L 356 -29.95 59.09 56.60
CA ASN L 356 -31.17 58.96 57.38
C ASN L 356 -32.40 59.15 56.52
N LEU L 357 -32.34 60.03 55.51
CA LEU L 357 -33.48 60.19 54.62
C LEU L 357 -33.74 58.92 53.82
N ALA L 358 -32.68 58.32 53.26
CA ALA L 358 -32.86 57.09 52.52
C ALA L 358 -33.49 56.01 53.39
N MET L 359 -32.96 55.86 54.61
CA MET L 359 -33.46 54.82 55.50
C MET L 359 -34.91 55.08 55.86
N LEU L 360 -35.25 56.32 56.21
CA LEU L 360 -36.64 56.63 56.52
C LEU L 360 -37.54 56.36 55.33
N GLY L 361 -37.12 56.72 54.14
CA GLY L 361 -37.95 56.48 52.98
C GLY L 361 -38.26 55.01 52.82
N SER L 362 -37.21 54.18 52.82
CA SER L 362 -37.42 52.74 52.72
C SER L 362 -38.34 52.23 53.81
N LEU L 363 -38.09 52.66 55.05
CA LEU L 363 -38.89 52.22 56.18
C LEU L 363 -40.36 52.58 55.97
N THR L 364 -40.61 53.80 55.51
CA THR L 364 -41.98 54.25 55.27
C THR L 364 -42.65 53.41 54.22
N ILE L 365 -41.94 53.07 53.14
CA ILE L 365 -42.66 52.34 52.10
C ILE L 365 -42.91 50.92 52.55
N ILE L 366 -42.03 50.34 53.36
CA ILE L 366 -42.36 49.01 53.88
C ILE L 366 -43.53 49.10 54.84
N VAL L 367 -43.63 50.19 55.60
CA VAL L 367 -44.82 50.42 56.43
C VAL L 367 -46.06 50.39 55.57
N ALA L 368 -46.04 51.14 54.46
CA ALA L 368 -47.15 51.12 53.53
C ALA L 368 -47.44 49.70 53.05
N HIS L 369 -46.41 49.01 52.61
CA HIS L 369 -46.48 47.65 52.09
C HIS L 369 -46.80 46.65 53.16
N HIS L 370 -47.02 47.14 54.36
CA HIS L 370 -47.17 46.29 55.54
C HIS L 370 -48.58 46.27 56.11
N MET L 371 -49.19 47.43 56.36
CA MET L 371 -50.38 47.53 57.20
C MET L 371 -51.67 47.36 56.41
N TYR L 372 -51.64 46.63 55.30
CA TYR L 372 -52.86 46.18 54.65
C TYR L 372 -53.09 44.70 54.81
N ALA L 373 -52.17 43.98 55.48
CA ALA L 373 -52.35 42.58 55.82
C ALA L 373 -52.47 42.33 57.31
N MET L 374 -52.06 43.29 58.15
CA MET L 374 -52.16 43.18 59.60
C MET L 374 -52.71 44.51 60.14
N PRO L 375 -54.02 44.72 60.05
CA PRO L 375 -54.60 45.98 60.52
C PRO L 375 -54.48 46.10 62.02
N PRO L 376 -53.75 47.10 62.51
CA PRO L 376 -53.50 47.23 63.96
C PRO L 376 -54.50 48.09 64.71
N TYR L 377 -55.61 48.51 64.11
CA TYR L 377 -56.61 49.32 64.75
C TYR L 377 -57.98 48.67 64.61
N PRO L 378 -58.95 49.06 65.43
CA PRO L 378 -60.30 48.52 65.27
C PRO L 378 -60.97 49.06 64.02
N TYR L 379 -61.73 48.18 63.34
CA TYR L 379 -62.49 48.53 62.14
C TYR L 379 -61.56 49.11 61.06
N LEU L 380 -60.66 48.27 60.58
CA LEU L 380 -59.77 48.67 59.49
C LEU L 380 -60.04 47.92 58.20
N ALA L 381 -59.98 46.58 58.21
CA ALA L 381 -60.28 45.82 57.01
C ALA L 381 -61.75 45.92 56.65
N THR L 382 -62.61 46.15 57.65
CA THR L 382 -64.02 46.37 57.40
C THR L 382 -64.31 47.76 56.88
N ASP L 383 -63.35 48.68 56.94
CA ASP L 383 -63.51 50.04 56.44
C ASP L 383 -62.65 50.18 55.19
N TYR L 384 -63.30 50.12 54.04
CA TYR L 384 -62.62 50.02 52.75
C TYR L 384 -62.37 51.37 52.10
N ALA L 385 -62.22 52.42 52.89
CA ALA L 385 -61.95 53.76 52.37
C ALA L 385 -60.63 54.33 52.87
N THR L 386 -60.36 54.23 54.17
CA THR L 386 -59.14 54.78 54.73
C THR L 386 -57.90 53.99 54.34
N ALA L 387 -58.08 52.71 54.02
CA ALA L 387 -56.94 51.81 53.80
C ALA L 387 -56.03 52.31 52.71
N LEU L 388 -56.53 52.37 51.48
CA LEU L 388 -55.65 52.74 50.38
C LEU L 388 -55.26 54.20 50.42
N SER L 389 -56.09 55.06 51.02
CA SER L 389 -55.65 56.44 51.21
C SER L 389 -54.38 56.50 52.03
N ILE L 390 -54.38 55.87 53.21
CA ILE L 390 -53.18 55.83 54.05
C ILE L 390 -52.03 55.18 53.29
N PHE L 391 -52.32 54.03 52.65
CA PHE L 391 -51.31 53.29 51.91
C PHE L 391 -50.60 54.16 50.89
N THR L 392 -51.36 54.71 49.95
CA THR L 392 -50.78 55.49 48.87
C THR L 392 -50.10 56.76 49.39
N HIS L 393 -50.71 57.41 50.39
CA HIS L 393 -50.06 58.59 50.97
C HIS L 393 -48.65 58.25 51.43
N HIS L 394 -48.55 57.28 52.35
CA HIS L 394 -47.23 56.93 52.88
C HIS L 394 -46.29 56.46 51.79
N MET L 395 -46.79 55.65 50.85
CA MET L 395 -45.95 55.13 49.78
C MET L 395 -45.36 56.26 48.95
N TRP L 396 -46.18 57.26 48.63
CA TRP L 396 -45.68 58.40 47.86
C TRP L 396 -44.62 59.14 48.65
N ILE L 397 -44.87 59.41 49.93
CA ILE L 397 -43.88 60.14 50.72
C ILE L 397 -42.55 59.40 50.74
N GLY L 398 -42.60 58.07 50.82
CA GLY L 398 -41.40 57.27 50.89
C GLY L 398 -40.42 57.55 49.77
N GLY L 399 -40.82 57.23 48.54
CA GLY L 399 -39.99 57.59 47.39
C GLY L 399 -39.69 59.07 47.36
N PHE L 400 -40.74 59.90 47.40
CA PHE L 400 -40.59 61.33 47.27
C PHE L 400 -39.51 61.89 48.17
N LEU L 401 -39.15 61.19 49.24
CA LEU L 401 -38.06 61.63 50.10
C LEU L 401 -36.78 60.79 49.99
N ILE L 402 -36.85 59.54 49.53
CA ILE L 402 -35.60 58.79 49.38
C ILE L 402 -34.79 59.38 48.22
N VAL L 403 -35.48 59.86 47.19
CA VAL L 403 -34.73 60.57 46.15
C VAL L 403 -34.01 61.77 46.75
N GLY L 404 -34.65 62.46 47.69
CA GLY L 404 -33.96 63.57 48.34
C GLY L 404 -32.78 63.12 49.16
N GLY L 405 -32.89 61.95 49.80
CA GLY L 405 -31.74 61.37 50.47
C GLY L 405 -30.57 61.20 49.53
N ALA L 406 -30.85 60.64 48.34
CA ALA L 406 -29.78 60.46 47.36
C ALA L 406 -29.22 61.80 46.91
N ALA L 407 -30.10 62.79 46.75
CA ALA L 407 -29.64 64.12 46.36
C ALA L 407 -28.69 64.69 47.39
N HIS L 408 -29.02 64.53 48.67
CA HIS L 408 -28.12 65.05 49.71
C HIS L 408 -26.83 64.23 49.79
N ALA L 409 -26.89 62.95 49.43
CA ALA L 409 -25.64 62.21 49.27
C ALA L 409 -24.75 62.87 48.24
N THR L 410 -25.32 63.18 47.08
CA THR L 410 -24.55 63.86 46.03
C THR L 410 -24.04 65.21 46.49
N ILE L 411 -24.87 65.95 47.25
CA ILE L 411 -24.43 67.27 47.69
C ILE L 411 -23.30 67.14 48.71
N PHE L 412 -23.29 66.04 49.47
CA PHE L 412 -22.14 65.77 50.31
C PHE L 412 -20.90 65.55 49.44
N MET L 413 -21.05 64.71 48.42
CA MET L 413 -19.92 64.43 47.52
C MET L 413 -19.32 65.71 46.96
N VAL L 414 -20.16 66.69 46.63
CA VAL L 414 -19.62 67.91 46.05
C VAL L 414 -19.14 68.88 47.14
N ARG L 415 -19.75 68.84 48.32
CA ARG L 415 -19.41 69.79 49.38
C ARG L 415 -18.34 69.27 50.32
N ASP L 416 -18.38 67.98 50.66
CA ASP L 416 -17.54 67.44 51.72
C ASP L 416 -16.87 66.16 51.26
N TYR L 417 -15.55 66.11 51.39
CA TYR L 417 -14.74 64.96 51.03
C TYR L 417 -13.34 65.24 51.52
N ASP L 418 -12.42 64.32 51.22
CA ASP L 418 -11.02 64.59 51.54
C ASP L 418 -10.11 63.65 50.76
N PRO L 419 -9.12 64.19 50.06
CA PRO L 419 -8.13 63.32 49.41
C PRO L 419 -7.18 62.64 50.40
N ALA L 420 -7.10 63.13 51.63
CA ALA L 420 -6.12 62.61 52.59
C ALA L 420 -6.66 61.46 53.42
N VAL L 421 -7.86 61.62 53.99
CA VAL L 421 -8.39 60.63 54.92
C VAL L 421 -9.12 59.53 54.17
N ASN L 422 -8.98 59.50 52.86
CA ASN L 422 -9.75 58.57 52.02
C ASN L 422 -8.82 57.79 51.10
N GLN L 423 -7.77 57.20 51.67
CA GLN L 423 -6.81 56.41 50.92
C GLN L 423 -7.25 54.96 50.89
N ASN L 424 -7.64 54.47 49.71
CA ASN L 424 -7.87 53.05 49.45
C ASN L 424 -9.04 52.49 50.25
N ASN L 425 -9.76 53.33 51.00
CA ASN L 425 -10.87 52.85 51.79
C ASN L 425 -11.95 52.25 50.90
N VAL L 426 -12.85 51.49 51.53
CA VAL L 426 -13.94 50.87 50.78
C VAL L 426 -14.73 51.93 50.02
N LEU L 427 -14.68 53.18 50.49
CA LEU L 427 -15.25 54.27 49.71
C LEU L 427 -14.47 54.48 48.42
N ASP L 428 -13.17 54.77 48.54
CA ASP L 428 -12.37 55.10 47.37
C ASP L 428 -12.28 53.95 46.38
N ARG L 429 -12.48 52.72 46.83
CA ARG L 429 -12.25 51.57 45.96
C ARG L 429 -13.29 51.45 44.85
N VAL L 430 -14.43 52.12 44.97
CA VAL L 430 -15.41 52.09 43.89
C VAL L 430 -15.20 53.25 42.93
N ILE L 431 -14.85 54.44 43.44
CA ILE L 431 -14.66 55.62 42.62
C ILE L 431 -13.50 55.44 41.67
N ARG L 432 -12.73 54.36 41.85
CA ARG L 432 -11.64 54.05 40.95
C ARG L 432 -12.03 53.09 39.84
N HIS L 433 -13.07 52.29 40.00
CA HIS L 433 -13.52 51.37 38.97
C HIS L 433 -14.99 51.57 38.65
N ARG L 434 -15.43 52.83 38.61
CA ARG L 434 -16.84 53.13 38.39
C ARG L 434 -17.33 52.67 37.02
N ASP L 435 -16.46 52.72 36.01
CA ASP L 435 -16.90 52.47 34.63
C ASP L 435 -17.43 51.05 34.48
N ALA L 436 -16.73 50.07 35.03
CA ALA L 436 -17.18 48.69 34.95
C ALA L 436 -18.54 48.54 35.62
N ILE L 437 -18.66 49.08 36.84
CA ILE L 437 -19.92 49.01 37.58
C ILE L 437 -21.06 49.53 36.71
N ILE L 438 -20.93 50.76 36.23
CA ILE L 438 -22.05 51.39 35.55
C ILE L 438 -22.29 50.74 34.19
N SER L 439 -21.26 50.23 33.53
CA SER L 439 -21.45 49.55 32.26
C SER L 439 -22.26 48.29 32.45
N HIS L 440 -21.85 47.45 33.40
CA HIS L 440 -22.63 46.25 33.70
C HIS L 440 -24.05 46.62 34.12
N LEU L 441 -24.19 47.74 34.82
CA LEU L 441 -25.52 48.19 35.24
C LEU L 441 -26.39 48.48 34.03
N ASN L 442 -25.91 49.32 33.12
CA ASN L 442 -26.59 49.60 31.87
C ASN L 442 -26.97 48.31 31.15
N TRP L 443 -26.03 47.36 31.13
CA TRP L 443 -26.29 46.05 30.55
C TRP L 443 -27.54 45.41 31.16
N VAL L 444 -27.57 45.34 32.49
CA VAL L 444 -28.69 44.72 33.19
C VAL L 444 -29.99 45.44 32.86
N CYS L 445 -29.96 46.77 32.88
CA CYS L 445 -31.17 47.54 32.66
C CYS L 445 -31.73 47.27 31.27
N MET L 446 -30.89 47.35 30.25
CA MET L 446 -31.32 47.04 28.89
C MET L 446 -31.95 45.65 28.84
N PHE L 447 -31.24 44.67 29.38
CA PHE L 447 -31.71 43.29 29.37
C PHE L 447 -33.11 43.19 29.93
N LEU L 448 -33.27 43.56 31.20
CA LEU L 448 -34.55 43.44 31.86
C LEU L 448 -35.62 44.23 31.12
N GLY L 449 -35.29 45.45 30.71
CA GLY L 449 -36.23 46.34 30.07
C GLY L 449 -36.91 45.69 28.90
N PHE L 450 -36.15 45.31 27.87
CA PHE L 450 -36.88 44.75 26.73
C PHE L 450 -37.32 43.32 27.00
N HIS L 451 -36.53 42.53 27.73
CA HIS L 451 -36.92 41.18 28.10
C HIS L 451 -38.32 41.14 28.68
N SER L 452 -38.73 42.22 29.35
CA SER L 452 -40.08 42.31 29.89
C SER L 452 -41.05 43.00 28.92
N PHE L 453 -40.75 44.24 28.55
CA PHE L 453 -41.73 45.02 27.79
C PHE L 453 -41.93 44.51 26.38
N GLY L 454 -40.86 44.14 25.68
CA GLY L 454 -41.01 43.61 24.35
C GLY L 454 -41.74 42.28 24.36
N LEU L 455 -41.52 41.47 25.39
CA LEU L 455 -42.33 40.29 25.59
C LEU L 455 -43.80 40.65 25.70
N TYR L 456 -44.09 41.69 26.50
CA TYR L 456 -45.46 42.13 26.68
C TYR L 456 -46.10 42.52 25.35
N ILE L 457 -45.40 43.36 24.57
CA ILE L 457 -45.97 43.80 23.30
C ILE L 457 -46.00 42.68 22.28
N HIS L 458 -45.12 41.69 22.43
CA HIS L 458 -45.20 40.48 21.61
C HIS L 458 -46.54 39.79 21.84
N ASN L 459 -46.87 39.55 23.10
CA ASN L 459 -48.16 38.94 23.40
C ASN L 459 -49.31 39.83 22.94
N ASP L 460 -49.14 41.15 23.06
CA ASP L 460 -50.12 42.09 22.52
C ASP L 460 -50.38 41.82 21.04
N THR L 461 -49.33 41.80 20.25
CA THR L 461 -49.45 41.55 18.82
C THR L 461 -50.11 40.21 18.57
N MET L 462 -49.69 39.16 19.28
CA MET L 462 -50.26 37.84 19.07
C MET L 462 -51.77 37.85 19.29
N GLN L 463 -52.24 38.50 20.37
CA GLN L 463 -53.67 38.57 20.61
C GLN L 463 -54.38 39.35 19.50
N ALA L 464 -53.75 40.42 19.03
CA ALA L 464 -54.35 41.16 17.92
C ALA L 464 -54.19 40.46 16.58
N LEU L 465 -53.50 39.31 16.54
CA LEU L 465 -53.15 38.64 15.30
C LEU L 465 -53.82 37.28 15.16
N GLY L 466 -54.90 37.04 15.88
CA GLY L 466 -55.58 35.75 15.76
C GLY L 466 -54.67 34.56 15.98
N ARG L 467 -53.67 34.70 16.83
CA ARG L 467 -52.78 33.61 17.19
C ARG L 467 -52.83 33.37 18.70
N PRO L 468 -54.03 33.21 19.29
CA PRO L 468 -54.12 33.27 20.75
C PRO L 468 -53.31 32.22 21.47
N GLN L 469 -52.96 31.11 20.82
CA GLN L 469 -52.15 30.09 21.48
C GLN L 469 -50.76 30.58 21.83
N ASP L 470 -50.33 31.72 21.29
CA ASP L 470 -49.03 32.30 21.58
C ASP L 470 -49.09 33.29 22.74
N MET L 471 -50.19 33.30 23.48
CA MET L 471 -50.31 34.11 24.68
C MET L 471 -49.42 33.49 25.77
N PHE L 472 -49.40 34.07 26.97
CA PHE L 472 -48.45 33.63 27.99
C PHE L 472 -49.06 33.31 29.34
N SER L 473 -50.39 33.34 29.48
CA SER L 473 -51.01 33.03 30.76
C SER L 473 -51.09 31.52 30.95
N ASP L 474 -51.85 31.09 31.95
CA ASP L 474 -51.99 29.66 32.21
C ASP L 474 -52.60 28.93 31.02
N THR L 475 -53.61 29.54 30.39
CA THR L 475 -54.26 28.93 29.23
C THR L 475 -53.40 28.92 27.98
N ALA L 476 -52.13 29.30 28.10
CA ALA L 476 -51.23 29.37 26.95
C ALA L 476 -49.82 29.10 27.45
N ILE L 477 -48.82 29.51 26.67
CA ILE L 477 -47.40 29.30 27.00
C ILE L 477 -47.16 29.62 28.46
N GLN L 478 -46.39 28.77 29.14
CA GLN L 478 -46.37 28.72 30.59
C GLN L 478 -45.16 29.43 31.19
N LEU L 479 -45.37 29.96 32.39
CA LEU L 479 -44.32 30.43 33.28
C LEU L 479 -44.92 30.65 34.65
N GLN L 480 -44.30 30.11 35.69
CA GLN L 480 -44.93 30.15 37.01
C GLN L 480 -43.91 30.48 38.09
N PRO L 481 -44.13 31.56 38.84
CA PRO L 481 -43.17 31.94 39.89
C PRO L 481 -43.21 31.01 41.09
N VAL L 482 -42.51 29.88 40.97
CA VAL L 482 -42.59 28.84 42.00
C VAL L 482 -42.00 29.31 43.33
N PHE L 483 -41.07 30.27 43.30
CA PHE L 483 -40.38 30.65 44.52
C PHE L 483 -41.32 31.32 45.52
N ALA L 484 -42.12 32.27 45.04
CA ALA L 484 -43.08 32.92 45.92
C ALA L 484 -44.09 31.91 46.47
N GLN L 485 -44.57 31.02 45.61
CA GLN L 485 -45.51 30.00 46.05
C GLN L 485 -44.93 29.14 47.16
N PHE L 486 -43.68 28.71 47.00
CA PHE L 486 -43.09 27.83 48.01
C PHE L 486 -42.81 28.58 49.31
N VAL L 487 -42.39 29.84 49.22
CA VAL L 487 -42.17 30.59 50.45
C VAL L 487 -43.48 30.83 51.18
N GLN L 488 -44.52 31.21 50.46
CA GLN L 488 -45.84 31.36 51.07
C GLN L 488 -46.29 30.06 51.72
N ASN L 489 -46.07 28.93 51.03
CA ASN L 489 -46.44 27.63 51.57
C ASN L 489 -45.71 27.38 52.89
N ILE L 490 -44.38 27.42 52.88
CA ILE L 490 -43.63 27.18 54.10
C ILE L 490 -43.99 28.19 55.18
N HIS L 491 -44.63 29.30 54.80
CA HIS L 491 -45.21 30.19 55.79
C HIS L 491 -46.58 29.73 56.27
N THR L 492 -47.30 28.95 55.46
CA THR L 492 -48.68 28.61 55.80
C THR L 492 -48.76 27.79 57.08
N LEU L 493 -48.01 26.69 57.14
CA LEU L 493 -48.06 25.76 58.27
C LEU L 493 -47.05 26.10 59.36
N ALA L 494 -46.72 27.37 59.54
CA ALA L 494 -45.70 27.76 60.49
C ALA L 494 -46.00 27.36 61.93
N PRO L 495 -47.18 27.64 62.50
CA PRO L 495 -47.36 27.41 63.94
C PRO L 495 -47.27 25.94 64.30
N GLY L 496 -47.19 25.69 65.60
CA GLY L 496 -47.04 24.35 66.11
C GLY L 496 -45.60 23.93 66.24
N SER L 497 -44.84 23.95 65.14
CA SER L 497 -43.44 23.53 65.15
C SER L 497 -42.49 24.72 65.19
N THR L 498 -42.54 25.59 64.17
CA THR L 498 -41.75 26.81 64.24
C THR L 498 -42.32 27.77 65.27
N ALA L 499 -43.64 27.81 65.41
CA ALA L 499 -44.31 28.67 66.38
C ALA L 499 -45.20 27.81 67.28
N PRO L 500 -44.61 27.05 68.20
CA PRO L 500 -45.41 26.25 69.14
C PRO L 500 -46.35 27.09 69.98
N ASN L 501 -45.81 28.04 70.73
CA ASN L 501 -46.64 28.94 71.51
C ASN L 501 -47.22 30.02 70.61
N ALA L 502 -47.96 29.60 69.59
CA ALA L 502 -48.63 30.51 68.68
C ALA L 502 -49.84 29.79 68.11
N LEU L 503 -50.91 30.55 67.89
CA LEU L 503 -52.23 29.97 67.68
C LEU L 503 -52.64 29.95 66.21
N GLU L 504 -52.54 31.08 65.53
CA GLU L 504 -52.92 31.23 64.14
C GLU L 504 -51.74 31.77 63.36
N PRO L 505 -51.72 31.59 62.03
CA PRO L 505 -50.66 32.20 61.22
C PRO L 505 -50.60 33.70 61.42
N VAL L 506 -49.48 34.27 60.98
CA VAL L 506 -49.26 35.70 61.17
C VAL L 506 -50.25 36.52 60.35
N SER L 507 -50.57 36.07 59.15
CA SER L 507 -51.57 36.72 58.32
C SER L 507 -52.45 35.64 57.72
N TYR L 508 -53.38 36.06 56.85
CA TYR L 508 -54.23 35.12 56.15
C TYR L 508 -54.16 35.26 54.63
N ALA L 509 -53.26 36.10 54.12
CA ALA L 509 -53.02 36.14 52.69
C ALA L 509 -52.09 35.02 52.25
N PHE L 510 -51.14 34.63 53.11
CA PHE L 510 -50.33 33.44 52.84
C PHE L 510 -51.17 32.18 52.92
N GLY L 511 -51.74 31.92 54.09
CA GLY L 511 -52.53 30.74 54.34
C GLY L 511 -53.39 30.89 55.56
N GLY L 512 -54.28 29.92 55.74
CA GLY L 512 -55.28 29.95 56.78
C GLY L 512 -56.68 30.01 56.18
N GLY L 513 -57.63 30.39 57.02
CA GLY L 513 -59.01 30.53 56.58
C GLY L 513 -59.34 31.94 56.17
N VAL L 514 -60.31 32.07 55.27
CA VAL L 514 -60.76 33.39 54.83
C VAL L 514 -61.48 34.08 55.99
N VAL L 515 -60.83 35.05 56.58
CA VAL L 515 -61.36 35.75 57.74
C VAL L 515 -62.16 36.96 57.29
N ALA L 516 -63.32 37.15 57.90
CA ALA L 516 -64.26 38.16 57.41
C ALA L 516 -65.22 38.53 58.53
N VAL L 517 -66.13 39.46 58.20
CA VAL L 517 -67.21 39.85 59.09
C VAL L 517 -68.32 40.44 58.23
N GLY L 518 -69.55 39.99 58.48
CA GLY L 518 -70.64 40.45 57.66
C GLY L 518 -70.48 40.03 56.22
N GLY L 519 -71.18 40.74 55.33
CA GLY L 519 -71.04 40.52 53.91
C GLY L 519 -69.88 41.32 53.35
N LYS L 520 -68.77 41.32 54.06
CA LYS L 520 -67.67 42.26 53.82
C LYS L 520 -66.37 41.58 54.17
N ILE L 521 -65.47 41.50 53.20
CA ILE L 521 -64.24 40.72 53.38
C ILE L 521 -63.26 41.48 54.27
N ALA L 522 -62.54 40.74 55.09
CA ALA L 522 -61.45 41.26 55.89
C ALA L 522 -60.08 40.83 55.35
N MET L 523 -59.89 39.54 55.09
CA MET L 523 -58.65 39.07 54.48
C MET L 523 -58.84 37.64 53.98
N MET L 524 -58.46 37.40 52.74
CA MET L 524 -58.43 36.08 52.13
C MET L 524 -57.04 35.83 51.56
N PRO L 525 -56.66 34.56 51.38
CA PRO L 525 -55.37 34.27 50.75
C PRO L 525 -55.30 34.84 49.34
N ILE L 526 -54.13 35.34 48.97
CA ILE L 526 -53.91 35.98 47.67
C ILE L 526 -53.25 34.99 46.73
N ALA L 527 -53.69 35.01 45.47
CA ALA L 527 -53.23 34.04 44.47
C ALA L 527 -52.23 34.69 43.53
N LEU L 528 -51.12 34.00 43.30
CA LEU L 528 -50.07 34.45 42.39
C LEU L 528 -50.00 33.48 41.22
N GLY L 529 -50.50 33.90 40.06
CA GLY L 529 -50.52 33.07 38.88
C GLY L 529 -49.40 33.38 37.91
N THR L 530 -49.77 33.79 36.69
CA THR L 530 -48.81 34.16 35.65
C THR L 530 -48.55 35.66 35.58
N ALA L 531 -49.61 36.48 35.67
CA ALA L 531 -49.46 37.92 35.49
C ALA L 531 -48.52 38.55 36.51
N ASP L 532 -48.29 37.89 37.64
CA ASP L 532 -47.38 38.44 38.66
C ASP L 532 -45.97 38.60 38.13
N PHE L 533 -45.55 37.72 37.23
CA PHE L 533 -44.17 37.61 36.77
C PHE L 533 -43.68 38.92 36.16
N MET L 534 -44.26 39.30 35.03
CA MET L 534 -43.79 40.49 34.34
C MET L 534 -44.02 41.75 35.15
N ILE L 535 -45.06 41.77 35.99
CA ILE L 535 -45.29 42.96 36.81
C ILE L 535 -44.14 43.17 37.79
N HIS L 536 -43.81 42.14 38.57
CA HIS L 536 -42.67 42.26 39.47
C HIS L 536 -41.39 42.54 38.70
N HIS L 537 -41.26 41.96 37.50
CA HIS L 537 -40.01 42.14 36.76
C HIS L 537 -39.87 43.56 36.23
N ILE L 538 -40.97 44.19 35.83
CA ILE L 538 -40.86 45.58 35.40
C ILE L 538 -40.70 46.51 36.59
N HIS L 539 -41.25 46.14 37.75
CA HIS L 539 -40.92 46.85 38.97
C HIS L 539 -39.40 46.89 39.16
N ALA L 540 -38.79 45.71 39.15
CA ALA L 540 -37.34 45.63 39.28
C ALA L 540 -36.66 46.41 38.17
N PHE L 541 -37.20 46.36 36.96
CA PHE L 541 -36.63 47.08 35.84
C PHE L 541 -36.52 48.56 36.15
N GLN L 542 -37.65 49.20 36.49
CA GLN L 542 -37.62 50.63 36.73
C GLN L 542 -36.76 50.98 37.93
N ILE L 543 -36.78 50.16 38.97
CA ILE L 543 -35.89 50.43 40.10
C ILE L 543 -34.45 50.41 39.65
N HIS L 544 -34.10 49.47 38.78
CA HIS L 544 -32.74 49.40 38.27
C HIS L 544 -32.36 50.67 37.53
N VAL L 545 -33.23 51.14 36.63
CA VAL L 545 -32.84 52.33 35.87
C VAL L 545 -32.79 53.55 36.77
N THR L 546 -33.67 53.63 37.76
CA THR L 546 -33.62 54.73 38.72
C THR L 546 -32.27 54.76 39.42
N VAL L 547 -31.87 53.63 40.01
CA VAL L 547 -30.55 53.53 40.60
C VAL L 547 -29.49 53.91 39.60
N LEU L 548 -29.67 53.51 38.35
CA LEU L 548 -28.69 53.84 37.33
C LEU L 548 -28.48 55.34 37.24
N ILE L 549 -29.57 56.08 37.04
CA ILE L 549 -29.46 57.53 36.90
C ILE L 549 -28.82 58.14 38.14
N LEU L 550 -29.35 57.78 39.31
CA LEU L 550 -28.92 58.44 40.54
C LEU L 550 -27.46 58.14 40.84
N LEU L 551 -27.09 56.86 40.84
CA LEU L 551 -25.71 56.47 41.07
C LEU L 551 -24.78 57.03 40.01
N LYS L 552 -25.26 57.16 38.76
CA LYS L 552 -24.44 57.75 37.73
C LYS L 552 -24.09 59.19 38.07
N GLY L 553 -25.10 59.97 38.43
CA GLY L 553 -24.81 61.32 38.92
C GLY L 553 -23.91 61.31 40.14
N PHE L 554 -24.06 60.30 40.99
CA PHE L 554 -23.24 60.19 42.20
C PHE L 554 -21.77 60.05 41.86
N LEU L 555 -21.41 59.00 41.12
CA LEU L 555 -20.02 58.76 40.79
C LEU L 555 -19.47 59.86 39.90
N PHE L 556 -20.12 60.11 38.77
CA PHE L 556 -19.67 61.16 37.86
C PHE L 556 -20.13 62.51 38.36
N ALA L 557 -19.79 62.83 39.61
CA ALA L 557 -20.18 64.12 40.18
C ALA L 557 -19.05 65.13 40.11
N ARG L 558 -17.85 64.71 40.51
CA ARG L 558 -16.71 65.63 40.55
C ARG L 558 -15.96 65.68 39.24
N ASN L 559 -15.78 64.54 38.57
CA ASN L 559 -14.98 64.47 37.36
C ASN L 559 -15.61 63.50 36.38
N SER L 560 -15.84 63.98 35.16
CA SER L 560 -16.26 63.14 34.05
C SER L 560 -15.08 62.91 33.11
N ARG L 561 -15.29 61.99 32.16
CA ARG L 561 -14.25 61.73 31.18
C ARG L 561 -14.00 62.92 30.27
N LEU L 562 -14.86 63.92 30.30
CA LEU L 562 -14.70 65.13 29.50
C LEU L 562 -14.66 66.39 30.33
N ILE L 563 -15.40 66.44 31.43
CA ILE L 563 -15.46 67.63 32.28
C ILE L 563 -14.65 67.34 33.55
N PRO L 564 -13.41 67.79 33.64
CA PRO L 564 -12.63 67.62 34.87
C PRO L 564 -12.75 68.77 35.86
N ASP L 565 -13.73 69.66 35.73
CA ASP L 565 -13.85 70.79 36.63
C ASP L 565 -15.21 70.84 37.33
N LYS L 566 -15.97 69.74 37.31
CA LYS L 566 -17.32 69.76 37.86
C LYS L 566 -17.33 70.22 39.31
N ALA L 567 -16.70 69.45 40.19
CA ALA L 567 -16.58 69.88 41.58
C ALA L 567 -15.78 71.16 41.71
N ASN L 568 -14.88 71.42 40.77
CA ASN L 568 -14.16 72.69 40.72
C ASN L 568 -15.04 73.85 40.31
N LEU L 569 -16.29 73.59 39.94
CA LEU L 569 -17.18 74.61 39.40
C LEU L 569 -18.54 74.65 40.06
N GLY L 570 -18.98 73.58 40.70
CA GLY L 570 -20.26 73.52 41.38
C GLY L 570 -21.07 72.32 40.94
N PHE L 571 -22.26 72.21 41.52
CA PHE L 571 -23.19 71.16 41.15
C PHE L 571 -24.55 71.69 40.72
N ARG L 572 -24.78 72.99 40.82
CA ARG L 572 -26.00 73.63 40.33
C ARG L 572 -25.57 74.67 39.30
N PHE L 573 -25.44 74.24 38.05
CA PHE L 573 -25.11 75.14 36.96
C PHE L 573 -25.69 74.54 35.68
N PRO L 574 -26.12 75.37 34.75
CA PRO L 574 -26.85 74.86 33.58
C PRO L 574 -26.00 74.04 32.61
N CYS L 575 -24.89 74.59 32.14
CA CYS L 575 -24.14 73.96 31.06
C CYS L 575 -22.73 74.52 31.02
N ASP L 576 -21.95 74.06 30.03
CA ASP L 576 -20.58 74.49 29.84
C ASP L 576 -20.35 74.83 28.36
N GLY L 577 -21.27 75.61 27.78
CA GLY L 577 -21.11 76.07 26.43
C GLY L 577 -21.26 74.96 25.40
N PRO L 578 -21.39 75.34 24.13
CA PRO L 578 -21.55 74.32 23.09
C PRO L 578 -20.22 73.70 22.68
N GLY L 579 -19.39 73.39 23.66
CA GLY L 579 -18.18 72.64 23.39
C GLY L 579 -18.48 71.16 23.28
N ARG L 580 -17.67 70.47 22.47
CA ARG L 580 -17.80 69.04 22.27
C ARG L 580 -19.17 68.69 21.68
N GLY L 581 -19.73 69.62 20.93
CA GLY L 581 -21.14 69.55 20.53
C GLY L 581 -22.03 70.28 21.53
N GLY L 582 -22.76 69.52 22.33
CA GLY L 582 -23.55 70.08 23.40
C GLY L 582 -23.08 69.54 24.75
N THR L 583 -23.35 70.31 25.80
CA THR L 583 -23.04 69.85 27.14
C THR L 583 -24.13 70.21 28.13
N CYS L 584 -25.26 70.75 27.67
CA CYS L 584 -26.33 71.13 28.57
C CYS L 584 -26.81 69.92 29.38
N GLN L 585 -27.23 70.19 30.62
CA GLN L 585 -27.63 69.16 31.56
C GLN L 585 -26.49 68.18 31.85
N VAL L 586 -25.44 68.74 32.48
CA VAL L 586 -24.30 67.96 32.95
C VAL L 586 -24.06 68.12 34.45
N SER L 587 -24.96 68.79 35.17
CA SER L 587 -24.88 68.86 36.63
C SER L 587 -25.43 67.58 37.22
N GLY L 588 -25.66 67.55 38.53
CA GLY L 588 -26.19 66.34 39.13
C GLY L 588 -27.69 66.39 39.43
N TRP L 589 -28.17 67.54 39.86
CA TRP L 589 -29.59 67.62 40.18
C TRP L 589 -30.46 67.49 38.93
N ASP L 590 -29.92 67.67 37.73
CA ASP L 590 -30.68 67.25 36.55
C ASP L 590 -30.74 65.73 36.46
N HIS L 591 -29.68 65.04 36.89
CA HIS L 591 -29.77 63.60 37.03
C HIS L 591 -30.92 63.25 37.96
N VAL L 592 -31.04 63.96 39.08
CA VAL L 592 -32.13 63.62 39.99
C VAL L 592 -33.47 64.07 39.43
N PHE L 593 -33.50 65.07 38.55
CA PHE L 593 -34.70 65.39 37.81
C PHE L 593 -35.21 64.16 37.05
N LEU L 594 -34.37 63.65 36.17
CA LEU L 594 -34.74 62.46 35.41
C LEU L 594 -35.13 61.33 36.34
N GLY L 595 -34.38 61.18 37.44
CA GLY L 595 -34.70 60.13 38.40
C GLY L 595 -36.07 60.30 39.01
N LEU L 596 -36.46 61.54 39.31
CA LEU L 596 -37.76 61.72 39.94
C LEU L 596 -38.88 61.50 38.95
N PHE L 597 -38.67 61.85 37.68
CA PHE L 597 -39.61 61.41 36.64
C PHE L 597 -39.78 59.89 36.71
N TRP L 598 -38.66 59.17 36.74
CA TRP L 598 -38.75 57.72 36.67
C TRP L 598 -39.43 57.14 37.91
N MET L 599 -39.09 57.65 39.09
CA MET L 599 -39.73 57.14 40.29
C MET L 599 -41.21 57.46 40.31
N PHE L 600 -41.60 58.60 39.71
CA PHE L 600 -43.02 58.85 39.49
C PHE L 600 -43.63 57.69 38.73
N ASN L 601 -43.04 57.31 37.60
CA ASN L 601 -43.57 56.16 36.86
C ASN L 601 -43.69 54.94 37.76
N THR L 602 -42.61 54.62 38.47
CA THR L 602 -42.56 53.44 39.31
C THR L 602 -43.74 53.41 40.26
N ILE L 603 -43.83 54.42 41.12
CA ILE L 603 -44.84 54.40 42.17
C ILE L 603 -46.24 54.47 41.57
N ALA L 604 -46.40 55.17 40.44
CA ALA L 604 -47.72 55.24 39.82
C ALA L 604 -48.20 53.87 39.40
N ILE L 605 -47.36 53.13 38.66
CA ILE L 605 -47.82 51.81 38.25
C ILE L 605 -47.91 50.87 39.43
N ALA L 606 -47.11 51.11 40.47
CA ALA L 606 -47.20 50.28 41.67
C ALA L 606 -48.57 50.43 42.33
N VAL L 607 -49.03 51.66 42.48
CA VAL L 607 -50.33 51.87 43.11
C VAL L 607 -51.45 51.39 42.20
N TYR L 608 -51.27 51.54 40.89
CA TYR L 608 -52.21 50.92 39.95
C TYR L 608 -52.37 49.44 40.25
N HIS L 609 -51.25 48.71 40.28
CA HIS L 609 -51.26 47.28 40.49
C HIS L 609 -51.93 46.92 41.82
N PHE L 610 -51.49 47.57 42.91
CA PHE L 610 -52.04 47.28 44.23
C PHE L 610 -53.55 47.49 44.26
N SER L 611 -54.01 48.67 43.82
CA SER L 611 -55.44 48.96 43.88
C SER L 611 -56.22 47.96 43.05
N TRP L 612 -55.76 47.67 41.84
CA TRP L 612 -56.54 46.78 40.98
C TRP L 612 -56.62 45.38 41.56
N LYS L 613 -55.52 44.86 42.11
CA LYS L 613 -55.60 43.50 42.66
C LYS L 613 -56.47 43.46 43.91
N MET L 614 -56.25 44.40 44.84
CA MET L 614 -57.00 44.35 46.08
C MET L 614 -58.42 44.84 45.92
N GLN L 615 -58.82 45.28 44.73
CA GLN L 615 -60.23 45.42 44.44
C GLN L 615 -60.76 44.34 43.49
N SER L 616 -59.87 43.54 42.92
CA SER L 616 -60.29 42.51 41.97
C SER L 616 -60.47 41.14 42.59
N ASP L 617 -59.55 40.68 43.44
CA ASP L 617 -59.66 39.35 44.03
C ASP L 617 -59.47 39.36 45.54
N VAL L 618 -59.56 40.52 46.19
CA VAL L 618 -59.44 40.54 47.65
C VAL L 618 -60.68 41.16 48.27
N TRP L 619 -61.33 42.09 47.56
CA TRP L 619 -62.40 42.88 48.16
C TRP L 619 -63.65 42.82 47.30
N GLY L 620 -64.80 43.01 47.96
CA GLY L 620 -66.11 42.89 47.35
C GLY L 620 -67.21 42.85 48.39
N THR L 621 -68.10 41.87 48.28
CA THR L 621 -69.14 41.59 49.28
C THR L 621 -69.09 40.11 49.63
N ILE L 622 -69.94 39.69 50.57
CA ILE L 622 -69.97 38.30 51.03
C ILE L 622 -71.41 37.87 51.25
N ASP L 623 -71.67 36.59 51.02
CA ASP L 623 -72.93 35.92 51.23
C ASP L 623 -72.89 35.07 52.50
N PRO L 624 -74.03 34.55 52.97
CA PRO L 624 -74.02 33.69 54.16
C PRO L 624 -73.11 32.49 54.05
N ASP L 625 -72.81 32.02 52.85
CA ASP L 625 -71.86 30.92 52.68
C ASP L 625 -70.42 31.37 52.74
N GLY L 626 -70.14 32.58 53.21
CA GLY L 626 -68.83 33.15 53.03
C GLY L 626 -68.49 33.45 51.58
N THR L 627 -69.47 33.44 50.69
CA THR L 627 -69.25 33.60 49.26
C THR L 627 -68.76 35.00 48.95
N ILE L 628 -67.47 35.13 48.67
CA ILE L 628 -66.89 36.44 48.36
C ILE L 628 -67.20 36.77 46.91
N ALA L 629 -68.12 37.71 46.71
CA ALA L 629 -68.41 38.27 45.40
C ALA L 629 -67.59 39.54 45.25
N HIS L 630 -66.42 39.40 44.62
CA HIS L 630 -65.50 40.52 44.54
C HIS L 630 -66.08 41.64 43.68
N ILE L 631 -65.47 42.82 43.79
CA ILE L 631 -65.99 44.01 43.12
C ILE L 631 -65.94 43.84 41.60
N THR L 632 -64.76 43.51 41.07
CA THR L 632 -64.58 43.51 39.62
C THR L 632 -64.84 42.15 38.99
N GLY L 633 -64.29 41.08 39.57
CA GLY L 633 -64.48 39.75 39.06
C GLY L 633 -63.23 39.04 38.56
N GLY L 634 -62.05 39.34 39.12
CA GLY L 634 -60.85 38.66 38.67
C GLY L 634 -60.45 38.99 37.26
N ASN L 635 -60.02 40.24 37.02
CA ASN L 635 -59.80 40.74 35.67
C ASN L 635 -58.36 40.56 35.20
N PHE L 636 -57.43 40.26 36.10
CA PHE L 636 -56.04 40.05 35.71
C PHE L 636 -55.88 38.79 34.86
N ALA L 637 -56.47 37.67 35.30
CA ALA L 637 -56.43 36.45 34.51
C ALA L 637 -57.10 36.62 33.15
N MET L 638 -57.77 37.74 32.92
CA MET L 638 -58.53 37.98 31.71
C MET L 638 -57.94 39.06 30.81
N SER L 639 -57.48 40.18 31.36
CA SER L 639 -57.05 41.31 30.56
C SER L 639 -55.72 41.94 30.97
N ALA L 640 -55.22 41.67 32.17
CA ALA L 640 -53.98 42.32 32.60
C ALA L 640 -52.79 41.61 31.99
N ASN L 641 -52.83 41.42 30.69
CA ASN L 641 -51.74 40.80 29.94
C ASN L 641 -51.41 41.54 28.66
N THR L 642 -52.33 42.34 28.13
CA THR L 642 -52.13 43.11 26.92
C THR L 642 -52.40 44.57 27.23
N ILE L 643 -51.80 45.46 26.43
CA ILE L 643 -51.83 46.88 26.76
C ILE L 643 -53.23 47.45 26.60
N ASN L 644 -53.86 47.19 25.44
CA ASN L 644 -55.19 47.73 25.20
C ASN L 644 -56.18 47.32 26.29
N GLY L 645 -56.02 46.12 26.84
CA GLY L 645 -56.83 45.71 27.96
C GLY L 645 -56.57 46.56 29.19
N TRP L 646 -55.31 46.96 29.39
CA TRP L 646 -54.95 47.70 30.59
C TRP L 646 -55.63 49.06 30.67
N LEU L 647 -55.82 49.72 29.53
CA LEU L 647 -56.57 50.98 29.52
C LEU L 647 -58.07 50.72 29.61
N ARG L 648 -58.56 49.71 28.90
CA ARG L 648 -59.98 49.40 28.93
C ARG L 648 -60.41 49.04 30.34
N ASP L 649 -59.92 47.91 30.82
CA ASP L 649 -60.38 47.31 32.06
C ASP L 649 -59.84 47.97 33.28
N TYR L 650 -59.15 49.11 33.22
CA TYR L 650 -58.87 49.85 34.44
C TYR L 650 -59.55 51.20 34.47
N GLN L 651 -59.29 52.08 33.50
CA GLN L 651 -59.84 53.42 33.60
C GLN L 651 -61.30 53.51 33.14
N TRP L 652 -61.81 52.52 32.39
CA TRP L 652 -63.26 52.50 32.20
C TRP L 652 -63.96 52.47 33.55
N ALA L 653 -63.51 51.59 34.44
CA ALA L 653 -64.06 51.56 35.78
C ALA L 653 -63.64 52.77 36.61
N GLN L 654 -62.41 53.25 36.41
CA GLN L 654 -61.89 54.29 37.28
C GLN L 654 -62.44 55.67 36.98
N ALA L 655 -63.27 55.84 35.94
CA ALA L 655 -63.81 57.16 35.63
C ALA L 655 -65.29 57.17 35.27
N ALA L 656 -65.93 56.04 35.01
CA ALA L 656 -67.25 56.01 34.41
C ALA L 656 -68.30 56.73 35.25
N GLN L 657 -67.96 57.06 36.49
CA GLN L 657 -68.85 57.85 37.34
C GLN L 657 -68.41 59.29 37.49
N VAL L 658 -67.10 59.56 37.49
CA VAL L 658 -66.60 60.92 37.71
C VAL L 658 -67.18 61.88 36.68
N ILE L 659 -67.48 61.37 35.48
CA ILE L 659 -68.16 62.20 34.48
C ILE L 659 -69.49 62.71 35.04
N GLN L 660 -70.24 61.83 35.69
CA GLN L 660 -71.56 62.19 36.22
C GLN L 660 -71.59 62.22 37.74
N SER L 661 -70.45 62.05 38.41
CA SER L 661 -70.45 61.99 39.87
C SER L 661 -70.81 63.31 40.53
N TYR L 662 -71.13 64.33 39.75
CA TYR L 662 -71.60 65.61 40.28
C TYR L 662 -73.08 65.77 39.96
N GLY L 663 -73.77 66.56 40.78
CA GLY L 663 -75.09 67.03 40.40
C GLY L 663 -76.20 66.80 41.41
N SER L 664 -75.85 66.65 42.68
CA SER L 664 -76.85 66.52 43.73
C SER L 664 -76.20 66.96 45.04
N ALA L 665 -76.89 66.67 46.15
CA ALA L 665 -76.45 67.10 47.47
C ALA L 665 -75.11 66.51 47.84
N LEU L 666 -75.05 65.19 48.04
CA LEU L 666 -73.76 64.60 48.40
C LEU L 666 -73.02 64.13 47.15
N SER L 667 -73.01 65.00 46.14
CA SER L 667 -72.23 64.79 44.93
C SER L 667 -71.58 66.05 44.40
N ALA L 668 -71.98 67.23 44.87
CA ALA L 668 -71.69 68.48 44.17
C ALA L 668 -70.21 68.78 44.02
N TYR L 669 -69.33 68.03 44.69
CA TYR L 669 -67.92 68.37 44.67
C TYR L 669 -67.31 68.06 43.31
N GLY L 670 -67.64 68.89 42.32
CA GLY L 670 -67.00 68.80 41.03
C GLY L 670 -65.49 68.82 41.21
N LEU L 671 -64.84 67.70 40.96
CA LEU L 671 -63.44 67.54 41.33
C LEU L 671 -62.54 68.18 40.29
N LEU L 672 -61.37 68.59 40.75
CA LEU L 672 -60.40 69.30 39.90
C LEU L 672 -59.52 68.32 39.15
N PHE L 673 -60.14 67.32 38.53
CA PHE L 673 -59.48 66.38 37.62
C PHE L 673 -59.56 66.95 36.21
N LEU L 674 -60.75 67.35 35.81
CA LEU L 674 -60.99 68.33 34.75
C LEU L 674 -60.06 69.52 34.88
N GLY L 675 -59.68 69.88 36.10
CA GLY L 675 -58.84 71.05 36.30
C GLY L 675 -57.36 70.77 36.25
N ALA L 676 -56.94 69.54 36.58
CA ALA L 676 -55.52 69.26 36.69
C ALA L 676 -54.86 69.13 35.33
N HIS L 677 -55.59 68.67 34.32
CA HIS L 677 -55.03 68.56 32.97
C HIS L 677 -54.46 69.90 32.52
N PHE L 678 -55.17 70.99 32.82
CA PHE L 678 -54.71 72.30 32.40
C PHE L 678 -53.35 72.61 32.98
N VAL L 679 -53.18 72.39 34.29
CA VAL L 679 -51.89 72.65 34.90
C VAL L 679 -50.83 71.74 34.31
N TRP L 680 -51.22 70.53 33.88
CA TRP L 680 -50.26 69.62 33.28
C TRP L 680 -49.74 70.15 31.94
N ALA L 681 -50.63 70.59 31.07
CA ALA L 681 -50.18 71.13 29.80
C ALA L 681 -49.41 72.44 29.99
N PHE L 682 -49.91 73.30 30.86
CA PHE L 682 -49.18 74.51 31.22
C PHE L 682 -47.80 74.17 31.74
N SER L 683 -47.67 73.04 32.41
CA SER L 683 -46.38 72.55 32.87
C SER L 683 -45.49 72.29 31.68
N LEU L 684 -45.93 71.36 30.82
CA LEU L 684 -45.08 70.93 29.72
C LEU L 684 -44.72 72.08 28.80
N MET L 685 -45.49 73.18 28.83
CA MET L 685 -45.10 74.36 28.07
C MET L 685 -43.72 74.87 28.49
N PHE L 686 -43.46 74.88 29.80
CA PHE L 686 -42.20 75.44 30.29
C PHE L 686 -41.01 74.59 29.88
N LEU L 687 -41.21 73.30 29.65
CA LEU L 687 -40.09 72.40 29.41
C LEU L 687 -39.50 72.60 28.01
N PHE L 688 -40.36 72.58 26.99
CA PHE L 688 -39.91 72.48 25.61
C PHE L 688 -39.28 73.77 25.08
N SER L 689 -39.41 74.88 25.79
CA SER L 689 -39.05 76.18 25.25
C SER L 689 -37.83 76.76 25.95
N GLY L 690 -37.05 77.54 25.20
CA GLY L 690 -35.93 78.27 25.74
C GLY L 690 -36.38 79.50 26.50
N ARG L 691 -35.49 80.51 26.53
CA ARG L 691 -35.80 81.73 27.26
C ARG L 691 -35.61 83.00 26.43
N GLY L 692 -34.64 83.03 25.51
CA GLY L 692 -34.40 84.24 24.75
C GLY L 692 -35.64 84.76 24.06
N TYR L 693 -36.50 83.85 23.60
CA TYR L 693 -37.77 84.24 23.01
C TYR L 693 -38.60 85.09 23.98
N TRP L 694 -38.76 84.59 25.21
CA TRP L 694 -39.52 85.33 26.21
C TRP L 694 -38.85 86.64 26.55
N GLN L 695 -37.52 86.65 26.58
CA GLN L 695 -36.79 87.89 26.86
C GLN L 695 -37.11 88.95 25.80
N GLU L 696 -37.12 88.56 24.53
CA GLU L 696 -37.40 89.52 23.47
C GLU L 696 -38.84 90.01 23.51
N LEU L 697 -39.79 89.10 23.75
CA LEU L 697 -41.18 89.55 23.91
C LEU L 697 -41.29 90.54 25.06
N ILE L 698 -40.59 90.27 26.16
CA ILE L 698 -40.57 91.17 27.30
C ILE L 698 -40.06 92.55 26.88
N GLU L 699 -38.98 92.57 26.09
CA GLU L 699 -38.41 93.85 25.66
C GLU L 699 -39.40 94.63 24.82
N SER L 700 -40.18 93.95 23.98
CA SER L 700 -41.17 94.66 23.18
C SER L 700 -42.27 95.27 24.05
N ILE L 701 -42.79 94.49 25.00
CA ILE L 701 -43.81 95.04 25.90
C ILE L 701 -43.22 96.22 26.69
N VAL L 702 -41.94 96.14 27.05
CA VAL L 702 -41.28 97.24 27.73
C VAL L 702 -41.24 98.47 26.84
N TRP L 703 -40.94 98.30 25.55
CA TRP L 703 -40.97 99.42 24.63
C TRP L 703 -42.32 100.11 24.67
N ALA L 704 -43.39 99.33 24.58
CA ALA L 704 -44.73 99.93 24.58
C ALA L 704 -44.99 100.69 25.87
N HIS L 705 -44.74 100.04 27.01
CA HIS L 705 -44.98 100.69 28.30
C HIS L 705 -44.16 101.95 28.46
N ASN L 706 -42.92 101.94 27.98
CA ASN L 706 -42.09 103.13 28.03
C ASN L 706 -42.63 104.22 27.14
N LYS L 707 -43.25 103.84 26.01
CA LYS L 707 -43.88 104.86 25.19
C LYS L 707 -45.04 105.52 25.91
N LEU L 708 -45.79 104.78 26.72
CA LEU L 708 -46.86 105.41 27.47
C LEU L 708 -46.47 105.81 28.88
N LYS L 709 -45.17 105.95 29.18
CA LYS L 709 -44.70 106.49 30.45
C LYS L 709 -45.23 105.70 31.65
N VAL L 710 -45.10 104.38 31.57
CA VAL L 710 -45.51 103.54 32.70
C VAL L 710 -44.42 102.52 32.98
N ALA L 711 -43.23 102.74 32.42
CA ALA L 711 -42.12 101.81 32.55
C ALA L 711 -41.84 101.49 34.01
N PRO L 712 -41.94 100.21 34.41
CA PRO L 712 -41.58 99.85 35.79
C PRO L 712 -40.08 100.01 36.00
N THR L 713 -39.72 100.76 37.05
CA THR L 713 -38.31 101.02 37.32
C THR L 713 -37.51 99.74 37.44
N ILE L 714 -37.98 98.82 38.27
CA ILE L 714 -37.34 97.51 38.37
C ILE L 714 -37.55 96.77 37.05
N GLN L 715 -36.48 96.58 36.31
CA GLN L 715 -36.58 96.07 34.95
C GLN L 715 -36.85 94.57 34.96
N PRO L 716 -37.99 94.11 34.44
CA PRO L 716 -38.27 92.68 34.44
C PRO L 716 -37.27 91.92 33.56
N ARG L 717 -36.92 90.72 34.00
CA ARG L 717 -36.05 89.83 33.25
C ARG L 717 -36.63 88.43 33.29
N ALA L 718 -36.56 87.72 32.17
CA ALA L 718 -37.14 86.40 32.07
C ALA L 718 -36.46 85.43 33.05
N LEU L 719 -37.11 84.30 33.28
CA LEU L 719 -36.60 83.31 34.21
C LEU L 719 -35.29 82.73 33.71
N SER L 720 -34.47 82.25 34.65
CA SER L 720 -33.29 81.49 34.28
C SER L 720 -33.68 80.07 33.94
N ILE L 721 -32.92 79.44 33.03
CA ILE L 721 -33.34 78.17 32.46
C ILE L 721 -33.50 77.11 33.54
N ILE L 722 -32.66 77.16 34.58
CA ILE L 722 -32.83 76.21 35.67
C ILE L 722 -34.10 76.51 36.46
N GLN L 723 -34.40 77.80 36.67
CA GLN L 723 -35.65 78.18 37.30
C GLN L 723 -36.85 77.68 36.50
N GLY L 724 -36.80 77.85 35.17
CA GLY L 724 -37.90 77.39 34.34
C GLY L 724 -38.04 75.89 34.36
N ARG L 725 -36.92 75.17 34.30
CA ARG L 725 -36.97 73.72 34.41
C ARG L 725 -37.61 73.29 35.72
N ALA L 726 -37.25 73.96 36.81
CA ALA L 726 -37.78 73.61 38.11
C ALA L 726 -39.30 73.83 38.16
N VAL L 727 -39.75 74.99 37.69
CA VAL L 727 -41.20 75.24 37.76
C VAL L 727 -41.95 74.29 36.84
N GLY L 728 -41.35 73.94 35.70
CA GLY L 728 -41.99 72.99 34.81
C GLY L 728 -42.17 71.63 35.47
N VAL L 729 -41.10 71.10 36.06
CA VAL L 729 -41.21 69.78 36.67
C VAL L 729 -42.15 69.82 37.87
N ALA L 730 -42.13 70.91 38.63
CA ALA L 730 -43.04 71.04 39.76
C ALA L 730 -44.48 70.98 39.30
N HIS L 731 -44.84 71.79 38.31
CA HIS L 731 -46.22 71.78 37.82
C HIS L 731 -46.60 70.43 37.24
N TYR L 732 -45.66 69.79 36.54
CA TYR L 732 -45.91 68.47 36.00
C TYR L 732 -46.33 67.49 37.09
N LEU L 733 -45.47 67.35 38.10
CA LEU L 733 -45.74 66.44 39.20
C LEU L 733 -47.07 66.79 39.89
N LEU L 734 -47.29 68.07 40.14
CA LEU L 734 -48.52 68.48 40.83
C LEU L 734 -49.74 68.04 40.06
N GLY L 735 -49.80 68.37 38.77
CA GLY L 735 -50.94 67.98 37.97
C GLY L 735 -51.17 66.48 37.97
N ALA L 736 -50.09 65.72 37.78
CA ALA L 736 -50.25 64.27 37.69
C ALA L 736 -50.80 63.70 38.99
N ILE L 737 -50.20 64.06 40.12
CA ILE L 737 -50.62 63.46 41.38
C ILE L 737 -52.02 63.92 41.77
N VAL L 738 -52.37 65.17 41.46
CA VAL L 738 -53.73 65.64 41.72
C VAL L 738 -54.72 64.81 40.92
N THR L 739 -54.43 64.62 39.62
CA THR L 739 -55.27 63.79 38.77
C THR L 739 -55.52 62.43 39.40
N ILE L 740 -54.44 61.75 39.79
CA ILE L 740 -54.59 60.36 40.20
C ILE L 740 -55.33 60.26 41.54
N TRP L 741 -55.04 61.18 42.48
CA TRP L 741 -55.75 61.07 43.75
C TRP L 741 -57.23 61.37 43.57
N ALA L 742 -57.56 62.33 42.70
CA ALA L 742 -58.96 62.53 42.37
C ALA L 742 -59.58 61.25 41.85
N PHE L 743 -58.88 60.56 40.93
CA PHE L 743 -59.37 59.30 40.37
C PHE L 743 -59.80 58.34 41.45
N PHE L 744 -58.86 57.89 42.28
CA PHE L 744 -59.25 56.79 43.15
C PHE L 744 -60.04 57.25 44.37
N GLU L 745 -59.96 58.53 44.74
CA GLU L 745 -60.86 59.03 45.77
C GLU L 745 -62.31 58.88 45.35
N ALA L 746 -62.66 59.42 44.17
CA ALA L 746 -64.03 59.25 43.69
C ALA L 746 -64.36 57.78 43.47
N ARG L 747 -63.37 56.98 43.05
CA ARG L 747 -63.62 55.56 42.82
C ARG L 747 -64.01 54.84 44.11
N ILE L 748 -63.34 55.17 45.22
CA ILE L 748 -63.70 54.54 46.49
C ILE L 748 -65.03 55.08 47.00
N ILE L 749 -65.29 56.38 46.79
CA ILE L 749 -66.58 56.92 47.16
C ILE L 749 -67.70 56.19 46.44
N SER L 750 -67.45 55.70 45.22
CA SER L 750 -68.46 54.92 44.52
C SER L 750 -68.74 53.57 45.14
N VAL L 751 -67.88 53.10 46.04
CA VAL L 751 -68.11 51.84 46.73
C VAL L 751 -68.12 51.98 48.24
N GLY L 752 -67.44 52.96 48.81
CA GLY L 752 -67.43 53.15 50.24
C GLY L 752 -68.47 54.14 50.72
N THR M 3 -12.87 62.18 -0.92
CA THR M 3 -13.66 63.30 -1.43
C THR M 3 -14.92 62.80 -2.10
N LYS M 4 -15.16 61.50 -2.03
CA LYS M 4 -16.30 60.93 -2.74
C LYS M 4 -17.61 61.32 -2.08
N PHE M 5 -17.83 60.91 -0.84
CA PHE M 5 -19.07 61.31 -0.20
C PHE M 5 -18.80 62.15 1.04
N PRO M 6 -19.42 63.33 1.15
CA PRO M 6 -20.25 63.87 0.07
C PRO M 6 -19.46 64.78 -0.86
N LYS M 7 -19.56 64.54 -2.17
CA LYS M 7 -18.77 65.33 -3.11
C LYS M 7 -19.26 66.77 -3.19
N PHE M 8 -20.57 66.98 -3.06
CA PHE M 8 -21.14 68.31 -3.23
C PHE M 8 -20.67 69.27 -2.14
N SER M 9 -19.89 68.77 -1.19
CA SER M 9 -19.27 69.61 -0.16
C SER M 9 -17.96 68.95 0.23
N GLN M 10 -16.85 69.50 -0.27
CA GLN M 10 -15.54 68.97 0.05
C GLN M 10 -15.27 69.01 1.55
N ASP M 11 -15.90 69.95 2.25
CA ASP M 11 -15.69 70.07 3.69
C ASP M 11 -16.21 68.85 4.43
N LEU M 12 -17.50 68.54 4.26
CA LEU M 12 -18.16 67.54 5.08
C LEU M 12 -17.55 66.14 4.93
N ALA M 13 -16.71 65.92 3.93
CA ALA M 13 -16.04 64.64 3.77
C ALA M 13 -14.68 64.61 4.47
N GLN M 14 -14.52 65.41 5.53
CA GLN M 14 -13.27 65.49 6.29
C GLN M 14 -13.56 65.35 7.78
N ASP M 15 -14.34 64.34 8.14
CA ASP M 15 -14.73 64.18 9.54
C ASP M 15 -15.07 62.73 9.84
N PRO M 16 -14.36 62.09 10.77
CA PRO M 16 -14.63 60.69 11.12
C PRO M 16 -15.64 60.52 12.25
N THR M 17 -16.81 61.13 12.09
CA THR M 17 -17.91 60.97 13.04
C THR M 17 -19.18 60.65 12.27
N THR M 18 -19.97 59.72 12.80
CA THR M 18 -21.17 59.24 12.10
C THR M 18 -22.08 60.39 11.68
N ARG M 19 -22.00 61.53 12.39
CA ARG M 19 -22.83 62.67 12.04
C ARG M 19 -22.66 63.06 10.58
N ARG M 20 -21.50 62.75 9.99
CA ARG M 20 -21.30 62.96 8.56
C ARG M 20 -22.50 62.43 7.78
N LEU M 21 -22.78 61.13 7.93
CA LEU M 21 -23.94 60.55 7.27
C LEU M 21 -25.21 61.34 7.59
N TRP M 22 -25.41 61.65 8.87
CA TRP M 22 -26.59 62.43 9.25
C TRP M 22 -26.64 63.75 8.51
N TYR M 23 -25.51 64.44 8.42
CA TYR M 23 -25.49 65.69 7.68
C TYR M 23 -25.31 65.48 6.18
N GLY M 24 -24.98 64.27 5.76
CA GLY M 24 -24.82 64.02 4.33
C GLY M 24 -26.14 64.03 3.59
N ILE M 25 -27.22 63.65 4.26
CA ILE M 25 -28.51 63.51 3.61
C ILE M 25 -29.49 64.60 4.03
N ALA M 26 -28.99 65.70 4.58
CA ALA M 26 -29.82 66.84 4.93
C ALA M 26 -29.40 68.09 4.16
N THR M 27 -28.61 67.92 3.12
CA THR M 27 -28.19 69.04 2.29
C THR M 27 -28.28 68.73 0.80
N ALA M 28 -28.43 67.46 0.41
CA ALA M 28 -28.41 67.09 -1.00
C ALA M 28 -29.50 67.76 -1.81
N HIS M 29 -30.50 68.34 -1.15
CA HIS M 29 -31.54 69.10 -1.84
C HIS M 29 -31.51 70.57 -1.48
N ASP M 30 -30.37 71.05 -1.01
CA ASP M 30 -30.10 72.48 -0.85
C ASP M 30 -28.98 72.80 -1.83
N PHE M 31 -29.36 73.20 -3.04
CA PHE M 31 -28.41 73.21 -4.15
C PHE M 31 -27.41 74.34 -4.02
N GLU M 32 -27.90 75.57 -3.83
CA GLU M 32 -27.04 76.74 -3.86
C GLU M 32 -26.04 76.76 -2.70
N THR M 33 -26.08 75.74 -1.86
CA THR M 33 -25.07 75.55 -0.82
C THR M 33 -23.99 74.57 -1.22
N HIS M 34 -24.17 73.83 -2.32
CA HIS M 34 -23.11 72.96 -2.80
C HIS M 34 -21.90 73.79 -3.22
N ASP M 35 -20.77 73.10 -3.39
CA ASP M 35 -19.51 73.76 -3.70
C ASP M 35 -19.38 73.93 -5.21
N GLY M 36 -19.34 75.18 -5.67
CA GLY M 36 -18.99 75.47 -7.04
C GLY M 36 -20.09 75.25 -8.07
N MET M 37 -21.18 76.01 -7.98
CA MET M 37 -22.19 75.98 -9.02
C MET M 37 -22.84 77.35 -9.12
N THR M 38 -22.60 78.05 -10.23
CA THR M 38 -23.17 79.36 -10.46
C THR M 38 -24.63 79.21 -10.90
N GLU M 39 -25.25 80.33 -11.31
CA GLU M 39 -26.70 80.39 -11.44
C GLU M 39 -27.22 79.42 -12.49
N GLU M 40 -26.76 79.54 -13.74
CA GLU M 40 -27.42 78.84 -14.82
C GLU M 40 -27.37 77.33 -14.63
N ASN M 41 -26.31 76.82 -14.02
CA ASN M 41 -26.30 75.41 -13.62
C ASN M 41 -27.54 75.09 -12.79
N LEU M 42 -27.77 75.89 -11.74
CA LEU M 42 -28.90 75.66 -10.86
C LEU M 42 -30.20 75.75 -11.63
N TYR M 43 -30.35 76.78 -12.46
CA TYR M 43 -31.58 76.98 -13.21
C TYR M 43 -31.89 75.79 -14.10
N GLN M 44 -30.90 75.32 -14.85
CA GLN M 44 -31.13 74.22 -15.78
C GLN M 44 -31.42 72.92 -15.03
N LYS M 45 -30.68 72.64 -13.96
CA LYS M 45 -30.97 71.39 -13.26
C LYS M 45 -32.29 71.46 -12.51
N LEU M 46 -32.70 72.65 -12.08
CA LEU M 46 -34.04 72.82 -11.52
C LEU M 46 -35.10 72.55 -12.57
N PHE M 47 -34.89 73.06 -13.78
CA PHE M 47 -35.73 72.73 -14.92
C PHE M 47 -35.93 71.21 -15.01
N ALA M 48 -34.81 70.49 -15.10
CA ALA M 48 -34.88 69.04 -15.26
C ALA M 48 -35.55 68.34 -14.07
N THR M 49 -35.23 68.79 -12.85
CA THR M 49 -35.77 68.12 -11.68
C THR M 49 -37.27 68.36 -11.54
N HIS M 50 -37.73 69.57 -11.87
CA HIS M 50 -39.17 69.81 -11.91
C HIS M 50 -39.83 68.89 -12.93
N PHE M 51 -39.19 68.73 -14.10
CA PHE M 51 -39.68 67.75 -15.06
C PHE M 51 -39.88 66.39 -14.40
N GLY M 52 -38.83 65.91 -13.71
CA GLY M 52 -38.93 64.61 -13.06
C GLY M 52 -40.04 64.53 -12.05
N HIS M 53 -40.27 65.64 -11.33
CA HIS M 53 -41.36 65.65 -10.36
C HIS M 53 -42.70 65.43 -11.04
N VAL M 54 -42.99 66.18 -12.09
CA VAL M 54 -44.30 65.97 -12.73
C VAL M 54 -44.36 64.58 -13.37
N ALA M 55 -43.21 64.05 -13.80
CA ALA M 55 -43.21 62.70 -14.35
C ALA M 55 -43.64 61.69 -13.31
N ILE M 56 -43.08 61.78 -12.10
CA ILE M 56 -43.46 60.83 -11.08
C ILE M 56 -44.89 61.05 -10.62
N ILE M 57 -45.41 62.28 -10.71
CA ILE M 57 -46.83 62.49 -10.47
C ILE M 57 -47.67 61.69 -11.45
N PHE M 58 -47.30 61.77 -12.74
CA PHE M 58 -48.01 60.99 -13.75
C PHE M 58 -47.92 59.50 -13.43
N LEU M 59 -46.74 59.04 -13.02
CA LEU M 59 -46.57 57.64 -12.66
C LEU M 59 -47.51 57.25 -11.53
N TRP M 60 -47.65 58.12 -10.53
CA TRP M 60 -48.54 57.86 -9.41
C TRP M 60 -49.99 57.72 -9.87
N THR M 61 -50.44 58.65 -10.70
CA THR M 61 -51.79 58.57 -11.24
C THR M 61 -52.00 57.25 -11.99
N SER M 62 -51.06 56.91 -12.86
CA SER M 62 -51.13 55.64 -13.58
C SER M 62 -51.20 54.48 -12.61
N SER M 63 -50.44 54.57 -11.51
CA SER M 63 -50.42 53.51 -10.51
C SER M 63 -51.80 53.24 -9.99
N LEU M 64 -52.41 54.26 -9.40
CA LEU M 64 -53.73 54.07 -8.79
C LEU M 64 -54.75 53.62 -9.83
N LEU M 65 -54.69 54.20 -11.02
CA LEU M 65 -55.72 53.93 -12.02
C LEU M 65 -55.60 52.51 -12.58
N PHE M 66 -54.38 52.07 -12.89
CA PHE M 66 -54.18 50.71 -13.36
C PHE M 66 -54.56 49.70 -12.28
N HIS M 67 -54.21 49.98 -11.03
CA HIS M 67 -54.52 49.03 -9.97
C HIS M 67 -56.02 48.86 -9.80
N VAL M 68 -56.77 49.97 -9.83
CA VAL M 68 -58.20 49.81 -9.74
C VAL M 68 -58.74 49.14 -10.99
N ALA M 69 -58.09 49.33 -12.14
CA ALA M 69 -58.49 48.62 -13.34
C ALA M 69 -58.27 47.12 -13.23
N TRP M 70 -57.34 46.69 -12.39
CA TRP M 70 -56.96 45.28 -12.34
C TRP M 70 -57.95 44.47 -11.51
N GLN M 71 -58.07 44.78 -10.23
CA GLN M 71 -58.77 43.92 -9.29
C GLN M 71 -59.83 44.69 -8.51
N GLY M 72 -60.66 45.46 -9.21
CA GLY M 72 -61.69 46.26 -8.59
C GLY M 72 -63.09 45.86 -9.03
N ASN M 73 -64.07 46.55 -8.46
CA ASN M 73 -65.48 46.32 -8.74
C ASN M 73 -66.16 47.57 -9.28
N PHE M 74 -65.47 48.28 -10.19
CA PHE M 74 -65.99 49.54 -10.69
C PHE M 74 -67.34 49.35 -11.38
N GLU M 75 -67.49 48.29 -12.17
CA GLU M 75 -68.75 48.03 -12.84
C GLU M 75 -69.81 47.53 -11.87
N GLN M 76 -69.41 46.64 -10.95
CA GLN M 76 -70.29 46.24 -9.87
C GLN M 76 -70.67 47.42 -9.00
N TRP M 77 -69.90 48.51 -9.05
CA TRP M 77 -70.30 49.77 -8.47
C TRP M 77 -71.16 50.59 -9.41
N ILE M 78 -71.10 50.33 -10.72
CA ILE M 78 -72.01 50.98 -11.65
C ILE M 78 -73.43 50.49 -11.42
N LYS M 79 -73.59 49.18 -11.27
CA LYS M 79 -74.94 48.61 -11.18
C LYS M 79 -75.68 49.08 -9.94
N ASP M 80 -75.11 48.87 -8.76
CA ASP M 80 -75.73 49.31 -7.52
C ASP M 80 -74.87 50.40 -6.88
N PRO M 81 -74.96 51.64 -7.36
CA PRO M 81 -73.99 52.67 -6.93
C PRO M 81 -74.06 53.01 -5.45
N LEU M 82 -75.24 53.41 -4.98
CA LEU M 82 -75.36 53.99 -3.64
C LEU M 82 -75.08 52.99 -2.51
N ASN M 83 -74.87 51.71 -2.82
CA ASN M 83 -74.57 50.73 -1.79
C ASN M 83 -73.24 50.03 -1.98
N VAL M 84 -72.90 49.65 -3.21
CA VAL M 84 -71.66 48.92 -3.44
C VAL M 84 -70.47 49.80 -3.08
N ARG M 85 -69.51 49.23 -2.36
CA ARG M 85 -68.31 49.89 -1.89
C ARG M 85 -67.15 49.63 -2.85
N PRO M 86 -66.33 50.65 -3.11
CA PRO M 86 -65.21 50.48 -4.05
C PRO M 86 -64.14 49.53 -3.55
N ILE M 87 -63.12 49.31 -4.37
CA ILE M 87 -62.05 48.36 -4.09
C ILE M 87 -60.72 49.08 -4.24
N ALA M 88 -59.83 48.93 -3.25
CA ALA M 88 -58.51 49.54 -3.35
C ALA M 88 -57.54 48.68 -4.15
N HIS M 89 -57.22 47.49 -3.65
CA HIS M 89 -56.27 46.59 -4.30
C HIS M 89 -56.29 45.27 -3.55
N ALA M 90 -55.41 44.36 -3.94
CA ALA M 90 -55.33 43.06 -3.31
C ALA M 90 -54.57 43.15 -1.98
N ILE M 91 -54.61 42.06 -1.23
CA ILE M 91 -53.99 41.97 0.09
C ILE M 91 -53.12 40.73 0.13
N TRP M 92 -51.89 40.88 0.63
CA TRP M 92 -50.95 39.77 0.62
C TRP M 92 -49.96 39.92 1.77
N ASP M 93 -50.18 39.19 2.86
CA ASP M 93 -49.22 39.16 3.95
C ASP M 93 -49.32 37.83 4.68
N PRO M 94 -48.23 37.07 4.75
CA PRO M 94 -48.28 35.78 5.45
C PRO M 94 -48.52 35.91 6.93
N HIS M 95 -48.07 37.00 7.56
CA HIS M 95 -48.23 37.21 8.99
C HIS M 95 -49.67 37.47 9.40
N PHE M 96 -50.59 37.56 8.45
CA PHE M 96 -51.93 38.07 8.72
C PHE M 96 -52.67 37.19 9.71
N GLY M 97 -53.81 37.70 10.17
CA GLY M 97 -54.61 37.04 11.18
C GLY M 97 -55.44 35.89 10.65
N LYS M 98 -56.60 35.67 11.27
CA LYS M 98 -57.52 34.63 10.82
C LYS M 98 -58.82 35.21 10.29
N ALA M 99 -59.53 36.01 11.08
CA ALA M 99 -60.77 36.61 10.63
C ALA M 99 -60.57 37.63 9.52
N ALA M 100 -59.32 37.94 9.17
CA ALA M 100 -59.02 38.92 8.13
C ALA M 100 -59.65 38.49 6.81
N VAL M 101 -59.17 37.37 6.25
CA VAL M 101 -59.82 36.80 5.07
C VAL M 101 -61.30 36.57 5.33
N ASP M 102 -61.65 36.27 6.59
CA ASP M 102 -63.03 36.01 6.93
C ASP M 102 -63.86 37.28 7.03
N ALA M 103 -63.23 38.45 7.17
CA ALA M 103 -63.95 39.71 7.25
C ALA M 103 -63.60 40.67 6.11
N PHE M 104 -63.04 40.15 5.02
CA PHE M 104 -62.64 41.00 3.90
C PHE M 104 -63.39 40.72 2.61
N THR M 105 -63.55 39.44 2.24
CA THR M 105 -64.06 39.08 0.92
C THR M 105 -65.53 39.47 0.81
N GLN M 106 -65.81 40.57 0.11
CA GLN M 106 -67.16 41.04 -0.11
C GLN M 106 -67.26 41.48 -1.57
N ALA M 107 -68.36 42.16 -1.90
CA ALA M 107 -68.65 42.58 -3.27
C ALA M 107 -68.53 41.42 -4.24
N GLY M 108 -68.87 40.22 -3.80
CA GLY M 108 -68.75 39.03 -4.60
C GLY M 108 -67.35 38.48 -4.74
N ALA M 109 -66.35 39.12 -4.16
CA ALA M 109 -64.98 38.69 -4.33
C ALA M 109 -64.67 37.47 -3.47
N THR M 110 -63.65 36.72 -3.89
CA THR M 110 -63.17 35.56 -3.15
C THR M 110 -61.77 35.75 -2.58
N TYR M 111 -61.07 36.78 -3.00
CA TYR M 111 -59.74 37.10 -2.51
C TYR M 111 -59.81 38.24 -1.50
N PRO M 112 -58.76 38.47 -0.71
CA PRO M 112 -58.82 39.50 0.33
C PRO M 112 -58.79 40.91 -0.24
N VAL M 113 -59.96 41.41 -0.64
CA VAL M 113 -60.05 42.76 -1.17
C VAL M 113 -59.75 43.78 -0.09
N ASN M 114 -59.28 44.95 -0.51
CA ASN M 114 -59.06 46.09 0.36
C ASN M 114 -60.05 47.20 0.01
N ILE M 115 -60.77 47.70 1.01
CA ILE M 115 -61.73 48.77 0.77
C ILE M 115 -61.00 50.02 0.30
N ALA M 116 -61.70 50.84 -0.49
CA ALA M 116 -61.17 52.12 -0.96
C ALA M 116 -61.98 53.27 -0.37
N TYR M 117 -61.30 54.38 -0.09
CA TYR M 117 -61.95 55.53 0.54
C TYR M 117 -61.73 56.85 -0.18
N SER M 118 -60.70 56.98 -1.01
CA SER M 118 -60.42 58.28 -1.63
C SER M 118 -61.58 58.74 -2.49
N GLY M 119 -62.16 57.84 -3.29
CA GLY M 119 -63.37 58.16 -4.03
C GLY M 119 -63.15 58.49 -5.49
N VAL M 120 -62.29 57.73 -6.17
CA VAL M 120 -62.09 57.97 -7.59
C VAL M 120 -63.23 57.42 -8.44
N TYR M 121 -64.02 56.49 -7.91
CA TYR M 121 -65.09 55.90 -8.70
C TYR M 121 -66.14 56.94 -9.07
N HIS M 122 -66.58 57.72 -8.09
CA HIS M 122 -67.63 58.70 -8.33
C HIS M 122 -67.17 59.74 -9.34
N TRP M 123 -66.00 60.34 -9.11
CA TRP M 123 -65.47 61.33 -10.03
C TRP M 123 -65.28 60.75 -11.43
N TRP M 124 -64.74 59.54 -11.53
CA TRP M 124 -64.46 58.96 -12.84
C TRP M 124 -65.75 58.68 -13.60
N TYR M 125 -66.73 58.05 -12.95
CA TYR M 125 -68.01 57.80 -13.61
C TYR M 125 -68.69 59.12 -13.98
N THR M 126 -68.50 60.15 -13.15
CA THR M 126 -68.98 61.47 -13.51
C THR M 126 -68.35 61.94 -14.82
N ILE M 127 -67.06 61.65 -15.02
CA ILE M 127 -66.43 61.97 -16.29
C ILE M 127 -66.91 61.06 -17.42
N GLY M 128 -67.58 59.96 -17.10
CA GLY M 128 -68.22 59.16 -18.12
C GLY M 128 -67.46 57.92 -18.55
N MET M 129 -66.98 57.14 -17.59
CA MET M 129 -66.34 55.86 -17.88
C MET M 129 -67.34 54.74 -17.67
N ARG M 130 -67.12 53.62 -18.37
CA ARG M 130 -68.07 52.53 -18.32
C ARG M 130 -67.44 51.18 -18.02
N THR M 131 -66.24 50.92 -18.56
CA THR M 131 -65.68 49.58 -18.54
C THR M 131 -64.24 49.61 -18.07
N ASN M 132 -63.75 48.43 -17.68
CA ASN M 132 -62.35 48.30 -17.25
C ASN M 132 -61.38 48.74 -18.35
N ASN M 133 -61.66 48.33 -19.59
CA ASN M 133 -60.74 48.65 -20.69
C ASN M 133 -60.50 50.15 -20.82
N ASP M 134 -61.50 50.97 -20.51
CA ASP M 134 -61.32 52.42 -20.57
C ASP M 134 -60.10 52.84 -19.79
N LEU M 135 -60.09 52.54 -18.49
CA LEU M 135 -58.98 52.97 -17.66
C LEU M 135 -57.76 52.10 -17.86
N TYR M 136 -57.93 50.87 -18.35
CA TYR M 136 -56.77 50.09 -18.80
C TYR M 136 -55.97 50.89 -19.81
N SER M 137 -56.61 51.28 -20.92
CA SER M 137 -55.94 52.09 -21.93
C SER M 137 -55.49 53.42 -21.36
N GLY M 138 -56.27 53.99 -20.46
CA GLY M 138 -55.86 55.24 -19.83
C GLY M 138 -54.49 55.13 -19.20
N ALA M 139 -54.31 54.11 -18.35
CA ALA M 139 -53.00 53.84 -17.79
C ALA M 139 -51.96 53.65 -18.87
N VAL M 140 -52.25 52.78 -19.83
CA VAL M 140 -51.27 52.44 -20.86
C VAL M 140 -50.76 53.69 -21.55
N PHE M 141 -51.62 54.69 -21.76
CA PHE M 141 -51.09 55.81 -22.53
C PHE M 141 -50.50 56.92 -21.66
N LEU M 142 -51.06 57.21 -20.49
CA LEU M 142 -50.36 58.25 -19.73
C LEU M 142 -49.03 57.73 -19.21
N LEU M 143 -48.83 56.41 -19.21
CA LEU M 143 -47.50 55.87 -18.93
C LEU M 143 -46.49 56.29 -19.99
N ILE M 144 -46.84 56.10 -21.27
CA ILE M 144 -45.91 56.53 -22.31
C ILE M 144 -45.75 58.04 -22.27
N LEU M 145 -46.82 58.76 -21.91
CA LEU M 145 -46.68 60.20 -21.76
C LEU M 145 -45.61 60.54 -20.72
N ALA M 146 -45.65 59.85 -19.58
CA ALA M 146 -44.66 60.08 -18.55
C ALA M 146 -43.26 59.79 -19.06
N GLY M 147 -43.10 58.68 -19.77
CA GLY M 147 -41.79 58.33 -20.28
C GLY M 147 -41.24 59.36 -21.26
N VAL M 148 -42.10 59.81 -22.18
CA VAL M 148 -41.68 60.84 -23.14
C VAL M 148 -41.32 62.11 -22.41
N PHE M 149 -42.07 62.45 -21.37
CA PHE M 149 -41.75 63.66 -20.62
C PHE M 149 -40.40 63.53 -19.94
N LEU M 150 -40.12 62.34 -19.42
CA LEU M 150 -38.80 62.06 -18.84
C LEU M 150 -37.70 62.28 -19.87
N PHE M 151 -37.88 61.73 -21.07
CA PHE M 151 -36.88 61.91 -22.11
C PHE M 151 -36.70 63.38 -22.44
N ALA M 152 -37.82 64.12 -22.51
CA ALA M 152 -37.75 65.56 -22.73
C ALA M 152 -36.88 66.22 -21.68
N GLY M 153 -37.09 65.86 -20.42
CA GLY M 153 -36.20 66.33 -19.37
C GLY M 153 -34.76 66.01 -19.66
N TRP M 154 -34.49 64.82 -20.19
CA TRP M 154 -33.11 64.45 -20.47
C TRP M 154 -32.50 65.31 -21.57
N LEU M 155 -33.28 65.62 -22.60
CA LEU M 155 -32.72 66.26 -23.78
C LEU M 155 -32.04 67.59 -23.45
N HIS M 156 -32.72 68.43 -22.67
CA HIS M 156 -32.23 69.77 -22.40
C HIS M 156 -30.96 69.75 -21.54
N LEU M 157 -30.52 68.55 -21.16
CA LEU M 157 -29.23 68.42 -20.50
C LEU M 157 -28.09 68.44 -21.50
N GLN M 158 -28.35 68.13 -22.75
CA GLN M 158 -27.30 68.11 -23.76
C GLN M 158 -26.89 69.54 -24.12
N PRO M 159 -25.63 69.74 -24.51
CA PRO M 159 -25.11 71.11 -24.64
C PRO M 159 -25.90 71.99 -25.60
N LYS M 160 -26.19 71.51 -26.80
CA LYS M 160 -26.89 72.31 -27.79
C LYS M 160 -28.33 72.64 -27.40
N PHE M 161 -28.80 72.18 -26.25
CA PHE M 161 -30.17 72.38 -25.83
C PHE M 161 -30.22 72.99 -24.44
N ARG M 162 -29.36 73.99 -24.20
CA ARG M 162 -29.24 74.60 -22.89
C ARG M 162 -29.88 75.99 -22.93
N PRO M 163 -31.05 76.19 -22.34
CA PRO M 163 -31.69 77.50 -22.38
C PRO M 163 -30.84 78.58 -21.72
N SER M 164 -31.21 79.84 -21.96
CA SER M 164 -30.43 80.98 -21.51
C SER M 164 -31.01 81.57 -20.24
N LEU M 165 -30.13 82.17 -19.44
CA LEU M 165 -30.58 82.82 -18.21
C LEU M 165 -31.56 83.94 -18.52
N SER M 166 -31.30 84.72 -19.58
CA SER M 166 -32.26 85.72 -20.02
C SER M 166 -33.57 85.04 -20.43
N TRP M 167 -33.48 83.87 -21.05
CA TRP M 167 -34.70 83.13 -21.39
C TRP M 167 -35.49 82.78 -20.14
N PHE M 168 -34.86 82.75 -18.98
CA PHE M 168 -35.56 82.53 -17.73
C PHE M 168 -36.07 83.83 -17.13
N LYS M 169 -35.33 84.93 -17.29
CA LYS M 169 -35.71 86.19 -16.65
C LYS M 169 -36.92 86.81 -17.32
N SER M 170 -37.05 86.67 -18.64
CA SER M 170 -38.16 87.27 -19.37
C SER M 170 -39.48 86.66 -18.91
N ALA M 171 -40.33 87.47 -18.30
CA ALA M 171 -41.51 86.97 -17.61
C ALA M 171 -42.77 86.97 -18.46
N GLU M 172 -43.12 88.13 -19.01
CA GLU M 172 -44.38 88.35 -19.74
C GLU M 172 -44.76 87.24 -20.71
N PRO M 173 -43.82 86.67 -21.47
CA PRO M 173 -44.19 85.50 -22.28
C PRO M 173 -44.70 84.34 -21.45
N ARG M 174 -43.98 83.96 -20.39
CA ARG M 174 -44.48 82.93 -19.48
C ARG M 174 -45.83 83.32 -18.92
N LEU M 175 -45.98 84.59 -18.52
CA LEU M 175 -47.24 85.09 -17.99
C LEU M 175 -48.38 84.77 -18.95
N ASN M 176 -48.29 85.31 -20.16
CA ASN M 176 -49.38 85.17 -21.12
C ASN M 176 -49.59 83.70 -21.47
N HIS M 177 -48.51 82.99 -21.80
CA HIS M 177 -48.62 81.60 -22.20
C HIS M 177 -49.31 80.77 -21.13
N HIS M 178 -49.04 81.04 -19.86
CA HIS M 178 -49.66 80.27 -18.80
C HIS M 178 -51.11 80.70 -18.59
N LEU M 179 -51.32 81.97 -18.25
CA LEU M 179 -52.65 82.39 -17.86
C LEU M 179 -53.66 82.35 -19.01
N ALA M 180 -53.20 82.25 -20.25
CA ALA M 180 -54.10 82.02 -21.37
C ALA M 180 -53.97 80.61 -21.93
N GLY M 181 -52.78 80.22 -22.32
CA GLY M 181 -52.56 78.96 -23.01
C GLY M 181 -52.25 77.77 -22.13
N LEU M 182 -52.28 77.90 -20.80
CA LEU M 182 -52.12 76.70 -19.98
C LEU M 182 -53.45 76.08 -19.61
N PHE M 183 -54.42 76.88 -19.18
CA PHE M 183 -55.69 76.35 -18.74
C PHE M 183 -56.88 76.90 -19.50
N GLY M 184 -56.84 78.16 -19.94
CA GLY M 184 -57.91 78.71 -20.74
C GLY M 184 -58.21 77.81 -21.91
N VAL M 185 -57.21 77.61 -22.77
CA VAL M 185 -57.36 76.64 -23.86
C VAL M 185 -57.58 75.24 -23.31
N SER M 186 -57.00 74.93 -22.15
CA SER M 186 -57.18 73.60 -21.60
C SER M 186 -58.59 73.41 -21.07
N SER M 187 -59.17 74.44 -20.46
CA SER M 187 -60.57 74.33 -20.04
C SER M 187 -61.48 74.32 -21.27
N LEU M 188 -61.08 74.98 -22.34
CA LEU M 188 -61.80 74.83 -23.61
C LEU M 188 -61.81 73.38 -24.06
N ALA M 189 -60.64 72.73 -24.04
CA ALA M 189 -60.56 71.34 -24.44
C ALA M 189 -61.38 70.45 -23.51
N TRP M 190 -61.36 70.74 -22.21
CA TRP M 190 -62.20 70.01 -21.28
C TRP M 190 -63.68 70.21 -21.60
N THR M 191 -64.06 71.43 -21.98
CA THR M 191 -65.44 71.69 -22.36
C THR M 191 -65.81 70.88 -23.60
N GLY M 192 -64.90 70.80 -24.56
CA GLY M 192 -65.15 69.96 -25.72
C GLY M 192 -65.34 68.51 -25.35
N HIS M 193 -64.50 68.00 -24.45
CA HIS M 193 -64.70 66.64 -23.96
C HIS M 193 -66.02 66.50 -23.21
N LEU M 194 -66.48 67.58 -22.57
CA LEU M 194 -67.75 67.54 -21.86
C LEU M 194 -68.92 67.38 -22.83
N VAL M 195 -69.02 68.30 -23.79
CA VAL M 195 -70.18 68.29 -24.69
C VAL M 195 -70.10 67.13 -25.67
N HIS M 196 -68.89 66.64 -25.95
CA HIS M 196 -68.75 65.54 -26.89
C HIS M 196 -68.92 64.18 -26.23
N VAL M 197 -68.49 64.03 -24.98
CA VAL M 197 -68.46 62.72 -24.34
C VAL M 197 -69.24 62.73 -23.04
N ALA M 198 -68.95 63.69 -22.16
CA ALA M 198 -69.46 63.64 -20.79
C ALA M 198 -70.98 63.71 -20.76
N ILE M 199 -71.56 64.73 -21.38
CA ILE M 199 -73.02 64.87 -21.36
C ILE M 199 -73.70 63.71 -22.05
N PRO M 200 -73.25 63.21 -23.21
CA PRO M 200 -73.86 62.00 -23.76
C PRO M 200 -73.87 60.83 -22.80
N GLU M 201 -72.73 60.50 -22.20
CA GLU M 201 -72.68 59.39 -21.25
C GLU M 201 -73.58 59.64 -20.05
N SER M 202 -73.73 60.90 -19.65
CA SER M 202 -74.70 61.23 -18.61
C SER M 202 -76.12 60.88 -19.08
N ARG M 203 -76.42 61.15 -20.35
CA ARG M 203 -77.74 60.88 -20.90
C ARG M 203 -77.88 59.48 -21.45
N GLY M 204 -76.89 58.61 -21.28
CA GLY M 204 -77.03 57.20 -21.59
C GLY M 204 -76.53 56.77 -22.95
N GLN M 205 -76.06 57.68 -23.79
CA GLN M 205 -75.58 57.34 -25.12
C GLN M 205 -74.08 57.10 -25.08
N HIS M 206 -73.64 55.99 -25.68
CA HIS M 206 -72.24 55.63 -25.69
C HIS M 206 -71.57 56.25 -26.92
N VAL M 207 -70.48 56.99 -26.68
CA VAL M 207 -69.74 57.68 -27.73
C VAL M 207 -68.27 57.29 -27.55
N GLY M 208 -67.80 56.34 -28.35
CA GLY M 208 -66.44 55.86 -28.26
C GLY M 208 -65.46 56.76 -29.01
N TRP M 209 -64.35 56.15 -29.41
CA TRP M 209 -63.29 56.87 -30.10
C TRP M 209 -63.46 56.86 -31.61
N ASP M 210 -64.52 56.29 -32.12
CA ASP M 210 -64.78 56.30 -33.55
C ASP M 210 -66.11 56.92 -33.90
N ASN M 211 -67.16 56.65 -33.13
CA ASN M 211 -68.48 57.20 -33.42
C ASN M 211 -68.54 58.70 -33.18
N PHE M 212 -67.57 59.26 -32.45
CA PHE M 212 -67.62 60.69 -32.15
C PHE M 212 -67.38 61.53 -33.40
N LEU M 213 -66.81 60.92 -34.44
CA LEU M 213 -66.47 61.69 -35.63
C LEU M 213 -67.68 62.02 -36.49
N THR M 214 -68.80 61.32 -36.33
CA THR M 214 -69.94 61.46 -37.21
C THR M 214 -71.21 61.96 -36.55
N THR M 215 -71.35 61.80 -35.24
CA THR M 215 -72.56 62.20 -34.53
C THR M 215 -72.37 63.57 -33.91
N LEU M 216 -73.49 64.21 -33.57
CA LEU M 216 -73.51 65.61 -33.20
C LEU M 216 -73.64 65.80 -31.69
N PRO M 217 -73.16 66.92 -31.17
CA PRO M 217 -73.60 67.33 -29.83
C PRO M 217 -75.09 67.65 -29.79
N HIS M 218 -75.55 68.50 -30.69
CA HIS M 218 -76.94 68.94 -30.69
C HIS M 218 -77.55 68.82 -32.08
N PRO M 219 -78.82 68.41 -32.17
CA PRO M 219 -79.49 68.41 -33.48
C PRO M 219 -79.57 69.78 -34.11
N GLU M 220 -79.74 70.82 -33.30
CA GLU M 220 -79.62 72.19 -33.75
C GLU M 220 -78.17 72.62 -33.90
N GLY M 221 -77.26 71.66 -33.92
CA GLY M 221 -75.85 71.98 -33.91
C GLY M 221 -75.44 72.81 -35.12
N LEU M 222 -74.41 73.64 -34.92
CA LEU M 222 -73.80 74.47 -35.95
C LEU M 222 -74.75 75.54 -36.46
N ARG M 223 -75.98 75.56 -35.96
CA ARG M 223 -76.88 76.63 -36.40
C ARG M 223 -76.49 77.93 -35.69
N PRO M 224 -76.52 78.00 -34.35
CA PRO M 224 -76.04 79.23 -33.69
C PRO M 224 -74.53 79.41 -33.80
N PHE M 225 -73.83 78.41 -34.35
CA PHE M 225 -72.40 78.49 -34.63
C PHE M 225 -72.00 79.86 -35.18
N PHE M 226 -72.66 80.28 -36.26
CA PHE M 226 -72.33 81.52 -36.93
C PHE M 226 -73.60 82.27 -37.32
N THR M 227 -74.59 82.29 -36.44
CA THR M 227 -75.75 83.15 -36.67
C THR M 227 -76.07 83.94 -35.41
N GLY M 228 -75.71 83.41 -34.25
CA GLY M 228 -75.79 84.15 -33.00
C GLY M 228 -77.04 83.99 -32.17
N ASN M 229 -77.85 82.95 -32.41
CA ASN M 229 -79.00 82.66 -31.56
C ASN M 229 -78.61 81.56 -30.58
N TRP M 230 -77.85 81.94 -29.56
CA TRP M 230 -77.28 80.95 -28.65
C TRP M 230 -78.31 80.36 -27.70
N GLY M 231 -79.49 80.97 -27.57
CA GLY M 231 -80.55 80.34 -26.81
C GLY M 231 -81.05 79.04 -27.42
N VAL M 232 -80.79 78.82 -28.71
CA VAL M 232 -81.20 77.59 -29.36
C VAL M 232 -80.48 76.40 -28.75
N TYR M 233 -79.18 76.56 -28.44
CA TYR M 233 -78.47 75.51 -27.73
C TYR M 233 -78.98 75.35 -26.31
N ALA M 234 -79.52 76.42 -25.73
CA ALA M 234 -80.27 76.34 -24.48
C ALA M 234 -81.69 75.86 -24.77
N ALA M 235 -81.76 74.69 -25.40
CA ALA M 235 -83.03 74.07 -25.79
C ALA M 235 -83.65 73.42 -24.57
N ASN M 236 -84.64 72.56 -24.79
CA ASN M 236 -85.31 71.83 -23.73
C ASN M 236 -84.30 71.26 -22.74
N PRO M 237 -84.29 71.77 -21.50
CA PRO M 237 -83.36 71.24 -20.50
C PRO M 237 -83.76 69.84 -20.06
N ASP M 238 -82.93 69.21 -19.24
CA ASP M 238 -83.27 67.89 -18.73
C ASP M 238 -84.47 67.97 -17.81
N THR M 239 -85.28 66.91 -17.81
CA THR M 239 -86.56 66.93 -17.13
C THR M 239 -86.39 66.83 -15.63
N ALA M 240 -87.52 66.93 -14.92
CA ALA M 240 -87.55 66.83 -13.47
C ALA M 240 -87.52 65.39 -12.97
N ASN M 241 -87.21 64.43 -13.84
CA ASN M 241 -87.13 63.03 -13.46
C ASN M 241 -85.95 62.31 -14.08
N HIS M 242 -85.06 63.02 -14.77
CA HIS M 242 -84.00 62.37 -15.52
C HIS M 242 -83.10 61.55 -14.61
N VAL M 243 -82.60 60.44 -15.14
CA VAL M 243 -81.66 59.58 -14.44
C VAL M 243 -80.40 59.48 -15.28
N PHE M 244 -79.27 59.83 -14.67
CA PHE M 244 -77.97 59.76 -15.34
C PHE M 244 -77.73 58.37 -15.92
N GLY M 245 -77.01 58.34 -17.04
CA GLY M 245 -76.73 57.07 -17.70
C GLY M 245 -77.94 56.44 -18.34
N THR M 246 -79.10 57.07 -18.18
CA THR M 246 -80.35 56.63 -18.78
C THR M 246 -80.93 57.79 -19.58
N SER M 247 -82.11 57.55 -20.16
CA SER M 247 -82.81 58.55 -20.95
C SER M 247 -84.22 58.83 -20.44
N GLN M 248 -84.59 58.32 -19.28
CA GLN M 248 -85.94 58.52 -18.73
C GLN M 248 -86.13 60.00 -18.45
N GLY M 249 -86.92 60.67 -19.30
CA GLY M 249 -87.08 62.10 -19.19
C GLY M 249 -85.78 62.82 -19.49
N ALA M 250 -85.22 62.55 -20.66
CA ALA M 250 -83.94 63.12 -21.03
C ALA M 250 -84.09 64.58 -21.43
N GLY M 251 -82.99 65.17 -21.91
CA GLY M 251 -83.02 66.53 -22.39
C GLY M 251 -82.10 66.67 -23.60
N THR M 252 -82.24 67.81 -24.27
CA THR M 252 -81.42 68.13 -25.44
C THR M 252 -80.95 69.57 -25.36
N ALA M 253 -80.42 69.95 -24.20
CA ALA M 253 -79.85 71.28 -23.98
C ALA M 253 -78.38 71.13 -23.62
N ILE M 254 -77.55 72.00 -24.17
CA ILE M 254 -76.09 71.90 -24.01
C ILE M 254 -75.58 72.86 -22.95
N LEU M 255 -75.91 74.15 -23.06
CA LEU M 255 -75.46 75.17 -22.11
C LEU M 255 -76.68 75.71 -21.38
N THR M 256 -76.90 75.25 -20.15
CA THR M 256 -77.97 75.76 -19.32
C THR M 256 -77.39 76.49 -18.11
N PHE M 257 -78.27 77.22 -17.42
CA PHE M 257 -77.93 77.99 -16.24
C PHE M 257 -78.91 77.68 -15.13
N LEU M 258 -79.25 76.41 -14.96
CA LEU M 258 -80.32 76.03 -14.04
C LEU M 258 -80.02 76.49 -12.62
N GLY M 259 -78.83 76.17 -12.11
CA GLY M 259 -78.43 76.65 -10.80
C GLY M 259 -79.10 75.90 -9.67
N GLY M 260 -78.39 75.70 -8.56
CA GLY M 260 -78.94 74.99 -7.44
C GLY M 260 -78.40 73.59 -7.32
N PHE M 261 -79.22 72.60 -7.70
CA PHE M 261 -78.82 71.20 -7.63
C PHE M 261 -79.66 70.40 -8.60
N HIS M 262 -79.25 69.17 -8.82
CA HIS M 262 -80.04 68.24 -9.63
C HIS M 262 -80.84 67.33 -8.71
N PRO M 263 -82.15 67.23 -8.91
CA PRO M 263 -83.01 66.57 -7.90
C PRO M 263 -82.68 65.11 -7.64
N GLN M 264 -81.77 64.49 -8.40
CA GLN M 264 -81.41 63.10 -8.20
C GLN M 264 -80.00 62.92 -7.64
N THR M 265 -79.01 63.58 -8.24
CA THR M 265 -77.65 63.52 -7.74
C THR M 265 -77.34 64.59 -6.71
N GLN M 266 -78.29 65.50 -6.45
CA GLN M 266 -78.15 66.62 -5.52
C GLN M 266 -76.81 67.33 -5.67
N SER M 267 -76.25 67.29 -6.88
CA SER M 267 -74.95 67.87 -7.18
C SER M 267 -75.12 69.06 -8.11
N LEU M 268 -73.99 69.63 -8.53
CA LEU M 268 -74.03 70.67 -9.53
C LEU M 268 -74.49 70.11 -10.87
N TRP M 269 -75.22 70.93 -11.62
CA TRP M 269 -75.68 70.53 -12.94
C TRP M 269 -74.53 70.54 -13.92
N LEU M 270 -74.53 69.57 -14.82
CA LEU M 270 -73.42 69.39 -15.75
C LEU M 270 -73.39 70.48 -16.81
N THR M 271 -74.55 70.94 -17.26
CA THR M 271 -74.58 72.03 -18.24
C THR M 271 -74.10 73.33 -17.63
N ASP M 272 -74.47 73.60 -16.38
CA ASP M 272 -73.92 74.74 -15.68
C ASP M 272 -72.41 74.65 -15.63
N MET M 273 -71.88 73.45 -15.42
CA MET M 273 -70.44 73.24 -15.42
C MET M 273 -69.82 73.61 -16.76
N ALA M 274 -70.42 73.13 -17.85
CA ALA M 274 -69.87 73.42 -19.17
C ALA M 274 -69.88 74.92 -19.46
N HIS M 275 -71.01 75.58 -19.20
CA HIS M 275 -71.11 77.01 -19.44
C HIS M 275 -70.11 77.77 -18.57
N HIS M 276 -69.97 77.35 -17.31
CA HIS M 276 -68.96 77.91 -16.42
C HIS M 276 -67.58 77.83 -17.05
N HIS M 277 -67.16 76.63 -17.42
CA HIS M 277 -65.82 76.43 -17.97
C HIS M 277 -65.60 77.29 -19.20
N LEU M 278 -66.60 77.35 -20.08
CA LEU M 278 -66.49 78.20 -21.26
C LEU M 278 -66.26 79.66 -20.85
N ALA M 279 -67.05 80.13 -19.89
CA ALA M 279 -66.89 81.49 -19.40
C ALA M 279 -65.45 81.76 -18.98
N ILE M 280 -64.92 80.95 -18.06
CA ILE M 280 -63.59 81.25 -17.55
C ILE M 280 -62.54 81.08 -18.64
N ALA M 281 -62.77 80.15 -19.57
CA ALA M 281 -61.81 79.96 -20.66
C ALA M 281 -61.66 81.22 -21.49
N VAL M 282 -62.78 81.70 -22.03
CA VAL M 282 -62.71 82.91 -22.84
C VAL M 282 -62.26 84.09 -21.99
N LEU M 283 -62.57 84.06 -20.70
CA LEU M 283 -62.20 85.17 -19.82
C LEU M 283 -60.71 85.24 -19.61
N PHE M 284 -60.06 84.07 -19.47
CA PHE M 284 -58.61 84.04 -19.37
C PHE M 284 -57.95 84.36 -20.70
N ILE M 285 -58.58 83.96 -21.81
CA ILE M 285 -58.01 84.29 -23.11
C ILE M 285 -58.00 85.80 -23.31
N ILE M 286 -59.14 86.45 -23.06
CA ILE M 286 -59.13 87.92 -23.13
C ILE M 286 -58.20 88.49 -22.08
N ALA M 287 -57.99 87.76 -20.98
CA ALA M 287 -56.96 88.16 -20.03
C ALA M 287 -55.56 87.83 -20.52
N GLY M 288 -55.44 87.07 -21.61
CA GLY M 288 -54.13 86.64 -22.05
C GLY M 288 -53.27 87.76 -22.60
N HIS M 289 -53.82 88.55 -23.54
CA HIS M 289 -53.08 89.61 -24.21
C HIS M 289 -52.98 90.87 -23.37
N MET M 290 -53.18 90.76 -22.07
CA MET M 290 -53.27 91.89 -21.16
C MET M 290 -51.93 92.59 -20.92
N TYR M 291 -50.80 91.92 -21.07
CA TYR M 291 -49.51 92.54 -20.81
C TYR M 291 -48.78 92.81 -22.12
N ARG M 292 -47.53 93.28 -21.98
CA ARG M 292 -46.69 93.65 -23.11
C ARG M 292 -45.69 92.54 -23.41
N THR M 293 -45.62 92.16 -24.68
CA THR M 293 -44.72 91.13 -25.15
C THR M 293 -43.52 91.76 -25.86
N ASN M 294 -42.73 90.92 -26.53
CA ASN M 294 -41.63 91.34 -27.39
C ASN M 294 -42.10 91.98 -28.69
N PHE M 295 -43.39 92.24 -28.87
CA PHE M 295 -43.90 92.64 -30.18
C PHE M 295 -44.12 94.15 -30.29
N GLY M 296 -44.44 94.83 -29.19
CA GLY M 296 -44.52 96.28 -29.22
C GLY M 296 -45.82 96.92 -28.80
N ILE M 297 -46.62 96.24 -27.98
CA ILE M 297 -47.83 96.82 -27.41
C ILE M 297 -47.97 96.32 -25.98
N GLY M 298 -48.86 96.96 -25.23
CA GLY M 298 -49.28 96.40 -23.96
C GLY M 298 -48.73 97.04 -22.70
N HIS M 299 -48.73 96.28 -21.61
CA HIS M 299 -48.37 96.76 -20.29
C HIS M 299 -46.99 96.23 -19.90
N SER M 300 -46.06 97.13 -19.66
CA SER M 300 -44.71 96.77 -19.23
C SER M 300 -44.70 96.71 -17.71
N ILE M 301 -44.83 95.49 -17.18
CA ILE M 301 -45.00 95.30 -15.73
C ILE M 301 -43.93 96.04 -14.96
N LYS M 302 -42.67 95.72 -15.23
CA LYS M 302 -41.57 96.32 -14.48
C LYS M 302 -41.49 97.83 -14.67
N GLU M 303 -42.34 98.42 -15.52
CA GLU M 303 -42.40 99.86 -15.65
C GLU M 303 -43.81 100.44 -15.54
N MET M 304 -44.85 99.60 -15.54
CA MET M 304 -46.18 100.12 -15.22
C MET M 304 -46.20 100.77 -13.85
N LEU M 305 -45.79 100.01 -12.83
CA LEU M 305 -45.64 100.59 -11.50
C LEU M 305 -44.44 101.50 -11.38
N ASN M 306 -43.67 101.68 -12.46
CA ASN M 306 -42.71 102.78 -12.53
C ASN M 306 -43.41 104.01 -13.12
N ALA M 307 -44.53 104.37 -12.49
CA ALA M 307 -45.31 105.54 -12.87
C ALA M 307 -45.43 106.42 -11.65
N LYS M 308 -44.76 107.57 -11.68
CA LYS M 308 -44.74 108.49 -10.56
C LYS M 308 -45.27 109.87 -10.95
N ASN M 309 -46.22 109.90 -11.89
CA ASN M 309 -46.80 111.16 -12.35
C ASN M 309 -48.10 110.86 -13.09
N PHE M 310 -49.15 111.62 -12.75
CA PHE M 310 -50.40 111.60 -13.49
C PHE M 310 -51.28 112.77 -13.08
N PHE M 311 -51.81 113.50 -14.05
CA PHE M 311 -52.79 114.56 -13.80
C PHE M 311 -52.20 115.62 -12.86
N GLY M 312 -51.00 116.07 -13.20
CA GLY M 312 -50.35 117.11 -12.43
C GLY M 312 -49.83 116.61 -11.10
N THR M 313 -50.74 116.26 -10.19
CA THR M 313 -50.36 115.70 -8.90
C THR M 313 -49.65 114.39 -9.13
N LYS M 314 -48.32 114.37 -8.94
CA LYS M 314 -47.53 113.32 -9.56
C LYS M 314 -47.90 111.93 -9.05
N THR M 315 -47.38 111.56 -7.87
CA THR M 315 -47.80 110.52 -6.94
C THR M 315 -46.71 110.30 -5.91
N GLU M 316 -46.95 109.39 -4.97
CA GLU M 316 -45.86 108.62 -4.38
C GLU M 316 -45.81 107.21 -4.98
N GLY M 317 -46.75 106.89 -5.85
CA GLY M 317 -46.93 105.59 -6.45
C GLY M 317 -48.41 105.34 -6.63
N GLN M 318 -48.76 104.10 -6.98
CA GLN M 318 -50.17 103.73 -7.04
C GLN M 318 -50.74 103.70 -5.62
N PHE M 319 -51.96 104.18 -5.49
CA PHE M 319 -52.57 104.50 -4.19
C PHE M 319 -51.74 105.49 -3.38
N ASN M 320 -50.78 106.18 -4.01
CA ASN M 320 -49.95 107.19 -3.34
C ASN M 320 -49.06 106.55 -2.27
N LEU M 321 -48.32 105.52 -2.66
CA LEU M 321 -47.34 104.90 -1.78
C LEU M 321 -46.11 104.48 -2.59
N PRO M 322 -44.93 104.51 -1.98
CA PRO M 322 -43.71 104.19 -2.73
C PRO M 322 -43.69 102.74 -3.18
N HIS M 323 -43.22 102.52 -4.41
CA HIS M 323 -43.12 101.18 -4.95
C HIS M 323 -41.87 100.96 -5.80
N GLN M 324 -40.93 101.90 -5.80
CA GLN M 324 -39.81 101.86 -6.75
C GLN M 324 -38.71 100.95 -6.25
N GLY M 325 -38.31 99.98 -7.08
CA GLY M 325 -37.08 99.24 -6.87
C GLY M 325 -37.22 97.80 -6.43
N LEU M 326 -38.44 97.28 -6.24
CA LEU M 326 -38.61 95.92 -5.76
C LEU M 326 -39.02 94.93 -6.83
N TYR M 327 -39.46 95.40 -7.99
CA TYR M 327 -39.94 94.50 -9.03
C TYR M 327 -38.83 93.64 -9.60
N ASP M 328 -37.58 94.05 -9.46
CA ASP M 328 -36.47 93.17 -9.82
C ASP M 328 -36.30 92.04 -8.80
N THR M 329 -36.66 92.29 -7.54
CA THR M 329 -36.46 91.29 -6.50
C THR M 329 -37.26 90.03 -6.79
N ILE M 330 -38.55 90.19 -7.13
CA ILE M 330 -39.36 89.03 -7.50
C ILE M 330 -38.74 88.28 -8.65
N ASN M 331 -37.97 88.97 -9.49
CA ASN M 331 -37.17 88.31 -10.51
C ASN M 331 -35.75 88.02 -10.06
N ASN M 332 -35.29 88.63 -8.96
CA ASN M 332 -33.97 88.31 -8.44
C ASN M 332 -34.00 87.06 -7.58
N SER M 333 -34.77 87.09 -6.50
CA SER M 333 -34.87 85.98 -5.57
C SER M 333 -35.74 84.87 -6.14
N LEU M 334 -35.66 83.70 -5.51
CA LEU M 334 -36.59 82.60 -5.71
C LEU M 334 -37.46 82.30 -4.51
N HIS M 335 -36.91 82.48 -3.30
CA HIS M 335 -37.70 82.29 -2.09
C HIS M 335 -38.93 83.18 -2.08
N PHE M 336 -38.84 84.36 -2.69
CA PHE M 336 -39.99 85.26 -2.74
C PHE M 336 -41.14 84.63 -3.52
N GLN M 337 -40.88 84.25 -4.78
CA GLN M 337 -41.92 83.62 -5.59
C GLN M 337 -42.43 82.35 -4.91
N LEU M 338 -41.51 81.58 -4.34
CA LEU M 338 -41.92 80.34 -3.68
C LEU M 338 -42.89 80.62 -2.54
N SER M 339 -42.58 81.64 -1.73
CA SER M 339 -43.45 81.99 -0.62
C SER M 339 -44.81 82.44 -1.12
N LEU M 340 -44.83 83.30 -2.14
CA LEU M 340 -46.10 83.75 -2.69
C LEU M 340 -46.94 82.58 -3.17
N ALA M 341 -46.31 81.66 -3.91
CA ALA M 341 -47.04 80.52 -4.43
C ALA M 341 -47.57 79.65 -3.32
N LEU M 342 -46.74 79.38 -2.31
CA LEU M 342 -47.17 78.55 -1.20
C LEU M 342 -48.36 79.17 -0.47
N ALA M 343 -48.27 80.46 -0.17
CA ALA M 343 -49.37 81.13 0.52
C ALA M 343 -50.65 81.05 -0.31
N ALA M 344 -50.54 81.40 -1.59
CA ALA M 344 -51.72 81.34 -2.45
C ALA M 344 -52.31 79.94 -2.43
N LEU M 345 -51.48 78.93 -2.70
CA LEU M 345 -51.96 77.56 -2.78
C LEU M 345 -52.66 77.13 -1.50
N GLY M 346 -52.05 77.42 -0.35
CA GLY M 346 -52.68 77.04 0.90
C GLY M 346 -54.04 77.70 1.08
N THR M 347 -54.13 78.99 0.77
CA THR M 347 -55.40 79.68 0.89
C THR M 347 -56.47 79.02 0.00
N ILE M 348 -56.16 78.79 -1.27
CA ILE M 348 -57.21 78.28 -2.13
C ILE M 348 -57.51 76.83 -1.78
N THR M 349 -56.54 76.08 -1.26
CA THR M 349 -56.84 74.73 -0.79
C THR M 349 -57.83 74.75 0.36
N SER M 350 -57.64 75.65 1.31
CA SER M 350 -58.63 75.78 2.38
C SER M 350 -59.99 76.12 1.81
N LEU M 351 -60.02 77.03 0.84
CA LEU M 351 -61.30 77.40 0.22
C LEU M 351 -61.94 76.18 -0.44
N VAL M 352 -61.15 75.39 -1.18
CA VAL M 352 -61.63 74.14 -1.75
C VAL M 352 -62.25 73.27 -0.66
N ALA M 353 -61.48 73.00 0.39
CA ALA M 353 -61.98 72.23 1.51
C ALA M 353 -63.28 72.79 2.07
N GLN M 354 -63.53 74.08 1.86
CA GLN M 354 -64.79 74.65 2.32
C GLN M 354 -65.91 74.54 1.30
N HIS M 355 -65.61 74.58 0.00
CA HIS M 355 -66.65 74.44 -1.02
C HIS M 355 -66.84 72.99 -1.45
N MET M 356 -66.95 72.08 -0.49
CA MET M 356 -67.20 70.68 -0.81
C MET M 356 -68.42 70.13 -0.09
N TYR M 357 -68.54 70.37 1.21
CA TYR M 357 -69.63 69.83 2.01
C TYR M 357 -70.93 70.58 1.84
N ALA M 358 -71.03 71.50 0.88
CA ALA M 358 -72.28 72.22 0.64
C ALA M 358 -72.63 72.22 -0.83
N LEU M 359 -71.62 72.11 -1.70
CA LEU M 359 -71.78 72.08 -3.14
C LEU M 359 -71.19 70.78 -3.65
N PRO M 360 -71.93 69.68 -3.55
CA PRO M 360 -71.43 68.40 -4.05
C PRO M 360 -71.14 68.48 -5.53
N PRO M 361 -69.90 68.32 -5.95
CA PRO M 361 -69.58 68.44 -7.37
C PRO M 361 -69.94 67.18 -8.14
N TYR M 362 -69.89 66.05 -7.49
CA TYR M 362 -70.11 64.77 -8.13
C TYR M 362 -71.34 64.08 -7.54
N ALA M 363 -71.76 63.02 -8.21
CA ALA M 363 -72.94 62.28 -7.76
C ALA M 363 -72.59 61.42 -6.55
N PHE M 364 -73.62 61.09 -5.78
CA PHE M 364 -73.52 60.24 -4.59
C PHE M 364 -72.58 60.81 -3.53
N MET M 365 -72.15 62.05 -3.66
CA MET M 365 -71.16 62.60 -2.75
C MET M 365 -71.73 62.76 -1.34
N GLY M 366 -72.96 63.27 -1.23
CA GLY M 366 -73.50 63.61 0.07
C GLY M 366 -73.84 62.41 0.93
N GLN M 367 -74.32 61.33 0.33
CA GLN M 367 -74.78 60.19 1.12
C GLN M 367 -73.62 59.43 1.76
N ASP M 368 -72.50 59.33 1.05
CA ASP M 368 -71.35 58.54 1.53
C ASP M 368 -70.51 59.43 2.44
N PHE M 369 -70.74 59.30 3.74
CA PHE M 369 -70.16 60.23 4.71
C PHE M 369 -68.65 60.04 4.86
N THR M 370 -68.20 58.79 5.02
CA THR M 370 -66.81 58.55 5.38
C THR M 370 -65.86 59.13 4.33
N THR M 371 -66.20 58.97 3.05
CA THR M 371 -65.32 59.43 1.98
C THR M 371 -65.12 60.95 2.06
N GLN M 372 -66.23 61.70 2.00
CA GLN M 372 -66.12 63.15 1.99
C GLN M 372 -65.52 63.68 3.29
N ALA M 373 -65.81 63.02 4.41
CA ALA M 373 -65.24 63.46 5.67
C ALA M 373 -63.72 63.34 5.65
N ALA M 374 -63.22 62.15 5.29
CA ALA M 374 -61.78 61.95 5.20
C ALA M 374 -61.16 62.94 4.23
N LEU M 375 -61.79 63.16 3.08
CA LEU M 375 -61.25 64.10 2.12
C LEU M 375 -61.16 65.51 2.70
N TYR M 376 -62.19 65.93 3.42
CA TYR M 376 -62.20 67.27 3.98
C TYR M 376 -61.05 67.47 4.96
N THR M 377 -60.95 66.58 5.96
CA THR M 377 -59.87 66.78 6.93
C THR M 377 -58.50 66.59 6.28
N HIS M 378 -58.42 65.66 5.33
CA HIS M 378 -57.19 65.46 4.56
C HIS M 378 -56.72 66.75 3.92
N HIS M 379 -57.61 67.40 3.17
CA HIS M 379 -57.22 68.61 2.44
C HIS M 379 -56.89 69.74 3.41
N GLN M 380 -57.66 69.88 4.48
CA GLN M 380 -57.37 70.96 5.41
C GLN M 380 -56.02 70.75 6.09
N TYR M 381 -55.72 69.51 6.50
CA TYR M 381 -54.43 69.20 7.08
C TYR M 381 -53.30 69.51 6.09
N ILE M 382 -53.46 69.08 4.84
CA ILE M 382 -52.51 69.47 3.81
C ILE M 382 -52.33 70.98 3.80
N ALA M 383 -53.43 71.71 3.96
CA ALA M 383 -53.38 73.16 3.82
C ALA M 383 -52.60 73.82 4.95
N VAL M 384 -52.77 73.36 6.19
CA VAL M 384 -52.31 74.15 7.32
C VAL M 384 -50.82 74.44 7.22
N PHE M 385 -49.98 73.42 7.29
CA PHE M 385 -48.56 73.71 7.28
C PHE M 385 -48.04 74.00 5.88
N LEU M 386 -48.88 73.89 4.86
CA LEU M 386 -48.52 74.45 3.57
C LEU M 386 -48.25 75.95 3.70
N MET M 387 -49.10 76.64 4.47
CA MET M 387 -48.88 78.06 4.72
C MET M 387 -47.62 78.29 5.54
N VAL M 388 -47.40 77.45 6.55
CA VAL M 388 -46.18 77.58 7.35
C VAL M 388 -44.95 77.50 6.47
N GLY M 389 -45.01 76.71 5.39
CA GLY M 389 -43.94 76.74 4.42
C GLY M 389 -43.74 78.13 3.84
N ALA M 390 -44.85 78.80 3.50
CA ALA M 390 -44.75 80.14 2.94
C ALA M 390 -44.10 81.09 3.93
N PHE M 391 -44.51 81.03 5.19
CA PHE M 391 -43.94 81.95 6.17
C PHE M 391 -42.47 81.64 6.43
N ALA M 392 -42.11 80.36 6.45
CA ALA M 392 -40.73 79.98 6.68
C ALA M 392 -39.84 80.44 5.52
N HIS M 393 -40.32 80.28 4.28
CA HIS M 393 -39.52 80.73 3.16
C HIS M 393 -39.47 82.25 3.09
N ALA M 394 -40.51 82.92 3.56
CA ALA M 394 -40.43 84.36 3.73
C ALA M 394 -39.31 84.72 4.70
N GLY M 395 -39.24 84.01 5.82
CA GLY M 395 -38.18 84.25 6.78
C GLY M 395 -36.80 84.04 6.19
N ILE M 396 -36.62 82.93 5.44
CA ILE M 396 -35.29 82.65 4.92
C ILE M 396 -34.94 83.60 3.78
N PHE M 397 -35.95 84.12 3.07
CA PHE M 397 -35.70 85.17 2.09
C PHE M 397 -35.11 86.40 2.76
N TRP M 398 -35.57 86.69 3.98
CA TRP M 398 -35.18 87.91 4.66
C TRP M 398 -33.70 87.93 5.02
N VAL M 399 -33.05 86.77 5.09
CA VAL M 399 -31.63 86.72 5.40
C VAL M 399 -30.80 86.65 4.14
N ARG M 400 -31.15 85.75 3.21
CA ARG M 400 -30.34 85.56 2.02
C ARG M 400 -30.59 86.64 0.99
N ASP M 401 -31.83 86.75 0.51
CA ASP M 401 -32.17 87.61 -0.62
C ASP M 401 -32.69 88.93 -0.08
N TYR M 402 -31.78 89.88 0.18
CA TYR M 402 -32.20 91.22 0.56
C TYR M 402 -31.05 92.22 0.46
N ASP M 403 -31.26 93.30 -0.26
CA ASP M 403 -30.29 94.39 -0.38
C ASP M 403 -30.87 95.65 0.24
N ALA M 404 -30.02 96.42 0.92
CA ALA M 404 -30.50 97.55 1.70
C ALA M 404 -30.72 98.79 0.83
N GLU M 405 -29.66 99.28 0.18
CA GLU M 405 -29.74 100.56 -0.51
C GLU M 405 -30.69 100.49 -1.70
N GLN M 406 -30.85 99.32 -2.31
CA GLN M 406 -31.74 99.17 -3.45
C GLN M 406 -33.20 99.44 -3.08
N ASN M 407 -33.54 99.38 -1.79
CA ASN M 407 -34.91 99.59 -1.33
C ASN M 407 -34.99 100.70 -0.30
N LYS M 408 -33.99 101.58 -0.24
CA LYS M 408 -33.98 102.68 0.71
C LYS M 408 -35.24 103.52 0.61
N GLY M 409 -36.07 103.52 1.66
CA GLY M 409 -37.21 104.39 1.73
C GLY M 409 -38.46 103.92 1.03
N ASN M 410 -38.43 102.76 0.38
CA ASN M 410 -39.64 102.25 -0.26
C ASN M 410 -40.56 101.66 0.79
N VAL M 411 -41.63 101.00 0.36
CA VAL M 411 -42.69 100.62 1.29
C VAL M 411 -42.20 99.58 2.29
N LEU M 412 -41.30 98.69 1.87
CA LEU M 412 -40.80 97.65 2.76
C LEU M 412 -40.14 98.26 3.99
N ASP M 413 -39.24 99.22 3.78
CA ASP M 413 -38.56 99.85 4.90
C ASP M 413 -39.54 100.59 5.79
N ARG M 414 -40.59 101.18 5.22
CA ARG M 414 -41.59 101.85 6.04
C ARG M 414 -42.40 100.84 6.86
N VAL M 415 -42.48 99.59 6.41
CA VAL M 415 -43.06 98.55 7.25
C VAL M 415 -42.11 98.22 8.41
N LEU M 416 -40.84 98.00 8.09
CA LEU M 416 -39.86 97.65 9.12
C LEU M 416 -39.75 98.74 10.18
N GLN M 417 -39.96 100.00 9.78
CA GLN M 417 -39.81 101.10 10.73
C GLN M 417 -40.86 101.10 11.82
N HIS M 418 -41.96 100.37 11.66
CA HIS M 418 -43.04 100.40 12.63
C HIS M 418 -43.56 99.01 12.98
N LYS M 419 -42.79 97.96 12.65
CA LYS M 419 -43.09 96.60 13.11
C LYS M 419 -43.47 96.49 14.58
N GLU M 420 -42.94 97.41 15.39
CA GLU M 420 -43.09 97.32 16.84
C GLU M 420 -44.55 97.40 17.26
N ALA M 421 -45.24 98.45 16.85
CA ALA M 421 -46.65 98.60 17.17
C ALA M 421 -47.45 97.41 16.64
N ILE M 422 -47.06 96.88 15.49
CA ILE M 422 -47.74 95.72 14.93
C ILE M 422 -47.71 94.57 15.91
N ILE M 423 -46.50 94.15 16.30
CA ILE M 423 -46.39 92.98 17.17
C ILE M 423 -47.02 93.25 18.52
N SER M 424 -46.92 94.49 19.00
CA SER M 424 -47.49 94.82 20.30
C SER M 424 -49.00 94.68 20.29
N HIS M 425 -49.66 95.30 19.31
CA HIS M 425 -51.12 95.22 19.24
C HIS M 425 -51.56 93.79 18.97
N LEU M 426 -50.75 93.01 18.25
CA LEU M 426 -51.12 91.62 17.99
C LEU M 426 -51.10 90.81 19.29
N SER M 427 -50.02 90.94 20.06
CA SER M 427 -49.99 90.36 21.39
C SER M 427 -51.18 90.81 22.21
N TRP M 428 -51.55 92.08 22.06
CA TRP M 428 -52.68 92.62 22.82
C TRP M 428 -53.97 91.88 22.50
N VAL M 429 -54.30 91.76 21.21
CA VAL M 429 -55.56 91.15 20.84
C VAL M 429 -55.57 89.68 21.22
N SER M 430 -54.42 89.01 21.09
CA SER M 430 -54.35 87.61 21.51
C SER M 430 -54.65 87.48 23.00
N LEU M 431 -53.96 88.27 23.83
CA LEU M 431 -54.20 88.23 25.27
C LEU M 431 -55.67 88.50 25.59
N PHE M 432 -56.24 89.52 24.96
CA PHE M 432 -57.63 89.87 25.23
C PHE M 432 -58.55 88.70 24.93
N LEU M 433 -58.47 88.17 23.70
CA LEU M 433 -59.40 87.12 23.30
C LEU M 433 -59.22 85.87 24.17
N GLY M 434 -57.98 85.51 24.45
CA GLY M 434 -57.76 84.34 25.29
C GLY M 434 -58.33 84.50 26.68
N PHE M 435 -57.95 85.59 27.35
CA PHE M 435 -58.48 85.88 28.68
C PHE M 435 -59.99 85.76 28.70
N HIS M 436 -60.65 86.46 27.78
CA HIS M 436 -62.10 86.56 27.89
C HIS M 436 -62.81 85.27 27.52
N THR M 437 -62.33 84.58 26.48
CA THR M 437 -62.98 83.32 26.12
C THR M 437 -62.80 82.29 27.23
N LEU M 438 -61.62 82.24 27.85
CA LEU M 438 -61.41 81.30 28.95
C LEU M 438 -62.26 81.70 30.15
N GLY M 439 -62.38 83.00 30.41
CA GLY M 439 -63.19 83.45 31.53
C GLY M 439 -64.65 83.07 31.35
N LEU M 440 -65.18 83.27 30.15
CA LEU M 440 -66.57 82.86 29.90
C LEU M 440 -66.73 81.35 30.03
N TYR M 441 -65.77 80.58 29.51
CA TYR M 441 -65.82 79.14 29.67
C TYR M 441 -65.91 78.78 31.15
N VAL M 442 -64.98 79.29 31.96
CA VAL M 442 -64.94 78.88 33.35
C VAL M 442 -66.16 79.40 34.11
N HIS M 443 -66.67 80.57 33.74
CA HIS M 443 -67.99 81.03 34.17
C HIS M 443 -68.99 79.89 34.09
N ASN M 444 -69.19 79.42 32.86
CA ASN M 444 -70.13 78.34 32.62
C ASN M 444 -69.82 77.13 33.49
N ASP M 445 -68.54 76.76 33.56
CA ASP M 445 -68.18 75.55 34.30
C ASP M 445 -68.59 75.65 35.77
N VAL M 446 -68.23 76.75 36.44
CA VAL M 446 -68.54 76.80 37.86
C VAL M 446 -70.04 76.91 38.06
N VAL M 447 -70.70 77.73 37.25
CA VAL M 447 -72.13 77.96 37.46
C VAL M 447 -72.90 76.65 37.29
N VAL M 448 -72.55 75.87 36.27
CA VAL M 448 -73.20 74.58 36.12
C VAL M 448 -72.71 73.60 37.17
N ALA M 449 -71.54 73.84 37.76
CA ALA M 449 -71.03 72.99 38.82
C ALA M 449 -71.71 73.24 40.16
N PHE M 450 -72.77 74.03 40.19
CA PHE M 450 -73.53 74.27 41.41
C PHE M 450 -74.95 73.74 41.32
N GLY M 451 -75.38 73.24 40.16
CA GLY M 451 -76.72 72.74 39.97
C GLY M 451 -77.69 73.73 39.37
N THR M 452 -77.34 75.01 39.35
CA THR M 452 -78.21 76.02 38.75
C THR M 452 -77.62 76.49 37.42
N PRO M 453 -78.18 76.07 36.28
CA PRO M 453 -77.68 76.54 34.98
C PRO M 453 -78.21 77.90 34.56
N GLU M 454 -79.27 78.40 35.19
CA GLU M 454 -79.83 79.68 34.78
C GLU M 454 -78.96 80.85 35.20
N LYS M 455 -77.99 80.64 36.09
CA LYS M 455 -77.05 81.66 36.52
C LYS M 455 -75.85 81.77 35.60
N GLN M 456 -76.00 81.32 34.36
CA GLN M 456 -74.90 81.13 33.43
C GLN M 456 -75.21 81.83 32.12
N ILE M 457 -74.17 82.38 31.49
CA ILE M 457 -74.36 83.30 30.37
C ILE M 457 -74.55 82.52 29.08
N LEU M 458 -75.49 82.99 28.25
CA LEU M 458 -75.66 82.47 26.90
C LEU M 458 -75.64 83.66 25.94
N ILE M 459 -74.65 83.70 25.05
CA ILE M 459 -74.60 84.71 24.01
C ILE M 459 -75.41 84.22 22.81
N GLU M 460 -75.72 85.10 21.89
CA GLU M 460 -76.43 84.70 20.69
C GLU M 460 -75.94 85.48 19.48
N PRO M 461 -75.25 84.83 18.55
CA PRO M 461 -74.75 85.55 17.37
C PRO M 461 -75.89 85.91 16.43
N VAL M 462 -75.83 87.14 15.91
CA VAL M 462 -76.86 87.61 14.98
C VAL M 462 -76.29 88.16 13.69
N PHE M 463 -74.99 88.44 13.61
CA PHE M 463 -74.43 88.96 12.37
C PHE M 463 -74.47 87.90 11.27
N ALA M 464 -74.08 86.67 11.60
CA ALA M 464 -74.21 85.58 10.65
C ALA M 464 -75.67 85.29 10.33
N GLN M 465 -76.56 85.49 11.31
CA GLN M 465 -77.98 85.34 11.05
C GLN M 465 -78.46 86.35 10.01
N PHE M 466 -78.01 87.61 10.15
CA PHE M 466 -78.38 88.65 9.21
C PHE M 466 -77.82 88.37 7.83
N ILE M 467 -76.56 87.93 7.76
CA ILE M 467 -76.02 87.64 6.44
C ILE M 467 -76.72 86.44 5.83
N GLN M 468 -77.14 85.48 6.67
CA GLN M 468 -77.84 84.31 6.19
C GLN M 468 -79.16 84.68 5.54
N ALA M 469 -80.00 85.42 6.26
CA ALA M 469 -81.26 85.88 5.68
C ALA M 469 -81.01 86.79 4.49
N SER M 470 -79.99 87.64 4.58
CA SER M 470 -79.72 88.60 3.51
C SER M 470 -79.26 87.93 2.22
N HIS M 471 -78.65 86.74 2.32
CA HIS M 471 -78.39 86.01 1.08
C HIS M 471 -79.67 85.51 0.45
N GLY M 472 -80.74 85.40 1.22
CA GLY M 472 -82.00 84.92 0.70
C GLY M 472 -82.67 83.88 1.55
N LYS M 473 -82.23 83.71 2.79
CA LYS M 473 -82.87 82.75 3.68
C LYS M 473 -84.10 83.35 4.33
N VAL M 474 -85.17 82.56 4.40
CA VAL M 474 -86.46 83.01 4.92
C VAL M 474 -86.75 82.45 6.31
N LEU M 475 -86.07 81.40 6.73
CA LEU M 475 -86.26 80.77 8.04
C LEU M 475 -86.53 81.75 9.16
N TYR M 476 -85.80 82.85 9.19
CA TYR M 476 -85.90 83.80 10.28
C TYR M 476 -86.90 84.92 10.02
N GLY M 477 -87.39 85.04 8.78
CA GLY M 477 -88.45 85.98 8.47
C GLY M 477 -88.09 87.42 8.77
N LEU M 478 -87.09 87.95 8.07
CA LEU M 478 -86.72 89.35 8.19
C LEU M 478 -87.07 90.17 6.97
N ASN M 479 -87.39 89.52 5.86
CA ASN M 479 -87.81 90.19 4.62
C ASN M 479 -86.80 91.25 4.20
N THR M 480 -85.59 90.78 3.89
CA THR M 480 -84.51 91.64 3.41
C THR M 480 -83.73 90.89 2.35
N LEU M 481 -83.63 91.47 1.15
CA LEU M 481 -82.64 91.08 0.15
C LEU M 481 -82.75 89.60 -0.21
N LEU M 482 -83.85 89.29 -0.90
CA LEU M 482 -84.31 87.97 -1.33
C LEU M 482 -85.01 87.23 -0.20
N SER M 483 -85.05 87.79 1.00
CA SER M 483 -86.14 87.49 1.92
C SER M 483 -87.28 88.48 1.77
N ASN M 484 -86.97 89.67 1.26
CA ASN M 484 -87.94 90.65 0.79
C ASN M 484 -88.10 90.46 -0.71
N PRO M 485 -89.16 89.79 -1.15
CA PRO M 485 -89.28 89.47 -2.58
C PRO M 485 -89.70 90.67 -3.42
N ASP M 486 -89.63 91.87 -2.85
CA ASP M 486 -90.06 93.08 -3.54
C ASP M 486 -89.03 94.19 -3.52
N SER M 487 -87.85 93.96 -2.92
CA SER M 487 -86.85 95.00 -2.90
C SER M 487 -86.29 95.24 -4.30
N VAL M 488 -85.41 96.23 -4.42
CA VAL M 488 -84.87 96.60 -5.72
C VAL M 488 -84.05 95.46 -6.31
N ALA M 489 -83.31 94.73 -5.49
CA ALA M 489 -82.51 93.61 -5.96
C ALA M 489 -83.29 92.31 -6.01
N SER M 490 -84.60 92.34 -5.72
CA SER M 490 -85.42 91.14 -5.69
C SER M 490 -85.83 90.67 -7.08
N THR M 491 -85.22 91.19 -8.13
CA THR M 491 -85.48 90.79 -9.51
C THR M 491 -84.16 90.59 -10.25
N ALA M 492 -83.25 89.86 -9.62
CA ALA M 492 -81.86 89.79 -10.08
C ALA M 492 -81.27 88.44 -9.69
N GLY M 493 -79.94 88.36 -9.66
CA GLY M 493 -79.19 87.23 -9.17
C GLY M 493 -78.68 86.19 -10.16
N ALA M 494 -79.56 85.35 -10.70
CA ALA M 494 -79.09 84.21 -11.49
C ALA M 494 -79.80 83.98 -12.80
N ALA M 495 -80.98 84.58 -13.02
CA ALA M 495 -81.89 84.32 -14.13
C ALA M 495 -82.46 82.90 -14.07
N TRP M 496 -82.03 82.09 -13.11
CA TRP M 496 -82.67 80.83 -12.75
C TRP M 496 -82.70 80.67 -11.23
N LEU M 497 -82.85 81.77 -10.51
CA LEU M 497 -82.92 81.78 -9.05
C LEU M 497 -84.11 81.01 -8.46
N PRO M 498 -85.21 80.75 -9.18
CA PRO M 498 -86.26 79.91 -8.58
C PRO M 498 -85.76 78.56 -8.08
N GLY M 499 -85.00 77.82 -8.89
CA GLY M 499 -84.49 76.54 -8.44
C GLY M 499 -83.51 76.69 -7.29
N TRP M 500 -82.65 77.71 -7.35
CA TRP M 500 -81.76 78.02 -6.24
C TRP M 500 -82.54 78.29 -4.97
N LEU M 501 -83.68 78.96 -5.09
CA LEU M 501 -84.50 79.27 -3.92
C LEU M 501 -85.15 78.02 -3.35
N ASP M 502 -85.68 77.16 -4.23
CA ASP M 502 -86.20 75.88 -3.78
C ASP M 502 -85.13 75.10 -3.03
N ALA M 503 -83.90 75.13 -3.53
CA ALA M 503 -82.81 74.41 -2.88
C ALA M 503 -82.48 75.00 -1.52
N ILE M 504 -82.24 76.32 -1.46
CA ILE M 504 -81.75 76.92 -0.23
C ILE M 504 -82.84 76.94 0.83
N ASN M 505 -84.09 77.20 0.44
CA ASN M 505 -85.21 77.05 1.37
C ASN M 505 -85.25 75.64 1.94
N ASN M 506 -84.98 74.64 1.10
CA ASN M 506 -84.82 73.27 1.56
C ASN M 506 -83.47 73.13 2.25
N GLY M 507 -83.33 73.75 3.42
CA GLY M 507 -82.10 73.66 4.18
C GLY M 507 -81.91 72.31 4.84
N THR M 508 -82.70 71.32 4.40
CA THR M 508 -82.57 69.97 4.91
C THR M 508 -81.19 69.40 4.66
N ASN M 509 -80.57 69.77 3.54
CA ASN M 509 -79.22 69.33 3.26
C ASN M 509 -78.22 70.29 3.90
N SER M 510 -76.93 70.06 3.64
CA SER M 510 -75.87 70.86 4.23
C SER M 510 -75.74 72.16 3.44
N LEU M 511 -76.67 73.08 3.72
CA LEU M 511 -76.69 74.39 3.08
C LEU M 511 -77.02 75.44 4.13
N PHE M 512 -75.98 75.99 4.75
CA PHE M 512 -76.09 77.12 5.67
C PHE M 512 -77.05 76.80 6.82
N LEU M 513 -76.67 75.83 7.64
CA LEU M 513 -77.49 75.44 8.77
C LEU M 513 -77.49 76.52 9.84
N THR M 514 -78.56 76.55 10.63
CA THR M 514 -78.70 77.46 11.75
C THR M 514 -77.56 77.29 12.74
N ILE M 515 -77.44 78.23 13.68
CA ILE M 515 -76.32 78.28 14.62
C ILE M 515 -76.85 78.66 15.99
N GLY M 516 -75.93 78.75 16.95
CA GLY M 516 -76.27 79.13 18.30
C GLY M 516 -75.09 79.74 19.04
N PRO M 517 -75.11 79.67 20.38
CA PRO M 517 -74.03 80.29 21.15
C PRO M 517 -72.69 79.59 20.97
N GLY M 518 -72.71 78.26 20.89
CA GLY M 518 -71.46 77.53 20.77
C GLY M 518 -70.63 78.00 19.61
N ASP M 519 -71.26 78.18 18.46
CA ASP M 519 -70.55 78.63 17.27
C ASP M 519 -69.87 79.97 17.51
N PHE M 520 -70.55 80.87 18.22
CA PHE M 520 -69.92 82.11 18.68
C PHE M 520 -68.62 81.79 19.41
N LEU M 521 -68.70 80.90 20.40
CA LEU M 521 -67.52 80.56 21.19
C LEU M 521 -66.37 80.04 20.31
N VAL M 522 -66.60 78.93 19.61
CA VAL M 522 -65.50 78.27 18.91
C VAL M 522 -64.95 79.17 17.80
N HIS M 523 -65.78 80.00 17.18
CA HIS M 523 -65.26 80.86 16.12
C HIS M 523 -64.29 81.88 16.70
N HIS M 524 -64.61 82.44 17.87
CA HIS M 524 -63.64 83.29 18.54
C HIS M 524 -62.38 82.52 18.89
N ALA M 525 -62.52 81.23 19.21
CA ALA M 525 -61.35 80.39 19.46
C ALA M 525 -60.47 80.30 18.23
N PHE M 526 -61.08 80.07 17.06
CA PHE M 526 -60.33 80.07 15.82
C PHE M 526 -59.59 81.39 15.63
N ALA M 527 -60.30 82.50 15.83
CA ALA M 527 -59.67 83.81 15.70
C ALA M 527 -58.41 83.86 16.55
N LEU M 528 -58.53 83.51 17.83
CA LEU M 528 -57.38 83.47 18.71
C LEU M 528 -56.26 82.61 18.14
N GLY M 529 -56.60 81.40 17.72
CA GLY M 529 -55.58 80.47 17.26
C GLY M 529 -54.75 81.04 16.13
N ILE M 530 -55.40 81.46 15.05
CA ILE M 530 -54.63 82.02 13.93
C ILE M 530 -53.90 83.28 14.37
N HIS M 531 -54.47 84.05 15.30
CA HIS M 531 -53.81 85.27 15.74
C HIS M 531 -52.45 84.96 16.36
N THR M 532 -52.42 84.03 17.32
CA THR M 532 -51.11 83.72 17.93
C THR M 532 -50.19 83.01 16.95
N THR M 533 -50.74 82.20 16.06
CA THR M 533 -49.90 81.53 15.06
C THR M 533 -49.15 82.55 14.21
N VAL M 534 -49.89 83.49 13.61
CA VAL M 534 -49.23 84.51 12.81
C VAL M 534 -48.34 85.36 13.69
N LEU M 535 -48.67 85.50 14.97
CA LEU M 535 -47.82 86.25 15.89
C LEU M 535 -46.42 85.67 15.94
N VAL M 536 -46.32 84.40 16.34
CA VAL M 536 -45.00 83.79 16.47
C VAL M 536 -44.29 83.75 15.13
N LEU M 537 -45.03 83.52 14.05
CA LEU M 537 -44.41 83.43 12.74
C LEU M 537 -43.79 84.76 12.34
N VAL M 538 -44.55 85.86 12.48
CA VAL M 538 -44.01 87.15 12.08
C VAL M 538 -42.90 87.58 13.03
N LYS M 539 -42.96 87.15 14.29
CA LYS M 539 -41.86 87.45 15.19
C LYS M 539 -40.57 86.81 14.69
N GLY M 540 -40.63 85.52 14.37
CA GLY M 540 -39.44 84.87 13.81
C GLY M 540 -38.99 85.51 12.51
N ALA M 541 -39.95 85.84 11.64
CA ALA M 541 -39.61 86.46 10.36
C ALA M 541 -38.87 87.78 10.57
N LEU M 542 -39.46 88.69 11.33
CA LEU M 542 -38.86 90.00 11.55
C LEU M 542 -37.66 89.93 12.48
N ASP M 543 -37.38 88.78 13.09
CA ASP M 543 -36.10 88.57 13.75
C ASP M 543 -35.12 87.79 12.91
N ALA M 544 -35.47 87.43 11.67
CA ALA M 544 -34.51 86.78 10.79
C ALA M 544 -33.24 87.60 10.61
N ARG M 545 -33.28 88.90 10.93
CA ARG M 545 -32.09 89.74 10.82
C ARG M 545 -31.34 89.84 12.14
N GLY M 546 -32.04 90.19 13.21
CA GLY M 546 -31.38 90.36 14.49
C GLY M 546 -32.36 90.89 15.52
N SER M 547 -31.98 90.72 16.79
CA SER M 547 -32.79 91.15 17.91
C SER M 547 -32.08 92.28 18.65
N LYS M 548 -32.82 92.90 19.57
CA LYS M 548 -32.25 93.97 20.38
C LYS M 548 -31.07 93.46 21.21
N LEU M 549 -31.24 92.29 21.83
CA LEU M 549 -30.18 91.69 22.64
C LEU M 549 -29.37 90.67 21.87
N MET M 550 -29.54 90.60 20.55
CA MET M 550 -28.67 89.80 19.69
C MET M 550 -28.86 90.26 18.24
N PRO M 551 -28.25 91.39 17.86
CA PRO M 551 -28.48 91.91 16.49
C PRO M 551 -27.62 91.25 15.44
N ASP M 552 -26.53 90.59 15.82
CA ASP M 552 -25.57 90.09 14.84
C ASP M 552 -26.13 88.97 13.96
N LYS M 553 -27.15 88.26 14.45
CA LYS M 553 -27.50 86.95 13.87
C LYS M 553 -27.69 86.97 12.36
N LYS M 554 -27.88 88.15 11.76
CA LYS M 554 -27.96 88.25 10.31
C LYS M 554 -26.80 87.53 9.63
N ASP M 555 -25.60 87.62 10.20
CA ASP M 555 -24.44 86.95 9.64
C ASP M 555 -24.26 85.53 10.16
N PHE M 556 -24.87 85.20 11.30
CA PHE M 556 -24.78 83.85 11.82
C PHE M 556 -25.54 82.86 10.94
N GLY M 557 -26.62 83.30 10.32
CA GLY M 557 -27.32 82.48 9.35
C GLY M 557 -28.58 81.86 9.90
N TYR M 558 -29.42 81.40 8.97
CA TYR M 558 -30.61 80.63 9.31
C TYR M 558 -30.16 79.25 9.76
N ALA M 559 -29.60 79.16 10.95
CA ALA M 559 -28.74 78.07 11.35
C ALA M 559 -28.91 77.85 12.85
N PHE M 560 -27.91 77.23 13.47
CA PHE M 560 -28.02 76.85 14.86
C PHE M 560 -28.08 78.00 15.88
N PRO M 561 -27.47 79.21 15.65
CA PRO M 561 -26.84 79.94 16.77
C PRO M 561 -27.52 79.85 18.14
N CYS M 562 -26.73 79.49 19.15
CA CYS M 562 -27.20 79.34 20.53
C CYS M 562 -26.77 80.45 21.44
N ASP M 563 -25.54 80.96 21.28
CA ASP M 563 -25.05 82.09 22.06
C ASP M 563 -25.12 81.78 23.56
N GLY M 564 -24.23 80.88 23.98
CA GLY M 564 -24.26 80.29 25.30
C GLY M 564 -24.40 81.27 26.44
N PRO M 565 -24.53 80.76 27.67
CA PRO M 565 -25.34 81.47 28.67
C PRO M 565 -24.79 82.84 29.05
N GLY M 566 -24.98 83.80 28.16
CA GLY M 566 -24.62 85.17 28.43
C GLY M 566 -25.46 85.77 29.54
N ARG M 567 -26.78 85.74 29.37
CA ARG M 567 -27.72 86.22 30.38
C ARG M 567 -28.77 85.14 30.60
N GLY M 568 -28.58 84.33 31.64
CA GLY M 568 -29.52 83.27 31.95
C GLY M 568 -29.64 82.20 30.89
N GLY M 569 -28.98 82.37 29.76
CA GLY M 569 -29.11 81.50 28.61
C GLY M 569 -29.74 82.24 27.45
N THR M 570 -29.47 81.76 26.24
CA THR M 570 -30.07 82.31 25.04
C THR M 570 -30.45 81.21 24.06
N CYS M 571 -30.80 80.04 24.59
CA CYS M 571 -31.22 78.94 23.74
C CYS M 571 -32.53 79.27 23.04
N ASP M 572 -32.72 78.65 21.87
CA ASP M 572 -33.90 78.84 21.04
C ASP M 572 -34.04 80.31 20.62
N ILE M 573 -33.08 80.74 19.81
CA ILE M 573 -33.07 82.10 19.27
C ILE M 573 -32.83 82.03 17.77
N SER M 574 -32.78 80.82 17.22
CA SER M 574 -32.24 80.58 15.89
C SER M 574 -33.28 80.61 14.77
N ALA M 575 -34.12 81.63 14.75
CA ALA M 575 -34.83 82.07 13.55
C ALA M 575 -35.78 81.04 12.97
N TRP M 576 -35.75 79.80 13.48
CA TRP M 576 -36.82 78.85 13.23
C TRP M 576 -37.14 78.00 14.44
N ASP M 577 -36.46 78.25 15.57
CA ASP M 577 -37.08 77.99 16.85
C ASP M 577 -38.54 78.40 16.80
N ALA M 578 -38.81 79.58 16.22
CA ALA M 578 -40.18 80.02 16.00
C ALA M 578 -40.97 79.02 15.15
N PHE M 579 -40.30 78.32 14.23
CA PHE M 579 -41.03 77.41 13.35
C PHE M 579 -41.61 76.24 14.14
N TYR M 580 -40.86 75.70 15.10
CA TYR M 580 -41.39 74.62 15.93
C TYR M 580 -42.64 75.08 16.67
N LEU M 581 -42.52 76.19 17.38
CA LEU M 581 -43.63 76.75 18.13
C LEU M 581 -44.84 76.96 17.24
N ALA M 582 -44.61 77.54 16.07
CA ALA M 582 -45.68 77.78 15.12
C ALA M 582 -46.32 76.46 14.67
N LEU M 583 -45.52 75.42 14.52
CA LEU M 583 -46.07 74.14 14.09
C LEU M 583 -47.00 73.57 15.15
N PHE M 584 -46.59 73.65 16.41
CA PHE M 584 -47.49 73.23 17.49
C PHE M 584 -48.78 74.05 17.47
N TRP M 585 -48.63 75.38 17.37
CA TRP M 585 -49.77 76.29 17.41
C TRP M 585 -50.68 76.12 16.21
N ALA M 586 -50.17 75.53 15.12
CA ALA M 586 -51.02 75.24 13.99
C ALA M 586 -51.72 73.89 14.15
N LEU M 587 -51.00 72.91 14.70
CA LEU M 587 -51.59 71.59 14.90
C LEU M 587 -52.79 71.66 15.83
N ASN M 588 -52.65 72.33 16.96
CA ASN M 588 -53.78 72.38 17.87
C ASN M 588 -54.95 73.14 17.26
N THR M 589 -54.66 74.20 16.50
CA THR M 589 -55.71 74.96 15.84
C THR M 589 -56.50 74.09 14.86
N VAL M 590 -55.78 73.39 13.98
CA VAL M 590 -56.47 72.56 12.99
C VAL M 590 -57.23 71.44 13.67
N GLY M 591 -56.72 70.93 14.80
CA GLY M 591 -57.47 69.93 15.54
C GLY M 591 -58.79 70.48 16.05
N TRP M 592 -58.73 71.64 16.71
CA TRP M 592 -59.94 72.32 17.14
C TRP M 592 -60.96 72.41 16.01
N VAL M 593 -60.54 72.95 14.86
CA VAL M 593 -61.49 73.24 13.81
C VAL M 593 -62.07 71.97 13.20
N THR M 594 -61.23 70.95 12.99
CA THR M 594 -61.75 69.74 12.38
C THR M 594 -62.69 69.01 13.33
N PHE M 595 -62.43 69.05 14.63
CA PHE M 595 -63.38 68.43 15.54
C PHE M 595 -64.69 69.21 15.58
N TYR M 596 -64.63 70.54 15.46
CA TYR M 596 -65.86 71.31 15.39
C TYR M 596 -66.71 70.88 14.20
N TRP M 597 -66.08 70.83 13.02
CA TRP M 597 -66.76 70.34 11.82
C TRP M 597 -67.35 68.96 12.06
N HIS M 598 -66.57 68.07 12.69
CA HIS M 598 -67.01 66.69 12.87
C HIS M 598 -68.25 66.63 13.75
N TRP M 599 -68.25 67.34 14.87
CA TRP M 599 -69.41 67.32 15.76
C TRP M 599 -70.63 67.92 15.07
N LYS M 600 -70.44 69.05 14.39
CA LYS M 600 -71.55 69.66 13.67
C LYS M 600 -72.21 68.65 12.73
N HIS M 601 -71.42 68.09 11.82
CA HIS M 601 -72.01 67.20 10.83
C HIS M 601 -72.51 65.90 11.45
N LEU M 602 -71.91 65.46 12.55
CA LEU M 602 -72.40 64.26 13.21
C LEU M 602 -73.79 64.49 13.77
N GLY M 603 -73.99 65.62 14.45
CA GLY M 603 -75.32 65.97 14.90
C GLY M 603 -76.29 66.16 13.76
N ILE M 604 -75.80 66.64 12.61
CA ILE M 604 -76.67 66.81 11.45
C ILE M 604 -77.08 65.44 10.88
N TRP M 605 -76.24 64.41 11.06
CA TRP M 605 -76.51 63.12 10.45
C TRP M 605 -77.88 62.58 10.86
N GLN M 606 -78.10 62.39 12.16
CA GLN M 606 -79.37 61.89 12.66
C GLN M 606 -80.27 63.02 13.17
N GLY M 607 -79.93 64.27 12.84
CA GLY M 607 -80.73 65.42 13.22
C GLY M 607 -80.72 65.77 14.68
N ASN M 608 -80.18 64.92 15.55
CA ASN M 608 -80.20 65.15 16.99
C ASN M 608 -79.16 66.21 17.34
N VAL M 609 -79.52 67.47 17.08
CA VAL M 609 -78.65 68.60 17.38
C VAL M 609 -78.65 68.95 18.85
N ALA M 610 -79.46 68.25 19.66
CA ALA M 610 -79.63 68.64 21.06
C ALA M 610 -78.33 68.53 21.83
N GLN M 611 -77.54 67.49 21.57
CA GLN M 611 -76.32 67.27 22.36
C GLN M 611 -75.31 68.39 22.18
N PHE M 612 -75.10 68.80 20.93
CA PHE M 612 -74.14 69.87 20.66
C PHE M 612 -74.51 71.14 21.40
N ASN M 613 -75.68 71.71 21.08
CA ASN M 613 -76.11 72.95 21.72
C ASN M 613 -76.23 72.82 23.23
N GLU M 614 -76.49 71.60 23.71
CA GLU M 614 -76.73 71.42 25.13
C GLU M 614 -75.43 71.36 25.92
N SER M 615 -74.38 70.76 25.36
CA SER M 615 -73.12 70.59 26.07
C SER M 615 -71.96 71.27 25.38
N SER M 616 -72.22 72.36 24.66
CA SER M 616 -71.15 73.15 24.05
C SER M 616 -70.58 74.21 24.97
N THR M 617 -71.30 74.54 26.05
CA THR M 617 -70.90 75.66 26.90
C THR M 617 -69.72 75.28 27.78
N TYR M 618 -69.90 74.30 28.66
CA TYR M 618 -68.85 73.87 29.57
C TYR M 618 -68.08 72.69 28.99
N LEU M 619 -66.79 72.65 29.27
CA LEU M 619 -65.89 71.73 28.59
C LEU M 619 -66.05 70.28 29.04
N MET M 620 -66.59 70.06 30.25
CA MET M 620 -66.98 68.71 30.65
C MET M 620 -67.84 68.07 29.58
N GLY M 621 -68.85 68.80 29.10
CA GLY M 621 -69.70 68.28 28.04
C GLY M 621 -68.90 67.93 26.80
N TRP M 622 -67.93 68.76 26.45
CA TRP M 622 -67.08 68.48 25.30
C TRP M 622 -66.39 67.14 25.45
N LEU M 623 -65.67 66.94 26.56
CA LEU M 623 -64.93 65.69 26.67
C LEU M 623 -65.80 64.50 27.10
N ARG M 624 -67.08 64.70 27.38
CA ARG M 624 -67.92 63.58 27.75
C ARG M 624 -68.84 63.10 26.62
N ASP M 625 -69.32 64.01 25.78
CA ASP M 625 -70.35 63.61 24.84
C ASP M 625 -69.80 63.00 23.56
N TYR M 626 -68.60 63.39 23.15
CA TYR M 626 -68.06 62.92 21.89
C TYR M 626 -66.71 62.23 21.99
N LEU M 627 -66.03 62.29 23.14
CA LEU M 627 -64.72 61.67 23.24
C LEU M 627 -64.83 60.14 23.33
N TRP M 628 -65.49 59.64 24.35
CA TRP M 628 -65.58 58.20 24.56
C TRP M 628 -66.94 57.62 24.16
N LEU M 629 -67.90 58.44 23.76
CA LEU M 629 -69.20 57.93 23.35
C LEU M 629 -69.20 57.44 21.91
N TYR M 630 -68.04 57.26 21.31
CA TYR M 630 -67.95 56.71 19.96
C TYR M 630 -66.81 55.73 19.79
N SER M 631 -66.09 55.41 20.87
CA SER M 631 -64.86 54.63 20.77
C SER M 631 -65.06 53.14 21.03
N ALA M 632 -66.00 52.77 21.90
CA ALA M 632 -66.26 51.35 22.11
C ALA M 632 -66.70 50.68 20.81
N GLN M 633 -67.30 51.45 19.90
CA GLN M 633 -67.57 50.96 18.55
C GLN M 633 -66.28 50.60 17.83
N LEU M 634 -65.15 51.13 18.30
CA LEU M 634 -63.84 50.86 17.73
C LEU M 634 -62.89 50.15 18.67
N ILE M 635 -62.96 50.43 19.98
CA ILE M 635 -61.93 49.96 20.89
C ILE M 635 -61.86 48.44 20.94
N ASN M 636 -62.99 47.76 20.78
CA ASN M 636 -63.03 46.31 20.85
C ASN M 636 -62.91 45.66 19.48
N GLY M 637 -62.20 46.30 18.56
CA GLY M 637 -61.90 45.67 17.30
C GLY M 637 -61.15 44.36 17.48
N TYR M 638 -60.29 44.30 18.50
CA TYR M 638 -59.72 43.04 18.96
C TYR M 638 -59.64 43.09 20.48
N ASN M 639 -59.76 41.92 21.09
CA ASN M 639 -59.85 41.77 22.53
C ASN M 639 -59.71 40.29 22.85
N PRO M 640 -59.57 39.88 24.11
CA PRO M 640 -59.34 38.45 24.41
C PRO M 640 -60.41 37.51 23.89
N TYR M 641 -61.48 38.01 23.28
CA TYR M 641 -62.60 37.16 22.90
C TYR M 641 -62.79 37.02 21.39
N GLY M 642 -62.45 38.04 20.61
CA GLY M 642 -62.64 37.93 19.18
C GLY M 642 -61.95 39.05 18.43
N MET M 643 -62.20 39.09 17.12
CA MET M 643 -61.67 40.14 16.27
C MET M 643 -62.75 40.73 15.38
N ASN M 644 -62.37 41.70 14.54
CA ASN M 644 -63.29 42.36 13.62
C ASN M 644 -62.47 42.78 12.40
N ASN M 645 -63.03 43.71 11.62
CA ASN M 645 -62.28 44.40 10.58
C ASN M 645 -61.77 45.75 11.06
N LEU M 646 -61.39 45.86 12.33
CA LEU M 646 -60.92 47.10 12.91
C LEU M 646 -59.64 46.93 13.73
N SER M 647 -59.22 45.69 13.99
CA SER M 647 -58.01 45.43 14.76
C SER M 647 -56.85 46.26 14.24
N VAL M 648 -56.71 46.36 12.91
CA VAL M 648 -55.65 47.16 12.34
C VAL M 648 -55.79 48.61 12.78
N TRP M 649 -57.01 49.09 12.95
CA TRP M 649 -57.20 50.49 13.36
C TRP M 649 -56.88 50.72 14.83
N ALA M 650 -57.20 49.76 15.70
CA ALA M 650 -56.72 49.89 17.08
C ALA M 650 -55.19 49.88 17.12
N TRP M 651 -54.58 49.04 16.29
CA TRP M 651 -53.13 49.05 16.18
C TRP M 651 -52.64 50.42 15.71
N MET M 652 -53.36 51.04 14.78
CA MET M 652 -53.06 52.41 14.38
C MET M 652 -53.01 53.33 15.60
N PHE M 653 -54.10 53.36 16.36
CA PHE M 653 -54.18 54.14 17.59
C PHE M 653 -52.92 54.01 18.43
N LEU M 654 -52.63 52.76 18.82
CA LEU M 654 -51.62 52.53 19.82
C LEU M 654 -50.23 52.84 19.28
N PHE M 655 -49.98 52.49 18.01
CA PHE M 655 -48.74 52.86 17.37
C PHE M 655 -48.52 54.37 17.44
N GLY M 656 -49.56 55.13 17.09
CA GLY M 656 -49.44 56.58 17.14
C GLY M 656 -49.11 57.10 18.53
N HIS M 657 -49.80 56.58 19.54
CA HIS M 657 -49.51 56.99 20.90
C HIS M 657 -48.05 56.71 21.26
N LEU M 658 -47.55 55.54 20.87
CA LEU M 658 -46.18 55.18 21.19
C LEU M 658 -45.19 56.17 20.60
N VAL M 659 -45.31 56.45 19.30
CA VAL M 659 -44.37 57.39 18.71
C VAL M 659 -44.55 58.78 19.31
N TRP M 660 -45.77 59.11 19.72
CA TRP M 660 -46.04 60.38 20.39
C TRP M 660 -45.17 60.53 21.63
N ALA M 661 -45.21 59.55 22.52
CA ALA M 661 -44.40 59.65 23.74
C ALA M 661 -42.90 59.59 23.43
N THR M 662 -42.52 58.83 22.40
CA THR M 662 -41.13 58.84 21.96
C THR M 662 -40.69 60.26 21.64
N GLY M 663 -41.57 61.02 21.01
CA GLY M 663 -41.29 62.42 20.75
C GLY M 663 -40.93 63.18 22.01
N PHE M 664 -41.71 62.98 23.07
CA PHE M 664 -41.40 63.64 24.34
C PHE M 664 -40.01 63.27 24.81
N MET M 665 -39.67 61.98 24.72
CA MET M 665 -38.34 61.55 25.12
C MET M 665 -37.27 62.35 24.39
N PHE M 666 -37.41 62.46 23.07
CA PHE M 666 -36.42 63.22 22.32
C PHE M 666 -36.43 64.69 22.69
N LEU M 667 -37.59 65.23 23.05
CA LEU M 667 -37.68 66.67 23.27
C LEU M 667 -37.09 67.10 24.60
N ILE M 668 -37.32 66.33 25.66
CA ILE M 668 -36.98 66.81 27.00
C ILE M 668 -35.48 66.66 27.26
N SER M 669 -34.98 65.42 27.25
CA SER M 669 -33.58 65.19 27.53
C SER M 669 -32.71 65.82 26.46
N TRP M 670 -31.56 66.35 26.87
CA TRP M 670 -30.68 67.09 25.97
C TRP M 670 -29.29 66.49 25.95
N ARG M 671 -28.46 67.01 25.04
CA ARG M 671 -27.17 66.41 24.71
C ARG M 671 -26.09 66.87 25.66
N GLY M 672 -26.22 66.47 26.92
CA GLY M 672 -25.16 66.67 27.87
C GLY M 672 -25.08 65.47 28.78
N TYR M 673 -25.97 64.52 28.50
CA TYR M 673 -26.10 63.29 29.25
C TYR M 673 -25.95 62.07 28.38
N TRP M 674 -26.37 62.14 27.13
CA TRP M 674 -26.28 61.02 26.19
C TRP M 674 -24.90 60.88 25.58
N GLN M 675 -23.89 61.48 26.18
CA GLN M 675 -22.52 61.32 25.73
C GLN M 675 -21.61 60.71 26.76
N GLU M 676 -21.85 60.97 28.05
CA GLU M 676 -21.05 60.36 29.10
C GLU M 676 -21.10 58.84 29.03
N LEU M 677 -22.30 58.28 28.84
CA LEU M 677 -22.42 56.83 28.82
C LEU M 677 -21.96 56.23 27.50
N ILE M 678 -21.92 57.01 26.42
CA ILE M 678 -21.34 56.47 25.20
C ILE M 678 -19.84 56.28 25.39
N GLU M 679 -19.20 57.10 26.21
CA GLU M 679 -17.79 56.89 26.52
C GLU M 679 -17.57 55.50 27.12
N THR M 680 -18.18 55.25 28.28
CA THR M 680 -18.01 53.95 28.92
C THR M 680 -18.49 52.82 28.04
N LEU M 681 -19.43 53.08 27.13
CA LEU M 681 -19.89 52.00 26.27
C LEU M 681 -18.94 51.73 25.12
N VAL M 682 -18.14 52.72 24.74
CA VAL M 682 -17.00 52.46 23.86
C VAL M 682 -15.93 51.68 24.61
N TRP M 683 -15.76 51.98 25.90
CA TRP M 683 -14.76 51.30 26.71
C TRP M 683 -14.94 49.79 26.71
N ALA M 684 -16.15 49.30 26.43
CA ALA M 684 -16.40 47.86 26.53
C ALA M 684 -15.72 47.09 25.41
N HIS M 685 -16.07 47.39 24.16
CA HIS M 685 -15.56 46.64 23.02
C HIS M 685 -14.04 46.56 23.02
N GLU M 686 -13.38 47.61 23.48
CA GLU M 686 -11.93 47.62 23.49
C GLU M 686 -11.35 46.50 24.34
N ARG M 687 -12.07 46.05 25.37
CA ARG M 687 -11.49 45.17 26.37
C ARG M 687 -12.24 43.87 26.57
N THR M 688 -13.25 43.59 25.78
CA THR M 688 -13.68 42.22 25.95
C THR M 688 -13.07 41.34 24.86
N PRO M 689 -12.77 40.08 25.16
CA PRO M 689 -12.20 39.18 24.16
C PRO M 689 -13.27 38.39 23.43
N LEU M 690 -12.86 37.85 22.28
CA LEU M 690 -13.67 37.09 21.34
C LEU M 690 -14.62 37.99 20.55
N ALA M 691 -14.70 39.28 20.88
CA ALA M 691 -15.47 40.22 20.08
C ALA M 691 -14.67 41.47 19.73
N SER M 692 -13.46 41.61 20.26
CA SER M 692 -12.65 42.77 19.91
C SER M 692 -12.06 42.67 18.51
N LEU M 693 -12.35 41.59 17.79
CA LEU M 693 -11.90 41.46 16.41
C LEU M 693 -12.38 42.64 15.57
N VAL M 694 -13.70 42.84 15.51
CA VAL M 694 -14.27 43.88 14.67
C VAL M 694 -13.90 45.26 15.20
N ARG M 695 -14.03 46.27 14.34
CA ARG M 695 -13.65 47.63 14.67
C ARG M 695 -14.69 48.56 14.06
N TRP M 696 -14.36 49.84 13.94
CA TRP M 696 -15.35 50.85 13.56
C TRP M 696 -15.14 51.30 12.12
N LYS M 697 -16.16 51.08 11.30
CA LYS M 697 -16.37 51.86 10.08
C LYS M 697 -16.09 53.33 10.35
N ASP M 698 -16.66 53.86 11.43
CA ASP M 698 -16.55 55.27 11.76
C ASP M 698 -16.83 55.44 13.24
N LYS M 699 -16.09 56.33 13.88
CA LYS M 699 -16.19 56.50 15.32
C LYS M 699 -17.54 57.08 15.70
N PRO M 700 -18.37 56.36 16.47
CA PRO M 700 -19.70 56.87 16.78
C PRO M 700 -19.68 57.88 17.92
N VAL M 701 -20.55 58.89 17.79
CA VAL M 701 -20.75 59.90 18.82
C VAL M 701 -22.24 60.12 18.98
N ALA M 702 -22.60 60.99 19.91
CA ALA M 702 -24.00 61.30 20.16
C ALA M 702 -24.57 62.11 18.99
N MET M 703 -25.89 62.31 19.04
CA MET M 703 -26.57 63.08 18.02
C MET M 703 -26.15 64.54 18.10
N SER M 704 -26.70 65.35 17.21
CA SER M 704 -26.52 66.80 17.25
C SER M 704 -27.74 67.44 17.87
N ILE M 705 -27.63 68.72 18.16
CA ILE M 705 -28.71 69.44 18.84
C ILE M 705 -29.86 69.69 17.88
N VAL M 706 -29.58 70.39 16.77
CA VAL M 706 -30.63 70.70 15.80
C VAL M 706 -31.27 69.43 15.27
N GLN M 707 -30.46 68.39 15.03
CA GLN M 707 -31.02 67.13 14.58
C GLN M 707 -31.91 66.51 15.65
N GLY M 708 -31.51 66.65 16.92
CA GLY M 708 -32.36 66.16 18.00
C GLY M 708 -33.72 66.85 18.02
N ARG M 709 -33.69 68.18 17.94
CA ARG M 709 -34.93 68.95 17.86
C ARG M 709 -35.79 68.48 16.69
N LEU M 710 -35.16 68.31 15.53
CA LEU M 710 -35.90 67.94 14.33
C LEU M 710 -36.54 66.57 14.48
N VAL M 711 -35.79 65.59 14.99
CA VAL M 711 -36.34 64.25 15.12
C VAL M 711 -37.46 64.23 16.16
N GLY M 712 -37.29 64.98 17.25
CA GLY M 712 -38.36 65.07 18.22
C GLY M 712 -39.63 65.63 17.62
N LEU M 713 -39.50 66.71 16.85
CA LEU M 713 -40.67 67.30 16.22
C LEU M 713 -41.30 66.34 15.22
N ALA M 714 -40.48 65.63 14.46
CA ALA M 714 -41.00 64.68 13.50
C ALA M 714 -41.79 63.58 14.19
N HIS M 715 -41.24 63.03 15.27
CA HIS M 715 -41.95 62.00 16.02
C HIS M 715 -43.27 62.53 16.55
N PHE M 716 -43.26 63.74 17.10
CA PHE M 716 -44.49 64.32 17.64
C PHE M 716 -45.54 64.46 16.55
N THR M 717 -45.16 65.00 15.41
CA THR M 717 -46.13 65.25 14.35
C THR M 717 -46.66 63.94 13.77
N VAL M 718 -45.80 62.93 13.60
CA VAL M 718 -46.29 61.68 13.05
C VAL M 718 -47.21 60.98 14.05
N GLY M 719 -46.90 61.08 15.35
CA GLY M 719 -47.80 60.55 16.34
C GLY M 719 -49.15 61.24 16.32
N TYR M 720 -49.14 62.55 16.14
CA TYR M 720 -50.39 63.30 16.11
C TYR M 720 -51.23 62.93 14.90
N VAL M 721 -50.58 62.74 13.75
CA VAL M 721 -51.32 62.52 12.51
C VAL M 721 -52.15 61.24 12.59
N LEU M 722 -51.50 60.13 12.90
CA LEU M 722 -52.10 58.81 12.69
C LEU M 722 -53.38 58.64 13.50
N THR M 723 -53.28 58.75 14.82
CA THR M 723 -54.40 58.41 15.71
C THR M 723 -55.68 59.13 15.30
N TYR M 724 -55.59 60.43 15.01
CA TYR M 724 -56.80 61.18 14.71
C TYR M 724 -57.46 60.66 13.43
N ALA M 725 -56.67 60.36 12.41
CA ALA M 725 -57.23 59.81 11.19
C ALA M 725 -57.96 58.51 11.46
N ALA M 726 -57.28 57.57 12.13
CA ALA M 726 -57.92 56.30 12.45
C ALA M 726 -59.24 56.54 13.17
N PHE M 727 -59.23 57.41 14.17
CA PHE M 727 -60.44 57.69 14.93
C PHE M 727 -61.56 58.19 14.04
N VAL M 728 -61.26 59.16 13.17
CA VAL M 728 -62.33 59.79 12.40
C VAL M 728 -62.94 58.80 11.41
N ILE M 729 -62.11 58.09 10.65
CA ILE M 729 -62.70 57.20 9.66
C ILE M 729 -63.41 56.02 10.33
N ALA M 730 -62.82 55.48 11.40
CA ALA M 730 -63.49 54.38 12.10
C ALA M 730 -64.84 54.82 12.64
N SER M 731 -64.90 56.00 13.25
CA SER M 731 -66.16 56.49 13.79
C SER M 731 -67.19 56.69 12.69
N THR M 732 -66.79 57.33 11.59
CA THR M 732 -67.74 57.61 10.51
C THR M 732 -68.26 56.33 9.88
N ALA M 733 -67.40 55.33 9.71
CA ALA M 733 -67.85 54.07 9.12
C ALA M 733 -68.52 53.15 10.14
N GLY M 734 -68.46 53.49 11.43
CA GLY M 734 -69.12 52.67 12.42
C GLY M 734 -70.42 53.24 12.97
N LYS M 735 -70.69 54.51 12.69
CA LYS M 735 -71.92 55.14 13.18
C LYS M 735 -72.87 55.59 12.07
N PHE M 736 -72.36 55.96 10.90
CA PHE M 736 -73.18 56.43 9.79
C PHE M 736 -74.03 57.64 10.17
N SER N 2 -9.77 75.17 13.53
CA SER N 2 -11.10 74.62 13.69
C SER N 2 -12.16 75.69 13.43
N HIS N 3 -12.84 76.12 14.49
CA HIS N 3 -13.77 77.22 14.38
C HIS N 3 -12.99 78.53 14.22
N SER N 4 -13.72 79.60 13.94
CA SER N 4 -13.08 80.88 13.65
C SER N 4 -13.20 81.82 14.83
N VAL N 5 -12.21 82.68 14.99
CA VAL N 5 -12.18 83.64 16.08
C VAL N 5 -12.26 85.03 15.48
N LYS N 6 -12.79 85.99 16.25
CA LYS N 6 -13.05 87.33 15.76
C LYS N 6 -12.66 88.33 16.82
N ILE N 7 -11.82 89.30 16.43
CA ILE N 7 -11.27 90.29 17.36
C ILE N 7 -11.79 91.67 16.97
N TYR N 8 -11.79 92.57 17.94
CA TYR N 8 -12.32 93.91 17.73
C TYR N 8 -11.38 94.91 18.38
N ASP N 9 -11.84 96.16 18.46
CA ASP N 9 -11.03 97.25 19.00
C ASP N 9 -11.30 97.53 20.47
N THR N 10 -12.43 97.10 21.00
CA THR N 10 -12.85 97.39 22.37
C THR N 10 -12.03 96.66 23.41
N CYS N 11 -10.93 96.00 23.06
CA CYS N 11 -10.11 95.30 24.04
C CYS N 11 -9.46 96.34 24.95
N ILE N 12 -9.97 96.46 26.17
CA ILE N 12 -9.35 97.38 27.12
C ILE N 12 -7.97 96.90 27.52
N GLY N 13 -7.76 95.59 27.56
CA GLY N 13 -6.48 95.03 27.95
C GLY N 13 -6.40 94.51 29.36
N CYS N 14 -7.54 94.26 30.01
CA CYS N 14 -7.52 93.63 31.32
C CYS N 14 -6.98 92.21 31.26
N THR N 15 -7.10 91.55 30.11
CA THR N 15 -6.52 90.22 29.87
C THR N 15 -7.11 89.18 30.82
N GLN N 16 -8.42 89.25 31.05
CA GLN N 16 -9.10 88.18 31.76
C GLN N 16 -9.44 87.02 30.84
N CYS N 17 -9.53 87.26 29.54
CA CYS N 17 -9.85 86.18 28.61
C CYS N 17 -8.65 85.24 28.44
N VAL N 18 -7.44 85.82 28.34
CA VAL N 18 -6.26 85.00 28.14
C VAL N 18 -6.01 84.09 29.34
N ARG N 19 -6.45 84.50 30.52
CA ARG N 19 -6.34 83.67 31.71
C ARG N 19 -7.53 82.74 31.88
N ALA N 20 -8.52 82.82 31.01
CA ALA N 20 -9.72 82.00 31.09
C ALA N 20 -9.73 80.87 30.08
N CYS N 21 -9.27 81.11 28.86
CA CYS N 21 -9.24 80.07 27.85
C CYS N 21 -8.28 78.97 28.25
N PRO N 22 -8.73 77.74 28.44
CA PRO N 22 -7.81 76.65 28.80
C PRO N 22 -7.22 75.97 27.59
N THR N 23 -7.29 76.61 26.43
CA THR N 23 -6.96 75.97 25.17
C THR N 23 -5.82 76.67 24.41
N ASP N 24 -5.18 77.67 25.00
CA ASP N 24 -4.02 78.33 24.40
C ASP N 24 -4.29 78.78 22.96
N VAL N 25 -5.23 79.70 22.82
CA VAL N 25 -5.55 80.24 21.51
C VAL N 25 -5.53 81.77 21.49
N LEU N 26 -4.83 82.40 22.46
CA LEU N 26 -4.81 83.85 22.55
C LEU N 26 -3.41 84.33 22.92
N GLU N 27 -3.13 85.59 22.54
CA GLU N 27 -1.91 86.28 22.90
C GLU N 27 -2.09 87.77 22.67
N MET N 28 -1.45 88.59 23.50
CA MET N 28 -1.59 90.04 23.42
C MET N 28 -0.46 90.61 22.57
N VAL N 29 -0.75 90.86 21.30
CA VAL N 29 0.23 91.36 20.34
C VAL N 29 0.31 92.88 20.49
N PRO N 30 1.47 93.49 20.24
CA PRO N 30 1.65 94.92 20.55
C PRO N 30 0.69 95.82 19.78
N TRP N 31 0.02 96.70 20.52
CA TRP N 31 -0.91 97.68 19.96
C TRP N 31 -0.45 99.08 20.34
N ASP N 32 -1.17 100.08 19.85
CA ASP N 32 -0.79 101.47 20.13
C ASP N 32 -1.95 102.36 20.54
N GLY N 33 -3.16 102.03 20.08
CA GLY N 33 -4.29 102.95 20.14
C GLY N 33 -4.64 103.49 21.50
N CYS N 34 -5.16 102.63 22.37
CA CYS N 34 -5.57 103.03 23.71
C CYS N 34 -4.42 102.78 24.69
N LYS N 35 -4.71 102.90 25.99
CA LYS N 35 -3.71 102.60 27.01
C LYS N 35 -3.31 101.13 27.04
N ALA N 36 -3.93 100.29 26.23
CA ALA N 36 -3.62 98.85 26.25
C ALA N 36 -2.20 98.60 25.75
N GLY N 37 -1.87 99.11 24.57
CA GLY N 37 -0.56 98.87 23.98
C GLY N 37 -0.33 97.44 23.55
N GLN N 38 -1.19 96.51 23.96
CA GLN N 38 -1.10 95.10 23.58
C GLN N 38 -2.50 94.55 23.59
N ILE N 39 -2.99 94.17 22.42
CA ILE N 39 -4.38 93.75 22.23
C ILE N 39 -4.41 92.25 21.99
N ALA N 40 -5.45 91.61 22.50
CA ALA N 40 -5.57 90.16 22.37
C ALA N 40 -5.84 89.76 20.92
N ALA N 41 -5.41 88.54 20.58
CA ALA N 41 -5.65 87.97 19.27
C ALA N 41 -5.52 86.46 19.36
N SER N 42 -5.93 85.78 18.29
CA SER N 42 -5.96 84.33 18.26
C SER N 42 -4.93 83.79 17.29
N PRO N 43 -3.77 83.33 17.76
CA PRO N 43 -2.76 82.78 16.85
C PRO N 43 -2.92 81.29 16.58
N ARG N 44 -3.59 80.58 17.48
CA ARG N 44 -3.62 79.12 17.50
C ARG N 44 -5.05 78.59 17.49
N THR N 45 -5.84 79.09 16.54
CA THR N 45 -7.25 78.70 16.43
C THR N 45 -7.47 77.19 16.40
N GLU N 46 -6.54 76.43 15.82
CA GLU N 46 -6.73 75.01 15.58
C GLU N 46 -7.10 74.21 16.82
N ASP N 47 -6.88 74.76 18.02
CA ASP N 47 -7.25 74.07 19.25
C ASP N 47 -8.51 74.64 19.88
N CYS N 48 -9.28 75.44 19.14
CA CYS N 48 -10.53 75.98 19.67
C CYS N 48 -11.45 74.85 20.10
N VAL N 49 -12.22 75.10 21.16
CA VAL N 49 -13.04 74.06 21.76
C VAL N 49 -14.52 74.38 21.72
N GLY N 50 -14.92 75.64 21.63
CA GLY N 50 -16.33 75.98 21.71
C GLY N 50 -16.85 76.14 23.12
N CYS N 51 -15.97 76.14 24.12
CA CYS N 51 -16.43 76.41 25.49
C CYS N 51 -16.81 77.88 25.65
N LYS N 52 -16.16 78.76 24.90
CA LYS N 52 -16.36 80.21 24.96
C LYS N 52 -16.54 80.71 26.39
N ARG N 53 -15.65 80.25 27.27
CA ARG N 53 -15.49 80.86 28.58
C ARG N 53 -14.73 82.18 28.49
N CYS N 54 -14.20 82.52 27.32
CA CYS N 54 -13.32 83.68 27.21
C CYS N 54 -14.10 84.99 27.23
N GLU N 55 -15.12 85.12 26.38
CA GLU N 55 -15.86 86.37 26.33
C GLU N 55 -16.67 86.59 27.60
N THR N 56 -17.06 85.51 28.29
CA THR N 56 -17.62 85.66 29.62
C THR N 56 -16.65 86.32 30.58
N ALA N 57 -15.35 86.24 30.30
CA ALA N 57 -14.33 86.95 31.05
C ALA N 57 -14.01 88.32 30.46
N CYS N 58 -14.63 88.69 29.33
CA CYS N 58 -14.41 90.00 28.74
C CYS N 58 -15.36 91.00 29.38
N PRO N 59 -14.87 91.99 30.13
CA PRO N 59 -15.76 92.94 30.79
C PRO N 59 -16.25 94.05 29.89
N THR N 60 -15.64 94.25 28.73
CA THR N 60 -15.96 95.40 27.90
C THR N 60 -17.41 95.36 27.46
N ASP N 61 -18.05 96.54 27.43
CA ASP N 61 -19.39 96.65 26.88
C ASP N 61 -19.41 96.13 25.46
N PHE N 62 -20.33 95.20 25.20
CA PHE N 62 -20.32 94.42 23.97
C PHE N 62 -18.95 93.77 23.76
N LEU N 63 -18.69 92.80 24.63
CA LEU N 63 -17.40 92.14 24.83
C LEU N 63 -16.55 92.00 23.56
N SER N 64 -15.27 92.36 23.68
CA SER N 64 -14.44 92.67 22.53
C SER N 64 -14.13 91.48 21.64
N ILE N 65 -14.25 90.25 22.15
CA ILE N 65 -13.94 89.05 21.38
C ILE N 65 -15.23 88.35 21.03
N ARG N 66 -15.24 87.68 19.87
CA ARG N 66 -16.34 86.82 19.48
C ARG N 66 -15.75 85.58 18.84
N VAL N 67 -16.58 84.53 18.75
CA VAL N 67 -16.14 83.28 18.15
C VAL N 67 -17.21 82.84 17.17
N TYR N 68 -16.85 82.76 15.89
CA TYR N 68 -17.76 82.30 14.86
C TYR N 68 -17.61 80.79 14.76
N LEU N 69 -18.64 80.06 15.19
CA LEU N 69 -18.54 78.64 15.45
C LEU N 69 -18.71 77.89 14.15
N SER N 70 -17.61 77.39 13.60
CA SER N 70 -17.58 76.89 12.24
C SER N 70 -18.20 75.52 12.09
N ASN N 71 -17.78 74.83 11.04
CA ASN N 71 -18.33 73.53 10.67
C ASN N 71 -17.28 72.50 10.30
N ALA N 72 -16.00 72.86 10.31
CA ALA N 72 -14.92 71.94 9.95
C ALA N 72 -14.31 71.32 11.21
N GLU N 73 -15.11 70.52 11.90
CA GLU N 73 -14.66 69.91 13.15
C GLU N 73 -13.87 68.64 12.88
N THR N 74 -13.02 68.29 13.85
CA THR N 74 -12.16 67.12 13.76
C THR N 74 -12.01 66.52 15.16
N THR N 75 -11.19 65.48 15.26
CA THR N 75 -10.92 64.86 16.55
C THR N 75 -10.35 65.87 17.54
N ARG N 76 -9.63 66.88 17.06
CA ARG N 76 -9.09 67.89 17.95
C ARG N 76 -10.17 68.86 18.39
N SER N 77 -10.94 69.40 17.43
CA SER N 77 -11.99 70.35 17.76
C SER N 77 -13.12 69.70 18.55
N MET N 78 -13.33 68.39 18.35
CA MET N 78 -14.36 67.68 19.10
C MET N 78 -13.87 67.23 20.47
N GLY N 79 -12.56 67.10 20.66
CA GLY N 79 -12.01 66.80 21.97
C GLY N 79 -12.38 65.44 22.52
N LEU N 80 -11.87 64.37 21.91
CA LEU N 80 -12.10 63.02 22.39
C LEU N 80 -10.79 62.41 22.86
N ALA N 81 -10.85 61.73 24.00
CA ALA N 81 -9.72 60.94 24.47
C ALA N 81 -9.69 59.55 23.84
N TYR N 82 -10.66 59.22 23.02
CA TYR N 82 -10.74 57.92 22.35
C TYR N 82 -10.94 58.10 20.85
N GLY O 7 13.12 60.12 36.00
CA GLY O 7 12.06 59.12 35.98
C GLY O 7 11.37 58.96 37.32
N GLN O 8 10.36 59.81 37.57
CA GLN O 8 9.60 59.74 38.80
C GLN O 8 8.12 59.85 38.49
N THR O 9 7.34 58.94 39.06
CA THR O 9 5.89 58.91 38.92
C THR O 9 5.24 58.72 40.28
N PRO O 10 4.10 59.38 40.52
CA PRO O 10 3.51 59.37 41.87
C PRO O 10 2.97 58.00 42.26
N ILE O 11 2.72 57.86 43.56
CA ILE O 11 2.31 56.60 44.16
C ILE O 11 0.80 56.46 44.01
N PHE O 12 0.37 55.55 43.15
CA PHE O 12 -1.05 55.33 42.88
C PHE O 12 -1.32 53.84 42.77
N GLY O 13 -2.55 53.45 43.04
CA GLY O 13 -2.95 52.05 43.06
C GLY O 13 -3.62 51.54 41.80
N GLY O 14 -3.60 52.29 40.71
CA GLY O 14 -4.25 51.83 39.50
C GLY O 14 -5.70 52.27 39.41
N SER O 15 -6.13 52.48 38.17
CA SER O 15 -7.48 52.99 37.89
C SER O 15 -7.98 52.29 36.62
N THR O 16 -9.03 52.84 36.03
CA THR O 16 -9.61 52.27 34.82
C THR O 16 -9.89 53.32 33.74
N GLY O 17 -9.33 54.52 33.85
CA GLY O 17 -9.63 55.57 32.88
C GLY O 17 -8.43 56.25 32.27
N GLY O 18 -7.37 55.49 32.00
CA GLY O 18 -6.12 56.07 31.57
C GLY O 18 -5.96 56.23 30.07
N LEU O 19 -4.99 55.52 29.49
CA LEU O 19 -4.67 55.65 28.07
C LEU O 19 -5.49 54.67 27.24
N LEU O 20 -5.82 55.08 26.03
CA LEU O 20 -6.78 54.37 25.19
C LEU O 20 -6.17 54.06 23.83
N THR O 21 -6.98 53.43 22.97
CA THR O 21 -6.53 52.98 21.66
C THR O 21 -6.13 54.12 20.74
N LYS O 22 -6.52 55.35 21.07
CA LYS O 22 -6.11 56.50 20.28
C LYS O 22 -4.80 57.08 20.79
N ALA O 23 -4.64 57.16 22.11
CA ALA O 23 -3.52 57.82 22.76
C ALA O 23 -2.23 57.05 22.62
N PHE O 24 -2.17 55.99 21.82
CA PHE O 24 -0.90 55.43 21.38
C PHE O 24 -0.92 55.10 19.89
N ARG O 25 -2.01 55.39 19.20
CA ARG O 25 -2.04 55.39 17.74
C ARG O 25 -2.09 56.79 17.16
N GLU O 26 -2.34 57.81 17.97
CA GLU O 26 -2.36 59.17 17.42
C GLU O 26 -1.50 60.17 18.18
N GLU O 27 -1.47 60.10 19.52
CA GLU O 27 -0.89 61.21 20.26
C GLU O 27 -0.70 60.83 21.72
N LYS O 28 0.31 61.42 22.35
CA LYS O 28 0.59 61.24 23.76
C LYS O 28 0.84 62.59 24.41
N TYR O 29 0.49 62.70 25.69
CA TYR O 29 0.70 63.92 26.45
C TYR O 29 1.50 63.61 27.71
N VAL O 30 2.46 64.48 28.05
CA VAL O 30 3.28 64.28 29.24
C VAL O 30 3.47 65.62 29.95
N ILE O 31 3.67 65.56 31.27
CA ILE O 31 3.89 66.75 32.09
C ILE O 31 4.90 66.42 33.18
N THR O 32 5.76 67.39 33.50
CA THR O 32 6.78 67.16 34.53
C THR O 32 7.24 68.49 35.13
N TRP O 33 7.56 68.46 36.42
CA TRP O 33 8.02 69.66 37.12
C TRP O 33 9.03 69.26 38.18
N THR O 34 9.30 70.17 39.12
CA THR O 34 10.20 69.92 40.25
C THR O 34 9.45 70.25 41.53
N SER O 35 9.15 69.23 42.33
CA SER O 35 8.44 69.40 43.60
C SER O 35 9.33 68.95 44.74
N PRO O 36 9.93 69.87 45.49
CA PRO O 36 10.85 69.47 46.57
C PRO O 36 10.15 68.90 47.79
N LYS O 37 8.85 68.66 47.70
CA LYS O 37 8.09 68.10 48.80
C LYS O 37 7.18 66.99 48.30
N GLU O 38 6.50 66.33 49.24
CA GLU O 38 5.58 65.23 48.94
C GLU O 38 4.27 65.49 49.66
N GLN O 39 3.18 65.59 48.91
CA GLN O 39 1.86 65.80 49.49
C GLN O 39 0.81 65.16 48.61
N VAL O 40 -0.40 65.08 49.12
CA VAL O 40 -1.51 64.45 48.42
C VAL O 40 -2.15 65.45 47.47
N PHE O 41 -2.57 64.94 46.33
CA PHE O 41 -3.08 65.72 45.21
C PHE O 41 -4.17 64.91 44.53
N GLU O 42 -4.95 65.58 43.69
CA GLU O 42 -6.03 64.94 42.95
C GLU O 42 -5.77 65.05 41.45
N MET O 43 -6.05 63.96 40.75
CA MET O 43 -5.92 63.81 39.30
C MET O 43 -7.29 63.84 38.65
N PRO O 44 -7.42 64.42 37.45
CA PRO O 44 -8.75 64.61 36.87
C PRO O 44 -9.43 63.31 36.48
N THR O 45 -8.67 62.27 36.17
CA THR O 45 -9.24 60.94 35.98
C THR O 45 -9.64 60.30 37.31
N GLY O 46 -9.48 61.02 38.41
CA GLY O 46 -9.89 60.51 39.71
C GLY O 46 -8.76 59.82 40.44
N GLY O 47 -8.41 60.34 41.61
CA GLY O 47 -7.36 59.75 42.41
C GLY O 47 -6.67 60.73 43.32
N ALA O 48 -6.43 60.30 44.56
CA ALA O 48 -5.79 61.13 45.58
C ALA O 48 -4.48 60.45 46.00
N ALA O 49 -3.37 61.01 45.57
CA ALA O 49 -2.09 60.33 45.74
C ALA O 49 -1.02 61.28 46.27
N ILE O 50 0.23 60.84 46.30
CA ILE O 50 1.33 61.64 46.85
C ILE O 50 2.41 61.78 45.79
N MET O 51 3.04 62.96 45.74
CA MET O 51 4.15 63.23 44.85
C MET O 51 5.46 62.89 45.57
N ARG O 52 6.58 63.14 44.89
CA ARG O 52 7.89 62.86 45.45
C ARG O 52 8.83 64.04 45.20
N GLN O 53 10.00 63.98 45.82
CA GLN O 53 10.96 65.07 45.73
C GLN O 53 11.49 65.22 44.31
N GLY O 54 11.61 66.48 43.88
CA GLY O 54 12.24 66.79 42.61
C GLY O 54 11.39 66.40 41.41
N PRO O 55 11.89 65.48 40.59
CA PRO O 55 11.22 65.15 39.33
C PRO O 55 9.84 64.56 39.58
N ASN O 56 8.89 64.93 38.72
CA ASN O 56 7.52 64.41 38.81
C ASN O 56 6.99 64.24 37.39
N LYS O 57 7.17 63.05 36.84
CA LYS O 57 6.77 62.77 35.47
C LYS O 57 5.40 62.10 35.45
N LEU O 58 4.53 62.54 34.55
CA LEU O 58 3.18 62.01 34.45
C LEU O 58 2.74 61.95 33.00
N GLU O 59 2.07 60.84 32.65
CA GLU O 59 1.61 60.57 31.28
C GLU O 59 0.08 60.61 31.24
N LEU O 60 -0.46 61.22 30.19
CA LEU O 60 -1.89 61.44 30.06
C LEU O 60 -2.25 61.60 28.58
N ALA O 61 -3.55 61.68 28.32
CA ALA O 61 -4.09 61.62 26.97
C ALA O 61 -4.79 62.88 26.48
N ARG O 62 -5.24 63.75 27.38
CA ARG O 62 -6.01 64.93 26.99
C ARG O 62 -5.18 66.20 27.20
N LYS O 63 -5.49 67.22 26.41
CA LYS O 63 -4.92 68.56 26.58
C LYS O 63 -5.73 69.39 27.57
N GLU O 64 -6.48 68.74 28.45
CA GLU O 64 -7.24 69.44 29.47
C GLU O 64 -6.85 69.04 30.88
N TYR O 65 -6.63 67.76 31.13
CA TYR O 65 -6.15 67.34 32.45
C TYR O 65 -4.81 67.99 32.76
N CYS O 66 -3.91 68.01 31.76
CA CYS O 66 -2.59 68.58 31.97
C CYS O 66 -2.67 70.06 32.31
N ILE O 67 -3.40 70.83 31.48
CA ILE O 67 -3.45 72.27 31.71
C ILE O 67 -4.23 72.58 32.98
N ALA O 68 -5.17 71.73 33.36
CA ALA O 68 -5.86 71.91 34.64
C ALA O 68 -4.89 71.75 35.81
N LEU O 69 -4.10 70.69 35.78
CA LEU O 69 -3.05 70.52 36.78
C LEU O 69 -2.12 71.72 36.82
N GLY O 70 -1.62 72.12 35.65
CA GLY O 70 -0.66 73.20 35.59
C GLY O 70 -1.21 74.52 36.11
N GLY O 71 -2.43 74.86 35.73
CA GLY O 71 -3.04 76.10 36.16
C GLY O 71 -3.45 76.08 37.62
N GLN O 72 -4.37 75.20 37.99
CA GLN O 72 -4.96 75.32 39.32
C GLN O 72 -4.10 74.67 40.41
N GLN O 73 -3.51 73.51 40.13
CA GLN O 73 -2.85 72.77 41.19
C GLN O 73 -1.46 73.34 41.51
N LEU O 74 -0.61 73.45 40.49
CA LEU O 74 0.80 73.69 40.74
C LEU O 74 1.04 75.13 41.19
N ARG O 75 0.71 76.11 40.34
CA ARG O 75 1.06 77.49 40.67
C ARG O 75 0.06 78.17 41.59
N ALA O 76 -1.19 77.73 41.61
CA ALA O 76 -2.18 78.38 42.46
C ALA O 76 -2.20 77.81 43.87
N LYS O 77 -1.71 76.58 44.04
CA LYS O 77 -1.62 75.96 45.36
C LYS O 77 -0.18 75.70 45.77
N PHE O 78 0.57 74.97 44.96
CA PHE O 78 1.92 74.53 45.32
C PHE O 78 3.01 75.45 44.80
N ARG O 79 2.64 76.47 44.02
CA ARG O 79 3.55 77.51 43.54
C ARG O 79 4.63 76.98 42.62
N ILE O 80 4.63 75.68 42.34
CA ILE O 80 5.60 75.13 41.41
C ILE O 80 5.35 75.69 40.02
N THR O 81 6.42 76.09 39.33
CA THR O 81 6.26 76.76 38.06
C THR O 81 7.27 76.32 37.00
N ASP O 82 7.91 75.16 37.17
CA ASP O 82 8.95 74.69 36.27
C ASP O 82 8.54 73.39 35.58
N TYR O 83 7.30 73.33 35.09
CA TYR O 83 6.77 72.12 34.48
C TYR O 83 6.71 72.26 32.96
N LYS O 84 7.29 71.30 32.26
CA LYS O 84 7.10 71.13 30.84
C LYS O 84 5.84 70.32 30.57
N ILE O 85 5.12 70.71 29.51
CA ILE O 85 4.00 69.97 28.98
C ILE O 85 4.31 69.66 27.52
N TYR O 86 4.25 68.39 27.15
CA TYR O 86 4.75 67.94 25.87
C TYR O 86 3.70 67.12 25.13
N ARG O 87 3.43 67.51 23.89
CA ARG O 87 2.65 66.73 22.94
C ARG O 87 3.58 65.72 22.28
N VAL O 88 3.05 64.55 21.95
CA VAL O 88 3.83 63.51 21.30
C VAL O 88 3.07 62.99 20.08
N TYR O 89 3.78 62.83 18.97
CA TYR O 89 3.21 62.32 17.72
C TYR O 89 3.11 60.79 17.80
N PRO O 90 2.53 60.16 16.77
CA PRO O 90 2.53 58.68 16.76
C PRO O 90 3.91 58.08 16.60
N ASN O 91 4.81 58.73 15.85
CA ASN O 91 6.14 58.21 15.62
C ASN O 91 7.01 58.19 16.87
N GLY O 92 6.55 58.80 17.96
CA GLY O 92 7.35 58.95 19.15
C GLY O 92 8.06 60.29 19.26
N GLU O 93 7.92 61.16 18.27
CA GLU O 93 8.51 62.48 18.35
C GLU O 93 7.58 63.44 19.11
N VAL O 94 8.19 64.51 19.62
CA VAL O 94 7.58 65.36 20.62
C VAL O 94 7.43 66.77 20.06
N GLN O 95 6.45 67.50 20.59
CA GLN O 95 6.25 68.91 20.29
C GLN O 95 6.39 69.71 21.57
N TYR O 96 6.89 70.93 21.45
CA TYR O 96 7.04 71.82 22.59
C TYR O 96 6.17 73.04 22.29
N LEU O 97 4.88 72.93 22.60
CA LEU O 97 4.01 74.10 22.54
C LEU O 97 4.31 75.04 23.69
N HIS O 98 4.05 74.60 24.92
CA HIS O 98 4.22 75.46 26.07
C HIS O 98 4.89 74.71 27.20
N PRO O 99 5.53 75.44 28.14
CA PRO O 99 5.57 76.90 28.33
C PRO O 99 6.33 77.66 27.24
N SER O 100 5.73 78.74 26.71
CA SER O 100 6.40 79.59 25.73
C SER O 100 6.77 80.96 26.27
N ASP O 101 6.28 81.34 27.46
CA ASP O 101 6.58 82.63 28.05
C ASP O 101 7.07 82.49 29.49
N GLY O 102 7.60 81.32 29.85
CA GLY O 102 8.14 81.11 31.18
C GLY O 102 7.14 80.59 32.19
N VAL O 103 6.19 81.45 32.58
CA VAL O 103 5.21 81.10 33.61
C VAL O 103 3.80 81.29 33.05
N PHE O 104 3.69 81.23 31.72
CA PHE O 104 2.44 81.44 31.01
C PHE O 104 1.75 82.75 31.41
N PRO O 105 2.46 83.87 31.51
CA PRO O 105 1.75 85.11 31.90
C PRO O 105 0.82 85.60 30.81
N GLU O 106 1.10 85.26 29.57
CA GLU O 106 0.22 85.49 28.42
C GLU O 106 0.09 86.97 28.07
N LYS O 107 0.68 87.86 28.88
CA LYS O 107 0.89 89.23 28.40
C LYS O 107 2.16 89.78 29.07
N VAL O 108 3.30 89.49 28.44
CA VAL O 108 4.52 90.28 28.57
C VAL O 108 5.47 89.79 27.49
N ASN O 109 6.12 90.71 26.78
CA ASN O 109 7.13 90.42 25.77
C ASN O 109 7.65 91.74 25.23
N GLU O 110 8.83 91.69 24.63
CA GLU O 110 9.42 92.84 23.95
C GLU O 110 9.23 92.60 22.44
N GLY O 111 8.07 93.03 21.93
CA GLY O 111 7.72 92.70 20.57
C GLY O 111 7.22 91.28 20.47
N ARG O 112 6.20 91.05 19.65
CA ARG O 112 5.58 89.73 19.58
C ARG O 112 5.33 89.36 18.12
N GLN O 113 4.84 88.13 17.95
CA GLN O 113 4.58 87.57 16.63
C GLN O 113 3.58 88.42 15.86
N LYS O 114 3.56 88.24 14.54
CA LYS O 114 2.65 89.00 13.68
C LYS O 114 2.24 88.12 12.51
N VAL O 115 1.04 87.55 12.60
CA VAL O 115 0.41 86.86 11.48
C VAL O 115 -1.09 87.13 11.57
N GLY O 116 -1.63 87.81 10.57
CA GLY O 116 -3.06 88.09 10.54
C GLY O 116 -3.47 89.22 11.45
N TYR O 117 -4.32 90.11 10.96
CA TYR O 117 -4.85 91.19 11.78
C TYR O 117 -6.24 91.55 11.28
N VAL O 118 -7.14 91.84 12.21
CA VAL O 118 -8.40 92.49 11.88
C VAL O 118 -8.76 93.48 12.99
N ASP O 119 -8.50 94.75 12.75
CA ASP O 119 -8.82 95.82 13.70
C ASP O 119 -9.90 96.68 13.06
N ARG O 120 -11.14 96.26 13.22
CA ARG O 120 -12.29 96.92 12.61
C ARG O 120 -13.52 96.62 13.45
N ASN O 121 -14.42 97.60 13.51
CA ASN O 121 -15.64 97.44 14.29
C ASN O 121 -16.63 96.58 13.51
N ILE O 122 -17.84 96.41 14.06
CA ILE O 122 -18.83 95.52 13.48
C ILE O 122 -19.90 96.26 12.70
N GLY O 123 -20.09 97.56 12.95
CA GLY O 123 -21.18 98.30 12.33
C GLY O 123 -21.24 98.18 10.81
N LYS O 124 -20.09 97.97 10.18
CA LYS O 124 -20.01 97.70 8.75
C LYS O 124 -19.63 96.24 8.59
N ASN O 125 -20.61 95.38 8.39
CA ASN O 125 -20.45 93.94 8.42
C ASN O 125 -20.51 93.34 7.02
N PRO O 126 -19.97 92.14 6.84
CA PRO O 126 -20.12 91.45 5.56
C PRO O 126 -21.58 91.14 5.29
N ASP O 127 -21.90 91.01 4.00
CA ASP O 127 -23.28 90.88 3.56
C ASP O 127 -23.44 89.68 2.64
N PRO O 128 -24.62 89.04 2.66
CA PRO O 128 -24.85 87.86 1.80
C PRO O 128 -24.86 88.19 0.31
N ALA O 129 -25.70 89.14 -0.10
CA ALA O 129 -25.89 89.42 -1.52
C ALA O 129 -24.70 90.15 -2.13
N LYS O 130 -23.88 90.80 -1.31
CA LYS O 130 -22.73 91.51 -1.85
C LYS O 130 -21.52 90.58 -2.00
N LEU O 131 -21.29 89.73 -1.02
CA LEU O 131 -20.20 88.76 -1.08
C LEU O 131 -20.78 87.41 -1.50
N LYS O 132 -20.50 86.99 -2.73
CA LYS O 132 -21.20 85.86 -3.31
C LYS O 132 -20.32 85.23 -4.39
N PHE O 133 -20.73 84.02 -4.81
CA PHE O 133 -20.02 83.25 -5.84
C PHE O 133 -18.57 82.97 -5.45
N SER O 134 -18.34 82.78 -4.16
CA SER O 134 -17.02 82.41 -3.64
C SER O 134 -17.20 81.93 -2.20
N GLY O 135 -16.09 81.56 -1.57
CA GLY O 135 -16.15 80.95 -0.25
C GLY O 135 -15.25 81.58 0.81
N MET O 136 -15.09 82.90 0.77
CA MET O 136 -14.33 83.61 1.79
C MET O 136 -15.23 83.94 2.97
N THR O 137 -14.64 84.46 4.03
CA THR O 137 -15.31 84.60 5.32
C THR O 137 -15.57 86.08 5.62
N THR O 138 -16.00 86.35 6.85
CA THR O 138 -16.47 87.63 7.35
C THR O 138 -15.38 88.67 7.53
N TYR O 139 -14.16 88.52 7.01
CA TYR O 139 -13.08 89.44 7.33
C TYR O 139 -12.67 90.30 6.14
N ASN O 140 -12.37 89.71 4.99
CA ASN O 140 -11.89 90.51 3.86
C ASN O 140 -12.96 91.50 3.41
N ALA O 141 -12.65 92.79 3.52
CA ALA O 141 -13.61 93.84 3.18
C ALA O 141 -13.54 94.16 1.69
N VAL P 2 -22.06 120.08 28.07
CA VAL P 2 -21.40 118.78 28.13
C VAL P 2 -20.08 118.94 28.86
N GLU P 3 -20.10 118.80 30.18
CA GLU P 3 -18.90 118.88 31.00
C GLU P 3 -19.00 117.80 32.07
N ARG P 4 -18.08 117.83 33.03
CA ARG P 4 -18.11 116.87 34.13
C ARG P 4 -19.36 117.09 34.97
N GLY P 5 -20.32 116.18 34.84
CA GLY P 5 -21.57 116.31 35.57
C GLY P 5 -22.71 116.86 34.74
N SER P 6 -22.74 116.53 33.45
CA SER P 6 -23.80 116.94 32.55
C SER P 6 -24.44 115.72 31.90
N LYS P 7 -25.74 115.84 31.62
CA LYS P 7 -26.54 114.74 31.09
C LYS P 7 -26.58 114.81 29.57
N VAL P 8 -26.10 113.74 28.92
CA VAL P 8 -25.98 113.70 27.46
C VAL P 8 -26.44 112.35 26.94
N ARG P 9 -26.97 112.35 25.71
CA ARG P 9 -27.37 111.16 24.99
C ARG P 9 -26.27 110.75 24.02
N ILE P 10 -26.39 109.50 23.55
CA ILE P 10 -25.31 108.78 22.90
C ILE P 10 -25.57 108.71 21.40
N LEU P 11 -24.49 108.76 20.62
CA LEU P 11 -24.55 108.62 19.18
C LEU P 11 -24.03 107.29 18.67
N ARG P 12 -23.28 106.54 19.48
CA ARG P 12 -22.79 105.22 19.08
C ARG P 12 -23.96 104.28 18.82
N LYS P 13 -24.00 103.69 17.62
CA LYS P 13 -25.18 102.93 17.21
C LYS P 13 -25.29 101.63 17.98
N GLU P 14 -24.25 100.79 17.95
CA GLU P 14 -24.29 99.48 18.61
C GLU P 14 -24.45 99.57 20.12
N SER P 15 -24.42 100.77 20.68
CA SER P 15 -24.47 100.94 22.12
C SER P 15 -25.80 100.45 22.69
N TYR P 16 -25.72 99.76 23.83
CA TYR P 16 -26.91 99.28 24.51
C TYR P 16 -27.78 100.43 25.00
N TRP P 17 -27.16 101.55 25.37
CA TRP P 17 -27.89 102.74 25.79
C TRP P 17 -27.92 103.81 24.69
N PHE P 18 -28.11 103.38 23.45
CA PHE P 18 -28.20 104.32 22.35
C PHE P 18 -29.35 105.30 22.59
N GLN P 19 -29.05 106.60 22.43
CA GLN P 19 -29.99 107.70 22.61
C GLN P 19 -30.31 107.92 24.09
N ASP P 20 -29.81 107.04 24.95
CA ASP P 20 -30.05 107.16 26.38
C ASP P 20 -29.08 108.16 27.00
N VAL P 21 -29.54 108.76 28.10
CA VAL P 21 -28.81 109.85 28.74
C VAL P 21 -28.01 109.32 29.91
N GLY P 22 -26.75 109.75 29.97
CA GLY P 22 -25.91 109.47 31.12
C GLY P 22 -25.13 110.71 31.50
N VAL P 23 -24.49 110.65 32.66
CA VAL P 23 -23.76 111.78 33.21
C VAL P 23 -22.27 111.62 32.89
N VAL P 24 -21.63 112.71 32.49
CA VAL P 24 -20.21 112.69 32.18
C VAL P 24 -19.46 112.65 33.51
N ALA P 25 -18.99 111.46 33.90
CA ALA P 25 -18.37 111.32 35.21
C ALA P 25 -17.01 111.99 35.24
N SER P 26 -16.14 111.65 34.28
CA SER P 26 -14.81 112.24 34.20
C SER P 26 -14.56 112.63 32.76
N VAL P 27 -14.31 113.91 32.51
CA VAL P 27 -13.93 114.37 31.19
C VAL P 27 -12.43 114.13 31.01
N ASP P 28 -12.09 113.05 30.33
CA ASP P 28 -10.74 112.83 29.82
C ASP P 28 -10.64 113.41 28.43
N LYS P 29 -9.43 113.83 28.06
CA LYS P 29 -9.31 114.39 26.73
C LYS P 29 -8.01 113.96 26.07
N SER P 30 -7.49 112.79 26.45
CA SER P 30 -6.13 112.38 26.08
C SER P 30 -6.13 111.82 24.65
N GLY P 31 -5.01 111.21 24.27
CA GLY P 31 -4.84 110.71 22.92
C GLY P 31 -5.62 109.46 22.59
N ILE P 32 -6.31 108.87 23.57
CA ILE P 32 -7.15 107.71 23.29
C ILE P 32 -8.32 108.12 22.41
N ARG P 33 -8.76 107.19 21.55
CA ARG P 33 -9.86 107.49 20.64
C ARG P 33 -11.19 107.63 21.37
N TYR P 34 -11.27 107.20 22.63
CA TYR P 34 -12.52 107.19 23.39
C TYR P 34 -12.31 107.93 24.70
N PRO P 35 -12.28 109.26 24.67
CA PRO P 35 -11.97 110.03 25.89
C PRO P 35 -13.07 110.05 26.93
N VAL P 36 -14.31 110.31 26.52
CA VAL P 36 -15.35 110.66 27.49
C VAL P 36 -15.79 109.42 28.26
N ILE P 37 -15.82 109.54 29.59
CA ILE P 37 -16.29 108.50 30.49
C ILE P 37 -17.67 108.91 30.99
N VAL P 38 -18.68 108.12 30.63
CA VAL P 38 -20.06 108.40 30.99
C VAL P 38 -20.53 107.31 31.94
N ARG P 39 -21.42 107.68 32.86
CA ARG P 39 -22.04 106.74 33.79
C ARG P 39 -23.56 106.77 33.61
N PHE P 40 -24.16 105.57 33.60
CA PHE P 40 -25.60 105.39 33.55
C PHE P 40 -26.05 104.62 34.78
N ASP P 41 -27.31 104.19 34.81
CA ASP P 41 -27.78 103.32 35.90
C ASP P 41 -28.55 102.13 35.35
N LYS P 42 -29.08 102.26 34.14
CA LYS P 42 -29.75 101.13 33.50
C LYS P 42 -28.72 100.08 33.12
N VAL P 43 -29.06 98.81 33.33
CA VAL P 43 -28.10 97.71 33.29
C VAL P 43 -28.22 96.94 31.98
N ASN P 44 -27.11 96.83 31.27
CA ASN P 44 -26.89 95.82 30.25
C ASN P 44 -26.29 94.59 30.94
N TYR P 45 -25.66 93.70 30.18
CA TYR P 45 -24.90 92.59 30.74
C TYR P 45 -24.11 93.05 31.97
N ALA P 46 -24.42 92.45 33.12
CA ALA P 46 -23.67 92.65 34.36
C ALA P 46 -23.49 94.13 34.74
N GLY P 47 -24.32 95.03 34.21
CA GLY P 47 -24.26 96.41 34.66
C GLY P 47 -23.02 97.16 34.23
N VAL P 48 -22.94 97.52 32.95
CA VAL P 48 -21.80 98.24 32.40
C VAL P 48 -22.25 99.70 32.25
N ASN P 49 -23.07 100.13 33.20
CA ASN P 49 -23.61 101.49 33.29
C ASN P 49 -22.54 102.57 33.17
N THR P 50 -21.27 102.18 33.26
CA THR P 50 -20.15 103.08 32.98
C THR P 50 -19.46 102.63 31.70
N ASN P 51 -19.10 103.59 30.86
CA ASN P 51 -18.45 103.26 29.60
C ASN P 51 -17.68 104.48 29.10
N ASN P 52 -16.95 104.28 28.00
CA ASN P 52 -16.22 105.36 27.35
C ASN P 52 -16.64 105.47 25.89
N PHE P 53 -16.47 106.68 25.36
CA PHE P 53 -16.84 107.00 23.99
C PHE P 53 -15.91 108.09 23.49
N ALA P 54 -15.98 108.34 22.19
CA ALA P 54 -15.42 109.57 21.63
C ALA P 54 -16.49 110.66 21.70
N GLU P 55 -16.14 111.80 22.30
CA GLU P 55 -17.12 112.87 22.50
C GLU P 55 -17.60 113.46 21.18
N THR P 56 -17.04 113.03 20.04
CA THR P 56 -17.68 113.25 18.75
C THR P 56 -18.86 112.30 18.54
N GLU P 57 -19.30 111.61 19.60
CA GLU P 57 -20.45 110.72 19.57
C GLU P 57 -21.46 111.02 20.67
N LEU P 58 -21.49 112.25 21.18
CA LEU P 58 -22.34 112.61 22.31
C LEU P 58 -23.04 113.93 22.04
N VAL P 59 -24.29 114.06 22.52
CA VAL P 59 -25.03 115.32 22.38
C VAL P 59 -25.80 115.59 23.66
N GLU P 60 -25.78 116.84 24.11
CA GLU P 60 -26.50 117.18 25.33
C GLU P 60 -27.99 117.37 25.06
N ILE P 61 -28.74 117.54 26.14
CA ILE P 61 -30.19 117.60 26.09
C ILE P 61 -30.71 118.99 26.41
N GLU P 62 -30.06 119.69 27.34
CA GLU P 62 -30.61 120.87 27.96
C GLU P 62 -29.83 122.13 27.58
N VAL Q 24 -84.57 90.35 18.10
CA VAL Q 24 -84.91 89.34 19.09
C VAL Q 24 -85.57 88.14 18.42
N GLY Q 25 -85.26 87.95 17.15
CA GLY Q 25 -85.86 86.88 16.37
C GLY Q 25 -85.17 85.54 16.56
N ALA Q 26 -84.79 84.92 15.43
CA ALA Q 26 -84.07 83.64 15.42
C ALA Q 26 -84.88 82.49 16.01
N GLY Q 27 -86.19 82.68 16.16
CA GLY Q 27 -87.02 81.62 16.70
C GLY Q 27 -86.79 81.40 18.17
N LEU Q 28 -86.99 82.44 18.97
CA LEU Q 28 -86.76 82.39 20.42
C LEU Q 28 -88.02 82.84 21.12
N VAL Q 29 -88.57 81.96 21.95
CA VAL Q 29 -89.82 82.24 22.66
C VAL Q 29 -89.54 83.14 23.86
N PRO Q 30 -90.48 84.00 24.25
CA PRO Q 30 -90.27 84.81 25.46
C PRO Q 30 -90.15 83.93 26.69
N CYS Q 31 -89.24 84.31 27.59
CA CYS Q 31 -89.05 83.53 28.80
C CYS Q 31 -90.27 83.60 29.72
N SER Q 32 -91.17 84.53 29.48
CA SER Q 32 -92.43 84.55 30.23
C SER Q 32 -93.28 83.33 29.90
N GLU Q 33 -93.51 83.09 28.61
CA GLU Q 33 -94.45 82.06 28.17
C GLU Q 33 -93.78 80.81 27.62
N SER Q 34 -92.47 80.64 27.81
CA SER Q 34 -91.86 79.39 27.40
C SER Q 34 -92.26 78.29 28.37
N PRO Q 35 -93.03 77.28 27.94
CA PRO Q 35 -93.55 76.29 28.90
C PRO Q 35 -92.45 75.60 29.71
N GLU Q 36 -91.39 75.15 29.03
CA GLU Q 36 -90.32 74.45 29.72
C GLU Q 36 -89.63 75.35 30.74
N PHE Q 37 -89.65 76.67 30.52
CA PHE Q 37 -89.06 77.59 31.49
C PHE Q 37 -89.77 77.48 32.83
N ILE Q 38 -91.11 77.61 32.83
CA ILE Q 38 -91.85 77.47 34.07
C ILE Q 38 -91.79 76.03 34.57
N GLN Q 39 -91.66 75.05 33.68
CA GLN Q 39 -91.50 73.67 34.10
C GLN Q 39 -90.26 73.52 34.97
N ARG Q 40 -89.14 74.08 34.53
CA ARG Q 40 -87.96 74.13 35.38
C ARG Q 40 -88.22 74.96 36.64
N ALA Q 41 -88.92 76.09 36.48
CA ALA Q 41 -89.16 76.99 37.61
C ALA Q 41 -89.91 76.30 38.75
N ALA Q 42 -90.72 75.30 38.43
CA ALA Q 42 -91.53 74.64 39.45
C ALA Q 42 -90.66 74.03 40.54
N SER Q 43 -89.83 73.07 40.16
CA SER Q 43 -88.86 72.47 41.07
C SER Q 43 -87.49 73.13 40.97
N ALA Q 44 -87.45 74.42 40.59
CA ALA Q 44 -86.19 75.14 40.51
C ALA Q 44 -85.47 75.08 41.85
N ARG Q 45 -84.31 74.44 41.86
CA ARG Q 45 -83.61 74.16 43.10
C ARG Q 45 -83.21 75.47 43.77
N ASN Q 46 -83.90 75.81 44.86
CA ASN Q 46 -83.64 77.04 45.60
C ASN Q 46 -82.24 76.95 46.20
N THR Q 47 -81.30 77.71 45.63
CA THR Q 47 -79.89 77.58 45.94
C THR Q 47 -79.55 77.92 47.39
N THR Q 48 -79.75 79.18 47.77
CA THR Q 48 -79.23 79.70 49.02
C THR Q 48 -80.14 79.27 50.17
N ALA Q 49 -79.92 79.87 51.35
CA ALA Q 49 -80.64 79.56 52.60
C ALA Q 49 -82.04 80.17 52.66
N ASP Q 50 -82.62 80.64 51.56
CA ASP Q 50 -83.95 81.22 51.58
C ASP Q 50 -84.85 80.47 50.60
N PRO Q 51 -86.03 80.03 51.03
CA PRO Q 51 -86.86 79.19 50.14
C PRO Q 51 -87.31 79.88 48.87
N ASN Q 52 -87.36 81.21 48.87
CA ASN Q 52 -87.79 81.92 47.67
C ASN Q 52 -86.66 82.13 46.67
N SER Q 53 -85.45 81.67 46.98
CA SER Q 53 -84.29 81.98 46.16
C SER Q 53 -84.52 81.59 44.71
N GLY Q 54 -84.73 80.31 44.43
CA GLY Q 54 -84.94 79.85 43.07
C GLY Q 54 -86.09 80.51 42.36
N GLN Q 55 -87.31 80.32 42.90
CA GLN Q 55 -88.50 80.88 42.27
C GLN Q 55 -88.31 82.35 41.92
N LYS Q 56 -87.87 83.15 42.91
CA LYS Q 56 -87.65 84.58 42.67
C LYS Q 56 -86.80 84.81 41.43
N ARG Q 57 -85.66 84.12 41.32
CA ARG Q 57 -84.79 84.38 40.18
C ARG Q 57 -85.48 84.03 38.87
N PHE Q 58 -86.27 82.94 38.87
CA PHE Q 58 -87.02 82.62 37.67
C PHE Q 58 -88.04 83.71 37.35
N GLU Q 59 -88.64 84.29 38.39
CA GLU Q 59 -89.52 85.45 38.16
C GLU Q 59 -88.74 86.61 37.59
N ARG Q 60 -87.50 86.81 38.04
CA ARG Q 60 -86.65 87.84 37.48
C ARG Q 60 -86.23 87.53 36.06
N TYR Q 61 -86.43 86.30 35.59
CA TYR Q 61 -86.05 85.90 34.24
C TYR Q 61 -87.24 85.82 33.30
N ALA Q 62 -88.20 86.73 33.47
CA ALA Q 62 -89.32 86.85 32.55
C ALA Q 62 -89.08 87.93 31.50
N GLN Q 63 -88.19 88.87 31.78
CA GLN Q 63 -87.95 89.97 30.86
C GLN Q 63 -87.26 89.49 29.58
N GLU Q 64 -86.33 88.55 29.69
CA GLU Q 64 -85.63 88.03 28.53
C GLU Q 64 -86.53 87.05 27.78
N LEU Q 65 -86.02 86.51 26.68
CA LEU Q 65 -86.79 85.62 25.83
C LEU Q 65 -86.02 84.32 25.62
N CYS Q 66 -86.64 83.21 25.99
CA CYS Q 66 -86.01 81.90 26.03
C CYS Q 66 -85.98 81.27 24.64
N GLY Q 67 -85.69 79.97 24.60
CA GLY Q 67 -85.76 79.20 23.38
C GLY Q 67 -86.13 77.75 23.67
N PRO Q 68 -85.92 76.89 22.68
CA PRO Q 68 -86.19 75.45 22.91
C PRO Q 68 -85.37 74.87 24.04
N GLU Q 69 -84.14 75.35 24.23
CA GLU Q 69 -83.33 74.92 25.37
C GLU Q 69 -83.93 75.35 26.70
N GLY Q 70 -84.92 76.23 26.69
CA GLY Q 70 -85.54 76.70 27.91
C GLY Q 70 -84.72 77.70 28.70
N LEU Q 71 -83.59 78.15 28.17
CA LEU Q 71 -82.75 79.08 28.89
C LEU Q 71 -82.48 80.31 28.04
N PRO Q 72 -82.33 81.48 28.66
CA PRO Q 72 -82.38 82.74 27.90
C PRO Q 72 -81.07 83.09 27.22
N HIS Q 73 -81.19 83.63 26.02
CA HIS Q 73 -80.08 84.23 25.29
C HIS Q 73 -80.11 85.74 25.47
N LEU Q 74 -78.96 86.38 25.30
CA LEU Q 74 -78.82 87.81 25.48
C LEU Q 74 -78.57 88.49 24.14
N ILE Q 75 -79.34 89.53 23.85
CA ILE Q 75 -79.21 90.32 22.63
C ILE Q 75 -78.46 91.61 22.96
N VAL Q 76 -77.51 91.96 22.11
CA VAL Q 76 -76.64 93.11 22.32
C VAL Q 76 -76.72 93.96 21.04
N ASP Q 77 -77.49 95.04 21.11
CA ASP Q 77 -77.62 95.95 19.98
C ASP Q 77 -77.77 97.42 20.34
N GLY Q 78 -77.80 97.79 21.62
CA GLY Q 78 -78.39 99.05 22.02
C GLY Q 78 -79.90 99.03 21.95
N ARG Q 79 -80.50 98.02 21.32
CA ARG Q 79 -81.94 97.83 21.31
C ARG Q 79 -82.48 97.77 22.72
N LEU Q 80 -83.44 98.64 23.02
CA LEU Q 80 -83.91 98.84 24.38
C LEU Q 80 -84.63 97.62 24.93
N ASN Q 81 -84.82 96.60 24.09
CA ASN Q 81 -85.31 95.33 24.60
C ASN Q 81 -84.31 94.71 25.56
N HIS Q 82 -83.01 94.83 25.26
CA HIS Q 82 -81.97 94.31 26.15
C HIS Q 82 -80.77 95.25 26.25
N ALA Q 83 -80.98 96.55 26.08
CA ALA Q 83 -79.86 97.49 26.06
C ALA Q 83 -79.16 97.56 27.41
N GLY Q 84 -79.91 97.92 28.46
CA GLY Q 84 -79.32 98.04 29.78
C GLY Q 84 -78.76 96.75 30.34
N ASP Q 85 -79.21 95.61 29.82
CA ASP Q 85 -78.71 94.32 30.32
C ASP Q 85 -77.27 94.05 29.88
N PHE Q 86 -76.68 94.89 29.04
CA PHE Q 86 -75.27 94.78 28.70
C PHE Q 86 -74.52 96.10 28.73
N LEU Q 87 -75.19 97.24 28.59
CA LEU Q 87 -74.48 98.50 28.42
C LEU Q 87 -73.85 98.98 29.72
N ILE Q 88 -74.68 99.16 30.75
CA ILE Q 88 -74.19 99.74 32.01
C ILE Q 88 -73.14 98.87 32.68
N PRO Q 89 -73.14 97.52 32.57
CA PRO Q 89 -71.99 96.79 33.14
C PRO Q 89 -70.70 97.12 32.41
N SER Q 90 -70.76 97.22 31.08
CA SER Q 90 -69.59 97.64 30.31
C SER Q 90 -69.07 98.99 30.82
N ILE Q 91 -69.97 99.95 30.99
CA ILE Q 91 -69.53 101.28 31.41
C ILE Q 91 -68.97 101.24 32.83
N LEU Q 92 -69.54 100.41 33.70
CA LEU Q 92 -68.98 100.25 35.04
C LEU Q 92 -67.57 99.72 34.99
N PHE Q 93 -67.34 98.69 34.16
CA PHE Q 93 -65.98 98.18 34.03
C PHE Q 93 -65.04 99.25 33.53
N LEU Q 94 -65.48 100.04 32.56
CA LEU Q 94 -64.63 101.11 32.05
C LEU Q 94 -64.30 102.10 33.16
N TYR Q 95 -65.29 102.46 33.97
CA TYR Q 95 -65.07 103.33 35.13
C TYR Q 95 -63.94 102.79 36.00
N ILE Q 96 -64.11 101.55 36.47
CA ILE Q 96 -63.19 101.03 37.48
C ILE Q 96 -61.81 100.77 36.88
N ALA Q 97 -61.75 100.28 35.64
CA ALA Q 97 -60.46 100.07 35.00
C ALA Q 97 -59.73 101.39 34.80
N GLY Q 98 -60.43 102.42 34.37
CA GLY Q 98 -59.81 103.73 34.28
C GLY Q 98 -59.28 104.20 35.62
N TRP Q 99 -60.07 104.03 36.68
CA TRP Q 99 -59.61 104.45 38.00
C TRP Q 99 -58.32 103.75 38.38
N ILE Q 100 -58.31 102.42 38.28
CA ILE Q 100 -57.14 101.68 38.77
C ILE Q 100 -55.91 101.99 37.93
N GLY Q 101 -56.05 101.99 36.60
CA GLY Q 101 -54.92 102.34 35.76
C GLY Q 101 -54.40 103.74 36.06
N TRP Q 102 -55.33 104.69 36.23
CA TRP Q 102 -54.95 106.07 36.47
C TRP Q 102 -54.17 106.21 37.77
N VAL Q 103 -54.68 105.61 38.85
CA VAL Q 103 -54.00 105.75 40.13
C VAL Q 103 -52.66 105.02 40.11
N GLY Q 104 -52.57 103.89 39.42
CA GLY Q 104 -51.29 103.21 39.32
C GLY Q 104 -50.24 104.05 38.60
N ARG Q 105 -50.62 104.58 37.43
CA ARG Q 105 -49.69 105.42 36.68
C ARG Q 105 -49.29 106.65 37.50
N ALA Q 106 -50.25 107.25 38.20
CA ALA Q 106 -49.94 108.44 39.00
C ALA Q 106 -48.97 108.11 40.11
N TYR Q 107 -49.20 107.00 40.82
CA TYR Q 107 -48.27 106.59 41.85
C TYR Q 107 -46.87 106.40 41.29
N LEU Q 108 -46.78 105.69 40.15
CA LEU Q 108 -45.47 105.45 39.55
C LEU Q 108 -44.77 106.75 39.21
N GLN Q 109 -45.48 107.66 38.55
CA GLN Q 109 -44.91 108.97 38.24
C GLN Q 109 -44.43 109.68 39.50
N GLU Q 110 -45.19 109.56 40.59
CA GLU Q 110 -44.85 110.27 41.82
C GLU Q 110 -43.57 109.72 42.44
N ILE Q 111 -43.44 108.39 42.49
CA ILE Q 111 -42.32 107.77 43.19
C ILE Q 111 -40.99 108.34 42.71
N LYS Q 112 -40.86 108.54 41.39
CA LYS Q 112 -39.56 108.87 40.81
C LYS Q 112 -39.03 110.21 41.29
N LYS Q 113 -39.89 111.09 41.80
CA LYS Q 113 -39.41 112.35 42.38
C LYS Q 113 -39.09 112.19 43.86
N ARG Q 114 -38.33 111.14 44.17
CA ARG Q 114 -37.85 110.92 45.53
C ARG Q 114 -36.40 110.48 45.61
N ASP Q 115 -35.78 110.03 44.53
CA ASP Q 115 -34.40 109.55 44.50
C ASP Q 115 -34.17 108.39 45.47
N ASN Q 116 -35.24 107.73 45.89
CA ASN Q 116 -35.20 106.47 46.62
C ASN Q 116 -35.96 105.41 45.82
N THR Q 117 -35.69 105.37 44.51
CA THR Q 117 -36.62 104.77 43.57
C THR Q 117 -36.90 103.31 43.89
N GLU Q 118 -35.88 102.46 43.78
CA GLU Q 118 -36.05 101.02 43.93
C GLU Q 118 -36.00 100.57 45.38
N LEU Q 119 -35.55 101.44 46.29
CA LEU Q 119 -35.75 101.16 47.71
C LEU Q 119 -37.24 101.04 48.04
N ARG Q 120 -38.03 102.02 47.61
CA ARG Q 120 -39.46 102.03 47.89
C ARG Q 120 -40.26 101.23 46.87
N GLU Q 121 -39.62 100.63 45.87
CA GLU Q 121 -40.37 99.88 44.87
C GLU Q 121 -41.06 98.68 45.49
N VAL Q 122 -40.53 98.18 46.60
CA VAL Q 122 -41.16 97.06 47.31
C VAL Q 122 -41.77 97.50 48.62
N ILE Q 123 -41.30 98.58 49.22
CA ILE Q 123 -41.86 99.11 50.46
C ILE Q 123 -42.81 100.24 50.07
N ILE Q 124 -44.11 99.99 50.19
CA ILE Q 124 -45.10 100.99 49.84
C ILE Q 124 -45.14 102.08 50.90
N ASP Q 125 -45.09 103.34 50.45
CA ASP Q 125 -45.21 104.49 51.34
C ASP Q 125 -46.70 104.76 51.55
N VAL Q 126 -47.26 104.13 52.58
CA VAL Q 126 -48.71 104.21 52.82
C VAL Q 126 -49.18 105.65 53.02
N PRO Q 127 -48.58 106.47 53.89
CA PRO Q 127 -49.07 107.85 54.05
C PRO Q 127 -49.09 108.66 52.75
N THR Q 128 -48.35 108.23 51.73
CA THR Q 128 -48.45 108.84 50.41
C THR Q 128 -49.27 108.02 49.43
N ALA Q 129 -49.22 106.68 49.56
CA ALA Q 129 -50.01 105.84 48.68
C ALA Q 129 -51.50 106.01 48.88
N LEU Q 130 -51.93 106.44 50.08
CA LEU Q 130 -53.36 106.59 50.33
C LEU Q 130 -53.95 107.74 49.51
N PRO Q 131 -53.53 109.00 49.67
CA PRO Q 131 -54.24 110.10 49.00
C PRO Q 131 -54.28 109.96 47.49
N LEU Q 132 -53.27 109.35 46.88
CA LEU Q 132 -53.33 109.11 45.44
C LEU Q 132 -54.50 108.20 45.10
N MET Q 133 -54.66 107.11 45.85
CA MET Q 133 -55.82 106.25 45.67
C MET Q 133 -57.11 107.01 45.89
N LEU Q 134 -57.16 107.81 46.96
CA LEU Q 134 -58.38 108.54 47.29
C LEU Q 134 -58.69 109.63 46.27
N SER Q 135 -57.71 110.05 45.47
CA SER Q 135 -57.87 111.17 44.54
C SER Q 135 -58.02 110.70 43.09
N GLY Q 136 -58.69 109.58 42.86
CA GLY Q 136 -58.95 109.14 41.50
C GLY Q 136 -60.36 109.44 41.07
N PHE Q 137 -60.99 110.40 41.74
CA PHE Q 137 -62.42 110.62 41.58
C PHE Q 137 -62.79 111.06 40.17
N THR Q 138 -62.00 111.95 39.58
CA THR Q 138 -62.34 112.54 38.29
C THR Q 138 -61.33 112.16 37.22
N TRP Q 139 -60.96 110.87 37.18
CA TRP Q 139 -59.97 110.42 36.21
C TRP Q 139 -60.35 110.68 34.75
N PRO Q 140 -61.61 110.44 34.27
CA PRO Q 140 -61.84 110.52 32.82
C PRO Q 140 -61.57 111.91 32.25
N LEU Q 141 -62.26 112.92 32.73
CA LEU Q 141 -62.16 114.25 32.12
C LEU Q 141 -60.77 114.84 32.34
N ALA Q 142 -60.17 114.61 33.51
CA ALA Q 142 -58.78 115.02 33.72
C ALA Q 142 -57.88 114.39 32.68
N ALA Q 143 -58.08 113.09 32.42
CA ALA Q 143 -57.31 112.44 31.37
C ALA Q 143 -57.55 113.11 30.03
N VAL Q 144 -58.80 113.47 29.75
CA VAL Q 144 -59.12 114.20 28.53
C VAL Q 144 -58.27 115.45 28.44
N LYS Q 145 -58.15 116.18 29.54
CA LYS Q 145 -57.33 117.37 29.56
C LYS Q 145 -55.89 117.03 29.20
N GLU Q 146 -55.34 115.99 29.83
CA GLU Q 146 -53.96 115.62 29.52
C GLU Q 146 -53.82 115.19 28.07
N LEU Q 147 -54.91 114.73 27.46
CA LEU Q 147 -54.90 114.46 26.03
C LEU Q 147 -54.79 115.75 25.24
N LEU Q 148 -55.63 116.74 25.56
CA LEU Q 148 -55.61 117.98 24.81
C LEU Q 148 -54.34 118.77 25.08
N SER Q 149 -53.90 118.81 26.34
CA SER Q 149 -52.61 119.39 26.67
C SER Q 149 -51.45 118.55 26.11
N GLY Q 150 -51.72 117.32 25.71
CA GLY Q 150 -50.65 116.44 25.29
C GLY Q 150 -49.75 115.99 26.42
N GLU Q 151 -50.33 115.74 27.60
CA GLU Q 151 -49.59 115.32 28.77
C GLU Q 151 -49.67 113.83 29.01
N LEU Q 152 -49.71 113.04 27.95
CA LEU Q 152 -49.87 111.60 28.06
C LEU Q 152 -48.87 110.80 27.23
N VAL Q 153 -48.13 111.44 26.32
CA VAL Q 153 -47.23 110.73 25.42
C VAL Q 153 -45.91 111.49 25.36
N ALA Q 154 -44.81 110.73 25.26
CA ALA Q 154 -43.50 111.29 24.97
C ALA Q 154 -43.16 111.04 23.52
N LYS Q 155 -42.14 111.73 23.03
CA LYS Q 155 -41.88 111.81 21.60
C LYS Q 155 -41.06 110.64 21.09
N ASP Q 156 -41.50 110.08 19.96
CA ASP Q 156 -40.90 108.92 19.31
C ASP Q 156 -39.38 108.82 19.48
N ASP Q 157 -38.67 109.94 19.34
CA ASP Q 157 -37.22 109.96 19.47
C ASP Q 157 -36.75 110.35 20.86
N GLU Q 158 -37.54 111.14 21.60
CA GLU Q 158 -37.20 111.42 22.99
C GLU Q 158 -37.24 110.14 23.81
N ILE Q 159 -38.26 109.31 23.62
CA ILE Q 159 -38.25 107.98 24.20
C ILE Q 159 -37.08 107.25 23.55
N PRO Q 160 -36.08 106.89 24.32
CA PRO Q 160 -34.82 106.44 23.75
C PRO Q 160 -34.70 104.93 23.69
N VAL Q 161 -35.81 104.23 23.92
CA VAL Q 161 -35.76 102.77 23.97
C VAL Q 161 -35.46 102.27 22.56
N SER Q 162 -34.23 101.84 22.37
CA SER Q 162 -33.71 101.54 21.05
C SER Q 162 -34.35 100.27 20.50
N PRO Q 163 -34.98 100.32 19.33
CA PRO Q 163 -35.37 99.07 18.66
C PRO Q 163 -34.22 98.51 17.86
N ARG Q 164 -34.48 97.47 17.07
CA ARG Q 164 -33.51 96.82 16.19
C ARG Q 164 -32.44 96.05 16.96
N MET R 1 -59.19 33.33 -7.23
CA MET R 1 -58.77 34.71 -7.42
C MET R 1 -59.45 35.36 -8.62
N PHE R 2 -58.66 35.73 -9.63
CA PHE R 2 -59.17 36.46 -10.79
C PHE R 2 -58.40 36.00 -12.02
N SER R 3 -58.53 36.77 -13.10
CA SER R 3 -58.01 36.37 -14.40
C SER R 3 -56.51 36.57 -14.55
N ALA R 4 -55.84 37.15 -13.57
CA ALA R 4 -54.39 37.27 -13.64
C ALA R 4 -53.75 35.98 -13.17
N SER R 5 -52.43 35.93 -13.24
CA SER R 5 -51.69 34.73 -12.90
C SER R 5 -51.18 34.82 -11.46
N PHE R 6 -50.29 33.89 -11.12
CA PHE R 6 -49.80 33.76 -9.76
C PHE R 6 -49.16 35.04 -9.23
N LEU R 7 -48.68 35.92 -10.13
CA LEU R 7 -47.73 36.98 -9.80
C LEU R 7 -47.91 37.59 -8.41
N PRO R 8 -49.10 38.05 -8.00
CA PRO R 8 -49.22 38.63 -6.65
C PRO R 8 -48.92 37.66 -5.54
N SER R 9 -48.73 36.37 -5.84
CA SER R 9 -48.33 35.42 -4.80
C SER R 9 -46.89 35.66 -4.38
N ILE R 10 -45.95 35.54 -5.32
CA ILE R 10 -44.55 35.78 -5.04
C ILE R 10 -44.02 36.78 -6.08
N LEU R 11 -44.15 38.06 -5.77
CA LEU R 11 -43.25 39.08 -6.28
C LEU R 11 -42.99 40.16 -5.25
N VAL R 12 -43.55 40.04 -4.05
CA VAL R 12 -43.31 40.97 -2.96
C VAL R 12 -41.99 40.71 -2.25
N PRO R 13 -41.52 39.45 -2.05
CA PRO R 13 -40.39 39.26 -1.14
C PRO R 13 -39.11 39.90 -1.65
N LEU R 14 -38.80 39.69 -2.93
CA LEU R 14 -37.60 40.28 -3.50
C LEU R 14 -37.64 41.80 -3.41
N THR R 15 -38.77 42.40 -3.76
CA THR R 15 -38.92 43.83 -3.54
C THR R 15 -38.96 44.17 -2.06
N GLY R 16 -39.55 43.27 -1.26
CA GLY R 16 -39.61 43.53 0.17
C GLY R 16 -38.27 43.34 0.85
N LEU R 17 -37.52 42.31 0.47
CA LEU R 17 -36.31 41.95 1.20
C LEU R 17 -35.03 42.11 0.40
N VAL R 18 -34.89 41.48 -0.77
CA VAL R 18 -33.56 41.37 -1.35
C VAL R 18 -33.16 42.69 -2.01
N PHE R 19 -34.10 43.36 -2.67
CA PHE R 19 -33.75 44.65 -3.25
C PHE R 19 -33.34 45.67 -2.20
N PRO R 20 -34.02 45.79 -1.07
CA PRO R 20 -33.45 46.60 0.02
C PRO R 20 -32.07 46.14 0.44
N ALA R 21 -31.84 44.83 0.46
CA ALA R 21 -30.55 44.30 0.86
C ALA R 21 -29.44 44.82 -0.02
N ILE R 22 -29.54 44.59 -1.33
CA ILE R 22 -28.50 45.08 -2.23
C ILE R 22 -28.44 46.60 -2.19
N ALA R 23 -29.59 47.26 -2.06
CA ALA R 23 -29.59 48.72 -1.97
C ALA R 23 -28.67 49.19 -0.85
N MET R 24 -28.93 48.71 0.37
CA MET R 24 -28.15 49.18 1.50
C MET R 24 -26.70 48.70 1.44
N ALA R 25 -26.46 47.50 0.91
CA ALA R 25 -25.08 47.03 0.80
C ALA R 25 -24.27 47.92 -0.14
N LEU R 26 -24.76 48.11 -1.36
CA LEU R 26 -24.13 49.02 -2.30
C LEU R 26 -23.97 50.40 -1.70
N LEU R 27 -24.98 50.87 -0.97
CA LEU R 27 -24.93 52.20 -0.39
C LEU R 27 -23.79 52.31 0.61
N LEU R 28 -23.70 51.34 1.51
CA LEU R 28 -22.65 51.35 2.52
C LEU R 28 -21.27 51.30 1.88
N ILE R 29 -21.07 50.40 0.92
CA ILE R 29 -19.76 50.37 0.28
C ILE R 29 -19.52 51.65 -0.51
N TYR R 30 -20.58 52.36 -0.89
CA TYR R 30 -20.40 53.64 -1.55
C TYR R 30 -19.92 54.71 -0.58
N VAL R 31 -20.40 54.67 0.66
CA VAL R 31 -20.13 55.77 1.59
C VAL R 31 -18.76 55.61 2.23
N GLU R 32 -17.96 54.67 1.73
CA GLU R 32 -16.60 54.47 2.21
C GLU R 32 -15.56 54.57 1.09
N ARG R 33 -15.96 55.05 -0.08
CA ARG R 33 -15.14 54.93 -1.28
C ARG R 33 -13.81 55.68 -1.13
N GLU R 34 -12.83 55.25 -1.93
CA GLU R 34 -11.52 55.87 -1.99
C GLU R 34 -11.58 57.13 -2.85
N ASP R 35 -10.41 57.68 -3.19
CA ASP R 35 -10.35 58.92 -3.95
C ASP R 35 -9.51 58.75 -5.21
N PRO R 36 -9.85 59.46 -6.29
CA PRO R 36 -11.01 60.36 -6.37
C PRO R 36 -12.20 59.78 -7.14
N SER R 37 -12.16 58.48 -7.42
CA SER R 37 -13.19 57.78 -8.19
C SER R 37 -14.21 57.15 -7.26
N GLY R 38 -15.41 56.92 -7.80
CA GLY R 38 -16.47 56.29 -7.06
C GLY R 38 -17.70 55.92 -7.86
N ILE R 39 -18.16 54.67 -7.70
CA ILE R 39 -19.37 54.20 -8.36
C ILE R 39 -20.21 53.43 -7.35
N GLN S 8 -44.35 99.55 70.17
CA GLN S 8 -44.67 100.88 69.65
C GLN S 8 -45.48 100.76 68.37
N ASN S 9 -45.65 101.89 67.68
CA ASN S 9 -46.27 101.91 66.36
C ASN S 9 -45.29 101.63 65.24
N TYR S 10 -44.04 101.29 65.58
CA TYR S 10 -43.04 100.95 64.58
C TYR S 10 -43.37 99.66 63.85
N LEU S 11 -44.31 98.87 64.38
CA LEU S 11 -44.65 97.58 63.78
C LEU S 11 -45.04 97.72 62.31
N LEU S 12 -45.74 98.81 61.97
CA LEU S 12 -46.16 98.97 60.58
C LEU S 12 -44.95 99.22 59.69
N ARG S 13 -43.95 99.96 60.20
CA ARG S 13 -42.65 100.05 59.55
C ARG S 13 -42.08 98.70 59.16
N TYR S 14 -42.47 97.65 59.87
CA TYR S 14 -41.97 96.31 59.64
C TYR S 14 -43.09 95.36 59.24
N LEU S 15 -44.33 95.85 59.19
CA LEU S 15 -45.44 95.11 58.61
C LEU S 15 -45.70 95.50 57.17
N SER S 16 -45.42 96.75 56.80
CA SER S 16 -45.55 97.21 55.42
C SER S 16 -44.39 96.61 54.63
N LEU S 17 -44.65 95.47 53.98
CA LEU S 17 -43.67 94.80 53.16
C LEU S 17 -44.07 94.67 51.70
N GLY S 18 -45.34 94.89 51.37
CA GLY S 18 -45.89 94.53 50.10
C GLY S 18 -46.62 93.20 50.09
N PRO S 19 -45.89 92.07 50.17
CA PRO S 19 -46.59 90.77 50.19
C PRO S 19 -47.69 90.67 51.23
N VAL S 20 -47.37 90.90 52.51
CA VAL S 20 -48.41 90.92 53.53
C VAL S 20 -49.47 91.95 53.19
N LEU S 21 -49.06 93.07 52.60
CA LEU S 21 -50.02 94.08 52.16
C LEU S 21 -50.82 93.59 50.97
N LEU S 22 -50.20 92.79 50.08
CA LEU S 22 -50.95 92.22 48.98
C LEU S 22 -52.15 91.44 49.50
N PHE S 23 -51.88 90.38 50.26
CA PHE S 23 -52.96 89.54 50.77
C PHE S 23 -53.98 90.36 51.54
N ALA S 24 -53.53 91.37 52.29
CA ALA S 24 -54.45 92.24 53.00
C ALA S 24 -55.43 92.90 52.04
N TRP S 25 -54.90 93.58 51.02
CA TRP S 25 -55.76 94.28 50.08
C TRP S 25 -56.66 93.30 49.33
N LEU S 26 -56.11 92.15 48.95
CA LEU S 26 -56.88 91.18 48.18
C LEU S 26 -58.03 90.61 49.01
N SER S 27 -57.78 90.31 50.28
CA SER S 27 -58.83 89.80 51.15
C SER S 27 -59.88 90.89 51.42
N PHE S 28 -59.43 92.13 51.58
CA PHE S 28 -60.36 93.24 51.71
C PHE S 28 -61.30 93.29 50.52
N THR S 29 -60.73 93.31 49.32
CA THR S 29 -61.55 93.32 48.11
C THR S 29 -62.42 92.07 48.00
N ALA S 30 -61.93 90.94 48.50
CA ALA S 30 -62.70 89.71 48.41
C ALA S 30 -63.95 89.77 49.27
N VAL S 31 -63.79 90.14 50.55
CA VAL S 31 -64.96 90.28 51.42
C VAL S 31 -65.86 91.40 50.91
N LEU S 32 -65.26 92.43 50.30
CA LEU S 32 -66.03 93.44 49.60
C LEU S 32 -66.97 92.81 48.58
N LEU S 33 -66.41 92.03 47.66
CA LEU S 33 -67.20 91.34 46.65
C LEU S 33 -68.21 90.40 47.28
N ILE S 34 -67.89 89.84 48.44
CA ILE S 34 -68.78 88.89 49.09
C ILE S 34 -70.04 89.59 49.61
N VAL S 35 -69.87 90.70 50.34
CA VAL S 35 -71.01 91.28 51.05
C VAL S 35 -72.11 91.70 50.07
N PHE S 36 -71.74 92.27 48.93
CA PHE S 36 -72.76 92.59 47.92
C PHE S 36 -73.35 91.33 47.32
N ASN S 37 -72.53 90.28 47.19
CA ASN S 37 -73.05 88.96 46.82
C ASN S 37 -73.67 88.26 48.00
N TYR S 38 -73.45 88.75 49.22
CA TYR S 38 -74.07 88.17 50.41
C TYR S 38 -75.35 88.88 50.83
N LEU S 39 -75.49 90.17 50.51
CA LEU S 39 -76.63 90.94 50.95
C LEU S 39 -77.76 90.99 49.92
N TYR S 40 -77.42 91.24 48.65
CA TYR S 40 -78.41 91.27 47.57
C TYR S 40 -77.92 90.44 46.38
N PRO S 41 -77.79 89.12 46.53
CA PRO S 41 -77.47 88.29 45.36
C PRO S 41 -78.72 87.93 44.60
N ASP S 42 -79.63 88.89 44.45
CA ASP S 42 -80.95 88.62 43.90
C ASP S 42 -81.37 89.74 42.95
N LEU S 43 -80.40 90.35 42.27
CA LEU S 43 -80.67 91.43 41.33
C LEU S 43 -80.06 91.07 39.98
N LEU S 44 -80.91 90.74 39.01
CA LEU S 44 -80.47 90.47 37.65
C LEU S 44 -81.40 91.13 36.63
N ILE T 29 -30.58 30.89 93.15
CA ILE T 29 -30.26 31.63 94.36
C ILE T 29 -29.12 32.61 94.08
N GLY T 30 -29.07 33.68 94.88
CA GLY T 30 -28.12 34.75 94.65
C GLY T 30 -26.67 34.32 94.73
N ALA T 31 -26.40 33.18 95.35
CA ALA T 31 -25.04 32.64 95.43
C ALA T 31 -24.38 32.65 94.05
N SER T 32 -24.95 31.89 93.12
CA SER T 32 -24.44 31.83 91.75
C SER T 32 -24.18 33.22 91.18
N LEU T 33 -25.03 34.19 91.52
CA LEU T 33 -24.87 35.54 91.02
C LEU T 33 -23.54 36.13 91.46
N VAL T 34 -23.29 36.15 92.77
CA VAL T 34 -22.02 36.68 93.26
C VAL T 34 -20.85 35.85 92.79
N ILE T 35 -21.06 34.54 92.63
CA ILE T 35 -19.98 33.66 92.14
C ILE T 35 -19.52 34.12 90.78
N LEU T 36 -20.44 34.15 89.81
CA LEU T 36 -20.08 34.55 88.47
C LEU T 36 -19.61 36.00 88.43
N PHE T 37 -20.17 36.86 89.27
CA PHE T 37 -19.72 38.25 89.33
C PHE T 37 -18.24 38.33 89.66
N ILE T 38 -17.83 37.76 90.78
CA ILE T 38 -16.44 37.89 91.17
C ILE T 38 -15.55 37.10 90.23
N ALA T 39 -16.06 36.01 89.67
CA ALA T 39 -15.31 35.26 88.65
C ALA T 39 -14.98 36.17 87.48
N SER T 40 -15.91 37.02 87.09
CA SER T 40 -15.67 37.93 85.98
C SER T 40 -14.90 39.19 86.40
N ARG T 41 -14.96 39.57 87.68
CA ARG T 41 -14.42 40.86 88.10
C ARG T 41 -13.05 40.76 88.78
N THR T 42 -12.97 40.03 89.89
CA THR T 42 -11.81 40.16 90.79
C THR T 42 -10.83 39.01 90.73
N ILE T 43 -11.31 37.77 90.62
CA ILE T 43 -10.40 36.63 90.56
C ILE T 43 -9.60 36.61 89.27
N ARG T 44 -9.93 37.48 88.32
CA ARG T 44 -9.27 37.56 87.03
C ARG T 44 -8.83 38.98 86.75
N PHE T 45 -8.26 39.18 85.56
CA PHE T 45 -7.89 40.50 85.06
C PHE T 45 -8.71 40.81 83.81
N PRO T 46 -9.76 41.62 83.92
CA PRO T 46 -10.47 42.07 82.72
C PRO T 46 -9.66 43.10 81.95
N GLN T 47 -9.77 43.08 80.61
CA GLN T 47 -9.24 44.19 79.83
C GLN T 47 -10.24 45.32 79.70
N VAL T 48 -11.18 45.41 80.62
CA VAL T 48 -12.39 46.20 80.41
C VAL T 48 -12.02 47.65 80.14
N GLY T 49 -12.18 48.07 78.88
CA GLY T 49 -11.86 49.40 78.44
C GLY T 49 -10.51 49.86 78.92
N PRO T 50 -10.49 50.99 79.64
CA PRO T 50 -9.25 51.49 80.22
C PRO T 50 -8.81 50.77 81.48
N LYS T 51 -9.37 49.59 81.77
CA LYS T 51 -8.93 48.70 82.85
C LYS T 51 -9.10 49.33 84.23
N MET T 52 -9.91 50.37 84.34
CA MET T 52 -9.98 51.14 85.58
C MET T 52 -10.64 50.31 86.68
N PRO T 53 -9.91 49.95 87.74
CA PRO T 53 -10.54 49.24 88.87
C PRO T 53 -11.02 50.14 89.98
N LEU T 54 -10.68 51.42 89.97
CA LEU T 54 -11.07 52.36 91.02
C LEU T 54 -11.65 53.63 90.40
N PRO T 55 -12.86 53.56 89.85
CA PRO T 55 -13.63 54.80 89.64
C PRO T 55 -14.08 55.34 90.98
N PHE T 56 -14.64 54.47 91.81
CA PHE T 56 -14.96 54.73 93.21
C PHE T 56 -15.02 53.41 93.95
N PRO T 57 -14.17 53.19 94.96
CA PRO T 57 -14.08 51.88 95.60
C PRO T 57 -15.04 51.70 96.77
N ALA T 58 -15.27 50.43 97.09
CA ALA T 58 -16.04 50.01 98.26
C ALA T 58 -15.30 48.89 98.98
N LEU T 59 -15.94 48.23 99.93
CA LEU T 59 -15.28 47.16 100.66
C LEU T 59 -16.29 46.06 101.00
N PHE T 60 -16.02 44.84 100.56
CA PHE T 60 -16.67 43.66 101.13
C PHE T 60 -15.68 42.71 101.78
N ASN T 61 -14.75 42.15 101.01
CA ASN T 61 -13.58 41.46 101.55
C ASN T 61 -12.28 42.03 101.02
N ASN T 62 -12.13 42.09 99.69
CA ASN T 62 -10.98 42.67 99.01
C ASN T 62 -11.35 42.96 97.56
N PRO T 63 -12.23 43.94 97.32
CA PRO T 63 -12.68 44.20 95.94
C PRO T 63 -11.90 45.30 95.23
N SER T 64 -12.18 45.48 93.95
CA SER T 64 -11.75 46.64 93.17
C SER T 64 -13.02 47.21 92.55
N VAL T 65 -13.53 48.30 93.12
CA VAL T 65 -14.92 48.71 92.96
C VAL T 65 -15.01 49.98 92.12
N GLY T 66 -16.14 50.15 91.44
CA GLY T 66 -16.43 51.30 90.63
C GLY T 66 -17.16 50.90 89.37
N THR T 67 -16.86 49.68 88.92
CA THR T 67 -17.61 49.02 87.86
C THR T 67 -18.32 47.77 88.37
N VAL T 68 -18.05 47.39 89.62
CA VAL T 68 -18.61 46.16 90.18
C VAL T 68 -20.12 46.23 90.21
N LEU T 69 -20.69 47.43 90.29
CA LEU T 69 -22.15 47.55 90.28
C LEU T 69 -22.72 47.05 88.95
N GLY T 70 -22.13 47.48 87.83
CA GLY T 70 -22.59 47.00 86.54
C GLY T 70 -22.31 45.52 86.34
N SER T 71 -21.14 45.07 86.77
CA SER T 71 -20.86 43.63 86.67
C SER T 71 -21.88 42.84 87.45
N VAL T 72 -22.22 43.29 88.66
CA VAL T 72 -23.22 42.63 89.49
C VAL T 72 -24.57 42.61 88.80
N SER T 73 -24.93 43.71 88.14
CA SER T 73 -26.25 43.79 87.53
C SER T 73 -26.37 42.85 86.33
N LEU T 74 -25.34 42.78 85.49
CA LEU T 74 -25.45 41.77 84.46
C LEU T 74 -25.37 40.38 85.06
N GLY T 75 -24.67 40.22 86.18
CA GLY T 75 -24.76 38.96 86.90
C GLY T 75 -26.20 38.61 87.22
N HIS T 76 -26.94 39.59 87.71
CA HIS T 76 -28.40 39.44 87.86
C HIS T 76 -29.00 38.89 86.58
N ILE T 77 -28.64 39.48 85.44
CA ILE T 77 -29.26 39.09 84.17
C ILE T 77 -28.93 37.63 83.82
N VAL T 78 -27.66 37.26 83.87
CA VAL T 78 -27.30 35.89 83.50
C VAL T 78 -27.94 34.90 84.46
N GLY T 79 -28.04 35.26 85.73
CA GLY T 79 -28.77 34.39 86.64
C GLY T 79 -30.23 34.26 86.27
N ILE T 80 -30.83 35.37 85.80
CA ILE T 80 -32.22 35.32 85.36
C ILE T 80 -32.38 34.34 84.19
N GLY T 81 -31.46 34.43 83.23
CA GLY T 81 -31.50 33.50 82.12
C GLY T 81 -31.30 32.07 82.55
N ILE T 82 -30.37 31.85 83.48
CA ILE T 82 -30.15 30.51 84.02
C ILE T 82 -31.41 29.96 84.66
N ILE T 83 -32.11 30.80 85.44
CA ILE T 83 -33.24 30.30 86.21
C ILE T 83 -34.45 30.03 85.32
N LEU T 84 -34.69 30.88 84.33
CA LEU T 84 -35.75 30.50 83.40
C LEU T 84 -35.29 29.51 82.34
N GLY T 85 -34.03 29.12 82.34
CA GLY T 85 -33.66 27.87 81.70
C GLY T 85 -34.06 26.72 82.60
N LEU T 86 -33.79 26.88 83.90
CA LEU T 86 -34.14 25.90 84.93
C LEU T 86 -35.65 25.80 85.13
N ASN T 87 -36.42 26.70 84.51
CA ASN T 87 -37.86 26.84 84.68
C ASN T 87 -38.60 25.52 84.85
N ASN T 88 -38.24 24.50 84.05
CA ASN T 88 -38.93 23.22 84.13
C ASN T 88 -38.87 22.64 85.54
N LEU T 89 -37.67 22.37 86.03
CA LEU T 89 -37.47 21.96 87.41
C LEU T 89 -35.98 21.95 87.70
N GLY T 90 -35.62 22.20 88.95
CA GLY T 90 -34.22 22.22 89.33
C GLY T 90 -33.98 22.56 90.79
N ILE T 91 -33.02 23.43 91.05
CA ILE T 91 -32.68 23.80 92.41
C ILE T 91 -33.65 24.88 92.90
N LEU T 92 -34.72 24.44 93.55
CA LEU T 92 -35.64 25.33 94.24
C LEU T 92 -35.79 24.93 95.70
N LYS T 93 -35.06 23.91 96.13
CA LYS T 93 -35.42 23.11 97.29
C LYS T 93 -34.22 22.71 98.14
N PRO U 23 -0.11 46.13 40.09
CA PRO U 23 0.84 45.75 39.04
C PRO U 23 0.17 45.61 37.67
N SER U 24 0.02 46.72 36.96
CA SER U 24 -0.65 46.71 35.67
C SER U 24 0.23 46.02 34.62
N ARG U 25 -0.29 45.95 33.39
CA ARG U 25 0.39 45.23 32.32
C ARG U 25 1.74 45.87 32.01
N ARG U 26 1.75 47.19 31.81
CA ARG U 26 2.99 47.91 31.57
C ARG U 26 3.13 49.18 32.40
N ASP U 27 2.05 49.75 32.91
CA ASP U 27 2.11 51.00 33.66
C ASP U 27 0.89 51.13 34.56
N PRO U 28 1.08 51.31 35.87
CA PRO U 28 -0.08 51.34 36.78
C PRO U 28 -1.01 52.53 36.57
N GLN U 29 -0.62 53.50 35.74
CA GLN U 29 -1.48 54.65 35.46
C GLN U 29 -2.35 54.46 34.23
N ILE U 30 -2.18 53.38 33.49
CA ILE U 30 -2.99 53.13 32.31
C ILE U 30 -4.36 52.65 32.76
N GLY U 31 -5.36 52.82 31.90
CA GLY U 31 -6.72 52.45 32.22
C GLY U 31 -7.00 50.96 32.19
N ASN U 32 -6.17 50.19 32.88
CA ASN U 32 -6.31 48.74 32.93
C ASN U 32 -5.97 48.28 34.33
N LEU U 33 -6.53 47.15 34.74
CA LEU U 33 -6.34 46.63 36.08
C LEU U 33 -6.00 45.15 36.05
N GLU U 34 -5.20 44.74 37.03
CA GLU U 34 -4.75 43.36 37.15
C GLU U 34 -5.67 42.53 38.04
N THR U 35 -6.97 42.60 37.79
CA THR U 35 -7.90 41.84 38.60
C THR U 35 -7.82 40.36 38.21
N PRO U 36 -7.97 39.46 39.17
CA PRO U 36 -7.76 38.04 38.87
C PRO U 36 -8.90 37.42 38.10
N ILE U 37 -9.41 38.14 37.10
CA ILE U 37 -10.34 37.57 36.13
C ILE U 37 -9.90 37.78 34.70
N ASN U 38 -9.10 38.81 34.41
CA ASN U 38 -8.56 39.02 33.07
C ASN U 38 -7.09 38.68 32.97
N ASN U 39 -6.46 38.23 34.06
CA ASN U 39 -5.07 37.79 33.99
C ASN U 39 -4.83 36.55 34.83
N SER U 40 -5.85 35.69 34.98
CA SER U 40 -5.70 34.43 35.66
C SER U 40 -5.14 33.39 34.70
N SER U 41 -4.20 32.57 35.19
CA SER U 41 -3.52 31.62 34.32
C SER U 41 -4.51 30.66 33.66
N LEU U 42 -5.49 30.17 34.43
CA LEU U 42 -6.52 29.32 33.87
C LEU U 42 -7.19 29.99 32.68
N VAL U 43 -7.69 31.22 32.88
CA VAL U 43 -8.44 31.88 31.83
C VAL U 43 -7.57 32.20 30.63
N LYS U 44 -6.32 32.63 30.86
CA LYS U 44 -5.47 32.95 29.72
C LYS U 44 -5.15 31.71 28.91
N TRP U 45 -4.90 30.57 29.57
CA TRP U 45 -4.72 29.34 28.82
C TRP U 45 -5.99 28.96 28.07
N PHE U 46 -7.14 29.14 28.70
CA PHE U 46 -8.41 28.76 28.08
C PHE U 46 -8.78 29.66 26.91
N ILE U 47 -8.26 30.88 26.87
CA ILE U 47 -8.63 31.84 25.84
C ILE U 47 -7.62 31.80 24.72
N ASN U 48 -6.36 31.49 25.05
CA ASN U 48 -5.32 31.50 24.02
C ASN U 48 -5.52 30.39 23.01
N ASN U 49 -5.90 29.20 23.46
CA ASN U 49 -5.97 28.05 22.57
C ASN U 49 -7.29 27.96 21.81
N LEU U 50 -8.15 28.97 21.91
CA LEU U 50 -9.36 28.96 21.13
C LEU U 50 -9.03 29.10 19.64
N PRO U 51 -9.91 28.59 18.77
CA PRO U 51 -9.62 28.68 17.32
C PRO U 51 -9.46 30.10 16.82
N ALA U 52 -9.91 31.09 17.59
CA ALA U 52 -9.65 32.47 17.21
C ALA U 52 -8.20 32.87 17.43
N TYR U 53 -7.46 32.14 18.27
CA TYR U 53 -6.09 32.53 18.61
C TYR U 53 -5.06 31.41 18.56
N ARG U 54 -5.45 30.14 18.69
CA ARG U 54 -4.45 29.09 18.81
C ARG U 54 -3.63 29.01 17.54
N PRO U 55 -2.31 29.05 17.63
CA PRO U 55 -1.46 29.08 16.42
C PRO U 55 -1.32 27.69 15.82
N GLY U 56 -0.53 27.62 14.75
CA GLY U 56 -0.32 26.37 14.06
C GLY U 56 -1.45 25.94 13.18
N ILE U 57 -2.37 26.84 12.84
CA ILE U 57 -3.50 26.53 11.97
C ILE U 57 -3.60 27.62 10.90
N THR U 58 -4.44 27.36 9.94
CA THR U 58 -4.82 28.20 8.81
C THR U 58 -6.14 28.90 9.10
N PRO U 59 -6.36 30.09 8.53
CA PRO U 59 -7.67 30.73 8.63
C PRO U 59 -8.80 29.83 8.14
N LEU U 60 -8.52 28.97 7.17
CA LEU U 60 -9.53 28.03 6.67
C LEU U 60 -10.11 27.21 7.81
N ARG U 61 -9.24 26.52 8.55
CA ARG U 61 -9.71 25.69 9.65
C ARG U 61 -10.46 26.51 10.69
N ARG U 62 -10.01 27.74 10.94
CA ARG U 62 -10.72 28.61 11.87
C ARG U 62 -12.17 28.78 11.45
N GLY U 63 -12.38 29.18 10.20
CA GLY U 63 -13.73 29.29 9.69
C GLY U 63 -14.51 28.00 9.80
N LEU U 64 -13.88 26.89 9.41
CA LEU U 64 -14.54 25.60 9.49
C LEU U 64 -15.04 25.33 10.90
N GLU U 65 -14.19 25.49 11.89
CA GLU U 65 -14.54 25.13 13.25
C GLU U 65 -15.60 26.06 13.83
N VAL U 66 -15.45 27.36 13.60
CA VAL U 66 -16.44 28.30 14.13
C VAL U 66 -17.81 28.02 13.51
N GLY U 67 -17.84 27.76 12.21
CA GLY U 67 -19.08 27.38 11.57
C GLY U 67 -19.66 26.11 12.17
N MET U 68 -18.82 25.08 12.32
CA MET U 68 -19.26 23.83 12.93
C MET U 68 -19.96 24.10 14.25
N ALA U 69 -19.27 24.77 15.17
CA ALA U 69 -19.84 25.03 16.50
C ALA U 69 -21.16 25.78 16.40
N HIS U 70 -21.14 26.96 15.76
CA HIS U 70 -22.32 27.82 15.81
C HIS U 70 -23.49 27.19 15.09
N GLY U 71 -23.28 26.72 13.86
CA GLY U 71 -24.34 26.02 13.17
C GLY U 71 -24.78 24.74 13.85
N TYR U 72 -23.98 24.24 14.80
CA TYR U 72 -24.40 23.07 15.53
C TYR U 72 -25.31 23.42 16.71
N TRP U 73 -25.14 24.61 17.29
CA TRP U 73 -26.05 25.00 18.35
C TRP U 73 -27.11 25.98 17.89
N LEU U 74 -26.83 26.80 16.89
CA LEU U 74 -27.81 27.79 16.47
C LEU U 74 -28.89 27.17 15.57
N LEU U 75 -29.48 26.08 15.98
CA LEU U 75 -30.73 25.65 15.36
C LEU U 75 -31.80 25.30 16.37
N GLY U 76 -31.45 24.79 17.55
CA GLY U 76 -32.41 24.62 18.61
C GLY U 76 -33.18 25.87 19.02
N PRO U 77 -32.50 27.02 19.19
CA PRO U 77 -33.21 28.19 19.72
C PRO U 77 -34.49 28.53 19.00
N PHE U 78 -34.72 27.99 17.80
CA PHE U 78 -36.01 28.13 17.13
C PHE U 78 -36.54 26.80 16.63
N ALA U 79 -35.81 25.71 16.85
CA ALA U 79 -36.24 24.40 16.36
C ALA U 79 -37.60 24.03 16.93
N LYS U 80 -37.69 23.92 18.25
CA LYS U 80 -38.95 23.67 18.93
C LYS U 80 -39.57 24.96 19.47
N LEU U 81 -38.98 26.10 19.13
CA LEU U 81 -39.48 27.39 19.59
C LEU U 81 -40.21 28.19 18.53
N GLY U 82 -40.02 27.88 17.24
CA GLY U 82 -40.64 28.62 16.17
C GLY U 82 -42.14 28.55 16.22
N PRO U 83 -42.80 29.38 15.40
CA PRO U 83 -44.28 29.33 15.34
C PRO U 83 -44.82 27.99 14.91
N LEU U 84 -44.02 27.17 14.24
CA LEU U 84 -44.36 25.79 13.94
C LEU U 84 -43.89 24.82 15.01
N ARG U 85 -43.86 25.28 16.27
CA ARG U 85 -43.20 24.56 17.35
C ARG U 85 -43.60 23.08 17.38
N ASP U 86 -44.89 22.80 17.50
CA ASP U 86 -45.32 21.44 17.77
C ASP U 86 -45.83 20.71 16.54
N THR U 87 -45.69 21.28 15.36
CA THR U 87 -46.10 20.56 14.16
C THR U 87 -45.10 19.45 13.87
N ASP U 88 -45.54 18.50 13.04
CA ASP U 88 -44.78 17.30 12.73
C ASP U 88 -43.65 17.51 11.73
N VAL U 89 -43.33 18.75 11.38
CA VAL U 89 -42.25 19.03 10.43
C VAL U 89 -41.12 19.86 11.02
N ALA U 90 -41.32 20.49 12.18
CA ALA U 90 -40.50 21.62 12.62
C ALA U 90 -39.01 21.38 12.57
N ASN U 91 -38.56 20.11 12.49
CA ASN U 91 -37.14 19.84 12.42
C ASN U 91 -36.50 20.48 11.18
N ILE U 92 -36.97 20.08 10.00
CA ILE U 92 -36.44 20.66 8.76
C ILE U 92 -36.76 22.13 8.67
N ALA U 93 -37.84 22.59 9.32
CA ALA U 93 -38.13 24.02 9.34
C ALA U 93 -37.02 24.79 10.03
N GLY U 94 -36.67 24.39 11.25
CA GLY U 94 -35.53 24.99 11.93
C GLY U 94 -34.24 24.84 11.14
N LEU U 95 -34.10 23.73 10.42
CA LEU U 95 -32.91 23.55 9.58
C LEU U 95 -32.83 24.63 8.51
N LEU U 96 -33.92 24.83 7.77
CA LEU U 96 -33.93 25.87 6.74
C LEU U 96 -33.70 27.25 7.36
N ALA U 97 -34.29 27.50 8.51
CA ALA U 97 -34.12 28.78 9.18
C ALA U 97 -32.65 29.05 9.47
N THR U 98 -31.98 28.11 10.15
CA THR U 98 -30.58 28.33 10.47
C THR U 98 -29.71 28.35 9.22
N LEU U 99 -30.14 27.67 8.14
CA LEU U 99 -29.44 27.78 6.88
C LEU U 99 -29.41 29.22 6.39
N GLY U 100 -30.60 29.81 6.23
CA GLY U 100 -30.67 31.21 5.85
C GLY U 100 -29.90 32.10 6.80
N MET U 101 -29.95 31.78 8.09
CA MET U 101 -29.26 32.58 9.10
C MET U 101 -27.77 32.61 8.83
N VAL U 102 -27.15 31.43 8.70
CA VAL U 102 -25.71 31.40 8.49
C VAL U 102 -25.35 32.04 7.16
N VAL U 103 -26.22 31.88 6.15
CA VAL U 103 -25.98 32.54 4.86
C VAL U 103 -25.86 34.04 5.06
N ILE U 104 -26.86 34.65 5.68
CA ILE U 104 -26.84 36.11 5.79
C ILE U 104 -25.72 36.56 6.71
N SER U 105 -25.32 35.73 7.68
CA SER U 105 -24.18 36.07 8.50
C SER U 105 -22.90 36.12 7.67
N THR U 106 -22.72 35.13 6.79
CA THR U 106 -21.58 35.14 5.89
C THR U 106 -21.61 36.38 4.99
N LEU U 107 -22.81 36.72 4.49
CA LEU U 107 -22.96 37.94 3.71
C LEU U 107 -22.44 39.15 4.48
N ALA U 108 -22.87 39.28 5.74
CA ALA U 108 -22.48 40.41 6.55
C ALA U 108 -20.97 40.48 6.71
N VAL U 109 -20.35 39.38 7.12
CA VAL U 109 -18.91 39.41 7.36
C VAL U 109 -18.15 39.67 6.06
N SER U 110 -18.66 39.16 4.94
CA SER U 110 -18.00 39.37 3.66
C SER U 110 -18.02 40.84 3.28
N LEU U 111 -19.18 41.50 3.43
CA LEU U 111 -19.20 42.91 3.09
C LEU U 111 -18.37 43.74 4.06
N TYR U 112 -18.35 43.34 5.34
CA TYR U 112 -17.45 44.00 6.28
C TYR U 112 -16.01 43.92 5.80
N ALA U 113 -15.59 42.75 5.33
CA ALA U 113 -14.27 42.64 4.73
C ALA U 113 -14.14 43.54 3.51
N ALA U 114 -15.20 43.64 2.73
CA ALA U 114 -15.17 44.47 1.53
C ALA U 114 -14.87 45.92 1.87
N THR U 115 -15.36 46.40 3.00
CA THR U 115 -15.13 47.78 3.41
C THR U 115 -14.16 47.89 4.58
N ASP U 116 -13.34 46.87 4.80
CA ASP U 116 -12.61 46.65 6.04
C ASP U 116 -11.46 47.60 6.39
N PRO U 117 -10.64 48.08 5.44
CA PRO U 117 -9.28 48.51 5.79
C PRO U 117 -9.15 49.99 6.13
N PRO U 118 -9.98 50.56 7.00
CA PRO U 118 -9.47 51.65 7.85
C PRO U 118 -8.91 51.13 9.16
N LYS U 119 -7.65 51.50 9.49
CA LYS U 119 -6.93 51.01 10.66
C LYS U 119 -6.87 49.50 10.64
N PRO U 120 -6.18 48.89 9.67
CA PRO U 120 -6.30 47.44 9.47
C PRO U 120 -5.69 46.65 10.60
N VAL U 121 -6.30 46.75 11.78
CA VAL U 121 -5.85 46.02 12.96
C VAL U 121 -7.06 45.56 13.74
N ALA U 122 -6.79 44.78 14.79
CA ALA U 122 -7.76 44.46 15.81
C ALA U 122 -7.17 44.86 17.16
N THR U 123 -8.02 45.34 18.06
CA THR U 123 -7.54 45.78 19.37
C THR U 123 -6.95 44.60 20.12
N VAL U 124 -5.68 44.73 20.51
CA VAL U 124 -4.91 43.62 21.08
C VAL U 124 -4.85 43.78 22.59
N THR U 125 -5.23 42.72 23.31
CA THR U 125 -5.07 42.68 24.76
C THR U 125 -4.45 41.35 25.17
N VAL U 126 -4.59 40.32 24.35
CA VAL U 126 -3.84 39.09 24.59
C VAL U 126 -2.37 39.40 24.49
N PRO U 127 -1.51 38.90 25.40
CA PRO U 127 -0.09 39.29 25.42
C PRO U 127 0.59 39.36 24.06
N ASN U 128 0.24 38.44 23.16
CA ASN U 128 0.79 38.44 21.82
C ASN U 128 -0.24 38.93 20.81
N PRO U 129 0.20 39.32 19.62
CA PRO U 129 -0.75 39.48 18.52
C PRO U 129 -1.40 38.15 18.19
N PRO U 130 -2.66 38.14 17.78
CA PRO U 130 -3.34 36.87 17.53
C PRO U 130 -2.71 36.07 16.40
N ASP U 131 -2.66 36.66 15.21
CA ASP U 131 -2.09 36.00 14.03
C ASP U 131 -2.18 36.93 12.82
N THR U 132 -1.61 36.49 11.70
CA THR U 132 -1.74 37.21 10.43
C THR U 132 -3.13 37.08 9.82
N PHE U 133 -4.08 36.49 10.54
CA PHE U 133 -5.48 36.42 10.15
C PHE U 133 -6.09 37.78 9.85
N ASP U 134 -5.38 38.86 10.17
CA ASP U 134 -5.91 40.22 10.08
C ASP U 134 -5.53 40.80 8.73
N THR U 135 -6.32 40.48 7.70
CA THR U 135 -6.14 40.95 6.34
C THR U 135 -7.38 40.60 5.53
N THR U 136 -7.64 41.38 4.48
CA THR U 136 -8.87 41.27 3.72
C THR U 136 -9.13 39.87 3.17
N GLU U 137 -8.25 39.39 2.28
CA GLU U 137 -8.43 38.07 1.70
C GLU U 137 -8.46 36.99 2.77
N GLY U 138 -7.70 37.19 3.86
CA GLY U 138 -7.85 36.30 5.00
C GLY U 138 -9.27 36.28 5.52
N TRP U 139 -9.87 37.46 5.65
CA TRP U 139 -11.26 37.54 6.09
C TRP U 139 -12.19 36.83 5.13
N ASN U 140 -11.94 36.96 3.83
CA ASN U 140 -12.80 36.31 2.84
C ASN U 140 -12.73 34.79 2.97
N THR U 141 -11.50 34.25 3.00
CA THR U 141 -11.34 32.82 3.18
C THR U 141 -11.99 32.35 4.48
N PHE U 142 -11.83 33.15 5.55
CA PHE U 142 -12.46 32.83 6.81
C PHE U 142 -13.96 32.73 6.66
N ALA U 143 -14.55 33.67 5.92
CA ALA U 143 -16.00 33.65 5.71
C ALA U 143 -16.42 32.39 4.95
N SER U 144 -15.63 32.00 3.95
CA SER U 144 -15.96 30.79 3.21
C SER U 144 -15.94 29.57 4.13
N GLY U 145 -14.88 29.42 4.90
CA GLY U 145 -14.81 28.32 5.84
C GLY U 145 -15.92 28.36 6.87
N PHE U 146 -16.30 29.56 7.29
CA PHE U 146 -17.44 29.74 8.18
C PHE U 146 -18.70 29.17 7.53
N LEU U 147 -18.94 29.52 6.27
CA LEU U 147 -20.11 29.02 5.56
C LEU U 147 -20.13 27.49 5.55
N ILE U 148 -19.00 26.89 5.17
CA ILE U 148 -18.94 25.43 5.07
C ILE U 148 -19.20 24.79 6.42
N GLY U 149 -18.44 25.20 7.44
CA GLY U 149 -18.61 24.62 8.76
C GLY U 149 -19.99 24.84 9.34
N GLY U 150 -20.60 25.99 9.06
CA GLY U 150 -21.94 26.25 9.56
C GLY U 150 -22.94 25.31 8.95
N VAL U 151 -22.89 25.14 7.64
CA VAL U 151 -23.77 24.17 7.00
C VAL U 151 -23.55 22.79 7.62
N GLY U 152 -22.28 22.42 7.83
CA GLY U 152 -21.99 21.10 8.35
C GLY U 152 -22.58 20.88 9.75
N GLY U 153 -22.30 21.81 10.66
CA GLY U 153 -22.89 21.74 11.98
C GLY U 153 -24.40 21.65 11.92
N ALA U 154 -25.01 22.40 11.00
CA ALA U 154 -26.46 22.34 10.85
C ALA U 154 -26.93 20.92 10.53
N VAL U 155 -26.36 20.31 9.49
CA VAL U 155 -26.86 19.00 9.09
C VAL U 155 -26.57 17.96 10.18
N VAL U 156 -25.42 18.06 10.83
CA VAL U 156 -25.09 17.03 11.80
C VAL U 156 -26.00 17.14 13.03
N ALA U 157 -26.32 18.37 13.44
CA ALA U 157 -27.29 18.53 14.51
C ALA U 157 -28.65 18.01 14.10
N TYR U 158 -29.04 18.28 12.84
CA TYR U 158 -30.32 17.78 12.36
C TYR U 158 -30.34 16.25 12.35
N PHE U 159 -29.20 15.62 12.12
CA PHE U 159 -29.14 14.17 12.16
C PHE U 159 -29.23 13.65 13.59
N ILE U 160 -28.51 14.28 14.52
CA ILE U 160 -28.62 13.90 15.92
C ILE U 160 -30.08 13.98 16.36
N LEU U 161 -30.77 15.04 15.95
CA LEU U 161 -32.15 15.28 16.35
C LEU U 161 -33.16 14.54 15.49
N ALA U 162 -32.73 13.91 14.40
CA ALA U 162 -33.68 13.36 13.44
C ALA U 162 -34.51 12.26 14.05
N ASN U 163 -33.87 11.17 14.45
CA ASN U 163 -34.56 10.07 15.12
C ASN U 163 -34.83 10.48 16.57
N ILE U 164 -36.06 10.96 16.82
CA ILE U 164 -36.50 11.23 18.19
C ILE U 164 -36.17 10.05 19.08
N GLU U 165 -36.27 8.85 18.54
CA GLU U 165 -35.89 7.60 19.19
C GLU U 165 -34.38 7.42 19.33
N LEU U 166 -33.56 8.45 19.09
CA LEU U 166 -32.11 8.30 19.20
C LEU U 166 -31.71 7.67 20.54
N ILE U 167 -32.47 7.92 21.60
CA ILE U 167 -32.17 7.32 22.89
C ILE U 167 -33.17 6.21 23.15
N GLN U 168 -34.35 6.30 22.53
CA GLN U 168 -35.37 5.28 22.74
C GLN U 168 -34.92 3.91 22.25
N ASN U 169 -34.17 3.86 21.14
CA ASN U 169 -33.55 2.60 20.74
C ASN U 169 -32.57 2.12 21.80
N ILE U 170 -31.82 3.04 22.40
CA ILE U 170 -30.99 2.70 23.54
C ILE U 170 -31.85 2.48 24.78
N PHE U 171 -32.87 3.31 24.96
CA PHE U 171 -33.73 3.32 26.14
C PHE U 171 -32.91 3.20 27.42
N LYS U 172 -31.88 4.04 27.51
CA LYS U 172 -31.02 4.04 28.67
C LYS U 172 -31.09 5.42 29.31
N MET V 1 -64.69 42.62 -20.03
CA MET V 1 -64.45 42.30 -18.64
C MET V 1 -62.98 42.46 -18.25
N SER V 2 -62.47 41.55 -17.43
CA SER V 2 -61.10 41.63 -16.92
C SER V 2 -60.12 41.16 -18.00
N ILE V 3 -58.86 40.94 -17.61
CA ILE V 3 -57.78 40.88 -18.57
C ILE V 3 -57.02 39.55 -18.52
N SER V 4 -55.97 39.47 -19.32
CA SER V 4 -55.24 38.23 -19.58
C SER V 4 -53.75 38.58 -19.67
N ASP V 5 -52.98 37.72 -20.35
CA ASP V 5 -51.57 37.97 -20.63
C ASP V 5 -51.28 39.40 -21.06
N THR V 6 -52.30 40.08 -21.59
CA THR V 6 -52.21 41.51 -21.85
C THR V 6 -51.70 42.31 -20.66
N GLN V 7 -51.83 41.77 -19.43
CA GLN V 7 -51.19 42.45 -18.31
C GLN V 7 -49.69 42.19 -18.26
N VAL V 8 -49.24 41.00 -18.66
CA VAL V 8 -47.82 40.82 -18.90
C VAL V 8 -47.34 41.79 -19.97
N PHE V 9 -48.19 42.05 -20.96
CA PHE V 9 -47.91 43.06 -21.97
C PHE V 9 -47.67 44.43 -21.34
N VAL V 10 -48.66 44.94 -20.61
CA VAL V 10 -48.51 46.29 -20.07
C VAL V 10 -47.33 46.35 -19.11
N ALA V 11 -46.96 45.22 -18.51
CA ALA V 11 -45.68 45.18 -17.81
C ALA V 11 -44.51 45.32 -18.78
N LEU V 12 -44.61 44.71 -19.97
CA LEU V 12 -43.52 44.73 -20.93
C LEU V 12 -43.27 46.12 -21.50
N VAL V 13 -44.30 46.97 -21.56
CA VAL V 13 -44.07 48.32 -22.09
C VAL V 13 -43.14 49.08 -21.16
N ILE V 14 -43.13 48.73 -19.87
CA ILE V 14 -42.24 49.32 -18.89
C ILE V 14 -40.91 48.59 -18.97
N ALA V 15 -39.90 49.10 -18.29
CA ALA V 15 -38.55 48.55 -18.12
C ALA V 15 -37.68 48.80 -19.35
N LEU V 16 -38.22 49.34 -20.43
CA LEU V 16 -37.37 49.92 -21.46
C LEU V 16 -37.61 51.41 -21.61
N ILE V 17 -38.83 51.85 -21.89
CA ILE V 17 -39.03 53.28 -22.05
C ILE V 17 -38.91 53.93 -20.68
N PRO V 18 -39.87 53.70 -19.76
CA PRO V 18 -39.80 54.46 -18.50
C PRO V 18 -38.62 54.05 -17.66
N GLY V 19 -38.29 52.77 -17.64
CA GLY V 19 -37.19 52.27 -16.83
C GLY V 19 -35.87 52.96 -17.10
N VAL V 20 -35.26 52.73 -18.26
CA VAL V 20 -33.95 53.32 -18.45
C VAL V 20 -34.04 54.80 -18.78
N LEU V 21 -35.21 55.31 -19.21
CA LEU V 21 -35.33 56.75 -19.31
C LEU V 21 -35.16 57.41 -17.95
N ALA V 22 -35.87 56.91 -16.93
CA ALA V 22 -35.68 57.42 -15.58
C ALA V 22 -34.28 57.12 -15.08
N PHE V 23 -33.70 55.98 -15.47
CA PHE V 23 -32.33 55.68 -15.07
C PHE V 23 -31.37 56.75 -15.55
N ARG V 24 -31.50 57.17 -16.81
CA ARG V 24 -30.63 58.22 -17.33
C ARG V 24 -30.92 59.55 -16.65
N LEU V 25 -32.20 59.90 -16.52
CA LEU V 25 -32.54 61.15 -15.85
C LEU V 25 -32.06 61.17 -14.42
N ALA V 26 -31.80 60.00 -13.83
CA ALA V 26 -31.19 59.96 -12.52
C ALA V 26 -29.68 60.14 -12.61
N THR V 27 -29.02 59.27 -13.35
CA THR V 27 -27.56 59.27 -13.39
C THR V 27 -26.99 60.46 -14.06
N GLU V 28 -27.80 61.36 -14.63
CA GLU V 28 -27.24 62.58 -15.19
C GLU V 28 -26.47 63.40 -14.16
N LEU V 29 -26.90 63.40 -12.90
CA LEU V 29 -26.40 64.36 -11.92
C LEU V 29 -25.27 63.82 -11.07
N TYR V 30 -24.48 62.88 -11.60
CA TYR V 30 -23.15 62.57 -11.09
C TYR V 30 -23.19 62.15 -9.61
N LYS V 31 -23.75 60.97 -9.40
CA LYS V 31 -23.76 60.29 -8.10
C LYS V 31 -22.63 60.72 -7.16
N SER W 25 48.20 -36.76 97.20
CA SER W 25 48.52 -36.22 95.89
C SER W 25 47.26 -35.75 95.20
N PHE W 26 46.76 -34.59 95.65
CA PHE W 26 45.51 -34.02 95.16
C PHE W 26 45.59 -32.50 95.00
N GLU W 27 46.78 -31.93 95.04
CA GLU W 27 46.98 -30.50 95.05
C GLU W 27 46.93 -29.85 93.67
N LYS W 28 46.37 -30.49 92.64
CA LYS W 28 46.70 -30.09 91.26
C LYS W 28 45.51 -29.83 90.34
N TRP W 29 44.32 -30.38 90.61
CA TRP W 29 43.22 -30.25 89.67
C TRP W 29 42.73 -28.81 89.55
N GLY W 30 42.35 -28.19 90.66
CA GLY W 30 41.75 -26.88 90.65
C GLY W 30 42.69 -25.75 90.31
N GLN W 31 43.47 -25.93 89.24
CA GLN W 31 44.36 -24.92 88.70
C GLN W 31 44.09 -24.83 87.20
N PRO W 32 42.90 -24.35 86.82
CA PRO W 32 42.46 -24.45 85.42
C PRO W 32 43.41 -23.74 84.46
N GLY W 33 43.18 -23.99 83.17
CA GLY W 33 44.10 -23.52 82.16
C GLY W 33 45.49 -24.10 82.31
N HIS W 34 45.60 -25.31 82.87
CA HIS W 34 46.92 -25.90 83.08
C HIS W 34 47.62 -26.17 81.77
N PHE W 35 46.87 -26.36 80.68
CA PHE W 35 47.47 -26.70 79.40
C PHE W 35 47.67 -25.51 78.47
N ASP W 36 47.02 -24.39 78.74
CA ASP W 36 47.20 -23.19 77.93
C ASP W 36 47.75 -22.04 78.77
N ARG W 37 48.69 -21.30 78.18
CA ARG W 37 49.33 -20.20 78.87
C ARG W 37 48.50 -18.93 78.86
N THR W 38 47.59 -18.79 77.91
CA THR W 38 46.81 -17.56 77.77
C THR W 38 45.61 -17.54 78.72
N LEU W 39 44.74 -18.54 78.60
CA LEU W 39 43.55 -18.60 79.44
C LEU W 39 43.85 -19.11 80.85
N ALA W 40 45.12 -19.30 81.20
CA ALA W 40 45.47 -19.68 82.56
C ALA W 40 45.42 -18.53 83.54
N LYS W 41 45.48 -17.29 83.06
CA LYS W 41 45.61 -16.15 83.97
C LYS W 41 44.32 -15.90 84.75
N GLY W 42 43.22 -15.61 84.04
CA GLY W 42 41.99 -15.29 84.70
C GLY W 42 40.83 -15.03 83.77
N PRO W 43 39.61 -15.25 84.25
CA PRO W 43 38.42 -15.04 83.43
C PRO W 43 37.97 -13.59 83.38
N LYS W 44 38.52 -12.81 82.44
CA LYS W 44 38.09 -11.44 82.26
C LYS W 44 36.59 -11.36 81.99
N THR W 45 36.15 -11.96 80.89
CA THR W 45 34.72 -12.01 80.57
C THR W 45 34.27 -13.45 80.37
N THR W 46 33.00 -13.64 80.01
CA THR W 46 32.46 -15.00 79.86
C THR W 46 33.16 -15.77 78.76
N THR W 47 33.82 -15.08 77.83
CA THR W 47 34.53 -15.77 76.75
C THR W 47 35.52 -16.79 77.32
N TRP W 48 36.18 -16.43 78.43
CA TRP W 48 37.17 -17.32 79.03
C TRP W 48 36.56 -18.67 79.38
N ILE W 49 35.26 -18.71 79.69
CA ILE W 49 34.61 -19.98 79.97
C ILE W 49 34.55 -20.82 78.70
N TRP W 50 34.09 -20.21 77.61
CA TRP W 50 33.78 -20.98 76.41
C TRP W 50 35.01 -21.73 75.89
N ASN W 51 36.10 -21.01 75.66
CA ASN W 51 37.31 -21.64 75.15
C ASN W 51 37.81 -22.74 76.08
N LEU W 52 37.44 -22.70 77.36
CA LEU W 52 37.87 -23.76 78.27
C LEU W 52 37.40 -25.12 77.80
N HIS W 53 36.22 -25.20 77.22
CA HIS W 53 35.69 -26.46 76.72
C HIS W 53 36.02 -26.68 75.26
N ALA W 54 36.92 -25.90 74.69
CA ALA W 54 37.20 -25.96 73.26
C ALA W 54 38.60 -26.44 72.92
N LEU W 55 39.59 -26.17 73.77
CA LEU W 55 40.98 -26.52 73.50
C LEU W 55 41.54 -27.53 74.48
N ALA W 56 40.66 -28.35 75.08
CA ALA W 56 41.07 -29.29 76.10
C ALA W 56 41.71 -30.55 75.54
N HIS W 57 41.70 -30.75 74.22
CA HIS W 57 42.20 -32.00 73.67
C HIS W 57 43.16 -31.85 72.50
N ASP W 58 43.09 -30.77 71.73
CA ASP W 58 43.99 -30.60 70.59
C ASP W 58 45.39 -30.23 71.07
N PHE W 59 46.07 -31.16 71.74
CA PHE W 59 47.37 -30.81 72.28
C PHE W 59 48.44 -30.72 71.23
N ASP W 60 48.12 -30.98 69.97
CA ASP W 60 49.01 -30.55 68.89
C ASP W 60 49.12 -29.04 68.85
N THR W 61 48.16 -28.33 69.46
CA THR W 61 48.20 -26.90 69.61
C THR W 61 48.86 -26.46 70.91
N HIS W 62 49.69 -27.31 71.51
CA HIS W 62 50.34 -27.03 72.77
C HIS W 62 51.86 -26.97 72.64
N THR W 63 52.46 -27.87 71.87
CA THR W 63 53.90 -27.88 71.65
C THR W 63 54.16 -28.41 70.25
N SER W 64 55.43 -28.68 69.95
CA SER W 64 55.85 -29.33 68.72
C SER W 64 56.29 -30.77 68.93
N ASP W 65 56.41 -31.21 70.18
CA ASP W 65 56.87 -32.55 70.47
C ASP W 65 55.77 -33.57 70.15
N LEU W 66 56.17 -34.83 70.02
CA LEU W 66 55.25 -35.86 69.58
C LEU W 66 55.09 -37.02 70.55
N GLU W 67 56.16 -37.40 71.28
CA GLU W 67 56.05 -38.50 72.23
C GLU W 67 54.96 -38.21 73.26
N ASP W 68 54.91 -36.98 73.75
CA ASP W 68 53.85 -36.57 74.65
C ASP W 68 52.47 -36.76 74.02
N ILE W 69 52.33 -36.34 72.77
CA ILE W 69 51.07 -36.50 72.06
C ILE W 69 50.65 -37.97 72.04
N SER W 70 51.58 -38.83 71.63
CA SER W 70 51.27 -40.25 71.52
C SER W 70 50.88 -40.83 72.87
N ARG W 71 51.59 -40.45 73.93
CA ARG W 71 51.25 -40.95 75.26
C ARG W 71 49.85 -40.51 75.67
N LYS W 72 49.50 -39.25 75.41
CA LYS W 72 48.15 -38.78 75.70
C LYS W 72 47.11 -39.61 74.95
N ILE W 73 47.39 -39.90 73.67
CA ILE W 73 46.44 -40.67 72.88
C ILE W 73 46.26 -42.07 73.47
N PHE W 74 47.36 -42.68 73.90
CA PHE W 74 47.27 -44.01 74.51
C PHE W 74 46.38 -43.97 75.74
N ALA W 75 46.64 -43.02 76.64
CA ALA W 75 45.87 -42.95 77.88
C ALA W 75 44.39 -42.69 77.60
N ALA W 76 44.11 -41.80 76.64
CA ALA W 76 42.71 -41.53 76.30
C ALA W 76 42.02 -42.77 75.76
N HIS W 77 42.73 -43.53 74.92
CA HIS W 77 42.16 -44.77 74.41
C HIS W 77 41.83 -45.72 75.55
N PHE W 78 42.76 -45.85 76.51
CA PHE W 78 42.50 -46.71 77.66
C PHE W 78 41.26 -46.27 78.41
N GLY W 79 41.12 -44.95 78.62
CA GLY W 79 39.94 -44.46 79.32
C GLY W 79 38.64 -44.78 78.59
N GLN W 80 38.65 -44.62 77.27
CA GLN W 80 37.47 -44.97 76.48
C GLN W 80 37.14 -46.45 76.63
N LEU W 81 38.16 -47.31 76.56
CA LEU W 81 37.91 -48.73 76.78
C LEU W 81 37.34 -48.99 78.16
N ALA W 82 37.82 -48.25 79.17
CA ALA W 82 37.33 -48.45 80.53
C ALA W 82 35.85 -48.13 80.63
N VAL W 83 35.42 -47.00 80.05
CA VAL W 83 34.00 -46.68 80.11
C VAL W 83 33.20 -47.71 79.31
N ILE W 84 33.80 -48.25 78.24
CA ILE W 84 33.15 -49.31 77.48
C ILE W 84 32.83 -50.49 78.40
N PHE W 85 33.86 -51.01 79.05
CA PHE W 85 33.68 -52.16 79.94
C PHE W 85 32.64 -51.84 81.02
N LEU W 86 32.75 -50.65 81.61
CA LEU W 86 31.83 -50.26 82.67
C LEU W 86 30.39 -50.35 82.20
N TRP W 87 30.07 -49.69 81.08
CA TRP W 87 28.68 -49.63 80.67
C TRP W 87 28.17 -50.99 80.23
N LEU W 88 29.01 -51.81 79.58
CA LEU W 88 28.51 -53.11 79.17
C LEU W 88 28.25 -54.01 80.37
N SER W 89 29.13 -53.98 81.37
CA SER W 89 28.90 -54.80 82.56
C SER W 89 27.68 -54.33 83.34
N GLY W 90 27.50 -53.02 83.45
CA GLY W 90 26.30 -52.51 84.11
C GLY W 90 25.03 -52.87 83.39
N MET W 91 25.04 -52.84 82.06
CA MET W 91 23.86 -53.25 81.30
C MET W 91 23.57 -54.72 81.52
N GLU W 92 24.61 -55.55 81.52
CA GLU W 92 24.43 -56.93 81.95
C GLU W 92 23.70 -56.98 83.28
N PHE W 93 24.29 -56.36 84.31
CA PHE W 93 23.75 -56.45 85.67
C PHE W 93 22.26 -56.09 85.70
N HIS W 94 21.88 -55.04 84.97
CA HIS W 94 20.46 -54.75 84.83
C HIS W 94 19.73 -55.92 84.18
N GLY W 95 20.36 -56.54 83.19
CA GLY W 95 19.75 -57.69 82.54
C GLY W 95 19.59 -58.89 83.44
N ALA W 96 20.33 -58.93 84.55
CA ALA W 96 20.30 -60.08 85.44
C ALA W 96 19.26 -59.95 86.55
N ARG W 97 19.14 -58.76 87.13
CA ARG W 97 18.29 -58.55 88.30
C ARG W 97 16.97 -57.87 88.00
N PHE W 98 16.81 -57.28 86.81
CA PHE W 98 15.61 -56.52 86.53
C PHE W 98 15.06 -56.77 85.12
N SER W 99 15.41 -57.90 84.52
CA SER W 99 14.99 -58.22 83.16
C SER W 99 14.33 -59.59 83.16
N ASN W 100 13.21 -59.70 82.44
CA ASN W 100 12.48 -60.95 82.39
C ASN W 100 13.11 -61.91 81.39
N TYR W 101 14.41 -62.16 81.50
CA TYR W 101 15.08 -63.05 80.56
C TYR W 101 14.71 -64.50 80.83
N GLU W 102 15.02 -64.99 82.04
CA GLU W 102 14.88 -66.40 82.34
C GLU W 102 13.43 -66.87 82.31
N ALA W 103 12.46 -65.96 82.35
CA ALA W 103 11.08 -66.33 82.06
C ALA W 103 10.82 -66.31 80.57
N TRP W 104 11.35 -65.30 79.87
CA TRP W 104 11.28 -65.24 78.42
C TRP W 104 12.13 -66.34 77.77
N LEU W 105 13.01 -67.00 78.54
CA LEU W 105 13.80 -68.10 78.02
C LEU W 105 12.92 -69.17 77.40
N SER W 106 12.02 -69.75 78.19
CA SER W 106 11.23 -70.88 77.72
C SER W 106 10.30 -70.50 76.57
N ASP W 107 9.94 -69.22 76.46
CA ASP W 107 9.08 -68.75 75.38
C ASP W 107 9.61 -67.43 74.86
N PRO W 108 10.30 -67.44 73.71
CA PRO W 108 10.74 -66.18 73.09
C PRO W 108 9.71 -65.53 72.19
N ILE W 109 8.52 -66.12 72.04
CA ILE W 109 7.50 -65.59 71.15
C ILE W 109 6.44 -64.86 71.96
N GLY W 110 5.76 -65.59 72.84
CA GLY W 110 4.67 -65.03 73.62
C GLY W 110 5.09 -64.08 74.72
N ILE W 111 6.37 -63.74 74.81
CA ILE W 111 6.87 -62.80 75.81
C ILE W 111 7.74 -61.77 75.10
N LYS W 112 7.60 -60.50 75.49
CA LYS W 112 8.39 -59.42 74.92
C LYS W 112 9.42 -58.97 75.95
N PRO W 113 10.71 -59.08 75.67
CA PRO W 113 11.72 -58.76 76.69
C PRO W 113 11.60 -57.33 77.18
N SER W 114 12.14 -57.10 78.38
CA SER W 114 12.04 -55.79 79.02
C SER W 114 13.17 -55.65 80.03
N ALA W 115 13.26 -54.47 80.61
CA ALA W 115 14.26 -54.14 81.63
C ALA W 115 13.85 -52.81 82.26
N GLN W 116 14.72 -52.29 83.12
CA GLN W 116 14.58 -50.95 83.71
C GLN W 116 13.18 -50.75 84.30
N VAL W 117 12.91 -51.51 85.36
CA VAL W 117 11.61 -51.44 86.01
C VAL W 117 11.38 -50.05 86.56
N VAL W 118 10.13 -49.61 86.51
CA VAL W 118 9.77 -48.23 86.83
C VAL W 118 9.73 -48.05 88.35
N TRP W 119 10.19 -46.89 88.81
CA TRP W 119 10.23 -46.62 90.25
C TRP W 119 8.88 -46.10 90.73
N PRO W 120 8.26 -46.73 91.72
CA PRO W 120 6.85 -46.44 92.09
C PRO W 120 6.67 -45.17 92.92
N ILE W 121 6.76 -44.02 92.26
CA ILE W 121 6.45 -42.74 92.88
C ILE W 121 5.48 -41.97 91.97
N VAL W 122 5.14 -40.76 92.39
CA VAL W 122 4.23 -39.93 91.62
C VAL W 122 4.88 -39.58 90.29
N GLY W 123 4.21 -39.89 89.19
CA GLY W 123 4.67 -39.52 87.87
C GLY W 123 5.07 -40.71 87.03
N GLN W 124 5.78 -41.66 87.63
CA GLN W 124 6.13 -42.90 86.95
C GLN W 124 5.63 -44.05 87.80
N ASP W 125 4.36 -44.33 87.66
CA ASP W 125 3.71 -45.50 88.26
C ASP W 125 2.85 -46.24 87.25
N ILE W 126 2.19 -45.50 86.36
CA ILE W 126 1.37 -46.09 85.31
C ILE W 126 2.21 -46.67 84.18
N LEU W 127 3.52 -46.43 84.18
CA LEU W 127 4.38 -46.85 83.08
C LEU W 127 4.88 -48.28 83.24
N ASN W 128 4.18 -49.12 84.00
CA ASN W 128 4.64 -50.48 84.24
C ASN W 128 4.48 -51.27 82.95
N ALA W 129 5.58 -51.45 82.22
CA ALA W 129 5.52 -52.25 80.99
C ALA W 129 5.39 -53.71 81.36
N ASP W 130 4.16 -54.20 81.49
CA ASP W 130 3.91 -55.58 81.82
C ASP W 130 3.92 -56.42 80.56
N VAL W 131 4.81 -57.42 80.52
CA VAL W 131 5.05 -58.19 79.31
C VAL W 131 4.72 -59.66 79.56
N GLY W 132 3.71 -59.90 80.39
CA GLY W 132 3.33 -61.25 80.73
C GLY W 132 4.14 -61.78 81.90
N GLY W 133 3.54 -62.68 82.68
CA GLY W 133 4.20 -63.15 83.88
C GLY W 133 4.31 -62.11 84.97
N GLY W 134 3.51 -61.05 84.90
CA GLY W 134 3.54 -59.99 85.89
C GLY W 134 4.75 -59.09 85.85
N PHE W 135 5.72 -59.37 84.99
CA PHE W 135 6.95 -58.58 84.95
C PHE W 135 6.67 -57.22 84.33
N HIS W 136 6.65 -56.19 85.16
CA HIS W 136 6.49 -54.82 84.68
C HIS W 136 7.85 -54.27 84.25
N GLY W 137 7.88 -52.97 83.95
CA GLY W 137 9.15 -52.31 83.67
C GLY W 137 9.16 -51.43 82.43
N ILE W 138 10.07 -51.74 81.51
CA ILE W 138 10.21 -50.99 80.26
C ILE W 138 10.50 -51.99 79.15
N GLN W 139 9.60 -52.08 78.16
CA GLN W 139 9.76 -52.99 77.03
C GLN W 139 10.89 -52.48 76.14
N ILE W 140 12.07 -53.07 76.28
CA ILE W 140 13.25 -52.59 75.59
C ILE W 140 13.27 -53.10 74.16
N THR W 141 14.09 -52.46 73.33
CA THR W 141 14.35 -52.95 71.97
C THR W 141 15.84 -52.75 71.69
N SER W 142 16.63 -53.73 72.08
CA SER W 142 18.03 -53.80 71.66
C SER W 142 18.50 -55.22 71.42
N GLY W 143 17.65 -56.22 71.59
CA GLY W 143 17.95 -57.59 71.19
C GLY W 143 19.19 -58.21 71.81
N LEU W 144 19.52 -57.83 73.05
CA LEU W 144 20.64 -58.50 73.71
C LEU W 144 20.28 -59.93 74.08
N PHE W 145 19.02 -60.18 74.45
CA PHE W 145 18.56 -61.53 74.72
C PHE W 145 18.77 -62.44 73.51
N GLN W 146 18.73 -61.88 72.30
CA GLN W 146 19.03 -62.67 71.11
C GLN W 146 20.44 -63.23 71.19
N VAL W 147 21.42 -62.39 71.54
CA VAL W 147 22.74 -62.90 71.86
C VAL W 147 22.63 -63.92 72.99
N TRP W 148 21.81 -63.62 73.99
CA TRP W 148 21.57 -64.52 75.09
C TRP W 148 20.63 -65.66 74.74
N ARG W 149 20.19 -65.75 73.49
CA ARG W 149 19.60 -66.99 72.98
C ARG W 149 20.60 -67.81 72.17
N ALA W 150 21.75 -67.22 71.83
CA ALA W 150 22.82 -67.95 71.16
C ALA W 150 23.93 -68.34 72.10
N ALA W 151 24.28 -67.46 73.05
CA ALA W 151 25.29 -67.80 74.04
C ALA W 151 24.83 -68.86 75.01
N GLY W 152 23.54 -69.22 75.00
CA GLY W 152 23.04 -70.25 75.90
C GLY W 152 23.17 -69.88 77.36
N PHE W 153 22.41 -68.88 77.80
CA PHE W 153 22.52 -68.33 79.14
C PHE W 153 21.34 -68.81 79.98
N THR W 154 21.63 -69.56 81.04
CA THR W 154 20.61 -70.16 81.89
C THR W 154 20.30 -69.32 83.12
N ASN W 155 21.30 -69.10 83.99
CA ASN W 155 21.11 -68.43 85.26
C ASN W 155 21.82 -67.09 85.28
N SER W 156 21.25 -66.15 86.03
CA SER W 156 21.78 -64.78 86.06
C SER W 156 23.02 -64.64 86.93
N PHE W 157 23.36 -65.63 87.74
CA PHE W 157 24.53 -65.50 88.60
C PHE W 157 25.82 -65.52 87.78
N GLN W 158 25.92 -66.42 86.80
CA GLN W 158 27.06 -66.39 85.90
C GLN W 158 27.17 -65.03 85.24
N LEU W 159 26.04 -64.44 84.88
CA LEU W 159 26.03 -63.10 84.30
C LEU W 159 26.54 -62.06 85.29
N TYR W 160 26.13 -62.19 86.56
CA TYR W 160 26.66 -61.35 87.63
C TYR W 160 28.19 -61.40 87.65
N VAL W 161 28.75 -62.61 87.61
CA VAL W 161 30.19 -62.77 87.55
C VAL W 161 30.76 -62.11 86.30
N THR W 162 30.01 -62.18 85.19
CA THR W 162 30.49 -61.56 83.96
C THR W 162 30.63 -60.06 84.11
N ALA W 163 29.63 -59.42 84.71
CA ALA W 163 29.73 -57.98 84.94
C ALA W 163 30.90 -57.66 85.85
N ILE W 164 31.09 -58.47 86.90
CA ILE W 164 32.21 -58.24 87.80
C ILE W 164 33.52 -58.30 87.04
N GLY W 165 33.67 -59.29 86.16
CA GLY W 165 34.88 -59.38 85.36
C GLY W 165 35.06 -58.17 84.45
N GLY W 166 33.98 -57.74 83.81
CA GLY W 166 34.08 -56.58 82.94
C GLY W 166 34.55 -55.35 83.67
N LEU W 167 33.96 -55.08 84.83
CA LEU W 167 34.32 -53.87 85.57
C LEU W 167 35.73 -53.96 86.14
N VAL W 168 36.14 -55.15 86.60
CA VAL W 168 37.49 -55.25 87.13
C VAL W 168 38.51 -55.09 86.02
N ALA W 169 38.21 -55.61 84.82
CA ALA W 169 39.13 -55.41 83.71
C ALA W 169 39.19 -53.93 83.31
N ALA W 170 38.04 -53.25 83.36
CA ALA W 170 38.04 -51.81 83.13
C ALA W 170 39.00 -51.10 84.07
N ALA W 171 38.80 -51.29 85.37
CA ALA W 171 39.68 -50.66 86.35
C ALA W 171 41.13 -51.07 86.13
N LEU W 172 41.34 -52.32 85.73
CA LEU W 172 42.68 -52.84 85.54
C LEU W 172 43.40 -52.08 84.43
N MET W 173 42.78 -51.98 83.26
CA MET W 173 43.45 -51.30 82.16
C MET W 173 43.50 -49.78 82.37
N LEU W 174 42.59 -49.23 83.17
CA LEU W 174 42.74 -47.83 83.55
C LEU W 174 43.99 -47.62 84.39
N PHE W 175 44.17 -48.46 85.41
CA PHE W 175 45.40 -48.45 86.18
C PHE W 175 46.61 -48.63 85.28
N ALA W 176 46.48 -49.48 84.26
CA ALA W 176 47.57 -49.70 83.31
C ALA W 176 47.90 -48.41 82.57
N GLY W 177 46.87 -47.67 82.16
CA GLY W 177 47.12 -46.39 81.51
C GLY W 177 47.83 -45.43 82.44
N TRP W 178 47.36 -45.33 83.68
CA TRP W 178 48.05 -44.48 84.64
C TRP W 178 49.52 -44.85 84.75
N PHE W 179 49.80 -46.16 84.86
CA PHE W 179 51.18 -46.60 85.00
C PHE W 179 52.00 -46.24 83.77
N HIS W 180 51.51 -46.61 82.59
CA HIS W 180 52.24 -46.37 81.35
C HIS W 180 52.31 -44.89 80.99
N TYR W 181 51.64 -44.01 81.73
CA TYR W 181 51.90 -42.58 81.54
C TYR W 181 52.76 -41.96 82.64
N HIS W 182 52.61 -42.40 83.89
CA HIS W 182 53.26 -41.73 85.00
C HIS W 182 54.56 -42.38 85.46
N LYS W 183 54.72 -43.69 85.21
CA LYS W 183 55.90 -44.40 85.68
C LYS W 183 56.80 -44.84 84.52
N ARG W 184 56.27 -45.62 83.59
CA ARG W 184 57.05 -46.16 82.47
C ARG W 184 56.31 -45.84 81.17
N ALA W 185 56.71 -44.75 80.53
CA ALA W 185 56.03 -44.42 79.29
C ALA W 185 56.87 -44.84 78.09
N PRO W 186 56.23 -45.30 77.02
CA PRO W 186 56.99 -45.79 75.86
C PRO W 186 57.78 -44.69 75.18
N LYS W 187 58.74 -45.12 74.37
CA LYS W 187 59.66 -44.22 73.68
C LYS W 187 59.10 -43.86 72.31
N LEU W 188 59.94 -43.25 71.46
CA LEU W 188 59.45 -42.62 70.25
C LEU W 188 59.54 -43.54 69.02
N GLU W 189 60.67 -44.21 68.80
CA GLU W 189 60.71 -45.24 67.75
C GLU W 189 59.66 -46.33 67.94
N TRP W 190 59.07 -46.43 69.12
CA TRP W 190 57.99 -47.38 69.32
C TRP W 190 56.75 -47.05 68.47
N PHE W 191 56.74 -45.91 67.79
CA PHE W 191 55.54 -45.52 67.03
C PHE W 191 55.50 -46.20 65.67
N GLN W 192 56.46 -45.89 64.80
CA GLN W 192 56.29 -46.06 63.36
C GLN W 192 56.79 -47.41 62.86
N ASN W 193 56.42 -48.51 63.51
CA ASN W 193 56.56 -49.83 62.90
C ASN W 193 55.17 -50.29 62.47
N ALA W 194 54.69 -49.71 61.38
CA ALA W 194 53.40 -50.13 60.84
C ALA W 194 53.44 -51.57 60.36
N GLU W 195 54.63 -52.07 60.01
CA GLU W 195 54.77 -53.45 59.56
C GLU W 195 54.39 -54.42 60.66
N SER W 196 55.12 -54.37 61.79
CA SER W 196 54.77 -55.21 62.92
C SER W 196 53.37 -54.91 63.42
N MET W 197 52.94 -53.65 63.34
CA MET W 197 51.57 -53.29 63.68
C MET W 197 50.58 -54.15 62.91
N LEU W 198 50.66 -54.10 61.58
CA LEU W 198 49.75 -54.87 60.75
C LEU W 198 49.87 -56.36 61.03
N ASN W 199 51.10 -56.86 61.11
CA ASN W 199 51.30 -58.29 61.34
C ASN W 199 50.62 -58.72 62.63
N HIS W 200 51.04 -58.15 63.75
CA HIS W 200 50.48 -58.48 65.05
C HIS W 200 48.97 -58.37 65.05
N HIS W 201 48.44 -57.20 64.66
CA HIS W 201 47.00 -57.01 64.74
C HIS W 201 46.28 -58.02 63.83
N LEU W 202 46.48 -57.87 62.51
CA LEU W 202 45.87 -58.74 61.53
C LEU W 202 45.87 -60.19 61.95
N ALA W 203 47.03 -60.71 62.32
CA ALA W 203 47.11 -62.14 62.65
C ALA W 203 46.67 -62.40 64.08
N GLY W 204 47.46 -61.93 65.05
CA GLY W 204 47.23 -62.33 66.42
C GLY W 204 45.88 -61.88 66.95
N LEU W 205 45.56 -60.59 66.81
CA LEU W 205 44.31 -60.10 67.34
C LEU W 205 43.13 -60.80 66.68
N LEU W 206 42.97 -60.58 65.37
CA LEU W 206 41.75 -60.98 64.69
C LEU W 206 41.64 -62.50 64.61
N GLY W 207 42.68 -63.17 64.11
CA GLY W 207 42.57 -64.60 63.90
C GLY W 207 42.43 -65.38 65.19
N LEU W 208 43.21 -65.03 66.21
CA LEU W 208 43.16 -65.78 67.44
C LEU W 208 41.84 -65.54 68.17
N GLY W 209 41.37 -64.29 68.22
CA GLY W 209 40.07 -64.04 68.82
C GLY W 209 38.95 -64.76 68.10
N CYS W 210 38.99 -64.73 66.76
CA CYS W 210 37.91 -65.35 65.99
C CYS W 210 37.91 -66.86 66.16
N LEU W 211 39.09 -67.49 66.12
CA LEU W 211 39.15 -68.94 66.27
C LEU W 211 38.80 -69.35 67.70
N SER W 212 39.14 -68.52 68.68
CA SER W 212 38.73 -68.81 70.06
C SER W 212 37.21 -68.74 70.19
N TRP W 213 36.59 -67.73 69.59
CA TRP W 213 35.14 -67.64 69.65
C TRP W 213 34.48 -68.79 68.92
N ALA W 214 35.06 -69.23 67.81
CA ALA W 214 34.53 -70.41 67.12
C ALA W 214 34.63 -71.64 67.98
N GLY W 215 35.77 -71.82 68.67
CA GLY W 215 35.90 -72.93 69.58
C GLY W 215 34.86 -72.90 70.69
N HIS W 216 34.60 -71.71 71.23
CA HIS W 216 33.50 -71.58 72.18
C HIS W 216 32.18 -71.99 71.57
N GLN W 217 31.92 -71.55 70.33
CA GLN W 217 30.68 -71.87 69.66
C GLN W 217 30.47 -73.38 69.57
N ILE W 218 31.41 -74.09 68.95
CA ILE W 218 31.21 -75.51 68.71
C ILE W 218 31.08 -76.27 70.02
N HIS W 219 31.76 -75.82 71.07
CA HIS W 219 31.73 -76.56 72.32
C HIS W 219 30.41 -76.39 73.06
N VAL W 220 29.82 -75.19 73.00
CA VAL W 220 28.69 -74.85 73.86
C VAL W 220 27.48 -74.40 73.05
N ALA W 221 27.69 -73.55 72.05
CA ALA W 221 26.58 -72.87 71.39
C ALA W 221 25.62 -73.85 70.73
N LEU W 222 26.08 -74.52 69.67
CA LEU W 222 25.22 -75.46 68.97
C LEU W 222 24.75 -76.63 69.83
N PRO W 223 25.51 -77.13 70.81
CA PRO W 223 24.93 -78.11 71.74
C PRO W 223 23.66 -77.61 72.41
N VAL W 224 23.70 -76.47 73.08
CA VAL W 224 22.49 -75.97 73.70
C VAL W 224 21.45 -75.56 72.67
N ASN W 225 21.88 -75.23 71.45
CA ASN W 225 20.90 -74.92 70.39
C ASN W 225 20.09 -76.16 70.03
N LYS W 226 20.77 -77.26 69.71
CA LYS W 226 20.16 -78.58 69.71
C LYS W 226 19.20 -78.72 70.89
N LEU W 227 19.68 -78.40 72.09
CA LEU W 227 18.88 -78.60 73.29
C LEU W 227 17.77 -77.56 73.45
N LEU W 228 17.64 -76.61 72.53
CA LEU W 228 16.55 -75.65 72.54
C LEU W 228 15.52 -75.91 71.45
N ASP W 229 15.34 -77.16 71.04
CA ASP W 229 14.38 -77.49 70.00
C ASP W 229 13.02 -77.93 70.55
N ALA W 230 12.99 -78.55 71.73
CA ALA W 230 11.75 -79.13 72.23
C ALA W 230 11.53 -78.97 73.73
N GLY W 231 12.21 -78.05 74.41
CA GLY W 231 12.01 -77.92 75.84
C GLY W 231 12.75 -79.00 76.62
N VAL W 232 14.08 -78.92 76.60
CA VAL W 232 14.92 -80.00 77.08
C VAL W 232 15.48 -79.63 78.45
N ALA W 233 14.70 -78.87 79.22
CA ALA W 233 15.02 -78.53 80.61
C ALA W 233 16.32 -77.72 80.68
N PRO W 234 16.25 -76.42 80.32
CA PRO W 234 17.47 -75.62 80.14
C PRO W 234 18.48 -75.68 81.28
N LYS W 235 18.06 -75.34 82.49
CA LYS W 235 18.98 -75.39 83.63
C LYS W 235 19.45 -76.82 83.88
N ASP W 236 18.58 -77.80 83.64
CA ASP W 236 18.97 -79.19 83.83
C ASP W 236 20.04 -79.60 82.83
N ILE W 237 20.05 -78.97 81.66
CA ILE W 237 21.10 -79.22 80.67
C ILE W 237 22.46 -78.96 81.30
N PRO W 238 23.43 -79.85 81.13
CA PRO W 238 24.67 -79.75 81.90
C PRO W 238 25.45 -78.49 81.56
N LEU W 239 26.47 -78.26 82.35
CA LEU W 239 27.34 -77.11 82.26
C LEU W 239 28.59 -77.46 81.45
N PRO W 240 29.36 -76.46 81.00
CA PRO W 240 30.53 -76.78 80.15
C PRO W 240 31.53 -77.70 80.81
N HIS W 241 31.65 -77.65 82.14
CA HIS W 241 32.56 -78.56 82.83
C HIS W 241 32.17 -80.01 82.58
N GLU W 242 30.88 -80.27 82.39
CA GLU W 242 30.38 -81.58 82.01
C GLU W 242 30.68 -81.92 80.56
N PHE W 243 31.46 -81.10 79.86
CA PHE W 243 31.87 -81.39 78.50
C PHE W 243 33.34 -81.06 78.24
N ILE W 244 34.06 -80.54 79.21
CA ILE W 244 35.50 -80.27 79.03
C ILE W 244 36.23 -81.59 78.78
N LEU W 245 36.07 -82.54 79.69
CA LEU W 245 36.67 -83.86 79.54
C LEU W 245 35.65 -84.97 79.38
N ASN W 246 34.36 -84.65 79.48
CA ASN W 246 33.31 -85.64 79.28
C ASN W 246 32.93 -85.65 77.80
N ASN W 247 33.52 -86.59 77.07
CA ASN W 247 33.27 -86.71 75.64
C ASN W 247 32.13 -87.65 75.32
N SER W 248 31.50 -88.27 76.32
CA SER W 248 30.43 -89.22 76.08
C SER W 248 29.23 -88.54 75.44
N LEU W 249 28.68 -87.54 76.10
CA LEU W 249 27.60 -86.76 75.49
C LEU W 249 28.09 -86.08 74.22
N MET W 250 29.37 -85.71 74.17
CA MET W 250 29.94 -85.19 72.94
C MET W 250 30.05 -86.27 71.87
N ALA W 251 30.08 -87.54 72.28
CA ALA W 251 30.03 -88.64 71.33
C ALA W 251 28.62 -89.10 71.02
N GLU W 252 27.61 -88.61 71.74
CA GLU W 252 26.23 -88.91 71.40
C GLU W 252 25.94 -88.44 69.98
N LEU W 253 26.00 -87.14 69.76
CA LEU W 253 25.91 -86.59 68.43
C LEU W 253 27.29 -86.61 67.77
N TYR W 254 27.30 -86.51 66.45
CA TYR W 254 28.54 -86.38 65.69
C TYR W 254 29.46 -87.56 65.98
N PRO W 255 29.17 -88.75 65.44
CA PRO W 255 30.02 -89.92 65.73
C PRO W 255 31.50 -89.66 65.51
N SER W 256 31.86 -88.90 64.48
CA SER W 256 33.25 -88.48 64.32
C SER W 256 33.75 -87.67 65.50
N PHE W 257 32.85 -87.00 66.22
CA PHE W 257 33.21 -86.28 67.42
C PHE W 257 33.16 -87.21 68.63
N ALA W 258 33.94 -88.30 68.53
CA ALA W 258 34.14 -89.17 69.68
C ALA W 258 35.15 -88.54 70.64
N LYS W 259 36.39 -88.39 70.19
CA LYS W 259 37.25 -87.31 70.67
C LYS W 259 37.32 -86.20 69.63
N GLY W 260 37.89 -86.51 68.47
CA GLY W 260 37.57 -85.89 67.20
C GLY W 260 37.78 -86.96 66.16
N LEU W 261 38.19 -88.14 66.66
CA LEU W 261 38.89 -89.19 65.91
C LEU W 261 40.28 -88.70 65.53
N THR W 262 40.56 -87.42 65.83
CA THR W 262 41.74 -86.67 65.44
C THR W 262 42.27 -87.06 64.07
N PRO W 263 41.42 -87.11 63.03
CA PRO W 263 41.93 -87.47 61.70
C PRO W 263 42.75 -86.36 61.05
N PHE W 264 42.80 -85.18 61.67
CA PHE W 264 43.72 -84.15 61.21
C PHE W 264 45.16 -84.63 61.30
N TRP W 265 45.47 -85.49 62.26
CA TRP W 265 46.77 -86.15 62.25
C TRP W 265 46.97 -86.94 60.97
N THR W 266 45.89 -87.49 60.41
CA THR W 266 45.93 -88.26 59.18
C THR W 266 45.53 -87.44 57.97
N LEU W 267 45.39 -86.11 58.15
CA LEU W 267 45.09 -85.19 57.06
C LEU W 267 43.72 -85.45 56.44
N ASN W 268 42.96 -86.37 57.01
CA ASN W 268 41.63 -86.67 56.50
C ASN W 268 40.60 -85.84 57.25
N TRP W 269 39.73 -85.17 56.50
CA TRP W 269 38.71 -84.31 57.07
C TRP W 269 37.29 -84.73 56.66
N GLY W 270 37.15 -85.83 55.92
CA GLY W 270 35.83 -86.29 55.54
C GLY W 270 34.97 -86.73 56.70
N GLN W 271 35.59 -87.14 57.81
CA GLN W 271 34.83 -87.58 58.97
C GLN W 271 34.02 -86.44 59.58
N TYR W 272 34.55 -85.22 59.51
CA TYR W 272 34.00 -84.09 60.23
C TYR W 272 32.77 -83.48 59.56
N ALA W 273 32.11 -84.20 58.67
CA ALA W 273 30.93 -83.70 57.99
C ALA W 273 29.75 -83.53 58.94
N ASP W 274 29.95 -83.83 60.23
CA ASP W 274 28.86 -83.77 61.19
C ASP W 274 28.49 -82.33 61.51
N PHE W 275 29.42 -81.56 62.06
CA PHE W 275 29.17 -80.19 62.48
C PHE W 275 29.71 -79.15 61.51
N LEU W 276 30.90 -79.38 60.94
CA LEU W 276 31.56 -78.39 60.11
C LEU W 276 31.06 -78.57 58.68
N THR W 277 29.90 -77.98 58.41
CA THR W 277 29.20 -78.15 57.14
C THR W 277 29.00 -76.81 56.44
N PHE W 278 28.21 -76.84 55.38
CA PHE W 278 27.97 -75.68 54.52
C PHE W 278 26.54 -75.78 54.01
N LYS W 279 25.62 -75.10 54.68
CA LYS W 279 24.22 -75.09 54.28
C LYS W 279 23.82 -73.82 53.56
N GLY W 280 24.05 -72.66 54.17
CA GLY W 280 23.85 -71.38 53.51
C GLY W 280 22.41 -71.01 53.25
N GLY W 281 21.65 -70.76 54.30
CA GLY W 281 20.26 -70.35 54.14
C GLY W 281 19.60 -70.15 55.48
N LEU W 282 18.27 -70.18 55.45
CA LEU W 282 17.47 -69.98 56.66
C LEU W 282 17.15 -71.33 57.29
N ASN W 283 17.23 -71.38 58.63
CA ASN W 283 16.89 -72.57 59.39
C ASN W 283 15.57 -72.31 60.10
N PRO W 284 14.45 -72.83 59.61
CA PRO W 284 13.14 -72.42 60.15
C PRO W 284 12.87 -72.91 61.57
N VAL W 285 13.86 -73.53 62.21
CA VAL W 285 13.72 -73.96 63.60
C VAL W 285 14.51 -73.07 64.55
N THR W 286 15.19 -72.04 64.05
CA THR W 286 15.97 -71.14 64.90
C THR W 286 15.65 -69.66 64.74
N GLY W 287 14.81 -69.28 63.78
CA GLY W 287 14.60 -67.89 63.47
C GLY W 287 15.78 -67.19 62.86
N GLY W 288 16.92 -67.88 62.69
CA GLY W 288 18.08 -67.35 62.02
C GLY W 288 18.64 -68.38 61.07
N LEU W 289 19.92 -68.26 60.72
CA LEU W 289 20.53 -69.15 59.75
C LEU W 289 21.02 -70.42 60.44
N TRP W 290 21.79 -71.22 59.73
CA TRP W 290 22.39 -72.44 60.28
C TRP W 290 23.75 -72.08 60.87
N LEU W 291 23.88 -72.26 62.18
CA LEU W 291 25.04 -71.74 62.91
C LEU W 291 26.33 -72.44 62.51
N THR W 292 26.24 -73.68 62.03
CA THR W 292 27.42 -74.40 61.57
C THR W 292 28.13 -73.64 60.47
N ASP W 293 27.37 -73.05 59.56
CA ASP W 293 27.97 -72.23 58.51
C ASP W 293 28.75 -71.07 59.11
N THR W 294 28.21 -70.44 60.16
CA THR W 294 28.92 -69.33 60.79
C THR W 294 30.21 -69.82 61.44
N ALA W 295 30.17 -71.01 62.05
CA ALA W 295 31.36 -71.53 62.70
C ALA W 295 32.46 -71.80 61.68
N HIS W 296 32.12 -72.50 60.59
CA HIS W 296 33.11 -72.79 59.56
C HIS W 296 33.58 -71.52 58.88
N HIS W 297 32.67 -70.57 58.66
CA HIS W 297 33.00 -69.20 58.29
C HIS W 297 34.14 -68.66 59.14
N HIS W 298 33.93 -68.64 60.45
CA HIS W 298 34.90 -68.03 61.33
C HIS W 298 36.24 -68.75 61.27
N LEU W 299 36.20 -70.08 61.20
CA LEU W 299 37.43 -70.84 61.02
C LEU W 299 38.19 -70.37 59.78
N ALA W 300 37.50 -70.36 58.64
CA ALA W 300 38.14 -70.02 57.37
C ALA W 300 38.72 -68.62 57.42
N LEU W 301 37.94 -67.65 57.90
CA LEU W 301 38.45 -66.29 58.03
C LEU W 301 39.69 -66.26 58.89
N ALA W 302 39.64 -66.94 60.03
CA ALA W 302 40.76 -66.94 60.96
C ALA W 302 42.05 -67.32 60.25
N VAL W 303 42.09 -68.52 59.67
CA VAL W 303 43.35 -68.96 59.06
C VAL W 303 43.68 -68.10 57.84
N LEU W 304 42.64 -67.66 57.11
CA LEU W 304 42.89 -66.91 55.88
C LEU W 304 43.63 -65.61 56.18
N PHE W 305 43.07 -64.78 57.05
CA PHE W 305 43.86 -63.58 57.29
C PHE W 305 44.97 -63.79 58.30
N ILE W 306 45.12 -64.97 58.91
CA ILE W 306 46.38 -65.24 59.60
C ILE W 306 47.51 -65.31 58.57
N VAL W 307 47.31 -66.12 57.51
CA VAL W 307 48.37 -66.28 56.52
C VAL W 307 48.51 -65.00 55.71
N ALA W 308 47.42 -64.22 55.62
CA ALA W 308 47.53 -62.88 55.05
C ALA W 308 48.44 -62.01 55.91
N GLY W 309 48.05 -61.77 57.16
CA GLY W 309 48.80 -60.92 58.07
C GLY W 309 50.22 -61.35 58.31
N HIS W 310 50.62 -62.52 57.82
CA HIS W 310 52.04 -62.88 57.91
C HIS W 310 52.90 -62.27 56.79
N MET W 311 52.49 -61.15 56.18
CA MET W 311 53.11 -60.68 54.94
C MET W 311 54.38 -59.86 55.16
N TYR W 312 54.26 -58.72 55.81
CA TYR W 312 55.21 -57.62 55.62
C TYR W 312 56.55 -57.92 56.30
N ARG W 313 57.53 -57.05 56.00
CA ARG W 313 58.89 -57.24 56.46
C ARG W 313 59.07 -56.79 57.90
N THR W 314 59.88 -57.54 58.65
CA THR W 314 60.12 -57.31 60.07
C THR W 314 61.54 -57.74 60.39
N ASN W 315 61.79 -58.02 61.67
CA ASN W 315 63.07 -58.28 62.34
C ASN W 315 63.78 -59.54 61.85
N TRP W 316 63.34 -60.27 60.83
CA TRP W 316 64.07 -61.44 60.36
C TRP W 316 64.66 -61.24 58.97
N GLY W 317 64.79 -60.01 58.51
CA GLY W 317 65.40 -59.74 57.23
C GLY W 317 64.68 -60.39 56.07
N ILE W 318 63.35 -60.43 56.10
CA ILE W 318 62.55 -61.07 55.06
C ILE W 318 61.23 -60.31 54.94
N GLY W 319 60.92 -59.83 53.75
CA GLY W 319 59.63 -59.20 53.53
C GLY W 319 59.61 -58.05 52.55
N HIS W 320 58.43 -57.50 52.32
CA HIS W 320 58.28 -56.37 51.40
C HIS W 320 58.86 -55.10 52.00
N SER W 321 59.66 -54.40 51.20
CA SER W 321 60.08 -53.05 51.53
C SER W 321 58.99 -52.14 50.99
N ILE W 322 57.96 -51.91 51.81
CA ILE W 322 56.70 -51.34 51.34
C ILE W 322 56.87 -49.92 50.81
N LYS W 323 57.87 -49.18 51.28
CA LYS W 323 58.07 -47.85 50.73
C LYS W 323 58.69 -47.87 49.34
N GLU W 324 58.98 -49.05 48.80
CA GLU W 324 59.45 -49.19 47.42
C GLU W 324 58.36 -49.69 46.48
N ILE W 325 57.35 -50.40 47.00
CA ILE W 325 56.23 -50.81 46.17
C ILE W 325 55.60 -49.60 45.50
N LEU W 326 55.17 -48.63 46.30
CA LEU W 326 54.55 -47.43 45.77
C LEU W 326 55.47 -46.66 44.85
N GLU W 327 56.78 -46.88 44.95
CA GLU W 327 57.71 -46.23 44.03
C GLU W 327 57.59 -46.80 42.63
N ASN W 328 57.18 -48.06 42.52
CA ASN W 328 57.25 -48.75 41.23
C ASN W 328 56.09 -48.36 40.31
N HIS W 329 54.90 -48.16 40.88
CA HIS W 329 53.69 -47.98 40.07
C HIS W 329 53.63 -46.53 39.59
N LYS W 330 54.23 -46.30 38.42
CA LYS W 330 54.12 -45.02 37.72
C LYS W 330 54.02 -45.32 36.23
N GLY W 331 53.85 -44.27 35.43
CA GLY W 331 53.69 -44.45 34.01
C GLY W 331 53.40 -43.17 33.26
N PRO W 332 52.84 -43.28 32.05
CA PRO W 332 52.63 -42.11 31.21
C PRO W 332 51.64 -41.13 31.78
N PHE W 333 50.42 -41.59 32.08
CA PHE W 333 49.43 -40.71 32.69
C PHE W 333 49.69 -40.49 34.17
N THR W 334 50.41 -41.42 34.81
CA THR W 334 50.63 -41.34 36.26
C THR W 334 51.47 -40.13 36.65
N GLY W 335 52.34 -39.66 35.76
CA GLY W 335 53.38 -38.76 36.19
C GLY W 335 54.52 -39.53 36.82
N ASP W 336 54.63 -39.46 38.16
CA ASP W 336 55.65 -40.20 38.87
C ASP W 336 55.06 -41.15 39.91
N GLY W 337 53.77 -41.45 39.81
CA GLY W 337 53.17 -42.50 40.63
C GLY W 337 52.99 -42.09 42.08
N HIS W 338 53.08 -43.07 42.96
CA HIS W 338 52.78 -42.93 44.39
C HIS W 338 54.03 -42.62 45.20
N LYS W 339 54.99 -41.91 44.60
CA LYS W 339 56.24 -41.61 45.29
C LYS W 339 56.00 -40.64 46.44
N GLY W 340 56.67 -40.90 47.56
CA GLY W 340 56.64 -39.98 48.68
C GLY W 340 55.29 -39.84 49.34
N LEU W 341 54.83 -40.89 50.03
CA LEU W 341 53.54 -40.85 50.72
C LEU W 341 53.63 -41.25 52.18
N TYR W 342 54.78 -41.74 52.65
CA TYR W 342 54.83 -42.27 54.02
C TYR W 342 55.08 -41.18 55.04
N GLU W 343 55.88 -40.17 54.68
CA GLU W 343 55.98 -39.00 55.55
C GLU W 343 54.60 -38.50 55.93
N ASN W 344 53.66 -38.56 55.00
CA ASN W 344 52.30 -38.12 55.29
C ASN W 344 51.60 -39.11 56.22
N MET W 345 51.80 -40.41 56.02
CA MET W 345 51.05 -41.41 56.75
C MET W 345 51.58 -41.68 58.14
N THR W 346 52.81 -41.26 58.46
CA THR W 346 53.35 -41.46 59.80
C THR W 346 53.72 -40.17 60.51
N THR W 347 54.33 -39.20 59.81
CA THR W 347 54.69 -37.97 60.51
C THR W 347 53.47 -37.22 61.00
N SER W 348 52.38 -37.24 60.24
CA SER W 348 51.14 -36.59 60.61
C SER W 348 50.12 -37.63 61.08
N TRP W 349 49.17 -37.17 61.89
CA TRP W 349 48.18 -38.04 62.50
C TRP W 349 46.78 -37.86 61.92
N HIS W 350 46.39 -36.60 61.68
CA HIS W 350 45.07 -36.31 61.15
C HIS W 350 44.80 -37.05 59.85
N ALA W 351 45.84 -37.30 59.06
CA ALA W 351 45.67 -38.07 57.83
C ALA W 351 45.06 -39.43 58.14
N GLN W 352 45.82 -40.26 58.87
CA GLN W 352 45.36 -41.56 59.30
C GLN W 352 43.96 -41.48 59.89
N LEU W 353 43.75 -40.51 60.78
CA LEU W 353 42.44 -40.33 61.39
C LEU W 353 41.36 -40.25 60.32
N GLY W 354 41.53 -39.33 59.37
CA GLY W 354 40.49 -39.12 58.37
C GLY W 354 40.23 -40.35 57.53
N THR W 355 41.30 -40.99 57.06
CA THR W 355 41.10 -42.12 56.16
C THR W 355 40.41 -43.27 56.87
N ASN W 356 40.89 -43.59 58.08
CA ASN W 356 40.27 -44.68 58.83
C ASN W 356 38.83 -44.36 59.18
N LEU W 357 38.53 -43.08 59.46
CA LEU W 357 37.14 -42.71 59.73
C LEU W 357 36.27 -42.94 58.51
N ALA W 358 36.71 -42.49 57.34
CA ALA W 358 35.93 -42.69 56.13
C ALA W 358 35.68 -44.17 55.90
N MET W 359 36.74 -44.99 56.03
CA MET W 359 36.59 -46.41 55.78
C MET W 359 35.63 -47.05 56.78
N LEU W 360 35.78 -46.72 58.06
CA LEU W 360 34.86 -47.25 59.05
C LEU W 360 33.43 -46.84 58.76
N GLY W 361 33.22 -45.58 58.39
CA GLY W 361 31.87 -45.15 58.10
C GLY W 361 31.24 -45.98 57.00
N SER W 362 31.94 -46.08 55.87
CA SER W 362 31.45 -46.89 54.76
C SER W 362 31.17 -48.32 55.20
N LEU W 363 32.12 -48.91 55.93
CA LEU W 363 31.97 -50.29 56.40
C LEU W 363 30.71 -50.43 57.24
N THR W 364 30.49 -49.49 58.15
CA THR W 364 29.33 -49.53 59.02
C THR W 364 28.05 -49.45 58.23
N ILE W 365 28.00 -48.60 57.21
CA ILE W 365 26.72 -48.48 56.53
C ILE W 365 26.47 -49.71 55.69
N ILE W 366 27.52 -50.34 55.15
CA ILE W 366 27.26 -51.59 54.44
C ILE W 366 26.82 -52.67 55.42
N VAL W 367 27.36 -52.65 56.65
CA VAL W 367 26.86 -53.56 57.69
C VAL W 367 25.36 -53.36 57.88
N ALA W 368 24.95 -52.10 58.03
CA ALA W 368 23.53 -51.80 58.13
C ALA W 368 22.77 -52.35 56.93
N HIS W 369 23.25 -52.05 55.73
CA HIS W 369 22.65 -52.46 54.47
C HIS W 369 22.76 -53.94 54.24
N HIS W 370 23.31 -54.63 55.21
CA HIS W 370 23.65 -56.05 55.08
C HIS W 370 22.79 -56.97 55.91
N MET W 371 22.65 -56.72 57.21
CA MET W 371 22.13 -57.69 58.15
C MET W 371 20.61 -57.66 58.28
N TYR W 372 19.90 -57.23 57.24
CA TYR W 372 18.46 -57.42 57.16
C TYR W 372 18.08 -58.47 56.13
N ALA W 373 19.04 -59.06 55.43
CA ALA W 373 18.80 -60.16 54.53
C ALA W 373 19.45 -61.46 54.98
N MET W 374 20.42 -61.40 55.89
CA MET W 374 21.09 -62.58 56.43
C MET W 374 21.18 -62.42 57.94
N PRO W 375 20.10 -62.68 58.67
CA PRO W 375 20.11 -62.53 60.12
C PRO W 375 21.03 -63.54 60.77
N PRO W 376 22.08 -63.09 61.44
CA PRO W 376 23.07 -64.01 62.02
C PRO W 376 22.82 -64.43 63.46
N TYR W 377 21.67 -64.12 64.04
CA TYR W 377 21.34 -64.49 65.40
C TYR W 377 20.01 -65.23 65.42
N PRO W 378 19.73 -65.96 66.50
CA PRO W 378 18.41 -66.62 66.61
C PRO W 378 17.29 -65.60 66.84
N TYR W 379 16.16 -65.86 66.20
CA TYR W 379 14.96 -65.03 66.33
C TYR W 379 15.25 -63.57 65.96
N LEU W 380 15.57 -63.38 64.68
CA LEU W 380 15.81 -62.03 64.18
C LEU W 380 14.75 -61.58 63.18
N ALA W 381 14.56 -62.33 62.09
CA ALA W 381 13.52 -61.96 61.13
C ALA W 381 12.14 -62.15 61.71
N THR W 382 12.00 -63.07 62.67
CA THR W 382 10.75 -63.25 63.38
C THR W 382 10.50 -62.17 64.43
N ASP W 383 11.51 -61.37 64.75
CA ASP W 383 11.37 -60.28 65.71
C ASP W 383 11.45 -58.97 64.94
N TYR W 384 10.28 -58.36 64.72
CA TYR W 384 10.15 -57.22 63.82
C TYR W 384 10.26 -55.88 64.54
N ALA W 385 11.02 -55.82 65.63
CA ALA W 385 11.22 -54.58 66.37
C ALA W 385 12.68 -54.18 66.44
N THR W 386 13.58 -55.11 66.76
CA THR W 386 14.99 -54.79 66.88
C THR W 386 15.65 -54.51 65.54
N ALA W 387 15.09 -55.06 64.46
CA ALA W 387 15.72 -55.02 63.15
C ALA W 387 16.01 -53.60 62.70
N LEU W 388 14.94 -52.81 62.48
CA LEU W 388 15.16 -51.48 61.94
C LEU W 388 15.79 -50.56 62.96
N SER W 389 15.59 -50.80 64.25
CA SER W 389 16.31 -50.01 65.25
C SER W 389 17.82 -50.15 65.04
N ILE W 390 18.32 -51.38 65.03
CA ILE W 390 19.74 -51.62 64.79
C ILE W 390 20.16 -51.01 63.45
N PHE W 391 19.36 -51.29 62.41
CA PHE W 391 19.66 -50.81 61.06
C PHE W 391 19.87 -49.31 61.04
N THR W 392 18.85 -48.55 61.44
CA THR W 392 18.91 -47.10 61.38
C THR W 392 19.99 -46.55 62.29
N HIS W 393 20.16 -47.13 63.49
CA HIS W 393 21.21 -46.67 64.37
C HIS W 393 22.56 -46.72 63.66
N HIS W 394 22.94 -47.91 63.20
CA HIS W 394 24.25 -48.05 62.56
C HIS W 394 24.35 -47.17 61.31
N MET W 395 23.28 -47.11 60.52
CA MET W 395 23.31 -46.31 59.30
C MET W 395 23.57 -44.85 59.61
N TRP W 396 22.91 -44.32 60.64
CA TRP W 396 23.14 -42.94 61.03
C TRP W 396 24.59 -42.72 61.47
N ILE W 397 25.11 -43.62 62.31
CA ILE W 397 26.48 -43.46 62.77
C ILE W 397 27.44 -43.42 61.58
N GLY W 398 27.19 -44.26 60.58
CA GLY W 398 28.07 -44.34 59.43
C GLY W 398 28.33 -43.00 58.76
N GLY W 399 27.29 -42.40 58.20
CA GLY W 399 27.43 -41.07 57.67
C GLY W 399 27.95 -40.09 58.69
N PHE W 400 27.27 -40.01 59.84
CA PHE W 400 27.60 -39.06 60.88
C PHE W 400 29.08 -39.03 61.20
N LEU W 401 29.80 -40.11 60.90
CA LEU W 401 31.25 -40.12 61.12
C LEU W 401 32.08 -40.07 59.83
N ILE W 402 31.53 -40.46 58.68
CA ILE W 402 32.34 -40.33 57.46
C ILE W 402 32.50 -38.86 57.11
N VAL W 403 31.48 -38.05 57.39
CA VAL W 403 31.69 -36.61 57.21
C VAL W 403 32.83 -36.13 58.09
N GLY W 404 32.95 -36.66 59.30
CA GLY W 404 34.07 -36.29 60.14
C GLY W 404 35.39 -36.75 59.58
N GLY W 405 35.40 -37.91 58.95
CA GLY W 405 36.60 -38.35 58.25
C GLY W 405 37.03 -37.34 57.20
N ALA W 406 36.08 -36.87 56.41
CA ALA W 406 36.40 -35.86 55.39
C ALA W 406 36.88 -34.57 56.04
N ALA W 407 36.26 -34.19 57.16
CA ALA W 407 36.68 -32.99 57.86
C ALA W 407 38.13 -33.11 58.32
N HIS W 408 38.51 -34.27 58.84
CA HIS W 408 39.89 -34.43 59.27
C HIS W 408 40.84 -34.50 58.08
N ALA W 409 40.37 -34.99 56.93
CA ALA W 409 41.17 -34.86 55.72
C ALA W 409 41.48 -33.40 55.43
N THR W 410 40.44 -32.55 55.47
CA THR W 410 40.65 -31.13 55.25
C THR W 410 41.59 -30.53 56.30
N ILE W 411 41.45 -30.95 57.55
CA ILE W 411 42.30 -30.39 58.60
C ILE W 411 43.74 -30.83 58.40
N PHE W 412 43.95 -32.01 57.83
CA PHE W 412 45.30 -32.39 57.43
C PHE W 412 45.81 -31.44 56.35
N MET W 413 44.99 -31.21 55.32
CA MET W 413 45.38 -30.30 54.25
C MET W 413 45.83 -28.95 54.78
N VAL W 414 45.15 -28.44 55.80
CA VAL W 414 45.53 -27.12 56.31
C VAL W 414 46.69 -27.22 57.31
N ARG W 415 46.80 -28.34 58.03
CA ARG W 415 47.83 -28.47 59.06
C ARG W 415 49.11 -29.10 58.54
N ASP W 416 49.01 -30.10 57.67
CA ASP W 416 50.16 -30.91 57.28
C ASP W 416 50.21 -31.05 55.78
N TYR W 417 51.36 -30.72 55.19
CA TYR W 417 51.61 -30.81 53.77
C TYR W 417 53.10 -30.54 53.56
N ASP W 418 53.52 -30.52 52.31
CA ASP W 418 54.89 -30.11 52.03
C ASP W 418 55.05 -29.75 50.55
N PRO W 419 55.60 -28.58 50.26
CA PRO W 419 55.90 -28.25 48.86
C PRO W 419 57.08 -29.03 48.30
N ALA W 420 57.90 -29.65 49.14
CA ALA W 420 59.11 -30.32 48.68
C ALA W 420 58.88 -31.78 48.33
N VAL W 421 58.22 -32.53 49.21
CA VAL W 421 58.09 -33.97 49.04
C VAL W 421 56.88 -34.30 48.18
N ASN W 422 56.28 -33.28 47.57
CA ASN W 422 55.03 -33.44 46.83
C ASN W 422 55.16 -32.87 45.43
N GLN W 423 56.21 -33.27 44.71
CA GLN W 423 56.45 -32.83 43.34
C GLN W 423 55.80 -33.79 42.36
N ASN W 424 54.76 -33.31 41.68
CA ASN W 424 54.15 -34.00 40.55
C ASN W 424 53.50 -35.33 40.94
N ASN W 425 53.47 -35.65 42.23
CA ASN W 425 52.87 -36.91 42.66
C ASN W 425 51.40 -36.96 42.30
N VAL W 426 50.84 -38.17 42.34
CA VAL W 426 49.42 -38.35 42.05
C VAL W 426 48.57 -37.46 42.93
N LEU W 427 49.10 -37.07 44.09
CA LEU W 427 48.43 -36.06 44.91
C LEU W 427 48.43 -34.72 44.21
N ASP W 428 49.62 -34.19 43.92
CA ASP W 428 49.73 -32.85 43.35
C ASP W 428 49.05 -32.73 41.99
N ARG W 429 48.89 -33.84 41.27
CA ARG W 429 48.39 -33.75 39.91
C ARG W 429 46.93 -33.37 39.83
N VAL W 430 46.18 -33.47 40.92
CA VAL W 430 44.79 -33.02 40.90
C VAL W 430 44.67 -31.57 41.36
N ILE W 431 45.47 -31.16 42.35
CA ILE W 431 45.41 -29.81 42.89
C ILE W 431 45.84 -28.80 41.83
N ARG W 432 46.36 -29.28 40.72
CA ARG W 432 46.72 -28.40 39.61
C ARG W 432 45.62 -28.24 38.57
N HIS W 433 44.69 -29.19 38.47
CA HIS W 433 43.60 -29.09 37.51
C HIS W 433 42.25 -29.26 38.20
N ARG W 434 42.11 -28.66 39.39
CA ARG W 434 40.90 -28.81 40.17
C ARG W 434 39.67 -28.22 39.47
N ASP W 435 39.86 -27.13 38.72
CA ASP W 435 38.71 -26.41 38.17
C ASP W 435 37.93 -27.28 37.20
N ALA W 436 38.61 -28.00 36.31
CA ALA W 436 37.92 -28.89 35.39
C ALA W 436 37.14 -29.94 36.13
N ILE W 437 37.78 -30.59 37.11
CA ILE W 437 37.12 -31.61 37.92
C ILE W 437 35.82 -31.07 38.49
N ILE W 438 35.92 -29.97 39.23
CA ILE W 438 34.75 -29.49 39.96
C ILE W 438 33.70 -28.93 39.00
N SER W 439 34.11 -28.37 37.87
CA SER W 439 33.14 -27.87 36.91
C SER W 439 32.33 -29.02 36.33
N HIS W 440 33.01 -30.06 35.86
CA HIS W 440 32.29 -31.23 35.37
C HIS W 440 31.42 -31.83 36.46
N LEU W 441 31.90 -31.77 37.71
CA LEU W 441 31.11 -32.28 38.82
C LEU W 441 29.80 -31.52 38.95
N ASN W 442 29.87 -30.19 39.05
CA ASN W 442 28.69 -29.33 39.08
C ASN W 442 27.76 -29.67 37.92
N TRP W 443 28.34 -29.87 36.74
CA TRP W 443 27.56 -30.27 35.57
C TRP W 443 26.74 -31.51 35.86
N VAL W 444 27.40 -32.56 36.34
CA VAL W 444 26.72 -33.82 36.63
C VAL W 444 25.61 -33.61 37.65
N CYS W 445 25.92 -32.87 38.72
CA CYS W 445 24.94 -32.69 39.79
C CYS W 445 23.69 -32.00 39.26
N MET W 446 23.86 -30.89 38.54
CA MET W 446 22.72 -30.22 37.94
C MET W 446 21.90 -31.18 37.09
N PHE W 447 22.59 -31.90 36.19
CA PHE W 447 21.93 -32.83 35.30
C PHE W 447 21.05 -33.80 36.07
N LEU W 448 21.67 -34.59 36.94
CA LEU W 448 20.93 -35.59 37.69
C LEU W 448 19.81 -34.96 38.49
N GLY W 449 20.10 -33.84 39.16
CA GLY W 449 19.17 -33.19 40.04
C GLY W 449 17.85 -32.93 39.35
N PHE W 450 17.86 -32.10 38.29
CA PHE W 450 16.55 -31.83 37.71
C PHE W 450 16.05 -32.99 36.88
N HIS W 451 16.94 -33.71 36.19
CA HIS W 451 16.55 -34.89 35.42
C HIS W 451 15.70 -35.83 36.25
N SER W 452 15.93 -35.86 37.56
CA SER W 452 15.12 -36.68 38.46
C SER W 452 13.93 -35.91 39.05
N PHE W 453 14.22 -34.82 39.76
CA PHE W 453 13.16 -34.16 40.52
C PHE W 453 12.14 -33.46 39.63
N GLY W 454 12.59 -32.77 38.58
CA GLY W 454 11.64 -32.13 37.69
C GLY W 454 10.80 -33.14 36.96
N LEU W 455 11.38 -34.29 36.62
CA LEU W 455 10.58 -35.40 36.11
C LEU W 455 9.50 -35.79 37.11
N TYR W 456 9.88 -35.89 38.38
CA TYR W 456 8.93 -36.25 39.42
C TYR W 456 7.78 -35.25 39.48
N ILE W 457 8.09 -33.96 39.54
CA ILE W 457 7.04 -32.96 39.63
C ILE W 457 6.26 -32.85 38.34
N HIS W 458 6.87 -33.22 37.21
CA HIS W 458 6.13 -33.31 35.96
C HIS W 458 5.03 -34.34 36.08
N ASN W 459 5.37 -35.54 36.54
CA ASN W 459 4.35 -36.56 36.76
C ASN W 459 3.33 -36.12 37.79
N ASP W 460 3.78 -35.39 38.82
CA ASP W 460 2.87 -34.80 39.79
C ASP W 460 1.81 -33.94 39.11
N THR W 461 2.27 -32.98 38.31
CA THR W 461 1.36 -32.12 37.58
C THR W 461 0.41 -32.91 36.70
N MET W 462 0.94 -33.89 35.97
CA MET W 462 0.09 -34.68 35.08
C MET W 462 -1.03 -35.36 35.85
N GLN W 463 -0.71 -35.97 36.99
CA GLN W 463 -1.76 -36.60 37.79
C GLN W 463 -2.77 -35.58 38.29
N ALA W 464 -2.30 -34.40 38.67
CA ALA W 464 -3.23 -33.36 39.09
C ALA W 464 -3.95 -32.69 37.91
N LEU W 465 -3.63 -33.08 36.69
CA LEU W 465 -4.13 -32.41 35.49
C LEU W 465 -5.01 -33.30 34.64
N GLY W 466 -5.57 -34.37 35.22
CA GLY W 466 -6.45 -35.24 34.44
C GLY W 466 -5.82 -35.76 33.18
N ARG W 467 -4.51 -35.98 33.19
CA ARG W 467 -3.79 -36.55 32.06
C ARG W 467 -3.08 -37.83 32.48
N PRO W 468 -3.78 -38.78 33.13
CA PRO W 468 -3.08 -39.87 33.81
C PRO W 468 -2.22 -40.72 32.90
N GLN W 469 -2.50 -40.74 31.59
CA GLN W 469 -1.67 -41.53 30.68
C GLN W 469 -0.25 -41.03 30.59
N ASP W 470 0.03 -39.83 31.10
CA ASP W 470 1.38 -39.27 31.10
C ASP W 470 2.13 -39.59 32.38
N MET W 471 1.63 -40.53 33.18
CA MET W 471 2.33 -41.00 34.36
C MET W 471 3.51 -41.85 33.90
N PHE W 472 4.27 -42.41 34.83
CA PHE W 472 5.51 -43.09 34.47
C PHE W 472 5.66 -44.50 35.03
N SER W 473 4.66 -45.05 35.70
CA SER W 473 4.76 -46.40 36.25
C SER W 473 4.51 -47.43 35.14
N ASP W 474 4.32 -48.68 35.53
CA ASP W 474 4.06 -49.73 34.55
C ASP W 474 2.79 -49.46 33.78
N THR W 475 1.75 -49.00 34.45
CA THR W 475 0.47 -48.71 33.79
C THR W 475 0.52 -47.48 32.90
N ALA W 476 1.70 -46.91 32.69
CA ALA W 476 1.85 -45.70 31.89
C ALA W 476 3.23 -45.74 31.23
N ILE W 477 3.72 -44.58 30.81
CA ILE W 477 5.02 -44.45 30.14
C ILE W 477 6.07 -45.28 30.87
N GLN W 478 6.89 -45.99 30.12
CA GLN W 478 7.66 -47.10 30.66
C GLN W 478 9.11 -46.73 30.92
N LEU W 479 9.68 -47.39 31.93
CA LEU W 479 11.12 -47.42 32.19
C LEU W 479 11.39 -48.54 33.18
N GLN W 480 12.35 -49.40 32.88
CA GLN W 480 12.54 -50.58 33.72
C GLN W 480 14.02 -50.84 33.98
N PRO W 481 14.45 -50.88 35.22
CA PRO W 481 15.86 -51.10 35.53
C PRO W 481 16.29 -52.55 35.28
N VAL W 482 16.60 -52.86 34.02
CA VAL W 482 16.87 -54.24 33.63
C VAL W 482 18.15 -54.76 34.27
N PHE W 483 19.09 -53.87 34.63
CA PHE W 483 20.38 -54.32 35.11
C PHE W 483 20.26 -55.01 36.46
N ALA W 484 19.53 -54.40 37.40
CA ALA W 484 19.32 -55.01 38.70
C ALA W 484 18.60 -56.35 38.55
N GLN W 485 17.58 -56.38 37.70
CA GLN W 485 16.83 -57.62 37.49
C GLN W 485 17.74 -58.73 36.99
N PHE W 486 18.60 -58.43 36.02
CA PHE W 486 19.45 -59.47 35.46
C PHE W 486 20.51 -59.92 36.44
N VAL W 487 21.06 -59.00 37.24
CA VAL W 487 22.05 -59.41 38.23
C VAL W 487 21.40 -60.28 39.30
N GLN W 488 20.21 -59.88 39.78
CA GLN W 488 19.49 -60.71 40.73
C GLN W 488 19.21 -62.09 40.14
N ASN W 489 18.81 -62.14 38.88
CA ASN W 489 18.54 -63.41 38.22
C ASN W 489 19.78 -64.28 38.22
N ILE W 490 20.89 -63.79 37.65
CA ILE W 490 22.11 -64.58 37.61
C ILE W 490 22.57 -64.93 39.02
N HIS W 491 22.07 -64.24 40.03
CA HIS W 491 22.29 -64.68 41.41
C HIS W 491 21.32 -65.77 41.84
N THR W 492 20.15 -65.87 41.21
CA THR W 492 19.13 -66.79 41.70
C THR W 492 19.58 -68.24 41.58
N LEU W 493 20.03 -68.64 40.40
CA LEU W 493 20.40 -70.03 40.12
C LEU W 493 21.87 -70.31 40.37
N ALA W 494 22.48 -69.60 41.33
CA ALA W 494 23.91 -69.74 41.56
C ALA W 494 24.35 -71.15 41.96
N PRO W 495 23.73 -71.82 42.93
CA PRO W 495 24.29 -73.09 43.41
C PRO W 495 24.28 -74.17 42.33
N GLY W 496 24.99 -75.25 42.62
CA GLY W 496 25.12 -76.34 41.67
C GLY W 496 26.31 -76.17 40.75
N SER W 497 26.34 -75.07 39.99
CA SER W 497 27.42 -74.83 39.03
C SER W 497 28.46 -73.85 39.57
N THR W 498 28.05 -72.62 39.89
CA THR W 498 28.97 -71.71 40.55
C THR W 498 29.24 -72.13 41.98
N ALA W 499 28.24 -72.67 42.66
CA ALA W 499 28.36 -73.14 44.03
C ALA W 499 27.93 -74.61 44.10
N PRO W 500 28.77 -75.53 43.60
CA PRO W 500 28.45 -76.96 43.68
C PRO W 500 28.28 -77.44 45.12
N ASN W 501 29.32 -77.27 45.94
CA ASN W 501 29.22 -77.63 47.35
C ASN W 501 28.47 -76.55 48.10
N ALA W 502 27.23 -76.28 47.69
CA ALA W 502 26.37 -75.32 48.35
C ALA W 502 24.93 -75.72 48.09
N LEU W 503 24.08 -75.50 49.08
CA LEU W 503 22.76 -76.13 49.13
C LEU W 503 21.64 -75.19 48.70
N GLU W 504 21.58 -74.00 49.29
CA GLU W 504 20.57 -73.00 49.02
C GLU W 504 21.23 -71.71 48.60
N PRO W 505 20.50 -70.82 47.93
CA PRO W 505 21.07 -69.50 47.62
C PRO W 505 21.51 -68.77 48.87
N VAL W 506 22.31 -67.73 48.66
CA VAL W 506 22.87 -66.98 49.79
C VAL W 506 21.78 -66.25 50.55
N SER W 507 20.78 -65.72 49.84
CA SER W 507 19.64 -65.08 50.49
C SER W 507 18.38 -65.54 49.77
N TYR W 508 17.24 -64.98 50.16
CA TYR W 508 15.98 -65.30 49.52
C TYR W 508 15.27 -64.06 48.98
N ALA W 509 15.90 -62.89 49.06
CA ALA W 509 15.35 -61.70 48.40
C ALA W 509 15.66 -61.70 46.92
N PHE W 510 16.83 -62.22 46.52
CA PHE W 510 17.13 -62.41 45.12
C PHE W 510 16.23 -63.48 44.51
N GLY W 511 16.33 -64.70 45.03
CA GLY W 511 15.57 -65.83 44.52
C GLY W 511 15.55 -66.97 45.53
N GLY W 512 14.73 -67.95 45.21
CA GLY W 512 14.45 -69.06 46.11
C GLY W 512 13.00 -69.06 46.53
N GLY W 513 12.72 -69.80 47.60
CA GLY W 513 11.39 -69.87 48.13
C GLY W 513 11.17 -68.88 49.26
N VAL W 514 9.92 -68.48 49.44
CA VAL W 514 9.56 -67.56 50.51
C VAL W 514 9.72 -68.28 51.85
N VAL W 515 10.76 -67.94 52.58
CA VAL W 515 11.07 -68.61 53.84
C VAL W 515 10.41 -67.85 54.97
N ALA W 516 9.81 -68.60 55.90
CA ALA W 516 8.97 -67.99 56.93
C ALA W 516 8.83 -68.95 58.10
N VAL W 517 8.11 -68.50 59.11
CA VAL W 517 7.75 -69.31 60.27
C VAL W 517 6.50 -68.73 60.89
N GLY W 518 5.53 -69.59 61.17
CA GLY W 518 4.28 -69.10 61.71
C GLY W 518 3.56 -68.21 60.71
N GLY W 519 2.66 -67.38 61.25
CA GLY W 519 1.98 -66.40 60.44
C GLY W 519 2.78 -65.13 60.33
N LYS W 520 4.08 -65.27 60.12
CA LYS W 520 5.04 -64.18 60.30
C LYS W 520 6.17 -64.37 59.31
N ILE W 521 6.39 -63.37 58.45
CA ILE W 521 7.34 -63.52 57.36
C ILE W 521 8.77 -63.42 57.89
N ALA W 522 9.65 -64.20 57.29
CA ALA W 522 11.08 -64.13 57.54
C ALA W 522 11.83 -63.49 56.38
N MET W 523 11.61 -63.96 55.15
CA MET W 523 12.22 -63.35 53.97
C MET W 523 11.52 -63.85 52.72
N MET W 524 11.12 -62.92 51.86
CA MET W 524 10.57 -63.20 50.55
C MET W 524 11.36 -62.44 49.50
N PRO W 525 11.34 -62.89 48.25
CA PRO W 525 12.02 -62.13 47.18
C PRO W 525 11.43 -60.73 47.04
N ILE W 526 12.31 -59.77 46.77
CA ILE W 526 11.92 -58.36 46.67
C ILE W 526 11.77 -57.99 45.20
N ALA W 527 10.75 -57.19 44.90
CA ALA W 527 10.40 -56.84 43.54
C ALA W 527 10.85 -55.41 43.23
N LEU W 528 11.52 -55.25 42.08
CA LEU W 528 11.99 -53.95 41.62
C LEU W 528 11.23 -53.60 40.34
N GLY W 529 10.29 -52.67 40.45
CA GLY W 529 9.49 -52.27 39.30
C GLY W 529 9.95 -50.97 38.67
N THR W 530 9.08 -49.96 38.67
CA THR W 530 9.39 -48.65 38.13
C THR W 530 9.85 -47.65 39.18
N ALA W 531 9.19 -47.61 40.34
CA ALA W 531 9.49 -46.62 41.36
C ALA W 531 10.94 -46.70 41.85
N ASP W 532 11.61 -47.84 41.67
CA ASP W 532 12.99 -47.97 42.11
C ASP W 532 13.91 -46.98 41.41
N PHE W 533 13.61 -46.67 40.15
CA PHE W 533 14.49 -45.91 39.27
C PHE W 533 14.81 -44.54 39.85
N MET W 534 13.81 -43.68 39.96
CA MET W 534 14.06 -42.32 40.43
C MET W 534 14.55 -42.30 41.87
N ILE W 535 14.13 -43.27 42.69
CA ILE W 535 14.61 -43.30 44.07
C ILE W 535 16.12 -43.50 44.10
N HIS W 536 16.61 -44.55 43.45
CA HIS W 536 18.05 -44.76 43.40
C HIS W 536 18.75 -43.58 42.74
N HIS W 537 18.11 -42.98 41.74
CA HIS W 537 18.78 -41.89 41.04
C HIS W 537 18.89 -40.64 41.90
N ILE W 538 17.90 -40.37 42.74
CA ILE W 538 18.03 -39.21 43.63
C ILE W 538 18.97 -39.52 44.78
N HIS W 539 19.06 -40.79 45.18
CA HIS W 539 20.12 -41.19 46.10
C HIS W 539 21.47 -40.78 45.54
N ALA W 540 21.75 -41.22 44.31
CA ALA W 540 23.00 -40.86 43.65
C ALA W 540 23.13 -39.36 43.53
N PHE W 541 22.03 -38.67 43.24
CA PHE W 541 22.04 -37.22 43.12
C PHE W 541 22.59 -36.57 44.39
N GLN W 542 21.96 -36.86 45.52
CA GLN W 542 22.38 -36.22 46.76
C GLN W 542 23.79 -36.62 47.13
N ILE W 543 24.17 -37.87 46.90
CA ILE W 543 25.56 -38.24 47.19
C ILE W 543 26.51 -37.42 46.34
N HIS W 544 26.15 -37.18 45.08
CA HIS W 544 26.99 -36.37 44.21
C HIS W 544 27.16 -34.97 44.77
N VAL W 545 26.06 -34.33 45.17
CA VAL W 545 26.19 -32.96 45.65
C VAL W 545 26.95 -32.91 46.97
N THR W 546 26.77 -33.92 47.81
CA THR W 546 27.53 -33.99 49.05
C THR W 546 29.02 -34.02 48.75
N VAL W 547 29.44 -34.98 47.91
CA VAL W 547 30.83 -35.02 47.48
C VAL W 547 31.25 -33.67 46.91
N LEU W 548 30.35 -33.03 46.18
CA LEU W 548 30.69 -31.74 45.59
C LEU W 548 31.10 -30.75 46.66
N ILE W 549 30.25 -30.56 47.67
CA ILE W 549 30.54 -29.60 48.71
C ILE W 549 31.84 -29.96 49.42
N LEU W 550 31.96 -31.22 49.84
CA LEU W 550 33.10 -31.61 50.67
C LEU W 550 34.40 -31.50 49.89
N LEU W 551 34.45 -32.10 48.70
CA LEU W 551 35.64 -32.01 47.86
C LEU W 551 35.95 -30.57 47.48
N LYS W 552 34.92 -29.74 47.30
CA LYS W 552 35.17 -28.34 46.99
C LYS W 552 35.91 -27.66 48.12
N GLY W 553 35.43 -27.84 49.35
CA GLY W 553 36.18 -27.34 50.49
C GLY W 553 37.57 -27.94 50.57
N PHE W 554 37.70 -29.21 50.17
CA PHE W 554 38.99 -29.88 50.21
C PHE W 554 40.00 -29.20 49.30
N LEU W 555 39.70 -29.12 48.01
CA LEU W 555 40.63 -28.52 47.05
C LEU W 555 40.83 -27.04 47.33
N PHE W 556 39.73 -26.28 47.36
CA PHE W 556 39.82 -24.86 47.65
C PHE W 556 39.98 -24.62 49.13
N ALA W 557 40.98 -25.25 49.75
CA ALA W 557 41.21 -25.08 51.17
C ALA W 557 42.30 -24.06 51.44
N ARG W 558 43.42 -24.17 50.75
CA ARG W 558 44.56 -23.30 50.99
C ARG W 558 44.50 -22.02 50.16
N ASN W 559 44.06 -22.12 48.91
CA ASN W 559 44.07 -20.98 48.01
C ASN W 559 42.85 -21.01 47.12
N SER W 560 42.10 -19.90 47.12
CA SER W 560 41.00 -19.70 46.19
C SER W 560 41.42 -18.72 45.10
N ARG W 561 40.58 -18.60 44.08
CA ARG W 561 40.87 -17.65 43.01
C ARG W 561 40.82 -16.21 43.50
N LEU W 562 40.31 -15.97 44.69
CA LEU W 562 40.25 -14.63 45.26
C LEU W 562 40.97 -14.52 46.59
N ILE W 563 40.96 -15.58 47.41
CA ILE W 563 41.60 -15.55 48.71
C ILE W 563 42.87 -16.38 48.63
N PRO W 564 44.03 -15.76 48.47
CA PRO W 564 45.30 -16.51 48.49
C PRO W 564 45.96 -16.65 49.86
N ASP W 565 45.24 -16.37 50.95
CA ASP W 565 45.84 -16.45 52.28
C ASP W 565 45.10 -17.42 53.20
N LYS W 566 44.25 -18.29 52.65
CA LYS W 566 43.43 -19.16 53.49
C LYS W 566 44.29 -19.98 54.44
N ALA W 567 45.12 -20.86 53.90
CA ALA W 567 46.04 -21.61 54.74
C ALA W 567 47.02 -20.70 55.47
N ASN W 568 47.32 -19.54 54.89
CA ASN W 568 48.13 -18.54 55.57
C ASN W 568 47.40 -17.88 56.73
N LEU W 569 46.12 -18.18 56.92
CA LEU W 569 45.30 -17.52 57.92
C LEU W 569 44.53 -18.46 58.83
N GLY W 570 44.30 -19.70 58.42
CA GLY W 570 43.59 -20.67 59.21
C GLY W 570 42.47 -21.31 58.44
N PHE W 571 41.77 -22.22 59.12
CA PHE W 571 40.60 -22.87 58.54
C PHE W 571 39.36 -22.71 59.40
N ARG W 572 39.47 -22.13 60.59
CA ARG W 572 38.33 -21.82 61.44
C ARG W 572 38.33 -20.32 61.67
N PHE W 573 37.70 -19.59 60.77
CA PHE W 573 37.56 -18.14 60.90
C PHE W 573 36.30 -17.72 60.17
N PRO W 574 35.59 -16.71 60.66
CA PRO W 574 34.28 -16.38 60.10
C PRO W 574 34.30 -15.83 58.68
N CYS W 575 35.09 -14.79 58.44
CA CYS W 575 35.01 -14.08 57.16
C CYS W 575 36.26 -13.23 56.97
N ASP W 576 36.28 -12.50 55.87
CA ASP W 576 37.39 -11.62 55.51
C ASP W 576 36.86 -10.25 55.09
N GLY W 577 35.96 -9.69 55.89
CA GLY W 577 35.45 -8.36 55.65
C GLY W 577 34.57 -8.28 54.42
N PRO W 578 33.86 -7.16 54.26
CA PRO W 578 32.98 -7.02 53.11
C PRO W 578 33.74 -6.60 51.87
N GLY W 579 34.89 -7.22 51.63
CA GLY W 579 35.58 -7.02 50.38
C GLY W 579 35.00 -7.88 49.28
N ARG W 580 35.12 -7.38 48.04
CA ARG W 580 34.61 -8.09 46.87
C ARG W 580 33.12 -8.33 46.98
N GLY W 581 32.43 -7.43 47.66
CA GLY W 581 31.04 -7.67 48.07
C GLY W 581 30.97 -8.30 49.46
N GLY W 582 30.65 -9.58 49.50
CA GLY W 582 30.68 -10.35 50.72
C GLY W 582 31.68 -11.49 50.62
N THR W 583 32.15 -11.95 51.78
CA THR W 583 33.05 -13.09 51.81
C THR W 583 32.74 -14.01 52.98
N CYS W 584 31.67 -13.75 53.74
CA CYS W 584 31.33 -14.58 54.87
C CYS W 584 31.13 -16.03 54.45
N GLN W 585 31.49 -16.94 55.34
CA GLN W 585 31.46 -18.38 55.07
C GLN W 585 32.37 -18.75 53.90
N VAL W 586 33.68 -18.55 54.13
CA VAL W 586 34.71 -18.95 53.18
C VAL W 586 35.73 -19.89 53.80
N SER W 587 35.52 -20.35 55.04
CA SER W 587 36.38 -21.38 55.64
C SER W 587 35.98 -22.74 55.10
N GLY W 588 36.47 -23.82 55.70
CA GLY W 588 36.12 -25.14 55.21
C GLY W 588 35.06 -25.85 56.03
N TRP W 589 35.12 -25.69 57.35
CA TRP W 589 34.13 -26.37 58.16
C TRP W 589 32.72 -25.82 57.95
N ASP W 590 32.56 -24.64 57.36
CA ASP W 590 31.23 -24.25 56.91
C ASP W 590 30.83 -25.07 55.68
N HIS W 591 31.80 -25.40 54.83
CA HIS W 591 31.53 -26.36 53.77
C HIS W 591 31.01 -27.65 54.36
N VAL W 592 31.64 -28.13 55.45
CA VAL W 592 31.15 -29.39 56.02
C VAL W 592 29.84 -29.17 56.76
N PHE W 593 29.55 -27.95 57.21
CA PHE W 593 28.21 -27.64 57.70
C PHE W 593 27.15 -27.94 56.66
N LEU W 594 27.29 -27.29 55.50
CA LEU W 594 26.35 -27.52 54.42
C LEU W 594 26.31 -28.99 54.06
N GLY W 595 27.48 -29.64 54.05
CA GLY W 595 27.52 -31.06 53.74
C GLY W 595 26.75 -31.90 54.73
N LEU W 596 26.82 -31.56 56.01
CA LEU W 596 26.12 -32.37 56.99
C LEU W 596 24.61 -32.16 56.91
N PHE W 597 24.19 -30.94 56.59
CA PHE W 597 22.79 -30.74 56.24
C PHE W 597 22.38 -31.71 55.12
N TRP W 598 23.17 -31.74 54.06
CA TRP W 598 22.79 -32.55 52.92
C TRP W 598 22.77 -34.03 53.25
N MET W 599 23.77 -34.51 53.98
CA MET W 599 23.79 -35.92 54.34
C MET W 599 22.64 -36.27 55.26
N PHE W 600 22.22 -35.32 56.11
CA PHE W 600 20.98 -35.49 56.84
C PHE W 600 19.84 -35.81 55.89
N ASN W 601 19.67 -34.96 54.87
CA ASN W 601 18.61 -35.25 53.90
C ASN W 601 18.76 -36.65 53.32
N THR W 602 19.96 -36.98 52.88
CA THR W 602 20.22 -38.27 52.24
C THR W 602 19.75 -39.41 53.13
N ILE W 603 20.32 -39.51 54.32
CA ILE W 603 20.04 -40.65 55.18
C ILE W 603 18.59 -40.65 55.62
N ALA W 604 17.98 -39.47 55.79
CA ALA W 604 16.58 -39.42 56.19
C ALA W 604 15.69 -40.06 55.13
N ILE W 605 15.86 -39.63 53.87
CA ILE W 605 15.00 -40.23 52.86
C ILE W 605 15.37 -41.68 52.62
N ALA W 606 16.63 -42.04 52.86
CA ALA W 606 17.03 -43.44 52.72
C ALA W 606 16.29 -44.32 53.71
N VAL W 607 16.22 -43.90 54.97
CA VAL W 607 15.53 -44.70 55.97
C VAL W 607 14.02 -44.68 55.71
N TYR W 608 13.51 -43.55 55.23
CA TYR W 608 12.11 -43.53 54.78
C TYR W 608 11.86 -44.65 53.78
N HIS W 609 12.66 -44.69 52.72
CA HIS W 609 12.47 -45.68 51.66
C HIS W 609 12.57 -47.10 52.20
N PHE W 610 13.62 -47.38 52.96
CA PHE W 610 13.82 -48.73 53.50
C PHE W 610 12.63 -49.16 54.36
N SER W 611 12.25 -48.33 55.33
CA SER W 611 11.16 -48.69 56.22
C SER W 611 9.88 -48.93 55.43
N TRP W 612 9.56 -48.02 54.51
CA TRP W 612 8.28 -48.15 53.81
C TRP W 612 8.25 -49.41 52.95
N LYS W 613 9.36 -49.74 52.26
CA LYS W 613 9.31 -50.94 51.43
C LYS W 613 9.26 -52.20 52.29
N MET W 614 10.11 -52.28 53.31
CA MET W 614 10.15 -53.50 54.11
C MET W 614 8.97 -53.60 55.08
N GLN W 615 8.10 -52.60 55.12
CA GLN W 615 6.81 -52.79 55.75
C GLN W 615 5.67 -52.88 54.74
N SER W 616 5.93 -52.60 53.47
CA SER W 616 4.89 -52.62 52.45
C SER W 616 4.81 -53.92 51.68
N ASP W 617 5.93 -54.50 51.25
CA ASP W 617 5.89 -55.73 50.48
C ASP W 617 6.85 -56.79 51.00
N VAL W 618 7.35 -56.65 52.22
CA VAL W 618 8.23 -57.68 52.78
C VAL W 618 7.65 -58.23 54.08
N TRP W 619 6.92 -57.40 54.82
CA TRP W 619 6.50 -57.76 56.16
C TRP W 619 5.00 -57.59 56.34
N GLY W 620 4.45 -58.38 57.26
CA GLY W 620 3.02 -58.44 57.50
C GLY W 620 2.65 -59.62 58.38
N THR W 621 1.67 -60.41 57.95
CA THR W 621 1.29 -61.67 58.59
C THR W 621 1.23 -62.76 57.52
N ILE W 622 0.95 -63.99 57.94
CA ILE W 622 0.90 -65.13 57.03
C ILE W 622 -0.26 -66.04 57.41
N ASP W 623 -0.84 -66.69 56.40
CA ASP W 623 -1.91 -67.67 56.51
C ASP W 623 -1.35 -69.08 56.32
N PRO W 624 -2.16 -70.12 56.61
CA PRO W 624 -1.68 -71.50 56.39
C PRO W 624 -1.21 -71.77 54.97
N ASP W 625 -1.69 -71.04 53.98
CA ASP W 625 -1.21 -71.21 52.61
C ASP W 625 0.10 -70.50 52.36
N GLY W 626 0.81 -70.06 53.39
CA GLY W 626 1.90 -69.15 53.18
C GLY W 626 1.48 -67.78 52.69
N THR W 627 0.19 -67.47 52.78
CA THR W 627 -0.36 -66.23 52.24
C THR W 627 0.15 -65.02 53.02
N ILE W 628 1.11 -64.30 52.43
CA ILE W 628 1.67 -63.12 53.08
C ILE W 628 0.69 -61.97 52.91
N ALA W 629 0.02 -61.60 54.00
CA ALA W 629 -0.82 -60.41 54.05
C ALA W 629 0.03 -59.29 54.64
N HIS W 630 0.63 -58.49 53.76
CA HIS W 630 1.57 -57.47 54.21
C HIS W 630 0.85 -56.39 55.02
N ILE W 631 1.64 -55.60 55.74
CA ILE W 631 1.09 -54.61 56.65
C ILE W 631 0.28 -53.55 55.88
N THR W 632 0.91 -52.92 54.88
CA THR W 632 0.30 -51.78 54.22
C THR W 632 -0.52 -52.19 52.99
N GLY W 633 0.03 -53.02 52.14
CA GLY W 633 -0.64 -53.46 50.94
C GLY W 633 -0.02 -53.06 49.62
N GLY W 634 1.30 -52.90 49.56
CA GLY W 634 1.94 -52.54 48.30
C GLY W 634 1.58 -51.15 47.83
N ASN W 635 2.04 -50.12 48.54
CA ASN W 635 1.61 -48.76 48.29
C ASN W 635 2.51 -48.00 47.32
N PHE W 636 3.70 -48.52 47.02
CA PHE W 636 4.60 -47.86 46.08
C PHE W 636 4.04 -47.88 44.66
N ALA W 637 3.57 -49.05 44.20
CA ALA W 637 2.94 -49.14 42.90
C ALA W 637 1.71 -48.25 42.79
N MET W 638 1.25 -47.68 43.90
CA MET W 638 0.02 -46.91 43.93
C MET W 638 0.24 -45.42 44.18
N SER W 639 1.13 -45.04 45.09
CA SER W 639 1.27 -43.64 45.48
C SER W 639 2.70 -43.14 45.55
N ALA W 640 3.71 -44.01 45.60
CA ALA W 640 5.08 -43.54 45.74
C ALA W 640 5.61 -43.07 44.40
N ASN W 641 4.84 -42.21 43.73
CA ASN W 641 5.23 -41.63 42.46
C ASN W 641 4.96 -40.14 42.39
N THR W 642 4.08 -39.62 43.24
CA THR W 642 3.74 -38.20 43.27
C THR W 642 3.98 -37.69 44.69
N ILE W 643 4.22 -36.39 44.81
CA ILE W 643 4.64 -35.83 46.09
C ILE W 643 3.50 -35.89 47.11
N ASN W 644 2.32 -35.38 46.72
CA ASN W 644 1.20 -35.36 47.65
C ASN W 644 0.89 -36.75 48.20
N GLY W 645 1.08 -37.78 47.38
CA GLY W 645 0.92 -39.14 47.87
C GLY W 645 1.96 -39.49 48.92
N TRP W 646 3.18 -38.97 48.76
CA TRP W 646 4.26 -39.33 49.67
C TRP W 646 4.00 -38.84 51.09
N LEU W 647 3.37 -37.69 51.26
CA LEU W 647 2.99 -37.23 52.59
C LEU W 647 1.75 -37.96 53.09
N ARG W 648 0.77 -38.17 52.22
CA ARG W 648 -0.44 -38.86 52.61
C ARG W 648 -0.12 -40.28 53.08
N ASP W 649 0.32 -41.10 52.15
CA ASP W 649 0.49 -42.53 52.36
C ASP W 649 1.70 -42.87 53.15
N TYR W 650 2.46 -41.95 53.74
CA TYR W 650 3.49 -42.35 54.68
C TYR W 650 3.20 -41.83 56.08
N GLN W 651 3.07 -40.52 56.28
CA GLN W 651 2.93 -40.02 57.63
C GLN W 651 1.50 -40.14 58.17
N TRP W 652 0.49 -40.31 57.32
CA TRP W 652 -0.81 -40.69 57.87
C TRP W 652 -0.69 -41.96 58.69
N ALA W 653 -0.01 -42.96 58.14
CA ALA W 653 0.24 -44.18 58.90
C ALA W 653 1.26 -43.96 60.00
N GLN W 654 2.25 -43.12 59.77
CA GLN W 654 3.37 -42.99 60.72
C GLN W 654 3.01 -42.17 61.95
N ALA W 655 1.81 -41.60 62.03
CA ALA W 655 1.46 -40.81 63.21
C ALA W 655 0.05 -41.04 63.74
N ALA W 656 -0.84 -41.71 63.01
CA ALA W 656 -2.26 -41.74 63.34
C ALA W 656 -2.53 -42.32 64.72
N GLN W 657 -1.53 -42.95 65.33
CA GLN W 657 -1.67 -43.44 66.69
C GLN W 657 -0.95 -42.58 67.72
N VAL W 658 0.20 -41.98 67.34
CA VAL W 658 0.98 -41.19 68.29
C VAL W 658 0.15 -40.08 68.91
N ILE W 659 -0.84 -39.57 68.16
CA ILE W 659 -1.77 -38.60 68.73
C ILE W 659 -2.47 -39.19 69.94
N GLN W 660 -2.93 -40.43 69.84
CA GLN W 660 -3.65 -41.08 70.92
C GLN W 660 -2.87 -42.22 71.58
N SER W 661 -1.60 -42.42 71.20
CA SER W 661 -0.84 -43.54 71.74
C SER W 661 -0.53 -43.41 73.21
N TYR W 662 -1.00 -42.35 73.88
CA TYR W 662 -0.87 -42.19 75.31
C TYR W 662 -2.23 -42.38 75.97
N GLY W 663 -2.21 -42.77 77.24
CA GLY W 663 -3.41 -42.69 78.06
C GLY W 663 -3.84 -43.96 78.76
N SER W 664 -2.90 -44.87 78.99
CA SER W 664 -3.19 -46.08 79.76
C SER W 664 -1.88 -46.59 80.35
N ALA W 665 -1.91 -47.82 80.86
CA ALA W 665 -0.77 -48.40 81.55
C ALA W 665 0.42 -48.55 80.62
N LEU W 666 0.33 -49.43 79.62
CA LEU W 666 1.46 -49.58 78.71
C LEU W 666 1.31 -48.65 77.51
N SER W 667 0.95 -47.40 77.79
CA SER W 667 0.92 -46.34 76.80
C SER W 667 1.41 -45.01 77.30
N ALA W 668 1.56 -44.83 78.61
CA ALA W 668 1.67 -43.50 79.21
C ALA W 668 2.87 -42.71 78.73
N TYR W 669 3.80 -43.32 78.00
CA TYR W 669 5.03 -42.62 77.64
C TYR W 669 4.74 -41.57 76.57
N GLY W 670 4.11 -40.48 76.99
CA GLY W 670 3.94 -39.35 76.11
C GLY W 670 5.28 -38.94 75.54
N LEU W 671 5.47 -39.17 74.25
CA LEU W 671 6.78 -39.04 73.65
C LEU W 671 7.11 -37.58 73.33
N LEU W 672 8.40 -37.28 73.33
CA LEU W 672 8.88 -35.93 73.13
C LEU W 672 9.01 -35.60 71.65
N PHE W 673 7.98 -35.93 70.87
CA PHE W 673 7.87 -35.55 69.47
C PHE W 673 7.17 -34.20 69.38
N LEU W 674 6.05 -34.09 70.09
CA LEU W 674 5.47 -32.84 70.54
C LEU W 674 6.53 -31.92 71.14
N GLY W 675 7.57 -32.50 71.74
CA GLY W 675 8.59 -31.70 72.39
C GLY W 675 9.73 -31.30 71.48
N ALA W 676 10.01 -32.09 70.45
CA ALA W 676 11.19 -31.85 69.63
C ALA W 676 11.00 -30.67 68.68
N HIS W 677 9.76 -30.44 68.24
CA HIS W 677 9.49 -29.30 67.37
C HIS W 677 9.98 -28.00 68.01
N PHE W 678 9.77 -27.86 69.31
CA PHE W 678 10.17 -26.64 70.00
C PHE W 678 11.66 -26.42 69.87
N VAL W 679 12.46 -27.47 70.13
CA VAL W 679 13.89 -27.33 70.01
C VAL W 679 14.28 -27.04 68.57
N TRP W 680 13.50 -27.54 67.61
CA TRP W 680 13.79 -27.27 66.21
C TRP W 680 13.62 -25.79 65.87
N ALA W 681 12.50 -25.20 66.27
CA ALA W 681 12.30 -23.78 66.00
C ALA W 681 13.29 -22.92 66.77
N PHE W 682 13.52 -23.26 68.04
CA PHE W 682 14.53 -22.58 68.82
C PHE W 682 15.89 -22.68 68.14
N SER W 683 16.13 -23.78 67.45
CA SER W 683 17.35 -23.96 66.67
C SER W 683 17.38 -22.90 65.59
N LEU W 684 16.40 -22.94 64.70
CA LEU W 684 16.43 -22.07 63.53
C LEU W 684 16.46 -20.60 63.93
N MET W 685 16.06 -20.26 65.15
CA MET W 685 16.20 -18.89 65.62
C MET W 685 17.65 -18.45 65.59
N PHE W 686 18.57 -19.32 66.00
CA PHE W 686 19.98 -18.94 66.08
C PHE W 686 20.58 -18.69 64.71
N LEU W 687 20.05 -19.33 63.67
CA LEU W 687 20.67 -19.26 62.35
C LEU W 687 20.44 -17.91 61.71
N PHE W 688 19.19 -17.45 61.65
CA PHE W 688 18.82 -16.31 60.82
C PHE W 688 19.31 -14.99 61.36
N SER W 689 19.78 -14.92 62.59
CA SER W 689 20.05 -13.66 63.26
C SER W 689 21.54 -13.43 63.45
N GLY W 690 21.93 -12.15 63.43
CA GLY W 690 23.29 -11.75 63.74
C GLY W 690 23.56 -11.77 65.23
N ARG W 691 24.50 -10.92 65.65
CA ARG W 691 24.87 -10.88 67.05
C ARG W 691 24.83 -9.48 67.66
N GLY W 692 25.15 -8.43 66.88
CA GLY W 692 25.17 -7.09 67.44
C GLY W 692 23.89 -6.71 68.13
N TYR W 693 22.76 -7.19 67.60
CA TYR W 693 21.48 -6.97 68.25
C TYR W 693 21.48 -7.51 69.67
N TRP W 694 21.89 -8.76 69.84
CA TRP W 694 21.93 -9.35 71.18
C TRP W 694 22.93 -8.62 72.06
N GLN W 695 24.04 -8.18 71.49
CA GLN W 695 25.02 -7.43 72.27
C GLN W 695 24.41 -6.15 72.83
N GLU W 696 23.65 -5.43 72.02
CA GLU W 696 23.05 -4.19 72.49
C GLU W 696 21.97 -4.44 73.54
N LEU W 697 21.14 -5.46 73.34
CA LEU W 697 20.17 -5.81 74.37
C LEU W 697 20.87 -6.15 75.68
N ILE W 698 21.99 -6.89 75.59
CA ILE W 698 22.78 -7.21 76.76
C ILE W 698 23.24 -5.95 77.46
N GLU W 699 23.73 -4.97 76.69
CA GLU W 699 24.21 -3.73 77.28
C GLU W 699 23.10 -2.98 78.01
N SER W 700 21.88 -3.02 77.47
CA SER W 700 20.77 -2.37 78.17
C SER W 700 20.45 -3.06 79.49
N ILE W 701 20.37 -4.39 79.48
CA ILE W 701 20.12 -5.10 80.74
C ILE W 701 21.24 -4.83 81.74
N VAL W 702 22.48 -4.70 81.24
CA VAL W 702 23.61 -4.34 82.10
C VAL W 702 23.40 -2.97 82.72
N TRP W 703 22.93 -2.00 81.92
CA TRP W 703 22.62 -0.69 82.46
C TRP W 703 21.66 -0.79 83.64
N ALA W 704 20.58 -1.54 83.46
CA ALA W 704 19.60 -1.66 84.53
C ALA W 704 20.22 -2.28 85.78
N HIS W 705 20.91 -3.43 85.61
CA HIS W 705 21.51 -4.10 86.75
C HIS W 705 22.52 -3.21 87.45
N ASN W 706 23.30 -2.44 86.69
CA ASN W 706 24.24 -1.51 87.30
C ASN W 706 23.51 -0.41 88.06
N LYS W 707 22.34 0.00 87.59
CA LYS W 707 21.58 0.98 88.34
C LYS W 707 21.12 0.41 89.69
N LEU W 708 20.79 -0.88 89.74
CA LEU W 708 20.43 -1.46 91.03
C LEU W 708 21.59 -2.15 91.74
N LYS W 709 22.84 -1.84 91.38
CA LYS W 709 24.01 -2.31 92.12
C LYS W 709 24.06 -3.84 92.20
N VAL W 710 23.87 -4.49 91.06
CA VAL W 710 23.96 -5.94 91.02
C VAL W 710 24.81 -6.36 89.83
N ALA W 711 25.54 -5.41 89.25
CA ALA W 711 26.35 -5.63 88.07
C ALA W 711 27.29 -6.82 88.27
N PRO W 712 27.18 -7.88 87.46
CA PRO W 712 28.13 -8.99 87.55
C PRO W 712 29.51 -8.52 87.10
N THR W 713 30.52 -8.77 87.95
CA THR W 713 31.87 -8.32 87.65
C THR W 713 32.35 -8.87 86.32
N ILE W 714 32.22 -10.17 86.12
CA ILE W 714 32.55 -10.77 84.83
C ILE W 714 31.53 -10.28 83.80
N GLN W 715 31.99 -9.45 82.87
CA GLN W 715 31.08 -8.76 81.97
C GLN W 715 30.57 -9.71 80.89
N PRO W 716 29.28 -9.99 80.82
CA PRO W 716 28.76 -10.89 79.79
C PRO W 716 28.97 -10.32 78.40
N ARG W 717 29.26 -11.21 77.45
CA ARG W 717 29.41 -10.84 76.06
C ARG W 717 28.68 -11.89 75.21
N ALA W 718 28.01 -11.42 74.15
CA ALA W 718 27.23 -12.30 73.32
C ALA W 718 28.12 -13.33 72.63
N LEU W 719 27.48 -14.37 72.11
CA LEU W 719 28.21 -15.45 71.46
C LEU W 719 28.91 -14.97 70.21
N SER W 720 29.99 -15.64 69.84
CA SER W 720 30.62 -15.38 68.56
C SER W 720 29.85 -16.08 67.46
N ILE W 721 29.87 -15.49 66.26
CA ILE W 721 28.97 -15.93 65.20
C ILE W 721 29.21 -17.39 64.86
N ILE W 722 30.46 -17.85 64.92
CA ILE W 722 30.72 -19.27 64.68
C ILE W 722 30.14 -20.12 65.80
N GLN W 723 30.27 -19.65 67.05
CA GLN W 723 29.63 -20.35 68.17
C GLN W 723 28.12 -20.44 67.97
N GLY W 724 27.50 -19.34 67.57
CA GLY W 724 26.06 -19.36 67.36
C GLY W 724 25.65 -20.28 66.23
N ARG W 725 26.41 -20.25 65.13
CA ARG W 725 26.15 -21.16 64.03
C ARG W 725 26.24 -22.61 64.50
N ALA W 726 27.25 -22.92 65.31
CA ALA W 726 27.43 -24.28 65.79
C ALA W 726 26.25 -24.72 66.66
N VAL W 727 25.84 -23.86 67.60
CA VAL W 727 24.74 -24.28 68.47
C VAL W 727 23.45 -24.39 67.68
N GLY W 728 23.27 -23.53 66.67
CA GLY W 728 22.08 -23.63 65.84
C GLY W 728 22.02 -24.95 65.10
N VAL W 729 23.11 -25.32 64.43
CA VAL W 729 23.09 -26.56 63.66
C VAL W 729 22.96 -27.76 64.60
N ALA W 730 23.59 -27.70 65.77
CA ALA W 730 23.46 -28.79 66.73
C ALA W 730 22.01 -28.99 67.13
N HIS W 731 21.34 -27.91 67.54
CA HIS W 731 19.96 -28.03 67.97
C HIS W 731 19.07 -28.49 66.82
N TYR W 732 19.35 -28.02 65.61
CA TYR W 732 18.59 -28.44 64.44
C TYR W 732 18.65 -29.95 64.28
N LEU W 733 19.87 -30.49 64.19
CA LEU W 733 20.05 -31.93 64.03
C LEU W 733 19.39 -32.70 65.16
N LEU W 734 19.59 -32.24 66.40
CA LEU W 734 19.03 -32.95 67.54
C LEU W 734 17.51 -33.05 67.43
N GLY W 735 16.85 -31.92 67.20
CA GLY W 735 15.40 -31.94 67.08
C GLY W 735 14.93 -32.87 65.98
N ALA W 736 15.56 -32.78 64.82
CA ALA W 736 15.10 -33.59 63.70
C ALA W 736 15.23 -35.08 64.00
N ILE W 737 16.40 -35.51 64.48
CA ILE W 737 16.61 -36.94 64.69
C ILE W 737 15.75 -37.45 65.84
N VAL W 738 15.54 -36.63 66.87
CA VAL W 738 14.64 -37.03 67.94
C VAL W 738 13.24 -37.26 67.40
N THR W 739 12.75 -36.29 66.62
CA THR W 739 11.45 -36.41 65.98
C THR W 739 11.31 -37.75 65.25
N ILE W 740 12.27 -38.05 64.38
CA ILE W 740 12.10 -39.21 63.50
C ILE W 740 12.19 -40.51 64.29
N TRP W 741 13.10 -40.59 65.27
CA TRP W 741 13.16 -41.85 66.00
C TRP W 741 11.91 -42.05 66.83
N ALA W 742 11.37 -40.98 67.40
CA ALA W 742 10.07 -41.09 68.06
C ALA W 742 9.03 -41.66 67.09
N PHE W 743 8.99 -41.11 65.87
CA PHE W 743 8.06 -41.58 64.85
C PHE W 743 8.08 -43.09 64.70
N PHE W 744 9.20 -43.63 64.26
CA PHE W 744 9.13 -45.04 63.90
C PHE W 744 9.23 -45.96 65.11
N GLU W 745 9.72 -45.48 66.25
CA GLU W 745 9.63 -46.28 67.46
C GLU W 745 8.18 -46.57 67.81
N ALA W 746 7.38 -45.51 67.93
CA ALA W 746 5.96 -45.71 68.21
C ALA W 746 5.28 -46.49 67.09
N ARG W 747 5.72 -46.29 65.85
CA ARG W 747 5.11 -47.02 64.74
C ARG W 747 5.35 -48.52 64.83
N ILE W 748 6.55 -48.93 65.25
CA ILE W 748 6.81 -50.36 65.42
C ILE W 748 6.08 -50.89 66.64
N ILE W 749 6.00 -50.09 67.71
CA ILE W 749 5.23 -50.51 68.87
C ILE W 749 3.79 -50.78 68.50
N SER W 750 3.27 -50.05 67.51
CA SER W 750 1.90 -50.32 67.06
C SER W 750 1.74 -51.65 66.34
N VAL W 751 2.84 -52.29 65.94
CA VAL W 751 2.77 -53.61 65.30
C VAL W 751 3.59 -54.67 66.03
N GLY W 752 4.64 -54.29 66.75
CA GLY W 752 5.45 -55.25 67.46
C GLY W 752 5.04 -55.41 68.92
N THR X 3 26.04 6.43 29.84
CA THR X 3 25.34 7.18 30.87
C THR X 3 23.85 6.98 30.78
N LYS X 4 23.42 6.09 29.87
CA LYS X 4 21.99 5.93 29.63
C LYS X 4 21.32 5.22 30.80
N PHE X 5 21.72 3.98 31.08
CA PHE X 5 21.11 3.30 32.20
C PHE X 5 22.14 2.94 33.25
N PRO X 6 21.93 3.31 34.52
CA PRO X 6 20.79 4.15 34.90
C PRO X 6 21.14 5.64 34.89
N LYS X 7 20.31 6.45 34.22
CA LYS X 7 20.64 7.87 34.12
C LYS X 7 20.48 8.57 35.45
N PHE X 8 19.51 8.15 36.27
CA PHE X 8 19.21 8.85 37.52
C PHE X 8 20.36 8.73 38.50
N SER X 9 21.41 7.99 38.13
CA SER X 9 22.62 7.91 38.94
C SER X 9 23.78 7.69 37.98
N GLN X 10 24.54 8.75 37.73
CA GLN X 10 25.70 8.65 36.85
C GLN X 10 26.72 7.64 37.36
N ASP X 11 26.75 7.42 38.68
CA ASP X 11 27.71 6.49 39.25
C ASP X 11 27.41 5.06 38.82
N LEU X 12 26.19 4.58 39.07
CA LEU X 12 25.86 3.17 38.89
C LEU X 12 26.01 2.70 37.46
N ALA X 13 26.14 3.61 36.49
CA ALA X 13 26.37 3.23 35.10
C ALA X 13 27.84 3.15 34.76
N GLN X 14 28.70 2.85 35.74
CA GLN X 14 30.14 2.75 35.55
C GLN X 14 30.66 1.46 36.17
N ASP X 15 29.99 0.35 35.86
CA ASP X 15 30.36 -0.92 36.47
C ASP X 15 29.95 -2.09 35.58
N PRO X 16 30.90 -2.91 35.13
CA PRO X 16 30.59 -4.06 34.26
C PRO X 16 30.30 -5.34 35.04
N THR X 17 29.37 -5.28 35.99
CA THR X 17 28.92 -6.45 36.73
C THR X 17 27.41 -6.47 36.74
N THR X 18 26.85 -7.68 36.55
CA THR X 18 25.39 -7.81 36.42
C THR X 18 24.66 -7.16 37.58
N ARG X 19 25.31 -7.03 38.74
CA ARG X 19 24.67 -6.39 39.88
C ARG X 19 24.12 -5.02 39.54
N ARG X 20 24.72 -4.36 38.53
CA ARG X 20 24.17 -3.10 38.03
C ARG X 20 22.67 -3.22 37.84
N LEU X 21 22.26 -4.16 36.99
CA LEU X 21 20.82 -4.39 36.77
C LEU X 21 20.11 -4.61 38.09
N TRP X 22 20.67 -5.46 38.95
CA TRP X 22 20.04 -5.72 40.24
C TRP X 22 19.89 -4.43 41.04
N TYR X 23 20.91 -3.57 41.04
CA TYR X 23 20.79 -2.31 41.73
C TYR X 23 20.11 -1.25 40.89
N GLY X 24 19.92 -1.49 39.60
CA GLY X 24 19.25 -0.52 38.76
C GLY X 24 17.78 -0.40 39.06
N ILE X 25 17.15 -1.48 39.50
CA ILE X 25 15.72 -1.51 39.70
C ILE X 25 15.35 -1.54 41.19
N ALA X 26 16.28 -1.16 42.07
CA ALA X 26 16.00 -1.06 43.49
C ALA X 26 16.19 0.36 44.00
N THR X 27 16.27 1.34 43.09
CA THR X 27 16.40 2.73 43.45
C THR X 27 15.49 3.65 42.65
N ALA X 28 14.91 3.17 41.55
CA ALA X 28 14.11 4.02 40.68
C ALA X 28 12.91 4.64 41.38
N HIS X 29 12.54 4.13 42.55
CA HIS X 29 11.48 4.73 43.35
C HIS X 29 11.99 5.31 44.65
N ASP X 30 13.28 5.61 44.72
CA ASP X 30 13.87 6.38 45.80
C ASP X 30 14.34 7.68 45.16
N PHE X 31 13.47 8.69 45.16
CA PHE X 31 13.69 9.85 44.30
C PHE X 31 14.82 10.74 44.82
N GLU X 32 14.75 11.12 46.08
CA GLU X 32 15.69 12.11 46.63
C GLU X 32 17.11 11.58 46.65
N THR X 33 17.32 10.34 46.20
CA THR X 33 18.66 9.81 46.02
C THR X 33 19.16 9.91 44.59
N HIS X 34 18.28 10.26 43.64
CA HIS X 34 18.73 10.48 42.28
C HIS X 34 19.69 11.67 42.24
N ASP X 35 20.40 11.80 41.12
CA ASP X 35 21.40 12.83 40.95
C ASP X 35 20.75 14.11 40.42
N GLY X 36 20.80 15.18 41.21
CA GLY X 36 20.42 16.49 40.74
C GLY X 36 18.93 16.77 40.64
N MET X 37 18.24 16.77 41.78
CA MET X 37 16.84 17.19 41.79
C MET X 37 16.53 17.82 43.14
N THR X 38 16.29 19.13 43.14
CA THR X 38 15.95 19.85 44.36
C THR X 38 14.48 19.61 44.70
N GLU X 39 13.99 20.33 45.71
CA GLU X 39 12.73 19.98 46.35
C GLU X 39 11.54 20.04 45.40
N GLU X 40 11.31 21.20 44.79
CA GLU X 40 10.05 21.40 44.07
C GLU X 40 9.89 20.42 42.93
N ASN X 41 10.99 20.03 42.28
CA ASN X 41 10.92 18.94 41.32
C ASN X 41 10.27 17.71 41.95
N LEU X 42 10.79 17.30 43.10
CA LEU X 42 10.25 16.12 43.79
C LEU X 42 8.79 16.31 44.14
N TYR X 43 8.45 17.48 44.69
CA TYR X 43 7.07 17.73 45.10
C TYR X 43 6.11 17.61 43.93
N GLN X 44 6.45 18.26 42.81
CA GLN X 44 5.55 18.24 41.65
C GLN X 44 5.44 16.85 41.05
N LYS X 45 6.55 16.14 40.92
CA LYS X 45 6.43 14.82 40.33
C LYS X 45 5.74 13.84 41.29
N LEU X 46 5.87 14.05 42.60
CA LEU X 46 5.08 13.26 43.55
C LEU X 46 3.60 13.54 43.39
N PHE X 47 3.25 14.82 43.21
CA PHE X 47 1.89 15.20 42.87
C PHE X 47 1.38 14.35 41.71
N ALA X 48 2.10 14.38 40.60
CA ALA X 48 1.69 13.65 39.40
C ALA X 48 1.61 12.15 39.62
N THR X 49 2.60 11.58 40.32
CA THR X 49 2.63 10.14 40.51
C THR X 49 1.51 9.67 41.42
N HIS X 50 1.20 10.44 42.46
CA HIS X 50 0.04 10.12 43.27
C HIS X 50 -1.22 10.14 42.43
N PHE X 51 -1.34 11.15 41.55
CA PHE X 51 -2.45 11.15 40.60
C PHE X 51 -2.54 9.82 39.87
N GLY X 52 -1.41 9.39 39.29
CA GLY X 52 -1.41 8.13 38.55
C GLY X 52 -1.82 6.95 39.41
N HIS X 53 -1.42 6.95 40.67
CA HIS X 53 -1.80 5.86 41.57
C HIS X 53 -3.31 5.79 41.70
N VAL X 54 -3.95 6.92 42.02
CA VAL X 54 -5.42 6.84 42.17
C VAL X 54 -6.07 6.51 40.84
N ALA X 55 -5.46 6.91 39.72
CA ALA X 55 -6.01 6.57 38.42
C ALA X 55 -6.02 5.06 38.23
N ILE X 56 -4.92 4.39 38.54
CA ILE X 56 -4.88 2.95 38.35
C ILE X 56 -5.78 2.25 39.36
N ILE X 57 -6.01 2.85 40.53
CA ILE X 57 -7.02 2.30 41.43
C ILE X 57 -8.39 2.32 40.77
N PHE X 58 -8.74 3.44 40.16
CA PHE X 58 -10.02 3.51 39.45
C PHE X 58 -10.08 2.47 38.34
N LEU X 59 -8.97 2.31 37.61
CA LEU X 59 -8.93 1.29 36.56
C LEU X 59 -9.18 -0.10 37.12
N TRP X 60 -8.61 -0.40 38.29
CA TRP X 60 -8.81 -1.69 38.92
C TRP X 60 -10.28 -1.92 39.26
N THR X 61 -10.90 -0.91 39.88
CA THR X 61 -12.32 -1.00 40.21
C THR X 61 -13.15 -1.27 38.95
N SER X 62 -12.90 -0.49 37.90
CA SER X 62 -13.58 -0.69 36.63
C SER X 62 -13.36 -2.10 36.13
N SER X 63 -12.15 -2.62 36.30
CA SER X 63 -11.81 -3.95 35.83
C SER X 63 -12.75 -4.99 36.45
N LEU X 64 -12.74 -5.05 37.78
CA LEU X 64 -13.55 -6.06 38.46
C LEU X 64 -15.03 -5.88 38.13
N LEU X 65 -15.49 -4.63 38.10
CA LEU X 65 -16.92 -4.39 37.94
C LEU X 65 -17.39 -4.72 36.53
N PHE X 66 -16.62 -4.32 35.51
CA PHE X 66 -16.98 -4.69 34.14
C PHE X 66 -16.94 -6.19 33.95
N HIS X 67 -15.92 -6.85 34.50
CA HIS X 67 -15.83 -8.29 34.31
C HIS X 67 -17.01 -9.02 34.92
N VAL X 68 -17.41 -8.63 36.13
CA VAL X 68 -18.60 -9.28 36.68
C VAL X 68 -19.84 -8.90 35.88
N ALA X 69 -19.86 -7.70 35.28
CA ALA X 69 -20.97 -7.33 34.40
C ALA X 69 -21.03 -8.19 33.15
N TRP X 70 -19.89 -8.75 32.73
CA TRP X 70 -19.84 -9.46 31.45
C TRP X 70 -20.39 -10.88 31.58
N GLN X 71 -19.75 -11.71 32.40
CA GLN X 71 -20.01 -13.14 32.40
C GLN X 71 -20.33 -13.65 33.80
N GLY X 72 -21.22 -12.96 34.50
CA GLY X 72 -21.60 -13.32 35.86
C GLY X 72 -23.07 -13.70 35.98
N ASN X 73 -23.44 -14.06 37.21
CA ASN X 73 -24.81 -14.46 37.54
C ASN X 73 -25.40 -13.57 38.63
N PHE X 74 -25.16 -12.26 38.52
CA PHE X 74 -25.60 -11.34 39.56
C PHE X 74 -27.12 -11.39 39.73
N GLU X 75 -27.87 -11.45 38.63
CA GLU X 75 -29.32 -11.51 38.73
C GLU X 75 -29.79 -12.88 39.18
N GLN X 76 -29.15 -13.94 38.66
CA GLN X 76 -29.40 -15.28 39.17
C GLN X 76 -29.02 -15.40 40.64
N TRP X 77 -28.19 -14.48 41.13
CA TRP X 77 -27.96 -14.32 42.56
C TRP X 77 -29.00 -13.46 43.23
N ILE X 78 -29.69 -12.59 42.46
CA ILE X 78 -30.79 -11.84 43.02
C ILE X 78 -31.95 -12.77 43.36
N LYS X 79 -32.27 -13.68 42.44
CA LYS X 79 -33.46 -14.52 42.62
C LYS X 79 -33.32 -15.44 43.83
N ASP X 80 -32.28 -16.26 43.87
CA ASP X 80 -32.05 -17.14 45.00
C ASP X 80 -30.79 -16.73 45.74
N PRO X 81 -30.86 -15.68 46.58
CA PRO X 81 -29.64 -15.10 47.14
C PRO X 81 -28.84 -16.03 48.05
N LEU X 82 -29.50 -16.58 49.07
CA LEU X 82 -28.78 -17.28 50.13
C LEU X 82 -28.17 -18.60 49.67
N ASN X 83 -28.39 -19.02 48.42
CA ASN X 83 -27.82 -20.25 47.92
C ASN X 83 -26.95 -20.05 46.69
N VAL X 84 -27.38 -19.23 45.74
CA VAL X 84 -26.64 -19.05 44.51
C VAL X 84 -25.28 -18.43 44.82
N ARG X 85 -24.23 -18.97 44.23
CA ARG X 85 -22.85 -18.54 44.41
C ARG X 85 -22.44 -17.57 43.30
N PRO X 86 -21.70 -16.53 43.64
CA PRO X 86 -21.29 -15.54 42.63
C PRO X 86 -20.34 -16.09 41.58
N ILE X 87 -19.96 -15.24 40.62
CA ILE X 87 -19.12 -15.63 39.50
C ILE X 87 -17.94 -14.66 39.43
N ALA X 88 -16.73 -15.19 39.30
CA ALA X 88 -15.56 -14.33 39.16
C ALA X 88 -15.36 -13.88 37.72
N HIS X 89 -15.06 -14.83 36.83
CA HIS X 89 -14.80 -14.53 35.42
C HIS X 89 -14.69 -15.85 34.68
N ALA X 90 -14.35 -15.77 33.39
CA ALA X 90 -14.20 -16.95 32.57
C ALA X 90 -12.86 -17.64 32.84
N ILE X 91 -12.73 -18.84 32.29
CA ILE X 91 -11.54 -19.67 32.47
C ILE X 91 -11.04 -20.10 31.10
N TRP X 92 -9.73 -19.99 30.88
CA TRP X 92 -9.18 -20.30 29.56
C TRP X 92 -7.73 -20.73 29.71
N ASP X 93 -7.49 -22.04 29.66
CA ASP X 93 -6.14 -22.55 29.64
C ASP X 93 -6.10 -23.89 28.92
N PRO X 94 -5.31 -24.00 27.84
CA PRO X 94 -5.24 -25.28 27.11
C PRO X 94 -4.64 -26.41 27.93
N HIS X 95 -3.72 -26.10 28.84
CA HIS X 95 -3.06 -27.11 29.66
C HIS X 95 -3.98 -27.76 30.67
N PHE X 96 -5.23 -27.31 30.77
CA PHE X 96 -6.09 -27.67 31.90
C PHE X 96 -6.36 -29.18 31.92
N GLY X 97 -6.96 -29.61 33.02
CA GLY X 97 -7.23 -31.02 33.25
C GLY X 97 -8.42 -31.55 32.50
N LYS X 98 -9.11 -32.54 33.09
CA LYS X 98 -10.32 -33.09 32.48
C LYS X 98 -11.55 -32.81 33.32
N ALA X 99 -11.56 -33.18 34.59
CA ALA X 99 -12.71 -32.92 35.45
C ALA X 99 -12.92 -31.44 35.73
N ALA X 100 -12.00 -30.58 35.28
CA ALA X 100 -12.11 -29.15 35.51
C ALA X 100 -13.40 -28.61 34.92
N VAL X 101 -13.52 -28.66 33.58
CA VAL X 101 -14.79 -28.32 32.94
C VAL X 101 -15.92 -29.15 33.52
N ASP X 102 -15.62 -30.37 33.95
CA ASP X 102 -16.64 -31.25 34.50
C ASP X 102 -17.02 -30.89 35.92
N ALA X 103 -16.19 -30.12 36.63
CA ALA X 103 -16.49 -29.70 38.00
C ALA X 103 -16.60 -28.19 38.14
N PHE X 104 -16.81 -27.46 37.05
CA PHE X 104 -16.90 -26.01 37.10
C PHE X 104 -18.26 -25.46 36.68
N THR X 105 -18.83 -25.95 35.59
CA THR X 105 -20.02 -25.33 34.99
C THR X 105 -21.21 -25.53 35.93
N GLN X 106 -21.59 -24.48 36.63
CA GLN X 106 -22.74 -24.50 37.53
C GLN X 106 -23.49 -23.18 37.34
N ALA X 107 -24.44 -22.93 38.26
CA ALA X 107 -25.31 -21.76 38.17
C ALA X 107 -25.96 -21.64 36.79
N GLY X 108 -26.25 -22.78 36.16
CA GLY X 108 -26.81 -22.80 34.83
C GLY X 108 -25.84 -22.54 33.71
N ALA X 109 -24.57 -22.27 34.02
CA ALA X 109 -23.61 -21.92 32.99
C ALA X 109 -23.15 -23.15 32.22
N THR X 110 -22.67 -22.92 30.99
CA THR X 110 -22.13 -23.97 30.15
C THR X 110 -20.63 -23.82 29.91
N TYR X 111 -20.05 -22.68 30.24
CA TYR X 111 -18.63 -22.42 30.11
C TYR X 111 -17.94 -22.56 31.45
N PRO X 112 -16.61 -22.67 31.48
CA PRO X 112 -15.91 -22.89 32.75
C PRO X 112 -15.89 -21.65 33.64
N VAL X 113 -16.97 -21.46 34.40
CA VAL X 113 -17.06 -20.32 35.30
C VAL X 113 -16.04 -20.46 36.42
N ASN X 114 -15.64 -19.32 36.98
CA ASN X 114 -14.77 -19.27 38.15
C ASN X 114 -15.55 -18.69 39.32
N ILE X 115 -15.53 -19.40 40.45
CA ILE X 115 -16.23 -18.94 41.64
C ILE X 115 -15.63 -17.63 42.12
N ALA X 116 -16.44 -16.81 42.78
CA ALA X 116 -16.00 -15.56 43.37
C ALA X 116 -16.14 -15.63 44.88
N TYR X 117 -15.20 -14.99 45.59
CA TYR X 117 -15.18 -15.03 47.05
C TYR X 117 -15.11 -13.66 47.72
N SER X 118 -14.66 -12.61 47.03
CA SER X 118 -14.50 -11.32 47.69
C SER X 118 -15.82 -10.80 48.23
N GLY X 119 -16.89 -10.90 47.45
CA GLY X 119 -18.21 -10.58 47.95
C GLY X 119 -18.73 -9.22 47.53
N VAL X 120 -18.53 -8.85 46.27
CA VAL X 120 -19.06 -7.57 45.79
C VAL X 120 -20.55 -7.63 45.53
N TYR X 121 -21.12 -8.82 45.35
CA TYR X 121 -22.54 -8.93 45.04
C TYR X 121 -23.39 -8.42 46.19
N HIS X 122 -23.10 -8.87 47.41
CA HIS X 122 -23.88 -8.48 48.56
C HIS X 122 -23.84 -6.97 48.79
N TRP X 123 -22.62 -6.42 48.82
CA TRP X 123 -22.47 -4.98 49.01
C TRP X 123 -23.16 -4.19 47.91
N TRP X 124 -23.01 -4.62 46.66
CA TRP X 124 -23.58 -3.87 45.55
C TRP X 124 -25.10 -3.90 45.59
N TYR X 125 -25.69 -5.08 45.78
CA TYR X 125 -27.15 -5.14 45.89
C TYR X 125 -27.64 -4.35 47.09
N THR X 126 -26.84 -4.33 48.18
CA THR X 126 -27.17 -3.46 49.30
C THR X 126 -27.23 -2.01 48.87
N ILE X 127 -26.32 -1.59 47.98
CA ILE X 127 -26.41 -0.24 47.44
C ILE X 127 -27.58 -0.06 46.48
N GLY X 128 -28.19 -1.16 46.03
CA GLY X 128 -29.41 -1.06 45.26
C GLY X 128 -29.26 -1.18 43.75
N MET X 129 -28.51 -2.17 43.30
CA MET X 129 -28.39 -2.48 41.89
C MET X 129 -29.34 -3.61 41.51
N ARG X 130 -29.74 -3.63 40.25
CA ARG X 130 -30.73 -4.62 39.81
C ARG X 130 -30.31 -5.40 38.57
N THR X 131 -29.66 -4.73 37.62
CA THR X 131 -29.44 -5.32 36.31
C THR X 131 -27.99 -5.16 35.86
N ASN X 132 -27.62 -5.95 34.86
CA ASN X 132 -26.27 -5.88 34.31
C ASN X 132 -25.96 -4.49 33.78
N ASN X 133 -26.92 -3.87 33.08
CA ASN X 133 -26.67 -2.55 32.49
C ASN X 133 -26.24 -1.53 33.52
N ASP X 134 -26.74 -1.64 34.76
CA ASP X 134 -26.33 -0.70 35.81
C ASP X 134 -24.82 -0.64 35.90
N LEU X 135 -24.20 -1.78 36.19
CA LEU X 135 -22.76 -1.79 36.37
C LEU X 135 -22.02 -1.71 35.04
N TYR X 136 -22.67 -2.10 33.94
CA TYR X 136 -22.10 -1.81 32.63
C TYR X 136 -21.80 -0.32 32.49
N SER X 137 -22.84 0.50 32.64
CA SER X 137 -22.65 1.95 32.59
C SER X 137 -21.71 2.43 33.68
N GLY X 138 -21.78 1.81 34.86
CA GLY X 138 -20.86 2.18 35.91
C GLY X 138 -19.41 2.10 35.47
N ALA X 139 -19.02 0.96 34.91
CA ALA X 139 -17.69 0.81 34.34
C ALA X 139 -17.43 1.88 33.29
N VAL X 140 -18.36 2.01 32.33
CA VAL X 140 -18.16 2.92 31.21
C VAL X 140 -17.84 4.32 31.72
N PHE X 141 -18.46 4.76 32.81
CA PHE X 141 -18.21 6.15 33.15
C PHE X 141 -17.04 6.33 34.13
N LEU X 142 -16.83 5.41 35.09
CA LEU X 142 -15.65 5.67 35.91
C LEU X 142 -14.37 5.44 35.11
N LEU X 143 -14.47 4.75 33.97
CA LEU X 143 -13.34 4.68 33.05
C LEU X 143 -12.97 6.07 32.51
N ILE X 144 -13.96 6.80 31.99
CA ILE X 144 -13.66 8.14 31.50
C ILE X 144 -13.20 9.03 32.65
N LEU X 145 -13.75 8.81 33.85
CA LEU X 145 -13.27 9.55 35.01
C LEU X 145 -11.78 9.32 35.21
N ALA X 146 -11.34 8.06 35.14
CA ALA X 146 -9.93 7.74 35.30
C ALA X 146 -9.10 8.44 34.23
N GLY X 147 -9.57 8.40 32.98
CA GLY X 147 -8.82 9.03 31.91
C GLY X 147 -8.67 10.53 32.10
N VAL X 148 -9.76 11.19 32.47
CA VAL X 148 -9.72 12.62 32.73
C VAL X 148 -8.78 12.93 33.88
N PHE X 149 -8.80 12.09 34.90
CA PHE X 149 -7.91 12.32 36.02
C PHE X 149 -6.45 12.18 35.59
N LEU X 150 -6.17 11.21 34.72
CA LEU X 150 -4.84 11.07 34.14
C LEU X 150 -4.43 12.34 33.42
N PHE X 151 -5.32 12.86 32.57
CA PHE X 151 -4.99 14.09 31.84
C PHE X 151 -4.72 15.24 32.82
N ALA X 152 -5.54 15.33 33.87
CA ALA X 152 -5.31 16.33 34.91
C ALA X 152 -3.91 16.21 35.46
N GLY X 153 -3.49 14.99 35.78
CA GLY X 153 -2.12 14.77 36.18
C GLY X 153 -1.13 15.30 35.16
N TRP X 154 -1.42 15.11 33.88
CA TRP X 154 -0.50 15.57 32.86
C TRP X 154 -0.40 17.09 32.82
N LEU X 155 -1.53 17.78 33.01
CA LEU X 155 -1.55 19.22 32.79
C LEU X 155 -0.54 19.94 33.69
N HIS X 156 -0.53 19.62 34.97
CA HIS X 156 0.29 20.34 35.94
C HIS X 156 1.78 20.11 35.69
N LEU X 157 2.10 19.28 34.70
CA LEU X 157 3.48 19.15 34.28
C LEU X 157 3.92 20.30 33.38
N GLN X 158 2.98 20.99 32.75
CA GLN X 158 3.31 22.08 31.86
C GLN X 158 3.76 23.30 32.68
N PRO X 159 4.64 24.14 32.11
CA PRO X 159 5.28 25.19 32.92
C PRO X 159 4.29 26.13 33.60
N LYS X 160 3.33 26.66 32.86
CA LYS X 160 2.39 27.63 33.42
C LYS X 160 1.47 27.04 34.47
N PHE X 161 1.60 25.76 34.79
CA PHE X 161 0.71 25.08 35.73
C PHE X 161 1.53 24.37 36.79
N ARG X 162 2.55 25.04 37.30
CA ARG X 162 3.46 24.45 38.28
C ARG X 162 3.20 25.05 39.64
N PRO X 163 2.58 24.31 40.57
CA PRO X 163 2.29 24.88 41.89
C PRO X 163 3.56 25.27 42.63
N SER X 164 3.36 26.04 43.70
CA SER X 164 4.47 26.62 44.45
C SER X 164 4.78 25.80 45.69
N LEU X 165 6.06 25.84 46.10
CA LEU X 165 6.45 25.13 47.31
C LEU X 165 5.70 25.67 48.52
N SER X 166 5.53 27.00 48.60
CA SER X 166 4.69 27.56 49.65
C SER X 166 3.27 27.05 49.54
N TRP X 167 2.77 26.88 48.31
CA TRP X 167 1.45 26.30 48.13
C TRP X 167 1.36 24.90 48.71
N PHE X 168 2.49 24.22 48.86
CA PHE X 168 2.52 22.92 49.51
C PHE X 168 2.68 23.03 51.02
N LYS X 169 3.43 24.03 51.50
CA LYS X 169 3.70 24.13 52.93
C LYS X 169 2.47 24.58 53.70
N SER X 170 1.64 25.45 53.11
CA SER X 170 0.46 25.96 53.79
C SER X 170 -0.52 24.83 54.08
N ALA X 171 -0.74 24.54 55.36
CA ALA X 171 -1.45 23.33 55.76
C ALA X 171 -2.95 23.56 55.98
N GLU X 172 -3.30 24.51 56.84
CA GLU X 172 -4.67 24.75 57.30
C GLU X 172 -5.71 24.73 56.18
N PRO X 173 -5.44 25.29 55.00
CA PRO X 173 -6.41 25.11 53.91
C PRO X 173 -6.63 23.65 53.54
N ARG X 174 -5.55 22.88 53.34
CA ARG X 174 -5.70 21.46 53.10
C ARG X 174 -6.45 20.79 54.25
N LEU X 175 -6.10 21.16 55.49
CA LEU X 175 -6.78 20.61 56.66
C LEU X 175 -8.29 20.78 56.54
N ASN X 176 -8.73 22.02 56.44
CA ASN X 176 -10.16 22.30 56.42
C ASN X 176 -10.82 21.65 55.22
N HIS X 177 -10.24 21.86 54.03
CA HIS X 177 -10.82 21.34 52.80
C HIS X 177 -11.01 19.83 52.87
N HIS X 178 -10.05 19.13 53.48
CA HIS X 178 -10.17 17.67 53.57
C HIS X 178 -11.17 17.28 54.65
N LEU X 179 -10.91 17.68 55.89
CA LEU X 179 -11.73 17.16 56.98
C LEU X 179 -13.17 17.66 56.94
N ALA X 180 -13.46 18.70 56.15
CA ALA X 180 -14.84 19.11 55.92
C ALA X 180 -15.30 18.77 54.52
N GLY X 181 -14.60 19.25 53.50
CA GLY X 181 -15.03 19.11 52.13
C GLY X 181 -14.56 17.89 51.39
N LEU X 182 -13.86 16.96 52.04
CA LEU X 182 -13.54 15.72 51.35
C LEU X 182 -14.56 14.63 51.59
N PHE X 183 -14.98 14.44 52.84
CA PHE X 183 -15.92 13.38 53.15
C PHE X 183 -17.19 13.86 53.83
N GLY X 184 -17.13 14.92 54.63
CA GLY X 184 -18.32 15.47 55.23
C GLY X 184 -19.38 15.74 54.17
N VAL X 185 -19.03 16.60 53.22
CA VAL X 185 -19.92 16.83 52.08
C VAL X 185 -20.09 15.54 51.28
N SER X 186 -19.07 14.69 51.24
CA SER X 186 -19.20 13.46 50.48
C SER X 186 -20.12 12.48 51.17
N SER X 187 -20.07 12.41 52.50
CA SER X 187 -21.04 11.57 53.20
C SER X 187 -22.44 12.16 53.10
N LEU X 188 -22.54 13.50 53.02
CA LEU X 188 -23.83 14.11 52.72
C LEU X 188 -24.36 13.62 51.38
N ALA X 189 -23.52 13.64 50.35
CA ALA X 189 -23.93 13.17 49.04
C ALA X 189 -24.31 11.70 49.07
N TRP X 190 -23.54 10.89 49.82
CA TRP X 190 -23.91 9.50 49.98
C TRP X 190 -25.26 9.35 50.66
N THR X 191 -25.53 10.20 51.66
CA THR X 191 -26.82 10.17 52.33
C THR X 191 -27.94 10.52 51.37
N GLY X 192 -27.70 11.48 50.50
CA GLY X 192 -28.69 11.81 49.48
C GLY X 192 -28.95 10.65 48.55
N HIS X 193 -27.88 9.96 48.13
CA HIS X 193 -28.05 8.75 47.34
C HIS X 193 -28.79 7.67 48.11
N LEU X 194 -28.62 7.64 49.43
CA LEU X 194 -29.30 6.66 50.25
C LEU X 194 -30.80 6.91 50.25
N VAL X 195 -31.22 8.11 50.65
CA VAL X 195 -32.64 8.39 50.80
C VAL X 195 -33.32 8.49 49.44
N HIS X 196 -32.56 8.84 48.39
CA HIS X 196 -33.16 8.96 47.07
C HIS X 196 -33.24 7.64 46.33
N VAL X 197 -32.25 6.77 46.53
CA VAL X 197 -32.15 5.55 45.72
C VAL X 197 -32.12 4.31 46.60
N ALA X 198 -31.22 4.30 47.59
CA ALA X 198 -30.93 3.07 48.32
C ALA X 198 -32.17 2.56 49.07
N ILE X 199 -32.76 3.42 49.91
CA ILE X 199 -33.94 2.99 50.67
C ILE X 199 -35.10 2.62 49.76
N PRO X 200 -35.43 3.36 48.70
CA PRO X 200 -36.47 2.88 47.78
C PRO X 200 -36.20 1.49 47.25
N GLU X 201 -35.01 1.24 46.70
CA GLU X 201 -34.69 -0.08 46.18
C GLU X 201 -34.76 -1.14 47.27
N SER X 202 -34.43 -0.79 48.50
CA SER X 202 -34.63 -1.71 49.61
C SER X 202 -36.10 -2.03 49.78
N ARG X 203 -36.96 -1.03 49.62
CA ARG X 203 -38.41 -1.21 49.79
C ARG X 203 -39.11 -1.64 48.49
N GLY X 204 -38.35 -1.93 47.43
CA GLY X 204 -38.91 -2.53 46.24
C GLY X 204 -39.31 -1.59 45.12
N GLN X 205 -39.17 -0.29 45.31
CA GLN X 205 -39.55 0.68 44.29
C GLN X 205 -38.32 1.02 43.44
N HIS X 206 -38.50 0.99 42.13
CA HIS X 206 -37.42 1.28 41.19
C HIS X 206 -37.36 2.78 40.91
N VAL X 207 -36.20 3.38 41.11
CA VAL X 207 -35.99 4.81 40.90
C VAL X 207 -34.77 4.95 40.01
N GLY X 208 -34.99 5.17 38.72
CA GLY X 208 -33.91 5.30 37.76
C GLY X 208 -33.30 6.69 37.74
N TRP X 209 -32.73 7.03 36.59
CA TRP X 209 -32.05 8.32 36.42
C TRP X 209 -32.98 9.39 35.88
N ASP X 210 -34.24 9.09 35.70
CA ASP X 210 -35.21 10.08 35.24
C ASP X 210 -36.38 10.25 36.20
N ASN X 211 -36.89 9.15 36.76
CA ASN X 211 -38.02 9.25 37.67
C ASN X 211 -37.65 9.88 39.00
N PHE X 212 -36.35 9.99 39.30
CA PHE X 212 -35.96 10.56 40.58
C PHE X 212 -36.24 12.05 40.64
N LEU X 213 -36.43 12.68 39.49
CA LEU X 213 -36.62 14.12 39.47
C LEU X 213 -38.01 14.55 39.94
N THR X 214 -38.99 13.65 39.94
CA THR X 214 -40.37 14.02 40.20
C THR X 214 -40.97 13.36 41.44
N THR X 215 -40.43 12.24 41.90
CA THR X 215 -40.99 11.53 43.04
C THR X 215 -40.22 11.90 44.30
N LEU X 216 -40.85 11.62 45.45
CA LEU X 216 -40.40 12.14 46.73
C LEU X 216 -39.67 11.07 47.54
N PRO X 217 -38.78 11.48 48.43
CA PRO X 217 -38.36 10.55 49.49
C PRO X 217 -39.50 10.20 50.43
N HIS X 218 -40.19 11.20 50.96
CA HIS X 218 -41.25 10.97 51.93
C HIS X 218 -42.51 11.74 51.55
N PRO X 219 -43.69 11.15 51.76
CA PRO X 219 -44.93 11.92 51.53
C PRO X 219 -45.05 13.14 52.41
N GLU X 220 -44.56 13.05 53.65
CA GLU X 220 -44.43 14.21 54.51
C GLU X 220 -43.22 15.05 54.14
N GLY X 221 -42.66 14.84 52.95
CA GLY X 221 -41.42 15.50 52.59
C GLY X 221 -41.55 17.01 52.58
N LEU X 222 -40.43 17.67 52.87
CA LEU X 222 -40.30 19.12 52.83
C LEU X 222 -41.15 19.80 53.91
N ARG X 223 -41.88 19.02 54.69
CA ARG X 223 -42.65 19.64 55.76
C ARG X 223 -41.70 19.98 56.92
N PRO X 224 -41.00 19.01 57.52
CA PRO X 224 -40.01 19.37 58.54
C PRO X 224 -38.79 20.05 57.97
N PHE X 225 -38.69 20.16 56.64
CA PHE X 225 -37.64 20.89 55.96
C PHE X 225 -37.32 22.21 56.65
N PHE X 226 -38.35 23.03 56.84
CA PHE X 226 -38.18 24.36 57.43
C PHE X 226 -39.29 24.65 58.43
N THR X 227 -39.65 23.65 59.24
CA THR X 227 -40.54 23.93 60.36
C THR X 227 -40.00 23.32 61.65
N GLY X 228 -39.20 22.26 61.52
CA GLY X 228 -38.47 21.72 62.64
C GLY X 228 -39.09 20.58 63.40
N ASN X 229 -40.09 19.90 62.85
CA ASN X 229 -40.66 18.71 63.48
C ASN X 229 -40.06 17.48 62.81
N TRP X 230 -38.81 17.19 63.18
CA TRP X 230 -38.06 16.14 62.50
C TRP X 230 -38.54 14.74 62.87
N GLY X 231 -39.32 14.59 63.93
CA GLY X 231 -39.94 13.30 64.22
C GLY X 231 -40.92 12.86 63.16
N VAL X 232 -41.42 13.79 62.35
CA VAL X 232 -42.36 13.43 61.28
C VAL X 232 -41.67 12.55 60.26
N TYR X 233 -40.40 12.85 59.93
CA TYR X 233 -39.65 11.96 59.05
C TYR X 233 -39.37 10.63 59.72
N ALA X 234 -39.30 10.62 61.06
CA ALA X 234 -39.28 9.38 61.82
C ALA X 234 -40.70 8.85 61.96
N ALA X 235 -41.32 8.63 60.80
CA ALA X 235 -42.69 8.15 60.72
C ALA X 235 -42.70 6.65 60.97
N ASN X 236 -43.81 6.00 60.64
CA ASN X 236 -43.96 4.56 60.78
C ASN X 236 -42.72 3.83 60.28
N PRO X 237 -41.97 3.19 61.16
CA PRO X 237 -40.78 2.46 60.73
C PRO X 237 -41.16 1.20 59.97
N ASP X 238 -40.17 0.50 59.42
CA ASP X 238 -40.45 -0.74 58.72
C ASP X 238 -40.95 -1.81 59.70
N THR X 239 -41.82 -2.67 59.20
CA THR X 239 -42.53 -3.60 60.07
C THR X 239 -41.61 -4.73 60.52
N ALA X 240 -42.16 -5.58 61.39
CA ALA X 240 -41.45 -6.74 61.90
C ALA X 240 -41.46 -7.92 60.94
N ASN X 241 -41.85 -7.70 59.68
CA ASN X 241 -41.86 -8.76 58.68
C ASN X 241 -41.35 -8.30 57.33
N HIS X 242 -40.83 -7.09 57.22
CA HIS X 242 -40.47 -6.53 55.92
C HIS X 242 -39.43 -7.38 55.23
N VAL X 243 -39.50 -7.43 53.91
CA VAL X 243 -38.53 -8.14 53.08
C VAL X 243 -37.95 -7.13 52.10
N PHE X 244 -36.62 -7.00 52.11
CA PHE X 244 -35.91 -6.11 51.22
C PHE X 244 -36.30 -6.37 49.77
N GLY X 245 -36.29 -5.32 48.97
CA GLY X 245 -36.64 -5.43 47.57
C GLY X 245 -38.12 -5.73 47.34
N THR X 246 -38.87 -5.88 48.44
CA THR X 246 -40.30 -6.09 48.39
C THR X 246 -40.98 -5.03 49.26
N SER X 247 -42.31 -5.13 49.36
CA SER X 247 -43.09 -4.21 50.17
C SER X 247 -43.95 -4.91 51.22
N GLN X 248 -43.74 -6.20 51.45
CA GLN X 248 -44.54 -6.95 52.43
C GLN X 248 -44.25 -6.39 53.80
N GLY X 249 -45.21 -5.65 54.35
CA GLY X 249 -45.01 -4.97 55.62
C GLY X 249 -43.95 -3.90 55.49
N ALA X 250 -44.14 -2.98 54.55
CA ALA X 250 -43.15 -1.94 54.28
C ALA X 250 -43.21 -0.87 55.36
N GLY X 251 -42.43 0.20 55.15
CA GLY X 251 -42.42 1.33 56.04
C GLY X 251 -42.27 2.62 55.28
N THR X 252 -42.51 3.72 55.98
CA THR X 252 -42.39 5.06 55.40
C THR X 252 -41.66 5.98 56.38
N ALA X 253 -40.54 5.50 56.91
CA ALA X 253 -39.68 6.27 57.80
C ALA X 253 -38.31 6.41 57.17
N ILE X 254 -37.72 7.61 57.27
CA ILE X 254 -36.47 7.92 56.61
C ILE X 254 -35.29 7.84 57.56
N LEU X 255 -35.37 8.54 58.69
CA LEU X 255 -34.30 8.56 59.69
C LEU X 255 -34.82 7.90 60.97
N THR X 256 -34.43 6.65 61.19
CA THR X 256 -34.78 5.94 62.41
C THR X 256 -33.53 5.65 63.22
N PHE X 257 -33.76 5.25 64.47
CA PHE X 257 -32.70 4.92 65.41
C PHE X 257 -32.98 3.56 66.05
N LEU X 258 -33.44 2.61 65.24
CA LEU X 258 -33.92 1.34 65.79
C LEU X 258 -32.83 0.64 66.60
N GLY X 259 -31.65 0.48 66.02
CA GLY X 259 -30.53 -0.11 66.75
C GLY X 259 -30.65 -1.61 66.91
N GLY X 260 -29.52 -2.30 66.88
CA GLY X 260 -29.53 -3.75 67.00
C GLY X 260 -29.31 -4.45 65.68
N PHE X 261 -30.37 -5.00 65.11
CA PHE X 261 -30.28 -5.70 63.83
C PHE X 261 -31.65 -5.72 63.19
N HIS X 262 -31.67 -6.11 61.93
CA HIS X 262 -32.93 -6.29 61.22
C HIS X 262 -33.30 -7.77 61.21
N PRO X 263 -34.52 -8.12 61.65
CA PRO X 263 -34.82 -9.54 61.90
C PRO X 263 -34.71 -10.46 60.68
N GLN X 264 -34.48 -9.92 59.49
CA GLN X 264 -34.36 -10.75 58.30
C GLN X 264 -32.94 -10.79 57.74
N THR X 265 -32.29 -9.63 57.59
CA THR X 265 -30.91 -9.58 57.12
C THR X 265 -29.90 -9.63 58.26
N GLN X 266 -30.37 -9.65 59.51
CA GLN X 266 -29.54 -9.66 60.72
C GLN X 266 -28.37 -8.70 60.63
N SER X 267 -28.54 -7.62 59.87
CA SER X 267 -27.52 -6.63 59.63
C SER X 267 -27.90 -5.30 60.29
N LEU X 268 -27.08 -4.29 60.06
CA LEU X 268 -27.42 -2.95 60.51
C LEU X 268 -28.61 -2.43 59.73
N TRP X 269 -29.44 -1.65 60.41
CA TRP X 269 -30.60 -1.04 59.77
C TRP X 269 -30.16 0.10 58.87
N LEU X 270 -30.83 0.22 57.72
CA LEU X 270 -30.42 1.20 56.72
C LEU X 270 -30.73 2.63 57.15
N THR X 271 -31.84 2.83 57.86
CA THR X 271 -32.17 4.17 58.34
C THR X 271 -31.19 4.61 59.42
N ASP X 272 -30.79 3.69 60.30
CA ASP X 272 -29.73 4.00 61.25
C ASP X 272 -28.47 4.43 60.52
N MET X 273 -28.17 3.76 59.40
CA MET X 273 -27.01 4.13 58.60
C MET X 273 -27.13 5.56 58.08
N ALA X 274 -28.29 5.92 57.52
CA ALA X 274 -28.47 7.25 56.97
C ALA X 274 -28.33 8.32 58.07
N HIS X 275 -29.00 8.11 59.20
CA HIS X 275 -28.92 9.07 60.29
C HIS X 275 -27.49 9.19 60.82
N HIS X 276 -26.80 8.05 60.90
CA HIS X 276 -25.38 8.04 61.26
C HIS X 276 -24.58 8.93 60.33
N HIS X 277 -24.66 8.66 59.03
CA HIS X 277 -23.88 9.41 58.05
C HIS X 277 -24.17 10.90 58.15
N LEU X 278 -25.45 11.26 58.30
CA LEU X 278 -25.81 12.67 58.45
C LEU X 278 -25.12 13.26 59.67
N ALA X 279 -25.16 12.54 60.79
CA ALA X 279 -24.50 12.99 62.00
C ALA X 279 -23.04 13.33 61.75
N ILE X 280 -22.29 12.35 61.23
CA ILE X 280 -20.85 12.59 61.08
C ILE X 280 -20.58 13.66 60.04
N ALA X 281 -21.44 13.76 59.02
CA ALA X 281 -21.26 14.79 58.00
C ALA X 281 -21.32 16.18 58.62
N VAL X 282 -22.44 16.49 59.28
CA VAL X 282 -22.56 17.80 59.89
C VAL X 282 -21.51 17.99 60.97
N LEU X 283 -21.09 16.89 61.61
CA LEU X 283 -20.11 16.99 62.69
C LEU X 283 -18.75 17.38 62.15
N PHE X 284 -18.37 16.83 60.99
CA PHE X 284 -17.11 17.22 60.36
C PHE X 284 -17.21 18.62 59.78
N ILE X 285 -18.38 19.02 59.30
CA ILE X 285 -18.54 20.38 58.79
C ILE X 285 -18.33 21.39 59.91
N ILE X 286 -19.01 21.19 61.04
CA ILE X 286 -18.75 22.06 62.17
C ILE X 286 -17.31 21.91 62.65
N ALA X 287 -16.71 20.75 62.41
CA ALA X 287 -15.28 20.60 62.64
C ALA X 287 -14.44 21.26 61.56
N GLY X 288 -15.06 21.69 60.46
CA GLY X 288 -14.29 22.23 59.35
C GLY X 288 -13.65 23.57 59.65
N HIS X 289 -14.43 24.52 60.15
CA HIS X 289 -13.95 25.88 60.39
C HIS X 289 -13.19 26.00 61.70
N MET X 290 -12.69 24.88 62.21
CA MET X 290 -12.06 24.81 63.52
C MET X 290 -10.69 25.48 63.59
N TYR X 291 -9.96 25.60 62.48
CA TYR X 291 -8.64 26.20 62.51
C TYR X 291 -8.66 27.58 61.87
N ARG X 292 -7.47 28.16 61.74
CA ARG X 292 -7.28 29.51 61.21
C ARG X 292 -6.84 29.45 59.75
N THR X 293 -7.52 30.21 58.91
CA THR X 293 -7.22 30.27 57.49
C THR X 293 -6.46 31.57 57.17
N ASN X 294 -6.34 31.86 55.88
CA ASN X 294 -5.80 33.13 55.38
C ASN X 294 -6.74 34.31 55.58
N PHE X 295 -7.85 34.15 56.29
CA PHE X 295 -8.88 35.19 56.32
C PHE X 295 -8.81 36.06 57.57
N GLY X 296 -8.37 35.51 58.70
CA GLY X 296 -8.16 36.33 59.89
C GLY X 296 -8.89 35.92 61.15
N ILE X 297 -9.26 34.65 61.29
CA ILE X 297 -9.85 34.15 62.52
C ILE X 297 -9.31 32.75 62.76
N GLY X 298 -9.53 32.24 63.97
CA GLY X 298 -9.33 30.82 64.23
C GLY X 298 -8.08 30.43 65.00
N HIS X 299 -7.67 29.17 64.82
CA HIS X 299 -6.58 28.58 65.57
C HIS X 299 -5.34 28.44 64.70
N SER X 300 -4.26 29.10 65.10
CA SER X 300 -2.99 29.03 64.37
C SER X 300 -2.19 27.86 64.93
N ILE X 301 -2.28 26.71 64.23
CA ILE X 301 -1.69 25.46 64.73
C ILE X 301 -0.25 25.66 65.16
N LYS X 302 0.58 26.12 64.23
CA LYS X 302 2.01 26.27 64.52
C LYS X 302 2.28 27.29 65.61
N GLU X 303 1.25 27.97 66.12
CA GLU X 303 1.42 28.88 67.25
C GLU X 303 0.42 28.63 68.38
N MET X 304 -0.61 27.80 68.19
CA MET X 304 -1.44 27.41 69.31
C MET X 304 -0.60 26.74 70.39
N LEU X 305 0.11 25.69 70.02
CA LEU X 305 1.05 25.06 70.94
C LEU X 305 2.29 25.90 71.18
N ASN X 306 2.40 27.06 70.55
CA ASN X 306 3.37 28.07 70.97
C ASN X 306 2.74 28.97 72.02
N ALA X 307 2.22 28.33 73.07
CA ALA X 307 1.60 29.01 74.20
C ALA X 307 2.33 28.56 75.46
N LYS X 308 3.09 29.45 76.06
CA LYS X 308 3.87 29.14 77.24
C LYS X 308 3.51 30.03 78.42
N ASN X 309 2.24 30.44 78.49
CA ASN X 309 1.76 31.29 79.57
C ASN X 309 0.24 31.25 79.63
N PHE X 310 -0.30 31.07 80.83
CA PHE X 310 -1.73 31.19 81.07
C PHE X 310 -2.01 31.24 82.57
N PHE X 311 -2.81 32.21 83.00
CA PHE X 311 -3.27 32.29 84.38
C PHE X 311 -2.09 32.38 85.34
N GLY X 312 -1.17 33.30 85.03
CA GLY X 312 -0.02 33.52 85.89
C GLY X 312 1.00 32.42 85.79
N THR X 313 0.65 31.23 86.28
CA THR X 313 1.53 30.08 86.19
C THR X 313 1.74 29.75 84.72
N LYS X 314 2.93 30.04 84.19
CA LYS X 314 3.06 30.18 82.75
C LYS X 314 2.74 28.88 82.01
N THR X 315 3.71 27.97 81.95
CA THR X 315 3.63 26.53 81.68
C THR X 315 5.04 26.00 81.43
N GLU X 316 5.16 24.70 81.19
CA GLU X 316 6.20 24.18 80.31
C GLU X 316 5.66 23.85 78.94
N GLY X 317 4.36 24.00 78.75
CA GLY X 317 3.63 23.67 77.55
C GLY X 317 2.26 23.15 77.93
N GLN X 318 1.54 22.60 76.96
CA GLN X 318 0.27 21.96 77.26
C GLN X 318 0.53 20.69 78.06
N PHE X 319 -0.31 20.44 79.06
CA PHE X 319 -0.08 19.45 80.10
C PHE X 319 1.23 19.67 80.85
N ASN X 320 1.83 20.86 80.72
CA ASN X 320 3.07 21.21 81.42
C ASN X 320 4.24 20.35 80.95
N LEU X 321 4.45 20.30 79.64
CA LEU X 321 5.60 19.63 79.04
C LEU X 321 6.10 20.42 77.85
N PRO X 322 7.41 20.37 77.58
CA PRO X 322 7.97 21.17 76.47
C PRO X 322 7.46 20.69 75.13
N HIS X 323 7.16 21.65 74.26
CA HIS X 323 6.69 21.33 72.92
C HIS X 323 7.23 22.26 71.84
N GLN X 324 8.21 23.11 72.17
CA GLN X 324 8.62 24.18 71.26
C GLN X 324 9.62 23.66 70.24
N GLY X 325 9.31 23.87 68.96
CA GLY X 325 10.29 23.71 67.90
C GLY X 325 10.12 22.52 66.99
N LEU X 326 9.11 21.67 67.20
CA LEU X 326 8.96 20.48 66.39
C LEU X 326 7.86 20.58 65.34
N TYR X 327 6.98 21.58 65.45
CA TYR X 327 5.85 21.68 64.52
C TYR X 327 6.30 22.00 63.10
N ASP X 328 7.49 22.55 62.93
CA ASP X 328 8.04 22.70 61.59
C ASP X 328 8.48 21.35 61.02
N THR X 329 8.90 20.43 61.88
CA THR X 329 9.41 19.14 61.41
C THR X 329 8.34 18.37 60.64
N ILE X 330 7.13 18.27 61.21
CA ILE X 330 6.03 17.63 60.51
C ILE X 330 5.80 18.28 59.16
N ASN X 331 6.14 19.57 59.03
CA ASN X 331 6.13 20.23 57.74
C ASN X 331 7.48 20.20 57.05
N ASN X 332 8.56 19.88 57.78
CA ASN X 332 9.86 19.75 57.15
C ASN X 332 10.04 18.38 56.50
N SER X 333 9.96 17.33 57.30
CA SER X 333 10.15 15.97 56.83
C SER X 333 8.90 15.47 56.11
N LEU X 334 9.07 14.36 55.38
CA LEU X 334 7.97 13.59 54.84
C LEU X 334 7.83 12.22 55.48
N HIS X 335 8.95 11.59 55.86
CA HIS X 335 8.89 10.31 56.54
C HIS X 335 8.06 10.40 57.81
N PHE X 336 8.05 11.55 58.47
CA PHE X 336 7.26 11.72 59.68
C PHE X 336 5.77 11.55 59.38
N GLN X 337 5.24 12.36 58.45
CA GLN X 337 3.83 12.26 58.10
C GLN X 337 3.51 10.87 57.57
N LEU X 338 4.41 10.30 56.77
CA LEU X 338 4.17 8.98 56.24
C LEU X 338 4.02 7.96 57.35
N SER X 339 4.90 8.01 58.35
CA SER X 339 4.83 7.09 59.46
C SER X 339 3.54 7.26 60.24
N LEU X 340 3.16 8.51 60.51
CA LEU X 340 1.91 8.75 61.23
C LEU X 340 0.73 8.16 60.47
N ALA X 341 0.68 8.41 59.16
CA ALA X 341 -0.42 7.91 58.36
C ALA X 341 -0.46 6.40 58.36
N LEU X 342 0.71 5.78 58.18
CA LEU X 342 0.77 4.31 58.14
C LEU X 342 0.29 3.72 59.47
N ALA X 343 0.78 4.25 60.59
CA ALA X 343 0.36 3.75 61.88
C ALA X 343 -1.15 3.89 62.05
N ALA X 344 -1.66 5.08 61.79
CA ALA X 344 -3.09 5.30 61.90
C ALA X 344 -3.87 4.30 61.06
N LEU X 345 -3.52 4.21 59.77
CA LEU X 345 -4.23 3.32 58.86
C LEU X 345 -4.22 1.89 59.35
N GLY X 346 -3.06 1.39 59.76
CA GLY X 346 -3.00 0.02 60.25
C GLY X 346 -3.91 -0.20 61.45
N THR X 347 -3.89 0.74 62.40
CA THR X 347 -4.74 0.61 63.57
C THR X 347 -6.21 0.54 63.17
N ILE X 348 -6.67 1.47 62.33
CA ILE X 348 -8.10 1.48 62.04
C ILE X 348 -8.45 0.29 61.16
N THR X 349 -7.52 -0.20 60.34
CA THR X 349 -7.80 -1.42 59.57
C THR X 349 -8.02 -2.61 60.49
N SER X 350 -7.17 -2.76 61.52
CA SER X 350 -7.40 -3.81 62.49
C SER X 350 -8.76 -3.65 63.14
N LEU X 351 -9.12 -2.41 63.49
CA LEU X 351 -10.42 -2.17 64.10
C LEU X 351 -11.55 -2.58 63.16
N VAL X 352 -11.44 -2.21 61.88
CA VAL X 352 -12.38 -2.66 60.86
C VAL X 352 -12.50 -4.17 60.89
N ALA X 353 -11.37 -4.85 60.75
CA ALA X 353 -11.35 -6.30 60.79
C ALA X 353 -12.01 -6.84 62.05
N GLN X 354 -12.08 -6.05 63.11
CA GLN X 354 -12.76 -6.48 64.32
C GLN X 354 -14.25 -6.16 64.32
N HIS X 355 -14.67 -5.06 63.69
CA HIS X 355 -16.10 -4.73 63.64
C HIS X 355 -16.77 -5.30 62.40
N MET X 356 -16.54 -6.56 62.10
CA MET X 356 -17.20 -7.20 60.96
C MET X 356 -17.95 -8.46 61.36
N TYR X 357 -17.32 -9.35 62.12
CA TYR X 357 -17.90 -10.62 62.49
C TYR X 357 -18.93 -10.51 63.61
N ALA X 358 -19.32 -9.30 64.01
CA ALA X 358 -20.32 -9.14 65.04
C ALA X 358 -21.40 -8.15 64.60
N LEU X 359 -21.03 -7.22 63.73
CA LEU X 359 -21.93 -6.20 63.20
C LEU X 359 -21.97 -6.36 61.68
N PRO X 360 -22.76 -7.31 61.17
CA PRO X 360 -22.85 -7.48 59.73
C PRO X 360 -23.39 -6.23 59.07
N PRO X 361 -22.60 -5.59 58.22
CA PRO X 361 -23.05 -4.34 57.61
C PRO X 361 -24.01 -4.59 56.45
N TYR X 362 -23.85 -5.72 55.78
CA TYR X 362 -24.63 -6.03 54.59
C TYR X 362 -25.47 -7.27 54.84
N ALA X 363 -26.39 -7.52 53.91
CA ALA X 363 -27.26 -8.67 54.01
C ALA X 363 -26.51 -9.96 53.67
N PHE X 364 -27.03 -11.07 54.18
CA PHE X 364 -26.50 -12.42 53.92
C PHE X 364 -25.06 -12.58 54.38
N MET X 365 -24.53 -11.61 55.14
CA MET X 365 -23.11 -11.66 55.50
C MET X 365 -22.82 -12.82 56.45
N GLY X 366 -23.68 -13.03 57.44
CA GLY X 366 -23.37 -13.99 58.48
C GLY X 366 -23.44 -15.44 58.02
N GLN X 367 -24.38 -15.76 57.13
CA GLN X 367 -24.56 -17.16 56.75
C GLN X 367 -23.42 -17.67 55.88
N ASP X 368 -22.88 -16.83 55.00
CA ASP X 368 -21.84 -17.23 54.06
C ASP X 368 -20.49 -17.13 54.75
N PHE X 369 -20.02 -18.27 55.28
CA PHE X 369 -18.85 -18.26 56.15
C PHE X 369 -17.56 -17.97 55.38
N THR X 370 -17.36 -18.65 54.25
CA THR X 370 -16.06 -18.59 53.57
C THR X 370 -15.70 -17.15 53.19
N THR X 371 -16.69 -16.39 52.71
CA THR X 371 -16.43 -15.03 52.25
C THR X 371 -15.92 -14.16 53.41
N GLN X 372 -16.71 -14.07 54.47
CA GLN X 372 -16.35 -13.21 55.59
C GLN X 372 -15.07 -13.68 56.26
N ALA X 373 -14.85 -14.99 56.31
CA ALA X 373 -13.62 -15.50 56.91
C ALA X 373 -12.40 -15.04 56.13
N ALA X 374 -12.42 -15.27 54.82
CA ALA X 374 -11.31 -14.83 53.98
C ALA X 374 -11.11 -13.33 54.10
N LEU X 375 -12.19 -12.55 54.10
CA LEU X 375 -12.05 -11.11 54.22
C LEU X 375 -11.39 -10.72 55.54
N TYR X 376 -11.79 -11.38 56.63
CA TYR X 376 -11.23 -11.05 57.93
C TYR X 376 -9.73 -11.28 57.96
N THR X 377 -9.30 -12.49 57.61
CA THR X 377 -7.85 -12.74 57.68
C THR X 377 -7.11 -11.91 56.66
N HIS X 378 -7.71 -11.69 55.49
CA HIS X 378 -7.14 -10.81 54.47
C HIS X 378 -6.83 -9.44 55.05
N HIS X 379 -7.83 -8.80 55.65
CA HIS X 379 -7.64 -7.45 56.15
C HIS X 379 -6.65 -7.41 57.29
N GLN X 380 -6.69 -8.41 58.18
CA GLN X 380 -5.74 -8.40 59.29
C GLN X 380 -4.31 -8.57 58.80
N TYR X 381 -4.11 -9.47 57.83
CA TYR X 381 -2.79 -9.65 57.24
C TYR X 381 -2.31 -8.35 56.59
N ILE X 382 -3.18 -7.71 55.82
CA ILE X 382 -2.86 -6.39 55.28
C ILE X 382 -2.41 -5.47 56.40
N ALA X 383 -3.08 -5.55 57.54
CA ALA X 383 -2.83 -4.60 58.62
C ALA X 383 -1.46 -4.81 59.25
N VAL X 384 -1.06 -6.06 59.46
CA VAL X 384 0.08 -6.31 60.35
C VAL X 384 1.33 -5.57 59.88
N PHE X 385 1.85 -5.92 58.71
CA PHE X 385 3.08 -5.27 58.29
C PHE X 385 2.85 -3.87 57.74
N LEU X 386 1.59 -3.46 57.61
CA LEU X 386 1.32 -2.04 57.38
C LEU X 386 1.90 -1.21 58.51
N MET X 387 1.75 -1.67 59.76
CA MET X 387 2.34 -0.98 60.89
C MET X 387 3.86 -1.04 60.85
N VAL X 388 4.41 -2.20 60.48
CA VAL X 388 5.86 -2.32 60.36
C VAL X 388 6.40 -1.29 59.39
N GLY X 389 5.64 -0.95 58.36
CA GLY X 389 6.03 0.16 57.51
C GLY X 389 6.15 1.46 58.29
N ALA X 390 5.20 1.71 59.19
CA ALA X 390 5.25 2.92 60.00
C ALA X 390 6.51 2.95 60.85
N PHE X 391 6.80 1.82 61.51
CA PHE X 391 7.98 1.80 62.38
C PHE X 391 9.26 1.93 61.57
N ALA X 392 9.32 1.30 60.40
CA ALA X 392 10.51 1.39 59.57
C ALA X 392 10.73 2.82 59.08
N HIS X 393 9.66 3.49 58.67
CA HIS X 393 9.82 4.86 58.22
C HIS X 393 10.12 5.79 59.38
N ALA X 394 9.64 5.47 60.58
CA ALA X 394 10.09 6.18 61.76
C ALA X 394 11.59 6.04 61.94
N GLY X 395 12.10 4.82 61.78
CA GLY X 395 13.52 4.60 61.88
C GLY X 395 14.32 5.37 60.86
N ILE X 396 13.86 5.38 59.61
CA ILE X 396 14.63 6.06 58.57
C ILE X 396 14.51 7.57 58.72
N PHE X 397 13.41 8.05 59.29
CA PHE X 397 13.31 9.47 59.63
C PHE X 397 14.39 9.87 60.62
N TRP X 398 14.72 8.96 61.54
CA TRP X 398 15.64 9.26 62.63
C TRP X 398 17.05 9.51 62.12
N VAL X 399 17.39 9.03 60.94
CA VAL X 399 18.72 9.25 60.38
C VAL X 399 18.74 10.43 59.44
N ARG X 400 17.79 10.50 58.51
CA ARG X 400 17.78 11.56 57.51
C ARG X 400 17.26 12.87 58.08
N ASP X 401 16.01 12.87 58.53
CA ASP X 401 15.30 14.08 58.92
C ASP X 401 15.41 14.26 60.43
N TYR X 402 16.50 14.91 60.87
CA TYR X 402 16.62 15.24 62.29
C TYR X 402 17.72 16.26 62.53
N ASP X 403 17.39 17.36 63.20
CA ASP X 403 18.35 18.38 63.59
C ASP X 403 18.44 18.42 65.11
N ALA X 404 19.65 18.65 65.61
CA ALA X 404 19.90 18.54 67.05
C ALA X 404 19.50 19.82 67.78
N GLU X 405 20.14 20.94 67.45
CA GLU X 405 19.96 22.16 68.22
C GLU X 405 18.55 22.70 68.12
N GLN X 406 17.87 22.44 67.00
CA GLN X 406 16.50 22.91 66.84
C GLN X 406 15.53 22.29 67.84
N ASN X 407 15.92 21.17 68.47
CA ASN X 407 15.06 20.48 69.43
C ASN X 407 15.76 20.30 70.77
N LYS X 408 16.79 21.10 71.05
CA LYS X 408 17.52 21.00 72.30
C LYS X 408 16.59 21.14 73.50
N GLY X 409 16.46 20.07 74.28
CA GLY X 409 15.72 20.12 75.53
C GLY X 409 14.23 19.96 75.43
N ASN X 410 13.68 19.79 74.23
CA ASN X 410 12.24 19.59 74.10
C ASN X 410 11.91 18.14 74.47
N VAL X 411 10.66 17.73 74.24
CA VAL X 411 10.20 16.47 74.79
C VAL X 411 10.92 15.29 74.14
N LEU X 412 11.26 15.40 72.86
CA LEU X 412 11.94 14.31 72.16
C LEU X 412 13.25 13.96 72.84
N ASP X 413 14.07 14.97 73.12
CA ASP X 413 15.35 14.71 73.77
C ASP X 413 15.16 14.13 75.16
N ARG X 414 14.11 14.54 75.87
CA ARG X 414 13.84 13.96 77.18
C ARG X 414 13.40 12.51 77.07
N VAL X 415 12.85 12.11 75.93
CA VAL X 415 12.59 10.69 75.69
C VAL X 415 13.92 9.95 75.47
N LEU X 416 14.76 10.50 74.60
CA LEU X 416 16.04 9.85 74.29
C LEU X 416 16.91 9.72 75.53
N GLN X 417 16.79 10.66 76.48
CA GLN X 417 17.62 10.63 77.66
C GLN X 417 17.32 9.44 78.57
N HIS X 418 16.17 8.78 78.41
CA HIS X 418 15.79 7.69 79.32
C HIS X 418 15.27 6.48 78.57
N LYS X 419 15.52 6.37 77.27
CA LYS X 419 15.25 5.17 76.49
C LYS X 419 15.68 3.87 77.17
N GLU X 420 16.73 3.96 77.99
CA GLU X 420 17.35 2.77 78.57
C GLU X 420 16.37 2.01 79.45
N ALA X 421 15.79 2.69 80.44
CA ALA X 421 14.83 2.04 81.32
C ALA X 421 13.65 1.49 80.51
N ILE X 422 13.25 2.20 79.45
CA ILE X 422 12.17 1.73 78.60
C ILE X 422 12.48 0.35 78.06
N ILE X 423 13.59 0.23 77.33
CA ILE X 423 13.91 -1.05 76.70
C ILE X 423 14.15 -2.12 77.74
N SER X 424 14.74 -1.75 78.88
CA SER X 424 15.01 -2.73 79.93
C SER X 424 13.73 -3.31 80.49
N HIS X 425 12.79 -2.45 80.89
CA HIS X 425 11.53 -2.94 81.43
C HIS X 425 10.74 -3.70 80.39
N LEU X 426 10.87 -3.32 79.12
CA LEU X 426 10.16 -4.03 78.07
C LEU X 426 10.70 -5.46 77.93
N SER X 427 12.02 -5.61 77.85
CA SER X 427 12.63 -6.93 77.91
C SER X 427 12.15 -7.68 79.14
N TRP X 428 12.02 -6.99 80.27
CA TRP X 428 11.59 -7.62 81.49
C TRP X 428 10.21 -8.24 81.35
N VAL X 429 9.24 -7.46 80.89
CA VAL X 429 7.87 -7.95 80.82
C VAL X 429 7.77 -9.07 79.79
N SER X 430 8.52 -8.97 78.70
CA SER X 430 8.52 -10.05 77.71
C SER X 430 9.03 -11.34 78.34
N LEU X 431 10.18 -11.27 79.01
CA LEU X 431 10.73 -12.47 79.65
C LEU X 431 9.74 -13.05 80.64
N PHE X 432 9.14 -12.20 81.47
CA PHE X 432 8.20 -12.66 82.48
C PHE X 432 7.05 -13.42 81.83
N LEU X 433 6.37 -12.77 80.88
CA LEU X 433 5.18 -13.38 80.29
C LEU X 433 5.53 -14.67 79.57
N GLY X 434 6.63 -14.67 78.84
CA GLY X 434 7.02 -15.88 78.13
C GLY X 434 7.30 -17.03 79.08
N PHE X 435 8.20 -16.80 80.05
CA PHE X 435 8.51 -17.80 81.05
C PHE X 435 7.23 -18.39 81.64
N HIS X 436 6.34 -17.53 82.13
CA HIS X 436 5.23 -18.06 82.90
C HIS X 436 4.19 -18.74 82.04
N THR X 437 3.90 -18.19 80.86
CA THR X 437 2.93 -18.85 79.99
C THR X 437 3.45 -20.21 79.54
N LEU X 438 4.74 -20.30 79.21
CA LEU X 438 5.30 -21.60 78.82
C LEU X 438 5.30 -22.55 80.00
N GLY X 439 5.61 -22.06 81.19
CA GLY X 439 5.60 -22.92 82.36
C GLY X 439 4.23 -23.49 82.63
N LEU X 440 3.20 -22.66 82.55
CA LEU X 440 1.84 -23.17 82.75
C LEU X 440 1.47 -24.17 81.67
N TYR X 441 1.84 -23.89 80.41
CA TYR X 441 1.59 -24.86 79.35
C TYR X 441 2.22 -26.20 79.68
N VAL X 442 3.52 -26.21 80.01
CA VAL X 442 4.20 -27.47 80.22
C VAL X 442 3.69 -28.16 81.48
N HIS X 443 3.30 -27.39 82.50
CA HIS X 443 2.53 -27.90 83.63
C HIS X 443 1.43 -28.82 83.14
N ASN X 444 0.53 -28.23 82.36
CA ASN X 444 -0.60 -28.98 81.82
C ASN X 444 -0.12 -30.21 81.07
N ASP X 445 0.90 -30.05 80.22
CA ASP X 445 1.35 -31.17 79.39
C ASP X 445 1.79 -32.34 80.24
N VAL X 446 2.66 -32.11 81.23
CA VAL X 446 3.16 -33.25 81.98
C VAL X 446 2.04 -33.84 82.82
N VAL X 447 1.23 -32.99 83.45
CA VAL X 447 0.20 -33.50 84.35
C VAL X 447 -0.78 -34.39 83.58
N VAL X 448 -1.19 -33.94 82.39
CA VAL X 448 -2.06 -34.78 81.58
C VAL X 448 -1.30 -35.96 81.01
N ALA X 449 0.03 -35.86 80.91
CA ALA X 449 0.83 -36.98 80.43
C ALA X 449 1.02 -38.07 81.47
N PHE X 450 0.31 -38.00 82.59
CA PHE X 450 0.37 -39.04 83.60
C PHE X 450 -0.96 -39.76 83.78
N GLY X 451 -2.02 -39.30 83.12
CA GLY X 451 -3.33 -39.90 83.23
C GLY X 451 -4.24 -39.22 84.22
N THR X 452 -3.71 -38.36 85.09
CA THR X 452 -4.54 -37.62 86.04
C THR X 452 -4.66 -36.17 85.62
N PRO X 453 -5.80 -35.74 85.07
CA PRO X 453 -5.97 -34.33 84.70
C PRO X 453 -6.35 -33.42 85.85
N GLU X 454 -6.81 -33.96 86.98
CA GLU X 454 -7.22 -33.13 88.09
C GLU X 454 -6.05 -32.47 88.81
N LYS X 455 -4.82 -32.95 88.56
CA LYS X 455 -3.63 -32.36 89.14
C LYS X 455 -3.09 -31.21 88.31
N GLN X 456 -3.95 -30.58 87.52
CA GLN X 456 -3.57 -29.62 86.50
C GLN X 456 -4.36 -28.34 86.68
N ILE X 457 -3.72 -27.21 86.40
CA ILE X 457 -4.28 -25.91 86.77
C ILE X 457 -5.27 -25.44 85.71
N LEU X 458 -6.39 -24.87 86.18
CA LEU X 458 -7.35 -24.20 85.29
C LEU X 458 -7.58 -22.80 85.85
N ILE X 459 -7.23 -21.78 85.08
CA ILE X 459 -7.52 -20.41 85.45
C ILE X 459 -8.92 -20.07 84.94
N GLU X 460 -9.48 -18.97 85.42
CA GLU X 460 -10.77 -18.54 84.92
C GLU X 460 -10.86 -17.02 84.84
N PRO X 461 -10.90 -16.45 83.64
CA PRO X 461 -10.95 -14.99 83.52
C PRO X 461 -12.32 -14.47 83.95
N VAL X 462 -12.30 -13.36 84.69
CA VAL X 462 -13.54 -12.75 85.16
C VAL X 462 -13.63 -11.27 84.82
N PHE X 463 -12.55 -10.60 84.44
CA PHE X 463 -12.62 -9.19 84.10
C PHE X 463 -13.45 -8.98 82.83
N ALA X 464 -13.20 -9.80 81.80
CA ALA X 464 -14.02 -9.75 80.61
C ALA X 464 -15.45 -10.17 80.90
N GLN X 465 -15.64 -11.09 81.85
CA GLN X 465 -16.99 -11.45 82.27
C GLN X 465 -17.72 -10.25 82.86
N PHE X 466 -17.03 -9.50 83.72
CA PHE X 466 -17.61 -8.33 84.35
C PHE X 466 -17.92 -7.26 83.33
N ILE X 467 -17.01 -7.02 82.38
CA ILE X 467 -17.31 -6.02 81.37
C ILE X 467 -18.45 -6.49 80.48
N GLN X 468 -18.55 -7.79 80.24
CA GLN X 468 -19.62 -8.33 79.41
C GLN X 468 -20.98 -8.08 80.05
N ALA X 469 -21.15 -8.49 81.30
CA ALA X 469 -22.40 -8.22 82.00
C ALA X 469 -22.64 -6.73 82.15
N SER X 470 -21.57 -5.96 82.39
CA SER X 470 -21.71 -4.52 82.62
C SER X 470 -22.14 -3.79 81.36
N HIS X 471 -21.83 -4.32 80.18
CA HIS X 471 -22.41 -3.73 78.97
C HIS X 471 -23.90 -3.96 78.89
N GLY X 472 -24.41 -4.97 79.60
CA GLY X 472 -25.82 -5.27 79.57
C GLY X 472 -26.13 -6.73 79.37
N LYS X 473 -25.15 -7.61 79.55
CA LYS X 473 -25.40 -9.03 79.42
C LYS X 473 -25.97 -9.59 80.72
N VAL X 474 -26.98 -10.46 80.58
CA VAL X 474 -27.68 -11.03 81.74
C VAL X 474 -27.31 -12.48 81.98
N LEU X 475 -26.73 -13.17 80.99
CA LEU X 475 -26.33 -14.58 81.09
C LEU X 475 -25.77 -14.97 82.45
N TYR X 476 -24.93 -14.10 83.03
CA TYR X 476 -24.26 -14.44 84.26
C TYR X 476 -25.00 -13.93 85.50
N GLY X 477 -26.02 -13.10 85.31
CA GLY X 477 -26.88 -12.69 86.42
C GLY X 477 -26.14 -11.98 87.54
N LEU X 478 -25.57 -10.82 87.22
CA LEU X 478 -24.92 -10.00 88.23
C LEU X 478 -25.68 -8.73 88.56
N ASN X 479 -26.67 -8.36 87.73
CA ASN X 479 -27.52 -7.20 87.95
C ASN X 479 -26.69 -5.94 88.19
N THR X 480 -25.94 -5.57 87.15
CA THR X 480 -25.13 -4.36 87.15
C THR X 480 -25.18 -3.72 85.77
N LEU X 481 -25.61 -2.45 85.72
CA LEU X 481 -25.39 -1.59 84.56
C LEU X 481 -25.98 -2.19 83.28
N LEU X 482 -27.31 -2.22 83.24
CA LEU X 482 -28.18 -2.79 82.23
C LEU X 482 -28.32 -4.30 82.41
N SER X 483 -27.61 -4.90 83.35
CA SER X 483 -28.08 -6.13 83.95
C SER X 483 -28.91 -5.84 85.20
N ASN X 484 -28.69 -4.69 85.82
CA ASN X 484 -29.53 -4.10 86.84
C ASN X 484 -30.50 -3.14 86.16
N PRO X 485 -31.74 -3.54 85.92
CA PRO X 485 -32.65 -2.69 85.15
C PRO X 485 -33.20 -1.52 85.95
N ASP X 486 -32.60 -1.24 87.11
CA ASP X 486 -33.08 -0.19 87.99
C ASP X 486 -31.98 0.78 88.43
N SER X 487 -30.75 0.59 87.96
CA SER X 487 -29.68 1.51 88.35
C SER X 487 -29.91 2.88 87.73
N VAL X 488 -29.05 3.83 88.08
CA VAL X 488 -29.21 5.20 87.61
C VAL X 488 -29.08 5.28 86.10
N ALA X 489 -28.17 4.50 85.51
CA ALA X 489 -27.98 4.49 84.07
C ALA X 489 -28.91 3.52 83.36
N SER X 490 -29.84 2.89 84.09
CA SER X 490 -30.75 1.89 83.50
C SER X 490 -31.91 2.53 82.75
N THR X 491 -31.84 3.83 82.47
CA THR X 491 -32.86 4.55 81.72
C THR X 491 -32.20 5.43 80.67
N ALA X 492 -31.26 4.86 79.92
CA ALA X 492 -30.36 5.64 79.08
C ALA X 492 -29.94 4.77 77.88
N GLY X 493 -28.84 5.17 77.25
CA GLY X 493 -28.18 4.40 76.20
C GLY X 493 -28.49 4.72 74.74
N ALA X 494 -29.67 4.37 74.24
CA ALA X 494 -29.92 4.47 72.81
C ALA X 494 -31.26 5.09 72.42
N ALA X 495 -32.22 5.19 73.34
CA ALA X 495 -33.61 5.57 73.08
C ALA X 495 -34.33 4.53 72.23
N TRP X 496 -33.63 3.49 71.78
CA TRP X 496 -34.23 2.29 71.21
C TRP X 496 -33.49 1.05 71.69
N LEU X 497 -33.01 1.08 72.93
CA LEU X 497 -32.31 -0.03 73.55
C LEU X 497 -33.14 -1.31 73.71
N PRO X 498 -34.48 -1.29 73.70
CA PRO X 498 -35.20 -2.58 73.74
C PRO X 498 -34.79 -3.55 72.64
N GLY X 499 -34.73 -3.09 71.39
CA GLY X 499 -34.32 -3.99 70.32
C GLY X 499 -32.89 -4.44 70.46
N TRP X 500 -32.01 -3.53 70.87
CA TRP X 500 -30.63 -3.88 71.15
C TRP X 500 -30.56 -4.96 72.24
N LEU X 501 -31.43 -4.87 73.23
CA LEU X 501 -31.43 -5.85 74.32
C LEU X 501 -31.92 -7.20 73.84
N ASP X 502 -33.00 -7.20 73.04
CA ASP X 502 -33.44 -8.45 72.42
C ASP X 502 -32.32 -9.09 71.62
N ALA X 503 -31.56 -8.28 70.89
CA ALA X 503 -30.46 -8.80 70.09
C ALA X 503 -29.36 -9.39 70.97
N ILE X 504 -28.86 -8.61 71.93
CA ILE X 504 -27.69 -9.02 72.69
C ILE X 504 -28.03 -10.18 73.63
N ASN X 505 -29.23 -10.17 74.23
CA ASN X 505 -29.70 -11.32 74.98
C ASN X 505 -29.71 -12.55 74.09
N ASN X 506 -30.14 -12.40 72.85
CA ASN X 506 -30.02 -13.47 71.86
C ASN X 506 -28.58 -13.62 71.42
N GLY X 507 -27.72 -14.09 72.33
CA GLY X 507 -26.33 -14.30 72.01
C GLY X 507 -26.10 -15.49 71.11
N THR X 508 -27.18 -15.98 70.50
CA THR X 508 -27.08 -17.10 69.57
C THR X 508 -26.18 -16.77 68.39
N ASN X 509 -26.18 -15.51 67.95
CA ASN X 509 -25.29 -15.08 66.89
C ASN X 509 -23.93 -14.69 67.47
N SER X 510 -23.06 -14.19 66.60
CA SER X 510 -21.70 -13.81 67.00
C SER X 510 -21.75 -12.44 67.68
N LEU X 511 -22.19 -12.45 68.93
CA LEU X 511 -22.28 -11.22 69.73
C LEU X 511 -21.79 -11.53 71.14
N PHE X 512 -20.49 -11.34 71.36
CA PHE X 512 -19.88 -11.43 72.69
C PHE X 512 -20.14 -12.79 73.33
N LEU X 513 -19.59 -13.83 72.70
CA LEU X 513 -19.76 -15.18 73.21
C LEU X 513 -18.97 -15.38 74.51
N THR X 514 -19.45 -16.32 75.32
CA THR X 514 -18.80 -16.69 76.57
C THR X 514 -17.36 -17.13 76.32
N ILE X 515 -16.58 -17.28 77.39
CA ILE X 515 -15.16 -17.57 77.31
C ILE X 515 -14.79 -18.56 78.40
N GLY X 516 -13.52 -18.93 78.45
CA GLY X 516 -13.01 -19.85 79.45
C GLY X 516 -11.53 -19.66 79.69
N PRO X 517 -10.86 -20.71 80.19
CA PRO X 517 -9.43 -20.57 80.51
C PRO X 517 -8.55 -20.39 79.29
N GLY X 518 -8.88 -21.09 78.20
CA GLY X 518 -8.06 -20.99 77.01
C GLY X 518 -7.88 -19.56 76.55
N ASP X 519 -8.98 -18.80 76.51
CA ASP X 519 -8.91 -17.41 76.07
C ASP X 519 -7.96 -16.61 76.94
N PHE X 520 -7.97 -16.86 78.26
CA PHE X 520 -6.96 -16.29 79.14
C PHE X 520 -5.57 -16.59 78.59
N LEU X 521 -5.29 -17.86 78.32
CA LEU X 521 -3.97 -18.25 77.83
C LEU X 521 -3.59 -17.50 76.56
N VAL X 522 -4.37 -17.68 75.48
CA VAL X 522 -3.95 -17.14 74.19
C VAL X 522 -3.89 -15.63 74.21
N HIS X 523 -4.74 -14.97 75.00
CA HIS X 523 -4.69 -13.51 75.04
C HIS X 523 -3.38 -13.04 75.65
N HIS X 524 -2.92 -13.70 76.71
CA HIS X 524 -1.59 -13.40 77.22
C HIS X 524 -0.52 -13.67 76.18
N ALA X 525 -0.73 -14.69 75.34
CA ALA X 525 0.20 -14.96 74.26
C ALA X 525 0.27 -13.79 73.28
N PHE X 526 -0.89 -13.24 72.91
CA PHE X 526 -0.92 -12.04 72.08
C PHE X 526 -0.14 -10.92 72.72
N ALA X 527 -0.41 -10.67 74.01
CA ALA X 527 0.31 -9.63 74.72
C ALA X 527 1.81 -9.81 74.54
N LEU X 528 2.30 -11.01 74.83
CA LEU X 528 3.72 -11.31 74.63
C LEU X 528 4.16 -10.98 73.22
N GLY X 529 3.43 -11.48 72.23
CA GLY X 529 3.84 -11.31 70.85
C GLY X 529 4.06 -9.85 70.48
N ILE X 530 3.03 -9.03 70.68
CA ILE X 530 3.20 -7.61 70.33
C ILE X 530 4.28 -6.98 71.18
N HIS X 531 4.46 -7.44 72.42
CA HIS X 531 5.48 -6.86 73.28
C HIS X 531 6.86 -7.04 72.69
N THR X 532 7.22 -8.27 72.30
CA THR X 532 8.54 -8.47 71.71
C THR X 532 8.66 -7.82 70.35
N THR X 533 7.56 -7.79 69.58
CA THR X 533 7.61 -7.14 68.27
C THR X 533 7.99 -5.67 68.42
N VAL X 534 7.25 -4.94 69.24
CA VAL X 534 7.58 -3.53 69.45
C VAL X 534 8.96 -3.40 70.09
N LEU X 535 9.37 -4.41 70.86
CA LEU X 535 10.70 -4.38 71.45
C LEU X 535 11.78 -4.27 70.38
N VAL X 536 11.82 -5.26 69.48
CA VAL X 536 12.85 -5.26 68.46
C VAL X 536 12.74 -4.02 67.57
N LEU X 537 11.50 -3.60 67.28
CA LEU X 537 11.32 -2.45 66.41
C LEU X 537 11.89 -1.19 67.04
N VAL X 538 11.57 -0.93 68.31
CA VAL X 538 12.05 0.28 68.95
C VAL X 538 13.56 0.18 69.16
N LYS X 539 14.08 -1.03 69.36
CA LYS X 539 15.53 -1.16 69.46
C LYS X 539 16.20 -0.71 68.17
N GLY X 540 15.72 -1.21 67.04
CA GLY X 540 16.28 -0.77 65.77
C GLY X 540 16.10 0.72 65.56
N ALA X 541 14.93 1.25 65.89
CA ALA X 541 14.66 2.67 65.73
C ALA X 541 15.65 3.51 66.54
N LEU X 542 15.73 3.24 67.84
CA LEU X 542 16.61 4.03 68.69
C LEU X 542 18.08 3.70 68.49
N ASP X 543 18.40 2.68 67.69
CA ASP X 543 19.76 2.51 67.22
C ASP X 543 19.98 3.02 65.81
N ALA X 544 18.97 3.62 65.19
CA ALA X 544 19.17 4.25 63.88
C ALA X 544 20.30 5.28 63.90
N ARG X 545 20.70 5.76 65.08
CA ARG X 545 21.79 6.72 65.17
C ARG X 545 23.12 6.04 65.45
N GLY X 546 23.17 5.20 66.47
CA GLY X 546 24.42 4.55 66.83
C GLY X 546 24.25 3.74 68.11
N SER X 547 25.19 2.82 68.30
CA SER X 547 25.21 1.95 69.46
C SER X 547 26.40 2.28 70.35
N LYS X 548 26.40 1.68 71.54
CA LYS X 548 27.51 1.88 72.46
C LYS X 548 28.81 1.37 71.86
N LEU X 549 28.77 0.19 71.25
CA LEU X 549 29.94 -0.41 70.63
C LEU X 549 30.01 -0.15 69.13
N MET X 550 29.16 0.75 68.62
CA MET X 550 29.27 1.25 67.25
C MET X 550 28.46 2.53 67.12
N PRO X 551 28.97 3.67 67.59
CA PRO X 551 28.18 4.90 67.56
C PRO X 551 28.20 5.62 66.23
N ASP X 552 29.17 5.33 65.37
CA ASP X 552 29.36 6.11 64.15
C ASP X 552 28.22 5.93 63.17
N LYS X 553 27.48 4.82 63.23
CA LYS X 553 26.62 4.39 62.13
C LYS X 553 25.68 5.47 61.62
N LYS X 554 25.45 6.53 62.39
CA LYS X 554 24.64 7.66 61.93
C LYS X 554 25.10 8.16 60.56
N ASP X 555 26.42 8.19 60.33
CA ASP X 555 26.95 8.61 59.04
C ASP X 555 27.07 7.49 58.04
N PHE X 556 27.10 6.24 58.51
CA PHE X 556 27.18 5.11 57.59
C PHE X 556 25.90 4.95 56.79
N GLY X 557 24.76 5.30 57.37
CA GLY X 557 23.52 5.34 56.64
C GLY X 557 22.63 4.13 56.93
N TYR X 558 21.36 4.28 56.57
CA TYR X 558 20.40 3.19 56.62
C TYR X 558 20.73 2.24 55.49
N ALA X 559 21.79 1.47 55.66
CA ALA X 559 22.50 0.84 54.55
C ALA X 559 23.09 -0.47 55.05
N PHE X 560 24.13 -0.94 54.37
CA PHE X 560 24.69 -2.25 54.68
C PHE X 560 25.41 -2.37 56.02
N PRO X 561 26.03 -1.32 56.63
CA PRO X 561 27.28 -1.52 57.39
C PRO X 561 27.42 -2.84 58.16
N CYS X 562 28.53 -3.54 57.92
CA CYS X 562 28.82 -4.81 58.58
C CYS X 562 29.90 -4.73 59.63
N ASP X 563 30.93 -3.90 59.43
CA ASP X 563 31.97 -3.69 60.43
C ASP X 563 32.63 -5.00 60.81
N GLY X 564 33.41 -5.54 59.87
CA GLY X 564 33.97 -6.88 59.93
C GLY X 564 34.64 -7.22 61.24
N PRO X 565 35.07 -8.48 61.38
CA PRO X 565 35.06 -9.10 62.71
C PRO X 565 36.00 -8.43 63.70
N GLY X 566 35.56 -7.27 64.20
CA GLY X 566 36.27 -6.58 65.25
C GLY X 566 36.28 -7.35 66.55
N ARG X 567 35.08 -7.70 67.05
CA ARG X 567 34.94 -8.50 68.26
C ARG X 567 33.97 -9.63 67.96
N GLY X 568 34.51 -10.80 67.64
CA GLY X 568 33.68 -11.95 67.34
C GLY X 568 32.81 -11.81 66.11
N GLY X 569 32.80 -10.64 65.49
CA GLY X 569 31.92 -10.31 64.40
C GLY X 569 30.93 -9.23 64.80
N THR X 570 30.43 -8.51 63.82
CA THR X 570 29.41 -7.48 64.04
C THR X 570 28.36 -7.51 62.94
N CYS X 571 28.12 -8.69 62.38
CA CYS X 571 27.11 -8.81 61.34
C CYS X 571 25.72 -8.53 61.90
N ASP X 572 24.83 -8.08 61.02
CA ASP X 572 23.45 -7.74 61.37
C ASP X 572 23.41 -6.65 62.45
N ILE X 573 23.86 -5.47 62.03
CA ILE X 573 23.86 -4.29 62.90
C ILE X 573 23.27 -3.12 62.13
N SER X 574 22.77 -3.38 60.92
CA SER X 574 22.49 -2.32 59.95
C SER X 574 21.05 -1.82 60.00
N ALA X 575 20.54 -1.51 61.18
CA ALA X 575 19.41 -0.60 61.36
C ALA X 575 18.11 -1.07 60.73
N TRP X 576 18.16 -2.14 59.93
CA TRP X 576 16.94 -2.86 59.55
C TRP X 576 17.16 -4.35 59.50
N ASP X 577 18.34 -4.84 59.84
CA ASP X 577 18.45 -6.15 60.44
C ASP X 577 17.29 -6.37 61.40
N ALA X 578 17.01 -5.37 62.22
CA ALA X 578 15.84 -5.41 63.10
C ALA X 578 14.56 -5.61 62.31
N PHE X 579 14.49 -5.08 61.09
CA PHE X 579 13.24 -5.19 60.33
C PHE X 579 12.94 -6.64 59.97
N TYR X 580 13.94 -7.41 59.59
CA TYR X 580 13.72 -8.83 59.29
C TYR X 580 13.17 -9.55 60.52
N LEU X 581 13.87 -9.40 61.64
CA LEU X 581 13.46 -10.04 62.89
C LEU X 581 12.03 -9.65 63.23
N ALA X 582 11.72 -8.36 63.12
CA ALA X 582 10.38 -7.88 63.41
C ALA X 582 9.36 -8.51 62.47
N LEU X 583 9.74 -8.71 61.21
CA LEU X 583 8.80 -9.30 60.26
C LEU X 583 8.46 -10.73 60.66
N PHE X 584 9.49 -11.50 61.04
CA PHE X 584 9.22 -12.85 61.55
C PHE X 584 8.30 -12.81 62.77
N TRP X 585 8.64 -11.92 63.72
CA TRP X 585 7.90 -11.83 64.97
C TRP X 585 6.48 -11.32 64.75
N ALA X 586 6.21 -10.68 63.63
CA ALA X 586 4.85 -10.28 63.31
C ALA X 586 4.10 -11.39 62.61
N LEU X 587 4.79 -12.13 61.73
CA LEU X 587 4.13 -13.21 61.02
C LEU X 587 3.64 -14.28 61.97
N ASN X 588 4.49 -14.70 62.91
CA ASN X 588 4.03 -15.75 63.82
C ASN X 588 2.90 -15.24 64.71
N THR X 589 2.95 -13.97 65.12
CA THR X 589 1.88 -13.40 65.93
C THR X 589 0.55 -13.44 65.20
N VAL X 590 0.54 -12.93 63.97
CA VAL X 590 -0.71 -12.88 63.22
C VAL X 590 -1.20 -14.29 62.93
N GLY X 591 -0.29 -15.25 62.74
CA GLY X 591 -0.74 -16.62 62.58
C GLY X 591 -1.44 -17.15 63.81
N TRP X 592 -0.83 -16.96 64.97
CA TRP X 592 -1.46 -17.31 66.24
C TRP X 592 -2.88 -16.75 66.30
N VAL X 593 -3.02 -15.44 66.09
CA VAL X 593 -4.31 -14.80 66.33
C VAL X 593 -5.36 -15.27 65.32
N THR X 594 -4.98 -15.40 64.05
CA THR X 594 -5.98 -15.80 63.07
C THR X 594 -6.40 -17.25 63.29
N PHE X 595 -5.48 -18.12 63.72
CA PHE X 595 -5.93 -19.47 64.02
C PHE X 595 -6.83 -19.50 65.24
N TYR X 596 -6.58 -18.64 66.22
CA TYR X 596 -7.49 -18.56 67.38
C TYR X 596 -8.89 -18.19 66.92
N TRP X 597 -9.01 -17.13 66.14
CA TRP X 597 -10.29 -16.74 65.56
C TRP X 597 -10.93 -17.90 64.82
N HIS X 598 -10.14 -18.62 64.02
CA HIS X 598 -10.68 -19.68 63.19
C HIS X 598 -11.26 -20.80 64.04
N TRP X 599 -10.52 -21.24 65.06
CA TRP X 599 -11.03 -22.30 65.91
C TRP X 599 -12.28 -21.86 66.66
N LYS X 600 -12.26 -20.64 67.22
CA LYS X 600 -13.43 -20.12 67.91
C LYS X 600 -14.66 -20.22 67.02
N HIS X 601 -14.61 -19.59 65.85
CA HIS X 601 -15.79 -19.54 65.01
C HIS X 601 -16.14 -20.91 64.43
N LEU X 602 -15.15 -21.79 64.25
CA LEU X 602 -15.46 -23.14 63.78
C LEU X 602 -16.27 -23.89 64.82
N GLY X 603 -15.84 -23.83 66.08
CA GLY X 603 -16.64 -24.42 67.14
C GLY X 603 -18.01 -23.79 67.27
N ILE X 604 -18.10 -22.49 66.97
CA ILE X 604 -19.39 -21.81 67.01
C ILE X 604 -20.31 -22.29 65.89
N TRP X 605 -19.72 -22.72 64.76
CA TRP X 605 -20.53 -23.10 63.60
C TRP X 605 -21.55 -24.17 63.95
N GLN X 606 -21.09 -25.33 64.41
CA GLN X 606 -21.98 -26.42 64.79
C GLN X 606 -22.23 -26.46 66.29
N GLY X 607 -21.88 -25.39 67.01
CA GLY X 607 -22.11 -25.30 68.43
C GLY X 607 -21.26 -26.20 69.30
N ASN X 608 -20.54 -27.15 68.72
CA ASN X 608 -19.75 -28.11 69.50
C ASN X 608 -18.50 -27.42 70.02
N VAL X 609 -18.69 -26.64 71.09
CA VAL X 609 -17.57 -25.91 71.72
C VAL X 609 -16.73 -26.83 72.58
N ALA X 610 -17.13 -28.10 72.73
CA ALA X 610 -16.46 -28.99 73.67
C ALA X 610 -14.99 -29.19 73.32
N GLN X 611 -14.68 -29.33 72.02
CA GLN X 611 -13.31 -29.64 71.62
C GLN X 611 -12.35 -28.52 71.99
N PHE X 612 -12.73 -27.27 71.72
CA PHE X 612 -11.87 -26.14 72.04
C PHE X 612 -11.53 -26.11 73.52
N ASN X 613 -12.55 -25.94 74.37
CA ASN X 613 -12.33 -25.86 75.80
C ASN X 613 -11.67 -27.11 76.36
N GLU X 614 -11.87 -28.25 75.70
CA GLU X 614 -11.36 -29.50 76.23
C GLU X 614 -9.88 -29.68 75.91
N SER X 615 -9.43 -29.25 74.74
CA SER X 615 -8.05 -29.46 74.33
C SER X 615 -7.31 -28.15 74.07
N SER X 616 -7.68 -27.08 74.78
CA SER X 616 -6.97 -25.82 74.68
C SER X 616 -5.80 -25.73 75.64
N THR X 617 -5.76 -26.59 76.67
CA THR X 617 -4.76 -26.46 77.71
C THR X 617 -3.40 -26.93 77.25
N TYR X 618 -3.28 -28.21 76.89
CA TYR X 618 -2.03 -28.78 76.45
C TYR X 618 -1.93 -28.76 74.92
N LEU X 619 -0.72 -28.56 74.42
CA LEU X 619 -0.50 -28.26 73.01
C LEU X 619 -0.70 -29.47 72.12
N MET X 620 -0.55 -30.69 72.65
CA MET X 620 -0.94 -31.88 71.92
C MET X 620 -2.35 -31.73 71.36
N GLY X 621 -3.29 -31.31 72.21
CA GLY X 621 -4.65 -31.09 71.74
C GLY X 621 -4.72 -30.09 70.61
N TRP X 622 -3.92 -29.03 70.70
CA TRP X 622 -3.87 -28.03 69.64
C TRP X 622 -3.49 -28.68 68.31
N LEU X 623 -2.37 -29.37 68.27
CA LEU X 623 -1.94 -29.91 66.99
C LEU X 623 -2.66 -31.20 66.60
N ARG X 624 -3.55 -31.72 67.45
CA ARG X 624 -4.27 -32.94 67.07
C ARG X 624 -5.71 -32.66 66.66
N ASP X 625 -6.38 -31.69 67.25
CA ASP X 625 -7.81 -31.54 67.02
C ASP X 625 -8.13 -30.75 65.77
N TYR X 626 -7.28 -29.81 65.38
CA TYR X 626 -7.58 -28.94 64.26
C TYR X 626 -6.55 -28.95 63.13
N LEU X 627 -5.38 -29.56 63.35
CA LEU X 627 -4.36 -29.54 62.31
C LEU X 627 -4.71 -30.50 61.17
N TRP X 628 -4.83 -31.79 61.48
CA TRP X 628 -5.08 -32.80 60.46
C TRP X 628 -6.53 -33.28 60.43
N LEU X 629 -7.37 -32.84 61.36
CA LEU X 629 -8.76 -33.25 61.37
C LEU X 629 -9.62 -32.45 60.40
N TYR X 630 -9.00 -31.71 59.49
CA TYR X 630 -9.75 -30.97 58.48
C TYR X 630 -9.08 -31.02 57.11
N SER X 631 -7.99 -31.77 56.96
CA SER X 631 -7.19 -31.72 55.76
C SER X 631 -7.50 -32.83 54.75
N ALA X 632 -7.90 -34.01 55.23
CA ALA X 632 -8.30 -35.06 54.29
C ALA X 632 -9.48 -34.61 53.44
N GLN X 633 -10.29 -33.69 53.95
CA GLN X 633 -11.32 -33.04 53.13
C GLN X 633 -10.70 -32.26 51.99
N LEU X 634 -9.42 -31.95 52.08
CA LEU X 634 -8.68 -31.23 51.06
C LEU X 634 -7.54 -32.02 50.44
N ILE X 635 -6.87 -32.86 51.23
CA ILE X 635 -5.62 -33.46 50.76
C ILE X 635 -5.85 -34.34 49.53
N ASN X 636 -7.00 -34.99 49.43
CA ASN X 636 -7.29 -35.88 48.32
C ASN X 636 -8.04 -35.18 47.20
N GLY X 637 -7.81 -33.88 47.02
CA GLY X 637 -8.35 -33.19 45.86
C GLY X 637 -7.88 -33.81 44.56
N TYR X 638 -6.66 -34.32 44.53
CA TYR X 638 -6.20 -35.18 43.47
C TYR X 638 -5.33 -36.27 44.08
N ASN X 639 -5.34 -37.44 43.45
CA ASN X 639 -4.70 -38.64 43.94
C ASN X 639 -4.70 -39.66 42.81
N PRO X 640 -4.01 -40.80 42.94
CA PRO X 640 -3.94 -41.75 41.82
C PRO X 640 -5.29 -42.26 41.33
N TYR X 641 -6.40 -41.89 41.96
CA TYR X 641 -7.70 -42.46 41.62
C TYR X 641 -8.67 -41.46 41.00
N GLY X 642 -8.60 -40.18 41.35
CA GLY X 642 -9.52 -39.24 40.78
C GLY X 642 -9.12 -37.80 41.06
N MET X 643 -10.00 -36.88 40.68
CA MET X 643 -9.79 -35.47 40.94
C MET X 643 -11.04 -34.83 41.54
N ASN X 644 -10.97 -33.52 41.80
CA ASN X 644 -12.08 -32.77 42.37
C ASN X 644 -11.95 -31.34 41.86
N ASN X 645 -12.63 -30.41 42.53
CA ASN X 645 -12.43 -28.98 42.33
C ASN X 645 -11.49 -28.40 43.37
N LEU X 646 -10.47 -29.17 43.79
CA LEU X 646 -9.53 -28.74 44.81
C LEU X 646 -8.08 -29.03 44.43
N SER X 647 -7.85 -29.79 43.36
CA SER X 647 -6.50 -30.10 42.93
C SER X 647 -5.64 -28.84 42.86
N VAL X 648 -6.20 -27.75 42.34
CA VAL X 648 -5.45 -26.51 42.27
C VAL X 648 -5.06 -26.06 43.66
N TRP X 649 -5.88 -26.32 44.68
CA TRP X 649 -5.54 -25.91 46.04
C TRP X 649 -4.46 -26.78 46.67
N ALA X 650 -4.47 -28.08 46.40
CA ALA X 650 -3.32 -28.88 46.84
C ALA X 650 -2.04 -28.39 46.17
N TRP X 651 -2.13 -28.05 44.88
CA TRP X 651 -0.98 -27.47 44.20
C TRP X 651 -0.54 -26.17 44.88
N MET X 652 -1.51 -25.36 45.33
CA MET X 652 -1.21 -24.19 46.14
C MET X 652 -0.34 -24.56 47.33
N PHE X 653 -0.83 -25.49 48.15
CA PHE X 653 -0.09 -26.00 49.31
C PHE X 653 1.37 -26.28 48.97
N LEU X 654 1.55 -27.18 48.00
CA LEU X 654 2.87 -27.72 47.77
C LEU X 654 3.80 -26.67 47.17
N PHE X 655 3.27 -25.84 46.28
CA PHE X 655 4.04 -24.72 45.76
C PHE X 655 4.57 -23.84 46.89
N GLY X 656 3.68 -23.50 47.83
CA GLY X 656 4.09 -22.67 48.95
C GLY X 656 5.18 -23.31 49.78
N HIS X 657 5.03 -24.60 50.09
CA HIS X 657 6.08 -25.30 50.83
C HIS X 657 7.42 -25.23 50.10
N LEU X 658 7.39 -25.43 48.78
CA LEU X 658 8.62 -25.41 48.00
C LEU X 658 9.33 -24.07 48.13
N VAL X 659 8.61 -22.98 47.88
CA VAL X 659 9.26 -21.68 47.98
C VAL X 659 9.71 -21.41 49.41
N TRP X 660 8.97 -21.95 50.38
CA TRP X 660 9.36 -21.81 51.78
C TRP X 660 10.75 -22.36 52.02
N ALA X 661 10.99 -23.61 51.60
CA ALA X 661 12.32 -24.19 51.81
C ALA X 661 13.38 -23.48 50.97
N THR X 662 13.01 -23.02 49.77
CA THR X 662 13.95 -22.21 48.99
C THR X 662 14.43 -21.01 49.80
N GLY X 663 13.51 -20.40 50.54
CA GLY X 663 13.89 -19.33 51.43
C GLY X 663 15.01 -19.72 52.39
N PHE X 664 14.87 -20.90 53.01
CA PHE X 664 15.92 -21.38 53.90
C PHE X 664 17.25 -21.48 53.17
N MET X 665 17.22 -22.01 51.95
CA MET X 665 18.45 -22.10 51.16
C MET X 665 19.11 -20.74 51.05
N PHE X 666 18.33 -19.73 50.66
CA PHE X 666 18.91 -18.40 50.52
C PHE X 666 19.39 -17.86 51.85
N LEU X 667 18.72 -18.22 52.95
CA LEU X 667 19.04 -17.59 54.22
C LEU X 667 20.32 -18.15 54.83
N ILE X 668 20.53 -19.45 54.76
CA ILE X 668 21.61 -20.08 55.52
C ILE X 668 22.96 -19.86 54.84
N SER X 669 23.11 -20.38 53.62
CA SER X 669 24.38 -20.25 52.92
C SER X 669 24.66 -18.78 52.61
N TRP X 670 25.94 -18.40 52.68
CA TRP X 670 26.34 -17.02 52.53
C TRP X 670 27.37 -16.87 51.41
N ARG X 671 27.68 -15.62 51.09
CA ARG X 671 28.45 -15.27 49.89
C ARG X 671 29.95 -15.36 50.17
N GLY X 672 30.41 -16.57 50.40
CA GLY X 672 31.84 -16.82 50.47
C GLY X 672 32.13 -18.16 49.85
N TYR X 673 31.06 -18.78 49.37
CA TYR X 673 31.10 -20.09 48.76
C TYR X 673 30.52 -20.08 47.36
N TRP X 674 29.53 -19.24 47.09
CA TRP X 674 28.89 -19.14 45.79
C TRP X 674 29.68 -18.30 44.81
N GLN X 675 30.95 -18.06 45.08
CA GLN X 675 31.82 -17.34 44.16
C GLN X 675 32.99 -18.17 43.69
N GLU X 676 33.52 -19.06 44.51
CA GLU X 676 34.61 -19.93 44.08
C GLU X 676 34.22 -20.75 42.87
N LEU X 677 33.03 -21.33 42.88
CA LEU X 677 32.62 -22.18 41.77
C LEU X 677 32.19 -21.38 40.55
N ILE X 678 31.81 -20.11 40.73
CA ILE X 678 31.55 -19.30 39.54
C ILE X 678 32.85 -19.03 38.80
N GLU X 679 33.98 -18.97 39.51
CA GLU X 679 35.26 -18.86 38.83
C GLU X 679 35.48 -20.01 37.86
N THR X 680 35.54 -21.24 38.39
CA THR X 680 35.75 -22.39 37.54
C THR X 680 34.66 -22.53 36.49
N LEU X 681 33.46 -22.01 36.76
CA LEU X 681 32.41 -22.14 35.76
C LEU X 681 32.55 -21.11 34.65
N VAL X 682 33.21 -19.98 34.93
CA VAL X 682 33.64 -19.10 33.87
C VAL X 682 34.76 -19.74 33.06
N TRP X 683 35.64 -20.47 33.75
CA TRP X 683 36.75 -21.14 33.08
C TRP X 683 36.31 -22.05 31.95
N ALA X 684 35.06 -22.53 31.98
CA ALA X 684 34.62 -23.50 30.99
C ALA X 684 34.44 -22.87 29.62
N HIS X 685 33.55 -21.87 29.52
CA HIS X 685 33.22 -21.26 28.23
C HIS X 685 34.46 -20.80 27.49
N GLU X 686 35.47 -20.33 28.21
CA GLU X 686 36.68 -19.84 27.57
C GLU X 686 37.38 -20.92 26.76
N ARG X 687 37.23 -22.19 27.14
CA ARG X 687 38.06 -23.24 26.58
C ARG X 687 37.28 -24.39 25.96
N THR X 688 35.98 -24.29 25.87
CA THR X 688 35.44 -25.34 25.03
C THR X 688 35.19 -24.81 23.61
N PRO X 689 35.34 -25.66 22.60
CA PRO X 689 35.12 -25.22 21.22
C PRO X 689 33.69 -25.48 20.77
N LEU X 690 33.31 -24.79 19.70
CA LEU X 690 32.00 -24.78 19.08
C LEU X 690 30.98 -24.01 19.91
N ALA X 691 31.35 -23.54 21.09
CA ALA X 691 30.48 -22.67 21.88
C ALA X 691 31.20 -21.43 22.37
N SER X 692 32.52 -21.33 22.17
CA SER X 692 33.24 -20.14 22.59
C SER X 692 32.98 -18.95 21.68
N LEU X 693 32.14 -19.12 20.65
CA LEU X 693 31.76 -18.00 19.80
C LEU X 693 31.16 -16.87 20.61
N VAL X 694 30.08 -17.15 21.34
CA VAL X 694 29.37 -16.13 22.09
C VAL X 694 30.24 -15.61 23.24
N ARG X 695 29.88 -14.45 23.76
CA ARG X 695 30.64 -13.80 24.81
C ARG X 695 29.64 -13.15 25.77
N TRP X 696 30.11 -12.23 26.60
CA TRP X 696 29.30 -11.71 27.70
C TRP X 696 28.81 -10.30 27.38
N LYS X 697 27.48 -10.15 27.34
CA LYS X 697 26.84 -8.86 27.57
C LYS X 697 27.50 -8.13 28.72
N ASP X 698 27.70 -8.84 29.83
CA ASP X 698 28.24 -8.25 31.05
C ASP X 698 28.82 -9.37 31.90
N LYS X 699 29.94 -9.09 32.55
CA LYS X 699 30.65 -10.12 33.30
C LYS X 699 29.85 -10.53 34.53
N PRO X 700 29.42 -11.79 34.62
CA PRO X 700 28.58 -12.19 35.75
C PRO X 700 29.39 -12.46 37.01
N VAL X 701 28.81 -12.08 38.15
CA VAL X 701 29.38 -12.36 39.46
C VAL X 701 28.27 -12.86 40.38
N ALA X 702 28.65 -13.19 41.60
CA ALA X 702 27.68 -13.67 42.57
C ALA X 702 26.76 -12.54 43.01
N MET X 703 25.73 -12.90 43.77
CA MET X 703 24.79 -11.93 44.28
C MET X 703 25.47 -11.01 45.30
N SER X 704 24.70 -10.08 45.84
CA SER X 704 25.17 -9.23 46.92
C SER X 704 24.60 -9.74 48.24
N ILE X 705 25.12 -9.19 49.33
CA ILE X 705 24.72 -9.66 50.66
C ILE X 705 23.31 -9.18 50.99
N VAL X 706 23.11 -7.87 50.97
CA VAL X 706 21.79 -7.31 51.30
C VAL X 706 20.73 -7.86 50.35
N GLN X 707 21.07 -7.98 49.08
CA GLN X 707 20.12 -8.55 48.13
C GLN X 707 19.82 -10.01 48.47
N GLY X 708 20.83 -10.75 48.91
CA GLY X 708 20.59 -12.12 49.32
C GLY X 708 19.63 -12.20 50.49
N ARG X 709 19.87 -11.39 51.52
CA ARG X 709 18.95 -11.31 52.65
C ARG X 709 17.53 -10.98 52.18
N LEU X 710 17.41 -9.99 51.31
CA LEU X 710 16.10 -9.55 50.86
C LEU X 710 15.38 -10.66 50.12
N VAL X 711 16.06 -11.34 49.20
CA VAL X 711 15.40 -12.39 48.43
C VAL X 711 15.02 -13.55 49.32
N GLY X 712 15.88 -13.90 50.28
CA GLY X 712 15.53 -14.94 51.22
C GLY X 712 14.26 -14.60 52.00
N LEU X 713 14.20 -13.36 52.50
CA LEU X 713 13.01 -12.95 53.24
C LEU X 713 11.78 -12.95 52.35
N ALA X 714 11.92 -12.50 51.11
CA ALA X 714 10.78 -12.49 50.20
C ALA X 714 10.27 -13.91 49.95
N HIS X 715 11.18 -14.85 49.70
CA HIS X 715 10.78 -16.23 49.50
C HIS X 715 10.07 -16.77 50.72
N PHE X 716 10.61 -16.51 51.91
CA PHE X 716 9.99 -16.99 53.14
C PHE X 716 8.58 -16.46 53.28
N THR X 717 8.41 -15.15 53.08
CA THR X 717 7.10 -14.54 53.28
C THR X 717 6.10 -15.04 52.25
N VAL X 718 6.51 -15.20 50.99
CA VAL X 718 5.57 -15.65 49.99
C VAL X 718 5.20 -17.10 50.25
N GLY X 719 6.16 -17.91 50.70
CA GLY X 719 5.81 -19.27 51.07
C GLY X 719 4.82 -19.32 52.22
N TYR X 720 5.01 -18.44 53.20
CA TYR X 720 4.10 -18.42 54.34
C TYR X 720 2.69 -18.00 53.93
N VAL X 721 2.59 -17.03 53.03
CA VAL X 721 1.28 -16.46 52.69
C VAL X 721 0.39 -17.53 52.06
N LEU X 722 0.87 -18.18 51.01
CA LEU X 722 0.00 -18.96 50.15
C LEU X 722 -0.67 -20.10 50.91
N THR X 723 0.13 -21.01 51.49
CA THR X 723 -0.41 -22.23 52.07
C THR X 723 -1.54 -21.96 53.05
N TYR X 724 -1.36 -20.98 53.93
CA TYR X 724 -2.37 -20.72 54.95
C TYR X 724 -3.69 -20.29 54.33
N ALA X 725 -3.62 -19.43 53.31
CA ALA X 725 -4.84 -19.00 52.63
C ALA X 725 -5.56 -20.20 52.03
N ALA X 726 -4.84 -21.00 51.24
CA ALA X 726 -5.45 -22.18 50.65
C ALA X 726 -6.12 -23.03 51.71
N PHE X 727 -5.41 -23.29 52.81
CA PHE X 727 -5.96 -24.11 53.88
C PHE X 727 -7.26 -23.53 54.42
N VAL X 728 -7.27 -22.23 54.71
CA VAL X 728 -8.43 -21.65 55.39
C VAL X 728 -9.65 -21.67 54.47
N ILE X 729 -9.51 -21.22 53.23
CA ILE X 729 -10.70 -21.19 52.37
C ILE X 729 -11.16 -22.59 52.03
N ALA X 730 -10.23 -23.51 51.75
CA ALA X 730 -10.63 -24.88 51.45
C ALA X 730 -11.38 -25.49 52.63
N SER X 731 -10.87 -25.31 53.84
CA SER X 731 -11.54 -25.86 55.02
C SER X 731 -12.93 -25.26 55.20
N THR X 732 -13.04 -23.94 55.08
CA THR X 732 -14.34 -23.29 55.30
C THR X 732 -15.36 -23.73 54.26
N ALA X 733 -14.93 -23.86 53.00
CA ALA X 733 -15.86 -24.29 51.97
C ALA X 733 -16.06 -25.80 51.94
N GLY X 734 -15.28 -26.57 52.70
CA GLY X 734 -15.47 -28.00 52.74
C GLY X 734 -16.14 -28.52 53.99
N LYS X 735 -16.26 -27.68 55.02
CA LYS X 735 -16.89 -28.11 56.26
C LYS X 735 -18.17 -27.36 56.61
N PHE X 736 -18.28 -26.09 56.20
CA PHE X 736 -19.45 -25.25 56.50
C PHE X 736 -19.72 -25.14 58.00
N SER Y 2 38.35 4.23 44.51
CA SER Y 2 37.18 3.39 44.75
C SER Y 2 36.38 3.91 45.94
N HIS Y 3 36.41 3.15 47.03
CA HIS Y 3 35.80 3.61 48.27
C HIS Y 3 36.64 4.73 48.88
N SER Y 4 36.11 5.36 49.92
CA SER Y 4 36.76 6.51 50.50
C SER Y 4 37.44 6.13 51.82
N VAL Y 5 38.53 6.81 52.11
CA VAL Y 5 39.29 6.56 53.33
C VAL Y 5 39.22 7.81 54.20
N LYS Y 6 39.34 7.63 55.52
CA LYS Y 6 39.15 8.71 56.47
C LYS Y 6 40.22 8.61 57.54
N ILE Y 7 40.94 9.71 57.77
CA ILE Y 7 42.05 9.77 58.70
C ILE Y 7 41.71 10.71 59.85
N TYR Y 8 42.36 10.50 60.98
CA TYR Y 8 42.09 11.28 62.17
C TYR Y 8 43.42 11.66 62.82
N ASP Y 9 43.32 12.19 64.04
CA ASP Y 9 44.48 12.67 64.77
C ASP Y 9 45.04 11.65 65.75
N THR Y 10 44.25 10.65 66.14
CA THR Y 10 44.63 9.67 67.15
C THR Y 10 45.69 8.70 66.67
N CYS Y 11 46.31 8.91 65.50
CA CYS Y 11 47.35 8.00 65.02
C CYS Y 11 48.56 8.12 65.94
N ILE Y 12 48.76 7.11 66.79
CA ILE Y 12 49.93 7.12 67.67
C ILE Y 12 51.21 6.96 66.84
N GLY Y 13 51.13 6.21 65.74
CA GLY Y 13 52.28 5.97 64.90
C GLY Y 13 52.94 4.63 65.07
N CYS Y 14 52.24 3.65 65.65
CA CYS Y 14 52.78 2.30 65.72
C CYS Y 14 52.92 1.68 64.35
N THR Y 15 52.12 2.13 63.37
CA THR Y 15 52.21 1.70 61.98
C THR Y 15 51.97 0.20 61.83
N GLN Y 16 51.00 -0.32 62.58
CA GLN Y 16 50.55 -1.68 62.35
C GLN Y 16 49.57 -1.78 61.19
N CYS Y 17 48.91 -0.68 60.84
CA CYS Y 17 47.96 -0.71 59.74
C CYS Y 17 48.70 -0.77 58.40
N VAL Y 18 49.78 0.00 58.28
CA VAL Y 18 50.52 0.03 57.02
C VAL Y 18 51.13 -1.34 56.71
N ARG Y 19 51.43 -2.12 57.75
CA ARG Y 19 51.94 -3.47 57.57
C ARG Y 19 50.82 -4.50 57.44
N ALA Y 20 49.57 -4.08 57.57
CA ALA Y 20 48.44 -4.99 57.48
C ALA Y 20 47.69 -4.89 56.16
N CYS Y 21 47.53 -3.69 55.61
CA CYS Y 21 46.85 -3.53 54.35
C CYS Y 21 47.64 -4.19 53.23
N PRO Y 22 47.09 -5.19 52.55
CA PRO Y 22 47.83 -5.83 51.45
C PRO Y 22 47.59 -5.14 50.12
N THR Y 23 47.09 -3.89 50.16
CA THR Y 23 46.62 -3.22 48.95
C THR Y 23 47.34 -1.91 48.67
N ASP Y 24 48.38 -1.57 49.43
CA ASP Y 24 49.21 -0.40 49.16
C ASP Y 24 48.37 0.88 49.02
N VAL Y 25 47.69 1.25 50.09
CA VAL Y 25 46.87 2.46 50.10
C VAL Y 25 47.22 3.36 51.27
N LEU Y 26 48.39 3.21 51.87
CA LEU Y 26 48.77 4.00 53.04
C LEU Y 26 50.22 4.43 52.97
N GLU Y 27 50.53 5.52 53.67
CA GLU Y 27 51.89 6.02 53.82
C GLU Y 27 51.91 7.01 54.97
N MET Y 28 53.03 7.06 55.69
CA MET Y 28 53.17 7.93 56.86
C MET Y 28 53.83 9.23 56.44
N VAL Y 29 53.00 10.25 56.20
CA VAL Y 29 53.47 11.56 55.75
C VAL Y 29 53.93 12.36 56.97
N PRO Y 30 54.91 13.25 56.83
CA PRO Y 30 55.50 13.90 58.01
C PRO Y 30 54.49 14.73 58.80
N TRP Y 31 54.47 14.50 60.11
CA TRP Y 31 53.60 15.21 61.05
C TRP Y 31 54.47 15.87 62.11
N ASP Y 32 53.83 16.63 63.00
CA ASP Y 32 54.57 17.33 64.04
C ASP Y 32 53.96 17.20 65.43
N GLY Y 33 52.65 16.99 65.51
CA GLY Y 33 51.91 17.16 66.75
C GLY Y 33 52.40 16.33 67.93
N CYS Y 34 52.21 15.02 67.86
CA CYS Y 34 52.60 14.13 68.94
C CYS Y 34 54.01 13.59 68.66
N LYS Y 35 54.42 12.58 69.44
CA LYS Y 35 55.72 11.94 69.21
C LYS Y 35 55.77 11.18 67.90
N ALA Y 36 54.66 11.11 67.15
CA ALA Y 36 54.66 10.35 65.90
C ALA Y 36 55.56 10.99 64.86
N GLY Y 37 55.36 12.27 64.59
CA GLY Y 37 56.12 12.97 63.57
C GLY Y 37 55.82 12.54 62.16
N GLN Y 38 55.11 11.42 61.99
CA GLN Y 38 54.72 10.92 60.68
C GLN Y 38 53.41 10.16 60.87
N ILE Y 39 52.34 10.68 60.29
CA ILE Y 39 50.99 10.17 60.49
C ILE Y 39 50.54 9.46 59.22
N ALA Y 40 49.78 8.38 59.39
CA ALA Y 40 49.32 7.60 58.25
C ALA Y 40 48.30 8.37 57.43
N ALA Y 41 48.24 8.04 56.14
CA ALA Y 41 47.28 8.64 55.22
C ALA Y 41 47.12 7.71 54.03
N SER Y 42 46.11 8.01 53.21
CA SER Y 42 45.77 7.16 52.07
C SER Y 42 46.06 7.90 50.76
N PRO Y 43 47.17 7.61 50.10
CA PRO Y 43 47.46 8.28 48.83
C PRO Y 43 46.89 7.57 47.61
N ARG Y 44 46.63 6.27 47.74
CA ARG Y 44 46.31 5.40 46.60
C ARG Y 44 44.99 4.66 46.83
N THR Y 45 43.95 5.43 47.17
CA THR Y 45 42.62 4.87 47.43
C THR Y 45 42.13 3.94 46.33
N GLU Y 46 42.46 4.22 45.07
CA GLU Y 46 41.89 3.51 43.93
C GLU Y 46 42.04 1.99 44.02
N ASP Y 47 42.91 1.47 44.86
CA ASP Y 47 43.08 0.04 45.02
C ASP Y 47 42.43 -0.49 46.30
N CYS Y 48 41.57 0.31 46.95
CA CYS Y 48 40.89 -0.14 48.15
C CYS Y 48 40.09 -1.40 47.86
N VAL Y 49 40.02 -2.28 48.86
CA VAL Y 49 39.41 -3.59 48.67
C VAL Y 49 38.19 -3.81 49.56
N GLY Y 50 38.07 -3.12 50.69
CA GLY Y 50 37.00 -3.40 51.61
C GLY Y 50 37.27 -4.53 52.57
N CYS Y 51 38.51 -5.03 52.63
CA CYS Y 51 38.85 -6.03 53.62
C CYS Y 51 38.91 -5.42 55.01
N LYS Y 52 39.27 -4.13 55.10
CA LYS Y 52 39.44 -3.38 56.34
C LYS Y 52 40.08 -4.23 57.44
N ARG Y 53 41.17 -4.89 57.07
CA ARG Y 53 42.09 -5.47 58.04
C ARG Y 53 42.95 -4.41 58.71
N CYS Y 54 42.89 -3.16 58.24
CA CYS Y 54 43.82 -2.14 58.70
C CYS Y 54 43.44 -1.64 60.09
N GLU Y 55 42.18 -1.22 60.27
CA GLU Y 55 41.79 -0.66 61.56
C GLU Y 55 41.77 -1.73 62.64
N THR Y 56 41.57 -3.00 62.26
CA THR Y 56 41.77 -4.09 63.21
C THR Y 56 43.20 -4.13 63.72
N ALA Y 57 44.13 -3.58 62.95
CA ALA Y 57 45.52 -3.43 63.39
C ALA Y 57 45.78 -2.09 64.06
N CYS Y 58 44.78 -1.21 64.13
CA CYS Y 58 44.93 0.07 64.81
C CYS Y 58 44.65 -0.10 66.30
N PRO Y 59 45.65 0.06 67.17
CA PRO Y 59 45.41 -0.16 68.60
C PRO Y 59 44.78 1.03 69.31
N THR Y 60 44.76 2.21 68.68
CA THR Y 60 44.31 3.42 69.36
C THR Y 60 42.86 3.29 69.79
N ASP Y 61 42.56 3.81 70.98
CA ASP Y 61 41.18 3.89 71.43
C ASP Y 61 40.35 4.65 70.40
N PHE Y 62 39.25 4.04 69.97
CA PHE Y 62 38.49 4.51 68.82
C PHE Y 62 39.41 4.69 67.62
N LEU Y 63 39.87 3.54 67.11
CA LEU Y 63 40.93 3.40 66.11
C LEU Y 63 40.99 4.51 65.08
N SER Y 64 42.20 5.01 64.85
CA SER Y 64 42.41 6.32 64.22
C SER Y 64 41.98 6.38 62.76
N ILE Y 65 41.88 5.24 62.07
CA ILE Y 65 41.52 5.21 60.66
C ILE Y 65 40.11 4.69 60.53
N ARG Y 66 39.40 5.16 59.51
CA ARG Y 66 38.09 4.63 59.14
C ARG Y 66 38.03 4.55 57.64
N VAL Y 67 37.07 3.76 57.14
CA VAL Y 67 36.89 3.61 55.70
C VAL Y 67 35.41 3.78 55.41
N TYR Y 68 35.07 4.81 54.63
CA TYR Y 68 33.69 5.04 54.22
C TYR Y 68 33.47 4.27 52.92
N LEU Y 69 32.66 3.22 53.01
CA LEU Y 69 32.59 2.21 51.96
C LEU Y 69 31.65 2.72 50.87
N SER Y 70 32.20 3.16 49.75
CA SER Y 70 31.45 3.89 48.77
C SER Y 70 30.57 3.02 47.89
N ASN Y 71 30.28 3.54 46.70
CA ASN Y 71 29.37 2.89 45.78
C ASN Y 71 29.87 2.88 44.34
N ALA Y 72 31.03 3.46 44.06
CA ALA Y 72 31.57 3.51 42.70
C ALA Y 72 32.58 2.39 42.49
N GLU Y 73 32.07 1.16 42.52
CA GLU Y 73 32.94 0.00 42.39
C GLU Y 73 33.22 -0.31 40.92
N THR Y 74 34.35 -0.99 40.69
CA THR Y 74 34.79 -1.36 39.36
C THR Y 74 35.47 -2.71 39.43
N THR Y 75 36.02 -3.16 38.29
CA THR Y 75 36.75 -4.41 38.26
C THR Y 75 37.93 -4.41 39.22
N ARG Y 76 38.51 -3.23 39.48
CA ARG Y 76 39.61 -3.15 40.43
C ARG Y 76 39.10 -3.23 41.86
N SER Y 77 38.10 -2.42 42.20
CA SER Y 77 37.58 -2.43 43.56
C SER Y 77 36.87 -3.74 43.88
N MET Y 78 36.33 -4.42 42.87
CA MET Y 78 35.69 -5.70 43.10
C MET Y 78 36.68 -6.86 43.12
N GLY Y 79 37.85 -6.69 42.52
CA GLY Y 79 38.89 -7.69 42.60
C GLY Y 79 38.57 -9.01 41.93
N LEU Y 80 38.49 -9.02 40.62
CA LEU Y 80 38.25 -10.24 39.86
C LEU Y 80 39.47 -10.57 39.01
N ALA Y 81 39.85 -11.84 38.99
CA ALA Y 81 40.87 -12.33 38.07
C ALA Y 81 40.30 -12.65 36.70
N TYR Y 82 38.99 -12.51 36.52
CA TYR Y 82 38.35 -12.80 35.25
C TYR Y 82 37.48 -11.62 34.82
N LEU Z 5 60.35 -9.48 32.79
CA LEU Z 5 60.62 -9.30 31.38
C LEU Z 5 61.75 -10.21 30.91
N SER Z 6 62.35 -10.93 31.86
CA SER Z 6 63.42 -11.86 31.54
C SER Z 6 62.85 -13.10 30.87
N GLY Z 7 63.58 -13.63 29.90
CA GLY Z 7 63.15 -14.83 29.20
C GLY Z 7 63.37 -16.10 29.98
N GLN Z 8 62.76 -16.19 31.17
CA GLN Z 8 62.98 -17.33 32.04
C GLN Z 8 61.85 -17.38 33.07
N THR Z 9 61.44 -18.60 33.42
CA THR Z 9 60.36 -18.84 34.35
C THR Z 9 60.71 -20.05 35.20
N PRO Z 10 60.25 -20.09 36.45
CA PRO Z 10 60.52 -21.25 37.31
C PRO Z 10 60.08 -22.56 36.68
N ILE Z 11 60.63 -23.65 37.21
CA ILE Z 11 60.35 -24.98 36.69
C ILE Z 11 58.94 -25.37 37.14
N PHE Z 12 58.03 -25.52 36.18
CA PHE Z 12 56.63 -25.76 36.47
C PHE Z 12 55.99 -26.35 35.24
N GLY Z 13 55.44 -27.57 35.37
CA GLY Z 13 54.81 -28.22 34.24
C GLY Z 13 53.67 -27.44 33.65
N GLY Z 14 52.60 -27.28 34.42
CA GLY Z 14 51.44 -26.57 33.95
C GLY Z 14 50.24 -26.83 34.86
N SER Z 15 49.17 -26.11 34.58
CA SER Z 15 47.95 -26.22 35.36
C SER Z 15 46.81 -25.62 34.56
N THR Z 16 45.66 -25.45 35.21
CA THR Z 16 44.47 -24.87 34.59
C THR Z 16 44.04 -23.56 35.22
N GLY Z 17 44.79 -23.06 36.20
CA GLY Z 17 44.50 -21.77 36.78
C GLY Z 17 45.35 -20.68 36.16
N GLY Z 18 45.49 -20.72 34.83
CA GLY Z 18 46.34 -19.78 34.13
C GLY Z 18 45.65 -18.45 33.87
N LEU Z 19 45.71 -17.98 32.63
CA LEU Z 19 45.11 -16.70 32.27
C LEU Z 19 43.80 -16.91 31.51
N LEU Z 20 43.07 -15.82 31.35
CA LEU Z 20 41.79 -15.79 30.66
C LEU Z 20 41.86 -14.80 29.51
N THR Z 21 40.72 -14.59 28.86
CA THR Z 21 40.70 -13.59 27.78
C THR Z 21 40.72 -12.18 28.32
N LYS Z 22 40.37 -11.98 29.60
CA LYS Z 22 40.49 -10.67 30.21
C LYS Z 22 41.95 -10.27 30.38
N ALA Z 23 42.84 -11.25 30.50
CA ALA Z 23 44.24 -10.95 30.83
C ALA Z 23 44.95 -10.28 29.67
N PHE Z 24 45.09 -10.98 28.55
CA PHE Z 24 45.86 -10.43 27.44
C PHE Z 24 45.10 -9.40 26.64
N ARG Z 25 43.95 -8.94 27.13
CA ARG Z 25 43.20 -7.90 26.45
C ARG Z 25 42.81 -6.74 27.36
N GLU Z 26 43.03 -6.83 28.66
CA GLU Z 26 42.81 -5.68 29.54
C GLU Z 26 44.04 -5.31 30.36
N GLU Z 27 44.75 -6.28 30.92
CA GLU Z 27 45.84 -5.95 31.83
C GLU Z 27 46.60 -7.21 32.22
N LYS Z 28 47.89 -7.03 32.48
CA LYS Z 28 48.75 -8.05 33.09
C LYS Z 28 49.60 -7.40 34.17
N TYR Z 29 49.86 -8.14 35.24
CA TYR Z 29 50.83 -7.72 36.24
C TYR Z 29 52.11 -8.54 36.09
N VAL Z 30 53.22 -7.94 36.47
CA VAL Z 30 54.54 -8.54 36.32
C VAL Z 30 55.31 -8.34 37.61
N ILE Z 31 56.05 -9.37 38.04
CA ILE Z 31 56.92 -9.24 39.20
C ILE Z 31 58.24 -9.93 38.92
N THR Z 32 59.33 -9.28 39.32
CA THR Z 32 60.69 -9.78 39.13
C THR Z 32 61.48 -9.57 40.43
N TRP Z 33 62.54 -10.36 40.60
CA TRP Z 33 63.43 -10.25 41.75
C TRP Z 33 64.68 -11.08 41.46
N THR Z 34 65.54 -11.22 42.47
CA THR Z 34 66.86 -11.82 42.34
C THR Z 34 66.99 -13.01 43.27
N SER Z 35 66.94 -14.22 42.71
CA SER Z 35 67.07 -15.47 43.47
C SER Z 35 68.24 -16.29 42.92
N PRO Z 36 69.47 -16.01 43.36
CA PRO Z 36 70.61 -16.81 42.89
C PRO Z 36 70.52 -18.27 43.32
N LYS Z 37 69.49 -18.63 44.08
CA LYS Z 37 69.24 -20.00 44.48
C LYS Z 37 67.90 -20.46 43.90
N GLU Z 38 67.79 -21.77 43.66
CA GLU Z 38 66.61 -22.39 43.08
C GLU Z 38 65.96 -23.28 44.13
N GLN Z 39 64.84 -22.82 44.70
CA GLN Z 39 64.16 -23.54 45.75
C GLN Z 39 62.69 -23.76 45.37
N VAL Z 40 62.18 -24.92 45.78
CA VAL Z 40 60.77 -25.22 45.53
C VAL Z 40 59.90 -24.33 46.41
N PHE Z 41 58.74 -23.96 45.88
CA PHE Z 41 57.87 -22.99 46.52
C PHE Z 41 56.46 -23.18 45.95
N GLU Z 42 55.51 -22.42 46.50
CA GLU Z 42 54.11 -22.53 46.17
C GLU Z 42 53.67 -21.32 45.36
N MET Z 43 52.50 -21.44 44.73
CA MET Z 43 51.92 -20.34 43.96
C MET Z 43 50.42 -20.26 44.22
N PRO Z 44 49.85 -19.06 44.13
CA PRO Z 44 48.46 -18.87 44.58
C PRO Z 44 47.42 -19.46 43.65
N THR Z 45 47.76 -19.75 42.39
CA THR Z 45 46.81 -20.30 41.44
C THR Z 45 46.76 -21.83 41.48
N GLY Z 46 47.19 -22.44 42.59
CA GLY Z 46 47.18 -23.88 42.72
C GLY Z 46 48.44 -24.53 42.18
N GLY Z 47 49.08 -25.36 43.00
CA GLY Z 47 50.28 -26.07 42.59
C GLY Z 47 51.54 -25.47 43.17
N ALA Z 48 52.66 -26.08 42.80
CA ALA Z 48 53.97 -25.65 43.27
C ALA Z 48 54.95 -25.67 42.10
N ALA Z 49 56.10 -25.04 42.31
CA ALA Z 49 57.14 -24.96 41.28
C ALA Z 49 58.47 -24.79 41.99
N ILE Z 50 59.52 -24.47 41.22
CA ILE Z 50 60.83 -24.15 41.80
C ILE Z 50 61.47 -23.04 40.99
N MET Z 51 62.01 -22.04 41.69
CA MET Z 51 62.47 -20.79 41.12
C MET Z 51 63.69 -20.99 40.23
N ARG Z 52 64.11 -19.91 39.59
CA ARG Z 52 65.27 -19.90 38.72
C ARG Z 52 66.38 -19.05 39.34
N GLN Z 53 67.50 -18.94 38.61
CA GLN Z 53 68.67 -18.24 39.09
C GLN Z 53 68.68 -16.80 38.60
N GLY Z 54 69.02 -15.88 39.49
CA GLY Z 54 69.08 -14.48 39.18
C GLY Z 54 67.71 -13.90 38.89
N PRO Z 55 67.53 -13.37 37.69
CA PRO Z 55 66.24 -12.76 37.33
C PRO Z 55 65.17 -13.84 37.21
N ASN Z 56 63.97 -13.49 37.67
CA ASN Z 56 62.88 -14.45 37.79
C ASN Z 56 61.59 -13.75 37.40
N LYS Z 57 61.11 -14.02 36.19
CA LYS Z 57 59.92 -13.36 35.66
C LYS Z 57 58.68 -14.16 36.05
N LEU Z 58 57.81 -13.54 36.84
CA LEU Z 58 56.53 -14.14 37.18
C LEU Z 58 55.42 -13.19 36.74
N GLU Z 59 54.63 -13.62 35.76
CA GLU Z 59 53.60 -12.79 35.17
C GLU Z 59 52.24 -13.36 35.51
N LEU Z 60 51.28 -12.48 35.74
CA LEU Z 60 50.05 -12.86 36.43
C LEU Z 60 48.93 -11.92 36.02
N ALA Z 61 47.71 -12.27 36.43
CA ALA Z 61 46.51 -11.53 36.04
C ALA Z 61 46.05 -10.50 37.07
N ARG Z 62 46.32 -10.73 38.34
CA ARG Z 62 45.89 -9.86 39.43
C ARG Z 62 47.12 -9.27 40.12
N LYS Z 63 46.86 -8.58 41.22
CA LYS Z 63 47.91 -7.88 41.96
C LYS Z 63 48.21 -8.51 43.31
N GLU Z 64 47.18 -8.94 44.03
CA GLU Z 64 47.35 -9.37 45.41
C GLU Z 64 48.25 -10.59 45.54
N TYR Z 65 48.35 -11.41 44.50
CA TYR Z 65 49.19 -12.60 44.59
C TYR Z 65 50.66 -12.23 44.66
N CYS Z 66 51.07 -11.26 43.84
CA CYS Z 66 52.45 -10.77 43.90
C CYS Z 66 52.77 -10.17 45.26
N ILE Z 67 51.82 -9.42 45.82
CA ILE Z 67 52.03 -8.82 47.14
C ILE Z 67 52.14 -9.90 48.21
N ALA Z 68 51.28 -10.90 48.14
CA ALA Z 68 51.34 -12.00 49.11
C ALA Z 68 52.67 -12.73 49.01
N LEU Z 69 53.16 -12.96 47.79
CA LEU Z 69 54.43 -13.65 47.62
C LEU Z 69 55.58 -12.80 48.15
N GLY Z 70 55.62 -11.52 47.76
CA GLY Z 70 56.70 -10.65 48.23
C GLY Z 70 56.74 -10.53 49.74
N GLY Z 71 55.58 -10.33 50.37
CA GLY Z 71 55.54 -10.13 51.80
C GLY Z 71 55.66 -11.40 52.60
N GLN Z 72 54.76 -12.36 52.36
CA GLN Z 72 54.68 -13.56 53.18
C GLN Z 72 55.66 -14.64 52.74
N GLN Z 73 56.10 -14.62 51.49
CA GLN Z 73 56.90 -15.72 50.96
C GLN Z 73 58.36 -15.34 50.72
N LEU Z 74 58.62 -14.22 50.06
CA LEU Z 74 59.99 -13.94 49.63
C LEU Z 74 60.86 -13.45 50.80
N ARG Z 75 60.52 -12.29 51.37
CA ARG Z 75 61.35 -11.75 52.43
C ARG Z 75 61.01 -12.33 53.79
N ALA Z 76 59.82 -12.90 53.95
CA ALA Z 76 59.48 -13.55 55.20
C ALA Z 76 60.16 -14.90 55.36
N LYS Z 77 60.49 -15.55 54.25
CA LYS Z 77 61.16 -16.85 54.28
C LYS Z 77 62.57 -16.81 53.69
N PHE Z 78 62.71 -16.31 52.47
CA PHE Z 78 63.97 -16.43 51.73
C PHE Z 78 64.72 -15.11 51.63
N ARG Z 79 64.21 -14.04 52.24
CA ARG Z 79 64.98 -12.81 52.46
C ARG Z 79 65.43 -12.16 51.14
N ILE Z 80 64.52 -12.10 50.17
CA ILE Z 80 64.77 -11.38 48.92
C ILE Z 80 63.84 -10.19 48.88
N THR Z 81 64.42 -8.99 48.81
CA THR Z 81 63.66 -7.75 49.02
C THR Z 81 63.90 -6.76 47.91
N ASP Z 82 63.97 -7.22 46.66
CA ASP Z 82 64.15 -6.32 45.52
C ASP Z 82 63.26 -6.77 44.37
N TYR Z 83 62.01 -7.11 44.67
CA TYR Z 83 61.05 -7.47 43.65
C TYR Z 83 60.30 -6.23 43.18
N LYS Z 84 60.12 -6.11 41.87
CA LYS Z 84 59.43 -5.00 41.25
C LYS Z 84 58.20 -5.51 40.51
N ILE Z 85 57.13 -4.71 40.54
CA ILE Z 85 55.85 -5.09 39.97
C ILE Z 85 55.39 -4.01 39.00
N TYR Z 86 54.68 -4.44 37.96
CA TYR Z 86 54.31 -3.58 36.85
C TYR Z 86 52.95 -4.00 36.32
N ARG Z 87 52.28 -3.05 35.65
CA ARG Z 87 50.95 -3.26 35.11
C ARG Z 87 51.02 -3.08 33.60
N VAL Z 88 50.73 -4.16 32.86
CA VAL Z 88 50.92 -4.20 31.42
C VAL Z 88 49.58 -3.95 30.73
N TYR Z 89 49.54 -2.89 29.91
CA TYR Z 89 48.34 -2.52 29.20
C TYR Z 89 48.05 -3.51 28.08
N PRO Z 90 46.85 -3.47 27.50
CA PRO Z 90 46.56 -4.35 26.35
C PRO Z 90 47.43 -4.08 25.14
N ASN Z 91 48.10 -2.93 25.08
CA ASN Z 91 48.96 -2.62 23.95
C ASN Z 91 50.44 -2.73 24.27
N GLY Z 92 50.82 -2.63 25.55
CA GLY Z 92 52.21 -2.84 25.93
C GLY Z 92 52.78 -1.80 26.86
N GLU Z 93 51.99 -0.81 27.24
CA GLU Z 93 52.47 0.25 28.12
C GLU Z 93 52.58 -0.26 29.55
N VAL Z 94 53.65 0.15 30.24
CA VAL Z 94 54.02 -0.39 31.54
C VAL Z 94 54.04 0.75 32.55
N GLN Z 95 53.56 0.47 33.77
CA GLN Z 95 53.46 1.45 34.83
C GLN Z 95 54.19 0.94 36.06
N TYR Z 96 55.20 1.69 36.50
CA TYR Z 96 55.98 1.32 37.69
C TYR Z 96 55.18 1.62 38.96
N LEU Z 97 54.04 0.94 39.08
CA LEU Z 97 53.12 1.16 40.19
C LEU Z 97 53.82 1.04 41.54
N HIS Z 98 54.89 0.26 41.61
CA HIS Z 98 55.58 0.01 42.86
C HIS Z 98 56.94 -0.58 42.53
N PRO Z 99 57.96 -0.34 43.38
CA PRO Z 99 57.97 0.45 44.62
C PRO Z 99 57.85 1.95 44.41
N SER Z 100 56.72 2.52 44.85
CA SER Z 100 56.55 3.96 44.87
C SER Z 100 57.33 4.63 45.99
N ASP Z 101 58.07 3.85 46.79
CA ASP Z 101 58.98 4.37 47.79
C ASP Z 101 60.35 3.73 47.73
N GLY Z 102 60.63 2.98 46.67
CA GLY Z 102 61.97 2.44 46.43
C GLY Z 102 62.34 1.24 47.27
N VAL Z 103 62.55 1.46 48.57
CA VAL Z 103 63.16 0.46 49.43
C VAL Z 103 62.10 -0.36 50.18
N PHE Z 104 60.83 -0.26 49.78
CA PHE Z 104 59.70 -0.85 50.50
C PHE Z 104 59.70 -0.46 51.98
N PRO Z 105 59.97 0.79 52.33
CA PRO Z 105 60.10 1.10 53.76
C PRO Z 105 58.76 1.17 54.46
N GLU Z 106 57.80 1.81 53.79
CA GLU Z 106 56.44 2.05 54.23
C GLU Z 106 56.40 3.09 55.35
N LYS Z 107 57.56 3.43 55.92
CA LYS Z 107 57.67 4.66 56.70
C LYS Z 107 59.13 5.13 56.70
N VAL Z 108 59.51 5.89 55.66
CA VAL Z 108 60.63 6.81 55.70
C VAL Z 108 60.63 7.63 54.42
N ASN Z 109 61.01 8.91 54.52
CA ASN Z 109 61.39 9.74 53.39
C ASN Z 109 61.74 11.12 53.90
N GLU Z 110 62.50 11.86 53.10
CA GLU Z 110 62.74 13.28 53.34
C GLU Z 110 61.67 14.03 52.56
N GLY Z 111 60.52 14.24 53.20
CA GLY Z 111 59.38 14.79 52.50
C GLY Z 111 58.62 13.71 51.77
N ARG Z 112 57.30 13.86 51.68
CA ARG Z 112 56.45 12.85 51.05
C ARG Z 112 55.35 13.58 50.28
N GLN Z 113 54.36 12.82 49.82
CA GLN Z 113 53.27 13.40 49.05
C GLN Z 113 52.33 14.15 49.97
N LYS Z 114 52.19 15.46 49.74
CA LYS Z 114 51.37 16.33 50.57
C LYS Z 114 50.25 16.90 49.71
N VAL Z 115 49.06 16.33 49.83
CA VAL Z 115 47.86 16.92 49.28
C VAL Z 115 46.67 16.37 50.06
N GLY Z 116 45.77 17.25 50.48
CA GLY Z 116 44.64 16.87 51.31
C GLY Z 116 45.04 16.38 52.68
N TYR Z 117 44.08 16.40 53.62
CA TYR Z 117 44.19 15.90 54.99
C TYR Z 117 42.81 15.97 55.61
N VAL Z 118 42.65 15.25 56.71
CA VAL Z 118 41.60 15.59 57.67
C VAL Z 118 42.08 15.26 59.07
N ASP Z 119 42.37 16.29 59.85
CA ASP Z 119 42.71 16.16 61.28
C ASP Z 119 41.60 16.87 62.03
N ARG Z 120 40.51 16.13 62.27
CA ARG Z 120 39.32 16.70 62.87
C ARG Z 120 38.71 15.70 63.83
N ASN Z 121 38.30 16.18 65.00
CA ASN Z 121 37.62 15.34 65.97
C ASN Z 121 36.25 14.94 65.45
N ILE Z 122 35.81 13.74 65.81
CA ILE Z 122 34.64 13.12 65.21
C ILE Z 122 33.38 13.48 65.98
N GLY Z 123 33.54 13.79 67.26
CA GLY Z 123 32.40 14.26 68.05
C GLY Z 123 31.70 15.44 67.39
N LYS Z 124 32.48 16.33 66.81
CA LYS Z 124 31.95 17.44 65.99
C LYS Z 124 32.11 17.02 64.54
N ASN Z 125 31.01 16.56 63.94
CA ASN Z 125 31.05 15.98 62.61
C ASN Z 125 29.91 16.54 61.77
N PRO Z 126 30.17 16.96 60.53
CA PRO Z 126 29.08 17.41 59.66
C PRO Z 126 28.09 16.28 59.42
N ASP Z 127 26.84 16.64 59.18
CA ASP Z 127 25.75 15.67 59.12
C ASP Z 127 24.80 16.03 57.99
N PRO Z 128 24.04 15.06 57.49
CA PRO Z 128 22.92 15.40 56.59
C PRO Z 128 21.87 16.27 57.25
N ALA Z 129 21.88 16.35 58.58
CA ALA Z 129 21.06 17.34 59.26
C ALA Z 129 21.38 18.75 58.80
N LYS Z 130 22.65 19.02 58.51
CA LYS Z 130 23.10 20.32 58.02
C LYS Z 130 23.33 20.32 56.52
N LEU Z 131 24.19 19.43 56.03
CA LEU Z 131 24.47 19.34 54.60
C LEU Z 131 23.26 18.72 53.91
N LYS Z 132 22.45 19.57 53.28
CA LYS Z 132 21.24 19.13 52.60
C LYS Z 132 21.26 19.64 51.16
N PHE Z 133 20.67 18.83 50.27
CA PHE Z 133 20.63 19.14 48.84
C PHE Z 133 22.03 19.44 48.29
N SER Z 134 23.04 18.83 48.89
CA SER Z 134 24.40 18.81 48.41
C SER Z 134 24.73 17.41 47.94
N GLY Z 135 25.99 17.20 47.55
CA GLY Z 135 26.43 15.90 47.10
C GLY Z 135 27.58 15.35 47.91
N MET Z 136 27.91 16.04 49.00
CA MET Z 136 29.07 15.67 49.81
C MET Z 136 28.61 14.97 51.09
N THR Z 137 29.59 14.63 51.91
CA THR Z 137 29.37 13.84 53.12
C THR Z 137 30.21 14.48 54.23
N THR Z 138 30.47 13.71 55.28
CA THR Z 138 31.06 14.20 56.51
C THR Z 138 32.50 14.69 56.33
N TYR Z 139 33.00 14.69 55.10
CA TYR Z 139 34.39 15.05 54.84
C TYR Z 139 34.65 16.55 54.88
N ASN Z 140 33.69 17.36 55.31
CA ASN Z 140 33.93 18.78 55.53
C ASN Z 140 34.43 19.02 56.95
N ALA Z 141 35.06 20.17 57.15
CA ALA Z 141 35.53 20.55 58.48
C ALA Z 141 34.75 21.74 59.03
N VAL AA 2 43.53 15.70 91.54
CA VAL AA 2 43.87 15.09 90.26
C VAL AA 2 45.38 15.12 90.08
N GLU AA 3 46.06 14.07 90.58
CA GLU AA 3 47.51 13.95 90.43
C GLU AA 3 47.81 12.49 90.12
N ARG AA 4 49.09 12.14 90.14
CA ARG AA 4 49.50 10.76 89.90
C ARG AA 4 48.97 9.87 91.01
N GLY AA 5 47.95 9.07 90.71
CA GLY AA 5 47.35 8.21 91.71
C GLY AA 5 46.06 8.75 92.30
N SER AA 6 45.28 9.46 91.49
CA SER AA 6 43.99 9.99 91.90
C SER AA 6 42.89 9.50 90.97
N LYS AA 7 41.70 9.32 91.54
CA LYS AA 7 40.56 8.74 90.84
C LYS AA 7 39.70 9.86 90.25
N VAL AA 8 39.55 9.83 88.92
CA VAL AA 8 38.84 10.89 88.19
C VAL AA 8 37.92 10.27 87.14
N ARG AA 9 36.83 10.97 86.85
CA ARG AA 9 35.89 10.62 85.80
C ARG AA 9 36.18 11.43 84.54
N ILE AA 10 35.60 10.96 83.43
CA ILE AA 10 36.00 11.34 82.09
C ILE AA 10 34.95 12.28 81.50
N LEU AA 11 35.42 13.24 80.69
CA LEU AA 11 34.54 14.15 79.97
C LEU AA 11 34.46 13.87 78.48
N ARG AA 12 35.38 13.10 77.92
CA ARG AA 12 35.32 12.73 76.51
C ARG AA 12 34.05 11.95 76.21
N LYS AA 13 33.26 12.43 75.25
CA LYS AA 13 31.94 11.85 75.03
C LYS AA 13 32.02 10.46 74.42
N GLU AA 14 32.70 10.32 73.29
CA GLU AA 14 32.78 9.04 72.59
C GLU AA 14 33.51 7.97 73.39
N SER AA 15 34.05 8.32 74.56
CA SER AA 15 34.83 7.37 75.34
C SER AA 15 33.97 6.21 75.82
N TYR AA 16 34.53 5.00 75.75
CA TYR AA 16 33.85 3.82 76.24
C TYR AA 16 33.61 3.88 77.75
N TRP AA 17 34.51 4.52 78.48
CA TRP AA 17 34.37 4.70 79.92
C TRP AA 17 33.94 6.12 80.27
N PHE AA 18 33.03 6.69 79.48
CA PHE AA 18 32.52 8.02 79.77
C PHE AA 18 31.89 8.05 81.16
N GLN AA 19 32.28 9.06 81.94
CA GLN AA 19 31.82 9.29 83.32
C GLN AA 19 32.40 8.26 84.28
N ASP AA 20 33.13 7.29 83.75
CA ASP AA 20 33.72 6.26 84.58
C ASP AA 20 35.04 6.75 85.17
N VAL AA 21 35.38 6.19 86.32
CA VAL AA 21 36.52 6.66 87.11
C VAL AA 21 37.73 5.77 86.84
N GLY AA 22 38.87 6.41 86.61
CA GLY AA 22 40.12 5.71 86.50
C GLY AA 22 41.19 6.46 87.27
N VAL AA 23 42.34 5.81 87.43
CA VAL AA 23 43.45 6.37 88.21
C VAL AA 23 44.46 7.00 87.26
N VAL AA 24 44.97 8.17 87.61
CA VAL AA 24 45.96 8.87 86.80
C VAL AA 24 47.29 8.14 87.00
N ALA AA 25 47.66 7.30 86.05
CA ALA AA 25 48.85 6.49 86.22
C ALA AA 25 50.11 7.33 86.11
N SER AA 26 50.24 8.11 85.03
CA SER AA 26 51.39 8.98 84.83
C SER AA 26 50.87 10.33 84.38
N VAL AA 27 51.17 11.38 85.15
CA VAL AA 27 50.84 12.74 84.73
C VAL AA 27 51.93 13.22 83.77
N ASP AA 28 51.64 13.16 82.48
CA ASP AA 28 52.43 13.84 81.47
C ASP AA 28 51.85 15.24 81.26
N LYS AA 29 52.71 16.16 80.85
CA LYS AA 29 52.19 17.50 80.64
C LYS AA 29 52.82 18.14 79.41
N SER AA 30 53.23 17.33 78.44
CA SER AA 30 54.06 17.81 77.33
C SER AA 30 53.19 18.49 76.28
N GLY AA 31 53.77 18.76 75.11
CA GLY AA 31 53.08 19.48 74.05
C GLY AA 31 52.03 18.68 73.31
N ILE AA 32 51.90 17.39 73.62
CA ILE AA 32 50.86 16.58 72.98
C ILE AA 32 49.50 17.07 73.46
N ARG AA 33 48.50 16.96 72.58
CA ARG AA 33 47.16 17.42 72.93
C ARG AA 33 46.49 16.53 73.97
N TYR AA 34 47.04 15.35 74.23
CA TYR AA 34 46.43 14.37 75.14
C TYR AA 34 47.46 13.95 76.19
N PRO AA 35 47.70 14.81 77.18
CA PRO AA 35 48.77 14.52 78.15
C PRO AA 35 48.43 13.42 79.14
N VAL AA 36 47.24 13.45 79.74
CA VAL AA 36 46.99 12.61 80.92
C VAL AA 36 46.83 11.16 80.51
N ILE AA 37 47.55 10.28 81.20
CA ILE AA 37 47.47 8.83 81.02
C ILE AA 37 46.69 8.25 82.19
N VAL AA 38 45.52 7.69 81.90
CA VAL AA 38 44.64 7.13 82.91
C VAL AA 38 44.58 5.62 82.71
N ARG AA 39 44.42 4.89 83.81
CA ARG AA 39 44.24 3.44 83.78
C ARG AA 39 42.92 3.08 84.44
N PHE AA 40 42.21 2.14 83.79
CA PHE AA 40 40.97 1.57 84.29
C PHE AA 40 41.13 0.07 84.46
N ASP AA 41 40.05 -0.65 84.74
CA ASP AA 41 40.10 -2.11 84.76
C ASP AA 41 38.95 -2.71 83.97
N LYS AA 42 37.88 -1.95 83.78
CA LYS AA 42 36.77 -2.41 82.94
C LYS AA 42 37.22 -2.43 81.48
N VAL AA 43 36.82 -3.48 80.76
CA VAL AA 43 37.38 -3.80 79.46
C VAL AA 43 36.42 -3.38 78.35
N ASN AA 44 36.93 -2.56 77.44
CA ASN AA 44 36.37 -2.39 76.11
C ASN AA 44 37.01 -3.43 75.19
N TYR AA 45 36.94 -3.22 73.87
CA TYR AA 45 37.68 -4.05 72.92
C TYR AA 45 39.07 -4.37 73.44
N ALA AA 46 39.34 -5.66 73.63
CA ALA AA 46 40.68 -6.16 73.98
C ALA AA 46 41.29 -5.47 75.19
N GLY AA 47 40.49 -4.83 76.03
CA GLY AA 47 41.03 -4.28 77.27
C GLY AA 47 41.95 -3.08 77.09
N VAL AA 48 41.38 -1.92 76.75
CA VAL AA 48 42.14 -0.69 76.54
C VAL AA 48 41.96 0.14 77.80
N ASN AA 49 41.88 -0.54 78.94
CA ASN AA 49 41.73 0.05 80.26
C ASN AA 49 42.75 1.16 80.54
N THR AA 50 43.76 1.29 79.70
CA THR AA 50 44.68 2.40 79.75
C THR AA 50 44.47 3.28 78.52
N ASN AA 51 44.48 4.59 78.71
CA ASN AA 51 44.27 5.51 77.59
C ASN AA 51 44.84 6.88 77.96
N ASN AA 52 44.80 7.79 76.99
CA ASN AA 52 45.23 9.17 77.17
C ASN AA 52 44.10 10.13 76.83
N PHE AA 53 44.18 11.31 77.45
CA PHE AA 53 43.19 12.35 77.26
C PHE AA 53 43.87 13.69 77.45
N ALA AA 54 43.16 14.76 77.09
CA ALA AA 54 43.52 16.09 77.54
C ALA AA 54 42.89 16.35 78.90
N GLU AA 55 43.71 16.75 79.88
CA GLU AA 55 43.21 16.92 81.23
C GLU AA 55 42.21 18.06 81.34
N THR AA 56 41.97 18.80 80.25
CA THR AA 56 40.77 19.63 80.14
C THR AA 56 39.52 18.81 79.88
N GLU AA 57 39.62 17.48 80.02
CA GLU AA 57 38.50 16.56 79.85
C GLU AA 57 38.33 15.62 81.04
N LEU AA 58 38.81 16.00 82.23
CA LEU AA 58 38.80 15.11 83.39
C LEU AA 58 38.32 15.88 84.62
N VAL AA 59 37.59 15.21 85.50
CA VAL AA 59 37.12 15.83 86.75
C VAL AA 59 37.25 14.81 87.89
N GLU AA 60 37.74 15.27 89.04
CA GLU AA 60 37.89 14.36 90.17
C GLU AA 60 36.55 14.17 90.88
N ILE AA 61 36.56 13.24 91.84
CA ILE AA 61 35.36 12.82 92.53
C ILE AA 61 35.37 13.27 93.99
N GLU AA 62 36.53 13.25 94.63
CA GLU AA 62 36.64 13.37 96.08
C GLU AA 62 37.30 14.67 96.50
N VAL BA 24 -18.32 -15.91 92.52
CA VAL BA 24 -18.27 -17.35 92.27
C VAL BA 24 -19.40 -17.76 91.33
N GLY BA 25 -19.86 -16.82 90.52
CA GLY BA 25 -20.97 -17.06 89.62
C GLY BA 25 -20.56 -17.74 88.33
N ALA BA 26 -20.95 -17.14 87.20
CA ALA BA 26 -20.61 -17.62 85.85
C ALA BA 26 -21.20 -18.99 85.55
N GLY BA 27 -22.16 -19.45 86.34
CA GLY BA 27 -22.77 -20.74 86.10
C GLY BA 27 -21.84 -21.89 86.43
N LEU BA 28 -21.38 -21.94 87.67
CA LEU BA 28 -20.44 -22.96 88.12
C LEU BA 28 -21.03 -23.66 89.33
N VAL BA 29 -21.22 -24.97 89.22
CA VAL BA 29 -21.83 -25.76 90.29
C VAL BA 29 -20.79 -26.04 91.37
N PRO BA 30 -21.18 -26.15 92.64
CA PRO BA 30 -20.22 -26.50 93.68
C PRO BA 30 -19.65 -27.89 93.45
N CYS BA 31 -18.34 -28.04 93.71
CA CYS BA 31 -17.69 -29.32 93.50
C CYS BA 31 -18.21 -30.38 94.47
N SER BA 32 -18.91 -29.98 95.53
CA SER BA 32 -19.54 -30.94 96.42
C SER BA 32 -20.66 -31.69 95.68
N GLU BA 33 -21.58 -30.95 95.06
CA GLU BA 33 -22.79 -31.53 94.48
C GLU BA 33 -22.76 -31.61 92.96
N SER BA 34 -21.62 -31.41 92.33
CA SER BA 34 -21.56 -31.61 90.89
C SER BA 34 -21.60 -33.12 90.59
N PRO BA 35 -22.65 -33.63 89.97
CA PRO BA 35 -22.75 -35.10 89.80
C PRO BA 35 -21.57 -35.71 89.10
N GLU BA 36 -21.12 -35.11 87.99
CA GLU BA 36 -20.00 -35.66 87.23
C GLU BA 36 -18.73 -35.67 88.06
N PHE BA 37 -18.61 -34.76 89.02
CA PHE BA 37 -17.43 -34.74 89.90
C PHE BA 37 -17.34 -36.04 90.68
N ILE BA 38 -18.42 -36.43 91.37
CA ILE BA 38 -18.40 -37.68 92.11
C ILE BA 38 -18.35 -38.86 91.14
N GLN BA 39 -18.92 -38.71 89.94
CA GLN BA 39 -18.83 -39.77 88.94
C GLN BA 39 -17.38 -40.09 88.63
N ARG BA 40 -16.57 -39.05 88.39
CA ARG BA 40 -15.13 -39.26 88.25
C ARG BA 40 -14.53 -39.81 89.54
N ALA BA 41 -14.97 -39.28 90.69
CA ALA BA 41 -14.40 -39.68 91.98
C ALA BA 41 -14.55 -41.16 92.24
N ALA BA 42 -15.59 -41.80 91.67
CA ALA BA 42 -15.85 -43.20 91.93
C ALA BA 42 -14.67 -44.07 91.51
N SER BA 43 -14.36 -44.06 90.21
CA SER BA 43 -13.19 -44.76 89.68
C SER BA 43 -11.99 -43.83 89.56
N ALA BA 44 -11.92 -42.79 90.40
CA ALA BA 44 -10.77 -41.88 90.38
C ALA BA 44 -9.49 -42.67 90.56
N ARG BA 45 -8.64 -42.65 89.54
CA ARG BA 45 -7.46 -43.51 89.52
C ARG BA 45 -6.52 -43.11 90.65
N ASN BA 46 -6.46 -43.96 91.68
CA ASN BA 46 -5.61 -43.71 92.84
C ASN BA 46 -4.15 -43.74 92.40
N THR BA 47 -3.54 -42.55 92.34
CA THR BA 47 -2.22 -42.38 91.73
C THR BA 47 -1.12 -43.15 92.46
N THR BA 48 -0.84 -42.78 93.70
CA THR BA 48 0.36 -43.23 94.39
C THR BA 48 0.12 -44.64 94.94
N ALA BA 49 1.03 -45.10 95.79
CA ALA BA 49 1.05 -46.44 96.39
C ALA BA 49 0.04 -46.61 97.51
N ASP BA 50 -0.93 -45.71 97.70
CA ASP BA 50 -1.92 -45.86 98.75
C ASP BA 50 -3.32 -45.86 98.16
N PRO BA 51 -4.17 -46.83 98.52
CA PRO BA 51 -5.47 -46.94 97.86
C PRO BA 51 -6.37 -45.75 98.08
N ASN BA 52 -6.16 -45.00 99.16
CA ASN BA 52 -7.02 -43.84 99.43
C ASN BA 52 -6.57 -42.60 98.68
N SER BA 53 -5.49 -42.69 97.90
CA SER BA 53 -4.90 -41.50 97.28
C SER BA 53 -5.93 -40.71 96.48
N GLY BA 54 -6.50 -41.33 95.45
CA GLY BA 54 -7.47 -40.66 94.61
C GLY BA 54 -8.69 -40.13 95.36
N GLN BA 55 -9.44 -41.05 95.98
CA GLN BA 55 -10.66 -40.67 96.70
C GLN BA 55 -10.39 -39.51 97.64
N LYS BA 56 -9.36 -39.62 98.47
CA LYS BA 56 -9.02 -38.56 99.41
C LYS BA 56 -8.93 -37.20 98.71
N ARG BA 57 -8.17 -37.14 97.60
CA ARG BA 57 -8.00 -35.84 96.95
C ARG BA 57 -9.35 -35.32 96.45
N PHE BA 58 -10.20 -36.20 95.94
CA PHE BA 58 -11.52 -35.75 95.53
C PHE BA 58 -12.31 -35.23 96.71
N GLU BA 59 -12.16 -35.87 97.87
CA GLU BA 59 -12.78 -35.34 99.08
C GLU BA 59 -12.21 -33.97 99.43
N ARG BA 60 -10.91 -33.77 99.21
CA ARG BA 60 -10.30 -32.48 99.42
C ARG BA 60 -10.77 -31.44 98.41
N TYR BA 61 -11.42 -31.88 97.33
CA TYR BA 61 -11.89 -30.98 96.29
C TYR BA 61 -13.39 -30.73 96.37
N ALA BA 62 -13.92 -30.66 97.59
CA ALA BA 62 -15.31 -30.28 97.80
C ALA BA 62 -15.46 -28.81 98.12
N GLN BA 63 -14.38 -28.17 98.59
CA GLN BA 63 -14.46 -26.76 98.97
C GLN BA 63 -14.66 -25.86 97.75
N GLU BA 64 -14.01 -26.17 96.64
CA GLU BA 64 -14.15 -25.36 95.45
C GLU BA 64 -15.47 -25.69 94.75
N LEU BA 65 -15.73 -24.99 93.64
CA LEU BA 65 -17.00 -25.15 92.93
C LEU BA 65 -16.70 -25.48 91.47
N CYS BA 66 -17.25 -26.60 91.02
CA CYS BA 66 -16.95 -27.17 89.71
C CYS BA 66 -17.78 -26.49 88.62
N GLY BA 67 -17.82 -27.11 87.45
CA GLY BA 67 -18.67 -26.67 86.36
C GLY BA 67 -19.09 -27.83 85.49
N PRO BA 68 -19.62 -27.54 84.30
CA PRO BA 68 -19.99 -28.62 83.39
C PRO BA 68 -18.83 -29.52 83.01
N GLU BA 69 -17.62 -28.97 82.92
CA GLU BA 69 -16.43 -29.78 82.70
C GLU BA 69 -16.14 -30.74 83.85
N GLY BA 70 -16.80 -30.55 84.99
CA GLY BA 70 -16.58 -31.40 86.14
C GLY BA 70 -15.29 -31.14 86.89
N LEU BA 71 -14.54 -30.11 86.53
CA LEU BA 71 -13.28 -29.81 87.19
C LEU BA 71 -13.28 -28.37 87.69
N PRO BA 72 -12.60 -28.11 88.82
CA PRO BA 72 -12.81 -26.85 89.51
C PRO BA 72 -12.01 -25.69 88.93
N HIS BA 73 -12.64 -24.52 88.93
CA HIS BA 73 -11.99 -23.26 88.60
C HIS BA 73 -11.63 -22.53 89.89
N LEU BA 74 -10.64 -21.65 89.80
CA LEU BA 74 -10.15 -20.91 90.97
C LEU BA 74 -10.51 -19.44 90.84
N ILE BA 75 -11.12 -18.88 91.90
CA ILE BA 75 -11.50 -17.48 91.96
C ILE BA 75 -10.46 -16.72 92.78
N VAL BA 76 -10.05 -15.57 92.28
CA VAL BA 76 -9.00 -14.76 92.90
C VAL BA 76 -9.57 -13.36 93.08
N ASP BA 77 -9.97 -13.04 94.31
CA ASP BA 77 -10.50 -11.71 94.63
C ASP BA 77 -10.15 -11.20 96.02
N GLY BA 78 -9.43 -11.95 96.84
CA GLY BA 78 -9.47 -11.71 98.26
C GLY BA 78 -10.76 -12.19 98.91
N ARG BA 79 -11.78 -12.50 98.12
CA ARG BA 79 -13.01 -13.09 98.60
C ARG BA 79 -12.72 -14.37 99.37
N LEU BA 80 -13.19 -14.41 100.62
CA LEU BA 80 -12.83 -15.47 101.55
C LEU BA 80 -13.37 -16.82 101.13
N ASN BA 81 -14.16 -16.85 100.05
CA ASN BA 81 -14.55 -18.12 99.47
C ASN BA 81 -13.33 -18.87 98.93
N HIS BA 82 -12.39 -18.13 98.32
CA HIS BA 82 -11.17 -18.74 97.81
C HIS BA 82 -9.94 -17.87 98.06
N ALA BA 83 -9.95 -17.05 99.13
CA ALA BA 83 -8.85 -16.12 99.36
C ALA BA 83 -7.54 -16.85 99.65
N GLY BA 84 -7.54 -17.68 100.70
CA GLY BA 84 -6.33 -18.38 101.08
C GLY BA 84 -5.82 -19.35 100.04
N ASP BA 85 -6.68 -19.78 99.12
CA ASP BA 85 -6.26 -20.72 98.08
C ASP BA 85 -5.35 -20.07 97.03
N PHE BA 86 -5.15 -18.75 97.10
CA PHE BA 86 -4.18 -18.09 96.24
C PHE BA 86 -3.29 -17.10 96.96
N LEU BA 87 -3.70 -16.56 98.11
CA LEU BA 87 -2.95 -15.46 98.72
C LEU BA 87 -1.66 -15.94 99.36
N ILE BA 88 -1.76 -16.89 100.30
CA ILE BA 88 -0.59 -17.31 101.05
C ILE BA 88 0.48 -17.96 100.16
N PRO BA 89 0.15 -18.66 99.06
CA PRO BA 89 1.26 -19.11 98.19
C PRO BA 89 2.01 -17.95 97.57
N SER BA 90 1.28 -16.92 97.14
CA SER BA 90 1.91 -15.71 96.64
C SER BA 90 2.88 -15.13 97.67
N ILE BA 91 2.41 -15.01 98.92
CA ILE BA 91 3.25 -14.41 99.95
C ILE BA 91 4.45 -15.28 100.25
N LEU BA 92 4.28 -16.61 100.20
CA LEU BA 92 5.42 -17.51 100.39
C LEU BA 92 6.46 -17.30 99.30
N PHE BA 93 6.02 -17.20 98.05
CA PHE BA 93 6.97 -16.93 96.97
C PHE BA 93 7.69 -15.63 97.20
N LEU BA 94 6.96 -14.59 97.64
CA LEU BA 94 7.61 -13.31 97.89
C LEU BA 94 8.66 -13.45 98.98
N TYR BA 95 8.33 -14.18 100.06
CA TYR BA 95 9.30 -14.47 101.11
C TYR BA 95 10.58 -15.05 100.54
N ILE BA 96 10.46 -16.17 99.83
CA ILE BA 96 11.65 -16.91 99.41
C ILE BA 96 12.42 -16.14 98.35
N ALA BA 97 11.73 -15.48 97.42
CA ALA BA 97 12.41 -14.70 96.41
C ALA BA 97 13.18 -13.54 97.05
N GLY BA 98 12.56 -12.86 98.01
CA GLY BA 98 13.28 -11.83 98.74
C GLY BA 98 14.51 -12.37 99.42
N TRP BA 99 14.39 -13.52 100.08
CA TRP BA 99 15.54 -14.12 100.76
C TRP BA 99 16.67 -14.36 99.77
N ILE BA 100 16.38 -15.05 98.67
CA ILE BA 100 17.46 -15.45 97.76
C ILE BA 100 18.10 -14.22 97.12
N GLY BA 101 17.28 -13.28 96.63
CA GLY BA 101 17.85 -12.07 96.06
C GLY BA 101 18.69 -11.31 97.05
N TRP BA 102 18.21 -11.21 98.30
CA TRP BA 102 18.92 -10.46 99.33
C TRP BA 102 20.27 -11.08 99.62
N VAL BA 103 20.30 -12.39 99.81
CA VAL BA 103 21.56 -13.04 100.14
C VAL BA 103 22.53 -12.99 98.96
N GLY BA 104 22.02 -13.10 97.74
CA GLY BA 104 22.89 -12.98 96.59
C GLY BA 104 23.53 -11.61 96.50
N ARG BA 105 22.71 -10.56 96.60
CA ARG BA 105 23.25 -9.20 96.54
C ARG BA 105 24.24 -8.96 97.67
N ALA BA 106 23.93 -9.47 98.87
CA ALA BA 106 24.84 -9.27 100.01
C ALA BA 106 26.17 -9.95 99.77
N TYR BA 107 26.14 -11.20 99.29
CA TYR BA 107 27.38 -11.89 98.97
C TYR BA 107 28.19 -11.11 97.96
N LEU BA 108 27.54 -10.64 96.89
CA LEU BA 108 28.25 -9.89 95.86
C LEU BA 108 28.91 -8.64 96.45
N GLN BA 109 28.14 -7.86 97.22
CA GLN BA 109 28.71 -6.69 97.87
C GLN BA 109 29.91 -7.06 98.74
N GLU BA 110 29.83 -8.20 99.44
CA GLU BA 110 30.90 -8.58 100.35
C GLU BA 110 32.17 -8.93 99.59
N ILE BA 111 32.05 -9.68 98.49
CA ILE BA 111 33.23 -10.19 97.79
C ILE BA 111 34.19 -9.05 97.46
N LYS BA 112 33.64 -7.90 97.03
CA LYS BA 112 34.47 -6.85 96.46
C LYS BA 112 35.43 -6.25 97.48
N LYS BA 113 35.16 -6.41 98.77
CA LYS BA 113 36.09 -5.96 99.80
C LYS BA 113 37.11 -7.04 100.14
N ARG BA 114 37.70 -7.62 99.09
CA ARG BA 114 38.77 -8.60 99.26
C ARG BA 114 39.93 -8.42 98.30
N ASP BA 115 39.78 -7.65 97.22
CA ASP BA 115 40.82 -7.44 96.20
C ASP BA 115 41.29 -8.75 95.58
N ASN BA 116 40.51 -9.81 95.72
CA ASN BA 116 40.68 -11.06 94.99
C ASN BA 116 39.44 -11.34 94.17
N THR BA 117 38.96 -10.30 93.48
CA THR BA 117 37.56 -10.26 93.03
C THR BA 117 37.23 -11.43 92.11
N GLU BA 118 37.85 -11.49 90.94
CA GLU BA 118 37.52 -12.50 89.94
C GLU BA 118 38.24 -13.81 90.15
N LEU BA 119 39.25 -13.84 91.02
CA LEU BA 119 39.79 -15.12 91.48
C LEU BA 119 38.69 -15.94 92.17
N ARG BA 120 38.01 -15.33 93.14
CA ARG BA 120 36.97 -16.01 93.89
C ARG BA 120 35.61 -15.99 93.20
N GLU BA 121 35.51 -15.36 92.02
CA GLU BA 121 34.22 -15.32 91.35
C GLU BA 121 33.74 -16.71 90.97
N VAL BA 122 34.66 -17.65 90.78
CA VAL BA 122 34.30 -19.02 90.46
C VAL BA 122 34.57 -19.96 91.63
N ILE BA 123 35.49 -19.62 92.53
CA ILE BA 123 35.78 -20.41 93.71
C ILE BA 123 35.00 -19.80 94.86
N ILE BA 124 33.95 -20.48 95.30
CA ILE BA 124 33.13 -19.98 96.39
C ILE BA 124 33.86 -20.15 97.71
N ASP BA 125 33.91 -19.08 98.51
CA ASP BA 125 34.50 -19.12 99.84
C ASP BA 125 33.44 -19.62 100.81
N VAL BA 126 33.39 -20.95 100.98
CA VAL BA 126 32.34 -21.56 101.79
C VAL BA 126 32.32 -21.04 103.22
N PRO BA 127 33.44 -21.01 103.96
CA PRO BA 127 33.38 -20.50 105.35
C PRO BA 127 32.85 -19.09 105.46
N THR BA 128 32.82 -18.32 104.38
CA THR BA 128 32.17 -17.02 104.37
C THR BA 128 30.82 -17.05 103.67
N ALA BA 129 30.66 -17.89 102.65
CA ALA BA 129 29.38 -17.98 101.96
C ALA BA 129 28.29 -18.55 102.85
N LEU BA 130 28.65 -19.34 103.87
CA LEU BA 130 27.63 -19.91 104.74
C LEU BA 130 26.93 -18.85 105.57
N PRO BA 131 27.61 -18.10 106.45
CA PRO BA 131 26.88 -17.21 107.36
C PRO BA 131 26.02 -16.19 106.66
N LEU BA 132 26.42 -15.73 105.47
CA LEU BA 132 25.57 -14.83 104.70
C LEU BA 132 24.24 -15.49 104.36
N MET BA 133 24.29 -16.73 103.89
CA MET BA 133 23.07 -17.49 103.64
C MET BA 133 22.27 -17.65 104.92
N LEU BA 134 22.94 -18.00 106.01
CA LEU BA 134 22.25 -18.23 107.27
C LEU BA 134 21.67 -16.96 107.86
N SER BA 135 22.13 -15.79 107.42
CA SER BA 135 21.72 -14.50 107.99
C SER BA 135 20.76 -13.75 107.09
N GLY BA 136 19.86 -14.46 106.41
CA GLY BA 136 18.85 -13.79 105.61
C GLY BA 136 17.50 -13.78 106.30
N PHE BA 137 17.52 -13.93 107.63
CA PHE BA 137 16.29 -14.18 108.38
C PHE BA 137 15.33 -13.00 108.30
N THR BA 138 15.85 -11.77 108.42
CA THR BA 138 15.00 -10.59 108.52
C THR BA 138 15.20 -9.68 107.31
N TRP BA 139 15.22 -10.26 106.12
CA TRP BA 139 15.45 -9.46 104.91
C TRP BA 139 14.42 -8.36 104.69
N PRO BA 140 13.08 -8.57 104.87
CA PRO BA 140 12.14 -7.52 104.45
C PRO BA 140 12.33 -6.20 105.17
N LEU BA 141 12.20 -6.21 106.50
CA LEU BA 141 12.23 -4.96 107.25
C LEU BA 141 13.60 -4.31 107.18
N ALA BA 142 14.67 -5.11 107.22
CA ALA BA 142 16.00 -4.56 107.02
C ALA BA 142 16.08 -3.83 105.69
N ALA BA 143 15.54 -4.46 104.63
CA ALA BA 143 15.49 -3.79 103.34
C ALA BA 143 14.71 -2.49 103.42
N VAL BA 144 13.60 -2.50 104.16
CA VAL BA 144 12.83 -1.29 104.37
C VAL BA 144 13.73 -0.20 104.95
N LYS BA 145 14.55 -0.58 105.93
CA LYS BA 145 15.47 0.39 106.53
C LYS BA 145 16.41 0.95 105.46
N GLU BA 146 16.99 0.07 104.65
CA GLU BA 146 17.90 0.55 103.61
C GLU BA 146 17.17 1.43 102.61
N LEU BA 147 15.85 1.24 102.48
CA LEU BA 147 15.06 2.16 101.67
C LEU BA 147 14.99 3.53 102.32
N LEU BA 148 14.65 3.57 103.60
CA LEU BA 148 14.51 4.85 104.28
C LEU BA 148 15.85 5.53 104.46
N SER BA 149 16.89 4.76 104.81
CA SER BA 149 18.23 5.30 104.82
C SER BA 149 18.74 5.61 103.42
N GLY BA 150 18.08 5.12 102.39
CA GLY BA 150 18.57 5.29 101.04
C GLY BA 150 19.82 4.50 100.75
N GLU BA 151 19.91 3.29 101.28
CA GLU BA 151 21.07 2.42 101.11
C GLU BA 151 20.83 1.35 100.06
N LEU BA 152 20.08 1.68 99.01
CA LEU BA 152 19.76 0.70 97.99
C LEU BA 152 19.98 1.20 96.56
N VAL BA 153 20.23 2.50 96.36
CA VAL BA 153 20.38 3.07 95.03
C VAL BA 153 21.58 4.00 95.01
N ALA BA 154 22.29 4.00 93.89
CA ALA BA 154 23.33 4.98 93.63
C ALA BA 154 22.79 6.04 92.67
N LYS BA 155 23.52 7.15 92.56
CA LYS BA 155 22.99 8.35 91.92
C LYS BA 155 23.18 8.33 90.41
N ASP BA 156 22.11 8.69 89.70
CA ASP BA 156 22.04 8.72 88.24
C ASP BA 156 23.37 9.05 87.56
N ASP BA 157 24.10 10.03 88.08
CA ASP BA 157 25.37 10.44 87.50
C ASP BA 157 26.57 9.79 88.17
N GLU BA 158 26.45 9.43 89.46
CA GLU BA 158 27.52 8.67 90.10
C GLU BA 158 27.68 7.32 89.42
N ILE BA 159 26.56 6.64 89.15
CA ILE BA 159 26.63 5.43 88.33
C ILE BA 159 27.11 5.90 86.96
N PRO BA 160 28.28 5.46 86.55
CA PRO BA 160 28.94 6.05 85.38
C PRO BA 160 28.70 5.27 84.11
N VAL BA 161 27.78 4.32 84.15
CA VAL BA 161 27.57 3.46 82.99
C VAL BA 161 26.98 4.31 81.87
N SER BA 162 27.82 4.62 80.90
CA SER BA 162 27.48 5.61 79.89
C SER BA 162 26.42 5.06 78.94
N PRO BA 163 25.30 5.75 78.78
CA PRO BA 163 24.38 5.41 77.69
C PRO BA 163 24.81 6.07 76.39
N ARG BA 164 23.97 5.96 75.36
CA ARG BA 164 24.19 6.57 74.05
C ARG BA 164 25.33 5.92 73.28
N MET CA 1 -21.47 -21.09 24.73
CA MET CA 1 -20.93 -20.04 25.58
C MET CA 1 -22.00 -19.01 25.99
N PHE CA 2 -21.83 -17.76 25.55
CA PHE CA 2 -22.72 -16.68 25.94
C PHE CA 2 -22.86 -15.73 24.76
N SER CA 3 -23.38 -14.53 25.03
CA SER CA 3 -23.75 -13.57 24.00
C SER CA 3 -22.57 -12.82 23.41
N ALA CA 4 -21.37 -12.99 23.94
CA ALA CA 4 -20.20 -12.36 23.35
C ALA CA 4 -19.70 -13.19 22.18
N SER CA 5 -18.67 -12.69 21.51
CA SER CA 5 -18.15 -13.33 20.34
C SER CA 5 -16.94 -14.20 20.70
N PHE CA 6 -16.23 -14.64 19.67
CA PHE CA 6 -15.11 -15.57 19.84
C PHE CA 6 -14.03 -15.03 20.77
N LEU CA 7 -13.95 -13.70 20.94
CA LEU CA 7 -12.76 -13.03 21.48
C LEU CA 7 -12.03 -13.80 22.56
N PRO CA 8 -12.68 -14.29 23.64
CA PRO CA 8 -11.93 -15.03 24.66
C PRO CA 8 -11.27 -16.29 24.14
N SER CA 9 -11.56 -16.71 22.91
CA SER CA 9 -10.89 -17.86 22.34
C SER CA 9 -9.43 -17.54 22.03
N ILE CA 10 -9.20 -16.56 21.15
CA ILE CA 10 -7.86 -16.12 20.81
C ILE CA 10 -7.78 -14.62 20.99
N LEU CA 11 -7.45 -14.19 22.20
CA LEU CA 11 -6.78 -12.92 22.42
C LEU CA 11 -5.77 -13.02 23.56
N VAL CA 12 -5.60 -14.19 24.15
CA VAL CA 12 -4.62 -14.42 25.20
C VAL CA 12 -3.20 -14.62 24.65
N PRO CA 13 -2.99 -15.29 23.49
CA PRO CA 13 -1.62 -15.68 23.15
C PRO CA 13 -0.72 -14.49 22.89
N LEU CA 14 -1.21 -13.52 22.12
CA LEU CA 14 -0.41 -12.34 21.83
C LEU CA 14 -0.07 -11.58 23.11
N THR CA 15 -1.06 -11.41 23.99
CA THR CA 15 -0.75 -10.83 25.29
C THR CA 15 0.09 -11.78 26.13
N GLY CA 16 -0.14 -13.08 25.97
CA GLY CA 16 0.64 -14.05 26.72
C GLY CA 16 2.06 -14.18 26.22
N LEU CA 17 2.24 -14.18 24.89
CA LEU CA 17 3.53 -14.51 24.32
C LEU CA 17 4.18 -13.35 23.57
N VAL CA 18 3.52 -12.78 22.56
CA VAL CA 18 4.27 -11.91 21.66
C VAL CA 18 4.52 -10.56 22.29
N PHE CA 19 3.55 -10.01 23.02
CA PHE CA 19 3.78 -8.74 23.68
C PHE CA 19 4.91 -8.83 24.70
N PRO CA 20 5.00 -9.86 25.54
CA PRO CA 20 6.21 -10.04 26.34
C PRO CA 20 7.47 -10.11 25.48
N ALA CA 21 7.38 -10.77 24.33
CA ALA CA 21 8.54 -10.90 23.46
C ALA CA 21 9.08 -9.54 23.04
N ILE CA 22 8.23 -8.72 22.42
CA ILE CA 22 8.69 -7.39 22.01
C ILE CA 22 9.10 -6.57 23.22
N ALA CA 23 8.37 -6.72 24.33
CA ALA CA 23 8.74 -5.99 25.54
C ALA CA 23 10.18 -6.25 25.91
N MET CA 24 10.54 -7.52 26.09
CA MET CA 24 11.88 -7.84 26.54
C MET CA 24 12.92 -7.54 25.46
N ALA CA 25 12.58 -7.70 24.19
CA ALA CA 25 13.53 -7.39 23.12
C ALA CA 25 13.87 -5.90 23.14
N LEU CA 26 12.85 -5.05 23.06
CA LEU CA 26 13.06 -3.61 23.15
C LEU CA 26 13.81 -3.24 24.43
N LEU CA 27 13.47 -3.90 25.53
CA LEU CA 27 14.11 -3.59 26.80
C LEU CA 27 15.61 -3.88 26.73
N LEU CA 28 15.96 -5.06 26.24
CA LEU CA 28 17.36 -5.45 26.14
C LEU CA 28 18.12 -4.49 25.23
N ILE CA 29 17.57 -4.18 24.06
CA ILE CA 29 18.30 -3.25 23.20
C ILE CA 29 18.33 -1.87 23.82
N TYR CA 30 17.41 -1.57 24.74
CA TYR CA 30 17.47 -0.30 25.45
C TYR CA 30 18.61 -0.27 26.46
N VAL CA 31 18.89 -1.41 27.11
CA VAL CA 31 19.85 -1.41 28.21
C VAL CA 31 21.28 -1.50 27.70
N GLU CA 32 21.45 -1.34 26.38
CA GLU CA 32 22.78 -1.32 25.77
C GLU CA 32 23.04 -0.06 24.97
N ARG CA 33 22.19 0.95 25.10
CA ARG CA 33 22.18 2.08 24.19
C ARG CA 33 23.50 2.86 24.24
N GLU CA 34 23.77 3.59 23.15
CA GLU CA 34 24.93 4.44 23.02
C GLU CA 34 24.69 5.76 23.75
N ASP CA 35 25.57 6.74 23.53
CA ASP CA 35 25.48 8.01 24.23
C ASP CA 35 25.44 9.17 23.24
N PRO CA 36 24.73 10.26 23.57
CA PRO CA 36 23.94 10.39 24.80
C PRO CA 36 22.43 10.23 24.58
N SER CA 37 22.03 9.74 23.42
CA SER CA 37 20.63 9.57 23.04
C SER CA 37 20.16 8.15 23.35
N GLY CA 38 18.85 8.01 23.51
CA GLY CA 38 18.26 6.72 23.77
C GLY CA 38 16.74 6.67 23.73
N ILE CA 39 16.19 5.71 23.00
CA ILE CA 39 14.75 5.51 22.92
C ILE CA 39 14.45 4.02 23.06
N GLN DA 8 44.66 -35.13 102.66
CA GLN DA 8 44.37 -34.11 103.66
C GLN DA 8 42.99 -33.52 103.42
N ASN DA 9 42.69 -32.42 104.12
CA ASN DA 9 41.47 -31.66 103.88
C ASN DA 9 41.61 -30.65 102.77
N TYR DA 10 42.75 -30.65 102.06
CA TYR DA 10 42.96 -29.75 100.95
C TYR DA 10 42.05 -30.06 99.77
N LEU DA 11 41.42 -31.24 99.78
CA LEU DA 11 40.58 -31.65 98.65
C LEU DA 11 39.49 -30.63 98.36
N LEU DA 12 38.93 -30.01 99.41
CA LEU DA 12 37.87 -29.04 99.16
C LEU DA 12 38.43 -27.81 98.46
N ARG DA 13 39.66 -27.40 98.81
CA ARG DA 13 40.39 -26.41 98.03
C ARG DA 13 40.39 -26.69 96.54
N TYR DA 14 40.26 -27.95 96.17
CA TYR DA 14 40.28 -28.37 94.78
C TYR DA 14 38.98 -29.02 94.37
N LEU DA 15 38.03 -29.14 95.30
CA LEU DA 15 36.67 -29.54 94.97
C LEU DA 15 35.74 -28.34 94.81
N SER DA 16 36.01 -27.26 95.55
CA SER DA 16 35.25 -26.02 95.41
C SER DA 16 35.64 -25.37 94.10
N LEU DA 17 34.87 -25.64 93.05
CA LEU DA 17 35.11 -25.06 91.73
C LEU DA 17 33.96 -24.19 91.23
N GLY DA 18 32.79 -24.28 91.85
CA GLY DA 18 31.56 -23.74 91.30
C GLY DA 18 30.72 -24.76 90.56
N PRO DA 19 31.15 -25.21 89.37
CA PRO DA 19 30.35 -26.21 88.65
C PRO DA 19 29.99 -27.43 89.48
N VAL DA 20 30.98 -28.13 90.03
CA VAL DA 20 30.69 -29.25 90.93
C VAL DA 20 29.82 -28.78 92.08
N LEU DA 21 30.06 -27.56 92.56
CA LEU DA 21 29.23 -27.00 93.61
C LEU DA 21 27.83 -26.68 93.11
N LEU DA 22 27.70 -26.28 91.83
CA LEU DA 22 26.38 -26.04 91.27
C LEU DA 22 25.54 -27.31 91.40
N PHE DA 23 25.97 -28.38 90.74
CA PHE DA 23 25.21 -29.62 90.76
C PHE DA 23 24.95 -30.09 92.18
N ALA DA 24 25.91 -29.89 93.08
CA ALA DA 24 25.70 -30.26 94.48
C ALA DA 24 24.50 -29.52 95.06
N TRP DA 25 24.52 -28.19 94.96
CA TRP DA 25 23.43 -27.39 95.52
C TRP DA 25 22.10 -27.71 94.84
N LEU DA 26 22.13 -27.91 93.52
CA LEU DA 26 20.91 -28.18 92.78
C LEU DA 26 20.31 -29.51 93.18
N SER DA 27 21.14 -30.54 93.33
CA SER DA 27 20.65 -31.84 93.76
C SER DA 27 20.15 -31.80 95.20
N PHE DA 28 20.85 -31.05 96.06
CA PHE DA 28 20.35 -30.85 97.41
C PHE DA 28 18.94 -30.26 97.40
N THR DA 29 18.76 -29.17 96.67
CA THR DA 29 17.44 -28.56 96.57
C THR DA 29 16.44 -29.50 95.92
N ALA DA 30 16.89 -30.35 95.00
CA ALA DA 30 15.98 -31.27 94.32
C ALA DA 30 15.44 -32.31 95.28
N VAL DA 31 16.32 -32.98 96.01
CA VAL DA 31 15.87 -33.96 96.99
C VAL DA 31 15.07 -33.26 98.09
N LEU DA 32 15.42 -32.01 98.40
CA LEU DA 32 14.60 -31.18 99.28
C LEU DA 32 13.17 -31.14 98.79
N LEU DA 33 12.98 -30.70 97.53
CA LEU DA 33 11.65 -30.63 96.95
C LEU DA 33 10.99 -32.00 96.89
N ILE DA 34 11.78 -33.07 96.77
CA ILE DA 34 11.22 -34.41 96.68
C ILE DA 34 10.59 -34.83 98.00
N VAL DA 35 11.34 -34.67 99.10
CA VAL DA 35 10.90 -35.27 100.36
C VAL DA 35 9.55 -34.70 100.80
N PHE DA 36 9.33 -33.40 100.63
CA PHE DA 36 8.03 -32.84 100.94
C PHE DA 36 6.98 -33.33 99.96
N ASN DA 37 7.38 -33.54 98.71
CA ASN DA 37 6.51 -34.20 97.74
C ASN DA 37 6.49 -35.71 97.93
N TYR DA 38 7.43 -36.24 98.72
CA TYR DA 38 7.47 -37.67 99.00
C TYR DA 38 6.78 -38.03 100.32
N LEU DA 39 6.73 -37.12 101.27
CA LEU DA 39 6.17 -37.40 102.59
C LEU DA 39 4.72 -37.01 102.72
N TYR DA 40 4.35 -35.82 102.25
CA TYR DA 40 2.96 -35.35 102.28
C TYR DA 40 2.55 -34.77 100.94
N PRO DA 41 2.50 -35.60 99.88
CA PRO DA 41 1.97 -35.09 98.60
C PRO DA 41 0.46 -35.19 98.57
N ASP DA 42 -0.19 -34.85 99.68
CA ASP DA 42 -1.61 -35.07 99.84
C ASP DA 42 -2.26 -33.88 100.55
N LEU DA 43 -1.72 -32.68 100.32
CA LEU DA 43 -2.24 -31.46 100.92
C LEU DA 43 -2.55 -30.46 99.82
N LEU DA 44 -3.83 -30.23 99.55
CA LEU DA 44 -4.26 -29.22 98.60
C LEU DA 44 -5.45 -28.44 99.13
N ILE EA 29 52.60 -87.78 50.69
CA ILE EA 29 53.65 -88.11 51.64
C ILE EA 29 54.65 -86.94 51.73
N GLY EA 30 55.34 -86.85 52.88
CA GLY EA 30 56.23 -85.73 53.14
C GLY EA 30 57.36 -85.58 52.15
N ALA EA 31 57.68 -86.66 51.42
CA ALA EA 31 58.72 -86.60 50.41
C ALA EA 31 58.53 -85.39 49.50
N SER EA 32 57.41 -85.35 48.78
CA SER EA 32 57.10 -84.23 47.90
C SER EA 32 57.29 -82.89 48.59
N LEU EA 33 56.96 -82.82 49.89
CA LEU EA 33 57.10 -81.58 50.63
C LEU EA 33 58.56 -81.11 50.65
N VAL EA 34 59.46 -81.99 51.11
CA VAL EA 34 60.87 -81.61 51.14
C VAL EA 34 61.41 -81.40 49.73
N ILE EA 35 60.89 -82.14 48.75
CA ILE EA 35 61.34 -81.99 47.37
C ILE EA 35 61.08 -80.56 46.90
N LEU EA 36 59.81 -80.14 46.94
CA LEU EA 36 59.48 -78.79 46.49
C LEU EA 36 60.14 -77.74 47.36
N PHE EA 37 60.30 -78.00 48.66
CA PHE EA 37 60.98 -77.07 49.54
C PHE EA 37 62.40 -76.77 49.04
N ILE EA 38 63.21 -77.82 48.89
CA ILE EA 38 64.60 -77.57 48.50
C ILE EA 38 64.66 -77.08 47.07
N ALA EA 39 63.72 -77.51 46.22
CA ALA EA 39 63.63 -76.98 44.87
C ALA EA 39 63.48 -75.47 44.89
N SER EA 40 62.67 -74.97 45.82
CA SER EA 40 62.47 -73.53 45.93
C SER EA 40 63.58 -72.82 46.71
N ARG EA 41 64.29 -73.53 47.58
CA ARG EA 41 65.23 -72.88 48.50
C ARG EA 41 66.68 -73.00 48.06
N THR EA 42 67.21 -74.23 47.94
CA THR EA 42 68.65 -74.42 47.89
C THR EA 42 69.19 -74.78 46.52
N ILE EA 43 68.49 -75.61 45.75
CA ILE EA 43 68.97 -75.97 44.41
C ILE EA 43 68.94 -74.78 43.47
N ARG EA 44 68.34 -73.67 43.87
CA ARG EA 44 68.20 -72.47 43.06
C ARG EA 44 68.72 -71.25 43.81
N PHE EA 45 68.58 -70.10 43.18
CA PHE EA 45 68.89 -68.81 43.81
C PHE EA 45 67.62 -67.97 43.89
N PRO EA 46 66.99 -67.90 45.04
CA PRO EA 46 65.85 -66.98 45.21
C PRO EA 46 66.31 -65.53 45.29
N GLN EA 47 65.51 -64.62 44.74
CA GLN EA 47 65.75 -63.19 44.99
C GLN EA 47 65.10 -62.72 46.28
N VAL EA 48 64.83 -63.64 47.20
CA VAL EA 48 63.90 -63.40 48.29
C VAL EA 48 64.35 -62.21 49.10
N GLY EA 49 63.64 -61.09 48.95
CA GLY EA 49 63.93 -59.86 49.63
C GLY EA 49 65.40 -59.49 49.56
N PRO EA 50 66.02 -59.32 50.72
CA PRO EA 50 67.46 -59.04 50.77
C PRO EA 50 68.34 -60.26 50.55
N LYS EA 51 67.79 -61.36 50.05
CA LYS EA 51 68.54 -62.55 49.63
C LYS EA 51 69.27 -63.22 50.79
N MET EA 52 68.88 -62.92 52.01
CA MET EA 52 69.63 -63.39 53.17
C MET EA 52 69.52 -64.90 53.33
N PRO EA 53 70.60 -65.65 53.18
CA PRO EA 53 70.55 -67.09 53.40
C PRO EA 53 70.93 -67.52 54.81
N LEU EA 54 71.46 -66.62 55.63
CA LEU EA 54 71.90 -66.93 56.99
C LEU EA 54 71.35 -65.90 57.96
N PRO EA 55 70.05 -65.93 58.25
CA PRO EA 55 69.56 -65.27 59.46
C PRO EA 55 70.02 -66.05 60.68
N PHE EA 56 69.82 -67.37 60.63
CA PHE EA 56 70.36 -68.32 61.60
C PHE EA 56 70.43 -69.69 60.92
N PRO EA 57 71.62 -70.28 60.80
CA PRO EA 57 71.76 -71.51 60.03
C PRO EA 57 71.56 -72.78 60.85
N ALA EA 58 71.29 -73.87 60.13
CA ALA EA 58 71.18 -75.21 60.69
C ALA EA 58 71.95 -76.17 59.79
N LEU EA 59 71.79 -77.47 59.99
CA LEU EA 59 72.50 -78.46 59.18
C LEU EA 59 71.64 -79.69 58.96
N PHE EA 60 71.37 -80.02 57.70
CA PHE EA 60 70.89 -81.36 57.36
C PHE EA 60 71.86 -82.09 56.44
N ASN EA 61 72.10 -81.59 55.24
CA ASN EA 61 73.21 -82.02 54.39
C ASN EA 61 74.11 -80.87 53.98
N ASN EA 62 73.54 -79.83 53.39
CA ASN EA 62 74.24 -78.61 52.98
C ASN EA 62 73.21 -77.50 52.76
N PRO EA 63 72.57 -77.01 53.81
CA PRO EA 63 71.52 -76.00 53.63
C PRO EA 63 72.00 -74.56 53.80
N SER EA 64 71.12 -73.61 53.50
CA SER EA 64 71.30 -72.21 53.86
C SER EA 64 70.04 -71.81 54.63
N VAL EA 65 70.16 -71.72 55.95
CA VAL EA 65 69.01 -71.80 56.86
C VAL EA 65 68.77 -70.44 57.50
N GLY EA 66 67.50 -70.21 57.87
CA GLY EA 66 67.08 -69.00 58.56
C GLY EA 66 65.72 -68.57 58.04
N THR EA 67 65.47 -68.89 56.77
CA THR EA 67 64.15 -68.77 56.15
C THR EA 67 63.60 -70.12 55.76
N VAL EA 68 64.40 -71.18 55.88
CA VAL EA 68 63.98 -72.50 55.44
C VAL EA 68 62.77 -72.97 56.23
N LEU EA 69 62.60 -72.48 57.45
CA LEU EA 69 61.41 -72.86 58.22
C LEU EA 69 60.14 -72.38 57.53
N GLY EA 70 60.12 -71.12 57.10
CA GLY EA 70 58.95 -70.62 56.39
C GLY EA 70 58.77 -71.29 55.04
N SER EA 71 59.87 -71.50 54.32
CA SER EA 71 59.75 -72.21 53.05
C SER EA 71 59.15 -73.59 53.26
N VAL EA 72 59.62 -74.30 54.29
CA VAL EA 72 59.11 -75.63 54.62
C VAL EA 72 57.62 -75.57 54.94
N SER EA 73 57.21 -74.53 55.68
CA SER EA 73 55.81 -74.47 56.09
C SER EA 73 54.88 -74.19 54.91
N LEU EA 74 55.27 -73.30 54.00
CA LEU EA 74 54.41 -73.20 52.84
C LEU EA 74 54.52 -74.46 51.99
N GLY EA 75 55.65 -75.16 52.03
CA GLY EA 75 55.71 -76.46 51.41
C GLY EA 75 54.62 -77.37 51.96
N HIS EA 76 54.47 -77.37 53.28
CA HIS EA 76 53.34 -78.03 53.92
C HIS EA 76 52.04 -77.64 53.23
N ILE EA 77 51.85 -76.33 53.02
CA ILE EA 77 50.58 -75.85 52.45
C ILE EA 77 50.36 -76.38 51.04
N VAL EA 78 51.36 -76.22 50.16
CA VAL EA 78 51.17 -76.68 48.78
C VAL EA 78 50.96 -78.17 48.75
N GLY EA 79 51.62 -78.92 49.63
CA GLY EA 79 51.34 -80.34 49.70
C GLY EA 79 49.91 -80.62 50.14
N ILE EA 80 49.40 -79.80 51.06
CA ILE EA 80 48.01 -79.94 51.49
C ILE EA 80 47.07 -79.75 50.31
N GLY EA 81 47.32 -78.70 49.52
CA GLY EA 81 46.51 -78.46 48.34
C GLY EA 81 46.61 -79.59 47.34
N ILE EA 82 47.82 -80.11 47.14
CA ILE EA 82 48.02 -81.24 46.24
C ILE EA 82 47.21 -82.45 46.70
N ILE EA 83 47.22 -82.72 48.01
CA ILE EA 83 46.60 -83.95 48.49
C ILE EA 83 45.09 -83.84 48.47
N LEU EA 84 44.53 -82.69 48.81
CA LEU EA 84 43.08 -82.58 48.61
C LEU EA 84 42.69 -82.27 47.18
N GLY EA 85 43.65 -82.10 46.27
CA GLY EA 85 43.36 -82.28 44.87
C GLY EA 85 43.27 -83.77 44.56
N LEU EA 86 44.22 -84.52 45.12
CA LEU EA 86 44.26 -85.98 44.99
C LEU EA 86 43.12 -86.66 45.72
N ASN EA 87 42.35 -85.91 46.50
CA ASN EA 87 41.28 -86.42 47.36
C ASN EA 87 40.49 -87.57 46.77
N ASN EA 88 40.16 -87.51 45.48
CA ASN EA 88 39.36 -88.56 44.85
C ASN EA 88 40.04 -89.91 45.00
N LEU EA 89 41.24 -90.05 44.44
CA LEU EA 89 42.06 -91.24 44.63
C LEU EA 89 43.43 -90.97 44.03
N GLY EA 90 44.44 -91.62 44.60
CA GLY EA 90 45.80 -91.44 44.12
C GLY EA 90 46.84 -92.23 44.89
N ILE EA 91 47.95 -91.56 45.23
CA ILE EA 91 49.04 -92.22 45.94
C ILE EA 91 48.72 -92.23 47.43
N LEU EA 92 48.09 -93.32 47.90
CA LEU EA 92 47.89 -93.57 49.31
C LEU EA 92 48.46 -94.93 49.71
N LYS EA 93 49.07 -95.62 48.76
CA LYS EA 93 49.24 -97.07 48.83
C LYS EA 93 50.60 -97.55 48.31
N PRO FA 23 53.75 -29.79 26.98
CA PRO FA 23 53.92 -28.93 25.82
C PRO FA 23 52.64 -28.18 25.45
N SER FA 24 52.38 -27.06 26.10
CA SER FA 24 51.15 -26.31 25.85
C SER FA 24 51.19 -25.65 24.48
N ARG FA 25 50.10 -24.93 24.16
CA ARG FA 25 49.98 -24.33 22.84
C ARG FA 25 51.06 -23.28 22.60
N ARG FA 26 51.25 -22.37 23.56
CA ARG FA 26 52.32 -21.38 23.46
C ARG FA 26 53.12 -21.22 24.73
N ASP FA 27 52.61 -21.62 25.88
CA ASP FA 27 53.31 -21.44 27.16
C ASP FA 27 52.79 -22.44 28.18
N PRO FA 28 53.66 -23.24 28.79
CA PRO FA 28 53.17 -24.28 29.72
C PRO FA 28 52.54 -23.73 30.98
N GLN FA 29 52.64 -22.43 31.23
CA GLN FA 29 52.02 -21.83 32.42
C GLN FA 29 50.63 -21.30 32.15
N ILE FA 30 50.16 -21.31 30.91
CA ILE FA 30 48.82 -20.83 30.60
C ILE FA 30 47.81 -21.88 31.04
N GLY FA 31 46.57 -21.46 31.27
CA GLY FA 31 45.53 -22.35 31.73
C GLY FA 31 44.97 -23.27 30.67
N ASN FA 32 45.84 -23.97 29.96
CA ASN FA 32 45.45 -24.89 28.90
C ASN FA 32 46.37 -26.10 28.97
N LEU FA 33 45.88 -27.23 28.50
CA LEU FA 33 46.63 -28.48 28.57
C LEU FA 33 46.57 -29.21 27.23
N GLU FA 34 47.65 -29.94 26.94
CA GLU FA 34 47.81 -30.67 25.70
C GLU FA 34 47.32 -32.11 25.84
N THR FA 35 46.13 -32.30 26.38
CA THR FA 35 45.62 -33.65 26.54
C THR FA 35 45.16 -34.19 25.19
N PRO FA 36 45.35 -35.47 24.93
CA PRO FA 36 45.08 -36.00 23.59
C PRO FA 36 43.59 -36.16 23.31
N ILE FA 37 42.82 -35.15 23.69
CA ILE FA 37 41.42 -35.05 23.26
C ILE FA 37 41.09 -33.71 22.65
N ASN FA 38 41.82 -32.64 22.96
CA ASN FA 38 41.61 -31.35 22.34
C ASN FA 38 42.73 -30.99 21.36
N ASN FA 39 43.71 -31.87 21.16
CA ASN FA 39 44.73 -31.62 20.15
C ASN FA 39 45.11 -32.91 19.42
N SER FA 40 44.16 -33.83 19.27
CA SER FA 40 44.37 -35.03 18.48
C SER FA 40 44.12 -34.73 17.01
N SER FA 41 44.98 -35.27 16.15
CA SER FA 41 44.89 -34.95 14.72
C SER FA 41 43.54 -35.33 14.15
N LEU FA 42 43.02 -36.49 14.53
CA LEU FA 42 41.69 -36.90 14.09
C LEU FA 42 40.66 -35.84 14.43
N VAL FA 43 40.62 -35.43 15.70
CA VAL FA 43 39.58 -34.50 16.15
C VAL FA 43 39.77 -33.14 15.50
N LYS FA 44 41.00 -32.66 15.35
CA LYS FA 44 41.18 -31.35 14.76
C LYS FA 44 40.77 -31.36 13.29
N TRP FA 45 41.07 -32.44 12.56
CA TRP FA 45 40.58 -32.53 11.19
C TRP FA 45 39.06 -32.58 11.17
N PHE FA 46 38.47 -33.32 12.10
CA PHE FA 46 37.02 -33.48 12.11
C PHE FA 46 36.30 -32.21 12.51
N ILE FA 47 36.96 -31.31 13.22
CA ILE FA 47 36.32 -30.10 13.72
C ILE FA 47 36.58 -28.95 12.76
N ASN FA 48 37.73 -28.97 12.08
CA ASN FA 48 38.07 -27.87 11.19
C ASN FA 48 37.14 -27.81 9.98
N ASN FA 49 36.82 -28.96 9.41
CA ASN FA 49 36.05 -28.98 8.17
C ASN FA 49 34.55 -28.88 8.38
N LEU FA 50 34.10 -28.66 9.61
CA LEU FA 50 32.68 -28.45 9.84
C LEU FA 50 32.21 -27.16 9.19
N PRO FA 51 30.93 -27.07 8.81
CA PRO FA 51 30.45 -25.84 8.17
C PRO FA 51 30.62 -24.60 9.01
N ALA FA 52 30.85 -24.74 10.30
CA ALA FA 52 31.15 -23.58 11.12
C ALA FA 52 32.56 -23.05 10.86
N TYR FA 53 33.46 -23.87 10.30
CA TYR FA 53 34.85 -23.45 10.12
C TYR FA 53 35.44 -23.73 8.74
N ARG FA 54 34.92 -24.69 7.98
CA ARG FA 54 35.59 -25.07 6.75
C ARG FA 54 35.60 -23.90 5.78
N PRO FA 55 36.75 -23.52 5.24
CA PRO FA 55 36.84 -22.33 4.39
C PRO FA 55 36.36 -22.63 2.98
N GLY FA 56 36.45 -21.62 2.13
CA GLY FA 56 36.01 -21.77 0.76
C GLY FA 56 34.51 -21.71 0.57
N ILE FA 57 33.77 -21.22 1.55
CA ILE FA 57 32.32 -21.11 1.46
C ILE FA 57 31.91 -19.72 1.92
N THR FA 58 30.66 -19.41 1.71
CA THR FA 58 29.93 -18.20 2.08
C THR FA 58 29.13 -18.44 3.35
N PRO FA 59 28.92 -17.38 4.14
CA PRO FA 59 28.01 -17.53 5.30
C PRO FA 59 26.63 -18.03 4.91
N LEU FA 60 26.18 -17.71 3.69
CA LEU FA 60 24.89 -18.20 3.22
C LEU FA 60 24.82 -19.71 3.30
N ARG FA 61 25.78 -20.40 2.66
CA ARG FA 61 25.80 -21.85 2.68
C ARG FA 61 25.87 -22.39 4.09
N ARG FA 62 26.63 -21.72 4.96
CA ARG FA 62 26.70 -22.14 6.36
C ARG FA 62 25.32 -22.20 6.98
N GLY FA 63 24.58 -21.09 6.86
CA GLY FA 63 23.22 -21.08 7.37
C GLY FA 63 22.36 -22.16 6.74
N LEU FA 64 22.45 -22.30 5.42
CA LEU FA 64 21.67 -23.33 4.74
C LEU FA 64 21.91 -24.70 5.34
N GLU FA 65 23.18 -25.07 5.49
CA GLU FA 65 23.52 -26.43 5.93
C GLU FA 65 23.13 -26.65 7.38
N VAL FA 66 23.40 -25.68 8.24
CA VAL FA 66 23.04 -25.85 9.65
C VAL FA 66 21.53 -25.99 9.80
N GLY FA 67 20.79 -25.16 9.06
CA GLY FA 67 19.35 -25.31 9.07
C GLY FA 67 18.91 -26.68 8.59
N MET FA 68 19.47 -27.11 7.45
CA MET FA 68 19.16 -28.44 6.93
C MET FA 68 19.31 -29.49 8.01
N ALA FA 69 20.50 -29.58 8.60
CA ALA FA 69 20.77 -30.60 9.60
C ALA FA 69 19.78 -30.53 10.76
N HIS FA 70 19.71 -29.36 11.41
CA HIS FA 70 18.94 -29.27 12.65
C HIS FA 70 17.46 -29.47 12.39
N GLY FA 71 16.90 -28.74 11.42
CA GLY FA 71 15.52 -28.97 11.06
C GLY FA 71 15.24 -30.37 10.54
N TYR FA 72 16.29 -31.12 10.17
CA TYR FA 72 16.07 -32.48 9.74
C TYR FA 72 15.99 -33.45 10.91
N TRP FA 73 16.68 -33.14 12.02
CA TRP FA 73 16.56 -34.00 13.18
C TRP FA 73 15.65 -33.43 14.26
N LEU FA 74 15.54 -32.11 14.35
CA LEU FA 74 14.71 -31.54 15.41
C LEU FA 74 13.22 -31.56 15.05
N LEU FA 75 12.71 -32.70 14.61
CA LEU FA 75 11.27 -32.88 14.60
C LEU FA 75 10.82 -34.18 15.22
N GLY FA 76 11.62 -35.25 15.15
CA GLY FA 76 11.34 -36.45 15.88
C GLY FA 76 11.17 -36.28 17.38
N PRO FA 77 12.06 -35.53 18.05
CA PRO FA 77 11.99 -35.46 19.52
C PRO FA 77 10.62 -35.14 20.09
N PHE FA 78 9.71 -34.63 19.27
CA PHE FA 78 8.32 -34.46 19.69
C PHE FA 78 7.34 -35.02 18.66
N ALA FA 79 7.83 -35.59 17.56
CA ALA FA 79 6.94 -36.11 16.54
C ALA FA 79 6.04 -37.19 17.10
N LYS FA 80 6.61 -38.28 17.59
CA LYS FA 80 5.87 -39.33 18.25
C LYS FA 80 5.90 -39.18 19.77
N LEU FA 81 6.45 -38.08 20.28
CA LEU FA 81 6.55 -37.84 21.70
C LEU FA 81 5.57 -36.82 22.23
N GLY FA 82 4.99 -35.97 21.36
CA GLY FA 82 4.09 -34.94 21.79
C GLY FA 82 2.83 -35.49 22.44
N PRO FA 83 2.04 -34.61 23.05
CA PRO FA 83 0.77 -35.07 23.66
C PRO FA 83 -0.18 -35.69 22.68
N LEU FA 84 -0.03 -35.41 21.38
CA LEU FA 84 -0.77 -36.09 20.33
C LEU FA 84 -0.02 -37.30 19.80
N ARG FA 85 0.75 -37.97 20.66
CA ARG FA 85 1.70 -38.99 20.23
C ARG FA 85 1.08 -39.99 19.27
N ASP FA 86 0.02 -40.66 19.69
CA ASP FA 86 -0.49 -41.80 18.92
C ASP FA 86 -1.71 -41.46 18.08
N THR FA 87 -2.07 -40.19 17.97
CA THR FA 87 -3.18 -39.83 17.09
C THR FA 87 -2.74 -39.94 15.64
N ASP FA 88 -3.73 -40.01 14.75
CA ASP FA 88 -3.51 -40.24 13.33
C ASP FA 88 -3.05 -38.99 12.56
N VAL FA 89 -2.70 -37.91 13.25
CA VAL FA 89 -2.24 -36.69 12.59
C VAL FA 89 -0.82 -36.29 12.98
N ALA FA 90 -0.25 -36.87 14.04
CA ALA FA 90 0.88 -36.28 14.74
C ALA FA 90 2.06 -35.91 13.85
N ASN FA 91 2.11 -36.43 12.61
CA ASN FA 91 3.20 -36.09 11.71
C ASN FA 91 3.23 -34.58 11.41
N ILE FA 92 2.14 -34.08 10.83
CA ILE FA 92 2.07 -32.65 10.53
C ILE FA 92 2.06 -31.82 11.81
N ALA FA 93 1.61 -32.39 12.92
CA ALA FA 93 1.67 -31.68 14.19
C ALA FA 93 3.11 -31.39 14.58
N GLY FA 94 3.95 -32.43 14.61
CA GLY FA 94 5.37 -32.22 14.84
C GLY FA 94 5.99 -31.30 13.81
N LEU FA 95 5.52 -31.36 12.57
CA LEU FA 95 6.03 -30.46 11.55
C LEU FA 95 5.78 -29.01 11.92
N LEU FA 96 4.53 -28.67 12.25
CA LEU FA 96 4.20 -27.31 12.66
C LEU FA 96 5.01 -26.89 13.89
N ALA FA 97 5.16 -27.82 14.84
CA ALA FA 97 5.92 -27.51 16.05
C ALA FA 97 7.34 -27.11 15.71
N THR FA 98 8.05 -27.94 14.95
CA THR FA 98 9.43 -27.60 14.62
C THR FA 98 9.51 -26.38 13.72
N LEU FA 99 8.46 -26.11 12.95
CA LEU FA 99 8.42 -24.87 12.18
C LEU FA 99 8.48 -23.67 13.10
N GLY FA 100 7.53 -23.58 14.04
CA GLY FA 100 7.58 -22.50 15.01
C GLY FA 100 8.89 -22.46 15.76
N MET FA 101 9.45 -23.64 16.06
CA MET FA 101 10.71 -23.70 16.80
C MET FA 101 11.82 -23.01 16.03
N VAL FA 102 12.02 -23.39 14.77
CA VAL FA 102 13.10 -22.79 13.99
C VAL FA 102 12.83 -21.32 13.78
N VAL FA 103 11.56 -20.92 13.64
CA VAL FA 103 11.25 -19.50 13.52
C VAL FA 103 11.76 -18.73 14.73
N ILE FA 104 11.37 -19.17 15.93
CA ILE FA 104 11.75 -18.41 17.11
C ILE FA 104 13.26 -18.47 17.32
N SER FA 105 13.91 -19.56 16.90
CA SER FA 105 15.37 -19.61 16.98
C SER FA 105 16.00 -18.55 16.10
N THR FA 106 15.49 -18.41 14.87
CA THR FA 106 15.98 -17.35 13.99
C THR FA 106 15.74 -15.98 14.61
N LEU FA 107 14.57 -15.79 15.21
CA LEU FA 107 14.29 -14.54 15.92
C LEU FA 107 15.37 -14.25 16.96
N ALA FA 108 15.69 -15.25 17.76
CA ALA FA 108 16.67 -15.09 18.83
C ALA FA 108 18.02 -14.68 18.26
N VAL FA 109 18.51 -15.43 17.27
CA VAL FA 109 19.84 -15.13 16.74
C VAL FA 109 19.85 -13.77 16.07
N SER FA 110 18.75 -13.39 15.43
CA SER FA 110 18.69 -12.09 14.77
C SER FA 110 18.78 -10.96 15.77
N LEU FA 111 18.04 -11.06 16.88
CA LEU FA 111 18.12 -9.99 17.87
C LEU FA 111 19.50 -9.98 18.54
N TYR FA 112 20.10 -11.16 18.74
CA TYR FA 112 21.46 -11.21 19.25
C TYR FA 112 22.39 -10.42 18.33
N ALA FA 113 22.26 -10.62 17.02
CA ALA FA 113 23.02 -9.81 16.08
C ALA FA 113 22.69 -8.33 16.23
N ALA FA 114 21.41 -8.03 16.47
CA ALA FA 114 21.00 -6.63 16.62
C ALA FA 114 21.73 -5.95 17.76
N THR FA 115 22.01 -6.68 18.83
CA THR FA 115 22.70 -6.12 19.99
C THR FA 115 24.14 -6.62 20.10
N ASP FA 116 24.71 -7.11 19.02
CA ASP FA 116 25.92 -7.94 19.03
C ASP FA 116 27.26 -7.28 19.40
N PRO FA 117 27.53 -6.04 19.00
CA PRO FA 117 28.94 -5.62 18.87
C PRO FA 117 29.53 -4.97 20.12
N PRO FA 118 29.41 -5.57 21.32
CA PRO FA 118 30.51 -5.40 22.28
C PRO FA 118 31.55 -6.50 22.16
N LYS FA 119 32.82 -6.13 22.01
CA LYS FA 119 33.93 -7.06 21.79
C LYS FA 119 33.65 -7.92 20.55
N PRO FA 120 33.59 -7.31 19.35
CA PRO FA 120 33.08 -8.03 18.18
C PRO FA 120 34.01 -9.15 17.75
N VAL FA 121 34.13 -10.18 18.60
CA VAL FA 121 34.97 -11.33 18.30
C VAL FA 121 34.27 -12.58 18.82
N ALA FA 122 34.87 -13.72 18.52
CA ALA FA 122 34.52 -14.99 19.13
C ALA FA 122 35.79 -15.58 19.73
N THR FA 123 35.65 -16.25 20.87
CA THR FA 123 36.82 -16.82 21.54
C THR FA 123 37.46 -17.88 20.64
N VAL FA 124 38.74 -17.70 20.33
CA VAL FA 124 39.43 -18.51 19.34
C VAL FA 124 40.30 -19.53 20.07
N THR FA 125 40.13 -20.80 19.70
CA THR FA 125 40.99 -21.88 20.18
C THR FA 125 41.45 -22.76 19.04
N VAL FA 126 40.69 -22.78 17.94
CA VAL FA 126 41.18 -23.43 16.73
C VAL FA 126 42.42 -22.70 16.26
N PRO FA 127 43.49 -23.40 15.86
CA PRO FA 127 44.76 -22.73 15.53
C PRO FA 127 44.64 -21.46 14.71
N ASN FA 128 43.70 -21.42 13.77
CA ASN FA 128 43.46 -20.24 12.96
C ASN FA 128 42.19 -19.54 13.40
N PRO FA 129 42.02 -18.28 13.02
CA PRO FA 129 40.70 -17.66 13.12
C PRO FA 129 39.71 -18.39 12.24
N PRO FA 130 38.45 -18.49 12.63
CA PRO FA 130 37.48 -19.25 11.84
C PRO FA 130 37.27 -18.67 10.46
N ASP FA 131 36.81 -17.42 10.40
CA ASP FA 131 36.53 -16.73 9.14
C ASP FA 131 36.03 -15.31 9.40
N THR FA 132 35.84 -14.54 8.34
CA THR FA 132 35.23 -13.21 8.45
C THR FA 132 33.73 -13.28 8.72
N PHE FA 133 33.19 -14.47 8.99
CA PHE FA 133 31.80 -14.67 9.40
C PHE FA 133 31.43 -13.85 10.64
N ASP FA 134 32.41 -13.24 11.29
CA ASP FA 134 32.21 -12.55 12.57
C ASP FA 134 31.95 -11.07 12.29
N THR FA 135 30.70 -10.75 11.98
CA THR FA 135 30.25 -9.38 11.70
C THR FA 135 28.73 -9.39 11.67
N THR FA 136 28.13 -8.23 11.96
CA THR FA 136 26.69 -8.11 12.12
C THR FA 136 25.91 -8.59 10.90
N GLU FA 137 26.08 -7.92 9.76
CA GLU FA 137 25.34 -8.31 8.57
C GLU FA 137 25.65 -9.75 8.18
N GLY FA 138 26.87 -10.21 8.43
CA GLY FA 138 27.16 -11.62 8.27
C GLY FA 138 26.25 -12.48 9.11
N TRP FA 139 26.05 -12.08 10.38
CA TRP FA 139 25.15 -12.82 11.26
C TRP FA 139 23.72 -12.81 10.72
N ASN FA 140 23.29 -11.67 10.17
CA ASN FA 140 21.93 -11.59 9.64
C ASN FA 140 21.74 -12.53 8.46
N THR FA 141 22.66 -12.48 7.49
CA THR FA 141 22.59 -13.39 6.36
C THR FA 141 22.63 -14.85 6.83
N PHE FA 142 23.47 -15.12 7.83
CA PHE FA 142 23.53 -16.47 8.38
C PHE FA 142 22.19 -16.89 8.93
N ALA FA 143 21.51 -15.98 9.63
CA ALA FA 143 20.19 -16.30 10.18
C ALA FA 143 19.19 -16.59 9.08
N SER FA 144 19.25 -15.81 8.00
CA SER FA 144 18.34 -16.06 6.88
C SER FA 144 18.57 -17.45 6.30
N GLY FA 145 19.83 -17.78 6.02
CA GLY FA 145 20.13 -19.10 5.49
C GLY FA 145 19.75 -20.20 6.46
N PHE FA 146 19.90 -19.95 7.76
CA PHE FA 146 19.45 -20.87 8.78
C PHE FA 146 17.96 -21.12 8.64
N LEU FA 147 17.18 -20.05 8.51
CA LEU FA 147 15.73 -20.18 8.35
C LEU FA 147 15.40 -21.06 7.15
N ILE FA 148 16.01 -20.77 6.01
CA ILE FA 148 15.70 -21.51 4.79
C ILE FA 148 16.05 -22.98 4.96
N GLY FA 149 17.29 -23.26 5.36
CA GLY FA 149 17.71 -24.64 5.52
C GLY FA 149 16.91 -25.39 6.56
N GLY FA 150 16.50 -24.71 7.63
CA GLY FA 150 15.71 -25.37 8.65
C GLY FA 150 14.36 -25.78 8.12
N VAL FA 151 13.69 -24.86 7.42
CA VAL FA 151 12.43 -25.23 6.79
C VAL FA 151 12.64 -26.42 5.87
N GLY FA 152 13.72 -26.39 5.08
CA GLY FA 152 13.95 -27.46 4.12
C GLY FA 152 14.14 -28.81 4.79
N GLY FA 153 15.04 -28.88 5.78
CA GLY FA 153 15.21 -30.11 6.53
C GLY FA 153 13.91 -30.59 7.13
N ALA FA 154 13.08 -29.66 7.62
CA ALA FA 154 11.79 -30.04 8.17
C ALA FA 154 10.95 -30.77 7.14
N VAL FA 155 10.75 -30.16 5.96
CA VAL FA 155 9.85 -30.79 4.99
C VAL FA 155 10.44 -32.10 4.50
N VAL FA 156 11.75 -32.16 4.32
CA VAL FA 156 12.31 -33.39 3.76
C VAL FA 156 12.21 -34.53 4.77
N ALA FA 157 12.41 -34.23 6.05
CA ALA FA 157 12.19 -35.26 7.06
C ALA FA 157 10.74 -35.69 7.10
N TYR FA 158 9.82 -34.71 6.97
CA TYR FA 158 8.40 -35.05 6.95
C TYR FA 158 8.06 -35.93 5.77
N PHE FA 159 8.77 -35.75 4.65
CA PHE FA 159 8.52 -36.61 3.49
C PHE FA 159 9.08 -38.01 3.72
N ILE FA 160 10.29 -38.12 4.27
CA ILE FA 160 10.84 -39.42 4.61
C ILE FA 160 9.87 -40.18 5.51
N LEU FA 161 9.31 -39.48 6.49
CA LEU FA 161 8.42 -40.08 7.47
C LEU FA 161 6.98 -40.17 7.00
N ALA FA 162 6.65 -39.58 5.85
CA ALA FA 162 5.24 -39.48 5.45
C ALA FA 162 4.63 -40.86 5.21
N ASN FA 163 5.15 -41.58 4.23
CA ASN FA 163 4.69 -42.94 3.97
C ASN FA 163 5.29 -43.87 5.00
N ILE FA 164 4.51 -44.17 6.05
CA ILE FA 164 4.90 -45.19 7.03
C ILE FA 164 5.39 -46.43 6.31
N GLU FA 165 4.78 -46.76 5.19
CA GLU FA 165 5.17 -47.85 4.31
C GLU FA 165 6.45 -47.57 3.52
N LEU FA 166 7.23 -46.53 3.86
CA LEU FA 166 8.47 -46.25 3.14
C LEU FA 166 9.36 -47.47 3.00
N ILE FA 167 9.31 -48.38 3.98
CA ILE FA 167 10.11 -49.59 3.90
C ILE FA 167 9.17 -50.75 3.59
N GLN FA 168 7.89 -50.61 3.95
CA GLN FA 168 6.93 -51.68 3.70
C GLN FA 168 6.78 -51.97 2.22
N ASN FA 169 6.82 -50.93 1.38
CA ASN FA 169 6.86 -51.15 -0.07
C ASN FA 169 8.11 -51.91 -0.46
N ILE FA 170 9.24 -51.59 0.19
CA ILE FA 170 10.45 -52.38 0.00
C ILE FA 170 10.33 -53.71 0.73
N PHE FA 171 9.74 -53.68 1.93
CA PHE FA 171 9.65 -54.84 2.82
C PHE FA 171 10.96 -55.61 2.88
N LYS FA 172 12.04 -54.86 3.10
CA LYS FA 172 13.36 -55.46 3.19
C LYS FA 172 13.91 -55.17 4.58
N MET GA 1 -30.26 -7.79 29.61
CA MET GA 1 -29.36 -8.93 29.75
C MET GA 1 -27.93 -8.59 29.33
N SER GA 2 -27.28 -9.53 28.64
CA SER GA 2 -25.88 -9.38 28.27
C SER GA 2 -25.78 -8.48 27.04
N ILE GA 3 -24.60 -8.44 26.41
CA ILE GA 3 -24.27 -7.35 25.50
C ILE GA 3 -23.92 -7.83 24.10
N SER GA 4 -23.54 -6.89 23.24
CA SER GA 4 -23.36 -7.11 21.82
C SER GA 4 -22.13 -6.32 21.37
N ASP GA 5 -22.07 -5.99 20.08
CA ASP GA 5 -21.02 -5.14 19.50
C ASP GA 5 -20.72 -3.93 20.38
N THR GA 6 -21.67 -3.53 21.22
CA THR GA 6 -21.42 -2.51 22.23
C THR GA 6 -20.17 -2.80 23.06
N GLN GA 7 -19.74 -4.05 23.13
CA GLN GA 7 -18.46 -4.30 23.79
C GLN GA 7 -17.27 -3.94 22.89
N VAL GA 8 -17.40 -4.13 21.58
CA VAL GA 8 -16.41 -3.54 20.68
C VAL GA 8 -16.40 -2.03 20.86
N PHE GA 9 -17.57 -1.44 21.10
CA PHE GA 9 -17.67 -0.02 21.42
C PHE GA 9 -16.82 0.34 22.64
N VAL GA 10 -17.10 -0.30 23.79
CA VAL GA 10 -16.39 0.08 25.00
C VAL GA 10 -14.90 -0.18 24.84
N ALA GA 11 -14.52 -1.11 23.97
CA ALA GA 11 -13.12 -1.21 23.59
C ALA GA 11 -12.67 0.03 22.81
N LEU GA 12 -13.54 0.55 21.94
CA LEU GA 12 -13.18 1.69 21.10
C LEU GA 12 -12.99 2.98 21.89
N VAL GA 13 -13.66 3.11 23.04
CA VAL GA 13 -13.46 4.32 23.83
C VAL GA 13 -12.03 4.37 24.36
N ILE GA 14 -11.40 3.22 24.51
CA ILE GA 14 -10.01 3.11 24.94
C ILE GA 14 -9.15 3.26 23.69
N ALA GA 15 -7.83 3.38 23.87
CA ALA GA 15 -6.78 3.45 22.87
C ALA GA 15 -6.70 4.82 22.22
N LEU GA 16 -7.60 5.74 22.52
CA LEU GA 16 -7.35 7.15 22.21
C LEU GA 16 -7.30 7.99 23.48
N ILE GA 17 -8.34 8.00 24.30
CA ILE GA 17 -8.27 8.82 25.49
C ILE GA 17 -7.28 8.18 26.45
N PRO GA 18 -7.59 7.02 27.05
CA PRO GA 18 -6.69 6.50 28.09
C PRO GA 18 -5.35 6.08 27.50
N GLY GA 19 -5.36 5.47 26.32
CA GLY GA 19 -4.15 4.99 25.71
C GLY GA 19 -3.08 6.04 25.55
N VAL GA 20 -3.27 7.01 24.65
CA VAL GA 20 -2.19 7.96 24.46
C VAL GA 20 -2.11 8.98 25.56
N LEU GA 21 -3.17 9.16 26.36
CA LEU GA 21 -3.01 9.99 27.55
C LEU GA 21 -1.98 9.38 28.49
N ALA GA 22 -2.11 8.09 28.79
CA ALA GA 22 -1.10 7.41 29.59
C ALA GA 22 0.24 7.37 28.88
N PHE GA 23 0.24 7.25 27.56
CA PHE GA 23 1.49 7.28 26.80
C PHE GA 23 2.25 8.57 27.06
N ARG GA 24 1.54 9.70 26.99
CA ARG GA 24 2.20 10.98 27.25
C ARG GA 24 2.64 11.10 28.70
N LEU GA 25 1.75 10.73 29.63
CA LEU GA 25 2.11 10.78 31.05
C LEU GA 25 3.29 9.88 31.35
N ALA GA 26 3.57 8.90 30.50
CA ALA GA 26 4.77 8.10 30.66
C ALA GA 26 5.97 8.81 30.06
N THR GA 27 5.90 9.14 28.78
CA THR GA 27 7.06 9.69 28.08
C THR GA 27 7.42 11.05 28.55
N GLU GA 28 6.66 11.68 29.44
CA GLU GA 28 7.08 12.98 29.96
C GLU GA 28 8.45 12.93 30.63
N LEU GA 29 8.79 11.81 31.28
CA LEU GA 29 9.93 11.78 32.17
C LEU GA 29 11.20 11.24 31.51
N TYR GA 30 11.34 11.43 30.21
CA TYR GA 30 12.63 11.34 29.53
C TYR GA 30 13.30 9.99 29.73
N LYS GA 31 12.69 8.97 29.12
CA LYS GA 31 13.26 7.62 29.04
C LYS GA 31 14.77 7.55 29.20
N SER HA 25 70.67 -73.41 -73.22
CA SER HA 25 70.44 -72.17 -72.51
C SER HA 25 69.87 -72.45 -71.14
N PHE HA 26 70.75 -72.89 -70.23
CA PHE HA 26 70.36 -73.29 -68.88
C PHE HA 26 71.40 -72.87 -67.83
N GLU HA 27 72.31 -71.99 -68.20
CA GLU HA 27 73.43 -71.61 -67.35
C GLU HA 27 73.09 -70.53 -66.31
N LYS HA 28 71.82 -70.28 -65.98
CA LYS HA 28 71.46 -69.02 -65.34
C LYS HA 28 70.64 -69.11 -64.06
N TRP HA 29 69.91 -70.20 -63.83
CA TRP HA 29 69.02 -70.26 -62.66
C TRP HA 29 69.78 -70.25 -61.35
N GLY HA 30 70.70 -71.19 -61.16
CA GLY HA 30 71.37 -71.37 -59.89
C GLY HA 30 72.38 -70.28 -59.57
N GLN HA 31 71.97 -69.03 -59.73
CA GLN HA 31 72.76 -67.86 -59.36
C GLN HA 31 71.86 -66.95 -58.52
N PRO HA 32 71.51 -67.40 -57.31
CA PRO HA 32 70.45 -66.71 -56.54
C PRO HA 32 70.81 -65.26 -56.23
N GLY HA 33 69.81 -64.54 -55.74
CA GLY HA 33 69.95 -63.11 -55.57
C GLY HA 33 70.20 -62.38 -56.87
N HIS HA 34 69.69 -62.91 -57.98
CA HIS HA 34 69.94 -62.28 -59.27
C HIS HA 34 69.29 -60.91 -59.35
N PHE HA 35 68.23 -60.68 -58.56
CA PHE HA 35 67.50 -59.41 -58.63
C PHE HA 35 67.91 -58.41 -57.57
N ASP HA 36 68.60 -58.84 -56.52
CA ASP HA 36 69.07 -57.93 -55.48
C ASP HA 36 70.59 -57.96 -55.40
N ARG HA 37 71.18 -56.77 -55.24
CA ARG HA 37 72.63 -56.63 -55.16
C ARG HA 37 73.19 -56.97 -53.79
N THR HA 38 72.37 -56.88 -52.74
CA THR HA 38 72.85 -57.09 -51.38
C THR HA 38 72.90 -58.57 -51.02
N LEU HA 39 71.77 -59.26 -51.12
CA LEU HA 39 71.71 -60.67 -50.79
C LEU HA 39 72.27 -61.57 -51.89
N ALA HA 40 72.85 -61.00 -52.93
CA ALA HA 40 73.48 -61.80 -53.97
C ALA HA 40 74.85 -62.33 -53.56
N LYS HA 41 75.50 -61.73 -52.56
CA LYS HA 41 76.87 -62.09 -52.25
C LYS HA 41 76.95 -63.47 -51.61
N GLY HA 42 76.31 -63.66 -50.46
CA GLY HA 42 76.41 -64.92 -49.75
C GLY HA 42 75.58 -64.98 -48.49
N PRO HA 43 75.21 -66.20 -48.10
CA PRO HA 43 74.40 -66.38 -46.89
C PRO HA 43 75.22 -66.39 -45.61
N LYS HA 44 75.48 -65.20 -45.03
CA LYS HA 44 76.18 -65.13 -43.76
C LYS HA 44 75.48 -65.94 -42.69
N THR HA 45 74.24 -65.55 -42.36
CA THR HA 45 73.43 -66.30 -41.40
C THR HA 45 72.11 -66.72 -42.02
N THR HA 46 71.24 -67.35 -41.23
CA THR HA 46 69.97 -67.84 -41.75
C THR HA 46 69.08 -66.73 -42.25
N THR HA 47 69.31 -65.49 -41.80
CA THR HA 47 68.51 -64.36 -42.26
C THR HA 47 68.51 -64.28 -43.78
N TRP HA 48 69.66 -64.55 -44.40
CA TRP HA 48 69.77 -64.47 -45.85
C TRP HA 48 68.76 -65.37 -46.53
N ILE HA 49 68.37 -66.47 -45.90
CA ILE HA 49 67.34 -67.34 -46.47
C ILE HA 49 66.01 -66.63 -46.47
N TRP HA 50 65.63 -66.05 -45.33
CA TRP HA 50 64.28 -65.53 -45.17
C TRP HA 50 63.96 -64.47 -46.21
N ASN HA 51 64.79 -63.43 -46.30
CA ASN HA 51 64.54 -62.37 -47.26
C ASN HA 51 64.49 -62.88 -48.69
N LEU HA 52 65.09 -64.04 -48.97
CA LEU HA 52 65.03 -64.59 -50.31
C LEU HA 52 63.59 -64.81 -50.77
N HIS HA 53 62.72 -65.20 -49.85
CA HIS HA 53 61.32 -65.43 -50.18
C HIS HA 53 60.46 -64.20 -49.92
N ALA HA 54 61.08 -63.04 -49.71
CA ALA HA 54 60.35 -61.85 -49.33
C ALA HA 54 60.39 -60.74 -50.38
N LEU HA 55 61.46 -60.64 -51.15
CA LEU HA 55 61.63 -59.55 -52.12
C LEU HA 55 61.69 -60.07 -53.54
N ALA HA 56 61.09 -61.22 -53.81
CA ALA HA 56 61.15 -61.84 -55.12
C ALA HA 56 60.20 -61.22 -56.13
N HIS HA 57 59.31 -60.32 -55.71
CA HIS HA 57 58.30 -59.82 -56.64
C HIS HA 57 58.15 -58.30 -56.64
N ASP HA 58 58.46 -57.61 -55.55
CA ASP HA 58 58.31 -56.16 -55.51
C ASP HA 58 59.42 -55.49 -56.32
N PHE HA 59 59.41 -55.67 -57.63
CA PHE HA 59 60.50 -55.12 -58.42
C PHE HA 59 60.42 -53.61 -58.58
N ASP HA 60 59.38 -52.98 -58.05
CA ASP HA 60 59.45 -51.54 -57.85
C ASP HA 60 60.56 -51.17 -56.88
N THR HA 61 61.00 -52.12 -56.07
CA THR HA 61 62.14 -51.95 -55.18
C THR HA 61 63.46 -52.36 -55.83
N HIS HA 62 63.52 -52.38 -57.15
CA HIS HA 62 64.71 -52.79 -57.88
C HIS HA 62 65.30 -51.67 -58.72
N THR HA 63 64.47 -50.87 -59.38
CA THR HA 63 64.92 -49.73 -60.17
C THR HA 63 63.86 -48.64 -60.11
N SER HA 64 64.03 -47.62 -60.95
CA SER HA 64 63.03 -46.57 -61.13
C SER HA 64 62.31 -46.68 -62.46
N ASP HA 65 62.75 -47.56 -63.35
CA ASP HA 65 62.14 -47.71 -64.66
C ASP HA 65 60.79 -48.40 -64.54
N LEU HA 66 59.98 -48.25 -65.58
CA LEU HA 66 58.60 -48.73 -65.54
C LEU HA 66 58.26 -49.74 -66.63
N GLU HA 67 58.83 -49.60 -67.83
CA GLU HA 67 58.54 -50.56 -68.90
C GLU HA 67 58.88 -51.98 -68.47
N ASP HA 68 60.01 -52.14 -67.80
CA ASP HA 68 60.38 -53.45 -67.25
C ASP HA 68 59.32 -53.95 -66.29
N ILE HA 69 58.86 -53.08 -65.39
CA ILE HA 69 57.83 -53.45 -64.44
C ILE HA 69 56.59 -53.98 -65.17
N SER HA 70 56.12 -53.21 -66.14
CA SER HA 70 54.93 -53.58 -66.87
C SER HA 70 55.11 -54.93 -67.58
N ARG HA 71 56.27 -55.13 -68.20
CA ARG HA 71 56.53 -56.40 -68.87
C ARG HA 71 56.49 -57.56 -67.89
N LYS HA 72 57.11 -57.39 -66.72
CA LYS HA 72 57.05 -58.43 -65.70
C LYS HA 72 55.61 -58.73 -65.31
N ILE HA 73 54.80 -57.69 -65.15
CA ILE HA 73 53.41 -57.90 -64.77
C ILE HA 73 52.67 -58.69 -65.85
N PHE HA 74 52.91 -58.36 -67.11
CA PHE HA 74 52.28 -59.10 -68.21
C PHE HA 74 52.64 -60.58 -68.14
N ALA HA 75 53.94 -60.88 -68.03
CA ALA HA 75 54.37 -62.27 -68.01
C ALA HA 75 53.79 -63.02 -66.82
N ALA HA 76 53.75 -62.37 -65.66
CA ALA HA 76 53.20 -63.02 -64.48
C ALA HA 76 51.71 -63.31 -64.68
N HIS HA 77 50.99 -62.38 -65.28
CA HIS HA 77 49.58 -62.61 -65.56
C HIS HA 77 49.41 -63.82 -66.47
N PHE HA 78 50.23 -63.90 -67.53
CA PHE HA 78 50.16 -65.05 -68.42
C PHE HA 78 50.40 -66.35 -67.68
N GLY HA 79 51.40 -66.37 -66.78
CA GLY HA 79 51.65 -67.58 -66.02
C GLY HA 79 50.49 -67.98 -65.14
N GLN HA 80 49.85 -67.00 -64.49
CA GLN HA 80 48.67 -67.30 -63.68
C GLN HA 80 47.57 -67.90 -64.54
N LEU HA 81 47.33 -67.31 -65.72
CA LEU HA 81 46.33 -67.88 -66.62
C LEU HA 81 46.70 -69.30 -67.02
N ALA HA 82 47.99 -69.57 -67.22
CA ALA HA 82 48.41 -70.90 -67.61
C ALA HA 82 48.09 -71.92 -66.53
N VAL HA 83 48.40 -71.59 -65.28
CA VAL HA 83 48.08 -72.54 -64.21
C VAL HA 83 46.56 -72.69 -64.08
N ILE HA 84 45.82 -71.62 -64.38
CA ILE HA 84 44.36 -71.71 -64.39
C ILE HA 84 43.90 -72.78 -65.36
N PHE HA 85 44.32 -72.64 -66.63
CA PHE HA 85 43.93 -73.61 -67.65
C PHE HA 85 44.34 -75.02 -67.25
N LEU HA 86 45.56 -75.16 -66.76
CA LEU HA 86 46.07 -76.48 -66.36
C LEU HA 86 45.14 -77.14 -65.35
N TRP HA 87 44.85 -76.43 -64.25
CA TRP HA 87 44.09 -77.06 -63.19
C TRP HA 87 42.66 -77.34 -63.61
N LEU HA 88 42.06 -76.45 -64.41
CA LEU HA 88 40.69 -76.71 -64.82
C LEU HA 88 40.61 -77.92 -65.76
N SER HA 89 41.56 -78.03 -66.69
CA SER HA 89 41.55 -79.17 -67.61
C SER HA 89 41.83 -80.47 -66.85
N GLY HA 90 42.76 -80.45 -65.90
CA GLY HA 90 43.00 -81.64 -65.10
C GLY HA 90 41.81 -82.05 -64.26
N MET HA 91 41.08 -81.08 -63.72
CA MET HA 91 39.88 -81.41 -62.95
C MET HA 91 38.83 -82.03 -63.85
N GLU HA 92 38.67 -81.46 -65.06
CA GLU HA 92 37.85 -82.14 -66.06
C GLU HA 92 38.26 -83.60 -66.20
N PHE HA 93 39.53 -83.83 -66.56
CA PHE HA 93 40.00 -85.18 -66.85
C PHE HA 93 39.67 -86.14 -65.70
N HIS HA 94 39.86 -85.69 -64.47
CA HIS HA 94 39.40 -86.50 -63.34
C HIS HA 94 37.89 -86.73 -63.43
N GLY HA 95 37.14 -85.71 -63.82
CA GLY HA 95 35.71 -85.86 -63.95
C GLY HA 95 35.30 -86.82 -65.04
N ALA HA 96 36.20 -87.12 -65.97
CA ALA HA 96 35.86 -87.99 -67.11
C ALA HA 96 36.16 -89.45 -66.84
N ARG HA 97 37.30 -89.75 -66.20
CA ARG HA 97 37.75 -91.12 -66.02
C ARG HA 97 37.52 -91.67 -64.63
N PHE HA 98 37.21 -90.83 -63.65
CA PHE HA 98 37.10 -91.32 -62.28
C PHE HA 98 35.90 -90.72 -61.55
N SER HA 99 34.89 -90.24 -62.27
CA SER HA 99 33.72 -89.62 -61.66
C SER HA 99 32.47 -90.31 -62.18
N ASN HA 100 31.53 -90.57 -61.28
CA ASN HA 100 30.30 -91.24 -61.66
C ASN HA 100 29.31 -90.28 -62.28
N TYR HA 101 29.74 -89.52 -63.29
CA TYR HA 101 28.85 -88.55 -63.91
C TYR HA 101 27.80 -89.25 -64.79
N GLU HA 102 28.26 -89.99 -65.80
CA GLU HA 102 27.36 -90.55 -66.79
C GLU HA 102 26.41 -91.59 -66.22
N ALA HA 103 26.69 -92.11 -65.02
CA ALA HA 103 25.69 -92.91 -64.31
C ALA HA 103 24.76 -92.01 -63.51
N TRP HA 104 25.31 -90.98 -62.88
CA TRP HA 104 24.50 -89.97 -62.20
C TRP HA 104 23.70 -89.13 -63.18
N LEU HA 105 24.02 -89.20 -64.49
CA LEU HA 105 23.27 -88.49 -65.50
C LEU HA 105 21.78 -88.82 -65.42
N SER HA 106 21.45 -90.10 -65.60
CA SER HA 106 20.05 -90.50 -65.68
C SER HA 106 19.30 -90.24 -64.39
N ASP HA 107 20.00 -90.18 -63.26
CA ASP HA 107 19.36 -89.91 -61.97
C ASP HA 107 20.24 -88.94 -61.18
N PRO HA 108 19.86 -87.65 -61.14
CA PRO HA 108 20.60 -86.70 -60.31
C PRO HA 108 20.13 -86.63 -58.86
N ILE HA 109 19.14 -87.44 -58.48
CA ILE HA 109 18.59 -87.40 -57.13
C ILE HA 109 19.13 -88.57 -56.33
N GLY HA 110 18.83 -89.79 -56.77
CA GLY HA 110 19.23 -90.98 -56.05
C GLY HA 110 20.70 -91.31 -56.10
N ILE HA 111 21.52 -90.46 -56.69
CA ILE HA 111 22.96 -90.66 -56.78
C ILE HA 111 23.65 -89.39 -56.32
N LYS HA 112 24.72 -89.54 -55.53
CA LYS HA 112 25.50 -88.41 -55.06
C LYS HA 112 26.83 -88.37 -55.80
N PRO HA 113 27.12 -87.31 -56.55
CA PRO HA 113 28.33 -87.30 -57.37
C PRO HA 113 29.60 -87.48 -56.53
N SER HA 114 30.66 -87.93 -57.19
CA SER HA 114 31.91 -88.23 -56.51
C SER HA 114 33.05 -88.16 -57.52
N ALA HA 115 34.26 -88.30 -57.02
CA ALA HA 115 35.48 -88.30 -57.82
C ALA HA 115 36.62 -88.79 -56.94
N GLN HA 116 37.84 -88.73 -57.47
CA GLN HA 116 39.07 -89.01 -56.73
C GLN HA 116 38.97 -90.35 -55.98
N VAL HA 117 38.91 -91.42 -56.77
CA VAL HA 117 38.79 -92.76 -56.20
C VAL HA 117 40.01 -93.06 -55.34
N VAL HA 118 39.78 -93.79 -54.25
CA VAL HA 118 40.80 -94.02 -53.23
C VAL HA 118 41.77 -95.10 -53.71
N TRP HA 119 43.05 -94.92 -53.40
CA TRP HA 119 44.07 -95.88 -53.84
C TRP HA 119 44.16 -97.03 -52.84
N PRO HA 120 44.02 -98.28 -53.31
CA PRO HA 120 43.85 -99.44 -52.40
C PRO HA 120 45.16 -99.93 -51.78
N ILE HA 121 45.63 -99.21 -50.78
CA ILE HA 121 46.78 -99.63 -49.98
C ILE HA 121 46.42 -99.50 -48.50
N VAL HA 122 47.38 -99.82 -47.64
CA VAL HA 122 47.16 -99.74 -46.21
C VAL HA 122 46.94 -98.29 -45.83
N GLY HA 123 45.81 -98.01 -45.17
CA GLY HA 123 45.52 -96.69 -44.66
C GLY HA 123 44.36 -96.03 -45.36
N GLN HA 124 44.31 -96.14 -46.69
CA GLN HA 124 43.19 -95.63 -47.45
C GLN HA 124 42.62 -96.78 -48.28
N ASP HA 125 41.83 -97.59 -47.64
CA ASP HA 125 41.07 -98.66 -48.27
C ASP HA 125 39.62 -98.65 -47.83
N ILE HA 126 39.37 -98.34 -46.56
CA ILE HA 126 38.02 -98.24 -46.02
C ILE HA 126 37.30 -96.97 -46.48
N LEU HA 127 38.02 -96.04 -47.09
CA LEU HA 127 37.45 -94.75 -47.46
C LEU HA 127 36.73 -94.77 -48.80
N ASN HA 128 36.26 -95.94 -49.25
CA ASN HA 128 35.61 -96.04 -50.55
C ASN HA 128 34.25 -95.35 -50.46
N ALA HA 129 34.16 -94.13 -50.94
CA ALA HA 129 32.88 -93.43 -50.95
C ALA HA 129 31.98 -94.04 -52.02
N ASP HA 130 31.20 -95.05 -51.64
CA ASP HA 130 30.30 -95.70 -52.56
C ASP HA 130 28.98 -94.93 -52.62
N VAL HA 131 28.62 -94.48 -53.81
CA VAL HA 131 27.48 -93.59 -53.99
C VAL HA 131 26.44 -94.25 -54.88
N GLY HA 132 26.32 -95.57 -54.78
CA GLY HA 132 25.39 -96.31 -55.60
C GLY HA 132 26.00 -96.69 -56.92
N GLY HA 133 25.56 -97.81 -57.49
CA GLY HA 133 26.17 -98.30 -58.70
C GLY HA 133 27.57 -98.83 -58.52
N GLY HA 134 27.97 -99.13 -57.29
CA GLY HA 134 29.29 -99.64 -57.00
C GLY HA 134 30.41 -98.63 -57.10
N PHE HA 135 30.12 -97.40 -57.53
CA PHE HA 135 31.17 -96.40 -57.74
C PHE HA 135 31.68 -95.90 -56.39
N HIS HA 136 32.88 -96.33 -56.02
CA HIS HA 136 33.52 -95.85 -54.80
C HIS HA 136 34.23 -94.53 -55.07
N GLY HA 137 35.00 -94.07 -54.10
CA GLY HA 137 35.83 -92.90 -54.31
C GLY HA 137 35.77 -91.86 -53.21
N ILE HA 138 35.42 -90.63 -53.59
CA ILE HA 138 35.29 -89.51 -52.66
C ILE HA 138 34.06 -88.71 -53.05
N GLN HA 139 33.08 -88.62 -52.15
CA GLN HA 139 31.87 -87.86 -52.41
C GLN HA 139 32.19 -86.37 -52.38
N ILE HA 140 32.32 -85.77 -53.56
CA ILE HA 140 32.77 -84.40 -53.68
C ILE HA 140 31.60 -83.45 -53.45
N THR HA 141 31.92 -82.18 -53.17
CA THR HA 141 30.92 -81.12 -53.09
C THR HA 141 31.51 -79.88 -53.76
N SER HA 142 31.36 -79.80 -55.07
CA SER HA 142 31.64 -78.57 -55.79
C SER HA 142 30.68 -78.32 -56.94
N GLY HA 143 29.71 -79.19 -57.18
CA GLY HA 143 28.63 -78.95 -58.12
C GLY HA 143 29.06 -78.66 -59.55
N LEU HA 144 30.15 -79.26 -60.00
CA LEU HA 144 30.51 -79.09 -61.41
C LEU HA 144 29.55 -79.85 -62.32
N PHE HA 145 29.07 -81.00 -61.86
CA PHE HA 145 28.06 -81.74 -62.61
C PHE HA 145 26.81 -80.91 -62.85
N GLN HA 146 26.51 -79.97 -61.96
CA GLN HA 146 25.40 -79.05 -62.18
C GLN HA 146 25.63 -78.25 -63.45
N VAL HA 147 26.82 -77.70 -63.62
CA VAL HA 147 27.18 -77.11 -64.91
C VAL HA 147 27.04 -78.17 -66.00
N TRP HA 148 27.49 -79.38 -65.70
CA TRP HA 148 27.37 -80.51 -66.62
C TRP HA 148 25.97 -81.09 -66.68
N ARG HA 149 25.01 -80.52 -65.95
CA ARG HA 149 23.60 -80.76 -66.22
C ARG HA 149 22.97 -79.65 -67.04
N ALA HA 150 23.66 -78.53 -67.22
CA ALA HA 150 23.20 -77.45 -68.08
C ALA HA 150 23.92 -77.44 -69.41
N ALA HA 151 25.23 -77.73 -69.42
CA ALA HA 151 25.96 -77.81 -70.67
C ALA HA 151 25.56 -79.00 -71.51
N GLY HA 152 24.76 -79.93 -70.97
CA GLY HA 152 24.33 -81.09 -71.73
C GLY HA 152 25.47 -81.99 -72.15
N PHE HA 153 26.12 -82.64 -71.20
CA PHE HA 153 27.32 -83.43 -71.46
C PHE HA 153 26.97 -84.91 -71.39
N THR HA 154 27.15 -85.60 -72.52
CA THR HA 154 26.77 -87.01 -72.64
C THR HA 154 27.96 -87.95 -72.40
N ASN HA 155 29.01 -87.85 -73.21
CA ASN HA 155 30.12 -88.78 -73.16
C ASN HA 155 31.39 -88.07 -72.71
N SER HA 156 32.25 -88.83 -72.03
CA SER HA 156 33.45 -88.25 -71.44
C SER HA 156 34.57 -88.01 -72.45
N PHE HA 157 34.45 -88.53 -73.67
CA PHE HA 157 35.51 -88.32 -74.66
C PHE HA 157 35.57 -86.88 -75.12
N GLN HA 158 34.41 -86.27 -75.39
CA GLN HA 158 34.40 -84.84 -75.70
C GLN HA 158 35.03 -84.05 -74.57
N LEU HA 159 34.79 -84.47 -73.32
CA LEU HA 159 35.42 -83.81 -72.18
C LEU HA 159 36.93 -84.01 -72.19
N TYR HA 160 37.38 -85.20 -72.56
CA TYR HA 160 38.81 -85.46 -72.75
C TYR HA 160 39.41 -84.46 -73.72
N VAL HA 161 38.75 -84.27 -74.87
CA VAL HA 161 39.21 -83.27 -75.83
C VAL HA 161 39.19 -81.88 -75.22
N THR HA 162 38.21 -81.60 -74.35
CA THR HA 162 38.15 -80.29 -73.73
C THR HA 162 39.38 -80.04 -72.86
N ALA HA 163 39.76 -81.03 -72.06
CA ALA HA 163 40.96 -80.89 -71.24
C ALA HA 163 42.19 -80.69 -72.12
N ILE HA 164 42.28 -81.45 -73.20
CA ILE HA 164 43.41 -81.29 -74.10
C ILE HA 164 43.49 -79.86 -74.63
N GLY HA 165 42.34 -79.31 -75.02
CA GLY HA 165 42.32 -77.94 -75.50
C GLY HA 165 42.73 -76.95 -74.43
N GLY HA 166 42.24 -77.15 -73.21
CA GLY HA 166 42.62 -76.25 -72.12
C GLY HA 166 44.11 -76.25 -71.88
N LEU HA 167 44.72 -77.43 -71.82
CA LEU HA 167 46.14 -77.50 -71.53
C LEU HA 167 46.98 -76.97 -72.68
N VAL HA 168 46.55 -77.23 -73.93
CA VAL HA 168 47.34 -76.71 -75.03
C VAL HA 168 47.24 -75.20 -75.09
N ALA HA 169 46.08 -74.64 -74.76
CA ALA HA 169 45.97 -73.19 -74.72
C ALA HA 169 46.82 -72.60 -73.61
N ALA HA 170 46.88 -73.29 -72.47
CA ALA HA 170 47.77 -72.87 -71.38
C ALA HA 170 49.20 -72.76 -71.89
N ALA HA 171 49.72 -73.87 -72.42
CA ALA HA 171 51.09 -73.87 -72.94
C ALA HA 171 51.26 -72.79 -74.02
N LEU HA 172 50.23 -72.59 -74.83
CA LEU HA 172 50.30 -71.63 -75.92
C LEU HA 172 50.52 -70.22 -75.38
N MET HA 173 49.67 -69.79 -74.45
CA MET HA 173 49.81 -68.43 -73.95
C MET HA 173 51.04 -68.28 -73.05
N LEU HA 174 51.52 -69.37 -72.44
CA LEU HA 174 52.79 -69.29 -71.74
C LEU HA 174 53.93 -69.01 -72.71
N PHE HA 175 53.97 -69.76 -73.81
CA PHE HA 175 54.92 -69.48 -74.87
C PHE HA 175 54.78 -68.04 -75.36
N ALA HA 176 53.55 -67.56 -75.44
CA ALA HA 176 53.31 -66.19 -75.86
C ALA HA 176 53.94 -65.20 -74.88
N GLY HA 177 53.81 -65.47 -73.59
CA GLY HA 177 54.47 -64.62 -72.61
C GLY HA 177 55.98 -64.63 -72.77
N TRP HA 178 56.55 -65.81 -72.93
CA TRP HA 178 57.99 -65.89 -73.17
C TRP HA 178 58.39 -65.04 -74.36
N PHE HA 179 57.63 -65.16 -75.46
CA PHE HA 179 57.96 -64.40 -76.66
C PHE HA 179 57.86 -62.91 -76.41
N HIS HA 180 56.72 -62.46 -75.88
CA HIS HA 180 56.51 -61.04 -75.65
C HIS HA 180 57.38 -60.47 -74.55
N TYR HA 181 58.16 -61.30 -73.84
CA TYR HA 181 59.17 -60.74 -72.97
C TYR HA 181 60.59 -60.83 -73.52
N HIS HA 182 60.93 -61.90 -74.24
CA HIS HA 182 62.30 -62.14 -74.64
C HIS HA 182 62.62 -61.70 -76.06
N LYS HA 183 61.62 -61.64 -76.94
CA LYS HA 183 61.86 -61.30 -78.34
C LYS HA 183 61.26 -59.95 -78.72
N ARG HA 184 59.95 -59.77 -78.53
CA ARG HA 184 59.26 -58.54 -78.91
C ARG HA 184 58.46 -58.06 -77.71
N ALA HA 185 59.03 -57.15 -76.94
CA ALA HA 185 58.28 -56.66 -75.80
C ALA HA 185 57.66 -55.30 -76.11
N PRO HA 186 56.45 -55.05 -75.58
CA PRO HA 186 55.76 -53.80 -75.90
C PRO HA 186 56.49 -52.58 -75.36
N LYS HA 187 56.12 -51.42 -75.90
CA LYS HA 187 56.75 -50.16 -75.58
C LYS HA 187 56.00 -49.48 -74.42
N LEU HA 188 56.31 -48.21 -74.18
CA LEU HA 188 55.87 -47.57 -72.95
C LEU HA 188 54.56 -46.79 -73.12
N GLU HA 189 54.41 -45.98 -74.18
CA GLU HA 189 53.11 -45.38 -74.47
C GLU HA 189 52.00 -46.42 -74.64
N TRP HA 190 52.36 -47.69 -74.83
CA TRP HA 190 51.34 -48.72 -74.89
C TRP HA 190 50.59 -48.89 -73.56
N PHE HA 191 51.01 -48.22 -72.50
CA PHE HA 191 50.37 -48.41 -71.20
C PHE HA 191 49.09 -47.58 -71.08
N GLN HA 192 49.23 -46.27 -71.09
CA GLN HA 192 48.22 -45.39 -70.51
C GLN HA 192 47.18 -44.91 -71.52
N ASN HA 193 46.61 -45.83 -72.31
CA ASN HA 193 45.37 -45.53 -73.03
C ASN HA 193 44.23 -46.24 -72.32
N ALA HA 194 43.83 -45.69 -71.17
CA ALA HA 194 42.69 -46.25 -70.46
C ALA HA 194 41.41 -46.12 -71.25
N GLU HA 195 41.35 -45.17 -72.18
CA GLU HA 195 40.16 -44.99 -73.00
C GLU HA 195 39.93 -46.21 -73.90
N SER HA 196 40.90 -46.51 -74.76
CA SER HA 196 40.81 -47.70 -75.59
C SER HA 196 40.72 -48.96 -74.74
N MET HA 197 41.40 -48.96 -73.59
CA MET HA 197 41.29 -50.07 -72.65
C MET HA 197 39.83 -50.34 -72.31
N LEU HA 198 39.15 -49.33 -71.77
CA LEU HA 198 37.75 -49.48 -71.39
C LEU HA 198 36.90 -49.86 -72.59
N ASN HA 199 37.09 -49.18 -73.72
CA ASN HA 199 36.28 -49.47 -74.89
C ASN HA 199 36.41 -50.93 -75.31
N HIS HA 200 37.64 -51.33 -75.63
CA HIS HA 200 37.90 -52.70 -76.05
C HIS HA 200 37.36 -53.71 -75.06
N HIS HA 201 37.75 -53.59 -73.78
CA HIS HA 201 37.34 -54.58 -72.80
C HIS HA 201 35.82 -54.59 -72.68
N LEU HA 202 35.26 -53.50 -72.15
CA LEU HA 202 33.82 -53.35 -71.96
C LEU HA 202 33.03 -53.92 -73.12
N ALA HA 203 33.33 -53.47 -74.33
CA ALA HA 203 32.54 -53.90 -75.48
C ALA HA 203 32.98 -55.28 -75.98
N GLY HA 204 34.18 -55.36 -76.54
CA GLY HA 204 34.59 -56.56 -77.23
C GLY HA 204 34.66 -57.77 -76.33
N LEU HA 205 35.37 -57.65 -75.21
CA LEU HA 205 35.50 -58.80 -74.32
C LEU HA 205 34.14 -59.24 -73.80
N LEU HA 206 33.50 -58.38 -73.02
CA LEU HA 206 32.32 -58.79 -72.27
C LEU HA 206 31.15 -59.07 -73.19
N GLY HA 207 30.80 -58.13 -74.07
CA GLY HA 207 29.62 -58.30 -74.90
C GLY HA 207 29.74 -59.46 -75.86
N LEU HA 208 30.88 -59.59 -76.52
CA LEU HA 208 31.02 -60.65 -77.51
C LEU HA 208 31.05 -62.02 -76.84
N GLY HA 209 31.79 -62.16 -75.73
CA GLY HA 209 31.77 -63.42 -75.02
C GLY HA 209 30.39 -63.78 -74.52
N CYS HA 210 29.67 -62.80 -73.97
CA CYS HA 210 28.35 -63.09 -73.41
C CYS HA 210 27.36 -63.47 -74.50
N LEU HA 211 27.37 -62.76 -75.63
CA LEU HA 211 26.45 -63.09 -76.70
C LEU HA 211 26.82 -64.41 -77.37
N SER HA 212 28.11 -64.73 -77.43
CA SER HA 212 28.50 -66.05 -77.93
C SER HA 212 28.01 -67.15 -77.01
N TRP HA 213 28.14 -66.97 -75.71
CA TRP HA 213 27.64 -67.98 -74.78
C TRP HA 213 26.13 -68.11 -74.85
N ALA HA 214 25.43 -66.99 -75.04
CA ALA HA 214 23.99 -67.06 -75.23
C ALA HA 214 23.62 -67.84 -76.48
N GLY HA 215 24.35 -67.58 -77.58
CA GLY HA 215 24.13 -68.35 -78.80
C GLY HA 215 24.35 -69.83 -78.59
N HIS HA 216 25.40 -70.19 -77.85
CA HIS HA 216 25.59 -71.59 -77.49
C HIS HA 216 24.40 -72.12 -76.70
N GLN HA 217 23.91 -71.33 -75.74
CA GLN HA 217 22.78 -71.74 -74.92
C GLN HA 217 21.58 -72.09 -75.77
N ILE HA 218 21.11 -71.14 -76.57
CA ILE HA 218 19.86 -71.34 -77.32
C ILE HA 218 20.00 -72.50 -78.29
N HIS HA 219 21.20 -72.72 -78.84
CA HIS HA 219 21.37 -73.76 -79.83
C HIS HA 219 21.36 -75.15 -79.20
N VAL HA 220 21.94 -75.31 -78.02
CA VAL HA 220 22.21 -76.63 -77.45
C VAL HA 220 21.57 -76.79 -76.07
N ALA HA 221 21.70 -75.77 -75.21
CA ALA HA 221 21.36 -75.94 -73.81
C ALA HA 221 19.89 -76.28 -73.61
N LEU HA 222 19.00 -75.34 -73.89
CA LEU HA 222 17.57 -75.59 -73.73
C LEU HA 222 17.04 -76.72 -74.59
N PRO HA 223 17.55 -76.98 -75.79
CA PRO HA 223 17.13 -78.23 -76.48
C PRO HA 223 17.34 -79.47 -75.64
N VAL HA 224 18.55 -79.72 -75.18
CA VAL HA 224 18.78 -80.90 -74.36
C VAL HA 224 18.05 -80.79 -73.02
N ASN HA 225 17.77 -79.58 -72.55
CA ASN HA 225 16.99 -79.42 -71.31
C ASN HA 225 15.57 -79.93 -71.50
N LYS HA 226 14.88 -79.43 -72.53
CA LYS HA 226 13.70 -80.09 -73.05
C LYS HA 226 13.86 -81.60 -73.05
N LEU HA 227 14.96 -82.08 -73.62
CA LEU HA 227 15.17 -83.52 -73.76
C LEU HA 227 15.54 -84.20 -72.44
N LEU HA 228 15.65 -83.46 -71.34
CA LEU HA 228 15.90 -84.04 -70.03
C LEU HA 228 14.67 -83.99 -69.12
N ASP HA 229 13.47 -84.04 -69.70
CA ASP HA 229 12.25 -84.01 -68.90
C ASP HA 229 11.69 -85.39 -68.60
N ALA HA 230 11.90 -86.38 -69.49
CA ALA HA 230 11.25 -87.68 -69.32
C ALA HA 230 12.13 -88.87 -69.70
N GLY HA 231 13.44 -88.72 -69.78
CA GLY HA 231 14.27 -89.86 -70.15
C GLY HA 231 14.24 -90.10 -71.65
N VAL HA 232 14.83 -89.18 -72.41
CA VAL HA 232 14.68 -89.15 -73.86
C VAL HA 232 15.96 -89.68 -74.50
N ALA HA 233 16.61 -90.64 -73.82
CA ALA HA 233 17.77 -91.33 -74.37
C ALA HA 233 18.92 -90.38 -74.63
N PRO HA 234 19.62 -89.93 -73.58
CA PRO HA 234 20.59 -88.83 -73.70
C PRO HA 234 21.61 -88.98 -74.82
N LYS HA 235 22.37 -90.08 -74.84
CA LYS HA 235 23.35 -90.26 -75.91
C LYS HA 235 22.66 -90.38 -77.26
N ASP HA 236 21.47 -90.98 -77.30
CA ASP HA 236 20.74 -91.09 -78.55
C ASP HA 236 20.32 -89.73 -79.07
N ILE HA 237 20.12 -88.77 -78.17
CA ILE HA 237 19.81 -87.39 -78.57
C ILE HA 237 20.91 -86.88 -79.49
N PRO HA 238 20.57 -86.25 -80.61
CA PRO HA 238 21.58 -85.94 -81.62
C PRO HA 238 22.63 -84.96 -81.11
N LEU HA 239 23.66 -84.79 -81.90
CA LEU HA 239 24.79 -83.93 -81.61
C LEU HA 239 24.59 -82.57 -82.28
N PRO HA 240 25.36 -81.55 -81.89
CA PRO HA 240 25.15 -80.21 -82.46
C PRO HA 240 25.26 -80.17 -83.98
N HIS HA 241 26.09 -81.03 -84.56
CA HIS HA 241 26.21 -81.07 -86.02
C HIS HA 241 24.88 -81.41 -86.65
N GLU HA 242 24.05 -82.19 -85.96
CA GLU HA 242 22.69 -82.49 -86.39
C GLU HA 242 21.76 -81.30 -86.21
N PHE HA 243 22.27 -80.14 -85.84
CA PHE HA 243 21.46 -78.93 -85.73
C PHE HA 243 22.13 -77.69 -86.29
N ILE HA 244 23.38 -77.82 -86.78
CA ILE HA 244 24.05 -76.67 -87.40
C ILE HA 244 23.27 -76.22 -88.64
N LEU HA 245 23.04 -77.15 -89.56
CA LEU HA 245 22.25 -76.86 -90.76
C LEU HA 245 20.95 -77.64 -90.81
N ASN HA 246 20.70 -78.52 -89.85
CA ASN HA 246 19.45 -79.27 -89.79
C ASN HA 246 18.46 -78.47 -88.97
N ASN HA 247 17.61 -77.71 -89.66
CA ASN HA 247 16.61 -76.88 -89.00
C ASN HA 247 15.28 -77.59 -88.81
N SER HA 248 15.17 -78.84 -89.25
CA SER HA 248 13.90 -79.56 -89.14
C SER HA 248 13.53 -79.78 -87.69
N LEU HA 249 14.40 -80.46 -86.94
CA LEU HA 249 14.16 -80.62 -85.51
C LEU HA 249 14.13 -79.26 -84.83
N MET HA 250 14.89 -78.30 -85.34
CA MET HA 250 14.80 -76.94 -84.82
C MET HA 250 13.48 -76.29 -85.19
N ALA HA 251 12.80 -76.78 -86.23
CA ALA HA 251 11.47 -76.32 -86.56
C ALA HA 251 10.38 -77.14 -85.87
N GLU HA 252 10.73 -78.25 -85.22
CA GLU HA 252 9.75 -79.00 -84.44
C GLU HA 252 9.16 -78.10 -83.37
N LEU HA 253 10.01 -77.68 -82.43
CA LEU HA 253 9.60 -76.68 -81.45
C LEU HA 253 9.78 -75.28 -82.04
N TYR HA 254 9.11 -74.31 -81.43
CA TYR HA 254 9.27 -72.91 -81.79
C TYR HA 254 8.98 -72.70 -83.27
N PRO HA 255 7.70 -72.72 -83.67
CA PRO HA 255 7.39 -72.55 -85.10
C PRO HA 255 8.06 -71.35 -85.74
N SER HA 256 8.17 -70.24 -85.03
CA SER HA 256 8.94 -69.11 -85.52
C SER HA 256 10.39 -69.47 -85.76
N PHE HA 257 10.91 -70.48 -85.06
CA PHE HA 257 12.27 -70.97 -85.28
C PHE HA 257 12.25 -72.04 -86.38
N ALA HA 258 11.74 -71.62 -87.55
CA ALA HA 258 11.85 -72.46 -88.74
C ALA HA 258 13.25 -72.35 -89.33
N LYS HA 259 13.62 -71.17 -89.80
CA LYS HA 259 15.01 -70.74 -89.79
C LYS HA 259 15.24 -69.75 -88.65
N GLY HA 260 14.61 -68.59 -88.73
CA GLY HA 260 14.20 -67.79 -87.60
C GLY HA 260 12.93 -67.09 -88.02
N LEU HA 261 12.53 -67.38 -89.26
CA LEU HA 261 11.65 -66.56 -90.10
C LEU HA 261 12.36 -65.27 -90.47
N THR HA 262 13.55 -65.06 -89.89
CA THR HA 262 14.36 -63.85 -89.94
C THR HA 262 13.52 -62.57 -89.96
N PRO HA 263 12.55 -62.42 -89.05
CA PRO HA 263 11.75 -61.18 -89.05
C PRO HA 263 12.52 -59.97 -88.54
N PHE HA 264 13.74 -60.17 -88.03
CA PHE HA 264 14.59 -59.05 -87.70
C PHE HA 264 14.89 -58.21 -88.94
N TRP HA 265 14.94 -58.84 -90.12
CA TRP HA 265 15.00 -58.07 -91.35
C TRP HA 265 13.79 -57.16 -91.48
N THR HA 266 12.64 -57.59 -90.96
CA THR HA 266 11.41 -56.81 -91.00
C THR HA 266 11.15 -56.07 -89.70
N LEU HA 267 12.13 -56.06 -88.80
CA LEU HA 267 12.06 -55.34 -87.53
C LEU HA 267 10.96 -55.86 -86.62
N ASN HA 268 10.32 -56.95 -87.00
CA ASN HA 268 9.26 -57.53 -86.19
C ASN HA 268 9.85 -58.62 -85.31
N TRP HA 269 9.55 -58.55 -84.02
CA TRP HA 269 10.07 -59.51 -83.04
C TRP HA 269 8.97 -60.23 -82.30
N GLY HA 270 7.70 -60.00 -82.65
CA GLY HA 270 6.61 -60.70 -82.00
C GLY HA 270 6.60 -62.19 -82.25
N GLN HA 271 7.19 -62.63 -83.37
CA GLN HA 271 7.21 -64.06 -83.67
C GLN HA 271 8.04 -64.84 -82.66
N TYR HA 272 9.08 -64.22 -82.12
CA TYR HA 272 10.08 -64.91 -81.32
C TYR HA 272 9.64 -65.15 -79.88
N ALA HA 273 8.34 -65.09 -79.60
CA ALA HA 273 7.83 -65.31 -78.26
C ALA HA 273 8.01 -66.76 -77.82
N ASP HA 274 8.60 -67.60 -78.68
CA ASP HA 274 8.74 -69.01 -78.36
C ASP HA 274 9.80 -69.24 -77.29
N PHE HA 275 11.05 -68.87 -77.58
CA PHE HA 275 12.15 -69.10 -76.66
C PHE HA 275 12.58 -67.85 -75.89
N LEU HA 276 12.57 -66.69 -76.53
CA LEU HA 276 13.09 -65.46 -75.93
C LEU HA 276 11.94 -64.82 -75.15
N THR HA 277 11.74 -65.30 -73.93
CA THR HA 277 10.61 -64.90 -73.11
C THR HA 277 11.10 -64.30 -71.79
N PHE HA 278 10.14 -64.08 -70.88
CA PHE HA 278 10.40 -63.43 -69.61
C PHE HA 278 9.43 -64.04 -68.59
N LYS HA 279 9.94 -65.03 -67.83
CA LYS HA 279 9.13 -65.69 -66.82
C LYS HA 279 9.47 -65.22 -65.40
N GLY HA 280 10.74 -65.30 -65.03
CA GLY HA 280 11.20 -64.73 -63.76
C GLY HA 280 10.72 -65.46 -62.52
N GLY HA 281 11.20 -66.68 -62.32
CA GLY HA 281 10.82 -67.42 -61.14
C GLY HA 281 11.44 -68.80 -61.14
N LEU HA 282 10.87 -69.69 -60.34
CA LEU HA 282 11.35 -71.06 -60.22
C LEU HA 282 10.62 -71.97 -61.19
N ASN HA 283 11.37 -72.87 -61.83
CA ASN HA 283 10.81 -73.86 -62.73
C ASN HA 283 10.86 -75.22 -62.06
N PRO HA 284 9.75 -75.72 -61.51
CA PRO HA 284 9.81 -76.91 -60.66
C PRO HA 284 10.14 -78.20 -61.41
N VAL HA 285 10.46 -78.10 -62.70
CA VAL HA 285 10.90 -79.25 -63.48
C VAL HA 285 12.39 -79.25 -63.75
N THR HA 286 13.14 -78.25 -63.26
CA THR HA 286 14.56 -78.17 -63.48
C THR HA 286 15.41 -78.01 -62.22
N GLY HA 287 14.78 -77.83 -61.06
CA GLY HA 287 15.52 -77.52 -59.85
C GLY HA 287 16.16 -76.15 -59.85
N GLY HA 288 16.05 -75.39 -60.94
CA GLY HA 288 16.51 -74.02 -61.01
C GLY HA 288 15.48 -73.14 -61.67
N LEU HA 289 15.89 -72.01 -62.22
CA LEU HA 289 14.96 -71.05 -62.80
C LEU HA 289 14.64 -71.45 -64.24
N TRP HA 290 13.98 -70.55 -64.96
CA TRP HA 290 13.66 -70.75 -66.37
C TRP HA 290 14.81 -70.19 -67.20
N LEU HA 291 15.48 -71.07 -67.95
CA LEU HA 291 16.74 -70.71 -68.60
C LEU HA 291 16.56 -69.68 -69.70
N THR HA 292 15.35 -69.63 -70.29
CA THR HA 292 15.06 -68.62 -71.31
C THR HA 292 15.28 -67.21 -70.77
N ASP HA 293 14.87 -66.97 -69.52
CA ASP HA 293 15.12 -65.67 -68.91
C ASP HA 293 16.61 -65.38 -68.86
N THR HA 294 17.43 -66.37 -68.52
CA THR HA 294 18.86 -66.14 -68.47
C THR HA 294 19.41 -65.84 -69.85
N ALA HA 295 18.89 -66.50 -70.88
CA ALA HA 295 19.37 -66.25 -72.24
C ALA HA 295 19.06 -64.82 -72.68
N HIS HA 296 17.81 -64.40 -72.49
CA HIS HA 296 17.41 -63.04 -72.86
C HIS HA 296 18.14 -62.01 -72.01
N HIS HA 297 18.31 -62.31 -70.72
CA HIS HA 297 19.22 -61.57 -69.85
C HIS HA 297 20.56 -61.32 -70.52
N HIS HA 298 21.23 -62.39 -70.92
CA HIS HA 298 22.57 -62.27 -71.47
C HIS HA 298 22.57 -61.45 -72.74
N LEU HA 299 21.55 -61.65 -73.59
CA LEU HA 299 21.42 -60.82 -74.78
C LEU HA 299 21.36 -59.34 -74.41
N ALA HA 300 20.44 -58.99 -73.52
CA ALA HA 300 20.23 -57.60 -73.15
C ALA HA 300 21.51 -56.98 -72.59
N LEU HA 301 22.15 -57.69 -71.65
CA LEU HA 301 23.40 -57.20 -71.10
C LEU HA 301 24.43 -56.97 -72.19
N ALA HA 302 24.56 -57.94 -73.09
CA ALA HA 302 25.55 -57.84 -74.16
C ALA HA 302 25.40 -56.53 -74.91
N VAL HA 303 24.23 -56.30 -75.51
CA VAL HA 303 24.08 -55.08 -76.32
C VAL HA 303 24.14 -53.83 -75.43
N LEU HA 304 23.63 -53.93 -74.20
CA LEU HA 304 23.57 -52.77 -73.35
C LEU HA 304 24.97 -52.24 -73.05
N PHE HA 305 25.83 -53.10 -72.50
CA PHE HA 305 27.15 -52.53 -72.26
C PHE HA 305 28.02 -52.53 -73.50
N ILE HA 306 27.58 -53.08 -74.64
CA ILE HA 306 28.30 -52.77 -75.87
C ILE HA 306 28.13 -51.28 -76.19
N VAL HA 307 26.88 -50.80 -76.18
CA VAL HA 307 26.63 -49.41 -76.53
C VAL HA 307 27.15 -48.50 -75.41
N ALA HA 308 27.21 -49.03 -74.19
CA ALA HA 308 27.89 -48.31 -73.11
C ALA HA 308 29.38 -48.15 -73.43
N GLY HA 309 30.09 -49.28 -73.55
CA GLY HA 309 31.52 -49.27 -73.80
C GLY HA 309 31.93 -48.57 -75.06
N HIS HA 310 30.99 -48.14 -75.89
CA HIS HA 310 31.35 -47.32 -77.04
C HIS HA 310 31.51 -45.83 -76.69
N MET HA 311 31.80 -45.47 -75.43
CA MET HA 311 31.70 -44.09 -74.99
C MET HA 311 32.93 -43.24 -75.31
N TYR HA 312 34.07 -43.58 -74.72
CA TYR HA 312 35.13 -42.62 -74.48
C TYR HA 312 35.85 -42.24 -75.77
N ARG HA 313 36.71 -41.22 -75.66
CA ARG HA 313 37.39 -40.66 -76.83
C ARG HA 313 38.61 -41.48 -77.21
N THR HA 314 38.82 -41.60 -78.52
CA THR HA 314 39.89 -42.42 -79.10
C THR HA 314 40.36 -41.76 -80.39
N ASN HA 315 40.96 -42.55 -81.26
CA ASN HA 315 41.68 -42.21 -82.49
C ASN HA 315 40.80 -41.59 -83.58
N TRP HA 316 39.52 -41.29 -83.38
CA TRP HA 316 38.73 -40.67 -84.43
C TRP HA 316 38.32 -39.24 -84.09
N GLY HA 317 39.00 -38.61 -83.14
CA GLY HA 317 38.71 -37.24 -82.79
C GLY HA 317 37.29 -37.01 -82.32
N ILE HA 318 36.74 -37.94 -81.55
CA ILE HA 318 35.37 -37.85 -81.06
C ILE HA 318 35.30 -38.52 -79.70
N GLY HA 319 34.84 -37.79 -78.69
CA GLY HA 319 34.64 -38.40 -77.39
C GLY HA 319 34.90 -37.51 -76.19
N HIS HA 320 34.67 -38.05 -75.00
CA HIS HA 320 34.90 -37.29 -73.78
C HIS HA 320 36.39 -37.11 -73.52
N SER HA 321 36.77 -35.87 -73.21
CA SER HA 321 38.10 -35.58 -72.67
C SER HA 321 37.99 -35.77 -71.17
N ILE HA 322 38.19 -37.02 -70.73
CA ILE HA 322 37.83 -37.44 -69.39
C ILE HA 322 38.61 -36.70 -68.31
N LYS HA 323 39.81 -36.22 -68.60
CA LYS HA 323 40.54 -35.45 -67.61
C LYS HA 323 39.99 -34.05 -67.43
N GLU HA 324 38.96 -33.68 -68.18
CA GLU HA 324 38.28 -32.40 -67.98
C GLU HA 324 36.95 -32.55 -67.27
N ILE HA 325 36.31 -33.72 -67.35
CA ILE HA 325 35.09 -33.97 -66.60
C ILE HA 325 35.31 -33.69 -65.13
N LEU HA 326 36.29 -34.40 -64.54
CA LEU HA 326 36.59 -34.23 -63.12
C LEU HA 326 37.00 -32.80 -62.79
N GLU HA 327 37.44 -32.03 -63.78
CA GLU HA 327 37.76 -30.64 -63.53
C GLU HA 327 36.51 -29.81 -63.26
N ASN HA 328 35.38 -30.22 -63.82
CA ASN HA 328 34.19 -29.38 -63.79
C ASN HA 328 33.47 -29.44 -62.45
N HIS HA 329 33.44 -30.61 -61.82
CA HIS HA 329 32.63 -30.83 -60.62
C HIS HA 329 33.35 -30.26 -59.41
N LYS HA 330 33.11 -28.98 -59.14
CA LYS HA 330 33.59 -28.33 -57.93
C LYS HA 330 32.49 -27.39 -57.45
N GLY HA 331 32.72 -26.74 -56.31
CA GLY HA 331 31.72 -25.87 -55.74
C GLY HA 331 32.09 -25.31 -54.39
N PRO HA 332 31.09 -24.84 -53.64
CA PRO HA 332 31.38 -24.16 -52.36
C PRO HA 332 32.00 -25.09 -51.33
N PHE HA 333 31.33 -26.20 -51.01
CA PHE HA 333 31.90 -27.16 -50.07
C PHE HA 333 33.00 -28.01 -50.70
N THR HA 334 32.99 -28.14 -52.02
CA THR HA 334 33.96 -29.00 -52.69
C THR HA 334 35.39 -28.50 -52.55
N GLY HA 335 35.58 -27.20 -52.40
CA GLY HA 335 36.89 -26.64 -52.60
C GLY HA 335 37.18 -26.46 -54.08
N ASP HA 336 38.01 -27.33 -54.65
CA ASP HA 336 38.31 -27.28 -56.07
C ASP HA 336 37.97 -28.59 -56.78
N GLY HA 337 37.17 -29.44 -56.15
CA GLY HA 337 36.65 -30.61 -56.83
C GLY HA 337 37.69 -31.70 -57.04
N HIS HA 338 37.51 -32.44 -58.13
CA HIS HA 338 38.30 -33.64 -58.43
C HIS HA 338 39.49 -33.31 -59.32
N LYS HA 339 40.06 -32.12 -59.18
CA LYS HA 339 41.17 -31.71 -60.02
C LYS HA 339 42.41 -32.52 -59.70
N GLY HA 340 43.14 -32.92 -60.75
CA GLY HA 340 44.42 -33.58 -60.57
C GLY HA 340 44.34 -34.95 -59.93
N LEU HA 341 43.78 -35.93 -60.63
CA LEU HA 341 43.68 -37.28 -60.10
C LEU HA 341 44.26 -38.34 -61.03
N TYR HA 342 44.64 -37.99 -62.25
CA TYR HA 342 45.05 -39.01 -63.20
C TYR HA 342 46.51 -39.39 -63.05
N GLU HA 343 47.36 -38.42 -62.70
CA GLU HA 343 48.73 -38.75 -62.32
C GLU HA 343 48.74 -39.88 -61.31
N ASN HA 344 47.79 -39.86 -60.39
CA ASN HA 344 47.69 -40.92 -59.38
C ASN HA 344 47.23 -42.23 -60.00
N MET HA 345 46.27 -42.16 -60.92
CA MET HA 345 45.65 -43.39 -61.43
C MET HA 345 46.46 -44.06 -62.53
N THR HA 346 47.45 -43.39 -63.12
CA THR HA 346 48.29 -44.02 -64.13
C THR HA 346 49.77 -44.04 -63.78
N THR HA 347 50.32 -42.97 -63.21
CA THR HA 347 51.74 -43.00 -62.88
C THR HA 347 52.05 -44.05 -61.84
N SER HA 348 51.16 -44.24 -60.87
CA SER HA 348 51.32 -45.24 -59.82
C SER HA 348 50.43 -46.44 -60.09
N TRP HA 349 50.82 -47.58 -59.54
CA TRP HA 349 50.14 -48.85 -59.78
C TRP HA 349 49.37 -49.34 -58.56
N HIS HA 350 49.97 -49.21 -57.37
CA HIS HA 350 49.33 -49.69 -56.14
C HIS HA 350 47.96 -49.06 -55.95
N ALA HA 351 47.77 -47.84 -56.44
CA ALA HA 351 46.45 -47.22 -56.34
C ALA HA 351 45.40 -48.08 -57.01
N GLN HA 352 45.54 -48.23 -58.34
CA GLN HA 352 44.65 -49.09 -59.12
C GLN HA 352 44.47 -50.44 -58.45
N LEU HA 353 45.58 -51.04 -58.04
CA LEU HA 353 45.51 -52.34 -57.36
C LEU HA 353 44.52 -52.29 -56.21
N GLY HA 354 44.71 -51.33 -55.29
CA GLY HA 354 43.88 -51.29 -54.11
C GLY HA 354 42.41 -51.07 -54.43
N THR HA 355 42.13 -50.13 -55.34
CA THR HA 355 40.72 -49.81 -55.60
C THR HA 355 40.03 -50.99 -56.26
N ASN HA 356 40.67 -51.60 -57.26
CA ASN HA 356 40.07 -52.73 -57.93
C ASN HA 356 39.90 -53.91 -56.97
N LEU HA 357 40.84 -54.09 -56.05
CA LEU HA 357 40.69 -55.16 -55.06
C LEU HA 357 39.48 -54.92 -54.17
N ALA HA 358 39.33 -53.70 -53.66
CA ALA HA 358 38.17 -53.39 -52.83
C ALA HA 358 36.88 -53.66 -53.58
N MET HA 359 36.80 -53.18 -54.82
CA MET HA 359 35.59 -53.35 -55.59
C MET HA 359 35.30 -54.83 -55.85
N LEU HA 360 36.32 -55.58 -56.25
CA LEU HA 360 36.12 -57.01 -56.45
C LEU HA 360 35.66 -57.70 -55.18
N GLY HA 361 36.27 -57.35 -54.04
CA GLY HA 361 35.85 -57.99 -52.81
C GLY HA 361 34.38 -57.77 -52.53
N SER HA 362 33.96 -56.51 -52.57
CA SER HA 362 32.56 -56.19 -52.35
C SER HA 362 31.67 -56.95 -53.34
N LEU HA 363 32.04 -56.93 -54.61
CA LEU HA 363 31.26 -57.61 -55.65
C LEU HA 363 31.13 -59.08 -55.33
N THR HA 364 32.23 -59.72 -54.93
CA THR HA 364 32.21 -61.14 -54.61
C THR HA 364 31.28 -61.42 -53.44
N ILE HA 365 31.30 -60.57 -52.41
CA ILE HA 365 30.47 -60.94 -51.28
C ILE HA 365 29.01 -60.72 -51.60
N ILE HA 366 28.69 -59.73 -52.45
CA ILE HA 366 27.29 -59.62 -52.84
C ILE HA 366 26.90 -60.81 -53.71
N VAL HA 367 27.82 -61.32 -54.53
CA VAL HA 367 27.55 -62.56 -55.26
C VAL HA 367 27.19 -63.67 -54.30
N ALA HA 368 28.00 -63.84 -53.25
CA ALA HA 368 27.68 -64.82 -52.23
C ALA HA 368 26.30 -64.56 -51.64
N HIS HA 369 26.04 -63.34 -51.24
CA HIS HA 369 24.78 -62.92 -50.63
C HIS HA 369 23.65 -62.93 -51.60
N HIS HA 370 23.92 -63.37 -52.81
CA HIS HA 370 22.98 -63.29 -53.91
C HIS HA 370 22.43 -64.64 -54.36
N MET HA 371 23.29 -65.62 -54.63
CA MET HA 371 22.90 -66.82 -55.37
C MET HA 371 22.37 -67.93 -54.47
N TYR HA 372 21.81 -67.60 -53.32
CA TYR HA 372 21.04 -68.55 -52.55
C TYR HA 372 19.55 -68.26 -52.58
N ALA HA 373 19.13 -67.20 -53.28
CA ALA HA 373 17.73 -66.92 -53.51
C ALA HA 373 17.33 -67.01 -54.98
N MET HA 374 18.28 -67.01 -55.90
CA MET HA 374 18.02 -67.15 -57.32
C MET HA 374 19.03 -68.15 -57.90
N PRO HA 375 18.79 -69.44 -57.71
CA PRO HA 375 19.73 -70.44 -58.21
C PRO HA 375 19.75 -70.46 -59.73
N PRO HA 376 20.89 -70.14 -60.34
CA PRO HA 376 20.97 -70.05 -61.81
C PRO HA 376 21.37 -71.33 -62.53
N TYR HA 377 21.44 -72.46 -61.86
CA TYR HA 377 21.82 -73.73 -62.47
C TYR HA 377 20.76 -74.77 -62.16
N PRO HA 378 20.73 -75.87 -62.93
CA PRO HA 378 19.77 -76.94 -62.61
C PRO HA 378 20.17 -77.69 -61.34
N TYR HA 379 19.15 -78.05 -60.56
CA TYR HA 379 19.32 -78.81 -59.32
C TYR HA 379 20.28 -78.09 -58.37
N LEU HA 380 19.84 -76.91 -57.90
CA LEU HA 380 20.62 -76.16 -56.92
C LEU HA 380 19.93 -76.08 -55.56
N ALA HA 381 18.71 -75.57 -55.50
CA ALA HA 381 18.00 -75.52 -54.23
C ALA HA 381 17.63 -76.91 -53.75
N THR HA 382 17.46 -77.85 -54.68
CA THR HA 382 17.22 -79.24 -54.33
C THR HA 382 18.47 -79.96 -53.87
N ASP HA 383 19.64 -79.37 -54.08
CA ASP HA 383 20.91 -79.96 -53.66
C ASP HA 383 21.44 -79.12 -52.50
N TYR HA 384 21.27 -79.64 -51.29
CA TYR HA 384 21.53 -78.89 -50.05
C TYR HA 384 22.94 -79.10 -49.52
N ALA HA 385 23.90 -79.36 -50.40
CA ALA HA 385 25.29 -79.52 -49.99
C ALA HA 385 26.22 -78.51 -50.64
N THR HA 386 26.11 -78.30 -51.94
CA THR HA 386 26.99 -77.38 -52.64
C THR HA 386 26.69 -75.93 -52.30
N ALA HA 387 25.46 -75.63 -51.88
CA ALA HA 387 25.01 -74.25 -51.71
C ALA HA 387 25.90 -73.49 -50.74
N LEU HA 388 25.90 -73.91 -49.47
CA LEU HA 388 26.63 -73.16 -48.47
C LEU HA 388 28.13 -73.29 -48.65
N SER HA 389 28.60 -74.39 -49.22
CA SER HA 389 30.03 -74.48 -49.54
C SER HA 389 30.44 -73.34 -50.47
N ILE HA 390 29.74 -73.20 -51.60
CA ILE HA 390 30.02 -72.11 -52.53
C ILE HA 390 29.87 -70.76 -51.83
N PHE HA 391 28.76 -70.61 -51.10
CA PHE HA 391 28.47 -69.36 -50.41
C PHE HA 391 29.61 -68.93 -49.51
N THR HA 392 29.96 -69.78 -48.54
CA THR HA 392 30.99 -69.44 -47.57
C THR HA 392 32.34 -69.26 -48.23
N HIS HA 393 32.67 -70.12 -49.21
CA HIS HA 393 33.93 -69.95 -49.92
C HIS HA 393 34.06 -68.53 -50.48
N HIS HA 394 33.10 -68.15 -51.33
CA HIS HA 394 33.16 -66.83 -51.95
C HIS HA 394 33.14 -65.73 -50.91
N MET HA 395 32.29 -65.87 -49.89
CA MET HA 395 32.19 -64.84 -48.86
C MET HA 395 33.52 -64.63 -48.16
N TRP HA 396 34.21 -65.71 -47.83
CA TRP HA 396 35.51 -65.59 -47.19
C TRP HA 396 36.50 -64.89 -48.11
N ILE HA 397 36.55 -65.30 -49.38
CA ILE HA 397 37.50 -64.67 -50.30
C ILE HA 397 37.24 -63.17 -50.37
N GLY HA 398 35.98 -62.77 -50.37
CA GLY HA 398 35.63 -61.37 -50.49
C GLY HA 398 36.31 -60.48 -49.48
N GLY HA 399 36.00 -60.67 -48.20
CA GLY HA 399 36.70 -59.96 -47.16
C GLY HA 399 38.21 -60.17 -47.24
N PHE HA 400 38.62 -61.44 -47.25
CA PHE HA 400 40.04 -61.79 -47.22
C PHE HA 400 40.84 -61.02 -48.25
N LEU HA 401 40.20 -60.50 -49.30
CA LEU HA 401 40.91 -59.68 -50.27
C LEU HA 401 40.56 -58.19 -50.22
N ILE HA 402 39.40 -57.80 -49.67
CA ILE HA 402 39.14 -56.36 -49.58
C ILE HA 402 40.06 -55.75 -48.54
N VAL HA 403 40.37 -56.49 -47.48
CA VAL HA 403 41.39 -55.97 -46.55
C VAL HA 403 42.70 -55.74 -47.29
N GLY HA 404 43.05 -56.62 -48.22
CA GLY HA 404 44.26 -56.41 -49.00
C GLY HA 404 44.15 -55.18 -49.89
N GLY HA 405 42.96 -54.93 -50.43
CA GLY HA 405 42.76 -53.69 -51.17
C GLY HA 405 43.06 -52.47 -50.31
N ALA HA 406 42.56 -52.47 -49.08
CA ALA HA 406 42.83 -51.35 -48.18
C ALA HA 406 44.32 -51.26 -47.86
N ALA HA 407 44.97 -52.41 -47.69
CA ALA HA 407 46.41 -52.42 -47.44
C ALA HA 407 47.17 -51.79 -48.58
N HIS HA 408 46.79 -52.10 -49.81
CA HIS HA 408 47.48 -51.50 -50.94
C HIS HA 408 47.14 -50.03 -51.08
N ALA HA 409 45.97 -49.62 -50.65
CA ALA HA 409 45.70 -48.18 -50.55
C ALA HA 409 46.71 -47.52 -49.64
N THR HA 410 46.92 -48.10 -48.45
CA THR HA 410 47.90 -47.54 -47.52
C THR HA 410 49.30 -47.55 -48.12
N ILE HA 411 49.65 -48.62 -48.84
CA ILE HA 411 50.99 -48.68 -49.40
C ILE HA 411 51.15 -47.64 -50.50
N PHE HA 412 50.07 -47.30 -51.19
CA PHE HA 412 50.13 -46.17 -52.10
C PHE HA 412 50.41 -44.89 -51.34
N MET HA 413 49.67 -44.68 -50.25
CA MET HA 413 49.86 -43.48 -49.44
C MET HA 413 51.31 -43.32 -49.02
N VAL HA 414 51.98 -44.42 -48.68
CA VAL HA 414 53.36 -44.30 -48.23
C VAL HA 414 54.33 -44.24 -49.41
N ARG HA 415 53.98 -44.87 -50.53
CA ARG HA 415 54.89 -44.94 -51.67
C ARG HA 415 54.68 -43.82 -52.67
N ASP HA 416 53.42 -43.43 -52.92
CA ASP HA 416 53.11 -42.52 -54.01
C ASP HA 416 52.17 -41.43 -53.53
N TYR HA 417 52.56 -40.18 -53.76
CA TYR HA 417 51.78 -39.00 -53.39
C TYR HA 417 52.48 -37.81 -54.03
N ASP HA 418 51.95 -36.62 -53.76
CA ASP HA 418 52.65 -35.43 -54.20
C ASP HA 418 52.14 -34.20 -53.45
N PRO HA 419 53.04 -33.40 -52.87
CA PRO HA 419 52.61 -32.15 -52.25
C PRO HA 419 52.21 -31.09 -53.27
N ALA HA 420 52.59 -31.25 -54.54
CA ALA HA 420 52.35 -30.21 -55.53
C ALA HA 420 51.00 -30.37 -56.25
N VAL HA 421 50.69 -31.58 -56.71
CA VAL HA 421 49.52 -31.79 -57.53
C VAL HA 421 48.29 -32.06 -56.66
N ASN HA 422 48.44 -31.84 -55.36
CA ASN HA 422 47.40 -32.19 -54.39
C ASN HA 422 47.06 -31.00 -53.51
N GLN HA 423 46.80 -29.85 -54.13
CA GLN HA 423 46.45 -28.63 -53.41
C GLN HA 423 44.93 -28.55 -53.26
N ASN HA 424 44.46 -28.68 -52.02
CA ASN HA 424 43.08 -28.40 -51.65
C ASN HA 424 42.08 -29.35 -52.31
N ASN HA 425 42.57 -30.35 -53.04
CA ASN HA 425 41.67 -31.28 -53.70
C ASN HA 425 40.82 -32.03 -52.69
N VAL HA 426 39.74 -32.65 -53.19
CA VAL HA 426 38.87 -33.43 -52.32
C VAL HA 426 39.66 -34.48 -51.57
N LEU HA 427 40.81 -34.89 -52.10
CA LEU HA 427 41.72 -35.75 -51.36
C LEU HA 427 42.28 -35.01 -50.15
N ASP HA 428 42.98 -33.91 -50.40
CA ASP HA 428 43.66 -33.19 -49.33
C ASP HA 428 42.70 -32.66 -48.28
N ARG HA 429 41.44 -32.45 -48.62
CA ARG HA 429 40.53 -31.80 -47.70
C ARG HA 429 40.16 -32.66 -46.51
N VAL HA 430 40.39 -33.97 -46.58
CA VAL HA 430 40.13 -34.81 -45.41
C VAL HA 430 41.38 -34.96 -44.55
N ILE HA 431 42.56 -35.07 -45.17
CA ILE HA 431 43.80 -35.25 -44.44
C ILE HA 431 44.11 -34.03 -43.58
N ARG HA 432 43.35 -32.96 -43.77
CA ARG HA 432 43.51 -31.77 -42.94
C ARG HA 432 42.58 -31.75 -41.74
N HIS HA 433 41.46 -32.47 -41.77
CA HIS HA 433 40.54 -32.50 -40.63
C HIS HA 433 40.26 -33.93 -40.20
N ARG HA 434 41.30 -34.77 -40.20
CA ARG HA 434 41.13 -36.18 -39.89
C ARG HA 434 40.66 -36.41 -38.46
N ASP HA 435 41.09 -35.55 -37.52
CA ASP HA 435 40.82 -35.81 -36.11
C ASP HA 435 39.33 -35.80 -35.81
N ALA HA 436 38.60 -34.83 -36.36
CA ALA HA 436 37.15 -34.79 -36.15
C ALA HA 436 36.49 -36.05 -36.70
N ILE HA 437 36.84 -36.42 -37.93
CA ILE HA 437 36.29 -37.61 -38.56
C ILE HA 437 36.47 -38.82 -37.64
N ILE HA 438 37.72 -39.09 -37.24
CA ILE HA 438 37.99 -40.31 -36.51
C ILE HA 438 37.42 -40.24 -35.10
N SER HA 439 37.36 -39.05 -34.50
CA SER HA 439 36.77 -38.94 -33.18
C SER HA 439 35.29 -39.27 -33.21
N HIS HA 440 34.56 -38.66 -34.14
CA HIS HA 440 33.15 -39.00 -34.29
C HIS HA 440 32.97 -40.47 -34.61
N LEU HA 441 33.92 -41.04 -35.38
CA LEU HA 441 33.86 -42.45 -35.70
C LEU HA 441 33.94 -43.30 -34.44
N ASN HA 442 34.98 -43.08 -33.63
CA ASN HA 442 35.12 -43.75 -32.34
C ASN HA 442 33.85 -43.62 -31.52
N TRP HA 443 33.27 -42.42 -31.52
CA TRP HA 443 32.01 -42.18 -30.83
C TRP HA 443 30.94 -43.17 -31.30
N VAL HA 444 30.74 -43.24 -32.61
CA VAL HA 444 29.72 -44.13 -33.17
C VAL HA 444 29.99 -45.57 -32.77
N CYS HA 445 31.24 -45.99 -32.89
CA CYS HA 445 31.58 -47.39 -32.61
C CYS HA 445 31.26 -47.74 -31.17
N MET HA 446 31.71 -46.92 -30.23
CA MET HA 446 31.39 -47.15 -28.82
C MET HA 446 29.88 -47.25 -28.63
N PHE HA 447 29.15 -46.28 -29.16
CA PHE HA 447 27.70 -46.25 -29.02
C PHE HA 447 27.09 -47.56 -29.45
N LEU HA 448 27.27 -47.90 -30.73
CA LEU HA 448 26.66 -49.12 -31.26
C LEU HA 448 27.11 -50.34 -30.48
N GLY HA 449 28.41 -50.42 -30.17
CA GLY HA 449 28.98 -51.57 -29.53
C GLY HA 449 28.25 -51.92 -28.26
N PHE HA 450 28.24 -51.02 -27.28
CA PHE HA 450 27.58 -51.43 -26.05
C PHE HA 450 26.06 -51.38 -26.19
N HIS HA 451 25.52 -50.41 -26.93
CA HIS HA 451 24.09 -50.34 -27.18
C HIS HA 451 23.54 -51.68 -27.64
N SER HA 452 24.35 -52.46 -28.34
CA SER HA 452 23.93 -53.79 -28.76
C SER HA 452 24.33 -54.88 -27.76
N PHE HA 453 25.63 -55.01 -27.49
CA PHE HA 453 26.10 -56.14 -26.71
C PHE HA 453 25.68 -56.07 -25.25
N GLY HA 454 25.77 -54.90 -24.63
CA GLY HA 454 25.33 -54.79 -23.26
C GLY HA 454 23.84 -55.02 -23.12
N LEU HA 455 23.07 -54.59 -24.11
CA LEU HA 455 21.66 -54.96 -24.16
C LEU HA 455 21.50 -56.47 -24.18
N TYR HA 456 22.31 -57.14 -25.00
CA TYR HA 456 22.25 -58.59 -25.09
C TYR HA 456 22.51 -59.23 -23.74
N ILE HA 457 23.59 -58.84 -23.09
CA ILE HA 457 23.94 -59.45 -21.80
C ILE HA 457 22.96 -59.02 -20.71
N HIS HA 458 22.31 -57.87 -20.87
CA HIS HA 458 21.24 -57.49 -19.97
C HIS HA 458 20.11 -58.51 -20.04
N ASN HA 459 19.66 -58.82 -21.25
CA ASN HA 459 18.63 -59.84 -21.40
C ASN HA 459 19.12 -61.20 -20.91
N ASP HA 460 20.40 -61.49 -21.11
CA ASP HA 460 21.00 -62.70 -20.57
C ASP HA 460 20.79 -62.78 -19.06
N THR HA 461 21.21 -61.73 -18.35
CA THR HA 461 21.05 -61.68 -16.90
C THR HA 461 19.59 -61.83 -16.51
N MET HA 462 18.70 -61.11 -17.19
CA MET HA 462 17.28 -61.19 -16.85
C MET HA 462 16.76 -62.62 -16.94
N GLN HA 463 17.11 -63.34 -18.01
CA GLN HA 463 16.68 -64.72 -18.13
C GLN HA 463 17.27 -65.58 -17.02
N ALA HA 464 18.53 -65.33 -16.67
CA ALA HA 464 19.13 -66.07 -15.57
C ALA HA 464 18.64 -65.60 -14.20
N LEU HA 465 17.80 -64.57 -14.16
CA LEU HA 465 17.40 -63.94 -12.90
C LEU HA 465 15.91 -64.10 -12.61
N GLY HA 466 15.25 -65.07 -13.23
CA GLY HA 466 13.83 -65.26 -12.96
C GLY HA 466 12.99 -64.03 -13.18
N ARG HA 467 13.39 -63.18 -14.13
CA ARG HA 467 12.63 -61.99 -14.49
C ARG HA 467 12.25 -62.04 -15.96
N PRO HA 468 11.66 -63.13 -16.44
CA PRO HA 468 11.55 -63.34 -17.89
C PRO HA 468 10.77 -62.26 -18.61
N GLN HA 469 9.91 -61.51 -17.92
CA GLN HA 469 9.16 -60.44 -18.58
C GLN HA 469 10.06 -59.32 -19.08
N ASP HA 470 11.32 -59.29 -18.64
CA ASP HA 470 12.27 -58.28 -19.09
C ASP HA 470 13.08 -58.74 -20.30
N MET HA 471 12.65 -59.81 -20.95
CA MET HA 471 13.27 -60.28 -22.18
C MET HA 471 12.89 -59.29 -23.29
N PHE HA 472 13.33 -59.53 -24.52
CA PHE HA 472 13.15 -58.56 -25.59
C PHE HA 472 12.52 -59.11 -26.86
N SER HA 473 12.09 -60.37 -26.89
CA SER HA 473 11.47 -60.92 -28.10
C SER HA 473 10.01 -60.48 -28.18
N ASP HA 474 9.26 -61.11 -29.09
CA ASP HA 474 7.84 -60.77 -29.23
C ASP HA 474 7.07 -61.03 -27.95
N THR HA 475 7.36 -62.14 -27.28
CA THR HA 475 6.66 -62.47 -26.04
C THR HA 475 7.07 -61.59 -24.87
N ALA HA 476 7.84 -60.53 -25.11
CA ALA HA 476 8.31 -59.65 -24.05
C ALA HA 476 8.48 -58.26 -24.66
N ILE HA 477 9.27 -57.41 -23.99
CA ILE HA 477 9.53 -56.04 -24.42
C ILE HA 477 9.78 -56.00 -25.93
N GLN HA 478 9.18 -55.04 -26.60
CA GLN HA 478 9.01 -55.09 -28.05
C GLN HA 478 10.03 -54.23 -28.78
N LEU HA 479 10.35 -54.67 -29.99
CA LEU HA 479 11.06 -53.89 -31.00
C LEU HA 479 10.94 -54.62 -32.33
N GLN HA 480 10.55 -53.91 -33.39
CA GLN HA 480 10.26 -54.59 -34.64
C GLN HA 480 10.82 -53.82 -35.82
N PRO HA 481 11.68 -54.43 -36.62
CA PRO HA 481 12.27 -53.72 -37.76
C PRO HA 481 11.27 -53.51 -38.90
N VAL HA 482 10.46 -52.46 -38.77
CA VAL HA 482 9.38 -52.24 -39.72
C VAL HA 482 9.89 -51.92 -41.11
N PHE HA 483 11.11 -51.38 -41.23
CA PHE HA 483 11.59 -50.94 -42.53
C PHE HA 483 11.80 -52.10 -43.48
N ALA HA 484 12.47 -53.15 -43.00
CA ALA HA 484 12.68 -54.33 -43.83
C ALA HA 484 11.36 -54.96 -44.23
N GLN HA 485 10.42 -55.05 -43.28
CA GLN HA 485 9.11 -55.62 -43.57
C GLN HA 485 8.41 -54.85 -44.67
N PHE HA 486 8.44 -53.51 -44.60
CA PHE HA 486 7.71 -52.72 -45.58
C PHE HA 486 8.39 -52.78 -46.95
N VAL HA 487 9.73 -52.82 -46.99
CA VAL HA 487 10.39 -52.93 -48.27
C VAL HA 487 10.12 -54.29 -48.90
N GLN HA 488 10.18 -55.36 -48.11
CA GLN HA 488 9.82 -56.68 -48.62
C GLN HA 488 8.39 -56.69 -49.14
N ASN HA 489 7.47 -56.07 -48.40
CA ASN HA 489 6.08 -55.99 -48.83
C ASN HA 489 5.97 -55.30 -50.18
N ILE HA 490 6.46 -54.07 -50.29
CA ILE HA 490 6.38 -53.36 -51.55
C ILE HA 490 7.10 -54.10 -52.66
N HIS HA 491 7.97 -55.05 -52.29
CA HIS HA 491 8.52 -55.96 -53.29
C HIS HA 491 7.58 -57.12 -53.62
N THR HA 492 6.68 -57.49 -52.71
CA THR HA 492 5.87 -58.69 -52.91
C THR HA 492 4.95 -58.55 -54.12
N LEU HA 493 4.17 -57.47 -54.18
CA LEU HA 493 3.18 -57.27 -55.23
C LEU HA 493 3.73 -56.50 -56.42
N ALA HA 494 5.03 -56.65 -56.71
CA ALA HA 494 5.65 -55.86 -57.77
C ALA HA 494 5.05 -56.10 -59.15
N PRO HA 495 4.87 -57.34 -59.63
CA PRO HA 495 4.46 -57.51 -61.03
C PRO HA 495 3.08 -56.94 -61.30
N GLY HA 496 2.75 -56.86 -62.59
CA GLY HA 496 1.50 -56.29 -63.01
C GLY HA 496 1.58 -54.79 -63.25
N SER HA 497 1.95 -54.03 -62.22
CA SER HA 497 2.03 -52.57 -62.32
C SER HA 497 3.46 -52.09 -62.51
N THR HA 498 4.35 -52.37 -61.56
CA THR HA 498 5.76 -52.06 -61.77
C THR HA 498 6.37 -52.98 -62.82
N ALA HA 499 5.95 -54.24 -62.84
CA ALA HA 499 6.44 -55.22 -63.81
C ALA HA 499 5.25 -55.81 -64.56
N PRO HA 500 4.66 -55.04 -65.48
CA PRO HA 500 3.55 -55.59 -66.29
C PRO HA 500 3.95 -56.80 -67.11
N ASN HA 501 4.96 -56.67 -67.96
CA ASN HA 501 5.46 -57.80 -68.73
C ASN HA 501 6.35 -58.66 -67.85
N ALA HA 502 5.80 -59.15 -66.74
CA ALA HA 502 6.52 -60.04 -65.84
C ALA HA 502 5.48 -60.89 -65.13
N LEU HA 503 5.85 -62.14 -64.87
CA LEU HA 503 4.88 -63.17 -64.51
C LEU HA 503 4.86 -63.46 -63.01
N GLU HA 504 6.02 -63.72 -62.42
CA GLU HA 504 6.15 -64.04 -61.01
C GLU HA 504 7.12 -63.06 -60.36
N PRO HA 505 7.08 -62.91 -59.04
CA PRO HA 505 8.08 -62.08 -58.35
C PRO HA 505 9.49 -62.55 -58.65
N VAL HA 506 10.45 -61.67 -58.35
CA VAL HA 506 11.84 -61.96 -58.66
C VAL HA 506 12.34 -63.12 -57.81
N SER HA 507 11.92 -63.21 -56.55
CA SER HA 507 12.27 -64.32 -55.69
C SER HA 507 11.01 -64.74 -54.94
N TYR HA 508 11.17 -65.69 -54.03
CA TYR HA 508 10.06 -66.14 -53.20
C TYR HA 508 10.36 -66.02 -51.71
N ALA HA 509 11.50 -65.45 -51.33
CA ALA HA 509 11.75 -65.15 -49.93
C ALA HA 509 11.04 -63.86 -49.49
N PHE HA 510 10.92 -62.89 -50.41
CA PHE HA 510 10.12 -61.70 -50.14
C PHE HA 510 8.64 -62.07 -50.06
N GLY HA 511 8.10 -62.59 -51.16
CA GLY HA 511 6.69 -62.94 -51.25
C GLY HA 511 6.44 -63.87 -52.41
N GLY HA 512 5.22 -64.38 -52.46
CA GLY HA 512 4.81 -65.39 -53.40
C GLY HA 512 4.46 -66.68 -52.69
N GLY HA 513 4.42 -67.76 -53.47
CA GLY HA 513 4.12 -69.07 -52.91
C GLY HA 513 5.38 -69.84 -52.58
N VAL HA 514 5.25 -70.75 -51.61
CA VAL HA 514 6.37 -71.59 -51.22
C VAL HA 514 6.67 -72.57 -52.35
N VAL HA 515 7.76 -72.32 -53.06
CA VAL HA 515 8.12 -73.13 -54.22
C VAL HA 515 9.03 -74.26 -53.77
N ALA HA 516 8.77 -75.45 -54.29
CA ALA HA 516 9.44 -76.65 -53.79
C ALA HA 516 9.36 -77.75 -54.84
N VAL HA 517 9.95 -78.89 -54.50
CA VAL HA 517 9.88 -80.10 -55.33
C VAL HA 517 10.13 -81.29 -54.42
N GLY HA 518 9.28 -82.30 -54.52
CA GLY HA 518 9.42 -83.44 -53.65
C GLY HA 518 9.19 -83.05 -52.19
N GLY HA 519 9.72 -83.90 -51.31
CA GLY HA 519 9.68 -83.62 -49.88
C GLY HA 519 10.87 -82.77 -49.48
N LYS HA 520 11.19 -81.77 -50.28
CA LYS HA 520 12.45 -81.05 -50.20
C LYS HA 520 12.22 -79.62 -50.61
N ILE HA 521 12.55 -78.67 -49.72
CA ILE HA 521 12.21 -77.28 -49.95
C ILE HA 521 13.17 -76.67 -50.96
N ALA HA 522 12.63 -75.79 -51.80
CA ALA HA 522 13.42 -74.98 -52.72
C ALA HA 522 13.53 -73.53 -52.28
N MET HA 523 12.40 -72.89 -51.95
CA MET HA 523 12.43 -71.53 -51.42
C MET HA 523 11.07 -71.20 -50.82
N MET HA 524 11.10 -70.68 -49.59
CA MET HA 524 9.92 -70.16 -48.91
C MET HA 524 10.20 -68.74 -48.44
N PRO HA 525 9.16 -67.95 -48.22
CA PRO HA 525 9.38 -66.60 -47.67
C PRO HA 525 10.06 -66.64 -46.32
N ILE HA 526 10.96 -65.69 -46.08
CA ILE HA 526 11.75 -65.64 -44.86
C ILE HA 526 11.12 -64.63 -43.90
N ALA HA 527 11.10 -64.96 -42.62
CA ALA HA 527 10.44 -64.15 -41.60
C ALA HA 527 11.47 -63.38 -40.79
N LEU HA 528 11.22 -62.08 -40.62
CA LEU HA 528 12.08 -61.20 -39.83
C LEU HA 528 11.30 -60.74 -38.61
N GLY HA 529 11.63 -61.29 -37.44
CA GLY HA 529 10.95 -60.94 -36.22
C GLY HA 529 11.71 -59.95 -35.36
N THR HA 530 12.07 -60.35 -34.14
CA THR HA 530 12.83 -59.52 -33.22
C THR HA 530 14.33 -59.79 -33.26
N ALA HA 531 14.74 -61.06 -33.31
CA ALA HA 531 16.16 -61.42 -33.25
C ALA HA 531 16.97 -60.80 -34.38
N ASP HA 532 16.32 -60.42 -35.49
CA ASP HA 532 17.05 -59.82 -36.60
C ASP HA 532 17.74 -58.53 -36.22
N PHE HA 533 17.12 -57.77 -35.29
CA PHE HA 533 17.53 -56.42 -34.95
C PHE HA 533 18.98 -56.37 -34.47
N MET HA 534 19.24 -56.98 -33.31
CA MET HA 534 20.58 -56.90 -32.75
C MET HA 534 21.60 -57.60 -33.62
N ILE HA 535 21.20 -58.63 -34.37
CA ILE HA 535 22.16 -59.31 -35.24
C ILE HA 535 22.66 -58.35 -36.32
N HIS HA 536 21.74 -57.74 -37.06
CA HIS HA 536 22.15 -56.76 -38.06
C HIS HA 536 22.91 -55.61 -37.42
N HIS HA 537 22.52 -55.22 -36.21
CA HIS HA 537 23.17 -54.07 -35.59
C HIS HA 537 24.59 -54.39 -35.16
N ILE HA 538 24.86 -55.62 -34.72
CA ILE HA 538 26.24 -55.96 -34.39
C ILE HA 538 27.05 -56.20 -35.64
N HIS HA 539 26.41 -56.66 -36.72
CA HIS HA 539 27.08 -56.65 -38.02
C HIS HA 539 27.62 -55.27 -38.33
N ALA HA 540 26.72 -54.29 -38.30
CA ALA HA 540 27.11 -52.90 -38.55
C ALA HA 540 28.18 -52.46 -37.55
N PHE HA 541 28.05 -52.88 -36.30
CA PHE HA 541 29.03 -52.53 -35.28
C PHE HA 541 30.43 -52.95 -35.69
N GLN HA 542 30.61 -54.24 -35.97
CA GLN HA 542 31.94 -54.73 -36.30
C GLN HA 542 32.45 -54.11 -37.60
N ILE HA 543 31.58 -53.91 -38.58
CA ILE HA 543 32.03 -53.24 -39.79
C ILE HA 543 32.54 -51.85 -39.47
N HIS HA 544 31.85 -51.15 -38.56
CA HIS HA 544 32.29 -49.81 -38.17
C HIS HA 544 33.68 -49.85 -37.56
N VAL HA 545 33.90 -50.78 -36.62
CA VAL HA 545 35.21 -50.78 -35.96
C VAL HA 545 36.30 -51.20 -36.95
N THR HA 546 35.98 -52.11 -37.86
CA THR HA 546 36.95 -52.49 -38.89
C THR HA 546 37.37 -51.27 -39.70
N VAL HA 547 36.38 -50.56 -40.25
CA VAL HA 547 36.69 -49.32 -40.95
C VAL HA 547 37.49 -48.39 -40.07
N LEU HA 548 37.17 -48.35 -38.78
CA LEU HA 548 37.90 -47.49 -37.87
C LEU HA 548 39.38 -47.80 -37.89
N ILE HA 549 39.73 -49.06 -37.66
CA ILE HA 549 41.14 -49.44 -37.61
C ILE HA 549 41.81 -49.13 -38.95
N LEU HA 550 41.19 -49.57 -40.04
CA LEU HA 550 41.85 -49.46 -41.34
C LEU HA 550 42.03 -48.00 -41.74
N LEU HA 551 40.94 -47.22 -41.69
CA LEU HA 551 41.03 -45.80 -42.02
C LEU HA 551 41.97 -45.07 -41.07
N LYS HA 552 42.03 -45.49 -39.81
CA LYS HA 552 42.96 -44.86 -38.88
C LYS HA 552 44.39 -45.04 -39.34
N GLY HA 553 44.76 -46.27 -39.68
CA GLY HA 553 46.07 -46.50 -40.27
C GLY HA 553 46.25 -45.72 -41.55
N PHE HA 554 45.19 -45.56 -42.32
CA PHE HA 554 45.24 -44.84 -43.59
C PHE HA 554 45.65 -43.39 -43.37
N LEU HA 555 44.84 -42.65 -42.60
CA LEU HA 555 45.12 -41.23 -42.37
C LEU HA 555 46.41 -41.05 -41.60
N PHE HA 556 46.53 -41.67 -40.43
CA PHE HA 556 47.74 -41.56 -39.64
C PHE HA 556 48.81 -42.48 -40.19
N ALA HA 557 49.12 -42.35 -41.47
CA ALA HA 557 50.14 -43.18 -42.09
C ALA HA 557 51.48 -42.46 -42.19
N ARG HA 558 51.46 -41.23 -42.66
CA ARG HA 558 52.69 -40.47 -42.86
C ARG HA 558 53.11 -39.70 -41.62
N ASN HA 559 52.16 -39.12 -40.90
CA ASN HA 559 52.47 -38.26 -39.76
C ASN HA 559 51.43 -38.47 -38.67
N SER HA 560 51.92 -38.77 -37.47
CA SER HA 560 51.09 -38.82 -36.28
C SER HA 560 51.35 -37.59 -35.43
N ARG HA 561 50.52 -37.41 -34.40
CA ARG HA 561 50.70 -36.28 -33.50
C ARG HA 561 51.99 -36.40 -32.70
N LEU HA 562 52.63 -37.56 -32.71
CA LEU HA 562 53.89 -37.77 -32.01
C LEU HA 562 55.01 -38.22 -32.92
N ILE HA 563 54.71 -38.99 -33.96
CA ILE HA 563 55.73 -39.50 -34.87
C ILE HA 563 55.62 -38.73 -36.17
N PRO HA 564 56.45 -37.70 -36.41
CA PRO HA 564 56.44 -37.00 -37.69
C PRO HA 564 57.39 -37.55 -38.74
N ASP HA 565 57.91 -38.76 -38.58
CA ASP HA 565 58.86 -39.33 -39.53
C ASP HA 565 58.36 -40.65 -40.13
N LYS HA 566 57.08 -40.99 -39.96
CA LYS HA 566 56.61 -42.30 -40.40
C LYS HA 566 56.91 -42.54 -41.87
N ALA HA 567 56.31 -41.74 -42.75
CA ALA HA 567 56.63 -41.86 -44.17
C ALA HA 567 58.09 -41.56 -44.45
N ASN HA 568 58.72 -40.75 -43.61
CA ASN HA 568 60.16 -40.50 -43.70
C ASN HA 568 60.98 -41.71 -43.29
N LEU HA 569 60.34 -42.76 -42.80
CA LEU HA 569 61.06 -43.91 -42.26
C LEU HA 569 60.57 -45.25 -42.80
N GLY HA 570 59.36 -45.33 -43.33
CA GLY HA 570 58.83 -46.55 -43.88
C GLY HA 570 57.46 -46.87 -43.30
N PHE HA 571 56.91 -47.99 -43.77
CA PHE HA 571 55.64 -48.47 -43.26
C PHE HA 571 55.73 -49.90 -42.75
N ARG HA 572 56.86 -50.58 -42.91
CA ARG HA 572 57.09 -51.90 -42.35
C ARG HA 572 58.30 -51.81 -41.45
N PHE HA 573 58.05 -51.46 -40.18
CA PHE HA 573 59.10 -51.40 -39.18
C PHE HA 573 58.46 -51.65 -37.82
N PRO HA 574 59.18 -52.29 -36.91
CA PRO HA 574 58.56 -52.73 -35.65
C PRO HA 574 58.16 -51.60 -34.72
N CYS HA 575 59.09 -50.71 -34.37
CA CYS HA 575 58.84 -49.73 -33.33
C CYS HA 575 59.86 -48.60 -33.44
N ASP HA 576 59.77 -47.66 -32.50
CA ASP HA 576 60.65 -46.51 -32.45
C ASP HA 576 61.19 -46.33 -31.02
N GLY HA 577 61.66 -47.41 -30.41
CA GLY HA 577 62.26 -47.34 -29.11
C GLY HA 577 61.27 -47.05 -28.01
N PRO HA 578 61.69 -47.21 -26.76
CA PRO HA 578 60.78 -46.96 -25.64
C PRO HA 578 60.68 -45.48 -25.31
N GLY HA 579 60.57 -44.65 -26.34
CA GLY HA 579 60.30 -43.25 -26.12
C GLY HA 579 58.82 -43.01 -25.89
N ARG HA 580 58.53 -41.96 -25.11
CA ARG HA 580 57.15 -41.59 -24.81
C ARG HA 580 56.43 -42.72 -24.08
N GLY HA 581 57.17 -43.51 -23.34
CA GLY HA 581 56.67 -44.79 -22.82
C GLY HA 581 56.97 -45.94 -23.79
N GLY HA 582 55.94 -46.41 -24.47
CA GLY HA 582 56.10 -47.40 -25.52
C GLY HA 582 55.63 -46.85 -26.85
N THR HA 583 56.16 -47.44 -27.93
CA THR HA 583 55.72 -47.06 -29.26
C THR HA 583 55.61 -48.27 -30.17
N CYS HA 584 55.78 -49.49 -29.65
CA CYS HA 584 55.69 -50.67 -30.48
C CYS HA 584 54.33 -50.76 -31.16
N GLN HA 585 54.32 -51.32 -32.37
CA GLN HA 585 53.13 -51.40 -33.21
C GLN HA 585 52.58 -50.00 -33.54
N VAL HA 586 53.39 -49.25 -34.29
CA VAL HA 586 52.99 -47.95 -34.80
C VAL HA 586 53.10 -47.86 -36.33
N SER HA 587 53.36 -48.97 -37.01
CA SER HA 587 53.33 -49.00 -38.46
C SER HA 587 51.88 -49.12 -38.93
N GLY HA 588 51.65 -49.41 -40.21
CA GLY HA 588 50.30 -49.53 -40.68
C GLY HA 588 49.81 -50.95 -40.85
N TRP HA 589 50.69 -51.83 -41.31
CA TRP HA 589 50.26 -53.21 -41.52
C TRP HA 589 49.95 -53.91 -40.19
N ASP HA 590 50.40 -53.38 -39.06
CA ASP HA 590 49.86 -53.89 -37.79
C ASP HA 590 48.43 -53.43 -37.60
N HIS HA 591 48.11 -52.22 -38.07
CA HIS HA 591 46.71 -51.81 -38.12
C HIS HA 591 45.91 -52.82 -38.92
N VAL HA 592 46.44 -53.25 -40.07
CA VAL HA 592 45.67 -54.21 -40.85
C VAL HA 592 45.69 -55.59 -40.21
N PHE HA 593 46.70 -55.90 -39.39
CA PHE HA 593 46.66 -57.11 -38.57
C PHE HA 593 45.42 -57.11 -37.70
N LEU HA 594 45.29 -56.09 -36.86
CA LEU HA 594 44.13 -55.99 -36.00
C LEU HA 594 42.84 -56.02 -36.83
N GLY HA 595 42.86 -55.34 -37.97
CA GLY HA 595 41.69 -55.34 -38.83
C GLY HA 595 41.33 -56.72 -39.34
N LEU HA 596 42.33 -57.52 -39.67
CA LEU HA 596 42.01 -58.85 -40.20
C LEU HA 596 41.50 -59.76 -39.10
N PHE HA 597 42.02 -59.61 -37.89
CA PHE HA 597 41.38 -60.27 -36.75
C PHE HA 597 39.90 -59.92 -36.70
N TRP HA 598 39.60 -58.63 -36.77
CA TRP HA 598 38.21 -58.21 -36.61
C TRP HA 598 37.33 -58.72 -37.74
N MET HA 599 37.81 -58.65 -38.98
CA MET HA 599 37.01 -59.15 -40.09
C MET HA 599 36.81 -60.65 -40.00
N PHE HA 600 37.81 -61.36 -39.45
CA PHE HA 600 37.58 -62.75 -39.12
C PHE HA 600 36.35 -62.90 -38.24
N ASN HA 601 36.31 -62.15 -37.14
CA ASN HA 601 35.11 -62.21 -36.28
C ASN HA 601 33.85 -61.96 -37.09
N THR HA 602 33.85 -60.87 -37.87
CA THR HA 602 32.68 -60.47 -38.63
C THR HA 602 32.16 -61.62 -39.48
N ILE HA 603 33.01 -62.10 -40.39
CA ILE HA 603 32.56 -63.11 -41.34
C ILE HA 603 32.21 -64.41 -40.63
N ALA HA 604 32.91 -64.74 -39.55
CA ALA HA 604 32.59 -65.96 -38.82
C ALA HA 604 31.17 -65.91 -38.26
N ILE HA 605 30.83 -64.83 -37.56
CA ILE HA 605 29.48 -64.79 -37.02
C ILE HA 605 28.47 -64.62 -38.13
N ALA HA 606 28.86 -64.01 -39.25
CA ALA HA 606 27.95 -63.88 -40.38
C ALA HA 606 27.57 -65.25 -40.93
N VAL HA 607 28.55 -66.12 -41.12
CA VAL HA 607 28.26 -67.44 -41.65
C VAL HA 607 27.51 -68.27 -40.62
N TYR HA 608 27.84 -68.09 -39.33
CA TYR HA 608 27.02 -68.69 -38.28
C TYR HA 608 25.55 -68.36 -38.47
N HIS HA 609 25.25 -67.07 -38.55
CA HIS HA 609 23.87 -66.59 -38.68
C HIS HA 609 23.19 -67.17 -39.92
N PHE HA 610 23.86 -67.05 -41.06
CA PHE HA 610 23.28 -67.54 -42.32
C PHE HA 610 22.97 -69.03 -42.23
N SER HA 611 23.95 -69.84 -41.84
CA SER HA 611 23.74 -71.29 -41.78
C SER HA 611 22.61 -71.62 -40.84
N TRP HA 612 22.60 -71.02 -39.64
CA TRP HA 612 21.59 -71.40 -38.66
C TRP HA 612 20.20 -71.03 -39.14
N LYS HA 613 20.02 -69.85 -39.76
CA LYS HA 613 18.68 -69.50 -40.20
C LYS HA 613 18.23 -70.37 -41.38
N MET HA 614 19.11 -70.54 -42.37
CA MET HA 614 18.71 -71.30 -43.55
C MET HA 614 18.69 -72.80 -43.30
N GLN HA 615 19.07 -73.25 -42.11
CA GLN HA 615 18.76 -74.61 -41.70
C GLN HA 615 17.66 -74.67 -40.65
N SER HA 616 17.25 -73.52 -40.10
CA SER HA 616 16.23 -73.51 -39.06
C SER HA 616 14.82 -73.25 -39.57
N ASP HA 617 14.64 -72.28 -40.47
CA ASP HA 617 13.30 -71.98 -40.96
C ASP HA 617 13.25 -71.88 -42.47
N VAL HA 618 14.24 -72.39 -43.20
CA VAL HA 618 14.16 -72.38 -44.64
C VAL HA 618 14.27 -73.79 -45.20
N TRP HA 619 14.98 -74.68 -44.51
CA TRP HA 619 15.32 -75.98 -45.06
C TRP HA 619 14.91 -77.09 -44.10
N GLY HA 620 14.64 -78.26 -44.67
CA GLY HA 620 14.15 -79.42 -43.93
C GLY HA 620 13.65 -80.49 -44.87
N THR HA 621 12.44 -80.99 -44.63
CA THR HA 621 11.75 -81.92 -45.51
C THR HA 621 10.34 -81.39 -45.77
N ILE HA 622 9.58 -82.11 -46.61
CA ILE HA 622 8.23 -81.69 -46.97
C ILE HA 622 7.31 -82.91 -47.03
N ASP HA 623 6.04 -82.68 -46.70
CA ASP HA 623 4.97 -83.66 -46.76
C ASP HA 623 4.07 -83.40 -47.97
N PRO HA 624 3.16 -84.33 -48.31
CA PRO HA 624 2.25 -84.09 -49.44
C PRO HA 624 1.44 -82.82 -49.33
N ASP HA 625 1.20 -82.30 -48.13
CA ASP HA 625 0.51 -81.03 -47.96
C ASP HA 625 1.41 -79.84 -48.18
N GLY HA 626 2.61 -80.02 -48.75
CA GLY HA 626 3.60 -78.97 -48.72
C GLY HA 626 4.12 -78.66 -47.33
N THR HA 627 3.86 -79.54 -46.36
CA THR HA 627 4.22 -79.31 -44.97
C THR HA 627 5.72 -79.30 -44.79
N ILE HA 628 6.31 -78.12 -44.64
CA ILE HA 628 7.75 -77.99 -44.46
C ILE HA 628 8.08 -78.33 -43.01
N ALA HA 629 8.69 -79.50 -42.79
CA ALA HA 629 9.21 -79.89 -41.50
C ALA HA 629 10.69 -79.53 -41.50
N HIS HA 630 11.03 -78.36 -40.97
CA HIS HA 630 12.39 -77.87 -41.04
C HIS HA 630 13.32 -78.75 -40.20
N ILE HA 631 14.63 -78.59 -40.44
CA ILE HA 631 15.62 -79.45 -39.80
C ILE HA 631 15.61 -79.25 -38.30
N THR HA 632 15.75 -78.00 -37.84
CA THR HA 632 15.94 -77.75 -36.41
C THR HA 632 14.63 -77.49 -35.69
N GLY HA 633 13.77 -76.64 -36.24
CA GLY HA 633 12.50 -76.33 -35.63
C GLY HA 633 12.30 -74.89 -35.20
N GLY HA 634 12.92 -73.92 -35.87
CA GLY HA 634 12.74 -72.53 -35.49
C GLY HA 634 13.31 -72.20 -34.13
N ASN HA 635 14.64 -72.20 -34.02
CA ASN HA 635 15.30 -72.08 -32.73
C ASN HA 635 15.65 -70.65 -32.36
N PHE HA 636 15.61 -69.72 -33.32
CA PHE HA 636 15.90 -68.32 -33.04
C PHE HA 636 14.87 -67.69 -32.13
N ALA HA 637 13.59 -67.88 -32.45
CA ALA HA 637 12.53 -67.39 -31.58
C ALA HA 637 12.58 -68.00 -30.18
N MET HA 638 13.43 -68.99 -29.97
CA MET HA 638 13.50 -69.72 -28.71
C MET HA 638 14.80 -69.48 -27.94
N SER HA 639 15.94 -69.47 -28.61
CA SER HA 639 17.23 -69.40 -27.91
C SER HA 639 18.21 -68.40 -28.47
N ALA HA 640 18.04 -67.90 -29.69
CA ALA HA 640 19.01 -66.99 -30.27
C ALA HA 640 18.81 -65.59 -29.73
N ASN HA 641 18.73 -65.48 -28.40
CA ASN HA 641 18.58 -64.21 -27.72
C ASN HA 641 19.50 -64.08 -26.52
N THR HA 642 20.00 -65.18 -25.97
CA THR HA 642 20.89 -65.19 -24.83
C THR HA 642 22.14 -65.97 -25.20
N ILE HA 643 23.24 -65.65 -24.53
CA ILE HA 643 24.55 -66.19 -24.93
C ILE HA 643 24.61 -67.69 -24.69
N ASN HA 644 24.26 -68.13 -23.47
CA ASN HA 644 24.34 -69.55 -23.16
C ASN HA 644 23.53 -70.39 -24.13
N GLY HA 645 22.40 -69.86 -24.61
CA GLY HA 645 21.65 -70.56 -25.63
C GLY HA 645 22.42 -70.66 -26.93
N TRP HA 646 23.20 -69.63 -27.26
CA TRP HA 646 23.91 -69.62 -28.54
C TRP HA 646 24.96 -70.72 -28.65
N LEU HA 647 25.62 -71.07 -27.54
CA LEU HA 647 26.54 -72.20 -27.55
C LEU HA 647 25.78 -73.52 -27.49
N ARG HA 648 24.74 -73.60 -26.68
CA ARG HA 648 23.97 -74.82 -26.56
C ARG HA 648 23.36 -75.19 -27.90
N ASP HA 649 22.42 -74.37 -28.36
CA ASP HA 649 21.58 -74.66 -29.51
C ASP HA 649 22.29 -74.46 -30.81
N TYR HA 650 23.59 -74.21 -30.89
CA TYR HA 650 24.27 -74.25 -32.18
C TYR HA 650 25.31 -75.37 -32.23
N GLN HA 651 26.30 -75.36 -31.34
CA GLN HA 651 27.37 -76.34 -31.48
C GLN HA 651 27.00 -77.70 -30.90
N TRP HA 652 25.98 -77.81 -30.05
CA TRP HA 652 25.48 -79.15 -29.74
C TRP HA 652 25.09 -79.88 -31.02
N ALA HA 653 24.35 -79.20 -31.89
CA ALA HA 653 23.99 -79.79 -33.17
C ALA HA 653 25.20 -79.85 -34.10
N GLN HA 654 26.08 -78.86 -34.04
CA GLN HA 654 27.17 -78.77 -35.02
C GLN HA 654 28.30 -79.75 -34.76
N ALA HA 655 28.26 -80.51 -33.68
CA ALA HA 655 29.35 -81.46 -33.40
C ALA HA 655 28.91 -82.83 -32.92
N ALA HA 656 27.65 -83.02 -32.53
CA ALA HA 656 27.23 -84.22 -31.82
C ALA HA 656 27.47 -85.50 -32.61
N GLN HA 657 27.79 -85.37 -33.90
CA GLN HA 657 28.14 -86.53 -34.71
C GLN HA 657 29.64 -86.62 -35.00
N VAL HA 658 30.33 -85.47 -35.13
CA VAL HA 658 31.74 -85.48 -35.47
C VAL HA 658 32.55 -86.28 -34.46
N ILE HA 659 32.09 -86.33 -33.21
CA ILE HA 659 32.71 -87.19 -32.22
C ILE HA 659 32.70 -88.64 -32.68
N GLN HA 660 31.56 -89.10 -33.21
CA GLN HA 660 31.40 -90.47 -33.65
C GLN HA 660 31.29 -90.61 -35.16
N SER HA 661 31.46 -89.52 -35.92
CA SER HA 661 31.27 -89.58 -37.37
C SER HA 661 32.32 -90.41 -38.07
N TYR HA 662 33.25 -91.01 -37.33
CA TYR HA 662 34.24 -91.93 -37.90
C TYR HA 662 33.91 -93.36 -37.47
N GLY HA 663 34.36 -94.32 -38.28
CA GLY HA 663 34.39 -95.70 -37.82
C GLY HA 663 33.70 -96.71 -38.71
N SER HA 664 33.57 -96.41 -40.00
CA SER HA 664 33.01 -97.35 -40.95
C SER HA 664 33.52 -96.99 -42.34
N ALA HA 665 32.93 -97.60 -43.35
CA ALA HA 665 33.35 -97.41 -44.74
C ALA HA 665 33.22 -95.96 -45.18
N LEU HA 666 31.99 -95.46 -45.30
CA LEU HA 666 31.83 -94.08 -45.72
C LEU HA 666 31.76 -93.15 -44.52
N SER HA 667 32.67 -93.39 -43.57
CA SER HA 667 32.84 -92.51 -42.42
C SER HA 667 34.28 -92.30 -42.03
N ALA HA 668 35.22 -93.10 -42.54
CA ALA HA 668 36.54 -93.22 -41.94
C ALA HA 668 37.35 -91.93 -41.95
N TYR HA 669 36.87 -90.88 -42.64
CA TYR HA 669 37.68 -89.67 -42.76
C TYR HA 669 37.70 -88.93 -41.43
N GLY HA 670 38.46 -89.45 -40.48
CA GLY HA 670 38.71 -88.74 -39.25
C GLY HA 670 39.22 -87.36 -39.56
N LEU HA 671 38.41 -86.35 -39.29
CA LEU HA 671 38.70 -85.01 -39.76
C LEU HA 671 39.69 -84.31 -38.85
N LEU HA 672 40.43 -83.37 -39.43
CA LEU HA 672 41.49 -82.67 -38.72
C LEU HA 672 40.95 -81.46 -37.98
N PHE HA 673 39.85 -81.66 -37.26
CA PHE HA 673 39.29 -80.67 -36.34
C PHE HA 673 39.91 -80.86 -34.97
N LEU HA 674 39.92 -82.10 -34.50
CA LEU HA 674 40.85 -82.58 -33.49
C LEU HA 674 42.27 -82.13 -33.76
N GLY HA 675 42.62 -81.96 -35.03
CA GLY HA 675 43.98 -81.59 -35.39
C GLY HA 675 44.22 -80.10 -35.43
N ALA HA 676 43.18 -79.31 -35.72
CA ALA HA 676 43.40 -77.88 -35.94
C ALA HA 676 43.61 -77.13 -34.63
N HIS HA 677 43.03 -77.61 -33.53
CA HIS HA 677 43.24 -76.97 -32.24
C HIS HA 677 44.72 -76.87 -31.92
N PHE HA 678 45.47 -77.91 -32.24
CA PHE HA 678 46.89 -77.92 -31.95
C PHE HA 678 47.60 -76.78 -32.66
N VAL HA 679 47.32 -76.62 -33.95
CA VAL HA 679 47.96 -75.54 -34.69
C VAL HA 679 47.50 -74.20 -34.14
N TRP HA 680 46.27 -74.12 -33.60
CA TRP HA 680 45.80 -72.87 -33.02
C TRP HA 680 46.60 -72.50 -31.77
N ALA HA 681 46.79 -73.43 -30.85
CA ALA HA 681 47.56 -73.11 -29.66
C ALA HA 681 49.02 -72.84 -30.00
N PHE HA 682 49.59 -73.67 -30.90
CA PHE HA 682 50.93 -73.42 -31.38
C PHE HA 682 51.04 -72.03 -31.99
N SER HA 683 49.96 -71.56 -32.60
CA SER HA 683 49.88 -70.21 -33.14
C SER HA 683 50.05 -69.23 -32.00
N LEU HA 684 49.11 -69.27 -31.06
CA LEU HA 684 49.09 -68.26 -30.00
C LEU HA 684 50.39 -68.26 -29.19
N MET HA 685 51.14 -69.35 -29.23
CA MET HA 685 52.45 -69.35 -28.59
C MET HA 685 53.35 -68.27 -29.16
N PHE HA 686 53.33 -68.10 -30.48
CA PHE HA 686 54.23 -67.13 -31.11
C PHE HA 686 53.88 -65.70 -30.75
N LEU HA 687 52.62 -65.43 -30.42
CA LEU HA 687 52.18 -64.06 -30.22
C LEU HA 687 52.69 -63.51 -28.89
N PHE HA 688 52.47 -64.24 -27.80
CA PHE HA 688 52.66 -63.69 -26.46
C PHE HA 688 54.12 -63.52 -26.08
N SER HA 689 55.05 -64.07 -26.84
CA SER HA 689 56.44 -64.14 -26.42
C SER HA 689 57.34 -63.23 -27.25
N GLY HA 690 58.39 -62.73 -26.62
CA GLY HA 690 59.41 -61.96 -27.31
C GLY HA 690 60.35 -62.85 -28.10
N ARG HA 691 61.57 -62.36 -28.27
CA ARG HA 691 62.56 -63.10 -29.05
C ARG HA 691 63.88 -63.32 -28.33
N GLY HA 692 64.32 -62.36 -27.50
CA GLY HA 692 65.60 -62.51 -26.83
C GLY HA 692 65.74 -63.81 -26.08
N TYR HA 693 64.64 -64.28 -25.49
CA TYR HA 693 64.64 -65.56 -24.82
C TYR HA 693 65.06 -66.68 -25.77
N TRP HA 694 64.42 -66.74 -26.94
CA TRP HA 694 64.77 -67.77 -27.92
C TRP HA 694 66.20 -67.60 -28.39
N GLN HA 695 66.66 -66.36 -28.55
CA GLN HA 695 68.04 -66.13 -28.96
C GLN HA 695 69.02 -66.71 -27.96
N GLU HA 696 68.75 -66.52 -26.66
CA GLU HA 696 69.67 -67.05 -25.65
C GLU HA 696 69.64 -68.57 -25.60
N LEU HA 697 68.45 -69.16 -25.69
CA LEU HA 697 68.38 -70.62 -25.77
C LEU HA 697 69.17 -71.14 -26.96
N ILE HA 698 69.05 -70.45 -28.10
CA ILE HA 698 69.80 -70.81 -29.29
C ILE HA 698 71.29 -70.78 -29.00
N GLU HA 699 71.75 -69.73 -28.31
CA GLU HA 699 73.18 -69.61 -28.03
C GLU HA 699 73.66 -70.75 -27.15
N SER HA 700 72.84 -71.19 -26.20
CA SER HA 700 73.23 -72.33 -25.36
C SER HA 700 73.36 -73.62 -26.18
N ILE HA 701 72.38 -73.90 -27.03
CA ILE HA 701 72.46 -75.08 -27.88
C ILE HA 701 73.69 -75.00 -28.78
N VAL HA 702 74.02 -73.78 -29.25
CA VAL HA 702 75.21 -73.58 -30.05
C VAL HA 702 76.47 -73.90 -29.25
N TRP HA 703 76.51 -73.49 -27.98
CA TRP HA 703 77.64 -73.85 -27.13
C TRP HA 703 77.83 -75.36 -27.10
N ALA HA 704 76.74 -76.09 -26.87
CA ALA HA 704 76.86 -77.54 -26.80
C ALA HA 704 77.38 -78.13 -28.11
N HIS HA 705 76.73 -77.74 -29.22
CA HIS HA 705 77.15 -78.26 -30.53
C HIS HA 705 78.60 -77.93 -30.83
N ASN HA 706 79.04 -76.73 -30.46
CA ASN HA 706 80.43 -76.36 -30.67
C ASN HA 706 81.35 -77.20 -29.80
N LYS HA 707 80.89 -77.58 -28.60
CA LYS HA 707 81.71 -78.47 -27.79
C LYS HA 707 81.87 -79.83 -28.45
N LEU HA 708 80.85 -80.32 -29.14
CA LEU HA 708 81.02 -81.58 -29.85
C LEU HA 708 81.39 -81.44 -31.31
N LYS HA 709 81.93 -80.29 -31.71
CA LYS HA 709 82.49 -80.10 -33.05
C LYS HA 709 81.47 -80.39 -34.15
N VAL HA 710 80.28 -79.82 -34.00
CA VAL HA 710 79.26 -79.99 -35.03
C VAL HA 710 78.63 -78.63 -35.33
N ALA HA 711 79.29 -77.56 -34.90
CA ALA HA 711 78.79 -76.20 -35.07
C ALA HA 711 78.44 -75.92 -36.53
N PRO HA 712 77.18 -75.60 -36.83
CA PRO HA 712 76.83 -75.22 -38.20
C PRO HA 712 77.47 -73.89 -38.55
N THR HA 713 78.19 -73.86 -39.68
CA THR HA 713 78.90 -72.65 -40.08
C THR HA 713 77.96 -71.46 -40.19
N ILE HA 714 76.85 -71.63 -40.91
CA ILE HA 714 75.83 -70.59 -40.99
C ILE HA 714 75.19 -70.47 -39.61
N GLN HA 715 75.43 -69.34 -38.95
CA GLN HA 715 75.05 -69.19 -37.56
C GLN HA 715 73.55 -68.93 -37.45
N PRO HA 716 72.78 -69.82 -36.81
CA PRO HA 716 71.34 -69.58 -36.68
C PRO HA 716 71.06 -68.34 -35.85
N ARG HA 717 70.00 -67.63 -36.24
CA ARG HA 717 69.54 -66.46 -35.50
C ARG HA 717 68.01 -66.53 -35.42
N ALA HA 718 67.48 -66.15 -34.26
CA ALA HA 718 66.04 -66.23 -34.03
C ALA HA 718 65.29 -65.32 -34.99
N LEU HA 719 63.98 -65.56 -35.09
CA LEU HA 719 63.15 -64.80 -36.00
C LEU HA 719 63.08 -63.34 -35.57
N SER HA 720 62.83 -62.47 -36.55
CA SER HA 720 62.56 -61.08 -36.23
C SER HA 720 61.11 -60.94 -35.77
N ILE HA 721 60.87 -59.96 -34.90
CA ILE HA 721 59.58 -59.89 -34.20
C ILE HA 721 58.44 -59.74 -35.20
N ILE HA 722 58.67 -59.02 -36.30
CA ILE HA 722 57.63 -58.93 -37.31
C ILE HA 722 57.41 -60.26 -37.99
N GLN HA 723 58.49 -60.99 -38.27
CA GLN HA 723 58.37 -62.34 -38.82
C GLN HA 723 57.58 -63.24 -37.88
N GLY HA 724 57.88 -63.18 -36.58
CA GLY HA 724 57.15 -64.01 -35.64
C GLY HA 724 55.69 -63.62 -35.54
N ARG HA 725 55.40 -62.33 -35.53
CA ARG HA 725 54.02 -61.88 -35.54
C ARG HA 725 53.28 -62.41 -36.76
N ALA HA 726 53.94 -62.36 -37.92
CA ALA HA 726 53.30 -62.82 -39.15
C ALA HA 726 53.00 -64.31 -39.08
N VAL HA 727 53.97 -65.12 -38.65
CA VAL HA 727 53.71 -66.55 -38.61
C VAL HA 727 52.65 -66.88 -37.58
N GLY HA 728 52.63 -66.14 -36.47
CA GLY HA 728 51.60 -66.36 -35.47
C GLY HA 728 50.22 -66.11 -36.01
N VAL HA 729 50.02 -64.95 -36.66
CA VAL HA 729 48.70 -64.64 -37.18
C VAL HA 729 48.30 -65.61 -38.28
N ALA HA 730 49.27 -66.00 -39.12
CA ALA HA 730 48.99 -66.97 -40.17
C ALA HA 730 48.47 -68.27 -39.58
N HIS HA 731 49.20 -68.83 -38.62
CA HIS HA 731 48.79 -70.09 -38.03
C HIS HA 731 47.45 -69.95 -37.33
N TYR HA 732 47.21 -68.81 -36.67
CA TYR HA 732 45.93 -68.56 -36.02
C TYR HA 732 44.79 -68.68 -37.01
N LEU HA 733 44.86 -67.88 -38.08
CA LEU HA 733 43.81 -67.90 -39.09
C LEU HA 733 43.63 -69.29 -39.68
N LEU HA 734 44.73 -69.96 -40.00
CA LEU HA 734 44.64 -71.29 -40.61
C LEU HA 734 43.88 -72.25 -39.70
N GLY HA 735 44.29 -72.33 -38.44
CA GLY HA 735 43.61 -73.23 -37.53
C GLY HA 735 42.14 -72.93 -37.40
N ALA HA 736 41.79 -71.65 -37.25
CA ALA HA 736 40.39 -71.30 -37.06
C ALA HA 736 39.55 -71.69 -38.28
N ILE HA 737 40.00 -71.33 -39.47
CA ILE HA 737 39.18 -71.58 -40.65
C ILE HA 737 39.11 -73.07 -40.94
N VAL HA 738 40.19 -73.81 -40.69
CA VAL HA 738 40.14 -75.26 -40.86
C VAL HA 738 39.10 -75.85 -39.93
N THR HA 739 39.14 -75.46 -38.65
CA THR HA 739 38.17 -75.91 -37.68
C THR HA 739 36.74 -75.71 -38.19
N ILE HA 740 36.43 -74.49 -38.63
CA ILE HA 740 35.04 -74.18 -38.94
C ILE HA 740 34.58 -74.91 -40.20
N TRP HA 741 35.45 -75.02 -41.21
CA TRP HA 741 35.00 -75.71 -42.41
C TRP HA 741 34.80 -77.19 -42.13
N ALA HA 742 35.67 -77.77 -41.30
CA ALA HA 742 35.42 -79.14 -40.86
C ALA HA 742 34.04 -79.25 -40.20
N PHE HA 743 33.74 -78.32 -39.30
CA PHE HA 743 32.44 -78.30 -38.63
C PHE HA 743 31.28 -78.44 -39.61
N PHE HA 744 31.11 -77.46 -40.48
CA PHE HA 744 29.87 -77.49 -41.24
C PHE HA 744 29.92 -78.47 -42.41
N GLU HA 745 31.12 -78.85 -42.87
CA GLU HA 745 31.19 -79.93 -43.86
C GLU HA 745 30.59 -81.21 -43.30
N ALA HA 746 31.09 -81.66 -42.14
CA ALA HA 746 30.51 -82.85 -41.53
C ALA HA 746 29.04 -82.65 -41.19
N ARG HA 747 28.66 -81.41 -40.81
CA ARG HA 747 27.27 -81.16 -40.47
C ARG HA 747 26.35 -81.34 -41.67
N ILE HA 748 26.78 -80.90 -42.85
CA ILE HA 748 25.97 -81.09 -44.04
C ILE HA 748 25.97 -82.55 -44.46
N ILE HA 749 27.12 -83.22 -44.31
CA ILE HA 749 27.16 -84.65 -44.61
C ILE HA 749 26.17 -85.42 -43.75
N SER HA 750 25.91 -84.93 -42.53
CA SER HA 750 24.90 -85.58 -41.69
C SER HA 750 23.47 -85.41 -42.20
N VAL HA 751 23.24 -84.50 -43.14
CA VAL HA 751 21.92 -84.32 -43.73
C VAL HA 751 21.91 -84.47 -45.23
N GLY HA 752 23.02 -84.20 -45.93
CA GLY HA 752 23.07 -84.33 -47.36
C GLY HA 752 23.60 -85.68 -47.82
N THR IA 3 54.09 -32.98 -1.93
CA THR IA 3 54.92 -34.06 -1.42
C THR IA 3 54.10 -35.04 -0.61
N LYS IA 4 52.78 -34.84 -0.59
CA LYS IA 4 51.93 -35.66 0.26
C LYS IA 4 51.81 -37.08 -0.29
N PHE IA 5 51.25 -37.22 -1.48
CA PHE IA 5 51.16 -38.56 -2.03
C PHE IA 5 51.93 -38.67 -3.33
N PRO IA 6 52.83 -39.66 -3.46
CA PRO IA 6 53.16 -40.56 -2.34
C PRO IA 6 54.35 -40.05 -1.54
N LYS IA 7 54.21 -39.98 -0.22
CA LYS IA 7 55.29 -39.44 0.60
C LYS IA 7 56.48 -40.38 0.64
N PHE IA 8 56.25 -41.69 0.61
CA PHE IA 8 57.33 -42.66 0.75
C PHE IA 8 58.28 -42.62 -0.43
N SER IA 9 57.99 -41.77 -1.41
CA SER IA 9 58.89 -41.54 -2.54
C SER IA 9 58.67 -40.11 -3.00
N GLN IA 10 59.60 -39.22 -2.63
CA GLN IA 10 59.51 -37.83 -3.05
C GLN IA 10 59.51 -37.69 -4.56
N ASP IA 11 60.12 -38.64 -5.27
CA ASP IA 11 60.19 -38.58 -6.72
C ASP IA 11 58.80 -38.72 -7.34
N LEU IA 12 58.10 -39.81 -7.02
CA LEU IA 12 56.87 -40.15 -7.73
C LEU IA 12 55.77 -39.10 -7.56
N ALA IA 13 55.92 -38.17 -6.62
CA ALA IA 13 54.95 -37.09 -6.45
C ALA IA 13 55.32 -35.86 -7.27
N GLN IA 14 56.02 -36.04 -8.38
CA GLN IA 14 56.45 -34.94 -9.25
C GLN IA 14 56.10 -35.26 -10.69
N ASP IA 15 54.86 -35.70 -10.94
CA ASP IA 15 54.46 -36.10 -12.27
C ASP IA 15 52.95 -35.95 -12.46
N PRO IA 16 52.50 -35.13 -13.41
CA PRO IA 16 51.07 -34.93 -13.66
C PRO IA 16 50.48 -35.91 -14.67
N THR IA 17 50.69 -37.19 -14.45
CA THR IA 17 50.08 -38.23 -15.27
C THR IA 17 49.44 -39.27 -14.38
N THR IA 18 48.25 -39.73 -14.78
CA THR IA 18 47.48 -40.65 -13.94
C THR IA 18 48.29 -41.87 -13.52
N ARG IA 19 49.32 -42.22 -14.29
CA ARG IA 19 50.15 -43.37 -13.93
C ARG IA 19 50.71 -43.24 -12.53
N ARG IA 20 50.84 -42.01 -12.03
CA ARG IA 20 51.22 -41.80 -10.63
C ARG IA 20 50.39 -42.69 -9.72
N LEU IA 21 49.08 -42.53 -9.77
CA LEU IA 21 48.20 -43.38 -8.97
C LEU IA 21 48.50 -44.85 -9.22
N TRP IA 22 48.62 -45.23 -10.49
CA TRP IA 22 48.91 -46.64 -10.81
C TRP IA 22 50.21 -47.08 -10.15
N TYR IA 23 51.24 -46.23 -10.19
CA TYR IA 23 52.48 -46.59 -9.54
C TYR IA 23 52.48 -46.26 -8.05
N GLY IA 24 51.48 -45.50 -7.59
CA GLY IA 24 51.43 -45.19 -6.18
C GLY IA 24 51.06 -46.38 -5.31
N ILE IA 25 50.29 -47.31 -5.86
CA ILE IA 25 49.78 -48.43 -5.09
C ILE IA 25 50.45 -49.74 -5.49
N ALA IA 26 51.61 -49.67 -6.15
CA ALA IA 26 52.37 -50.87 -6.48
C ALA IA 26 53.75 -50.84 -5.83
N THR IA 27 53.95 -49.97 -4.85
CA THR IA 27 55.21 -49.89 -4.12
C THR IA 27 55.02 -49.77 -2.62
N ALA IA 28 53.81 -49.47 -2.15
CA ALA IA 28 53.58 -49.22 -0.73
C ALA IA 28 53.93 -50.43 0.13
N HIS IA 29 54.08 -51.61 -0.46
CA HIS IA 29 54.51 -52.78 0.27
C HIS IA 29 55.88 -53.28 -0.17
N ASP IA 30 56.66 -52.40 -0.78
CA ASP IA 30 58.08 -52.64 -1.04
C ASP IA 30 58.83 -51.62 -0.19
N PHE IA 31 59.18 -52.03 1.03
CA PHE IA 31 59.60 -51.08 2.04
C PHE IA 31 60.99 -50.52 1.76
N GLU IA 32 61.97 -51.41 1.55
CA GLU IA 32 63.36 -50.98 1.43
C GLU IA 32 63.59 -50.13 0.19
N THR IA 33 62.55 -49.88 -0.59
CA THR IA 33 62.62 -48.95 -1.71
C THR IA 33 62.09 -47.57 -1.35
N HIS IA 34 61.44 -47.42 -0.20
CA HIS IA 34 61.01 -46.10 0.23
C HIS IA 34 62.22 -45.21 0.48
N ASP IA 35 61.96 -43.91 0.60
CA ASP IA 35 63.02 -42.93 0.77
C ASP IA 35 63.35 -42.77 2.24
N GLY IA 36 64.58 -43.11 2.62
CA GLY IA 36 65.09 -42.80 3.94
C GLY IA 36 64.61 -43.68 5.06
N MET IA 37 64.96 -44.97 5.03
CA MET IA 37 64.69 -45.84 6.17
C MET IA 37 65.76 -46.91 6.23
N THR IA 38 66.59 -46.84 7.28
CA THR IA 38 67.66 -47.81 7.48
C THR IA 38 67.07 -49.10 8.06
N GLU IA 39 67.95 -50.01 8.46
CA GLU IA 39 67.55 -51.39 8.71
C GLU IA 39 66.55 -51.49 9.87
N GLU IA 40 66.93 -51.02 11.06
CA GLU IA 40 66.13 -51.33 12.25
C GLU IA 40 64.71 -50.79 12.13
N ASN IA 41 64.53 -49.66 11.46
CA ASN IA 41 63.19 -49.20 11.14
C ASN IA 41 62.41 -50.32 10.45
N LEU IA 42 62.99 -50.87 9.38
CA LEU IA 42 62.32 -51.92 8.62
C LEU IA 42 62.05 -53.13 9.49
N TYR IA 43 63.04 -53.55 10.27
CA TYR IA 43 62.88 -54.72 11.12
C TYR IA 43 61.73 -54.55 12.11
N GLN IA 44 61.69 -53.41 12.79
CA GLN IA 44 60.66 -53.20 13.79
C GLN IA 44 59.27 -53.09 13.16
N LYS IA 45 59.15 -52.37 12.04
CA LYS IA 45 57.83 -52.26 11.45
C LYS IA 45 57.39 -53.58 10.83
N LEU IA 46 58.35 -54.40 10.35
CA LEU IA 46 58.01 -55.74 9.91
C LEU IA 46 57.50 -56.59 11.06
N PHE IA 47 58.16 -56.48 12.21
CA PHE IA 47 57.66 -57.08 13.45
C PHE IA 47 56.18 -56.76 13.63
N ALA IA 48 55.87 -55.45 13.67
CA ALA IA 48 54.51 -55.02 13.92
C ALA IA 48 53.53 -55.49 12.84
N THR IA 49 53.94 -55.42 11.58
CA THR IA 49 53.03 -55.79 10.49
C THR IA 49 52.76 -57.28 10.48
N HIS IA 50 53.77 -58.11 10.78
CA HIS IA 50 53.52 -59.53 10.93
C HIS IA 50 52.53 -59.78 12.06
N PHE IA 51 52.69 -59.05 13.17
CA PHE IA 51 51.68 -59.12 14.23
C PHE IA 51 50.29 -58.88 13.67
N GLY IA 52 50.12 -57.79 12.93
CA GLY IA 52 48.82 -57.47 12.36
C GLY IA 52 48.29 -58.58 11.47
N HIS IA 53 49.18 -59.21 10.70
CA HIS IA 53 48.76 -60.29 9.83
C HIS IA 53 48.17 -61.44 10.64
N VAL IA 54 48.86 -61.90 11.68
CA VAL IA 54 48.30 -63.00 12.45
C VAL IA 54 47.03 -62.55 13.16
N ALA IA 55 46.93 -61.28 13.52
CA ALA IA 55 45.72 -60.78 14.14
C ALA IA 55 44.53 -60.91 13.21
N ILE IA 56 44.70 -60.50 11.95
CA ILE IA 56 43.58 -60.60 11.02
C ILE IA 56 43.28 -62.05 10.68
N ILE IA 57 44.28 -62.94 10.75
CA ILE IA 57 43.99 -64.37 10.63
C ILE IA 57 43.05 -64.82 11.73
N PHE IA 58 43.36 -64.42 12.97
CA PHE IA 58 42.47 -64.76 14.08
C PHE IA 58 41.07 -64.19 13.85
N LEU IA 59 41.00 -62.96 13.36
CA LEU IA 59 39.71 -62.35 13.06
C LEU IA 59 38.94 -63.18 12.05
N TRP IA 60 39.63 -63.67 11.02
CA TRP IA 60 38.98 -64.50 10.00
C TRP IA 60 38.40 -65.77 10.60
N THR IA 61 39.21 -66.46 11.41
CA THR IA 61 38.74 -67.66 12.08
C THR IA 61 37.50 -67.37 12.91
N SER IA 62 37.56 -66.31 13.72
CA SER IA 62 36.40 -65.90 14.51
C SER IA 62 35.20 -65.64 13.62
N SER IA 63 35.44 -65.03 12.46
CA SER IA 63 34.37 -64.71 11.53
C SER IA 63 33.61 -65.96 11.14
N LEU IA 64 34.32 -66.93 10.56
CA LEU IA 64 33.66 -68.13 10.08
C LEU IA 64 32.98 -68.87 11.23
N LEU IA 65 33.66 -68.93 12.38
CA LEU IA 65 33.15 -69.75 13.48
C LEU IA 65 31.90 -69.11 14.11
N PHE IA 66 31.92 -67.80 14.34
CA PHE IA 66 30.74 -67.13 14.86
C PHE IA 66 29.58 -67.23 13.88
N HIS IA 67 29.84 -67.05 12.59
CA HIS IA 67 28.75 -67.10 11.62
C HIS IA 67 28.10 -68.48 11.60
N VAL IA 68 28.89 -69.54 11.62
CA VAL IA 68 28.25 -70.85 11.67
C VAL IA 68 27.55 -71.04 13.02
N ALA IA 69 28.05 -70.42 14.08
CA ALA IA 69 27.35 -70.48 15.36
C ALA IA 69 26.00 -69.77 15.32
N TRP IA 70 25.84 -68.81 14.42
CA TRP IA 70 24.63 -67.99 14.43
C TRP IA 70 23.47 -68.70 13.74
N GLN IA 71 23.61 -69.00 12.45
CA GLN IA 71 22.49 -69.43 11.62
C GLN IA 71 22.80 -70.74 10.91
N GLY IA 72 23.32 -71.72 11.64
CA GLY IA 72 23.67 -73.00 11.07
C GLY IA 72 22.86 -74.15 11.65
N ASN IA 73 23.16 -75.35 11.14
CA ASN IA 73 22.50 -76.58 11.55
C ASN IA 73 23.49 -77.60 12.08
N PHE IA 74 24.46 -77.13 12.88
CA PHE IA 74 25.52 -78.01 13.35
C PHE IA 74 24.95 -79.17 14.17
N GLU IA 75 23.97 -78.90 15.03
CA GLU IA 75 23.37 -79.97 15.83
C GLU IA 75 22.46 -80.84 14.99
N GLN IA 76 21.69 -80.23 14.09
CA GLN IA 76 20.92 -80.99 13.12
C GLN IA 76 21.83 -81.81 12.21
N TRP IA 77 23.11 -81.44 12.13
CA TRP IA 77 24.12 -82.28 11.52
C TRP IA 77 24.69 -83.30 12.48
N ILE IA 78 24.57 -83.07 13.79
CA ILE IA 78 24.96 -84.09 14.77
C ILE IA 78 24.02 -85.27 14.69
N LYS IA 79 22.72 -84.99 14.63
CA LYS IA 79 21.73 -86.07 14.71
C LYS IA 79 21.83 -87.01 13.50
N ASP IA 80 21.72 -86.48 12.30
CA ASP IA 80 21.82 -87.29 11.09
C ASP IA 80 23.06 -86.89 10.31
N PRO IA 81 24.25 -87.35 10.73
CA PRO IA 81 25.50 -86.83 10.15
C PRO IA 81 25.68 -87.10 8.67
N LEU IA 82 25.62 -88.38 8.28
CA LEU IA 82 26.00 -88.77 6.93
C LEU IA 82 25.06 -88.25 5.85
N ASN IA 83 23.96 -87.60 6.20
CA ASN IA 83 23.04 -87.06 5.21
C ASN IA 83 22.85 -85.56 5.32
N VAL IA 84 22.70 -85.03 6.54
CA VAL IA 84 22.44 -83.61 6.70
C VAL IA 84 23.63 -82.82 6.18
N ARG IA 85 23.34 -81.77 5.41
CA ARG IA 85 24.33 -80.89 4.79
C ARG IA 85 24.56 -79.65 5.66
N PRO IA 86 25.80 -79.20 5.78
CA PRO IA 86 26.09 -78.04 6.61
C PRO IA 86 25.50 -76.74 6.09
N ILE IA 87 25.70 -75.65 6.82
CA ILE IA 87 25.15 -74.34 6.50
C ILE IA 87 26.28 -73.32 6.48
N ALA IA 88 26.33 -72.50 5.43
CA ALA IA 88 27.36 -71.46 5.37
C ALA IA 88 26.94 -70.22 6.14
N HIS IA 89 25.89 -69.55 5.67
CA HIS IA 89 25.40 -68.31 6.29
C HIS IA 89 24.08 -67.94 5.62
N ALA IA 90 23.56 -66.78 5.99
CA ALA IA 90 22.31 -66.29 5.42
C ALA IA 90 22.53 -65.72 4.03
N ILE IA 91 21.43 -65.43 3.35
CA ILE IA 91 21.43 -64.91 1.98
C ILE IA 91 20.56 -63.68 1.95
N TRP IA 92 21.06 -62.61 1.33
CA TRP IA 92 20.32 -61.35 1.31
C TRP IA 92 20.70 -60.54 0.07
N ASP IA 93 19.84 -60.58 -0.95
CA ASP IA 93 20.04 -59.74 -2.12
C ASP IA 93 18.69 -59.43 -2.76
N PRO IA 94 18.33 -58.15 -2.88
CA PRO IA 94 17.04 -57.82 -3.49
C PRO IA 94 16.96 -58.18 -4.96
N HIS IA 95 18.08 -58.17 -5.68
CA HIS IA 95 18.10 -58.47 -7.10
C HIS IA 95 17.83 -59.94 -7.40
N PHE IA 96 17.69 -60.78 -6.38
CA PHE IA 96 17.71 -62.22 -6.55
C PHE IA 96 16.54 -62.69 -7.43
N GLY IA 97 16.62 -63.96 -7.81
CA GLY IA 97 15.64 -64.56 -8.69
C GLY IA 97 14.34 -64.93 -8.03
N LYS IA 98 13.69 -65.98 -8.52
CA LYS IA 98 12.44 -66.47 -7.92
C LYS IA 98 12.61 -67.85 -7.31
N ALA IA 99 13.07 -68.83 -8.09
CA ALA IA 99 13.25 -70.17 -7.56
C ALA IA 99 14.38 -70.24 -6.54
N ALA IA 100 15.12 -69.15 -6.33
CA ALA IA 100 16.21 -69.14 -5.37
C ALA IA 100 15.73 -69.50 -3.97
N VAL IA 101 14.87 -68.64 -3.40
CA VAL IA 101 14.22 -68.98 -2.13
C VAL IA 101 13.50 -70.31 -2.25
N ASP IA 102 13.00 -70.62 -3.44
CA ASP IA 102 12.26 -71.85 -3.64
C ASP IA 102 13.17 -73.06 -3.75
N ALA IA 103 14.46 -72.87 -4.01
CA ALA IA 103 15.41 -73.98 -4.09
C ALA IA 103 16.52 -73.89 -3.05
N PHE IA 104 16.32 -73.13 -1.98
CA PHE IA 104 17.34 -72.96 -0.96
C PHE IA 104 16.93 -73.48 0.41
N THR IA 105 15.72 -73.18 0.86
CA THR IA 105 15.33 -73.45 2.25
C THR IA 105 15.21 -74.95 2.46
N GLN IA 106 16.22 -75.53 3.12
CA GLN IA 106 16.23 -76.95 3.44
C GLN IA 106 16.74 -77.10 4.87
N ALA IA 107 17.05 -78.35 5.26
CA ALA IA 107 17.47 -78.67 6.62
C ALA IA 107 16.49 -78.10 7.65
N GLY IA 108 15.22 -78.04 7.30
CA GLY IA 108 14.20 -77.48 8.17
C GLY IA 108 14.16 -75.97 8.21
N ALA IA 109 15.05 -75.28 7.50
CA ALA IA 109 15.11 -73.83 7.57
C ALA IA 109 13.98 -73.20 6.76
N THR IA 110 13.65 -71.96 7.13
CA THR IA 110 12.65 -71.17 6.42
C THR IA 110 13.25 -69.96 5.71
N TYR IA 111 14.49 -69.61 6.01
CA TYR IA 111 15.19 -68.50 5.37
C TYR IA 111 16.14 -69.02 4.32
N PRO IA 112 16.63 -68.15 3.42
CA PRO IA 112 17.50 -68.63 2.34
C PRO IA 112 18.89 -69.04 2.82
N VAL IA 113 19.01 -70.28 3.28
CA VAL IA 113 20.28 -70.78 3.75
C VAL IA 113 21.26 -70.91 2.58
N ASN IA 114 22.55 -70.84 2.89
CA ASN IA 114 23.61 -71.07 1.93
C ASN IA 114 24.36 -72.34 2.32
N ILE IA 115 24.52 -73.26 1.35
CA ILE IA 115 25.22 -74.50 1.62
C ILE IA 115 26.68 -74.21 1.95
N ALA IA 116 27.28 -75.08 2.75
CA ALA IA 116 28.70 -74.98 3.09
C ALA IA 116 29.46 -76.17 2.51
N TYR IA 117 30.70 -75.93 2.10
CA TYR IA 117 31.51 -76.97 1.46
C TYR IA 117 32.89 -77.16 2.08
N SER IA 118 33.43 -76.17 2.80
CA SER IA 118 34.79 -76.31 3.32
C SER IA 118 34.92 -77.50 4.26
N GLY IA 119 33.95 -77.68 5.15
CA GLY IA 119 33.92 -78.88 5.98
C GLY IA 119 34.43 -78.69 7.40
N VAL IA 120 34.06 -77.58 8.04
CA VAL IA 120 34.47 -77.37 9.42
C VAL IA 120 33.65 -78.21 10.39
N TYR IA 121 32.47 -78.67 10.00
CA TYR IA 121 31.62 -79.43 10.92
C TYR IA 121 32.28 -80.74 11.31
N HIS IA 122 32.78 -81.49 10.33
CA HIS IA 122 33.39 -82.79 10.61
C HIS IA 122 34.60 -82.63 11.52
N TRP IA 123 35.52 -81.75 11.14
CA TRP IA 123 36.72 -81.52 11.95
C TRP IA 123 36.36 -81.06 13.36
N TRP IA 124 35.40 -80.14 13.49
CA TRP IA 124 35.06 -79.60 14.80
C TRP IA 124 34.43 -80.66 15.69
N TYR IA 125 33.46 -81.41 15.16
CA TYR IA 125 32.88 -82.49 15.95
C TYR IA 125 33.92 -83.54 16.30
N THR IA 126 34.87 -83.77 15.40
CA THR IA 126 36.00 -84.64 15.73
C THR IA 126 36.76 -84.11 16.93
N ILE IA 127 36.92 -82.79 17.04
CA ILE IA 127 37.53 -82.22 18.23
C ILE IA 127 36.62 -82.29 19.44
N GLY IA 128 35.33 -82.59 19.25
CA GLY IA 128 34.46 -82.84 20.38
C GLY IA 128 33.58 -81.69 20.81
N MET IA 129 32.93 -81.03 19.86
CA MET IA 129 31.96 -79.99 20.16
C MET IA 129 30.55 -80.57 20.11
N ARG IA 130 29.64 -79.94 20.85
CA ARG IA 130 28.30 -80.47 20.95
C ARG IA 130 27.20 -79.44 20.68
N THR IA 131 27.40 -78.19 21.11
CA THR IA 131 26.33 -77.22 21.12
C THR IA 131 26.80 -75.90 20.53
N ASN IA 132 25.82 -75.06 20.16
CA ASN IA 132 26.11 -73.74 19.61
C ASN IA 132 26.94 -72.91 20.59
N ASN IA 133 26.57 -72.94 21.87
CA ASN IA 133 27.26 -72.13 22.88
C ASN IA 133 28.76 -72.38 22.89
N ASP IA 134 29.18 -73.62 22.62
CA ASP IA 134 30.60 -73.94 22.58
C ASP IA 134 31.34 -72.98 21.66
N LEU IA 135 30.96 -72.96 20.40
CA LEU IA 135 31.66 -72.12 19.44
C LEU IA 135 31.26 -70.65 19.59
N TYR IA 136 30.08 -70.37 20.16
CA TYR IA 136 29.78 -69.00 20.54
C TYR IA 136 30.88 -68.44 21.44
N SER IA 137 31.13 -69.10 22.56
CA SER IA 137 32.19 -68.68 23.46
C SER IA 137 33.54 -68.74 22.77
N GLY IA 138 33.74 -69.73 21.91
CA GLY IA 138 35.00 -69.81 21.18
C GLY IA 138 35.29 -68.53 20.43
N ALA IA 139 34.32 -68.06 19.65
CA ALA IA 139 34.45 -66.78 18.97
C ALA IA 139 34.71 -65.66 19.97
N VAL IA 140 33.87 -65.58 21.01
CA VAL IA 140 33.98 -64.48 21.96
C VAL IA 140 35.38 -64.37 22.51
N PHE IA 141 36.05 -65.50 22.75
CA PHE IA 141 37.34 -65.33 23.40
C PHE IA 141 38.50 -65.21 22.42
N LEU IA 142 38.49 -65.91 21.28
CA LEU IA 142 39.63 -65.66 20.40
C LEU IA 142 39.54 -64.27 19.79
N LEU IA 143 38.37 -63.63 19.85
CA LEU IA 143 38.27 -62.22 19.49
C LEU IA 143 39.09 -61.35 20.43
N ILE IA 144 38.91 -61.52 21.74
CA ILE IA 144 39.70 -60.72 22.67
C ILE IA 144 41.17 -61.08 22.52
N LEU IA 145 41.47 -62.34 22.23
CA LEU IA 145 42.86 -62.72 21.97
C LEU IA 145 43.44 -61.89 20.83
N ALA IA 146 42.68 -61.78 19.73
CA ALA IA 146 43.14 -60.99 18.60
C ALA IA 146 43.37 -59.54 19.00
N GLY IA 147 42.43 -58.97 19.76
CA GLY IA 147 42.58 -57.58 20.17
C GLY IA 147 43.82 -57.36 21.03
N VAL IA 148 44.04 -58.24 22.00
CA VAL IA 148 45.22 -58.14 22.85
C VAL IA 148 46.48 -58.27 22.02
N PHE IA 149 46.47 -59.17 21.04
CA PHE IA 149 47.64 -59.33 20.20
C PHE IA 149 47.90 -58.05 19.40
N LEU IA 150 46.83 -57.42 18.92
CA LEU IA 150 46.95 -56.12 18.25
C LEU IA 150 47.61 -55.10 19.16
N PHE IA 151 47.13 -55.01 20.40
CA PHE IA 151 47.73 -54.05 21.33
C PHE IA 151 49.19 -54.36 21.56
N ALA IA 152 49.53 -55.65 21.69
CA ALA IA 152 50.92 -56.06 21.81
C ALA IA 152 51.74 -55.53 20.65
N GLY IA 153 51.22 -55.69 19.44
CA GLY IA 153 51.87 -55.09 18.30
C GLY IA 153 52.08 -53.60 18.47
N TRP IA 154 51.09 -52.92 19.04
CA TRP IA 154 51.22 -51.47 19.21
C TRP IA 154 52.32 -51.11 20.20
N LEU IA 155 52.45 -51.89 21.28
CA LEU IA 155 53.34 -51.49 22.37
C LEU IA 155 54.77 -51.33 21.88
N HIS IA 156 55.28 -52.30 21.13
CA HIS IA 156 56.68 -52.30 20.74
C HIS IA 156 57.00 -51.16 19.77
N LEU IA 157 55.98 -50.38 19.42
CA LEU IA 157 56.23 -49.17 18.66
C LEU IA 157 56.71 -48.02 19.54
N GLN IA 158 56.44 -48.08 20.83
CA GLN IA 158 56.86 -47.03 21.75
C GLN IA 158 58.37 -47.10 21.97
N PRO IA 159 59.00 -45.95 22.24
CA PRO IA 159 60.47 -45.91 22.24
C PRO IA 159 61.12 -46.90 23.21
N LYS IA 160 60.67 -46.92 24.46
CA LYS IA 160 61.29 -47.79 25.46
C LYS IA 160 61.09 -49.27 25.19
N PHE IA 161 60.41 -49.64 24.11
CA PHE IA 161 60.10 -51.02 23.81
C PHE IA 161 60.55 -51.36 22.40
N ARG IA 162 61.74 -50.91 22.02
CA ARG IA 162 62.25 -51.10 20.68
C ARG IA 162 63.34 -52.15 20.68
N PRO IA 163 63.09 -53.35 20.19
CA PRO IA 163 64.12 -54.40 20.21
C PRO IA 163 65.36 -54.00 19.41
N SER IA 164 66.43 -54.76 19.61
CA SER IA 164 67.73 -54.44 19.04
C SER IA 164 67.98 -55.27 17.79
N LEU IA 165 68.78 -54.69 16.87
CA LEU IA 165 69.13 -55.41 15.66
C LEU IA 165 69.89 -56.69 15.99
N SER IA 166 70.79 -56.63 16.97
CA SER IA 166 71.44 -57.84 17.44
C SER IA 166 70.43 -58.83 18.00
N TRP IA 167 69.40 -58.31 18.68
CA TRP IA 167 68.33 -59.17 19.17
C TRP IA 167 67.63 -59.90 18.03
N PHE IA 168 67.71 -59.35 16.82
CA PHE IA 168 67.18 -60.03 15.64
C PHE IA 168 68.18 -60.99 15.01
N LYS IA 169 69.47 -60.64 15.05
CA LYS IA 169 70.47 -61.47 14.38
C LYS IA 169 70.72 -62.77 15.11
N SER IA 170 70.66 -62.75 16.45
CA SER IA 170 70.91 -63.95 17.24
C SER IA 170 69.86 -65.02 16.94
N ALA IA 171 70.29 -66.14 16.36
CA ALA IA 171 69.37 -67.11 15.81
C ALA IA 171 69.04 -68.25 16.78
N GLU IA 172 70.05 -68.94 17.29
CA GLU IA 172 69.91 -70.14 18.10
C GLU IA 172 68.83 -70.06 19.18
N PRO IA 173 68.66 -68.93 19.87
CA PRO IA 173 67.51 -68.83 20.78
C PRO IA 173 66.18 -68.98 20.07
N ARG IA 174 65.97 -68.24 18.98
CA ARG IA 174 64.76 -68.43 18.18
C ARG IA 174 64.63 -69.87 17.71
N LEU IA 175 65.74 -70.46 17.26
CA LEU IA 175 65.74 -71.84 16.82
C LEU IA 175 65.15 -72.75 17.89
N ASN IA 176 65.80 -72.77 19.06
CA ASN IA 176 65.38 -73.66 20.12
C ASN IA 176 63.97 -73.36 20.57
N HIS IA 177 63.68 -72.08 20.84
CA HIS IA 177 62.37 -71.70 21.33
C HIS IA 177 61.27 -72.13 20.39
N HIS IA 178 61.50 -72.05 19.08
CA HIS IA 178 60.49 -72.45 18.13
C HIS IA 178 60.40 -73.97 18.02
N LEU IA 179 61.50 -74.61 17.64
CA LEU IA 179 61.42 -76.03 17.33
C LEU IA 179 61.14 -76.88 18.57
N ALA IA 180 61.31 -76.35 19.77
CA ALA IA 180 60.90 -77.04 20.98
C ALA IA 180 59.65 -76.41 21.60
N GLY IA 181 59.71 -75.12 21.92
CA GLY IA 181 58.66 -74.45 22.64
C GLY IA 181 57.56 -73.83 21.82
N LEU IA 182 57.57 -73.98 20.49
CA LEU IA 182 56.43 -73.48 19.74
C LEU IA 182 55.37 -74.55 19.51
N PHE IA 183 55.77 -75.75 19.14
CA PHE IA 183 54.80 -76.80 18.85
C PHE IA 183 55.00 -78.06 19.68
N GLY IA 184 56.23 -78.40 20.04
CA GLY IA 184 56.47 -79.54 20.89
C GLY IA 184 55.62 -79.45 22.14
N VAL IA 185 55.84 -78.38 22.92
CA VAL IA 185 54.97 -78.12 24.06
C VAL IA 185 53.53 -77.90 23.62
N SER IA 186 53.33 -77.33 22.43
CA SER IA 186 51.97 -77.09 21.98
C SER IA 186 51.28 -78.39 21.60
N SER IA 187 52.02 -79.32 20.97
CA SER IA 187 51.41 -80.61 20.70
C SER IA 187 51.21 -81.40 22.00
N LEU IA 188 52.06 -81.17 23.00
CA LEU IA 188 51.78 -81.71 24.33
C LEU IA 188 50.45 -81.20 24.86
N ALA IA 189 50.23 -79.89 24.77
CA ALA IA 189 48.98 -79.31 25.24
C ALA IA 189 47.79 -79.86 24.45
N TRP IA 190 47.96 -80.02 23.14
CA TRP IA 190 46.91 -80.62 22.34
C TRP IA 190 46.65 -82.05 22.77
N THR IA 191 47.70 -82.79 23.11
CA THR IA 191 47.52 -84.16 23.61
C THR IA 191 46.75 -84.16 24.92
N GLY IA 192 47.04 -83.21 25.79
CA GLY IA 192 46.28 -83.09 27.02
C GLY IA 192 44.82 -82.80 26.76
N HIS IA 193 44.54 -81.91 25.80
CA HIS IA 193 43.16 -81.67 25.41
C HIS IA 193 42.52 -82.90 24.80
N LEU IA 194 43.33 -83.74 24.14
CA LEU IA 194 42.82 -84.97 23.56
C LEU IA 194 42.36 -85.94 24.64
N VAL IA 195 43.27 -86.29 25.56
CA VAL IA 195 42.95 -87.31 26.55
C VAL IA 195 41.98 -86.78 27.58
N HIS IA 196 41.94 -85.46 27.79
CA HIS IA 196 41.03 -84.91 28.77
C HIS IA 196 39.64 -84.65 28.21
N VAL IA 197 39.54 -84.28 26.94
CA VAL IA 197 38.26 -83.85 26.38
C VAL IA 197 37.89 -84.68 25.15
N ALA IA 198 38.83 -84.79 24.19
CA ALA IA 198 38.50 -85.34 22.88
C ALA IA 198 38.05 -86.79 22.98
N ILE IA 199 38.88 -87.64 23.58
CA ILE IA 199 38.53 -89.06 23.71
C ILE IA 199 37.26 -89.27 24.52
N PRO IA 200 37.04 -88.59 25.65
CA PRO IA 200 35.75 -88.72 26.33
C PRO IA 200 34.56 -88.41 25.44
N GLU IA 201 34.58 -87.25 24.76
CA GLU IA 201 33.48 -86.90 23.88
C GLU IA 201 33.31 -87.92 22.77
N SER IA 202 34.42 -88.50 22.29
CA SER IA 202 34.30 -89.60 21.33
C SER IA 202 33.55 -90.77 21.95
N ARG IA 203 33.82 -91.06 23.21
CA ARG IA 203 33.18 -92.18 23.90
C ARG IA 203 31.85 -91.81 24.55
N GLY IA 204 31.36 -90.60 24.33
CA GLY IA 204 30.01 -90.23 24.74
C GLY IA 204 29.88 -89.54 26.08
N GLN IA 205 30.97 -89.34 26.81
CA GLN IA 205 30.92 -88.69 28.11
C GLN IA 205 31.18 -87.20 27.95
N HIS IA 206 30.34 -86.38 28.56
CA HIS IA 206 30.46 -84.93 28.48
C HIS IA 206 31.38 -84.43 29.59
N VAL IA 207 32.41 -83.67 29.22
CA VAL IA 207 33.39 -83.14 30.15
C VAL IA 207 33.49 -81.64 29.87
N GLY IA 208 32.82 -80.83 30.67
CA GLY IA 208 32.82 -79.39 30.49
C GLY IA 208 34.04 -78.73 31.08
N TRP IA 209 33.88 -77.45 31.43
CA TRP IA 209 34.96 -76.64 31.97
C TRP IA 209 35.03 -76.70 33.49
N ASP IA 210 34.18 -77.48 34.12
CA ASP IA 210 34.22 -77.63 35.57
C ASP IA 210 34.40 -79.07 36.00
N ASN IA 211 33.73 -80.01 35.34
CA ASN IA 211 33.85 -81.41 35.73
C ASN IA 211 35.21 -82.00 35.40
N PHE IA 212 35.99 -81.32 34.56
CA PHE IA 212 37.29 -81.88 34.18
C PHE IA 212 38.27 -81.84 35.35
N LEU IA 213 37.99 -81.04 36.36
CA LEU IA 213 38.92 -80.89 37.48
C LEU IA 213 38.90 -82.08 38.42
N THR IA 214 37.86 -82.92 38.40
CA THR IA 214 37.69 -83.98 39.39
C THR IA 214 37.69 -85.37 38.80
N THR IA 215 37.38 -85.54 37.51
CA THR IA 215 37.30 -86.86 36.91
C THR IA 215 38.59 -87.17 36.19
N LEU IA 216 38.79 -88.46 35.91
CA LEU IA 216 40.07 -88.98 35.47
C LEU IA 216 40.07 -89.27 33.97
N PRO IA 217 41.24 -89.23 33.34
CA PRO IA 217 41.37 -89.86 32.03
C PRO IA 217 41.18 -91.37 32.10
N HIS IA 218 41.90 -92.04 32.99
CA HIS IA 218 41.85 -93.49 33.09
C HIS IA 218 41.66 -93.93 34.53
N PRO IA 219 40.86 -94.99 34.76
CA PRO IA 219 40.75 -95.52 36.13
C PRO IA 219 42.08 -96.02 36.68
N GLU IA 220 42.92 -96.58 35.82
CA GLU IA 220 44.29 -96.90 36.18
C GLU IA 220 45.18 -95.68 36.17
N GLY IA 221 44.58 -94.48 36.16
CA GLY IA 221 45.36 -93.28 36.02
C GLY IA 221 46.37 -93.09 37.13
N LEU IA 222 47.47 -92.42 36.78
CA LEU IA 222 48.53 -92.05 37.71
C LEU IA 222 49.27 -93.27 38.24
N ARG IA 223 48.85 -94.47 37.85
CA ARG IA 223 49.60 -95.64 38.30
C ARG IA 223 50.88 -95.76 37.49
N PRO IA 224 50.83 -95.90 36.15
CA PRO IA 224 52.08 -95.90 35.39
C PRO IA 224 52.75 -94.54 35.35
N PHE IA 225 52.11 -93.51 35.90
CA PHE IA 225 52.68 -92.18 36.03
C PHE IA 225 54.14 -92.22 36.47
N PHE IA 226 54.40 -92.91 37.57
CA PHE IA 226 55.74 -92.98 38.14
C PHE IA 226 56.05 -94.39 38.59
N THR IA 227 55.67 -95.39 37.81
CA THR IA 227 56.13 -96.74 38.09
C THR IA 227 56.65 -97.40 36.82
N GLY IA 228 56.16 -96.96 35.66
CA GLY IA 228 56.73 -97.35 34.39
C GLY IA 228 56.10 -98.53 33.68
N ASN IA 229 54.87 -98.93 34.06
CA ASN IA 229 54.16 -99.98 33.33
C ASN IA 229 53.16 -99.30 32.39
N TRP IA 230 53.68 -98.78 31.28
CA TRP IA 230 52.86 -97.97 30.39
C TRP IA 230 51.88 -98.80 29.57
N GLY IA 231 52.05 -100.13 29.52
CA GLY IA 231 51.06 -100.97 28.90
C GLY IA 231 49.73 -100.96 29.62
N VAL IA 232 49.71 -100.56 30.89
CA VAL IA 232 48.46 -100.49 31.64
C VAL IA 232 47.53 -99.44 31.04
N TYR IA 233 48.09 -98.31 30.61
CA TYR IA 233 47.27 -97.33 29.91
C TYR IA 233 46.83 -97.85 28.54
N ALA IA 234 47.62 -98.75 27.95
CA ALA IA 234 47.18 -99.51 26.78
C ALA IA 234 46.29 -100.67 27.23
N ALA IA 235 45.21 -100.29 27.94
CA ALA IA 235 44.26 -101.25 28.46
C ALA IA 235 43.33 -101.70 27.35
N ASN IA 236 42.22 -102.33 27.71
CA ASN IA 236 41.22 -102.79 26.76
C ASN IA 236 40.92 -101.72 25.71
N PRO IA 237 41.30 -101.95 24.46
CA PRO IA 237 41.02 -100.97 23.41
C PRO IA 237 39.55 -100.90 23.09
N ASP IA 238 39.15 -99.97 22.24
CA ASP IA 238 37.76 -99.87 21.84
C ASP IA 238 37.35 -101.10 21.01
N THR IA 239 36.09 -101.49 21.16
CA THR IA 239 35.64 -102.75 20.61
C THR IA 239 35.47 -102.66 19.10
N ALA IA 240 35.14 -103.80 18.49
CA ALA IA 240 34.90 -103.89 17.05
C ALA IA 240 33.51 -103.41 16.65
N ASN IA 241 32.78 -102.74 17.54
CA ASN IA 241 31.46 -102.23 17.22
C ASN IA 241 31.22 -100.83 17.79
N HIS IA 242 32.25 -100.19 18.35
CA HIS IA 242 32.05 -98.92 19.03
C HIS IA 242 31.49 -97.86 18.09
N VAL IA 243 30.67 -96.97 18.64
CA VAL IA 243 30.11 -95.86 17.92
C VAL IA 243 30.50 -94.58 18.64
N PHE IA 244 31.15 -93.68 17.92
CA PHE IA 244 31.57 -92.39 18.46
C PHE IA 244 30.39 -91.67 19.10
N GLY IA 245 30.69 -90.90 20.14
CA GLY IA 245 29.67 -90.16 20.85
C GLY IA 245 28.72 -91.05 21.64
N THR IA 246 28.91 -92.36 21.54
CA THR IA 246 28.15 -93.34 22.28
C THR IA 246 29.10 -94.24 23.07
N SER IA 247 28.54 -95.22 23.76
CA SER IA 247 29.32 -96.16 24.54
C SER IA 247 29.06 -97.61 24.16
N GLN IA 248 28.36 -97.87 23.05
CA GLN IA 248 28.07 -99.23 22.63
C GLN IA 248 29.37 -99.93 22.29
N GLY IA 249 29.81 -100.85 23.16
CA GLY IA 249 31.09 -101.49 22.98
C GLY IA 249 32.22 -100.49 23.12
N ALA IA 250 32.26 -99.79 24.25
CA ALA IA 250 33.25 -98.74 24.45
C ALA IA 250 34.60 -99.36 24.79
N GLY IA 251 35.56 -98.49 25.13
CA GLY IA 251 36.88 -98.94 25.54
C GLY IA 251 37.41 -98.04 26.65
N THR IA 252 38.50 -98.52 27.26
CA THR IA 252 39.17 -97.78 28.33
C THR IA 252 40.67 -97.83 28.11
N ALA IA 253 41.11 -97.53 26.89
CA ALA IA 253 42.51 -97.45 26.55
C ALA IA 253 42.83 -96.04 26.06
N ILE IA 254 43.98 -95.52 26.48
CA ILE IA 254 44.35 -94.14 26.20
C ILE IA 254 45.33 -94.05 25.04
N LEU IA 255 46.44 -94.78 25.10
CA LEU IA 255 47.46 -94.76 24.06
C LEU IA 255 47.51 -96.14 23.41
N THR IA 256 46.90 -96.26 22.24
CA THR IA 256 46.95 -97.50 21.47
C THR IA 256 47.73 -97.28 20.18
N PHE IA 257 48.06 -98.39 19.54
CA PHE IA 257 48.80 -98.41 18.28
C PHE IA 257 48.09 -99.31 17.27
N LEU IA 258 46.77 -99.21 17.23
CA LEU IA 258 45.97 -100.14 16.42
C LEU IA 258 46.39 -100.11 14.95
N GLY IA 259 46.44 -98.92 14.37
CA GLY IA 259 46.91 -98.80 13.00
C GLY IA 259 45.89 -99.26 11.97
N GLY IA 260 45.85 -98.58 10.83
CA GLY IA 260 44.89 -98.94 9.80
C GLY IA 260 43.74 -97.97 9.72
N PHE IA 261 42.57 -98.38 10.22
CA PHE IA 261 41.39 -97.53 10.20
C PHE IA 261 40.43 -98.00 11.29
N HIS IA 262 39.43 -97.18 11.54
CA HIS IA 262 38.38 -97.56 12.47
C HIS IA 262 37.18 -98.07 11.69
N PRO IA 263 36.66 -99.26 12.00
CA PRO IA 263 35.68 -99.90 11.12
C PRO IA 263 34.39 -99.12 10.92
N GLN IA 264 34.18 -98.01 11.63
CA GLN IA 264 32.96 -97.22 11.47
C GLN IA 264 33.22 -95.87 10.81
N THR IA 265 34.21 -95.12 11.27
CA THR IA 265 34.56 -93.85 10.65
C THR IA 265 35.59 -93.98 9.54
N GLN IA 266 36.10 -95.20 9.31
CA GLN IA 266 37.12 -95.51 8.32
C GLN IA 266 38.24 -94.48 8.30
N SER IA 267 38.50 -93.87 9.45
CA SER IA 267 39.50 -92.82 9.60
C SER IA 267 40.64 -93.32 10.46
N LEU IA 268 41.57 -92.42 10.75
CA LEU IA 268 42.64 -92.73 11.70
C LEU IA 268 42.06 -92.90 13.09
N TRP IA 269 42.66 -93.81 13.86
CA TRP IA 269 42.24 -94.02 15.23
C TRP IA 269 42.73 -92.87 16.10
N LEU IA 270 41.88 -92.48 17.06
CA LEU IA 270 42.17 -91.32 17.88
C LEU IA 270 43.29 -91.58 18.88
N THR IA 271 43.38 -92.80 19.40
CA THR IA 271 44.47 -93.13 20.31
C THR IA 271 45.80 -93.16 19.59
N ASP IA 272 45.82 -93.69 18.36
CA ASP IA 272 47.02 -93.59 17.54
C ASP IA 272 47.43 -92.14 17.37
N MET IA 273 46.45 -91.26 17.18
CA MET IA 273 46.74 -89.84 17.07
C MET IA 273 47.40 -89.29 18.32
N ALA IA 274 46.85 -89.62 19.49
CA ALA IA 274 47.42 -89.11 20.73
C ALA IA 274 48.85 -89.61 20.93
N HIS IA 275 49.07 -90.91 20.74
CA HIS IA 275 50.41 -91.46 20.90
C HIS IA 275 51.38 -90.84 19.90
N HIS IA 276 50.92 -90.64 18.67
CA HIS IA 276 51.70 -89.94 17.66
C HIS IA 276 52.14 -88.58 18.15
N HIS IA 277 51.17 -87.75 18.55
CA HIS IA 277 51.48 -86.39 18.98
C HIS IA 277 52.46 -86.39 20.14
N LEU IA 278 52.26 -87.30 21.11
CA LEU IA 278 53.21 -87.41 22.22
C LEU IA 278 54.61 -87.70 21.71
N ALA IA 279 54.72 -88.66 20.79
CA ALA IA 279 56.00 -89.01 20.21
C ALA IA 279 56.70 -87.78 19.65
N ILE IA 280 56.03 -87.07 18.74
CA ILE IA 280 56.72 -85.95 18.09
C ILE IA 280 56.99 -84.83 19.09
N ALA IA 281 56.12 -84.67 20.09
CA ALA IA 281 56.34 -83.63 21.09
C ALA IA 281 57.65 -83.87 21.82
N VAL IA 282 57.78 -85.04 22.44
CA VAL IA 282 59.01 -85.32 23.18
C VAL IA 282 60.20 -85.37 22.22
N LEU IA 283 59.96 -85.72 20.96
CA LEU IA 283 61.04 -85.81 19.99
C LEU IA 283 61.59 -84.44 19.65
N PHE IA 284 60.70 -83.45 19.51
CA PHE IA 284 61.13 -82.09 19.28
C PHE IA 284 61.76 -81.48 20.52
N ILE IA 285 61.27 -81.87 21.70
CA ILE IA 285 61.88 -81.36 22.93
C ILE IA 285 63.32 -81.84 23.04
N ILE IA 286 63.54 -83.15 22.86
CA ILE IA 286 64.93 -83.64 22.85
C ILE IA 286 65.68 -83.02 21.67
N ALA IA 287 64.97 -82.64 20.61
CA ALA IA 287 65.60 -81.88 19.55
C ALA IA 287 65.81 -80.42 19.93
N GLY IA 288 65.21 -79.98 21.04
CA GLY IA 288 65.28 -78.56 21.39
C GLY IA 288 66.67 -78.10 21.79
N HIS IA 289 67.30 -78.82 22.73
CA HIS IA 289 68.61 -78.44 23.27
C HIS IA 289 69.75 -78.83 22.35
N MET IA 290 69.47 -79.05 21.08
CA MET IA 290 70.42 -79.58 20.12
C MET IA 290 71.51 -78.58 19.71
N TYR IA 291 71.26 -77.28 19.80
CA TYR IA 291 72.25 -76.29 19.39
C TYR IA 291 72.86 -75.61 20.61
N ARG IA 292 73.69 -74.60 20.33
CA ARG IA 292 74.41 -73.86 21.35
C ARG IA 292 73.73 -72.54 21.63
N THR IA 293 73.51 -72.25 22.91
CA THR IA 293 72.87 -71.03 23.36
C THR IA 293 73.92 -70.06 23.90
N ASN IA 294 73.45 -69.00 24.55
CA ASN IA 294 74.27 -68.05 25.28
C ASN IA 294 74.84 -68.62 26.59
N PHE IA 295 74.67 -69.91 26.86
CA PHE IA 295 74.99 -70.43 28.19
C PHE IA 295 76.35 -71.14 28.24
N GLY IA 296 76.79 -71.73 27.13
CA GLY IA 296 78.13 -72.30 27.08
C GLY IA 296 78.26 -73.77 26.74
N ILE IA 297 77.29 -74.35 26.04
CA ILE IA 297 77.39 -75.72 25.55
C ILE IA 297 76.75 -75.78 24.17
N GLY IA 298 76.99 -76.88 23.46
CA GLY IA 298 76.22 -77.17 22.27
C GLY IA 298 76.89 -76.95 20.93
N HIS IA 299 76.08 -76.77 19.89
CA HIS IA 299 76.55 -76.67 18.52
C HIS IA 299 76.46 -75.22 18.04
N SER IA 300 77.60 -74.66 17.66
CA SER IA 300 77.67 -73.30 17.14
C SER IA 300 77.49 -73.37 15.63
N ILE IA 301 76.25 -73.13 15.18
CA ILE IA 301 75.89 -73.31 13.78
C ILE IA 301 76.87 -72.61 12.86
N LYS IA 302 77.01 -71.30 13.04
CA LYS IA 302 77.88 -70.52 12.15
C LYS IA 302 79.34 -70.94 12.25
N GLU IA 303 79.69 -71.87 13.13
CA GLU IA 303 81.03 -72.41 13.19
C GLU IA 303 81.10 -73.94 13.18
N MET IA 304 79.97 -74.64 13.31
CA MET IA 304 79.99 -76.08 13.08
C MET IA 304 80.47 -76.40 11.69
N LEU IA 305 79.81 -75.84 10.68
CA LEU IA 305 80.28 -75.97 9.31
C LEU IA 305 81.53 -75.15 9.03
N ASN IA 306 82.05 -74.42 10.01
CA ASN IA 306 83.40 -73.89 9.94
C ASN IA 306 84.38 -74.91 10.52
N ALA IA 307 84.30 -76.13 9.97
CA ALA IA 307 85.17 -77.23 10.36
C ALA IA 307 85.86 -77.72 9.10
N LYS IA 308 87.16 -77.48 9.00
CA LYS IA 308 87.94 -77.84 7.83
C LYS IA 308 89.09 -78.78 8.19
N ASN IA 309 88.89 -79.62 9.21
CA ASN IA 309 89.92 -80.56 9.64
C ASN IA 309 89.27 -81.63 10.51
N PHE IA 310 89.61 -82.89 10.22
CA PHE IA 310 89.24 -84.02 11.08
C PHE IA 310 90.01 -85.26 10.68
N PHE IA 311 90.61 -85.94 11.65
CA PHE IA 311 91.27 -87.23 11.43
C PHE IA 311 92.38 -87.09 10.38
N GLY IA 312 93.22 -86.10 10.59
CA GLY IA 312 94.35 -85.89 9.69
C GLY IA 312 93.94 -85.31 8.35
N THR IA 313 93.23 -86.11 7.55
CA THR IA 313 92.72 -85.65 6.27
C THR IA 313 91.74 -84.52 6.51
N LYS IA 314 92.14 -83.29 6.20
CA LYS IA 314 91.47 -82.15 6.80
C LYS IA 314 90.00 -82.06 6.42
N THR IA 315 89.73 -81.53 5.22
CA THR IA 315 88.52 -81.64 4.40
C THR IA 315 88.60 -80.61 3.28
N GLU IA 316 87.57 -80.58 2.42
CA GLU IA 316 87.15 -79.35 1.78
C GLU IA 316 85.90 -78.78 2.45
N GLY IA 317 85.36 -79.50 3.42
CA GLY IA 317 84.14 -79.20 4.12
C GLY IA 317 83.42 -80.49 4.44
N GLN IA 318 82.18 -80.37 4.90
CA GLN IA 318 81.37 -81.57 5.10
C GLN IA 318 81.03 -82.19 3.76
N PHE IA 319 81.08 -83.52 3.70
CA PHE IA 319 81.06 -84.28 2.45
C PHE IA 319 82.19 -83.88 1.51
N ASN IA 320 83.21 -83.17 2.01
CA ASN IA 320 84.36 -82.78 1.21
C ASN IA 320 83.98 -81.80 0.10
N LEU IA 321 83.29 -80.73 0.48
CA LEU IA 321 82.95 -79.65 -0.44
C LEU IA 321 83.04 -78.31 0.27
N PRO IA 322 83.40 -77.25 -0.45
CA PRO IA 322 83.57 -75.94 0.21
C PRO IA 322 82.24 -75.41 0.74
N HIS IA 323 82.30 -74.81 1.93
CA HIS IA 323 81.11 -74.24 2.54
C HIS IA 323 81.39 -72.93 3.28
N GLN IA 324 82.60 -72.36 3.14
CA GLN IA 324 83.00 -71.24 3.98
C GLN IA 324 82.47 -69.92 3.44
N GLY IA 325 81.76 -69.18 4.28
CA GLY IA 325 81.45 -67.78 4.01
C GLY IA 325 80.01 -67.47 3.67
N LEU IA 326 79.12 -68.45 3.62
CA LEU IA 326 77.74 -68.18 3.24
C LEU IA 326 76.75 -68.16 4.39
N TYR IA 327 77.16 -68.65 5.56
CA TYR IA 327 76.23 -68.73 6.69
C TYR IA 327 75.83 -67.36 7.22
N ASP IA 328 76.63 -66.33 6.93
CA ASP IA 328 76.20 -64.98 7.24
C ASP IA 328 75.11 -64.51 6.29
N THR IA 329 75.11 -65.01 5.05
CA THR IA 329 74.15 -64.56 4.05
C THR IA 329 72.72 -64.86 4.49
N ILE IA 330 72.48 -66.10 4.93
CA ILE IA 330 71.16 -66.46 5.44
C ILE IA 330 70.76 -65.54 6.58
N ASN IA 331 71.73 -64.99 7.29
CA ASN IA 331 71.46 -63.96 8.28
C ASN IA 331 71.61 -62.55 7.72
N ASN IA 332 72.24 -62.40 6.56
CA ASN IA 332 72.34 -61.08 5.93
C ASN IA 332 71.07 -60.76 5.14
N SER IA 333 70.76 -61.57 4.15
CA SER IA 333 69.60 -61.34 3.30
C SER IA 333 68.32 -61.75 4.00
N LEU IA 334 67.19 -61.31 3.44
CA LEU IA 334 65.86 -61.81 3.79
C LEU IA 334 65.21 -62.61 2.69
N HIS IA 335 65.45 -62.23 1.42
CA HIS IA 335 64.90 -62.99 0.31
C HIS IA 335 65.34 -64.44 0.36
N PHE IA 336 66.53 -64.71 0.88
CA PHE IA 336 66.99 -66.09 0.99
C PHE IA 336 66.09 -66.91 1.91
N GLN IA 337 65.92 -66.47 3.16
CA GLN IA 337 65.06 -67.17 4.09
C GLN IA 337 63.65 -67.26 3.54
N LEU IA 338 63.17 -66.19 2.94
CA LEU IA 338 61.81 -66.20 2.39
C LEU IA 338 61.67 -67.27 1.33
N SER IA 339 62.64 -67.39 0.43
CA SER IA 339 62.59 -68.39 -0.61
C SER IA 339 62.62 -69.80 -0.02
N LEU IA 340 63.50 -70.02 0.95
CA LEU IA 340 63.56 -71.33 1.58
C LEU IA 340 62.22 -71.70 2.20
N ALA IA 341 61.62 -70.75 2.94
CA ALA IA 341 60.36 -71.01 3.60
C ALA IA 341 59.26 -71.29 2.58
N LEU IA 342 59.21 -70.50 1.51
CA LEU IA 342 58.19 -70.69 0.49
C LEU IA 342 58.32 -72.07 -0.15
N ALA IA 343 59.53 -72.44 -0.54
CA ALA IA 343 59.75 -73.74 -1.16
C ALA IA 343 59.31 -74.86 -0.21
N ALA IA 344 59.79 -74.80 1.03
CA ALA IA 344 59.41 -75.82 2.00
C ALA IA 344 57.91 -75.91 2.11
N LEU IA 345 57.25 -74.78 2.36
CA LEU IA 345 55.81 -74.75 2.57
C LEU IA 345 55.07 -75.35 1.38
N GLY IA 346 55.44 -74.96 0.17
CA GLY IA 346 54.78 -75.51 -1.00
C GLY IA 346 54.92 -77.01 -1.08
N THR IA 347 56.13 -77.50 -0.84
CA THR IA 347 56.35 -78.94 -0.88
C THR IA 347 55.46 -79.67 0.12
N ILE IA 348 55.46 -79.22 1.37
CA ILE IA 348 54.69 -79.97 2.36
C ILE IA 348 53.21 -79.80 2.12
N THR IA 349 52.77 -78.66 1.56
CA THR IA 349 51.36 -78.52 1.20
C THR IA 349 50.96 -79.53 0.15
N SER IA 350 51.79 -79.72 -0.88
CA SER IA 350 51.50 -80.76 -1.86
C SER IA 350 51.42 -82.11 -1.18
N LEU IA 351 52.35 -82.39 -0.26
CA LEU IA 351 52.32 -83.67 0.44
C LEU IA 351 51.02 -83.82 1.23
N VAL IA 352 50.60 -82.78 1.93
CA VAL IA 352 49.31 -82.76 2.62
C VAL IA 352 48.20 -83.14 1.65
N ALA IA 353 48.11 -82.38 0.55
CA ALA IA 353 47.12 -82.66 -0.48
C ALA IA 353 47.18 -84.10 -0.94
N GLN IA 354 48.32 -84.76 -0.79
CA GLN IA 354 48.41 -86.17 -1.17
C GLN IA 354 48.02 -87.13 -0.04
N HIS IA 355 48.26 -86.76 1.22
CA HIS IA 355 47.88 -87.63 2.33
C HIS IA 355 46.49 -87.29 2.86
N MET IA 356 45.51 -87.15 1.97
CA MET IA 356 44.14 -86.90 2.40
C MET IA 356 43.16 -87.91 1.83
N TYR IA 357 43.24 -88.19 0.53
CA TYR IA 357 42.30 -89.08 -0.13
C TYR IA 357 42.59 -90.55 0.11
N ALA IA 358 43.51 -90.88 1.02
CA ALA IA 358 43.80 -92.27 1.32
C ALA IA 358 43.80 -92.51 2.83
N LEU IA 359 44.11 -91.46 3.60
CA LEU IA 359 44.15 -91.51 5.05
C LEU IA 359 43.16 -90.49 5.59
N PRO IA 360 41.88 -90.82 5.61
CA PRO IA 360 40.88 -89.89 6.14
C PRO IA 360 41.18 -89.56 7.59
N PRO IA 361 41.48 -88.30 7.89
CA PRO IA 361 41.82 -87.96 9.27
C PRO IA 361 40.59 -87.82 10.15
N TYR IA 362 39.46 -87.42 9.54
CA TYR IA 362 38.25 -87.16 10.29
C TYR IA 362 37.16 -88.12 9.85
N ALA IA 363 36.08 -88.13 10.62
CA ALA IA 363 34.96 -89.00 10.33
C ALA IA 363 34.16 -88.47 9.13
N PHE IA 364 33.43 -89.38 8.47
CA PHE IA 364 32.57 -89.08 7.34
C PHE IA 364 33.32 -88.46 6.17
N MET IA 365 34.64 -88.47 6.19
CA MET IA 365 35.41 -87.78 5.16
C MET IA 365 35.24 -88.46 3.80
N GLY IA 366 35.31 -89.79 3.78
CA GLY IA 366 35.34 -90.50 2.51
C GLY IA 366 34.03 -90.47 1.75
N GLN IA 367 32.91 -90.53 2.46
CA GLN IA 367 31.62 -90.63 1.78
C GLN IA 367 31.24 -89.32 1.09
N ASP IA 368 31.56 -88.18 1.69
CA ASP IA 368 31.17 -86.88 1.16
C ASP IA 368 32.20 -86.45 0.13
N PHE IA 369 31.89 -86.70 -1.15
CA PHE IA 369 32.88 -86.53 -2.21
C PHE IA 369 33.18 -85.06 -2.48
N THR IA 370 32.15 -84.23 -2.61
CA THR IA 370 32.34 -82.86 -3.08
C THR IA 370 33.30 -82.10 -2.16
N THR IA 371 33.15 -82.28 -0.84
CA THR IA 371 33.96 -81.54 0.11
C THR IA 371 35.44 -81.86 -0.07
N GLN IA 372 35.79 -83.15 0.03
CA GLN IA 372 37.19 -83.55 -0.05
C GLN IA 372 37.76 -83.23 -1.42
N ALA IA 373 36.96 -83.36 -2.47
CA ALA IA 373 37.45 -83.05 -3.80
C ALA IA 373 37.84 -81.58 -3.91
N ALA IA 374 36.92 -80.69 -3.52
CA ALA IA 374 37.22 -79.27 -3.56
C ALA IA 374 38.43 -78.95 -2.71
N LEU IA 375 38.53 -79.55 -1.53
CA LEU IA 375 39.69 -79.29 -0.67
C LEU IA 375 40.98 -79.71 -1.34
N TYR IA 376 40.97 -80.87 -1.99
CA TYR IA 376 42.18 -81.38 -2.62
C TYR IA 376 42.66 -80.43 -3.70
N THR IA 377 41.79 -80.09 -4.67
CA THR IA 377 42.24 -79.21 -5.73
C THR IA 377 42.56 -77.82 -5.20
N HIS IA 378 41.80 -77.36 -4.21
CA HIS IA 378 42.08 -76.09 -3.54
C HIS IA 378 43.51 -76.04 -3.03
N HIS IA 379 43.89 -77.04 -2.24
CA HIS IA 379 45.21 -77.03 -1.62
C HIS IA 379 46.30 -77.17 -2.67
N GLN IA 380 46.09 -78.02 -3.68
CA GLN IA 380 47.12 -78.16 -4.70
C GLN IA 380 47.31 -76.87 -5.49
N TYR IA 381 46.21 -76.20 -5.84
CA TYR IA 381 46.29 -74.91 -6.52
C TYR IA 381 47.05 -73.90 -5.66
N ILE IA 382 46.70 -73.82 -4.37
CA ILE IA 382 47.46 -72.99 -3.46
C ILE IA 382 48.94 -73.32 -3.55
N ALA IA 383 49.25 -74.61 -3.66
CA ALA IA 383 50.64 -75.05 -3.61
C ALA IA 383 51.42 -74.62 -4.84
N VAL IA 384 50.82 -74.70 -6.02
CA VAL IA 384 51.63 -74.61 -7.24
C VAL IA 384 52.40 -73.30 -7.30
N PHE IA 385 51.70 -72.17 -7.38
CA PHE IA 385 52.44 -70.92 -7.52
C PHE IA 385 53.02 -70.44 -6.19
N LEU IA 386 52.72 -71.13 -5.09
CA LEU IA 386 53.48 -70.89 -3.87
C LEU IA 386 54.96 -71.15 -4.12
N MET IA 387 55.27 -72.23 -4.85
CA MET IA 387 56.66 -72.52 -5.19
C MET IA 387 57.22 -71.48 -6.14
N VAL IA 388 56.42 -71.05 -7.11
CA VAL IA 388 56.86 -70.00 -8.03
C VAL IA 388 57.27 -68.76 -7.26
N GLY IA 389 56.61 -68.48 -6.14
CA GLY IA 389 57.07 -67.42 -5.28
C GLY IA 389 58.49 -67.66 -4.79
N ALA IA 390 58.78 -68.90 -4.40
CA ALA IA 390 60.13 -69.23 -3.93
C ALA IA 390 61.15 -68.99 -5.03
N PHE IA 391 60.86 -69.45 -6.23
CA PHE IA 391 61.82 -69.29 -7.32
C PHE IA 391 61.98 -67.81 -7.68
N ALA IA 392 60.89 -67.05 -7.66
CA ALA IA 392 60.98 -65.63 -7.99
C ALA IA 392 61.80 -64.89 -6.96
N HIS IA 393 61.61 -65.20 -5.67
CA HIS IA 393 62.39 -64.52 -4.65
C HIS IA 393 63.83 -64.98 -4.67
N ALA IA 394 64.09 -66.21 -5.09
CA ALA IA 394 65.46 -66.63 -5.35
C ALA IA 394 66.08 -65.77 -6.44
N GLY IA 395 65.32 -65.53 -7.51
CA GLY IA 395 65.83 -64.68 -8.57
C GLY IA 395 66.13 -63.27 -8.11
N ILE IA 396 65.23 -62.68 -7.32
CA ILE IA 396 65.44 -61.31 -6.90
C ILE IA 396 66.55 -61.22 -5.86
N PHE IA 397 66.75 -62.29 -5.09
CA PHE IA 397 67.91 -62.36 -4.20
C PHE IA 397 69.20 -62.26 -4.99
N TRP IA 398 69.23 -62.86 -6.18
CA TRP IA 398 70.44 -62.95 -6.97
C TRP IA 398 70.92 -61.60 -7.46
N VAL IA 399 70.04 -60.61 -7.51
CA VAL IA 399 70.42 -59.27 -7.95
C VAL IA 399 70.74 -58.37 -6.76
N ARG IA 400 69.87 -58.34 -5.77
CA ARG IA 400 70.05 -57.45 -4.63
C ARG IA 400 71.08 -57.98 -3.65
N ASP IA 401 70.81 -59.14 -3.07
CA ASP IA 401 71.60 -59.68 -1.96
C ASP IA 401 72.63 -60.65 -2.53
N TYR IA 402 73.79 -60.12 -2.93
CA TYR IA 402 74.88 -60.99 -3.34
C TYR IA 402 76.21 -60.24 -3.41
N ASP IA 403 77.23 -60.76 -2.74
CA ASP IA 403 78.57 -60.20 -2.78
C ASP IA 403 79.51 -61.21 -3.42
N ALA IA 404 80.46 -60.71 -4.21
CA ALA IA 404 81.30 -61.60 -5.00
C ALA IA 404 82.47 -62.16 -4.20
N GLU IA 405 83.33 -61.28 -3.68
CA GLU IA 405 84.57 -61.75 -3.05
C GLU IA 405 84.29 -62.54 -1.78
N GLN IA 406 83.19 -62.25 -1.09
CA GLN IA 406 82.86 -62.97 0.12
C GLN IA 406 82.59 -64.45 -0.12
N ASN IA 407 82.32 -64.84 -1.37
CA ASN IA 407 82.02 -66.21 -1.71
C ASN IA 407 82.94 -66.74 -2.81
N LYS IA 408 84.10 -66.10 -3.00
CA LYS IA 408 85.05 -66.52 -4.01
C LYS IA 408 85.44 -67.98 -3.85
N GLY IA 409 85.07 -68.82 -4.81
CA GLY IA 409 85.52 -70.20 -4.83
C GLY IA 409 84.73 -71.17 -3.99
N ASN IA 410 83.69 -70.72 -3.29
CA ASN IA 410 82.87 -71.63 -2.49
C ASN IA 410 81.92 -72.38 -3.44
N VAL IA 411 80.98 -73.13 -2.87
CA VAL IA 411 80.20 -74.06 -3.67
C VAL IA 411 79.31 -73.32 -4.65
N LEU IA 412 78.79 -72.14 -4.26
CA LEU IA 412 77.90 -71.39 -5.14
C LEU IA 412 78.59 -71.04 -6.45
N ASP IA 413 79.80 -70.51 -6.38
CA ASP IA 413 80.52 -70.16 -7.58
C ASP IA 413 80.83 -71.39 -8.43
N ARG IA 414 81.09 -72.53 -7.81
CA ARG IA 414 81.31 -73.75 -8.56
C ARG IA 414 80.03 -74.22 -9.25
N VAL IA 415 78.86 -73.86 -8.72
CA VAL IA 415 77.63 -74.10 -9.44
C VAL IA 415 77.52 -73.18 -10.66
N LEU IA 416 77.76 -71.89 -10.44
CA LEU IA 416 77.67 -70.92 -11.53
C LEU IA 416 78.64 -71.24 -12.67
N GLN IA 417 79.79 -71.84 -12.34
CA GLN IA 417 80.79 -72.13 -13.35
C GLN IA 417 80.35 -73.19 -14.34
N HIS IA 418 79.31 -73.97 -14.02
CA HIS IA 418 78.90 -75.06 -14.90
C HIS IA 418 77.39 -75.10 -15.12
N LYS IA 419 76.69 -74.01 -14.81
CA LYS IA 419 75.27 -73.86 -15.15
C LYS IA 419 74.92 -74.28 -16.58
N GLU IA 420 75.88 -74.15 -17.49
CA GLU IA 420 75.64 -74.36 -18.91
C GLU IA 420 75.19 -75.78 -19.19
N ALA IA 421 75.99 -76.75 -18.78
CA ALA IA 421 75.63 -78.15 -18.98
C ALA IA 421 74.30 -78.46 -18.32
N ILE IA 422 74.03 -77.85 -17.17
CA ILE IA 422 72.76 -78.06 -16.48
C ILE IA 422 71.60 -77.71 -17.40
N ILE IA 423 71.57 -76.46 -17.87
CA ILE IA 423 70.43 -76.02 -18.67
C ILE IA 423 70.37 -76.78 -19.98
N SER IA 424 71.52 -77.14 -20.54
CA SER IA 424 71.53 -77.87 -21.80
C SER IA 424 70.91 -79.25 -21.64
N HIS IA 425 71.36 -80.01 -20.65
CA HIS IA 425 70.81 -81.34 -20.44
C HIS IA 425 69.33 -81.26 -20.05
N LEU IA 426 68.94 -80.20 -19.36
CA LEU IA 426 67.53 -80.05 -18.99
C LEU IA 426 66.67 -79.84 -20.23
N SER IA 427 67.07 -78.92 -21.10
CA SER IA 427 66.42 -78.80 -22.40
C SER IA 427 66.39 -80.13 -23.12
N TRP IA 428 67.47 -80.89 -23.02
CA TRP IA 428 67.54 -82.18 -23.71
C TRP IA 428 66.45 -83.12 -23.22
N VAL IA 429 66.34 -83.30 -21.91
CA VAL IA 429 65.38 -84.26 -21.38
C VAL IA 429 63.95 -83.80 -21.67
N SER IA 430 63.72 -82.49 -21.62
CA SER IA 430 62.39 -81.98 -21.96
C SER IA 430 62.04 -82.31 -23.39
N LEU IA 431 62.95 -82.00 -24.33
CA LEU IA 431 62.70 -82.30 -25.73
C LEU IA 431 62.44 -83.78 -25.94
N PHE IA 432 63.26 -84.63 -25.32
CA PHE IA 432 63.12 -86.07 -25.48
C PHE IA 432 61.73 -86.52 -25.04
N LEU IA 433 61.37 -86.19 -23.79
CA LEU IA 433 60.10 -86.68 -23.25
C LEU IA 433 58.93 -86.15 -24.05
N GLY IA 434 58.96 -84.87 -24.42
CA GLY IA 434 57.86 -84.33 -25.20
C GLY IA 434 57.71 -85.02 -26.55
N PHE IA 435 58.81 -85.07 -27.32
CA PHE IA 435 58.79 -85.75 -28.60
C PHE IA 435 58.18 -87.13 -28.47
N HIS IA 436 58.69 -87.93 -27.54
CA HIS IA 436 58.31 -89.33 -27.53
C HIS IA 436 56.90 -89.54 -27.02
N THR IA 437 56.48 -88.79 -25.99
CA THR IA 437 55.12 -88.94 -25.51
C THR IA 437 54.12 -88.52 -26.57
N LEU IA 438 54.40 -87.41 -27.28
CA LEU IA 438 53.50 -87.00 -28.33
C LEU IA 438 53.49 -88.00 -29.48
N GLY IA 439 54.65 -88.56 -29.81
CA GLY IA 439 54.70 -89.55 -30.86
C GLY IA 439 53.88 -90.78 -30.53
N LEU IA 440 53.99 -91.27 -29.29
CA LEU IA 440 53.18 -92.41 -28.90
C LEU IA 440 51.69 -92.08 -28.93
N TYR IA 441 51.34 -90.88 -28.45
CA TYR IA 441 49.94 -90.45 -28.53
C TYR IA 441 49.44 -90.51 -29.97
N VAL IA 442 50.17 -89.86 -30.88
CA VAL IA 442 49.68 -89.78 -32.26
C VAL IA 442 49.70 -91.15 -32.93
N HIS IA 443 50.66 -92.00 -32.58
CA HIS IA 443 50.61 -93.42 -32.91
C HIS IA 443 49.23 -93.98 -32.67
N ASN IA 444 48.82 -93.92 -31.40
CA ASN IA 444 47.52 -94.43 -31.02
C ASN IA 444 46.42 -93.78 -31.84
N ASP IA 445 46.48 -92.47 -32.01
CA ASP IA 445 45.40 -91.77 -32.71
C ASP IA 445 45.23 -92.28 -34.13
N VAL IA 446 46.32 -92.36 -34.90
CA VAL IA 446 46.15 -92.76 -36.29
C VAL IA 446 45.74 -94.22 -36.36
N VAL IA 447 46.37 -95.07 -35.54
CA VAL IA 447 46.08 -96.51 -35.62
C VAL IA 447 44.62 -96.78 -35.32
N VAL IA 448 44.08 -96.11 -34.28
CA VAL IA 448 42.67 -96.28 -34.00
C VAL IA 448 41.82 -95.57 -35.03
N ALA IA 449 42.39 -94.59 -35.74
CA ALA IA 449 41.66 -93.89 -36.79
C ALA IA 449 41.54 -94.70 -38.07
N PHE IA 450 41.94 -95.97 -38.05
CA PHE IA 450 41.81 -96.84 -39.21
C PHE IA 450 40.86 -98.00 -38.96
N GLY IA 451 40.34 -98.14 -37.74
CA GLY IA 451 39.45 -99.23 -37.40
C GLY IA 451 40.11 -100.43 -36.78
N THR IA 452 41.43 -100.54 -36.86
CA THR IA 452 42.15 -101.65 -36.24
C THR IA 452 42.90 -101.17 -35.00
N PRO IA 453 42.42 -101.48 -33.80
CA PRO IA 453 43.13 -101.08 -32.58
C PRO IA 453 44.27 -102.00 -32.19
N GLU IA 454 44.34 -103.20 -32.75
CA GLU IA 454 45.39 -104.14 -32.37
C GLU IA 454 46.75 -103.74 -32.93
N LYS IA 455 46.79 -102.82 -33.89
CA LYS IA 455 48.03 -102.32 -34.46
C LYS IA 455 48.60 -101.15 -33.66
N GLN IA 456 48.23 -101.06 -32.39
CA GLN IA 456 48.49 -99.90 -31.55
C GLN IA 456 49.17 -100.34 -30.27
N ILE IA 457 50.09 -99.51 -29.77
CA ILE IA 457 50.98 -99.92 -28.69
C ILE IA 457 50.30 -99.76 -27.34
N LEU IA 458 50.50 -100.73 -26.46
CA LEU IA 458 50.07 -100.64 -25.07
C LEU IA 458 51.28 -100.95 -24.20
N ILE IA 459 51.71 -99.98 -23.40
CA ILE IA 459 52.76 -100.19 -22.42
C ILE IA 459 52.14 -100.72 -21.14
N GLU IA 460 52.96 -101.24 -20.24
CA GLU IA 460 52.44 -101.69 -18.96
C GLU IA 460 53.44 -101.41 -17.85
N PRO IA 461 53.13 -100.49 -16.94
CA PRO IA 461 54.08 -100.18 -15.86
C PRO IA 461 54.13 -101.32 -14.85
N VAL IA 462 55.34 -101.63 -14.41
CA VAL IA 462 55.52 -102.70 -13.42
C VAL IA 462 56.34 -102.26 -12.22
N PHE IA 463 57.04 -101.13 -12.27
CA PHE IA 463 57.82 -100.69 -11.11
C PHE IA 463 56.90 -100.31 -9.96
N ALA IA 464 55.85 -99.55 -10.26
CA ALA IA 464 54.86 -99.25 -9.24
C ALA IA 464 54.13 -100.50 -8.78
N GLN IA 465 53.94 -101.47 -9.67
CA GLN IA 465 53.36 -102.74 -9.27
C GLN IA 465 54.25 -103.45 -8.26
N PHE IA 466 55.55 -103.46 -8.51
CA PHE IA 466 56.50 -104.09 -7.60
C PHE IA 466 56.54 -103.38 -6.26
N ILE IA 467 56.54 -102.05 -6.28
CA ILE IA 467 56.56 -101.35 -5.00
C ILE IA 467 55.25 -101.57 -4.27
N GLN IA 468 54.15 -101.70 -5.01
CA GLN IA 468 52.85 -101.93 -4.39
C GLN IA 468 52.83 -103.25 -3.65
N ALA IA 469 53.18 -104.34 -4.33
CA ALA IA 469 53.24 -105.64 -3.67
C ALA IA 469 54.29 -105.64 -2.56
N SER IA 470 55.41 -104.96 -2.78
CA SER IA 470 56.49 -104.96 -1.81
C SER IA 470 56.12 -104.21 -0.54
N HIS IA 471 55.20 -103.25 -0.61
CA HIS IA 471 54.70 -102.68 0.63
C HIS IA 471 53.87 -103.68 1.40
N GLY IA 472 53.34 -104.69 0.74
CA GLY IA 472 52.52 -105.68 1.41
C GLY IA 472 51.24 -106.02 0.69
N LYS IA 473 51.13 -105.63 -0.58
CA LYS IA 473 49.94 -105.97 -1.35
C LYS IA 473 50.05 -107.37 -1.92
N VAL IA 474 48.94 -108.11 -1.85
CA VAL IA 474 48.90 -109.51 -2.27
C VAL IA 474 48.16 -109.70 -3.59
N LEU IA 475 47.35 -108.72 -4.01
CA LEU IA 475 46.59 -108.78 -5.26
C LEU IA 475 47.32 -109.43 -6.42
N TYR IA 476 48.60 -109.12 -6.56
CA TYR IA 476 49.36 -109.60 -7.70
C TYR IA 476 50.11 -110.90 -7.41
N GLY IA 477 50.16 -111.33 -6.15
CA GLY IA 477 50.72 -112.61 -5.80
C GLY IA 477 52.18 -112.78 -6.21
N LEU IA 478 53.06 -111.98 -5.64
CA LEU IA 478 54.49 -112.10 -5.88
C LEU IA 478 55.25 -112.63 -4.68
N ASN IA 479 54.62 -112.64 -3.50
CA ASN IA 479 55.22 -113.18 -2.27
C ASN IA 479 56.60 -112.55 -2.01
N THR IA 480 56.57 -111.24 -1.79
CA THR IA 480 57.77 -110.48 -1.46
C THR IA 480 57.42 -109.41 -0.43
N LEU IA 481 58.10 -109.44 0.71
CA LEU IA 481 58.15 -108.32 1.65
C LEU IA 481 56.75 -107.91 2.11
N LEU IA 482 56.16 -108.78 2.91
CA LEU IA 482 54.81 -108.75 3.45
C LEU IA 482 53.78 -109.23 2.44
N SER IA 483 54.19 -109.54 1.21
CA SER IA 483 53.46 -110.51 0.41
C SER IA 483 54.03 -111.90 0.60
N ASN IA 484 55.30 -111.99 1.02
CA ASN IA 484 55.94 -113.20 1.52
C ASN IA 484 55.84 -113.18 3.04
N PRO IA 485 54.90 -113.92 3.61
CA PRO IA 485 54.68 -113.85 5.06
C PRO IA 485 55.74 -114.58 5.87
N ASP IA 486 56.85 -114.95 5.22
CA ASP IA 486 57.89 -115.73 5.87
C ASP IA 486 59.28 -115.12 5.68
N SER IA 487 59.40 -113.98 5.01
CA SER IA 487 60.72 -113.38 4.83
C SER IA 487 61.24 -112.84 6.17
N VAL IA 488 62.47 -112.35 6.13
CA VAL IA 488 63.11 -111.88 7.37
C VAL IA 488 62.36 -110.69 7.95
N ALA IA 489 61.85 -109.80 7.11
CA ALA IA 489 61.10 -108.64 7.56
C ALA IA 489 59.62 -108.93 7.76
N SER IA 490 59.19 -110.19 7.59
CA SER IA 490 57.79 -110.56 7.70
C SER IA 490 57.33 -110.70 9.15
N THR IA 491 58.11 -110.22 10.11
CA THR IA 491 57.77 -110.25 11.53
C THR IA 491 58.07 -108.90 12.15
N ALA IA 492 57.63 -107.83 11.49
CA ALA IA 492 58.07 -106.48 11.82
C ALA IA 492 56.96 -105.49 11.46
N GLY IA 493 57.33 -104.22 11.32
CA GLY IA 493 56.46 -103.16 10.83
C GLY IA 493 55.73 -102.27 11.82
N ALA IA 494 54.71 -102.78 12.50
CA ALA IA 494 53.86 -101.90 13.30
C ALA IA 494 53.53 -102.42 14.68
N ALA IA 495 53.72 -103.70 14.98
CA ALA IA 495 53.26 -104.40 16.18
C ALA IA 495 51.74 -104.46 16.24
N TRP IA 496 51.03 -103.85 15.29
CA TRP IA 496 49.61 -104.06 15.07
C TRP IA 496 49.31 -104.13 13.58
N LEU IA 497 50.23 -104.69 12.81
CA LEU IA 497 50.10 -104.85 11.37
C LEU IA 497 48.94 -105.75 10.94
N PRO IA 498 48.39 -106.64 11.77
CA PRO IA 498 47.20 -107.39 11.30
C PRO IA 498 46.05 -106.50 10.85
N GLY IA 499 45.68 -105.49 11.62
CA GLY IA 499 44.61 -104.59 11.20
C GLY IA 499 44.98 -103.81 9.96
N TRP IA 500 46.23 -103.35 9.89
CA TRP IA 500 46.71 -102.68 8.69
C TRP IA 500 46.59 -103.59 7.47
N LEU IA 501 46.86 -104.88 7.66
CA LEU IA 501 46.79 -105.83 6.55
C LEU IA 501 45.34 -106.06 6.13
N ASP IA 502 44.44 -106.22 7.10
CA ASP IA 502 43.01 -106.30 6.78
C ASP IA 502 42.58 -105.08 5.97
N ALA IA 503 43.06 -103.90 6.36
CA ALA IA 503 42.69 -102.67 5.66
C ALA IA 503 43.23 -102.66 4.23
N ILE IA 504 44.54 -102.88 4.08
CA ILE IA 504 45.16 -102.71 2.77
C ILE IA 504 44.74 -103.81 1.81
N ASN IA 505 44.59 -105.04 2.30
CA ASN IA 505 44.00 -106.10 1.50
C ASN IA 505 42.62 -105.70 1.01
N ASN IA 506 41.85 -105.06 1.88
CA ASN IA 506 40.57 -104.48 1.48
C ASN IA 506 40.82 -103.21 0.69
N GLY IA 507 41.36 -103.36 -0.52
CA GLY IA 507 41.61 -102.23 -1.39
C GLY IA 507 40.34 -101.64 -1.98
N THR IA 508 39.20 -102.03 -1.41
CA THR IA 508 37.92 -101.48 -1.86
C THR IA 508 37.86 -99.97 -1.69
N ASN IA 509 38.50 -99.43 -0.67
CA ASN IA 509 38.56 -98.00 -0.47
C ASN IA 509 39.74 -97.43 -1.26
N SER IA 510 39.97 -96.12 -1.11
CA SER IA 510 41.02 -95.43 -1.83
C SER IA 510 42.36 -95.71 -1.14
N LEU IA 511 42.89 -96.90 -1.38
CA LEU IA 511 44.17 -97.32 -0.81
C LEU IA 511 44.96 -98.05 -1.90
N PHE IA 512 45.76 -97.29 -2.65
CA PHE IA 512 46.71 -97.84 -3.62
C PHE IA 512 46.00 -98.71 -4.65
N LEU IA 513 45.13 -98.08 -5.44
CA LEU IA 513 44.40 -98.79 -6.47
C LEU IA 513 45.33 -99.22 -7.60
N THR IA 514 44.93 -100.30 -8.28
CA THR IA 514 45.65 -100.82 -9.44
C THR IA 514 45.79 -99.75 -10.52
N ILE IA 515 46.62 -100.00 -11.52
CA ILE IA 515 46.95 -99.04 -12.55
C ILE IA 515 47.03 -99.75 -13.90
N GLY IA 516 47.33 -98.99 -14.94
CA GLY IA 516 47.46 -99.52 -16.28
C GLY IA 516 48.35 -98.66 -17.15
N PRO IA 517 48.17 -98.75 -18.47
CA PRO IA 517 49.05 -97.99 -19.37
C PRO IA 517 48.85 -96.49 -19.29
N GLY IA 518 47.60 -96.04 -19.13
CA GLY IA 518 47.32 -94.62 -19.08
C GLY IA 518 48.15 -93.92 -18.02
N ASP IA 519 48.20 -94.51 -16.83
CA ASP IA 519 48.96 -93.90 -15.74
C ASP IA 519 50.43 -93.74 -16.12
N PHE IA 520 50.99 -94.73 -16.82
CA PHE IA 520 52.32 -94.57 -17.40
C PHE IA 520 52.39 -93.30 -18.23
N LEU IA 521 51.44 -93.14 -19.16
CA LEU IA 521 51.44 -91.96 -20.03
C LEU IA 521 51.41 -90.67 -19.22
N VAL IA 522 50.35 -90.46 -18.45
CA VAL IA 522 50.16 -89.15 -17.80
C VAL IA 522 51.27 -88.86 -16.81
N HIS IA 523 51.84 -89.88 -16.17
CA HIS IA 523 52.91 -89.61 -15.22
C HIS IA 523 54.14 -89.08 -15.94
N HIS IA 524 54.45 -89.65 -17.11
CA HIS IA 524 55.52 -89.05 -17.91
C HIS IA 524 55.18 -87.63 -18.32
N ALA IA 525 53.89 -87.36 -18.55
CA ALA IA 525 53.47 -86.00 -18.86
C ALA IA 525 53.77 -85.06 -17.70
N PHE IA 526 53.47 -85.48 -16.48
CA PHE IA 526 53.82 -84.69 -15.30
C PHE IA 526 55.33 -84.42 -15.27
N ALA IA 527 56.11 -85.48 -15.46
CA ALA IA 527 57.56 -85.32 -15.48
C ALA IA 527 57.95 -84.21 -16.43
N LEU IA 528 57.47 -84.29 -17.67
CA LEU IA 528 57.74 -83.25 -18.66
C LEU IA 528 57.36 -81.88 -18.13
N GLY IA 529 56.13 -81.75 -17.62
CA GLY IA 529 55.64 -80.46 -17.20
C GLY IA 529 56.54 -79.78 -16.18
N ILE IA 530 56.82 -80.47 -15.07
CA ILE IA 530 57.69 -79.87 -14.07
C ILE IA 530 59.08 -79.63 -14.64
N HIS IA 531 59.53 -80.49 -15.56
CA HIS IA 531 60.86 -80.30 -16.13
C HIS IA 531 60.96 -78.96 -16.85
N THR IA 532 60.03 -78.68 -17.76
CA THR IA 532 60.11 -77.40 -18.46
C THR IA 532 59.83 -76.22 -17.53
N THR IA 533 58.97 -76.41 -16.54
CA THR IA 533 58.70 -75.33 -15.59
C THR IA 533 59.97 -74.92 -14.87
N VAL IA 534 60.66 -75.88 -14.26
CA VAL IA 534 61.91 -75.55 -13.59
C VAL IA 534 62.94 -75.06 -14.59
N LEU IA 535 62.83 -75.50 -15.85
CA LEU IA 535 63.74 -75.02 -16.87
C LEU IA 535 63.65 -73.51 -17.02
N VAL IA 536 62.46 -73.01 -17.35
CA VAL IA 536 62.31 -71.57 -17.56
C VAL IA 536 62.63 -70.81 -16.29
N LEU IA 537 62.25 -71.36 -15.14
CA LEU IA 537 62.49 -70.66 -13.89
C LEU IA 537 63.99 -70.50 -13.62
N VAL IA 538 64.76 -71.58 -13.77
CA VAL IA 538 66.18 -71.49 -13.49
C VAL IA 538 66.86 -70.65 -14.56
N LYS IA 539 66.34 -70.64 -15.78
CA LYS IA 539 66.90 -69.77 -16.80
C LYS IA 539 66.77 -68.31 -16.37
N GLY IA 540 65.57 -67.91 -15.97
CA GLY IA 540 65.40 -66.55 -15.48
C GLY IA 540 66.26 -66.25 -14.27
N ALA IA 541 66.33 -67.20 -13.34
CA ALA IA 541 67.14 -67.02 -12.14
C ALA IA 541 68.59 -66.77 -12.50
N LEU IA 542 69.19 -67.69 -13.25
CA LEU IA 542 70.59 -67.57 -13.60
C LEU IA 542 70.86 -66.49 -14.63
N ASP IA 543 69.81 -65.87 -15.19
CA ASP IA 543 69.98 -64.64 -15.96
C ASP IA 543 69.64 -63.40 -15.16
N ALA IA 544 69.28 -63.53 -13.88
CA ALA IA 544 69.08 -62.35 -13.05
C ALA IA 544 70.29 -61.42 -13.04
N ARG IA 545 71.47 -61.91 -13.42
CA ARG IA 545 72.66 -61.07 -13.47
C ARG IA 545 72.89 -60.48 -14.86
N GLY IA 546 72.89 -61.34 -15.88
CA GLY IA 546 73.15 -60.86 -17.23
C GLY IA 546 73.24 -62.03 -18.19
N SER IA 547 73.10 -61.69 -19.47
CA SER IA 547 73.14 -62.67 -20.55
C SER IA 547 74.38 -62.44 -21.40
N LYS IA 548 74.63 -63.40 -22.30
CA LYS IA 548 75.76 -63.27 -23.21
C LYS IA 548 75.59 -62.05 -24.11
N LEU IA 549 74.39 -61.84 -24.64
CA LEU IA 549 74.11 -60.72 -25.51
C LEU IA 549 73.48 -59.56 -24.76
N MET IA 550 73.46 -59.60 -23.43
CA MET IA 550 73.07 -58.46 -22.60
C MET IA 550 73.58 -58.69 -21.18
N PRO IA 551 74.86 -58.47 -20.91
CA PRO IA 551 75.40 -58.78 -19.57
C PRO IA 551 75.15 -57.68 -18.55
N ASP IA 552 74.86 -56.46 -19.00
CA ASP IA 552 74.79 -55.32 -18.07
C ASP IA 552 73.63 -55.43 -17.09
N LYS IA 553 72.57 -56.16 -17.44
CA LYS IA 553 71.28 -56.03 -16.77
C LYS IA 553 71.36 -56.12 -15.25
N LYS IA 554 72.46 -56.64 -14.70
CA LYS IA 554 72.65 -56.65 -13.25
C LYS IA 554 72.42 -55.28 -12.64
N ASP IA 555 72.86 -54.22 -13.32
CA ASP IA 555 72.65 -52.86 -12.83
C ASP IA 555 71.33 -52.26 -13.28
N PHE IA 556 70.72 -52.79 -14.34
CA PHE IA 556 69.43 -52.29 -14.78
C PHE IA 556 68.34 -52.60 -13.78
N GLY IA 557 68.44 -53.73 -13.09
CA GLY IA 557 67.53 -54.04 -12.01
C GLY IA 557 66.47 -55.06 -12.41
N TYR IA 558 65.85 -55.65 -11.39
CA TYR IA 558 64.70 -56.52 -11.57
C TYR IA 558 63.51 -55.66 -11.97
N ALA IA 559 63.52 -55.19 -13.21
CA ALA IA 559 62.73 -54.04 -13.61
C ALA IA 559 62.34 -54.22 -15.08
N PHE IA 560 62.05 -53.12 -15.75
CA PHE IA 560 61.53 -53.19 -17.11
C PHE IA 560 62.50 -53.69 -18.19
N PRO IA 561 63.86 -53.51 -18.08
CA PRO IA 561 64.66 -53.25 -19.29
C PRO IA 561 64.24 -53.94 -20.58
N CYS IA 562 64.06 -53.15 -21.65
CA CYS IA 562 63.66 -53.64 -22.95
C CYS IA 562 64.76 -53.65 -23.97
N ASP IA 563 65.66 -52.66 -23.95
CA ASP IA 563 66.82 -52.63 -24.84
C ASP IA 563 66.38 -52.69 -26.31
N GLY IA 564 65.79 -51.58 -26.76
CA GLY IA 564 65.10 -51.49 -28.03
C GLY IA 564 65.89 -52.03 -29.21
N PRO IA 565 65.25 -52.07 -30.38
CA PRO IA 565 65.58 -53.13 -31.34
C PRO IA 565 67.00 -53.10 -31.86
N GLY IA 566 67.92 -53.54 -31.01
CA GLY IA 566 69.32 -53.69 -31.38
C GLY IA 566 69.50 -54.74 -32.44
N ARG IA 567 69.04 -55.97 -32.17
CA ARG IA 567 69.11 -57.07 -33.11
C ARG IA 567 67.73 -57.71 -33.17
N GLY IA 568 66.95 -57.34 -34.17
CA GLY IA 568 65.61 -57.88 -34.33
C GLY IA 568 64.64 -57.56 -33.21
N GLY IA 569 65.13 -56.93 -32.16
CA GLY IA 569 64.37 -56.68 -30.95
C GLY IA 569 64.95 -57.45 -29.78
N THR IA 570 64.69 -56.95 -28.57
CA THR IA 570 65.12 -57.61 -27.35
C THR IA 570 64.04 -57.54 -26.28
N CYS IA 571 62.78 -57.52 -26.71
CA CYS IA 571 61.68 -57.48 -25.77
C CYS IA 571 61.62 -58.78 -24.96
N ASP IA 572 61.07 -58.67 -23.76
CA ASP IA 572 60.93 -59.79 -22.82
C ASP IA 572 62.30 -60.38 -22.49
N ILE IA 573 63.10 -59.58 -21.79
CA ILE IA 573 64.42 -59.99 -21.34
C ILE IA 573 64.56 -59.64 -19.86
N SER IA 574 63.48 -59.15 -19.25
CA SER IA 574 63.56 -58.46 -17.96
C SER IA 574 63.34 -59.38 -16.76
N ALA IA 575 64.03 -60.53 -16.72
CA ALA IA 575 64.30 -61.25 -15.48
C ALA IA 575 63.06 -61.77 -14.76
N TRP IA 576 61.87 -61.35 -15.20
CA TRP IA 576 60.65 -62.02 -14.79
C TRP IA 576 59.65 -62.10 -15.93
N ASP IA 577 60.00 -61.64 -17.12
CA ASP IA 577 59.44 -62.22 -18.33
C ASP IA 577 59.35 -63.73 -18.16
N ALA IA 578 60.42 -64.33 -17.64
CA ALA IA 578 60.40 -65.76 -17.31
C ALA IA 578 59.27 -66.10 -16.35
N PHE IA 579 58.91 -65.18 -15.45
CA PHE IA 579 57.90 -65.50 -14.47
C PHE IA 579 56.54 -65.70 -15.12
N TYR IA 580 56.18 -64.88 -16.11
CA TYR IA 580 54.93 -65.07 -16.82
C TYR IA 580 54.88 -66.44 -17.47
N LEU IA 581 55.92 -66.76 -18.25
CA LEU IA 581 56.00 -68.03 -18.93
C LEU IA 581 55.88 -69.18 -17.95
N ALA IA 582 56.61 -69.08 -16.83
CA ALA IA 582 56.55 -70.11 -15.81
C ALA IA 582 55.15 -70.24 -15.24
N LEU IA 583 54.44 -69.12 -15.09
CA LEU IA 583 53.10 -69.18 -14.54
C LEU IA 583 52.16 -69.94 -15.47
N PHE IA 584 52.26 -69.66 -16.77
CA PHE IA 584 51.48 -70.44 -17.74
C PHE IA 584 51.83 -71.92 -17.65
N TRP IA 585 53.13 -72.22 -17.64
CA TRP IA 585 53.61 -73.60 -17.63
C TRP IA 585 53.25 -74.32 -16.33
N ALA IA 586 52.96 -73.58 -15.28
CA ALA IA 586 52.50 -74.21 -14.05
C ALA IA 586 50.99 -74.41 -14.07
N LEU IA 587 50.25 -73.45 -14.63
CA LEU IA 587 48.81 -73.56 -14.68
C LEU IA 587 48.39 -74.78 -15.50
N ASN IA 588 48.98 -74.95 -16.68
CA ASN IA 588 48.57 -76.09 -17.50
C ASN IA 588 48.96 -77.41 -16.83
N THR IA 589 50.11 -77.44 -16.16
CA THR IA 589 50.53 -78.63 -15.44
C THR IA 589 49.54 -79.02 -14.36
N VAL IA 590 49.19 -78.05 -13.50
CA VAL IA 590 48.28 -78.36 -12.41
C VAL IA 590 46.91 -78.74 -12.95
N GLY IA 591 46.50 -78.16 -14.08
CA GLY IA 591 45.25 -78.58 -14.69
C GLY IA 591 45.29 -80.04 -15.12
N TRP IA 592 46.34 -80.42 -15.84
CA TRP IA 592 46.55 -81.81 -16.20
C TRP IA 592 46.39 -82.72 -14.99
N VAL IA 593 47.14 -82.43 -13.93
CA VAL IA 593 47.19 -83.36 -12.80
C VAL IA 593 45.85 -83.43 -12.08
N THR IA 594 45.19 -82.29 -11.88
CA THR IA 594 43.94 -82.34 -11.15
C THR IA 594 42.85 -83.03 -11.97
N PHE IA 595 42.87 -82.88 -13.29
CA PHE IA 595 41.89 -83.63 -14.07
C PHE IA 595 42.19 -85.12 -14.04
N TYR IA 596 43.46 -85.50 -14.01
CA TYR IA 596 43.79 -86.92 -13.86
C TYR IA 596 43.21 -87.49 -12.57
N TRP IA 597 43.48 -86.81 -11.46
CA TRP IA 597 42.89 -87.20 -10.18
C TRP IA 597 41.38 -87.31 -10.28
N HIS IA 598 40.74 -86.32 -10.93
CA HIS IA 598 39.29 -86.28 -10.98
C HIS IA 598 38.74 -87.48 -11.74
N TRP IA 599 39.32 -87.79 -12.91
CA TRP IA 599 38.84 -88.94 -13.68
C TRP IA 599 39.06 -90.23 -12.92
N LYS IA 600 40.25 -90.41 -12.32
CA LYS IA 600 40.51 -91.60 -11.54
C LYS IA 600 39.43 -91.82 -10.50
N HIS IA 601 39.23 -90.83 -9.62
CA HIS IA 601 38.29 -91.02 -8.53
C HIS IA 601 36.86 -91.09 -9.02
N LEU IA 602 36.54 -90.44 -10.15
CA LEU IA 602 35.19 -90.55 -10.69
C LEU IA 602 34.91 -91.98 -11.13
N GLY IA 603 35.84 -92.58 -11.87
CA GLY IA 603 35.70 -93.99 -12.21
C GLY IA 603 35.65 -94.88 -11.00
N ILE IA 604 36.36 -94.51 -9.93
CA ILE IA 604 36.33 -95.30 -8.71
C ILE IA 604 34.96 -95.19 -8.02
N TRP IA 605 34.26 -94.07 -8.21
CA TRP IA 605 33.00 -93.85 -7.51
C TRP IA 605 32.01 -94.99 -7.76
N GLN IA 606 31.64 -95.21 -9.02
CA GLN IA 606 30.72 -96.27 -9.38
C GLN IA 606 31.44 -97.53 -9.87
N GLY IA 607 32.75 -97.61 -9.65
CA GLY IA 607 33.53 -98.77 -10.02
C GLY IA 607 33.75 -98.98 -11.49
N ASN IA 608 33.05 -98.23 -12.35
CA ASN IA 608 33.13 -98.43 -13.79
C ASN IA 608 34.44 -97.83 -14.30
N VAL IA 609 35.53 -98.59 -14.08
CA VAL IA 609 36.86 -98.15 -14.52
C VAL IA 609 37.06 -98.37 -16.01
N ALA IA 610 36.07 -98.96 -16.70
CA ALA IA 610 36.25 -99.33 -18.10
C ALA IA 610 36.52 -98.12 -18.98
N GLN IA 611 35.82 -97.01 -18.74
CA GLN IA 611 35.94 -95.86 -19.61
C GLN IA 611 37.34 -95.27 -19.58
N PHE IA 612 37.92 -95.12 -18.39
CA PHE IA 612 39.26 -94.56 -18.27
C PHE IA 612 40.27 -95.39 -19.05
N ASN IA 613 40.44 -96.65 -18.65
CA ASN IA 613 41.42 -97.52 -19.32
C ASN IA 613 41.11 -97.69 -20.80
N GLU IA 614 39.85 -97.56 -21.20
CA GLU IA 614 39.47 -97.81 -22.58
C GLU IA 614 39.79 -96.62 -23.47
N SER IA 615 39.62 -95.39 -22.98
CA SER IA 615 39.80 -94.20 -23.79
C SER IA 615 40.89 -93.29 -23.23
N SER IA 616 41.90 -93.86 -22.57
CA SER IA 616 43.03 -93.08 -22.10
C SER IA 616 44.13 -92.96 -23.14
N THR IA 617 44.12 -93.81 -24.15
CA THR IA 617 45.23 -93.88 -25.11
C THR IA 617 45.19 -92.69 -26.07
N TYR IA 618 44.14 -92.60 -26.86
CA TYR IA 618 44.00 -91.53 -27.85
C TYR IA 618 43.19 -90.37 -27.26
N LEU IA 619 43.55 -89.15 -27.66
CA LEU IA 619 43.04 -87.95 -27.02
C LEU IA 619 41.59 -87.66 -27.36
N MET IA 620 41.10 -88.15 -28.50
CA MET IA 620 39.68 -88.11 -28.78
C MET IA 620 38.88 -88.63 -27.60
N GLY IA 621 39.27 -89.79 -27.08
CA GLY IA 621 38.60 -90.34 -25.92
C GLY IA 621 38.63 -89.40 -24.73
N TRP IA 622 39.77 -88.74 -24.52
CA TRP IA 622 39.88 -87.77 -23.44
C TRP IA 622 38.84 -86.68 -23.57
N LEU IA 623 38.78 -86.01 -24.72
CA LEU IA 623 37.84 -84.90 -24.83
C LEU IA 623 36.41 -85.35 -25.11
N ARG IA 624 36.16 -86.64 -25.28
CA ARG IA 624 34.78 -87.08 -25.51
C ARG IA 624 34.13 -87.70 -24.29
N ASP IA 625 34.90 -88.41 -23.45
CA ASP IA 625 34.27 -89.19 -22.40
C ASP IA 625 33.98 -88.37 -21.15
N TYR IA 626 34.78 -87.34 -20.87
CA TYR IA 626 34.63 -86.59 -19.63
C TYR IA 626 34.41 -85.10 -19.81
N LEU IA 627 34.59 -84.57 -21.03
CA LEU IA 627 34.44 -83.13 -21.21
C LEU IA 627 32.97 -82.73 -21.19
N TRP IA 628 32.17 -83.25 -22.12
CA TRP IA 628 30.78 -82.87 -22.24
C TRP IA 628 29.82 -83.90 -21.69
N LEU IA 629 30.31 -85.06 -21.25
CA LEU IA 629 29.44 -86.09 -20.69
C LEU IA 629 29.09 -85.84 -19.23
N TYR IA 630 29.35 -84.64 -18.73
CA TYR IA 630 28.99 -84.29 -17.36
C TYR IA 630 28.46 -82.87 -17.25
N SER IA 631 28.29 -82.16 -18.36
CA SER IA 631 27.98 -80.74 -18.33
C SER IA 631 26.50 -80.44 -18.49
N ALA IA 632 25.76 -81.25 -19.24
CA ALA IA 632 24.32 -81.04 -19.33
C ALA IA 632 23.66 -81.14 -17.97
N GLN IA 633 24.26 -81.91 -17.05
CA GLN IA 633 23.83 -81.89 -15.66
C GLN IA 633 23.98 -80.52 -15.04
N LEU IA 634 24.80 -79.67 -15.64
CA LEU IA 634 25.04 -78.31 -15.18
C LEU IA 634 24.60 -77.24 -16.16
N ILE IA 635 24.72 -77.50 -17.47
CA ILE IA 635 24.55 -76.42 -18.45
C ILE IA 635 23.14 -75.85 -18.40
N ASN IA 636 22.14 -76.67 -18.11
CA ASN IA 636 20.75 -76.23 -18.09
C ASN IA 636 20.29 -75.81 -16.70
N GLY IA 637 21.21 -75.30 -15.88
CA GLY IA 637 20.83 -74.72 -14.61
C GLY IA 637 19.83 -73.58 -14.79
N TYR IA 638 19.97 -72.82 -15.87
CA TYR IA 638 18.94 -71.89 -16.32
C TYR IA 638 18.88 -71.93 -17.83
N ASN IA 639 17.69 -71.70 -18.36
CA ASN IA 639 17.39 -71.83 -19.78
C ASN IA 639 16.01 -71.22 -20.02
N PRO IA 640 15.58 -71.04 -21.26
CA PRO IA 640 14.29 -70.36 -21.51
C PRO IA 640 13.09 -71.01 -20.83
N TYR IA 641 13.25 -72.14 -20.16
CA TYR IA 641 12.12 -72.89 -19.61
C TYR IA 641 12.06 -72.92 -18.10
N GLY IA 642 13.19 -72.89 -17.41
CA GLY IA 642 13.15 -72.95 -15.97
C GLY IA 642 14.50 -72.62 -15.36
N MET IA 643 14.56 -72.78 -14.04
CA MET IA 643 15.80 -72.58 -13.30
C MET IA 643 16.08 -73.73 -12.35
N ASN IA 644 17.17 -73.64 -11.61
CA ASN IA 644 17.57 -74.66 -10.64
C ASN IA 644 18.34 -73.96 -9.53
N ASN IA 645 19.11 -74.75 -8.76
CA ASN IA 645 20.08 -74.20 -7.83
C ASN IA 645 21.49 -74.20 -8.43
N LEU IA 646 21.60 -73.96 -9.74
CA LEU IA 646 22.88 -73.98 -10.44
C LEU IA 646 23.07 -72.78 -11.35
N SER IA 647 22.01 -71.99 -11.58
CA SER IA 647 22.11 -70.82 -12.43
C SER IA 647 23.32 -69.96 -12.08
N VAL IA 648 23.56 -69.78 -10.78
CA VAL IA 648 24.71 -69.01 -10.35
C VAL IA 648 26.00 -69.65 -10.85
N TRP IA 649 26.04 -70.99 -10.95
CA TRP IA 649 27.25 -71.65 -11.41
C TRP IA 649 27.45 -71.52 -12.92
N ALA IA 650 26.37 -71.56 -13.70
CA ALA IA 650 26.52 -71.25 -15.11
C ALA IA 650 27.02 -69.82 -15.30
N TRP IA 651 26.50 -68.90 -14.48
CA TRP IA 651 27.00 -67.53 -14.50
C TRP IA 651 28.48 -67.50 -14.16
N MET IA 652 28.91 -68.32 -13.20
CA MET IA 652 30.33 -68.48 -12.91
C MET IA 652 31.11 -68.82 -14.18
N PHE IA 653 30.71 -69.90 -14.85
CA PHE IA 653 31.32 -70.32 -16.12
C PHE IA 653 31.54 -69.14 -17.06
N LEU IA 654 30.43 -68.49 -17.39
CA LEU IA 654 30.46 -67.52 -18.47
C LEU IA 654 31.25 -66.28 -18.07
N PHE IA 655 31.12 -65.85 -16.81
CA PHE IA 655 31.93 -64.76 -16.31
C PHE IA 655 33.41 -65.06 -16.48
N GLY IA 656 33.82 -66.28 -16.09
CA GLY IA 656 35.21 -66.65 -16.23
C GLY IA 656 35.69 -66.61 -17.67
N HIS IA 657 34.89 -67.16 -18.59
CA HIS IA 657 35.26 -67.11 -20.00
C HIS IA 657 35.44 -65.68 -20.47
N LEU IA 658 34.55 -64.78 -20.05
CA LEU IA 658 34.62 -63.39 -20.48
C LEU IA 658 35.94 -62.76 -20.04
N VAL IA 659 36.27 -62.88 -18.75
CA VAL IA 659 37.52 -62.26 -18.30
C VAL IA 659 38.70 -62.95 -18.97
N TRP IA 660 38.57 -64.24 -19.28
CA TRP IA 660 39.62 -64.96 -19.99
C TRP IA 660 39.96 -64.27 -21.31
N ALA IA 661 38.93 -64.05 -22.14
CA ALA IA 661 39.20 -63.40 -23.43
C ALA IA 661 39.66 -61.95 -23.25
N THR IA 662 39.16 -61.26 -22.23
CA THR IA 662 39.67 -59.92 -21.92
C THR IA 662 41.17 -59.96 -21.72
N GLY IA 663 41.65 -61.01 -21.05
CA GLY IA 663 43.09 -61.20 -20.90
C GLY IA 663 43.81 -61.20 -22.24
N PHE IA 664 43.27 -61.94 -23.21
CA PHE IA 664 43.88 -61.95 -24.55
C PHE IA 664 43.95 -60.55 -25.11
N MET IA 665 42.86 -59.79 -24.97
CA MET IA 665 42.86 -58.41 -25.46
C MET IA 665 44.03 -57.64 -24.89
N PHE IA 666 44.20 -57.71 -23.57
CA PHE IA 666 45.30 -57.00 -22.95
C PHE IA 666 46.66 -57.51 -23.41
N LEU IA 667 46.75 -58.82 -23.69
CA LEU IA 667 48.05 -59.40 -23.98
C LEU IA 667 48.53 -59.07 -25.39
N ILE IA 668 47.65 -59.12 -26.37
CA ILE IA 668 48.10 -59.03 -27.77
C ILE IA 668 48.42 -57.60 -28.15
N SER IA 669 47.43 -56.71 -28.11
CA SER IA 669 47.65 -55.33 -28.51
C SER IA 669 48.62 -54.65 -27.55
N TRP IA 670 49.47 -53.77 -28.10
CA TRP IA 670 50.53 -53.14 -27.33
C TRP IA 670 50.43 -51.63 -27.40
N ARG IA 671 51.26 -50.97 -26.60
CA ARG IA 671 51.15 -49.53 -26.35
C ARG IA 671 51.86 -48.73 -27.43
N GLY IA 672 51.33 -48.80 -28.64
CA GLY IA 672 51.78 -47.93 -29.70
C GLY IA 672 50.61 -47.52 -30.54
N TYR IA 673 49.45 -48.02 -30.12
CA TYR IA 673 48.19 -47.79 -30.79
C TYR IA 673 47.15 -47.17 -29.87
N TRP IA 674 47.19 -47.50 -28.58
CA TRP IA 674 46.25 -46.98 -27.59
C TRP IA 674 46.62 -45.61 -27.10
N GLN IA 675 47.47 -44.90 -27.82
CA GLN IA 675 47.81 -43.53 -27.49
C GLN IA 675 47.45 -42.53 -28.57
N GLU IA 676 47.50 -42.94 -29.85
CA GLU IA 676 47.10 -42.03 -30.92
C GLU IA 676 45.66 -41.57 -30.75
N LEU IA 677 44.76 -42.50 -30.42
CA LEU IA 677 43.36 -42.13 -30.31
C LEU IA 677 43.06 -41.40 -29.00
N ILE IA 678 43.89 -41.56 -27.98
CA ILE IA 678 43.69 -40.75 -26.79
C ILE IA 678 43.99 -39.29 -27.10
N GLU IA 679 44.90 -39.02 -28.03
CA GLU IA 679 45.14 -37.65 -28.45
C GLU IA 679 43.86 -37.02 -28.99
N THR IA 680 43.32 -37.58 -30.07
CA THR IA 680 42.10 -37.02 -30.64
C THR IA 680 40.95 -37.03 -29.65
N LEU IA 681 40.97 -37.94 -28.69
CA LEU IA 681 39.87 -37.96 -27.73
C LEU IA 681 40.04 -36.90 -26.65
N VAL IA 682 41.26 -36.45 -26.40
CA VAL IA 682 41.46 -35.23 -25.62
C VAL IA 682 41.02 -34.02 -26.42
N TRP IA 683 41.26 -34.05 -27.73
CA TRP IA 683 40.87 -32.94 -28.60
C TRP IA 683 39.39 -32.60 -28.49
N ALA IA 684 38.55 -33.54 -28.07
CA ALA IA 684 37.11 -33.31 -28.06
C ALA IA 684 36.70 -32.34 -26.96
N HIS IA 685 36.98 -32.69 -25.70
CA HIS IA 685 36.55 -31.88 -24.57
C HIS IA 685 36.96 -30.43 -24.70
N GLU IA 686 38.13 -30.18 -25.28
CA GLU IA 686 38.62 -28.82 -25.42
C GLU IA 686 37.69 -27.96 -26.26
N ARG IA 687 36.94 -28.55 -27.19
CA ARG IA 687 36.22 -27.78 -28.19
C ARG IA 687 34.72 -28.06 -28.24
N THR IA 688 34.20 -28.86 -27.35
CA THR IA 688 32.75 -28.81 -27.40
C THR IA 688 32.22 -27.88 -26.32
N PRO IA 689 31.10 -27.20 -26.57
CA PRO IA 689 30.54 -26.28 -25.58
C PRO IA 689 29.51 -26.98 -24.71
N LEU IA 690 29.23 -26.35 -23.57
CA LEU IA 690 28.33 -26.78 -22.51
C LEU IA 690 28.92 -27.94 -21.71
N ALA IA 691 30.09 -28.45 -22.08
CA ALA IA 691 30.79 -29.44 -21.28
C ALA IA 691 32.25 -29.08 -21.07
N SER IA 692 32.75 -28.03 -21.72
CA SER IA 692 34.13 -27.63 -21.51
C SER IA 692 34.35 -26.96 -20.18
N LEU IA 693 33.30 -26.82 -19.37
CA LEU IA 693 33.45 -26.25 -18.03
C LEU IA 693 34.46 -27.06 -17.22
N VAL IA 694 34.23 -28.36 -17.06
CA VAL IA 694 35.08 -29.18 -16.22
C VAL IA 694 36.46 -29.33 -16.88
N ARG IA 695 37.43 -29.73 -16.06
CA ARG IA 695 38.82 -29.86 -16.51
C ARG IA 695 39.40 -31.11 -15.85
N TRP IA 696 40.72 -31.22 -15.84
CA TRP IA 696 41.38 -32.45 -15.44
C TRP IA 696 41.99 -32.33 -14.05
N LYS IA 697 41.52 -33.16 -13.12
CA LYS IA 697 42.29 -33.53 -11.94
C LYS IA 697 43.75 -33.78 -12.32
N ASP IA 698 43.96 -34.56 -13.37
CA ASP IA 698 45.29 -34.95 -13.80
C ASP IA 698 45.23 -35.38 -15.25
N LYS IA 699 46.26 -35.03 -16.00
CA LYS IA 699 46.26 -35.26 -17.45
C LYS IA 699 46.33 -36.76 -17.73
N PRO IA 700 45.32 -37.34 -18.37
CA PRO IA 700 45.33 -38.79 -18.60
C PRO IA 700 46.18 -39.19 -19.78
N VAL IA 701 46.86 -40.33 -19.63
CA VAL IA 701 47.66 -40.93 -20.69
C VAL IA 701 47.36 -42.42 -20.73
N ALA IA 702 47.98 -43.11 -21.69
CA ALA IA 702 47.78 -44.53 -21.83
C ALA IA 702 48.45 -45.27 -20.67
N MET IA 703 48.20 -46.57 -20.59
CA MET IA 703 48.79 -47.41 -19.57
C MET IA 703 50.30 -47.51 -19.77
N SER IA 704 50.95 -48.24 -18.88
CA SER IA 704 52.36 -48.57 -19.02
C SER IA 704 52.52 -49.97 -19.57
N ILE IA 705 53.75 -50.31 -19.95
CA ILE IA 705 53.99 -51.61 -20.56
C ILE IA 705 53.94 -52.71 -19.51
N VAL IA 706 54.78 -52.61 -18.48
CA VAL IA 706 54.81 -53.63 -17.44
C VAL IA 706 53.44 -53.77 -16.78
N GLN IA 707 52.76 -52.65 -16.56
CA GLN IA 707 51.42 -52.72 -15.98
C GLN IA 707 50.46 -53.41 -16.94
N GLY IA 708 50.61 -53.18 -18.24
CA GLY IA 708 49.77 -53.88 -19.20
C GLY IA 708 49.98 -55.39 -19.14
N ARG IA 709 51.24 -55.81 -19.14
CA ARG IA 709 51.55 -57.23 -19.00
C ARG IA 709 50.94 -57.80 -17.73
N LEU IA 710 51.09 -57.08 -16.62
CA LEU IA 710 50.60 -57.56 -15.34
C LEU IA 710 49.09 -57.72 -15.35
N VAL IA 711 48.37 -56.72 -15.86
CA VAL IA 711 46.91 -56.80 -15.87
C VAL IA 711 46.44 -57.90 -16.79
N GLY IA 712 47.11 -58.07 -17.94
CA GLY IA 712 46.75 -59.18 -18.82
C GLY IA 712 46.91 -60.51 -18.13
N LEU IA 713 48.03 -60.70 -17.44
CA LEU IA 713 48.27 -61.96 -16.74
C LEU IA 713 47.23 -62.17 -15.64
N ALA IA 714 46.91 -61.09 -14.91
CA ALA IA 714 45.91 -61.22 -13.85
C ALA IA 714 44.57 -61.64 -14.41
N HIS IA 715 44.14 -61.00 -15.50
CA HIS IA 715 42.88 -61.37 -16.12
C HIS IA 715 42.90 -62.83 -16.55
N PHE IA 716 43.99 -63.25 -17.18
CA PHE IA 716 44.08 -64.64 -17.64
C PHE IA 716 43.96 -65.61 -16.47
N THR IA 717 44.69 -65.34 -15.39
CA THR IA 717 44.69 -66.27 -14.26
C THR IA 717 43.34 -66.30 -13.57
N VAL IA 718 42.69 -65.14 -13.43
CA VAL IA 718 41.39 -65.14 -12.76
C VAL IA 718 40.35 -65.84 -13.62
N GLY IA 719 40.44 -65.66 -14.95
CA GLY IA 719 39.55 -66.40 -15.82
C GLY IA 719 39.76 -67.89 -15.72
N TYR IA 720 41.01 -68.32 -15.62
CA TYR IA 720 41.30 -69.74 -15.52
C TYR IA 720 40.78 -70.32 -14.21
N VAL IA 721 40.91 -69.57 -13.11
CA VAL IA 721 40.57 -70.12 -11.80
C VAL IA 721 39.09 -70.47 -11.73
N LEU IA 722 38.22 -69.50 -12.05
CA LEU IA 722 36.82 -69.61 -11.71
C LEU IA 722 36.16 -70.81 -12.38
N THR IA 723 36.19 -70.84 -13.71
CA THR IA 723 35.42 -71.84 -14.47
C THR IA 723 35.71 -73.26 -13.99
N TYR IA 724 36.98 -73.59 -13.78
CA TYR IA 724 37.31 -74.96 -13.42
C TYR IA 724 36.72 -75.33 -12.06
N ALA IA 725 36.79 -74.41 -11.10
CA ALA IA 725 36.19 -74.68 -9.80
C ALA IA 725 34.70 -74.94 -9.93
N ALA IA 726 33.98 -74.03 -10.59
CA ALA IA 726 32.55 -74.23 -10.79
C ALA IA 726 32.28 -75.59 -11.38
N PHE IA 727 33.02 -75.94 -12.44
CA PHE IA 727 32.81 -77.22 -13.11
C PHE IA 727 32.99 -78.39 -12.14
N VAL IA 728 34.07 -78.37 -11.36
CA VAL IA 728 34.39 -79.54 -10.54
C VAL IA 728 33.34 -79.72 -9.44
N ILE IA 729 33.01 -78.65 -8.71
CA ILE IA 729 32.06 -78.83 -7.62
C ILE IA 729 30.67 -79.15 -8.16
N ALA IA 730 30.25 -78.48 -9.25
CA ALA IA 730 28.94 -78.79 -9.82
C ALA IA 730 28.86 -80.25 -10.25
N SER IA 731 29.90 -80.74 -10.93
CA SER IA 731 29.90 -82.12 -11.38
C SER IA 731 29.84 -83.08 -10.20
N THR IA 732 30.67 -82.85 -9.19
CA THR IA 732 30.72 -83.77 -8.04
C THR IA 732 29.39 -83.79 -7.30
N ALA IA 733 28.75 -82.63 -7.14
CA ALA IA 733 27.47 -82.58 -6.45
C ALA IA 733 26.30 -82.98 -7.35
N GLY IA 734 26.52 -83.12 -8.65
CA GLY IA 734 25.45 -83.52 -9.53
C GLY IA 734 25.51 -84.98 -9.99
N LYS IA 735 26.65 -85.64 -9.76
CA LYS IA 735 26.79 -87.03 -10.17
C LYS IA 735 26.99 -88.00 -9.01
N PHE IA 736 27.60 -87.57 -7.91
CA PHE IA 736 27.87 -88.43 -6.75
C PHE IA 736 28.70 -89.66 -7.14
N SER JA 2 66.01 -35.33 -17.42
CA SER JA 2 65.04 -36.41 -17.39
C SER JA 2 65.71 -37.74 -17.04
N HIS JA 3 65.79 -38.63 -18.02
CA HIS JA 3 66.54 -39.86 -17.86
C HIS JA 3 68.03 -39.56 -17.85
N SER JA 4 68.82 -40.58 -17.52
CA SER JA 4 70.26 -40.39 -17.37
C SER JA 4 71.00 -40.94 -18.58
N VAL JA 5 72.12 -40.32 -18.90
CA VAL JA 5 72.95 -40.73 -20.03
C VAL JA 5 74.28 -41.22 -19.48
N LYS JA 6 74.93 -42.13 -20.22
CA LYS JA 6 76.14 -42.78 -19.76
C LYS JA 6 77.13 -42.85 -20.91
N ILE JA 7 78.35 -42.37 -20.68
CA ILE JA 7 79.39 -42.28 -21.71
C ILE JA 7 80.54 -43.20 -21.31
N TYR JA 8 81.30 -43.61 -22.33
CA TYR JA 8 82.40 -44.55 -22.11
C TYR JA 8 83.60 -44.07 -22.92
N ASP JA 9 84.61 -44.93 -23.00
CA ASP JA 9 85.86 -44.61 -23.68
C ASP JA 9 85.91 -45.10 -25.11
N THR JA 10 85.08 -46.06 -25.48
CA THR JA 10 85.10 -46.70 -26.79
C THR JA 10 84.60 -45.78 -27.89
N CYS JA 11 84.37 -44.50 -27.66
CA CYS JA 11 83.91 -43.59 -28.70
C CYS JA 11 85.02 -43.43 -29.72
N ILE JA 12 84.87 -44.06 -30.89
CA ILE JA 12 85.85 -43.91 -31.94
C ILE JA 12 85.83 -42.49 -32.49
N GLY JA 13 84.67 -41.86 -32.50
CA GLY JA 13 84.53 -40.51 -33.01
C GLY JA 13 83.95 -40.41 -34.40
N CYS JA 14 83.28 -41.45 -34.89
CA CYS JA 14 82.58 -41.34 -36.16
C CYS JA 14 81.44 -40.34 -36.11
N THR JA 15 80.88 -40.11 -34.91
CA THR JA 15 79.84 -39.10 -34.70
C THR JA 15 78.59 -39.39 -35.51
N GLN JA 16 78.21 -40.67 -35.58
CA GLN JA 16 76.92 -41.01 -36.16
C GLN JA 16 75.78 -40.84 -35.16
N CYS JA 17 76.09 -40.86 -33.85
CA CYS JA 17 75.05 -40.70 -32.86
C CYS JA 17 74.59 -39.25 -32.79
N VAL JA 18 75.53 -38.31 -32.87
CA VAL JA 18 75.17 -36.90 -32.77
C VAL JA 18 74.30 -36.48 -33.95
N ARG JA 19 74.44 -37.15 -35.09
CA ARG JA 19 73.60 -36.89 -36.25
C ARG JA 19 72.31 -37.70 -36.23
N ALA JA 20 72.14 -38.57 -35.24
CA ALA JA 20 70.96 -39.41 -35.13
C ALA JA 20 69.97 -38.93 -34.08
N CYS JA 21 70.46 -38.46 -32.95
CA CYS JA 21 69.58 -37.97 -31.89
C CYS JA 21 68.83 -36.74 -32.37
N PRO JA 22 67.50 -36.77 -32.44
CA PRO JA 22 66.77 -35.57 -32.87
C PRO JA 22 66.43 -34.66 -31.71
N THR JA 23 67.10 -34.83 -30.57
CA THR JA 23 66.72 -34.16 -29.34
C THR JA 23 67.80 -33.27 -28.76
N ASP JA 24 68.92 -33.07 -29.46
CA ASP JA 24 69.97 -32.14 -29.05
C ASP JA 24 70.43 -32.40 -27.61
N VAL JA 25 71.00 -33.59 -27.39
CA VAL JA 25 71.51 -33.94 -26.07
C VAL JA 25 72.95 -34.43 -26.14
N LEU JA 26 73.68 -34.09 -27.20
CA LEU JA 26 75.05 -34.57 -27.37
C LEU JA 26 75.95 -33.48 -27.93
N GLU JA 27 77.25 -33.61 -27.65
CA GLU JA 27 78.27 -32.73 -28.19
C GLU JA 27 79.63 -33.40 -27.99
N MET JA 28 80.54 -33.15 -28.94
CA MET JA 28 81.87 -33.78 -28.91
C MET JA 28 82.85 -32.83 -28.23
N VAL JA 29 83.09 -33.05 -26.95
CA VAL JA 29 83.98 -32.22 -26.14
C VAL JA 29 85.42 -32.66 -26.37
N PRO JA 30 86.39 -31.77 -26.30
CA PRO JA 30 87.77 -32.12 -26.69
C PRO JA 30 88.36 -33.24 -25.85
N TRP JA 31 88.91 -34.25 -26.53
CA TRP JA 31 89.55 -35.39 -25.91
C TRP JA 31 90.99 -35.48 -26.42
N ASP JA 32 91.74 -36.45 -25.88
CA ASP JA 32 93.14 -36.59 -26.27
C ASP JA 32 93.56 -38.02 -26.56
N GLY JA 33 92.87 -39.00 -25.94
CA GLY JA 33 93.37 -40.36 -25.90
C GLY JA 33 93.64 -41.02 -27.24
N CYS JA 34 92.58 -41.30 -28.00
CA CYS JA 34 92.72 -41.96 -29.29
C CYS JA 34 92.78 -40.90 -30.39
N LYS JA 35 92.67 -41.34 -31.65
CA LYS JA 35 92.65 -40.41 -32.77
C LYS JA 35 91.40 -39.54 -32.79
N ALA JA 36 90.46 -39.75 -31.86
CA ALA JA 36 89.22 -38.97 -31.86
C ALA JA 36 89.50 -37.51 -31.54
N GLY JA 37 90.18 -37.24 -30.43
CA GLY JA 37 90.45 -35.89 -29.99
C GLY JA 37 89.22 -35.13 -29.52
N GLN JA 38 88.03 -35.66 -29.79
CA GLN JA 38 86.78 -35.05 -29.37
C GLN JA 38 85.77 -36.18 -29.17
N ILE JA 39 85.37 -36.40 -27.93
CA ILE JA 39 84.52 -37.53 -27.56
C ILE JA 39 83.12 -37.02 -27.25
N ALA JA 40 82.12 -37.82 -27.58
CA ALA JA 40 80.74 -37.43 -27.38
C ALA JA 40 80.39 -37.38 -25.90
N ALA JA 41 79.43 -36.54 -25.56
CA ALA JA 41 78.93 -36.43 -24.20
C ALA JA 41 77.54 -35.82 -24.24
N SER JA 42 76.86 -35.86 -23.10
CA SER JA 42 75.48 -35.38 -22.99
C SER JA 42 75.40 -34.13 -22.14
N PRO JA 43 75.31 -32.95 -22.73
CA PRO JA 43 75.22 -31.73 -21.92
C PRO JA 43 73.79 -31.34 -21.58
N ARG JA 44 72.82 -31.82 -22.34
CA ARG JA 44 71.44 -31.34 -22.29
C ARG JA 44 70.48 -32.49 -22.08
N THR JA 45 70.75 -33.31 -21.08
CA THR JA 45 69.93 -34.48 -20.77
C THR JA 45 68.44 -34.16 -20.65
N GLU JA 46 68.09 -32.98 -20.14
CA GLU JA 46 66.70 -32.64 -19.82
C GLU JA 46 65.73 -32.84 -20.97
N ASP JA 47 66.21 -32.95 -22.21
CA ASP JA 47 65.34 -33.19 -23.35
C ASP JA 47 65.40 -34.62 -23.85
N CYS JA 48 65.94 -35.54 -23.05
CA CYS JA 48 66.00 -36.95 -23.44
C CYS JA 48 64.60 -37.47 -23.70
N VAL JA 49 64.49 -38.37 -24.67
CA VAL JA 49 63.19 -38.85 -25.12
C VAL JA 49 62.99 -40.35 -24.92
N GLY JA 50 64.06 -41.14 -24.83
CA GLY JA 50 63.90 -42.57 -24.74
C GLY JA 50 63.75 -43.26 -26.08
N CYS JA 51 63.96 -42.54 -27.19
CA CYS JA 51 63.94 -43.20 -28.49
C CYS JA 51 65.17 -44.08 -28.68
N LYS JA 52 66.28 -43.70 -28.05
CA LYS JA 52 67.58 -44.37 -28.15
C LYS JA 52 67.86 -44.86 -29.57
N ARG JA 53 67.65 -43.97 -30.53
CA ARG JA 53 68.18 -44.16 -31.87
C ARG JA 53 69.68 -43.89 -31.94
N CYS JA 54 70.27 -43.40 -30.86
CA CYS JA 54 71.66 -42.96 -30.91
C CYS JA 54 72.62 -44.13 -30.90
N GLU JA 55 72.48 -45.04 -29.94
CA GLU JA 55 73.41 -46.16 -29.86
C GLU JA 55 73.24 -47.12 -31.02
N THR JA 56 72.05 -47.17 -31.60
CA THR JA 56 71.88 -47.90 -32.85
C THR JA 56 72.75 -47.31 -33.96
N ALA JA 57 73.12 -46.04 -33.84
CA ALA JA 57 74.07 -45.40 -34.74
C ALA JA 57 75.51 -45.51 -34.25
N CYS JA 58 75.74 -46.10 -33.09
CA CYS JA 58 77.09 -46.29 -32.58
C CYS JA 58 77.67 -47.58 -33.14
N PRO JA 59 78.69 -47.53 -33.99
CA PRO JA 59 79.23 -48.76 -34.58
C PRO JA 59 80.19 -49.50 -33.68
N THR JA 60 80.68 -48.88 -32.61
CA THR JA 60 81.72 -49.49 -31.80
C THR JA 60 81.24 -50.79 -31.17
N ASP JA 61 82.14 -51.78 -31.12
CA ASP JA 61 81.84 -53.01 -30.41
C ASP JA 61 81.47 -52.71 -28.98
N PHE JA 62 80.32 -53.22 -28.56
CA PHE JA 62 79.68 -52.83 -27.31
C PHE JA 62 79.55 -51.30 -27.25
N LEU JA 63 78.65 -50.82 -28.10
CA LEU JA 63 78.44 -49.41 -28.42
C LEU JA 63 78.70 -48.45 -27.27
N SER JA 64 79.46 -47.38 -27.56
CA SER JA 64 80.13 -46.58 -26.55
C SER JA 64 79.18 -45.80 -25.64
N ILE JA 65 77.95 -45.55 -26.08
CA ILE JA 65 77.00 -44.77 -25.31
C ILE JA 65 75.93 -45.70 -24.75
N ARG JA 66 75.40 -45.36 -23.58
CA ARG JA 66 74.26 -46.05 -23.02
C ARG JA 66 73.34 -45.02 -22.41
N VAL JA 67 72.09 -45.42 -22.16
CA VAL JA 67 71.11 -44.53 -21.57
C VAL JA 67 70.43 -45.27 -20.43
N TYR JA 68 70.58 -44.79 -19.21
CA TYR JA 68 69.93 -45.38 -18.05
C TYR JA 68 68.57 -44.70 -17.90
N LEU JA 69 67.51 -45.46 -18.17
CA LEU JA 69 66.19 -44.90 -18.38
C LEU JA 69 65.53 -44.68 -17.03
N SER JA 70 65.49 -43.42 -16.60
CA SER JA 70 65.13 -43.08 -15.24
C SER JA 70 63.65 -43.19 -14.95
N ASN JA 71 63.23 -42.44 -13.94
CA ASN JA 71 61.87 -42.47 -13.44
C ASN JA 71 61.29 -41.10 -13.16
N ALA JA 72 62.04 -40.03 -13.34
CA ALA JA 72 61.57 -38.67 -13.08
C ALA JA 72 61.08 -38.02 -14.37
N GLU JA 73 60.01 -38.57 -14.93
CA GLU JA 73 59.48 -38.08 -16.19
C GLU JA 73 58.57 -36.87 -15.97
N THR JA 74 58.45 -36.05 -17.02
CA THR JA 74 57.63 -34.84 -16.98
C THR JA 74 57.02 -34.65 -18.36
N THR JA 75 56.30 -33.53 -18.51
CA THR JA 75 55.70 -33.20 -19.81
C THR JA 75 56.75 -33.11 -20.90
N ARG JA 76 57.97 -32.72 -20.56
CA ARG JA 76 59.03 -32.67 -21.56
C ARG JA 76 59.55 -34.06 -21.89
N SER JA 77 59.88 -34.85 -20.87
CA SER JA 77 60.39 -36.19 -21.12
C SER JA 77 59.34 -37.10 -21.72
N MET JA 78 58.05 -36.84 -21.45
CA MET JA 78 56.99 -37.64 -22.03
C MET JA 78 56.61 -37.16 -23.42
N GLY JA 79 56.91 -35.92 -23.77
CA GLY JA 79 56.69 -35.43 -25.12
C GLY JA 79 55.25 -35.37 -25.56
N LEU JA 80 54.47 -34.46 -24.97
CA LEU JA 80 53.07 -34.26 -25.35
C LEU JA 80 52.90 -32.89 -25.96
N ALA JA 81 52.15 -32.82 -27.05
CA ALA JA 81 51.74 -31.55 -27.62
C ALA JA 81 50.50 -30.97 -26.94
N TYR JA 82 49.94 -31.69 -25.98
CA TYR JA 82 48.75 -31.25 -25.26
C TYR JA 82 48.97 -31.35 -23.76
N GLY KA 7 56.02 -10.37 -39.62
CA GLY KA 7 56.85 -11.41 -40.21
C GLY KA 7 56.33 -11.91 -41.53
N GLN KA 8 56.35 -13.23 -41.72
CA GLN KA 8 55.89 -13.81 -42.97
C GLN KA 8 55.53 -15.27 -42.74
N THR KA 9 54.29 -15.63 -43.07
CA THR KA 9 53.75 -16.96 -42.87
C THR KA 9 53.27 -17.55 -44.19
N PRO KA 10 53.42 -18.86 -44.38
CA PRO KA 10 53.06 -19.48 -45.67
C PRO KA 10 51.57 -19.50 -45.92
N ILE KA 11 51.21 -19.82 -47.16
CA ILE KA 11 49.84 -19.76 -47.64
C ILE KA 11 49.17 -21.10 -47.36
N PHE KA 12 48.27 -21.13 -46.38
CA PHE KA 12 47.60 -22.35 -45.97
C PHE KA 12 46.12 -22.08 -45.77
N GLY KA 13 45.32 -23.14 -45.85
CA GLY KA 13 43.87 -23.05 -45.74
C GLY KA 13 43.30 -23.38 -44.39
N GLY KA 14 44.12 -23.77 -43.42
CA GLY KA 14 43.61 -24.09 -42.10
C GLY KA 14 43.44 -25.57 -41.88
N SER KA 15 43.89 -26.05 -40.72
CA SER KA 15 43.78 -27.46 -40.37
C SER KA 15 43.17 -27.60 -38.98
N THR KA 16 43.23 -28.80 -38.41
CA THR KA 16 42.75 -29.01 -37.05
C THR KA 16 43.79 -29.75 -36.20
N GLY KA 17 45.06 -29.39 -36.32
CA GLY KA 17 46.09 -30.07 -35.55
C GLY KA 17 47.17 -29.15 -35.00
N GLY KA 18 46.80 -27.92 -34.65
CA GLY KA 18 47.77 -26.92 -34.25
C GLY KA 18 47.95 -26.76 -32.75
N LEU KA 19 47.62 -25.58 -32.25
CA LEU KA 19 47.86 -25.23 -30.85
C LEU KA 19 46.71 -25.67 -29.96
N LEU KA 20 47.05 -26.08 -28.74
CA LEU KA 20 46.10 -26.62 -27.78
C LEU KA 20 46.22 -25.86 -26.46
N THR KA 21 45.44 -26.29 -25.47
CA THR KA 21 45.30 -25.55 -24.22
C THR KA 21 46.62 -25.41 -23.47
N LYS KA 22 47.61 -26.24 -23.77
CA LYS KA 22 48.87 -26.17 -23.06
C LYS KA 22 49.89 -25.28 -23.76
N ALA KA 23 49.88 -25.30 -25.08
CA ALA KA 23 50.85 -24.58 -25.92
C ALA KA 23 50.71 -23.08 -25.84
N PHE KA 24 49.86 -22.53 -24.98
CA PHE KA 24 49.90 -21.11 -24.66
C PHE KA 24 49.77 -20.84 -23.16
N ARG KA 25 49.55 -21.89 -22.36
CA ARG KA 25 49.62 -21.78 -20.91
C ARG KA 25 50.93 -22.29 -20.34
N GLU KA 26 51.74 -22.97 -21.15
CA GLU KA 26 52.98 -23.53 -20.64
C GLU KA 26 54.20 -23.17 -21.48
N GLU KA 27 54.07 -23.13 -22.80
CA GLU KA 27 55.25 -22.99 -23.66
C GLU KA 27 54.81 -22.78 -25.09
N LYS KA 28 55.62 -22.03 -25.85
CA LYS KA 28 55.42 -21.84 -27.27
C LYS KA 28 56.74 -22.11 -27.99
N TYR KA 29 56.64 -22.60 -29.22
CA TYR KA 29 57.82 -22.77 -30.06
C TYR KA 29 57.59 -22.01 -31.37
N VAL KA 30 58.63 -21.30 -31.83
CA VAL KA 30 58.53 -20.57 -33.09
C VAL KA 30 59.79 -20.83 -33.90
N ILE KA 31 59.65 -20.85 -35.23
CA ILE KA 31 60.77 -21.09 -36.13
C ILE KA 31 60.72 -20.07 -37.26
N THR KA 32 61.89 -19.52 -37.60
CA THR KA 32 62.01 -18.57 -38.71
C THR KA 32 63.46 -18.46 -39.14
N TRP KA 33 63.65 -18.13 -40.41
CA TRP KA 33 64.95 -18.03 -41.06
C TRP KA 33 64.81 -17.11 -42.27
N THR KA 34 65.78 -17.15 -43.17
CA THR KA 34 65.78 -16.35 -44.39
C THR KA 34 65.75 -17.27 -45.61
N SER KA 35 64.66 -17.22 -46.36
CA SER KA 35 64.53 -17.98 -47.60
C SER KA 35 64.07 -17.08 -48.73
N PRO KA 36 64.91 -16.82 -49.72
CA PRO KA 36 64.53 -15.89 -50.80
C PRO KA 36 63.75 -16.55 -51.93
N LYS KA 37 63.17 -17.73 -51.70
CA LYS KA 37 62.39 -18.40 -52.73
C LYS KA 37 61.07 -18.89 -52.17
N GLU KA 38 60.14 -19.20 -53.08
CA GLU KA 38 58.82 -19.69 -52.74
C GLU KA 38 58.54 -20.99 -53.48
N GLN KA 39 58.19 -22.04 -52.74
CA GLN KA 39 57.88 -23.33 -53.33
C GLN KA 39 56.99 -24.11 -52.39
N VAL KA 40 56.41 -25.19 -52.92
CA VAL KA 40 55.52 -26.04 -52.14
C VAL KA 40 56.33 -26.92 -51.21
N PHE KA 41 55.78 -27.15 -50.02
CA PHE KA 41 56.48 -27.77 -48.91
C PHE KA 41 55.45 -28.45 -48.03
N GLU KA 42 55.96 -29.27 -47.10
CA GLU KA 42 55.15 -30.04 -46.17
C GLU KA 42 55.06 -29.36 -44.82
N MET KA 43 53.97 -29.61 -44.11
CA MET KA 43 53.92 -29.25 -42.69
C MET KA 43 53.71 -30.50 -41.85
N PRO KA 44 54.35 -30.60 -40.69
CA PRO KA 44 54.39 -31.88 -39.96
C PRO KA 44 53.02 -32.39 -39.56
N THR KA 45 52.08 -31.50 -39.27
CA THR KA 45 50.71 -31.92 -39.00
C THR KA 45 49.89 -32.04 -40.28
N GLY KA 46 50.57 -32.26 -41.41
CA GLY KA 46 49.89 -32.57 -42.66
C GLY KA 46 49.48 -31.34 -43.43
N GLY KA 47 49.98 -31.22 -44.66
CA GLY KA 47 49.62 -30.11 -45.53
C GLY KA 47 50.77 -29.69 -46.43
N ALA KA 48 50.41 -29.31 -47.64
CA ALA KA 48 51.38 -28.84 -48.64
C ALA KA 48 51.02 -27.43 -49.06
N ALA KA 49 51.96 -26.51 -48.90
CA ALA KA 49 51.68 -25.09 -49.11
C ALA KA 49 52.87 -24.47 -49.82
N ILE KA 50 52.92 -23.14 -49.87
CA ILE KA 50 54.01 -22.41 -50.51
C ILE KA 50 54.57 -21.39 -49.53
N MET KA 51 55.90 -21.29 -49.47
CA MET KA 51 56.56 -20.33 -48.60
C MET KA 51 56.62 -18.97 -49.28
N ARG KA 52 57.23 -18.00 -48.59
CA ARG KA 52 57.36 -16.65 -49.10
C ARG KA 52 58.82 -16.21 -49.03
N GLN KA 53 59.12 -15.15 -49.76
CA GLN KA 53 60.48 -14.61 -49.83
C GLN KA 53 60.97 -14.19 -48.45
N GLY KA 54 62.26 -14.41 -48.21
CA GLY KA 54 62.90 -13.98 -46.98
C GLY KA 54 62.32 -14.63 -45.75
N PRO KA 55 61.63 -13.84 -44.92
CA PRO KA 55 61.11 -14.36 -43.66
C PRO KA 55 60.12 -15.49 -43.86
N ASN KA 56 60.16 -16.47 -42.95
CA ASN KA 56 59.20 -17.57 -42.91
C ASN KA 56 58.85 -17.81 -41.45
N LYS KA 57 57.85 -17.11 -40.95
CA LYS KA 57 57.48 -17.18 -39.54
C LYS KA 57 56.46 -18.31 -39.35
N LEU KA 58 56.83 -19.31 -38.55
CA LEU KA 58 55.95 -20.43 -38.28
C LEU KA 58 55.91 -20.71 -36.78
N GLU KA 59 54.74 -21.06 -36.27
CA GLU KA 59 54.56 -21.36 -34.85
C GLU KA 59 54.16 -22.82 -34.67
N LEU KA 60 54.61 -23.42 -33.58
CA LEU KA 60 54.44 -24.84 -33.32
C LEU KA 60 54.54 -25.12 -31.83
N ALA KA 61 54.06 -26.30 -31.45
CA ALA KA 61 53.99 -26.73 -30.06
C ALA KA 61 55.08 -27.73 -29.67
N ARG KA 62 55.32 -28.74 -30.50
CA ARG KA 62 56.36 -29.72 -30.20
C ARG KA 62 57.72 -29.18 -30.64
N LYS KA 63 58.75 -30.03 -30.49
CA LYS KA 63 60.06 -29.73 -31.04
C LYS KA 63 60.45 -30.63 -32.20
N GLU KA 64 59.81 -31.80 -32.33
CA GLU KA 64 60.15 -32.68 -33.44
C GLU KA 64 59.69 -32.10 -34.76
N TYR KA 65 58.64 -31.28 -34.75
CA TYR KA 65 58.21 -30.63 -35.99
C TYR KA 65 59.31 -29.75 -36.55
N CYS KA 66 59.74 -28.75 -35.77
CA CYS KA 66 60.75 -27.81 -36.25
C CYS KA 66 62.07 -28.50 -36.52
N ILE KA 67 62.44 -29.47 -35.69
CA ILE KA 67 63.69 -30.18 -35.90
C ILE KA 67 63.65 -30.96 -37.20
N ALA KA 68 62.52 -31.61 -37.50
CA ALA KA 68 62.39 -32.32 -38.76
C ALA KA 68 62.45 -31.35 -39.94
N LEU KA 69 61.83 -30.18 -39.80
CA LEU KA 69 61.93 -29.17 -40.84
C LEU KA 69 63.38 -28.77 -41.09
N GLY KA 70 64.09 -28.41 -40.02
CA GLY KA 70 65.47 -27.98 -40.18
C GLY KA 70 66.37 -29.07 -40.75
N GLY KA 71 66.14 -30.32 -40.36
CA GLY KA 71 66.97 -31.41 -40.81
C GLY KA 71 66.69 -31.86 -42.22
N GLN KA 72 65.43 -32.18 -42.51
CA GLN KA 72 65.08 -32.78 -43.79
C GLN KA 72 64.76 -31.77 -44.88
N GLN KA 73 64.35 -30.55 -44.52
CA GLN KA 73 63.91 -29.58 -45.51
C GLN KA 73 64.92 -28.49 -45.77
N LEU KA 74 65.44 -27.84 -44.73
CA LEU KA 74 66.27 -26.66 -44.93
C LEU KA 74 67.60 -27.00 -45.58
N ARG KA 75 68.43 -27.80 -44.90
CA ARG KA 75 69.77 -28.08 -45.40
C ARG KA 75 69.86 -29.37 -46.20
N ALA KA 76 68.79 -30.18 -46.23
CA ALA KA 76 68.80 -31.40 -47.02
C ALA KA 76 68.25 -31.20 -48.42
N LYS KA 77 67.26 -30.32 -48.58
CA LYS KA 77 66.74 -29.97 -49.90
C LYS KA 77 67.09 -28.54 -50.30
N PHE KA 78 66.70 -27.58 -49.47
CA PHE KA 78 66.77 -26.17 -49.84
C PHE KA 78 68.08 -25.51 -49.44
N ARG KA 79 69.01 -26.26 -48.84
CA ARG KA 79 70.35 -25.82 -48.49
C ARG KA 79 70.36 -24.62 -47.54
N ILE KA 80 69.20 -24.23 -47.02
CA ILE KA 80 69.14 -23.09 -46.11
C ILE KA 80 69.75 -23.47 -44.78
N THR KA 81 70.70 -22.67 -44.31
CA THR KA 81 71.41 -22.97 -43.07
C THR KA 81 71.53 -21.71 -42.22
N ASP KA 82 70.42 -21.00 -42.04
CA ASP KA 82 70.36 -19.87 -41.12
C ASP KA 82 69.07 -19.90 -40.31
N TYR KA 83 68.71 -21.08 -39.81
CA TYR KA 83 67.45 -21.24 -39.11
C TYR KA 83 67.54 -20.72 -37.68
N LYS KA 84 66.37 -20.35 -37.13
CA LYS KA 84 66.27 -19.79 -35.79
C LYS KA 84 65.05 -20.33 -35.08
N ILE KA 85 65.25 -20.72 -33.83
CA ILE KA 85 64.18 -21.15 -32.94
C ILE KA 85 63.97 -20.07 -31.88
N TYR KA 86 62.71 -19.91 -31.48
CA TYR KA 86 62.33 -19.10 -30.33
C TYR KA 86 61.57 -20.03 -29.40
N ARG KA 87 62.25 -20.50 -28.36
CA ARG KA 87 61.63 -21.24 -27.27
C ARG KA 87 61.02 -20.26 -26.30
N VAL KA 88 59.72 -20.37 -26.06
CA VAL KA 88 58.95 -19.31 -25.42
C VAL KA 88 58.41 -19.78 -24.08
N TYR KA 89 58.35 -18.85 -23.12
CA TYR KA 89 57.90 -19.12 -21.77
C TYR KA 89 56.37 -19.14 -21.71
N PRO KA 90 55.79 -19.46 -20.55
CA PRO KA 90 54.33 -19.37 -20.42
C PRO KA 90 53.77 -18.00 -20.76
N ASN KA 91 54.35 -16.93 -20.22
CA ASN KA 91 53.82 -15.59 -20.41
C ASN KA 91 54.29 -14.94 -21.71
N GLY KA 92 55.07 -15.65 -22.53
CA GLY KA 92 55.50 -15.13 -23.80
C GLY KA 92 56.94 -14.65 -23.88
N GLU KA 93 57.82 -15.16 -23.04
CA GLU KA 93 59.21 -14.75 -23.03
C GLU KA 93 60.08 -15.83 -23.67
N VAL KA 94 61.16 -15.39 -24.32
CA VAL KA 94 61.83 -16.16 -25.36
C VAL KA 94 63.14 -16.72 -24.85
N GLN KA 95 63.55 -17.86 -25.42
CA GLN KA 95 64.86 -18.46 -25.20
C GLN KA 95 65.59 -18.58 -26.54
N TYR KA 96 66.81 -19.11 -26.47
CA TYR KA 96 67.65 -19.29 -27.67
C TYR KA 96 68.47 -20.56 -27.48
N LEU KA 97 67.98 -21.67 -28.02
CA LEU KA 97 68.71 -22.93 -28.03
C LEU KA 97 69.27 -23.29 -29.40
N HIS KA 98 68.59 -22.89 -30.46
CA HIS KA 98 69.06 -23.13 -31.81
C HIS KA 98 69.11 -21.82 -32.58
N PRO KA 99 70.19 -21.55 -33.33
CA PRO KA 99 71.40 -22.38 -33.53
C PRO KA 99 72.17 -22.68 -32.25
N SER KA 100 72.68 -23.91 -32.14
CA SER KA 100 73.30 -24.35 -30.89
C SER KA 100 74.55 -23.54 -30.58
N ASP KA 101 75.54 -23.61 -31.46
CA ASP KA 101 76.77 -22.84 -31.31
C ASP KA 101 77.17 -22.19 -32.62
N GLY KA 102 76.18 -21.69 -33.36
CA GLY KA 102 76.43 -20.81 -34.49
C GLY KA 102 76.52 -21.43 -35.87
N VAL KA 103 77.55 -22.25 -36.12
CA VAL KA 103 77.90 -22.64 -37.48
C VAL KA 103 76.91 -23.62 -38.10
N PHE KA 104 75.99 -24.16 -37.30
CA PHE KA 104 75.06 -25.24 -37.65
C PHE KA 104 75.73 -26.53 -38.14
N PRO KA 105 76.84 -27.01 -37.54
CA PRO KA 105 77.26 -28.38 -37.86
C PRO KA 105 76.87 -29.36 -36.77
N GLU KA 106 76.35 -28.82 -35.66
CA GLU KA 106 76.19 -29.54 -34.40
C GLU KA 106 77.56 -29.93 -33.85
N LYS KA 107 78.63 -29.45 -34.49
CA LYS KA 107 79.99 -29.72 -34.03
C LYS KA 107 80.87 -28.53 -34.44
N VAL KA 108 80.98 -27.54 -33.55
CA VAL KA 108 81.96 -26.48 -33.74
C VAL KA 108 82.24 -25.80 -32.41
N ASN KA 109 83.53 -25.69 -32.07
CA ASN KA 109 84.03 -24.86 -30.98
C ASN KA 109 85.55 -25.01 -30.92
N GLU KA 110 86.20 -23.98 -30.39
CA GLU KA 110 87.64 -24.03 -30.10
C GLU KA 110 87.77 -24.24 -28.60
N GLY KA 111 87.70 -25.51 -28.20
CA GLY KA 111 87.53 -25.83 -26.80
C GLY KA 111 86.06 -25.68 -26.43
N ARG KA 112 85.54 -26.60 -25.62
CA ARG KA 112 84.10 -26.68 -25.40
C ARG KA 112 83.79 -26.68 -23.92
N GLN KA 113 82.49 -26.65 -23.63
CA GLN KA 113 82.01 -26.55 -22.26
C GLN KA 113 82.46 -27.75 -21.44
N LYS KA 114 82.57 -27.54 -20.12
CA LYS KA 114 83.01 -28.59 -19.20
C LYS KA 114 82.15 -28.53 -17.94
N VAL KA 115 81.06 -29.29 -17.93
CA VAL KA 115 80.25 -29.47 -16.73
C VAL KA 115 80.18 -30.97 -16.45
N GLY KA 116 80.87 -31.40 -15.41
CA GLY KA 116 80.91 -32.81 -15.04
C GLY KA 116 81.58 -33.70 -16.07
N TYR KA 117 81.78 -34.96 -15.70
CA TYR KA 117 82.39 -35.94 -16.59
C TYR KA 117 82.23 -37.32 -15.98
N VAL KA 118 82.02 -38.31 -16.84
CA VAL KA 118 82.28 -39.71 -16.50
C VAL KA 118 83.05 -40.30 -17.67
N ASP KA 119 84.38 -40.20 -17.63
CA ASP KA 119 85.25 -40.85 -18.61
C ASP KA 119 85.88 -42.01 -17.87
N ARG KA 120 85.16 -43.12 -17.85
CA ARG KA 120 85.36 -44.20 -16.90
C ARG KA 120 85.51 -45.51 -17.65
N ASN KA 121 86.23 -46.44 -17.03
CA ASN KA 121 86.40 -47.76 -17.59
C ASN KA 121 85.08 -48.52 -17.56
N ILE KA 122 85.10 -49.76 -18.02
CA ILE KA 122 83.92 -50.59 -18.11
C ILE KA 122 83.95 -51.74 -17.10
N GLY KA 123 85.13 -52.31 -16.86
CA GLY KA 123 85.22 -53.55 -16.11
C GLY KA 123 84.59 -53.47 -14.73
N LYS KA 124 84.66 -52.32 -14.08
CA LYS KA 124 84.01 -52.12 -12.80
C LYS KA 124 82.63 -51.51 -13.04
N ASN KA 125 81.65 -52.01 -12.31
CA ASN KA 125 80.25 -51.62 -12.44
C ASN KA 125 79.67 -51.36 -11.07
N PRO KA 126 78.48 -50.77 -10.99
CA PRO KA 126 77.80 -50.66 -9.70
C PRO KA 126 77.69 -52.00 -9.01
N ASP KA 127 77.60 -51.96 -7.68
CA ASP KA 127 77.42 -53.16 -6.89
C ASP KA 127 76.23 -52.98 -5.96
N PRO KA 128 75.26 -53.89 -5.99
CA PRO KA 128 74.06 -53.73 -5.16
C PRO KA 128 74.36 -53.72 -3.67
N ALA KA 129 75.07 -54.75 -3.20
CA ALA KA 129 75.32 -54.88 -1.76
C ALA KA 129 76.24 -53.77 -1.26
N LYS KA 130 77.29 -53.46 -2.01
CA LYS KA 130 78.29 -52.53 -1.52
C LYS KA 130 77.80 -51.07 -1.57
N LEU KA 131 77.17 -50.68 -2.69
CA LEU KA 131 76.52 -49.37 -2.78
C LEU KA 131 75.10 -49.51 -2.22
N LYS KA 132 74.88 -48.96 -1.04
CA LYS KA 132 73.64 -49.19 -0.31
C LYS KA 132 73.48 -48.10 0.74
N PHE KA 133 72.25 -47.97 1.24
CA PHE KA 133 71.90 -46.93 2.23
C PHE KA 133 72.24 -45.54 1.70
N SER KA 134 72.15 -45.37 0.38
CA SER KA 134 72.38 -44.09 -0.27
C SER KA 134 71.63 -44.09 -1.60
N GLY KA 135 71.78 -43.00 -2.34
CA GLY KA 135 71.03 -42.86 -3.58
C GLY KA 135 71.79 -42.29 -4.76
N MET KA 136 73.09 -42.55 -4.86
CA MET KA 136 73.83 -42.09 -6.03
C MET KA 136 73.85 -43.17 -7.09
N THR KA 137 73.85 -42.73 -8.34
CA THR KA 137 73.72 -43.61 -9.49
C THR KA 137 75.05 -44.31 -9.76
N THR KA 138 75.15 -44.91 -10.92
CA THR KA 138 76.17 -45.79 -11.45
C THR KA 138 77.46 -45.09 -11.81
N TYR KA 139 77.64 -43.85 -11.38
CA TYR KA 139 78.81 -43.07 -11.78
C TYR KA 139 79.79 -42.85 -10.64
N ASN KA 140 79.37 -43.02 -9.40
CA ASN KA 140 80.28 -42.89 -8.27
C ASN KA 140 81.29 -44.03 -8.28
N ALA KA 141 82.55 -43.71 -8.49
CA ALA KA 141 83.61 -44.72 -8.51
C ALA KA 141 84.10 -45.00 -7.10
N VAL LA 2 102.79 -62.98 -33.63
CA VAL LA 2 101.79 -61.93 -33.63
C VAL LA 2 102.29 -60.74 -34.43
N GLU LA 3 102.05 -60.76 -35.74
CA GLU LA 3 102.43 -59.67 -36.61
C GLU LA 3 101.29 -59.43 -37.60
N ARG LA 4 101.54 -58.59 -38.60
CA ARG LA 4 100.53 -58.34 -39.63
C ARG LA 4 100.26 -59.60 -40.42
N GLY LA 5 99.11 -60.22 -40.18
CA GLY LA 5 98.76 -61.46 -40.85
C GLY LA 5 98.98 -62.69 -40.00
N SER LA 6 98.77 -62.59 -38.69
CA SER LA 6 98.90 -63.70 -37.77
C SER LA 6 97.60 -63.90 -37.01
N LYS LA 7 97.31 -65.15 -36.67
CA LYS LA 7 96.06 -65.55 -36.03
C LYS LA 7 96.24 -65.57 -34.52
N VAL LA 8 95.45 -64.76 -33.81
CA VAL LA 8 95.57 -64.59 -32.37
C VAL LA 8 94.19 -64.59 -31.73
N ARG LA 9 94.13 -65.07 -30.48
CA ARG LA 9 92.94 -65.03 -29.65
C ARG LA 9 92.98 -63.84 -28.71
N ILE LA 10 91.82 -63.54 -28.14
CA ILE LA 10 91.54 -62.27 -27.50
C ILE LA 10 91.51 -62.46 -25.99
N LEU LA 11 91.97 -61.43 -25.27
CA LEU LA 11 91.94 -61.42 -23.81
C LEU LA 11 90.90 -60.48 -23.23
N ARG LA 12 90.37 -59.54 -24.03
CA ARG LA 12 89.32 -58.65 -23.55
C ARG LA 12 88.08 -59.44 -23.17
N LYS LA 13 87.61 -59.26 -21.93
CA LYS LA 13 86.55 -60.12 -21.42
C LYS LA 13 85.21 -59.83 -22.08
N GLU LA 14 84.76 -58.57 -22.04
CA GLU LA 14 83.46 -58.20 -22.58
C GLU LA 14 83.37 -58.40 -24.09
N SER LA 15 84.45 -58.78 -24.74
CA SER LA 15 84.47 -58.91 -26.19
C SER LA 15 83.53 -60.02 -26.65
N TYR LA 16 82.81 -59.75 -27.75
CA TYR LA 16 81.91 -60.74 -28.33
C TYR LA 16 82.69 -61.94 -28.85
N TRP LA 17 83.91 -61.73 -29.33
CA TRP LA 17 84.77 -62.81 -29.81
C TRP LA 17 85.85 -63.16 -28.80
N PHE LA 18 85.50 -63.17 -27.51
CA PHE LA 18 86.46 -63.55 -26.48
C PHE LA 18 86.98 -64.96 -26.74
N GLN LA 19 88.31 -65.09 -26.68
CA GLN LA 19 89.04 -66.34 -26.90
C GLN LA 19 89.01 -66.74 -28.37
N ASP LA 20 88.28 -66.01 -29.19
CA ASP LA 20 88.19 -66.31 -30.60
C ASP LA 20 89.38 -65.73 -31.35
N VAL LA 21 89.72 -66.37 -32.46
CA VAL LA 21 90.92 -66.06 -33.22
C VAL LA 21 90.59 -65.15 -34.38
N GLY LA 22 91.38 -64.10 -34.54
CA GLY LA 22 91.29 -63.23 -35.70
C GLY LA 22 92.68 -62.92 -36.21
N VAL LA 23 92.73 -62.32 -37.40
CA VAL LA 23 93.99 -62.00 -38.06
C VAL LA 23 94.34 -60.54 -37.80
N VAL LA 24 95.62 -60.28 -37.52
CA VAL LA 24 96.07 -58.92 -37.27
C VAL LA 24 96.15 -58.23 -38.64
N ALA LA 25 95.15 -57.41 -38.95
CA ALA LA 25 95.12 -56.81 -40.28
C ALA LA 25 96.17 -55.73 -40.43
N SER LA 26 96.22 -54.78 -39.50
CA SER LA 26 97.21 -53.71 -39.52
C SER LA 26 97.78 -53.56 -38.13
N VAL LA 27 99.08 -53.75 -37.98
CA VAL LA 27 99.76 -53.51 -36.71
C VAL LA 27 100.03 -52.01 -36.59
N ASP LA 28 99.18 -51.32 -35.85
CA ASP LA 28 99.45 -49.96 -35.40
C ASP LA 28 100.15 -50.02 -34.06
N LYS LA 29 100.97 -49.00 -33.78
CA LYS LA 29 101.64 -49.04 -32.51
C LYS LA 29 101.71 -47.65 -31.88
N SER LA 30 100.74 -46.79 -32.19
CA SER LA 30 100.82 -45.37 -31.86
C SER LA 30 100.42 -45.16 -30.39
N GLY LA 31 100.23 -43.90 -30.02
CA GLY LA 31 99.93 -43.53 -28.65
C GLY LA 31 98.53 -43.87 -28.18
N ILE LA 32 97.67 -44.35 -29.09
CA ILE LA 32 96.33 -44.75 -28.69
C ILE LA 32 96.42 -45.97 -27.78
N ARG LA 33 95.47 -46.07 -26.84
CA ARG LA 33 95.48 -47.19 -25.90
C ARG LA 33 95.13 -48.51 -26.58
N TYR LA 34 94.59 -48.48 -27.79
CA TYR LA 34 94.11 -49.67 -28.49
C TYR LA 34 94.76 -49.75 -29.86
N PRO LA 35 96.02 -50.14 -29.92
CA PRO LA 35 96.74 -50.12 -31.21
C PRO LA 35 96.32 -51.20 -32.20
N VAL LA 36 96.21 -52.45 -31.75
CA VAL LA 36 96.12 -53.56 -32.70
C VAL LA 36 94.75 -53.59 -33.35
N ILE LA 37 94.74 -53.69 -34.68
CA ILE LA 37 93.53 -53.82 -35.47
C ILE LA 37 93.43 -55.26 -35.94
N VAL LA 38 92.39 -55.96 -35.47
CA VAL LA 38 92.18 -57.36 -35.78
C VAL LA 38 90.92 -57.47 -36.63
N ARG LA 39 90.90 -58.45 -37.53
CA ARG LA 39 89.74 -58.76 -38.34
C ARG LA 39 89.28 -60.20 -38.10
N PHE LA 40 87.97 -60.38 -37.97
CA PHE LA 40 87.33 -61.68 -37.84
C PHE LA 40 86.37 -61.88 -38.99
N ASP LA 41 85.55 -62.94 -38.94
CA ASP LA 41 84.49 -63.12 -39.92
C ASP LA 41 83.16 -63.46 -39.26
N LYS LA 42 83.22 -63.97 -38.03
CA LYS LA 42 81.99 -64.22 -37.28
C LYS LA 42 81.37 -62.90 -36.87
N VAL LA 43 80.04 -62.81 -36.97
CA VAL LA 43 79.32 -61.54 -36.90
C VAL LA 43 78.67 -61.39 -35.54
N ASN LA 44 78.97 -60.28 -34.87
CA ASN LA 44 78.18 -59.73 -33.79
C ASN LA 44 77.16 -58.78 -34.42
N TYR LA 45 76.58 -57.88 -33.63
CA TYR LA 45 75.73 -56.80 -34.15
C TYR LA 45 76.32 -56.24 -35.44
N ALA LA 46 75.56 -56.35 -36.52
CA ALA LA 46 75.88 -55.74 -37.81
C ALA LA 46 77.29 -56.06 -38.31
N GLY LA 47 77.91 -57.13 -37.81
CA GLY LA 47 79.20 -57.52 -38.36
C GLY LA 47 80.35 -56.59 -38.04
N VAL LA 48 80.82 -56.60 -36.80
CA VAL LA 48 81.92 -55.74 -36.36
C VAL LA 48 83.15 -56.63 -36.30
N ASN LA 49 83.22 -57.58 -37.24
CA ASN LA 49 84.32 -58.53 -37.39
C ASN LA 49 85.70 -57.86 -37.40
N THR LA 50 85.73 -56.54 -37.53
CA THR LA 50 86.96 -55.77 -37.38
C THR LA 50 86.86 -54.94 -36.11
N ASN LA 51 87.96 -54.89 -35.34
CA ASN LA 51 87.96 -54.13 -34.10
C ASN LA 51 89.41 -53.80 -33.72
N ASN LA 52 89.55 -53.01 -32.65
CA ASN LA 52 90.85 -52.66 -32.11
C ASN LA 52 90.95 -53.07 -30.65
N PHE LA 53 92.18 -53.29 -30.22
CA PHE LA 53 92.48 -53.71 -28.87
C PHE LA 53 93.86 -53.17 -28.49
N ALA LA 54 94.18 -53.28 -27.21
CA ALA LA 54 95.56 -53.15 -26.77
C ALA LA 54 96.24 -54.51 -26.87
N GLU LA 55 97.38 -54.55 -27.56
CA GLU LA 55 98.05 -55.83 -27.79
C GLU LA 55 98.58 -56.46 -26.49
N THR LA 56 98.44 -55.76 -25.36
CA THR LA 56 98.55 -56.42 -24.06
C THR LA 56 97.30 -57.22 -23.72
N GLU LA 57 96.42 -57.43 -24.70
CA GLU LA 57 95.21 -58.23 -24.55
C GLU LA 57 95.09 -59.30 -25.63
N LEU LA 58 96.18 -59.75 -26.23
CA LEU LA 58 96.15 -60.69 -27.35
C LEU LA 58 97.19 -61.78 -27.13
N VAL LA 59 96.88 -63.00 -27.55
CA VAL LA 59 97.83 -64.12 -27.46
C VAL LA 59 97.73 -64.96 -28.73
N GLU LA 60 98.88 -65.36 -29.27
CA GLU LA 60 98.87 -66.17 -30.48
C GLU LA 60 98.59 -67.63 -30.14
N ILE LA 61 98.41 -68.43 -31.20
CA ILE LA 61 98.00 -69.81 -31.08
C ILE LA 61 99.13 -70.77 -31.48
N GLU LA 62 99.91 -70.40 -32.49
CA GLU LA 62 100.82 -71.31 -33.17
C GLU LA 62 102.28 -70.97 -32.91
N VAL MA 24 54.84 -110.85 -16.33
CA VAL MA 24 53.70 -110.90 -17.23
C VAL MA 24 52.41 -111.06 -16.45
N GLY MA 25 52.42 -110.61 -15.20
CA GLY MA 25 51.28 -110.75 -14.31
C GLY MA 25 50.25 -109.67 -14.50
N ALA MA 26 49.86 -109.02 -13.39
CA ALA MA 26 48.92 -107.91 -13.37
C ALA MA 26 47.53 -108.32 -13.82
N GLY MA 27 47.24 -109.62 -13.87
CA GLY MA 27 45.93 -110.08 -14.27
C GLY MA 27 45.68 -109.89 -15.75
N LEU MA 28 46.53 -110.49 -16.57
CA LEU MA 28 46.45 -110.35 -18.03
C LEU MA 28 46.40 -111.75 -18.64
N VAL MA 29 45.32 -112.02 -19.36
CA VAL MA 29 45.10 -113.34 -19.96
C VAL MA 29 45.94 -113.47 -21.23
N PRO MA 30 46.42 -114.66 -21.58
CA PRO MA 30 47.15 -114.83 -22.84
C PRO MA 30 46.27 -114.51 -24.03
N CYS MA 31 46.85 -113.85 -25.03
CA CYS MA 31 46.09 -113.49 -26.22
C CYS MA 31 45.67 -114.71 -27.02
N SER MA 32 46.26 -115.87 -26.74
CA SER MA 32 45.80 -117.10 -27.37
C SER MA 32 44.40 -117.47 -26.90
N GLU MA 33 44.20 -117.51 -25.58
CA GLU MA 33 42.96 -118.01 -25.00
C GLU MA 33 42.05 -116.91 -24.45
N SER MA 34 42.31 -115.65 -24.76
CA SER MA 34 41.37 -114.61 -24.34
C SER MA 34 40.13 -114.69 -25.22
N PRO MA 35 38.96 -115.04 -24.67
CA PRO MA 35 37.78 -115.26 -25.53
C PRO MA 35 37.43 -114.05 -26.38
N GLU MA 36 37.42 -112.85 -25.79
CA GLU MA 36 37.07 -111.66 -26.55
C GLU MA 36 38.06 -111.40 -27.67
N PHE MA 37 39.30 -111.84 -27.51
CA PHE MA 37 40.29 -111.67 -28.58
C PHE MA 37 39.85 -112.40 -29.85
N ILE MA 38 39.52 -113.69 -29.72
CA ILE MA 38 39.04 -114.43 -30.88
C ILE MA 38 37.68 -113.92 -31.32
N GLN MA 39 36.87 -113.41 -30.38
CA GLN MA 39 35.59 -112.81 -30.75
C GLN MA 39 35.79 -111.66 -31.73
N ARG MA 40 36.73 -110.77 -31.42
CA ARG MA 40 37.10 -109.74 -32.39
C ARG MA 40 37.69 -110.35 -33.65
N ALA MA 41 38.53 -111.38 -33.49
CA ALA MA 41 39.20 -112.00 -34.63
C ALA MA 41 38.23 -112.54 -35.65
N ALA MA 42 37.03 -112.95 -35.21
CA ALA MA 42 36.06 -113.56 -36.12
C ALA MA 42 35.70 -112.61 -37.25
N SER MA 43 35.10 -111.46 -36.90
CA SER MA 43 34.79 -110.43 -37.87
C SER MA 43 35.89 -109.36 -37.93
N ALA MA 44 37.13 -109.73 -37.62
CA ALA MA 44 38.24 -108.79 -37.69
C ALA MA 44 38.32 -108.19 -39.09
N ARG MA 45 38.10 -106.89 -39.17
CA ARG MA 45 37.98 -106.22 -40.47
C ARG MA 45 39.28 -106.34 -41.24
N ASN MA 46 39.29 -107.18 -42.27
CA ASN MA 46 40.48 -107.39 -43.09
C ASN MA 46 40.80 -106.10 -43.82
N THR MA 47 41.87 -105.44 -43.37
CA THR MA 47 42.20 -104.09 -43.81
C THR MA 47 42.53 -103.99 -45.29
N THR MA 48 43.60 -104.64 -45.72
CA THR MA 48 44.17 -104.41 -47.04
C THR MA 48 43.37 -105.21 -48.08
N ALA MA 49 43.90 -105.28 -49.30
CA ALA MA 49 43.29 -105.94 -50.45
C ALA MA 49 43.39 -107.46 -50.41
N ASP MA 50 43.72 -108.09 -49.29
CA ASP MA 50 43.81 -109.54 -49.22
C ASP MA 50 42.89 -110.05 -48.12
N PRO MA 51 42.05 -111.05 -48.41
CA PRO MA 51 41.06 -111.48 -47.42
C PRO MA 51 41.65 -112.03 -46.15
N ASN MA 52 42.89 -112.53 -46.20
CA ASN MA 52 43.50 -113.10 -45.01
C ASN MA 52 44.16 -112.04 -44.13
N SER MA 53 44.11 -110.77 -44.54
CA SER MA 53 44.86 -109.73 -43.84
C SER MA 53 44.52 -109.70 -42.35
N GLY MA 54 43.27 -109.45 -42.00
CA GLY MA 54 42.87 -109.39 -40.61
C GLY MA 54 43.17 -110.65 -39.81
N GLN MA 55 42.55 -111.76 -40.22
CA GLN MA 55 42.72 -113.03 -39.52
C GLN MA 55 44.18 -113.33 -39.28
N LYS MA 56 45.01 -113.25 -40.33
CA LYS MA 56 46.44 -113.50 -40.18
C LYS MA 56 47.04 -112.71 -39.04
N ARG MA 57 46.78 -111.39 -39.01
CA ARG MA 57 47.41 -110.59 -37.97
C ARG MA 57 46.95 -111.03 -36.59
N PHE MA 58 45.67 -111.40 -36.46
CA PHE MA 58 45.21 -111.91 -35.18
C PHE MA 58 45.92 -113.20 -34.81
N GLU MA 59 46.19 -114.05 -35.82
CA GLU MA 59 46.99 -115.24 -35.57
C GLU MA 59 48.40 -114.86 -35.14
N ARG MA 60 48.95 -113.80 -35.71
CA ARG MA 60 50.24 -113.31 -35.29
C ARG MA 60 50.22 -112.72 -33.89
N TYR MA 61 49.03 -112.46 -33.34
CA TYR MA 61 48.89 -111.86 -32.02
C TYR MA 61 48.49 -112.90 -30.98
N ALA MA 62 49.00 -114.12 -31.09
CA ALA MA 62 48.82 -115.14 -30.07
C ALA MA 62 50.00 -115.21 -29.12
N GLN MA 63 51.16 -114.70 -29.52
CA GLN MA 63 52.35 -114.78 -28.68
C GLN MA 63 52.22 -113.89 -27.46
N GLU MA 64 51.64 -112.71 -27.61
CA GLU MA 64 51.48 -111.80 -26.49
C GLU MA 64 50.32 -112.25 -25.62
N LEU MA 65 50.07 -111.52 -24.53
CA LEU MA 65 49.03 -111.87 -23.57
C LEU MA 65 48.10 -110.70 -23.37
N CYS MA 66 46.81 -110.93 -23.63
CA CYS MA 66 45.79 -109.89 -23.66
C CYS MA 66 45.32 -109.55 -22.25
N GLY MA 67 44.20 -108.84 -22.17
CA GLY MA 67 43.55 -108.55 -20.91
C GLY MA 67 42.06 -108.42 -21.08
N PRO MA 68 41.37 -107.87 -20.08
CA PRO MA 68 39.93 -107.65 -20.21
C PRO MA 68 39.56 -106.76 -21.38
N GLU MA 69 40.41 -105.78 -21.71
CA GLU MA 69 40.19 -104.96 -22.90
C GLU MA 69 40.29 -105.76 -24.18
N GLY MA 70 40.78 -106.99 -24.13
CA GLY MA 70 40.92 -107.81 -25.30
C GLY MA 70 42.06 -107.44 -26.22
N LEU MA 71 42.91 -106.49 -25.83
CA LEU MA 71 44.01 -106.08 -26.67
C LEU MA 71 45.33 -106.17 -25.91
N PRO MA 72 46.42 -106.47 -26.60
CA PRO MA 72 47.64 -106.90 -25.90
C PRO MA 72 48.47 -105.74 -25.37
N HIS MA 73 49.04 -105.96 -24.19
CA HIS MA 73 50.02 -105.06 -23.59
C HIS MA 73 51.41 -105.62 -23.84
N LEU MA 74 52.41 -104.74 -23.81
CA LEU MA 74 53.80 -105.11 -24.08
C LEU MA 74 54.62 -105.00 -22.81
N ILE MA 75 55.36 -106.07 -22.51
CA ILE MA 75 56.24 -106.13 -21.34
C ILE MA 75 57.67 -105.88 -21.80
N VAL MA 76 58.40 -105.05 -21.06
CA VAL MA 76 59.75 -104.64 -21.41
C VAL MA 76 60.61 -104.92 -20.18
N ASP MA 77 61.38 -106.02 -20.22
CA ASP MA 77 62.28 -106.37 -19.13
C ASP MA 77 63.57 -107.03 -19.55
N GLY MA 78 63.81 -107.27 -20.84
CA GLY MA 78 64.76 -108.28 -21.25
C GLY MA 78 64.25 -109.70 -21.04
N ARG MA 79 63.15 -109.86 -20.31
CA ARG MA 79 62.49 -111.15 -20.15
C ARG MA 79 62.14 -111.73 -21.50
N LEU MA 80 62.62 -112.96 -21.76
CA LEU MA 80 62.54 -113.55 -23.07
C LEU MA 80 61.11 -113.86 -23.48
N ASN MA 81 60.15 -113.62 -22.58
CA ASN MA 81 58.75 -113.69 -22.98
C ASN MA 81 58.42 -112.61 -24.00
N HIS MA 82 59.00 -111.42 -23.83
CA HIS MA 82 58.79 -110.33 -24.78
C HIS MA 82 60.06 -109.52 -25.05
N ALA MA 83 61.23 -110.15 -24.92
CA ALA MA 83 62.49 -109.42 -25.05
C ALA MA 83 62.67 -108.88 -26.47
N GLY MA 84 62.68 -109.78 -27.45
CA GLY MA 84 62.89 -109.37 -28.83
C GLY MA 84 61.82 -108.44 -29.37
N ASP MA 85 60.65 -108.43 -28.76
CA ASP MA 85 59.56 -107.56 -29.23
C ASP MA 85 59.81 -106.09 -28.92
N PHE MA 86 60.88 -105.76 -28.18
CA PHE MA 86 61.27 -104.39 -27.97
C PHE MA 86 62.76 -104.12 -28.14
N LEU MA 87 63.62 -105.14 -28.00
CA LEU MA 87 65.06 -104.87 -27.94
C LEU MA 87 65.60 -104.55 -29.33
N ILE MA 88 65.42 -105.46 -30.29
CA ILE MA 88 66.02 -105.29 -31.60
C ILE MA 88 65.50 -104.05 -32.33
N PRO MA 89 64.25 -103.59 -32.15
CA PRO MA 89 63.90 -102.30 -32.78
C PRO MA 89 64.69 -101.15 -32.21
N SER MA 90 64.88 -101.15 -30.88
CA SER MA 90 65.72 -100.14 -30.25
C SER MA 90 67.11 -100.14 -30.87
N ILE MA 91 67.71 -101.32 -31.01
CA ILE MA 91 69.07 -101.40 -31.53
C ILE MA 91 69.11 -100.96 -32.98
N LEU MA 92 68.07 -101.27 -33.76
CA LEU MA 92 68.00 -100.79 -35.13
C LEU MA 92 67.98 -99.28 -35.19
N PHE MA 93 67.16 -98.66 -34.34
CA PHE MA 93 67.13 -97.20 -34.31
C PHE MA 93 68.50 -96.65 -33.95
N LEU MA 94 69.17 -97.27 -32.98
CA LEU MA 94 70.50 -96.79 -32.61
C LEU MA 94 71.46 -96.89 -33.80
N TYR MA 95 71.40 -98.01 -34.53
CA TYR MA 95 72.20 -98.17 -35.75
C TYR MA 95 71.99 -96.99 -36.69
N ILE MA 96 70.74 -96.77 -37.08
CA ILE MA 96 70.47 -95.80 -38.14
C ILE MA 96 70.74 -94.38 -37.66
N ALA MA 97 70.41 -94.06 -36.42
CA ALA MA 97 70.68 -92.73 -35.88
C ALA MA 97 72.18 -92.48 -35.83
N GLY MA 98 72.95 -93.46 -35.38
CA GLY MA 98 74.39 -93.31 -35.41
C GLY MA 98 74.91 -93.07 -36.81
N TRP MA 99 74.41 -93.84 -37.80
CA TRP MA 99 74.84 -93.64 -39.17
C TRP MA 99 74.59 -92.22 -39.63
N ILE MA 100 73.35 -91.74 -39.48
CA ILE MA 100 73.01 -90.43 -40.03
C ILE MA 100 73.78 -89.32 -39.33
N GLY MA 101 73.84 -89.36 -37.99
CA GLY MA 101 74.62 -88.36 -37.28
C GLY MA 101 76.07 -88.38 -37.69
N TRP MA 102 76.65 -89.58 -37.83
CA TRP MA 102 78.05 -89.71 -38.17
C TRP MA 102 78.34 -89.12 -39.54
N VAL MA 103 77.51 -89.47 -40.53
CA VAL MA 103 77.77 -88.96 -41.87
C VAL MA 103 77.54 -87.46 -41.95
N GLY MA 104 76.56 -86.94 -41.21
CA GLY MA 104 76.36 -85.51 -41.19
C GLY MA 104 77.55 -84.76 -40.62
N ARG MA 105 78.01 -85.20 -39.44
CA ARG MA 105 79.18 -84.56 -38.84
C ARG MA 105 80.40 -84.67 -39.74
N ALA MA 106 80.59 -85.82 -40.39
CA ALA MA 106 81.74 -86.00 -41.26
C ALA MA 106 81.67 -85.05 -42.45
N TYR MA 107 80.50 -84.94 -43.07
CA TYR MA 107 80.34 -83.99 -44.18
C TYR MA 107 80.67 -82.58 -43.73
N LEU MA 108 80.13 -82.18 -42.57
CA LEU MA 108 80.39 -80.83 -42.08
C LEU MA 108 81.87 -80.58 -41.88
N GLN MA 109 82.55 -81.53 -41.19
CA GLN MA 109 83.99 -81.40 -41.01
C GLN MA 109 84.71 -81.29 -42.35
N GLU MA 110 84.26 -82.04 -43.36
CA GLU MA 110 84.94 -82.04 -44.64
C GLU MA 110 84.80 -80.70 -45.35
N ILE MA 111 83.59 -80.12 -45.33
CA ILE MA 111 83.33 -78.92 -46.11
C ILE MA 111 84.35 -77.83 -45.78
N LYS MA 112 84.69 -77.69 -44.50
CA LYS MA 112 85.46 -76.54 -44.06
C LYS MA 112 86.88 -76.53 -44.66
N LYS MA 113 87.37 -77.66 -45.13
CA LYS MA 113 88.66 -77.69 -45.81
C LYS MA 113 88.50 -77.43 -47.31
N ARG MA 114 87.74 -76.39 -47.64
CA ARG MA 114 87.59 -75.96 -49.02
C ARG MA 114 87.66 -74.46 -49.21
N ASP MA 115 87.53 -73.65 -48.17
CA ASP MA 115 87.54 -72.18 -48.25
C ASP MA 115 86.45 -71.64 -49.17
N ASN MA 116 85.45 -72.46 -49.46
CA ASN MA 116 84.21 -72.05 -50.12
C ASN MA 116 83.04 -72.33 -49.21
N THR MA 117 83.19 -71.98 -47.93
CA THR MA 117 82.39 -72.58 -46.87
C THR MA 117 80.90 -72.36 -47.09
N GLU MA 118 80.45 -71.11 -47.02
CA GLU MA 118 79.02 -70.79 -47.10
C GLU MA 118 78.51 -70.69 -48.52
N LEU MA 119 79.40 -70.63 -49.51
CA LEU MA 119 78.96 -70.83 -50.89
C LEU MA 119 78.33 -72.20 -51.07
N ARG MA 120 79.02 -73.25 -50.63
CA ARG MA 120 78.52 -74.62 -50.76
C ARG MA 120 77.58 -75.03 -49.63
N GLU MA 121 77.32 -74.14 -48.66
CA GLU MA 121 76.43 -74.52 -47.57
C GLU MA 121 75.03 -74.81 -48.06
N VAL MA 122 74.64 -74.22 -49.18
CA VAL MA 122 73.34 -74.47 -49.77
C VAL MA 122 73.43 -75.30 -51.05
N ILE MA 123 74.56 -75.27 -51.74
CA ILE MA 123 74.78 -76.06 -52.95
C ILE MA 123 75.55 -77.30 -52.52
N ILE MA 124 74.87 -78.45 -52.52
CA ILE MA 124 75.51 -79.69 -52.12
C ILE MA 124 76.43 -80.17 -53.23
N ASP MA 125 77.66 -80.53 -52.85
CA ASP MA 125 78.64 -81.09 -53.79
C ASP MA 125 78.39 -82.59 -53.88
N VAL MA 126 77.51 -82.98 -54.81
CA VAL MA 126 77.09 -84.38 -54.91
C VAL MA 126 78.27 -85.33 -55.14
N PRO MA 127 79.17 -85.09 -56.10
CA PRO MA 127 80.28 -86.04 -56.28
C PRO MA 127 81.14 -86.24 -55.04
N THR MA 128 81.07 -85.34 -54.06
CA THR MA 128 81.72 -85.54 -52.78
C THR MA 128 80.75 -85.95 -51.69
N ALA MA 129 79.50 -85.48 -51.74
CA ALA MA 129 78.52 -85.86 -50.75
C ALA MA 129 78.15 -87.33 -50.83
N LEU MA 130 78.32 -87.96 -52.01
CA LEU MA 130 77.98 -89.38 -52.12
C LEU MA 130 78.92 -90.26 -51.31
N PRO MA 131 80.23 -90.30 -51.58
CA PRO MA 131 81.06 -91.30 -50.90
C PRO MA 131 81.05 -91.19 -49.39
N LEU MA 132 80.86 -89.99 -48.84
CA LEU MA 132 80.73 -89.85 -47.39
C LEU MA 132 79.52 -90.62 -46.90
N MET MA 133 78.38 -90.45 -47.58
CA MET MA 133 77.19 -91.23 -47.24
C MET MA 133 77.46 -92.72 -47.38
N LEU MA 134 78.11 -93.12 -48.48
CA LEU MA 134 78.36 -94.53 -48.72
C LEU MA 134 79.37 -95.12 -47.74
N SER MA 135 80.14 -94.29 -47.06
CA SER MA 135 81.22 -94.75 -46.17
C SER MA 135 80.85 -94.62 -44.70
N GLY MA 136 79.59 -94.86 -44.34
CA GLY MA 136 79.19 -94.86 -42.95
C GLY MA 136 79.03 -96.25 -42.41
N PHE MA 137 79.67 -97.22 -43.06
CA PHE MA 137 79.41 -98.63 -42.78
C PHE MA 137 79.81 -99.01 -41.36
N THR MA 138 80.97 -98.54 -40.90
CA THR MA 138 81.51 -98.97 -39.62
C THR MA 138 81.57 -97.81 -38.63
N TRP MA 139 80.49 -97.03 -38.55
CA TRP MA 139 80.47 -95.88 -37.65
C TRP MA 139 80.70 -96.22 -36.19
N PRO MA 140 80.10 -97.28 -35.58
CA PRO MA 140 80.21 -97.43 -34.12
C PRO MA 140 81.65 -97.60 -33.64
N LEU MA 141 82.34 -98.64 -34.12
CA LEU MA 141 83.66 -98.94 -33.58
C LEU MA 141 84.66 -97.85 -33.96
N ALA MA 142 84.56 -97.30 -35.17
CA ALA MA 142 85.38 -96.16 -35.53
C ALA MA 142 85.18 -95.02 -34.54
N ALA MA 143 83.92 -94.73 -34.20
CA ALA MA 143 83.64 -93.72 -33.19
C ALA MA 143 84.30 -94.08 -31.87
N VAL MA 144 84.24 -95.36 -31.49
CA VAL MA 144 84.91 -95.82 -30.28
C VAL MA 144 86.38 -95.44 -30.34
N LYS MA 145 87.01 -95.65 -31.49
CA LYS MA 145 88.42 -95.29 -31.64
C LYS MA 145 88.61 -93.80 -31.40
N GLU MA 146 87.76 -92.97 -32.02
CA GLU MA 146 87.90 -91.53 -31.82
C GLU MA 146 87.65 -91.15 -30.38
N LEU MA 147 86.91 -91.97 -29.64
CA LEU MA 147 86.76 -91.77 -28.21
C LEU MA 147 88.08 -92.04 -27.50
N LEU MA 148 88.69 -93.20 -27.79
CA LEU MA 148 89.94 -93.55 -27.12
C LEU MA 148 91.08 -92.64 -27.55
N SER MA 149 91.16 -92.33 -28.84
CA SER MA 149 92.11 -91.34 -29.31
C SER MA 149 91.75 -89.94 -28.83
N GLY MA 150 90.54 -89.73 -28.34
CA GLY MA 150 90.10 -88.40 -27.98
C GLY MA 150 89.89 -87.50 -29.16
N GLU MA 151 89.37 -88.03 -30.26
CA GLU MA 151 89.14 -87.27 -31.48
C GLU MA 151 87.68 -86.86 -31.64
N LEU MA 152 87.02 -86.56 -30.53
CA LEU MA 152 85.61 -86.21 -30.57
C LEU MA 152 85.25 -84.96 -29.79
N VAL MA 153 86.16 -84.42 -28.98
CA VAL MA 153 85.88 -83.26 -28.14
C VAL MA 153 87.04 -82.28 -28.24
N ALA MA 154 86.71 -80.99 -28.20
CA ALA MA 154 87.69 -79.92 -28.07
C ALA MA 154 87.68 -79.42 -26.63
N LYS MA 155 88.71 -78.66 -26.28
CA LYS MA 155 88.99 -78.34 -24.89
C LYS MA 155 88.20 -77.14 -24.40
N ASP MA 156 87.61 -77.28 -23.21
CA ASP MA 156 86.77 -76.27 -22.56
C ASP MA 156 87.18 -74.84 -22.86
N ASP MA 157 88.48 -74.54 -22.85
CA ASP MA 157 88.97 -73.20 -23.12
C ASP MA 157 89.38 -72.99 -24.57
N GLU MA 158 89.81 -74.06 -25.27
CA GLU MA 158 90.06 -73.93 -26.69
C GLU MA 158 88.78 -73.58 -27.43
N ILE MA 159 87.69 -74.25 -27.11
CA ILE MA 159 86.40 -73.82 -27.63
C ILE MA 159 86.15 -72.43 -27.04
N PRO MA 160 86.08 -71.43 -27.89
CA PRO MA 160 86.12 -70.04 -27.41
C PRO MA 160 84.75 -69.43 -27.29
N VAL MA 161 83.70 -70.24 -27.38
CA VAL MA 161 82.36 -69.70 -27.36
C VAL MA 161 82.08 -69.15 -25.96
N SER MA 162 82.12 -67.83 -25.87
CA SER MA 162 82.11 -67.16 -24.58
C SER MA 162 80.75 -67.28 -23.92
N PRO MA 163 80.67 -67.80 -22.71
CA PRO MA 163 79.43 -67.71 -21.93
C PRO MA 163 79.34 -66.37 -21.21
N ARG MA 164 78.33 -66.22 -20.35
CA ARG MA 164 78.13 -65.01 -19.54
C ARG MA 164 77.71 -63.81 -20.36
N MET NA 1 12.22 -66.56 10.08
CA MET NA 1 13.68 -66.60 10.18
C MET NA 1 14.15 -67.35 11.43
N PHE NA 2 14.81 -66.66 12.35
CA PHE NA 2 15.40 -67.28 13.52
C PHE NA 2 15.29 -66.31 14.69
N SER NA 3 16.04 -66.59 15.76
CA SER NA 3 15.92 -65.87 17.02
C SER NA 3 16.59 -64.50 17.02
N ALA NA 4 17.31 -64.14 15.95
CA ALA NA 4 17.90 -62.83 15.88
C ALA NA 4 16.86 -61.83 15.39
N SER NA 5 17.25 -60.57 15.33
CA SER NA 5 16.34 -59.50 14.96
C SER NA 5 16.49 -59.17 13.48
N PHE NA 6 15.89 -58.06 13.08
CA PHE NA 6 15.85 -57.66 11.67
C PHE NA 6 17.24 -57.52 11.05
N LEU NA 7 18.26 -57.30 11.88
CA LEU NA 7 19.57 -56.77 11.42
C LEU NA 7 20.00 -57.26 10.04
N PRO NA 8 20.02 -58.56 9.73
CA PRO NA 8 20.44 -58.98 8.39
C PRO NA 8 19.56 -58.46 7.28
N SER NA 9 18.43 -57.83 7.60
CA SER NA 9 17.59 -57.24 6.56
C SER NA 9 18.26 -56.00 5.99
N ILE NA 10 18.51 -55.00 6.83
CA ILE NA 10 19.19 -53.77 6.42
C ILE NA 10 20.36 -53.52 7.36
N LEU NA 11 21.51 -54.10 7.03
CA LEU NA 11 22.80 -53.55 7.43
C LEU NA 11 23.83 -53.73 6.34
N VAL NA 12 23.46 -54.32 5.20
CA VAL NA 12 24.36 -54.50 4.06
C VAL NA 12 24.50 -53.22 3.23
N PRO NA 13 23.46 -52.38 3.03
CA PRO NA 13 23.59 -51.33 2.02
C PRO NA 13 24.64 -50.29 2.39
N LEU NA 14 24.62 -49.84 3.65
CA LEU NA 14 25.60 -48.86 4.07
C LEU NA 14 27.01 -49.40 3.95
N THR NA 15 27.24 -50.64 4.38
CA THR NA 15 28.53 -51.27 4.14
C THR NA 15 28.74 -51.53 2.66
N GLY NA 16 27.66 -51.86 1.95
CA GLY NA 16 27.79 -52.11 0.52
C GLY NA 16 28.01 -50.85 -0.29
N LEU NA 17 27.31 -49.77 0.06
CA LEU NA 17 27.32 -48.58 -0.78
C LEU NA 17 27.94 -47.36 -0.11
N VAL NA 18 27.44 -46.93 1.06
CA VAL NA 18 27.82 -45.60 1.50
C VAL NA 18 29.23 -45.59 2.08
N PHE NA 19 29.60 -46.64 2.81
CA PHE NA 19 30.97 -46.69 3.32
C PHE NA 19 32.00 -46.72 2.21
N PRO NA 20 31.83 -47.51 1.14
CA PRO NA 20 32.70 -47.33 -0.03
C PRO NA 20 32.69 -45.91 -0.56
N ALA NA 21 31.53 -45.27 -0.56
CA ALA NA 21 31.43 -43.91 -1.08
C ALA NA 21 32.35 -42.96 -0.31
N ILE NA 22 32.17 -42.88 1.00
CA ILE NA 22 33.02 -41.99 1.79
C ILE NA 22 34.47 -42.43 1.69
N ALA NA 23 34.71 -43.75 1.65
CA ALA NA 23 36.08 -44.24 1.51
C ALA NA 23 36.76 -43.61 0.31
N MET NA 24 36.15 -43.80 -0.87
CA MET NA 24 36.78 -43.32 -2.09
C MET NA 24 36.80 -41.79 -2.15
N ALA NA 25 35.79 -41.12 -1.62
CA ALA NA 25 35.79 -39.66 -1.61
C ALA NA 25 36.96 -39.12 -0.79
N LEU NA 26 37.05 -39.55 0.46
CA LEU NA 26 38.17 -39.16 1.31
C LEU NA 26 39.50 -39.54 0.66
N LEU NA 27 39.55 -40.70 0.02
CA LEU NA 27 40.79 -41.13 -0.60
C LEU NA 27 41.21 -40.18 -1.72
N LEU NA 28 40.27 -39.84 -2.59
CA LEU NA 28 40.55 -38.95 -3.69
C LEU NA 28 41.00 -37.58 -3.20
N ILE NA 29 40.28 -37.02 -2.22
CA ILE NA 29 40.72 -35.72 -1.72
C ILE NA 29 42.04 -35.85 -1.00
N TYR NA 30 42.39 -37.05 -0.54
CA TYR NA 30 43.70 -37.25 0.07
C TYR NA 30 44.80 -37.24 -0.97
N VAL NA 31 44.54 -37.78 -2.17
CA VAL NA 31 45.60 -37.96 -3.15
C VAL NA 31 45.86 -36.67 -3.91
N GLU NA 32 45.27 -35.57 -3.46
CA GLU NA 32 45.50 -34.26 -4.07
C GLU NA 32 45.99 -33.23 -3.06
N ARG NA 33 46.38 -33.66 -1.86
CA ARG NA 33 46.62 -32.76 -0.75
C ARG NA 33 47.75 -31.76 -1.05
N GLU NA 34 47.71 -30.65 -0.34
CA GLU NA 34 48.73 -29.60 -0.42
C GLU NA 34 49.95 -30.01 0.40
N ASP NA 35 50.87 -29.06 0.61
CA ASP NA 35 52.10 -29.35 1.32
C ASP NA 35 52.29 -28.41 2.50
N PRO NA 36 52.92 -28.88 3.59
CA PRO NA 36 53.39 -30.25 3.75
C PRO NA 36 52.50 -31.11 4.65
N SER NA 37 51.30 -30.62 4.97
CA SER NA 37 50.35 -31.29 5.85
C SER NA 37 49.37 -32.13 5.04
N GLY NA 38 48.80 -33.13 5.71
CA GLY NA 38 47.82 -33.99 5.07
C GLY NA 38 47.11 -34.95 6.01
N ILE NA 39 45.78 -34.98 5.93
CA ILE NA 39 44.97 -35.91 6.73
C ILE NA 39 43.92 -36.54 5.83
N GLN OA 8 72.09 -79.77 -71.99
CA GLN OA 8 73.28 -80.46 -71.51
C GLN OA 8 73.01 -81.08 -70.14
N ASN OA 9 74.08 -81.55 -69.51
CA ASN OA 9 74.01 -82.04 -68.13
C ASN OA 9 74.14 -80.92 -67.11
N TYR OA 10 74.19 -79.67 -67.55
CA TYR OA 10 74.27 -78.54 -66.64
C TYR OA 10 73.00 -78.37 -65.81
N LEU OA 11 71.91 -79.05 -66.21
CA LEU OA 11 70.64 -78.89 -65.52
C LEU OA 11 70.76 -79.19 -64.03
N LEU OA 12 71.58 -80.18 -63.67
CA LEU OA 12 71.72 -80.50 -62.26
C LEU OA 12 72.41 -79.38 -61.51
N ARG OA 13 73.39 -78.72 -62.15
CA ARG OA 13 73.94 -77.47 -61.64
C ARG OA 13 72.88 -76.46 -61.25
N TYR OA 14 71.71 -76.55 -61.86
CA TYR OA 14 70.62 -75.62 -61.62
C TYR OA 14 69.40 -76.35 -61.06
N LEU OA 15 69.47 -77.66 -60.90
CA LEU OA 15 68.46 -78.42 -60.18
C LEU OA 15 68.86 -78.67 -58.74
N SER OA 16 70.16 -78.80 -58.47
CA SER OA 16 70.66 -78.94 -57.11
C SER OA 16 70.52 -77.60 -56.40
N LEU OA 17 69.42 -77.42 -55.68
CA LEU OA 17 69.16 -76.21 -54.93
C LEU OA 17 69.04 -76.43 -53.43
N GLY OA 18 68.87 -77.68 -52.99
CA GLY OA 18 68.45 -77.98 -51.65
C GLY OA 18 66.96 -78.23 -51.50
N PRO OA 19 66.12 -77.19 -51.60
CA PRO OA 19 64.66 -77.42 -51.49
C PRO OA 19 64.14 -78.50 -52.40
N VAL OA 20 64.36 -78.39 -53.71
CA VAL OA 20 63.96 -79.46 -54.62
C VAL OA 20 64.63 -80.76 -54.22
N LEU OA 21 65.87 -80.68 -53.75
CA LEU OA 21 66.54 -81.89 -53.25
C LEU OA 21 65.92 -82.38 -51.95
N LEU OA 22 65.42 -81.47 -51.11
CA LEU OA 22 64.74 -81.90 -49.90
C LEU OA 22 63.59 -82.83 -50.27
N PHE OA 23 62.60 -82.29 -50.99
CA PHE OA 23 61.42 -83.07 -51.35
C PHE OA 23 61.81 -84.37 -52.06
N ALA OA 24 62.85 -84.32 -52.88
CA ALA OA 24 63.33 -85.53 -53.54
C ALA OA 24 63.72 -86.59 -52.53
N TRP OA 25 64.61 -86.24 -51.60
CA TRP OA 25 65.07 -87.20 -50.61
C TRP OA 25 63.92 -87.66 -49.72
N LEU OA 26 63.03 -86.74 -49.35
CA LEU OA 26 61.94 -87.09 -48.46
C LEU OA 26 60.97 -88.05 -49.13
N SER OA 27 60.65 -87.81 -50.41
CA SER OA 27 59.79 -88.73 -51.14
C SER OA 27 60.45 -90.07 -51.36
N PHE OA 28 61.76 -90.07 -51.62
CA PHE OA 28 62.49 -91.33 -51.71
C PHE OA 28 62.34 -92.13 -50.43
N THR OA 29 62.63 -91.50 -49.29
CA THR OA 29 62.48 -92.18 -48.01
C THR OA 29 61.04 -92.59 -47.75
N ALA OA 30 60.08 -91.80 -48.25
CA ALA OA 30 58.67 -92.12 -48.02
C ALA OA 30 58.26 -93.38 -48.76
N VAL OA 31 58.57 -93.46 -50.05
CA VAL OA 31 58.25 -94.67 -50.80
C VAL OA 31 59.07 -95.84 -50.26
N LEU OA 32 60.28 -95.57 -49.77
CA LEU OA 32 61.05 -96.56 -49.04
C LEU OA 32 60.24 -97.16 -47.90
N LEU OA 33 59.75 -96.29 -47.02
CA LEU OA 33 58.93 -96.74 -45.89
C LEU OA 33 57.66 -97.44 -46.37
N ILE OA 34 57.15 -97.05 -47.53
CA ILE OA 34 55.91 -97.64 -48.04
C ILE OA 34 56.13 -99.09 -48.45
N VAL OA 35 57.17 -99.35 -49.25
CA VAL OA 35 57.31 -100.67 -49.86
C VAL OA 35 57.43 -101.76 -48.81
N PHE OA 36 58.18 -101.50 -47.73
CA PHE OA 36 58.24 -102.48 -46.65
C PHE OA 36 56.91 -102.59 -45.93
N ASN OA 37 56.19 -101.47 -45.82
CA ASN OA 37 54.81 -101.50 -45.34
C ASN OA 37 53.85 -101.96 -46.43
N TYR OA 38 54.29 -102.01 -47.68
CA TYR OA 38 53.45 -102.49 -48.77
C TYR OA 38 53.67 -103.97 -49.08
N LEU OA 39 54.87 -104.49 -48.82
CA LEU OA 39 55.21 -105.86 -49.18
C LEU OA 39 54.98 -106.84 -48.04
N TYR OA 40 55.42 -106.50 -46.83
CA TYR OA 40 55.22 -107.36 -45.66
C TYR OA 40 54.68 -106.54 -44.48
N PRO OA 41 53.47 -105.99 -44.59
CA PRO OA 41 52.88 -105.33 -43.41
C PRO OA 41 52.19 -106.33 -42.51
N ASP OA 42 52.82 -107.48 -42.31
CA ASP OA 42 52.20 -108.60 -41.61
C ASP OA 42 53.20 -109.28 -40.69
N LEU OA 43 54.13 -108.51 -40.14
CA LEU OA 43 55.15 -109.03 -39.23
C LEU OA 43 55.11 -108.24 -37.93
N LEU OA 44 54.61 -108.86 -36.87
CA LEU OA 44 54.59 -108.24 -35.55
C LEU OA 44 55.00 -109.25 -34.48
N ILE PA 29 10.42 -44.93 -91.83
CA ILE PA 29 11.12 -44.96 -93.11
C ILE PA 29 12.44 -44.20 -92.99
N GLY PA 30 13.40 -44.57 -93.84
CA GLY PA 30 14.74 -44.01 -93.77
C GLY PA 30 14.80 -42.51 -93.95
N ALA PA 31 13.76 -41.91 -94.53
CA ALA PA 31 13.70 -40.47 -94.71
C ALA PA 31 14.04 -39.77 -93.39
N SER PA 32 13.21 -39.98 -92.37
CA SER PA 32 13.44 -39.38 -91.05
C SER PA 32 14.88 -39.57 -90.59
N LEU PA 33 15.48 -40.72 -90.91
CA LEU PA 33 16.86 -40.99 -90.50
C LEU PA 33 17.81 -39.97 -91.09
N VAL PA 34 17.79 -39.82 -92.42
CA VAL PA 34 18.68 -38.84 -93.05
C VAL PA 34 18.31 -37.43 -92.63
N ILE PA 35 17.03 -37.17 -92.38
CA ILE PA 35 16.60 -35.84 -91.95
C ILE PA 35 17.29 -35.46 -90.65
N LEU PA 36 17.10 -36.28 -89.61
CA LEU PA 36 17.71 -35.98 -88.33
C LEU PA 36 19.24 -36.02 -88.42
N PHE PA 37 19.78 -36.90 -89.26
CA PHE PA 37 21.23 -36.95 -89.43
C PHE PA 37 21.78 -35.61 -89.90
N ILE PA 38 21.27 -35.10 -91.02
CA ILE PA 38 21.83 -33.86 -91.54
C ILE PA 38 21.45 -32.69 -90.65
N ALA PA 39 20.30 -32.77 -89.97
CA ALA PA 39 19.95 -31.76 -88.99
C ALA PA 39 21.00 -31.66 -87.90
N SER PA 40 21.53 -32.81 -87.48
CA SER PA 40 22.57 -32.81 -86.46
C SER PA 40 23.95 -32.54 -87.02
N ARG PA 41 24.19 -32.81 -88.30
CA ARG PA 41 25.55 -32.75 -88.85
C ARG PA 41 25.84 -31.48 -89.64
N THR PA 42 25.10 -31.23 -90.70
CA THR PA 42 25.53 -30.25 -91.71
C THR PA 42 24.77 -28.94 -91.67
N ILE PA 43 23.44 -28.97 -91.46
CA ILE PA 43 22.68 -27.73 -91.41
C ILE PA 43 23.04 -26.87 -90.20
N ARG PA 44 23.83 -27.41 -89.27
CA ARG PA 44 24.22 -26.74 -88.05
C ARG PA 44 25.74 -26.78 -87.89
N PHE PA 45 26.20 -26.23 -86.77
CA PHE PA 45 27.61 -26.30 -86.39
C PHE PA 45 27.74 -27.08 -85.09
N PRO PA 46 28.14 -28.34 -85.15
CA PRO PA 46 28.43 -29.09 -83.92
C PRO PA 46 29.74 -28.63 -83.28
N GLN PA 47 29.79 -28.64 -81.94
CA GLN PA 47 31.07 -28.45 -81.27
C GLN PA 47 31.83 -29.76 -81.12
N VAL PA 48 31.52 -30.74 -81.96
CA VAL PA 48 31.88 -32.12 -81.69
C VAL PA 48 33.39 -32.25 -81.53
N GLY PA 49 33.83 -32.46 -80.29
CA GLY PA 49 35.24 -32.58 -79.96
C GLY PA 49 36.07 -31.49 -80.60
N PRO PA 50 37.07 -31.90 -81.36
CA PRO PA 50 37.91 -30.94 -82.09
C PRO PA 50 37.27 -30.36 -83.34
N LYS PA 51 35.95 -30.52 -83.50
CA LYS PA 51 35.18 -29.88 -84.56
C LYS PA 51 35.58 -30.34 -85.96
N MET PA 52 36.30 -31.45 -86.05
CA MET PA 52 36.88 -31.86 -87.33
C MET PA 52 35.80 -32.28 -88.32
N PRO PA 53 35.61 -31.54 -89.41
CA PRO PA 53 34.64 -31.96 -90.43
C PRO PA 53 35.22 -32.80 -91.55
N LEU PA 54 36.56 -32.90 -91.64
CA LEU PA 54 37.22 -33.65 -92.71
C LEU PA 54 38.27 -34.58 -92.11
N PRO PA 55 37.85 -35.66 -91.45
CA PRO PA 55 38.78 -36.78 -91.24
C PRO PA 55 39.03 -37.48 -92.57
N PHE PA 56 37.96 -37.76 -93.29
CA PHE PA 56 37.99 -38.25 -94.66
C PHE PA 56 36.66 -37.90 -95.32
N PRO PA 57 36.65 -37.10 -96.39
CA PRO PA 57 35.39 -36.62 -96.96
C PRO PA 57 34.81 -37.55 -98.02
N ALA PA 58 33.51 -37.35 -98.26
CA ALA PA 58 32.76 -38.02 -99.31
C ALA PA 58 31.90 -36.99 -100.04
N LEU PA 59 30.97 -37.44 -100.89
CA LEU PA 59 30.12 -36.51 -101.62
C LEU PA 59 28.73 -37.11 -101.80
N PHE PA 60 27.71 -36.41 -101.32
CA PHE PA 60 26.34 -36.67 -101.75
C PHE PA 60 25.73 -35.46 -102.44
N ASN PA 61 25.56 -34.34 -101.73
CA ASN PA 61 25.25 -33.06 -102.33
C ASN PA 61 26.26 -31.98 -101.94
N ASN PA 62 26.48 -31.78 -100.65
CA ASN PA 62 27.45 -30.84 -100.10
C ASN PA 62 27.73 -31.21 -98.65
N PRO PA 63 28.39 -32.34 -98.39
CA PRO PA 63 28.59 -32.75 -96.99
C PRO PA 63 29.95 -32.34 -96.42
N SER PA 64 30.13 -32.59 -95.12
CA SER PA 64 31.43 -32.52 -94.45
C SER PA 64 31.60 -33.87 -93.76
N VAL PA 65 32.41 -34.75 -94.35
CA VAL PA 65 32.36 -36.18 -94.08
C VAL PA 65 33.59 -36.62 -93.31
N GLY PA 66 33.43 -37.70 -92.54
CA GLY PA 66 34.50 -38.31 -91.78
C GLY PA 66 33.97 -38.77 -90.44
N THR PA 67 32.96 -38.06 -89.93
CA THR PA 67 32.19 -38.48 -88.79
C THR PA 67 30.74 -38.75 -89.16
N VAL PA 68 30.36 -38.46 -90.41
CA VAL PA 68 28.98 -38.61 -90.83
C VAL PA 68 28.54 -40.06 -90.74
N LEU PA 69 29.47 -41.00 -90.83
CA LEU PA 69 29.10 -42.40 -90.69
C LEU PA 69 28.56 -42.68 -89.29
N GLY PA 70 29.26 -42.20 -88.26
CA GLY PA 70 28.76 -42.39 -86.91
C GLY PA 70 27.47 -41.62 -86.65
N SER PA 71 27.40 -40.38 -87.15
CA SER PA 71 26.16 -39.65 -87.00
C SER PA 71 25.00 -40.39 -87.63
N VAL PA 72 25.21 -40.93 -88.83
CA VAL PA 72 24.20 -41.71 -89.54
C VAL PA 72 23.79 -42.93 -88.72
N SER PA 73 24.76 -43.59 -88.10
CA SER PA 73 24.44 -44.81 -87.37
C SER PA 73 23.63 -44.53 -86.11
N LEU PA 74 23.98 -43.49 -85.37
CA LEU PA 74 23.07 -43.19 -84.28
C LEU PA 74 21.74 -42.68 -84.81
N GLY PA 75 21.72 -42.05 -85.97
CA GLY PA 75 20.46 -41.76 -86.61
C GLY PA 75 19.62 -43.01 -86.77
N HIS PA 76 20.26 -44.08 -87.24
CA HIS PA 76 19.63 -45.39 -87.27
C HIS PA 76 19.02 -45.71 -85.90
N ILE PA 77 19.78 -45.48 -84.83
CA ILE PA 77 19.31 -45.86 -83.50
C ILE PA 77 18.09 -45.03 -83.09
N VAL PA 78 18.16 -43.70 -83.23
CA VAL PA 78 17.02 -42.90 -82.82
C VAL PA 78 15.80 -43.22 -83.65
N GLY PA 79 15.99 -43.54 -84.94
CA GLY PA 79 14.86 -43.97 -85.73
C GLY PA 79 14.29 -45.29 -85.21
N ILE PA 80 15.16 -46.19 -84.76
CA ILE PA 80 14.70 -47.45 -84.19
C ILE PA 80 13.83 -47.19 -82.97
N GLY PA 81 14.29 -46.28 -82.10
CA GLY PA 81 13.50 -45.94 -80.93
C GLY PA 81 12.19 -45.30 -81.30
N ILE PA 82 12.20 -44.42 -82.30
CA ILE PA 82 10.98 -43.80 -82.78
C ILE PA 82 9.99 -44.85 -83.27
N ILE PA 83 10.49 -45.83 -84.02
CA ILE PA 83 9.58 -46.78 -84.66
C ILE PA 83 9.01 -47.76 -83.65
N LEU PA 84 9.80 -48.21 -82.70
CA LEU PA 84 9.17 -49.03 -81.65
C LEU PA 84 8.48 -48.19 -80.58
N GLY PA 85 8.53 -46.86 -80.67
CA GLY PA 85 7.54 -46.06 -80.00
C GLY PA 85 6.24 -46.11 -80.79
N LEU PA 86 6.36 -45.99 -82.11
CA LEU PA 86 5.25 -46.08 -83.04
C LEU PA 86 4.64 -47.47 -83.10
N ASN PA 87 5.29 -48.45 -82.48
CA ASN PA 87 4.93 -49.86 -82.52
C ASN PA 87 3.42 -50.12 -82.55
N ASN PA 88 2.66 -49.39 -81.74
CA ASN PA 88 1.22 -49.62 -81.67
C ASN PA 88 0.57 -49.47 -83.05
N LEU PA 89 0.67 -48.28 -83.63
CA LEU PA 89 0.24 -48.03 -85.00
C LEU PA 89 0.71 -46.65 -85.41
N GLY PA 90 0.94 -46.49 -86.71
CA GLY PA 90 1.40 -45.20 -87.21
C GLY PA 90 1.66 -45.19 -88.70
N ILE PA 91 2.78 -44.59 -89.10
CA ILE PA 91 3.13 -44.48 -90.51
C ILE PA 91 3.77 -45.78 -90.96
N LEU PA 92 2.96 -46.69 -91.49
CA LEU PA 92 3.43 -47.90 -92.15
C LEU PA 92 2.88 -48.00 -93.57
N LYS PA 93 2.13 -47.00 -93.99
CA LYS PA 93 1.17 -47.15 -95.07
C LYS PA 93 1.11 -45.94 -96.00
N PRO QA 23 39.85 -18.21 -42.82
CA PRO QA 23 39.89 -17.12 -41.84
C PRO QA 23 39.66 -17.61 -40.40
N SER QA 24 40.71 -18.06 -39.75
CA SER QA 24 40.59 -18.60 -38.40
C SER QA 24 40.30 -17.48 -37.40
N ARG QA 25 40.17 -17.87 -36.13
CA ARG QA 25 39.80 -16.91 -35.09
C ARG QA 25 40.87 -15.83 -34.93
N ARG QA 26 42.13 -16.25 -34.82
CA ARG QA 26 43.25 -15.30 -34.74
C ARG QA 26 44.42 -15.64 -35.64
N ASP QA 27 44.56 -16.89 -36.08
CA ASP QA 27 45.68 -17.30 -36.89
C ASP QA 27 45.34 -18.55 -37.68
N PRO QA 28 45.47 -18.53 -39.01
CA PRO QA 28 45.04 -19.68 -39.82
C PRO QA 28 45.87 -20.93 -39.58
N GLN QA 29 46.99 -20.85 -38.86
CA GLN QA 29 47.81 -22.01 -38.55
C GLN QA 29 47.44 -22.69 -37.25
N ILE QA 30 46.54 -22.11 -36.46
CA ILE QA 30 46.14 -22.72 -35.19
C ILE QA 30 45.20 -23.88 -35.49
N GLY QA 31 45.11 -24.81 -34.54
CA GLY QA 31 44.29 -25.99 -34.73
C GLY QA 31 42.80 -25.76 -34.58
N ASN QA 32 42.28 -24.76 -35.30
CA ASN QA 32 40.87 -24.42 -35.26
C ASN QA 32 40.43 -24.04 -36.67
N LEU QA 33 39.15 -24.22 -36.95
CA LEU QA 33 38.62 -23.96 -38.28
C LEU QA 33 37.34 -23.15 -38.20
N GLU QA 34 37.13 -22.33 -39.23
CA GLU QA 34 35.97 -21.45 -39.31
C GLU QA 34 34.82 -22.10 -40.07
N THR QA 35 34.48 -23.34 -39.71
CA THR QA 35 33.39 -24.01 -40.38
C THR QA 35 32.06 -23.43 -39.92
N PRO QA 36 31.08 -23.32 -40.81
CA PRO QA 36 29.84 -22.64 -40.45
C PRO QA 36 28.94 -23.45 -39.56
N ILE QA 37 29.53 -24.10 -38.56
CA ILE QA 37 28.76 -24.72 -37.47
C ILE QA 37 29.24 -24.28 -36.10
N ASN QA 38 30.49 -23.84 -35.94
CA ASN QA 38 30.97 -23.32 -34.68
C ASN QA 38 31.15 -21.82 -34.68
N ASN QA 39 30.84 -21.14 -35.80
CA ASN QA 39 30.88 -19.69 -35.84
C ASN QA 39 29.71 -19.11 -36.63
N SER QA 40 28.57 -19.80 -36.63
CA SER QA 40 27.36 -19.28 -37.27
C SER QA 40 26.65 -18.34 -36.30
N SER QA 41 26.14 -17.22 -36.83
CA SER QA 41 25.54 -16.20 -35.98
C SER QA 41 24.38 -16.77 -35.18
N LEU QA 42 23.54 -17.58 -35.82
CA LEU QA 42 22.43 -18.23 -35.13
C LEU QA 42 22.94 -19.01 -33.91
N VAL QA 43 23.93 -19.89 -34.13
CA VAL QA 43 24.39 -20.75 -33.06
C VAL QA 43 25.08 -19.94 -31.97
N LYS QA 44 25.86 -18.93 -32.33
CA LYS QA 44 26.54 -18.16 -31.29
C LYS QA 44 25.54 -17.39 -30.45
N TRP QA 45 24.49 -16.83 -31.07
CA TRP QA 45 23.46 -16.20 -30.27
C TRP QA 45 22.75 -17.21 -29.38
N PHE QA 46 22.49 -18.41 -29.92
CA PHE QA 46 21.77 -19.42 -29.16
C PHE QA 46 22.59 -19.98 -28.01
N ILE QA 47 23.91 -19.91 -28.10
CA ILE QA 47 24.77 -20.51 -27.09
C ILE QA 47 25.17 -19.45 -26.06
N ASN QA 48 25.26 -18.20 -26.48
CA ASN QA 48 25.69 -17.15 -25.56
C ASN QA 48 24.66 -16.90 -24.47
N ASN QA 49 23.38 -16.89 -24.82
CA ASN QA 49 22.35 -16.51 -23.87
C ASN QA 49 21.89 -17.67 -22.99
N LEU QA 50 22.55 -18.82 -23.07
CA LEU QA 50 22.22 -19.91 -22.17
C LEU QA 50 22.58 -19.55 -20.74
N PRO QA 51 21.88 -20.13 -19.75
CA PRO QA 51 22.18 -19.80 -18.35
C PRO QA 51 23.62 -20.08 -17.95
N ALA QA 52 24.34 -20.89 -18.72
CA ALA QA 52 25.75 -21.07 -18.45
C ALA QA 52 26.58 -19.85 -18.81
N TYR QA 53 26.07 -18.98 -19.69
CA TYR QA 53 26.85 -17.84 -20.17
C TYR QA 53 26.14 -16.50 -20.15
N ARG QA 54 24.81 -16.45 -20.17
CA ARG QA 54 24.14 -15.17 -20.33
C ARG QA 54 24.42 -14.28 -19.13
N PRO QA 55 24.89 -13.05 -19.35
CA PRO QA 55 25.29 -12.20 -18.24
C PRO QA 55 24.09 -11.55 -17.57
N GLY QA 56 24.37 -10.72 -16.58
CA GLY QA 56 23.31 -10.05 -15.85
C GLY QA 56 22.60 -10.92 -14.84
N ILE QA 57 23.18 -12.05 -14.47
CA ILE QA 57 22.60 -12.95 -13.48
C ILE QA 57 23.67 -13.34 -12.47
N THR QA 58 23.23 -13.97 -11.42
CA THR QA 58 23.98 -14.54 -10.31
C THR QA 58 24.19 -16.03 -10.50
N PRO QA 59 25.28 -16.58 -9.98
CA PRO QA 59 25.46 -18.04 -10.00
C PRO QA 59 24.29 -18.78 -9.37
N LEU QA 60 23.64 -18.16 -8.38
CA LEU QA 60 22.48 -18.77 -7.73
C LEU QA 60 21.42 -19.11 -8.77
N ARG QA 61 20.99 -18.12 -9.55
CA ARG QA 61 19.96 -18.35 -10.56
C ARG QA 61 20.41 -19.41 -11.56
N ARG QA 62 21.69 -19.42 -11.92
CA ARG QA 62 22.20 -20.42 -12.83
C ARG QA 62 21.92 -21.82 -12.28
N GLY QA 63 22.33 -22.06 -11.04
CA GLY QA 63 22.05 -23.35 -10.41
C GLY QA 63 20.56 -23.65 -10.38
N LEU QA 64 19.75 -22.66 -9.99
CA LEU QA 64 18.31 -22.86 -9.94
C LEU QA 64 17.77 -23.34 -11.28
N GLU QA 65 18.13 -22.65 -12.36
CA GLU QA 65 17.57 -22.97 -13.67
C GLU QA 65 18.05 -24.31 -14.19
N VAL QA 66 19.34 -24.60 -14.04
CA VAL QA 66 19.85 -25.87 -14.53
C VAL QA 66 19.19 -27.02 -13.77
N GLY QA 67 19.05 -26.87 -12.46
CA GLY QA 67 18.34 -27.87 -11.69
C GLY QA 67 16.90 -28.04 -12.16
N MET QA 68 16.20 -26.91 -12.33
CA MET QA 68 14.83 -26.95 -12.84
C MET QA 68 14.75 -27.79 -14.09
N ALA QA 69 15.53 -27.42 -15.11
CA ALA QA 69 15.48 -28.13 -16.39
C ALA QA 69 15.76 -29.62 -16.22
N HIS QA 70 16.92 -29.95 -15.64
CA HIS QA 70 17.35 -31.34 -15.63
C HIS QA 70 16.43 -32.20 -14.77
N GLY QA 71 16.17 -31.76 -13.55
CA GLY QA 71 15.21 -32.47 -12.72
C GLY QA 71 13.81 -32.50 -13.29
N TYR QA 72 13.52 -31.66 -14.28
CA TYR QA 72 12.22 -31.71 -14.90
C TYR QA 72 12.16 -32.76 -16.01
N TRP QA 73 13.29 -33.03 -16.67
CA TRP QA 73 13.27 -34.09 -17.67
C TRP QA 73 13.88 -35.39 -17.17
N LEU QA 74 14.83 -35.33 -16.23
CA LEU QA 74 15.46 -36.56 -15.78
C LEU QA 74 14.62 -37.30 -14.75
N LEU QA 75 13.36 -37.52 -15.04
CA LEU QA 75 12.60 -38.51 -14.29
C LEU QA 75 11.83 -39.48 -15.17
N GLY QA 76 11.37 -39.05 -16.36
CA GLY QA 76 10.82 -39.97 -17.32
C GLY QA 76 11.70 -41.13 -17.71
N PRO QA 77 12.99 -40.90 -18.01
CA PRO QA 77 13.83 -41.99 -18.53
C PRO QA 77 13.79 -43.26 -17.71
N PHE QA 78 13.30 -43.21 -16.48
CA PHE QA 78 13.06 -44.43 -15.70
C PHE QA 78 11.68 -44.44 -15.07
N ALA QA 79 10.87 -43.41 -15.31
CA ALA QA 79 9.54 -43.35 -14.71
C ALA QA 79 8.70 -44.54 -15.13
N LYS QA 80 8.45 -44.68 -16.43
CA LYS QA 80 7.76 -45.84 -16.97
C LYS QA 80 8.73 -46.88 -17.52
N LEU QA 81 10.03 -46.69 -17.30
CA LEU QA 81 11.03 -47.62 -17.78
C LEU QA 81 11.64 -48.49 -16.70
N GLY QA 82 11.51 -48.12 -15.44
CA GLY QA 82 12.10 -48.87 -14.35
C GLY QA 82 11.54 -50.27 -14.25
N PRO QA 83 12.16 -51.12 -13.41
CA PRO QA 83 11.64 -52.48 -13.22
C PRO QA 83 10.23 -52.51 -12.67
N LEU QA 84 9.78 -51.43 -12.04
CA LEU QA 84 8.39 -51.28 -11.63
C LEU QA 84 7.55 -50.59 -12.68
N ARG QA 85 7.89 -50.80 -13.96
CA ARG QA 85 7.34 -50.01 -15.05
C ARG QA 85 5.82 -49.90 -14.98
N ASP QA 86 5.12 -51.03 -14.96
CA ASP QA 86 3.67 -51.00 -15.12
C ASP QA 86 2.92 -51.16 -13.81
N THR QA 87 3.60 -51.13 -12.67
CA THR QA 87 2.89 -51.19 -11.41
C THR QA 87 2.19 -49.86 -11.14
N ASP QA 88 1.23 -49.91 -10.23
CA ASP QA 88 0.36 -48.78 -9.93
C ASP QA 88 1.01 -47.71 -9.04
N VAL QA 89 2.31 -47.79 -8.80
CA VAL QA 89 3.01 -46.81 -7.96
C VAL QA 89 4.11 -46.07 -8.70
N ALA QA 90 4.54 -46.54 -9.88
CA ALA QA 90 5.84 -46.18 -10.44
C ALA QA 90 6.09 -44.69 -10.52
N ASN QA 91 5.06 -43.85 -10.40
CA ASN QA 91 5.27 -42.40 -10.46
C ASN QA 91 6.17 -41.94 -9.32
N ILE QA 92 5.75 -42.16 -8.08
CA ILE QA 92 6.56 -41.77 -6.94
C ILE QA 92 7.87 -42.56 -6.89
N ALA QA 93 7.89 -43.76 -7.47
CA ALA QA 93 9.13 -44.52 -7.54
C ALA QA 93 10.17 -43.77 -8.36
N GLY QA 94 9.80 -43.39 -9.59
CA GLY QA 94 10.68 -42.57 -10.40
C GLY QA 94 11.04 -41.26 -9.72
N LEU QA 95 10.09 -40.70 -8.96
CA LEU QA 95 10.38 -39.47 -8.23
C LEU QA 95 11.51 -39.68 -7.23
N LEU QA 96 11.41 -40.72 -6.40
CA LEU QA 96 12.46 -41.00 -5.43
C LEU QA 96 13.79 -41.28 -6.14
N ALA QA 97 13.74 -42.00 -7.26
CA ALA QA 97 14.95 -42.31 -8.00
C ALA QA 97 15.65 -41.05 -8.44
N THR QA 98 14.93 -40.15 -9.12
CA THR QA 98 15.58 -38.93 -9.59
C THR QA 98 15.98 -38.03 -8.42
N LEU QA 99 15.28 -38.14 -7.29
CA LEU QA 99 15.71 -37.42 -6.10
C LEU QA 99 17.12 -37.84 -5.70
N GLY QA 100 17.30 -39.14 -5.46
CA GLY QA 100 18.63 -39.64 -5.14
C GLY QA 100 19.64 -39.28 -6.21
N MET QA 101 19.21 -39.31 -7.47
CA MET QA 101 20.11 -39.01 -8.57
C MET QA 101 20.65 -37.59 -8.45
N VAL QA 102 19.75 -36.61 -8.31
CA VAL QA 102 20.21 -35.22 -8.23
C VAL QA 102 21.03 -35.02 -6.97
N VAL QA 103 20.69 -35.70 -5.89
CA VAL QA 103 21.49 -35.60 -4.67
C VAL QA 103 22.93 -36.00 -4.95
N ILE QA 104 23.12 -37.20 -5.51
CA ILE QA 104 24.49 -37.67 -5.71
C ILE QA 104 25.21 -36.82 -6.75
N SER QA 105 24.48 -36.24 -7.71
CA SER QA 105 25.11 -35.33 -8.65
C SER QA 105 25.65 -34.10 -7.94
N THR QA 106 24.84 -33.54 -7.03
CA THR QA 106 25.31 -32.40 -6.23
C THR QA 106 26.52 -32.79 -5.41
N LEU QA 107 26.50 -33.98 -4.82
CA LEU QA 107 27.66 -34.48 -4.10
C LEU QA 107 28.91 -34.45 -4.97
N ALA QA 108 28.78 -34.98 -6.18
CA ALA QA 108 29.91 -35.05 -7.10
C ALA QA 108 30.47 -33.66 -7.40
N VAL QA 109 29.59 -32.74 -7.80
CA VAL QA 109 30.07 -31.42 -8.17
C VAL QA 109 30.66 -30.70 -6.96
N SER QA 110 30.10 -30.93 -5.78
CA SER QA 110 30.63 -30.29 -4.58
C SER QA 110 32.04 -30.76 -4.28
N LEU QA 111 32.27 -32.08 -4.36
CA LEU QA 111 33.62 -32.55 -4.09
C LEU QA 111 34.58 -32.11 -5.18
N TYR QA 112 34.12 -32.05 -6.43
CA TYR QA 112 34.95 -31.48 -7.49
C TYR QA 112 35.39 -30.07 -7.13
N ALA QA 113 34.46 -29.25 -6.65
CA ALA QA 113 34.84 -27.93 -6.16
C ALA QA 113 35.83 -28.03 -5.01
N ALA QA 114 35.64 -29.01 -4.14
CA ALA QA 114 36.53 -29.17 -2.99
C ALA QA 114 37.97 -29.39 -3.44
N THR QA 115 38.16 -30.10 -4.55
CA THR QA 115 39.51 -30.37 -5.06
C THR QA 115 39.83 -29.56 -6.32
N ASP QA 116 39.11 -28.47 -6.55
CA ASP QA 116 39.05 -27.79 -7.84
C ASP QA 116 40.30 -27.05 -8.35
N PRO QA 117 41.08 -26.37 -7.50
CA PRO QA 117 41.90 -25.26 -8.00
C PRO QA 117 43.31 -25.65 -8.43
N PRO QA 118 43.51 -26.70 -9.25
CA PRO QA 118 44.64 -26.62 -10.20
C PRO QA 118 44.23 -26.01 -11.53
N LYS QA 119 44.95 -24.98 -11.98
CA LYS QA 119 44.64 -24.23 -13.19
C LYS QA 119 43.23 -23.66 -13.10
N PRO QA 120 42.96 -22.74 -12.15
CA PRO QA 120 41.57 -22.36 -11.87
C PRO QA 120 40.93 -21.60 -13.01
N VAL QA 121 40.73 -22.29 -14.13
CA VAL QA 121 40.10 -21.70 -15.30
C VAL QA 121 39.20 -22.75 -15.96
N ALA QA 122 38.47 -22.31 -16.97
CA ALA QA 122 37.77 -23.19 -17.89
C ALA QA 122 38.22 -22.85 -19.29
N THR QA 123 38.33 -23.87 -20.14
CA THR QA 123 38.80 -23.66 -21.51
C THR QA 123 37.81 -22.75 -22.24
N VAL QA 124 38.32 -21.63 -22.76
CA VAL QA 124 37.48 -20.59 -23.34
C VAL QA 124 37.52 -20.68 -24.86
N THR QA 125 36.34 -20.74 -25.47
CA THR QA 125 36.23 -20.68 -26.92
C THR QA 125 35.15 -19.68 -27.33
N VAL QA 126 34.21 -19.42 -26.43
CA VAL QA 126 33.27 -18.32 -26.67
C VAL QA 126 34.05 -17.02 -26.74
N PRO QA 127 33.78 -16.12 -27.69
CA PRO QA 127 34.62 -14.92 -27.86
C PRO QA 127 35.01 -14.21 -26.58
N ASN QA 128 34.12 -14.16 -25.60
CA ASN QA 128 34.40 -13.55 -24.32
C ASN QA 128 34.61 -14.61 -23.25
N PRO QA 129 35.21 -14.25 -22.12
CA PRO QA 129 35.14 -15.12 -20.95
C PRO QA 129 33.70 -15.26 -20.49
N PRO QA 130 33.33 -16.42 -19.97
CA PRO QA 130 31.92 -16.62 -19.58
C PRO QA 130 31.47 -15.68 -18.48
N ASP QA 131 32.13 -15.75 -17.33
CA ASP QA 131 31.81 -14.92 -16.17
C ASP QA 131 32.74 -15.21 -15.01
N THR QA 132 32.61 -14.46 -13.91
CA THR QA 132 33.35 -14.74 -12.70
C THR QA 132 32.83 -15.96 -11.95
N PHE QA 133 31.90 -16.71 -12.56
CA PHE QA 133 31.40 -17.97 -12.02
C PHE QA 133 32.51 -18.98 -11.75
N ASP QA 134 33.74 -18.70 -12.19
CA ASP QA 134 34.84 -19.64 -12.12
C ASP QA 134 35.63 -19.38 -10.84
N THR QA 135 35.15 -19.96 -9.74
CA THR QA 135 35.78 -19.83 -8.42
C THR QA 135 35.10 -20.83 -7.49
N THR QA 136 35.83 -21.26 -6.46
CA THR QA 136 35.39 -22.33 -5.58
C THR QA 136 34.03 -22.06 -4.94
N GLU QA 137 33.95 -21.03 -4.11
CA GLU QA 137 32.68 -20.72 -3.45
C GLU QA 137 31.58 -20.46 -4.45
N GLY QA 138 31.92 -19.89 -5.61
CA GLY QA 138 30.95 -19.81 -6.68
C GLY QA 138 30.42 -21.18 -7.06
N TRP QA 139 31.32 -22.15 -7.20
CA TRP QA 139 30.91 -23.50 -7.52
C TRP QA 139 30.00 -24.08 -6.44
N ASN QA 140 30.32 -23.80 -5.17
CA ASN QA 140 29.51 -24.32 -4.08
C ASN QA 140 28.10 -23.75 -4.12
N THR QA 141 27.99 -22.42 -4.24
CA THR QA 141 26.67 -21.81 -4.37
C THR QA 141 25.93 -22.35 -5.57
N PHE QA 142 26.63 -22.54 -6.68
CA PHE QA 142 26.02 -23.12 -7.86
C PHE QA 142 25.45 -24.50 -7.57
N ALA QA 143 26.20 -25.31 -6.83
CA ALA QA 143 25.71 -26.64 -6.49
C ALA QA 143 24.47 -26.57 -5.62
N SER QA 144 24.44 -25.64 -4.68
CA SER QA 144 23.25 -25.48 -3.85
C SER QA 144 22.03 -25.13 -4.70
N GLY QA 145 22.18 -24.13 -5.56
CA GLY QA 145 21.08 -23.77 -6.44
C GLY QA 145 20.68 -24.90 -7.36
N PHE QA 146 21.65 -25.68 -7.81
CA PHE QA 146 21.36 -26.88 -8.59
C PHE QA 146 20.48 -27.82 -7.81
N LEU QA 147 20.84 -28.07 -6.55
CA LEU QA 147 20.03 -28.96 -5.71
C LEU QA 147 18.60 -28.47 -5.62
N ILE QA 148 18.43 -27.18 -5.31
CA ILE QA 148 17.08 -26.64 -5.13
C ILE QA 148 16.28 -26.77 -6.42
N GLY QA 149 16.84 -26.27 -7.52
CA GLY QA 149 16.12 -26.31 -8.79
C GLY QA 149 15.84 -27.72 -9.25
N GLY QA 150 16.75 -28.66 -8.98
CA GLY QA 150 16.50 -30.04 -9.37
C GLY QA 150 15.33 -30.63 -8.62
N VAL QA 151 15.32 -30.43 -7.30
CA VAL QA 151 14.16 -30.89 -6.54
C VAL QA 151 12.89 -30.28 -7.11
N GLY QA 152 12.93 -28.97 -7.40
CA GLY QA 152 11.74 -28.30 -7.89
C GLY QA 152 11.23 -28.87 -9.20
N GLY QA 153 12.12 -28.98 -10.18
CA GLY QA 153 11.74 -29.60 -11.44
C GLY QA 153 11.17 -30.99 -11.24
N ALA QA 154 11.76 -31.75 -10.31
CA ALA QA 154 11.24 -33.08 -10.02
C ALA QA 154 9.79 -33.03 -9.59
N VAL QA 155 9.48 -32.22 -8.56
CA VAL QA 155 8.11 -32.22 -8.05
C VAL QA 155 7.15 -31.69 -9.10
N VAL QA 156 7.56 -30.68 -9.87
CA VAL QA 156 6.61 -30.10 -10.81
C VAL QA 156 6.33 -31.07 -11.94
N ALA QA 157 7.34 -31.81 -12.39
CA ALA QA 157 7.08 -32.85 -13.38
C ALA QA 157 6.19 -33.93 -12.81
N TYR QA 158 6.41 -34.30 -11.54
CA TYR QA 158 5.56 -35.31 -10.91
C TYR QA 158 4.12 -34.82 -10.82
N PHE QA 159 3.92 -33.51 -10.67
CA PHE QA 159 2.57 -32.98 -10.63
C PHE QA 159 1.93 -32.99 -12.01
N ILE QA 160 2.68 -32.59 -13.04
CA ILE QA 160 2.17 -32.68 -14.41
C ILE QA 160 1.73 -34.10 -14.72
N LEU QA 161 2.54 -35.07 -14.30
CA LEU QA 161 2.28 -36.46 -14.58
C LEU QA 161 1.34 -37.12 -13.59
N ALA QA 162 0.97 -36.43 -12.51
CA ALA QA 162 0.22 -37.07 -11.44
C ALA QA 162 -1.15 -37.53 -11.91
N ASN QA 163 -1.99 -36.60 -12.31
CA ASN QA 163 -3.31 -36.93 -12.85
C ASN QA 163 -3.12 -37.42 -14.28
N ILE QA 164 -3.09 -38.75 -14.45
CA ILE QA 164 -3.09 -39.35 -15.78
C ILE QA 164 -4.18 -38.71 -16.63
N GLU QA 165 -5.30 -38.36 -16.03
CA GLU QA 165 -6.40 -37.64 -16.65
C GLU QA 165 -6.09 -36.16 -16.90
N LEU QA 166 -4.83 -35.71 -16.79
CA LEU QA 166 -4.51 -34.32 -17.05
C LEU QA 166 -5.07 -33.82 -18.37
N ILE QA 167 -5.18 -34.69 -19.36
CA ILE QA 167 -5.76 -34.29 -20.64
C ILE QA 167 -7.15 -34.88 -20.75
N GLN QA 168 -7.39 -35.98 -20.02
CA GLN QA 168 -8.71 -36.63 -20.09
C GLN QA 168 -9.81 -35.71 -19.57
N ASN QA 169 -9.52 -34.91 -18.54
CA ASN QA 169 -10.47 -33.89 -18.12
C ASN QA 169 -10.69 -32.88 -19.24
N ILE QA 170 -9.63 -32.52 -19.96
CA ILE QA 170 -9.78 -31.70 -21.15
C ILE QA 170 -10.36 -32.51 -22.30
N PHE QA 171 -9.92 -33.77 -22.42
CA PHE QA 171 -10.29 -34.67 -23.52
C PHE QA 171 -10.24 -33.95 -24.86
N LYS QA 172 -9.13 -33.26 -25.08
CA LYS QA 172 -8.93 -32.53 -26.32
C LYS QA 172 -7.72 -33.10 -27.03
N MET RA 1 20.36 -73.93 23.17
CA MET RA 1 20.04 -73.73 21.77
C MET RA 1 20.65 -72.43 21.23
N SER RA 2 19.90 -71.73 20.38
CA SER RA 2 20.39 -70.53 19.73
C SER RA 2 20.31 -69.35 20.70
N ILE RA 3 20.49 -68.14 20.18
CA ILE RA 3 20.85 -66.99 21.03
C ILE RA 3 19.84 -65.85 20.93
N SER RA 4 20.15 -64.76 21.62
CA SER RA 4 19.23 -63.65 21.83
C SER RA 4 20.05 -62.36 21.75
N ASP RA 5 19.53 -61.29 22.36
CA ASP RA 5 20.23 -60.02 22.49
C ASP RA 5 21.70 -60.17 22.83
N THR RA 6 22.06 -61.30 23.45
CA THR RA 6 23.45 -61.66 23.66
C THR RA 6 24.29 -61.55 22.39
N GLN RA 7 23.67 -61.60 21.21
CA GLN RA 7 24.44 -61.34 20.01
C GLN RA 7 24.68 -59.85 19.80
N VAL RA 8 23.72 -59.00 20.19
CA VAL RA 8 24.03 -57.57 20.27
C VAL RA 8 25.17 -57.35 21.26
N PHE RA 9 25.19 -58.13 22.33
CA PHE RA 9 26.31 -58.11 23.28
C PHE RA 9 27.64 -58.40 22.58
N VAL RA 10 27.75 -59.56 21.94
CA VAL RA 10 29.04 -59.92 21.34
C VAL RA 10 29.42 -58.91 20.26
N ALA RA 11 28.43 -58.24 19.67
CA ALA RA 11 28.76 -57.08 18.83
C ALA RA 11 29.33 -55.96 19.66
N LEU RA 12 28.81 -55.73 20.87
CA LEU RA 12 29.25 -54.63 21.71
C LEU RA 12 30.66 -54.79 22.22
N VAL RA 13 31.14 -56.03 22.36
CA VAL RA 13 32.52 -56.21 22.81
C VAL RA 13 33.48 -55.68 21.76
N ILE RA 14 33.07 -55.66 20.50
CA ILE RA 14 33.86 -55.11 19.42
C ILE RA 14 33.60 -53.62 19.37
N ALA RA 15 34.36 -52.88 18.56
CA ALA RA 15 34.27 -51.47 18.28
C ALA RA 15 34.86 -50.61 19.39
N LEU RA 16 35.27 -51.19 20.51
CA LEU RA 16 36.15 -50.49 21.43
C LEU RA 16 37.50 -51.19 21.55
N ILE RA 17 37.52 -52.46 21.96
CA ILE RA 17 38.83 -53.10 22.09
C ILE RA 17 39.38 -53.34 20.69
N PRO RA 18 38.81 -54.24 19.88
CA PRO RA 18 39.46 -54.54 18.60
C PRO RA 18 39.42 -53.36 17.66
N GLY RA 19 38.31 -52.64 17.63
CA GLY RA 19 38.14 -51.53 16.73
C GLY RA 19 39.23 -50.49 16.83
N VAL RA 20 39.29 -49.73 17.92
CA VAL RA 20 40.28 -48.67 17.95
C VAL RA 20 41.67 -49.22 18.26
N LEU RA 21 41.79 -50.44 18.79
CA LEU RA 21 43.13 -51.01 18.86
C LEU RA 21 43.72 -51.20 17.48
N ALA RA 22 42.95 -51.79 16.55
CA ALA RA 22 43.40 -51.90 15.18
C ALA RA 22 43.55 -50.54 14.53
N PHE RA 23 42.68 -49.60 14.89
CA PHE RA 23 42.81 -48.23 14.35
C PHE RA 23 44.17 -47.64 14.69
N ARG RA 24 44.60 -47.77 15.94
CA ARG RA 24 45.90 -47.25 16.33
C ARG RA 24 47.03 -48.03 15.66
N LEU RA 25 46.93 -49.36 15.66
CA LEU RA 25 47.96 -50.16 14.99
C LEU RA 25 48.05 -49.84 13.51
N ALA RA 26 46.99 -49.26 12.94
CA ALA RA 26 47.06 -48.80 11.56
C ALA RA 26 47.73 -47.44 11.49
N THR RA 27 47.16 -46.46 12.19
CA THR RA 27 47.63 -45.08 12.07
C THR RA 27 49.00 -44.87 12.63
N GLU RA 28 49.61 -45.88 13.25
CA GLU RA 28 50.99 -45.70 13.71
C GLU RA 28 51.94 -45.33 12.59
N LEU RA 29 51.71 -45.85 11.38
CA LEU RA 29 52.72 -45.79 10.33
C LEU RA 29 52.52 -44.63 9.37
N TYR RA 30 51.92 -43.53 9.84
CA TYR RA 30 52.05 -42.22 9.19
C TYR RA 30 51.54 -42.27 7.75
N LYS RA 31 50.21 -42.43 7.63
CA LYS RA 31 49.49 -42.33 6.36
C LYS RA 31 50.21 -41.50 5.29
O1 LHG SA . -10.71 40.48 -70.00
C1 LHG SA . -10.89 40.27 -71.39
C2 LHG SA . -11.96 39.23 -71.59
O2 LHG SA . -13.20 39.84 -71.89
C3 LHG SA . -12.18 38.39 -70.35
O3 LHG SA . -13.15 37.48 -70.84
P LHG SA . -13.74 36.33 -69.87
O4 LHG SA . -13.01 35.07 -70.18
O5 LHG SA . -14.03 37.05 -68.61
O6 LHG SA . -15.16 36.11 -70.69
C4 LHG SA . -15.64 34.82 -70.86
C5 LHG SA . -17.04 34.87 -70.26
C6 LHG SA . -17.18 35.95 -69.20
O7 LHG SA . -17.90 35.18 -71.31
C7 LHG SA . -18.53 34.10 -71.79
O9 LHG SA . -18.67 33.09 -71.13
C8 LHG SA . -18.71 34.20 -73.24
C9 LHG SA . -19.26 32.90 -73.76
C10 LHG SA . -19.34 32.95 -75.26
O8 LHG SA . -17.90 36.99 -69.86
C23 LHG SA . -18.92 37.59 -69.16
O10 LHG SA . -18.83 38.77 -68.87
C24 LHG SA . -19.88 36.74 -68.37
C11 LHG SA . -20.68 33.57 -75.45
C12 LHG SA . -21.32 32.96 -76.65
C13 LHG SA . -22.45 32.08 -76.17
C14 LHG SA . -23.34 31.65 -77.31
C15 LHG SA . -24.74 31.69 -76.77
C16 LHG SA . -25.52 32.71 -77.53
C17 LHG SA . -26.70 33.20 -76.72
C18 LHG SA . -27.84 32.35 -77.22
C19 LHG SA . -29.06 32.38 -76.33
C20 LHG SA . -29.84 33.56 -76.86
C21 LHG SA . -31.05 33.77 -76.02
C22 LHG SA . -31.81 34.95 -76.58
C25 LHG SA . -21.24 37.35 -68.12
C26 LHG SA . -22.43 36.56 -68.66
C27 LHG SA . -22.25 35.20 -68.04
C28 LHG SA . -22.57 35.09 -66.57
C29 LHG SA . -24.04 34.73 -66.51
C30 LHG SA . -24.33 33.27 -66.29
C31 LHG SA . -25.57 32.97 -65.51
C32 LHG SA . -26.23 31.65 -65.84
C33 LHG SA . -27.59 31.97 -66.42
C34 LHG SA . -28.72 31.12 -65.90
C35 LHG SA . -29.09 30.06 -66.91
C36 LHG SA . -30.28 30.58 -67.70
C37 LHG SA . -31.50 30.10 -66.99
C38 LHG SA . -32.60 29.60 -67.91
O1 LHG TA . -28.50 59.07 -40.67
C1 LHG TA . -28.85 57.84 -40.03
C2 LHG TA . -30.29 57.91 -39.59
O2 LHG TA . -31.03 58.65 -40.53
C3 LHG TA . -30.48 58.63 -38.28
O3 LHG TA . -29.99 57.66 -37.37
P LHG TA . -29.38 58.06 -35.94
O4 LHG TA . -28.01 57.50 -35.90
O5 LHG TA . -29.91 59.43 -35.68
O6 LHG TA . -30.26 56.96 -35.06
C4 LHG TA . -30.34 55.65 -35.50
C5 LHG TA . -29.40 54.89 -34.57
C6 LHG TA . -30.17 54.05 -33.57
O7 LHG TA . -28.67 54.03 -35.38
C7 LHG TA . -27.45 53.74 -34.89
O9 LHG TA . -27.06 54.10 -33.80
C8 LHG TA . -26.76 52.79 -35.78
C9 LHG TA . -25.92 51.87 -34.95
C10 LHG TA . -25.60 50.64 -35.76
O8 LHG TA . -30.29 52.79 -34.20
C23 LHG TA . -31.43 52.09 -33.92
O10 LHG TA . -32.36 52.65 -33.40
C24 LHG TA . -31.64 50.72 -34.52
C11 LHG TA . -26.84 49.82 -35.57
C12 LHG TA . -26.66 48.95 -34.37
C13 LHG TA . -27.47 47.69 -34.57
C14 LHG TA . -27.27 47.12 -35.95
C15 LHG TA . -28.33 46.07 -36.12
C16 LHG TA . -28.45 45.75 -37.59
C17 LHG TA . -29.70 44.93 -37.84
C18 LHG TA . -29.53 43.74 -36.93
C19 LHG TA . -30.73 42.84 -36.85
C20 LHG TA . -31.73 43.69 -36.08
C21 LHG TA . -32.65 42.79 -35.31
C22 LHG TA . -33.83 43.60 -34.86
C25 LHG TA . -31.75 50.69 -36.03
C26 LHG TA . -32.98 50.00 -36.61
C27 LHG TA . -32.52 48.58 -36.82
MG CLA UA . -33.31 13.27 -59.45
CHA CLA UA . -33.77 16.62 -58.75
CHB CLA UA . -30.07 13.91 -60.14
CHC CLA UA . -32.79 9.92 -59.74
CHD CLA UA . -36.62 12.64 -58.46
NA CLA UA . -32.18 15.01 -59.57
C1A CLA UA . -32.54 16.31 -59.23
C2A CLA UA . -31.39 17.27 -59.46
C3A CLA UA . -30.46 16.42 -60.36
C4A CLA UA . -30.90 15.01 -60.00
CMA CLA UA . -30.79 16.70 -61.80
CAA CLA UA . -30.71 17.61 -58.16
CBA CLA UA . -29.93 18.90 -58.26
CGA CLA UA . -29.34 19.22 -56.92
O1A CLA UA . -28.49 20.07 -56.63
O2A CLA UA . -29.85 18.45 -55.92
NB CLA UA . -31.73 12.13 -59.96
C1B CLA UA . -30.46 12.58 -59.86
C2B CLA UA . -29.54 11.48 -59.47
C3B CLA UA . -30.31 10.35 -59.36
C4B CLA UA . -31.71 10.73 -59.71
CMB CLA UA . -28.10 11.67 -59.31
CAB CLA UA . -29.95 8.98 -59.05
CBB CLA UA . -28.85 8.35 -59.45
NC CLA UA . -34.55 11.60 -59.33
C1C CLA UA . -34.14 10.33 -59.61
C2C CLA UA . -35.27 9.42 -59.56
C3C CLA UA . -36.33 10.16 -59.04
C4C CLA UA . -35.87 11.53 -58.92
CMC CLA UA . -35.21 7.99 -59.87
CAC CLA UA . -37.70 9.67 -58.82
CBC CLA UA . -38.57 9.86 -60.05
ND CLA UA . -34.95 14.36 -58.98
C1D CLA UA . -36.20 13.95 -58.44
C2D CLA UA . -36.92 15.16 -57.94
C3D CLA UA . -36.06 16.22 -58.12
C4D CLA UA . -34.83 15.65 -58.70
CMD CLA UA . -38.27 15.17 -57.37
CAD CLA UA . -35.86 17.65 -57.99
OBD CLA UA . -36.68 18.54 -57.78
CBD CLA UA . -34.34 17.91 -58.20
CGD CLA UA . -34.02 19.08 -59.08
O1D CLA UA . -34.48 19.34 -60.19
O2D CLA UA . -33.08 19.90 -58.54
CED CLA UA . -33.15 20.14 -57.13
C1 CLA UA . -30.19 19.13 -54.69
C2 CLA UA . -30.97 18.20 -53.84
C3 CLA UA . -31.94 18.63 -53.03
C4 CLA UA . -32.29 20.06 -52.93
C5 CLA UA . -32.72 17.68 -52.19
MG CLA VA . -16.53 13.05 -69.63
CHA CLA VA . -14.05 12.27 -71.88
CHB CLA VA . -18.86 12.61 -72.05
CHC CLA VA . -18.99 13.28 -67.24
CHD CLA VA . -14.08 13.44 -67.13
NA CLA VA . -16.43 12.61 -71.65
C1A CLA VA . -15.31 12.26 -72.40
C2A CLA VA . -15.70 12.00 -73.85
C3A CLA VA . -17.15 12.50 -73.91
C4A CLA VA . -17.54 12.57 -72.44
CMA CLA VA . -17.23 13.85 -74.57
CAA CLA VA . -15.68 10.51 -74.11
CBA CLA VA . -15.79 10.21 -75.58
CGA CLA VA . -17.17 9.80 -76.00
O1A CLA VA . -17.53 9.27 -77.05
O2A CLA VA . -18.14 10.08 -75.08
NB CLA VA . -18.54 12.94 -69.63
C1B CLA VA . -19.30 12.70 -70.72
C2B CLA VA . -20.72 12.56 -70.33
C3B CLA VA . -20.77 12.76 -68.96
C4B CLA VA . -19.38 13.02 -68.51
CMB CLA VA . -21.77 12.33 -71.32
CAB CLA VA . -21.88 12.78 -68.05
CBB CLA VA . -23.15 12.57 -68.34
NC CLA VA . -16.53 13.43 -67.57
C1C CLA VA . -17.66 13.52 -66.80
C2C CLA VA . -17.28 13.78 -65.42
C3C CLA VA . -15.89 13.78 -65.38
C4C CLA VA . -15.43 13.55 -66.73
CMC CLA VA . -18.23 13.97 -64.33
CAC CLA VA . -15.06 13.99 -64.19
CBC CLA VA . -14.90 15.46 -63.85
ND CLA VA . -14.52 13.17 -69.53
C1D CLA VA . -13.65 13.26 -68.42
C2D CLA VA . -12.26 13.08 -68.89
C3D CLA VA . -12.36 12.72 -70.21
C4D CLA VA . -13.79 12.72 -70.55
CMD CLA VA . -11.08 13.24 -68.05
CAD CLA VA . -11.64 12.40 -71.44
OBD CLA VA . -10.45 12.51 -71.70
CBD CLA VA . -12.71 11.90 -72.46
CGD CLA VA . -12.51 12.42 -73.86
O1D CLA VA . -12.95 11.93 -74.91
O2D CLA VA . -11.74 13.53 -73.95
CED CLA VA . -11.23 13.86 -75.25
C1 CLA VA . -19.47 10.32 -75.57
C2 CLA VA . -19.48 11.66 -76.22
C3 CLA VA . -20.55 12.46 -76.22
C4 CLA VA . -21.82 12.06 -75.57
C5 CLA VA . -20.52 13.80 -76.88
MG CLA WA . -28.01 19.30 -49.86
CHA CLA WA . -28.76 15.98 -50.50
CHB CLA WA . -29.08 18.91 -46.68
CHC CLA WA . -26.88 22.45 -49.18
CHD CLA WA . -26.87 19.63 -53.18
NA CLA WA . -28.88 17.73 -48.82
C1A CLA WA . -29.09 16.41 -49.25
C2A CLA WA . -29.77 15.58 -48.15
C3A CLA WA . -30.14 16.65 -47.11
C4A CLA WA . -29.31 17.86 -47.54
CMA CLA WA . -31.60 16.97 -47.15
CAA CLA WA . -28.83 14.54 -47.57
CBA CLA WA . -28.90 14.55 -46.06
CGA CLA WA . -30.13 13.85 -45.57
O1A CLA WA . -31.06 13.39 -46.23
O2A CLA WA . -30.16 13.75 -44.21
NB CLA WA . -28.06 20.49 -48.24
C1B CLA WA . -28.34 20.07 -47.00
C2B CLA WA . -27.78 21.01 -45.99
C3B CLA WA . -27.16 22.01 -46.69
C4B CLA WA . -27.35 21.71 -48.14
CMB CLA WA . -27.94 20.82 -44.55
CAB CLA WA . -26.47 23.19 -46.24
CBB CLA WA . -26.89 23.99 -45.26
NC CLA WA . -27.15 20.80 -51.01
C1C CLA WA . -26.81 22.04 -50.54
C2C CLA WA . -26.25 22.85 -51.60
C3C CLA WA . -26.19 22.03 -52.73
C4C CLA WA . -26.76 20.76 -52.35
CMC CLA WA . -25.80 24.23 -51.44
CAC CLA WA . -25.70 22.39 -54.07
CBC CLA WA . -26.67 23.28 -54.81
ND CLA WA . -27.95 18.17 -51.53
C1D CLA WA . -27.39 18.42 -52.81
C2D CLA WA . -27.47 17.18 -53.61
C3D CLA WA . -27.97 16.21 -52.76
C4D CLA WA . -28.24 16.88 -51.48
CMD CLA WA . -27.03 17.05 -55.00
CAD CLA WA . -28.40 14.83 -52.62
OBD CLA WA . -28.45 13.95 -53.47
CBD CLA WA . -28.82 14.63 -51.14
CGD CLA WA . -30.16 13.98 -51.02
O1D CLA WA . -31.14 14.12 -51.76
O2D CLA WA . -30.26 13.14 -49.96
CED CLA WA . -31.39 12.27 -49.89
C1 CLA WA . -30.02 12.44 -43.62
C2 CLA WA . -28.91 12.51 -42.63
C3 CLA WA . -28.59 11.50 -41.81
C4 CLA WA . -29.31 10.21 -41.81
C5 CLA WA . -27.47 11.64 -40.82
MG CLA XA . -22.77 34.58 -83.83
CHA CLA XA . -20.06 32.54 -84.51
CHB CLA XA . -24.32 31.98 -82.29
CHC CLA XA . -25.37 36.68 -83.07
CHD CLA XA . -21.13 37.23 -85.51
NA CLA XA . -22.26 32.59 -83.49
C1A CLA XA . -21.08 31.93 -83.84
C2A CLA XA . -21.11 30.47 -83.40
C3A CLA XA . -22.52 30.31 -82.79
C4A CLA XA . -23.08 31.72 -82.84
CMA CLA XA . -23.37 29.36 -83.59
CAA CLA XA . -20.04 30.20 -82.36
CBA CLA XA . -20.34 28.93 -81.58
CGA CLA XA . -20.45 27.77 -82.52
O1A CLA XA . -21.34 26.93 -82.59
O2A CLA XA . -19.39 27.69 -83.39
NB CLA XA . -24.49 34.38 -82.84
C1B CLA XA . -24.96 33.24 -82.28
C2B CLA XA . -26.29 33.47 -81.66
C3B CLA XA . -26.59 34.80 -81.87
C4B CLA XA . -25.46 35.39 -82.63
CMB CLA XA . -27.05 32.43 -80.98
CAB CLA XA . -27.75 35.57 -81.51
CBB CLA XA . -29.01 35.23 -81.82
NC CLA XA . -23.17 36.58 -84.24
C1C CLA XA . -24.30 37.23 -83.83
C2C CLA XA . -24.26 38.62 -84.27
C3C CLA XA . -23.06 38.79 -84.97
C4C CLA XA . -22.38 37.50 -84.93
CMC CLA XA . -25.30 39.60 -84.02
CAC CLA XA . -22.59 40.02 -85.61
CBC CLA XA . -21.31 40.58 -85.04
ND CLA XA . -21.05 34.87 -84.85
C1D CLA XA . -20.48 36.00 -85.47
C2D CLA XA . -19.16 35.66 -86.03
C3D CLA XA . -18.95 34.34 -85.68
C4D CLA XA . -20.15 33.90 -84.94
CMD CLA XA . -18.30 36.57 -86.77
CAD CLA XA . -18.06 33.20 -85.76
OBD CLA XA . -16.97 33.11 -86.32
CBD CLA XA . -18.73 32.03 -85.00
CGD CLA XA . -18.91 30.82 -85.85
O1D CLA XA . -18.89 29.63 -85.50
O2D CLA XA . -19.14 31.10 -87.16
CED CLA XA . -18.77 30.12 -88.13
C1 CLA XA . -18.56 26.53 -83.26
C2 CLA XA . -18.18 26.09 -84.64
C3 CLA XA . -17.33 25.09 -84.88
C4 CLA XA . -16.67 24.32 -83.80
C5 CLA XA . -16.99 24.69 -86.27
MG CLA YA . -27.08 43.03 -80.17
CHA CLA YA . -24.78 45.08 -81.76
CHB CLA YA . -29.28 45.61 -80.02
CHC CLA YA . -29.34 40.93 -78.68
CHD CLA YA . -24.75 40.38 -80.32
NA CLA YA . -27.01 45.01 -80.79
C1A CLA YA . -25.96 45.68 -81.45
C2A CLA YA . -26.33 47.14 -81.71
C3A CLA YA . -27.73 47.29 -81.07
C4A CLA YA . -28.05 45.88 -80.60
CMA CLA YA . -27.75 48.28 -79.94
CAA CLA YA . -26.38 47.42 -83.21
CBA CLA YA . -27.52 48.35 -83.58
CGA CLA YA . -27.55 48.52 -85.06
O1A CLA YA . -26.61 48.64 -85.85
O2A CLA YA . -28.82 48.58 -85.56
NB CLA YA . -28.94 43.24 -79.45
C1B CLA YA . -29.69 44.37 -79.54
C2B CLA YA . -31.06 44.09 -79.01
C3B CLA YA . -31.08 42.77 -78.63
C4B CLA YA . -29.73 42.21 -78.90
CMB CLA YA . -32.11 45.10 -78.97
CAB CLA YA . -32.14 41.98 -78.06
CBB CLA YA . -32.88 42.33 -77.01
NC CLA YA . -27.04 41.03 -79.60
C1C CLA YA . -28.08 40.37 -79.00
C2C CLA YA . -27.71 39.00 -78.72
C3C CLA YA . -26.42 38.83 -79.21
C4C CLA YA . -26.00 40.12 -79.75
CMC CLA YA . -28.58 38.00 -78.09
CAC CLA YA . -25.61 37.60 -79.17
CBC CLA YA . -24.94 37.42 -77.82
ND CLA YA . -25.21 42.72 -80.86
C1D CLA YA . -24.36 41.59 -80.84
C2D CLA YA . -23.08 41.95 -81.47
C3D CLA YA . -23.19 43.26 -81.85
C4D CLA YA . -24.54 43.71 -81.45
CMD CLA YA . -21.95 41.03 -81.62
CAD CLA YA . -22.52 44.40 -82.48
OBD CLA YA . -21.41 44.45 -82.99
CBD CLA YA . -23.52 45.59 -82.42
CGD CLA YA . -22.95 46.77 -81.67
O1D CLA YA . -23.47 47.40 -80.76
O2D CLA YA . -21.71 47.13 -82.09
CED CLA YA . -21.59 47.66 -83.42
C1 CLA YA . -29.36 47.34 -86.08
C2 CLA YA . -30.27 47.72 -87.20
C3 CLA YA . -31.27 46.94 -87.63
C4 CLA YA . -31.54 45.62 -87.02
C5 CLA YA . -32.13 47.37 -88.75
MG CLA ZA . -30.96 48.42 -70.06
CHA CLA ZA . -33.76 49.06 -68.13
CHB CLA ZA . -32.87 46.56 -72.18
CHC CLA ZA . -28.17 47.86 -71.98
CHD CLA ZA . -29.02 50.33 -67.81
NA CLA ZA . -32.99 47.92 -70.13
C1A CLA ZA . -34.00 48.30 -69.24
C2A CLA ZA . -35.34 47.74 -69.67
C3A CLA ZA . -34.99 46.87 -70.89
C4A CLA ZA . -33.51 47.14 -71.11
CMA CLA ZA . -35.23 45.41 -70.62
CAA CLA ZA . -36.20 48.88 -70.13
CBA CLA ZA . -37.44 49.05 -69.27
CGA CLA ZA . -38.50 48.10 -69.71
O1A CLA ZA . -38.73 47.66 -70.84
O2A CLA ZA . -39.29 47.71 -68.68
NB CLA ZA . -30.59 47.40 -71.75
C1B CLA ZA . -31.50 46.71 -72.47
C2B CLA ZA . -30.84 46.09 -73.66
C3B CLA ZA . -29.51 46.45 -73.61
C4B CLA ZA . -29.34 47.29 -72.39
CMB CLA ZA . -31.57 45.27 -74.63
CAB CLA ZA . -28.42 46.16 -74.49
CBB CLA ZA . -28.48 46.08 -75.82
NC CLA ZA . -28.97 49.00 -69.92
C1C CLA ZA . -28.00 48.67 -70.82
C2C CLA ZA . -26.73 49.26 -70.43
C3C CLA ZA . -26.96 49.95 -69.24
C4C CLA ZA . -28.37 49.79 -68.93
CMC CLA ZA . -25.48 49.10 -71.17
CAC CLA ZA . -25.98 50.70 -68.46
CBC CLA ZA . -25.03 49.83 -67.69
ND CLA ZA . -31.25 49.48 -68.37
C1D CLA ZA . -30.36 50.20 -67.53
C2D CLA ZA . -31.13 50.72 -66.36
C3D CLA ZA . -32.42 50.31 -66.56
C4D CLA ZA . -32.46 49.54 -67.81
CMD CLA ZA . -30.58 51.50 -65.26
CAD CLA ZA . -33.76 50.32 -66.01
OBD CLA ZA . -34.18 50.83 -64.98
CBD CLA ZA . -34.66 49.51 -67.01
CGD CLA ZA . -35.31 48.35 -66.33
O1D CLA ZA . -35.92 47.40 -66.84
O2D CLA ZA . -35.22 48.36 -64.97
CED CLA ZA . -35.30 47.11 -64.29
C1 CLA ZA . -40.07 46.50 -68.88
C2 CLA ZA . -41.48 46.93 -69.04
C3 CLA ZA . -42.50 46.09 -68.81
C4 CLA ZA . -42.28 44.69 -68.38
C5 CLA ZA . -43.92 46.53 -68.98
MG CLA AB . -35.29 40.85 -72.02
CHA CLA AB . -32.33 40.33 -73.74
CHB CLA AB . -33.58 42.35 -69.51
CHC CLA AB . -38.25 41.32 -70.37
CHD CLA AB . -37.02 39.24 -74.65
NA CLA AB . -33.26 41.26 -71.70
C1A CLA AB . -32.18 40.96 -72.54
C2A CLA AB . -30.87 41.44 -71.91
C3A CLA AB . -31.30 42.00 -70.54
C4A CLA AB . -32.82 41.87 -70.57
CMA CLA AB . -30.74 41.21 -69.40
CAA CLA AB . -30.22 42.53 -72.74
CBA CLA AB . -28.75 42.25 -72.96
CGA CLA AB . -28.09 41.93 -71.65
O1A CLA AB . -28.09 42.58 -70.60
O2A CLA AB . -27.40 40.75 -71.70
NB CLA AB . -35.81 41.64 -70.26
C1B CLA AB . -34.97 42.29 -69.40
C2B CLA AB . -35.76 42.93 -68.32
C3B CLA AB . -37.08 42.64 -68.56
C4B CLA AB . -37.13 41.82 -69.80
CMB CLA AB . -35.17 43.71 -67.23
CAB CLA AB . -38.25 43.01 -67.81
CBB CLA AB . -38.92 42.18 -67.01
NC CLA AB . -37.27 40.36 -72.43
C1C CLA AB . -38.31 40.62 -71.61
C2C CLA AB . -39.54 40.11 -72.18
C3C CLA AB . -39.21 39.55 -73.41
C4C CLA AB . -37.77 39.71 -73.55
CMC CLA AB . -40.85 40.20 -71.53
CAC CLA AB . -40.11 38.89 -74.37
CBC CLA AB . -40.15 37.41 -74.17
ND CLA AB . -34.86 40.00 -73.80
C1D CLA AB . -35.66 39.36 -74.77
C2D CLA AB . -34.80 38.89 -75.88
C3D CLA AB . -33.52 39.25 -75.54
C4D CLA AB . -33.61 39.92 -74.24
CMD CLA AB . -35.29 38.20 -77.07
CAD CLA AB . -32.12 39.24 -75.94
OBD CLA AB . -31.61 38.80 -76.96
CBD CLA AB . -31.33 39.90 -74.78
CGD CLA AB . -30.35 38.93 -74.19
O1D CLA AB . -30.59 37.79 -73.78
O2D CLA AB . -29.08 39.41 -74.12
CED CLA AB . -28.04 38.46 -73.84
C1 CLA AB . -26.90 40.22 -70.45
C2 CLA AB . -27.92 39.30 -69.91
C3 CLA AB . -27.65 38.32 -69.02
C4 CLA AB . -26.29 38.10 -68.50
C5 CLA AB . -28.72 37.41 -68.51
MG CLA BB . -46.44 32.28 -86.20
CHA CLA BB . -47.42 29.35 -87.75
CHB CLA BB . -44.32 30.51 -84.23
CHC CLA BB . -45.46 35.22 -84.76
CHD CLA BB . -48.70 34.06 -88.27
NA CLA BB . -45.97 30.25 -86.04
C1A CLA BB . -46.48 29.18 -86.79
C2A CLA BB . -45.85 27.86 -86.36
C3A CLA BB . -44.94 28.26 -85.18
C4A CLA BB . -45.06 29.79 -85.13
CMA CLA BB . -45.41 27.63 -83.89
CAA CLA BB . -45.00 27.34 -87.49
CBA CLA BB . -44.17 28.46 -88.11
CGA CLA BB . -44.11 28.34 -89.60
O1A CLA BB . -43.95 27.31 -90.27
O2A CLA BB . -44.25 29.53 -90.25
NB CLA BB . -45.12 32.78 -84.78
C1B CLA BB . -44.36 31.91 -84.07
C2B CLA BB . -43.55 32.65 -83.06
C3B CLA BB . -43.86 33.98 -83.21
C4B CLA BB . -44.87 34.07 -84.30
CMB CLA BB . -42.63 32.01 -82.13
CAB CLA BB . -43.38 35.12 -82.49
CBB CLA BB . -44.15 35.98 -81.81
NC CLA BB . -47.00 34.27 -86.46
C1C CLA BB . -46.46 35.31 -85.76
C2C CLA BB . -47.05 36.57 -86.21
C3C CLA BB . -47.98 36.24 -87.19
C4C CLA BB . -47.94 34.80 -87.35
CMC CLA BB . -46.71 37.89 -85.68
CAC CLA BB . -48.84 37.18 -87.93
CBC CLA BB . -48.14 37.67 -89.18
ND CLA BB . -47.79 31.87 -87.66
C1D CLA BB . -48.65 32.69 -88.43
C2D CLA BB . -49.42 31.84 -89.36
C3D CLA BB . -48.99 30.54 -89.14
C4D CLA BB . -47.97 30.62 -88.07
CMD CLA BB . -50.41 32.33 -90.32
CAD CLA BB . -49.13 29.15 -89.52
OBD CLA BB . -49.87 28.64 -90.35
CBD CLA BB . -48.11 28.35 -88.65
CGD CLA BB . -48.82 27.31 -87.83
O1D CLA BB . -48.41 26.19 -87.52
O2D CLA BB . -50.04 27.71 -87.38
CED CLA BB . -50.13 28.22 -86.05
C1 CLA BB . -45.57 29.92 -90.68
C2 CLA BB . -45.97 29.02 -91.80
C3 CLA BB . -47.00 29.27 -92.62
C4 CLA BB . -47.85 30.47 -92.48
C5 CLA BB . -47.34 28.32 -93.72
MG CLA CB . -45.36 25.36 -76.21
CHA CLA CB . -47.23 27.95 -74.86
CHB CLA CB . -44.18 27.46 -78.61
CHC CLA CB . -43.36 22.82 -77.37
CHD CLA CB . -46.57 23.23 -73.66
NA CLA CB . -45.69 27.37 -76.66
C1A CLA CB . -46.49 28.29 -75.97
C2A CLA CB . -46.43 29.66 -76.63
C3A CLA CB . -45.58 29.43 -77.89
C4A CLA CB . -45.09 27.99 -77.73
CMA CLA CB . -46.37 29.60 -79.16
CAA CLA CB . -45.73 30.65 -75.72
CBA CLA CB . -44.53 31.28 -76.41
CGA CLA CB . -43.26 31.01 -75.65
O1A CLA CB . -43.05 30.17 -74.77
O2A CLA CB . -42.23 31.82 -76.02
NB CLA CB . -44.01 25.18 -77.69
C1B CLA CB . -43.68 26.14 -78.58
C2B CLA CB . -42.71 25.61 -79.58
C3B CLA CB . -42.47 24.30 -79.23
C4B CLA CB . -43.30 24.01 -78.03
CMB CLA CB . -42.16 26.40 -80.68
CAB CLA CB . -41.64 23.32 -79.85
CBB CLA CB . -41.74 22.91 -81.12
NC CLA CB . -45.06 23.38 -75.64
C1C CLA CB . -44.19 22.52 -76.26
C2C CLA CB . -44.21 21.23 -75.59
C3C CLA CB . -45.12 21.34 -74.54
C4C CLA CB . -45.65 22.70 -74.57
CMC CLA CB . -43.41 20.08 -75.99
CAC CLA CB . -45.48 20.30 -73.55
CBC CLA CB . -46.56 19.37 -74.05
ND CLA CB . -46.67 25.46 -74.69
C1D CLA CB . -47.06 24.52 -73.69
C2D CLA CB . -48.01 25.16 -72.76
C3D CLA CB . -48.11 26.48 -73.16
C4D CLA CB . -47.24 26.61 -74.34
CMD CLA CB . -48.66 24.48 -71.63
CAD CLA CB . -48.72 27.75 -72.92
OBD CLA CB . -49.56 28.08 -72.08
CBD CLA CB . -48.12 28.75 -73.96
CGD CLA CB . -49.22 29.45 -74.71
O1D CLA CB . -49.84 29.05 -75.71
O2D CLA CB . -49.54 30.67 -74.21
CED CLA CB . -50.65 31.35 -74.82
C1 CLA CB . -40.91 31.37 -75.66
C2 CLA CB . -40.48 30.40 -76.70
C3 CLA CB . -40.15 29.13 -76.42
C4 CLA CB . -40.17 28.59 -75.03
C5 CLA CB . -39.74 28.18 -77.49
MG CLA DB . -41.84 18.34 -84.14
CHA CLA DB . -43.98 21.07 -84.06
CHB CLA DB . -40.78 19.26 -87.25
CHC CLA DB . -39.64 15.72 -84.11
CHD CLA DB . -43.01 17.38 -80.95
NA CLA DB . -42.33 19.91 -85.43
C1A CLA DB . -43.24 20.96 -85.20
C2A CLA DB . -43.30 21.89 -86.41
C3A CLA DB . -42.44 21.16 -87.47
C4A CLA DB . -41.78 20.04 -86.67
CMA CLA DB . -43.29 20.64 -88.60
CAA CLA DB . -42.65 23.22 -86.06
CBA CLA DB . -41.38 23.04 -85.24
CGA CLA DB . -40.17 23.09 -86.12
O1A CLA DB . -39.93 22.47 -87.15
O2A CLA DB . -39.22 23.95 -85.64
NB CLA DB . -40.51 17.59 -85.45
C1B CLA DB . -40.13 18.19 -86.61
C2B CLA DB . -38.93 17.52 -87.15
C3B CLA DB . -38.59 16.52 -86.28
C4B CLA DB . -39.60 16.55 -85.19
CMB CLA DB . -38.28 17.93 -88.40
CAB CLA DB . -37.51 15.58 -86.35
CBB CLA DB . -36.58 15.39 -85.40
NC CLA DB . -41.42 16.82 -82.78
C1C CLA DB . -40.50 15.84 -82.99
C2C CLA DB . -40.47 14.92 -81.86
C3C CLA DB . -41.41 15.40 -80.95
C4C CLA DB . -42.01 16.59 -81.54
CMC CLA DB . -39.60 13.76 -81.73
CAC CLA DB . -41.76 14.82 -79.64
CBC CLA DB . -42.59 13.57 -79.75
ND CLA DB . -43.15 19.03 -82.77
C1D CLA DB . -43.56 18.51 -81.51
C2D CLA DB . -44.60 19.40 -80.95
C3D CLA DB . -44.78 20.42 -81.88
C4D CLA DB . -43.86 20.12 -83.00
CMD CLA DB . -45.26 19.20 -79.66
CAD CLA DB . -45.50 21.64 -82.22
OBD CLA DB . -46.32 22.26 -81.56
CBD CLA DB . -45.04 22.05 -83.65
CGD CLA DB . -46.21 22.02 -84.58
O1D CLA DB . -46.69 21.04 -85.15
O2D CLA DB . -46.79 23.24 -84.79
CED CLA DB . -45.98 24.30 -85.31
C1 CLA DB . -39.62 25.33 -85.51
C2 CLA DB . -39.84 25.84 -86.89
C3 CLA DB . -40.60 26.92 -87.15
C4 CLA DB . -41.27 27.68 -86.07
C5 CLA DB . -40.78 27.40 -88.54
MG CLA EB . -39.94 62.12 -79.32
CHA CLA EB . -38.77 65.23 -80.36
CHB CLA EB . -38.50 62.60 -76.30
CHC CLA EB . -41.24 59.11 -78.30
CHD CLA EB . -41.43 61.68 -82.50
NA CLA EB . -38.79 63.67 -78.50
C1A CLA EB . -38.43 64.89 -79.09
C2A CLA EB . -37.58 65.72 -78.12
C3A CLA EB . -37.40 64.79 -76.90
C4A CLA EB . -38.30 63.59 -77.23
CMA CLA EB . -35.97 64.37 -76.69
CAA CLA EB . -38.26 67.02 -77.72
CBA CLA EB . -37.67 67.60 -76.44
CGA CLA EB . -36.62 68.62 -76.72
O1A CLA EB . -35.67 68.96 -76.02
O2A CLA EB . -36.79 69.24 -77.93
NB CLA EB . -39.83 61.04 -77.65
C1B CLA EB . -39.29 61.46 -76.48
C2B CLA EB . -39.65 60.51 -75.38
C3B CLA EB . -40.43 59.53 -75.94
C4B CLA EB . -40.54 59.85 -77.38
CMB CLA EB . -39.22 60.68 -73.99
CAB CLA EB . -41.05 58.38 -75.34
CBB CLA EB . -41.82 58.39 -74.25
NC CLA EB . -41.09 60.66 -80.25
C1C CLA EB . -41.49 59.49 -79.65
C2C CLA EB . -42.27 58.69 -80.58
C3C CLA EB . -42.35 59.42 -81.76
C4C CLA EB . -41.60 60.65 -81.55
CMC CLA EB . -42.86 57.40 -80.24
CAC CLA EB . -43.06 59.05 -83.00
CBC CLA EB . -42.42 57.92 -83.77
ND CLA EB . -40.11 63.15 -81.05
C1D CLA EB . -40.74 62.85 -82.28
C2D CLA EB . -40.53 63.97 -83.22
C3D CLA EB . -39.79 64.92 -82.53
C4D CLA EB . -39.55 64.36 -81.18
CMD CLA EB . -41.02 64.03 -84.59
CAD CLA EB . -39.14 66.21 -82.59
OBD CLA EB . -39.09 67.02 -83.51
CBD CLA EB . -38.48 66.46 -81.19
CGD CLA EB . -37.00 66.72 -81.34
O1D CLA EB . -36.23 66.22 -82.15
O2D CLA EB . -36.52 67.63 -80.44
CED CLA EB . -35.10 67.77 -80.37
MG CLA FB . -28.12 51.23 -86.84
CHA CLA FB . -25.04 51.27 -85.26
CHB CLA FB . -26.57 50.89 -89.85
CHC CLA FB . -31.19 50.82 -88.33
CHD CLA FB . -29.68 51.60 -83.71
NA CLA FB . -26.12 51.14 -87.44
C1A CLA FB . -24.98 51.13 -86.62
C2A CLA FB . -23.72 51.01 -87.45
C3A CLA FB . -24.23 51.04 -88.90
C4A CLA FB . -25.75 51.01 -88.74
CMA CLA FB . -23.78 52.31 -89.58
CAA CLA FB . -23.03 49.69 -87.16
CBA CLA FB . -23.90 48.50 -87.52
CGA CLA FB . -23.51 47.31 -86.71
O1A CLA FB . -22.38 46.82 -86.55
O2A CLA FB . -24.56 46.71 -86.06
NB CLA FB . -28.74 50.77 -88.70
C1B CLA FB . -27.97 50.87 -89.80
C2B CLA FB . -28.81 51.03 -91.02
C3B CLA FB . -30.12 51.01 -90.60
C4B CLA FB . -30.09 50.85 -89.12
CMB CLA FB . -28.27 51.19 -92.36
CAB CLA FB . -31.33 51.13 -91.36
CBB CLA FB . -32.24 50.17 -91.51
NC CLA FB . -30.08 51.24 -86.14
C1C CLA FB . -31.18 51.01 -86.92
C2C CLA FB . -32.38 50.98 -86.09
C3C CLA FB . -31.96 51.27 -84.79
C4C CLA FB . -30.51 51.41 -84.83
CMC CLA FB . -33.73 50.73 -86.58
CAC CLA FB . -32.81 51.34 -83.60
CBC CLA FB . -32.77 50.05 -82.81
ND CLA FB . -27.56 51.63 -84.95
C1D CLA FB . -28.30 51.70 -83.74
C2D CLA FB . -27.37 51.84 -82.61
C3D CLA FB . -26.11 51.68 -83.13
C4D CLA FB . -26.28 51.51 -84.58
CMD CLA FB . -27.77 52.05 -81.22
CAD CLA FB . -24.68 51.68 -82.86
OBD CLA FB . -24.08 51.96 -81.83
CBD CLA FB . -23.98 51.25 -84.19
CGD CLA FB . -22.79 52.13 -84.51
O1D CLA FB . -22.67 52.94 -85.43
O2D CLA FB . -21.76 51.96 -83.64
CED CLA FB . -20.59 52.77 -83.83
C1 CLA FB . -24.82 45.31 -86.33
C2 CLA FB . -25.46 44.73 -85.12
C3 CLA FB . -26.49 43.87 -85.11
C4 CLA FB . -27.16 43.40 -86.35
C5 CLA FB . -27.03 43.35 -83.82
MG CLA GB . -43.64 68.54 -70.15
CHA CLA GB . -40.37 69.41 -70.86
CHB CLA GB . -43.79 71.01 -67.82
CHC CLA GB . -46.91 67.68 -69.54
CHD CLA GB . -43.46 66.04 -72.64
NA CLA GB . -42.27 69.95 -69.46
C1A CLA GB . -40.95 70.16 -69.88
C2A CLA GB . -40.31 71.31 -69.11
C3A CLA GB . -41.40 71.72 -68.10
C4A CLA GB . -42.59 70.84 -68.47
CMA CLA GB . -40.94 71.50 -66.68
CAA CLA GB . -39.98 72.47 -70.02
CBA CLA GB . -41.18 72.92 -70.82
CGA CLA GB . -41.04 72.49 -72.25
O1A CLA GB . -40.02 72.32 -72.90
O2A CLA GB . -42.25 72.29 -72.87
NB CLA GB . -45.08 69.20 -68.91
C1B CLA GB . -44.95 70.25 -68.06
C2B CLA GB . -46.26 70.50 -67.38
C3B CLA GB . -47.14 69.57 -67.85
C4B CLA GB . -46.40 68.72 -68.83
CMB CLA GB . -46.43 71.58 -66.41
CAB CLA GB . -48.53 69.34 -67.56
CBB CLA GB . -49.45 70.28 -67.39
NC CLA GB . -44.93 67.10 -70.93
C1C CLA GB . -46.22 66.92 -70.52
C2C CLA GB . -46.83 65.82 -71.27
C3C CLA GB . -45.86 65.37 -72.16
C4C CLA GB . -44.68 66.18 -71.94
CMC CLA GB . -48.20 65.35 -71.09
CAC CLA GB . -45.99 64.29 -73.15
CBC CLA GB . -45.90 62.92 -72.54
ND CLA GB . -42.27 67.81 -71.43
C1D CLA GB . -42.33 66.78 -72.41
C2D CLA GB . -41.03 66.70 -73.09
C3D CLA GB . -40.23 67.67 -72.52
C4D CLA GB . -41.05 68.34 -71.51
CMD CLA GB . -40.71 65.73 -74.15
CAD CLA GB . -38.92 68.30 -72.51
OBD CLA GB . -37.92 68.04 -73.17
CBD CLA GB . -38.98 69.46 -71.48
CGD CLA GB . -37.90 69.30 -70.44
O1D CLA GB . -37.37 68.26 -70.05
O2D CLA GB . -37.47 70.49 -69.91
CED CLA GB . -36.54 71.27 -70.68
C1 CLA GB . -42.76 70.93 -72.85
C2 CLA GB . -44.20 71.02 -72.52
C3 CLA GB . -45.16 70.59 -73.35
C4 CLA GB . -44.85 69.96 -74.66
C5 CLA GB . -46.60 70.69 -72.98
MG CLA HB . -40.00 59.09 -70.16
CHA CLA HB . -38.22 56.15 -70.56
CHB CLA HB . -42.91 57.35 -70.38
CHC CLA HB . -41.72 62.03 -69.76
CHD CLA HB . -36.96 60.87 -70.04
NA CLA HB . -40.46 57.07 -70.40
C1A CLA HB . -39.58 55.99 -70.55
C2A CLA HB . -40.34 54.68 -70.69
C3A CLA HB . -41.81 55.11 -70.70
C4A CLA HB . -41.75 56.61 -70.46
CMA CLA HB . -42.49 54.78 -72.00
CAA CLA HB . -40.04 53.79 -69.49
CBA CLA HB . -40.37 52.35 -69.77
CGA CLA HB . -41.81 52.09 -69.50
O1A CLA HB . -42.64 52.82 -68.94
O2A CLA HB . -42.23 50.86 -69.93
NB CLA HB . -41.95 59.60 -70.15
C1B CLA HB . -42.99 58.73 -70.17
C2B CLA HB . -44.26 59.48 -69.93
C3B CLA HB . -43.92 60.79 -69.76
C4B CLA HB . -42.45 60.89 -69.88
CMB CLA HB . -45.57 58.83 -69.90
CAB CLA HB . -44.76 61.94 -69.47
CBB CLA HB . -45.74 61.97 -68.56
NC CLA HB . -39.43 61.08 -69.93
C1C CLA HB . -40.30 62.12 -69.78
C2C CLA HB . -39.57 63.37 -69.65
C3C CLA HB . -38.21 63.04 -69.73
C4C CLA HB . -38.14 61.60 -69.91
CMC CLA HB . -40.18 64.68 -69.46
CAC CLA HB . -37.07 63.96 -69.67
CBC CLA HB . -36.37 63.94 -68.33
ND CLA HB . -38.04 58.66 -70.14
C1D CLA HB . -36.88 59.49 -70.15
C2D CLA HB . -35.67 58.65 -70.27
C3D CLA HB . -36.13 57.36 -70.42
C4D CLA HB . -37.61 57.42 -70.36
CMD CLA HB . -34.30 59.14 -70.24
CAD CLA HB . -35.76 55.97 -70.57
OBD CLA HB . -34.66 55.46 -70.56
CBD CLA HB . -37.08 55.17 -70.77
CGD CLA HB . -37.08 54.61 -72.17
O1D CLA HB . -36.16 54.65 -72.99
O2D CLA HB . -38.24 53.99 -72.53
CED CLA HB . -38.19 52.58 -72.67
C1 CLA HB . -43.55 50.78 -70.49
C2 CLA HB . -43.68 49.43 -71.07
C3 CLA HB . -44.75 49.03 -71.79
C4 CLA HB . -45.89 49.93 -72.06
C5 CLA HB . -44.82 47.65 -72.35
MG CLA IB . -61.12 50.98 -75.41
CHA CLA IB . -62.33 49.08 -78.03
CHB CLA IB . -58.81 48.58 -74.73
CHC CLA IB . -59.97 52.91 -72.82
CHD CLA IB . -63.56 53.45 -76.13
NA CLA IB . -60.67 49.13 -76.27
C1A CLA IB . -61.31 48.50 -77.34
C2A CLA IB . -60.68 47.14 -77.64
C3A CLA IB . -59.61 46.99 -76.53
C4A CLA IB . -59.68 48.31 -75.77
CMA CLA IB . -59.89 45.80 -75.64
CAA CLA IB . -60.11 47.07 -79.05
CBA CLA IB . -58.61 47.27 -79.10
CGA CLA IB . -58.23 47.79 -80.45
O1A CLA IB . -58.53 47.35 -81.55
O2A CLA IB . -57.45 48.92 -80.39
NB CLA IB . -59.76 50.72 -73.94
C1B CLA IB . -58.79 49.77 -73.98
C2B CLA IB . -57.63 50.19 -73.14
C3B CLA IB . -57.95 51.41 -72.60
C4B CLA IB . -59.30 51.77 -73.10
CMB CLA IB . -56.42 49.39 -72.99
CAB CLA IB . -57.19 52.28 -71.74
CBB CLA IB . -56.06 52.88 -72.08
NC CLA IB . -61.67 52.83 -74.61
C1C CLA IB . -61.09 53.41 -73.52
C2C CLA IB . -61.76 54.67 -73.20
C3C CLA IB . -62.74 54.85 -74.17
C4C CLA IB . -62.69 53.68 -75.05
CMC CLA IB . -61.38 55.54 -72.08
CAC CLA IB . -63.68 55.97 -74.27
CBC CLA IB . -64.80 55.91 -73.26
ND CLA IB . -62.51 51.33 -76.83
C1D CLA IB . -63.49 52.35 -76.97
C2D CLA IB . -64.34 52.03 -78.13
C3D CLA IB . -63.93 50.80 -78.59
C4D CLA IB . -62.82 50.39 -77.72
CMD CLA IB . -65.42 52.88 -78.64
CAD CLA IB . -64.11 49.76 -79.59
OBD CLA IB . -64.82 49.76 -80.58
CBD CLA IB . -63.18 48.59 -79.18
CGD CLA IB . -63.97 47.38 -78.75
O1D CLA IB . -64.10 46.95 -77.60
O2D CLA IB . -64.59 46.73 -79.78
CED CLA IB . -65.32 45.55 -79.45
MG CLA JB . -66.94 60.82 -68.67
CHA CLA JB . -69.95 60.17 -70.28
CHB CLA JB . -66.02 62.75 -71.29
CHC CLA JB . -63.88 61.18 -67.21
CHD CLA JB . -67.92 58.66 -66.06
NA CLA JB . -67.89 61.45 -70.42
C1A CLA JB . -69.14 61.06 -70.92
C2A CLA JB . -69.45 61.79 -72.24
C3A CLA JB . -68.28 62.81 -72.37
C4A CLA JB . -67.32 62.33 -71.29
CMA CLA JB . -67.63 62.76 -73.73
CAA CLA JB . -70.74 62.58 -72.08
CBA CLA JB . -71.14 63.29 -73.35
CGA CLA JB . -71.91 62.35 -74.24
O1A CLA JB . -72.11 62.43 -75.45
O2A CLA JB . -72.43 61.29 -73.55
NB CLA JB . -65.30 61.90 -69.09
C1B CLA JB . -65.05 62.36 -70.34
C2B CLA JB . -63.60 62.38 -70.61
C3B CLA JB . -62.98 61.94 -69.48
C4B CLA JB . -64.05 61.66 -68.47
CMB CLA JB . -63.07 62.82 -71.90
CAB CLA JB . -61.57 61.79 -69.18
CBB CLA JB . -60.99 60.66 -68.77
NC CLA JB . -66.11 60.16 -66.89
C1C CLA JB . -64.86 60.50 -66.45
C2C CLA JB . -64.63 59.93 -65.14
C3C CLA JB . -65.72 59.12 -64.86
C4C CLA JB . -66.67 59.28 -65.96
CMC CLA JB . -63.41 60.13 -64.36
CAC CLA JB . -65.97 58.33 -63.64
CBC CLA JB . -66.89 59.04 -62.67
ND CLA JB . -68.59 59.76 -68.15
C1D CLA JB . -68.82 58.86 -67.08
C2D CLA JB . -70.14 58.23 -67.26
C3D CLA JB . -70.61 58.68 -68.49
C4D CLA JB . -69.60 59.62 -69.01
CMD CLA JB . -70.72 57.29 -66.31
CAD CLA JB . -71.69 58.66 -69.46
OBD CLA JB . -72.78 58.10 -69.44
CBD CLA JB . -71.24 59.51 -70.68
CGD CLA JB . -70.99 58.57 -71.82
O1D CLA JB . -71.19 57.35 -71.84
O2D CLA JB . -70.46 59.15 -72.93
CED CLA JB . -69.23 58.62 -73.44
MG CLA KB . -64.70 52.38 -83.39
CHA CLA KB . -66.23 50.36 -85.75
CHB CLA KB . -62.44 49.93 -82.77
CHC CLA KB . -63.19 54.45 -81.09
CHD CLA KB . -67.15 54.86 -83.98
NA CLA KB . -64.40 50.47 -84.17
C1A CLA KB . -65.15 49.81 -85.15
C2A CLA KB . -64.58 48.42 -85.42
C3A CLA KB . -63.45 48.27 -84.37
C4A CLA KB . -63.40 49.65 -83.73
CMA CLA KB . -63.75 47.18 -83.37
CAA CLA KB . -64.01 48.34 -86.83
CBA CLA KB . -62.50 48.44 -86.84
CGA CLA KB . -62.05 49.84 -87.13
O1A CLA KB . -62.01 50.44 -88.20
O2A CLA KB . -61.62 50.51 -86.00
NB CLA KB . -63.16 52.20 -82.11
C1B CLA KB . -62.30 51.15 -82.11
C2B CLA KB . -61.14 51.48 -81.25
C3B CLA KB . -61.33 52.75 -80.76
C4B CLA KB . -62.62 53.23 -81.32
CMB CLA KB . -60.05 50.56 -81.04
CAB CLA KB . -60.50 53.56 -79.90
CBB CLA KB . -60.64 53.63 -78.58
NC CLA KB . -65.09 54.31 -82.68
C1C CLA KB . -64.34 54.95 -81.74
C2C CLA KB . -64.90 56.27 -81.49
C3C CLA KB . -66.02 56.40 -82.30
C4C CLA KB . -66.14 55.16 -83.05
CMC CLA KB . -64.33 57.24 -80.54
CAC CLA KB . -66.91 57.57 -82.39
CBC CLA KB . -66.40 58.58 -83.40
ND CLA KB . -66.26 52.67 -84.64
C1D CLA KB . -67.22 53.71 -84.74
C2D CLA KB . -68.24 53.32 -85.74
C3D CLA KB . -67.89 52.07 -86.19
C4D CLA KB . -66.68 51.68 -85.43
CMD CLA KB . -69.35 54.17 -86.15
CAD CLA KB . -68.22 50.96 -87.07
OBD CLA KB . -69.09 50.88 -87.92
CBD CLA KB . -67.23 49.81 -86.75
CGD CLA KB . -67.95 48.63 -86.15
O1D CLA KB . -68.71 48.63 -85.17
O2D CLA KB . -67.73 47.45 -86.79
CED CLA KB . -68.03 46.25 -86.08
C1 CLA KB . -61.33 51.91 -86.14
C2 CLA KB . -62.62 52.65 -86.03
C3 CLA KB . -62.67 53.98 -85.98
C4 CLA KB . -63.94 54.72 -85.87
MG CLA LB . -63.78 57.78 -52.70
CHA CLA LB . -65.84 55.52 -51.04
CHB CLA LB . -66.45 58.94 -54.44
CHC CLA LB . -61.71 59.99 -54.31
CHD CLA LB . -61.03 56.58 -50.83
NA CLA LB . -65.81 57.30 -52.70
C1A CLA LB . -66.47 56.33 -51.94
C2A CLA LB . -67.96 56.36 -52.21
C3A CLA LB . -68.14 57.49 -53.26
C4A CLA LB . -66.70 57.96 -53.49
CMA CLA LB . -68.82 57.01 -54.51
CAA CLA LB . -68.65 56.82 -50.93
CBA CLA LB . -68.21 58.22 -50.53
CGA CLA LB . -66.92 58.25 -49.76
O1A CLA LB . -66.62 57.60 -48.75
O2A CLA LB . -65.97 59.07 -50.29
NB CLA LB . -64.05 59.26 -54.04
C1B CLA LB . -65.19 59.45 -54.75
C2B CLA LB . -64.91 60.29 -55.94
C3B CLA LB . -63.56 60.59 -55.90
C4B CLA LB . -63.01 59.94 -54.69
CMB CLA LB . -65.93 60.67 -56.91
CAB CLA LB . -62.75 61.38 -56.80
CBB CLA LB . -62.84 62.71 -56.94
NC CLA LB . -61.75 58.22 -52.57
C1C CLA LB . -61.12 59.18 -53.30
C2C CLA LB . -59.70 59.25 -52.92
C3C CLA LB . -59.50 58.27 -51.96
C4C CLA LB . -60.79 57.62 -51.73
CMC CLA LB . -58.73 60.18 -53.50
CAC CLA LB . -58.24 57.97 -51.28
CBC CLA LB . -57.99 58.88 -50.11
ND CLA LB . -63.43 56.36 -51.32
C1D CLA LB . -62.26 55.98 -50.62
C2D CLA LB . -62.58 54.88 -49.70
C3D CLA LB . -63.94 54.65 -49.82
C4D CLA LB . -64.42 55.62 -50.82
CMD CLA LB . -61.62 54.18 -48.85
CAD CLA LB . -65.07 53.86 -49.37
OBD CLA LB . -65.11 52.93 -48.57
CBD CLA LB . -66.32 54.42 -50.12
CGD CLA LB . -67.04 53.33 -50.86
O1D CLA LB . -66.58 52.61 -51.74
O2D CLA LB . -68.33 53.15 -50.45
CED CLA LB . -69.36 53.29 -51.43
C1 CLA LB . -64.67 59.03 -49.68
C2 CLA LB . -63.86 60.11 -50.31
C3 CLA LB . -62.57 60.34 -50.03
C4 CLA LB . -61.81 59.53 -49.04
C5 CLA LB . -61.82 61.44 -50.70
MG CLA MB . -57.01 48.94 -52.99
CHA CLA MB . -55.79 45.73 -53.37
CHB CLA MB . -60.15 47.83 -53.66
CHC CLA MB . -58.14 52.15 -52.68
CHD CLA MB . -53.73 50.05 -52.31
NA CLA MB . -57.82 47.06 -53.43
C1A CLA MB . -57.15 45.84 -53.54
C2A CLA MB . -58.11 44.71 -53.88
C3A CLA MB . -59.48 45.43 -53.99
C4A CLA MB . -59.15 46.88 -53.66
CMA CLA MB . -60.04 45.27 -55.38
CAA CLA MB . -58.19 43.68 -52.76
CBA CLA MB . -59.54 43.70 -52.11
CGA CLA MB . -59.44 43.29 -50.67
O1A CLA MB . -59.99 42.34 -50.09
O2A CLA MB . -58.62 44.09 -49.93
NB CLA MB . -58.83 49.82 -53.08
C1B CLA MB . -59.97 49.20 -53.42
C2B CLA MB . -61.07 50.20 -53.56
C3B CLA MB . -60.52 51.43 -53.28
C4B CLA MB . -59.06 51.20 -53.00
CMB CLA MB . -62.44 49.86 -53.91
CAB CLA MB . -61.13 52.72 -53.29
CBB CLA MB . -60.95 53.68 -52.40
NC CLA MB . -56.10 50.77 -52.54
C1C CLA MB . -56.75 51.96 -52.44
C2C CLA MB . -55.82 53.02 -52.09
C3C CLA MB . -54.56 52.42 -52.01
C4C CLA MB . -54.74 51.00 -52.29
CMC CLA MB . -56.18 54.42 -51.90
CAC CLA MB . -53.28 53.09 -51.68
CBC CLA MB . -52.26 53.10 -52.80
ND CLA MB . -55.17 48.16 -52.88
C1D CLA MB . -53.90 48.71 -52.58
C2D CLA MB . -52.87 47.65 -52.64
C3D CLA MB . -53.55 46.50 -52.95
C4D CLA MB . -54.98 46.86 -53.07
CMD CLA MB . -51.44 47.86 -52.43
CAD CLA MB . -53.43 45.09 -53.19
OBD CLA MB . -52.43 44.38 -53.17
CBD CLA MB . -54.87 44.54 -53.46
CGD CLA MB . -54.92 43.85 -54.78
O1D CLA MB . -54.65 44.32 -55.89
O2D CLA MB . -55.34 42.55 -54.72
CED CLA MB . -55.06 41.70 -55.83
C1 CLA MB . -59.09 45.44 -49.71
C2 CLA MB . -57.92 46.25 -49.30
C3 CLA MB . -57.88 47.59 -49.42
C4 CLA MB . -59.03 48.35 -49.98
C5 CLA MB . -56.69 48.37 -49.01
MG CLA NB . -53.10 47.51 -61.77
CHA CLA NB . -54.71 45.16 -63.73
CHB CLA NB . -53.86 45.71 -59.01
CHC CLA NB . -51.32 49.75 -59.91
CHD CLA NB . -52.30 49.34 -64.71
NA CLA NB . -54.16 45.75 -61.45
C1A CLA NB . -54.75 44.90 -62.39
C2A CLA NB . -55.42 43.71 -61.72
C3A CLA NB . -55.35 44.06 -60.22
C4A CLA NB . -54.38 45.25 -60.20
CMA CLA NB . -56.70 44.42 -59.67
CAA CLA NB . -54.58 42.46 -61.96
CBA CLA NB . -53.74 42.11 -60.76
CGA CLA NB . -52.28 42.00 -61.08
O1A CLA NB . -51.69 41.04 -61.58
O2A CLA NB . -51.57 43.12 -60.77
NB CLA NB . -52.78 47.76 -59.81
C1B CLA NB . -52.99 46.78 -58.89
C2B CLA NB . -52.13 47.02 -57.69
C3B CLA NB . -51.41 48.17 -57.95
C4B CLA NB . -51.82 48.66 -59.29
CMB CLA NB . -52.12 46.15 -56.53
CAB CLA NB . -50.43 48.85 -57.14
CBB CLA NB . -49.14 48.99 -57.47
NC CLA NB . -52.06 49.26 -62.22
C1C CLA NB . -51.45 50.04 -61.30
C2C CLA NB . -50.86 51.20 -61.94
C3C CLA NB . -51.07 51.06 -63.30
C4C CLA NB . -51.84 49.83 -63.48
CMC CLA NB . -50.15 52.27 -61.23
CAC CLA NB . -50.67 51.99 -64.36
CBC CLA NB . -49.29 51.69 -64.90
ND CLA NB . -53.37 47.34 -63.77
C1D CLA NB . -53.01 48.16 -64.86
C2D CLA NB . -53.51 47.56 -66.10
C3D CLA NB . -54.15 46.40 -65.73
C4D CLA NB . -54.05 46.31 -64.26
CMD CLA NB . -53.30 48.13 -67.43
CAD CLA NB . -54.90 45.24 -66.18
OBD CLA NB . -55.19 44.90 -67.31
CBD CLA NB . -55.30 44.43 -64.91
CGD CLA NB . -56.79 44.35 -64.81
O1D CLA NB . -57.59 45.28 -64.78
O2D CLA NB . -57.26 43.08 -64.77
CED CLA NB . -58.10 42.65 -65.85
C1 CLA NB . -50.90 43.14 -59.50
C2 CLA NB . -49.94 44.28 -59.51
C3 CLA NB . -49.15 44.59 -58.46
C4 CLA NB . -49.20 43.83 -57.19
C5 CLA NB . -48.20 45.73 -58.52
MG CLA OB . -49.42 70.31 -63.35
CHA CLA OB . -46.37 71.82 -62.70
CHB CLA OB . -50.98 73.07 -62.18
CHC CLA OB . -52.40 68.89 -64.25
CHD CLA OB . -47.69 67.51 -64.67
NA CLA OB . -48.75 72.09 -62.49
C1A CLA OB . -47.45 72.55 -62.32
C2A CLA OB . -47.41 73.93 -61.66
C3A CLA OB . -48.89 74.18 -61.32
C4A CLA OB . -49.61 73.04 -62.04
CMA CLA OB . -49.08 74.15 -59.84
CAA CLA OB . -46.87 74.98 -62.60
CBA CLA OB . -47.90 76.03 -62.94
CGA CLA OB . -48.21 75.99 -64.40
O1A CLA OB . -47.77 76.69 -65.31
O2A CLA OB . -49.09 74.98 -64.71
NB CLA OB . -51.33 70.84 -63.17
C1B CLA OB . -51.75 72.07 -62.81
C2B CLA OB . -53.20 72.23 -63.13
C3B CLA OB . -53.61 71.06 -63.71
C4B CLA OB . -52.43 70.15 -63.73
CMB CLA OB . -53.92 73.48 -62.85
CAB CLA OB . -54.89 70.65 -64.24
CBB CLA OB . -55.96 71.42 -64.40
NC CLA OB . -49.94 68.50 -64.23
C1C CLA OB . -51.22 68.11 -64.48
C2C CLA OB . -51.23 66.78 -65.09
C3C CLA OB . -49.89 66.41 -65.24
C4C CLA OB . -49.09 67.50 -64.70
CMC CLA OB . -52.39 66.04 -65.51
CAC CLA OB . -49.39 65.16 -65.83
CBC CLA OB . -49.19 65.28 -67.32
ND CLA OB . -47.51 69.70 -63.57
C1D CLA OB . -46.94 68.54 -64.15
C2D CLA OB . -45.48 68.66 -64.13
C3D CLA OB . -45.22 69.91 -63.60
C4D CLA OB . -46.51 70.52 -63.27
CMD CLA OB . -44.55 67.66 -64.63
CAD CLA OB . -44.19 70.87 -63.24
OBD CLA OB . -42.99 70.77 -63.41
CBD CLA OB . -44.90 72.12 -62.66
CGD CLA OB . -44.43 72.52 -61.29
O1D CLA OB . -44.57 73.61 -60.74
O2D CLA OB . -43.76 71.55 -60.62
CED CLA OB . -43.17 71.92 -59.37
C1 CLA OB . -50.29 75.41 -65.39
C2 CLA OB . -51.07 74.19 -65.71
C3 CLA OB . -52.32 74.25 -66.21
C4 CLA OB . -52.99 75.53 -66.47
C5 CLA OB . -53.07 73.00 -66.53
MG CLA PB . -41.61 58.64 -53.25
CHA CLA PB . -38.98 60.13 -51.58
CHB CLA PB . -39.41 57.02 -55.28
CHC CLA PB . -44.25 56.98 -54.68
CHD CLA PB . -43.85 60.28 -51.05
NA CLA PB . -39.54 58.64 -53.42
C1A CLA PB . -38.62 59.31 -52.62
C2A CLA PB . -37.19 59.02 -53.07
C3A CLA PB . -37.38 58.17 -54.34
C4A CLA PB . -38.88 57.91 -54.36
CMA CLA PB . -36.91 58.90 -55.57
CAA CLA PB . -36.51 58.19 -51.99
CBA CLA PB . -36.97 56.74 -52.00
CGA CLA PB . -38.19 56.52 -51.17
O1A CLA PB . -38.30 56.55 -49.95
O2A CLA PB . -39.32 56.27 -51.91
NB CLA PB . -41.79 57.29 -54.72
C1B CLA PB . -40.77 56.70 -55.39
C2B CLA PB . -41.30 55.64 -56.28
C3B CLA PB . -42.66 55.62 -56.12
C4B CLA PB . -43.00 56.67 -55.13
CMB CLA PB . -40.44 54.83 -57.14
CAB CLA PB . -43.66 54.79 -56.74
CBB CLA PB . -44.08 53.62 -56.25
NC CLA PB . -43.67 58.68 -52.96
C1C CLA PB . -44.56 57.93 -53.67
C2C CLA PB . -45.91 58.20 -53.21
C3C CLA PB . -45.81 59.11 -52.17
C4C CLA PB . -44.40 59.42 -52.02
CMC CLA PB . -47.12 57.57 -53.76
CAC CLA PB . -46.92 59.68 -51.38
CBC CLA PB . -47.32 58.77 -50.24
ND CLA PB . -41.52 59.98 -51.74
C1D CLA PB . -42.51 60.55 -50.91
C2D CLA PB . -41.86 61.43 -49.91
C3D CLA PB . -40.50 61.30 -50.13
C4D CLA PB . -40.34 60.38 -51.26
CMD CLA PB . -42.57 62.21 -48.91
CAD CLA PB . -39.17 61.73 -49.72
OBD CLA PB . -38.84 62.54 -48.87
CBD CLA PB . -38.17 60.94 -50.59
CGD CLA PB . -37.19 61.83 -51.30
O1D CLA PB . -37.11 62.02 -52.52
O2D CLA PB . -36.33 62.47 -50.48
CED CLA PB . -35.65 61.70 -49.48
C1 CLA PB . -39.45 54.95 -52.47
C2 CLA PB . -40.90 54.60 -52.41
C3 CLA PB . -41.40 53.47 -52.96
C4 CLA PB . -40.55 52.49 -53.66
C5 CLA PB . -42.86 53.19 -52.88
MG CLA QB . -43.67 69.28 -48.48
CHA CLA QB . -42.13 72.36 -48.79
CHB CLA QB . -42.60 69.06 -45.28
CHC CLA QB . -45.35 66.30 -48.18
CHD CLA QB . -44.70 69.49 -51.87
NA CLA QB . -42.56 70.53 -47.25
C1A CLA QB . -42.03 71.79 -47.56
C2A CLA QB . -41.29 72.37 -46.36
C3A CLA QB . -41.43 71.29 -45.27
C4A CLA QB . -42.26 70.21 -45.96
CMA CLA QB . -40.09 70.76 -44.80
CAA CLA QB . -42.02 73.60 -45.85
CBA CLA QB . -43.53 73.39 -45.87
CGA CLA QB . -44.10 72.95 -44.56
O1A CLA QB . -44.30 73.62 -43.53
O2A CLA QB . -44.45 71.63 -44.53
NB CLA QB . -44.00 67.98 -46.98
C1B CLA QB . -43.35 67.99 -45.80
C2B CLA QB . -43.51 66.69 -45.10
C3B CLA QB . -44.29 65.91 -45.92
C4B CLA QB . -44.61 66.72 -47.12
CMB CLA QB . -42.91 66.40 -43.80
CAB CLA QB . -44.76 64.56 -45.74
CBB CLA QB . -45.44 64.14 -44.68
NC CLA QB . -44.83 68.12 -49.79
C1C CLA QB . -45.45 66.97 -49.43
C2C CLA QB . -46.23 66.46 -50.54
C3C CLA QB . -46.02 67.32 -51.61
C4C CLA QB . -45.14 68.37 -51.12
CMC CLA QB . -47.03 65.23 -50.50
CAC CLA QB . -46.61 67.21 -52.95
CBC CLA QB . -48.02 67.72 -53.00
ND CLA QB . -43.43 70.54 -50.03
C1D CLA QB . -43.89 70.49 -51.38
C2D CLA QB . -43.38 71.69 -52.09
C3D CLA QB . -42.71 72.44 -51.14
C4D CLA QB . -42.78 71.69 -49.88
CMD CLA QB . -43.61 71.93 -53.50
CAD CLA QB . -41.93 73.64 -50.88
OBD CLA QB . -41.56 74.52 -51.65
CBD CLA QB . -41.58 73.65 -49.36
CGD CLA QB . -40.12 73.83 -49.09
O1D CLA QB . -39.25 72.95 -49.03
O2D CLA QB . -39.75 75.13 -48.91
CED CLA QB . -39.50 75.58 -47.57
C1 CLA QB . -45.43 71.18 -45.51
C2 CLA QB . -46.70 70.95 -44.78
C3 CLA QB . -46.93 69.91 -43.96
C4 CLA QB . -45.91 68.88 -43.69
MG CLA RB . -37.50 63.95 -41.69
CHA CLA RB . -37.07 67.22 -42.77
CHB CLA RB . -35.94 64.70 -38.77
CHC CLA RB . -38.23 60.79 -40.55
CHD CLA RB . -39.18 63.23 -44.73
NA CLA RB . -36.61 65.67 -40.95
C1A CLA RB . -36.55 66.94 -41.54
C2A CLA RB . -35.81 67.93 -40.64
C3A CLA RB . -35.26 67.03 -39.50
C4A CLA RB . -35.98 65.70 -39.74
CMA CLA RB . -33.77 66.89 -39.59
CAA CLA RB . -36.80 68.95 -40.11
CBA CLA RB . -37.78 68.36 -39.09
CGA CLA RB . -39.04 67.88 -39.75
O1A CLA RB . -40.00 68.54 -40.14
O2A CLA RB . -39.08 66.53 -39.91
NB CLA RB . -37.10 62.93 -40.02
C1B CLA RB . -36.56 63.45 -38.89
C2B CLA RB . -36.70 62.49 -37.76
C3B CLA RB . -37.34 61.39 -38.26
C4B CLA RB . -37.61 61.64 -39.70
CMB CLA RB . -36.22 62.77 -36.42
CAB CLA RB . -37.73 60.17 -37.58
CBB CLA RB . -38.99 59.83 -37.30
NC CLA RB . -38.46 62.29 -42.53
C1C CLA RB . -38.62 61.10 -41.89
C2C CLA RB . -39.32 60.16 -42.76
C3C CLA RB . -39.62 60.85 -43.92
C4C CLA RB . -39.08 62.20 -43.78
CMC CLA RB . -39.65 58.78 -42.38
CAC CLA RB . -40.34 60.33 -45.10
CBC CLA RB . -39.43 59.50 -45.98
ND CLA RB . -37.96 64.90 -43.42
C1D CLA RB . -38.67 64.50 -44.57
C2D CLA RB . -38.74 65.64 -45.51
C3D CLA RB . -38.14 66.71 -44.87
C4D CLA RB . -37.69 66.20 -43.56
CMD CLA RB . -39.35 65.59 -46.84
CAD CLA RB . -37.74 68.09 -44.96
OBD CLA RB . -37.83 68.86 -45.91
CBD CLA RB . -37.11 68.48 -43.59
CGD CLA RB . -35.76 69.12 -43.72
O1D CLA RB . -35.16 69.79 -42.88
O2D CLA RB . -35.17 68.93 -44.94
CED CLA RB . -34.81 70.11 -45.67
C1 CLA RB . -40.05 65.80 -39.13
C2 CLA RB . -40.37 64.57 -39.89
C3 CLA RB . -41.17 63.60 -39.43
C4 CLA RB . -41.82 63.67 -38.10
C5 CLA RB . -41.46 62.37 -40.23
MG CLA SB . -30.83 55.57 -44.72
CHA CLA SB . -33.37 57.36 -46.24
CHB CLA SB . -32.49 55.75 -41.76
CHC CLA SB . -28.38 53.63 -43.29
CHD CLA SB . -29.22 55.28 -47.85
NA CLA SB . -32.61 56.47 -44.11
C1A CLA SB . -33.55 57.15 -44.91
C2A CLA SB . -34.74 57.63 -44.07
C3A CLA SB . -34.34 57.22 -42.63
C4A CLA SB . -33.06 56.43 -42.82
CMA CLA SB . -34.11 58.42 -41.76
CAA CLA SB . -36.02 56.92 -44.47
CBA CLA SB . -35.76 55.51 -44.96
CGA CLA SB . -36.00 54.52 -43.87
O1A CLA SB . -37.07 54.06 -43.46
O2A CLA SB . -34.85 54.07 -43.27
NB CLA SB . -30.50 54.81 -42.88
C1B CLA SB . -31.31 54.99 -41.80
C2B CLA SB . -30.74 54.27 -40.63
C3B CLA SB . -29.59 53.67 -41.05
C4B CLA SB . -29.41 54.02 -42.49
CMB CLA SB . -31.38 54.27 -39.32
CAB CLA SB . -28.65 52.86 -40.31
CBB CLA SB . -28.32 51.61 -40.60
NC CLA SB . -29.08 54.68 -45.43
C1C CLA SB . -28.22 53.94 -44.67
C2C CLA SB . -27.11 53.47 -45.49
C3C CLA SB . -27.36 53.92 -46.78
C4C CLA SB . -28.61 54.67 -46.74
CMC CLA SB . -25.99 52.68 -44.99
CAC CLA SB . -26.53 53.68 -47.98
CBC CLA SB . -25.67 54.86 -48.33
ND CLA SB . -31.09 56.28 -46.59
C1D CLA SB . -30.37 56.04 -47.80
C2D CLA SB . -31.07 56.73 -48.91
C3D CLA SB . -32.22 57.28 -48.35
C4D CLA SB . -32.20 56.93 -46.93
CMD CLA SB . -30.59 56.78 -50.28
CAD CLA SB . -33.41 58.09 -48.59
OBD CLA SB . -33.74 58.73 -49.57
CBD CLA SB . -34.24 58.03 -47.27
CGD CLA SB . -34.77 59.37 -46.82
O1D CLA SB . -35.91 59.62 -46.43
O2D CLA SB . -33.86 60.38 -46.85
CED CLA SB . -34.18 61.53 -46.05
C1 CLA SB . -33.88 53.41 -44.11
C2 CLA SB . -33.08 52.52 -43.22
C3 CLA SB . -31.91 51.96 -43.56
C4 CLA SB . -31.27 52.18 -44.89
C5 CLA SB . -31.19 51.08 -42.60
MG CLA TB . -35.13 55.88 -57.46
CHA CLA TB . -37.18 55.13 -60.14
CHB CLA TB . -36.25 53.13 -55.83
CHC CLA TB . -33.32 56.85 -54.70
CHD CLA TB . -34.02 58.77 -59.17
NA CLA TB . -36.45 54.35 -57.96
C1A CLA TB . -37.23 54.23 -59.11
C2A CLA TB . -38.08 52.95 -59.04
C3A CLA TB . -37.56 52.23 -57.77
C4A CLA TB . -36.69 53.30 -57.11
CMA CLA TB . -38.67 51.75 -56.87
CAA CLA TB . -37.94 52.04 -60.25
CBA CLA TB . -39.31 51.58 -60.72
CGA CLA TB . -39.17 50.87 -62.02
O1A CLA TB . -38.52 49.86 -62.26
O2A CLA TB . -39.85 51.45 -63.06
NB CLA TB . -34.83 55.12 -55.63
C1B CLA TB . -35.43 54.03 -55.12
C2B CLA TB . -35.09 53.88 -53.68
C3B CLA TB . -34.26 54.93 -53.36
C4B CLA TB . -34.08 55.72 -54.60
CMB CLA TB . -35.60 52.77 -52.88
CAB CLA TB . -33.62 55.29 -52.14
CBB CLA TB . -34.08 55.05 -50.90
NC CLA TB . -33.85 57.48 -57.05
C1C CLA TB . -33.20 57.67 -55.86
C2C CLA TB . -32.40 58.89 -55.92
C3C CLA TB . -32.62 59.44 -57.17
C4C CLA TB . -33.52 58.56 -57.88
CMC CLA TB . -31.57 59.38 -54.83
CAC CLA TB . -32.02 60.68 -57.71
CBC CLA TB . -31.05 60.45 -58.82
ND CLA TB . -35.38 56.72 -59.28
C1D CLA TB . -34.89 57.93 -59.83
C2D CLA TB . -35.46 58.10 -61.18
C3D CLA TB . -36.36 57.07 -61.35
C4D CLA TB . -36.28 56.24 -60.12
CMD CLA TB . -35.14 59.20 -62.09
CAD CLA TB . -37.28 56.42 -62.25
OBD CLA TB . -37.56 56.68 -63.40
CBD CLA TB . -37.92 55.24 -61.46
CGD CLA TB . -39.37 55.52 -61.27
O1D CLA TB . -40.03 56.42 -61.81
O2D CLA TB . -40.02 54.68 -60.42
CED CLA TB . -41.42 54.51 -60.64
C1 CLA TB . -39.56 50.94 -64.37
C2 CLA TB . -39.02 52.05 -65.21
C3 CLA TB . -37.82 52.63 -65.04
C4 CLA TB . -36.87 52.25 -63.98
C5 CLA TB . -37.37 53.73 -65.94
MG CLA UB . -35.73 39.53 -48.81
CHA CLA UB . -39.02 38.56 -48.39
CHB CLA UB . -36.36 42.40 -47.10
CHC CLA UB . -32.47 40.46 -49.29
CHD CLA UB . -35.15 36.59 -50.66
NA CLA UB . -37.42 40.32 -47.88
C1A CLA UB . -38.71 39.77 -47.84
C2A CLA UB . -39.67 40.68 -47.07
C3A CLA UB . -38.82 41.93 -46.77
C4A CLA UB . -37.43 41.54 -47.27
CMA CLA UB . -39.34 43.16 -47.47
CAA CLA UB . -40.14 40.06 -45.77
CBA CLA UB . -39.11 39.12 -45.18
CGA CLA UB . -39.08 39.30 -43.70
O1A CLA UB . -38.62 40.25 -43.07
O2A CLA UB . -39.63 38.24 -43.03
NB CLA UB . -34.67 41.20 -48.42
C1B CLA UB . -35.05 42.14 -47.52
C2B CLA UB . -33.88 42.89 -47.02
C3B CLA UB . -32.78 42.34 -47.63
C4B CLA UB . -33.27 41.26 -48.52
CMB CLA UB . -33.97 43.96 -46.04
CAB CLA UB . -31.40 42.69 -47.49
CBB CLA UB . -30.48 41.85 -47.00
NC CLA UB . -34.11 38.67 -49.80
C1C CLA UB . -32.87 39.24 -49.88
C2C CLA UB . -31.99 38.39 -50.67
C3C CLA UB . -32.74 37.29 -51.06
C4C CLA UB . -34.08 37.48 -50.51
CMC CLA UB . -30.59 38.68 -50.96
CAC CLA UB . -32.30 36.16 -51.89
CBC CLA UB . -32.15 34.88 -51.11
ND CLA UB . -36.73 37.83 -49.25
C1D CLA UB . -36.38 36.73 -50.07
C2D CLA UB . -37.54 35.82 -50.16
C3D CLA UB . -38.58 36.46 -49.51
C4D CLA UB . -38.03 37.74 -49.02
CMD CLA UB . -37.51 34.51 -50.81
CAD CLA UB . -39.96 36.41 -49.07
OBD CLA UB . -40.76 35.48 -49.10
CBD CLA UB . -40.31 37.80 -48.49
CGD CLA UB . -41.20 38.53 -49.45
O1D CLA UB . -41.15 39.72 -49.75
O2D CLA UB . -42.15 37.75 -50.03
CED CLA UB . -43.35 37.52 -49.30
C1 CLA UB . -40.82 38.47 -42.25
C2 CLA UB . -40.41 39.22 -41.03
C3 CLA UB . -41.15 39.30 -39.91
C4 CLA UB . -42.46 38.64 -39.77
C5 CLA UB . -40.66 40.09 -38.74
MG CLA VB . -49.04 41.74 -47.82
CHA CLA VB . -45.70 42.20 -47.04
CHB CLA VB . -49.39 45.08 -48.31
CHC CLA VB . -52.32 41.22 -48.68
CHD CLA VB . -48.61 38.27 -47.38
NA CLA VB . -47.74 43.36 -47.68
C1A CLA VB . -46.38 43.35 -47.36
C2A CLA VB . -45.78 44.75 -47.39
C3A CLA VB . -46.99 45.64 -47.78
C4A CLA VB . -48.13 44.65 -47.94
CMA CLA VB . -47.29 46.67 -46.72
CAA CLA VB . -44.77 44.81 -48.51
CBA CLA VB . -43.42 45.28 -48.04
CGA CLA VB . -43.34 46.77 -48.12
O1A CLA VB . -43.94 47.60 -47.44
O2A CLA VB . -42.49 47.25 -49.09
NB CLA VB . -50.54 42.92 -48.46
C1B CLA VB . -50.51 44.27 -48.49
C2B CLA VB . -51.88 44.80 -48.72
C3B CLA VB . -52.72 43.72 -48.82
C4B CLA VB . -51.88 42.50 -48.65
CMB CLA VB . -52.17 46.23 -48.78
CAB CLA VB . -54.14 43.64 -49.03
CBB CLA VB . -54.82 44.37 -49.92
NC CLA VB . -50.24 40.05 -47.97
C1C CLA VB . -51.56 40.07 -48.35
C2C CLA VB . -52.08 38.71 -48.38
C3C CLA VB . -51.03 37.87 -48.00
C4C CLA VB . -49.88 38.72 -47.76
CMC CLA VB . -53.45 38.35 -48.72
CAC CLA VB . -51.07 36.41 -47.90
CBC CLA VB . -51.07 35.93 -46.46
ND CLA VB . -47.59 40.49 -47.20
C1D CLA VB . -47.53 39.08 -47.11
C2D CLA VB . -46.18 38.69 -46.67
C3D CLA VB . -45.45 39.86 -46.59
C4D CLA VB . -46.36 40.94 -46.98
CMD CLA VB . -45.75 37.33 -46.37
CAD CLA VB . -44.19 40.44 -46.27
OBD CLA VB . -43.21 39.92 -45.74
CBD CLA VB . -44.27 41.94 -46.68
CGD CLA VB . -43.78 42.83 -45.58
O1D CLA VB . -44.41 43.72 -44.99
O2D CLA VB . -42.49 42.61 -45.23
CED CLA VB . -41.74 43.70 -44.70
C1 CLA VB . -42.36 46.48 -50.31
C2 CLA VB . -41.58 47.29 -51.28
C3 CLA VB . -42.12 48.28 -51.99
C4 CLA VB . -43.55 48.65 -51.87
C5 CLA VB . -41.31 49.07 -52.96
MG CLA WB . -41.56 30.52 -67.56
CHA CLA WB . -43.37 31.50 -70.34
CHB CLA WB . -44.22 28.67 -66.51
CHC CLA WB . -39.63 29.32 -64.98
CHD CLA WB . -38.80 32.34 -68.78
NA CLA WB . -43.50 30.21 -68.29
C1A CLA WB . -44.05 30.68 -69.48
C2A CLA WB . -45.49 30.21 -69.64
C3A CLA WB . -45.78 29.46 -68.32
C4A CLA WB . -44.41 29.43 -67.65
CMA CLA WB . -46.82 30.16 -67.49
CAA CLA WB . -45.61 29.26 -70.82
CBA CLA WB . -44.33 28.46 -70.97
CGA CLA WB . -44.19 28.02 -72.40
O1A CLA WB . -44.79 28.45 -73.39
O2A CLA WB . -43.25 27.04 -72.61
NB CLA WB . -41.87 29.25 -66.03
C1B CLA WB . -43.01 28.56 -65.80
C2B CLA WB . -42.81 27.62 -64.67
C3B CLA WB . -41.51 27.79 -64.24
C4B CLA WB . -40.90 28.84 -65.09
CMB CLA WB . -43.86 26.74 -64.19
CAB CLA WB . -40.82 27.14 -63.16
CBB CLA WB . -39.70 26.42 -63.31
NC CLA WB . -39.60 30.86 -66.95
C1C CLA WB . -39.03 30.29 -65.85
C2C CLA WB . -37.66 30.74 -65.71
C3C CLA WB . -37.39 31.56 -66.81
C4C CLA WB . -38.63 31.62 -67.59
CMC CLA WB . -36.75 30.33 -64.64
CAC CLA WB . -36.10 32.22 -67.11
CBC CLA WB . -36.15 33.73 -67.21
ND CLA WB . -41.17 31.79 -69.08
C1D CLA WB . -39.98 32.41 -69.49
C2D CLA WB . -40.23 33.14 -70.75
C3D CLA WB . -41.53 32.84 -71.12
C4D CLA WB . -42.05 31.95 -70.06
CMD CLA WB . -39.25 33.98 -71.44
CAD CLA WB . -42.60 33.05 -72.07
OBD CLA WB . -42.64 33.82 -73.02
CBD CLA WB . -43.75 32.08 -71.68
CGD CLA WB . -45.11 32.73 -71.70
O1D CLA WB . -46.20 32.19 -71.87
O2D CLA WB . -45.09 34.07 -71.49
CED CLA WB . -46.36 34.72 -71.51
C1 CLA WB . -42.69 26.34 -71.46
C2 CLA WB . -43.60 25.21 -71.14
C3 CLA WB . -44.00 24.94 -69.90
C4 CLA WB . -43.57 25.74 -68.72
C5 CLA WB . -44.92 23.81 -69.62
MG CLA XB . -45.54 39.11 -66.15
CHA CLA XB . -48.97 38.82 -66.27
CHB CLA XB . -45.25 36.70 -68.50
CHC CLA XB . -42.14 39.53 -66.06
CHD CLA XB . -45.90 41.62 -63.67
NA CLA XB . -46.91 37.96 -67.20
C1A CLA XB . -48.31 37.99 -67.11
C2A CLA XB . -48.94 36.98 -68.06
C3A CLA XB . -47.73 36.22 -68.63
C4A CLA XB . -46.53 37.01 -68.10
CMA CLA XB . -47.69 34.80 -68.15
CAA CLA XB . -49.72 37.65 -69.18
CBA CLA XB . -49.20 39.02 -69.54
CGA CLA XB . -50.27 40.05 -69.27
O1A CLA XB . -51.44 40.05 -69.65
O2A CLA XB . -49.83 41.10 -68.52
NB CLA XB . -43.98 38.24 -67.06
C1B CLA XB . -44.07 37.33 -68.07
C2B CLA XB . -42.73 37.08 -68.65
C3B CLA XB . -41.84 37.88 -67.96
C4B CLA XB . -42.62 38.62 -66.94
CMB CLA XB . -42.48 36.15 -69.75
CAB CLA XB . -40.42 38.01 -68.14
CBB CLA XB . -39.76 39.14 -68.31
NC CLA XB . -44.26 40.33 -65.03
C1C CLA XB . -42.90 40.32 -65.15
C2C CLA XB . -42.32 41.30 -64.23
C3C CLA XB . -43.39 41.90 -63.57
C4C CLA XB . -44.60 41.29 -64.09
CMC CLA XB . -40.89 41.56 -64.09
CAC CLA XB . -43.31 42.95 -62.55
CBC CLA XB . -43.12 44.32 -63.16
ND CLA XB . -47.03 40.05 -65.17
C1D CLA XB . -47.05 41.06 -64.17
C2D CLA XB . -48.45 41.35 -63.81
C3D CLA XB . -49.24 40.51 -64.58
C4D CLA XB . -48.30 39.73 -65.40
CMD CLA XB . -48.87 42.34 -62.82
CAD CLA XB . -50.58 40.08 -64.91
OBD CLA XB . -51.65 40.45 -64.46
CBD CLA XB . -50.44 38.99 -66.00
CGD CLA XB . -51.00 37.67 -65.56
O1D CLA XB . -50.39 36.76 -64.99
O2D CLA XB . -52.32 37.51 -65.83
CED CLA XB . -52.69 37.31 -67.19
C1 CLA XB . -50.83 41.98 -67.98
C2 CLA XB . -50.12 43.05 -67.25
C3 CLA XB . -50.63 43.69 -66.19
C4 CLA XB . -51.97 43.36 -65.66
C5 CLA XB . -49.88 44.77 -65.49
MG CLA YB . -25.76 41.86 -66.47
CHA CLA YB . -22.38 41.89 -67.20
CHB CLA YB . -26.24 44.47 -68.57
CHC CLA YB . -29.11 41.73 -65.76
CHD CLA YB . -25.21 39.13 -64.28
NA CLA YB . -24.49 42.98 -67.68
C1A CLA YB . -23.11 42.84 -67.85
C2A CLA YB . -22.58 43.87 -68.84
C3A CLA YB . -23.82 44.71 -69.20
C4A CLA YB . -24.95 44.02 -68.44
CMA CLA YB . -23.67 46.14 -68.77
CAA CLA YB . -22.07 43.20 -70.08
CBA CLA YB . -23.15 42.34 -70.69
CGA CLA YB . -22.74 41.95 -72.07
O1A CLA YB . -22.24 42.64 -72.95
O2A CLA YB . -22.99 40.62 -72.34
NB CLA YB . -27.37 42.89 -67.07
C1B CLA YB . -27.36 43.94 -67.92
C2B CLA YB . -28.74 44.49 -68.07
C3B CLA YB . -29.56 43.71 -67.28
C4B CLA YB . -28.70 42.69 -66.63
CMB CLA YB . -29.01 45.62 -68.93
CAB CLA YB . -30.97 43.78 -67.03
CBB CLA YB . -31.86 44.57 -67.63
NC CLA YB . -26.93 40.65 -65.24
C1C CLA YB . -28.29 40.76 -65.11
C2C CLA YB . -28.79 39.75 -64.19
C3C CLA YB . -27.68 39.02 -63.77
C4C CLA YB . -26.52 39.59 -64.43
CMC CLA YB . -30.19 39.56 -63.83
CAC CLA YB . -27.67 37.87 -62.85
CBC CLA YB . -28.09 36.59 -63.53
ND CLA YB . -24.20 40.75 -65.82
C1D CLA YB . -24.12 39.66 -64.92
C2D CLA YB . -22.71 39.23 -64.82
C3D CLA YB . -22.00 40.04 -65.68
C4D CLA YB . -22.98 40.98 -66.27
CMD CLA YB . -22.24 38.14 -63.98
CAD CLA YB . -20.70 40.37 -66.23
OBD CLA YB . -19.61 39.86 -66.00
CBD CLA YB . -20.91 41.55 -67.22
CGD CLA YB . -20.07 42.72 -66.80
O1D CLA YB . -19.62 42.95 -65.69
O2D CLA YB . -19.79 43.58 -67.82
CED CLA YB . -19.61 44.96 -67.48
C1 CLA YB . -22.11 39.96 -73.24
C2 CLA YB . -22.14 38.52 -72.88
C3 CLA YB . -23.17 37.73 -73.20
C4 CLA YB . -24.35 38.22 -73.95
C5 CLA YB . -23.17 36.29 -72.81
MG CLA ZB . -23.32 48.78 -37.37
CHA CLA ZB . -21.97 51.83 -36.47
CHB CLA ZB . -21.96 47.37 -34.61
CHC CLA ZB . -24.89 45.85 -38.18
CHD CLA ZB . -24.73 50.31 -40.23
NA CLA ZB . -22.11 49.50 -35.84
C1A CLA ZB . -21.66 50.80 -35.62
C2A CLA ZB . -20.82 50.90 -34.37
C3A CLA ZB . -20.64 49.43 -33.94
C4A CLA ZB . -21.64 48.69 -34.84
CMA CLA ZB . -19.23 48.97 -34.15
CAA CLA ZB . -21.55 51.69 -33.30
CBA CLA ZB . -22.92 51.12 -33.04
CGA CLA ZB . -23.68 51.99 -32.09
O1A CLA ZB . -23.98 53.18 -32.21
O2A CLA ZB . -24.07 51.35 -30.94
NB CLA ZB . -23.32 46.92 -36.61
C1B CLA ZB . -22.86 46.61 -35.37
C2B CLA ZB . -23.45 45.33 -34.92
C3B CLA ZB . -24.27 44.89 -35.92
C4B CLA ZB . -24.20 45.91 -37.01
CMB CLA ZB . -23.14 44.72 -33.63
CAB CLA ZB . -25.10 43.72 -36.02
CBB CLA ZB . -24.63 42.49 -36.21
NC CLA ZB . -24.52 48.18 -38.96
C1C CLA ZB . -25.03 46.92 -39.10
C2C CLA ZB . -25.81 46.84 -40.33
C3C CLA ZB . -25.81 48.11 -40.89
C4C CLA ZB . -24.99 48.95 -40.02
CMC CLA ZB . -26.49 45.64 -40.82
CAC CLA ZB . -26.45 48.52 -42.14
CBC CLA ZB . -25.51 48.38 -43.31
ND CLA ZB . -23.36 50.61 -38.22
C1D CLA ZB . -23.97 51.11 -39.39
C2D CLA ZB . -23.65 52.54 -39.52
C3D CLA ZB . -22.90 52.88 -38.42
C4D CLA ZB . -22.74 51.64 -37.65
CMD CLA ZB . -24.11 53.39 -40.62
CAD CLA ZB . -22.17 53.93 -37.73
OBD CLA ZB . -22.00 55.10 -38.04
CBD CLA ZB . -21.58 53.29 -36.44
CGD CLA ZB . -20.10 53.44 -36.36
O1D CLA ZB . -19.24 52.58 -36.49
O2D CLA ZB . -19.70 54.73 -36.13
CED CLA ZB . -19.28 55.04 -34.81
C1 CLA ZB . -25.29 51.81 -30.32
C2 CLA ZB . -26.18 50.63 -30.19
C3 CLA ZB . -27.45 50.71 -29.75
C4 CLA ZB . -28.08 52.00 -29.35
C5 CLA ZB . -28.30 49.49 -29.63
MG CLA AC . -28.90 25.87 -27.52
CHA CLA AC . -25.98 26.76 -29.15
CHB CLA AC . -28.55 22.71 -28.61
CHC CLA AC . -31.72 25.05 -25.79
CHD CLA AC . -29.34 29.26 -26.62
NA CLA AC . -27.50 24.92 -28.74
C1A CLA AC . -26.37 25.47 -29.35
C2A CLA AC . -25.70 24.41 -30.25
C3A CLA AC . -26.64 23.18 -30.16
C4A CLA AC . -27.66 23.62 -29.11
CMA CLA AC . -27.30 22.86 -31.48
CAA CLA AC . -24.26 24.06 -29.98
CBA CLA AC . -24.15 22.98 -28.92
CGA CLA AC . -24.78 23.45 -27.66
O1A CLA AC . -25.72 22.96 -27.04
O2A CLA AC . -24.20 24.59 -27.18
NB CLA AC . -30.04 24.23 -27.38
C1B CLA AC . -29.52 23.00 -27.62
C2B CLA AC . -30.06 21.98 -26.68
C3B CLA AC . -30.95 22.65 -25.88
C4B CLA AC . -30.96 24.06 -26.34
CMB CLA AC . -29.65 20.59 -26.72
CAB CLA AC . -31.80 22.18 -24.82
CBB CLA AC . -31.46 21.27 -23.90
NC CLA AC . -30.29 26.96 -26.42
C1C CLA AC . -31.40 26.44 -25.84
C2C CLA AC . -32.20 27.49 -25.23
C3C CLA AC . -31.50 28.67 -25.44
C4C CLA AC . -30.32 28.34 -26.22
CMC CLA AC . -33.45 27.27 -24.51
CAC CLA AC . -31.89 30.03 -25.04
CBC CLA AC . -32.77 30.68 -26.09
ND CLA AC . -27.87 27.60 -27.64
C1D CLA AC . -28.18 28.93 -27.29
C2D CLA AC . -27.06 29.80 -27.65
C3D CLA AC . -26.11 28.98 -28.23
C4D CLA AC . -26.72 27.65 -28.30
CMD CLA AC . -26.97 31.22 -27.31
CAD CLA AC . -24.79 28.86 -28.80
OBD CLA AC . -23.82 29.58 -28.67
CBD CLA AC . -24.77 27.54 -29.60
CGD CLA AC . -24.85 27.93 -31.04
O1D CLA AC . -25.87 28.18 -31.67
O2D CLA AC . -23.63 28.03 -31.63
CED CLA AC . -22.66 27.01 -31.38
C1 CLA AC . -22.77 24.64 -27.21
C2 CLA AC . -22.42 26.06 -27.44
C3 CLA AC . -21.40 26.43 -28.21
C4 CLA AC . -21.06 27.86 -28.39
C5 CLA AC . -20.57 25.42 -28.93
MG CLA BC . -30.63 15.83 -29.22
CHA CLA BC . -31.50 14.13 -26.35
CHB CLA BC . -32.20 18.60 -28.04
CHC CLA BC . -29.61 17.54 -32.02
CHD CLA BC . -28.96 12.93 -30.38
NA CLA BC . -31.69 16.26 -27.48
C1A CLA BC . -31.93 15.41 -26.39
C2A CLA BC . -32.72 16.12 -25.31
C3A CLA BC . -33.04 17.49 -25.94
C4A CLA BC . -32.26 17.47 -27.25
CMA CLA BC . -34.52 17.66 -26.19
CAA CLA BC . -31.85 16.31 -24.09
CBA CLA BC . -31.41 17.74 -23.93
CGA CLA BC . -29.99 17.79 -23.48
O1A CLA BC . -29.32 16.91 -22.95
O2A CLA BC . -29.40 18.99 -23.74
NB CLA BC . -30.85 17.71 -29.90
C1B CLA BC . -31.53 18.69 -29.26
C2B CLA BC . -31.48 19.94 -30.06
C3B CLA BC . -30.75 19.66 -31.19
C4B CLA BC . -30.35 18.23 -31.11
CMB CLA BC . -32.12 21.19 -29.64
CAB CLA BC . -30.43 20.55 -32.28
CBB CLA BC . -29.33 20.56 -33.02
NC CLA BC . -29.52 15.31 -30.91
C1C CLA BC . -29.23 16.16 -31.93
C2C CLA BC . -28.43 15.48 -32.93
C3C CLA BC . -28.23 14.18 -32.47
C4C CLA BC . -28.92 14.08 -31.19
CMC CLA BC . -27.94 16.07 -34.18
CAC CLA BC . -27.48 13.11 -33.13
CBC CLA BC . -28.37 12.07 -33.74
ND CLA BC . -30.33 13.93 -28.61
C1D CLA BC . -29.63 12.84 -29.17
C2D CLA BC . -29.73 11.68 -28.26
C3D CLA BC . -30.46 12.12 -27.17
C4D CLA BC . -30.79 13.53 -27.43
CMD CLA BC . -29.15 10.37 -28.53
CAD CLA BC . -31.04 11.76 -25.88
OBD CLA BC . -31.06 10.69 -25.31
CBD CLA BC . -31.68 13.06 -25.31
CGD CLA BC . -33.15 12.90 -25.09
O1D CLA BC . -33.84 13.46 -24.22
O2D CLA BC . -33.76 12.08 -25.98
CED CLA BC . -34.47 12.70 -27.04
C1 CLA BC . -28.27 19.35 -22.90
C2 CLA BC . -27.96 20.78 -23.16
C3 CLA BC . -26.97 21.45 -22.55
C4 CLA BC . -26.09 20.79 -21.54
C5 CLA BC . -26.70 22.88 -22.84
MG CLA CC . -52.20 44.52 -40.34
CHA CLA CC . -55.13 45.97 -41.42
CHB CLA CC . -51.71 43.24 -43.46
CHC CLA CC . -49.26 43.13 -39.26
CHD CLA CC . -52.88 45.66 -37.08
NA CLA CC . -53.26 44.63 -42.14
C1A CLA CC . -54.46 45.28 -42.38
C2A CLA CC . -54.92 45.10 -43.83
C3A CLA CC . -53.89 44.09 -44.39
C4A CLA CC . -52.86 43.98 -43.27
CMA CLA CC . -54.53 42.76 -44.69
CAA CLA CC . -54.88 46.38 -44.65
CBA CLA CC . -54.17 47.55 -44.00
CGA CLA CC . -52.68 47.49 -44.18
O1A CLA CC . -51.88 46.61 -43.84
O2A CLA CC . -52.18 48.60 -44.81
NB CLA CC . -50.82 43.31 -41.17
C1B CLA CC . -50.71 43.05 -42.50
C2B CLA CC . -49.37 42.49 -42.81
C3B CLA CC . -48.68 42.45 -41.62
C4B CLA CC . -49.58 42.98 -40.57
CMB CLA CC . -48.95 42.10 -44.16
CAB CLA CC . -47.33 42.03 -41.35
CBB CLA CC . -46.88 40.79 -41.56
NC CLA CC . -51.23 44.45 -38.51
C1C CLA CC . -50.04 43.83 -38.29
C2C CLA CC . -49.65 43.97 -36.89
C3C CLA CC . -50.68 44.67 -36.26
C4C CLA CC . -51.68 44.96 -37.29
CMC CLA CC . -48.42 43.45 -36.31
CAC CLA CC . -50.75 45.05 -34.85
CBC CLA CC . -50.02 46.34 -34.59
ND CLA CC . -53.53 45.74 -39.43
C1D CLA CC . -53.76 46.04 -38.07
C2D CLA CC . -55.02 46.81 -37.94
C3D CLA CC . -55.54 46.88 -39.21
C4D CLA CC . -54.63 46.12 -40.08
CMD CLA CC . -55.53 47.39 -36.70
CAD CLA CC . -56.61 47.37 -40.07
OBD CLA CC . -57.45 48.23 -39.84
CBD CLA CC . -56.47 46.63 -41.43
CGD CLA CC . -57.49 45.52 -41.56
O1D CLA CC . -58.45 45.46 -42.32
O2D CLA CC . -57.26 44.48 -40.71
CED CLA CC . -56.92 43.20 -41.24
C1 CLA CC . -51.97 49.76 -43.97
C2 CLA CC . -52.93 50.79 -44.42
C3 CLA CC . -52.75 51.51 -45.55
C4 CLA CC . -53.72 52.54 -45.99
C5 CLA CC . -51.56 51.30 -46.41
MG CLA DC . -59.33 52.19 -39.38
CHA CLA DC . -61.78 53.20 -41.64
CHB CLA DC . -57.40 51.11 -41.95
CHC CLA DC . -56.89 51.37 -37.11
CHD CLA DC . -61.34 53.43 -36.76
NA CLA DC . -59.58 52.15 -41.44
C1A CLA DC . -60.67 52.62 -42.18
C2A CLA DC . -60.42 52.41 -43.67
C3A CLA DC . -59.11 51.61 -43.72
C4A CLA DC . -58.64 51.62 -42.27
CMA CLA DC . -59.32 50.20 -44.21
CAA CLA DC . -60.20 53.79 -44.26
CBA CLA DC . -60.27 53.74 -45.76
CGA CLA DC . -58.92 53.43 -46.32
O1A CLA DC . -58.64 52.97 -47.43
O2A CLA DC . -57.91 53.72 -45.46
NB CLA DC . -57.50 51.40 -39.50
C1B CLA DC . -56.86 51.05 -40.65
C2B CLA DC . -55.49 50.54 -40.34
C3B CLA DC . -55.35 50.61 -38.97
C4B CLA DC . -56.62 51.14 -38.42
CMB CLA DC . -54.58 50.08 -41.37
CAB CLA DC . -54.22 50.25 -38.14
CBB CLA DC . -52.95 50.60 -38.37
NC CLA DC . -59.19 52.32 -37.31
C1C CLA DC . -58.10 51.90 -36.58
C2C CLA DC . -58.33 52.14 -35.17
C3C CLA DC . -59.58 52.76 -35.07
C4C CLA DC . -60.10 52.87 -36.42
CMC CLA DC . -57.39 51.81 -34.10
CAC CLA DC . -60.26 53.21 -33.85
CBC CLA DC . -60.23 54.72 -33.72
ND CLA DC . -61.18 53.01 -39.16
C1D CLA DC . -61.86 53.51 -38.03
C2D CLA DC . -63.15 54.09 -38.47
C3D CLA DC . -63.18 53.98 -39.84
C4D CLA DC . -61.91 53.33 -40.23
CMD CLA DC . -64.16 54.67 -37.57
CAD CLA DC . -63.95 54.21 -41.05
OBD CLA DC . -65.09 54.63 -41.19
CBD CLA DC . -63.03 53.79 -42.24
CGD CLA DC . -63.77 52.89 -43.19
O1D CLA DC . -64.73 53.20 -43.91
O2D CLA DC . -63.34 51.61 -43.24
CED CLA DC . -63.69 50.85 -44.40
MG CLA EC . -45.21 33.35 -45.04
CHA CLA EC . -47.67 34.73 -43.02
CHB CLA EC . -42.92 35.46 -43.69
CHC CLA EC . -42.80 31.90 -47.02
CHD CLA EC . -47.64 31.20 -46.44
NA CLA EC . -45.31 34.84 -43.58
C1A CLA EC . -46.43 35.25 -42.84
C2A CLA EC . -46.05 36.36 -41.86
C3A CLA EC . -44.56 36.61 -42.16
C4A CLA EC . -44.22 35.56 -43.21
CMA CLA EC . -44.36 37.99 -42.72
CAA CLA EC . -46.26 35.91 -40.43
CBA CLA EC . -45.03 36.05 -39.57
CGA CLA EC . -45.40 36.37 -38.16
O1A CLA EC . -45.93 35.65 -37.32
O2A CLA EC . -45.09 37.66 -37.80
NB CLA EC . -43.22 33.56 -45.24
C1B CLA EC . -42.48 34.56 -44.69
C2B CLA EC . -41.13 34.59 -45.29
C3B CLA EC . -41.09 33.58 -46.23
C4B CLA EC . -42.42 32.93 -46.22
CMB CLA EC . -40.13 35.57 -44.90
CAB CLA EC . -40.08 33.13 -47.14
CBB CLA EC . -38.92 33.75 -47.42
NC CLA EC . -45.23 31.83 -46.47
C1C CLA EC . -44.12 31.40 -47.14
C2C CLA EC . -44.49 30.32 -48.05
C3C CLA EC . -45.86 30.12 -47.90
C4C CLA EC . -46.32 31.08 -46.90
CMC CLA EC . -43.55 29.62 -48.93
CAC CLA EC . -46.68 29.14 -48.61
CBC CLA EC . -47.56 29.76 -49.68
ND CLA EC . -47.21 33.05 -44.89
C1D CLA EC . -48.07 32.11 -45.51
C2D CLA EC . -49.44 32.30 -44.98
C3D CLA EC . -49.34 33.31 -44.04
C4D CLA EC . -47.93 33.72 -44.01
CMD CLA EC . -50.61 31.56 -45.41
CAD CLA EC . -50.06 34.15 -43.09
OBD CLA EC . -51.26 34.20 -42.86
CBD CLA EC . -49.00 35.02 -42.36
CGD CLA EC . -49.34 36.48 -42.45
O1D CLA EC . -50.07 37.12 -41.71
O2D CLA EC . -48.73 37.13 -43.47
CED CLA EC . -49.20 38.45 -43.78
C1 CLA EC . -45.37 38.04 -36.44
C2 CLA EC . -44.91 39.45 -36.29
C3 CLA EC . -45.06 40.14 -35.15
C4 CLA EC . -45.69 39.55 -33.93
C5 CLA EC . -44.58 41.55 -35.03
MG CLA FC . -38.13 33.48 -34.49
CHA CLA FC . -41.38 33.52 -35.64
CHB CLA FC . -37.05 34.77 -37.45
CHC CLA FC . -34.95 33.56 -33.22
CHD CLA FC . -39.28 32.01 -31.47
NA CLA FC . -39.09 34.05 -36.25
C1A CLA FC . -40.46 33.99 -36.52
C2A CLA FC . -40.75 34.50 -37.93
C3A CLA FC . -39.35 34.84 -38.49
C4A CLA FC . -38.41 34.54 -37.32
CMA CLA FC . -39.01 33.98 -39.68
CAA CLA FC . -41.60 35.76 -37.85
CBA CLA FC . -40.93 36.82 -37.00
CGA CLA FC . -41.43 36.79 -35.59
O1A CLA FC . -42.54 37.10 -35.17
O2A CLA FC . -40.49 36.35 -34.70
NB CLA FC . -36.35 34.07 -35.20
C1B CLA FC . -36.10 34.55 -36.44
C2B CLA FC . -34.64 34.79 -36.59
C3B CLA FC . -34.06 34.46 -35.39
C4B CLA FC . -35.13 34.00 -34.49
CMB CLA FC . -34.02 35.28 -37.82
CAB CLA FC . -32.69 34.52 -34.98
CBB CLA FC . -32.01 35.66 -34.79
NC CLA FC . -37.28 32.89 -32.68
C1C CLA FC . -35.96 33.03 -32.37
C2C CLA FC . -35.71 32.56 -31.03
C3C CLA FC . -36.92 32.08 -30.54
C4C CLA FC . -37.91 32.31 -31.58
CMC CLA FC . -34.40 32.56 -30.36
CAC CLA FC . -37.17 31.49 -29.21
CBC CLA FC . -37.87 32.44 -28.27
ND CLA FC . -39.88 32.89 -33.68
C1D CLA FC . -40.21 32.29 -32.44
C2D CLA FC . -41.67 32.07 -32.38
C3D CLA FC . -42.17 32.56 -33.58
C4D CLA FC . -41.01 33.04 -34.35
CMD CLA FC . -42.40 31.49 -31.26
CAD CLA FC . -43.35 32.79 -34.38
OBD CLA FC . -44.53 32.62 -34.09
CBD CLA FC . -42.86 33.36 -35.74
CGD CLA FC . -43.21 32.44 -36.86
O1D CLA FC . -43.48 32.74 -38.03
O2D CLA FC . -43.23 31.13 -36.51
CED CLA FC . -43.21 30.15 -37.55
C1 CLA FC . -40.90 36.35 -33.31
C2 CLA FC . -39.79 35.74 -32.53
C3 CLA FC . -38.83 36.46 -31.94
C4 CLA FC . -38.79 37.94 -32.03
C5 CLA FC . -37.75 35.80 -31.15
MG CLA GC . -31.49 39.71 -39.34
CHA CLA GC . -34.74 38.94 -40.29
CHB CLA GC . -30.80 40.70 -42.50
CHC CLA GC . -28.29 40.45 -38.34
CHD CLA GC . -32.28 38.75 -36.04
NA CLA GC . -32.61 39.79 -41.10
C1A CLA GC . -33.95 39.41 -41.30
C2A CLA GC . -34.37 39.65 -42.74
C3A CLA GC . -33.08 40.17 -43.42
C4A CLA GC . -32.08 40.24 -42.28
CMA CLA GC . -32.63 39.27 -44.53
CAA CLA GC . -35.46 40.69 -42.84
CBA CLA GC . -35.05 41.99 -42.18
CGA CLA GC . -35.48 42.00 -40.75
O1A CLA GC . -36.63 41.97 -40.30
O2A CLA GC . -34.44 42.01 -39.88
NB CLA GC . -29.83 40.34 -40.27
C1B CLA GC . -29.79 40.82 -41.54
C2B CLA GC . -28.50 41.53 -41.76
C3B CLA GC . -27.79 41.46 -40.59
C4B CLA GC . -28.63 40.71 -39.63
CMB CLA GC . -28.15 42.18 -43.02
CAB CLA GC . -26.50 42.01 -40.28
CBB CLA GC . -25.50 41.36 -39.68
NC CLA GC . -30.48 39.59 -37.53
C1C CLA GC . -29.17 39.92 -37.35
C2C CLA GC . -28.79 39.71 -35.97
C3C CLA GC . -29.92 39.24 -35.31
C4C CLA GC . -30.98 39.17 -36.30
CMC CLA GC . -27.46 39.96 -35.42
CAC CLA GC . -30.04 38.87 -33.89
CBC CLA GC . -30.75 39.95 -33.10
ND CLA GC . -33.12 39.07 -38.33
C1D CLA GC . -33.29 38.70 -36.97
C2D CLA GC . -34.69 38.26 -36.77
C3D CLA GC . -35.29 38.33 -38.02
C4D CLA GC . -34.26 38.82 -38.95
CMD CLA GC . -35.26 37.84 -35.49
CAD CLA GC . -36.50 38.11 -38.77
OBD CLA GC . -37.59 37.70 -38.38
CBD CLA GC . -36.19 38.50 -40.24
CGD CLA GC . -36.46 37.30 -41.12
O1D CLA GC . -36.81 36.19 -40.76
O2D CLA GC . -36.30 37.54 -42.45
CED CLA GC . -36.81 36.56 -43.35
C1 CLA GC . -34.61 42.73 -38.63
C2 CLA GC . -35.01 41.72 -37.61
MG CLA HC . -11.70 15.93 -87.30
CHA CLA HC . -10.79 13.32 -85.22
CHB CLA HC . -10.46 14.23 -89.97
CHC CLA HC . -12.87 18.42 -89.36
CHD CLA HC . -13.01 17.65 -84.50
NA CLA HC . -10.73 14.10 -87.52
C1A CLA HC . -10.47 13.14 -86.53
C2A CLA HC . -9.76 11.93 -87.13
C3A CLA HC . -9.52 12.34 -88.60
C4A CLA HC . -10.29 13.65 -88.73
CMA CLA HC . -8.07 12.52 -88.90
CAA CLA HC . -10.64 10.70 -87.01
CBA CLA HC . -11.64 10.55 -88.13
CGA CLA HC . -12.65 11.65 -88.14
O1A CLA HC . -13.05 12.30 -89.10
O2A CLA HC . -13.16 11.96 -86.91
NB CLA HC . -11.71 16.24 -89.29
C1B CLA HC . -11.13 15.43 -90.21
C2B CLA HC . -11.29 16.02 -91.56
C3B CLA HC . -11.97 17.21 -91.41
C4B CLA HC . -12.24 17.38 -89.94
CMB CLA HC . -10.76 15.37 -92.76
CAB CLA HC . -12.38 18.21 -92.36
CBB CLA HC . -12.52 18.05 -93.69
NC CLA HC . -12.69 17.74 -86.97
C1C CLA HC . -13.06 18.61 -87.95
C2C CLA HC . -13.75 19.75 -87.38
C3C CLA HC . -13.81 19.53 -86.00
C4C CLA HC . -13.15 18.25 -85.76
CMC CLA HC . -14.28 20.90 -88.13
CAC CLA HC . -14.41 20.41 -84.99
CBC CLA HC . -15.76 19.91 -84.53
ND CLA HC . -11.74 15.70 -85.29
C1D CLA HC . -12.37 16.45 -84.27
C2D CLA HC . -12.21 15.74 -82.99
C3D CLA HC . -11.61 14.53 -83.30
C4D CLA HC . -11.37 14.55 -84.75
CMD CLA HC . -12.66 16.24 -81.70
CAD CLA HC . -11.07 13.29 -82.78
OBD CLA HC . -10.91 12.91 -81.63
CBD CLA HC . -10.66 12.43 -84.01
CGD CLA HC . -9.31 11.78 -83.87
O1D CLA HC . -9.04 10.77 -83.22
O2D CLA HC . -8.31 12.38 -84.54
CED CLA HC . -7.22 11.54 -84.91
C1 CLA HC . -13.82 13.24 -86.85
C2 CLA HC . -14.67 13.27 -85.63
C3 CLA HC . -15.62 14.21 -85.47
C4 CLA HC . -15.87 15.27 -86.47
C5 CLA HC . -16.47 14.23 -84.25
MG CLA IC . -12.25 23.67 -85.83
CHA CLA IC . -12.52 24.35 -89.22
CHB CLA IC . -14.07 26.45 -85.13
CHC CLA IC . -11.83 23.03 -82.49
CHD CLA IC . -10.42 20.75 -86.61
NA CLA IC . -13.17 25.13 -87.00
C1A CLA IC . -13.17 25.24 -88.40
C2A CLA IC . -13.99 26.45 -88.86
C3A CLA IC . -14.52 27.05 -87.54
C4A CLA IC . -13.89 26.16 -86.46
CMA CLA IC . -14.13 28.49 -87.38
CAA CLA IC . -15.15 25.99 -89.70
CBA CLA IC . -15.75 27.13 -90.50
CGA CLA IC . -17.24 27.15 -90.33
O1A CLA IC . -17.89 26.92 -89.32
O2A CLA IC . -17.91 27.47 -91.48
NB CLA IC . -12.86 24.55 -84.13
C1B CLA IC . -13.54 25.73 -84.05
C2B CLA IC . -13.65 26.16 -82.63
C3B CLA IC . -13.01 25.19 -81.88
C4B CLA IC . -12.51 24.16 -82.82
CMB CLA IC . -14.33 27.38 -82.21
CAB CLA IC . -12.83 25.10 -80.45
CBB CLA IC . -12.43 26.10 -79.66
NC CLA IC . -11.31 22.16 -84.76
C1C CLA IC . -11.27 22.09 -83.40
C2C CLA IC . -10.54 20.90 -82.99
C3C CLA IC . -10.14 20.25 -84.15
C4C CLA IC . -10.64 21.04 -85.26
CMC CLA IC . -10.28 20.52 -81.60
CAC CLA IC . -9.37 19.00 -84.26
CBC CLA IC . -7.89 19.26 -84.43
ND CLA IC . -11.60 22.71 -87.48
C1D CLA IC . -10.86 21.52 -87.66
C2D CLA IC . -10.64 21.31 -89.10
C3D CLA IC . -11.22 22.38 -89.75
C4D CLA IC . -11.82 23.22 -88.68
CMD CLA IC . -9.92 20.18 -89.68
CAD CLA IC . -11.51 23.01 -91.01
OBD CLA IC . -11.21 22.65 -92.15
CBD CLA IC . -12.34 24.30 -90.71
CGD CLA IC . -11.60 25.53 -91.13
O1D CLA IC . -10.41 25.79 -90.93
O2D CLA IC . -12.35 26.45 -91.81
CED CLA IC . -12.86 26.06 -93.10
C1 CLA IC . -18.42 26.37 -92.26
C2 CLA IC . -19.10 26.96 -93.44
C3 CLA IC . -20.23 26.46 -93.97
C4 CLA IC . -20.91 25.27 -93.40
C5 CLA IC . -20.87 27.08 -95.15
MG CLA JC . -23.77 23.56 -74.66
CHA CLA JC . -23.37 26.96 -74.13
CHB CLA JC . -27.08 23.85 -73.92
CHC CLA JC . -24.17 20.23 -75.41
CHD CLA JC . -20.34 23.33 -75.46
NA CLA JC . -24.98 25.15 -74.06
C1A CLA JC . -24.64 26.50 -73.93
C2A CLA JC . -25.84 27.32 -73.50
C3A CLA JC . -26.95 26.27 -73.27
C4A CLA JC . -26.31 24.99 -73.79
CMA CLA JC . -27.33 26.16 -71.83
CAA CLA JC . -26.22 28.30 -74.61
CBA CLA JC . -27.39 27.80 -75.43
CGA CLA JC . -26.94 27.17 -76.70
O1A CLA JC . -27.19 27.51 -77.86
O2A CLA JC . -26.13 26.08 -76.51
NB CLA JC . -25.32 22.29 -74.66
C1B CLA JC . -26.60 22.61 -74.38
C2B CLA JC . -27.48 21.43 -74.63
C3B CLA JC . -26.66 20.41 -75.04
C4B CLA JC . -25.28 20.94 -75.06
CMB CLA JC . -28.92 21.45 -74.41
CAB CLA JC . -26.98 19.06 -75.41
CBB CLA JC . -27.33 18.68 -76.64
NC CLA JC . -22.47 22.05 -75.26
C1C CLA JC . -22.84 20.76 -75.49
C2C CLA JC . -21.69 19.97 -75.90
C3C CLA JC . -20.60 20.84 -75.94
C4C CLA JC . -21.11 22.16 -75.55
CMC CLA JC . -21.72 18.54 -76.22
CAC CLA JC . -19.23 20.51 -76.31
CBC CLA JC . -18.46 19.88 -75.17
ND CLA JC . -22.16 24.77 -74.68
C1D CLA JC . -20.82 24.57 -75.08
C2D CLA JC . -20.08 25.84 -74.99
C3D CLA JC . -21.01 26.79 -74.63
C4D CLA JC . -22.29 26.08 -74.47
CMD CLA JC . -18.66 26.01 -75.27
CAD CLA JC . -21.24 28.18 -74.31
OBD CLA JC . -20.45 29.10 -74.20
CBD CLA JC . -22.78 28.35 -74.08
CGD CLA JC . -23.07 29.05 -72.79
O1D CLA JC . -23.64 28.59 -71.80
O2D CLA JC . -22.64 30.33 -72.77
CED CLA JC . -22.48 30.94 -71.48
C1 CLA JC . -25.80 25.29 -77.67
C2 CLA JC . -24.50 25.80 -78.18
C3 CLA JC . -23.96 25.38 -79.33
C4 CLA JC . -24.61 24.38 -80.20
C5 CLA JC . -22.65 25.94 -79.79
MG CLA KC . -31.97 59.66 -33.62
CHA CLA KC . -30.78 60.19 -30.41
CHB CLA KC . -32.90 56.51 -32.76
CHC CLA KC . -33.37 59.27 -36.74
CHD CLA KC . -31.13 62.99 -34.44
NA CLA KC . -31.80 58.54 -31.88
C1A CLA KC . -31.30 58.95 -30.63
C2A CLA KC . -31.40 57.81 -29.61
C3A CLA KC . -31.98 56.64 -30.42
C4A CLA KC . -32.26 57.25 -31.79
CMA CLA KC . -31.03 55.48 -30.47
CAA CLA KC . -32.33 58.20 -28.49
CBA CLA KC . -33.77 57.83 -28.80
CGA CLA KC . -34.34 57.05 -27.66
O1A CLA KC . -33.78 56.67 -26.63
O2A CLA KC . -35.66 56.75 -27.83
NB CLA KC . -32.96 58.19 -34.56
C1B CLA KC . -33.20 56.96 -34.05
C2B CLA KC . -33.87 56.11 -35.08
C3B CLA KC . -34.01 56.88 -36.20
C4B CLA KC . -33.43 58.22 -35.89
CMB CLA KC . -34.27 54.73 -34.84
CAB CLA KC . -34.59 56.57 -37.48
CBB CLA KC . -35.69 57.12 -37.98
NC CLA KC . -32.16 60.89 -35.30
C1C CLA KC . -32.76 60.51 -36.47
C2C CLA KC . -32.73 61.62 -37.41
C3C CLA KC . -32.11 62.68 -36.75
C4C CLA KC . -31.77 62.22 -35.42
CMC CLA KC . -33.26 61.57 -38.76
CAC CLA KC . -31.88 64.03 -37.28
CBC CLA KC . -32.95 64.95 -36.75
ND CLA KC . -31.02 61.22 -32.75
C1D CLA KC . -30.78 62.55 -33.19
C2D CLA KC . -30.13 63.28 -32.09
C3D CLA KC . -30.06 62.43 -31.02
C4D CLA KC . -30.68 61.16 -31.47
CMD CLA KC . -29.65 64.66 -32.19
CAD CLA KC . -29.62 62.24 -29.66
OBD CLA KC . -28.94 62.99 -28.96
CBD CLA KC . -30.18 60.86 -29.19
CGD CLA KC . -29.16 60.02 -28.48
O1D CLA KC . -28.93 58.82 -28.62
O2D CLA KC . -28.42 60.68 -27.55
CED CLA KC . -27.30 60.00 -26.99
C1 CLA KC . -36.61 57.68 -27.27
C2 CLA KC . -37.97 57.12 -27.46
C3 CLA KC . -39.08 57.77 -27.11
C4 CLA KC . -39.02 59.12 -26.47
C5 CLA KC . -40.43 57.19 -27.31
C1 PQN LC . -14.07 21.27 -70.14
O1 PQN LC . -14.95 20.63 -69.53
C2 PQN LC . -13.87 21.05 -71.60
C2M PQN LC . -14.73 20.05 -72.34
C3 PQN LC . -12.82 21.82 -72.34
C4 PQN LC . -11.98 22.81 -71.61
O4 PQN LC . -11.09 23.44 -72.23
C5 PQN LC . -12.18 23.02 -70.15
C6 PQN LC . -11.41 23.94 -69.45
C7 PQN LC . -11.61 24.13 -68.10
C8 PQN LC . -12.59 23.41 -67.41
C9 PQN LC . -13.39 22.48 -68.06
C10 PQN LC . -13.23 22.26 -69.42
C11 PQN LC . -12.63 21.58 -73.82
C12 PQN LC . -12.46 22.92 -74.50
C13 PQN LC . -13.23 23.23 -75.56
C14 PQN LC . -13.06 24.56 -76.24
C15 PQN LC . -14.25 22.25 -76.07
C16 PQN LC . -15.27 22.98 -76.94
C17 PQN LC . -15.60 22.18 -78.20
C18 PQN LC . -16.51 22.98 -79.13
C19 PQN LC . -16.16 24.47 -79.09
C20 PQN LC . -17.97 22.75 -78.73
C21 PQN LC . -18.90 23.02 -79.90
C22 PQN LC . -20.34 22.69 -79.53
C23 PQN LC . -21.16 22.43 -80.80
C24 PQN LC . -22.41 21.61 -80.46
C25 PQN LC . -20.30 21.70 -81.82
C26 PQN LC . -20.89 21.84 -83.22
C27 PQN LC . -19.78 21.87 -84.28
C28 PQN LC . -20.31 21.42 -85.63
C29 PQN LC . -21.83 21.41 -85.64
C30 PQN LC . -19.77 22.30 -86.75
C1 BCR MC . -55.21 66.06 -62.33
C2 BCR MC . -55.29 65.50 -63.73
C3 BCR MC . -54.83 64.07 -63.71
C4 BCR MC . -55.77 63.24 -62.88
C5 BCR MC . -56.17 63.92 -61.62
C6 BCR MC . -55.93 65.20 -61.35
C7 BCR MC . -56.34 65.81 -60.09
C8 BCR MC . -57.59 66.21 -59.86
C9 BCR MC . -58.24 66.08 -58.57
C10 BCR MC . -58.05 67.02 -57.63
C11 BCR MC . -56.97 67.98 -57.59
C33 BCR MC . -56.87 63.04 -60.68
C31 BCR MC . -55.74 67.48 -62.37
C32 BCR MC . -53.74 66.11 -61.96
C34 BCR MC . -59.10 64.92 -58.34
C12 BCR MC . -55.70 67.54 -57.51
C13 BCR MC . -54.53 68.34 -57.77
C14 BCR MC . -53.45 67.77 -58.31
C15 BCR MC . -52.38 68.48 -58.98
C16 BCR MC . -51.37 69.02 -58.29
C17 BCR MC . -50.42 69.83 -59.02
C18 BCR MC . -49.27 70.33 -58.56
C19 BCR MC . -49.10 70.49 -57.12
C20 BCR MC . -48.03 71.05 -56.57
C21 BCR MC . -47.94 71.22 -55.14
C22 BCR MC . -47.01 71.96 -54.53
C23 BCR MC . -46.88 71.93 -53.08
C24 BCR MC . -46.81 73.07 -52.37
C25 BCR MC . -46.17 73.38 -51.10
C26 BCR MC . -46.16 72.60 -50.01
C27 BCR MC . -45.54 72.93 -48.71
C28 BCR MC . -45.35 74.42 -48.54
C29 BCR MC . -44.76 75.01 -49.79
C30 BCR MC . -45.54 74.74 -51.06
C35 BCR MC . -54.49 69.71 -57.23
C36 BCR MC . -48.10 70.53 -59.44
C37 BCR MC . -46.41 73.09 -55.27
C38 BCR MC . -46.76 71.26 -49.91
C39 BCR MC . -44.69 74.98 -52.29
C40 BCR MC . -46.59 75.82 -51.10
C1 BCR NC . -51.12 49.18 -77.87
C2 BCR NC . -50.94 47.78 -78.41
C3 BCR NC . -50.94 46.79 -77.29
C4 BCR NC . -52.26 46.81 -76.56
C5 BCR NC . -52.75 48.19 -76.33
C6 BCR NC . -52.26 49.28 -76.91
C7 BCR NC . -52.78 50.61 -76.62
C8 BCR NC . -53.90 51.08 -77.18
C9 BCR NC . -54.50 52.35 -76.84
C10 BCR NC . -54.12 52.95 -75.70
C11 BCR NC . -54.12 54.37 -75.50
C33 BCR NC . -53.86 48.25 -75.36
C31 BCR NC . -51.27 50.11 -79.04
C32 BCR NC . -49.85 49.53 -77.14
C34 BCR NC . -55.21 53.10 -77.89
C12 BCR NC . -55.05 54.92 -74.71
C13 BCR NC . -55.48 56.29 -74.77
C14 BCR NC . -56.07 56.83 -73.70
C15 BCR NC . -56.25 58.24 -73.50
C16 BCR NC . -56.71 58.70 -72.34
C17 BCR NC . -56.75 60.12 -72.09
C18 BCR NC . -57.17 60.69 -70.96
C19 BCR NC . -57.03 62.14 -70.80
C20 BCR NC . -57.33 62.77 -69.68
C21 BCR NC . -57.67 64.17 -69.73
C22 BCR NC . -57.21 65.13 -68.91
C23 BCR NC . -57.81 66.45 -68.98
C24 BCR NC . -57.21 67.54 -68.52
C25 BCR NC . -57.58 68.91 -68.88
C26 BCR NC . -57.16 69.46 -70.02
C27 BCR NC . -57.47 70.83 -70.47
C28 BCR NC . -57.69 71.77 -69.31
C29 BCR NC . -58.54 71.16 -68.22
C30 BCR NC . -58.44 69.67 -67.94
C35 BCR NC . -55.14 57.12 -75.95
C36 BCR NC . -57.66 59.91 -69.82
C37 BCR NC . -55.91 64.97 -68.23
C38 BCR NC . -56.29 68.75 -70.99
C39 BCR NC . -59.82 69.04 -67.90
C40 BCR NC . -57.89 69.58 -66.53
C1 BCR OC . -55.13 65.42 -73.26
C2 BCR OC . -56.45 66.13 -73.49
C3 BCR OC . -56.98 65.81 -74.86
C4 BCR OC . -57.28 64.34 -74.95
C5 BCR OC . -56.11 63.54 -74.51
C6 BCR OC . -55.13 64.00 -73.74
C7 BCR OC . -53.99 63.17 -73.34
C8 BCR OC . -54.05 62.29 -72.35
C9 BCR OC . -52.89 61.53 -71.89
C10 BCR OC . -53.05 60.26 -71.50
C11 BCR OC . -51.97 59.39 -71.16
C33 BCR OC . -56.14 62.15 -75.00
C31 BCR OC . -54.82 65.51 -71.79
C32 BCR OC . -54.07 66.18 -74.03
C34 BCR OC . -51.56 62.13 -72.08
C12 BCR OC . -52.22 58.09 -71.01
C13 BCR OC . -51.21 57.07 -70.81
C14 BCR OC . -51.55 55.78 -70.93
C15 BCR OC . -50.62 54.69 -70.79
C16 BCR OC . -51.06 53.44 -70.56
C17 BCR OC . -50.08 52.43 -70.30
C18 BCR OC . -50.32 51.24 -69.71
C19 BCR OC . -49.24 50.29 -69.60
C20 BCR OC . -49.35 49.14 -68.92
C21 BCR OC . -48.35 48.12 -69.06
C22 BCR OC . -48.54 46.81 -68.89
C23 BCR OC . -47.42 45.90 -68.98
C24 BCR OC . -47.54 44.58 -68.88
C25 BCR OC . -46.44 43.64 -68.74
C26 BCR OC . -45.90 43.38 -67.55
C27 BCR OC . -44.79 42.44 -67.28
C28 BCR OC . -44.56 41.50 -68.44
C29 BCR OC . -44.62 42.25 -69.74
C30 BCR OC . -45.96 42.94 -69.97
C35 BCR OC . -49.82 57.45 -70.51
C36 BCR OC . -51.65 50.90 -69.17
C37 BCR OC . -49.91 46.25 -68.86
C38 BCR OC . -46.34 44.04 -66.32
C39 BCR OC . -47.01 41.94 -70.42
C40 BCR OC . -45.72 43.90 -71.12
C1 BCR PC . -26.95 53.39 -53.10
C2 BCR PC . -25.75 53.88 -53.89
C3 BCR PC . -24.54 53.10 -53.47
C4 BCR PC . -24.72 51.64 -53.79
C5 BCR PC . -26.08 51.14 -53.48
C6 BCR PC . -27.11 51.92 -53.16
C7 BCR PC . -28.43 51.39 -52.88
C8 BCR PC . -28.89 51.25 -51.64
C9 BCR PC . -30.29 51.12 -51.30
C10 BCR PC . -30.75 51.79 -50.25
C11 BCR PC . -31.88 51.36 -49.46
C33 BCR PC . -26.22 49.68 -53.56
C31 BCR PC . -28.19 54.06 -53.65
C32 BCR PC . -26.74 53.83 -51.67
C34 BCR PC . -31.02 49.96 -51.84
C12 BCR PC . -32.26 52.11 -48.42
C13 BCR PC . -33.33 51.76 -47.53
C14 BCR PC . -33.41 50.50 -47.08
C15 BCR PC . -34.39 50.03 -46.15
C16 BCR PC . -34.63 48.72 -46.01
C17 BCR PC . -34.56 48.12 -44.70
C18 BCR PC . -35.33 48.42 -43.65
C19 BCR PC . -35.10 49.68 -42.97
C20 BCR PC . -35.94 50.19 -42.07
C21 BCR PC . -35.82 51.60 -41.74
C22 BCR PC . -35.83 52.11 -40.51
C23 BCR PC . -37.02 51.92 -39.69
C24 BCR PC . -37.58 52.93 -39.03
C25 BCR PC . -38.76 52.82 -38.17
C26 BCR PC . -38.63 52.59 -36.86
C27 BCR PC . -39.74 52.48 -35.89
C28 BCR PC . -40.95 53.20 -36.39
C29 BCR PC . -41.25 52.79 -37.82
C30 BCR PC . -40.11 53.02 -38.80
C35 BCR PC . -34.54 52.61 -47.48
C36 BCR PC . -36.24 47.43 -43.05
C37 BCR PC . -34.80 53.10 -40.09
C38 BCR PC . -37.32 52.41 -36.21
C39 BCR PC . -40.18 54.39 -39.43
C40 BCR PC . -40.36 52.02 -39.92
C1 BCR QC . -27.52 43.02 -50.75
C2 BCR QC . -26.04 42.94 -51.00
C3 BCR QC . -25.40 44.29 -50.86
C4 BCR QC . -26.00 45.28 -51.84
C5 BCR QC . -27.47 45.13 -51.98
C6 BCR QC . -28.18 44.12 -51.49
C7 BCR QC . -29.62 44.04 -51.65
C8 BCR QC . -30.46 44.69 -50.85
C9 BCR QC . -31.90 44.54 -50.93
C10 BCR QC . -32.68 45.41 -50.29
C11 BCR QC . -34.09 45.19 -50.08
C33 BCR QC . -28.11 46.24 -52.71
C31 BCR QC . -27.72 43.15 -49.26
C32 BCR QC . -28.12 41.71 -51.21
C34 BCR QC . -32.43 43.25 -51.40
C12 BCR QC . -34.78 46.03 -49.29
C13 BCR QC . -36.20 45.89 -49.01
C14 BCR QC . -36.73 46.67 -48.07
C15 BCR QC . -38.11 46.62 -47.66
C16 BCR QC . -38.55 47.52 -46.78
C17 BCR QC . -39.93 47.46 -46.33
C18 BCR QC . -40.47 48.28 -45.43
C19 BCR QC . -41.78 47.99 -44.91
C20 BCR QC . -42.29 48.58 -43.83
C21 BCR QC . -43.65 48.32 -43.44
C22 BCR QC . -44.24 48.76 -42.32
C23 BCR QC . -45.58 48.29 -42.00
C24 BCR QC . -46.12 48.48 -40.80
C25 BCR QC . -47.51 48.23 -40.46
C26 BCR QC . -48.46 49.13 -40.71
C27 BCR QC . -49.90 48.99 -40.41
C28 BCR QC . -50.27 47.57 -40.07
C29 BCR QC . -49.21 46.97 -39.17
C30 BCR QC . -47.84 46.93 -39.81
C35 BCR QC . -36.99 44.87 -49.72
C36 BCR QC . -39.69 49.38 -44.81
C37 BCR QC . -43.57 49.74 -41.43
C38 BCR QC . -48.17 50.43 -41.35
C39 BCR QC . -47.72 45.82 -40.83
C40 BCR QC . -46.87 46.60 -38.69
C1 BCR RC . -38.42 28.27 -70.97
C2 BCR RC . -39.07 28.78 -69.71
C3 BCR RC . -38.97 27.74 -68.63
C4 BCR RC . -37.52 27.54 -68.28
C5 BCR RC . -36.68 27.36 -69.49
C6 BCR RC . -37.07 27.67 -70.73
C7 BCR RC . -36.22 27.47 -71.90
C8 BCR RC . -36.13 26.29 -72.50
C9 BCR RC . -35.54 26.09 -73.82
C10 BCR RC . -35.18 24.85 -74.18
C11 BCR RC . -34.72 23.83 -73.27
C33 BCR RC . -35.36 26.76 -69.21
C31 BCR RC . -38.32 29.44 -71.93
C32 BCR RC . -39.32 27.22 -71.55
C34 BCR RC . -35.58 27.20 -74.78
C12 BCR RC . -34.55 22.58 -73.74
C13 BCR RC . -33.46 21.72 -73.35
C14 BCR RC . -33.59 20.41 -73.58
C15 BCR RC . -32.47 19.51 -73.78
C16 BCR RC . -32.66 18.34 -74.42
C17 BCR RC . -31.51 17.55 -74.78
C18 BCR RC . -31.51 16.50 -75.61
C19 BCR RC . -30.24 16.05 -76.14
C20 BCR RC . -30.12 15.06 -77.02
C21 BCR RC . -28.97 15.02 -77.89
C22 BCR RC . -28.78 14.15 -78.88
C23 BCR RC . -28.01 14.56 -80.05
C24 BCR RC . -28.27 14.09 -81.28
C25 BCR RC . -27.31 14.01 -82.37
C26 BCR RC . -26.65 12.88 -82.61
C27 BCR RC . -25.66 12.67 -83.69
C28 BCR RC . -25.94 13.61 -84.83
C29 BCR RC . -26.06 15.01 -84.32
C30 BCR RC . -27.10 15.22 -83.24
C35 BCR RC . -32.13 22.30 -73.14
C36 BCR RC . -32.75 15.97 -76.20
C37 BCR RC . -29.52 12.88 -78.94
C38 BCR RC . -26.83 11.66 -81.79
C39 BCR RC . -28.44 15.63 -83.83
C40 BCR RC . -26.60 16.42 -82.44
MG CLA SC . -23.57 9.92 -66.61
CHA CLA SC . -26.86 10.40 -65.62
CHB CLA SC . -24.66 8.78 -69.61
CHC CLA SC . -20.31 9.68 -67.62
CHD CLA SC . -22.50 11.06 -63.44
NA CLA SC . -25.46 9.60 -67.43
C1A CLA SC . -26.71 9.87 -66.86
C2A CLA SC . -27.84 9.47 -67.81
C3A CLA SC . -27.10 8.76 -68.96
C4A CLA SC . -25.63 9.06 -68.68
CMA CLA SC . -27.34 7.27 -68.94
CAA CLA SC . -28.60 10.68 -68.31
CBA CLA SC . -30.08 10.42 -68.35
CGA CLA SC . -30.41 9.63 -69.58
O1A CLA SC . -30.20 8.43 -69.81
O2A CLA SC . -31.02 10.37 -70.55
NB CLA SC . -22.66 9.26 -68.27
C1B CLA SC . -23.28 9.01 -69.44
C2B CLA SC . -22.31 9.01 -70.56
C3B CLA SC . -21.07 9.26 -70.01
C4B CLA SC . -21.28 9.42 -68.54
CMB CLA SC . -22.70 8.77 -71.95
CAB CLA SC . -19.75 9.37 -70.58
CBB CLA SC . -19.44 9.36 -71.88
NC CLA SC . -21.74 10.24 -65.67
C1C CLA SC . -20.53 10.05 -66.27
C2C CLA SC . -19.47 10.33 -65.32
C3C CLA SC . -20.08 10.76 -64.15
C4C CLA SC . -21.51 10.70 -64.38
CMC CLA SC . -18.04 10.22 -65.60
CAC CLA SC . -19.43 11.14 -62.89
CBC CLA SC . -19.24 9.95 -62.00
ND CLA SC . -24.41 10.57 -64.89
C1D CLA SC . -23.85 11.03 -63.68
C2D CLA SC . -24.95 11.42 -62.77
C3D CLA SC . -26.13 11.24 -63.47
C4D CLA SC . -25.73 10.69 -64.78
CMD CLA SC . -24.76 11.95 -61.42
CAD CLA SC . -27.58 11.31 -63.45
OBD CLA SC . -28.31 11.69 -62.56
CBD CLA SC . -28.09 10.80 -64.83
CGD CLA SC . -29.06 9.66 -64.68
O1D CLA SC . -30.25 9.73 -64.40
O2D CLA SC . -28.50 8.43 -64.89
CED CLA SC . -29.34 7.40 -65.41
C1 CLA SC . -30.30 10.57 -71.78
C2 CLA SC . -31.30 10.84 -72.84
C3 CLA SC . -31.45 12.03 -73.42
C4 CLA SC . -30.60 13.19 -73.08
C5 CLA SC . -32.49 12.24 -74.48
MG CLA TC . -21.79 41.95 -29.53
CHA CLA TC . -19.84 44.80 -29.63
CHB CLA TC . -19.00 40.08 -28.98
CHC CLA TC . -23.76 39.14 -29.41
CHD CLA TC . -24.64 43.92 -30.18
NA CLA TC . -19.76 42.41 -29.33
C1A CLA TC . -19.15 43.66 -29.39
C2A CLA TC . -17.64 43.55 -29.21
C3A CLA TC . -17.42 42.03 -29.04
C4A CLA TC . -18.82 41.44 -29.11
CMA CLA TC . -16.54 41.49 -30.14
CAA CLA TC . -17.17 44.30 -27.98
CBA CLA TC . -16.74 43.37 -26.87
CGA CLA TC . -17.79 43.37 -25.81
O1A CLA TC . -17.71 43.82 -24.67
O2A CLA TC . -18.95 42.77 -26.21
NB CLA TC . -21.45 40.00 -29.25
C1B CLA TC . -20.24 39.42 -29.04
C2B CLA TC . -20.39 37.96 -28.88
C3B CLA TC . -21.73 37.68 -29.00
C4B CLA TC . -22.42 38.98 -29.23
CMB CLA TC . -19.25 37.08 -28.64
CAB CLA TC . -22.45 36.44 -28.93
CBB CLA TC . -22.19 35.45 -28.09
NC CLA TC . -23.83 41.60 -29.75
C1C CLA TC . -24.42 40.38 -29.66
C2C CLA TC . -25.85 40.50 -29.85
C3C CLA TC . -26.11 41.85 -30.08
C4C CLA TC . -24.82 42.54 -30.02
CMC CLA TC . -26.80 39.40 -29.81
CAC CLA TC . -27.40 42.48 -30.34
CBC CLA TC . -27.63 42.72 -31.82
ND CLA TC . -22.22 43.89 -29.82
C1D CLA TC . -23.43 44.56 -30.10
C2D CLA TC . -23.15 46.00 -30.27
C3D CLA TC . -21.80 46.15 -30.08
C4D CLA TC . -21.26 44.81 -29.82
CMD CLA TC . -24.17 47.01 -30.55
CAD CLA TC . -20.68 47.07 -30.04
OBD CLA TC . -20.67 48.29 -30.20
CBD CLA TC . -19.40 46.24 -29.77
CGD CLA TC . -18.40 46.41 -30.86
O1D CLA TC . -18.62 46.65 -32.05
O2D CLA TC . -17.11 46.28 -30.47
CED CLA TC . -16.10 46.44 -31.48
C1 CLA TC . -19.82 42.32 -25.16
C2 CLA TC . -21.21 42.39 -25.69
C3 CLA TC . -21.94 41.30 -25.97
C4 CLA TC . -21.43 39.93 -25.77
C5 CLA TC . -23.33 41.43 -26.50
MG CLA UC . -14.60 29.24 -30.55
CHA CLA UC . -16.95 31.46 -31.78
CHB CLA UC . -14.93 30.59 -27.46
CHC CLA UC . -12.37 26.90 -29.37
CHD CLA UC . -14.36 27.80 -33.77
NA CLA UC . -15.75 30.79 -29.78
C1A CLA UC . -16.67 31.61 -30.45
C2A CLA UC . -17.30 32.62 -29.50
C3A CLA UC . -16.49 32.43 -28.20
C4A CLA UC . -15.67 31.17 -28.48
CMA CLA UC . -15.60 33.62 -27.93
CAA CLA UC . -18.75 32.29 -29.27
CBA CLA UC . -18.99 30.79 -29.18
CGA CLA UC . -19.70 30.33 -30.41
O1A CLA UC . -20.40 31.01 -31.17
O2A CLA UC . -19.57 29.00 -30.69
NB CLA UC . -13.73 28.88 -28.77
C1B CLA UC . -14.13 29.44 -27.60
C2B CLA UC . -13.60 28.64 -26.46
C3B CLA UC . -12.89 27.61 -27.00
C4B CLA UC . -12.95 27.75 -28.47
CMB CLA UC . -13.85 28.99 -25.07
CAB CLA UC . -12.18 26.54 -26.35
CBB CLA UC . -12.74 25.69 -25.49
NC CLA UC . -13.52 27.68 -31.43
C1C CLA UC . -12.64 26.89 -30.77
C2C CLA UC . -12.04 25.94 -31.69
C3C CLA UC . -12.63 26.16 -32.93
C4C CLA UC . -13.55 27.26 -32.76
CMC CLA UC . -11.04 24.94 -31.32
CAC CLA UC . -12.34 25.45 -34.18
CBC CLA UC . -13.29 24.30 -34.40
ND CLA UC . -15.42 29.51 -32.37
C1D CLA UC . -15.25 28.84 -33.60
C2D CLA UC . -16.13 29.46 -34.61
C3D CLA UC . -16.78 30.49 -33.98
C4D CLA UC . -16.31 30.48 -32.58
CMD CLA UC . -16.23 29.00 -36.00
CAD CLA UC . -17.73 31.58 -34.10
OBD CLA UC . -18.32 31.98 -35.09
CBD CLA UC . -17.89 32.22 -32.69
CGD CLA UC . -17.69 33.70 -32.61
O1D CLA UC . -16.63 34.33 -32.59
O2D CLA UC . -18.85 34.40 -32.53
CED CLA UC . -19.00 35.54 -33.38
C1 CLA UC . -18.25 28.44 -30.90
C2 CLA UC . -17.85 27.68 -29.68
C3 CLA UC . -17.51 26.38 -29.69
C4 CLA UC . -17.53 25.58 -30.93
C5 CLA UC . -17.12 25.69 -28.42
FE1 SF4 VC . -5.42 29.37 -59.07
FE2 SF4 VC . -3.87 27.13 -59.28
FE3 SF4 VC . -3.22 29.38 -60.68
FE4 SF4 VC . -5.43 27.92 -61.39
S1 SF4 VC . -3.26 27.25 -61.47
S2 SF4 VC . -5.29 30.18 -61.19
S3 SF4 VC . -6.15 27.23 -59.33
S4 SF4 VC . -3.25 29.13 -58.41
MG CLA WC . -30.81 9.14 -55.97
CHA CLA WC . -28.29 6.82 -56.39
CHB CLA WC . -28.50 11.62 -55.92
CHC CLA WC . -33.37 11.41 -55.91
CHD CLA WC . -33.18 6.51 -56.08
NA CLA WC . -28.74 9.18 -56.05
C1A CLA WC . -27.86 8.10 -56.27
C2A CLA WC . -26.41 8.57 -56.27
C3A CLA WC . -26.53 10.03 -55.79
C4A CLA WC . -28.01 10.33 -55.94
CMA CLA WC . -26.12 10.11 -54.35
CAA CLA WC . -25.82 8.49 -57.66
CBA CLA WC . -24.34 8.88 -57.62
CGA CLA WC . -23.70 8.62 -58.95
O1A CLA WC . -22.57 8.91 -59.31
O2A CLA WC . -24.52 7.98 -59.84
NB CLA WC . -30.92 11.14 -55.84
C1B CLA WC . -29.86 11.97 -56.02
C2B CLA WC . -30.35 13.34 -56.32
C3B CLA WC . -31.71 13.30 -56.32
C4B CLA WC . -32.09 11.89 -56.01
CMB CLA WC . -29.44 14.48 -56.56
CAB CLA WC . -32.67 14.34 -56.54
CBB CLA WC . -33.65 14.68 -55.69
NC CLA WC . -32.89 8.98 -55.91
C1C CLA WC . -33.73 10.04 -55.84
C2C CLA WC . -35.11 9.58 -55.78
C3C CLA WC . -35.07 8.19 -55.90
C4C CLA WC . -33.66 7.83 -55.98
CMC CLA WC . -36.28 10.45 -55.68
CAC CLA WC . -36.20 7.27 -55.90
CBC CLA WC . -36.58 6.84 -54.51
ND CLA WC . -30.80 7.13 -56.09
C1D CLA WC . -31.84 6.17 -56.15
C2D CLA WC . -31.25 4.82 -56.28
C3D CLA WC . -29.89 5.02 -56.39
C4D CLA WC . -29.66 6.47 -56.28
CMD CLA WC . -32.02 3.58 -56.31
CAD CLA WC . -28.58 4.39 -56.52
OBD CLA WC . -28.29 3.21 -56.57
CBD CLA WC . -27.53 5.54 -56.60
CGD CLA WC . -26.45 5.40 -55.58
O1D CLA WC . -26.55 5.05 -54.41
O2D CLA WC . -25.22 5.71 -56.06
CED CLA WC . -24.78 5.02 -57.23
C1 CLA WC . -24.02 7.85 -61.19
C2 CLA WC . -25.08 7.18 -61.98
C3 CLA WC . -25.00 6.97 -63.29
C4 CLA WC . -23.81 7.40 -64.08
C5 CLA WC . -26.09 6.30 -64.04
MG CLA XC . -22.23 24.58 -47.40
CHA CLA XC . -21.78 27.43 -45.51
CHB CLA XC . -23.05 22.85 -44.61
CHC CLA XC . -23.15 21.93 -49.37
CHD CLA XC . -21.41 26.43 -50.28
NA CLA XC . -22.29 25.07 -45.38
C1A CLA XC . -22.13 26.32 -44.79
C2A CLA XC . -22.25 26.20 -43.27
C3A CLA XC . -22.34 24.69 -43.03
C4A CLA XC . -22.59 24.14 -44.43
CMA CLA XC . -21.07 24.14 -42.44
CAA CLA XC . -23.50 26.84 -42.71
CBA CLA XC . -23.49 26.70 -41.19
CGA CLA XC . -24.41 25.61 -40.73
O1A CLA XC . -25.63 25.62 -40.67
O2A CLA XC . -23.77 24.47 -40.33
NB CLA XC . -22.99 22.76 -47.06
C1B CLA XC . -23.30 22.25 -45.85
C2B CLA XC . -23.94 20.92 -46.01
C3B CLA XC . -23.98 20.65 -47.35
C4B CLA XC . -23.34 21.81 -48.04
CMB CLA XC . -24.38 20.11 -44.87
CAB CLA XC . -24.43 19.49 -48.06
CBB CLA XC . -24.22 18.24 -47.67
NC CLA XC . -22.17 24.21 -49.45
C1C CLA XC . -22.56 23.04 -50.03
C2C CLA XC . -22.38 23.13 -51.47
C3C CLA XC . -21.94 24.40 -51.74
C4C CLA XC . -21.81 25.09 -50.47
CMC CLA XC . -22.67 22.03 -52.41
CAC CLA XC . -21.61 24.96 -53.06
CBC CLA XC . -22.85 25.40 -53.78
ND CLA XC . -21.46 26.40 -47.83
C1D CLA XC . -21.27 27.05 -49.07
C2D CLA XC . -20.89 28.46 -48.82
C3D CLA XC . -21.08 28.66 -47.46
C4D CLA XC . -21.48 27.35 -46.91
CMD CLA XC . -20.49 29.41 -49.85
CAD CLA XC . -20.95 29.58 -46.36
OBD CLA XC . -20.44 30.69 -46.32
CBD CLA XC . -21.62 28.88 -45.13
CGD CLA XC . -20.90 29.13 -43.85
O1D CLA XC . -19.68 29.21 -43.66
O2D CLA XC . -21.74 29.32 -42.80
CED CLA XC . -21.18 29.57 -41.52
C1 CLA XC . -24.45 23.24 -40.64
C2 CLA XC . -24.17 22.28 -39.54
C3 CLA XC . -24.59 20.99 -39.59
C4 CLA XC . -25.37 20.47 -40.74
C5 CLA XC . -24.30 20.05 -38.48
MG CLA YC . 1.74 4.57 -38.44
CHA CLA YC . 4.55 6.24 -37.31
CHB CLA YC . 3.51 1.67 -38.52
CHC CLA YC . -1.09 2.92 -39.48
CHD CLA YC . -0.02 7.63 -38.46
NA CLA YC . 3.71 4.07 -37.97
C1A CLA YC . 4.73 4.90 -37.51
C2A CLA YC . 6.02 4.13 -37.29
C3A CLA YC . 5.68 2.71 -37.78
C4A CLA YC . 4.19 2.80 -38.10
CMA CLA YC . 6.45 2.34 -39.01
CAA CLA YC . 6.36 4.11 -35.81
CBA CLA YC . 5.13 3.87 -34.96
CGA CLA YC . 5.45 4.02 -33.52
O1A CLA YC . 6.32 4.72 -32.98
O2A CLA YC . 4.66 3.23 -32.71
NB CLA YC . 1.30 2.66 -38.91
C1B CLA YC . 2.16 1.62 -38.85
C2B CLA YC . 1.45 0.37 -39.22
C3B CLA YC . 0.15 0.71 -39.50
C4B CLA YC . 0.03 2.18 -39.31
CMB CLA YC . 2.12 -0.93 -39.26
CAB CLA YC . -0.97 -0.10 -39.90
CBB CLA YC . -0.92 -1.11 -40.77
NC CLA YC . -0.20 5.18 -38.87
C1C CLA YC . -1.20 4.33 -39.27
C2C CLA YC . -2.42 5.08 -39.48
C3C CLA YC . -2.13 6.41 -39.21
C4C CLA YC . -0.72 6.47 -38.84
CMC CLA YC . -3.70 4.49 -39.88
CAC CLA YC . -3.05 7.55 -39.29
CBC CLA YC . -3.28 7.98 -40.71
ND CLA YC . 2.10 6.49 -37.98
C1D CLA YC . 1.29 7.66 -38.05
C2D CLA YC . 2.11 8.82 -37.63
C3D CLA YC . 3.34 8.33 -37.30
C4D CLA YC . 3.29 6.88 -37.56
CMD CLA YC . 1.61 10.20 -37.55
CAD CLA YC . 4.69 8.64 -36.84
OBD CLA YC . 5.15 9.72 -36.48
CBD CLA YC . 5.50 7.32 -36.86
CGD CLA YC . 6.65 7.40 -37.81
O1D CLA YC . 6.85 6.69 -38.80
O2D CLA YC . 7.53 8.38 -37.54
CED CLA YC . 8.72 8.43 -38.33
C1 CLA YC . 3.76 3.90 -31.79
C2 CLA YC . 2.82 2.87 -31.30
C3 CLA YC . 2.33 2.87 -30.04
C4 CLA YC . 2.67 3.91 -29.05
C5 CLA YC . 1.39 1.81 -29.60
MG CLA ZC . 4.83 -2.21 -48.87
CHA CLA ZC . 4.35 -5.15 -50.63
CHB CLA ZC . 2.56 -3.24 -46.56
CHC CLA ZC . 5.41 0.67 -47.13
CHD CLA ZC . 7.12 -1.18 -51.34
NA CLA ZC . 3.66 -3.93 -48.65
C1A CLA ZC . 3.61 -5.05 -49.49
C2A CLA ZC . 2.63 -6.08 -48.94
C3A CLA ZC . 1.96 -5.36 -47.77
C4A CLA ZC . 2.79 -4.08 -47.62
CMA CLA ZC . 0.53 -5.03 -48.11
CAA CLA ZC . 3.42 -7.26 -48.43
CBA CLA ZC . 2.95 -7.65 -47.04
CGA CLA ZC . 2.28 -8.98 -47.10
O1A CLA ZC . 2.80 -10.08 -47.16
O2A CLA ZC . 0.91 -8.90 -47.07
NB CLA ZC . 4.07 -1.40 -47.19
C1B CLA ZC . 3.23 -2.02 -46.33
C2B CLA ZC . 3.09 -1.21 -45.09
C3B CLA ZC . 3.90 -0.11 -45.25
C4B CLA ZC . 4.54 -0.21 -46.58
CMB CLA ZC . 2.24 -1.62 -43.97
CAB CLA ZC . 4.15 0.98 -44.35
CBB CLA ZC . 4.56 0.84 -43.09
NC CLA ZC . 6.04 -0.55 -49.19
C1C CLA ZC . 6.11 0.52 -48.35
C2C CLA ZC . 7.05 1.51 -48.89
C3C CLA ZC . 7.54 0.97 -50.08
C4C CLA ZC . 6.91 -0.32 -50.26
CMC CLA ZC . 7.38 2.78 -48.27
CAC CLA ZC . 8.52 1.59 -50.99
CBC CLA ZC . 7.86 2.40 -52.07
ND CLA ZC . 5.63 -2.96 -50.57
C1D CLA ZC . 6.53 -2.41 -51.51
C2D CLA ZC . 6.71 -3.36 -52.62
C3D CLA ZC . 5.90 -4.45 -52.32
C4D CLA ZC . 5.25 -4.12 -51.04
CMD CLA ZC . 7.59 -3.16 -53.77
CAD CLA ZC . 5.44 -5.75 -52.74
OBD CLA ZC . 5.76 -6.40 -53.72
CBD CLA ZC . 4.39 -6.22 -51.70
CGD CLA ZC . 3.06 -6.37 -52.37
O1D CLA ZC . 2.75 -6.00 -53.50
O2D CLA ZC . 2.12 -7.00 -51.64
CED CLA ZC . 0.93 -7.38 -52.31
C1 CLA ZC . 0.22 -8.72 -48.33
C2 CLA ZC . 0.51 -9.89 -49.19
C3 CLA ZC . -0.37 -10.36 -50.09
C4 CLA ZC . -1.69 -9.74 -50.30
C5 CLA ZC . -0.03 -11.54 -50.94
MG CLA AD . -3.96 -3.53 -45.56
CHA CLA AD . -2.85 -0.44 -44.45
CHB CLA AD . -2.41 -3.02 -48.52
CHC CLA AD . -5.02 -6.64 -46.56
CHD CLA AD . -5.57 -4.00 -42.45
NA CLA AD . -2.82 -1.96 -46.34
C1A CLA AD . -2.46 -0.76 -45.72
C2A CLA AD . -1.63 0.11 -46.65
C3A CLA AD . -1.58 -0.71 -47.95
C4A CLA AD . -2.32 -2.00 -47.61
CMA CLA AD . -2.26 0.00 -49.08
CAA CLA AD . -0.23 0.30 -46.12
CBA CLA AD . 0.62 1.10 -47.08
CGA CLA AD . 0.31 2.55 -46.98
O1A CLA AD . 0.15 3.24 -45.97
O2A CLA AD . 0.22 3.17 -48.20
NB CLA AD . -3.70 -4.65 -47.20
C1B CLA AD . -3.08 -4.24 -48.33
C2B CLA AD . -3.20 -5.29 -49.37
C3B CLA AD . -3.93 -6.31 -48.83
C4B CLA AD . -4.28 -5.92 -47.44
CMB CLA AD . -2.64 -5.15 -50.72
CAB CLA AD . -4.37 -7.55 -49.41
CBB CLA AD . -5.65 -7.83 -49.66
NC CLA AD . -5.09 -5.03 -44.67
C1C CLA AD . -5.41 -6.22 -45.27
C2C CLA AD . -6.22 -7.02 -44.36
C3C CLA AD . -6.37 -6.28 -43.20
C4C CLA AD . -5.66 -5.03 -43.39
CMC CLA AD . -6.75 -8.35 -44.67
CAC CLA AD . -7.11 -6.67 -41.99
CBC CLA AD . -8.50 -6.10 -42.01
ND CLA AD . -4.26 -2.48 -43.86
C1D CLA AD . -4.92 -2.80 -42.65
C2D CLA AD . -4.77 -1.67 -41.70
C3D CLA AD . -3.99 -0.74 -42.35
C4D CLA AD . -3.69 -1.30 -43.68
CMD CLA AD . -5.35 -1.63 -40.36
CAD CLA AD . -3.37 0.56 -42.27
OBD CLA AD . -3.40 1.38 -41.37
CBD CLA AD . -2.59 0.76 -43.60
CGD CLA AD . -3.05 1.99 -44.30
O1D CLA AD . -4.14 2.17 -44.85
O2D CLA AD . -2.14 2.99 -44.32
CED CLA AD . -1.69 3.50 -43.07
C1 CLA AD . -0.66 4.31 -48.30
C2 CLA AD . -2.05 3.78 -48.40
C3 CLA AD . -2.98 4.33 -49.21
C4 CLA AD . -2.68 5.49 -50.06
C5 CLA AD . -4.35 3.76 -49.28
MG CLA BD . -13.42 -8.18 -29.65
CHA CLA BD . -16.30 -7.19 -28.02
CHB CLA BD . -14.22 -6.16 -32.27
CHC CLA BD . -10.49 -9.06 -31.12
CHD CLA BD . -12.75 -10.41 -26.99
NA CLA BD . -15.01 -6.90 -30.05
C1A CLA BD . -16.13 -6.63 -29.25
C2A CLA BD . -17.07 -5.64 -29.91
C3A CLA BD . -16.49 -5.51 -31.34
C4A CLA BD . -15.13 -6.21 -31.23
CMA CLA BD . -17.37 -6.17 -32.37
CAA CLA BD . -16.99 -4.32 -29.17
CBA CLA BD . -15.58 -3.79 -29.02
CGA CLA BD . -14.95 -4.20 -27.72
O1A CLA BD . -15.20 -3.79 -26.59
O2A CLA BD . -13.98 -5.15 -27.87
NB CLA BD . -12.59 -7.81 -31.44
C1B CLA BD . -12.96 -6.78 -32.24
C2B CLA BD . -11.83 -6.35 -33.10
C3B CLA BD . -10.77 -7.15 -32.80
C4B CLA BD . -11.23 -8.09 -31.73
CMB CLA BD . -11.94 -5.26 -34.07
CAB CLA BD . -9.43 -7.12 -33.34
CBB CLA BD . -8.30 -7.09 -32.63
NC CLA BD . -11.91 -9.52 -29.16
C1C CLA BD . -10.82 -9.75 -29.94
C2C CLA BD . -9.97 -10.77 -29.32
C3C CLA BD . -10.60 -11.13 -28.14
C4C CLA BD . -11.83 -10.34 -28.05
CMC CLA BD . -8.71 -11.26 -29.88
CAC CLA BD . -10.14 -12.13 -27.16
CBC CLA BD . -9.60 -11.48 -25.91
ND CLA BD . -14.19 -8.62 -27.84
C1D CLA BD . -13.85 -9.59 -26.87
C2D CLA BD . -14.85 -9.56 -25.78
C3D CLA BD . -15.78 -8.61 -26.15
C4D CLA BD . -15.36 -8.10 -27.46
CMD CLA BD . -14.78 -10.36 -24.56
CAD CLA BD . -17.00 -7.92 -25.79
OBD CLA BD . -17.62 -7.93 -24.74
CBD CLA BD . -17.43 -7.09 -27.03
CGD CLA BD . -18.68 -7.65 -27.64
O1D CLA BD . -18.86 -8.79 -28.06
O2D CLA BD . -19.70 -6.75 -27.74
CED CLA BD . -20.86 -6.98 -26.92
C1 CLA BD . -13.00 -5.29 -26.81
C2 CLA BD . -11.72 -5.64 -27.48
C3 CLA BD . -10.76 -6.37 -26.90
C4 CLA BD . -10.90 -6.91 -25.53
C5 CLA BD . -9.50 -6.68 -27.62
MG CLA CD . -20.52 -6.36 -38.07
CHA CLA CD . -19.38 -9.13 -39.83
CHB CLA CD . -17.49 -6.05 -36.58
CHC CLA CD . -21.65 -3.53 -36.50
CHD CLA CD . -23.65 -6.70 -39.67
NA CLA CD . -18.74 -7.44 -38.19
C1A CLA CD . -18.47 -8.58 -38.96
C2A CLA CD . -17.04 -9.04 -38.74
C3A CLA CD . -16.53 -8.15 -37.58
C4A CLA CD . -17.65 -7.12 -37.43
CMA CLA CD . -16.34 -8.94 -36.31
CAA CLA CD . -16.22 -8.79 -40.00
CBA CLA CD . -15.91 -7.33 -40.24
CGA CLA CD . -17.11 -6.63 -40.77
O1A CLA CD . -17.83 -6.95 -41.72
O2A CLA CD . -17.43 -5.49 -40.09
NB CLA CD . -19.77 -5.12 -36.69
C1B CLA CD . -18.45 -5.06 -36.37
C2B CLA CD . -18.12 -3.73 -35.77
C3B CLA CD . -19.29 -3.01 -35.75
C4B CLA CD . -20.34 -3.88 -36.33
CMB CLA CD . -16.76 -3.39 -35.35
CAB CLA CD . -19.59 -1.68 -35.30
CBB CLA CD . -18.84 -0.93 -34.50
NC CLA CD . -22.33 -5.34 -38.06
C1C CLA CD . -22.58 -4.22 -37.31
C2C CLA CD . -23.96 -3.79 -37.52
C3C CLA CD . -24.51 -4.66 -38.43
C4C CLA CD . -23.49 -5.64 -38.77
CMC CLA CD . -24.57 -2.62 -36.89
CAC CLA CD . -25.88 -4.65 -38.97
CBC CLA CD . -25.94 -4.03 -40.35
ND CLA CD . -21.36 -7.54 -39.48
C1D CLA CD . -22.67 -7.59 -40.03
C2D CLA CD . -22.73 -8.70 -40.99
C3D CLA CD . -21.50 -9.32 -40.97
C4D CLA CD . -20.69 -8.58 -39.99
CMD CLA CD . -23.90 -9.03 -41.80
CAD CLA CD . -20.68 -10.37 -41.52
OBD CLA CD . -20.93 -11.17 -42.41
CBD CLA CD . -19.33 -10.33 -40.73
CGD CLA CD . -19.18 -11.61 -39.98
O1D CLA CD . -19.84 -12.64 -40.13
O2D CLA CD . -18.21 -11.62 -39.02
CED CLA CD . -18.59 -12.03 -37.71
C1 CLA CD . -18.66 -4.84 -40.47
C2 CLA CD . -18.65 -3.49 -39.85
C3 CLA CD . -19.58 -2.55 -40.11
C4 CLA CD . -20.71 -2.80 -41.05
C5 CLA CD . -19.53 -1.21 -39.47
MG CLA DD . -25.80 2.32 -32.66
CHA CLA DD . -24.26 -0.78 -32.53
CHB CLA DD . -23.35 3.62 -30.70
CHC CLA DD . -27.19 5.43 -33.07
CHD CLA DD . -28.33 0.93 -34.69
NA CLA DD . -24.11 1.52 -31.75
C1A CLA DD . -23.62 0.21 -31.84
C2A CLA DD . -22.34 0.05 -31.02
C3A CLA DD . -22.15 1.43 -30.37
C4A CLA DD . -23.28 2.27 -30.97
CMA CLA DD . -22.25 1.38 -28.86
CAA CLA DD . -21.16 -0.27 -31.92
CBA CLA DD . -19.92 -0.62 -31.12
CGA CLA DD . -18.99 0.56 -31.03
O1A CLA DD . -19.10 1.58 -30.37
O2A CLA DD . -17.87 0.41 -31.81
NB CLA DD . -25.32 4.17 -32.06
C1B CLA DD . -24.34 4.48 -31.19
C2B CLA DD . -24.43 5.92 -30.81
C3B CLA DD . -25.51 6.43 -31.48
C4B CLA DD . -26.10 5.33 -32.28
CMB CLA DD . -23.51 6.54 -29.87
CAB CLA DD . -26.05 7.76 -31.46
CBB CLA DD . -25.36 8.88 -31.59
NC CLA DD . -27.48 3.02 -33.67
C1C CLA DD . -27.85 4.34 -33.71
C2C CLA DD . -29.02 4.50 -34.54
C3C CLA DD . -29.38 3.23 -34.99
C4C CLA DD . -28.39 2.31 -34.45
CMC CLA DD . -29.68 5.78 -34.82
CAC CLA DD . -30.50 2.89 -35.89
CBC CLA DD . -31.85 2.94 -35.22
ND CLA DD . -26.34 0.49 -33.32
C1D CLA DD . -27.37 0.07 -34.20
C2D CLA DD . -27.22 -1.38 -34.45
C3D CLA DD . -26.05 -1.75 -33.83
C4D CLA DD . -25.52 -0.55 -33.17
CMD CLA DD . -28.15 -2.18 -35.24
CAD CLA DD . -25.16 -2.85 -33.51
OBD CLA DD . -25.28 -4.05 -33.75
CBD CLA DD . -23.93 -2.23 -32.79
CGD CLA DD . -23.56 -2.99 -31.55
O1D CLA DD . -23.71 -2.64 -30.38
O2D CLA DD . -22.98 -4.21 -31.79
CED CLA DD . -22.07 -4.69 -30.80
C1 CLA DD . -16.95 1.52 -31.83
C2 CLA DD . -16.20 1.45 -33.10
C3 CLA DD . -15.62 2.51 -33.66
C4 CLA DD . -15.67 3.86 -33.05
C5 CLA DD . -14.88 2.41 -34.95
MG CLA ED . -24.13 8.99 -25.33
CHA CLA ED . -26.81 10.18 -23.50
CHB CLA ED . -23.67 6.54 -23.03
CHC CLA ED . -21.60 7.75 -27.27
CHD CLA ED . -24.74 11.50 -27.74
NA CLA ED . -25.07 8.49 -23.54
C1A CLA ED . -26.19 9.10 -22.95
C2A CLA ED . -26.57 8.43 -21.65
C3A CLA ED . -25.46 7.36 -21.46
C4A CLA ED . -24.66 7.45 -22.77
CMA CLA ED . -24.58 7.63 -20.28
CAA CLA ED . -27.95 7.83 -21.77
CBA CLA ED . -28.11 6.59 -20.94
CGA CLA ED . -27.82 5.40 -21.79
O1A CLA ED . -27.26 5.39 -22.90
O2A CLA ED . -28.23 4.21 -21.25
NB CLA ED . -22.85 7.46 -25.16
C1B CLA ED . -22.86 6.52 -24.19
C2B CLA ED . -21.88 5.45 -24.50
C3B CLA ED . -21.29 5.79 -25.68
C4B CLA ED . -21.90 7.08 -26.13
CMB CLA ED . -21.65 4.29 -23.63
CAB CLA ED . -20.28 5.10 -26.44
CBB CLA ED . -20.51 4.45 -27.59
NC CLA ED . -23.29 9.56 -27.15
C1C CLA ED . -22.25 8.92 -27.75
C2C CLA ED . -21.91 9.58 -29.00
C3C CLA ED . -22.84 10.63 -29.16
C4C CLA ED . -23.70 10.60 -27.99
CMC CLA ED . -20.84 9.14 -29.89
CAC CLA ED . -22.97 11.58 -30.27
CBC CLA ED . -21.76 12.45 -30.55
ND CLA ED . -25.39 10.55 -25.57
C1D CLA ED . -25.54 11.50 -26.62
C2D CLA ED . -26.66 12.41 -26.27
C3D CLA ED . -27.17 11.96 -25.08
C4D CLA ED . -26.36 10.79 -24.71
CMD CLA ED . -27.10 13.54 -27.08
CAD CLA ED . -28.16 12.16 -24.04
OBD CLA ED . -28.98 13.06 -23.90
CBD CLA ED . -28.00 10.98 -23.03
CGD CLA ED . -27.81 11.45 -21.62
O1D CLA ED . -28.39 11.04 -20.61
O2D CLA ED . -26.86 12.41 -21.47
CED CLA ED . -26.91 13.22 -20.30
C1 CLA ED . -27.69 3.83 -19.96
C2 CLA ED . -28.75 4.07 -18.94
C3 CLA ED . -29.83 3.29 -18.78
C4 CLA ED . -30.08 2.10 -19.62
C5 CLA ED . -30.85 3.60 -17.74
MG CLA FD . 16.97 -23.50 -48.80
CHA CLA FD . 18.89 -20.64 -48.43
CHB CLA FD . 19.20 -24.69 -51.07
CHC CLA FD . 15.11 -26.36 -49.04
CHD CLA FD . 14.72 -22.23 -46.39
NA CLA FD . 18.74 -22.75 -49.62
C1A CLA FD . 19.39 -21.54 -49.32
C2A CLA FD . 20.67 -21.40 -50.14
C3A CLA FD . 20.70 -22.67 -51.02
C4A CLA FD . 19.47 -23.44 -50.55
CMA CLA FD . 20.61 -22.35 -52.49
CAA CLA FD . 21.89 -21.34 -49.24
CBA CLA FD . 22.78 -22.56 -49.39
CGA CLA FD . 22.37 -23.64 -48.42
O1A CLA FD . 23.01 -24.64 -48.08
O2A CLA FD . 21.13 -23.46 -47.90
NB CLA FD . 17.13 -25.22 -49.84
C1B CLA FD . 18.11 -25.51 -50.73
C2B CLA FD . 17.87 -26.84 -51.34
C3B CLA FD . 16.71 -27.33 -50.78
C4B CLA FD . 16.22 -26.30 -49.81
CMB CLA FD . 18.74 -27.43 -52.34
CAB CLA FD . 16.09 -28.60 -51.07
CBB CLA FD . 14.89 -29.04 -50.68
NC CLA FD . 15.21 -24.15 -47.90
C1C CLA FD . 14.62 -25.36 -48.15
C2C CLA FD . 13.42 -25.48 -47.34
C3C CLA FD . 13.31 -24.32 -46.59
C4C CLA FD . 14.44 -23.49 -46.94
CMC CLA FD . 12.53 -26.65 -47.35
CAC CLA FD . 12.26 -23.98 -45.62
CBC CLA FD . 11.00 -23.51 -46.29
ND CLA FD . 16.74 -21.82 -47.72
C1D CLA FD . 15.78 -21.44 -46.73
C2D CLA FD . 16.15 -20.12 -46.20
C3D CLA FD . 17.32 -19.75 -46.83
C4D CLA FD . 17.65 -20.86 -47.74
CMD CLA FD . 15.36 -19.39 -45.20
CAD CLA FD . 18.33 -18.73 -46.97
OBD CLA FD . 18.38 -17.61 -46.46
CBD CLA FD . 19.41 -19.30 -47.93
CGD CLA FD . 19.72 -18.35 -49.05
O1D CLA FD . 19.60 -18.54 -50.26
O2D CLA FD . 20.19 -17.14 -48.62
CED CLA FD . 21.00 -16.39 -49.51
MG CLA GD . 10.60 -15.24 -48.24
CHA CLA GD . 8.65 -12.43 -47.74
CHB CLA GD . 7.97 -17.20 -47.42
CHC CLA GD . 12.57 -18.00 -48.76
CHD CLA GD . 13.35 -13.15 -48.97
NA CLA GD . 8.63 -14.84 -47.70
C1A CLA GD . 8.00 -13.61 -47.53
C2A CLA GD . 6.56 -13.78 -47.11
C3A CLA GD . 6.39 -15.30 -46.96
C4A CLA GD . 7.75 -15.85 -47.40
CMA CLA GD . 6.07 -15.70 -45.54
CAA CLA GD . 5.63 -13.25 -48.18
CBA CLA GD . 4.27 -12.93 -47.62
CGA CLA GD . 3.40 -14.14 -47.72
O1A CLA GD . 3.71 -15.28 -48.06
O2A CLA GD . 2.10 -13.88 -47.38
NB CLA GD . 10.34 -17.22 -48.05
C1B CLA GD . 9.16 -17.83 -47.78
C2B CLA GD . 9.29 -19.30 -47.94
C3B CLA GD . 10.58 -19.54 -48.32
C4B CLA GD . 11.27 -18.21 -48.40
CMB CLA GD . 8.17 -20.21 -47.73
CAB CLA GD . 11.25 -20.78 -48.63
CBB CLA GD . 10.74 -21.77 -49.36
NC CLA GD . 12.59 -15.51 -48.79
C1C CLA GD . 13.18 -16.73 -48.95
C2C CLA GD . 14.58 -16.54 -49.33
C3C CLA GD . 14.81 -15.17 -49.38
C4C CLA GD . 13.55 -14.53 -49.03
CMC CLA GD . 15.51 -17.63 -49.59
CAC CLA GD . 16.07 -14.50 -49.71
CBC CLA GD . 16.09 -13.86 -51.09
ND CLA GD . 10.95 -13.26 -48.46
C1D CLA GD . 12.14 -12.53 -48.70
C2D CLA GD . 11.85 -11.09 -48.63
C3D CLA GD . 10.52 -10.99 -48.29
C4D CLA GD . 10.02 -12.38 -48.16
CMD CLA GD . 12.81 -10.02 -48.88
CAD CLA GD . 9.40 -10.11 -48.00
OBD CLA GD . 9.34 -8.89 -48.08
CBD CLA GD . 8.22 -11.00 -47.55
CGD CLA GD . 7.88 -10.73 -46.12
O1D CLA GD . 8.58 -10.15 -45.29
O2D CLA GD . 6.67 -11.20 -45.73
CED CLA GD . 6.55 -11.69 -44.39
C1 CLA GD . 1.27 -15.01 -47.09
C2 CLA GD . 0.74 -15.51 -48.39
C3 CLA GD . 0.27 -16.76 -48.54
C4 CLA GD . 0.24 -17.72 -47.41
C5 CLA GD . -0.25 -17.23 -49.86
MG CLA HD . -4.30 -29.79 -41.00
CHA CLA HD . -6.72 -29.99 -38.53
CHB CLA HD . -5.21 -26.58 -41.62
CHC CLA HD . -1.85 -29.64 -43.40
CHD CLA HD . -3.38 -33.12 -40.29
NA CLA HD . -5.75 -28.52 -40.19
C1A CLA HD . -6.65 -28.79 -39.16
C2A CLA HD . -7.54 -27.57 -38.88
C3A CLA HD . -7.07 -26.54 -39.93
C4A CLA HD . -5.92 -27.24 -40.65
CMA CLA HD . -8.18 -26.15 -40.87
CAA CLA HD . -7.27 -27.07 -37.48
CBA CLA HD . -5.84 -26.63 -37.37
CGA CLA HD . -5.18 -27.26 -36.19
O1A CLA HD . -5.67 -27.61 -35.12
O2A CLA HD . -3.83 -27.45 -36.39
NB CLA HD . -3.65 -28.37 -42.26
C1B CLA HD . -4.15 -27.12 -42.37
C2B CLA HD . -3.40 -26.37 -43.42
C3B CLA HD . -2.45 -27.23 -43.93
C4B CLA HD . -2.60 -28.52 -43.20
CMB CLA HD . -3.71 -24.99 -43.77
CAB CLA HD . -1.47 -27.04 -44.96
CBB CLA HD . -0.67 -25.98 -45.09
NC CLA HD . -2.88 -31.15 -41.71
C1C CLA HD . -1.99 -30.87 -42.70
C2C CLA HD . -1.16 -32.04 -42.96
C3C CLA HD . -1.58 -33.03 -42.07
C4C CLA HD . -2.66 -32.46 -41.28
CMC CLA HD . -0.10 -32.11 -43.96
CAC CLA HD . -1.04 -34.39 -41.92
CBC CLA HD . -1.89 -35.42 -42.63
ND CLA HD . -4.89 -31.28 -39.77
C1D CLA HD . -4.42 -32.60 -39.56
C2D CLA HD . -5.22 -33.24 -38.50
C3D CLA HD . -6.12 -32.29 -38.07
C4D CLA HD . -5.86 -31.08 -38.88
CMD CLA HD . -5.06 -34.61 -38.05
CAD CLA HD . -7.21 -31.99 -37.17
OBD CLA HD . -7.77 -32.71 -36.35
CBD CLA HD . -7.60 -30.50 -37.40
CGD CLA HD . -9.05 -30.39 -37.74
O1D CLA HD . -9.60 -30.71 -38.80
O2D CLA HD . -9.82 -29.90 -36.74
CED CLA HD . -9.30 -29.86 -35.41
C1 CLA HD . -3.03 -27.68 -35.23
C2 CLA HD . -1.71 -28.15 -35.73
C3 CLA HD . -0.86 -28.88 -34.99
C4 CLA HD . -1.18 -29.28 -33.59
C5 CLA HD . 0.45 -29.31 -35.52
MG CLA ID . -0.19 -39.88 -46.45
CHA CLA ID . -0.38 -42.96 -44.89
CHB CLA ID . 1.71 -38.70 -43.89
CHC CLA ID . 0.02 -36.87 -48.09
CHD CLA ID . -2.20 -41.15 -49.08
NA CLA ID . 0.53 -40.72 -44.68
C1A CLA ID . 0.35 -42.02 -44.21
C2A CLA ID . 1.05 -42.22 -42.87
C3A CLA ID . 1.61 -40.82 -42.54
C4A CLA ID . 1.28 -40.01 -43.79
CMA CLA ID . 0.96 -40.23 -41.32
CAA CLA ID . 2.18 -43.22 -43.03
CBA CLA ID . 3.47 -42.59 -43.50
CGA CLA ID . 3.36 -42.15 -44.92
O1A CLA ID . 2.90 -42.77 -45.89
O2A CLA ID . 3.86 -40.89 -45.13
NB CLA ID . 0.64 -38.11 -46.03
C1B CLA ID . 1.45 -37.85 -44.98
C2B CLA ID . 2.08 -36.51 -45.13
C3B CLA ID . 1.60 -35.98 -46.31
C4B CLA ID . 0.68 -36.99 -46.91
CMB CLA ID . 3.00 -35.95 -44.15
CAB CLA ID . 1.89 -34.73 -46.96
CBB CLA ID . 3.10 -34.19 -47.10
NC CLA ID . -0.96 -39.16 -48.25
C1C CLA ID . -0.75 -37.88 -48.71
C2C CLA ID . -1.44 -37.70 -49.98
C3C CLA ID . -2.06 -38.92 -50.28
C4C CLA ID . -1.75 -39.82 -49.18
CMC CLA ID . -1.44 -36.47 -50.77
CAC CLA ID . -2.88 -39.23 -51.46
CBC CLA ID . -2.09 -39.95 -52.53
ND CLA ID . -1.05 -41.64 -46.97
C1D CLA ID . -1.87 -42.02 -48.06
C2D CLA ID . -2.30 -43.42 -47.87
C3D CLA ID . -1.75 -43.82 -46.68
C4D CLA ID . -1.00 -42.68 -46.14
CMD CLA ID . -3.15 -44.15 -48.82
CAD CLA ID . -1.63 -44.91 -45.72
OBD CLA ID . -2.11 -46.04 -45.75
CBD CLA ID . -0.76 -44.38 -44.54
CGD CLA ID . -1.53 -44.40 -43.25
O1D CLA ID . -1.25 -44.98 -42.20
O2D CLA ID . -2.68 -43.66 -43.29
CED CLA ID . -2.70 -42.40 -42.62
MG CLA JD . -3.06 -38.35 -63.13
CHA CLA JD . -5.54 -40.41 -64.42
CHB CLA JD . -3.02 -40.23 -60.29
CHC CLA JD . -0.52 -36.39 -61.95
CHD CLA JD . -3.15 -36.45 -66.10
NA CLA JD . -4.14 -40.02 -62.47
C1A CLA JD . -5.12 -40.74 -63.16
C2A CLA JD . -5.67 -41.88 -62.32
C3A CLA JD . -4.95 -41.71 -60.96
C4A CLA JD . -3.95 -40.57 -61.24
CMA CLA JD . -5.91 -41.34 -59.86
CAA CLA JD . -5.38 -43.25 -62.91
CBA CLA JD . -3.94 -43.42 -63.31
CGA CLA JD . -3.69 -44.86 -63.69
O1A CLA JD . -3.67 -45.85 -62.95
O2A CLA JD . -3.44 -45.02 -65.02
NB CLA JD . -2.00 -38.28 -61.41
C1B CLA JD . -2.06 -39.20 -60.42
C2B CLA JD . -0.94 -39.00 -59.47
C3B CLA JD . -0.23 -37.91 -59.93
C4B CLA JD . -0.90 -37.44 -61.17
CMB CLA JD . -0.72 -39.82 -58.30
CAB CLA JD . 0.94 -37.29 -59.38
CBB CLA JD . 2.10 -37.12 -60.01
NC CLA JD . -2.05 -36.69 -63.87
C1C CLA JD . -1.06 -36.03 -63.20
C2C CLA JD . -0.59 -34.90 -64.01
C3C CLA JD . -1.30 -34.94 -65.20
C4C CLA JD . -2.23 -36.07 -65.11
CMC CLA JD . 0.46 -33.97 -63.60
CAC CLA JD . -1.18 -34.01 -66.33
CBC CLA JD . -2.25 -32.95 -66.32
ND CLA JD . -4.09 -38.35 -64.86
C1D CLA JD . -4.02 -37.51 -66.01
C2D CLA JD . -5.00 -37.98 -67.01
C3D CLA JD . -5.62 -39.09 -66.45
C4D CLA JD . -5.00 -39.27 -65.11
CMD CLA JD . -5.23 -37.37 -68.30
CAD CLA JD . -6.62 -40.13 -66.61
OBD CLA JD . -7.39 -40.32 -67.54
CBD CLA JD . -6.56 -41.01 -65.32
CGD CLA JD . -7.88 -41.13 -64.63
O1D CLA JD . -8.59 -40.20 -64.21
O2D CLA JD . -8.30 -42.41 -64.44
CED CLA JD . -8.64 -43.18 -65.60
C1 CLA JD . -4.57 -45.04 -65.90
C2 CLA JD . -4.07 -44.75 -67.26
C3 CLA JD . -4.88 -44.51 -68.31
C4 CLA JD . -6.35 -44.51 -68.18
C5 CLA JD . -4.33 -44.22 -69.66
MG CLA KD . -7.78 -27.51 -62.82
CHA CLA KD . -10.37 -25.30 -62.22
CHB CLA KD . -9.71 -30.08 -61.71
CHC CLA KD . -5.19 -29.66 -63.48
CHD CLA KD . -5.82 -24.80 -63.98
NA CLA KD . -9.74 -27.64 -62.09
C1A CLA KD . -10.67 -26.61 -61.93
C2A CLA KD . -11.99 -27.14 -61.38
C3A CLA KD . -11.71 -28.66 -61.20
C4A CLA KD . -10.30 -28.83 -61.71
CMA CLA KD . -11.83 -29.06 -59.75
CAA CLA KD . -13.10 -26.95 -62.40
CBA CLA KD . -14.08 -28.10 -62.42
CGA CLA KD . -14.02 -28.84 -63.72
O1A CLA KD . -14.61 -29.86 -64.06
O2A CLA KD . -13.19 -28.25 -64.63
NB CLA KD . -7.52 -29.50 -62.70
C1B CLA KD . -8.41 -30.36 -62.12
C2B CLA KD . -7.77 -31.69 -61.94
C3B CLA KD . -6.49 -31.58 -62.44
C4B CLA KD . -6.32 -30.19 -62.92
CMB CLA KD . -8.47 -32.81 -61.33
CAB CLA KD . -5.45 -32.56 -62.51
CBB CLA KD . -5.49 -33.67 -63.25
NC CLA KD . -5.86 -27.27 -63.59
C1C CLA KD . -4.97 -28.29 -63.79
C2C CLA KD . -3.74 -27.76 -64.36
C3C CLA KD . -3.91 -26.39 -64.49
C4C CLA KD . -5.25 -26.09 -64.01
CMC CLA KD . -2.57 -28.57 -64.70
CAC CLA KD . -2.95 -25.42 -65.04
CBC CLA KD . -2.26 -24.61 -63.96
ND CLA KD . -7.96 -25.51 -63.00
C1D CLA KD . -7.08 -24.52 -63.52
C2D CLA KD . -7.75 -23.20 -63.42
C3D CLA KD . -9.00 -23.44 -62.90
C4D CLA KD . -9.09 -24.89 -62.69
CMD CLA KD . -7.13 -21.93 -63.82
CAD CLA KD . -10.25 -22.86 -62.46
OBD CLA KD . -10.57 -21.68 -62.37
CBD CLA KD . -11.19 -24.04 -62.08
CGD CLA KD . -11.70 -23.90 -60.67
O1D CLA KD . -11.58 -24.69 -59.74
O2D CLA KD . -12.37 -22.73 -60.44
CED CLA KD . -13.33 -22.73 -59.39
C1 CLA KD . -13.73 -28.03 -65.94
C2 CLA KD . -13.27 -29.15 -66.80
C3 CLA KD . -12.03 -29.22 -67.30
C4 CLA KD . -11.00 -28.19 -67.04
C5 CLA KD . -11.62 -30.38 -68.16
MG CLA LD . -6.70 -23.03 -54.44
CHA CLA LD . -9.47 -23.43 -52.40
CHB CLA LD . -8.71 -22.99 -57.16
CHC CLA LD . -3.93 -22.52 -56.39
CHD CLA LD . -4.63 -23.06 -51.57
NA CLA LD . -8.76 -23.21 -54.71
C1A CLA LD . -9.76 -23.35 -53.73
C2A CLA LD . -11.14 -23.44 -54.37
C3A CLA LD . -10.84 -23.34 -55.89
C4A CLA LD . -9.33 -23.16 -55.95
CMA CLA LD . -11.31 -24.55 -56.64
CAA CLA LD . -12.02 -22.27 -53.96
CBA CLA LD . -11.89 -21.11 -54.92
CGA CLA LD . -10.61 -20.39 -54.67
O1A CLA LD . -10.21 -19.92 -53.61
O2A CLA LD . -9.81 -20.28 -55.77
NB CLA LD . -6.37 -22.81 -56.40
C1B CLA LD . -7.34 -22.82 -57.36
C2B CLA LD . -6.71 -22.62 -58.70
C3B CLA LD . -5.35 -22.49 -58.49
C4B CLA LD . -5.13 -22.60 -57.03
CMB CLA LD . -7.47 -22.58 -59.94
CAB CLA LD . -4.29 -22.27 -59.42
CBB CLA LD . -4.16 -21.18 -60.19
NC CLA LD . -4.66 -22.84 -54.04
C1C CLA LD . -3.71 -22.63 -54.99
C2C CLA LD . -2.40 -22.54 -54.37
C3C CLA LD . -2.59 -22.70 -53.01
C4C CLA LD . -4.02 -22.89 -52.80
CMC CLA LD . -1.15 -22.31 -55.10
CAC CLA LD . -1.57 -22.68 -51.96
CBC CLA LD . -1.52 -21.34 -51.25
ND CLA LD . -6.92 -23.22 -52.44
C1D CLA LD . -5.99 -23.22 -51.38
C2D CLA LD . -6.72 -23.39 -50.11
C3D CLA LD . -8.05 -23.46 -50.44
C4D CLA LD . -8.13 -23.35 -51.91
CMD CLA LD . -6.09 -23.45 -48.78
CAD CLA LD . -9.40 -23.60 -49.94
OBD CLA LD . -9.80 -23.71 -48.79
CBD CLA LD . -10.34 -23.59 -51.17
CGD CLA LD . -11.12 -24.87 -51.20
O1D CLA LD . -12.30 -25.03 -51.48
O2D CLA LD . -10.38 -25.95 -50.83
CED CLA LD . -11.09 -27.13 -50.46
C1 CLA LD . -9.90 -19.09 -56.59
C2 CLA LD . -8.55 -18.85 -57.18
C3 CLA LD . -8.34 -18.46 -58.44
C4 CLA LD . -9.44 -18.24 -59.41
C5 CLA LD . -6.96 -18.24 -58.96
MG CLA MD . 7.32 -17.86 -65.27
CHA CLA MD . 9.46 -16.11 -67.34
CHB CLA MD . 7.02 -15.13 -63.26
CHC CLA MD . 5.17 -19.63 -63.26
CHD CLA MD . 7.61 -20.66 -67.41
NA CLA MD . 8.12 -15.94 -65.32
C1A CLA MD . 8.99 -15.41 -66.26
C2A CLA MD . 9.31 -13.95 -65.94
C3A CLA MD . 8.58 -13.69 -64.62
C4A CLA MD . 7.84 -15.01 -64.36
CMA CLA MD . 9.51 -13.32 -63.49
CAA CLA MD . 8.68 -13.08 -67.03
CBA CLA MD . 7.22 -13.47 -67.22
CGA CLA MD . 6.60 -12.83 -68.43
O1A CLA MD . 7.02 -11.89 -69.09
O2A CLA MD . 5.41 -13.41 -68.79
NB CLA MD . 6.29 -17.46 -63.58
C1B CLA MD . 6.31 -16.28 -62.91
C2B CLA MD . 5.43 -16.37 -61.71
C3B CLA MD . 4.91 -17.65 -61.70
C4B CLA MD . 5.45 -18.35 -62.89
CMB CLA MD . 5.24 -15.28 -60.78
CAB CLA MD . 4.00 -18.25 -60.78
CBB CLA MD . 2.77 -18.68 -61.10
NC CLA MD . 6.55 -19.80 -65.32
C1C CLA MD . 5.69 -20.31 -64.40
C2C CLA MD . 5.36 -21.69 -64.74
C3C CLA MD . 6.04 -21.98 -65.92
C4C CLA MD . 6.78 -20.78 -66.28
CMC CLA MD . 4.48 -22.56 -63.96
CAC CLA MD . 6.03 -23.24 -66.66
CBC CLA MD . 7.21 -24.10 -66.26
ND CLA MD . 8.28 -18.34 -66.97
C1D CLA MD . 8.32 -19.53 -67.75
C2D CLA MD . 9.21 -19.32 -68.90
C3D CLA MD . 9.69 -18.04 -68.79
C4D CLA MD . 9.07 -17.47 -67.57
CMD CLA MD . 9.51 -20.33 -69.92
CAD CLA MD . 10.53 -17.01 -69.37
OBD CLA MD . 11.20 -17.06 -70.38
CBD CLA MD . 10.41 -15.75 -68.45
CGD CLA MD . 11.75 -15.39 -67.89
O1D CLA MD . 12.02 -15.13 -66.72
O2D CLA MD . 12.74 -15.34 -68.81
CED CLA MD . 13.82 -16.28 -68.69
C1 CLA MD . 4.44 -12.54 -69.40
C2 CLA MD . 3.18 -13.32 -69.49
C3 CLA MD . 2.09 -12.93 -70.17
C4 CLA MD . 2.06 -11.63 -70.91
C5 CLA MD . 0.86 -13.76 -70.24
MG CLA ND . 16.02 -29.43 -55.26
CHA CLA ND . 18.54 -27.26 -56.12
CHB CLA ND . 17.61 -31.95 -56.90
CHC CLA ND . 13.50 -31.56 -54.32
CHD CLA ND . 14.35 -26.78 -53.61
NA CLA ND . 17.79 -29.55 -56.34
C1A CLA ND . 18.71 -28.53 -56.60
C2A CLA ND . 19.86 -29.03 -57.45
C3A CLA ND . 19.47 -30.49 -57.78
C4A CLA ND . 18.20 -30.70 -56.95
CMA CLA ND . 19.20 -30.68 -59.25
CAA CLA ND . 21.20 -28.96 -56.75
CBA CLA ND . 21.13 -29.44 -55.31
CGA CLA ND . 22.42 -29.09 -54.63
O1A CLA ND . 22.94 -27.97 -54.51
O2A CLA ND . 23.05 -30.17 -54.09
NB CLA ND . 15.59 -31.36 -55.61
C1B CLA ND . 16.45 -32.26 -56.18
C2B CLA ND . 15.96 -33.64 -55.93
C3B CLA ND . 14.80 -33.54 -55.21
C4B CLA ND . 14.55 -32.09 -55.01
CMB CLA ND . 16.66 -34.83 -56.42
CAB CLA ND . 13.94 -34.58 -54.71
CBB CLA ND . 13.72 -34.82 -53.41
NC CLA ND . 14.25 -29.20 -54.18
C1C CLA ND . 13.35 -30.21 -53.94
C2C CLA ND . 12.22 -29.69 -53.19
C3C CLA ND . 12.47 -28.34 -52.96
C4C CLA ND . 13.75 -28.04 -53.60
CMC CLA ND . 11.07 -30.49 -52.76
CAC CLA ND . 11.61 -27.39 -52.25
CBC CLA ND . 11.79 -27.46 -50.75
ND CLA ND . 16.34 -27.49 -54.86
C1D CLA ND . 15.57 -26.51 -54.20
C2D CLA ND . 16.29 -25.21 -54.24
C3D CLA ND . 17.45 -25.46 -54.96
C4D CLA ND . 17.42 -26.87 -55.34
CMD CLA ND . 15.82 -23.98 -53.63
CAD CLA ND . 18.67 -24.89 -55.48
OBD CLA ND . 19.12 -23.76 -55.36
CBD CLA ND . 19.37 -26.02 -56.30
CGD CLA ND . 19.46 -25.68 -57.75
O1D CLA ND . 20.16 -26.20 -58.62
O2D CLA ND . 18.66 -24.64 -58.09
CED CLA ND . 17.38 -24.95 -58.64
C1 CLA ND . 23.52 -31.17 -55.01
C2 CLA ND . 24.37 -32.11 -54.25
MG CLA OD . 15.25 -25.46 -69.72
CHA CLA OD . 18.68 -25.86 -69.86
CHB CLA OD . 15.24 -24.34 -72.93
CHC CLA OD . 11.84 -25.13 -69.54
CHD CLA OD . 15.32 -26.51 -66.35
NA CLA OD . 16.74 -25.19 -71.16
C1A CLA OD . 18.11 -25.42 -71.02
C2A CLA OD . 18.84 -25.11 -72.32
C3A CLA OD . 17.73 -24.59 -73.26
C4A CLA OD . 16.47 -24.73 -72.41
CMA CLA OD . 17.98 -23.17 -73.68
CAA CLA OD . 19.40 -26.41 -72.83
CBA CLA OD . 20.27 -26.29 -74.06
CGA CLA OD . 20.41 -27.64 -74.65
O1A CLA OD . 20.50 -28.73 -74.08
O2A CLA OD . 20.44 -27.64 -76.02
NB CLA OD . 13.82 -24.86 -70.99
C1B CLA OD . 14.02 -24.39 -72.25
C2B CLA OD . 12.74 -23.94 -72.84
C3B CLA OD . 11.76 -24.16 -71.88
C4B CLA OD . 12.44 -24.76 -70.70
CMB CLA OD . 12.66 -23.39 -74.19
CAB CLA OD . 10.33 -23.93 -71.89
CBB CLA OD . 9.62 -23.28 -72.80
NC CLA OD . 13.84 -25.80 -68.22
C1C CLA OD . 12.49 -25.63 -68.37
C2C CLA OD . 11.81 -25.99 -67.14
C3C CLA OD . 12.80 -26.34 -66.22
C4C CLA OD . 14.07 -26.23 -66.91
CMC CLA OD . 10.36 -25.94 -66.95
CAC CLA OD . 12.59 -26.79 -64.84
CBC CLA OD . 12.72 -28.29 -64.71
ND CLA OD . 16.62 -26.12 -68.39
C1D CLA OD . 16.53 -26.47 -67.01
C2D CLA OD . 17.88 -26.77 -66.49
C3D CLA OD . 18.74 -26.58 -67.55
C4D CLA OD . 17.91 -26.15 -68.70
CMD CLA OD . 18.17 -27.17 -65.12
CAD CLA OD . 20.12 -26.61 -68.00
OBD CLA OD . 21.13 -26.96 -67.40
CBD CLA OD . 20.12 -26.10 -69.48
CGD CLA OD . 20.90 -24.82 -69.62
O1D CLA OD . 21.14 -24.19 -70.65
O2D CLA OD . 21.38 -24.32 -68.45
CED CLA OD . 22.71 -23.82 -68.45
MG CLA PD . 13.47 -16.96 -77.44
CHA CLA PD . 16.37 -17.68 -75.68
CHB CLA PD . 15.25 -15.15 -79.69
CHC CLA PD . 10.57 -16.35 -79.16
CHD CLA PD . 11.62 -18.76 -75.01
NA CLA PD . 15.49 -16.51 -77.63
C1A CLA PD . 16.55 -16.89 -76.79
C2A CLA PD . 17.88 -16.34 -77.31
C3A CLA PD . 17.46 -15.46 -78.51
C4A CLA PD . 15.97 -15.72 -78.64
CMA CLA PD . 17.73 -14.00 -78.27
CAA CLA PD . 18.76 -17.48 -77.79
CBA CLA PD . 18.12 -18.28 -78.91
CGA CLA PD . 17.31 -19.40 -78.36
O1A CLA PD . 17.69 -20.39 -77.72
O2A CLA PD . 15.97 -19.26 -78.61
NB CLA PD . 12.98 -15.87 -79.06
C1B CLA PD . 13.88 -15.31 -79.91
C2B CLA PD . 13.20 -14.88 -81.16
C3B CLA PD . 11.88 -15.22 -81.03
C4B CLA PD . 11.72 -15.86 -79.68
CMB CLA PD . 13.89 -14.26 -82.28
CAB CLA PD . 10.79 -15.05 -81.95
CBB CLA PD . 10.10 -16.06 -82.50
NC CLA PD . 11.47 -17.47 -77.14
C1C CLA PD . 10.45 -17.12 -77.97
C2C CLA PD . 9.19 -17.65 -77.46
C3C CLA PD . 9.49 -18.31 -76.28
C4C CLA PD . 10.92 -18.19 -76.08
CMC CLA PD . 7.90 -17.49 -78.11
CAC CLA PD . 8.56 -19.01 -75.39
CBC CLA PD . 7.92 -18.09 -74.38
ND CLA PD . 13.85 -18.09 -75.81
C1D CLA PD . 13.00 -18.72 -74.88
C2D CLA PD . 13.82 -19.33 -73.81
C3D CLA PD . 15.12 -18.99 -74.10
C4D CLA PD . 15.08 -18.18 -75.32
CMD CLA PD . 13.30 -20.13 -72.70
CAD CLA PD . 16.51 -19.11 -73.69
OBD CLA PD . 17.00 -19.79 -72.80
CBD CLA PD . 17.33 -18.19 -74.63
CGD CLA PD . 17.90 -17.05 -73.82
O1D CLA PD . 17.32 -16.39 -72.95
O2D CLA PD . 19.21 -16.78 -74.09
CED CLA PD . 20.09 -17.83 -74.47
C1 CLA PD . 15.14 -20.40 -78.35
C2 CLA PD . 13.74 -20.00 -78.64
C3 CLA PD . 13.26 -19.89 -79.90
C4 CLA PD . 14.09 -20.17 -81.09
C5 CLA PD . 11.85 -19.47 -80.14
MG CLA QD . 8.62 -8.01 -73.58
CHA CLA QD . 9.60 -10.50 -71.35
CHB CLA QD . 7.95 -10.38 -75.92
CHC CLA QD . 7.31 -5.55 -75.58
CHD CLA QD . 9.37 -5.59 -71.12
NA CLA QD . 8.82 -10.09 -73.63
C1A CLA QD . 9.22 -10.94 -72.59
C2A CLA QD . 9.20 -12.38 -73.05
C3A CLA QD . 8.98 -12.27 -74.57
C4A CLA QD . 8.53 -10.82 -74.74
CMA CLA QD . 10.29 -12.54 -75.26
CAA CLA QD . 8.06 -13.12 -72.39
CBA CLA QD . 7.78 -14.39 -73.13
CGA CLA QD . 7.07 -15.35 -72.23
O1A CLA QD . 7.38 -15.74 -71.10
O2A CLA QD . 5.92 -15.84 -72.79
NB CLA QD . 7.82 -7.98 -75.42
C1B CLA QD . 7.53 -9.06 -76.17
C2B CLA QD . 6.69 -8.66 -77.33
C3B CLA QD . 6.51 -7.30 -77.25
C4B CLA QD . 7.24 -6.84 -76.02
CMB CLA QD . 6.22 -9.58 -78.35
CAB CLA QD . 5.80 -6.41 -78.11
CBB CLA QD . 6.36 -5.41 -78.79
NC CLA QD . 8.44 -5.94 -73.40
C1C CLA QD . 7.89 -5.12 -74.35
C2C CLA QD . 7.93 -3.73 -73.91
C3C CLA QD . 8.50 -3.75 -72.63
C4C CLA QD . 8.82 -5.13 -72.33
CMC CLA QD . 7.44 -2.59 -74.67
CAC CLA QD . 8.75 -2.57 -71.78
CBC CLA QD . 7.68 -2.36 -70.75
ND CLA QD . 9.42 -7.97 -71.72
C1D CLA QD . 9.63 -6.91 -70.81
C2D CLA QD . 10.15 -7.46 -69.54
C3D CLA QD . 10.13 -8.84 -69.68
C4D CLA QD . 9.66 -9.10 -71.05
CMD CLA QD . 10.53 -6.66 -68.37
CAD CLA QD . 10.42 -10.11 -69.06
OBD CLA QD . 10.86 -10.36 -67.94
CBD CLA QD . 10.04 -11.22 -70.08
CGD CLA QD . 11.16 -12.23 -70.19
O1D CLA QD . 11.81 -12.70 -69.26
O2D CLA QD . 11.46 -12.68 -71.44
CED CLA QD . 11.72 -14.07 -71.57
MG CLA RD . 8.62 -10.63 -61.29
CHA CLA RD . 7.35 -11.76 -58.28
CHB CLA RD . 5.49 -10.61 -62.60
CHC CLA RD . 9.97 -9.79 -64.33
CHD CLA RD . 11.84 -10.53 -59.84
NA CLA RD . 6.73 -11.08 -60.52
C1A CLA RD . 6.41 -11.56 -59.25
C2A CLA RD . 4.90 -11.75 -59.11
C3A CLA RD . 4.34 -11.24 -60.45
C4A CLA RD . 5.60 -10.95 -61.26
CMA CLA RD . 3.45 -12.23 -61.15
CAA CLA RD . 4.38 -10.89 -57.98
CBA CLA RD . 2.87 -10.83 -57.95
CGA CLA RD . 2.33 -11.95 -57.13
O1A CLA RD . 2.76 -12.40 -56.07
O2A CLA RD . 1.20 -12.50 -57.66
NB CLA RD . 7.88 -10.27 -63.11
C1B CLA RD . 6.56 -10.31 -63.46
C2B CLA RD . 6.41 -10.01 -64.90
C3B CLA RD . 7.67 -9.77 -65.40
C4B CLA RD . 8.62 -9.94 -64.26
CMB CLA RD . 5.09 -10.00 -65.55
CAB CLA RD . 8.15 -9.44 -66.72
CBB CLA RD . 7.41 -9.04 -67.76
NC CLA RD . 10.56 -10.22 -61.94
C1C CLA RD . 10.87 -9.91 -63.24
C2C CLA RD . 12.31 -9.72 -63.36
C3C CLA RD . 12.84 -9.90 -62.08
C4C CLA RD . 11.73 -10.22 -61.20
CMC CLA RD . 13.00 -9.40 -64.60
CAC CLA RD . 14.26 -9.82 -61.71
CBC CLA RD . 14.97 -11.15 -61.85
ND CLA RD . 9.46 -10.98 -59.48
C1D CLA RD . 10.80 -10.88 -59.02
C2D CLA RD . 10.83 -11.28 -57.60
C3D CLA RD . 9.55 -11.71 -57.29
C4D CLA RD . 8.74 -11.48 -58.49
CMD CLA RD . 12.02 -11.27 -56.76
CAD CLA RD . 8.68 -12.22 -56.25
OBD CLA RD . 8.95 -12.54 -55.11
CBD CLA RD . 7.26 -12.29 -56.87
CGD CLA RD . 6.75 -13.70 -56.95
O1D CLA RD . 6.67 -14.40 -57.96
O2D CLA RD . 6.33 -14.22 -55.78
CED CLA RD . 5.35 -15.27 -55.85
C1 CLA RD . 1.38 -13.64 -58.53
C2 CLA RD . 0.17 -13.71 -59.38
C3 CLA RD . 0.01 -14.65 -60.33
C4 CLA RD . 1.04 -15.69 -60.59
C5 CLA RD . -1.21 -14.70 -61.17
MG CLA SD . -8.81 -4.74 -67.76
CHA CLA SD . -10.88 -7.51 -67.69
CHB CLA SD . -6.99 -6.16 -70.25
CHC CLA SD . -6.76 -1.99 -67.75
CHD CLA SD . -10.71 -3.32 -65.14
NA CLA SD . -8.96 -6.54 -68.81
C1A CLA SD . -9.89 -7.56 -68.63
C2A CLA SD . -9.63 -8.70 -69.62
C3A CLA SD . -8.43 -8.21 -70.44
C4A CLA SD . -8.09 -6.87 -69.80
CMA CLA SD . -7.26 -9.16 -70.35
CAA CLA SD . -10.84 -8.92 -70.52
CBA CLA SD . -10.88 -7.92 -71.65
CGA CLA SD . -11.75 -8.47 -72.75
O1A CLA SD . -12.94 -8.72 -72.72
O2A CLA SD . -11.06 -8.70 -73.91
NB CLA SD . -7.19 -4.18 -68.80
C1B CLA SD . -6.57 -4.92 -69.75
C2B CLA SD . -5.35 -4.23 -70.22
C3B CLA SD . -5.27 -3.04 -69.52
C4B CLA SD . -6.45 -3.01 -68.61
CMB CLA SD . -4.48 -4.78 -71.25
CAB CLA SD . -4.31 -1.97 -69.58
CBB CLA SD . -3.68 -1.55 -70.67
NC CLA SD . -8.77 -2.97 -66.67
C1C CLA SD . -7.85 -1.97 -66.85
C2C CLA SD . -8.14 -0.87 -65.94
C3C CLA SD . -9.24 -1.26 -65.18
C4C CLA SD . -9.64 -2.58 -65.64
CMC CLA SD . -7.37 0.37 -65.86
CAC CLA SD . -9.91 -0.47 -64.14
CBC CLA SD . -11.16 0.18 -64.65
ND CLA SD . -10.45 -5.21 -66.68
C1D CLA SD . -11.10 -4.55 -65.61
C2D CLA SD . -12.22 -5.39 -65.14
C3D CLA SD . -12.18 -6.54 -65.91
C4D CLA SD . -11.06 -6.38 -66.84
CMD CLA SD . -13.15 -5.03 -64.07
CAD CLA SD . -12.81 -7.81 -66.19
OBD CLA SD . -13.81 -8.31 -65.70
CBD CLA SD . -11.96 -8.50 -67.29
CGD CLA SD . -11.36 -9.75 -66.70
O1D CLA SD . -11.65 -10.26 -65.61
O2D CLA SD . -10.40 -10.35 -67.44
CED CLA SD . -9.13 -10.59 -66.81
C1 CLA SD . -11.81 -9.34 -74.98
MG CLA TD . -12.38 -17.92 -68.20
CHA CLA TD . -10.85 -14.90 -68.94
CHB CLA TD . -9.36 -19.46 -68.35
CHC CLA TD . -13.94 -20.88 -67.46
CHD CLA TD . -15.50 -16.26 -68.12
NA CLA TD . -10.43 -17.26 -68.59
C1A CLA TD . -10.00 -15.95 -68.87
C2A CLA TD . -8.49 -15.91 -69.09
C3A CLA TD . -8.06 -17.38 -68.98
C4A CLA TD . -9.36 -18.10 -68.60
CMA CLA TD . -7.49 -17.92 -70.26
CAA CLA TD . -7.77 -15.07 -68.05
CBA CLA TD . -6.34 -14.79 -68.44
CGA CLA TD . -5.65 -14.11 -67.30
O1A CLA TD . -6.00 -14.10 -66.12
O2A CLA TD . -4.52 -13.42 -67.64
NB CLA TD . -11.78 -19.83 -68.06
C1B CLA TD . -10.48 -20.23 -67.99
C2B CLA TD . -10.41 -21.62 -67.46
C3B CLA TD . -11.69 -22.01 -67.21
C4B CLA TD . -12.59 -20.88 -67.58
CMB CLA TD . -9.16 -22.33 -67.27
CAB CLA TD . -12.19 -23.26 -66.67
CBB CLA TD . -12.73 -23.38 -65.46
NC CLA TD . -14.36 -18.46 -67.86
C1C CLA TD . -14.78 -19.74 -67.59
C2C CLA TD . -16.23 -19.77 -67.43
C3C CLA TD . -16.66 -18.46 -67.60
C4C CLA TD . -15.49 -17.65 -67.87
CMC CLA TD . -17.01 -20.97 -67.13
CAC CLA TD . -18.06 -17.98 -67.51
CBC CLA TD . -18.52 -17.82 -66.08
ND CLA TD . -13.07 -16.03 -68.35
C1D CLA TD . -14.39 -15.50 -68.35
C2D CLA TD . -14.31 -14.05 -68.63
C3D CLA TD . -12.98 -13.76 -68.84
C4D CLA TD . -12.25 -15.04 -68.68
CMD CLA TD . -15.46 -13.17 -68.66
CAD CLA TD . -12.00 -12.74 -69.14
OBD CLA TD . -12.16 -11.53 -69.28
CBD CLA TD . -10.63 -13.44 -69.28
CGD CLA TD . -10.10 -13.30 -70.67
O1D CLA TD . -10.39 -13.98 -71.65
O2D CLA TD . -9.18 -12.31 -70.82
CED CLA TD . -7.82 -12.69 -71.06
C1 CLA TD . -3.62 -13.14 -66.54
C2 CLA TD . -2.75 -12.01 -66.96
C3 CLA TD . -2.05 -11.27 -66.09
C4 CLA TD . -2.08 -11.52 -64.64
C5 CLA TD . -1.18 -10.14 -66.56
MG CLA UD . -16.40 -5.02 -48.08
CHA CLA UD . -16.22 -7.11 -45.34
CHB CLA UD . -19.35 -6.44 -48.95
CHC CLA UD . -16.67 -2.74 -50.63
CHD CLA UD . -13.37 -3.52 -47.08
NA CLA UD . -17.54 -6.58 -47.30
C1A CLA UD . -17.30 -7.32 -46.14
C2A CLA UD . -18.38 -8.37 -45.93
C3A CLA UD . -19.23 -8.27 -47.22
C4A CLA UD . -18.69 -7.02 -47.89
CMA CLA UD . -19.08 -9.49 -48.10
CAA CLA UD . -19.21 -8.09 -44.69
CBA CLA UD . -19.47 -6.62 -44.51
CGA CLA UD . -20.63 -6.21 -45.35
O1A CLA UD . -21.78 -6.66 -45.33
O2A CLA UD . -20.35 -5.21 -46.24
NB CLA UD . -17.75 -4.67 -49.54
C1B CLA UD . -18.94 -5.29 -49.65
C2B CLA UD . -19.78 -4.59 -50.67
C3B CLA UD . -19.03 -3.54 -51.14
C4B CLA UD . -17.71 -3.59 -50.44
CMB CLA UD . -21.12 -5.01 -51.04
CAB CLA UD . -19.36 -2.58 -52.15
CBB CLA UD . -19.34 -1.25 -51.99
NC CLA UD . -15.19 -3.48 -48.78
C1C CLA UD . -15.46 -2.71 -49.87
C2C CLA UD . -14.39 -1.74 -50.09
C3C CLA UD . -13.49 -1.92 -49.06
C4C CLA UD . -13.99 -3.01 -48.24
CMC CLA UD . -14.36 -0.78 -51.19
CAC CLA UD . -12.23 -1.18 -48.83
CBC CLA UD . -11.13 -1.61 -49.75
ND CLA UD . -14.98 -5.32 -46.68
C1D CLA UD . -13.83 -4.58 -46.33
C2D CLA UD . -13.24 -5.15 -45.10
C3D CLA UD . -14.12 -6.12 -44.68
C4D CLA UD . -15.21 -6.17 -45.68
CMD CLA UD . -12.00 -4.69 -44.49
CAD CLA UD . -14.39 -7.16 -43.70
OBD CLA UD . -13.69 -7.57 -42.79
CBD CLA UD . -15.81 -7.71 -44.01
CGD CLA UD . -15.89 -9.21 -43.97
O1D CLA UD . -16.61 -9.90 -43.26
O2D CLA UD . -15.04 -9.83 -44.83
CED CLA UD . -14.38 -10.99 -44.32
C1 CLA UD . -19.38 -4.23 -45.83
C2 CLA UD . -19.92 -2.91 -46.23
C3 CLA UD . -19.29 -1.76 -45.98
C4 CLA UD . -17.98 -1.70 -45.29
C5 CLA UD . -19.88 -0.47 -46.41
MG CLA VD . -10.61 -12.42 -50.19
CHA CLA VD . -12.17 -15.45 -49.58
CHB CLA VD . -12.27 -11.04 -47.58
CHC CLA VD . -8.86 -9.50 -50.71
CHD CLA VD . -8.87 -13.92 -52.86
NA CLA VD . -12.03 -13.15 -48.85
C1A CLA VD . -12.54 -14.44 -48.74
C2A CLA VD . -13.56 -14.54 -47.62
C3A CLA VD . -13.71 -13.06 -47.15
C4A CLA VD . -12.59 -12.35 -47.89
CMA CLA VD . -15.05 -12.49 -47.55
CAA CLA VD . -13.08 -15.44 -46.50
CBA CLA VD . -12.93 -14.71 -45.19
CGA CLA VD . -11.54 -14.19 -45.06
O1A CLA VD . -11.08 -13.41 -44.23
O2A CLA VD . -10.70 -14.66 -46.03
NB CLA VD . -10.64 -10.58 -49.36
C1B CLA VD . -11.27 -10.27 -48.20
C2B CLA VD . -10.76 -8.96 -47.69
C3B CLA VD . -9.81 -8.53 -48.59
C4B CLA VD . -9.72 -9.55 -49.65
CMB CLA VD . -11.25 -8.35 -46.47
CAB CLA VD . -8.99 -7.34 -48.58
CBB CLA VD . -8.32 -6.88 -47.53
NC CLA VD . -9.18 -11.82 -51.57
C1C CLA VD . -8.61 -10.57 -51.62
C2C CLA VD . -7.66 -10.50 -52.72
C3C CLA VD . -7.64 -11.77 -53.30
C4C CLA VD . -8.60 -12.58 -52.58
CMC CLA VD . -6.87 -9.32 -53.06
CAC CLA VD . -6.82 -12.21 -54.44
CBC CLA VD . -5.48 -12.73 -53.97
ND CLA VD . -10.51 -14.23 -51.07
C1D CLA VD . -9.76 -14.70 -52.17
C2D CLA VD . -10.10 -16.12 -52.40
C3D CLA VD . -11.00 -16.47 -51.42
C4D CLA VD . -11.23 -15.25 -50.62
CMD CLA VD . -9.51 -16.94 -53.46
CAD CLA VD . -11.83 -17.52 -50.87
OBD CLA VD . -11.95 -18.68 -51.22
CBD CLA VD . -12.61 -16.89 -49.67
CGD CLA VD . -14.09 -16.99 -49.85
O1D CLA VD . -14.73 -16.84 -50.90
O2D CLA VD . -14.77 -17.25 -48.71
CED CLA VD . -16.13 -16.80 -48.63
C1 CLA VD . -9.35 -14.92 -45.62
C2 CLA VD . -9.39 -15.98 -44.59
C3 CLA VD . -8.29 -16.43 -43.95
C4 CLA VD . -6.94 -15.92 -44.25
C5 CLA VD . -8.39 -17.48 -42.91
MG CLA WD . 0.02 4.19 -52.56
CHA CLA WD . 1.58 7.27 -52.28
CHB CLA WD . 2.41 2.79 -50.61
CHC CLA WD . -1.64 1.18 -52.77
CHD CLA WD . -2.48 5.69 -54.53
NA CLA WD . 1.73 4.93 -51.62
C1A CLA WD . 2.20 6.25 -51.61
C2A CLA WD . 3.47 6.36 -50.79
C3A CLA WD . 3.71 4.92 -50.30
C4A CLA WD . 2.55 4.14 -50.87
CMA CLA WD . 5.03 4.39 -50.80
CAA CLA WD . 3.22 7.25 -49.58
CBA CLA WD . 2.28 6.57 -48.61
CGA CLA WD . 1.23 7.54 -48.15
O1A CLA WD . 0.45 7.42 -47.20
O2A CLA WD . 1.15 8.66 -48.92
NB CLA WD . 0.28 2.37 -51.76
C1B CLA WD . 1.38 1.97 -51.09
C2B CLA WD . 1.37 0.49 -50.92
C3B CLA WD . 0.22 0.04 -51.53
C4B CLA WD . -0.48 1.22 -52.08
CMB CLA WD . 2.43 -0.23 -50.23
CAB CLA WD . -0.30 -1.29 -51.71
CBB CLA WD . -0.12 -2.32 -50.88
NC CLA WD . -1.73 3.56 -53.50
C1C CLA WD . -2.22 2.29 -53.46
C2C CLA WD . -3.47 2.21 -54.19
C3C CLA WD . -3.72 3.48 -54.69
C4C CLA WD . -2.62 4.33 -54.24
CMC CLA WD . -4.28 1.01 -54.36
CAC CLA WD . -4.87 3.90 -55.50
CBC CLA WD . -6.05 4.26 -54.62
ND CLA WD . -0.34 6.00 -53.38
C1D CLA WD . -1.43 6.49 -54.14
C2D CLA WD . -1.22 7.93 -54.40
C3D CLA WD . -0.06 8.27 -53.74
C4D CLA WD . 0.42 7.04 -53.09
CMD CLA WD . -2.09 8.75 -55.22
CAD CLA WD . 0.89 9.32 -53.43
OBD CLA WD . 0.96 10.46 -53.85
CBD CLA WD . 1.91 8.73 -52.40
CGD CLA WD . 3.32 8.95 -52.84
O1D CLA WD . 3.96 8.32 -53.68
O2D CLA WD . 3.94 9.96 -52.18
CED CLA WD . 3.95 11.24 -52.82
C1 CLA WD . -0.16 9.01 -49.39
C2 CLA WD . -0.15 10.45 -49.77
C3 CLA WD . -1.23 11.08 -50.25
C4 CLA WD . -2.53 10.39 -50.42
C5 CLA WD . -1.17 12.53 -50.61
MG CLA XD . 3.20 0.47 -81.69
CHA CLA XD . 6.28 0.48 -83.25
CHB CLA XD . 1.94 2.40 -84.19
CHC CLA XD . 0.12 0.28 -80.19
CHD CLA XD . 4.58 -1.47 -79.08
NA CLA XD . 4.01 1.31 -83.42
C1A CLA XD . 5.32 1.18 -83.90
C2A CLA XD . 5.50 1.96 -85.20
C3A CLA XD . 4.16 2.71 -85.36
C4A CLA XD . 3.29 2.10 -84.26
CMA CLA XD . 4.34 4.19 -85.16
CAA CLA XD . 5.76 1.02 -86.36
CBA CLA XD . 4.63 1.05 -87.38
CGA CLA XD . 3.64 -0.05 -87.09
O1A CLA XD . 2.84 -0.58 -87.85
O2A CLA XD . 3.67 -0.46 -85.78
NB CLA XD . 1.38 1.24 -82.08
C1B CLA XD . 1.05 1.91 -83.22
C2B CLA XD . -0.43 2.08 -83.28
C3B CLA XD . -0.95 1.48 -82.16
C4B CLA XD . 0.20 0.95 -81.38
CMB CLA XD . -1.12 2.76 -84.37
CAB CLA XD . -2.31 1.34 -81.73
CBB CLA XD . -2.93 0.18 -81.54
NC CLA XD . 2.50 -0.40 -79.94
C1C CLA XD . 1.19 -0.34 -79.50
C2C CLA XD . 1.05 -1.04 -78.25
C3C CLA XD . 2.31 -1.56 -77.94
C4C CLA XD . 3.21 -1.15 -79.00
CMC CLA XD . -0.20 -1.17 -77.50
CAC CLA XD . 2.67 -2.36 -76.75
CBC CLA XD . 2.92 -1.48 -75.55
ND CLA XD . 4.99 -0.32 -81.21
C1D CLA XD . 5.43 -1.10 -80.10
C2D CLA XD . 6.87 -1.40 -80.27
C3D CLA XD . 7.23 -0.84 -81.47
C4D CLA XD . 6.04 -0.17 -82.00
CMD CLA XD . 7.67 -2.17 -79.33
CAD CLA XD . 8.33 -0.59 -82.40
OBD CLA XD . 9.49 -0.95 -82.34
CBD CLA XD . 7.74 0.25 -83.57
CGD CLA XD . 8.44 1.56 -83.76
O1D CLA XD . 8.65 2.15 -84.81
O2D CLA XD . 8.87 2.13 -82.59
CED CLA XD . 9.12 3.53 -82.62
MG CLA YD . -4.21 4.68 -88.25
CHA CLA YD . -0.80 5.14 -88.64
CHB CLA YD . -4.75 7.89 -89.21
CHC CLA YD . -7.58 4.13 -87.93
CHD CLA YD . -3.58 1.34 -87.25
NA CLA YD . -2.96 6.25 -88.83
C1A CLA YD . -1.56 6.24 -88.92
C2A CLA YD . -1.04 7.61 -89.37
C3A CLA YD . -2.31 8.47 -89.44
C4A CLA YD . -3.43 7.49 -89.15
CMA CLA YD . -2.27 9.61 -88.43
CAA CLA YD . -0.36 7.56 -90.73
CBA CLA YD . -0.87 6.45 -91.63
CGA CLA YD . 0.29 5.67 -92.17
O1A CLA YD . 1.21 6.05 -92.89
O2A CLA YD . 0.27 4.35 -91.78
NB CLA YD . -5.84 5.82 -88.42
C1B CLA YD . -5.87 7.06 -88.98
C2B CLA YD . -7.26 7.43 -89.33
C3B CLA YD . -8.06 6.38 -88.98
C4B CLA YD . -7.17 5.34 -88.39
CMB CLA YD . -7.59 8.71 -89.97
CAB CLA YD . -9.47 6.20 -89.12
CBB CLA YD . -10.15 6.35 -90.26
NC CLA YD . -5.36 3.04 -87.68
C1C CLA YD . -6.72 3.05 -87.60
C2C CLA YD . -7.19 1.74 -87.14
C3C CLA YD . -6.07 0.95 -86.98
C4C CLA YD . -4.92 1.77 -87.31
CMC CLA YD . -8.59 1.39 -86.95
CAC CLA YD . -6.03 -0.44 -86.54
CBC CLA YD . -5.91 -1.39 -87.70
ND CLA YD . -2.62 3.44 -88.08
C1D CLA YD . -2.50 2.10 -87.62
C2D CLA YD . -1.08 1.73 -87.60
C3D CLA YD . -0.38 2.86 -87.98
C4D CLA YD . -1.39 3.91 -88.25
CMD CLA YD . -0.57 0.41 -87.22
CAD CLA YD . 0.92 3.43 -88.26
OBD CLA YD . 2.02 2.91 -88.23
CBD CLA YD . 0.69 4.93 -88.62
CGD CLA YD . 1.36 5.82 -87.62
O1D CLA YD . 1.69 5.53 -86.47
O2D CLA YD . 1.63 7.08 -88.07
CED CLA YD . 2.46 7.89 -87.25
C1 CLA YD . 1.34 3.51 -92.27
C2 CLA YD . 2.50 3.69 -91.35
C3 CLA YD . 3.49 2.80 -91.26
C4 CLA YD . 3.52 1.55 -92.07
MG CLA ZD . -21.53 7.57 -88.45
CHA CLA ZD . -18.44 9.05 -87.92
CHB CLA ZD . -23.04 10.26 -87.11
CHC CLA ZD . -24.52 5.95 -88.81
CHD CLA ZD . -19.87 4.71 -89.71
NA CLA ZD . -20.83 9.38 -87.70
C1A CLA ZD . -19.51 9.82 -87.56
C2A CLA ZD . -19.48 11.23 -86.96
C3A CLA ZD . -20.96 11.67 -87.03
C4A CLA ZD . -21.68 10.36 -87.29
CMA CLA ZD . -21.41 12.32 -85.76
CAA CLA ZD . -18.59 12.21 -87.69
CBA CLA ZD . -18.88 12.31 -89.18
CGA CLA ZD . -18.17 13.51 -89.71
O1A CLA ZD . -17.95 14.58 -89.15
O2A CLA ZD . -17.72 13.36 -90.99
NB CLA ZD . -23.45 8.09 -88.21
C1B CLA ZD . -23.77 9.08 -87.32
C2B CLA ZD . -24.99 8.73 -86.56
C3B CLA ZD . -25.43 7.51 -87.02
C4B CLA ZD . -24.47 7.11 -88.10
CMB CLA ZD . -25.57 9.59 -85.52
CAB CLA ZD . -26.59 6.77 -86.59
CBB CLA ZD . -27.38 5.98 -87.32
NC CLA ZD . -22.09 5.71 -89.24
C1C CLA ZD . -23.38 5.29 -89.36
C2C CLA ZD . -23.43 4.00 -90.04
C3C CLA ZD . -22.10 3.58 -90.18
C4C CLA ZD . -21.27 4.68 -89.67
CMC CLA ZD . -24.64 3.28 -90.38
CAC CLA ZD . -21.61 2.35 -90.81
CBC CLA ZD . -20.81 2.58 -92.06
ND CLA ZD . -19.63 6.94 -88.75
C1D CLA ZD . -19.09 5.75 -89.26
C2D CLA ZD . -17.62 5.85 -89.28
C3D CLA ZD . -17.32 7.09 -88.79
C4D CLA ZD . -18.60 7.74 -88.47
CMD CLA ZD . -16.71 4.80 -89.75
CAD CLA ZD . -16.27 8.03 -88.49
OBD CLA ZD . -15.08 7.94 -88.72
CBD CLA ZD . -16.95 9.28 -87.86
CGD CLA ZD . -16.54 9.48 -86.44
O1D CLA ZD . -15.99 10.46 -85.93
O2D CLA ZD . -16.84 8.41 -85.64
CED CLA ZD . -17.89 8.55 -84.67
C1 CLA ZD . -16.30 13.34 -91.18
C2 CLA ZD . -15.92 11.91 -91.30
C3 CLA ZD . -14.74 11.48 -91.78
C4 CLA ZD . -13.70 12.43 -92.24
C5 CLA ZD . -14.43 10.03 -91.86
MG CLA AE . -32.67 8.09 -87.53
CHA CLA AE . -35.65 7.00 -88.92
CHB CLA AE . -30.96 6.31 -89.86
CHC CLA AE . -29.78 9.51 -86.40
CHD CLA AE . -34.49 9.84 -85.06
NA CLA AE . -33.24 6.81 -89.08
C1A CLA AE . -34.54 6.48 -89.51
C2A CLA AE . -34.47 5.48 -90.66
C3A CLA AE . -32.99 5.02 -90.65
C4A CLA AE . -32.33 6.12 -89.83
CMA CLA AE . -32.82 3.66 -90.03
CAA CLA AE . -34.87 6.10 -91.98
CBA CLA AE . -35.80 5.19 -92.78
CGA CLA AE . -35.41 3.74 -92.71
O1A CLA AE . -35.54 2.96 -91.77
O2A CLA AE . -34.86 3.25 -93.87
NB CLA AE . -30.71 7.86 -87.98
C1B CLA AE . -30.27 7.28 -89.12
C2B CLA AE . -28.94 7.84 -89.50
C3B CLA AE . -28.60 8.76 -88.53
C4B CLA AE . -29.72 8.76 -87.54
CMB CLA AE . -28.21 7.40 -90.68
CAB CLA AE . -27.44 9.60 -88.36
CBB CLA AE . -26.47 9.82 -89.24
NC CLA AE . -32.22 9.36 -85.95
C1C CLA AE . -30.95 9.76 -85.63
C2C CLA AE . -30.97 10.62 -84.46
C3C CLA AE . -32.31 10.77 -84.09
C4C CLA AE . -33.09 9.96 -85.03
CMC CLA AE . -29.78 11.23 -83.86
CAC CLA AE . -32.86 11.56 -82.98
CBC CLA AE . -32.44 11.06 -81.61
ND CLA AE . -34.60 8.36 -87.02
C1D CLA AE . -35.21 9.11 -85.98
C2D CLA AE . -36.67 9.02 -86.14
C3D CLA AE . -36.90 8.27 -87.27
C4D CLA AE . -35.57 7.86 -87.77
CMD CLA AE . -37.64 9.69 -85.26
CAD CLA AE . -37.89 7.72 -88.17
OBD CLA AE . -39.10 7.87 -88.17
CBD CLA AE . -37.12 6.83 -89.20
CGD CLA AE . -37.58 5.43 -88.95
O1D CLA AE . -38.51 5.12 -88.21
O2D CLA AE . -36.91 4.45 -89.59
CED CLA AE . -36.37 3.42 -88.77
C1 CLA AE . -34.30 1.93 -93.77
C2 CLA AE . -34.19 1.38 -95.14
C3 CLA AE . -33.86 0.10 -95.38
C4 CLA AE . -33.75 -0.45 -96.76
C5 CLA AE . -33.60 -0.84 -94.26
MG CLA BE . -12.45 -22.76 -75.19
CHA CLA BE . -12.67 -26.05 -74.13
CHB CLA BE . -12.60 -21.71 -71.97
CHC CLA BE . -12.19 -19.52 -76.29
CHD CLA BE . -12.45 -23.89 -78.54
NA CLA BE . -12.61 -23.75 -73.35
C1A CLA BE . -12.68 -25.13 -73.12
C2A CLA BE . -12.80 -25.42 -71.61
C3A CLA BE . -12.79 -24.01 -70.97
C4A CLA BE . -12.65 -23.07 -72.17
CMA CLA BE . -14.03 -23.74 -70.18
CAA CLA BE . -11.63 -26.25 -71.09
CBA CLA BE . -12.09 -27.61 -70.59
CGA CLA BE . -13.36 -27.51 -69.80
O1A CLA BE . -13.65 -26.71 -68.91
O2A CLA BE . -14.29 -28.45 -70.16
NB CLA BE . -12.40 -20.95 -74.30
C1B CLA BE . -12.48 -20.74 -72.97
C2B CLA BE . -12.38 -19.28 -72.70
C3B CLA BE . -12.27 -18.64 -73.90
C4B CLA BE . -12.29 -19.70 -74.95
CMB CLA BE . -12.43 -18.72 -71.35
CAB CLA BE . -12.16 -17.21 -74.12
CBB CLA BE . -12.28 -16.53 -75.26
NC CLA BE . -12.33 -21.88 -77.07
C1C CLA BE . -12.22 -20.54 -77.30
C2C CLA BE . -12.13 -20.26 -78.72
C3C CLA BE . -12.24 -21.49 -79.37
C4C CLA BE . -12.37 -22.51 -78.32
CMC CLA BE . -11.98 -18.93 -79.31
CAC CLA BE . -12.21 -21.73 -80.82
CBC CLA BE . -10.83 -21.64 -81.41
ND CLA BE . -12.51 -24.52 -76.17
C1D CLA BE . -12.52 -24.84 -77.55
C2D CLA BE . -12.59 -26.31 -77.70
C3D CLA BE . -12.62 -26.83 -76.41
C4D CLA BE . -12.58 -25.67 -75.50
CMD CLA BE . -12.58 -27.01 -78.97
CAD CLA BE . -12.67 -28.03 -75.61
OBD CLA BE . -12.68 -29.20 -75.95
CBD CLA BE . -12.74 -27.57 -74.11
CGD CLA BE . -13.98 -28.04 -73.43
O1D CLA BE . -14.17 -29.13 -72.88
O2D CLA BE . -14.99 -27.13 -73.43
CED CLA BE . -16.17 -27.46 -72.68
MG CLA CE . -8.53 -30.19 -78.25
CHA CLA CE . -7.82 -32.94 -76.23
CHB CLA CE . -8.88 -28.24 -75.50
CHC CLA CE . -9.08 -27.49 -80.31
CHD CLA CE . -8.15 -32.27 -81.09
NA CLA CE . -8.39 -30.56 -76.20
C1A CLA CE . -8.09 -31.76 -75.55
C2A CLA CE . -8.07 -31.57 -74.03
C3A CLA CE . -8.50 -30.09 -73.84
C4A CLA CE . -8.60 -29.57 -75.28
CMA CLA CE . -9.81 -29.94 -73.12
CAA CLA CE . -6.68 -31.78 -73.49
CBA CLA CE . -5.80 -30.55 -73.62
CGA CLA CE . -5.41 -30.29 -75.04
O1A CLA CE . -5.03 -31.09 -75.91
O2A CLA CE . -5.54 -28.98 -75.40
NB CLA CE . -8.96 -28.25 -77.96
C1B CLA CE . -8.98 -27.63 -76.75
C2B CLA CE . -9.13 -26.16 -76.94
C3B CLA CE . -9.18 -25.94 -78.30
C4B CLA CE . -9.07 -27.27 -78.97
CMB CLA CE . -9.18 -25.23 -75.81
CAB CLA CE . -9.31 -24.72 -79.05
CBB CLA CE . -8.71 -23.57 -78.76
NC CLA CE . -8.64 -29.94 -80.32
C1C CLA CE . -8.88 -28.75 -80.95
C2C CLA CE . -8.88 -28.94 -82.39
C3C CLA CE . -8.61 -30.29 -82.62
C4C CLA CE . -8.45 -30.91 -81.30
CMC CLA CE . -9.12 -27.87 -83.37
CAC CLA CE . -8.49 -30.96 -83.92
CBC CLA CE . -7.06 -31.22 -84.32
ND CLA CE . -8.11 -32.13 -78.64
C1D CLA CE . -7.99 -32.85 -79.86
C2D CLA CE . -7.65 -34.26 -79.55
C3D CLA CE . -7.55 -34.34 -78.17
C4D CLA CE . -7.85 -32.99 -77.65
CMD CLA CE . -7.44 -35.31 -80.55
CAD CLA CE . -7.30 -35.20 -77.04
OBD CLA CE . -7.00 -36.40 -77.03
CBD CLA CE . -7.46 -34.33 -75.75
CGD CLA CE . -8.45 -34.91 -74.77
O1D CLA CE . -8.97 -34.36 -73.80
O2D CLA CE . -8.77 -36.22 -74.99
CED CLA CE . -9.21 -36.98 -73.87
MG CLA DE . -18.52 -10.99 -70.12
CHA CLA DE . -18.61 -13.43 -72.58
CHB CLA DE . -15.84 -9.56 -71.62
CHC CLA DE . -18.45 -8.63 -67.63
CHD CLA DE . -21.26 -12.56 -68.54
NA CLA DE . -17.43 -11.43 -71.84
C1A CLA DE . -17.63 -12.49 -72.74
C2A CLA DE . -16.60 -12.43 -73.88
C3A CLA DE . -15.76 -11.18 -73.55
C4A CLA DE . -16.37 -10.67 -72.25
CMA CLA DE . -14.31 -11.53 -73.35
CAA CLA DE . -17.26 -12.28 -75.24
CBA CLA DE . -16.23 -11.99 -76.31
CGA CLA DE . -16.74 -12.37 -77.66
O1A CLA DE . -17.88 -12.27 -78.12
O2A CLA DE . -15.77 -12.90 -78.45
NB CLA DE . -17.42 -9.35 -69.74
C1B CLA DE . -16.29 -9.00 -70.42
C2B CLA DE . -15.58 -7.92 -69.69
C3B CLA DE . -16.31 -7.65 -68.56
C4B CLA DE . -17.48 -8.56 -68.57
CMB CLA DE . -14.32 -7.36 -70.18
CAB CLA DE . -16.10 -6.73 -67.46
CBB CLA DE . -15.14 -5.80 -67.35
NC CLA DE . -19.67 -10.66 -68.41
C1C CLA DE . -19.48 -9.61 -67.54
C2C CLA DE . -20.47 -9.66 -66.48
C3C CLA DE . -21.25 -10.79 -66.72
C4C CLA DE . -20.74 -11.41 -67.94
CMC CLA DE . -20.55 -8.71 -65.38
CAC CLA DE . -22.37 -11.27 -65.90
CBC CLA DE . -23.64 -10.48 -66.09
ND CLA DE . -19.67 -12.61 -70.40
C1D CLA DE . -20.78 -13.15 -69.68
C2D CLA DE . -21.25 -14.37 -70.36
C3D CLA DE . -20.46 -14.52 -71.47
C4D CLA DE . -19.49 -13.40 -71.46
CMD CLA DE . -22.36 -15.20 -69.89
CAD CLA DE . -20.16 -15.33 -72.64
OBD CLA DE . -20.69 -16.37 -73.02
CBD CLA DE . -18.99 -14.63 -73.39
CGD CLA DE . -17.81 -15.55 -73.56
O1D CLA DE . -16.88 -15.45 -74.35
O2D CLA DE . -17.80 -16.60 -72.69
CED CLA DE . -16.70 -16.70 -71.78
C1 CLA DE . -16.16 -13.34 -79.77
C2 CLA DE . -14.97 -13.17 -80.63
C3 CLA DE . -14.78 -13.85 -81.78
C4 CLA DE . -15.76 -14.86 -82.26
C5 CLA DE . -13.57 -13.62 -82.61
MG CLA EE . -18.15 -5.16 -81.60
CHA CLA EE . -19.23 -8.10 -80.13
CHB CLA EE . -16.05 -4.63 -78.96
CHC CLA EE . -17.01 -2.34 -83.16
CHD CLA EE . -20.32 -5.79 -84.32
NA CLA EE . -17.74 -6.21 -79.84
C1A CLA EE . -18.29 -7.42 -79.42
C2A CLA EE . -17.68 -7.86 -78.10
C3A CLA EE . -16.74 -6.70 -77.72
C4A CLA EE . -16.82 -5.76 -78.92
CMA CLA EE . -17.17 -6.03 -76.44
CAA CLA EE . -16.85 -9.10 -78.38
CBA CLA EE . -15.84 -8.90 -79.49
CGA CLA EE . -16.38 -9.29 -80.84
O1A CLA EE . -16.71 -10.41 -81.25
O2A CLA EE . -16.51 -8.23 -81.70
NB CLA EE . -16.80 -3.75 -81.15
C1B CLA EE . -16.05 -3.70 -80.02
C2B CLA EE . -15.19 -2.48 -80.04
C3B CLA EE . -15.45 -1.83 -81.22
C4B CLA EE . -16.47 -2.64 -81.95
CMB CLA EE . -14.27 -2.14 -78.96
CAB CLA EE . -14.87 -0.63 -81.75
CBB CLA EE . -13.57 -0.41 -81.86
NC CLA EE . -18.60 -4.23 -83.40
C1C CLA EE . -18.01 -3.09 -83.85
C2C CLA EE . -18.54 -2.73 -85.15
C3C CLA EE . -19.49 -3.70 -85.48
C4C CLA EE . -19.51 -4.64 -84.37
CMC CLA EE . -18.14 -1.56 -85.93
CAC CLA EE . -20.31 -3.79 -86.70
CBC CLA EE . -21.74 -3.36 -86.45
ND CLA EE . -19.50 -6.56 -82.14
C1D CLA EE . -20.33 -6.70 -83.28
C2D CLA EE . -21.13 -7.93 -83.14
C3D CLA EE . -20.76 -8.51 -81.95
C4D CLA EE . -19.73 -7.61 -81.37
CMD CLA EE . -22.12 -8.39 -84.12
CAD CLA EE . -20.95 -9.61 -81.03
OBD CLA EE . -21.71 -10.56 -81.10
CBD CLA EE . -19.95 -9.39 -79.85
CGD CLA EE . -20.63 -9.31 -78.53
O1D CLA EE . -20.90 -8.28 -77.90
O2D CLA EE . -20.96 -10.51 -77.98
CED CLA EE . -20.80 -10.66 -76.57
C1 CLA EE . -15.46 -8.04 -82.67
C2 CLA EE . -15.63 -6.69 -83.27
C3 CLA EE . -14.71 -6.13 -84.06
C4 CLA EE . -13.43 -6.81 -84.39
C5 CLA EE . -14.91 -4.77 -84.64
MG CLA FE . -8.48 -1.99 -77.76
CHA CLA FE . -10.62 -4.44 -76.55
CHB CLA FE . -6.90 -1.89 -74.76
CHC CLA FE . -6.46 0.49 -78.98
CHD CLA FE . -10.13 -2.16 -80.88
NA CLA FE . -8.74 -3.01 -75.96
C1A CLA FE . -9.69 -4.00 -75.65
C2A CLA FE . -9.51 -4.48 -74.22
C3A CLA FE . -8.30 -3.68 -73.70
C4A CLA FE . -7.94 -2.79 -74.88
CMA CLA FE . -8.63 -2.90 -72.46
CAA CLA FE . -9.22 -5.96 -74.18
CBA CLA FE . -7.75 -6.24 -74.08
CGA CLA FE . -7.56 -7.72 -74.05
O1A CLA FE . -8.22 -8.56 -73.44
O2A CLA FE . -6.51 -8.14 -74.83
NB CLA FE . -6.98 -0.90 -77.01
C1B CLA FE . -6.46 -1.01 -75.77
C2B CLA FE . -5.33 -0.06 -75.61
C3B CLA FE . -5.20 0.61 -76.79
C4B CLA FE . -6.24 0.10 -77.70
CMB CLA FE . -4.56 0.04 -74.37
CAB CLA FE . -4.25 1.64 -77.15
CBB CLA FE . -3.48 1.64 -78.24
NC CLA FE . -8.33 -1.02 -79.60
C1C CLA FE . -7.43 -0.04 -79.87
C2C CLA FE . -7.61 0.43 -81.23
C3C CLA FE . -8.64 -0.32 -81.78
C4C CLA FE . -9.09 -1.23 -80.74
CMC CLA FE . -6.82 1.49 -81.86
CAC CLA FE . -9.18 -0.22 -83.14
CBC CLA FE . -8.63 -1.28 -84.05
ND CLA FE . -9.98 -3.04 -78.60
C1D CLA FE . -10.56 -3.01 -79.89
C2D CLA FE . -11.65 -4.00 -79.95
C3D CLA FE . -11.72 -4.56 -78.70
C4D CLA FE . -10.67 -3.94 -77.89
CMD CLA FE . -12.46 -4.27 -81.14
CAD CLA FE . -12.39 -5.54 -77.87
OBD CLA FE . -13.31 -6.29 -78.14
CBD CLA FE . -11.71 -5.46 -76.46
CGD CLA FE . -12.74 -5.06 -75.44
O1D CLA FE . -13.88 -4.63 -75.66
O2D CLA FE . -12.34 -5.20 -74.15
CED CLA FE . -13.37 -5.24 -73.14
C1 CLA FE . -5.94 -9.43 -74.49
C2 CLA FE . -6.63 -10.45 -75.32
MG CLA GE . -8.16 25.72 -32.73
CHA CLA GE . -7.28 25.53 -29.40
CHB CLA GE . -6.93 22.60 -33.23
CHC CLA GE . -9.12 25.94 -36.02
CHD CLA GE . -9.37 29.00 -32.17
NA CLA GE . -7.25 24.32 -31.50
C1A CLA GE . -6.98 24.42 -30.13
C2A CLA GE . -6.30 23.15 -29.61
C3A CLA GE . -6.10 22.30 -30.89
C4A CLA GE . -6.82 23.12 -31.96
CMA CLA GE . -4.65 22.10 -31.24
CAA CLA GE . -7.19 22.42 -28.63
CBA CLA GE . -8.67 22.63 -28.88
CGA CLA GE . -9.17 21.67 -29.90
O1A CLA GE . -8.57 20.76 -30.49
O2A CLA GE . -10.50 21.85 -30.19
NB CLA GE . -7.99 24.53 -34.34
C1B CLA GE . -7.55 23.24 -34.31
C2B CLA GE . -7.83 22.59 -35.62
C3B CLA GE . -8.45 23.53 -36.40
C4B CLA GE . -8.56 24.77 -35.60
CMB CLA GE . -7.49 21.20 -35.90
CAB CLA GE . -8.93 23.41 -37.75
CBB CLA GE . -8.43 24.07 -38.79
NC CLA GE . -9.08 27.21 -33.87
C1C CLA GE . -9.37 27.08 -35.20
C2C CLA GE . -9.99 28.31 -35.68
C3C CLA GE . -10.07 29.17 -34.60
C4C CLA GE . -9.49 28.48 -33.46
CMC CLA GE . -10.44 28.52 -37.05
CAC CLA GE . -10.62 30.53 -34.60
CBC CLA GE . -11.91 30.66 -33.83
ND CLA GE . -8.38 27.00 -31.18
C1D CLA GE . -8.86 28.33 -31.09
C2D CLA GE . -8.73 28.79 -29.69
C3D CLA GE . -8.16 27.76 -29.00
C4D CLA GE . -7.94 26.67 -29.97
CMD CLA GE . -9.16 30.10 -29.20
CAD CLA GE . -7.70 27.28 -27.71
OBD CLA GE . -7.76 27.82 -26.62
CBD CLA GE . -7.05 25.88 -27.94
CGD CLA GE . -5.59 25.92 -27.64
O1D CLA GE . -4.85 26.90 -27.72
O2D CLA GE . -5.08 24.73 -27.23
CED CLA GE . -5.56 24.18 -26.00
C1 CLA GE . -11.46 21.59 -29.14
C2 CLA GE . -12.77 22.11 -29.61
C3 CLA GE . -13.95 21.73 -29.08
C4 CLA GE . -14.04 20.75 -27.98
C5 CLA GE . -15.23 22.28 -29.59
MG CLA HE . -16.07 15.72 -42.49
CHA CLA HE . -13.00 14.13 -42.75
CHB CLA HE . -17.60 12.69 -42.29
CHC CLA HE . -19.07 17.33 -42.11
CHD CLA HE . -14.43 18.83 -42.67
NA CLA HE . -15.39 13.74 -42.54
C1A CLA HE . -14.07 13.28 -42.64
C2A CLA HE . -14.03 11.76 -42.63
C3A CLA HE . -15.50 11.35 -42.53
C4A CLA HE . -16.24 12.68 -42.44
CMA CLA HE . -15.94 10.55 -43.72
CAA CLA HE . -13.26 11.24 -41.43
CBA CLA HE . -13.56 12.05 -40.18
CGA CLA HE . -12.77 11.50 -39.05
O1A CLA HE . -13.02 10.52 -38.34
O2A CLA HE . -11.63 12.20 -38.81
NB CLA HE . -17.96 15.13 -42.21
C1B CLA HE . -18.39 13.85 -42.20
C2B CLA HE . -19.87 13.81 -42.09
C3B CLA HE . -20.30 15.12 -42.05
C4B CLA HE . -19.09 15.97 -42.13
CMB CLA HE . -20.64 12.57 -42.06
CAB CLA HE . -21.63 15.65 -41.95
CBB CLA HE . -22.21 16.38 -42.89
NC CLA HE . -16.64 17.71 -42.43
C1C CLA HE . -17.91 18.15 -42.27
C2C CLA HE . -17.96 19.60 -42.25
C3C CLA HE . -16.64 20.04 -42.41
C4C CLA HE . -15.82 18.84 -42.51
CMC CLA HE . -19.16 20.40 -42.10
CAC CLA HE . -16.15 21.42 -42.43
CBC CLA HE . -16.39 22.08 -43.76
ND CLA HE . -14.19 16.39 -42.77
C1D CLA HE . -13.65 17.70 -42.79
C2D CLA HE . -12.18 17.60 -42.94
C3D CLA HE . -11.89 16.26 -42.94
C4D CLA HE . -13.16 15.55 -42.80
CMD CLA HE . -11.29 18.75 -43.06
CAD CLA HE . -10.85 15.27 -43.05
OBD CLA HE . -9.65 15.43 -43.25
CBD CLA HE . -11.52 13.88 -42.85
CGD CLA HE . -11.19 12.92 -43.95
O1D CLA HE . -11.97 12.30 -44.68
O2D CLA HE . -9.85 12.74 -44.15
CED CLA HE . -9.40 12.65 -45.50
C1 CLA HE . -11.39 12.60 -37.44
C2 CLA HE . -10.05 13.25 -37.42
C3 CLA HE . -9.84 14.51 -37.88
C4 CLA HE . -10.94 15.34 -38.43
C5 CLA HE . -8.48 15.10 -37.84
C1 PQN IE . -13.69 24.35 -48.17
O1 PQN IE . -14.70 23.96 -48.79
C2 PQN IE . -13.77 24.62 -46.71
C2M PQN IE . -15.07 24.43 -45.97
C3 PQN IE . -12.56 25.08 -45.97
C4 PQN IE . -11.27 25.26 -46.69
O4 PQN IE . -10.26 25.65 -46.06
C5 PQN IE . -11.19 24.99 -48.15
C6 PQN IE . -9.99 25.16 -48.84
C7 PQN IE . -9.95 24.90 -50.21
C8 PQN IE . -11.07 24.47 -50.90
C9 PQN IE . -12.29 24.29 -50.25
C10 PQN IE . -12.39 24.53 -48.89
C11 PQN IE . -12.64 25.36 -44.48
C12 PQN IE . -12.39 24.08 -43.71
C13 PQN IE . -11.84 24.12 -42.50
C14 PQN IE . -11.46 25.44 -41.90
C15 PQN IE . -11.59 22.84 -41.74
C16 PQN IE . -12.79 22.54 -40.85
C17 PQN IE . -12.43 22.67 -39.38
C18 PQN IE . -12.41 21.30 -38.70
C19 PQN IE . -11.94 20.22 -39.67
C20 PQN IE . -13.79 20.98 -38.15
C21 PQN IE . -13.75 19.75 -37.25
C22 PQN IE . -13.63 20.15 -35.79
C23 PQN IE . -14.05 19.01 -34.87
C24 PQN IE . -15.48 19.21 -34.37
C25 PQN IE . -13.08 18.88 -33.72
C26 PQN IE . -12.67 17.43 -33.50
C27 PQN IE . -12.67 17.08 -32.01
C28 PQN IE . -13.52 15.84 -31.75
C29 PQN IE . -12.83 14.59 -32.28
C30 PQN IE . -13.84 15.70 -30.26
C1 BCR JE . 3.69 -38.66 -50.28
C2 BCR JE . 2.82 -38.75 -49.05
C3 BCR JE . 3.64 -39.00 -47.84
C4 BCR JE . 4.58 -37.85 -47.61
C5 BCR JE . 5.33 -37.54 -48.85
C6 BCR JE . 4.94 -37.90 -50.07
C7 BCR JE . 5.74 -37.59 -51.26
C8 BCR JE . 5.72 -36.39 -51.84
C9 BCR JE . 5.97 -36.19 -53.25
C10 BCR JE . 6.98 -35.40 -53.64
C11 BCR JE . 7.37 -35.20 -55.02
C33 BCR JE . 6.58 -36.79 -48.61
C31 BCR JE . 2.84 -38.06 -51.39
C32 BCR JE . 4.04 -40.08 -50.68
C34 BCR JE . 5.19 -36.98 -54.22
C12 BCR JE . 8.56 -34.64 -55.28
C13 BCR JE . 9.03 -34.36 -56.61
C14 BCR JE . 10.22 -33.77 -56.78
C15 BCR JE . 10.68 -33.30 -58.06
C16 BCR JE . 11.97 -32.97 -58.25
C17 BCR JE . 12.36 -32.63 -59.60
C18 BCR JE . 13.60 -32.29 -60.00
C19 BCR JE . 13.80 -31.93 -61.39
C20 BCR JE . 14.98 -31.53 -61.88
C21 BCR JE . 15.07 -31.14 -63.27
C22 BCR JE . 16.21 -30.90 -63.94
C23 BCR JE . 16.13 -30.47 -65.33
C24 BCR JE . 16.54 -31.22 -66.34
C25 BCR JE . 17.07 -30.71 -67.61
C26 BCR JE . 16.28 -30.15 -68.54
C27 BCR JE . 16.71 -29.62 -69.84
C28 BCR JE . 18.20 -29.37 -69.87
C29 BCR JE . 18.92 -30.56 -69.29
C30 BCR JE . 18.53 -30.86 -67.85
C35 BCR JE . 8.18 -34.66 -57.79
C36 BCR JE . 14.77 -32.36 -59.11
C37 BCR JE . 17.51 -31.35 -63.40
C38 BCR JE . 14.83 -29.99 -68.36
C39 BCR JE . 19.32 -30.01 -66.88
C40 BCR JE . 18.98 -32.30 -67.61
C1 BCR KE . 8.57 -26.76 -40.14
C2 BCR KE . 9.25 -26.56 -38.80
C3 BCR KE . 9.56 -25.09 -38.62
C4 BCR KE . 8.29 -24.30 -38.57
C5 BCR KE . 7.34 -24.70 -39.64
C6 BCR KE . 7.45 -25.81 -40.37
C7 BCR KE . 6.49 -26.16 -41.40
C8 BCR KE . 6.56 -25.68 -42.65
C9 BCR KE . 5.55 -25.91 -43.66
C10 BCR KE . 5.20 -24.90 -44.47
C11 BCR KE . 3.93 -24.82 -45.14
C33 BCR KE . 6.24 -23.74 -39.84
C31 BCR KE . 8.09 -28.19 -40.17
C32 BCR KE . 9.63 -26.56 -41.21
C34 BCR KE . 4.72 -27.12 -43.55
C12 BCR KE . 3.37 -23.63 -45.29
C13 BCR KE . 2.01 -23.31 -44.90
C14 BCR KE . 1.20 -22.74 -45.80
C15 BCR KE . -0.21 -22.53 -45.59
C16 BCR KE . -0.94 -21.86 -46.49
C17 BCR KE . -2.21 -21.34 -46.07
C18 BCR KE . -2.89 -20.36 -46.66
C19 BCR KE . -3.93 -19.67 -45.91
C20 BCR KE . -4.12 -18.35 -45.98
C21 BCR KE . -3.07 -17.46 -45.57
C22 BCR KE . -3.08 -16.13 -45.75
C23 BCR KE . -4.20 -15.53 -46.45
C24 BCR KE . -4.08 -14.53 -47.33
C25 BCR KE . -5.20 -14.01 -48.11
C26 BCR KE . -5.68 -14.66 -49.16
C27 BCR KE . -6.80 -14.22 -50.00
C28 BCR KE . -7.69 -13.30 -49.21
C29 BCR KE . -6.85 -12.21 -48.61
C30 BCR KE . -5.79 -12.71 -47.66
C35 BCR KE . 1.53 -23.64 -43.55
C36 BCR KE . -2.62 -19.94 -48.05
C37 BCR KE . -1.89 -15.31 -45.46
C38 BCR KE . -5.12 -15.94 -49.65
C39 BCR KE . -6.33 -12.83 -46.25
C40 BCR KE . -4.73 -11.61 -47.62
C1 BCR LE . 7.76 -38.50 -42.25
C2 BCR LE . 8.91 -38.68 -43.21
C3 BCR LE . 9.09 -37.44 -44.03
C4 BCR LE . 9.47 -36.29 -43.14
C5 BCR LE . 8.62 -36.22 -41.93
C6 BCR LE . 7.83 -37.21 -41.51
C7 BCR LE . 7.02 -37.10 -40.29
C8 BCR LE . 5.79 -36.61 -40.33
C9 BCR LE . 5.16 -35.93 -39.21
C10 BCR LE . 3.85 -35.66 -39.27
C11 BCR LE . 3.27 -34.37 -39.58
C33 BCR LE . 8.71 -34.94 -41.21
C31 BCR LE . 7.79 -39.67 -41.30
C32 BCR LE . 6.49 -38.55 -43.06
C34 BCR LE . 5.93 -35.78 -37.97
C12 BCR LE . 4.08 -33.41 -40.01
C13 BCR LE . 3.67 -32.05 -40.30
C14 BCR LE . 2.36 -31.76 -40.31
C15 BCR LE . 1.84 -30.43 -40.14
C16 BCR LE . 0.66 -30.07 -40.67
C17 BCR LE . -0.06 -28.98 -40.08
C18 BCR LE . -0.12 -27.72 -40.54
C19 BCR LE . -1.36 -26.99 -40.36
C20 BCR LE . -1.45 -25.68 -40.52
C21 BCR LE . -2.62 -25.01 -39.99
C22 BCR LE . -2.97 -23.73 -40.21
C23 BCR LE . -4.32 -23.33 -39.82
C24 BCR LE . -4.78 -22.08 -39.97
C25 BCR LE . -6.17 -21.75 -40.25
C26 BCR LE . -7.08 -21.68 -39.28
C27 BCR LE . -8.51 -21.34 -39.45
C28 BCR LE . -8.74 -20.58 -40.73
C29 BCR LE . -8.04 -21.29 -41.86
C30 BCR LE . -6.54 -21.46 -41.67
C35 BCR LE . 4.67 -30.98 -40.42
C36 BCR LE . 1.10 -26.98 -40.91
C37 BCR LE . -2.13 -22.83 -41.02
C38 BCR LE . -6.77 -21.97 -37.87
C39 BCR LE . -5.77 -20.24 -42.15
C40 BCR LE . -6.16 -22.60 -42.59
C1 BCR ME . -6.08 -19.33 -74.29
C2 BCR ME . -7.01 -20.47 -74.63
C3 BCR ME . -8.34 -20.27 -73.97
C4 BCR ME . -8.99 -19.02 -74.53
C5 BCR ME . -8.04 -17.88 -74.55
C6 BCR ME . -6.72 -18.00 -74.43
C7 BCR ME . -5.83 -16.84 -74.47
C8 BCR ME . -5.62 -16.08 -73.39
C9 BCR ME . -4.66 -14.99 -73.37
C10 BCR ME . -4.89 -13.94 -72.58
C11 BCR ME . -3.86 -13.07 -72.04
C33 BCR ME . -8.70 -16.58 -74.70
C31 BCR ME . -4.88 -19.45 -75.20
C32 BCR ME . -5.64 -19.54 -72.87
C34 BCR ME . -3.39 -15.15 -74.10
C12 BCR ME . -3.98 -11.75 -72.18
C13 BCR ME . -3.61 -10.78 -71.18
C14 BCR ME . -2.93 -9.68 -71.55
C15 BCR ME . -2.19 -8.84 -70.65
C16 BCR ME . -2.73 -7.74 -70.11
C17 BCR ME . -1.86 -6.89 -69.32
C18 BCR ME . -2.21 -5.82 -68.60
C19 BCR ME . -1.19 -4.81 -68.34
C20 BCR ME . -1.36 -3.76 -67.55
C21 BCR ME . -0.51 -2.62 -67.74
C22 BCR ME . 0.36 -2.12 -66.86
C23 BCR ME . 1.42 -1.24 -67.35
C24 BCR ME . 2.07 -0.39 -66.55
C25 BCR ME . 3.25 0.36 -66.91
C26 BCR ME . 3.16 1.50 -67.61
C27 BCR ME . 4.30 2.35 -68.02
C28 BCR ME . 5.53 2.08 -67.20
C29 BCR ME . 5.73 0.59 -67.08
C30 BCR ME . 4.57 -0.14 -66.44
C35 BCR ME . -4.16 -10.88 -69.81
C36 BCR ME . -3.45 -5.78 -67.80
C37 BCR ME . 0.11 -2.19 -65.41
C38 BCR ME . 1.88 2.04 -68.08
C39 BCR ME . 4.65 -0.08 -64.94
C40 BCR ME . 4.77 -1.61 -66.81
C1 BCR NE . -21.90 4.17 -36.03
C2 BCR NE . -22.78 2.96 -35.82
C3 BCR NE . -24.09 3.17 -36.53
C4 BCR NE . -23.86 3.28 -38.01
C5 BCR NE . -22.72 4.16 -38.34
C6 BCR NE . -21.81 4.58 -37.45
C7 BCR NE . -20.70 5.46 -37.83
C8 BCR NE . -20.85 6.78 -37.88
C9 BCR NE . -19.74 7.72 -37.95
C10 BCR NE . -20.02 9.01 -38.11
C11 BCR NE . -19.04 10.06 -38.27
C33 BCR NE . -22.66 4.56 -39.76
C31 BCR NE . -20.53 3.83 -35.49
C32 BCR NE . -22.49 5.29 -35.21
C34 BCR NE . -18.38 7.22 -37.70
C12 BCR NE . -19.51 11.30 -38.52
C13 BCR NE . -18.71 12.47 -38.76
C14 BCR NE . -19.33 13.66 -38.80
C15 BCR NE . -18.67 14.93 -38.91
C16 BCR NE . -19.18 15.99 -38.28
C17 BCR NE . -18.80 17.31 -38.72
C18 BCR NE . -18.85 18.43 -37.98
C19 BCR NE . -18.87 19.71 -38.65
C20 BCR NE . -18.86 20.87 -38.01
C21 BCR NE . -18.72 22.09 -38.76
C22 BCR NE . -18.24 23.25 -38.31
C23 BCR NE . -17.76 24.24 -39.27
C24 BCR NE . -17.52 25.50 -38.94
C25 BCR NE . -16.46 26.33 -39.51
C26 BCR NE . -15.25 26.38 -38.97
C27 BCR NE . -14.11 27.18 -39.45
C28 BCR NE . -14.36 27.76 -40.82
C29 BCR NE . -15.78 28.25 -40.93
C30 BCR NE . -16.80 27.15 -40.70
C35 BCR NE . -17.24 12.38 -38.70
C36 BCR NE . -18.62 18.40 -36.53
C37 BCR NE . -17.88 23.41 -36.88
C38 BCR NE . -14.89 25.59 -37.79
C39 BCR NE . -16.95 26.28 -41.93
C40 BCR NE . -18.13 27.87 -40.52
C1 BCR OE . 0.65 -0.54 -72.19
C2 BCR OE . 0.18 0.75 -72.83
C3 BCR OE . 0.96 1.90 -72.27
C4 BCR OE . 2.42 1.76 -72.63
C5 BCR OE . 2.91 0.37 -72.44
C6 BCR OE . 2.13 -0.69 -72.23
C7 BCR OE . 2.66 -2.03 -72.06
C8 BCR OE . 3.02 -2.50 -70.86
C9 BCR OE . 3.51 -3.86 -70.66
C10 BCR OE . 3.72 -4.64 -71.72
C11 BCR OE . 3.99 -6.06 -71.66
C33 BCR OE . 4.37 0.25 -72.49
C31 BCR OE . -0.04 -1.68 -72.90
C32 BCR OE . 0.18 -0.52 -70.75
C34 BCR OE . 3.66 -4.35 -69.28
C12 BCR OE . 2.95 -6.89 -71.64
C13 BCR OE . 2.87 -8.12 -72.39
C14 BCR OE . 3.99 -8.69 -72.84
C15 BCR OE . 4.03 -9.98 -73.47
C16 BCR OE . 5.16 -10.47 -74.00
C17 BCR OE . 5.26 -11.89 -74.21
C18 BCR OE . 4.82 -12.60 -75.24
C19 BCR OE . 4.97 -14.04 -75.23
C20 BCR OE . 4.60 -14.82 -76.26
C21 BCR OE . 4.99 -16.21 -76.25
C22 BCR OE . 4.65 -17.11 -77.18
C23 BCR OE . 4.80 -18.53 -76.89
C24 BCR OE . 3.90 -19.44 -77.29
C25 BCR OE . 4.12 -20.89 -77.36
C26 BCR OE . 4.31 -21.50 -78.52
C27 BCR OE . 4.52 -22.95 -78.72
C28 BCR OE . 4.67 -23.71 -77.43
C29 BCR OE . 3.80 -23.11 -76.36
C30 BCR OE . 4.10 -21.65 -76.08
C35 BCR OE . 1.55 -8.59 -72.86
C36 BCR OE . 4.26 -11.95 -76.45
C37 BCR OE . 4.24 -16.69 -78.53
C38 BCR OE . 4.33 -20.77 -79.80
C39 BCR OE . 5.40 -21.49 -75.33
C40 BCR OE . 2.98 -21.17 -75.16
FE1 SF4 PE . 6.33 37.06 -55.50
FE2 SF4 PE . 8.87 37.38 -56.47
FE3 SF4 PE . 7.15 35.63 -57.68
FE4 SF4 PE . 8.18 35.06 -55.22
S1 SF4 PE . 9.34 35.26 -57.16
S2 SF4 PE . 6.01 34.84 -55.88
S3 SF4 PE . 8.26 37.13 -54.29
S4 SF4 PE . 6.91 37.88 -57.54
FE1 SF4 QE . 13.65 40.18 -65.57
FE2 SF4 QE . 13.68 41.49 -67.97
FE3 SF4 QE . 12.17 39.23 -67.67
FE4 SF4 QE . 14.90 39.05 -67.73
S1 SF4 QE . 13.55 39.73 -69.42
S2 SF4 QE . 13.50 38.02 -66.27
S3 SF4 QE . 15.48 40.99 -66.66
S4 SF4 QE . 11.89 41.21 -66.59
C1 BCR RE . -26.82 7.50 -94.51
C2 BCR RE . -28.00 6.68 -94.98
C3 BCR RE . -29.11 6.72 -93.98
C4 BCR RE . -29.59 8.14 -93.82
C5 BCR RE . -28.48 9.09 -93.66
C6 BCR RE . -27.21 8.83 -93.95
C7 BCR RE . -26.14 9.81 -93.80
C8 BCR RE . -25.59 10.11 -92.63
C9 BCR RE . -24.57 11.14 -92.48
C10 BCR RE . -24.48 11.81 -91.32
C11 BCR RE . -23.63 12.95 -91.10
C33 BCR RE . -28.89 10.41 -93.13
C31 BCR RE . -25.90 7.67 -95.69
C32 BCR RE . -26.10 6.69 -93.45
C34 BCR RE . -23.77 11.50 -93.65
C12 BCR RE . -23.72 13.61 -89.94
C13 BCR RE . -22.73 14.53 -89.42
C14 BCR RE . -22.86 14.96 -88.15
C15 BCR RE . -21.80 15.59 -87.42
C16 BCR RE . -21.94 15.86 -86.11
C17 BCR RE . -20.77 16.32 -85.39
C18 BCR RE . -20.69 16.61 -84.09
C19 BCR RE . -19.38 16.89 -83.54
C20 BCR RE . -19.18 17.21 -82.26
C21 BCR RE . -17.83 17.45 -81.80
C22 BCR RE . -17.46 17.66 -80.53
C23 BCR RE . -16.08 18.04 -80.25
C24 BCR RE . -15.73 18.62 -79.10
C25 BCR RE . -14.40 18.60 -78.50
C26 BCR RE . -13.44 19.42 -78.93
C27 BCR RE . -12.06 19.50 -78.39
C28 BCR RE . -11.98 18.90 -77.01
C29 BCR RE . -12.69 17.57 -76.99
C30 BCR RE . -14.16 17.65 -77.38
C35 BCR RE . -21.49 14.79 -90.17
C36 BCR RE . -21.88 16.72 -83.23
C37 BCR RE . -18.37 17.33 -79.42
C38 BCR RE . -13.62 20.38 -80.03
C39 BCR RE . -15.02 18.05 -76.19
C40 BCR RE . -14.56 16.24 -77.74
MG CLA SE . -23.88 17.27 -96.81
CHA CLA SE . -22.62 17.35 -100.05
CHB CLA SE . -26.03 14.81 -97.72
CHC CLA SE . -24.85 16.98 -93.54
CHD CLA SE . -21.56 19.77 -95.89
NA CLA SE . -24.30 16.32 -98.61
C1A CLA SE . -23.66 16.47 -99.85
C2A CLA SE . -24.29 15.57 -100.89
C3A CLA SE . -25.56 15.03 -100.19
C4A CLA SE . -25.30 15.39 -98.73
CMA CLA SE . -26.81 15.69 -100.71
CAA CLA SE . -23.35 14.42 -101.22
CBA CLA SE . -23.86 13.60 -102.38
CGA CLA SE . -22.93 13.75 -103.53
O1A CLA SE . -22.36 14.76 -103.92
O2A CLA SE . -22.72 12.58 -104.20
NB CLA SE . -25.25 16.17 -95.83
C1B CLA SE . -25.88 15.08 -96.35
C2B CLA SE . -26.39 14.22 -95.26
C3B CLA SE . -26.06 14.83 -94.08
C4B CLA SE . -25.35 16.09 -94.42
CMB CLA SE . -27.12 12.97 -95.51
CAB CLA SE . -26.34 14.44 -92.72
CBB CLA SE . -27.56 14.27 -92.23
NC CLA SE . -23.37 18.28 -95.06
C1C CLA SE . -23.94 18.03 -93.84
C2C CLA SE . -23.39 18.94 -92.84
C3C CLA SE . -22.40 19.68 -93.48
C4C CLA SE . -22.40 19.27 -94.88
CMC CLA SE . -23.79 18.96 -91.44
CAC CLA SE . -21.56 20.73 -92.88
CBC CLA SE . -20.43 20.17 -92.07
ND CLA SE . -22.49 18.41 -97.72
C1D CLA SE . -21.58 19.38 -97.22
C2D CLA SE . -20.70 19.82 -98.31
C3D CLA SE . -21.05 19.07 -99.42
C4D CLA SE . -22.16 18.20 -98.99
CMD CLA SE . -19.65 20.84 -98.18
CAD CLA SE . -20.80 18.79 -100.83
OBD CLA SE . -19.98 19.31 -101.57
CBD CLA SE . -21.76 17.64 -101.26
CGD CLA SE . -22.54 17.95 -102.51
O1D CLA SE . -23.39 17.26 -103.06
O2D CLA SE . -22.23 19.14 -103.08
CED CLA SE . -22.14 19.17 -104.51
C1 BCR TE . -11.47 -1.63 -31.96
C2 BCR TE . -11.70 -2.90 -31.17
C3 BCR TE . -10.45 -3.27 -30.43
C4 BCR TE . -10.13 -2.19 -29.43
C5 BCR TE . -10.26 -0.84 -29.99
C6 BCR TE . -10.87 -0.54 -31.13
C7 BCR TE . -10.96 0.82 -31.65
C8 BCR TE . -11.87 1.68 -31.19
C9 BCR TE . -11.90 3.10 -31.54
C10 BCR TE . -12.73 3.91 -30.89
C11 BCR TE . -12.88 5.32 -31.14
C33 BCR TE . -9.65 0.22 -29.15
C31 BCR TE . -12.79 -1.24 -32.57
C32 BCR TE . -10.51 -1.99 -33.08
C34 BCR TE . -10.95 3.59 -32.54
C12 BCR TE . -13.53 6.07 -30.25
C13 BCR TE . -13.87 7.47 -30.39
C14 BCR TE . -14.54 8.07 -29.40
C15 BCR TE . -15.37 9.24 -29.57
C16 BCR TE . -16.05 9.73 -28.52
C17 BCR TE . -17.21 10.55 -28.75
C18 BCR TE . -17.93 11.17 -27.82
C19 BCR TE . -18.99 12.07 -28.25
C20 BCR TE . -19.74 12.77 -27.39
C21 BCR TE . -20.15 14.11 -27.77
C22 BCR TE . -21.32 14.69 -27.49
C23 BCR TE . -21.84 15.70 -28.40
C24 BCR TE . -22.77 16.59 -28.05
C25 BCR TE . -23.63 17.31 -28.97
C26 BCR TE . -23.18 18.34 -29.71
C27 BCR TE . -23.97 19.12 -30.68
C28 BCR TE . -25.27 18.45 -31.05
C29 BCR TE . -25.91 17.88 -29.81
C30 BCR TE . -25.04 16.86 -29.09
C35 BCR TE . -13.58 8.18 -31.65
C36 BCR TE . -17.49 11.23 -26.41
C37 BCR TE . -22.08 14.33 -26.27
C38 BCR TE . -21.79 18.82 -29.65
C39 BCR TE . -25.11 15.51 -29.75
C40 BCR TE . -25.68 16.71 -27.71
C1 BCR UE . -31.95 12.62 -88.72
C2 BCR UE . -32.15 11.16 -89.08
C3 BCR UE . -33.61 10.84 -89.01
C4 BCR UE . -34.38 11.63 -90.04
C5 BCR UE . -34.02 13.06 -89.97
C6 BCR UE . -32.92 13.53 -89.37
C7 BCR UE . -32.61 14.96 -89.33
C8 BCR UE . -33.19 15.78 -88.44
C9 BCR UE . -33.22 17.22 -88.59
C10 BCR UE . -34.31 17.88 -88.17
C11 BCR UE . -34.50 19.30 -88.32
C33 BCR UE . -34.99 13.94 -90.62
C31 BCR UE . -30.53 12.97 -89.10
C32 BCR UE . -32.08 12.72 -87.22
C34 BCR UE . -31.97 17.92 -88.96
C12 BCR UE . -35.21 19.93 -87.39
C13 BCR UE . -35.55 21.34 -87.42
C14 BCR UE . -35.29 22.06 -86.33
C15 BCR UE . -35.85 23.37 -86.09
C16 BCR UE . -35.42 24.12 -85.07
C17 BCR UE . -36.32 25.10 -84.52
C18 BCR UE . -35.96 26.27 -84.00
C19 BCR UE . -37.03 27.19 -83.63
C20 BCR UE . -36.82 28.50 -83.44
C21 BCR UE . -37.70 29.44 -84.09
C22 BCR UE . -37.32 30.59 -84.66
C23 BCR UE . -38.22 31.26 -85.58
C24 BCR UE . -37.82 32.22 -86.41
C25 BCR UE . -38.67 33.27 -86.98
C26 BCR UE . -39.48 33.03 -88.00
C27 BCR UE . -40.39 34.00 -88.66
C28 BCR UE . -40.60 35.22 -87.79
C29 BCR UE . -39.28 35.67 -87.21
C30 BCR UE . -38.59 34.62 -86.37
C35 BCR UE . -36.41 21.86 -88.49
C36 BCR UE . -34.60 26.80 -84.12
C37 BCR UE . -35.96 31.14 -84.42
C38 BCR UE . -39.59 31.69 -88.64
C39 BCR UE . -39.14 34.60 -84.95
C40 BCR UE . -37.13 35.09 -86.26
C1 BCR VE . -43.24 20.61 -95.02
C2 BCR VE . -44.32 19.92 -95.82
C3 BCR VE . -45.62 20.67 -95.65
C4 BCR VE . -45.48 22.05 -96.23
C5 BCR VE . -44.23 22.71 -95.80
C6 BCR VE . -43.20 22.08 -95.25
C7 BCR VE . -41.98 22.78 -94.85
C8 BCR VE . -41.87 23.33 -93.63
C9 BCR VE . -40.85 24.30 -93.27
C10 BCR VE . -39.61 23.89 -93.01
C11 BCR VE . -38.64 24.64 -92.25
C33 BCR VE . -44.22 24.17 -96.04
C31 BCR VE . -41.92 19.97 -95.42
C32 BCR VE . -43.50 20.33 -93.56
C34 BCR VE . -41.31 25.65 -92.90
C12 BCR VE . -37.36 24.24 -92.31
C13 BCR VE . -36.34 24.58 -91.36
C14 BCR VE . -36.50 25.63 -90.54
C15 BCR VE . -35.47 26.09 -89.64
C16 BCR VE . -35.57 27.28 -89.05
C17 BCR VE . -34.37 27.88 -88.51
C18 BCR VE . -34.29 29.10 -87.97
C19 BCR VE . -33.01 29.59 -87.51
C20 BCR VE . -32.84 30.83 -87.03
C21 BCR VE . -31.53 31.27 -86.65
C22 BCR VE . -31.21 32.50 -86.21
C23 BCR VE . -29.80 32.87 -86.14
C24 BCR VE . -29.38 34.07 -85.75
C25 BCR VE . -28.55 34.99 -86.51
C26 BCR VE . -29.03 36.17 -86.90
C27 BCR VE . -28.26 37.18 -87.66
C28 BCR VE . -26.82 37.13 -87.21
C29 BCR VE . -26.28 35.74 -87.37
C30 BCR VE . -27.15 34.59 -86.84
C35 BCR VE . -35.07 23.82 -91.35
C36 BCR VE . -35.47 29.99 -87.87
C37 BCR VE . -32.25 33.51 -85.94
C38 BCR VE . -30.40 36.61 -86.60
C39 BCR VE . -26.51 33.94 -85.63
C40 BCR VE . -27.10 33.56 -87.95
MG CLA WE . -64.13 74.70 -58.94
CHA CLA WE . -65.58 77.21 -57.05
CHB CLA WE . -61.82 76.92 -60.09
CHC CLA WE . -62.86 72.24 -60.97
CHD CLA WE . -66.61 72.45 -57.81
NA CLA WE . -63.73 76.71 -58.55
C1A CLA WE . -64.45 77.60 -57.74
C2A CLA WE . -63.80 78.98 -57.73
C3A CLA WE . -62.50 78.77 -58.53
C4A CLA WE . -62.67 77.37 -59.10
CMA CLA WE . -62.32 79.79 -59.63
CAA CLA WE . -63.46 79.44 -56.33
CBA CLA WE . -63.04 80.90 -56.30
CGA CLA WE . -61.54 80.98 -56.33
O1A CLA WE . -60.74 80.47 -55.56
O2A CLA WE . -61.07 81.72 -57.37
NB CLA WE . -62.54 74.56 -60.18
C1B CLA WE . -61.89 75.64 -60.68
C2B CLA WE . -61.26 75.30 -61.99
C3B CLA WE . -61.55 73.99 -62.23
C4B CLA WE . -62.35 73.50 -61.08
CMB CLA WE . -60.50 76.27 -62.77
CAB CLA WE . -61.21 73.15 -63.34
CBB CLA WE . -59.99 73.04 -63.86
NC CLA WE . -64.60 72.70 -59.26
C1C CLA WE . -63.91 71.87 -60.09
C2C CLA WE . -64.46 70.52 -60.04
C3C CLA WE . -65.57 70.59 -59.20
C4C CLA WE . -65.64 71.96 -58.70
CMC CLA WE . -63.94 69.40 -60.81
CAC CLA WE . -66.48 69.48 -58.84
CBC CLA WE . -65.85 68.42 -57.98
ND CLA WE . -65.71 74.74 -57.71
C1D CLA WE . -66.66 73.75 -57.34
C2D CLA WE . -67.65 74.36 -56.43
C3D CLA WE . -67.30 75.70 -56.30
C4D CLA WE . -66.08 75.88 -57.11
CMD CLA WE . -68.79 73.67 -55.84
CAD CLA WE . -67.62 76.96 -55.69
OBD CLA WE . -68.55 77.25 -54.94
CBD CLA WE . -66.53 77.98 -56.16
MG CLA XE . -62.16 63.25 -43.25
CHA CLA XE . -62.08 59.81 -43.58
CHB CLA XE . -64.56 62.96 -40.86
CHC CLA XE . -62.05 66.65 -42.81
CHD CLA XE . -59.60 63.50 -45.67
NA CLA XE . -63.16 61.64 -42.40
C1A CLA XE . -62.97 60.27 -42.65
C2A CLA XE . -63.88 59.42 -41.78
C3A CLA XE . -64.76 60.46 -41.05
C4A CLA XE . -64.12 61.79 -41.44
CMA CLA XE . -66.20 60.38 -41.47
CAA CLA XE . -63.03 58.74 -40.74
CBA CLA XE . -63.04 57.24 -40.85
CGA CLA XE . -61.67 56.69 -40.52
O1A CLA XE . -61.13 56.58 -39.42
O2A CLA XE . -60.99 56.26 -41.63
NB CLA XE . -63.06 64.55 -42.01
C1B CLA XE . -64.08 64.24 -41.15
C2B CLA XE . -64.64 65.48 -40.58
C3B CLA XE . -63.95 66.53 -41.13
C4B CLA XE . -62.94 65.95 -42.05
CMB CLA XE . -65.76 65.49 -39.63
CAB CLA XE . -64.11 67.95 -40.92
CBB CLA XE . -63.16 68.79 -40.52
NC CLA XE . -61.06 64.79 -44.12
C1C CLA XE . -61.18 66.11 -43.79
C2C CLA XE . -60.25 66.92 -44.56
C3C CLA XE . -59.55 66.03 -45.38
C4C CLA XE . -60.05 64.70 -45.08
CMC CLA XE . -60.13 68.37 -44.46
CAC CLA XE . -58.47 66.36 -46.33
CBC CLA XE . -58.94 67.08 -47.57
ND CLA XE . -61.18 62.02 -44.51
C1D CLA XE . -60.12 62.25 -45.41
C2D CLA XE . -59.69 60.95 -45.98
C3D CLA XE . -60.44 59.99 -45.34
C4D CLA XE . -61.32 60.70 -44.39
CMD CLA XE . -58.68 60.80 -47.02
CAD CLA XE . -60.75 58.57 -45.23
OBD CLA XE . -60.38 57.64 -45.93
CBD CLA XE . -61.69 58.41 -44.00
CGD CLA XE . -62.88 57.54 -44.33
O1D CLA XE . -63.16 56.44 -43.85
O2D CLA XE . -63.70 58.07 -45.27
CED CLA XE . -64.66 57.18 -45.86
C1 BCR YE . -22.37 11.66 -21.53
C2 BCR YE . -21.86 10.41 -20.86
C3 BCR YE . -20.59 10.72 -20.14
C4 BCR YE . -20.86 11.68 -19.02
C5 BCR YE . -21.65 12.85 -19.51
C6 BCR YE . -22.33 12.86 -20.64
C7 BCR YE . -23.08 14.03 -21.09
C8 BCR YE . -22.49 15.06 -21.69
C9 BCR YE . -23.19 16.06 -22.48
C10 BCR YE . -22.69 17.31 -22.52
C11 BCR YE . -23.26 18.41 -23.26
C33 BCR YE . -21.59 14.01 -18.61
C31 BCR YE . -23.77 11.39 -22.00
C32 BCR YE . -21.49 11.90 -22.73
C34 BCR YE . -24.22 15.61 -23.43
C12 BCR YE . -22.61 19.58 -23.26
C13 BCR YE . -23.03 20.80 -23.92
C14 BCR YE . -22.36 21.92 -23.64
C15 BCR YE . -22.74 23.24 -24.08
C16 BCR YE . -21.91 24.28 -23.90
C17 BCR YE . -22.40 25.63 -24.03
C18 BCR YE . -21.69 26.70 -24.38
C19 BCR YE . -22.33 28.01 -24.37
C20 BCR YE . -22.86 28.58 -25.46
C21 BCR YE . -22.55 29.96 -25.75
C22 BCR YE . -22.84 31.04 -25.01
C23 BCR YE . -21.83 31.50 -24.07
C24 BCR YE . -21.52 32.79 -23.89
C25 BCR YE . -20.49 33.27 -22.98
C26 BCR YE . -20.77 33.59 -21.72
C27 BCR YE . -19.80 34.09 -20.71
C28 BCR YE . -18.38 33.99 -21.20
C29 BCR YE . -18.29 34.34 -22.65
C30 BCR YE . -19.13 33.40 -23.52
C35 BCR YE . -23.96 20.75 -25.06
C36 BCR YE . -20.31 26.59 -24.87
C37 BCR YE . -23.94 31.95 -25.38
C38 BCR YE . -22.11 33.47 -21.15
C39 BCR YE . -18.47 32.05 -23.64
C40 BCR YE . -19.13 34.02 -24.91
MG CLA ZE . -21.72 36.48 -6.07
CHA CLA ZE . -21.13 35.05 -2.97
CHB CLA ZE . -23.49 33.74 -6.98
CHC CLA ZE . -22.33 37.97 -9.10
CHD CLA ZE . -19.82 39.30 -5.07
NA CLA ZE . -22.22 34.71 -5.11
C1A CLA ZE . -21.88 34.29 -3.81
C2A CLA ZE . -22.45 32.90 -3.51
C3A CLA ZE . -23.17 32.51 -4.82
C4A CLA ZE . -22.96 33.73 -5.72
CMA CLA ZE . -22.62 31.25 -5.43
CAA CLA ZE . -23.46 32.99 -2.38
CBA CLA ZE . -24.89 32.86 -2.88
CGA CLA ZE . -25.47 34.18 -3.28
O1A CLA ZE . -26.64 34.45 -3.57
O2A CLA ZE . -24.54 35.19 -3.29
NB CLA ZE . -22.65 35.93 -7.75
C1B CLA ZE . -23.39 34.80 -7.89
C2B CLA ZE . -24.16 34.84 -9.15
C3B CLA ZE . -23.86 36.02 -9.77
C4B CLA ZE . -22.89 36.75 -8.88
CMB CLA ZE . -25.05 33.74 -9.54
CAB CLA ZE . -24.34 36.57 -11.00
CBB CLA ZE . -25.37 36.14 -11.72
NC CLA ZE . -21.16 38.30 -6.92
C1C CLA ZE . -21.53 38.70 -8.18
C2C CLA ZE . -20.95 40.02 -8.44
C3C CLA ZE . -20.25 40.40 -7.31
C4C CLA ZE . -20.39 39.31 -6.35
CMC CLA ZE . -21.12 40.77 -9.68
CAC CLA ZE . -19.51 41.65 -7.10
CBC CLA ZE . -20.18 42.56 -6.11
ND CLA ZE . -20.73 37.12 -4.43
C1D CLA ZE . -19.98 38.28 -4.15
C2D CLA ZE . -19.43 38.19 -2.78
C3D CLA ZE . -19.85 36.98 -2.29
C4D CLA ZE . -20.64 36.34 -3.35
CMD CLA ZE . -18.61 39.21 -2.14
CAD CLA ZE . -19.81 36.07 -1.16
OBD CLA ZE . -19.25 36.20 -0.08
CBD CLA ZE . -20.63 34.81 -1.57
CGD CLA ZE . -19.82 33.55 -1.47
O1D CLA ZE . -19.52 32.77 -2.38
O2D CLA ZE . -19.38 33.29 -0.21
CED CLA ZE . -18.03 32.87 -0.06
C1 CLA ZE . -25.03 36.54 -3.17
C2 CLA ZE . -24.83 37.19 -4.49
C3 CLA ZE . -24.85 38.53 -4.65
C4 CLA ZE . -25.07 39.45 -3.51
C5 CLA ZE . -24.65 39.13 -6.00
MG CLA AF . -19.85 31.30 -17.73
CHA CLA AF . -19.40 33.48 -15.08
CHB CLA AF . -23.22 31.65 -17.43
CHC CLA AF . -20.25 29.20 -20.41
CHD CLA AF . -16.35 31.04 -18.05
NA CLA AF . -21.08 32.39 -16.44
C1A CLA AF . -20.69 33.25 -15.41
C2A CLA AF . -21.91 33.86 -14.74
C3A CLA AF . -23.10 33.22 -15.45
C4A CLA AF . -22.44 32.36 -16.53
CMA CLA AF . -23.89 32.38 -14.48
CAA CLA AF . -21.96 35.37 -14.97
CBA CLA AF . -23.17 35.97 -14.30
CGA CLA AF . -22.89 37.37 -13.83
O1A CLA AF . -23.19 38.44 -14.37
O2A CLA AF . -22.22 37.42 -12.64
NB CLA AF . -21.42 30.63 -18.78
C1B CLA AF . -22.72 30.81 -18.44
C2B CLA AF . -23.58 29.95 -19.27
C3B CLA AF . -22.77 29.25 -20.12
C4B CLA AF . -21.37 29.66 -19.81
CMB CLA AF . -25.03 29.93 -19.12
CAB CLA AF . -23.04 28.26 -21.12
CBB CLA AF . -24.26 27.87 -21.55
NC CLA AF . -18.53 30.29 -18.98
C1C CLA AF . -18.91 29.50 -20.02
C2C CLA AF . -17.73 28.98 -20.70
C3C CLA AF . -16.62 29.50 -20.04
C4C CLA AF . -17.14 30.33 -18.96
CMC CLA AF . -17.76 28.09 -21.86
CAC CLA AF . -15.21 29.28 -20.35
CBC CLA AF . -14.59 30.50 -21.01
ND CLA AF . -18.21 31.93 -16.74
C1D CLA AF . -16.83 31.81 -17.01
C2D CLA AF . -16.06 32.57 -16.01
C3D CLA AF . -17.01 33.19 -15.21
C4D CLA AF . -18.33 32.80 -15.74
CMD CLA AF . -14.61 32.62 -15.92
CAD CLA AF . -17.24 34.06 -14.07
OBD CLA AF . -16.44 34.51 -13.25
CBD CLA AF . -18.76 34.34 -14.03
CGD CLA AF . -19.31 34.02 -12.68
O1D CLA AF . -19.81 32.96 -12.30
O2D CLA AF . -19.25 35.05 -11.79
CED CLA AF . -20.19 35.04 -10.71
MG CLA BF . -33.02 27.15 -15.11
CHA CLA BF . -34.25 28.00 -11.79
CHB CLA BF . -35.05 24.44 -15.47
CHC CLA BF . -31.79 26.66 -18.33
CHD CLA BF . -30.90 30.14 -14.89
NA CLA BF . -34.49 26.24 -13.86
C1A CLA BF . -34.91 26.73 -12.52
C2A CLA BF . -36.05 25.66 -12.18
C3A CLA BF . -35.97 24.50 -13.18
C4A CLA BF . -35.14 25.12 -14.28
CMA CLA BF . -35.34 23.25 -12.62
CAA CLA BF . -37.51 26.02 -12.44
CBA CLA BF . -38.42 25.74 -11.25
CGA CLA BF . -39.81 25.36 -11.65
O1A CLA BF . -40.59 25.96 -12.38
O2A CLA BF . -40.22 24.18 -11.08
NB CLA BF . -33.32 25.78 -16.57
C1B CLA BF . -34.28 24.83 -16.57
C2B CLA BF . -34.39 24.20 -17.91
C3B CLA BF . -33.48 24.82 -18.71
C4B CLA BF . -32.77 25.83 -17.88
CMB CLA BF . -35.33 23.12 -18.23
CAB CLA BF . -33.17 24.62 -20.10
CBB CLA BF . -34.00 24.92 -21.11
NC CLA BF . -31.58 28.15 -16.35
C1C CLA BF . -31.23 27.75 -17.61
C2C CLA BF . -30.21 28.64 -18.16
C3C CLA BF . -30.01 29.64 -17.22
C4C CLA BF . -30.86 29.34 -16.07
CMC CLA BF . -29.60 28.48 -19.47
CAC CLA BF . -29.07 30.77 -17.32
CBC CLA BF . -27.91 30.66 -16.37
ND CLA BF . -32.57 28.77 -13.64
C1D CLA BF . -31.66 29.91 -13.74
C2D CLA BF . -31.76 30.69 -12.50
C3D CLA BF . -32.67 30.03 -11.69
C4D CLA BF . -33.18 28.86 -12.41
CMD CLA BF . -31.01 31.93 -12.23
CAD CLA BF . -33.41 30.08 -10.47
OBD CLA BF . -33.41 30.93 -9.59
CBD CLA BF . -34.28 28.81 -10.44
CGD CLA BF . -33.83 28.06 -9.22
O1D CLA BF . -32.85 27.34 -9.08
O2D CLA BF . -34.63 28.26 -8.14
CED CLA BF . -34.18 29.16 -7.13
C1 CLA BF . -39.52 22.99 -11.52
C2 CLA BF . -39.33 23.14 -12.98
C3 CLA BF . -38.65 22.29 -13.76
C4 CLA BF . -38.02 21.06 -13.24
C5 CLA BF . -38.52 22.56 -15.22
C1 BCR CF . -5.22 10.19 -34.12
C2 BCR CF . -4.02 9.27 -34.25
C3 BCR CF . -2.96 9.90 -35.09
C4 BCR CF . -2.46 11.13 -34.39
C5 BCR CF . -3.58 12.02 -34.02
C6 BCR CF . -4.86 11.62 -33.88
C7 BCR CF . -5.95 12.53 -33.52
C8 BCR CF . -6.13 13.00 -32.30
C9 BCR CF . -7.42 13.44 -31.76
C10 BCR CF . -7.49 14.60 -31.09
C11 BCR CF . -8.38 14.84 -29.96
C33 BCR CF . -3.17 13.43 -33.81
C31 BCR CF . -6.08 9.65 -32.99
C32 BCR CF . -5.99 10.08 -35.41
C34 BCR CF . -8.47 12.42 -31.64
C12 BCR CF . -8.67 16.10 -29.61
C13 BCR CF . -8.31 16.74 -28.36
C14 BCR CF . -9.05 17.76 -27.91
C15 BCR CF . -8.77 18.51 -26.70
C16 BCR CF . -9.33 19.70 -26.45
C17 BCR CF . -9.23 20.27 -25.13
C18 BCR CF . -9.60 21.51 -24.75
C19 BCR CF . -9.61 21.87 -23.35
C20 BCR CF . -9.75 23.12 -22.92
C21 BCR CF . -10.40 23.40 -21.66
C22 BCR CF . -10.71 24.61 -21.18
C23 BCR CF . -11.63 24.74 -20.05
C24 BCR CF . -12.67 25.59 -20.04
C25 BCR CF . -13.39 26.08 -18.87
C26 BCR CF . -13.09 27.26 -18.33
C27 BCR CF . -13.74 27.88 -17.16
C28 BCR CF . -15.13 27.34 -16.98
C29 BCR CF . -15.08 25.83 -17.03
C30 BCR CF . -14.50 25.25 -18.30
C35 BCR CF . -6.98 16.48 -27.78
C36 BCR CF . -10.12 22.47 -25.73
C37 BCR CF . -10.14 25.84 -21.77
C38 BCR CF . -12.01 28.11 -18.86
C39 BCR CF . -15.57 25.06 -19.36
C40 BCR CF . -14.04 23.85 -17.91
C1 BCR DF . -27.89 55.05 46.03
C2 BCR DF . -27.12 55.80 44.97
C3 BCR DF . -25.95 56.53 45.57
C4 BCR DF . -26.38 57.50 46.64
C5 BCR DF . -27.47 56.97 47.48
C6 BCR DF . -28.16 55.86 47.23
C7 BCR DF . -29.23 55.41 48.12
C8 BCR DF . -28.97 54.67 49.20
C9 BCR DF . -29.86 53.63 49.68
C10 BCR DF . -29.46 52.87 50.72
C11 BCR DF . -30.04 51.59 51.04
C33 BCR DF . -27.73 57.78 48.69
C31 BCR DF . -27.11 53.81 46.37
C32 BCR DF . -29.21 54.64 45.41
C34 BCR DF . -30.96 53.21 48.79
C12 BCR DF . -29.67 50.96 52.16
C13 BCR DF . -30.33 49.79 52.68
C14 BCR DF . -29.70 49.05 53.61
C15 BCR DF . -30.05 47.68 53.90
C16 BCR DF . -29.43 46.98 54.86
C17 BCR DF . -29.56 45.55 54.81
C18 BCR DF . -29.59 44.71 55.86
C19 BCR DF . -30.40 43.50 55.74
C20 BCR DF . -30.35 42.50 56.62
C21 BCR DF . -31.34 41.45 56.51
C22 BCR DF . -31.18 40.18 56.90
C23 BCR DF . -32.33 39.27 56.88
C24 BCR DF . -32.24 37.98 57.18
C25 BCR DF . -33.36 37.07 57.39
C26 BCR DF . -33.96 36.46 56.36
C27 BCR DF . -35.10 35.51 56.43
C28 BCR DF . -35.27 34.97 57.83
C29 BCR DF . -35.14 36.08 58.83
C30 BCR DF . -33.82 36.83 58.78
C35 BCR DF . -31.54 49.27 52.02
C36 BCR DF . -28.96 45.04 57.15
C37 BCR DF . -29.84 39.65 57.22
C38 BCR DF . -33.53 36.67 54.96
C39 BCR DF . -32.74 36.08 59.54
C40 BCR DF . -34.07 38.11 59.55
C1 BCR EF . -53.22 67.16 47.31
C2 BCR EF . -52.43 66.37 48.33
C3 BCR EF . -50.98 66.71 48.19
C4 BCR EF . -50.74 68.17 48.51
C5 BCR EF . -51.82 69.05 47.98
C6 BCR EF . -52.95 68.62 47.43
C7 BCR EF . -53.97 69.53 46.93
C8 BCR EF . -53.97 69.95 45.67
C9 BCR EF . -54.26 71.30 45.26
C10 BCR EF . -54.46 71.55 43.96
C11 BCR EF . -55.09 72.72 43.41
C33 BCR EF . -51.52 70.48 48.12
C31 BCR EF . -54.68 66.84 47.50
C32 BCR EF . -52.76 66.70 45.95
C34 BCR EF . -53.98 72.39 46.21
C12 BCR EF . -54.77 73.10 42.17
C13 BCR EF . -55.67 73.13 41.04
C14 BCR EF . -55.80 74.28 40.36
C15 BCR EF . -56.51 74.42 39.12
C16 BCR EF . -56.44 75.56 38.42
C17 BCR EF . -57.36 75.74 37.34
C18 BCR EF . -57.82 76.91 36.88
C19 BCR EF . -56.88 77.98 36.66
C20 BCR EF . -57.22 79.10 36.00
C21 BCR EF . -57.48 80.30 36.76
C22 BCR EF . -57.98 81.44 36.27
C23 BCR EF . -58.82 82.25 37.13
C24 BCR EF . -59.61 83.25 36.70
C25 BCR EF . -59.46 84.67 37.00
C26 BCR EF . -59.28 85.55 36.01
C27 BCR EF . -59.15 87.00 36.18
C28 BCR EF . -59.95 87.45 37.37
C29 BCR EF . -59.53 86.65 38.58
C30 BCR EF . -59.55 85.12 38.43
C35 BCR EF . -56.07 71.87 40.38
C36 BCR EF . -59.26 77.24 36.93
C37 BCR EF . -57.47 82.00 35.00
C38 BCR EF . -59.21 85.14 34.59
C39 BCR EF . -60.77 84.52 39.09
C40 BCR EF . -58.34 84.69 39.25
MG CLA FF . -55.65 61.64 31.14
CHA CLA FF . -53.37 60.55 33.48
CHB CLA FF . -53.41 63.96 30.11
CHC CLA FF . -57.75 62.40 28.57
CHD CLA FF . -57.78 58.98 32.04
NA CLA FF . -53.77 62.23 31.80
C1A CLA FF . -52.97 61.64 32.78
C2A CLA FF . -51.66 62.39 32.93
C3A CLA FF . -51.95 63.71 32.17
C4A CLA FF . -53.12 63.30 31.28
CMA CLA FF . -52.36 64.80 33.12
CAA CLA FF . -50.60 61.58 32.23
CBA CLA FF . -49.19 61.97 32.63
CGA CLA FF . -48.24 60.93 32.10
O1A CLA FF . -47.03 61.04 31.91
O2A CLA FF . -48.86 59.75 31.81
NB CLA FF . -55.65 63.05 29.70
C1B CLA FF . -54.50 63.61 29.28
C2B CLA FF . -54.50 63.79 27.81
C3B CLA FF . -55.73 63.36 27.38
C4B CLA FF . -56.50 62.92 28.57
CMB CLA FF . -53.39 64.36 27.06
CAB CLA FF . -56.31 63.34 26.07
CBB CLA FF . -56.40 64.41 25.28
NC CLA FF . -57.52 60.95 30.55
C1C CLA FF . -58.25 61.49 29.54
C2C CLA FF . -59.55 60.86 29.47
C3C CLA FF . -59.49 59.77 30.33
C4C CLA FF . -58.22 59.85 31.02
CMC CLA FF . -60.64 61.23 28.54
CAC CLA FF . -60.57 58.84 30.63
CBC CLA FF . -61.45 59.35 31.73
ND CLA FF . -55.74 60.21 32.56
C1D CLA FF . -56.61 59.10 32.74
C2D CLA FF . -56.07 58.23 33.81
C3D CLA FF . -54.86 58.79 34.18
C4D CLA FF . -54.67 59.97 33.32
CMD CLA FF . -56.73 57.03 34.32
CAD CLA FF . -53.72 58.71 35.06
OBD CLA FF . -53.54 58.03 36.06
CBD CLA FF . -52.66 59.71 34.50
CGD CLA FF . -52.00 60.53 35.56
O1D CLA FF . -52.52 61.40 36.28
O2D CLA FF . -50.67 60.27 35.71
CED CLA FF . -50.23 58.91 35.62
C1 CLA FF . -48.12 58.53 32.04
C2 CLA FF . -48.93 57.42 31.47
C3 CLA FF . -48.73 56.13 31.78
C4 CLA FF . -47.69 55.69 32.72
C5 CLA FF . -49.58 55.05 31.18
MG CLA GF . -48.31 79.07 25.50
CHA CLA GF . -48.03 82.35 24.43
CHB CLA GF . -50.95 79.96 27.44
CHC CLA GF . -48.91 75.75 26.09
CHD CLA GF . -45.60 78.21 23.42
NA CLA GF . -49.25 80.88 25.92
C1A CLA GF . -49.03 82.13 25.34
C2A CLA GF . -49.95 83.17 25.94
C3A CLA GF . -50.56 82.44 27.15
C4A CLA GF . -50.26 80.98 26.83
CMA CLA GF . -49.91 82.88 28.43
CAA CLA GF . -51.05 83.50 24.95
CBA CLA GF . -51.83 84.72 25.38
CGA CLA GF . -53.15 84.37 26.02
O1A CLA GF . -54.11 85.11 26.26
O2A CLA GF . -53.25 83.06 26.40
NB CLA GF . -49.68 78.06 26.53
C1B CLA GF . -50.71 78.60 27.23
C2B CLA GF . -51.58 77.52 27.77
C3B CLA GF . -51.01 76.32 27.40
C4B CLA GF . -49.78 76.66 26.62
CMB CLA GF . -52.76 77.83 28.57
CAB CLA GF . -51.39 74.97 27.66
CBB CLA GF . -52.46 74.56 28.34
NC CLA GF . -47.34 77.32 24.96
C1C CLA GF . -47.74 76.07 25.34
C2C CLA GF . -46.85 75.07 24.78
C3C CLA GF . -45.94 75.76 23.97
C4C CLA GF . -46.27 77.17 24.08
CMC CLA GF . -46.94 73.64 25.01
CAC CLA GF . -44.84 75.18 23.19
CBC CLA GF . -43.63 74.88 24.04
ND CLA GF . -46.91 80.05 24.42
C1D CLA GF . -45.90 79.56 23.54
C2D CLA GF . -45.29 80.69 22.83
C3D CLA GF . -46.06 81.79 23.14
C4D CLA GF . -47.09 81.32 24.08
CMD CLA GF . -44.13 80.58 21.95
CAD CLA GF . -46.24 83.23 23.02
OBD CLA GF . -45.49 84.05 22.52
CBD CLA GF . -47.62 83.57 23.65
CGD CLA GF . -47.62 84.83 24.46
O1D CLA GF . -48.60 85.51 24.76
O2D CLA GF . -46.40 85.24 24.88
CED CLA GF . -46.30 86.58 25.35
C1 CLA GF . -54.12 82.78 27.52
C2 CLA GF . -53.43 83.24 28.75
C3 CLA GF . -53.58 82.63 29.94
C4 CLA GF . -54.45 81.44 30.11
C5 CLA GF . -52.88 83.12 31.15
MG CLA HF . -44.59 55.89 28.61
CHA CLA HF . -47.56 56.24 26.88
CHB CLA HF . -44.44 52.65 27.66
CHC CLA HF . -41.47 55.70 30.00
CHD CLA HF . -44.77 59.30 29.53
NA CLA HF . -45.87 54.65 27.54
C1A CLA HF . -47.05 54.99 26.88
C2A CLA HF . -47.67 53.76 26.21
C3A CLA HF . -46.82 52.60 26.79
C4A CLA HF . -45.61 53.33 27.37
CMA CLA HF . -47.56 51.86 27.86
CAA CLA HF . -47.58 53.81 24.71
CBA CLA HF . -47.10 52.48 24.15
CGA CLA HF . -48.20 51.48 24.13
O1A CLA HF . -49.34 51.58 24.59
O2A CLA HF . -47.82 50.31 23.54
NB CLA HF . -43.25 54.43 28.87
C1B CLA HF . -43.29 53.24 28.22
C2B CLA HF . -41.94 52.62 28.19
C3B CLA HF . -41.10 53.48 28.86
C4B CLA HF . -41.92 54.63 29.31
CMB CLA HF . -41.67 51.33 27.57
CAB CLA HF . -39.69 53.37 29.14
CBB CLA HF . -39.08 52.28 29.57
NC CLA HF . -43.40 57.23 29.68
C1C CLA HF . -42.18 56.92 30.20
C2C CLA HF . -41.63 58.07 30.90
C3C CLA HF . -42.54 59.11 30.72
C4C CLA HF . -43.65 58.56 29.96
CMC CLA HF . -40.35 58.09 31.59
CAC CLA HF . -42.44 60.48 31.24
CBC CLA HF . -42.72 60.55 32.73
ND CLA HF . -45.90 57.42 28.42
C1D CLA HF . -45.82 58.78 28.79
C2D CLA HF . -46.99 59.49 28.26
C3D CLA HF . -47.68 58.57 27.50
C4D CLA HF . -46.95 57.31 27.63
CMD CLA HF . -47.28 60.90 28.47
CAD CLA HF . -48.86 58.32 26.69
OBD CLA HF . -49.78 59.07 26.41
CBD CLA HF . -48.75 56.85 26.18
CGD CLA HF . -50.01 56.08 26.41
O1D CLA HF . -50.79 56.19 27.36
O2D CLA HF . -50.28 55.18 25.43
CED CLA HF . -51.57 54.59 25.40
C1 CLA HF . -48.41 49.97 22.27
C2 CLA HF . -47.31 49.69 21.32
C3 CLA HF . -47.51 49.23 20.07
C4 CLA HF . -48.87 48.94 19.53
C5 CLA HF . -46.37 48.96 19.16
MG CLA IF . -42.50 86.58 50.28
CHA CLA IF . -42.39 88.70 47.55
CHB CLA IF . -44.74 84.61 48.65
CHC CLA IF . -42.47 84.44 52.96
CHD CLA IF . -40.21 88.69 51.95
NA CLA IF . -43.42 86.67 48.41
C1A CLA IF . -43.23 87.63 47.41
C2A CLA IF . -44.10 87.32 46.19
C3A CLA IF . -44.90 86.09 46.62
C4A CLA IF . -44.32 85.74 47.99
CMA CLA IF . -46.38 86.38 46.72
CAA CLA IF . -43.24 87.02 44.98
CBA CLA IF . -44.03 86.27 43.92
CGA CLA IF . -45.21 87.08 43.51
O1A CLA IF . -46.38 86.73 43.42
O2A CLA IF . -44.90 88.38 43.21
NB CLA IF . -43.40 84.83 50.71
C1B CLA IF . -44.30 84.19 49.91
C2B CLA IF . -44.77 82.95 50.59
C3B CLA IF . -44.13 82.90 51.80
C4B CLA IF . -43.26 84.10 51.91
CMB CLA IF . -45.74 82.05 49.99
CAB CLA IF . -44.23 81.94 52.87
CBB CLA IF . -45.37 81.56 53.45
NC CLA IF . -41.52 86.58 52.12
C1C CLA IF . -41.67 85.61 53.07
C2C CLA IF . -40.85 85.91 54.23
C3C CLA IF . -40.20 87.12 53.95
C4C CLA IF . -40.64 87.53 52.62
CMC CLA IF . -40.76 85.09 55.43
CAC CLA IF . -39.28 87.84 54.84
CBC CLA IF . -37.87 87.99 54.30
ND CLA IF . -41.54 88.31 49.93
C1D CLA IF . -40.62 89.07 50.69
C2D CLA IF . -40.21 90.26 49.92
C3D CLA IF . -40.86 90.16 48.70
C4D CLA IF . -41.67 88.93 48.75
CMD CLA IF . -39.28 91.29 50.38
CAD CLA IF . -41.09 90.76 47.41
OBD CLA IF . -40.64 91.81 46.96
CBD CLA IF . -42.05 89.83 46.62
CGD CLA IF . -43.30 90.54 46.19
O1D CLA IF . -43.97 90.33 45.18
O2D CLA IF . -43.70 91.52 47.05
CED CLA IF . -44.47 92.59 46.51
C1 CLA IF . -45.11 88.80 41.84
C2 CLA IF . -45.64 90.18 41.86
C3 CLA IF . -45.86 90.90 40.75
C4 CLA IF . -45.58 90.36 39.40
C5 CLA IF . -46.40 92.28 40.83
MG CLA JF . -38.23 80.68 57.38
CHA CLA JF . -35.90 83.10 58.21
CHB CLA JF . -37.83 79.24 60.44
CHC CLA JF . -40.60 78.35 56.53
CHD CLA JF . -38.60 82.19 54.21
NA CLA JF . -37.04 81.12 59.04
C1A CLA JF . -36.13 82.18 59.19
C2A CLA JF . -35.47 82.13 60.57
C3A CLA JF . -36.05 80.84 61.21
C4A CLA JF . -37.05 80.35 60.17
CMA CLA JF . -34.99 79.81 61.48
CAA CLA JF . -35.82 83.35 61.39
CBA CLA JF . -36.04 83.02 62.85
CGA CLA JF . -36.47 84.25 63.59
O1A CLA JF . -36.05 85.41 63.45
O2A CLA JF . -37.41 84.02 64.54
NB CLA JF . -39.03 79.08 58.30
C1B CLA JF . -38.78 78.70 59.56
C2B CLA JF . -39.66 77.55 59.92
C3B CLA JF . -40.45 77.30 58.82
C4B CLA JF . -40.05 78.27 57.77
CMB CLA JF . -39.63 76.90 61.22
CAB CLA JF . -41.47 76.31 58.62
CBB CLA JF . -41.34 75.00 58.87
NC CLA JF . -39.38 80.34 55.68
C1C CLA JF . -40.29 79.33 55.54
C2C CLA JF . -40.90 79.38 54.23
C3C CLA JF . -40.34 80.47 53.57
C4C CLA JF . -39.39 81.06 54.50
CMC CLA JF . -41.92 78.44 53.75
CAC CLA JF . -40.65 80.93 52.23
CBC CLA JF . -39.88 80.16 51.18
ND CLA JF . -37.49 82.27 56.39
C1D CLA JF . -37.70 82.76 55.08
C2D CLA JF . -36.85 83.94 54.87
C3D CLA JF . -36.15 84.14 56.04
C4D CLA JF . -36.57 83.06 56.96
CMD CLA JF . -36.80 84.72 53.63
CAD CLA JF . -35.17 84.94 56.74
OBD CLA JF . -34.58 85.95 56.35
CBD CLA JF . -34.97 84.30 58.14
CGD CLA JF . -33.54 83.90 58.38
O1D CLA JF . -33.12 82.80 58.77
O2D CLA JF . -32.63 84.88 58.12
CED CLA JF . -32.65 86.03 58.96
C1 CLA JF . -38.79 84.24 64.15
C2 CLA JF . -39.49 84.70 65.38
C3 CLA JF . -40.82 84.60 65.54
C4 CLA JF . -41.69 84.01 64.49
C5 CLA JF . -41.47 85.07 66.78
MG CLA KF . -33.55 69.72 59.45
CHA CLA KF . -34.24 66.58 60.73
CHB CLA KF . -36.77 70.64 60.01
CHC CLA KF . -32.81 72.85 58.26
CHD CLA KF . -30.21 68.70 58.86
NA CLA KF . -35.21 68.75 60.26
C1A CLA KF . -35.29 67.45 60.74
C2A CLA KF . -36.68 67.15 61.26
C3A CLA KF . -37.48 68.42 60.92
C4A CLA KF . -36.42 69.36 60.37
CMA CLA KF . -38.55 68.14 59.89
CAA CLA KF . -36.62 67.01 62.77
CBA CLA KF . -37.01 65.64 63.23
CGA CLA KF . -38.49 65.50 63.31
O1A CLA KF . -39.33 66.37 63.56
O2A CLA KF . -38.92 64.23 63.05
NB CLA KF . -34.59 71.42 59.18
C1B CLA KF . -35.90 71.60 59.47
C2B CLA KF . -36.30 72.99 59.13
C3B CLA KF . -35.18 73.62 58.63
C4B CLA KF . -34.08 72.62 58.66
CMB CLA KF . -37.67 73.48 59.33
CAB CLA KF . -34.99 74.96 58.14
CBB CLA KF . -35.53 76.06 58.66
NC CLA KF . -31.82 70.60 58.71
C1C CLA KF . -31.73 71.90 58.28
C2C CLA KF . -30.38 72.20 57.84
C3C CLA KF . -29.65 71.02 58.00
C4C CLA KF . -30.56 70.03 58.55
CMC CLA KF . -29.94 73.49 57.33
CAC CLA KF . -28.23 70.82 57.70
CBC CLA KF . -27.96 70.71 56.22
ND CLA KF . -32.42 68.07 59.72
C1D CLA KF . -31.07 67.77 59.41
C2D CLA KF . -30.81 66.35 59.76
C3D CLA KF . -31.98 65.86 60.26
C4D CLA KF . -32.96 66.96 60.21
CMD CLA KF . -29.54 65.66 59.58
CAD CLA KF . -32.66 64.69 60.80
OBD CLA KF . -32.22 63.58 61.00
CBD CLA KF . -34.13 65.12 61.12
CGD CLA KF . -35.11 64.27 60.37
O1D CLA KF . -36.31 64.45 60.21
O2D CLA KF . -34.56 63.17 59.78
CED CLA KF . -35.23 62.63 58.64
C1 CLA KF . -40.30 64.08 62.70
C2 CLA KF . -40.98 63.45 63.86
C3 CLA KF . -42.12 62.78 63.73
C4 CLA KF . -42.79 62.61 62.43
C5 CLA KF . -42.79 62.15 64.92
MG CLA LF . -42.18 69.60 57.16
CHA CLA LF . -41.22 72.63 55.80
CHB CLA LF . -39.19 68.26 56.30
CHC CLA LF . -43.19 66.61 58.51
CHD CLA LF . -45.31 71.02 58.01
NA CLA LF . -40.49 70.36 56.20
C1A CLA LF . -40.28 71.65 55.70
C2A CLA LF . -38.90 71.78 55.07
C3A CLA LF . -38.32 70.35 55.18
C4A CLA LF . -39.40 69.59 55.95
CMA CLA LF . -38.12 69.72 53.83
CAA CLA LF . -38.02 72.75 55.82
CBA CLA LF . -37.35 73.72 54.89
CGA CLA LF . -36.69 72.98 53.77
O1A CLA LF . -35.89 72.05 53.82
O2A CLA LF . -37.07 73.45 52.54
NB CLA LF . -41.36 67.78 57.33
C1B CLA LF . -40.09 67.45 56.99
C2B CLA LF . -39.78 66.07 57.46
C3B CLA LF . -40.91 65.60 58.09
C4B CLA LF . -41.93 66.67 58.01
CMB CLA LF . -38.50 65.41 57.26
CAB CLA LF . -41.16 64.34 58.71
CBB CLA LF . -41.88 63.36 58.17
NC CLA LF . -43.94 68.95 58.07
C1C CLA LF . -44.14 67.67 58.53
C2C CLA LF . -45.47 67.55 59.07
C3C CLA LF . -46.06 68.81 58.97
C4C CLA LF . -45.09 69.68 58.33
CMC CLA LF . -46.04 66.32 59.61
CAC CLA LF . -47.42 69.20 59.36
CBC CLA LF . -48.41 69.09 58.23
ND CLA LF . -43.10 71.39 57.01
C1D CLA LF . -44.39 71.84 57.38
C2D CLA LF . -44.54 73.25 57.00
C3D CLA LF . -43.35 73.62 56.40
C4D CLA LF . -42.50 72.42 56.42
CMD CLA LF . -45.73 74.05 57.24
CAD CLA LF . -42.61 74.68 55.77
OBD CLA LF . -42.93 75.84 55.57
CBD CLA LF . -41.24 74.07 55.34
CGD CLA LF . -41.07 74.14 53.86
O1D CLA LF . -41.86 73.74 53.00
O2D CLA LF . -39.90 74.71 53.46
CED CLA LF . -39.79 75.08 52.09
C1 CLA LF . -36.67 72.69 51.38
C2 CLA LF . -37.78 71.75 51.06
C3 CLA LF . -37.97 71.20 49.85
C4 CLA LF . -37.06 71.48 48.72
C5 CLA LF . -39.09 70.26 49.59
MG CLA MF . -60.12 76.36 62.81
CHA CLA MF . -63.28 77.35 61.84
CHB CLA MF . -59.27 75.89 59.55
CHC CLA MF . -56.96 75.46 63.83
CHD CLA MF . -61.06 76.82 66.19
NA CLA MF . -61.13 76.59 61.01
C1A CLA MF . -62.45 77.03 60.82
C2A CLA MF . -62.80 77.07 59.33
C3A CLA MF . -61.54 76.52 58.65
C4A CLA MF . -60.56 76.32 59.80
CMA CLA MF . -61.83 75.21 57.94
CAA CLA MF . -63.00 78.52 58.92
CBA CLA MF . -61.92 79.40 59.52
CGA CLA MF . -62.49 80.71 59.98
O1A CLA MF . -63.31 81.43 59.42
O2A CLA MF . -61.97 81.10 61.20
NB CLA MF . -58.43 75.81 61.87
C1B CLA MF . -58.28 75.66 60.53
C2B CLA MF . -56.91 75.18 60.22
C3B CLA MF . -56.26 75.04 61.42
C4B CLA MF . -57.21 75.45 62.48
CMB CLA MF . -56.44 74.90 58.86
CAB CLA MF . -54.91 74.62 61.68
CBB CLA MF . -54.59 73.59 62.47
NC CLA MF . -59.19 76.16 64.67
C1C CLA MF . -57.90 75.78 64.85
C2C CLA MF . -57.57 75.77 66.28
C3C CLA MF . -58.73 76.14 66.95
C4C CLA MF . -59.75 76.39 65.94
CMC CLA MF . -56.26 75.43 66.84
CAC CLA MF . -58.90 76.27 68.40
CBC CLA MF . -58.55 77.66 68.88
ND CLA MF . -61.76 76.91 63.85
C1D CLA MF . -62.02 77.06 65.23
C2D CLA MF . -63.42 77.51 65.42
C3D CLA MF . -63.95 77.63 64.15
C4D CLA MF . -62.88 77.25 63.21
CMD CLA MF . -64.04 77.78 66.71
CAD CLA MF . -65.11 77.97 63.36
OBD CLA MF . -66.23 78.32 63.74
CBD CLA MF . -64.72 77.80 61.86
CGD CLA MF . -65.60 76.80 61.18
O1D CLA MF . -66.00 76.83 60.01
O2D CLA MF . -65.95 75.76 61.98
CED CLA MF . -65.20 74.56 61.87
C1 CLA MF . -62.71 80.76 62.39
C2 CLA MF . -63.96 81.57 62.40
C3 CLA MF . -64.74 81.71 63.48
C4 CLA MF . -64.41 81.08 64.78
C5 CLA MF . -65.99 82.52 63.42
MG CLA NF . -60.69 68.85 53.21
CHA CLA NF . -59.66 66.57 55.60
CHB CLA NF . -59.34 71.38 55.03
CHC CLA NF . -61.55 71.05 50.71
CHD CLA NF . -62.05 66.18 51.32
NA CLA NF . -59.69 68.94 55.03
C1A CLA NF . -59.33 67.87 55.88
C2A CLA NF . -58.59 68.38 57.10
C3A CLA NF . -58.63 69.92 56.95
C4A CLA NF . -59.25 70.12 55.57
CMA CLA NF . -59.46 70.57 58.02
CAA CLA NF . -57.14 67.92 57.07
CBA CLA NF . -56.18 69.08 57.12
CGA CLA NF . -55.29 69.12 55.91
O1A CLA NF . -55.42 68.54 54.83
O2A CLA NF . -54.20 69.92 56.08
NB CLA NF . -60.46 70.82 52.91
C1B CLA NF . -59.89 71.70 53.78
C2B CLA NF . -59.98 73.09 53.25
C3B CLA NF . -60.61 72.99 52.02
C4B CLA NF . -60.92 71.55 51.80
CMB CLA NF . -59.48 74.26 53.95
CAB CLA NF . -60.96 74.02 51.08
CBB CLA NF . -61.74 75.07 51.35
NC CLA NF . -61.66 68.65 51.37
C1C CLA NF . -61.91 69.68 50.51
C2C CLA NF . -62.57 69.18 49.32
C3C CLA NF . -62.72 67.81 49.49
C4C CLA NF . -62.14 67.48 50.79
CMC CLA NF . -62.97 70.01 48.18
CAC CLA NF . -63.31 66.84 48.55
CBC CLA NF . -64.82 66.76 48.67
ND CLA NF . -60.94 66.86 53.41
C1D CLA NF . -61.49 65.88 52.55
C2D CLA NF . -61.34 64.55 53.18
C3D CLA NF . -60.64 64.76 54.34
C4D CLA NF . -60.40 66.21 54.44
CMD CLA NF . -61.84 63.30 52.60
CAD CLA NF . -60.07 64.15 55.52
OBD CLA NF . -60.11 62.98 55.89
CBD CLA NF . -59.37 65.28 56.33
CGD CLA NF . -59.86 65.31 57.75
O1D CLA NF . -60.87 65.85 58.20
O2D CLA NF . -59.06 64.64 58.61
CED CLA NF . -59.52 64.53 59.96
C1 CLA NF . -53.53 70.35 54.87
C2 CLA NF . -54.29 71.50 54.33
C3 CLA NF . -54.84 71.51 53.11
C4 CLA NF . -54.74 70.36 52.18
C5 CLA NF . -55.59 72.70 52.61
MG CLA OF . -65.96 77.87 49.28
CHA CLA OF . -65.45 76.52 52.43
CHB CLA OF . -65.74 81.00 50.60
CHC CLA OF . -66.34 79.16 46.13
CHD CLA OF . -66.28 74.61 47.97
NA CLA OF . -65.66 78.61 51.21
C1A CLA OF . -65.46 77.88 52.39
C2A CLA OF . -65.26 78.82 53.58
C3A CLA OF . -65.59 80.21 52.99
C4A CLA OF . -65.65 79.95 51.49
CMA CLA OF . -66.87 80.76 53.53
CAA CLA OF . -63.82 78.77 54.04
CBA CLA OF . -62.85 78.75 52.89
CGA CLA OF . -62.33 80.13 52.58
O1A CLA OF . -62.95 81.18 52.41
O2A CLA OF . -60.97 80.17 52.49
NB CLA OF . -66.08 79.73 48.51
C1B CLA OF . -65.83 80.88 49.20
C2B CLA OF . -65.70 82.01 48.25
C3B CLA OF . -65.87 81.50 46.99
C4B CLA OF . -66.13 80.04 47.14
CMB CLA OF . -65.44 83.38 48.68
CAB CLA OF . -65.84 82.19 45.73
CBB CLA OF . -65.04 81.87 44.70
NC CLA OF . -66.28 77.03 47.41
C1C CLA OF . -66.42 77.75 46.25
C2C CLA OF . -66.64 76.85 45.13
C3C CLA OF . -66.60 75.56 45.65
C4C CLA OF . -66.38 75.68 47.07
CMC CLA OF . -66.83 77.28 43.75
CAC CLA OF . -66.77 74.30 44.89
CBC CLA OF . -68.21 74.05 44.50
ND CLA OF . -65.86 75.98 49.97
C1D CLA OF . -66.04 74.72 49.33
C2D CLA OF . -65.92 73.65 50.33
C3D CLA OF . -65.66 74.29 51.54
C4D CLA OF . -65.66 75.73 51.25
CMD CLA OF . -66.03 72.22 50.04
CAD CLA OF . -65.41 74.12 52.96
OBD CLA OF . -65.28 73.09 53.62
CBD CLA OF . -65.32 75.55 53.57
CGD CLA OF . -66.41 75.73 54.59
O1D CLA OF . -67.58 76.03 54.36
O2D CLA OF . -66.03 75.53 55.88
CED CLA OF . -64.96 76.33 56.40
C1 CLA OF . -60.25 79.76 53.66
C2 CLA OF . -60.51 80.79 54.70
C3 CLA OF . -60.34 80.55 56.02
C4 CLA OF . -59.88 79.23 56.51
C5 CLA OF . -60.61 81.61 57.03
MG CLA PF . -33.14 72.06 78.14
CHA CLA PF . -30.63 73.36 80.15
CHB CLA PF . -30.85 70.20 76.47
CHC CLA PF . -35.69 70.69 76.27
CHD CLA PF . -35.50 74.00 79.90
NA CLA PF . -31.07 71.86 78.28
C1A CLA PF . -30.19 72.47 79.20
C2A CLA PF . -28.75 72.05 78.95
C3A CLA PF . -28.85 71.15 77.69
C4A CLA PF . -30.36 71.05 77.45
CMA CLA PF . -28.14 71.75 76.50
CAA CLA PF . -28.16 71.28 80.11
CBA CLA PF . -26.95 70.46 79.70
CGA CLA PF . -25.67 71.19 79.96
O1A CLA PF . -24.58 71.06 79.40
O2A CLA PF . -25.77 72.08 80.99
NB CLA PF . -33.24 70.76 76.60
C1B CLA PF . -32.21 70.02 76.15
C2B CLA PF . -32.69 68.95 75.23
C3B CLA PF . -34.06 69.08 75.17
C4B CLA PF . -34.43 70.24 76.04
CMB CLA PF . -31.82 67.99 74.56
CAB CLA PF . -35.05 68.33 74.44
CBB CLA PF . -35.15 66.99 74.45
NC CLA PF . -35.21 72.33 78.08
C1C CLA PF . -36.06 71.68 77.22
C2C CLA PF . -37.42 72.11 77.44
C3C CLA PF . -37.38 73.04 78.49
C4C CLA PF . -35.99 73.17 78.88
CMC CLA PF . -38.57 71.60 76.69
CAC CLA PF . -38.52 73.74 79.10
CBC CLA PF . -39.15 74.81 78.23
ND CLA PF . -33.14 73.37 79.66
C1D CLA PF . -34.18 74.11 80.29
C2D CLA PF . -33.60 74.95 81.35
C3D CLA PF . -32.24 74.69 81.35
C4D CLA PF . -32.01 73.71 80.28
CMD CLA PF . -34.35 75.85 82.21
CAD CLA PF . -30.96 74.99 81.95
OBD CLA PF . -30.69 75.75 82.88
CBD CLA PF . -29.89 74.14 81.21
CGD CLA PF . -28.81 75.01 80.62
O1D CLA PF . -28.93 76.14 80.15
O2D CLA PF . -27.56 74.46 80.66
CED CLA PF . -26.53 75.13 79.95
MG CLA QF . -35.60 85.31 66.57
CHA CLA QF . -33.04 85.56 64.25
CHB CLA QF . -35.87 88.70 66.65
CHC CLA QF . -38.36 84.98 68.59
CHD CLA QF . -35.26 81.81 66.48
NA CLA QF . -34.58 86.86 65.62
C1A CLA QF . -33.58 86.76 64.66
C2A CLA QF . -33.12 88.13 64.19
C3A CLA QF . -33.94 89.10 65.08
C4A CLA QF . -34.87 88.17 65.85
CMA CLA QF . -33.01 89.82 66.02
CAA CLA QF . -33.48 88.33 62.73
CBA CLA QF . -34.99 88.25 62.50
CGA CLA QF . -35.27 87.84 61.08
O1A CLA QF . -34.82 88.32 60.04
O2A CLA QF . -36.13 86.78 60.99
NB CLA QF . -36.95 86.58 67.33
C1B CLA QF . -36.76 87.92 67.42
C2B CLA QF . -37.62 88.51 68.48
C3B CLA QF . -38.33 87.46 69.03
C4B CLA QF . -37.91 86.23 68.31
CMB CLA QF . -37.62 89.92 68.82
CAB CLA QF . -39.28 87.47 70.10
CBB CLA QF . -40.58 87.18 69.96
NC CLA QF . -36.61 83.69 67.39
C1C CLA QF . -37.74 83.78 68.16
C2C CLA QF . -38.24 82.45 68.49
C3C CLA QF . -37.32 81.55 67.94
C4C CLA QF . -36.31 82.33 67.25
CMC CLA QF . -39.45 82.17 69.26
CAC CLA QF . -37.41 80.08 68.00
CBC CLA QF . -38.00 79.52 66.72
ND CLA QF . -34.30 83.97 65.80
C1D CLA QF . -34.32 82.54 65.79
C2D CLA QF . -33.24 82.05 64.93
C3D CLA QF . -32.71 83.18 64.31
C4D CLA QF . -33.45 84.33 64.85
CMD CLA QF . -32.87 80.65 64.74
CAD CLA QF . -31.70 83.69 63.40
OBD CLA QF . -30.77 83.11 62.85
CBD CLA QF . -32.00 85.21 63.23
CGD CLA QF . -30.75 86.04 63.32
O1D CLA QF . -30.43 86.84 64.21
O2D CLA QF . -29.90 85.87 62.28
CED CLA QF . -28.66 86.58 62.28
C1 CLA QF . -37.32 86.96 60.19
C2 CLA QF . -37.88 85.62 59.87
C3 CLA QF . -39.19 85.33 59.91
C4 CLA QF . -40.22 86.32 60.28
C5 CLA QF . -39.68 83.96 59.58
MG CLA RF . -27.97 61.93 81.23
CHA CLA RF . -25.51 64.18 80.30
CHB CLA RF . -25.57 59.71 82.17
CHC CLA RF . -30.44 59.75 82.20
CHD CLA RF . -30.42 64.28 80.29
NA CLA RF . -25.88 61.96 81.21
C1A CLA RF . -25.04 63.00 80.79
C2A CLA RF . -23.57 62.61 80.96
C3A CLA RF . -23.63 61.16 81.46
C4A CLA RF . -25.13 60.91 81.64
CMA CLA RF . -23.01 60.20 80.48
CAA CLA RF . -22.88 63.49 81.98
CBA CLA RF . -23.62 63.51 83.30
CGA CLA RF . -24.32 64.83 83.48
O1A CLA RF . -24.00 65.93 83.03
O2A CLA RF . -25.45 64.72 84.25
NB CLA RF . -28.01 60.08 82.02
C1B CLA RF . -26.91 59.35 82.37
C2B CLA RF . -27.34 58.08 83.01
C3B CLA RF . -28.72 58.08 83.02
C4B CLA RF . -29.16 59.35 82.37
CMB CLA RF . -26.39 57.10 83.50
CAB CLA RF . -29.66 57.11 83.50
CBB CLA RF . -29.56 56.42 84.64
NC CLA RF . -30.05 62.00 81.20
C1C CLA RF . -30.87 60.99 81.64
C2C CLA RF . -32.26 61.37 81.48
C3C CLA RF . -32.26 62.67 80.96
C4C CLA RF . -30.86 63.05 80.80
CMC CLA RF . -33.40 60.54 81.84
CAC CLA RF . -33.42 63.51 80.65
CBC CLA RF . -34.09 63.12 79.35
ND CLA RF . -28.03 63.78 80.43
C1D CLA RF . -29.11 64.64 80.11
C2D CLA RF . -28.57 65.91 79.59
C3D CLA RF . -27.19 65.79 79.62
C4D CLA RF . -26.91 64.45 80.16
CMD CLA RF . -29.39 67.03 79.14
CAD CLA RF . -25.91 66.42 79.34
OBD CLA RF . -25.67 67.52 78.85
CBD CLA RF . -24.81 65.43 79.81
CGD CLA RF . -23.85 65.13 78.68
O1D CLA RF . -24.09 65.14 77.48
O2D CLA RF . -22.59 64.83 79.09
CED CLA RF . -21.73 65.91 79.45
C1 CLA RF . -26.69 64.53 83.54
C2 CLA RF . -27.44 63.49 84.29
C3 CLA RF . -28.65 63.72 84.82
C4 CLA RF . -29.33 65.03 84.73
C5 CLA RF . -29.37 62.65 85.56
MG CLA SF . -32.10 64.42 72.32
CHA CLA SF . -33.10 65.87 69.33
CHB CLA SF . -35.23 63.19 72.78
CHC CLA SF . -31.04 63.00 75.26
CHD CLA SF . -28.87 65.80 71.86
NA CLA SF . -33.85 64.51 71.20
C1A CLA SF . -34.07 65.17 69.98
C2A CLA SF . -35.51 64.98 69.51
C3A CLA SF . -36.17 64.18 70.65
C4A CLA SF . -35.01 63.91 71.62
CMA CLA SF . -37.28 64.95 71.31
CAA CLA SF . -35.51 64.16 68.22
CBA CLA SF . -36.81 64.32 67.47
CGA CLA SF . -37.82 63.34 67.98
O1A CLA SF . -37.66 62.40 68.76
O2A CLA SF . -39.07 63.57 67.49
NB CLA SF . -32.98 63.36 73.77
C1B CLA SF . -34.26 62.89 73.74
C2B CLA SF . -34.49 61.98 74.90
C3B CLA SF . -33.31 61.92 75.60
C4B CLA SF . -32.33 62.79 74.89
CMB CLA SF . -35.76 61.31 75.14
CAB CLA SF . -32.96 61.17 76.78
CBB CLA SF . -33.26 59.89 76.99
NC CLA SF . -30.29 64.40 73.36
C1C CLA SF . -30.08 63.75 74.54
C2C CLA SF . -28.71 63.95 74.98
C3C CLA SF . -28.10 64.75 74.02
C4C CLA SF . -29.10 65.03 73.00
CMC CLA SF . -28.15 63.39 76.20
CAC CLA SF . -26.71 65.23 74.02
CBC CLA SF . -25.80 64.46 73.08
ND CLA SF . -31.12 65.47 70.90
C1D CLA SF . -29.80 66.02 70.86
C2D CLA SF . -29.66 66.80 69.62
C3D CLA SF . -30.87 66.77 69.00
C4D CLA SF . -31.76 65.95 69.85
CMD CLA SF . -28.43 67.47 69.20
CAD CLA SF . -31.64 67.17 67.84
OBD CLA SF . -31.28 67.78 66.85
CBD CLA SF . -33.11 66.71 68.08
CGD CLA SF . -33.97 67.92 68.22
O1D CLA SF . -33.64 69.10 68.07
O2D CLA SF . -35.26 67.68 68.57
CED CLA SF . -36.25 67.92 67.57
C1 CLA SF . -40.17 63.35 68.40
C2 CLA SF . -41.39 63.86 67.72
C3 CLA SF . -42.58 63.95 68.32
C4 CLA SF . -42.80 63.52 69.72
C5 CLA SF . -43.76 64.48 67.58
MG CLA TF . -53.02 58.34 80.34
CHA CLA TF . -56.01 60.06 80.68
CHB CLA TF . -52.94 59.12 77.03
CHC CLA TF . -50.06 56.63 80.07
CHD CLA TF . -53.16 57.54 83.78
NA CLA TF . -54.29 59.42 79.08
C1A CLA TF . -55.50 60.05 79.41
C2A CLA TF . -56.14 60.72 78.19
C3A CLA TF . -55.17 60.33 77.04
C4A CLA TF . -54.05 59.57 77.74
CMA CLA TF . -55.85 59.50 75.98
CAA CLA TF . -56.31 62.21 78.38
CBA CLA TF . -55.22 63.02 77.70
CGA CLA TF . -55.09 64.34 78.42
O1A CLA TF . -55.97 65.16 78.69
O2A CLA TF . -53.80 64.64 78.76
NB CLA TF . -51.82 57.83 78.81
C1B CLA TF . -51.86 58.43 77.59
C2B CLA TF . -50.54 58.29 76.91
C3B CLA TF . -49.72 57.59 77.76
C4B CLA TF . -50.52 57.30 78.98
CMB CLA TF . -50.25 58.85 75.59
CAB CLA TF . -48.35 57.19 77.62
CBB CLA TF . -47.32 58.05 77.57
NC CLA TF . -51.84 57.27 81.68
C1C CLA TF . -50.69 56.61 81.34
C2C CLA TF . -50.15 55.92 82.50
C3C CLA TF . -50.99 56.20 83.57
C4C CLA TF . -52.06 57.05 83.04
CMC CLA TF . -48.93 55.11 82.48
CAC CLA TF . -50.87 55.73 84.96
CBC CLA TF . -51.27 54.29 85.12
ND CLA TF . -54.18 58.80 81.94
C1D CLA TF . -54.15 58.35 83.28
C2D CLA TF . -55.32 58.92 84.00
C3D CLA TF . -56.05 59.60 83.05
C4D CLA TF . -55.32 59.46 81.77
CMD CLA TF . -55.61 58.74 85.41
CAD CLA TF . -57.22 60.41 82.79
OBD CLA TF . -58.02 60.89 83.58
CBD CLA TF . -57.28 60.62 81.25
CGD CLA TF . -58.47 59.93 80.65
O1D CLA TF . -58.45 58.91 79.94
O2D CLA TF . -59.66 60.50 80.93
CED CLA TF . -60.84 59.93 80.35
MG CLA UF . -47.72 48.97 88.09
CHA CLA UF . -50.64 48.80 89.92
CHB CLA UF . -46.69 51.56 90.00
CHC CLA UF . -44.99 49.30 86.05
CHD CLA UF . -48.91 46.37 86.01
NA CLA UF . -48.50 49.92 89.76
C1A CLA UF . -49.73 49.72 90.38
C2A CLA UF . -49.89 50.63 91.61
C3A CLA UF . -48.49 51.29 91.74
C4A CLA UF . -47.82 50.90 90.43
CMA CLA UF . -48.58 52.79 91.88
CAA CLA UF . -50.12 49.77 92.84
CBA CLA UF . -50.33 50.61 94.08
CGA CLA UF . -51.77 51.00 94.18
O1A CLA UF . -52.27 51.92 94.84
O2A CLA UF . -52.59 50.22 93.42
NB CLA UF . -46.07 50.12 88.11
C1B CLA UF . -46.03 51.28 88.81
C2B CLA UF . -45.16 52.27 88.11
C3B CLA UF . -44.67 51.65 86.99
C4B CLA UF . -45.22 50.26 86.99
CMB CLA UF . -44.96 53.61 88.64
CAB CLA UF . -43.77 52.14 85.98
CBB CLA UF . -44.03 52.17 84.67
NC CLA UF . -47.01 47.93 86.42
C1C CLA UF . -45.83 48.18 85.80
C2C CLA UF . -45.61 47.22 84.73
C3C CLA UF . -46.77 46.46 84.64
C4C CLA UF . -47.65 46.91 85.72
CMC CLA UF . -44.42 47.19 83.88
CAC CLA UF . -47.04 45.35 83.72
CBC CLA UF . -46.82 44.00 84.36
ND CLA UF . -49.31 47.74 88.02
C1D CLA UF . -49.70 46.76 87.08
C2D CLA UF . -51.05 46.27 87.43
C3D CLA UF . -51.48 47.03 88.50
C4D CLA UF . -50.36 47.94 88.82
CMD CLA UF . -51.74 45.20 86.69
CAD CLA UF . -52.52 47.29 89.48
OBD CLA UF . -53.59 46.73 89.67
CBD CLA UF . -52.06 48.51 90.33
CGD CLA UF . -52.94 49.67 89.96
O1D CLA UF . -53.90 49.66 89.19
O2D CLA UF . -52.58 50.85 90.53
CED CLA UF . -52.33 51.95 89.65
MG CLA VF . -57.12 63.18 86.54
CHA CLA VF . -60.30 64.50 86.86
CHB CLA VF . -57.13 63.99 83.24
CHC CLA VF . -53.94 61.89 86.28
CHD CLA VF . -57.20 62.25 89.95
NA CLA VF . -58.50 64.11 85.28
C1A CLA VF . -59.77 64.60 85.61
C2A CLA VF . -60.46 65.22 84.39
C3A CLA VF . -59.48 64.91 83.24
C4A CLA VF . -58.27 64.31 83.96
CMA CLA VF . -60.07 63.98 82.21
CAA CLA VF . -60.63 66.71 84.58
CBA CLA VF . -59.59 67.51 83.81
CGA CLA VF . -58.44 67.89 84.69
O1A CLA VF . -58.38 68.79 85.52
O2A CLA VF . -57.33 67.13 84.48
NB CLA VF . -55.82 62.91 85.03
C1B CLA VF . -55.98 63.41 83.79
C2B CLA VF . -54.71 63.27 83.03
C3B CLA VF . -53.79 62.68 83.88
C4B CLA VF . -54.50 62.45 85.16
CMB CLA VF . -54.57 63.72 81.67
CAB CLA VF . -52.41 62.33 83.65
CBB CLA VF . -51.99 61.13 83.25
NC CLA VF . -55.82 62.25 87.87
C1C CLA VF . -54.56 61.80 87.55
C2C CLA VF . -53.92 61.21 88.72
C3C CLA VF . -54.85 61.31 89.76
C4C CLA VF . -56.04 61.96 89.22
CMC CLA VF . -52.58 60.64 88.73
CAC CLA VF . -54.65 60.85 91.14
CBC CLA VF . -53.98 61.91 91.99
ND CLA VF . -58.37 63.40 88.12
C1D CLA VF . -58.30 62.91 89.45
C2D CLA VF . -59.57 63.27 90.13
C3D CLA VF . -60.36 63.90 89.20
C4D CLA VF . -59.58 63.92 87.95
CMD CLA VF . -59.85 62.98 91.54
CAD CLA VF . -61.63 64.54 88.93
OBD CLA VF . -62.54 64.81 89.71
CBD CLA VF . -61.66 64.87 87.41
CGD CLA VF . -62.73 64.05 86.72
O1D CLA VF . -62.87 62.84 86.76
O2D CLA VF . -63.62 64.79 86.00
CED CLA VF . -64.39 64.10 85.02
C1 CLA VF . -56.22 67.30 85.40
C2 CLA VF . -56.51 66.50 86.61
C3 CLA VF . -55.61 66.34 87.58
C4 CLA VF . -55.89 65.53 88.80
MG CLA WF . -42.24 37.23 77.75
CHA CLA WF . -44.53 34.89 76.59
CHB CLA WF . -43.77 37.23 80.77
CHC CLA WF . -39.95 39.53 78.84
CHD CLA WF . -40.65 37.15 74.59
NA CLA WF . -43.87 36.20 78.54
C1A CLA WF . -44.70 35.27 77.90
C2A CLA WF . -45.74 34.71 78.87
C3A CLA WF . -45.43 35.43 80.19
C4A CLA WF . -44.27 36.36 79.83
CMA CLA WF . -46.63 36.18 80.73
CAA CLA WF . -45.41 33.24 79.08
CBA CLA WF . -44.03 33.04 79.69
CGA CLA WF . -42.93 33.06 78.67
O1A CLA WF . -42.83 32.40 77.63
O2A CLA WF . -41.94 33.95 78.96
NB CLA WF . -41.87 38.13 79.51
C1B CLA WF . -42.71 38.13 80.56
C2B CLA WF . -42.37 39.24 81.49
C3B CLA WF . -41.28 39.89 80.95
C4B CLA WF . -40.95 39.19 79.68
CMB CLA WF . -43.09 39.50 82.73
CAB CLA WF . -40.54 41.02 81.42
CBB CLA WF . -39.73 41.02 82.48
NC CLA WF . -40.59 38.15 76.87
C1C CLA WF . -39.78 39.04 77.51
C2C CLA WF . -38.69 39.46 76.63
C3C CLA WF . -38.90 38.81 75.41
C4C CLA WF . -40.10 37.97 75.58
CMC CLA WF . -37.64 40.39 76.99
CAC CLA WF . -38.06 38.91 74.21
CBC CLA WF . -36.87 37.97 74.28
ND CLA WF . -42.51 36.32 75.96
C1D CLA WF . -41.78 36.37 74.75
C2D CLA WF . -42.43 35.48 73.77
C3D CLA WF . -43.49 34.89 74.42
C4D CLA WF . -43.48 35.43 75.79
CMD CLA WF . -41.98 35.31 72.40
CAD CLA WF . -44.60 33.97 74.30
OBD CLA WF . -44.99 33.33 73.32
CBD CLA WF . -45.28 33.92 75.71
CGD CLA WF . -46.74 34.23 75.61
O1D CLA WF . -47.26 35.28 75.17
O2D CLA WF . -47.55 33.23 76.04
CED CLA WF . -48.46 33.51 77.11
C1 CLA WF . -40.91 34.12 77.95
C2 CLA WF . -39.88 35.01 78.54
C3 CLA WF . -38.79 35.44 77.87
C4 CLA WF . -38.52 35.04 76.47
C5 CLA WF . -37.79 36.32 78.52
MG CLA XF . -44.04 41.56 67.65
CHA CLA XF . -45.58 42.72 64.79
CHB CLA XF . -47.04 40.56 68.87
CHC CLA XF . -42.45 40.50 70.49
CHD CLA XF . -40.94 42.62 66.35
NA CLA XF . -45.99 41.63 66.91
C1A CLA XF . -46.43 42.15 65.69
C2A CLA XF . -47.94 42.00 65.54
C3A CLA XF . -48.37 41.35 66.88
C4A CLA XF . -47.04 41.15 67.61
CMA CLA XF . -49.33 42.24 67.63
CAA CLA XF . -48.31 41.08 64.40
CBA CLA XF . -48.95 39.80 64.91
CGA CLA XF . -48.67 38.67 63.98
O1A CLA XF . -49.46 37.95 63.37
O2A CLA XF . -47.33 38.42 63.81
NB CLA XF . -44.63 40.64 69.34
C1B CLA XF . -45.91 40.36 69.67
C2B CLA XF . -45.98 39.84 71.06
C3B CLA XF . -44.68 39.82 71.54
C4B CLA XF . -43.81 40.35 70.45
CMB CLA XF . -47.21 39.45 71.71
CAB CLA XF . -44.21 39.43 72.83
CBB CLA XF . -43.12 38.71 73.07
NC CLA XF . -42.05 41.54 68.29
C1C CLA XF . -41.63 41.04 69.47
C2C CLA XF . -40.18 41.17 69.58
C3C CLA XF . -39.74 41.79 68.42
C4C CLA XF . -40.93 42.02 67.60
CMC CLA XF . -39.38 40.72 70.73
CAC CLA XF . -38.35 42.14 68.06
CBC CLA XF . -38.08 43.62 67.93
ND CLA XF . -43.35 42.48 66.00
C1D CLA XF . -42.05 42.86 65.58
C2D CLA XF . -42.13 43.51 64.26
C3D CLA XF . -43.47 43.49 63.92
C4D CLA XF . -44.18 42.82 65.02
CMD CLA XF . -41.00 44.06 63.52
CAD CLA XF . -44.44 43.84 62.92
OBD CLA XF . -44.28 44.39 61.84
CBD CLA XF . -45.83 43.35 63.44
CGD CLA XF . -46.80 44.50 63.48
O1D CLA XF . -46.68 45.55 64.12
O2D CLA XF . -47.93 44.29 62.75
CED CLA XF . -48.72 45.44 62.42
C1 CLA XF . -46.63 37.89 64.96
C2 CLA XF . -45.19 38.11 64.73
C3 CLA XF . -44.29 38.16 65.73
C4 CLA XF . -44.69 37.97 67.16
C5 CLA XF . -42.84 38.37 65.48
MG CLA YF . -45.54 51.16 67.92
CHA CLA YF . -48.85 52.13 67.88
CHB CLA YF . -46.30 48.52 65.93
CHC CLA YF . -42.22 50.37 67.80
CHD CLA YF . -44.78 53.96 69.95
NA CLA YF . -47.31 50.44 67.09
C1A CLA YF . -48.59 50.99 67.19
C2A CLA YF . -49.61 50.14 66.42
C3A CLA YF . -48.81 48.88 66.04
C4A CLA YF . -47.36 49.29 66.35
CMA CLA YF . -49.24 47.68 66.84
CAA CLA YF . -50.00 50.86 65.15
CBA CLA YF . -49.29 50.29 63.94
CGA CLA YF . -48.55 51.34 63.17
O1A CLA YF . -48.99 52.13 62.34
O2A CLA YF . -47.21 51.38 63.46
NB CLA YF . -44.48 49.64 67.14
C1B CLA YF . -44.96 48.81 66.18
C2B CLA YF . -43.83 48.23 65.39
C3B CLA YF . -42.68 48.75 65.91
C4B CLA YF . -43.07 49.64 67.04
CMB CLA YF . -44.03 47.29 64.28
CAB CLA YF . -41.30 48.53 65.54
CBB CLA YF . -40.49 49.47 65.06
NC CLA YF . -43.83 51.98 68.78
C1C CLA YF . -42.57 51.47 68.64
C2C CLA YF . -41.62 52.24 69.40
C3C CLA YF . -42.33 53.30 69.96
C4C CLA YF . -43.72 53.13 69.56
CMC CLA YF . -40.19 51.95 69.50
CAC CLA YF . -41.79 54.36 70.83
CBC CLA YF . -41.30 55.56 70.05
ND CLA YF . -46.52 52.72 68.72
C1D CLA YF . -46.08 53.79 69.55
C2D CLA YF . -47.26 54.62 69.89
C3D CLA YF . -48.34 54.04 69.26
C4D CLA YF . -47.82 52.86 68.56
CMD CLA YF . -47.20 55.83 70.72
CAD CLA YF . -49.76 54.11 69.01
OBD CLA YF . -50.58 54.94 69.38
CBD CLA YF . -50.14 52.87 68.15
CGD CLA YF . -51.12 52.02 68.88
O1D CLA YF . -50.98 51.51 70.00
O2D CLA YF . -52.28 51.81 68.21
CED CLA YF . -53.47 52.31 68.80
C1 CLA YF . -46.33 50.64 62.59
C2 CLA YF . -44.94 51.09 62.88
C3 CLA YF . -43.85 50.59 62.26
C4 CLA YF . -43.96 49.53 61.22
C5 CLA YF . -42.48 51.07 62.57
MG CLA ZF . -28.11 53.01 83.04
CHA CLA ZF . -24.90 53.96 82.18
CHB CLA ZF . -26.83 51.04 85.46
CHC CLA ZF . -31.32 52.31 84.03
CHD CLA ZF . -29.38 55.21 80.57
NA CLA ZF . -26.17 52.52 83.63
C1A CLA ZF . -24.97 53.03 83.16
C2A CLA ZF . -23.77 52.41 83.87
C3A CLA ZF . -24.43 51.33 84.76
C4A CLA ZF . -25.92 51.63 84.62
CMA CLA ZF . -24.06 49.97 84.25
CAA CLA ZF . -23.03 53.43 84.72
CBA CLA ZF . -23.09 53.10 86.19
CGA CLA ZF . -23.83 54.18 86.90
O1A CLA ZF . -23.37 55.14 87.53
O2A CLA ZF . -25.18 54.06 86.80
NB CLA ZF . -28.92 51.82 84.43
C1B CLA ZF . -28.22 51.22 85.42
C2B CLA ZF . -29.16 50.73 86.48
C3B CLA ZF . -30.43 51.09 86.08
C4B CLA ZF . -30.29 51.78 84.77
CMB CLA ZF . -28.66 50.04 87.67
CAB CLA ZF . -31.70 50.89 86.71
CBB CLA ZF . -31.93 50.42 87.94
NC CLA ZF . -30.00 53.60 82.37
C1C CLA ZF . -31.18 53.17 82.90
C2C CLA ZF . -32.29 53.77 82.19
C3C CLA ZF . -31.75 54.62 81.23
C4C CLA ZF . -30.30 54.50 81.35
CMC CLA ZF . -33.70 53.56 82.47
CAC CLA ZF . -32.48 55.46 80.27
CBC CLA ZF . -32.78 56.83 80.84
ND CLA ZF . -27.38 54.24 81.61
C1D CLA ZF . -28.01 55.09 80.69
C2D CLA ZF . -26.98 55.84 79.95
C3D CLA ZF . -25.78 55.46 80.50
C4D CLA ZF . -26.08 54.45 81.53
CMD CLA ZF . -27.25 56.81 78.90
CAD CLA ZF . -24.34 55.62 80.48
OBD CLA ZF . -23.70 56.39 79.80
CBD CLA ZF . -23.74 54.67 81.55
CGD CLA ZF . -22.69 53.73 81.04
O1D CLA ZF . -21.85 53.12 81.69
O2D CLA ZF . -22.68 53.58 79.69
CED CLA ZF . -21.63 52.79 79.14
C1 CLA ZF . -25.90 53.97 88.05
C2 CLA ZF . -27.34 53.91 87.73
C3 CLA ZF . -28.28 53.69 88.67
C4 CLA ZF . -27.92 53.48 90.09
C5 CLA ZF . -29.73 53.63 88.31
MG CLA AG . -27.59 49.22 66.17
CHA CLA AG . -24.30 49.10 65.12
CHB CLA AG . -27.99 52.20 64.57
CHC CLA AG . -30.92 49.17 67.02
CHD CLA AG . -27.16 46.10 67.75
NA CLA AG . -26.32 50.46 65.07
C1A CLA AG . -24.98 50.21 64.73
C2A CLA AG . -24.43 51.35 63.90
C3A CLA AG . -25.57 52.40 63.90
C4A CLA AG . -26.73 51.65 64.56
CMA CLA AG . -25.20 53.64 64.66
CAA CLA AG . -24.19 50.86 62.48
CBA CLA AG . -25.48 50.72 61.69
CGA CLA AG . -26.13 49.38 61.89
O1A CLA AG . -25.76 48.28 61.49
O2A CLA AG . -27.28 49.44 62.63
NB CLA AG . -29.15 50.47 65.88
C1B CLA AG . -29.12 51.60 65.14
C2B CLA AG . -30.50 52.15 65.03
C3B CLA AG . -31.33 51.31 65.71
C4B CLA AG . -30.48 50.22 66.27
CMB CLA AG . -30.78 53.38 64.30
CAB CLA AG . -32.75 51.37 65.91
CBB CLA AG . -33.65 50.80 65.10
NC CLA AG . -28.79 47.90 67.25
C1C CLA AG . -30.12 48.09 67.49
C2C CLA AG . -30.65 46.98 68.25
C3C CLA AG . -29.60 46.09 68.45
C4C CLA AG . -28.43 46.68 67.80
CMC CLA AG . -32.05 46.85 68.69
CAC CLA AG . -29.64 44.80 69.16
CBC CLA AG . -30.14 43.69 68.27
ND CLA AG . -26.09 47.91 66.50
C1D CLA AG . -26.06 46.65 67.14
C2D CLA AG . -24.70 46.08 67.01
C3D CLA AG . -23.98 46.99 66.24
C4D CLA AG . -24.90 48.10 65.94
CMD CLA AG . -24.27 44.82 67.58
CAD CLA AG . -22.70 47.31 65.65
OBD CLA AG . -21.64 46.71 65.72
CBD CLA AG . -22.89 48.63 64.86
CGD CLA AG . -21.91 49.69 65.25
O1D CLA AG . -22.14 50.75 65.82
O2D CLA AG . -20.62 49.40 64.90
CED CLA AG . -20.37 48.95 63.57
C1 CLA AG . -28.47 49.92 61.97
C2 CLA AG . -29.61 49.15 62.51
C3 CLA AG . -30.89 49.41 62.19
C4 CLA AG . -31.26 50.52 61.28
C5 CLA AG . -32.00 48.60 62.76
MG CLA BG . -20.01 43.44 73.17
CHA CLA BG . -17.01 44.33 74.66
CHB CLA BG . -18.34 41.29 71.14
CHC CLA BG . -23.01 42.49 71.82
CHD CLA BG . -21.68 45.77 75.24
NA CLA BG . -18.00 42.90 72.97
C1A CLA BG . -16.90 43.36 73.71
C2A CLA BG . -15.62 42.68 73.23
C3A CLA BG . -16.08 41.76 72.09
C4A CLA BG . -17.59 41.97 72.05
CMA CLA BG . -15.42 42.09 70.78
CAA CLA BG . -15.07 41.80 74.34
CBA CLA BG . -16.19 41.04 75.04
CGA CLA BG . -16.41 39.65 74.52
O1A CLA BG . -15.72 38.64 74.71
O2A CLA BG . -17.53 39.53 73.75
NB CLA BG . -20.58 42.07 71.82
C1B CLA BG . -19.74 41.40 70.99
C2B CLA BG . -20.50 40.81 69.86
C3B CLA BG . -21.81 41.15 70.05
C4B CLA BG . -21.89 41.95 71.30
CMB CLA BG . -19.86 40.04 68.79
CAB CLA BG . -22.96 40.83 69.26
CBB CLA BG . -23.33 39.60 68.91
NC CLA BG . -21.98 44.01 73.50
C1C CLA BG . -23.06 43.46 72.86
C2C CLA BG . -24.29 44.03 73.37
C3C CLA BG . -23.92 45.00 74.30
C4C CLA BG . -22.47 44.98 74.39
CMC CLA BG . -25.63 43.65 72.92
CAC CLA BG . -24.84 45.83 75.09
CBC CLA BG . -25.42 45.10 76.27
ND CLA BG . -19.52 44.81 74.57
C1D CLA BG . -20.31 45.72 75.32
C2D CLA BG . -19.41 46.51 76.18
C3D CLA BG . -18.12 46.01 75.99
C4D CLA BG . -18.26 44.95 74.98
CMD CLA BG . -19.88 47.57 77.06
CAD CLA BG . -16.72 46.13 76.32
OBD CLA BG . -16.16 46.92 77.06
CBD CLA BG . -15.97 45.00 75.53
CGD CLA BG . -14.81 45.53 74.73
O1D CLA BG . -14.84 46.00 73.59
O2D CLA BG . -13.62 45.49 75.39
CED CLA BG . -12.69 44.45 75.05
C1 CLA BG . -18.80 39.87 74.35
C2 CLA BG . -19.52 38.61 74.62
C3 CLA BG . -20.09 37.85 73.66
C4 CLA BG . -20.06 38.22 72.23
MG CLA CG . -17.34 41.22 63.14
CHA CLA CG . -15.19 42.16 65.70
CHB CLA CG . -14.80 39.51 61.66
CHC CLA CG . -19.57 40.07 60.81
CHD CLA CG . -19.95 42.98 64.76
NA CLA CG . -15.32 40.96 63.59
C1A CLA CG . -14.62 41.41 64.72
C2A CLA CG . -13.17 40.96 64.67
C3A CLA CG . -13.04 40.34 63.26
C4A CLA CG . -14.48 40.24 62.79
CMA CLA CG . -12.20 41.20 62.36
CAA CLA CG . -12.92 39.93 65.75
CBA CLA CG . -13.59 38.59 65.47
CGA CLA CG . -14.96 38.52 66.09
O1A CLA CG . -15.26 38.31 67.26
O2A CLA CG . -15.97 38.72 65.20
NB CLA CG . -17.20 40.07 61.51
C1B CLA CG . -16.10 39.37 61.14
C2B CLA CG . -16.46 38.39 60.07
C3B CLA CG . -17.80 38.54 59.83
C4B CLA CG . -18.29 39.62 60.73
CMB CLA CG . -15.49 37.49 59.47
CAB CLA CG . -18.64 37.85 58.90
CBB CLA CG . -19.59 36.97 59.23
NC CLA CG . -19.37 41.53 62.81
C1C CLA CG . -20.07 40.98 61.77
C2C CLA CG . -21.46 41.41 61.83
C3C CLA CG . -21.58 42.20 62.96
C4C CLA CG . -20.27 42.27 63.58
CMC CLA CG . -22.49 41.01 60.87
CAC CLA CG . -22.80 42.86 63.45
CBC CLA CG . -23.10 44.13 62.68
ND CLA CG . -17.58 42.39 64.78
C1D CLA CG . -18.70 43.03 65.34
C2D CLA CG . -18.29 43.72 66.58
C3D CLA CG . -16.96 43.42 66.77
C4D CLA CG . -16.56 42.58 65.63
CMD CLA CG . -19.18 44.53 67.42
CAD CLA CG . -15.78 43.62 67.59
OBD CLA CG . -15.64 44.34 68.57
CBD CLA CG . -14.64 42.76 66.98
CGD CLA CG . -13.38 43.54 66.73
O1D CLA CG . -12.25 43.10 66.54
O2D CLA CG . -13.54 44.88 66.74
CED CLA CG . -12.77 45.63 67.69
C1 CLA CG . -16.82 37.59 64.89
C2 CLA CG . -18.13 38.16 64.48
C3 CLA CG . -19.15 37.39 64.04
C4 CLA CG . -19.05 35.92 63.93
C5 CLA CG . -20.45 38.01 63.64
MG CLA DG . -19.82 47.80 54.52
CHA CLA DG . -20.76 47.65 57.84
CHB CLA DG . -19.74 44.40 54.40
CHC CLA DG . -19.08 47.99 51.16
CHD CLA DG . -20.07 51.32 54.65
NA CLA DG . -20.14 46.30 55.93
C1A CLA DG . -20.56 46.44 57.26
C2A CLA DG . -20.70 45.08 57.94
C3A CLA DG . -20.24 44.09 56.85
C4A CLA DG . -20.02 44.97 55.63
CMA CLA DG . -18.96 43.39 57.25
CAA CLA DG . -22.15 44.80 58.30
CBA CLA DG . -23.12 45.43 57.33
CGA CLA DG . -23.57 44.44 56.31
O1A CLA DG . -24.43 43.56 56.42
O2A CLA DG . -22.93 44.56 55.10
NB CLA DG . -19.50 46.45 53.06
C1B CLA DG . -19.52 45.10 53.21
C2B CLA DG . -19.25 44.44 51.90
C3B CLA DG . -19.06 45.45 50.98
C4B CLA DG . -19.19 46.74 51.71
CMB CLA DG . -19.20 43.00 51.73
CAB CLA DG . -18.75 45.35 49.58
CBB CLA DG . -19.50 45.85 48.60
NC CLA DG . -19.55 49.37 53.17
C1C CLA DG . -19.24 49.22 51.85
C2C CLA DG . -19.12 50.53 51.22
C3C CLA DG . -19.45 51.47 52.19
C4C CLA DG . -19.72 50.74 53.42
CMC CLA DG . -18.78 50.74 49.82
CAC CLA DG . -19.48 52.93 52.03
CBC CLA DG . -18.23 53.62 52.55
ND CLA DG . -20.14 49.22 55.91
C1D CLA DG . -20.27 50.63 55.83
C2D CLA DG . -20.63 51.16 57.16
C3D CLA DG . -20.80 50.07 57.98
C4D CLA DG . -20.53 48.88 57.15
CMD CLA DG . -20.77 52.58 57.47
CAD CLA DG . -21.08 49.59 59.32
OBD CLA DG . -21.20 50.21 60.37
CBD CLA DG . -21.22 48.03 59.24
CGD CLA DG . -20.49 47.30 60.31
O1D CLA DG . -20.91 46.36 60.99
O2D CLA DG . -19.22 47.73 60.56
CED CLA DG . -18.36 46.82 61.26
C1 CLA DG . -23.05 45.83 54.41
C2 CLA DG . -22.83 45.54 52.97
C3 CLA DG . -22.58 46.47 52.04
C4 CLA DG . -22.48 47.93 52.37
C5 CLA DG . -22.39 46.10 50.61
MG CLA EG . -26.77 56.37 62.21
CHA CLA EG . -29.52 57.62 63.88
CHB CLA EG . -28.81 54.57 60.18
CHC CLA EG . -24.00 54.91 60.81
CHD CLA EG . -24.68 58.23 64.37
NA CLA EG . -28.84 56.19 62.04
C1A CLA EG . -29.83 56.78 62.85
C2A CLA EG . -31.22 56.35 62.36
C3A CLA EG . -30.94 55.58 61.05
C4A CLA EG . -29.43 55.42 61.07
CMA CLA EG . -31.66 54.27 60.96
CAA CLA EG . -32.17 57.51 62.11
CBA CLA EG . -33.52 57.22 62.73
CGA CLA EG . -34.37 58.45 62.65
O1A CLA EG . -34.73 59.05 61.64
O2A CLA EG . -34.77 58.93 63.86
NB CLA EG . -26.46 55.01 60.76
C1B CLA EG . -27.43 54.33 60.10
C2B CLA EG . -26.81 53.30 59.23
C3B CLA EG . -25.45 53.40 59.40
C4B CLA EG . -25.22 54.49 60.37
CMB CLA EG . -27.62 52.42 58.39
CAB CLA EG . -24.36 52.66 58.81
CBB CLA EG . -24.40 51.39 58.42
NC CLA EG . -24.72 56.60 62.50
C1C CLA EG . -23.75 55.91 61.79
C2C CLA EG . -22.43 56.31 62.26
C3C CLA EG . -22.62 57.22 63.28
C4C CLA EG . -24.06 57.40 63.42
CMC CLA EG . -21.18 55.77 61.72
CAC CLA EG . -21.58 57.90 64.06
CBC CLA EG . -21.50 59.38 63.78
ND CLA EG . -26.98 57.73 63.68
C1D CLA EG . -26.04 58.38 64.51
C2D CLA EG . -26.75 59.22 65.50
C3D CLA EG . -28.09 58.96 65.30
C4D CLA EG . -28.18 58.01 64.18
CMD CLA EG . -26.12 60.09 66.47
CAD CLA EG . -29.44 59.27 65.71
OBD CLA EG . -29.83 60.10 66.52
CBD CLA EG . -30.38 58.35 64.89
CGD CLA EG . -31.06 57.41 65.84
O1D CLA EG . -31.06 57.47 67.07
O2D CLA EG . -31.75 56.41 65.26
CED CLA EG . -32.85 55.87 66.00
C1 CLA EG . -35.39 60.24 63.85
C2 CLA EG . -34.58 61.16 64.68
C3 CLA EG . -33.35 61.61 64.37
C4 CLA EG . -32.62 61.23 63.14
C5 CLA EG . -32.62 62.54 65.28
MG CLA FG . -35.35 49.71 47.23
CHA CLA FG . -37.98 47.70 48.18
CHB CLA FG . -33.21 47.76 48.99
CHC CLA FG . -32.78 51.75 46.27
CHD CLA FG . -37.64 51.77 45.50
NA CLA FG . -35.59 47.99 48.39
C1A CLA FG . -36.77 47.31 48.68
C2A CLA FG . -36.50 46.11 49.58
C3A CLA FG . -34.99 46.22 49.89
C4A CLA FG . -34.54 47.40 49.02
CMA CLA FG . -34.73 46.46 51.35
CAA CLA FG . -36.77 44.79 48.87
CBA CLA FG . -36.57 44.88 47.38
CGA CLA FG . -35.90 43.63 46.91
O1A CLA FG . -34.73 43.28 47.09
O2A CLA FG . -36.75 42.84 46.18
NB CLA FG . -33.40 49.83 47.68
C1B CLA FG . -32.70 48.81 48.23
C2B CLA FG . -31.25 48.96 47.92
C3B CLA FG . -31.12 50.07 47.16
C4B CLA FG . -32.48 50.65 46.99
CMB CLA FG . -30.24 48.00 48.37
CAB CLA FG . -29.95 50.65 46.57
CBB CLA FG . -29.76 50.77 45.26
NC CLA FG . -35.24 51.45 46.09
C1C CLA FG . -34.08 52.13 45.84
C2C CLA FG . -34.37 53.32 45.05
C3C CLA FG . -35.75 53.32 44.81
C4C CLA FG . -36.29 52.15 45.49
CMC CLA FG . -33.37 54.28 44.59
CAC CLA FG . -36.51 54.33 44.08
CBC CLA FG . -37.02 53.82 42.75
ND CLA FG . -37.30 49.67 46.73
C1D CLA FG . -38.12 50.62 46.06
C2D CLA FG . -39.52 50.14 46.08
C3D CLA FG . -39.53 49.00 46.87
C4D CLA FG . -38.13 48.80 47.29
CMD CLA FG . -40.62 50.79 45.37
CAD CLA FG . -40.30 47.91 47.42
OBD CLA FG . -41.46 47.58 47.22
CBD CLA FG . -39.37 47.15 48.40
CGD CLA FG . -39.77 47.45 49.81
O1D CLA FG . -39.03 47.66 50.77
O2D CLA FG . -41.12 47.51 50.01
CED CLA FG . -41.80 46.27 50.22
C1 CLA FG . -37.08 41.54 46.70
C2 CLA FG . -35.89 40.67 46.53
C3 CLA FG . -35.92 39.33 46.56
C4 CLA FG . -37.17 38.57 46.76
C5 CLA FG . -34.66 38.55 46.39
MG CLA GG . -42.05 41.78 55.90
CHA CLA GG . -39.32 42.83 54.06
CHB CLA GG . -40.15 41.80 58.72
CHC CLA GG . -44.82 40.81 57.69
CHD CLA GG . -44.00 41.84 52.95
NA CLA GG . -40.06 42.24 56.29
C1A CLA GG . -39.08 42.67 55.39
C2A CLA GG . -37.75 42.93 56.09
C3A CLA GG . -38.05 42.57 57.57
C4A CLA GG . -39.52 42.17 57.55
CMA CLA GG . -37.17 41.46 58.06
CAA CLA GG . -37.45 44.40 56.01
CBA CLA GG . -36.10 44.69 55.41
CGA CLA GG . -35.06 44.70 56.48
O1A CLA GG . -34.64 43.75 57.15
O2A CLA GG . -34.52 45.94 56.73
NB CLA GG . -42.44 41.47 57.85
C1B CLA GG . -41.50 41.42 58.83
C2B CLA GG . -42.09 40.86 60.07
C3B CLA GG . -43.41 40.58 59.79
C4B CLA GG . -43.65 40.96 58.36
CMB CLA GG . -41.33 40.68 61.29
CAB CLA GG . -44.45 40.03 60.61
CBB CLA GG . -44.70 40.38 61.88
NC CLA GG . -44.03 41.38 55.40
C1C CLA GG . -45.00 41.01 56.30
C2C CLA GG . -46.28 40.85 55.61
C3C CLA GG . -46.05 41.14 54.27
C4C CLA GG . -44.64 41.48 54.16
CMC CLA GG . -47.52 40.44 56.25
CAC CLA GG . -47.03 41.11 53.18
CBC CLA GG . -46.87 39.93 52.26
ND CLA GG . -41.76 42.08 53.93
C1D CLA GG . -42.66 42.13 52.84
C2D CLA GG . -41.91 42.49 51.62
C3D CLA GG . -40.61 42.73 52.03
C4D CLA GG . -40.59 42.52 53.48
CMD CLA GG . -42.46 42.54 50.27
CAD CLA GG . -39.28 43.07 51.62
OBD CLA GG . -38.82 43.17 50.48
CBD CLA GG . -38.45 43.29 52.91
CGD CLA GG . -37.15 42.55 52.85
O1D CLA GG . -36.74 41.67 53.61
O2D CLA GG . -36.36 42.95 51.82
CED CLA GG . -34.94 42.82 52.00
C1 CLA GG . -35.38 47.10 56.58
C2 CLA GG . -34.66 48.27 57.13
C3 CLA GG . -34.57 48.54 58.43
C4 CLA GG . -35.20 47.66 59.46
C5 CLA GG . -33.85 49.74 58.93
MG CLA HG . -51.74 63.17 51.39
CHA CLA HG . -53.20 64.52 54.22
CHB CLA HG . -54.35 61.00 51.11
CHC CLA HG . -50.43 62.06 48.42
CHD CLA HG . -49.14 65.53 51.65
NA CLA HG . -53.45 62.79 52.54
C1A CLA HG . -53.89 63.49 53.67
C2A CLA HG . -55.20 62.89 54.19
C3A CLA HG . -55.44 61.67 53.28
C4A CLA HG . -54.35 61.81 52.22
CMA CLA HG . -55.34 60.37 54.05
CAA CLA HG . -56.33 63.89 54.04
CBA CLA HG . -56.12 64.74 52.81
CGA CLA HG . -56.81 66.07 52.97
O1A CLA HG . -57.25 66.55 54.00
O2A CLA HG . -56.94 66.79 51.81
NB CLA HG . -52.27 61.78 50.03
C1B CLA HG . -53.40 61.04 50.08
C2B CLA HG . -53.52 60.23 48.84
C3B CLA HG . -52.42 60.53 48.06
C4B CLA HG . -51.60 61.52 48.82
CMB CLA HG . -54.63 59.33 48.59
CAB CLA HG . -52.06 60.02 46.76
CBB CLA HG . -51.89 60.77 45.68
NC CLA HG . -50.04 63.65 50.29
C1C CLA HG . -49.68 63.05 49.13
C2C CLA HG . -48.44 63.62 48.63
C3C CLA HG . -48.08 64.64 49.51
C4C CLA HG . -49.11 64.65 50.55
CMC CLA HG . -47.77 63.19 47.41
CAC CLA HG . -46.91 65.52 49.39
CBC CLA HG . -45.95 65.49 50.55
ND CLA HG . -51.14 64.57 52.70
C1D CLA HG . -50.09 65.51 52.65
C2D CLA HG . -50.19 66.41 53.83
C3D CLA HG . -51.36 66.07 54.47
C4D CLA HG . -51.94 64.94 53.70
CMD CLA HG . -49.22 67.46 54.16
CAD CLA HG . -52.23 66.31 55.60
OBD CLA HG . -52.06 67.04 56.56
CBD CLA HG . -53.50 65.43 55.40
CGD CLA HG . -53.94 64.69 56.62
O1D CLA HG . -55.07 64.31 56.92
O2D CLA HG . -52.94 64.44 57.51
CED CLA HG . -53.31 63.75 58.71
C1 CLA HG . -56.67 66.16 50.54
C2 CLA HG . -57.92 65.47 50.10
C3 CLA HG . -57.92 64.22 49.63
C4 CLA HG . -56.70 63.40 49.50
C5 CLA HG . -59.20 63.58 49.21
MG CLA IG . -47.92 59.35 59.30
CHA CLA IG . -50.38 57.68 61.07
CHB CLA IG . -50.20 61.66 58.32
CHC CLA IG . -45.43 61.03 57.67
CHD CLA IG . -45.59 56.90 60.35
NA CLA IG . -49.97 59.60 59.65
C1A CLA IG . -50.81 58.80 60.42
C2A CLA IG . -52.24 59.34 60.41
C3A CLA IG . -52.17 60.50 59.41
C4A CLA IG . -50.68 60.63 59.11
CMA CLA IG . -52.97 60.20 58.17
CAA CLA IG . -52.67 59.84 61.79
CBA CLA IG . -51.51 60.33 62.64
CGA CLA IG . -51.41 59.48 63.87
O1A CLA IG . -52.28 59.18 64.69
O2A CLA IG . -50.15 59.00 64.10
NB CLA IG . -47.84 61.00 58.17
C1B CLA IG . -48.87 61.86 57.96
C2B CLA IG . -48.37 63.08 57.25
C3B CLA IG . -47.03 62.91 57.06
C4B CLA IG . -46.66 61.58 57.63
CMB CLA IG . -49.23 64.19 56.87
CAB CLA IG . -46.09 63.80 56.42
CBB CLA IG . -44.94 64.22 56.95
NC CLA IG . -45.89 59.00 59.03
C1C CLA IG . -45.06 59.81 58.31
C2C CLA IG . -43.71 59.28 58.33
C3C CLA IG . -43.75 58.12 59.10
C4C CLA IG . -45.13 57.95 59.54
CMC CLA IG . -42.56 59.88 57.67
CAC CLA IG . -42.64 57.22 59.42
CBC CLA IG . -41.78 57.75 60.54
ND CLA IG . -47.91 57.69 60.43
C1D CLA IG . -46.89 56.76 60.78
C2D CLA IG . -47.47 55.70 61.64
C3D CLA IG . -48.80 56.00 61.77
C4D CLA IG . -49.03 57.23 61.00
CMD CLA IG . -46.72 54.57 62.19
CAD CLA IG . -50.08 55.61 62.34
OBD CLA IG . -50.35 54.64 63.03
CBD CLA IG . -51.12 56.67 61.90
CGD CLA IG . -52.22 56.09 61.08
O1D CLA IG . -52.27 55.99 59.85
O2D CLA IG . -53.27 55.64 61.81
CED CLA IG . -54.12 56.62 62.43
C1 CLA IG . -50.01 57.96 65.09
C2 CLA IG . -48.56 57.66 65.18
C3 CLA IG . -48.08 56.45 65.51
C4 CLA IG . -48.99 55.31 65.80
C5 CLA IG . -46.62 56.18 65.59
MG CLA JG . -33.46 69.79 50.35
CHA CLA JG . -31.51 72.18 48.77
CHB CLA JG . -32.70 71.17 53.35
CHC CLA JG . -35.46 67.45 51.85
CHD CLA JG . -34.21 68.39 47.19
NA CLA JG . -32.29 71.41 50.94
C1A CLA JG . -31.56 72.29 50.13
C2A CLA JG . -30.85 73.34 50.98
C3A CLA JG . -31.20 72.95 52.43
C4A CLA JG . -32.13 71.76 52.25
CMA CLA JG . -29.97 72.58 53.20
CAA CLA JG . -31.42 74.71 50.69
CBA CLA JG . -32.91 74.72 50.92
CGA CLA JG . -33.39 76.13 50.95
O1A CLA JG . -32.89 77.10 51.51
O2A CLA JG . -34.54 76.30 50.24
NB CLA JG . -33.99 69.40 52.24
C1B CLA JG . -33.56 70.06 53.33
C2B CLA JG . -34.12 69.44 54.56
C3B CLA JG . -34.91 68.38 54.15
C4B CLA JG . -34.82 68.35 52.66
CMB CLA JG . -33.81 69.95 55.89
CAB CLA JG . -35.69 67.42 54.88
CBB CLA JG . -35.91 67.43 56.20
NC CLA JG . -34.61 68.21 49.63
C1C CLA JG . -35.35 67.39 50.43
C2C CLA JG . -36.05 66.41 49.60
C3C CLA JG . -35.70 66.67 48.29
C4C CLA JG . -34.79 67.80 48.32
CMC CLA JG . -36.95 65.37 50.12
CAC CLA JG . -36.15 65.97 47.08
CBC CLA JG . -37.54 66.40 46.66
ND CLA JG . -32.99 70.12 48.42
C1D CLA JG . -33.36 69.47 47.22
C2D CLA JG . -32.72 70.16 46.08
C3D CLA JG . -32.00 71.20 46.61
C4D CLA JG . -32.20 71.14 48.07
CMD CLA JG . -32.87 69.75 44.69
CAD CLA JG . -31.13 72.33 46.34
OBD CLA JG . -30.71 72.74 45.26
CBD CLA JG . -30.80 72.99 47.71
CGD CLA JG . -29.32 73.01 47.91
O1D CLA JG . -28.49 72.27 47.39
O2D CLA JG . -28.90 73.96 48.79
CED CLA JG . -27.72 73.67 49.56
C1 CLA JG . -34.74 77.58 49.62
C2 CLA JG . -35.62 77.35 48.44
C3 CLA JG . -36.94 77.13 48.56
C4 CLA JG . -37.61 77.11 49.89
C5 CLA JG . -37.79 76.89 47.36
MG CLA KG . -17.10 45.91 42.45
CHA CLA KG . -13.83 45.65 43.55
CHB CLA KG . -16.24 44.35 39.57
CHC CLA KG . -20.39 45.95 41.53
CHD CLA KG . -17.95 47.50 45.49
NA CLA KG . -15.31 45.18 41.69
C1A CLA KG . -14.05 45.14 42.31
C2A CLA KG . -13.01 44.53 41.41
C3A CLA KG . -13.75 44.35 40.07
C4A CLA KG . -15.21 44.63 40.44
CMA CLA KG . -13.24 45.29 39.02
CAA CLA KG . -12.56 43.19 41.97
CBA CLA KG . -13.75 42.27 42.21
CGA CLA KG . -13.31 41.01 42.89
O1A CLA KG . -12.74 40.90 43.97
O2A CLA KG . -13.61 39.88 42.18
NB CLA KG . -18.11 45.36 40.80
C1B CLA KG . -17.60 44.58 39.82
C2B CLA KG . -18.70 43.96 39.04
C3B CLA KG . -19.87 44.41 39.59
C4B CLA KG . -19.51 45.31 40.71
CMB CLA KG . -18.47 43.06 37.91
CAB CLA KG . -21.23 44.13 39.23
CBB CLA KG . -21.84 44.62 38.16
NC CLA KG . -18.84 46.66 43.33
C1C CLA KG . -20.08 46.59 42.75
C2C CLA KG . -21.05 47.23 43.61
C3C CLA KG . -20.37 47.63 44.76
C4C CLA KG . -18.98 47.27 44.57
CMC CLA KG . -22.48 47.37 43.31
CAC CLA KG . -20.93 48.33 45.92
CBC CLA KG . -20.84 49.83 45.75
ND CLA KG . -16.17 46.50 44.14
C1D CLA KG . -16.63 47.13 45.32
C2D CLA KG . -15.49 47.32 46.23
C3D CLA KG . -14.39 46.76 45.62
C4D CLA KG . -14.88 46.26 44.31
CMD CLA KG . -15.57 47.97 47.54
CAD CLA KG . -12.97 46.48 45.69
OBD CLA KG . -12.16 46.76 46.57
CBD CLA KG . -12.58 45.74 44.38
CGD CLA KG . -11.49 46.45 43.64
O1D CLA KG . -11.58 47.05 42.57
O2D CLA KG . -10.28 46.38 44.25
CED CLA KG . -9.34 45.44 43.72
C1 CLA KG . -13.86 38.69 42.95
C2 CLA KG . -15.19 38.18 42.54
C3 CLA KG . -15.80 37.14 43.14
C4 CLA KG . -15.19 36.40 44.26
C5 CLA KG . -17.15 36.67 42.68
MG CLA LG . -18.08 40.46 33.51
CHA CLA LG . -14.91 41.38 34.55
CHB CLA LG . -17.37 41.56 30.38
CHC CLA LG . -21.23 39.51 32.54
CHD CLA LG . -18.80 39.40 36.80
NA CLA LG . -16.40 41.32 32.63
C1A CLA LG . -15.17 41.62 33.22
C2A CLA LG . -14.21 42.25 32.22
C3A CLA LG . -15.05 42.33 30.93
C4A CLA LG . -16.37 41.69 31.32
CMA CLA LG . -15.24 43.75 30.49
CAA CLA LG . -12.97 41.41 32.02
CBA CLA LG . -12.95 40.75 30.66
CGA CLA LG . -13.25 39.30 30.82
O1A CLA LG . -12.49 38.33 30.66
O2A CLA LG . -14.54 39.06 31.21
NB CLA LG . -19.10 40.51 31.79
C1B CLA LG . -18.64 41.00 30.62
C2B CLA LG . -19.69 40.88 29.58
C3B CLA LG . -20.79 40.30 30.17
C4B CLA LG . -20.43 40.06 31.59
CMB CLA LG . -19.48 41.33 28.20
CAB CLA LG . -22.07 39.94 29.65
CBB CLA LG . -22.29 39.42 28.44
NC CLA LG . -19.70 39.60 34.50
C1C CLA LG . -20.89 39.29 33.90
C2C CLA LG . -21.79 38.69 34.87
C3C CLA LG . -21.12 38.68 36.08
C4C CLA LG . -19.81 39.25 35.84
CMC CLA LG . -23.15 38.23 34.58
CAC CLA LG . -21.61 38.18 37.37
CBC CLA LG . -22.10 39.30 38.25
ND CLA LG . -17.13 40.36 35.29
C1D CLA LG . -17.55 39.93 36.57
C2D CLA LG . -16.44 40.11 37.51
C3D CLA LG . -15.40 40.65 36.79
C4D CLA LG . -15.89 40.80 35.41
CMD CLA LG . -16.50 39.76 38.93
CAD CLA LG . -14.05 41.16 36.82
OBD CLA LG . -13.26 41.22 37.76
CBD CLA LG . -13.69 41.65 35.39
CGD CLA LG . -13.32 43.09 35.39
O1D CLA LG . -13.70 43.97 36.17
O2D CLA LG . -12.44 43.44 34.42
CED CLA LG . -12.03 44.81 34.36
C1 CLA LG . -15.06 37.74 30.95
C2 CLA LG . -16.09 37.47 31.99
C3 CLA LG . -17.40 37.39 31.72
C4 CLA LG . -17.94 37.57 30.35
C5 CLA LG . -18.38 37.11 32.80
MG CLA MG . -32.95 36.03 25.01
CHA CLA MG . -31.04 38.88 24.66
CHB CLA MG . -35.28 37.32 22.96
CHC CLA MG . -34.73 33.13 25.31
CHD CLA MG . -30.61 34.82 27.36
NA CLA MG . -33.13 37.86 24.02
C1A CLA MG . -32.25 38.93 24.02
C2A CLA MG . -32.84 40.11 23.24
C3A CLA MG . -34.25 39.61 22.85
C4A CLA MG . -34.25 38.17 23.31
CMA CLA MG . -35.35 40.41 23.50
CAA CLA MG . -32.06 40.65 22.07
CBA CLA MG . -32.36 39.89 20.80
CGA CLA MG . -32.01 38.44 21.00
O1A CLA MG . -32.74 37.46 20.93
O2A CLA MG . -30.70 38.27 21.32
NB CLA MG . -34.77 35.42 24.40
C1B CLA MG . -35.34 35.98 23.32
C2B CLA MG . -36.06 34.95 22.50
C3B CLA MG . -35.91 33.76 23.17
C4B CLA MG . -35.11 34.05 24.39
CMB CLA MG . -36.78 35.28 21.27
CAB CLA MG . -36.41 32.45 22.88
CBB CLA MG . -36.50 31.90 21.66
NC CLA MG . -32.72 34.29 26.15
C1C CLA MG . -33.61 33.26 26.15
C2C CLA MG . -33.18 32.26 27.13
C3C CLA MG . -31.99 32.73 27.68
C4C CLA MG . -31.73 34.03 27.09
CMC CLA MG . -33.88 31.00 27.38
CAC CLA MG . -31.19 32.09 28.72
CBC CLA MG . -31.65 32.48 30.10
ND CLA MG . -31.15 36.56 25.74
C1D CLA MG . -30.32 36.01 26.75
C2D CLA MG . -29.12 36.86 26.89
C3D CLA MG . -29.29 37.89 26.00
C4D CLA MG . -30.62 37.73 25.39
CMD CLA MG . -27.98 36.53 27.74
CAD CLA MG . -28.72 39.07 25.40
OBD CLA MG . -27.56 39.43 25.32
CBD CLA MG . -29.89 39.84 24.74
CGD CLA MG . -30.15 41.00 25.63
O1D CLA MG . -30.86 41.00 26.64
O2D CLA MG . -29.51 42.14 25.26
CED CLA MG . -29.50 42.50 23.89
C1 CLA MG . -29.74 39.05 20.56
C2 CLA MG . -28.63 39.33 21.48
C3 CLA MG . -27.99 40.50 21.49
C4 CLA MG . -26.86 40.73 22.41
C5 CLA MG . -28.40 41.61 20.59
MG CLA NG . -41.52 37.19 19.37
CHA CLA NG . -42.25 34.41 17.46
CHB CLA NG . -40.23 35.19 21.78
CHC CLA NG . -40.67 40.00 21.13
CHD CLA NG . -42.84 39.22 16.78
NA CLA NG . -41.31 35.14 19.57
C1A CLA NG . -41.66 34.13 18.66
C2A CLA NG . -41.32 32.75 19.19
C3A CLA NG . -40.80 33.04 20.61
C4A CLA NG . -40.76 34.56 20.68
CMA CLA NG . -41.73 32.46 21.66
CAA CLA NG . -40.21 32.15 18.35
CBA CLA NG . -38.89 32.16 19.08
CGA CLA NG . -37.78 32.53 18.14
O1A CLA NG . -37.77 32.47 16.91
O2A CLA NG . -36.67 32.97 18.79
NB CLA NG . -40.61 37.53 21.12
C1B CLA NG . -40.15 36.58 21.96
C2B CLA NG . -39.54 37.21 23.15
C3B CLA NG . -39.65 38.56 23.00
C4B CLA NG . -40.35 38.80 21.69
CMB CLA NG . -38.96 36.44 24.26
CAB CLA NG . -39.22 39.60 23.90
CBB CLA NG . -38.77 40.81 23.57
NC CLA NG . -41.75 39.24 19.03
C1C CLA NG . -41.33 40.20 19.89
C2C CLA NG . -41.64 41.52 19.34
C3C CLA NG . -42.23 41.30 18.11
C4C CLA NG . -42.30 39.87 17.91
CMC CLA NG . -41.34 42.80 19.99
CAC CLA NG . -42.71 42.33 17.17
CBC CLA NG . -44.21 42.44 17.16
ND CLA NG . -42.43 36.95 17.57
C1D CLA NG . -42.90 37.85 16.60
C2D CLA NG . -43.44 37.10 15.45
C3D CLA NG . -43.24 35.77 15.74
C4D CLA NG . -42.57 35.73 17.06
CMD CLA NG . -44.07 37.70 14.29
CAD CLA NG . -43.41 34.40 15.30
OBD CLA NG . -43.96 33.95 14.30
CBD CLA NG . -42.74 33.49 16.39
CGD CLA NG . -43.71 32.54 17.00
O1D CLA NG . -43.47 31.41 17.45
O2D CLA NG . -44.97 33.03 17.09
CED CLA NG . -45.38 33.52 18.37
C1 CLA NG . -35.42 32.83 18.08
C2 CLA NG . -34.34 33.13 19.05
C3 CLA NG . -33.03 33.09 18.73
C4 CLA NG . -32.57 32.73 17.38
C5 CLA NG . -31.97 33.39 19.74
MG CLA OG . -39.60 33.60 56.71
CHA CLA OG . -40.86 32.89 59.84
CHB CLA OG . -41.24 36.59 56.75
CHC CLA OG . -38.30 34.29 53.62
CHD CLA OG . -38.12 30.40 56.63
NA CLA OG . -40.83 34.56 58.09
C1A CLA OG . -41.24 34.10 59.35
C2A CLA OG . -42.16 35.11 60.05
C3A CLA OG . -42.38 36.19 58.96
C4A CLA OG . -41.41 35.77 57.85
CMA CLA OG . -43.80 36.19 58.46
CAA CLA OG . -41.54 35.74 61.28
CBA CLA OG . -40.06 35.50 61.47
CGA CLA OG . -39.21 36.42 60.66
O1A CLA OG . -39.17 36.61 59.45
O2A CLA OG . -38.34 37.15 61.45
NB CLA OG . -39.83 35.10 55.39
C1B CLA OG . -40.40 36.30 55.67
C2B CLA OG . -40.02 37.30 54.63
C3B CLA OG . -39.19 36.66 53.74
C4B CLA OG . -39.05 35.26 54.21
CMB CLA OG . -40.48 38.69 54.66
CAB CLA OG . -38.53 37.16 52.57
CBB CLA OG . -39.15 37.64 51.49
NC CLA OG . -38.39 32.54 55.40
C1C CLA OG . -37.97 33.03 54.18
C2C CLA OG . -37.15 32.03 53.52
C3C CLA OG . -37.12 30.91 54.35
C4C CLA OG . -37.91 31.24 55.53
CMC CLA OG . -36.51 32.21 52.22
CAC CLA OG . -36.40 29.65 54.11
CBC CLA OG . -34.96 29.73 54.53
ND CLA OG . -39.31 32.06 57.98
C1D CLA OG . -38.78 30.75 57.78
C2D CLA OG . -39.03 29.94 59.00
C3D CLA OG . -39.75 30.74 59.86
C4D CLA OG . -39.97 32.01 59.13
CMD CLA OG . -38.52 28.59 59.22
CAD CLA OG . -40.39 30.88 61.14
OBD CLA OG . -40.28 30.19 62.15
CBD CLA OG . -41.28 32.16 61.07
CGD CLA OG . -42.73 31.80 60.89
O1D CLA OG . -43.66 31.95 61.69
O2D CLA OG . -43.01 31.26 59.67
CED CLA OG . -43.85 31.97 58.75
C1 CLA OG . -37.13 36.48 61.83
C2 CLA OG . -37.19 36.30 63.30
C3 CLA OG . -36.98 37.30 64.17
C4 CLA OG . -37.05 37.10 65.64
C5 CLA OG . -36.64 38.67 63.69
MG CLA PG . -38.61 28.57 65.90
CHA CLA PG . -40.27 29.15 68.90
CHB CLA PG . -38.99 31.84 65.05
CHC CLA PG . -36.82 27.97 63.03
CHD CLA PG . -38.15 25.21 66.89
NA CLA PG . -39.51 30.19 66.83
C1A CLA PG . -40.14 30.23 68.08
C2A CLA PG . -40.64 31.64 68.38
C3A CLA PG . -40.36 32.41 67.08
C4A CLA PG . -39.55 31.42 66.25
CMA CLA PG . -41.63 32.81 66.37
CAA CLA PG . -39.76 32.17 69.49
CBA CLA PG . -40.35 33.41 70.09
CGA CLA PG . -39.89 34.62 69.34
O1A CLA PG . -40.41 35.74 69.28
O2A CLA PG . -38.73 34.39 68.64
NB CLA PG . -38.01 29.69 64.34
C1B CLA PG . -38.24 31.01 64.19
C2B CLA PG . -37.60 31.49 62.94
C3B CLA PG . -36.98 30.41 62.36
C4B CLA PG . -37.25 29.23 63.24
CMB CLA PG . -37.68 32.89 62.50
CAB CLA PG . -36.22 30.31 61.14
CBB CLA PG . -35.25 31.15 60.78
NC CLA PG . -37.71 26.88 65.09
C1C CLA PG . -37.05 26.85 63.89
C2C CLA PG . -36.54 25.52 63.64
C3C CLA PG . -36.89 24.74 64.74
C4C CLA PG . -37.62 25.61 65.66
CMC CLA PG . -35.79 25.12 62.44
CAC CLA PG . -36.59 23.32 64.98
CBC CLA PG . -35.50 23.12 66.00
ND CLA PG . -39.15 27.38 67.45
C1D CLA PG . -38.86 26.02 67.75
C2D CLA PG . -39.45 25.69 69.06
C3D CLA PG . -40.02 26.84 69.53
C4D CLA PG . -39.78 27.87 68.51
CMD CLA PG . -39.39 24.36 69.69
CAD CLA PG . -40.77 27.46 70.61
OBD CLA PG . -41.26 26.95 71.62
CBD CLA PG . -40.88 28.97 70.28
CGD CLA PG . -42.30 29.45 70.42
O1D CLA PG . -42.94 29.54 71.46
O2D CLA PG . -42.91 29.80 69.25
CED CLA PG . -44.05 30.65 69.36
MG CLA QG . -44.37 41.94 46.55
CHA CLA QG . -44.31 38.84 48.12
CHB CLA QG . -41.00 41.86 46.26
CHC CLA QG . -44.49 44.96 44.93
CHD CLA QG . -47.89 41.99 46.90
NA CLA QG . -42.92 40.55 47.10
C1A CLA QG . -43.09 39.32 47.74
C2A CLA QG . -41.76 38.61 47.95
C3A CLA QG . -40.72 39.63 47.41
C4A CLA QG . -41.59 40.77 46.87
CMA CLA QG . -39.84 40.12 48.52
CAA CLA QG . -41.72 37.31 47.17
CBA CLA QG . -40.52 37.21 46.24
CGA CLA QG . -40.05 35.80 46.12
O1A CLA QG . -40.59 34.85 45.55
O2A CLA QG . -38.85 35.58 46.73
NB CLA QG . -43.02 43.13 45.67
C1B CLA QG . -41.67 42.97 45.76
C2B CLA QG . -40.99 44.21 45.26
C3B CLA QG . -41.98 45.09 44.88
C4B CLA QG . -43.27 44.42 45.15
CMB CLA QG . -39.53 44.34 45.25
CAB CLA QG . -41.95 46.42 44.35
CBB CLA QG . -40.88 47.23 44.26
NC CLA QG . -45.91 43.24 46.02
C1C CLA QG . -45.74 44.42 45.36
C2C CLA QG . -47.02 45.06 45.13
C3C CLA QG . -47.98 44.23 45.70
C4C CLA QG . -47.28 43.08 46.25
CMC CLA QG . -47.20 46.34 44.45
CAC CLA QG . -49.43 44.46 45.73
CBC CLA QG . -49.93 44.87 47.09
ND CLA QG . -45.81 40.79 47.39
C1D CLA QG . -47.21 40.91 47.43
C2D CLA QG . -47.78 39.73 48.13
C3D CLA QG . -46.70 38.93 48.44
C4D CLA QG . -45.51 39.61 47.93
CMD CLA QG . -49.20 39.52 48.42
CAD CLA QG . -46.27 37.69 49.06
OBD CLA QG . -46.93 36.87 49.69
CBD CLA QG . -44.74 37.58 48.82
CGD CLA QG . -43.98 37.38 50.10
O1D CLA QG . -43.76 36.32 50.69
O2D CLA QG . -43.51 38.53 50.64
CED CLA QG . -43.01 38.46 51.98
C1 CLA QG . -38.30 34.25 46.63
C2 CLA QG . -36.99 34.27 47.33
C3 CLA QG . -36.21 33.18 47.47
C4 CLA QG . -36.60 31.87 46.91
C5 CLA QG . -34.91 33.24 48.18
MG CLA RG . -36.09 36.65 38.48
CHA CLA RG . -38.54 35.94 40.78
CHB CLA RG . -35.54 39.65 39.99
CHC CLA RG . -33.56 37.23 36.25
CHD CLA RG . -36.78 33.59 36.86
NA CLA RG . -36.93 37.61 40.13
C1A CLA RG . -37.94 37.15 40.96
C2A CLA RG . -38.26 38.15 42.06
C3A CLA RG . -37.33 39.35 41.74
C4A CLA RG . -36.52 38.85 40.54
CMA CLA RG . -38.10 40.59 41.40
CAA CLA RG . -37.92 37.56 43.41
CBA CLA RG . -36.47 37.12 43.47
CGA CLA RG . -36.33 35.66 43.18
O1A CLA RG . -36.68 34.71 43.86
O2A CLA RG . -35.72 35.42 41.98
NB CLA RG . -34.79 38.15 38.20
C1B CLA RG . -34.74 39.31 38.90
C2B CLA RG . -33.68 40.18 38.32
C3B CLA RG . -33.12 39.50 37.27
C4B CLA RG . -33.81 38.20 37.19
CMB CLA RG . -33.36 41.52 38.81
CAB CLA RG . -32.05 39.85 36.39
CBB CLA RG . -30.78 39.98 36.76
NC CLA RG . -35.32 35.60 36.86
C1C CLA RG . -34.27 36.02 36.10
C2C CLA RG . -33.97 35.04 35.07
C3C CLA RG . -34.90 34.02 35.21
C4C CLA RG . -35.75 34.38 36.35
CMC CLA RG . -32.90 35.16 34.08
CAC CLA RG . -35.01 32.79 34.40
CBC CLA RG . -34.49 31.57 35.11
ND CLA RG . -37.34 35.09 38.71
C1D CLA RG . -37.53 33.91 37.97
C2D CLA RG . -38.60 33.10 38.61
C3D CLA RG . -39.00 33.82 39.71
C4D CLA RG . -38.19 35.06 39.72
CMD CLA RG . -39.08 31.81 38.13
CAD CLA RG . -39.88 33.87 40.86
OBD CLA RG . -40.65 33.03 41.28
CBD CLA RG . -39.65 35.25 41.55
CGD CLA RG . -40.89 36.08 41.52
O1D CLA RG . -41.25 36.92 42.35
O2D CLA RG . -41.67 35.85 40.42
CED CLA RG . -42.68 36.81 40.13
C1 CLA RG . -35.50 34.03 41.64
C2 CLA RG . -34.93 33.97 40.27
C3 CLA RG . -33.61 33.93 40.03
C4 CLA RG . -32.61 33.95 41.12
C5 CLA RG . -33.10 33.88 38.63
MG CLA SG . -29.24 43.87 41.22
CHA CLA SG . -32.18 43.01 42.86
CHB CLA SG . -29.21 46.86 42.81
CHC CLA SG . -26.34 44.63 39.57
CHD CLA SG . -29.27 40.70 39.66
NA CLA SG . -30.51 44.77 42.61
C1A CLA SG . -31.69 44.26 43.16
C2A CLA SG . -32.31 45.26 44.14
C3A CLA SG . -31.35 46.48 44.07
C4A CLA SG . -30.27 46.02 43.10
CMA CLA SG . -32.06 47.71 43.60
CAA CLA SG . -32.33 44.70 45.55
CBA CLA SG . -30.94 44.28 46.00
CGA CLA SG . -30.72 42.83 45.68
O1A CLA SG . -31.33 41.85 46.12
O2A CLA SG . -29.74 42.63 44.76
NB CLA SG . -28.06 45.49 41.11
C1B CLA SG . -28.14 46.55 41.95
C2B CLA SG . -26.91 47.38 41.82
C3B CLA SG . -26.09 46.76 40.92
C4B CLA SG . -26.81 45.54 40.45
CMB CLA SG . -26.67 48.59 42.61
CAB CLA SG . -24.78 47.13 40.47
CBB CLA SG . -24.37 47.18 39.20
NC CLA SG . -28.05 42.86 39.85
C1C CLA SG . -26.91 43.37 39.29
C2C CLA SG . -26.34 42.41 38.37
C3C CLA SG . -27.16 41.28 38.40
C4C CLA SG . -28.23 41.59 39.33
CMC CLA SG . -25.11 42.62 37.59
CAC CLA SG . -26.98 40.05 37.64
CBC CLA SG . -26.45 38.94 38.50
ND CLA SG . -30.37 42.20 41.26
C1D CLA SG . -30.27 40.97 40.55
C2D CLA SG . -31.39 40.10 40.94
C3D CLA SG . -32.16 40.84 41.82
C4D CLA SG . -31.49 42.14 41.97
CMD CLA SG . -31.61 38.74 40.44
CAD CLA SG . -33.35 40.86 42.63
OBD CLA SG . -34.20 39.99 42.79
CBD CLA SG . -33.40 42.25 43.33
CGD CLA SG . -34.69 42.93 42.96
O1D CLA SG . -35.56 42.51 42.21
O2D CLA SG . -34.88 44.13 43.57
CED CLA SG . -36.19 44.70 43.51
C1 CLA SG . -28.93 41.45 44.88
C2 CLA SG . -29.52 40.43 43.97
MG CLA TG . -49.34 96.46 31.91
CHA CLA TG . -49.82 95.34 28.67
CHB CLA TG . -50.63 99.48 31.03
CHC CLA TG . -49.09 97.45 35.18
CHD CLA TG . -48.04 93.29 32.77
NA CLA TG . -50.05 97.26 30.12
C1A CLA TG . -50.19 96.63 28.88
C2A CLA TG . -50.77 97.58 27.84
C3A CLA TG . -50.86 98.92 28.58
C4A CLA TG . -50.49 98.56 30.02
CMA CLA TG . -49.89 99.93 28.02
CAA CLA TG . -52.13 97.09 27.39
CBA CLA TG . -53.27 97.53 28.29
CGA CLA TG . -53.16 96.94 29.66
O1A CLA TG . -53.31 97.51 30.74
O2A CLA TG . -52.86 95.61 29.68
NB CLA TG . -49.82 98.13 32.93
C1B CLA TG . -50.32 99.27 32.39
C2B CLA TG . -50.49 100.30 33.44
C3B CLA TG . -50.06 99.74 34.62
C4B CLA TG . -49.61 98.34 34.30
CMB CLA TG . -51.00 101.63 33.14
CAB CLA TG . -49.97 100.27 35.96
CBB CLA TG . -50.62 101.33 36.44
NC CLA TG . -48.63 95.55 33.65
C1C CLA TG . -48.61 96.14 34.87
C2C CLA TG . -48.08 95.22 35.87
C3C CLA TG . -47.79 94.03 35.18
C4C CLA TG . -48.15 94.25 33.79
CMC CLA TG . -47.89 95.51 37.28
CAC CLA TG . -47.23 92.80 35.76
CBC CLA TG . -48.27 91.73 35.96
ND CLA TG . -48.83 94.76 30.96
C1D CLA TG . -48.37 93.50 31.45
C2D CLA TG . -48.32 92.54 30.33
C3D CLA TG . -48.86 93.19 29.24
C4D CLA TG . -49.20 94.55 29.69
CMD CLA TG . -47.81 91.18 30.44
CAD CLA TG . -49.18 93.11 27.83
OBD CLA TG . -48.93 92.23 27.01
CBD CLA TG . -49.94 94.42 27.47
CGD CLA TG . -49.46 95.04 26.19
O1D CLA TG . -49.75 94.71 25.04
O2D CLA TG . -48.63 96.11 26.33
CED CLA TG . -48.64 97.04 25.25
C1 CLA TG . -52.38 95.13 30.95
C2 CLA TG . -52.49 93.66 30.98
C3 CLA TG . -52.40 92.96 32.12
C4 CLA TG . -52.20 93.62 33.43
C5 CLA TG . -52.52 91.48 32.13
MG CLA UG . -43.89 94.44 37.25
CHA CLA UG . -44.77 97.14 39.24
CHB CLA UG . -42.91 92.72 40.02
CHC CLA UG . -42.90 91.86 35.22
CHD CLA UG . -44.99 96.24 34.42
NA CLA UG . -43.89 94.87 39.29
C1A CLA UG . -44.29 96.06 39.93
C2A CLA UG . -44.16 95.94 41.45
C3A CLA UG . -43.63 94.50 41.66
C4A CLA UG . -43.46 93.97 40.24
CMA CLA UG . -42.33 94.49 42.43
CAA CLA UG . -45.52 96.07 42.11
CBA CLA UG . -45.39 96.38 43.59
CGA CLA UG . -46.28 95.45 44.37
O1A CLA UG . -46.49 94.26 44.17
O2A CLA UG . -46.88 96.07 45.43
NB CLA UG . -43.10 92.62 37.57
C1B CLA UG . -42.70 92.13 38.76
C2B CLA UG . -41.99 90.84 38.57
C3B CLA UG . -41.98 90.59 37.22
C4B CLA UG . -42.69 91.72 36.56
CMB CLA UG . -41.45 90.05 39.68
CAB CLA UG . -41.42 89.49 36.48
CBB CLA UG . -40.21 88.97 36.67
NC CLA UG . -43.96 94.12 35.20
C1C CLA UG . -43.51 92.99 34.58
C2C CLA UG . -43.70 93.10 33.15
C3C CLA UG . -44.30 94.33 32.92
C4C CLA UG . -44.46 94.96 34.21
CMC CLA UG . -43.32 92.07 32.19
CAC CLA UG . -44.70 94.90 31.63
CBC CLA UG . -43.62 95.81 31.05
ND CLA UG . -44.70 96.24 36.85
C1D CLA UG . -45.10 96.87 35.64
C2D CLA UG . -45.61 98.22 35.94
C3D CLA UG . -45.46 98.39 37.30
C4D CLA UG . -44.91 97.12 37.82
CMD CLA UG . -46.11 99.15 34.94
CAD CLA UG . -45.67 99.27 38.42
OBD CLA UG . -46.10 100.42 38.45
CBD CLA UG . -45.20 98.51 39.70
CGD CLA UG . -44.03 99.18 40.34
O1D CLA UG . -43.02 99.61 39.80
O2D CLA UG . -44.13 99.31 41.70
CED CLA UG . -45.15 100.16 42.21
C1 CLA UG . -48.23 96.52 45.23
C2 CLA UG . -48.68 97.13 46.50
C3 CLA UG . -49.92 97.02 46.99
C4 CLA UG . -50.98 96.25 46.27
C5 CLA UG . -50.32 97.65 48.27
MG CLA VG . -47.51 78.93 39.19
CHA CLA VG . -44.76 78.49 41.23
CHB CLA VG . -49.19 76.56 40.96
CHC CLA VG . -50.30 79.57 37.29
CHD CLA VG . -45.75 81.42 37.42
NA CLA VG . -47.01 77.69 40.79
C1A CLA VG . -45.81 77.67 41.52
C2A CLA VG . -45.87 76.63 42.63
C3A CLA VG . -47.23 75.93 42.39
C4A CLA VG . -47.87 76.77 41.31
CMA CLA VG . -47.05 74.50 41.95
CAA CLA VG . -45.83 77.32 43.98
CBA CLA VG . -47.21 77.42 44.61
CGA CLA VG . -47.79 78.79 44.39
O1A CLA VG . -48.12 79.62 45.24
O2A CLA VG . -47.94 79.11 43.08
NB CLA VG . -49.37 78.19 39.13
C1B CLA VG . -49.89 77.27 39.98
C2B CLA VG . -51.34 77.09 39.70
C3B CLA VG . -51.66 77.94 38.67
C4B CLA VG . -50.41 78.64 38.28
CMB CLA VG . -52.18 76.16 40.45
CAB CLA VG . -52.91 78.17 38.01
CBB CLA VG . -53.83 79.05 38.42
NC CLA VG . -47.92 80.22 37.60
C1C CLA VG . -49.12 80.29 36.96
C2C CLA VG . -49.06 81.30 35.90
C3C CLA VG . -47.79 81.85 35.96
C4C CLA VG . -47.07 81.16 37.03
CMC CLA VG . -50.17 81.64 35.02
CAC CLA VG . -47.25 82.90 35.09
CBC CLA VG . -46.80 82.36 33.76
ND CLA VG . -45.65 79.71 39.17
C1D CLA VG . -45.07 80.77 38.43
C2D CLA VG . -43.70 81.00 38.91
C3D CLA VG . -43.53 80.15 39.98
C4D CLA VG . -44.78 79.39 40.12
CMD CLA VG . -42.76 81.97 38.35
CAD CLA VG . -42.61 79.66 40.99
OBD CLA VG . -41.43 79.95 41.17
CBD CLA VG . -43.41 78.66 41.87
CGD CLA VG . -42.67 77.37 42.05
O1D CLA VG . -43.00 76.26 41.64
O2D CLA VG . -41.51 77.50 42.73
CED CLA VG . -40.54 76.45 42.57
C1 CLA VG . -48.68 80.32 42.78
C2 CLA VG . -47.67 81.40 42.63
C3 CLA VG . -47.99 82.69 42.47
C4 CLA VG . -49.40 83.16 42.46
C5 CLA VG . -46.94 83.73 42.33
MG CLA WG . -33.19 41.22 92.94
CHA CLA WG . -31.65 38.65 94.70
CHB CLA WG . -30.70 43.33 93.85
CHC CLA WG . -34.79 43.74 91.25
CHD CLA WG . -35.75 38.97 91.98
NA CLA WG . -31.45 40.99 94.07
C1A CLA WG . -30.97 39.84 94.72
C2A CLA WG . -29.64 40.12 95.42
C3A CLA WG . -29.33 41.59 95.04
C4A CLA WG . -30.57 42.02 94.25
CMA CLA WG . -29.09 42.46 96.25
CAA CLA WG . -28.55 39.22 94.89
CBA CLA WG . -27.26 39.39 95.65
CGA CLA WG . -26.32 40.24 94.86
O1A CLA WG . -25.81 39.98 93.77
O2A CLA WG . -26.04 41.43 95.45
NB CLA WG . -32.76 43.14 92.51
C1B CLA WG . -31.78 43.85 93.12
C2B CLA WG . -32.00 45.31 92.89
C3B CLA WG . -33.15 45.43 92.16
C4B CLA WG . -33.65 44.05 91.91
CMB CLA WG . -31.08 46.32 93.45
CAB CLA WG . -33.88 46.57 91.67
CBB CLA WG . -33.48 47.85 91.70
NC CLA WG . -34.94 41.32 91.83
C1C CLA WG . -35.41 42.46 91.22
C2C CLA WG . -36.66 42.19 90.54
C3C CLA WG . -36.94 40.84 90.71
C4C CLA WG . -35.85 40.29 91.52
CMC CLA WG . -37.45 43.17 89.82
CAC CLA WG . -38.12 40.14 90.20
CBC CLA WG . -38.09 39.94 88.70
ND CLA WG . -33.70 39.30 93.31
C1D CLA WG . -34.76 38.48 92.82
C2D CLA WG . -34.60 37.12 93.37
C3D CLA WG . -33.45 37.14 94.14
C4D CLA WG . -32.91 38.51 94.03
CMD CLA WG . -35.51 35.99 93.16
CAD CLA WG . -32.56 36.38 94.99
OBD CLA WG . -32.68 35.24 95.41
CBD CLA WG . -31.35 37.30 95.32
FE1 SF4 XG . -27.07 77.47 26.52
FE2 SF4 XG . -26.36 74.85 26.88
FE3 SF4 XG . -26.18 75.99 24.40
FE4 SF4 XG . -28.63 75.47 25.49
S1 SF4 XG . -27.05 73.95 24.90
S2 SF4 XG . -27.97 77.39 24.43
S3 SF4 XG . -28.22 75.88 27.69
S4 SF4 XG . -24.99 76.57 26.26
C1 PQN YG . -41.83 79.96 29.94
O1 PQN YG . -42.55 79.03 29.53
C2 PQN YG . -42.44 81.24 30.37
C2M PQN YG . -43.94 81.42 30.31
C3 PQN YG . -41.58 82.36 30.86
C4 PQN YG . -40.10 82.18 30.92
O4 PQN YG . -39.38 83.11 31.33
C5 PQN YG . -39.49 80.90 30.49
C6 PQN YG . -38.11 80.71 30.53
C7 PQN YG . -37.57 79.50 30.13
C8 PQN YG . -38.37 78.46 29.67
C9 PQN YG . -39.76 78.59 29.60
C10 PQN YG . -40.36 79.79 30.00
C11 PQN YG . -42.21 83.66 31.29
C12 PQN YG . -43.00 83.44 32.56
C13 PQN YG . -43.07 84.40 33.49
C14 PQN YG . -42.36 85.71 33.27
C15 PQN YG . -43.87 84.17 34.75
C16 PQN YG . -44.24 85.52 35.37
C17 PQN YG . -45.50 85.40 36.21
C18 PQN YG . -45.57 86.53 37.23
C19 PQN YG . -44.67 86.25 38.42
C20 PQN YG . -47.02 86.71 37.68
C21 PQN YG . -47.68 85.37 37.99
C22 PQN YG . -49.19 85.43 37.77
C23 PQN YG . -49.92 84.59 38.81
C24 PQN YG . -49.32 83.20 38.91
C25 PQN YG . -51.40 84.53 38.46
C26 PQN YG . -52.02 85.92 38.44
C27 PQN YG . -52.18 86.46 39.85
C28 PQN YG . -52.76 87.87 39.83
C29 PQN YG . -53.99 87.97 40.72
C30 PQN YG . -51.70 88.89 40.24
C1 BCR ZG . -34.40 49.38 82.79
C2 BCR ZG . -35.31 50.56 82.99
C3 BCR ZG . -35.99 50.88 81.69
C4 BCR ZG . -36.87 49.73 81.28
C5 BCR ZG . -36.23 48.42 81.49
C6 BCR ZG . -35.11 48.23 82.19
C7 BCR ZG . -34.52 46.91 82.35
C8 BCR ZG . -34.97 46.04 83.25
C9 BCR ZG . -35.02 44.61 83.02
C10 BCR ZG . -33.94 43.85 83.22
C11 BCR ZG . -32.58 44.33 83.28
C33 BCR ZG . -36.96 47.30 80.87
C31 BCR ZG . -33.78 49.05 84.13
C32 BCR ZG . -33.29 49.83 81.87
C34 BCR ZG . -36.30 44.02 82.56
C12 BCR ZG . -32.04 44.94 82.23
C13 BCR ZG . -30.83 45.73 82.27
C14 BCR ZG . -30.71 46.79 81.45
C15 BCR ZG . -29.77 47.86 81.64
C16 BCR ZG . -28.51 47.78 81.19
C17 BCR ZG . -27.60 48.85 81.53
C18 BCR ZG . -26.35 49.02 81.07
C19 BCR ZG . -25.64 47.87 80.53
C20 BCR ZG . -24.38 47.94 80.10
C21 BCR ZG . -23.71 46.75 79.61
C22 BCR ZG . -22.40 46.67 79.39
C23 BCR ZG . -21.83 45.51 78.72
C24 BCR ZG . -20.78 44.88 79.22
C25 BCR ZG . -19.70 44.11 78.59
C26 BCR ZG . -19.85 43.23 77.58
C27 BCR ZG . -18.78 42.44 76.96
C28 BCR ZG . -17.59 42.29 77.87
C29 BCR ZG . -17.23 43.62 78.47
C30 BCR ZG . -18.36 44.32 79.20
C35 BCR ZG . -29.67 45.21 83.01
C36 BCR ZG . -25.76 50.36 80.92
C37 BCR ZG . -21.49 47.53 80.17
C38 BCR ZG . -21.12 42.92 76.90
C39 BCR ZG . -18.06 45.79 79.40
C40 BCR ZG . -18.31 43.72 80.59
C1 BCR AH . -48.68 65.78 74.41
C2 BCR AH . -49.70 66.43 73.51
C3 BCR AH . -50.00 65.53 72.34
C4 BCR AH . -50.58 64.22 72.81
C5 BCR AH . -49.88 63.68 73.99
C6 BCR AH . -49.02 64.36 74.73
C7 BCR AH . -48.34 63.76 75.88
C8 BCR AH . -48.94 63.61 77.07
C9 BCR AH . -48.32 62.94 78.20
C10 BCR AH . -47.28 62.13 77.97
C11 BCR AH . -46.23 61.88 78.93
C33 BCR AH . -50.21 62.27 74.27
C31 BCR AH . -48.54 66.65 75.65
C32 BCR AH . -47.36 65.80 73.67
C34 BCR AH . -48.64 63.42 79.55
C12 BCR AH . -46.19 60.67 79.52
C13 BCR AH . -45.55 60.42 80.79
C14 BCR AH . -45.18 59.17 81.08
C15 BCR AH . -44.26 58.82 82.13
C16 BCR AH . -43.85 57.56 82.26
C17 BCR AH . -42.82 57.24 83.22
C18 BCR AH . -42.30 56.03 83.41
C19 BCR AH . -41.19 55.88 84.33
C20 BCR AH . -40.54 54.72 84.51
C21 BCR AH . -39.83 54.50 85.74
C22 BCR AH . -38.60 53.98 85.85
C23 BCR AH . -38.10 53.65 87.17
C24 BCR AH . -36.81 53.51 87.45
C25 BCR AH . -36.23 53.54 88.80
C26 BCR AH . -35.97 54.69 89.42
C27 BCR AH . -35.39 54.84 90.76
C28 BCR AH . -34.50 53.68 91.11
C29 BCR AH . -35.07 52.33 90.71
C30 BCR AH . -35.94 52.24 89.46
C35 BCR AH . -45.17 61.55 81.67
C36 BCR AH . -42.77 54.85 82.67
C37 BCR AH . -37.62 54.11 84.73
C38 BCR AH . -36.23 56.00 88.80
C39 BCR AH . -37.25 51.52 89.76
C40 BCR AH . -35.16 51.33 88.52
C1 BCR BH . -38.56 58.76 86.62
C2 BCR BH . -39.00 58.23 87.97
C3 BCR BH . -40.03 59.13 88.58
C4 BCR BH . -41.26 59.14 87.71
C5 BCR BH . -40.90 59.42 86.31
C6 BCR BH . -39.69 59.25 85.78
C7 BCR BH . -39.39 59.57 84.39
C8 BCR BH . -39.69 58.75 83.38
C9 BCR BH . -39.31 59.00 82.01
C10 BCR BH . -40.14 58.67 81.02
C11 BCR BH . -39.93 59.00 79.63
C33 BCR BH . -42.04 59.91 85.50
C31 BCR BH . -37.79 57.66 85.93
C32 BCR BH . -37.61 59.92 86.89
C34 BCR BH . -38.11 59.82 81.77
C12 BCR BH . -40.92 58.81 78.76
C13 BCR BH . -40.90 59.25 77.39
C14 BCR BH . -42.04 59.25 76.68
C15 BCR BH . -42.14 59.68 75.32
C16 BCR BH . -43.20 59.34 74.57
C17 BCR BH . -43.18 59.69 73.17
C18 BCR BH . -43.94 59.13 72.22
C19 BCR BH . -43.86 59.65 70.87
C20 BCR BH . -44.48 59.08 69.84
C21 BCR BH . -44.58 59.80 68.59
C22 BCR BH . -45.54 59.63 67.67
C23 BCR BH . -45.46 60.36 66.42
C24 BCR BH . -46.42 60.29 65.48
C25 BCR BH . -46.31 60.80 64.13
C26 BCR BH . -45.73 60.09 63.16
C27 BCR BH . -45.56 60.51 61.75
C28 BCR BH . -46.46 61.66 61.40
C29 BCR BH . -46.44 62.69 62.50
C30 BCR BH . -46.90 62.14 63.84
C35 BCR BH . -39.64 59.69 76.76
C36 BCR BH . -44.84 58.00 72.49
C37 BCR BH . -46.80 58.93 68.03
C38 BCR BH . -45.14 58.76 63.40
C39 BCR BH . -48.41 62.05 63.89
C40 BCR BH . -46.49 63.19 64.87
C1 BCR CH . -69.48 85.37 55.63
C2 BCR CH . -70.92 85.48 56.05
C3 BCR CH . -71.20 84.57 57.21
C4 BCR CH . -70.38 85.00 58.39
C5 BCR CH . -68.97 85.29 58.03
C6 BCR CH . -68.54 85.46 56.78
C7 BCR CH . -67.14 85.73 56.47
C8 BCR CH . -66.27 84.74 56.28
C9 BCR CH . -64.83 84.92 56.30
C10 BCR CH . -64.22 85.43 55.22
C11 BCR CH . -62.81 85.27 54.93
C33 BCR CH . -68.06 85.37 59.18
C31 BCR CH . -69.21 86.48 54.64
C32 BCR CH . -69.31 84.03 54.94
C34 BCR CH . -64.07 84.25 57.37
C12 BCR CH . -62.28 86.05 53.99
C13 BCR CH . -61.06 85.81 53.28
C14 BCR CH . -60.15 84.96 53.78
C15 BCR CH . -58.86 84.73 53.18
C16 BCR CH . -57.90 84.09 53.84
C17 BCR CH . -56.54 84.26 53.42
C18 BCR CH . -55.46 83.75 54.04
C19 BCR CH . -54.14 84.03 53.51
C20 BCR CH . -53.03 83.62 54.12
C21 BCR CH . -51.74 84.00 53.57
C22 BCR CH . -50.55 83.70 54.11
C23 BCR CH . -49.37 84.40 53.61
C24 BCR CH . -48.14 84.20 54.09
C25 BCR CH . -47.26 85.20 54.65
C26 BCR CH . -46.90 85.17 55.93
C27 BCR CH . -46.00 86.14 56.58
C28 BCR CH . -44.95 86.56 55.60
C29 BCR CH . -45.61 87.11 54.35
C30 BCR CH . -46.75 86.29 53.75
C35 BCR CH . -60.76 86.57 52.05
C36 BCR CH . -55.58 82.93 55.26
C37 BCR CH . -50.44 82.82 55.29
C38 BCR CH . -47.38 84.13 56.85
C39 BCR CH . -46.35 85.69 52.41
C40 BCR CH . -47.82 87.32 53.44
MG CLA DH . -22.51 45.87 20.66
CHA CLA DH . -22.92 45.55 24.08
CHB CLA DH . -20.73 42.99 20.59
CHC CLA DH . -22.28 46.17 17.24
CHD CLA DH . -24.45 48.82 20.76
NA CLA DH . -21.91 44.52 22.12
C1A CLA DH . -22.18 44.55 23.50
C2A CLA DH . -21.56 43.36 24.21
C3A CLA DH . -20.72 42.69 23.10
C4A CLA DH . -21.15 43.43 21.83
CMA CLA DH . -19.25 42.84 23.36
CAA CLA DH . -22.65 42.42 24.69
CBA CLA DH . -23.79 42.31 23.69
CGA CLA DH . -24.99 43.02 24.26
O1A CLA DH . -25.23 43.25 25.44
O2A CLA DH . -25.91 43.41 23.33
NB CLA DH . -21.58 44.83 19.21
C1B CLA DH . -21.06 43.60 19.37
C2B CLA DH . -20.86 42.95 18.04
C3B CLA DH . -21.29 43.85 17.10
C4B CLA DH . -21.75 45.06 17.82
CMB CLA DH . -20.31 41.61 17.88
CAB CLA DH . -21.35 43.73 15.67
CBB CLA DH . -21.99 42.75 15.02
NC CLA DH . -23.18 47.28 19.27
C1C CLA DH . -22.93 47.23 17.93
C2C CLA DH . -23.51 48.38 17.27
C3C CLA DH . -24.17 49.11 18.26
C4C CLA DH . -23.95 48.41 19.52
CMC CLA DH . -23.42 48.65 15.84
CAC CLA DH . -24.90 50.37 18.07
CBC CLA DH . -26.38 50.13 17.85
ND CLA DH . -23.48 46.98 22.04
C1D CLA DH . -24.25 48.15 21.94
C2D CLA DH . -24.75 48.51 23.29
C3D CLA DH . -24.23 47.57 24.15
C4D CLA DH . -23.46 46.63 23.32
CMD CLA DH . -25.60 49.67 23.55
CAD CLA DH . -24.15 47.11 25.52
OBD CLA DH . -24.60 47.61 26.53
CBD CLA DH . -23.33 45.78 25.51
CGD CLA DH . -22.08 46.03 26.30
O1D CLA DH . -21.27 46.94 26.12
O2D CLA DH . -21.85 45.16 27.31
CED CLA DH . -21.20 45.68 28.47
C1 CLA DH . -25.65 44.52 22.44
C2 CLA DH . -25.33 43.93 21.11
C3 CLA DH . -25.78 44.48 19.96
C4 CLA DH . -26.62 45.69 19.95
C5 CLA DH . -25.43 43.86 18.65
MG CLA EH . -54.45 72.94 25.48
CHA CLA EH . -55.84 70.33 27.31
CHB CLA EH . -56.99 74.96 26.48
CHC CLA EH . -52.93 75.54 23.86
CHD CLA EH . -51.87 70.78 24.44
NA CLA EH . -56.15 72.65 26.66
C1A CLA EH . -56.55 71.50 27.34
C2A CLA EH . -57.87 71.72 28.07
C3A CLA EH . -58.30 73.13 27.59
C4A CLA EH . -57.07 73.64 26.86
CMA CLA EH . -59.47 73.05 26.66
CAA CLA EH . -57.68 71.67 29.57
CBA CLA EH . -58.81 70.94 30.25
CGA CLA EH . -60.00 71.85 30.36
O1A CLA EH . -60.77 72.20 29.48
O2A CLA EH . -60.21 72.30 31.63
NB CLA EH . -54.92 74.86 25.15
C1B CLA EH . -55.90 75.54 25.81
C2B CLA EH . -55.67 77.01 25.70
C3B CLA EH . -54.52 77.17 24.95
C4B CLA EH . -54.04 75.81 24.60
CMB CLA EH . -56.58 77.97 26.30
CAB CLA EH . -53.83 78.36 24.52
CBB CLA EH . -54.10 79.62 24.85
NC CLA EH . -52.75 73.11 24.31
C1C CLA EH . -52.33 74.26 23.72
C2C CLA EH . -51.13 74.01 22.94
C3C CLA EH . -50.80 72.67 23.12
C4C CLA EH . -51.84 72.11 23.99
CMC CLA EH . -50.41 75.01 22.15
CAC CLA EH . -49.69 71.93 22.53
CBC CLA EH . -50.08 71.34 21.20
ND CLA EH . -53.92 71.01 25.75
C1D CLA EH . -52.83 70.25 25.27
C2D CLA EH . -52.92 68.88 25.82
C3D CLA EH . -54.04 68.87 26.63
C4D CLA EH . -54.63 70.21 26.54
CMD CLA EH . -51.96 67.82 25.55
CAD CLA EH . -54.89 68.07 27.50
OBD CLA EH . -54.78 66.90 27.83
CBD CLA EH . -56.05 68.99 27.97
CGD CLA EH . -57.40 68.41 27.65
O1D CLA EH . -58.01 67.54 28.27
O2D CLA EH . -57.97 68.94 26.54
CED CLA EH . -59.41 68.99 26.47
C1 CLA EH . -60.05 73.73 31.84
C2 CLA EH . -60.86 74.06 33.04
C3 CLA EH . -60.34 74.42 34.21
C4 CLA EH . -58.87 74.51 34.43
C5 CLA EH . -61.22 74.75 35.38
MG CLA FH . -55.80 60.14 24.79
CHA CLA FH . -55.97 61.96 21.85
CHB CLA FH . -52.61 61.19 25.23
CHC CLA FH . -55.81 58.61 27.84
CHD CLA FH . -59.15 59.12 24.29
NA CLA FH . -54.50 61.31 23.66
C1A CLA FH . -54.77 62.01 22.48
C2A CLA FH . -53.54 62.76 21.99
C3A CLA FH . -52.43 62.21 22.91
C4A CLA FH . -53.21 61.54 24.04
CMA CLA FH . -51.60 61.21 22.16
CAA CLA FH . -53.70 64.25 22.15
CBA CLA FH . -52.50 64.98 21.59
CGA CLA FH . -52.74 66.46 21.56
O1A CLA FH . -51.95 67.35 21.26
O2A CLA FH . -54.01 66.81 21.91
NB CLA FH . -54.43 59.88 26.23
C1B CLA FH . -53.25 60.54 26.30
C2B CLA FH . -52.71 60.47 27.68
C3B CLA FH . -53.61 59.74 28.42
C4B CLA FH . -54.71 59.35 27.51
CMB CLA FH . -51.45 61.09 28.08
CAB CLA FH . -53.56 59.36 29.81
CBB CLA FH . -53.65 58.12 30.27
NC CLA FH . -57.20 58.99 25.82
C1C CLA FH . -56.97 58.44 27.04
C2C CLA FH . -58.13 57.68 27.47
C3C CLA FH . -59.11 57.87 26.50
C4C CLA FH . -58.51 58.70 25.47
CMC CLA FH . -58.22 56.92 28.72
CAC CLA FH . -60.47 57.32 26.48
CBC CLA FH . -60.51 55.96 25.83
ND CLA FH . -57.24 60.35 23.38
C1D CLA FH . -58.57 59.89 23.31
C2D CLA FH . -59.18 60.39 22.05
C3D CLA FH . -58.22 61.20 21.47
C4D CLA FH . -57.04 61.14 22.34
CMD CLA FH . -60.53 60.08 21.61
CAD CLA FH . -57.88 62.04 20.33
OBD CLA FH . -58.54 62.28 19.32
CBD CLA FH . -56.46 62.60 20.58
CGD CLA FH . -55.51 62.32 19.46
O1D CLA FH . -55.41 61.29 18.80
O2D CLA FH . -54.69 63.36 19.17
CED CLA FH . -55.31 64.62 18.90
C1 CLA FH . -54.26 68.23 22.08
C2 CLA FH . -55.67 68.35 22.53
C3 CLA FH . -56.22 69.53 22.86
C4 CLA FH . -55.47 70.80 22.80
C5 CLA FH . -57.64 69.62 23.29
MG CLA GH . -36.68 56.65 27.57
CHA CLA GH . -33.76 55.12 28.60
CHB CLA GH . -37.41 53.93 25.68
CHC CLA GH . -39.79 57.97 26.98
CHD CLA GH . -35.91 59.43 29.57
NA CLA GH . -35.68 54.88 27.15
C1A CLA GH . -34.49 54.41 27.70
C2A CLA GH . -34.11 53.05 27.08
C3A CLA GH . -35.14 52.88 25.95
C4A CLA GH . -36.16 53.96 26.26
CMA CLA GH . -34.51 53.08 24.60
CAA CLA GH . -34.26 51.87 28.04
CBA CLA GH . -33.82 50.61 27.33
CGA CLA GH . -34.99 49.79 26.88
O1A CLA GH . -35.74 49.09 27.55
O2A CLA GH . -35.23 49.85 25.53
NB CLA GH . -38.31 56.05 26.56
C1B CLA GH . -38.42 54.88 25.87
C2B CLA GH . -39.81 54.74 25.35
C3B CLA GH . -40.49 55.88 25.71
C4B CLA GH . -39.53 56.74 26.47
CMB CLA GH . -40.23 53.60 24.57
CAB CLA GH . -41.82 56.29 25.42
CBB CLA GH . -42.43 56.15 24.24
NC CLA GH . -37.63 58.43 28.09
C1C CLA GH . -38.88 58.77 27.70
C2C CLA GH . -39.22 60.08 28.24
C3C CLA GH . -38.14 60.48 29.01
C4C CLA GH . -37.14 59.43 28.92
CMC CLA GH . -40.48 60.77 27.99
CAC CLA GH . -38.02 61.74 29.75
CBC CLA GH . -38.74 61.66 31.07
ND CLA GH . -35.09 57.32 28.60
C1D CLA GH . -34.95 58.44 29.46
C2D CLA GH . -33.65 58.36 30.16
C3D CLA GH . -33.16 57.10 29.87
C4D CLA GH . -34.12 56.48 28.93
CMD CLA GH . -33.10 59.39 31.02
CAD CLA GH . -32.04 56.18 30.02
OBD CLA GH . -30.93 56.37 30.50
CBD CLA GH . -32.52 54.83 29.40
CGD CLA GH . -31.43 54.11 28.66
O1D CLA GH . -30.55 54.58 27.95
O2D CLA GH . -31.46 52.76 28.85
CED CLA GH . -30.49 51.96 28.20
C1 CLA GH . -36.63 49.81 25.16
C2 CLA GH . -36.73 49.09 23.86
C3 CLA GH . -37.90 48.97 23.20
C4 CLA GH . -39.16 49.54 23.72
C5 CLA GH . -37.99 48.23 21.92
MG CLA HH . -32.35 62.81 -4.04
CHA CLA HH . -29.02 63.26 -4.88
CHB CLA HH . -33.27 63.96 -7.10
CHC CLA HH . -35.62 62.27 -3.19
CHD CLA HH . -31.34 61.74 -0.82
NA CLA HH . -31.29 63.48 -5.70
C1A CLA HH . -29.91 63.59 -5.87
C2A CLA HH . -29.55 64.13 -7.24
C3A CLA HH . -30.93 64.44 -7.87
C4A CLA HH . -31.91 63.91 -6.83
CMA CLA HH . -31.14 65.91 -8.08
CAA CLA HH . -28.83 63.06 -8.05
CBA CLA HH . -29.48 61.70 -7.86
CGA CLA HH . -28.67 60.64 -8.52
O1A CLA HH . -27.45 60.61 -8.71
O2A CLA HH . -29.42 59.59 -8.94
NB CLA HH . -34.10 63.08 -4.96
C1B CLA HH . -34.27 63.54 -6.22
C2B CLA HH . -35.71 63.54 -6.57
C3B CLA HH . -36.40 63.06 -5.47
C4B CLA HH . -35.37 62.77 -4.43
CMB CLA HH . -36.21 63.98 -7.87
CAB CLA HH . -37.79 62.86 -5.26
CBB CLA HH . -38.77 63.67 -5.67
NC CLA HH . -33.29 62.13 -2.32
C1C CLA HH . -34.64 61.97 -2.20
C2C CLA HH . -34.97 61.45 -0.88
C3C CLA HH . -33.77 61.32 -0.21
C4C CLA HH . -32.71 61.74 -1.12
CMC CLA HH . -36.33 61.15 -0.41
CAC CLA HH . -33.60 60.83 1.17
CBC CLA HH . -33.93 61.89 2.19
ND CLA HH . -30.62 62.52 -3.03
C1D CLA HH . -30.35 62.09 -1.71
C2D CLA HH . -28.88 62.10 -1.51
C3D CLA HH . -28.32 62.51 -2.70
C4D CLA HH . -29.45 62.77 -3.61
CMD CLA HH . -28.21 61.70 -0.27
CAD CLA HH . -27.10 62.81 -3.43
OBD CLA HH . -25.94 62.71 -3.07
CBD CLA HH . -27.52 63.33 -4.83
CGD CLA HH . -27.08 64.74 -5.05
O1D CLA HH . -27.79 65.72 -5.28
O2D CLA HH . -25.74 64.93 -4.95
CED CLA HH . -25.24 66.23 -5.27
C1 CLA HH . -29.20 58.30 -8.33
C2 CLA HH . -30.32 57.43 -8.73
C3 CLA HH . -30.20 56.11 -8.94
C4 CLA HH . -28.91 55.41 -8.80
C5 CLA HH . -31.37 55.28 -9.35
MG CLA IH . -38.78 73.62 -6.47
CHA CLA IH . -41.74 75.01 -7.62
CHB CLA IH . -40.10 70.52 -6.85
CHC CLA IH . -35.79 72.31 -5.44
CHD CLA IH . -37.49 76.88 -6.05
NA CLA IH . -40.62 72.91 -7.14
C1A CLA IH . -41.72 73.65 -7.58
C2A CLA IH . -42.86 72.73 -7.98
C3A CLA IH . -42.37 71.34 -7.55
C4A CLA IH . -40.92 71.58 -7.17
CMA CLA IH . -43.17 70.85 -6.37
CAA CLA IH . -43.00 72.77 -9.49
CBA CLA IH . -43.08 71.37 -10.05
CGA CLA IH . -44.45 71.12 -10.60
O1A CLA IH . -44.91 71.51 -11.67
O2A CLA IH . -45.24 70.37 -9.78
NB CLA IH . -38.09 71.77 -6.15
C1B CLA IH . -38.75 70.62 -6.46
C2B CLA IH . -37.85 69.46 -6.29
C3B CLA IH . -36.63 69.96 -5.90
C4B CLA IH . -36.77 71.44 -5.80
CMB CLA IH . -38.27 68.08 -6.54
CAB CLA IH . -35.40 69.28 -5.62
CBB CLA IH . -34.79 68.45 -6.45
NC CLA IH . -36.98 74.46 -5.85
C1C CLA IH . -35.89 73.73 -5.45
C2C CLA IH . -34.82 74.63 -5.07
C3C CLA IH . -35.28 75.93 -5.26
C4C CLA IH . -36.65 75.80 -5.75
CMC CLA IH . -33.50 74.21 -4.58
CAC CLA IH . -34.56 77.18 -5.00
CBC CLA IH . -34.81 77.71 -3.61
ND CLA IH . -39.39 75.52 -6.80
C1D CLA IH . -38.77 76.78 -6.54
C2D CLA IH . -39.71 77.86 -6.88
C3D CLA IH . -40.86 77.23 -7.32
C4D CLA IH . -40.60 75.79 -7.23
CMD CLA IH . -39.42 79.28 -6.77
CAD CLA IH . -42.20 77.41 -7.82
OBD CLA IH . -42.80 78.44 -8.08
CBD CLA IH . -42.82 75.99 -7.98
CGD CLA IH . -44.00 75.87 -7.06
O1D CLA IH . -44.33 76.64 -6.17
O2D CLA IH . -44.77 74.77 -7.28
CED CLA IH . -46.02 74.74 -6.59
C1 CLA IH . -45.99 71.05 -8.76
C2 CLA IH . -46.93 72.00 -9.42
C3 CLA IH . -48.12 72.33 -8.90
C4 CLA IH . -48.60 71.76 -7.61
C5 CLA IH . -49.02 73.28 -9.59
MG CLA JH . -44.05 66.22 -3.76
CHA CLA JH . -40.82 65.72 -2.61
CHB CLA JH . -43.76 69.54 -3.09
CHC CLA JH . -47.22 66.68 -5.00
CHD CLA JH . -44.29 62.77 -4.43
NA CLA JH . -42.53 67.41 -2.97
C1A CLA JH . -41.24 67.02 -2.56
C2A CLA JH . -40.45 68.20 -2.03
C3A CLA JH . -41.44 69.38 -2.12
C4A CLA JH . -42.68 68.75 -2.78
CMA CLA JH . -41.77 69.93 -0.77
CAA CLA JH . -39.24 68.49 -2.90
CBA CLA JH . -38.49 69.71 -2.43
CGA CLA JH . -37.64 69.38 -1.24
O1A CLA JH . -36.91 68.41 -1.07
O2A CLA JH . -37.71 70.34 -0.26
NB CLA JH . -45.23 67.81 -4.05
C1B CLA JH . -44.96 69.08 -3.66
C2B CLA JH . -46.14 69.95 -3.93
C3B CLA JH . -47.11 69.15 -4.47
C4B CLA JH . -46.56 67.77 -4.54
CMB CLA JH . -46.16 71.37 -3.61
CAB CLA JH . -48.45 69.47 -4.87
CBB CLA JH . -49.55 69.02 -4.25
NC CLA JH . -45.49 64.95 -4.54
C1C CLA JH . -46.72 65.35 -4.98
C2C CLA JH . -47.48 64.20 -5.46
C3C CLA JH . -46.64 63.10 -5.31
C4C CLA JH . -45.40 63.57 -4.73
CMC CLA JH . -48.83 64.25 -5.99
CAC CLA JH . -46.96 61.71 -5.64
CBC CLA JH . -47.44 60.95 -4.43
ND CLA JH . -42.91 64.57 -3.52
C1D CLA JH . -43.12 63.22 -3.86
C2D CLA JH . -41.92 62.45 -3.51
C3D CLA JH . -41.01 63.35 -3.02
C4D CLA JH . -41.67 64.67 -3.07
CMD CLA JH . -41.78 61.00 -3.68
CAD CLA JH . -39.68 63.55 -2.48
OBD CLA JH . -38.82 62.73 -2.23
CBD CLA JH . -39.52 65.07 -2.25
CGD CLA JH . -39.21 65.37 -0.81
O1D CLA JH . -39.96 65.24 0.15
O2D CLA JH . -37.94 65.82 -0.60
CED CLA JH . -36.87 64.97 -0.99
C1 CLA JH . -37.50 69.90 1.09
C2 CLA JH . -38.78 69.28 1.55
C3 CLA JH . -39.27 69.44 2.79
C4 CLA JH . -38.57 70.26 3.80
C5 CLA JH . -40.55 68.79 3.20
MG CLA KH . -47.62 47.99 -8.09
CHA CLA KH . -48.18 45.03 -6.40
CHB CLA KH . -47.65 49.67 -5.14
CHC CLA KH . -46.91 50.84 -9.80
CHD CLA KH . -47.81 46.21 -11.14
NA CLA KH . -47.87 47.42 -6.10
C1A CLA KH . -48.11 46.14 -5.60
C2A CLA KH . -48.25 46.15 -4.09
C3A CLA KH . -48.30 47.66 -3.75
C4A CLA KH . -47.90 48.32 -5.07
CMA CLA KH . -49.67 48.09 -3.31
CAA CLA KH . -47.02 45.49 -3.48
CBA CLA KH . -45.71 46.09 -3.97
CGA CLA KH . -45.15 45.35 -5.14
O1A CLA KH . -44.62 44.23 -5.16
O2A CLA KH . -45.25 46.03 -6.31
NB CLA KH . -47.48 49.93 -7.59
C1B CLA KH . -47.28 50.35 -6.31
C2B CLA KH . -46.57 51.65 -6.29
C3B CLA KH . -46.35 52.00 -7.60
C4B CLA KH . -46.92 50.91 -8.44
CMB CLA KH . -46.22 52.36 -5.07
CAB CLA KH . -45.68 53.18 -8.12
CBB CLA KH . -44.70 53.18 -9.02
NC CLA KH . -47.43 48.45 -10.11
C1C CLA KH . -47.17 49.70 -10.59
C2C CLA KH . -47.14 49.68 -12.04
C3C CLA KH . -47.37 48.36 -12.42
C4C CLA KH . -47.56 47.59 -11.19
CMC CLA KH . -46.87 50.84 -12.89
CAC CLA KH . -47.43 47.83 -13.79
CBC CLA KH . -46.20 47.02 -14.13
ND CLA KH . -47.78 46.07 -8.69
C1D CLA KH . -47.91 45.49 -9.97
C2D CLA KH . -48.11 44.04 -9.82
C3D CLA KH . -48.17 43.80 -8.45
C4D CLA KH . -48.02 45.11 -7.81
CMD CLA KH . -48.20 43.09 -10.92
CAD CLA KH . -48.34 42.81 -7.41
OBD CLA KH . -48.37 41.59 -7.48
CBD CLA KH . -48.47 43.60 -6.08
CGD CLA KH . -49.86 43.48 -5.52
O1D CLA KH . -50.91 43.80 -6.07
O2D CLA KH . -49.91 42.96 -4.26
CED CLA KH . -50.51 41.68 -4.09
C1 CLA KH . -44.37 45.66 -7.38
C2 CLA KH . -44.03 46.93 -8.10
C3 CLA KH . -43.73 46.98 -9.41
C4 CLA KH . -43.71 45.78 -10.26
C5 CLA KH . -43.41 48.27 -10.05
MG CLA LH . -53.79 51.26 0.63
CHA CLA LH . -55.61 53.48 -1.31
CHB CLA LH . -51.14 51.58 -1.47
CHC CLA LH . -51.97 49.19 2.67
CHD CLA LH . -56.56 50.96 2.80
NA CLA LH . -53.46 52.35 -1.12
C1A CLA LH . -54.35 53.21 -1.78
C2A CLA LH . -53.69 53.81 -3.01
C3A CLA LH . -52.36 53.04 -3.12
C4A CLA LH . -52.29 52.27 -1.81
CMA CLA LH . -52.32 52.12 -4.31
CAA CLA LH . -53.45 55.29 -2.81
CBA CLA LH . -52.32 55.58 -1.83
CGA CLA LH . -52.77 55.37 -0.42
O1A CLA LH . -53.79 55.80 0.13
O2A CLA LH . -51.94 54.56 0.30
NB CLA LH . -51.97 50.42 0.53
C1B CLA LH . -50.98 50.85 -0.29
C2B CLA LH . -49.64 50.45 0.23
C3B CLA LH . -49.87 49.77 1.40
C4B CLA LH . -51.34 49.74 1.61
CMB CLA LH . -48.40 50.80 -0.46
CAB CLA LH . -48.98 49.17 2.35
CBB CLA LH . -47.71 48.84 2.14
NC CLA LH . -54.22 50.22 2.39
C1C CLA LH . -53.33 49.41 3.03
C2C CLA LH . -53.96 48.83 4.21
C3C CLA LH . -55.25 49.35 4.26
C4C CLA LH . -55.40 50.22 3.10
CMC CLA LH . -53.31 47.92 5.14
CAC CLA LH . -56.28 49.08 5.27
CBC CLA LH . -56.39 50.18 6.29
ND CLA LH . -55.63 52.07 0.82
C1D CLA LH . -56.67 51.84 1.74
C2D CLA LH . -57.83 52.67 1.37
C3D CLA LH . -57.48 53.34 0.22
C4D CLA LH . -56.10 52.91 -0.10
CMD CLA LH . -59.08 52.76 2.12
CAD CLA LH . -57.87 54.29 -0.78
OBD CLA LH . -58.91 54.95 -0.86
CBD CLA LH . -56.73 54.35 -1.84
CGD CLA LH . -57.26 53.85 -3.15
O1D CLA LH . -58.44 53.68 -3.45
O2D CLA LH . -56.32 53.55 -4.09
CED CLA LH . -56.38 52.26 -4.68
C1 CLA LH . -52.40 54.20 1.62
C2 CLA LH . -51.25 53.61 2.34
C3 CLA LH . -51.28 53.28 3.65
C4 CLA LH . -52.49 53.50 4.48
C5 CLA LH . -50.09 52.69 4.32
MG CLA MH . -49.18 43.43 7.70
CHA CLA MH . -50.31 44.30 4.54
CHB CLA MH . -46.06 43.00 6.45
CHC CLA MH . -48.05 42.87 10.88
CHD CLA MH . -52.45 43.88 8.96
NA CLA MH . -48.36 43.59 5.79
C1A CLA MH . -48.98 44.00 4.61
C2A CLA MH . -48.00 43.99 3.45
C3A CLA MH . -46.70 43.47 4.07
C4A CLA MH . -47.04 43.35 5.55
CMA CLA MH . -46.27 42.15 3.49
CAA CLA MH . -47.80 45.39 2.90
CBA CLA MH . -46.98 45.39 1.62
CGA CLA MH . -45.55 45.76 1.90
O1A CLA MH . -44.68 45.08 2.44
O2A CLA MH . -45.23 47.01 1.48
NB CLA MH . -47.39 43.08 8.52
C1B CLA MH . -46.24 42.85 7.83
C2B CLA MH . -45.17 42.40 8.76
C3B CLA MH . -45.73 42.37 10.02
C4B CLA MH . -47.14 42.79 9.88
CMB CLA MH . -43.83 42.07 8.32
CAB CLA MH . -45.15 42.00 11.28
CBB CLA MH . -43.97 42.42 11.74
NC CLA MH . -50.10 43.35 9.57
C1C CLA MH . -49.44 43.12 10.74
C2C CLA MH . -50.36 43.20 11.86
C3C CLA MH . -51.62 43.45 11.33
C4C CLA MH . -51.45 43.56 9.88
CMC CLA MH . -49.97 43.02 13.25
CAC CLA MH . -52.88 43.63 12.08
CBC CLA MH . -53.46 42.35 12.61
ND CLA MH . -51.02 43.80 6.96
C1D CLA MH . -52.27 44.01 7.59
C2D CLA MH . -53.27 44.37 6.56
C3D CLA MH . -52.57 44.49 5.38
C4D CLA MH . -51.17 44.16 5.68
CMD CLA MH . -54.69 44.59 6.83
CAD CLA MH . -52.66 44.76 3.96
OBD CLA MH . -53.65 44.96 3.26
CBD CLA MH . -51.21 44.77 3.41
CGD CLA MH . -51.06 43.96 2.16
O1D CLA MH . -50.50 42.87 2.03
O2D CLA MH . -51.63 44.52 1.06
CED CLA MH . -51.05 44.19 -0.21
C1 CLA MH . -43.88 47.46 1.75
C2 CLA MH . -43.92 48.94 1.79
C3 CLA MH . -42.99 49.67 2.45
C4 CLA MH . -41.88 49.05 3.19
C5 CLA MH . -43.06 51.16 2.47
MG CLA NH . -40.93 37.77 8.61
CHA CLA NH . -41.14 34.73 10.25
CHB CLA NH . -41.53 36.19 5.66
CHC CLA NH . -40.88 40.82 7.05
CHD CLA NH . -40.41 39.35 11.72
NA CLA NH . -41.24 35.77 8.07
C1A CLA NH . -41.31 34.66 8.91
C2A CLA NH . -41.56 33.38 8.11
C3A CLA NH . -41.54 33.88 6.65
C4A CLA NH . -41.43 35.39 6.77
CMA CLA NH . -40.38 33.32 5.86
CAA CLA NH . -42.88 32.78 8.52
CBA CLA NH . -43.55 32.07 7.38
CGA CLA NH . -44.49 33.01 6.70
O1A CLA NH . -44.53 34.23 6.82
O2A CLA NH . -45.39 32.38 5.87
NB CLA NH . -41.13 38.38 6.71
C1B CLA NH . -41.44 37.60 5.65
C2B CLA NH . -41.67 38.44 4.45
C3B CLA NH . -41.49 39.74 4.84
C4B CLA NH . -41.13 39.72 6.28
CMB CLA NH . -42.03 37.89 3.14
CAB CLA NH . -41.59 40.95 4.08
CBB CLA NH . -42.59 41.83 4.19
NC CLA NH . -40.64 39.72 9.27
C1C CLA NH . -40.64 40.82 8.45
C2C CLA NH . -40.41 42.02 9.25
C3C CLA NH . -40.32 41.61 10.58
C4C CLA NH . -40.46 40.17 10.57
CMC CLA NH . -40.36 43.36 8.67
CAC CLA NH . -40.13 42.43 11.78
CBC CLA NH . -38.87 43.26 11.84
ND CLA NH . -40.72 37.23 10.55
C1D CLA NH . -40.53 37.98 11.73
C2D CLA NH . -40.49 37.05 12.88
C3D CLA NH . -40.70 35.79 12.37
C4D CLA NH . -40.87 35.96 10.91
CMD CLA NH . -40.26 37.45 14.26
CAD CLA NH . -40.81 34.37 12.65
OBD CLA NH . -40.65 33.78 13.72
CBD CLA NH . -41.16 33.67 11.31
CGD CLA NH . -40.23 32.56 10.97
O1D CLA NH . -40.52 31.41 10.61
O2D CLA NH . -38.92 32.88 11.07
CED CLA NH . -37.97 31.82 11.21
C1 CLA NH . -44.85 31.60 4.78
C2 CLA NH . -45.00 30.17 5.13
C3 CLA NH . -46.16 29.50 5.12
C4 CLA NH . -47.45 30.14 4.75
C5 CLA NH . -46.21 28.06 5.50
MG CLA OH . -39.17 71.96 -25.47
CHA CLA OH . -36.85 73.44 -27.57
CHB CLA OH . -39.33 74.82 -23.65
CHC CLA OH . -41.61 70.51 -23.57
CHD CLA OH . -38.93 69.01 -27.41
NA CLA OH . -38.21 73.81 -25.60
C1A CLA OH . -37.29 74.25 -26.56
C2A CLA OH . -36.83 75.67 -26.27
C3A CLA OH . -37.44 75.96 -24.89
C4A CLA OH . -38.42 74.81 -24.68
CMA CLA OH . -36.36 75.96 -23.83
CAA CLA OH . -37.36 76.62 -27.33
CBA CLA OH . -38.76 76.28 -27.75
CGA CLA OH . -39.27 77.31 -28.72
O1A CLA OH . -39.11 78.53 -28.71
O2A CLA OH . -40.01 76.77 -29.75
NB CLA OH . -40.19 72.52 -23.83
C1B CLA OH . -40.26 73.79 -23.37
C2B CLA OH . -41.45 73.97 -22.50
C3B CLA OH . -42.10 72.75 -22.48
C4B CLA OH . -41.30 71.81 -23.32
CMB CLA OH . -41.80 75.22 -21.84
CAB CLA OH . -43.30 72.37 -21.80
CBB CLA OH . -44.41 71.94 -22.42
NC CLA OH . -40.06 70.08 -25.46
C1C CLA OH . -41.02 69.69 -24.57
C2C CLA OH . -41.41 68.31 -24.83
C3C CLA OH . -40.69 67.90 -25.94
C4C CLA OH . -39.84 69.02 -26.33
CMC CLA OH . -42.40 67.57 -24.06
CAC CLA OH . -40.72 66.58 -26.59
CBC CLA OH . -39.51 65.75 -26.27
ND CLA OH . -38.19 71.32 -27.11
C1D CLA OH . -38.17 70.08 -27.80
C2D CLA OH . -37.20 70.16 -28.91
C3D CLA OH . -36.67 71.42 -28.87
C4D CLA OH . -37.32 72.11 -27.73
CMD CLA OH . -36.90 69.06 -29.83
CAD CLA OH . -35.72 72.36 -29.45
OBD CLA OH . -34.95 72.20 -30.38
CBD CLA OH . -35.82 73.69 -28.65
CGD CLA OH . -34.50 74.08 -28.06
O1D CLA OH . -34.15 74.02 -26.88
O2D CLA OH . -33.62 74.56 -28.98
CED CLA OH . -34.06 75.63 -29.81
MG CLA PH . -45.88 81.11 -28.72
CHA CLA PH . -42.56 81.66 -27.90
CHB CLA PH . -46.10 84.28 -29.93
CHC CLA PH . -49.12 80.47 -29.62
CHD CLA PH . -45.58 77.81 -27.48
NA CLA PH . -44.54 82.70 -28.85
C1A CLA PH . -43.19 82.74 -28.48
C2A CLA PH . -42.57 84.10 -28.76
C3A CLA PH . -43.75 84.92 -29.34
C4A CLA PH . -44.89 83.91 -29.40
CMA CLA PH . -44.10 86.10 -28.48
CAA CLA PH . -41.45 83.98 -29.78
CBA CLA PH . -41.79 84.64 -31.10
CGA CLA PH . -42.46 83.67 -32.04
O1A CLA PH . -42.63 83.76 -33.25
O2A CLA PH . -42.92 82.54 -31.41
NB CLA PH . -47.34 82.16 -29.63
C1B CLA PH . -47.24 83.45 -30.03
C2B CLA PH . -48.53 83.90 -30.60
C3B CLA PH . -49.40 82.84 -30.52
C4B CLA PH . -48.66 81.71 -29.89
CMB CLA PH . -48.74 85.25 -31.13
CAB CLA PH . -50.77 82.83 -30.96
CBB CLA PH . -51.70 81.89 -30.76
NC CLA PH . -47.13 79.45 -28.54
C1C CLA PH . -48.42 79.41 -28.98
C2C CLA PH . -48.99 78.09 -28.70
C3C CLA PH . -47.98 77.33 -28.10
C4C CLA PH . -46.81 78.19 -28.01
CMC CLA PH . -50.35 77.68 -29.03
CAC CLA PH . -48.07 75.95 -27.65
CBC CLA PH . -48.77 75.82 -26.32
ND CLA PH . -44.49 79.98 -27.81
C1D CLA PH . -44.48 78.63 -27.39
C2D CLA PH . -43.15 78.29 -26.84
C3D CLA PH . -42.37 79.42 -27.00
C4D CLA PH . -43.25 80.43 -27.62
CMD CLA PH . -42.79 77.00 -26.28
CAD CLA PH . -41.09 80.03 -26.79
OBD CLA PH . -40.10 79.57 -26.22
CBD CLA PH . -41.14 81.45 -27.43
CGD CLA PH . -40.68 82.51 -26.48
O1D CLA PH . -41.30 83.48 -26.06
O2D CLA PH . -39.40 82.33 -26.04
CED CLA PH . -38.67 83.48 -25.62
MG CLA QH . -43.96 76.84 -19.38
CHA CLA QH . -43.06 75.22 -16.45
CHB CLA QH . -46.69 74.83 -19.62
CHC CLA QH . -44.81 78.45 -22.27
CHD CLA QH . -41.04 78.80 -19.14
NA CLA QH . -44.73 75.30 -18.20
C1A CLA QH . -44.21 74.78 -17.01
C2A CLA QH . -45.09 73.64 -16.48
C3A CLA QH . -46.20 73.51 -17.55
C4A CLA QH . -45.88 74.63 -18.53
CMA CLA QH . -46.18 72.17 -18.21
CAA CLA QH . -45.69 74.04 -15.14
CBA CLA QH . -46.13 72.82 -14.37
CGA CLA QH . -47.54 72.51 -14.70
O1A CLA QH . -48.26 73.01 -15.56
O2A CLA QH . -48.06 71.52 -13.91
NB CLA QH . -45.44 76.63 -20.73
C1B CLA QH . -46.51 75.81 -20.60
C2B CLA QH . -47.50 76.09 -21.66
C3B CLA QH . -46.98 77.11 -22.42
C4B CLA QH . -45.65 77.47 -21.83
CMB CLA QH . -48.76 75.37 -21.78
CAB CLA QH . -47.53 77.79 -23.57
CBB CLA QH . -48.79 78.19 -23.71
NC CLA QH . -43.09 78.37 -20.48
C1C CLA QH . -43.62 78.88 -21.64
C2C CLA QH . -42.75 79.93 -22.14
C3C CLA QH . -41.68 80.02 -21.27
C4C CLA QH . -41.90 79.03 -20.22
CMC CLA QH . -43.01 80.71 -23.35
CAC CLA QH . -40.53 80.94 -21.37
CBC CLA QH . -40.56 82.07 -20.37
ND CLA QH . -42.45 77.11 -18.07
C1D CLA QH . -41.28 77.90 -18.12
C2D CLA QH . -40.44 77.60 -16.95
C3D CLA QH . -41.09 76.60 -16.26
C4D CLA QH . -42.31 76.30 -17.02
CMD CLA QH . -39.18 78.28 -16.64
CAD CLA QH . -41.07 75.73 -15.11
OBD CLA QH . -40.29 75.70 -14.17
CBD CLA QH . -42.28 74.76 -15.25
CGD CLA QH . -41.80 73.36 -15.45
O1D CLA QH . -40.66 72.99 -15.75
O2D CLA QH . -42.75 72.41 -15.24
CED CLA QH . -42.69 71.25 -16.07
C1 CLA QH . -49.27 70.90 -14.36
C2 CLA QH . -50.40 71.73 -13.91
C3 CLA QH . -51.61 71.68 -14.48
C4 CLA QH . -51.91 70.76 -15.60
C5 CLA QH . -52.73 72.54 -14.00
MG CLA RH . -60.87 63.54 -24.26
CHA CLA RH . -61.67 60.18 -24.02
CHB CLA RH . -59.44 63.43 -21.18
CHC CLA RH . -60.08 66.87 -24.58
CHD CLA RH . -62.36 63.61 -27.46
NA CLA RH . -60.62 62.04 -22.84
C1A CLA RH . -61.02 60.70 -22.93
C2A CLA RH . -60.63 59.92 -21.67
C3A CLA RH . -59.98 61.00 -20.77
C4A CLA RH . -60.00 62.26 -21.65
CMA CLA RH . -60.74 61.19 -19.50
CAA CLA RH . -59.62 58.85 -22.02
CBA CLA RH . -58.37 59.50 -22.56
CGA CLA RH . -57.98 58.89 -23.87
O1A CLA RH . -58.15 57.74 -24.27
O2A CLA RH . -57.34 59.78 -24.68
NB CLA RH . -59.93 64.89 -23.11
C1B CLA RH . -59.41 64.65 -21.88
C2B CLA RH . -58.79 65.90 -21.34
C3B CLA RH . -58.97 66.87 -22.30
C4B CLA RH . -59.69 66.25 -23.43
CMB CLA RH . -58.15 65.97 -20.04
CAB CLA RH . -58.58 68.26 -22.30
CBB CLA RH . -57.39 68.75 -21.94
NC CLA RH . -61.18 64.97 -25.75
C1C CLA RH . -60.77 66.27 -25.67
C2C CLA RH . -61.15 66.99 -26.89
C3C CLA RH . -61.79 66.06 -27.70
C4C CLA RH . -61.80 64.79 -26.99
CMC CLA RH . -60.88 68.40 -27.13
CAC CLA RH . -62.35 66.30 -29.05
CBC CLA RH . -63.84 66.50 -29.02
ND CLA RH . -61.84 62.26 -25.48
C1D CLA RH . -62.39 62.42 -26.78
C2D CLA RH . -62.97 61.13 -27.21
C3D CLA RH . -62.72 60.23 -26.19
C4D CLA RH . -62.01 60.99 -25.14
CMD CLA RH . -63.65 60.90 -28.47
CAD CLA RH . -62.89 58.87 -25.72
OBD CLA RH . -63.44 57.93 -26.25
CBD CLA RH . -62.18 58.79 -24.33
CGD CLA RH . -63.14 58.30 -23.29
O1D CLA RH . -64.08 58.93 -22.79
O2D CLA RH . -62.92 57.01 -22.90
CED CLA RH . -62.10 56.17 -23.71
C1 CLA RH . -56.59 59.23 -25.78
C2 CLA RH . -56.25 60.38 -26.66
C3 CLA RH . -55.96 60.24 -27.96
C4 CLA RH . -55.95 58.91 -28.63
C5 CLA RH . -55.63 61.41 -28.82
MG CLA SH . -67.22 70.87 -31.66
CHA CLA SH . -68.92 69.60 -34.39
CHB CLA SH . -64.30 69.65 -32.92
CHC CLA SH . -65.56 72.20 -28.96
CHD CLA SH . -70.27 72.09 -30.38
NA CLA SH . -66.71 69.80 -33.38
C1A CLA SH . -67.57 69.37 -34.40
C2A CLA SH . -66.79 68.62 -35.48
C3A CLA SH . -65.35 68.56 -34.92
C4A CLA SH . -65.43 69.40 -33.65
CMA CLA SH . -64.92 67.15 -34.63
CAA CLA SH . -66.83 69.39 -36.79
CBA CLA SH . -65.74 70.45 -36.87
CGA CLA SH . -66.02 71.58 -35.92
O1A CLA SH . -67.07 72.17 -35.72
O2A CLA SH . -64.90 71.94 -35.21
NB CLA SH . -65.30 70.86 -31.03
C1B CLA SH . -64.25 70.39 -31.73
C2B CLA SH . -62.98 70.78 -31.06
C3B CLA SH . -63.33 71.50 -29.93
C4B CLA SH . -64.82 71.56 -29.91
CMB CLA SH . -61.67 70.41 -31.58
CAB CLA SH . -62.50 72.12 -28.94
CBB CLA SH . -61.42 72.85 -29.19
NC CLA SH . -67.82 71.94 -29.98
C1C CLA SH . -66.97 72.37 -29.00
C2C CLA SH . -67.73 73.07 -27.97
C3C CLA SH . -69.06 73.05 -28.37
C4C CLA SH . -69.11 72.34 -29.64
CMC CLA SH . -67.16 73.68 -26.77
CAC CLA SH . -70.21 73.64 -27.66
CBC CLA SH . -70.59 75.00 -28.20
ND CLA SH . -69.15 70.93 -32.22
C1D CLA SH . -70.31 71.44 -31.60
C2D CLA SH . -71.49 71.14 -32.44
C3D CLA SH . -71.01 70.43 -33.52
C4D CLA SH . -69.55 70.32 -33.34
CMD CLA SH . -72.86 71.52 -32.11
CAD CLA SH . -71.34 69.74 -34.75
OBD CLA SH . -72.44 69.57 -35.27
CBD CLA SH . -70.01 69.17 -35.33
CGD CLA SH . -70.06 67.68 -35.43
O1D CLA SH . -69.93 66.98 -36.43
O2D CLA SH . -70.29 67.06 -34.23
CED CLA SH . -69.18 66.42 -33.58
MG CLA TH . -73.82 83.36 -22.25
CHA CLA TH . -77.25 83.25 -21.80
CHB CLA TH . -74.09 81.09 -24.76
CHC CLA TH . -70.44 83.62 -22.76
CHD CLA TH . -73.60 85.74 -19.64
NA CLA TH . -75.42 82.32 -23.10
C1A CLA TH . -76.78 82.43 -22.79
C2A CLA TH . -77.62 81.48 -23.64
C3A CLA TH . -76.57 80.70 -24.46
C4A CLA TH . -75.26 81.42 -24.10
CMA CLA TH . -76.54 79.25 -24.09
CAA CLA TH . -78.60 82.21 -24.54
CBA CLA TH . -77.95 83.33 -25.32
CGA CLA TH . -78.91 83.85 -26.35
O1A CLA TH . -79.34 83.29 -27.35
O2A CLA TH . -79.35 85.12 -26.08
NB CLA TH . -72.51 82.48 -23.48
C1B CLA TH . -72.83 81.66 -24.51
C2B CLA TH . -71.65 81.44 -25.38
C3B CLA TH . -70.61 82.14 -24.83
C4B CLA TH . -71.14 82.81 -23.61
CMB CLA TH . -71.67 80.60 -26.58
CAB CLA TH . -69.24 82.26 -25.27
CBB CLA TH . -68.63 83.41 -25.55
NC CLA TH . -72.30 84.45 -21.33
C1C CLA TH . -70.99 84.38 -21.69
C2C CLA TH . -70.18 85.25 -20.83
C3C CLA TH . -71.08 85.87 -19.97
C4C CLA TH . -72.41 85.37 -20.29
CMC CLA TH . -68.73 85.41 -20.91
CAC CLA TH . -70.76 86.86 -18.92
CBC CLA TH . -70.68 86.22 -17.55
ND CLA TH . -75.07 84.29 -20.97
C1D CLA TH . -74.86 85.26 -19.96
C2D CLA TH . -76.15 85.60 -19.33
C3D CLA TH . -77.11 84.86 -20.00
C4D CLA TH . -76.38 84.06 -21.01
CMD CLA TH . -76.33 86.55 -18.24
CAD CLA TH . -78.51 84.52 -20.11
OBD CLA TH . -79.46 84.92 -19.44
CBD CLA TH . -78.64 83.51 -21.29
CGD CLA TH . -79.30 82.23 -20.90
O1D CLA TH . -78.96 81.45 -20.00
O2D CLA TH . -80.39 81.92 -21.66
CED CLA TH . -81.54 82.76 -21.56
C1 CLA TH . -80.39 85.26 -25.08
C2 CLA TH . -80.35 86.67 -24.62
C3 CLA TH . -81.06 87.11 -23.57
C4 CLA TH . -81.94 86.22 -22.78
C5 CLA TH . -80.99 88.54 -23.13
MG CLA UH . -69.16 80.05 -11.90
CHA CLA UH . -69.04 78.04 -9.09
CHB CLA UH . -71.76 78.22 -13.09
CHC CLA UH . -69.25 82.08 -14.66
CHD CLA UH . -66.46 81.93 -10.60
NA CLA UH . -70.22 78.40 -11.17
C1A CLA UH . -70.04 77.72 -9.97
C2A CLA UH . -71.04 76.58 -9.83
C3A CLA UH . -71.86 76.64 -11.13
C4A CLA UH . -71.25 77.84 -11.86
CMA CLA UH . -71.70 75.38 -11.95
CAA CLA UH . -71.96 76.85 -8.65
CBA CLA UH . -73.38 76.39 -8.90
CGA CLA UH . -74.31 77.57 -8.94
O1A CLA UH . -75.52 77.59 -9.21
O2A CLA UH . -73.70 78.75 -8.64
NB CLA UH . -70.33 80.18 -13.53
C1B CLA UH . -71.28 79.28 -13.88
C2B CLA UH . -71.74 79.53 -15.26
C3B CLA UH . -71.04 80.62 -15.72
C4B CLA UH . -70.13 81.05 -14.61
CMB CLA UH . -72.75 78.70 -15.92
CAB CLA UH . -71.09 81.29 -16.99
CBB CLA UH . -72.15 81.95 -17.46
NC CLA UH . -68.06 81.71 -12.51
C1C CLA UH . -68.28 82.39 -13.67
C2C CLA UH . -67.34 83.50 -13.77
C3C CLA UH . -66.53 83.46 -12.63
C4C CLA UH . -67.01 82.33 -11.83
CMC CLA UH . -67.27 84.45 -14.87
CAC CLA UH . -65.45 84.38 -12.26
CBC CLA UH . -64.07 83.79 -12.51
ND CLA UH . -67.94 80.00 -10.29
C1D CLA UH . -66.88 80.85 -9.87
C2D CLA UH . -66.36 80.35 -8.58
C3D CLA UH . -67.12 79.26 -8.26
C4D CLA UH . -68.11 79.10 -9.33
CMD CLA UH . -65.23 80.94 -7.87
CAD CLA UH . -67.36 78.19 -7.29
OBD CLA UH . -66.71 77.88 -6.31
CBD CLA UH . -68.63 77.43 -7.76
CGD CLA UH . -68.36 75.96 -7.93
O1D CLA UH . -68.51 75.28 -8.94
O2D CLA UH . -67.89 75.35 -6.81
CED CLA UH . -68.13 73.95 -6.69
C1 CLA UH . -74.35 79.56 -7.65
C2 CLA UH . -75.15 80.58 -8.36
C3 CLA UH . -74.60 81.68 -8.92
C4 CLA UH . -73.14 81.94 -8.86
C5 CLA UH . -75.44 82.67 -9.63
MG CLA VH . -62.42 73.30 -12.65
CHA CLA VH . -63.72 70.12 -12.18
CHB CLA VH . -64.62 74.54 -10.39
CHC CLA VH . -61.02 76.40 -13.08
CHD CLA VH . -60.14 71.96 -15.00
NA CLA VH . -63.93 72.44 -11.49
C1A CLA VH . -64.32 71.10 -11.44
C2A CLA VH . -65.47 70.91 -10.45
C3A CLA VH . -65.75 72.34 -9.94
C4A CLA VH . -64.69 73.18 -10.65
CMA CLA VH . -67.15 72.80 -10.25
CAA CLA VH . -65.07 70.03 -9.28
CBA CLA VH . -64.52 70.85 -8.12
CGA CLA VH . -63.12 71.29 -8.45
O1A CLA VH . -62.17 70.57 -8.76
O2A CLA VH . -62.94 72.64 -8.38
NB CLA VH . -62.76 75.12 -11.89
C1B CLA VH . -63.70 75.43 -10.97
C2B CLA VH . -63.63 76.88 -10.65
C3B CLA VH . -62.63 77.41 -11.40
C4B CLA VH . -62.04 76.30 -12.21
CMB CLA VH . -64.53 77.51 -9.68
CAB CLA VH . -62.12 78.76 -11.48
CBB CLA VH . -61.56 79.42 -10.48
NC CLA VH . -60.87 74.03 -13.83
C1C CLA VH . -60.46 75.34 -13.84
C2C CLA VH . -59.35 75.50 -14.77
C3C CLA VH . -59.11 74.25 -15.32
C4C CLA VH . -60.06 73.34 -14.73
CMC CLA VH . -58.67 76.77 -15.03
CAC CLA VH . -58.08 73.90 -16.31
CBC CLA VH . -56.88 73.26 -15.67
ND CLA VH . -61.99 71.50 -13.47
C1D CLA VH . -61.03 71.09 -14.42
C2D CLA VH . -61.15 69.64 -14.64
C3D CLA VH . -62.16 69.22 -13.79
C4D CLA VH . -62.65 70.41 -13.09
CMD CLA VH . -60.34 68.87 -15.56
CAD CLA VH . -62.93 68.08 -13.33
OBD CLA VH . -62.86 66.91 -13.65
CBD CLA VH . -63.95 68.63 -12.29
CGD CLA VH . -65.33 68.30 -12.76
O1D CLA VH . -66.28 67.93 -12.08
O2D CLA VH . -65.49 68.45 -14.10
CED CLA VH . -66.62 67.81 -14.70
C1 CLA VH . -62.46 73.22 -7.14
C2 CLA VH . -61.65 74.42 -7.50
C3 CLA VH . -61.70 75.59 -6.84
C4 CLA VH . -62.57 75.80 -5.67
C5 CLA VH . -60.85 76.73 -7.25
MG CLA WH . -53.83 89.63 -12.58
CHA CLA WH . -52.01 92.42 -11.71
CHB CLA WH . -51.42 87.63 -11.25
CHC CLA WH . -55.71 86.89 -13.44
CHD CLA WH . -56.35 91.74 -13.90
NA CLA WH . -52.02 89.99 -11.64
C1A CLA WH . -51.43 91.24 -11.36
C2A CLA WH . -50.10 91.06 -10.63
C3A CLA WH . -49.92 89.53 -10.56
C4A CLA WH . -51.21 88.99 -11.18
CMA CLA WH . -48.69 89.06 -11.28
CAA CLA WH . -50.28 91.59 -9.21
CBA CLA WH . -51.54 91.00 -8.59
CGA CLA WH . -51.90 91.67 -7.29
O1A CLA WH . -51.22 92.40 -6.58
O2A CLA WH . -53.17 91.37 -6.88
NB CLA WH . -53.60 87.64 -12.39
C1B CLA WH . -52.54 87.02 -11.80
C2B CLA WH . -52.73 85.54 -11.86
C3B CLA WH . -53.94 85.33 -12.48
C4B CLA WH . -54.51 86.66 -12.82
CMB CLA WH . -51.77 84.60 -11.34
CAB CLA WH . -54.61 84.09 -12.77
CBB CLA WH . -55.79 83.74 -12.25
NC CLA WH . -55.69 89.37 -13.51
C1C CLA WH . -56.26 88.16 -13.77
C2C CLA WH . -57.53 88.34 -14.43
C3C CLA WH . -57.72 89.71 -14.54
C4C CLA WH . -56.56 90.36 -13.97
CMC CLA WH . -58.42 87.26 -14.85
CAC CLA WH . -58.86 90.40 -15.16
CBC CLA WH . -58.58 90.74 -16.60
ND CLA WH . -54.16 91.61 -12.80
C1D CLA WH . -55.24 92.35 -13.36
C2D CLA WH . -54.93 93.78 -13.25
C3D CLA WH . -53.70 93.87 -12.64
C4D CLA WH . -53.27 92.48 -12.37
CMD CLA WH . -55.81 94.86 -13.73
CAD CLA WH . -52.67 94.75 -12.14
OBD CLA WH . -52.64 95.98 -12.16
CBD CLA WH . -51.55 93.86 -11.54
CGD CLA WH . -50.26 94.08 -12.26
O1D CLA WH . -49.49 93.21 -12.71
O2D CLA WH . -49.92 95.38 -12.43
CED CLA WH . -49.86 95.89 -13.77
C1 CLA WH . -53.41 91.32 -5.46
C2 CLA WH . -54.78 90.78 -5.27
C3 CLA WH . -55.42 90.76 -4.09
C4 CLA WH . -54.80 91.29 -2.85
C5 CLA WH . -56.79 90.20 -3.97
MG CLA XH . -52.88 86.37 -29.85
CHA CLA XH . -50.08 88.34 -29.37
CHB CLA XH . -54.20 88.74 -31.90
CHC CLA XH . -55.61 84.35 -30.32
CHD CLA XH . -51.50 83.96 -27.65
NA CLA XH . -52.23 88.24 -30.51
C1A CLA XH . -51.02 88.89 -30.19
C2A CLA XH . -50.95 90.25 -30.86
C3A CLA XH . -52.32 90.39 -31.55
C4A CLA XH . -52.98 89.03 -31.32
CMA CLA XH . -53.14 91.51 -30.95
CAA CLA XH . -49.81 90.36 -31.87
CBA CLA XH . -49.68 89.14 -32.73
CGA CLA XH . -48.39 89.22 -33.49
O1A CLA XH . -47.25 89.33 -33.04
O2A CLA XH . -48.56 89.15 -34.85
NB CLA XH . -54.61 86.55 -30.85
C1B CLA XH . -54.89 87.53 -31.75
C2B CLA XH . -56.07 87.14 -32.57
C3B CLA XH . -56.47 85.90 -32.13
C4B CLA XH . -55.55 85.51 -31.02
CMB CLA XH . -56.61 87.97 -33.62
CAB CLA XH . -57.55 85.07 -32.58
CBB CLA XH . -57.41 83.88 -33.15
NC CLA XH . -53.44 84.51 -29.10
C1C CLA XH . -54.61 83.88 -29.42
C2C CLA XH . -54.70 82.62 -28.69
C3C CLA XH . -53.54 82.49 -27.96
C4C CLA XH . -52.76 83.69 -28.21
CMC CLA XH . -55.83 81.69 -28.79
CAC CLA XH . -53.17 81.38 -27.07
CBC CLA XH . -52.58 80.22 -27.82
ND CLA XH . -51.18 86.11 -28.79
C1D CLA XH . -50.75 85.08 -27.92
C2D CLA XH . -49.41 85.45 -27.38
C3D CLA XH . -49.11 86.68 -27.92
C4D CLA XH . -50.25 87.05 -28.77
CMD CLA XH . -48.63 84.62 -26.47
CAD CLA XH . -48.14 87.74 -28.00
OBD CLA XH . -47.02 87.81 -27.49
CBD CLA XH . -48.76 88.85 -28.89
CGD CLA XH . -48.98 90.11 -28.11
O1D CLA XH . -49.21 91.25 -28.54
O2D CLA XH . -48.88 89.93 -26.77
CED CLA XH . -50.09 89.74 -26.05
C1 CLA XH . -49.27 90.25 -35.45
C2 CLA XH . -49.13 90.08 -36.92
MG CLA YH . -55.69 98.00 -20.77
CHA CLA YH . -53.86 99.96 -22.95
CHB CLA YH . -56.03 100.65 -18.67
CHC CLA YH . -57.53 96.01 -18.66
CHD CLA YH . -55.19 95.23 -22.91
NA CLA YH . -55.07 99.99 -20.84
C1A CLA YH . -54.32 100.61 -21.84
C2A CLA YH . -54.10 102.08 -21.52
C3A CLA YH . -54.77 102.26 -20.14
C4A CLA YH . -55.36 100.88 -19.85
CMA CLA YH . -53.78 102.68 -19.08
CAA CLA YH . -54.84 102.88 -22.56
CBA CLA YH . -54.63 104.37 -22.47
CGA CLA YH . -55.69 105.03 -23.29
O1A CLA YH . -56.19 104.64 -24.36
O2A CLA YH . -56.15 106.20 -22.75
NB CLA YH . -56.61 98.28 -19.00
C1B CLA YH . -56.61 99.42 -18.29
C2B CLA YH . -57.31 99.22 -16.99
C3B CLA YH . -57.73 97.91 -16.98
C4B CLA YH . -57.31 97.30 -18.27
CMB CLA YH . -57.45 100.29 -16.01
CAB CLA YH . -58.48 97.15 -16.00
CBB CLA YH . -58.80 97.51 -14.76
NC CLA YH . -56.28 96.00 -20.81
C1C CLA YH . -57.06 95.40 -19.86
C2C CLA YH . -57.31 94.01 -20.22
C3C CLA YH . -56.61 93.78 -21.40
C4C CLA YH . -55.97 95.04 -21.77
CMC CLA YH . -58.12 93.08 -19.43
CAC CLA YH . -56.57 92.53 -22.16
CBC CLA YH . -57.47 92.56 -23.36
ND CLA YH . -54.81 97.63 -22.55
C1D CLA YH . -54.63 96.44 -23.29
C2D CLA YH . -53.80 96.73 -24.49
C3D CLA YH . -53.50 98.08 -24.42
C4D CLA YH . -54.13 98.57 -23.19
CMD CLA YH . -53.42 95.74 -25.50
CAD CLA YH . -52.82 99.19 -25.04
OBD CLA YH . -52.22 99.23 -26.11
CBD CLA YH . -52.98 100.41 -24.09
CGD CLA YH . -51.66 100.88 -23.56
O1D CLA YH . -51.43 101.85 -22.83
O2D CLA YH . -50.60 100.11 -23.94
CED CLA YH . -49.41 100.79 -24.34
MG CLA ZH . -53.63 103.14 -10.55
CHA CLA ZH . -51.68 103.24 -13.42
CHB CLA ZH . -52.04 105.90 -9.37
CHC CLA ZH . -55.64 103.04 -7.78
CHD CLA ZH . -55.17 100.21 -11.77
NA CLA ZH . -52.11 104.36 -11.30
C1A CLA ZH . -51.41 104.23 -12.51
C2A CLA ZH . -50.38 105.34 -12.67
C3A CLA ZH . -50.45 106.09 -11.31
C4A CLA ZH . -51.63 105.43 -10.60
CMA CLA ZH . -49.18 105.95 -10.52
CAA CLA ZH . -50.79 106.28 -13.79
CBA CLA ZH . -52.13 106.92 -13.55
CGA CLA ZH . -53.23 106.08 -14.12
O1A CLA ZH . -53.45 105.79 -15.30
O2A CLA ZH . -54.06 105.58 -13.16
NB CLA ZH . -53.74 104.20 -8.85
C1B CLA ZH . -53.09 105.37 -8.61
C2B CLA ZH . -53.66 106.04 -7.42
C3B CLA ZH . -54.69 105.24 -6.96
C4B CLA ZH . -54.75 104.07 -7.86
CMB CLA ZH . -53.20 107.32 -6.91
CAB CLA ZH . -55.58 105.43 -5.85
CBB CLA ZH . -56.89 105.60 -5.97
NC CLA ZH . -55.13 101.86 -9.91
C1C CLA ZH . -55.82 102.01 -8.73
C2C CLA ZH . -56.79 100.93 -8.61
C3C CLA ZH . -56.66 100.13 -9.73
C4C CLA ZH . -55.60 100.71 -10.53
CMC CLA ZH . -57.73 100.79 -7.49
CAC CLA ZH . -57.43 98.91 -10.05
CBC CLA ZH . -56.82 97.68 -9.43
ND CLA ZH . -53.59 102.03 -12.23
C1D CLA ZH . -54.25 100.82 -12.58
C2D CLA ZH . -53.77 100.38 -13.91
C3D CLA ZH . -52.82 101.30 -14.29
C4D CLA ZH . -52.71 102.27 -13.20
CMD CLA ZH . -54.27 99.21 -14.63
CAD CLA ZH . -51.89 101.70 -15.33
OBD CLA ZH . -51.74 101.23 -16.45
CBD CLA ZH . -51.06 102.87 -14.76
CGD CLA ZH . -49.63 102.45 -14.60
O1D CLA ZH . -49.23 101.37 -14.13
O2D CLA ZH . -48.71 103.35 -15.02
CED CLA ZH . -49.03 104.19 -16.14
C1 CLA ZH . -55.29 104.97 -13.61
C2 CLA ZH . -55.98 104.46 -12.41
C3 CLA ZH . -56.65 105.26 -11.55
C4 CLA ZH . -56.75 106.73 -11.75
C5 CLA ZH . -57.34 104.70 -10.36
MG CLA AI . -49.10 96.84 -2.91
CHA CLA AI . -49.43 95.61 -6.15
CHB CLA AI . -51.99 98.59 -3.30
CHC CLA AI . -48.93 97.71 0.40
CHD CLA AI . -46.09 95.03 -2.59
NA CLA AI . -50.44 97.09 -4.49
C1A CLA AI . -50.41 96.48 -5.75
C2A CLA AI . -51.59 96.93 -6.59
C3A CLA AI . -52.19 98.09 -5.78
C4A CLA AI . -51.52 97.93 -4.41
CMA CLA AI . -51.79 99.38 -6.44
CAA CLA AI . -52.58 95.80 -6.74
CBA CLA AI . -53.91 96.35 -7.21
CGA CLA AI . -54.70 95.26 -7.84
O1A CLA AI . -54.37 94.49 -8.74
O2A CLA AI . -55.97 95.15 -7.32
NB CLA AI . -50.23 97.97 -1.69
C1B CLA AI . -51.43 98.51 -2.01
C2B CLA AI . -52.09 99.03 -0.78
C3B CLA AI . -51.23 98.79 0.26
C4B CLA AI . -50.03 98.12 -0.30
CMB CLA AI . -53.39 99.69 -0.76
CAB CLA AI . -51.36 99.11 1.65
CBB CLA AI . -50.55 99.92 2.33
NC CLA AI . -47.72 96.49 -1.40
C1C CLA AI . -47.84 96.96 -0.12
C2C CLA AI . -46.69 96.54 0.68
C3C CLA AI . -45.89 95.76 -0.15
C4C CLA AI . -46.55 95.74 -1.46
CMC CLA AI . -46.46 96.86 2.09
CAC CLA AI . -44.62 95.12 0.20
CBC CLA AI . -44.78 93.66 0.55
ND CLA AI . -47.93 95.69 -4.08
C1D CLA AI . -46.73 94.99 -3.80
C2D CLA AI . -46.35 94.21 -5.01
C3D CLA AI . -47.36 94.39 -5.93
C4D CLA AI . -48.32 95.31 -5.29
CMD CLA AI . -45.14 93.39 -5.11
CAD CLA AI . -47.84 94.08 -7.25
OBD CLA AI . -47.34 93.38 -8.13
CBD CLA AI . -49.21 94.81 -7.43
CGD CLA AI . -49.24 95.55 -8.75
O1D CLA AI . -48.84 95.13 -9.83
O2D CLA AI . -49.81 96.78 -8.73
CED CLA AI . -50.66 97.10 -9.83
MG CLA BI . -46.60 86.57 -9.71
CHA CLA BI . -47.12 83.42 -11.02
CHB CLA BI . -49.01 86.03 -7.39
CHC CLA BI . -46.24 89.83 -8.66
CHD CLA BI . -43.99 87.05 -12.07
NA CLA BI . -47.83 84.96 -9.27
C1A CLA BI . -47.92 83.73 -9.95
C2A CLA BI . -48.95 82.82 -9.28
C3A CLA BI . -49.41 83.63 -8.06
C4A CLA BI . -48.72 84.97 -8.23
CMA CLA BI . -50.91 83.80 -7.97
CAA CLA BI . -48.28 81.54 -8.81
CBA CLA BI . -49.18 80.71 -7.92
CGA CLA BI . -50.01 79.79 -8.75
O1A CLA BI . -49.68 79.15 -9.75
O2A CLA BI . -51.29 79.67 -8.29
NB CLA BI . -47.46 87.71 -8.30
C1B CLA BI . -48.43 87.31 -7.46
C2B CLA BI . -48.84 88.43 -6.56
C3B CLA BI . -48.05 89.51 -6.91
C4B CLA BI . -47.17 89.06 -8.03
CMB CLA BI . -49.87 88.28 -5.55
CAB CLA BI . -47.99 90.86 -6.41
CBB CLA BI . -48.54 91.33 -5.30
NC CLA BI . -45.33 88.13 -10.26
C1C CLA BI . -45.37 89.39 -9.70
C2C CLA BI . -44.39 90.24 -10.34
C3C CLA BI . -43.73 89.46 -11.28
C4C CLA BI . -44.33 88.14 -11.23
CMC CLA BI . -44.15 91.65 -10.00
CAC CLA BI . -42.64 89.89 -12.18
CBC CLA BI . -43.16 90.45 -13.47
ND CLA BI . -45.68 85.52 -11.16
C1D CLA BI . -44.61 85.82 -12.04
C2D CLA BI . -44.36 84.66 -12.92
C3D CLA BI . -45.35 83.75 -12.63
C4D CLA BI . -46.13 84.32 -11.51
CMD CLA BI . -43.31 84.58 -13.92
CAD CLA BI . -45.89 82.43 -12.91
OBD CLA BI . -45.55 81.62 -13.75
CBD CLA BI . -47.06 82.21 -11.91
CGD CLA BI . -48.38 82.08 -12.59
O1D CLA BI . -49.26 82.93 -12.66
O2D CLA BI . -48.59 80.88 -13.20
CED CLA BI . -49.96 80.49 -13.36
C1 CLA BI . -52.26 80.56 -8.86
C2 CLA BI . -53.38 80.65 -7.89
C3 CLA BI . -54.46 81.42 -8.09
C4 CLA BI . -54.62 82.23 -9.32
C5 CLA BI . -55.56 81.48 -7.09
MG CLA CI . -55.75 82.50 7.01
CHA CLA CI . -58.95 81.48 6.18
CHB CLA CI . -56.47 85.65 5.97
CHC CLA CI . -52.55 83.44 7.82
CHD CLA CI . -55.04 79.21 8.08
NA CLA CI . -57.45 83.40 6.23
C1A CLA CI . -58.69 82.81 5.96
C2A CLA CI . -59.67 83.85 5.39
C3A CLA CI . -58.85 85.16 5.39
C4A CLA CI . -57.49 84.72 5.91
CMA CLA CI . -58.75 85.74 4.01
CAA CLA CI . -60.89 83.98 6.27
CBA CLA CI . -60.63 84.87 7.47
CGA CLA CI . -61.93 85.37 8.01
O1A CLA CI . -62.85 84.72 8.51
O2A CLA CI . -62.07 86.72 7.92
NB CLA CI . -54.71 84.21 6.92
C1B CLA CI . -55.17 85.38 6.42
C2B CLA CI . -54.08 86.40 6.41
C3B CLA CI . -52.97 85.79 6.93
C4B CLA CI . -53.36 84.39 7.27
CMB CLA CI . -54.28 87.77 5.93
CAB CLA CI . -51.64 86.28 7.18
CBB CLA CI . -51.34 87.52 7.57
NC CLA CI . -54.11 81.50 7.84
C1C CLA CI . -52.91 82.10 8.10
C2C CLA CI . -52.00 81.11 8.69
C3C CLA CI . -52.70 79.91 8.73
C4C CLA CI . -54.03 80.16 8.20
CMC CLA CI . -50.63 81.40 9.11
CAC CLA CI . -52.20 78.64 9.26
CBC CLA CI . -52.72 78.36 10.65
ND CLA CI . -56.72 80.74 7.18
C1D CLA CI . -56.30 79.45 7.60
C2D CLA CI . -57.42 78.52 7.45
C3D CLA CI . -58.46 79.24 6.91
C4D CLA CI . -57.97 80.62 6.75
CMD CLA CI . -57.37 77.10 7.79
CAD CLA CI . -59.84 79.21 6.47
OBD CLA CI . -60.65 78.29 6.48
CBD CLA CI . -60.17 80.63 5.92
CGD CLA CI . -60.45 80.51 4.45
O1D CLA CI . -60.61 79.47 3.81
O2D CLA CI . -60.53 81.68 3.77
CED CLA CI . -59.68 81.83 2.63
C1 CLA CI . -63.36 87.26 8.31
MG CLA DI . -67.28 81.67 -0.24
CHA CLA DI . -64.49 82.94 1.35
CHB CLA DI . -66.51 83.47 -3.01
CHC CLA DI . -70.07 80.36 -1.77
CHD CLA DI . -68.07 79.86 2.69
NA CLA DI . -65.73 82.99 -0.72
C1A CLA DI . -64.67 83.39 0.08
C2A CLA DI . -63.76 84.38 -0.65
C3A CLA DI . -64.48 84.58 -2.00
C4A CLA DI . -65.67 83.61 -1.93
CMA CLA DI . -64.94 86.00 -2.19
CAA CLA DI . -62.37 83.84 -0.87
CBA CLA DI . -61.41 84.91 -1.33
CGA CLA DI . -60.10 84.27 -1.69
O1A CLA DI . -59.89 83.09 -1.96
O2A CLA DI . -59.03 85.13 -1.71
NB CLA DI . -68.19 81.95 -2.02
C1B CLA DI . -67.62 82.61 -3.06
C2B CLA DI . -68.35 82.27 -4.31
C3B CLA DI . -69.35 81.40 -3.98
C4B CLA DI . -69.26 81.18 -2.50
CMB CLA DI . -67.98 82.81 -5.62
CAB CLA DI . -70.33 80.74 -4.80
CBB CLA DI . -70.33 79.43 -5.06
NC CLA DI . -68.79 80.35 0.36
C1C CLA DI . -69.84 79.97 -0.43
C2C CLA DI . -70.71 79.06 0.31
C3C CLA DI . -70.14 78.90 1.56
C4C CLA DI . -68.93 79.72 1.59
CMC CLA DI . -71.93 78.46 -0.23
CAC CLA DI . -70.65 78.07 2.66
CBC CLA DI . -70.33 76.61 2.47
ND CLA DI . -66.46 81.32 1.57
C1D CLA DI . -66.93 80.61 2.70
C2D CLA DI . -65.98 80.81 3.81
C3D CLA DI . -65.01 81.67 3.34
C4D CLA DI . -65.38 82.00 1.95
CMD CLA DI . -66.09 80.17 5.11
CAD CLA DI . -63.79 82.39 3.64
OBD CLA DI . -63.10 82.37 4.65
CBD CLA DI . -63.46 83.28 2.40
CGD CLA DI . -63.51 84.73 2.77
O1D CLA DI . -64.51 85.44 2.84
O2D CLA DI . -62.30 85.28 3.01
CED CLA DI . -61.81 86.22 2.07
C1 CLA DI . -57.88 84.66 -2.45
C2 CLA DI . -56.69 85.41 -1.97
C3 CLA DI . -55.44 85.02 -2.18
C4 CLA DI . -55.12 83.78 -2.93
C5 CLA DI . -54.28 85.81 -1.67
MG CLA EI . -53.78 61.84 3.26
CHA CLA EI . -54.16 59.72 0.55
CHB CLA EI . -56.94 61.08 4.27
CHC CLA EI . -53.27 63.74 6.07
CHD CLA EI . -50.49 62.52 2.22
NA CLA EI . -55.31 60.66 2.47
C1A CLA EI . -55.26 59.83 1.34
C2A CLA EI . -56.61 59.15 1.11
C3A CLA EI . -57.52 59.78 2.19
C4A CLA EI . -56.54 60.57 3.05
CMA CLA EI . -58.58 60.66 1.58
CAA CLA EI . -56.49 57.65 1.29
CBA CLA EI . -55.57 57.27 2.43
CGA CLA EI . -56.31 57.34 3.71
O1A CLA EI . -57.34 56.74 4.03
O2A CLA EI . -55.75 58.20 4.62
NB CLA EI . -54.90 62.34 4.85
C1B CLA EI . -56.12 61.83 5.14
C2B CLA EI . -56.52 62.22 6.53
C3B CLA EI . -55.49 62.96 7.04
C4B CLA EI . -54.45 63.07 5.98
CMB CLA EI . -57.79 61.83 7.13
CAB CLA EI . -55.39 63.59 8.32
CBB CLA EI . -54.40 63.40 9.20
NC CLA EI . -52.20 63.00 3.95
C1C CLA EI . -52.22 63.73 5.11
C2C CLA EI . -50.97 64.44 5.27
C3C CLA EI . -50.15 64.05 4.21
C4C CLA EI . -50.93 63.14 3.39
CMC CLA EI . -50.66 65.34 6.38
CAC CLA EI . -48.77 64.48 3.95
CBC CLA EI . -48.70 65.87 3.37
ND CLA EI . -52.61 61.42 1.67
C1D CLA EI . -51.25 61.71 1.41
C2D CLA EI . -50.85 61.00 0.18
C3D CLA EI . -51.92 60.23 -0.19
C4D CLA EI . -52.99 60.50 0.79
CMD CLA EI . -49.53 61.13 -0.45
CAD CLA EI . -52.47 59.31 -1.17
OBD CLA EI . -51.99 58.93 -2.24
CBD CLA EI . -53.85 58.85 -0.64
CGD CLA EI . -54.92 58.86 -1.69
O1D CLA EI . -55.61 57.90 -2.07
O2D CLA EI . -55.13 60.06 -2.28
CED CLA EI . -55.34 60.04 -3.69
C1 CLA EI . -54.32 58.32 4.62
C2 CLA EI . -53.89 58.30 6.03
C3 CLA EI . -52.60 58.37 6.40
C4 CLA EI . -51.49 58.47 5.42
C5 CLA EI . -52.24 58.35 7.84
MG CLA FI . -56.02 67.08 -4.51
CHA CLA FI . -58.90 65.89 -6.04
CHB CLA FI . -55.18 63.92 -3.62
CHC CLA FI . -53.09 68.30 -3.19
CHD CLA FI . -56.92 70.35 -5.50
NA CLA FI . -56.95 65.22 -4.77
C1A CLA FI . -58.14 64.93 -5.44
C2A CLA FI . -58.44 63.44 -5.38
C3A CLA FI . -57.35 62.89 -4.43
C4A CLA FI . -56.41 64.08 -4.25
CMA CLA FI . -57.94 62.49 -3.09
CAA CLA FI . -58.38 62.80 -6.75
CBA CLA FI . -57.32 61.73 -6.84
CGA CLA FI . -56.03 62.34 -7.30
O1A CLA FI . -54.91 61.83 -7.34
O2A CLA FI . -56.18 63.62 -7.73
NB CLA FI . -54.48 66.27 -3.51
C1B CLA FI . -54.24 64.94 -3.39
C2B CLA FI . -52.85 64.71 -2.94
C3B CLA FI . -52.25 65.94 -2.81
C4B CLA FI . -53.29 66.96 -3.17
CMB CLA FI . -52.30 63.37 -2.71
CAB CLA FI . -50.93 66.31 -2.42
CBB CLA FI . -49.80 65.75 -2.89
NC CLA FI . -55.19 68.98 -4.34
C1C CLA FI . -54.00 69.25 -3.75
C2C CLA FI . -53.72 70.68 -3.80
C3C CLA FI . -54.80 71.26 -4.48
C4C CLA FI . -55.71 70.18 -4.81
CMC CLA FI . -52.54 71.33 -3.26
CAC CLA FI . -55.00 72.67 -4.82
CBC CLA FI . -54.34 73.02 -6.13
ND CLA FI . -57.53 67.97 -5.51
C1D CLA FI . -57.78 69.32 -5.84
C2D CLA FI . -59.05 69.42 -6.58
C3D CLA FI . -59.52 68.13 -6.70
C4D CLA FI . -58.53 67.26 -6.01
CMD CLA FI . -59.62 70.67 -7.07
CAD CLA FI . -60.56 67.27 -7.21
OBD CLA FI . -61.57 67.56 -7.84
CBD CLA FI . -60.20 65.81 -6.79
CGD CLA FI . -61.26 65.19 -5.94
O1D CLA FI . -61.94 65.72 -5.06
O2D CLA FI . -61.47 63.87 -6.21
CED CLA FI . -61.98 63.06 -5.15
C1 CLA FI . -55.36 64.02 -8.85
C2 CLA FI . -55.75 63.17 -10.00
C3 CLA FI . -55.16 63.24 -11.20
C4 CLA FI . -54.05 64.19 -11.48
C5 CLA FI . -55.58 62.36 -12.31
MG CLA GI . -38.66 73.86 2.32
CHA CLA GI . -35.44 74.30 3.53
CHB CLA GI . -37.44 73.56 -0.82
CHC CLA GI . -41.86 73.33 1.20
CHD CLA GI . -39.88 74.13 5.63
NA CLA GI . -36.74 73.93 1.52
C1A CLA GI . -35.53 74.10 2.18
C2A CLA GI . -34.35 74.08 1.21
C3A CLA GI . -35.03 73.88 -0.16
C4A CLA GI . -36.51 73.78 0.18
CMA CLA GI . -34.75 75.03 -1.08
CAA CLA GI . -33.48 72.89 1.50
CBA CLA GI . -34.18 71.60 1.17
CGA CLA GI . -34.03 70.61 2.27
O1A CLA GI . -34.25 69.40 2.26
O2A CLA GI . -33.57 71.17 3.43
NB CLA GI . -39.48 73.43 0.55
C1B CLA GI . -38.82 73.46 -0.63
C2B CLA GI . -39.80 73.39 -1.76
C3B CLA GI . -41.05 73.32 -1.19
C4B CLA GI . -40.86 73.35 0.28
CMB CLA GI . -39.38 73.41 -3.16
CAB CLA GI . -42.36 73.26 -1.77
CBB CLA GI . -42.67 72.71 -2.95
NC CLA GI . -40.52 73.76 3.25
C1C CLA GI . -41.70 73.53 2.60
C2C CLA GI . -42.79 73.50 3.55
C3C CLA GI . -42.24 73.73 4.80
C4C CLA GI . -40.81 73.88 4.60
CMC CLA GI . -44.20 73.27 3.20
CAC CLA GI . -42.96 73.77 6.08
CBC CLA GI . -43.15 72.39 6.65
ND CLA GI . -37.92 74.28 4.16
C1D CLA GI . -38.52 74.32 5.44
C2D CLA GI . -37.49 74.58 6.45
C3D CLA GI . -36.28 74.61 5.77
C4D CLA GI . -36.61 74.38 4.35
CMD CLA GI . -37.75 74.77 7.88
CAD CLA GI . -34.85 74.80 5.87
OBD CLA GI . -34.18 75.14 6.82
CBD CLA GI . -34.27 74.50 4.45
CGD CLA GI . -33.38 75.60 3.98
O1D CLA GI . -33.71 76.69 3.50
O2D CLA GI . -32.05 75.33 4.10
CED CLA GI . -31.38 75.82 5.26
C1 CLA GI . -34.31 70.84 4.62
C2 CLA GI . -33.44 71.10 5.80
C3 CLA GI . -33.84 70.89 7.07
C4 CLA GI . -35.20 70.40 7.38
C5 CLA GI . -32.93 71.15 8.21
MG CLA HI . -49.48 100.39 9.52
CHA CLA HI . -48.08 103.35 8.40
CHB CLA HI . -49.82 101.73 12.62
CHC CLA HI . -51.03 97.50 10.53
CHD CLA HI . -49.05 99.01 6.29
NA CLA HI . -48.99 102.24 10.35
C1A CLA HI . -48.44 103.36 9.71
C2A CLA HI . -48.23 104.51 10.69
C3A CLA HI . -48.62 103.89 12.05
C4A CLA HI . -49.21 102.53 11.67
CMA CLA HI . -47.41 103.74 12.94
CAA CLA HI . -49.15 105.67 10.33
CBA CLA HI . -50.19 105.93 11.39
CGA CLA HI . -51.46 105.22 11.05
O1A CLA HI . -52.61 105.48 11.43
O2A CLA HI . -51.28 104.16 10.22
NB CLA HI . -50.23 99.72 11.25
C1B CLA HI . -50.38 100.47 12.39
C2B CLA HI . -51.21 99.73 13.37
C3B CLA HI . -51.56 98.53 12.79
C4B CLA HI . -50.94 98.51 11.43
CMB CLA HI . -51.55 100.25 14.69
CAB CLA HI . -52.36 97.45 13.29
CBB CLA HI . -53.49 97.03 12.73
NC CLA HI . -49.91 98.58 8.59
C1C CLA HI . -50.54 97.53 9.19
C2C CLA HI . -50.67 96.41 8.27
C3C CLA HI . -50.13 96.85 7.06
C4C CLA HI . -49.65 98.20 7.27
CMC CLA HI . -51.29 95.13 8.59
CAC CLA HI . -50.04 96.08 5.81
CBC CLA HI . -48.86 95.15 5.82
ND CLA HI . -48.74 100.98 7.73
C1D CLA HI . -48.61 100.31 6.49
C2D CLA HI . -47.98 101.23 5.51
C3D CLA HI . -47.78 102.42 6.19
C4D CLA HI . -48.26 102.20 7.56
CMD CLA HI . -47.67 100.90 4.13
CAD CLA HI . -47.25 103.76 6.12
OBD CLA HI . -46.74 104.34 5.16
CBD CLA HI . -47.45 104.41 7.52
CGD CLA HI . -46.16 104.86 8.14
O1D CLA HI . -45.98 105.84 8.87
O2D CLA HI . -45.09 104.08 7.85
CED CLA HI . -43.96 104.16 8.72
MG CLA II . -53.53 101.80 19.37
CHA CLA II . -51.20 103.90 17.93
CHB CLA II . -51.98 102.15 22.37
CHC CLA II . -55.92 99.77 20.77
CHD CLA II . -55.10 101.46 16.23
NA CLA II . -51.86 102.86 20.02
C1A CLA II . -51.02 103.69 19.27
C2A CLA II . -49.90 104.28 20.13
C3A CLA II . -50.12 103.61 21.50
C4A CLA II . -51.42 102.83 21.31
CMA CLA II . -48.96 102.72 21.89
CAA CLA II . -49.98 105.79 20.24
CBA CLA II . -51.39 106.33 20.10
CGA CLA II . -51.40 107.45 19.10
O1A CLA II . -50.80 108.53 19.14
O2A CLA II . -52.18 107.18 18.01
NB CLA II . -53.82 101.01 21.19
C1B CLA II . -53.18 101.41 22.32
C2B CLA II . -53.92 100.96 23.52
C3B CLA II . -55.03 100.29 23.08
C4B CLA II . -54.98 100.31 21.60
CMB CLA II . -53.47 101.24 24.88
CAB CLA II . -56.10 99.66 23.81
CBB CLA II . -56.81 100.26 24.77
NC CLA II . -55.18 100.79 18.63
C1C CLA II . -56.02 99.99 19.37
C2C CLA II . -57.06 99.42 18.53
C3C CLA II . -56.83 99.92 17.25
C4C CLA II . -55.66 100.77 17.31
CMC CLA II . -58.11 98.53 18.99
CAC CLA II . -57.62 99.64 16.04
CBC CLA II . -58.62 100.75 15.76
ND CLA II . -53.33 102.55 17.52
C1D CLA II . -54.01 102.30 16.30
C2D CLA II . -53.37 103.05 15.21
C3D CLA II . -52.29 103.70 15.79
C4D CLA II . -52.30 103.33 17.21
CMD CLA II . -53.83 103.07 13.83
CAD CLA II . -51.18 104.59 15.57
OBD CLA II . -50.83 105.17 14.55
CBD CLA II . -50.41 104.70 16.92
CGD CLA II . -49.02 104.16 16.78
O1D CLA II . -48.60 103.38 15.92
O2D CLA II . -48.14 104.61 17.71
CED CLA II . -46.76 104.32 17.49
C1 CLA II . -52.26 108.21 16.99
C2 CLA II . -51.10 108.03 16.09
C3 CLA II . -51.05 108.52 14.85
C4 CLA II . -52.18 109.29 14.27
MG CLA JI . -62.49 92.64 31.38
CHA CLA JI . -59.33 93.74 30.47
CHB CLA JI . -61.10 90.55 33.63
CHC CLA JI . -65.61 91.43 32.05
CHD CLA JI . -63.87 94.72 28.89
NA CLA JI . -60.52 92.27 31.99
C1A CLA JI . -59.34 92.83 31.50
C2A CLA JI . -58.13 92.26 32.25
C3A CLA JI . -58.78 91.52 33.43
C4A CLA JI . -60.23 91.42 33.00
CMA CLA JI . -58.17 90.16 33.65
CAA CLA JI . -57.15 93.31 32.75
CBA CLA JI . -57.79 94.40 33.58
CGA CLA JI . -56.69 95.17 34.24
O1A CLA JI . -55.61 94.76 34.67
O2A CLA JI . -56.97 96.50 34.39
NB CLA JI . -63.24 91.37 32.76
C1B CLA JI . -62.45 90.40 33.30
C2B CLA JI . -63.19 89.13 33.43
C3B CLA JI . -64.46 89.35 33.00
C4B CLA JI . -64.53 90.79 32.59
CMB CLA JI . -62.59 87.90 33.96
CAB CLA JI . -65.56 88.40 32.95
CBB CLA JI . -66.86 88.64 33.12
NC CLA JI . -64.40 93.09 30.69
C1C CLA JI . -65.54 92.54 31.17
C2C CLA JI . -66.71 93.15 30.54
C3C CLA JI . -66.20 93.99 29.54
C4C CLA JI . -64.76 93.96 29.65
CMC CLA JI . -68.09 92.84 30.85
CAC CLA JI . -66.99 94.85 28.62
CBC CLA JI . -66.75 96.33 28.84
ND CLA JI . -61.83 93.91 29.98
C1D CLA JI . -62.50 94.70 29.00
C2D CLA JI . -61.51 95.49 28.25
C3D CLA JI . -60.29 95.16 28.78
C4D CLA JI . -60.53 94.18 29.84
CMD CLA JI . -61.83 96.43 27.18
CAD CLA JI . -58.87 95.43 28.75
OBD CLA JI . -58.27 96.26 28.09
CBD CLA JI . -58.21 94.47 29.78
CGD CLA JI . -57.32 93.47 29.11
O1D CLA JI . -56.11 93.28 29.30
O2D CLA JI . -57.96 92.69 28.20
CED CLA JI . -58.18 91.31 28.50
C1 CLA JI . -56.15 97.42 33.64
C2 CLA JI . -56.95 97.78 32.45
C3 CLA JI . -56.67 98.84 31.67
C4 CLA JI . -55.52 99.73 31.94
C5 CLA JI . -57.51 99.15 30.48
MG CLA KI . -68.81 85.92 37.73
CHA CLA KI . -71.92 85.55 39.18
CHB CLA KI . -69.78 88.88 36.40
CHC CLA KI . -65.61 86.42 36.66
CHD CLA KI . -67.86 82.76 39.03
NA CLA KI . -70.60 86.98 37.74
C1A CLA KI . -71.78 86.67 38.42
C2A CLA KI . -72.84 87.73 38.13
C3A CLA KI . -72.22 88.54 36.96
C4A CLA KI . -70.76 88.14 37.03
CMA CLA KI . -72.85 88.17 35.63
CAA CLA KI . -73.13 88.62 39.34
CBA CLA KI . -74.62 88.85 39.53
CGA CLA KI . -75.36 89.07 38.24
O1A CLA KI . -75.65 88.24 37.37
O2A CLA KI . -75.75 90.36 38.03
NB CLA KI . -67.89 87.34 36.63
C1B CLA KI . -68.41 88.57 36.42
C2B CLA KI . -67.32 89.57 36.22
C3B CLA KI . -66.12 88.88 36.29
C4B CLA KI . -66.48 87.44 36.52
CMB CLA KI . -67.59 90.97 35.95
CAB CLA KI . -64.76 89.30 36.17
CBB CLA KI . -64.31 90.56 36.13
NC CLA KI . -67.08 84.74 37.74
C1C CLA KI . -65.90 85.13 37.19
C2C CLA KI . -64.90 84.07 37.34
C3C CLA KI . -65.52 83.05 38.07
C4C CLA KI . -66.89 83.48 38.30
CMC CLA KI . -63.52 84.18 36.86
CAC CLA KI . -64.92 81.77 38.50
CBC CLA KI . -64.51 80.87 37.36
ND CLA KI . -69.64 84.44 38.81
C1D CLA KI . -69.14 83.20 39.29
C2D CLA KI . -70.17 82.56 40.12
C3D CLA KI . -71.24 83.44 40.16
C4D CLA KI . -70.87 84.59 39.30
CMD CLA KI . -70.01 81.28 40.79
CAD CLA KI . -72.56 83.70 40.68
OBD CLA KI . -73.23 83.05 41.49
CBD CLA KI . -73.06 85.02 40.02
CGD CLA KI . -74.23 84.64 39.18
O1D CLA KI . -74.77 83.53 39.18
O2D CLA KI . -74.71 85.59 38.35
CED CLA KI . -74.80 85.24 36.96
C1 CLA KI . -76.29 90.64 36.72
C2 CLA KI . -77.09 91.89 36.82
C3 CLA KI . -77.85 92.33 35.81
C4 CLA KI . -78.65 93.58 35.90
C5 CLA KI . -77.95 91.58 34.52
MG CLA LI . -73.16 87.79 -0.88
CHA CLA LI . -75.19 86.95 -3.55
CHB CLA LI . -71.38 84.93 -1.34
CHC CLA LI . -71.13 88.69 1.74
CHD CLA LI . -75.12 90.67 -0.35
NA CLA LI . -73.28 86.20 -2.24
C1A CLA LI . -74.20 86.04 -3.28
C2A CLA LI . -73.95 84.72 -4.03
C3A CLA LI . -72.74 84.10 -3.28
C4A CLA LI . -72.43 85.14 -2.20
CMA CLA LI . -73.06 82.76 -2.68
CAA CLA LI . -73.62 84.93 -5.49
CBA CLA LI . -74.66 84.34 -6.41
CGA CLA LI . -75.12 83.00 -5.93
O1A CLA LI . -74.44 82.04 -5.55
O2A CLA LI . -76.48 82.86 -5.94
NB CLA LI . -71.55 86.97 0.04
C1B CLA LI . -70.98 85.79 -0.30
C2B CLA LI . -69.82 85.54 0.59
C3B CLA LI . -69.72 86.58 1.46
C4B CLA LI . -70.84 87.52 1.13
CMB CLA LI . -68.98 84.35 0.47
CAB CLA LI . -68.73 86.75 2.51
CBB CLA LI . -68.75 87.62 3.52
NC CLA LI . -73.13 89.40 0.44
C1C CLA LI . -72.19 89.58 1.43
C2C CLA LI . -72.46 90.82 2.15
C3C CLA LI . -73.61 91.38 1.58
C4C CLA LI . -74.02 90.47 0.51
CMC CLA LI . -71.65 91.33 3.25
CAC CLA LI . -74.26 92.62 1.99
CBC CLA LI . -73.55 93.85 1.49
ND CLA LI . -74.75 88.68 -1.72
C1D CLA LI . -75.47 89.86 -1.39
C2D CLA LI . -76.58 90.02 -2.35
C3D CLA LI . -76.50 88.96 -3.22
C4D CLA LI . -75.36 88.13 -2.77
CMD CLA LI . -77.52 91.14 -2.34
CAD CLA LI . -77.09 88.29 -4.37
OBD CLA LI . -78.04 88.64 -5.08
CBD CLA LI . -76.29 86.97 -4.59
CGD CLA LI . -77.15 85.76 -4.51
O1D CLA LI . -77.84 85.25 -5.41
O2D CLA LI . -77.16 85.18 -3.28
CED CLA LI . -77.86 83.94 -3.15
MG CLA MI . -76.93 92.85 -7.23
CHA CLA MI . -77.66 91.65 -10.41
CHB CLA MI . -74.81 90.23 -6.73
CHC CLA MI . -76.12 94.15 -4.14
CHD CLA MI . -79.12 95.55 -7.79
NA CLA MI . -76.36 91.20 -8.39
C1A CLA MI . -76.77 90.88 -9.69
C2A CLA MI . -76.10 89.59 -10.16
C3A CLA MI . -75.28 89.13 -8.93
C4A CLA MI . -75.48 90.26 -7.93
CMA CLA MI . -75.74 87.80 -8.37
CAA CLA MI . -75.17 89.88 -11.33
CBA CLA MI . -73.82 90.40 -10.88
CGA CLA MI . -73.90 91.78 -10.35
O1A CLA MI . -74.51 92.76 -10.80
O2A CLA MI . -73.19 91.95 -9.19
NB CLA MI . -75.73 92.27 -5.71
C1B CLA MI . -74.89 91.21 -5.72
C2B CLA MI . -74.04 91.21 -4.52
C3B CLA MI . -74.40 92.32 -3.78
C4B CLA MI . -75.49 93.01 -4.52
CMB CLA MI . -73.02 90.18 -4.26
CAB CLA MI . -73.89 92.82 -2.53
CBB CLA MI . -72.61 92.84 -2.16
NC CLA MI . -77.54 94.52 -6.16
C1C CLA MI . -77.09 94.86 -4.91
C2C CLA MI . -77.73 96.09 -4.46
C3C CLA MI . -78.56 96.50 -5.50
C4C CLA MI . -78.44 95.51 -6.56
CMC CLA MI . -77.49 96.74 -3.17
CAC CLA MI . -79.42 97.69 -5.52
CBC CLA MI . -78.84 98.81 -6.37
ND CLA MI . -78.13 93.49 -8.70
C1D CLA MI . -78.99 94.63 -8.80
C2D CLA MI . -79.64 94.63 -10.13
C3D CLA MI . -79.16 93.51 -10.79
C4D CLA MI . -78.23 92.84 -9.85
CMD CLA MI . -80.59 95.63 -10.59
CAD CLA MI . -79.19 92.73 -12.01
OBD CLA MI . -79.83 92.94 -13.03
CBD CLA MI . -78.23 91.51 -11.81
CGD CLA MI . -78.92 90.19 -12.06
O1D CLA MI . -78.52 89.06 -11.75
O2D CLA MI . -80.10 90.27 -12.72
CED CLA MI . -80.52 89.13 -13.47
MG CLA NI . -67.01 79.68 8.99
CHA CLA NI . -69.62 81.84 8.28
CHB CLA NI . -64.86 82.29 9.10
CHC CLA NI . -64.45 77.48 9.65
CHD CLA NI . -69.27 76.95 8.78
NA CLA NI . -67.24 81.73 8.75
C1A CLA NI . -68.41 82.45 8.47
C2A CLA NI . -68.14 83.94 8.37
C3A CLA NI . -66.62 84.05 8.67
C4A CLA NI . -66.19 82.59 8.86
CMA CLA NI . -65.88 84.67 7.51
CAA CLA NI . -68.92 84.73 9.41
CBA CLA NI . -68.44 86.17 9.46
CGA CLA NI . -69.52 87.07 10.01
O1A CLA NI . -70.31 86.84 10.92
O2A CLA NI . -69.55 88.28 9.40
NB CLA NI . -65.05 79.86 9.40
C1B CLA NI . -64.33 81.00 9.28
C2B CLA NI . -62.88 80.71 9.36
C3B CLA NI . -62.76 79.35 9.51
C4B CLA NI . -64.14 78.79 9.54
CMB CLA NI . -61.87 81.77 9.25
CAB CLA NI . -61.61 78.48 9.62
CBB CLA NI . -60.32 78.86 9.69
NC CLA NI . -66.90 77.60 9.22
C1C CLA NI . -65.76 76.92 9.50
C2C CLA NI . -66.04 75.49 9.61
C3C CLA NI . -67.39 75.33 9.33
C4C CLA NI . -67.93 76.66 9.09
CMC CLA NI . -65.04 74.45 9.90
CAC CLA NI . -68.16 74.07 9.30
CBC CLA NI . -68.47 73.52 10.67
ND CLA NI . -68.97 79.38 8.60
C1D CLA NI . -69.77 78.22 8.55
C2D CLA NI . -71.17 78.60 8.22
C3D CLA NI . -71.16 79.97 8.11
C4D CLA NI . -69.78 80.41 8.35
CMD CLA NI . -72.27 77.67 8.06
CAD CLA NI . -71.95 81.16 7.82
OBD CLA NI . -73.13 81.25 7.52
CBD CLA NI . -70.99 82.38 7.96
CGD CLA NI . -70.94 83.19 6.69
O1D CLA NI . -70.57 84.35 6.55
O2D CLA NI . -71.36 82.51 5.59
CED CLA NI . -70.42 82.34 4.52
C1 CLA NI . -70.56 89.20 9.82
C2 CLA NI . -70.00 90.56 9.63
C3 CLA NI . -70.75 91.66 9.48
C4 CLA NI . -72.24 91.61 9.51
C5 CLA NI . -70.13 93.00 9.29
MG CLA OI . -66.78 89.28 17.57
CHA CLA OI . -68.98 87.62 15.49
CHB CLA OI . -64.16 88.13 15.71
CHC CLA OI . -64.66 91.06 19.57
CHD CLA OI . -69.53 90.45 19.44
NA CLA OI . -66.62 88.07 15.89
C1A CLA OI . -67.66 87.48 15.16
C2A CLA OI . -67.13 86.71 13.96
C3A CLA OI . -65.60 86.82 14.11
C4A CLA OI . -65.42 87.75 15.31
CMA CLA OI . -64.95 85.48 14.33
CAA CLA OI . -67.57 87.45 12.72
CBA CLA OI . -67.18 88.92 12.73
CGA CLA OI . -68.26 89.79 13.30
O1A CLA OI . -69.40 90.02 12.84
O2A CLA OI . -67.91 90.40 14.48
NB CLA OI . -64.79 89.54 17.63
C1B CLA OI . -63.89 88.98 16.80
C2B CLA OI . -62.51 89.39 17.19
C3B CLA OI . -62.64 90.22 18.27
C4B CLA OI . -64.10 90.33 18.58
CMB CLA OI . -61.32 88.94 16.48
CAB CLA OI . -61.63 90.91 19.03
CBB CLA OI . -60.69 91.69 18.49
NC CLA OI . -67.05 90.52 19.22
C1C CLA OI . -66.04 91.15 19.89
C2C CLA OI . -66.59 91.95 20.96
C3C CLA OI . -67.97 91.77 20.93
C4C CLA OI . -68.26 90.88 19.83
CMC CLA OI . -65.80 92.77 21.88
CAC CLA OI . -68.97 92.37 21.83
CBC CLA OI . -69.49 91.38 22.84
ND CLA OI . -68.80 89.09 17.55
C1D CLA OI . -69.80 89.63 18.38
C2D CLA OI . -71.11 89.14 17.90
C3D CLA OI . -70.86 88.37 16.79
C4D CLA OI . -69.40 88.38 16.62
CMD CLA OI . -72.40 89.47 18.52
CAD CLA OI . -71.43 87.54 15.74
OBD CLA OI . -72.59 87.25 15.53
CBD CLA OI . -70.23 87.06 14.86
CGD CLA OI . -70.13 85.57 14.77
O1D CLA OI . -69.37 84.85 15.41
O2D CLA OI . -70.98 85.01 13.87
CED CLA OI . -70.49 83.91 13.11
C1 CLA OI . -67.46 91.77 14.40
C2 CLA OI . -66.84 92.10 15.71
C3 CLA OI . -66.15 93.24 15.90
C4 CLA OI . -65.93 94.23 14.82
C5 CLA OI . -65.54 93.55 17.22
MG CLA PI . -57.15 91.00 12.81
CHA CLA PI . -59.76 88.97 11.78
CHB CLA PI . -55.03 89.29 10.79
CHC CLA PI . -54.58 92.97 13.93
CHD CLA PI . -59.40 92.77 14.88
NA CLA PI . -57.39 89.39 11.50
C1A CLA PI . -58.56 88.68 11.22
C2A CLA PI . -58.29 87.58 10.19
C3A CLA PI . -56.78 87.75 9.87
C4A CLA PI . -56.35 88.89 10.78
CMA CLA PI . -56.01 86.48 10.14
CAA CLA PI . -59.11 87.78 8.94
CBA CLA PI . -58.34 88.50 7.86
CGA CLA PI . -59.24 88.66 6.68
O1A CLA PI . -60.02 87.83 6.22
O2A CLA PI . -59.15 89.88 6.09
NB CLA PI . -55.18 91.10 12.45
C1B CLA PI . -54.50 90.34 11.57
C2B CLA PI . -53.07 90.74 11.54
C3B CLA PI . -52.94 91.78 12.42
C4B CLA PI . -54.28 92.02 13.02
CMB CLA PI . -52.09 90.11 10.68
CAB CLA PI . -51.76 92.53 12.77
CBB CLA PI . -51.66 93.86 12.77
NC CLA PI . -57.04 92.58 14.15
C1C CLA PI . -55.87 93.24 14.46
C2C CLA PI . -56.15 94.28 15.45
C3C CLA PI . -57.51 94.23 15.71
C4C CLA PI . -58.06 93.16 14.90
CMC CLA PI . -55.13 95.17 16.01
CAC CLA PI . -58.25 95.08 16.64
CBC CLA PI . -58.96 96.21 15.93
ND CLA PI . -59.12 90.96 13.25
C1D CLA PI . -59.92 91.75 14.12
C2D CLA PI . -61.31 91.28 14.05
C3D CLA PI . -61.31 90.21 13.19
C4D CLA PI . -59.92 90.05 12.71
CMD CLA PI . -62.43 91.86 14.79
CAD CLA PI . -62.11 89.19 12.52
OBD CLA PI . -63.31 88.98 12.62
CBD CLA PI . -61.14 88.35 11.64
CGD CLA PI . -61.14 86.93 12.10
O1D CLA PI . -61.63 86.49 13.15
O2D CLA PI . -60.54 86.06 11.25
CED CLA PI . -60.85 84.67 11.41
C1 CLA PI . -59.56 89.97 4.71
C2 CLA PI . -61.00 90.36 4.71
MG CLA QI . -21.88 51.64 14.51
CHA CLA QI . -20.29 49.29 12.54
CHB CLA QI . -23.46 52.88 11.77
CHC CLA QI . -23.49 53.89 16.53
CHD CLA QI . -20.18 50.35 17.33
NA CLA QI . -21.85 51.14 12.49
C1A CLA QI . -21.13 50.13 11.86
C2A CLA QI . -21.41 50.12 10.36
C3A CLA QI . -22.32 51.35 10.14
C4A CLA QI . -22.58 51.83 11.56
CMA CLA QI . -21.68 52.42 9.31
CAA CLA QI . -22.13 48.86 9.94
CBA CLA QI . -22.99 48.28 11.04
CGA CLA QI . -24.35 48.91 11.04
O1A CLA QI . -24.80 49.78 10.28
O2A CLA QI . -25.14 48.45 12.04
NB CLA QI . -23.17 53.16 14.19
C1B CLA QI . -23.78 53.43 13.02
C2B CLA QI . -24.87 54.42 13.23
C3B CLA QI . -24.88 54.70 14.56
C4B CLA QI . -23.80 53.91 15.21
CMB CLA QI . -25.73 54.91 12.16
CAB CLA QI . -25.74 55.59 15.29
CBB CLA QI . -25.33 56.71 15.90
NC CLA QI . -21.83 52.04 16.55
C1C CLA QI . -22.58 53.02 17.16
C2C CLA QI . -22.28 53.03 18.59
C3C CLA QI . -21.35 52.03 18.83
C4C CLA QI . -21.07 51.42 17.53
CMC CLA QI . -22.90 53.94 19.55
CAC CLA QI . -20.75 51.67 20.11
CBC CLA QI . -21.20 50.32 20.63
ND CLA QI . -20.60 50.14 14.93
C1D CLA QI . -19.94 49.74 16.12
C2D CLA QI . -19.04 48.61 15.82
C3D CLA QI . -19.16 48.37 14.47
C4D CLA QI . -20.11 49.38 13.96
CMD CLA QI . -18.24 47.90 16.81
CAD CLA QI . -18.75 47.55 13.35
OBD CLA QI . -18.04 46.56 13.34
CBD CLA QI . -19.40 48.17 12.08
CGD CLA QI . -18.34 48.68 11.16
O1D CLA QI . -17.22 49.10 11.47
O2D CLA QI . -18.69 48.67 9.85
CED CLA QI . -18.95 47.40 9.24
C1 CLA QI . -25.57 47.07 11.98
C2 CLA QI . -26.19 46.74 13.29
C3 CLA QI . -27.01 45.69 13.47
C4 CLA QI . -27.35 44.75 12.37
C5 CLA QI . -27.62 45.41 14.80
MG CLA RI . -37.23 56.22 15.73
CHA CLA RI . -36.49 58.14 12.95
CHB CLA RI . -40.22 55.38 14.34
CHC CLA RI . -37.86 54.23 18.44
CHD CLA RI . -34.09 57.08 17.10
NA CLA RI . -38.19 56.72 13.94
C1A CLA RI . -37.71 57.53 12.90
C2A CLA RI . -38.73 57.63 11.77
C3A CLA RI . -39.91 56.77 12.28
C4A CLA RI . -39.43 56.25 13.63
CMA CLA RI . -41.17 57.60 12.44
CAA CLA RI . -38.19 57.03 10.49
CBA CLA RI . -37.39 55.79 10.75
CGA CLA RI . -36.87 55.27 9.44
O1A CLA RI . -37.46 54.60 8.60
O2A CLA RI . -35.58 55.64 9.20
NB CLA RI . -38.73 55.01 16.26
C1B CLA RI . -39.89 54.83 15.59
C2B CLA RI . -40.80 53.95 16.37
C3B CLA RI . -40.15 53.63 17.52
C4B CLA RI . -38.82 54.30 17.48
CMB CLA RI . -42.13 53.59 15.90
CAB CLA RI . -40.58 52.81 18.62
CBB CLA RI . -40.76 53.26 19.86
NC CLA RI . -36.18 55.76 17.46
C1C CLA RI . -36.62 54.92 18.44
C2C CLA RI . -35.63 54.81 19.50
C3C CLA RI . -34.57 55.61 19.11
C4C CLA RI . -34.91 56.21 17.83
CMC CLA RI . -35.79 54.00 20.69
CAC CLA RI . -33.31 55.83 19.85
CBC CLA RI . -33.47 56.80 20.99
ND CLA RI . -35.68 57.41 15.26
C1D CLA RI . -34.43 57.65 15.89
C2D CLA RI . -33.64 58.57 15.06
C3D CLA RI . -34.38 58.79 13.92
C4D CLA RI . -35.63 58.03 14.08
CMD CLA RI . -32.32 59.08 15.42
CAD CLA RI . -34.46 59.48 12.66
OBD CLA RI . -33.66 60.28 12.17
CBD CLA RI . -35.77 59.02 11.96
CGD CLA RI . -36.62 60.18 11.53
O1D CLA RI . -37.79 60.41 11.82
O2D CLA RI . -35.97 61.06 10.72
CED CLA RI . -36.22 62.45 10.93
C1 CLA RI . -34.67 54.59 8.80
C2 CLA RI . -33.38 55.24 8.50
C3 CLA RI . -32.54 55.68 9.47
C4 CLA RI . -32.84 55.52 10.91
C5 CLA RI . -31.26 56.34 9.11
C1 PQN SI . -31.74 61.85 22.85
O1 PQN SI . -32.87 61.85 23.39
C2 PQN SI . -31.09 60.55 22.50
C2M PQN SI . -31.79 59.25 22.81
C3 PQN SI . -29.76 60.54 21.85
C4 PQN SI . -29.07 61.82 21.53
O4 PQN SI . -27.94 61.81 20.99
C5 PQN SI . -29.72 63.12 21.88
C6 PQN SI . -29.10 64.32 21.60
C7 PQN SI . -29.73 65.52 21.93
C8 PQN SI . -30.98 65.53 22.55
C9 PQN SI . -31.64 64.35 22.84
C10 PQN SI . -31.05 63.12 22.53
C11 PQN SI . -29.10 59.22 21.50
C12 PQN SI . -29.55 58.78 20.13
C13 PQN SI . -28.75 58.03 19.36
C14 PQN SI . -27.38 57.65 19.85
C15 PQN SI . -29.21 57.59 18.00
C16 PQN SI . -29.86 56.21 18.10
C17 PQN SI . -29.03 55.15 17.40
C18 PQN SI . -29.73 54.67 16.13
C19 PQN SI . -30.52 55.79 15.48
C20 PQN SI . -30.62 53.48 16.48
C21 PQN SI . -31.13 52.80 15.21
C22 PQN SI . -30.27 51.61 14.83
C23 PQN SI . -31.01 50.67 13.90
C24 PQN SI . -31.57 49.48 14.64
C25 PQN SI . -30.06 50.22 12.79
C26 PQN SI . -30.74 50.33 11.41
C27 PQN SI . -30.47 49.09 10.58
C28 PQN SI . -31.76 48.48 10.06
C29 PQN SI . -32.39 49.36 8.98
C30 PQN SI . -31.54 47.06 9.55
C1 BCR TI . -65.28 76.10 -31.46
C2 BCR TI . -65.45 74.60 -31.51
C3 BCR TI . -64.68 74.02 -32.65
C4 BCR TI . -63.21 74.27 -32.44
C5 BCR TI . -62.96 75.70 -32.16
C6 BCR TI . -63.88 76.55 -31.71
C7 BCR TI . -63.59 77.96 -31.45
C8 BCR TI . -62.97 78.38 -30.35
C9 BCR TI . -63.17 79.70 -29.79
C10 BCR TI . -62.12 80.52 -29.64
C11 BCR TI . -62.22 81.88 -29.16
C33 BCR TI . -61.57 76.12 -32.43
C31 BCR TI . -65.78 76.55 -30.10
C32 BCR TI . -66.17 76.69 -32.52
C34 BCR TI . -64.55 80.15 -29.53
C12 BCR TI . -61.18 82.70 -29.32
C13 BCR TI . -61.16 84.08 -28.88
C14 BCR TI . -60.06 84.81 -29.04
C15 BCR TI . -59.89 86.12 -28.47
C16 BCR TI . -58.92 86.96 -28.88
C17 BCR TI . -58.91 88.27 -28.32
C18 BCR TI . -58.04 89.26 -28.62
C19 BCR TI . -58.16 90.52 -27.92
C20 BCR TI . -57.31 91.53 -28.12
C21 BCR TI . -57.47 92.74 -27.33
C22 BCR TI . -56.82 93.88 -27.53
C23 BCR TI . -57.05 95.00 -26.62
C24 BCR TI . -57.68 96.13 -26.98
C25 BCR TI . -57.44 97.45 -26.41
C26 BCR TI . -57.88 97.78 -25.20
C27 BCR TI . -57.69 99.09 -24.53
C28 BCR TI . -56.59 99.89 -25.19
C29 BCR TI . -56.76 99.83 -26.68
C30 BCR TI . -56.71 98.43 -27.26
C35 BCR TI . -62.31 84.62 -28.14
C36 BCR TI . -57.05 89.12 -29.69
C37 BCR TI . -56.14 94.15 -28.81
C38 BCR TI . -58.61 96.86 -24.32
C39 BCR TI . -55.29 97.99 -27.49
C40 BCR TI . -57.35 98.54 -28.65
C1 BCR UI . -50.38 69.50 -29.75
C2 BCR UI . -49.34 68.71 -30.51
C3 BCR UI . -48.07 68.64 -29.73
C4 BCR UI . -48.30 67.89 -28.44
C5 BCR UI . -49.55 68.32 -27.77
C6 BCR UI . -50.51 69.05 -28.33
C7 BCR UI . -51.72 69.44 -27.62
C8 BCR UI . -51.77 70.49 -26.82
C9 BCR UI . -52.93 70.83 -26.00
C10 BCR UI . -52.73 71.28 -24.77
C11 BCR UI . -53.71 71.17 -23.71
C33 BCR UI . -49.65 67.84 -26.37
C31 BCR UI . -51.69 69.34 -30.49
C32 BCR UI . -49.96 70.95 -29.78
C34 BCR UI . -54.25 70.36 -26.45
C12 BCR UI . -53.29 70.93 -22.47
C13 BCR UI . -53.78 69.87 -21.63
C14 BCR UI . -54.22 70.17 -20.39
C15 BCR UI . -54.88 69.23 -19.53
C16 BCR UI . -55.19 69.57 -18.27
C17 BCR UI . -55.49 68.51 -17.34
C18 BCR UI . -55.43 68.61 -16.01
C19 BCR UI . -55.35 67.38 -15.24
C20 BCR UI . -54.58 67.27 -14.14
C21 BCR UI . -53.15 67.43 -14.27
C22 BCR UI . -52.30 67.52 -13.23
C23 BCR UI . -52.84 67.48 -11.88
C24 BCR UI . -52.38 68.24 -10.89
C25 BCR UI . -52.98 68.27 -9.56
C26 BCR UI . -54.12 68.94 -9.33
C27 BCR UI . -54.82 69.03 -8.04
C28 BCR UI . -54.46 67.84 -7.20
C29 BCR UI . -52.96 67.73 -7.12
C30 BCR UI . -52.31 67.52 -8.48
C35 BCR UI . -53.83 68.49 -22.13
C36 BCR UI . -55.46 69.89 -15.31
C37 BCR UI . -50.88 67.85 -13.44
C38 BCR UI . -54.82 69.70 -10.38
C39 BCR UI . -52.24 66.04 -8.82
C40 BCR UI . -50.87 67.98 -8.30
C1 BCR VI . -59.78 71.45 -36.88
C2 BCR VI . -59.52 72.89 -37.27
C3 BCR VI . -58.83 73.61 -36.15
C4 BCR VI . -57.49 73.00 -35.89
C5 BCR VI . -57.54 71.52 -35.85
C6 BCR VI . -58.58 70.80 -36.29
C7 BCR VI . -58.58 69.34 -36.23
C8 BCR VI . -59.03 68.68 -35.15
C9 BCR VI . -58.56 67.37 -34.76
C10 BCR VI . -59.22 66.71 -33.81
C11 BCR VI . -58.80 66.60 -32.44
C33 BCR VI . -56.35 70.89 -35.28
C31 BCR VI . -60.24 70.71 -38.12
C32 BCR VI . -60.90 71.47 -35.86
C34 BCR VI . -57.52 66.72 -35.59
C12 BCR VI . -57.77 67.34 -32.02
C13 BCR VI . -57.18 67.30 -30.69
C14 BCR VI . -57.81 66.60 -29.74
C15 BCR VI . -57.15 66.12 -28.55
C16 BCR VI . -57.84 65.92 -27.42
C17 BCR VI . -57.32 64.97 -26.46
C18 BCR VI . -56.65 65.27 -25.34
C19 BCR VI . -56.85 64.42 -24.18
C20 BCR VI . -56.06 64.44 -23.11
C21 BCR VI . -56.14 63.34 -22.18
C22 BCR VI . -55.56 63.27 -20.98
C23 BCR VI . -55.99 62.21 -20.07
C24 BCR VI . -55.47 62.03 -18.86
C25 BCR VI . -56.20 61.51 -17.71
C26 BCR VI . -56.40 60.20 -17.54
C27 BCR VI . -57.12 59.57 -16.41
C28 BCR VI . -57.18 60.49 -15.22
C29 BCR VI . -57.62 61.86 -15.68
C30 BCR VI . -56.73 62.50 -16.73
C35 BCR VI . -55.85 67.88 -30.46
C36 BCR VI . -55.49 66.18 -25.34
C37 BCR VI . -54.70 64.36 -20.48
C38 BCR VI . -55.89 59.19 -18.48
C39 BCR VI . -55.58 63.25 -16.10
C40 BCR VI . -57.61 63.54 -17.39
C1 BCR WI . -66.46 90.24 -2.39
C2 BCR WI . -67.95 90.09 -2.55
C3 BCR WI . -68.41 88.81 -1.91
C4 BCR WI . -68.15 88.87 -0.43
C5 BCR WI . -66.77 89.33 -0.14
C6 BCR WI . -65.99 89.94 -1.02
C7 BCR WI . -64.63 90.38 -0.68
C8 BCR WI . -63.59 89.55 -0.69
C9 BCR WI . -62.22 89.98 -0.46
C10 BCR WI . -61.36 89.13 0.11
C11 BCR WI . -59.93 89.17 -0.06
C33 BCR WI . -66.33 89.05 1.23
C31 BCR WI . -66.10 91.65 -2.80
C32 BCR WI . -65.81 89.27 -3.38
C34 BCR WI . -61.80 91.29 -1.00
C12 BCR WI . -59.13 89.16 1.01
C13 BCR WI . -57.87 88.47 1.09
C14 BCR WI . -56.81 89.09 1.65
C15 BCR WI . -55.45 88.67 1.46
C16 BCR WI . -54.82 87.88 2.35
C17 BCR WI . -53.42 87.63 2.15
C18 BCR WI . -52.64 86.77 2.82
C19 BCR WI . -51.22 87.05 2.87
C20 BCR WI . -50.31 86.22 3.40
C21 BCR WI . -49.05 86.79 3.83
C22 BCR WI . -47.85 86.48 3.34
C23 BCR WI . -46.75 87.40 3.55
C24 BCR WI . -45.47 87.02 3.47
C25 BCR WI . -44.32 87.92 3.49
C26 BCR WI . -43.85 88.41 4.63
C27 BCR WI . -42.68 89.32 4.77
C28 BCR WI . -41.80 89.29 3.55
C29 BCR WI . -42.67 89.37 2.32
C30 BCR WI . -43.68 88.25 2.19
C35 BCR WI . -57.82 87.03 0.78
C36 BCR WI . -53.11 85.44 3.24
C37 BCR WI . -47.55 85.12 2.84
C38 BCR WI . -44.44 88.10 5.94
C39 BCR WI . -43.06 87.01 1.59
C40 BCR WI . -44.71 88.75 1.17
C1 BCR XI . -46.63 48.25 8.16
C2 BCR XI . -47.96 47.67 7.71
C3 BCR XI . -48.88 47.57 8.88
C4 BCR XI . -49.18 48.93 9.43
C5 BCR XI . -47.96 49.77 9.55
C6 BCR XI . -46.79 49.48 8.98
C7 BCR XI . -45.62 50.34 9.12
C8 BCR XI . -44.81 50.24 10.18
C9 BCR XI . -43.49 50.83 10.25
C10 BCR XI . -42.81 50.76 11.40
C11 BCR XI . -41.54 51.35 11.67
C33 BCR XI . -48.15 50.99 10.36
C31 BCR XI . -45.81 48.53 6.91
C32 BCR XI . -45.93 47.18 8.97
C34 BCR XI . -42.89 51.37 9.02
C12 BCR XI . -41.07 51.26 12.91
C13 BCR XI . -39.83 51.82 13.40
C14 BCR XI . -39.42 51.48 14.63
C15 BCR XI . -38.15 51.85 15.20
C16 BCR XI . -37.52 50.99 16.01
C17 BCR XI . -36.51 51.49 16.92
C18 BCR XI . -35.51 50.78 17.45
C19 BCR XI . -34.88 51.28 18.65
C20 BCR XI . -33.83 50.67 19.22
C21 BCR XI . -33.16 51.34 20.32
C22 BCR XI . -31.89 51.13 20.70
C23 BCR XI . -31.25 52.15 21.53
C24 BCR XI . -30.10 51.94 22.16
C25 BCR XI . -29.07 52.94 22.39
C26 BCR XI . -28.09 53.13 21.51
C27 BCR XI . -26.98 54.09 21.63
C28 BCR XI . -27.21 55.08 22.74
C29 BCR XI . -27.81 54.40 23.93
C30 BCR XI . -29.13 53.72 23.65
C35 BCR XI . -38.94 52.56 12.48
C36 BCR XI . -34.87 49.68 16.71
C37 BCR XI . -31.06 50.12 20.05
C38 BCR XI . -27.99 52.35 20.26
C39 BCR XI . -30.26 54.73 23.59
C40 BCR XI . -29.40 52.84 24.84
C1 BCR YI . -48.45 91.05 6.43
C2 BCR YI . -48.07 91.28 7.88
C3 BCR YI . -46.58 91.16 8.04
C4 BCR YI . -45.89 92.25 7.25
C5 BCR YI . -46.48 92.41 5.90
C6 BCR YI . -47.64 91.88 5.51
C7 BCR YI . -48.17 92.09 4.16
C8 BCR YI . -47.86 91.30 3.14
C9 BCR YI . -48.41 91.45 1.81
C10 BCR YI . -49.20 92.50 1.56
C11 BCR YI . -49.98 92.66 0.36
C33 BCR YI . -45.67 93.24 5.00
C31 BCR YI . -49.92 91.35 6.30
C32 BCR YI . -48.22 89.58 6.13
C34 BCR YI . -48.17 90.39 0.82
C12 BCR YI . -51.21 92.14 0.34
C13 BCR YI . -52.38 92.79 -0.19
C14 BCR YI . -52.22 93.79 -1.07
C15 BCR YI . -53.33 94.41 -1.76
C16 BCR YI . -53.14 95.50 -2.53
C17 BCR YI . -54.13 95.80 -3.54
C18 BCR YI . -55.27 96.48 -3.37
C19 BCR YI . -56.17 96.63 -4.50
C20 BCR YI . -57.30 97.32 -4.44
C21 BCR YI . -58.02 97.60 -5.66
C22 BCR YI . -59.18 98.26 -5.75
C23 BCR YI . -59.97 98.15 -6.98
C24 BCR YI . -61.31 98.07 -6.95
C25 BCR YI . -62.19 98.32 -8.09
C26 BCR YI . -62.92 99.44 -8.17
C27 BCR YI . -63.86 99.79 -9.26
C28 BCR YI . -63.83 98.82 -10.40
C29 BCR YI . -63.59 97.42 -9.91
C30 BCR YI . -62.30 97.27 -9.13
C35 BCR YI . -53.70 92.52 0.41
C36 BCR YI . -55.60 97.16 -2.11
C37 BCR YI . -59.63 99.16 -4.67
C38 BCR YI . -62.84 100.49 -7.15
C39 BCR YI . -61.10 97.31 -10.07
C40 BCR YI . -62.34 95.87 -8.53
FE1 SF4 ZI . -12.22 77.94 24.29
FE2 SF4 ZI . -10.81 80.12 23.44
FE3 SF4 ZI . -13.52 80.28 23.75
FE4 SF4 ZI . -12.46 78.80 21.71
S1 SF4 ZI . -12.29 81.06 21.99
S2 SF4 ZI . -14.14 78.19 23.11
S3 SF4 ZI . -10.58 77.97 22.70
S4 SF4 ZI . -11.98 79.93 25.38
FE1 SF4 AJ . -9.09 90.21 26.39
FE2 SF4 AJ . -8.96 92.19 28.28
FE3 SF4 AJ . -11.39 91.22 27.49
FE4 SF4 AJ . -9.90 92.75 25.78
S1 SF4 AJ . -10.80 93.40 27.76
S2 SF4 AJ . -10.98 90.81 25.29
S3 SF4 AJ . -7.79 92.08 26.34
S4 SF4 AJ . -9.75 90.07 28.57
C1 BCR BJ . -67.99 94.94 36.77
C2 BCR BJ . -69.47 94.77 37.04
C3 BCR BJ . -69.78 93.33 37.30
C4 BCR BJ . -69.05 92.85 38.53
C5 BCR BJ . -67.62 93.27 38.51
C6 BCR BJ . -67.12 94.21 37.72
C7 BCR BJ . -65.70 94.59 37.77
C8 BCR BJ . -64.74 93.88 37.18
C9 BCR BJ . -63.34 94.23 37.29
C10 BCR BJ . -62.41 93.27 37.27
C11 BCR BJ . -61.00 93.49 37.50
C33 BCR BJ . -66.79 92.54 39.48
C31 BCR BJ . -67.71 96.42 36.85
C32 BCR BJ . -67.72 94.46 35.36
C34 BCR BJ . -63.00 95.64 37.56
C12 BCR BJ . -60.19 92.41 37.57
C13 BCR BJ . -58.75 92.45 37.46
C14 BCR BJ . -58.09 91.29 37.33
C15 BCR BJ . -56.72 91.19 36.90
C16 BCR BJ . -56.16 90.00 36.63
C17 BCR BJ . -54.86 90.00 36.01
C18 BCR BJ . -54.14 88.92 35.66
C19 BCR BJ . -52.93 89.13 34.89
C20 BCR BJ . -52.14 88.14 34.50
C21 BCR BJ . -50.96 88.45 33.72
C22 BCR BJ . -50.14 87.56 33.14
C23 BCR BJ . -48.91 88.03 32.52
C24 BCR BJ . -47.89 87.22 32.28
C25 BCR BJ . -46.85 87.42 31.28
C26 BCR BJ . -45.82 88.25 31.48
C27 BCR BJ . -44.72 88.52 30.55
C28 BCR BJ . -44.60 87.43 29.51
C29 BCR BJ . -45.96 87.10 28.96
C30 BCR BJ . -46.96 86.64 30.00
C35 BCR BJ . -58.06 93.73 37.24
C36 BCR BJ . -54.51 87.55 36.06
C37 BCR BJ . -50.54 86.15 32.97
C38 BCR BJ . -45.67 89.03 32.72
C39 BCR BJ . -46.81 85.16 30.29
C40 BCR BJ . -48.33 86.82 29.36
C1 BCR CJ . -55.30 105.10 29.68
C2 BCR CJ . -55.02 104.22 30.88
C3 BCR CJ . -56.31 103.67 31.41
C4 BCR CJ . -56.95 102.78 30.36
C5 BCR CJ . -56.87 103.35 29.00
C6 BCR CJ . -56.11 104.40 28.65
C7 BCR CJ . -56.07 104.91 27.28
C8 BCR CJ . -55.33 104.32 26.33
C9 BCR CJ . -55.34 104.73 24.94
C10 BCR CJ . -55.80 103.87 24.02
C11 BCR CJ . -55.89 104.14 22.60
C33 BCR CJ . -57.70 102.62 28.01
C31 BCR CJ . -53.95 105.55 29.14
C32 BCR CJ . -56.05 106.30 30.17
C34 BCR CJ . -54.55 105.92 24.56
C12 BCR CJ . -56.42 103.20 21.82
C13 BCR CJ . -57.15 103.46 20.60
C14 BCR CJ . -58.00 102.52 20.15
C15 BCR CJ . -59.28 102.80 19.57
C16 BCR CJ . -60.01 101.81 19.03
C17 BCR CJ . -61.41 101.74 19.38
C18 BCR CJ . -62.38 101.19 18.63
C19 BCR CJ . -63.57 100.69 19.30
C20 BCR CJ . -64.68 100.37 18.62
C21 BCR CJ . -65.87 100.01 19.34
C22 BCR CJ . -67.08 99.84 18.78
C23 BCR CJ . -68.06 98.99 19.45
C24 BCR CJ . -69.17 98.58 18.85
C25 BCR CJ . -70.32 97.94 19.49
C26 BCR CJ . -71.30 98.65 20.05
C27 BCR CJ . -72.50 98.11 20.71
C28 BCR CJ . -72.76 96.68 20.31
C29 BCR CJ . -71.48 95.90 20.37
C30 BCR CJ . -70.37 96.44 19.49
C35 BCR CJ . -57.21 104.83 20.06
C36 BCR CJ . -62.41 101.34 17.16
C37 BCR CJ . -67.37 100.33 17.42
C38 BCR CJ . -71.29 100.13 20.06
C39 BCR CJ . -70.50 95.96 18.06
C40 BCR CJ . -69.09 95.83 20.03
MG CLA DJ . -59.78 97.20 42.89
CHA CLA DJ . -60.07 100.52 43.86
CHB CLA DJ . -63.16 96.96 42.69
CHC CLA DJ . -59.43 93.95 41.79
CHD CLA DJ . -56.26 97.49 43.11
NA CLA DJ . -61.34 98.53 43.25
C1A CLA DJ . -61.24 99.88 43.63
C2A CLA DJ . -62.64 100.48 43.78
C3A CLA DJ . -63.59 99.30 43.49
C4A CLA DJ . -62.65 98.17 43.11
CMA CLA DJ . -64.44 98.94 44.68
CAA CLA DJ . -62.85 101.59 42.77
CBA CLA DJ . -64.08 102.41 43.14
CGA CLA DJ . -63.74 103.86 43.02
O1A CLA DJ . -62.89 104.50 43.63
O2A CLA DJ . -64.51 104.50 42.09
NB CLA DJ . -61.05 95.73 42.36
C1B CLA DJ . -62.40 95.85 42.32
C2B CLA DJ . -63.00 94.58 41.80
C3B CLA DJ . -61.95 93.73 41.55
C4B CLA DJ . -60.69 94.45 41.90
CMB CLA DJ . -64.44 94.42 41.66
CAB CLA DJ . -61.91 92.38 41.04
CBB CLA DJ . -62.95 91.64 40.64
NC CLA DJ . -58.14 95.95 42.54
C1C CLA DJ . -58.23 94.66 42.10
C2C CLA DJ . -56.90 94.10 41.96
C3C CLA DJ . -56.00 95.09 42.31
C4C CLA DJ . -56.79 96.26 42.69
CMC CLA DJ . -56.63 92.73 41.52
CAC CLA DJ . -54.53 94.99 42.34
CBC CLA DJ . -53.86 95.75 41.22
ND CLA DJ . -58.42 98.60 43.40
C1D CLA DJ . -57.01 98.59 43.45
C2D CLA DJ . -56.53 99.92 43.87
C3D CLA DJ . -57.66 100.71 44.02
C4D CLA DJ . -58.81 99.84 43.72
CMD CLA DJ . -55.13 100.28 44.06
CAD CLA DJ . -58.17 102.01 44.39
OBD CLA DJ . -57.56 103.02 44.72
CBD CLA DJ . -59.73 101.94 44.26
CGD CLA DJ . -60.43 102.39 45.50
O1D CLA DJ . -61.64 102.49 45.69
O2D CLA DJ . -59.60 102.77 46.52
CED CLA DJ . -59.61 104.14 46.91
C1 BCR EJ . -42.69 50.95 -3.30
C2 BCR EJ . -43.41 50.24 -4.42
C3 BCR EJ . -42.62 50.33 -5.68
C4 BCR EJ . -41.30 49.61 -5.50
C5 BCR EJ . -40.65 49.94 -4.21
C6 BCR EJ . -41.26 50.54 -3.20
C7 BCR EJ . -40.57 50.84 -1.94
C8 BCR EJ . -40.37 49.91 -1.01
C9 BCR EJ . -39.55 50.12 0.17
C10 BCR EJ . -39.25 49.07 0.95
C11 BCR EJ . -38.47 49.12 2.16
C33 BCR EJ . -39.24 49.53 -4.14
C31 BCR EJ . -43.46 50.70 -2.03
C32 BCR EJ . -42.75 52.43 -3.63
C34 BCR EJ . -38.98 51.45 0.42
C12 BCR EJ . -38.03 47.98 2.69
C13 BCR EJ . -37.32 47.84 3.95
C14 BCR EJ . -36.97 46.61 4.34
C15 BCR EJ . -36.73 46.23 5.72
C16 BCR EJ . -36.43 44.96 6.02
C17 BCR EJ . -36.67 44.47 7.35
C18 BCR EJ . -36.34 43.26 7.80
C19 BCR EJ . -36.55 42.98 9.21
C20 BCR EJ . -36.21 41.81 9.78
C21 BCR EJ . -35.68 41.83 11.12
C22 BCR EJ . -35.92 40.92 12.07
C23 BCR EJ . -35.87 41.34 13.47
C24 BCR EJ . -35.71 40.49 14.49
C25 BCR EJ . -36.09 40.75 15.87
C26 BCR EJ . -35.38 41.55 16.67
C27 BCR EJ . -35.68 41.87 18.08
C28 BCR EJ . -37.10 41.50 18.45
C29 BCR EJ . -37.43 40.14 17.88
C30 BCR EJ . -37.31 40.07 16.38
C35 BCR EJ . -37.12 49.01 4.83
C36 BCR EJ . -35.51 42.33 7.02
C37 BCR EJ . -36.18 39.51 11.73
C38 BCR EJ . -34.16 42.22 16.23
C39 BCR EJ . -38.54 40.66 15.71
C40 BCR EJ . -37.32 38.59 16.05
C1 BCR FJ . -65.41 87.07 41.08
C2 BCR FJ . -66.66 87.37 40.28
C3 BCR FJ . -67.80 86.54 40.79
C4 BCR FJ . -68.11 86.91 42.22
C5 BCR FJ . -66.89 86.91 43.04
C6 BCR FJ . -65.65 86.98 42.55
C7 BCR FJ . -64.48 87.01 43.40
C8 BCR FJ . -63.97 85.88 43.92
C9 BCR FJ . -63.06 85.87 45.06
C10 BCR FJ . -63.16 84.86 45.94
C11 BCR FJ . -62.37 84.76 47.14
C33 BCR FJ . -67.15 86.85 44.49
C31 BCR FJ . -64.40 88.14 40.75
C32 BCR FJ . -64.89 85.74 40.58
C34 BCR FJ . -61.93 86.80 45.06
C12 BCR FJ . -62.07 83.53 47.59
C13 BCR FJ . -61.34 83.26 48.80
C14 BCR FJ . -60.29 82.43 48.72
C15 BCR FJ . -59.68 81.81 49.88
C16 BCR FJ . -58.53 81.15 49.75
C17 BCR FJ . -58.25 80.11 50.71
C18 BCR FJ . -57.03 79.77 51.15
C19 BCR FJ . -56.96 78.80 52.23
C20 BCR FJ . -55.87 78.65 52.98
C21 BCR FJ . -56.03 78.62 54.42
C22 BCR FJ . -55.20 79.20 55.30
C23 BCR FJ . -55.66 79.41 56.67
C24 BCR FJ . -55.05 80.24 57.51
C25 BCR FJ . -55.08 80.15 58.97
C26 BCR FJ . -56.14 80.57 59.67
C27 BCR FJ . -56.28 80.53 61.15
C28 BCR FJ . -55.29 79.60 61.78
C29 BCR FJ . -53.93 79.80 61.16
C30 BCR FJ . -53.89 79.57 59.65
C35 BCR FJ . -61.92 83.63 50.10
C36 BCR FJ . -55.84 80.60 50.87
C37 BCR FJ . -53.88 79.71 54.88
C38 BCR FJ . -57.34 81.16 59.04
C39 BCR FJ . -53.75 78.10 59.31
C40 BCR FJ . -52.61 80.24 59.18
C1 BCR GJ . -37.21 48.16 87.00
C2 BCR GJ . -37.51 49.62 86.74
C3 BCR GJ . -38.69 49.82 85.86
C4 BCR GJ . -39.87 49.18 86.52
C5 BCR GJ . -39.60 47.75 86.67
C6 BCR GJ . -38.39 47.23 86.89
C7 BCR GJ . -38.22 45.77 86.99
C8 BCR GJ . -37.07 45.14 87.27
C9 BCR GJ . -36.42 44.19 86.39
C10 BCR GJ . -35.08 44.14 86.36
C11 BCR GJ . -34.18 45.11 86.91
C33 BCR GJ . -40.79 46.88 86.54
C31 BCR GJ . -36.58 48.11 88.38
C32 BCR GJ . -36.17 47.80 85.96
C34 BCR GJ . -37.24 43.09 85.83
C12 BCR GJ . -32.96 45.24 86.38
C13 BCR GJ . -32.13 46.43 86.44
C14 BCR GJ . -31.58 46.86 85.29
C15 BCR GJ . -30.55 47.85 85.18
C16 BCR GJ . -29.26 47.53 85.42
C17 BCR GJ . -28.24 47.92 84.49
C18 BCR GJ . -26.92 47.73 84.60
C19 BCR GJ . -26.22 46.84 83.68
C20 BCR GJ . -24.89 46.68 83.71
C21 BCR GJ . -24.26 45.69 82.87
C22 BCR GJ . -22.94 45.41 82.80
C23 BCR GJ . -22.52 44.15 82.23
C24 BCR GJ . -21.28 43.67 82.28
C25 BCR GJ . -20.83 42.28 82.09
C26 BCR GJ . -21.07 41.56 81.00
C27 BCR GJ . -20.62 40.18 80.77
C28 BCR GJ . -19.20 40.09 81.26
C29 BCR GJ . -19.17 40.46 82.72
C30 BCR GJ . -19.98 41.68 83.16
C35 BCR GJ . -31.63 46.91 87.74
C36 BCR GJ . -26.23 48.09 85.83
C37 BCR GJ . -21.92 46.38 83.24
C38 BCR GJ . -21.88 42.01 79.87
C39 BCR GJ . -19.11 42.75 83.78
C40 BCR GJ . -20.85 41.12 84.29
MG CLA HJ . -32.60 30.73 77.41
CHA CLA HJ . -35.07 31.26 75.05
CHB CLA HJ . -33.39 27.42 77.46
CHC CLA HJ . -30.00 30.19 79.60
CHD CLA HJ . -31.76 34.15 77.26
NA CLA HJ . -34.02 29.56 76.43
C1A CLA HJ . -34.95 29.97 75.46
C2A CLA HJ . -35.78 28.79 74.97
C3A CLA HJ . -35.33 27.62 75.86
C4A CLA HJ . -34.15 28.22 76.64
CMA CLA HJ . -36.43 27.16 76.78
CAA CLA HJ . -35.34 28.47 73.56
CBA CLA HJ . -36.43 28.66 72.54
CGA CLA HJ . -35.87 29.20 71.26
O1A CLA HJ . -35.20 28.62 70.41
O2A CLA HJ . -36.15 30.52 71.08
NB CLA HJ . -31.79 29.11 78.28
C1B CLA HJ . -32.31 27.86 78.24
C2B CLA HJ . -31.57 26.98 79.19
C3B CLA HJ . -30.62 27.75 79.80
C4B CLA HJ . -30.75 29.12 79.25
CMB CLA HJ . -31.90 25.57 79.39
CAB CLA HJ . -29.66 27.39 80.81
CBB CLA HJ . -28.35 27.55 80.71
NC CLA HJ . -31.18 31.96 78.30
C1C CLA HJ . -30.21 31.54 79.16
C2C CLA HJ . -29.36 32.65 79.56
C3C CLA HJ . -29.85 33.78 78.90
C4C CLA HJ . -30.98 33.33 78.09
CMC CLA HJ . -28.23 32.53 80.49
CAC CLA HJ . -29.31 35.15 78.98
CBC CLA HJ . -29.57 35.85 80.28
ND CLA HJ . -33.33 32.40 76.55
C1D CLA HJ . -32.85 33.73 76.52
C2D CLA HJ . -33.70 34.52 75.63
C3D CLA HJ . -34.59 33.63 75.06
C4D CLA HJ . -34.29 32.31 75.62
CMD CLA HJ . -33.57 35.96 75.42
CAD CLA HJ . -35.73 33.45 74.16
OBD CLA HJ . -36.42 34.30 73.60
CBD CLA HJ . -35.96 31.93 74.02
CGD CLA HJ . -37.42 31.58 74.20
O1D CLA HJ . -38.18 31.10 73.35
O2D CLA HJ . -37.91 31.84 75.44
CED CLA HJ . -39.34 31.84 75.58
C1 BCR IJ . -36.69 35.97 8.69
C2 BCR IJ . -36.83 35.56 7.24
C3 BCR IJ . -35.47 35.49 6.61
C4 BCR IJ . -34.64 34.43 7.28
C5 BCR IJ . -34.76 34.47 8.76
C6 BCR IJ . -35.68 35.18 9.42
C7 BCR IJ . -35.77 35.18 10.89
C8 BCR IJ . -34.95 35.93 11.64
C9 BCR IJ . -34.90 35.86 13.09
C10 BCR IJ . -33.74 36.11 13.70
C11 BCR IJ . -33.52 36.26 15.12
C33 BCR IJ . -33.75 33.65 9.46
C31 BCR IJ . -38.04 35.82 9.32
C32 BCR IJ . -36.29 37.44 8.69
C34 BCR IJ . -36.18 35.95 13.82
C12 BCR IJ . -32.36 36.77 15.52
C13 BCR IJ . -31.88 36.82 16.88
C14 BCR IJ . -30.64 37.29 17.13
C15 BCR IJ . -29.75 36.80 18.15
C16 BCR IJ . -28.46 37.15 18.15
C17 BCR IJ . -27.61 36.95 19.31
C18 BCR IJ . -26.64 37.79 19.73
C19 BCR IJ . -25.81 37.45 20.88
C20 BCR IJ . -26.20 37.35 22.15
C21 BCR IJ . -25.37 37.94 23.18
C22 BCR IJ . -24.67 37.31 24.13
C23 BCR IJ . -23.30 36.95 23.82
C24 BCR IJ . -22.27 37.24 24.62
C25 BCR IJ . -20.88 37.34 24.15
C26 BCR IJ . -20.14 36.26 23.91
C27 BCR IJ . -18.75 36.26 23.43
C28 BCR IJ . -18.42 37.56 22.74
C29 BCR IJ . -18.85 38.70 23.61
C30 BCR IJ . -20.34 38.70 23.93
C35 BCR IJ . -32.78 36.41 17.98
C36 BCR IJ . -26.29 38.99 18.95
C37 BCR IJ . -25.02 37.52 25.55
C38 BCR IJ . -20.64 34.89 24.11
C39 BCR IJ . -21.13 39.41 22.85
C40 BCR IJ . -20.48 39.56 25.18
C1 BCR JJ . -19.37 26.71 28.78
C2 BCR JJ . -18.38 26.89 29.90
C3 BCR JJ . -18.92 26.33 31.18
C4 BCR JJ . -19.15 24.84 31.03
C5 BCR JJ . -19.79 24.50 29.74
C6 BCR JJ . -19.90 25.32 28.70
C7 BCR JJ . -20.54 24.93 27.45
C8 BCR JJ . -19.91 24.22 26.51
C9 BCR JJ . -20.57 23.30 25.62
C10 BCR JJ . -20.01 23.02 24.44
C11 BCR JJ . -20.57 22.10 23.47
C33 BCR JJ . -20.31 23.11 29.70
C31 BCR JJ . -18.68 27.14 27.50
C32 BCR JJ . -20.52 27.66 29.05
C34 BCR JJ . -21.69 22.51 26.17
C12 BCR JJ . -20.02 20.88 23.36
C13 BCR JJ . -20.00 20.12 22.14
C14 BCR JJ . -20.50 20.73 21.04
C15 BCR JJ . -19.84 20.78 19.76
C16 BCR JJ . -19.96 19.75 18.92
C17 BCR JJ . -19.88 20.00 17.50
C18 BCR JJ . -19.91 19.05 16.56
C19 BCR JJ . -19.88 19.45 15.17
C20 BCR JJ . -19.56 18.61 14.19
C21 BCR JJ . -19.72 19.04 12.83
C22 BCR JJ . -18.87 18.76 11.83
C23 BCR JJ . -19.35 18.80 10.46
C24 BCR JJ . -18.62 18.35 9.43
C25 BCR JJ . -19.04 18.37 8.04
C26 BCR JJ . -18.92 19.46 7.29
C27 BCR JJ . -19.31 19.61 5.88
C28 BCR JJ . -19.68 18.30 5.22
C29 BCR JJ . -20.40 17.41 6.21
C30 BCR JJ . -19.58 17.11 7.45
C35 BCR JJ . -19.82 18.66 22.19
C36 BCR JJ . -19.78 17.62 16.88
C37 BCR JJ . -17.53 18.22 12.12
C38 BCR JJ . -18.38 20.73 7.82
C39 BCR JJ . -18.45 16.15 7.15
C40 BCR JJ . -20.52 16.37 8.39
MG CLA KJ . -19.47 33.17 19.92
CHA CLA KJ . -16.72 31.10 20.08
CHB CLA KJ . -21.18 31.06 21.96
CHC CLA KJ . -22.14 35.32 19.82
CHD CLA KJ . -17.62 35.38 17.89
NA CLA KJ . -19.00 31.36 20.84
C1A CLA KJ . -17.79 30.67 20.80
C2A CLA KJ . -17.86 29.41 21.64
C3A CLA KJ . -19.31 29.39 22.16
C4A CLA KJ . -19.89 30.70 21.64
CMA CLA KJ . -20.03 28.20 21.61
CAA CLA KJ . -16.91 29.48 22.82
CBA CLA KJ . -16.99 28.22 23.66
CGA CLA KJ . -15.66 27.91 24.28
O1A CLA KJ . -15.28 28.14 25.43
O2A CLA KJ . -14.80 27.28 23.43
NB CLA KJ . -21.28 33.23 20.79
C1B CLA KJ . -21.83 32.22 21.52
C2B CLA KJ . -23.27 32.50 21.75
C3B CLA KJ . -23.55 33.70 21.15
C4B CLA KJ . -22.29 34.18 20.52
CMB CLA KJ . -24.11 31.57 22.51
CAB CLA KJ . -24.77 34.43 21.04
CBB CLA KJ . -25.93 34.15 21.63
NC CLA KJ . -19.82 35.01 19.00
C1C CLA KJ . -20.98 35.71 19.09
C2C CLA KJ . -20.86 36.96 18.34
C3C CLA KJ . -19.58 36.98 17.80
C4C CLA KJ . -18.93 35.75 18.22
CMC CLA KJ . -21.92 37.96 18.22
CAC CLA KJ . -18.98 38.03 16.97
CBC CLA KJ . -17.98 38.85 17.76
ND CLA KJ . -17.67 33.21 19.02
C1D CLA KJ . -17.01 34.21 18.25
C2D CLA KJ . -15.65 33.73 17.94
C3D CLA KJ . -15.50 32.52 18.56
C4D CLA KJ . -16.77 32.27 19.27
CMD CLA KJ . -14.70 34.47 17.10
CAD CLA KJ . -14.63 31.40 18.83
OBD CLA KJ . -13.54 31.13 18.36
CBD CLA KJ . -15.34 30.51 19.88
CGD CLA KJ . -15.44 29.09 19.40
O1D CLA KJ . -16.36 28.58 18.76
O2D CLA KJ . -14.36 28.34 19.71
CED CLA KJ . -14.56 26.91 19.78
MG CLA LJ . -28.30 24.93 24.71
CHA CLA LJ . -28.37 21.60 23.25
CHB CLA LJ . -31.33 24.63 26.23
CHC CLA LJ . -27.91 28.07 26.12
CHD CLA LJ . -24.96 25.30 23.24
NA CLA LJ . -29.74 23.35 24.80
C1A CLA LJ . -29.62 22.03 24.16
C2A CLA LJ . -30.99 21.35 24.65
C3A CLA LJ . -31.89 22.43 25.25
C4A CLA LJ . -30.91 23.54 25.49
CMA CLA LJ . -33.02 22.84 24.35
CAA CLA LJ . -30.96 20.43 25.88
CBA CLA LJ . -31.67 19.11 25.66
CGA CLA LJ . -32.30 18.56 26.89
O1A CLA LJ . -31.79 18.35 28.00
O2A CLA LJ . -33.62 18.25 26.71
NB CLA LJ . -29.43 26.12 25.89
C1B CLA LJ . -30.58 25.76 26.51
C2B CLA LJ . -30.98 26.79 27.51
C3B CLA LJ . -30.01 27.77 27.48
C4B CLA LJ . -29.02 27.37 26.44
CMB CLA LJ . -32.18 26.70 28.33
CAB CLA LJ . -29.89 28.96 28.24
CBB CLA LJ . -29.63 29.00 29.56
NC CLA LJ . -26.77 26.44 24.65
C1C CLA LJ . -26.85 27.65 25.28
C2C CLA LJ . -25.66 28.43 25.01
C3C CLA LJ . -24.81 27.63 24.25
C4C CLA LJ . -25.50 26.37 24.01
CMC CLA LJ . -25.43 29.79 25.51
CAC CLA LJ . -23.48 27.99 23.73
CBC CLA LJ . -23.46 28.15 22.24
ND CLA LJ . -26.90 23.74 23.43
C1D CLA LJ . -25.58 24.08 22.94
C2D CLA LJ . -25.07 22.94 22.16
C3D CLA LJ . -26.05 21.98 22.19
C4D CLA LJ . -27.17 22.47 23.00
CMD CLA LJ . -23.75 22.89 21.52
CAD CLA LJ . -26.39 20.63 21.82
OBD CLA LJ . -25.75 19.78 21.24
CBD CLA LJ . -27.84 20.42 22.35
CGD CLA LJ . -28.65 20.10 21.13
O1D CLA LJ . -29.12 20.89 20.30
O2D CLA LJ . -28.85 18.78 20.93
CED CLA LJ . -28.05 18.13 19.94
C1 BCR MJ . -31.25 55.75 2.61
C2 BCR MJ . -31.11 56.49 1.30
C3 BCR MJ . -30.23 57.69 1.49
C4 BCR MJ . -28.84 57.24 1.86
C5 BCR MJ . -28.86 56.22 2.93
C6 BCR MJ . -29.94 55.52 3.29
C7 BCR MJ . -29.91 54.52 4.36
C8 BCR MJ . -29.39 53.30 4.20
C9 BCR MJ . -29.61 52.20 5.13
C10 BCR MJ . -28.56 51.67 5.77
C11 BCR MJ . -28.47 50.30 6.22
C33 BCR MJ . -27.55 56.03 3.57
C31 BCR MJ . -31.98 54.47 2.33
C32 BCR MJ . -32.11 56.62 3.50
C34 BCR MJ . -30.89 51.48 5.05
C12 BCR MJ . -27.57 49.98 7.15
C13 BCR MJ . -26.48 49.03 6.96
C14 BCR MJ . -26.08 48.29 8.00
C15 BCR MJ . -24.87 47.49 7.99
C16 BCR MJ . -24.79 46.35 8.70
C17 BCR MJ . -23.54 45.65 8.81
C18 BCR MJ . -23.30 44.59 9.59
C19 BCR MJ . -22.02 43.91 9.50
C20 BCR MJ . -21.59 43.05 10.42
C21 BCR MJ . -20.64 42.02 10.07
C22 BCR MJ . -19.81 41.41 10.92
C23 BCR MJ . -19.91 39.96 11.09
C24 BCR MJ . -19.90 39.40 12.31
C25 BCR MJ . -19.61 38.01 12.63
C26 BCR MJ . -18.41 37.65 13.11
C27 BCR MJ . -18.03 36.29 13.50
C28 BCR MJ . -19.24 35.55 14.00
C29 BCR MJ . -20.32 35.60 12.96
C30 BCR MJ . -20.69 37.00 12.45
C35 BCR MJ . -25.69 49.07 5.72
C36 BCR MJ . -24.36 43.99 10.41
C37 BCR MJ . -19.09 42.19 11.95
C38 BCR MJ . -17.32 38.63 13.32
C39 BCR MJ . -21.97 37.50 13.10
C40 BCR MJ . -21.02 36.78 10.98
MG CLA NJ . -6.63 21.54 39.55
CHA CLA NJ . -5.51 24.73 38.87
CHB CLA NJ . -5.25 21.73 42.65
CHC CLA NJ . -7.95 18.46 40.26
CHD CLA NJ . -8.05 21.40 36.31
NA CLA NJ . -5.53 23.00 40.56
C1A CLA NJ . -5.19 24.28 40.11
C2A CLA NJ . -4.38 25.03 41.15
C3A CLA NJ . -4.09 23.95 42.22
C4A CLA NJ . -5.03 22.81 41.81
CMA CLA NJ . -2.65 23.52 42.17
CAA CLA NJ . -5.17 26.18 41.73
CBA CLA NJ . -6.63 25.84 41.92
CGA CLA NJ . -7.35 26.97 42.57
O1A CLA NJ . -6.97 27.71 43.48
O2A CLA NJ . -8.60 27.18 42.06
NB CLA NJ . -6.51 20.28 41.12
C1B CLA NJ . -6.07 20.63 42.35
C2B CLA NJ . -6.57 19.67 43.37
C3B CLA NJ . -7.33 18.74 42.70
C4B CLA NJ . -7.30 19.11 41.25
CMB CLA NJ . -6.27 19.77 44.80
CAB CLA NJ . -8.05 17.61 43.20
CBB CLA NJ . -9.38 17.45 43.10
NC CLA NJ . -7.74 20.16 38.45
C1C CLA NJ . -8.15 18.95 38.93
C2C CLA NJ . -8.88 18.23 37.90
C3C CLA NJ . -8.95 19.08 36.80
C4C CLA NJ . -8.23 20.29 37.16
CMC CLA NJ . -9.44 16.89 38.06
CAC CLA NJ . -9.59 18.80 35.51
CBC CLA NJ . -8.58 18.51 34.42
ND CLA NJ . -6.81 22.74 37.95
C1D CLA NJ . -7.39 22.56 36.67
C2D CLA NJ . -7.16 23.76 35.85
C3D CLA NJ . -6.45 24.64 36.65
C4D CLA NJ . -6.26 23.95 37.94
CMD CLA NJ . -7.61 23.93 34.48
CAD CLA NJ . -5.79 25.92 36.74
OBD CLA NJ . -5.66 26.79 35.89
CBD CLA NJ . -5.18 26.03 38.17
CGD CLA NJ . -3.69 26.26 38.12
O1D CLA NJ . -2.79 25.46 38.39
O2D CLA NJ . -3.35 27.52 37.75
CED CLA NJ . -3.93 28.60 38.47
C1 BCR OJ . -35.13 59.86 -9.90
C2 BCR OJ . -33.77 60.06 -9.28
C3 BCR OJ . -33.94 60.52 -7.86
C4 BCR OJ . -34.63 59.45 -7.06
C5 BCR OJ . -35.77 58.85 -7.77
C6 BCR OJ . -36.02 59.01 -9.07
C7 BCR OJ . -37.18 58.40 -9.71
C8 BCR OJ . -37.18 57.13 -10.11
C9 BCR OJ . -38.19 56.56 -10.99
C10 BCR OJ . -38.05 55.31 -11.42
C11 BCR OJ . -39.10 54.59 -12.10
C33 BCR OJ . -36.63 58.03 -6.91
C31 BCR OJ . -34.94 59.29 -11.29
C32 BCR OJ . -35.75 61.23 -10.05
C34 BCR OJ . -39.43 57.32 -11.18
C12 BCR OJ . -38.90 53.31 -12.43
C13 BCR OJ . -39.92 52.37 -12.81
C14 BCR OJ . -39.54 51.26 -13.46
C15 BCR OJ . -40.24 50.01 -13.42
C16 BCR OJ . -39.55 48.87 -13.49
C17 BCR OJ . -40.13 47.72 -14.15
C18 BCR OJ . -39.48 46.60 -14.47
C19 BCR OJ . -40.21 45.51 -15.10
C20 BCR OJ . -39.63 44.37 -15.48
C21 BCR OJ . -40.27 43.51 -16.45
C22 BCR OJ . -40.05 42.21 -16.59
C23 BCR OJ . -40.29 41.59 -17.90
C24 BCR OJ . -40.04 40.31 -18.14
C25 BCR OJ . -40.55 39.55 -19.27
C26 BCR OJ . -39.97 39.61 -20.47
C27 BCR OJ . -40.41 38.89 -21.69
C28 BCR OJ . -41.53 37.92 -21.45
C29 BCR OJ . -42.45 38.43 -20.37
C30 BCR OJ . -41.74 38.67 -19.06
C35 BCR OJ . -41.27 52.46 -12.22
C36 BCR OJ . -38.03 46.45 -14.26
C37 BCR OJ . -39.87 41.33 -15.42
C38 BCR OJ . -38.79 40.45 -20.74
C39 BCR OJ . -41.33 37.37 -18.40
C40 BCR OJ . -42.76 39.32 -18.12
O1 LHG PJ . 40.73 -19.29 67.95
C1 LHG PJ . 40.60 -19.30 69.37
C2 LHG PJ . 39.28 -19.96 69.72
O2 LHG PJ . 39.47 -21.30 70.08
C3 LHG PJ . 38.31 -19.95 68.55
O3 LHG PJ . 37.16 -20.48 69.19
P LHG PJ . 35.81 -20.72 68.35
O4 LHG PJ . 34.88 -19.60 68.66
O5 LHG PJ . 36.28 -21.34 67.10
O6 LHG PJ . 35.22 -21.92 69.33
C4 LHG PJ . 33.86 -21.95 69.61
C5 LHG PJ . 33.41 -23.33 69.11
C6 LHG PJ . 34.30 -23.88 68.03
O7 LHG PJ . 33.51 -24.17 70.22
C7 LHG PJ . 32.31 -24.35 70.81
O9 LHG PJ . 31.26 -24.16 70.24
C8 LHG PJ . 32.47 -24.45 72.28
C9 LHG PJ . 31.11 -24.52 72.92
C10 LHG PJ . 31.26 -24.50 74.41
O8 LHG PJ . 35.08 -24.89 68.68
C23 LHG PJ . 35.26 -26.07 68.00
O10 LHG PJ . 36.37 -26.40 67.65
C24 LHG PJ . 34.06 -26.73 67.35
C11 LHG PJ . 31.45 -25.96 74.70
C12 LHG PJ . 30.79 -26.27 75.99
C13 LHG PJ . 29.53 -27.05 75.69
C14 LHG PJ . 28.97 -27.68 76.93
C15 LHG PJ . 28.46 -29.03 76.51
C16 LHG PJ . 29.17 -30.10 77.29
C17 LHG PJ . 29.15 -31.41 76.54
C18 LHG PJ . 28.05 -32.18 77.22
C19 LHG PJ . 27.58 -33.39 76.44
C20 LHG PJ . 28.48 -34.49 76.97
C21 LHG PJ . 28.19 -35.76 76.23
C22 LHG PJ . 29.11 -36.82 76.76
C25 LHG PJ . 34.15 -28.24 67.24
C26 LHG PJ . 33.05 -29.03 67.96
C27 LHG PJ . 31.78 -28.45 67.40
C28 LHG PJ . 31.44 -28.83 65.99
C29 LHG PJ . 30.59 -30.07 66.12
C30 LHG PJ . 29.11 -29.85 65.96
C31 LHG PJ . 28.36 -30.98 65.32
C32 LHG PJ . 26.92 -31.12 65.77
C33 LHG PJ . 26.81 -32.45 66.48
C34 LHG PJ . 25.59 -33.26 66.11
C35 LHG PJ . 24.56 -33.20 67.20
C36 LHG PJ . 24.72 -34.44 68.06
C37 LHG PJ . 23.80 -35.47 67.50
C38 LHG PJ . 23.06 -36.26 68.54
O1 LHG QJ . 47.93 -43.10 37.58
C1 LHG QJ . 48.31 -43.81 38.75
C2 LHG QJ . 47.92 -45.26 38.61
O2 LHG QJ . 48.66 -46.07 39.50
C3 LHG QJ . 48.17 -45.84 37.24
O3 LHG QJ . 47.43 -44.92 36.44
P LHG QJ . 47.76 -44.73 34.87
O4 LHG QJ . 48.07 -43.29 34.70
O5 LHG QJ . 48.47 -45.97 34.49
O6 LHG QJ . 46.18 -44.81 34.36
C4 LHG QJ . 45.25 -43.95 34.92
C5 LHG QJ . 44.76 -43.16 33.72
C6 LHG QJ . 44.01 -44.04 32.75
O7 LHG QJ . 43.84 -42.23 34.23
C7 LHG QJ . 44.02 -40.99 33.73
O9 LHG QJ . 44.72 -40.76 32.76
C8 LHG QJ . 43.51 -39.98 34.68
C9 LHG QJ . 42.36 -39.24 34.06
C10 LHG QJ . 41.07 -39.93 34.38
O8 LHG QJ . 43.02 -44.67 33.56
C23 LHG QJ . 41.75 -44.65 33.10
O10 LHG QJ . 41.45 -43.85 32.22
C24 LHG QJ . 40.83 -45.81 33.37
C11 LHG QJ . 40.07 -39.04 33.70
C12 LHG QJ . 38.72 -39.62 33.85
C13 LHG QJ . 38.40 -39.66 35.32
C14 LHG QJ . 36.92 -39.70 35.58
C15 LHG QJ . 36.76 -39.87 37.07
C16 LHG QJ . 35.51 -40.67 37.32
C17 LHG QJ . 34.33 -40.02 36.61
C18 LHG QJ . 33.38 -41.16 36.41
C19 LHG QJ . 33.91 -42.25 35.51
C20 LHG QJ . 32.68 -43.10 35.28
C21 LHG QJ . 33.08 -44.54 35.11
C22 LHG QJ . 31.87 -45.32 34.65
C25 LHG QJ . 40.38 -45.96 34.81
C26 LHG QJ . 40.11 -44.66 35.56
C27 LHG QJ . 38.94 -45.02 36.46
MG CLA RJ . 6.77 -31.90 61.16
CHA CLA RJ . 9.71 -33.54 60.37
CHB CLA RJ . 8.52 -29.04 61.51
CHC CLA RJ . 3.83 -30.25 61.56
CHD CLA RJ . 5.00 -34.87 60.54
NA CLA RJ . 8.80 -31.43 61.10
C1A CLA RJ . 9.87 -32.24 60.74
C2A CLA RJ . 11.18 -31.47 60.82
C3A CLA RJ . 10.77 -30.25 61.66
C4A CLA RJ . 9.26 -30.20 61.41
CMA CLA RJ . 11.03 -30.53 63.11
CAA CLA RJ . 11.63 -31.07 59.43
CBA CLA RJ . 13.10 -30.73 59.39
CGA CLA RJ . 13.48 -30.38 57.98
O1A CLA RJ . 14.54 -29.92 57.56
O2A CLA RJ . 12.48 -30.64 57.10
NB CLA RJ . 6.27 -30.00 61.57
C1B CLA RJ . 7.12 -28.96 61.34
C2B CLA RJ . 6.37 -27.76 60.93
C3B CLA RJ . 5.03 -28.10 60.95
C4B CLA RJ . 4.96 -29.52 61.40
CMB CLA RJ . 7.00 -26.47 60.64
CAB CLA RJ . 3.85 -27.32 60.69
CBB CLA RJ . 3.61 -26.08 61.14
NC CLA RJ . 4.78 -32.50 61.25
C1C CLA RJ . 3.75 -31.67 61.55
C2C CLA RJ . 2.52 -32.41 61.64
C3C CLA RJ . 2.81 -33.70 61.20
C4C CLA RJ . 4.25 -33.75 60.96
CMC CLA RJ . 1.22 -31.84 62.01
CAC CLA RJ . 1.88 -34.84 61.13
CBC CLA RJ . 1.82 -35.58 62.45
ND CLA RJ . 7.21 -33.85 60.80
C1D CLA RJ . 6.37 -34.92 60.41
C2D CLA RJ . 7.22 -36.04 59.94
C3D CLA RJ . 8.52 -35.59 59.98
C4D CLA RJ . 8.44 -34.20 60.45
CMD CLA RJ . 6.73 -37.36 59.49
CAD CLA RJ . 9.92 -35.89 59.76
OBD CLA RJ . 10.45 -36.98 59.56
CBD CLA RJ . 10.69 -34.55 59.81
CGD CLA RJ . 11.96 -34.59 60.60
O1D CLA RJ . 12.15 -35.01 61.74
O2D CLA RJ . 13.01 -34.04 59.93
CED CLA RJ . 13.09 -34.27 58.52
C1 CLA RJ . 12.88 -31.27 55.86
C2 CLA RJ . 11.65 -31.75 55.19
C3 CLA RJ . 11.66 -32.86 54.41
C4 CLA RJ . 12.89 -33.64 54.20
C5 CLA RJ . 10.42 -33.34 53.74
MG CLA SJ . 13.10 -15.41 69.80
CHA CLA SJ . 13.39 -12.68 71.87
CHB CLA SJ . 12.12 -17.29 72.46
CHC CLA SJ . 12.28 -17.95 67.64
CHD CLA SJ . 14.06 -13.42 67.08
NA CLA SJ . 12.90 -15.04 71.84
C1A CLA SJ . 13.02 -13.82 72.49
C2A CLA SJ . 12.76 -14.00 73.99
C3A CLA SJ . 12.76 -15.53 74.16
C4A CLA SJ . 12.56 -16.01 72.73
CMA CLA SJ . 14.07 -16.01 74.73
CAA CLA SJ . 11.40 -13.46 74.34
CBA CLA SJ . 11.22 -13.35 75.84
CGA CLA SJ . 10.42 -14.49 76.40
O1A CLA SJ . 9.89 -14.57 77.51
O2A CLA SJ . 10.27 -15.56 75.55
NB CLA SJ . 12.32 -17.26 70.01
C1B CLA SJ . 11.95 -17.82 71.18
C2B CLA SJ . 11.31 -19.13 70.91
C3B CLA SJ . 11.35 -19.33 69.56
C4B CLA SJ . 12.02 -18.15 68.97
CMB CLA SJ . 10.82 -19.97 72.02
CAB CLA SJ . 10.92 -20.43 68.75
CBB CLA SJ . 10.31 -21.54 69.18
NC CLA SJ . 13.27 -15.68 67.74
C1C CLA SJ . 12.91 -16.81 67.08
C2C CLA SJ . 13.15 -16.64 65.65
C3C CLA SJ . 13.60 -15.34 65.48
C4C CLA SJ . 13.67 -14.73 66.80
CMC CLA SJ . 12.92 -17.66 64.64
CAC CLA SJ . 13.98 -14.70 64.22
CBC CLA SJ . 15.38 -15.08 63.77
ND CLA SJ . 13.87 -13.58 69.51
C1D CLA SJ . 14.14 -12.85 68.33
C2D CLA SJ . 14.49 -11.46 68.68
C3D CLA SJ . 14.23 -11.34 70.03
C4D CLA SJ . 13.79 -12.67 70.49
CMD CLA SJ . 14.95 -10.47 67.72
CAD CLA SJ . 14.29 -10.49 71.20
OBD CLA SJ . 14.81 -9.40 71.34
CBD CLA SJ . 13.55 -11.25 72.35
CGD CLA SJ . 14.23 -11.15 73.68
O1D CLA SJ . 13.72 -11.32 74.79
O2D CLA SJ . 15.54 -10.79 73.63
CED CLA SJ . 16.14 -10.36 74.85
C1 CLA SJ . 10.09 -16.85 76.17
C2 CLA SJ . 11.40 -17.27 76.72
C3 CLA SJ . 11.79 -18.56 76.77
C4 CLA SJ . 10.94 -19.65 76.27
C5 CLA SJ . 13.11 -18.94 77.33
MG CLA TJ . 32.50 -27.66 83.14
CHA CLA TJ . 31.55 -24.38 83.69
CHB CLA TJ . 29.41 -28.33 81.91
CHC CLA TJ . 33.53 -30.86 82.49
CHD CLA TJ . 35.68 -26.91 84.48
NA CLA TJ . 30.77 -26.52 82.87
C1A CLA TJ . 30.58 -25.17 83.15
C2A CLA TJ . 29.16 -24.73 82.81
C3A CLA TJ . 28.48 -26.04 82.35
C4A CLA TJ . 29.62 -27.05 82.37
CMA CLA TJ . 27.37 -26.45 83.29
CAA CLA TJ . 29.17 -23.71 81.70
CBA CLA TJ . 27.81 -23.60 81.04
CGA CLA TJ . 26.77 -23.25 82.05
O1A CLA TJ . 25.68 -23.80 82.25
O2A CLA TJ . 27.11 -22.18 82.82
NB CLA TJ . 31.64 -29.28 82.33
C1B CLA TJ . 30.37 -29.36 81.88
C2B CLA TJ . 30.09 -30.73 81.38
C3B CLA TJ . 31.26 -31.45 81.53
C4B CLA TJ . 32.26 -30.53 82.15
CMB CLA TJ . 28.79 -31.13 80.84
CAB CLA TJ . 31.54 -32.82 81.23
CBB CLA TJ . 30.84 -33.86 81.68
NC CLA TJ . 34.28 -28.69 83.45
C1C CLA TJ . 34.48 -30.00 83.11
C2C CLA TJ . 35.83 -30.40 83.46
C3C CLA TJ . 36.45 -29.28 84.02
C4C CLA TJ . 35.46 -28.21 84.02
CMC CLA TJ . 36.39 -31.74 83.24
CAC CLA TJ . 37.83 -29.23 84.54
CBC CLA TJ . 38.72 -28.25 83.82
ND CLA TJ . 33.44 -26.07 83.97
C1D CLA TJ . 34.75 -25.89 84.46
C2D CLA TJ . 34.91 -24.50 84.92
C3D CLA TJ . 33.71 -23.87 84.64
C4D CLA TJ . 32.83 -24.89 84.04
CMD CLA TJ . 36.12 -23.94 85.52
CAD CLA TJ . 32.96 -22.64 84.71
OBD CLA TJ . 33.28 -21.55 85.17
CBD CLA TJ . 31.56 -22.93 84.08
CGD CLA TJ . 30.43 -22.63 85.03
O1D CLA TJ . 29.30 -22.23 84.76
O2D CLA TJ . 30.75 -22.85 86.33
CED CLA TJ . 30.04 -22.11 87.33
C1 CLA TJ . 26.30 -21.00 82.69
C2 CLA TJ . 26.13 -20.41 84.05
C3 CLA TJ . 25.50 -19.26 84.28
C4 CLA TJ . 24.91 -18.45 83.19
C5 CLA TJ . 25.37 -18.71 85.66
MG CLA UJ . 38.66 -34.82 79.37
CHA CLA UJ . 41.49 -33.25 80.60
CHB CLA UJ . 40.33 -37.77 79.26
CHC CLA UJ . 35.80 -36.33 78.22
CHD CLA UJ . 36.96 -31.72 79.46
NA CLA UJ . 40.61 -35.38 79.85
C1A CLA UJ . 41.64 -34.59 80.36
C2A CLA UJ . 42.90 -35.41 80.57
C3A CLA UJ . 42.52 -36.82 80.07
C4A CLA UJ . 41.04 -36.67 79.70
CMA CLA UJ . 43.34 -37.23 78.86
CAA CLA UJ . 43.29 -35.45 82.04
CBA CLA UJ . 43.81 -36.81 82.46
CGA CLA UJ . 44.10 -36.81 83.92
O1A CLA UJ . 44.58 -35.91 84.61
O2A CLA UJ . 43.77 -37.98 84.53
NB CLA UJ . 38.17 -36.68 78.81
C1B CLA UJ . 38.97 -37.76 78.89
C2B CLA UJ . 38.21 -38.98 78.52
C3B CLA UJ . 36.94 -38.59 78.22
C4B CLA UJ . 36.89 -37.12 78.41
CMB CLA UJ . 38.81 -40.32 78.50
CAB CLA UJ . 35.79 -39.35 77.80
CBB CLA UJ . 35.78 -40.23 76.80
NC CLA UJ . 36.74 -34.14 78.92
C1C CLA UJ . 35.72 -34.93 78.46
C2C CLA UJ . 34.53 -34.13 78.25
C3C CLA UJ . 34.85 -32.83 78.60
C4C CLA UJ . 36.25 -32.84 79.02
CMC CLA UJ . 33.25 -34.66 77.76
CAC CLA UJ . 33.97 -31.66 78.57
CBC CLA UJ . 33.90 -31.06 77.20
ND CLA UJ . 39.05 -32.91 79.91
C1D CLA UJ . 38.27 -31.73 79.87
C2D CLA UJ . 39.09 -30.61 80.35
C3D CLA UJ . 40.32 -31.13 80.66
C4D CLA UJ . 40.26 -32.58 80.36
CMD CLA UJ . 38.62 -29.23 80.46
CAD CLA UJ . 41.66 -30.86 81.16
OBD CLA UJ . 42.14 -29.79 81.55
CBD CLA UJ . 42.46 -32.20 81.11
CGD CLA UJ . 43.67 -32.12 80.25
O1D CLA UJ . 44.01 -32.88 79.34
O2D CLA UJ . 44.47 -31.05 80.53
CED CLA UJ . 45.13 -31.02 81.80
C1 CLA UJ . 42.48 -38.04 85.18
C2 CLA UJ . 42.63 -38.94 86.35
C3 CLA UJ . 41.60 -39.58 86.92
C4 CLA UJ . 40.22 -39.44 86.43
C5 CLA UJ . 41.82 -40.48 88.09
MG CLA VJ . 41.50 -40.95 69.34
CHA CLA VJ . 40.99 -43.93 67.63
CHB CLA VJ . 39.31 -41.97 71.74
CHC CLA VJ . 42.08 -38.02 71.03
CHD CLA VJ . 43.74 -39.92 66.80
NA CLA VJ . 40.37 -42.68 69.62
C1A CLA VJ . 40.30 -43.81 68.81
C2A CLA VJ . 39.37 -44.86 69.40
C3A CLA VJ . 38.78 -44.15 70.63
C4A CLA VJ . 39.55 -42.84 70.70
CMA CLA VJ . 37.31 -43.90 70.48
CAA CLA VJ . 40.19 -46.02 69.86
CBA CLA VJ . 39.86 -47.29 69.12
CGA CLA VJ . 38.65 -47.94 69.70
O1A CLA VJ . 38.26 -47.93 70.86
O2A CLA VJ . 37.92 -48.62 68.77
NB CLA VJ . 40.83 -40.15 71.05
C1B CLA VJ . 39.94 -40.72 71.90
C2B CLA VJ . 39.68 -39.81 73.05
C3B CLA VJ . 40.46 -38.70 72.85
C4B CLA VJ . 41.20 -38.89 71.58
CMB CLA VJ . 38.76 -40.16 74.13
CAB CLA VJ . 40.62 -37.51 73.64
CBB CLA VJ . 40.66 -37.46 74.98
NC CLA VJ . 42.70 -39.29 68.97
C1C CLA VJ . 42.80 -38.21 69.81
C2C CLA VJ . 43.73 -37.25 69.26
C3C CLA VJ . 44.20 -37.77 68.06
C4C CLA VJ . 43.55 -39.06 67.89
CMC CLA VJ . 44.07 -35.96 69.90
CAC CLA VJ . 45.16 -37.17 67.14
CBC CLA VJ . 44.59 -36.03 66.35
ND CLA VJ . 42.25 -41.69 67.62
C1D CLA VJ . 43.14 -41.17 66.65
C2D CLA VJ . 43.28 -42.13 65.54
C3D CLA VJ . 42.47 -43.20 65.86
C4D CLA VJ . 41.85 -42.88 67.16
CMD CLA VJ . 44.09 -41.95 64.34
CAD CLA VJ . 41.98 -44.49 65.45
OBD CLA VJ . 42.23 -45.12 64.44
CBD CLA VJ . 41.01 -45.00 66.58
CGD CLA VJ . 39.65 -45.26 66.03
O1D CLA VJ . 38.61 -45.46 66.66
O2D CLA VJ . 39.57 -45.26 64.67
CED CLA VJ . 38.30 -44.95 64.09
C1 CLA VJ . 36.56 -48.92 69.12
C2 CLA VJ . 36.49 -50.38 69.39
C3 CLA VJ . 35.35 -51.07 69.31
C4 CLA VJ . 34.08 -50.41 68.95
C5 CLA VJ . 35.30 -52.53 69.57
MG CLA WJ . 33.13 -42.30 72.16
CHA CLA WJ . 33.79 -39.24 73.62
CHB CLA WJ . 34.89 -41.37 69.42
CHC CLA WJ . 32.43 -45.35 70.76
CHD CLA WJ . 31.27 -43.22 75.03
NA CLA WJ . 34.16 -40.57 71.63
C1A CLA WJ . 34.32 -39.40 72.38
C2A CLA WJ . 35.15 -38.37 71.60
C3A CLA WJ . 35.41 -39.06 70.26
C4A CLA WJ . 34.79 -40.44 70.43
CMA CLA WJ . 34.75 -38.34 69.12
CAA CLA WJ . 36.46 -38.08 72.30
CBA CLA WJ . 36.71 -36.58 72.41
CGA CLA WJ . 36.52 -35.95 71.07
O1A CLA WJ . 37.03 -36.24 69.99
O2A CLA WJ . 35.64 -34.89 71.12
NB CLA WJ . 33.55 -43.19 70.41
C1B CLA WJ . 34.35 -42.67 69.44
C2B CLA WJ . 34.59 -43.70 68.39
C3B CLA WJ . 33.90 -44.83 68.77
C4B CLA WJ . 33.22 -44.51 70.05
CMB CLA WJ . 35.42 -43.48 67.21
CAB CLA WJ . 33.78 -46.10 68.12
CBB CLA WJ . 32.72 -46.50 67.43
NC CLA WJ . 32.04 -43.97 72.79
C1C CLA WJ . 31.87 -45.10 72.04
C2C CLA WJ . 31.03 -46.04 72.76
C3C CLA WJ . 30.73 -45.45 73.98
C4C CLA WJ . 31.37 -44.15 73.99
CMC CLA WJ . 30.62 -47.34 72.24
CAC CLA WJ . 29.91 -46.00 75.06
CBC CLA WJ . 28.47 -45.56 74.96
ND CLA WJ . 32.63 -41.50 73.94
C1D CLA WJ . 31.86 -41.98 75.02
C2D CLA WJ . 31.81 -40.94 76.08
C3D CLA WJ . 32.54 -39.87 75.60
C4D CLA WJ . 33.03 -40.27 74.26
CMD CLA WJ . 31.11 -41.08 77.35
CAD CLA WJ . 33.03 -38.54 75.86
OBD CLA WJ . 32.89 -37.84 76.86
CBD CLA WJ . 33.82 -38.09 74.60
CGD CLA WJ . 33.18 -36.88 73.98
O1D CLA WJ . 32.00 -36.74 73.67
O2D CLA WJ . 34.04 -35.86 73.76
CED CLA WJ . 33.47 -34.58 73.46
C1 CLA WJ . 35.21 -34.32 69.86
C2 CLA WJ . 33.94 -35.01 69.48
C3 CLA WJ . 33.04 -34.48 68.64
C4 CLA WJ . 33.23 -33.16 68.01
C5 CLA WJ . 31.79 -35.21 68.28
MG CLA XJ . 22.65 -48.94 87.83
CHA CLA XJ . 19.71 -48.75 89.64
CHB CLA XJ . 21.52 -46.47 85.77
CHC CLA XJ . 25.61 -49.10 86.10
CHD CLA XJ . 23.75 -51.53 89.97
NA CLA XJ . 20.89 -47.81 87.74
C1A CLA XJ . 19.78 -47.87 88.60
C2A CLA XJ . 18.72 -46.86 88.20
C3A CLA XJ . 19.29 -46.22 86.92
C4A CLA XJ . 20.67 -46.86 86.79
CMA CLA XJ . 18.43 -46.54 85.73
CAA CLA XJ . 18.61 -45.80 89.29
CBA CLA XJ . 19.99 -45.37 89.74
CGA CLA XJ . 20.03 -45.18 91.23
O1A CLA XJ . 19.19 -44.63 91.95
O2A CLA XJ . 21.17 -45.68 91.80
NB CLA XJ . 23.43 -47.95 86.26
C1B CLA XJ . 22.80 -46.99 85.54
C2B CLA XJ . 23.68 -46.55 84.41
C3B CLA XJ . 24.84 -47.29 84.51
C4B CLA XJ . 24.69 -48.19 85.67
CMB CLA XJ . 23.30 -45.53 83.44
CAB CLA XJ . 26.01 -47.27 83.67
CBB CLA XJ . 26.49 -48.32 83.02
NC CLA XJ . 24.36 -50.11 88.01
C1C CLA XJ . 25.45 -50.00 87.19
C2C CLA XJ . 26.47 -50.96 87.61
C3C CLA XJ . 25.94 -51.66 88.69
C4C CLA XJ . 24.61 -51.11 88.94
CMC CLA XJ . 27.78 -51.12 86.98
CAC CLA XJ . 26.60 -52.72 89.46
CBC CLA XJ . 27.42 -52.17 90.60
ND CLA XJ . 21.95 -49.97 89.41
C1D CLA XJ . 22.50 -51.00 90.20
C2D CLA XJ . 21.53 -51.36 91.27
C3D CLA XJ . 20.44 -50.54 91.09
C4D CLA XJ . 20.75 -49.68 89.93
CMD CLA XJ . 21.75 -52.40 92.27
CAD CLA XJ . 19.12 -50.17 91.56
OBD CLA XJ . 18.47 -50.63 92.49
CBD CLA XJ . 18.62 -49.01 90.66
CGD CLA XJ . 17.34 -49.36 89.97
O1D CLA XJ . 16.39 -48.62 89.70
O2D CLA XJ . 17.28 -50.67 89.62
CED CLA XJ . 17.60 -51.01 88.26
C1 CLA XJ . 21.13 -47.02 92.34
C2 CLA XJ . 20.26 -47.01 93.55
C3 CLA XJ . 20.22 -48.00 94.44
C4 CLA XJ . 21.05 -49.22 94.31
C5 CLA XJ . 19.32 -47.93 95.62
MG CLA YJ . 15.62 -46.21 78.23
CHA CLA YJ . 17.30 -48.93 76.90
CHB CLA YJ . 18.19 -45.67 80.38
CHC CLA YJ . 14.00 -43.40 79.36
CHD CLA YJ . 12.98 -46.79 75.95
NA CLA YJ . 17.43 -47.18 78.58
C1A CLA YJ . 17.96 -48.29 77.91
C2A CLA YJ . 19.34 -48.66 78.47
C3A CLA YJ . 19.51 -47.69 79.67
C4A CLA YJ . 18.30 -46.76 79.54
CMA CLA YJ . 19.52 -48.41 80.98
CAA CLA YJ . 20.42 -48.39 77.44
CBA CLA YJ . 21.46 -47.43 77.97
CGA CLA YJ . 21.56 -46.21 77.12
O1A CLA YJ . 20.76 -45.78 76.28
O2A CLA YJ . 22.70 -45.49 77.34
NB CLA YJ . 16.03 -44.79 79.58
C1B CLA YJ . 17.13 -44.75 80.38
C2B CLA YJ . 17.04 -43.59 81.32
C3B CLA YJ . 15.85 -42.95 81.04
C4B CLA YJ . 15.20 -43.71 79.93
CMB CLA YJ . 18.06 -43.28 82.32
CAB CLA YJ . 15.27 -41.79 81.63
CBB CLA YJ . 14.97 -41.67 82.93
NC CLA YJ . 13.80 -45.29 77.76
C1C CLA YJ . 13.35 -44.15 78.35
C2C CLA YJ . 12.07 -43.78 77.76
C3C CLA YJ . 11.77 -44.73 76.80
C4C CLA YJ . 12.88 -45.68 76.80
CMC CLA YJ . 11.30 -42.60 78.15
CAC CLA YJ . 10.59 -44.78 75.92
CBC CLA YJ . 9.40 -45.45 76.57
ND CLA YJ . 15.13 -47.58 76.82
C1D CLA YJ . 14.03 -47.68 75.94
C2D CLA YJ . 14.23 -48.86 75.06
C3D CLA YJ . 15.47 -49.37 75.38
C4D CLA YJ . 16.00 -48.53 76.47
CMD CLA YJ . 13.27 -49.31 74.05
CAD CLA YJ . 16.44 -50.40 75.11
OBD CLA YJ . 16.40 -51.35 74.34
CBD CLA YJ . 17.67 -50.11 76.03
CGD CLA YJ . 18.03 -51.32 76.84
O1D CLA YJ . 17.54 -51.70 77.91
O2D CLA YJ . 19.02 -52.08 76.29
CED CLA YJ . 19.33 -53.30 76.96
C1 CLA YJ . 22.70 -44.12 76.90
C2 CLA YJ . 22.01 -43.32 77.95
C3 CLA YJ . 20.91 -42.60 77.71
C4 CLA YJ . 20.27 -42.52 76.37
C5 CLA YJ . 20.26 -41.81 78.80
MG CLA ZJ . 10.92 -40.00 86.23
CHA CLA ZJ . 12.76 -42.94 86.17
CHB CLA ZJ . 12.42 -39.13 89.15
CHC CLA ZJ . 9.19 -37.05 86.16
CHD CLA ZJ . 9.34 -40.99 83.23
NA CLA ZJ . 12.35 -40.92 87.45
C1A CLA ZJ . 13.00 -42.14 87.25
C2A CLA ZJ . 13.97 -42.43 88.39
C3A CLA ZJ . 13.67 -41.31 89.41
C4A CLA ZJ . 12.76 -40.36 88.63
CMA CLA ZJ . 12.99 -41.85 90.65
CAA CLA ZJ . 15.40 -42.30 87.90
CBA CLA ZJ . 15.58 -41.11 86.98
CGA CLA ZJ . 16.11 -39.92 87.73
O1A CLA ZJ . 15.72 -39.42 88.79
O2A CLA ZJ . 17.20 -39.36 87.13
NB CLA ZJ . 10.78 -38.42 87.45
C1B CLA ZJ . 11.57 -38.19 88.54
C2B CLA ZJ . 11.40 -36.80 89.01
C3B CLA ZJ . 10.49 -36.20 88.18
C4B CLA ZJ . 10.07 -37.23 87.18
CMB CLA ZJ . 12.12 -36.24 90.16
CAB CLA ZJ . 9.98 -34.85 88.19
CBB CLA ZJ . 10.02 -33.99 87.18
NC CLA ZJ . 9.51 -39.18 84.93
C1C CLA ZJ . 8.92 -37.96 85.11
C2C CLA ZJ . 7.97 -37.71 84.04
C3C CLA ZJ . 8.02 -38.81 83.20
C4C CLA ZJ . 8.99 -39.74 83.77
CMC CLA ZJ . 7.16 -36.50 83.92
CAC CLA ZJ . 7.24 -39.03 81.96
CBC CLA ZJ . 5.80 -39.37 82.24
ND CLA ZJ . 11.01 -41.55 84.94
C1D CLA ZJ . 10.27 -41.85 83.76
C2D CLA ZJ . 10.71 -43.16 83.25
C3D CLA ZJ . 11.68 -43.62 84.12
C4D CLA ZJ . 11.81 -42.58 85.16
CMD CLA ZJ . 10.18 -43.80 82.04
CAD CLA ZJ . 12.62 -44.69 84.45
OBD CLA ZJ . 12.87 -45.71 83.83
CBD CLA ZJ . 13.29 -44.30 85.79
CGD CLA ZJ . 12.96 -45.33 86.84
O1D CLA ZJ . 11.93 -45.40 87.51
O2D CLA ZJ . 13.93 -46.27 87.03
CED CLA ZJ . 15.23 -45.84 87.39
C1 CLA ZJ . 18.34 -40.21 86.95
C2 CLA ZJ . 18.87 -40.50 88.31
C3 CLA ZJ . 19.66 -41.56 88.55
C4 CLA ZJ . 20.05 -42.52 87.50
C5 CLA ZJ . 20.17 -41.81 89.93
MG CLA AK . 52.21 -53.43 78.50
CHA CLA AK . 55.60 -53.32 79.23
CHB CLA AK . 52.86 -52.44 75.33
CHC CLA AK . 48.84 -53.70 77.80
CHD CLA AK . 51.57 -54.47 81.82
NA CLA AK . 53.96 -52.94 77.48
C1A CLA AK . 55.27 -52.97 77.95
C2A CLA AK . 56.26 -52.51 76.86
C3A CLA AK . 55.33 -52.12 75.69
C4A CLA AK . 53.94 -52.53 76.18
CMA CLA AK . 55.40 -50.64 75.38
CAA CLA AK . 57.21 -53.63 76.46
CBA CLA AK . 57.82 -53.36 75.09
CGA CLA AK . 59.17 -52.70 75.21
O1A CLA AK . 59.75 -51.97 74.40
O2A CLA AK . 59.80 -52.98 76.38
NB CLA AK . 51.06 -53.06 76.90
C1B CLA AK . 51.53 -52.78 75.66
C2B CLA AK . 50.43 -52.87 74.66
C3B CLA AK . 49.29 -53.22 75.35
C4B CLA AK . 49.68 -53.35 76.79
CMB CLA AK . 50.60 -52.61 73.23
CAB CLA AK . 47.94 -53.46 74.89
CBB CLA AK . 47.61 -54.25 73.88
NC CLA AK . 50.52 -53.96 79.62
C1C CLA AK . 49.24 -53.97 79.14
C2C CLA AK . 48.32 -54.38 80.18
C3C CLA AK . 49.08 -54.61 81.33
C4C CLA AK . 50.47 -54.35 80.96
CMC CLA AK . 46.87 -54.50 79.99
CAC CLA AK . 48.60 -55.07 82.64
CBC CLA AK . 47.83 -54.03 83.42
ND CLA AK . 53.27 -53.83 80.17
C1D CLA AK . 52.89 -54.23 81.47
C2D CLA AK . 54.09 -54.35 82.31
C3D CLA AK . 55.16 -54.04 81.50
C4D CLA AK . 54.59 -53.70 80.18
CMD CLA AK . 54.10 -54.75 83.71
CAD CLA AK . 56.60 -53.86 81.42
OBD CLA AK . 57.45 -54.02 82.28
CBD CLA AK . 56.92 -53.41 79.96
CGD CLA AK . 57.67 -52.11 79.94
O1D CLA AK . 57.54 -51.15 80.71
O2D CLA AK . 58.61 -52.02 78.96
CED CLA AK . 59.22 -50.75 78.74
MG CLA BK . 46.60 -38.14 85.58
CHA CLA BK . 47.53 -35.38 83.72
CHB CLA BK . 47.07 -36.37 88.44
CHC CLA BK . 45.33 -40.79 87.35
CHD CLA BK . 46.15 -39.94 82.59
NA CLA BK . 47.24 -36.20 85.98
C1A CLA BK . 47.53 -35.19 85.07
C2A CLA BK . 47.92 -33.90 85.79
C3A CLA BK . 47.91 -34.30 87.27
C4A CLA BK . 47.36 -35.72 87.26
CMA CLA BK . 49.31 -34.27 87.83
CAA CLA BK . 46.89 -32.83 85.52
CBA CLA BK . 45.51 -33.22 86.03
CGA CLA BK . 44.45 -32.49 85.26
O1A CLA BK . 44.36 -31.29 85.03
O2A CLA BK . 43.48 -33.32 84.75
NB CLA BK . 46.13 -38.45 87.51
C1B CLA BK . 46.59 -37.69 88.53
C2B CLA BK . 46.56 -38.45 89.80
C3B CLA BK . 46.07 -39.70 89.51
C4B CLA BK . 45.79 -39.71 88.04
CMB CLA BK . 47.01 -37.91 91.08
CAB CLA BK . 45.85 -40.83 90.37
CBB CLA BK . 44.65 -41.35 90.66
NC CLA BK . 45.89 -40.03 85.06
C1C CLA BK . 45.38 -40.94 85.95
C2C CLA BK . 44.89 -42.11 85.24
C3C CLA BK . 45.17 -41.89 83.89
C4C CLA BK . 45.80 -40.58 83.78
CMC CLA BK . 44.24 -43.26 85.86
CAC CLA BK . 44.85 -42.80 82.77
CBC CLA BK . 43.58 -42.36 82.07
ND CLA BK . 47.00 -37.88 83.62
C1D CLA BK . 46.70 -38.68 82.48
C2D CLA BK . 47.05 -37.93 81.26
C3D CLA BK . 47.37 -36.65 81.68
C4D CLA BK . 47.28 -36.66 83.15
CMD CLA BK . 46.98 -38.46 79.91
CAD CLA BK . 47.82 -35.33 81.28
OBD CLA BK . 48.18 -34.93 80.18
CBD CLA BK . 47.78 -34.44 82.55
CGD CLA BK . 49.02 -33.61 82.71
O1D CLA BK . 49.90 -33.70 83.56
O2D CLA BK . 49.13 -32.63 81.77
CED CLA BK . 50.29 -31.80 81.79
C1 CLA BK . 42.11 -33.08 85.15
C2 CLA BK . 41.24 -33.54 84.04
C3 CLA BK . 40.10 -34.24 84.17
C4 CLA BK . 39.57 -34.66 85.49
C5 CLA BK . 39.30 -34.65 82.97
MG CLA CK . 56.15 -59.69 69.33
CHA CLA CK . 58.13 -56.86 69.67
CHB CLA CK . 58.20 -60.82 66.87
CHC CLA CK . 54.20 -62.50 69.07
CHD CLA CK . 54.08 -58.50 71.94
NA CLA CK . 57.87 -58.92 68.43
C1A CLA CK . 58.55 -57.74 68.71
C2A CLA CK . 59.77 -57.56 67.82
C3A CLA CK . 59.71 -58.80 66.88
C4A CLA CK . 58.52 -59.59 67.42
CMA CLA CK . 59.52 -58.38 65.44
CAA CLA CK . 61.06 -57.59 68.62
CBA CLA CK . 61.14 -58.83 69.50
CGA CLA CK . 60.92 -58.46 70.92
O1A CLA CK . 61.16 -57.39 71.49
O2A CLA CK . 60.37 -59.48 71.65
NB CLA CK . 56.18 -61.34 68.18
C1B CLA CK . 57.13 -61.63 67.26
C2B CLA CK . 56.88 -62.99 66.69
C3B CLA CK . 55.74 -63.47 67.30
C4B CLA CK . 55.28 -62.42 68.26
CMB CLA CK . 57.73 -63.58 65.67
CAB CLA CK . 55.03 -64.71 67.14
CBB CLA CK . 55.60 -65.91 67.01
NC CLA CK . 54.44 -60.35 70.31
C1C CLA CK . 53.80 -61.53 70.04
C2C CLA CK . 52.64 -61.69 70.90
C3C CLA CK . 52.63 -60.56 71.73
C4C CLA CK . 53.76 -59.73 71.35
CMC CLA CK . 51.72 -62.82 70.88
CAC CLA CK . 51.66 -60.25 72.79
CBC CLA CK . 50.34 -59.73 72.27
ND CLA CK . 56.04 -58.07 70.52
C1D CLA CK . 55.15 -57.71 71.56
C2D CLA CK . 55.56 -56.41 72.13
C3D CLA CK . 56.69 -56.03 71.43
C4D CLA CK . 56.95 -57.10 70.45
CMD CLA CK . 54.87 -55.72 73.22
CAD CLA CK . 57.72 -55.02 71.27
OBD CLA CK . 57.87 -53.94 71.83
CBD CLA CK . 58.68 -55.54 70.16
CGD CLA CK . 58.83 -54.54 69.04
O1D CLA CK . 57.98 -53.73 68.67
O2D CLA CK . 60.02 -54.58 68.40
CED CLA CK . 61.13 -53.92 69.02
C1 CLA CK . 58.94 -59.50 71.77
C2 CLA CK . 58.52 -60.90 71.58
C3 CLA CK . 57.85 -61.60 72.51
C4 CLA CK . 57.49 -61.00 73.82
C5 CLA CK . 57.44 -63.01 72.27
MG CLA DK . 48.50 -53.06 69.60
CHA CLA DK . 46.37 -50.36 70.01
CHB CLA DK . 45.92 -55.19 70.19
CHC CLA DK . 50.65 -55.70 69.17
CHD CLA DK . 51.17 -50.81 69.08
NA CLA DK . 46.47 -52.78 70.00
C1A CLA DK . 45.78 -51.57 70.14
C2A CLA DK . 44.30 -51.83 70.44
C3A CLA DK . 44.21 -53.37 70.55
C4A CLA DK . 45.62 -53.83 70.21
CMA CLA DK . 43.79 -53.80 71.93
CAA CLA DK . 43.46 -51.34 69.28
CBA CLA DK . 42.02 -51.13 69.67
CGA CLA DK . 41.26 -52.42 69.55
O1A CLA DK . 41.63 -53.47 69.03
O2A CLA DK . 40.02 -52.36 70.08
NB CLA DK . 48.34 -55.05 69.73
C1B CLA DK . 47.18 -55.74 69.90
C2B CLA DK . 47.43 -57.20 69.74
C3B CLA DK . 48.76 -57.34 69.45
C4B CLA DK . 49.35 -55.98 69.43
CMB CLA DK . 46.38 -58.20 69.87
CAB CLA DK . 49.52 -58.54 69.17
CBB CLA DK . 49.14 -59.52 68.36
NC CLA DK . 50.54 -53.21 69.19
C1C CLA DK . 51.21 -54.39 69.05
C2C CLA DK . 52.62 -54.13 68.78
C3C CLA DK . 52.76 -52.75 68.76
C4C CLA DK . 51.46 -52.18 69.02
CMC CLA DK . 53.63 -55.17 68.58
CAC CLA DK . 54.01 -52.00 68.53
CBC CLA DK . 54.11 -51.42 67.13
ND CLA DK . 48.76 -51.07 69.43
C1D CLA DK . 49.92 -50.27 69.27
C2D CLA DK . 49.54 -48.84 69.34
C3D CLA DK . 48.19 -48.83 69.60
C4D CLA DK . 47.77 -50.23 69.69
CMD CLA DK . 50.46 -47.73 69.15
CAD CLA DK . 47.03 -47.99 69.81
OBD CLA DK . 46.92 -46.78 69.73
CBD CLA DK . 45.86 -48.95 70.18
CGD CLA DK . 45.46 -48.67 71.60
O1D CLA DK . 45.88 -47.77 72.33
O2D CLA DK . 44.53 -49.51 72.11
CED CLA DK . 43.23 -48.98 72.34
C1 CLA DK . 39.55 -53.54 70.77
C2 CLA DK . 38.29 -53.16 71.45
C3 CLA DK . 37.63 -53.98 72.29
C4 CLA DK . 38.12 -55.35 72.61
C5 CLA DK . 36.37 -53.55 72.94
MG CLA EK . 34.32 -69.77 77.26
CHA CLA EK . 32.37 -70.09 80.11
CHB CLA EK . 32.78 -66.83 76.53
CHC CLA EK . 36.29 -69.51 74.46
CHD CLA EK . 35.89 -72.84 78.06
NA CLA EK . 32.81 -68.65 78.19
C1A CLA EK . 32.11 -68.97 79.37
C2A CLA EK . 31.07 -67.90 79.68
C3A CLA EK . 31.18 -66.91 78.50
C4A CLA EK . 32.33 -67.48 77.67
CMA CLA EK . 29.89 -66.83 77.71
CAA CLA EK . 31.31 -67.25 81.04
CBA CLA EK . 32.01 -65.91 80.94
CGA CLA EK . 32.75 -65.64 82.21
O1A CLA EK . 32.33 -65.70 83.37
O2A CLA EK . 34.06 -65.29 82.01
NB CLA EK . 34.40 -68.50 75.70
C1B CLA EK . 33.83 -67.26 75.71
C2B CLA EK . 34.54 -66.37 74.74
C3B CLA EK . 35.53 -67.12 74.17
C4B CLA EK . 35.46 -68.48 74.76
CMB CLA EK . 34.18 -64.97 74.53
CAB CLA EK . 36.51 -66.77 73.17
CBB CLA EK . 37.49 -65.89 73.39
NC CLA EK . 35.80 -70.97 76.41
C1C CLA EK . 36.45 -70.69 75.23
C2C CLA EK . 37.37 -71.76 74.90
C3C CLA EK . 37.29 -72.69 75.94
C4C CLA EK . 36.30 -72.18 76.88
CMC CLA EK . 38.20 -71.77 73.71
CAC CLA EK . 38.04 -73.95 76.06
CBC CLA EK . 37.52 -75.03 75.16
ND CLA EK . 34.31 -71.10 78.78
C1D CLA EK . 34.95 -72.35 78.95
C2D CLA EK . 34.47 -72.97 80.21
C3D CLA EK . 33.49 -72.13 80.71
C4D CLA EK . 33.40 -71.01 79.76
CMD CLA EK . 34.96 -74.23 80.77
CAD CLA EK . 32.56 -71.88 81.78
OBD CLA EK . 32.41 -72.49 82.83
CBD CLA EK . 31.73 -70.64 81.36
CGD CLA EK . 30.29 -71.00 81.08
O1D CLA EK . 29.73 -71.03 79.98
O2D CLA EK . 29.57 -71.29 82.19
CED CLA EK . 28.19 -71.59 82.01
MG CLA FK . 41.00 -79.02 70.49
CHA CLA FK . 39.53 -81.50 72.40
CHB CLA FK . 43.36 -78.63 72.89
CHC CLA FK . 42.23 -76.36 68.74
CHD CLA FK . 38.41 -79.37 68.12
NA CLA FK . 41.42 -80.01 72.28
C1A CLA FK . 40.69 -81.01 72.92
C2A CLA FK . 41.40 -81.46 74.20
C3A CLA FK . 42.74 -80.70 74.16
C4A CLA FK . 42.53 -79.71 73.03
CMA CLA FK . 43.04 -79.99 75.46
CAA CLA FK . 41.68 -82.95 74.12
CBA CLA FK . 42.33 -83.49 75.38
CGA CLA FK . 41.28 -83.83 76.38
O1A CLA FK . 41.40 -83.97 77.60
O2A CLA FK . 40.05 -84.00 75.81
NB CLA FK . 42.59 -77.81 70.70
C1B CLA FK . 43.22 -77.65 71.88
C2B CLA FK . 43.75 -76.28 72.01
C3B CLA FK . 43.44 -75.62 70.85
C4B CLA FK . 42.73 -76.60 69.98
CMB CLA FK . 44.46 -75.85 73.21
CAB CLA FK . 43.74 -74.28 70.43
CBB CLA FK . 42.84 -73.37 70.05
NC CLA FK . 40.49 -78.13 68.68
C1C CLA FK . 41.19 -77.10 68.11
C2C CLA FK . 40.62 -76.78 66.82
C3C CLA FK . 39.46 -77.54 66.69
C4C CLA FK . 39.40 -78.40 67.86
CMC CLA FK . 41.14 -75.75 65.92
CAC CLA FK . 38.53 -77.57 65.55
CBC CLA FK . 38.80 -78.74 64.63
ND CLA FK . 39.40 -80.23 70.20
C1D CLA FK . 38.39 -80.22 69.20
C2D CLA FK . 37.37 -81.22 69.55
C3D CLA FK . 37.74 -81.74 70.79
C4D CLA FK . 39.01 -81.07 71.15
CMD CLA FK . 36.21 -81.51 68.71
CAD CLA FK . 37.45 -82.69 71.84
OBD CLA FK . 36.56 -83.51 71.97
CBD CLA FK . 38.51 -82.47 72.95
CGD CLA FK . 37.82 -81.83 74.14
O1D CLA FK . 36.61 -81.61 74.25
O2D CLA FK . 38.64 -81.47 75.16
CED CLA FK . 38.61 -80.10 75.57
MG CLA GK . 35.16 -73.08 85.44
CHA CLA GK . 32.96 -73.68 88.06
CHB CLA GK . 33.56 -70.17 84.78
CHC CLA GK . 37.40 -72.50 82.89
CHD CLA GK . 36.72 -76.18 86.10
NA CLA GK . 33.53 -72.10 86.31
C1A CLA GK . 32.75 -72.51 87.39
C2A CLA GK . 31.66 -71.49 87.70
C3A CLA GK . 31.80 -70.44 86.57
C4A CLA GK . 33.06 -70.90 85.82
CMA CLA GK . 30.59 -70.43 85.67
CAA CLA GK . 31.91 -70.83 89.05
CBA CLA GK . 32.51 -69.45 88.92
CGA CLA GK . 34.00 -69.48 89.07
O1A CLA GK . 34.67 -69.58 90.10
O2A CLA GK . 34.66 -69.39 87.87
NB CLA GK . 35.38 -71.66 84.05
C1B CLA GK . 34.70 -70.49 84.02
C2B CLA GK . 35.32 -69.57 83.04
C3B CLA GK . 36.40 -70.22 82.49
C4B CLA GK . 36.46 -71.55 83.14
CMB CLA GK . 34.79 -68.24 82.79
CAB CLA GK . 37.35 -69.77 81.51
CBB CLA GK . 37.25 -70.00 80.21
NC CLA GK . 36.77 -74.15 84.65
C1C CLA GK . 37.55 -73.73 83.61
C2C CLA GK . 38.58 -74.71 83.32
C3C CLA GK . 38.39 -75.76 84.23
C4C CLA GK . 37.25 -75.39 85.06
CMC CLA GK . 39.58 -74.58 82.27
CAC CLA GK . 39.20 -76.99 84.33
CBC CLA GK . 40.40 -76.78 85.21
ND CLA GK . 35.02 -74.56 86.81
C1D CLA GK . 35.68 -75.80 86.93
C2D CLA GK . 35.08 -76.56 88.04
C3D CLA GK . 34.04 -75.78 88.53
C4D CLA GK . 34.03 -74.57 87.71
CMD CLA GK . 35.53 -77.88 88.50
CAD CLA GK . 32.98 -75.66 89.51
OBD CLA GK . 32.69 -76.39 90.44
CBD CLA GK . 32.20 -74.35 89.17
CGD CLA GK . 30.80 -74.68 88.72
O1D CLA GK . 30.46 -75.45 87.82
O2D CLA GK . 29.83 -74.02 89.41
CED CLA GK . 28.53 -73.95 88.81
C1 CLA GK . 36.10 -69.58 87.90
C2 CLA GK . 36.34 -71.03 87.85
C3 CLA GK . 37.57 -71.55 87.72
C4 CLA GK . 37.83 -73.01 87.69
MG CLA HK . 37.75 -76.06 54.51
CHA CLA HK . 34.79 -77.32 53.20
CHB CLA HK . 38.11 -78.85 56.42
CHC CLA HK . 40.67 -74.76 55.77
CHD CLA HK . 37.37 -73.19 52.48
NA CLA HK . 36.63 -77.80 54.73
C1A CLA HK . 35.43 -78.14 54.11
C2A CLA HK . 34.98 -79.53 54.51
C3A CLA HK . 36.07 -80.01 55.48
C4A CLA HK . 37.02 -78.81 55.57
CMA CLA HK . 35.52 -80.40 56.83
CAA CLA HK . 35.07 -80.41 53.27
CBA CLA HK . 36.50 -80.51 52.74
CGA CLA HK . 36.87 -79.36 51.85
O1A CLA HK . 36.28 -78.92 50.86
O2A CLA HK . 38.01 -78.71 52.24
NB CLA HK . 39.17 -76.72 55.78
C1B CLA HK . 39.04 -77.81 56.58
C2B CLA HK . 40.03 -77.76 57.68
C3B CLA HK . 40.76 -76.61 57.51
C4B CLA HK . 40.23 -75.94 56.28
CMB CLA HK . 40.14 -78.78 58.71
CAB CLA HK . 41.84 -76.06 58.27
CBB CLA HK . 43.07 -76.58 58.34
NC CLA HK . 38.83 -74.30 54.17
C1C CLA HK . 40.02 -73.99 54.78
C2C CLA HK . 40.52 -72.72 54.27
C3C CLA HK . 39.57 -72.26 53.36
C4C CLA HK . 38.52 -73.26 53.29
CMC CLA HK . 41.76 -72.09 54.70
CAC CLA HK . 39.65 -71.01 52.59
CBC CLA HK . 40.49 -71.17 51.33
ND CLA HK . 36.40 -75.33 53.20
C1D CLA HK . 36.38 -74.14 52.42
C2D CLA HK . 35.15 -74.14 51.61
C3D CLA HK . 34.50 -75.33 51.87
C4D CLA HK . 35.34 -76.04 52.85
CMD CLA HK . 34.76 -73.06 50.72
CAD CLA HK . 33.35 -76.15 51.58
OBD CLA HK . 32.39 -75.92 50.85
CBD CLA HK . 33.52 -77.47 52.39
CGD CLA HK . 32.32 -77.72 53.27
O1D CLA HK . 31.88 -76.99 54.16
O2D CLA HK . 31.69 -78.90 53.00
CED CLA HK . 31.56 -79.85 54.06
C1 CLA HK . 38.36 -77.51 51.52
C2 CLA HK . 39.69 -77.08 52.01
C3 CLA HK . 40.32 -75.96 51.60
C4 CLA HK . 39.73 -75.05 50.60
C5 CLA HK . 41.66 -75.59 52.13
MG CLA IK . 31.75 -66.68 54.74
CHA CLA IK . 29.18 -64.43 55.21
CHB CLA IK . 29.72 -69.20 55.77
CHC CLA IK . 34.36 -68.86 54.33
CHD CLA IK . 33.82 -64.02 53.69
NA CLA IK . 29.77 -66.77 55.36
C1A CLA IK . 28.85 -65.72 55.49
C2A CLA IK . 27.49 -66.22 55.99
C3A CLA IK . 27.71 -67.74 56.19
C4A CLA IK . 29.16 -67.94 55.73
CMA CLA IK . 27.50 -68.12 57.63
CAA CLA IK . 26.40 -66.01 54.95
CBA CLA IK . 25.90 -67.34 54.42
CGA CLA IK . 25.42 -67.19 53.02
O1A CLA IK . 24.30 -67.42 52.55
O2A CLA IK . 26.39 -66.74 52.15
NB CLA IK . 31.98 -68.67 54.94
C1B CLA IK . 31.04 -69.52 55.42
C2B CLA IK . 31.63 -70.88 55.59
C3B CLA IK . 32.94 -70.80 55.20
C4B CLA IK . 33.19 -69.38 54.80
CMB CLA IK . 30.87 -72.02 56.09
CAB CLA IK . 33.94 -71.82 55.18
CBB CLA IK . 34.83 -72.03 54.22
NC CLA IK . 33.73 -66.48 54.10
C1C CLA IK . 34.61 -67.50 53.98
C2C CLA IK . 35.89 -67.01 53.48
C3C CLA IK . 35.75 -65.63 53.33
C4C CLA IK . 34.37 -65.31 53.71
CMC CLA IK . 37.06 -67.85 53.23
CAC CLA IK . 36.77 -64.69 52.83
CBC CLA IK . 37.22 -63.66 53.85
ND CLA IK . 31.62 -64.69 54.52
C1D CLA IK . 32.53 -63.71 54.06
C2D CLA IK . 31.89 -62.39 54.09
C3D CLA IK . 30.61 -62.60 54.54
C4D CLA IK . 30.48 -64.06 54.75
CMD CLA IK . 32.54 -61.13 53.74
CAD CLA IK . 29.34 -62.00 54.85
OBD CLA IK . 29.01 -60.82 54.79
CBD CLA IK . 28.38 -63.14 55.28
CGD CLA IK . 27.83 -62.87 56.66
O1D CLA IK . 28.46 -62.70 57.69
O2D CLA IK . 26.47 -62.83 56.70
CED CLA IK . 25.86 -62.20 57.83
C1 CLA IK . 27.47 -67.66 51.89
C2 CLA IK . 28.59 -66.86 51.33
C3 CLA IK . 29.87 -67.28 51.36
C4 CLA IK . 30.25 -68.57 51.96
C5 CLA IK . 30.97 -66.45 50.78
MG CLA JK . 32.50 -61.96 63.20
CHA CLA JK . 29.94 -62.53 65.44
CHB CLA JK . 30.31 -62.23 60.64
CHC CLA JK . 35.04 -61.17 61.05
CHD CLA JK . 34.75 -61.62 65.92
NA CLA JK . 30.47 -62.37 63.08
C1A CLA JK . 29.57 -62.57 64.13
C2A CLA JK . 28.16 -62.83 63.60
C3A CLA JK . 28.38 -63.00 62.08
C4A CLA JK . 29.81 -62.49 61.89
CMA CLA JK . 28.21 -64.41 61.64
CAA CLA JK . 27.29 -61.62 63.84
CBA CLA JK . 27.14 -60.79 62.59
CGA CLA JK . 27.54 -59.36 62.79
O1A CLA JK . 26.90 -58.45 63.29
O2A CLA JK . 28.81 -59.09 62.35
NB CLA JK . 32.67 -61.87 61.21
C1B CLA JK . 31.61 -61.78 60.37
C2B CLA JK . 32.01 -61.14 59.09
C3B CLA JK . 33.34 -60.84 59.20
C4B CLA JK . 33.79 -61.30 60.54
CMB CLA JK . 31.09 -60.92 57.98
CAB CLA JK . 34.23 -60.20 58.26
CBB CLA JK . 34.84 -59.03 58.46
NC CLA JK . 34.53 -61.55 63.45
C1C CLA JK . 35.39 -61.29 62.42
C2C CLA JK . 36.74 -61.09 62.92
C3C CLA JK . 36.66 -61.16 64.31
C4C CLA JK . 35.26 -61.44 64.63
CMC CLA JK . 37.91 -60.84 62.09
CAC CLA JK . 37.76 -61.02 65.27
CBC CLA JK . 37.98 -59.60 65.69
ND CLA JK . 32.43 -62.02 65.22
C1D CLA JK . 33.42 -61.88 66.22
C2D CLA JK . 32.81 -62.07 67.53
C3D CLA JK . 31.47 -62.31 67.30
C4D CLA JK . 31.29 -62.28 65.84
CMD CLA JK . 33.53 -61.99 68.81
CAD CLA JK . 30.18 -62.58 67.89
OBD CLA JK . 29.87 -62.67 69.06
CBD CLA JK . 29.16 -62.76 66.71
CGD CLA JK . 28.58 -64.13 66.76
O1D CLA JK . 29.19 -65.21 66.75
O2D CLA JK . 27.22 -64.15 66.84
CED CLA JK . 26.65 -64.73 68.01
C1 CLA JK . 28.94 -58.55 61.01
C2 CLA JK . 30.31 -58.03 60.86
C3 CLA JK . 30.79 -57.48 59.72
C4 CLA JK . 29.95 -57.35 58.52
C5 CLA JK . 32.17 -56.97 59.62
MG CLA KK . 55.28 -66.15 62.98
CHA CLA KK . 57.65 -63.85 61.97
CHB CLA KK . 57.23 -68.62 61.80
CHC CLA KK . 53.03 -68.40 64.25
CHD CLA KK . 53.34 -63.50 64.31
NA CLA KK . 57.10 -66.20 61.96
C1A CLA KK . 57.94 -65.13 61.64
C2A CLA KK . 59.18 -65.61 60.91
C3A CLA KK . 58.90 -67.11 60.68
C4A CLA KK . 57.66 -67.35 61.53
CMA CLA KK . 58.67 -67.37 59.22
CAA CLA KK . 60.45 -65.39 61.73
CBA CLA KK . 61.11 -66.70 62.08
CGA CLA KK . 61.09 -66.88 63.56
O1A CLA KK . 61.99 -66.65 64.38
O2A CLA KK . 59.90 -67.35 64.02
NB CLA KK . 55.12 -68.15 62.95
C1B CLA KK . 56.10 -68.98 62.55
C2B CLA KK . 55.80 -70.37 62.99
C3B CLA KK . 54.61 -70.31 63.69
C4B CLA KK . 54.15 -68.89 63.65
CMB CLA KK . 56.70 -71.48 62.71
CAB CLA KK . 53.84 -71.33 64.36
CBB CLA KK . 54.23 -72.61 64.57
NC CLA KK . 53.48 -65.96 64.02
C1C CLA KK . 52.71 -67.02 64.41
C2C CLA KK . 51.51 -66.53 65.11
C3C CLA KK . 51.63 -65.14 65.16
C4C CLA KK . 52.86 -64.80 64.47
CMC CLA KK . 50.46 -67.35 65.68
CAC CLA KK . 50.68 -64.21 65.77
CBC CLA KK . 50.99 -63.97 67.23
ND CLA KK . 55.35 -64.14 63.06
C1D CLA KK . 54.50 -63.18 63.67
C2D CLA KK . 55.11 -61.84 63.50
C3D CLA KK . 56.32 -62.05 62.88
C4D CLA KK . 56.42 -63.50 62.63
CMD CLA KK . 54.52 -60.60 63.99
CAD CLA KK . 57.52 -61.44 62.37
OBD CLA KK . 57.84 -60.28 62.43
CBD CLA KK . 58.41 -62.57 61.78
CGD CLA KK . 58.82 -62.35 60.35
O1D CLA KK . 59.75 -62.91 59.74
O2D CLA KK . 58.07 -61.44 59.67
CED CLA KK . 58.51 -61.11 58.36
C1 CLA KK . 59.95 -68.57 64.78
C2 CLA KK . 58.57 -68.87 65.24
C3 CLA KK . 58.25 -70.02 65.85
C4 CLA KK . 59.26 -71.08 66.10
C5 CLA KK . 56.86 -70.30 66.32
MG CLA LK . 46.02 -55.52 52.96
CHA CLA LK . 48.14 -53.66 50.98
CHB CLA LK . 45.42 -52.77 54.88
CHC CLA LK . 43.71 -57.33 54.74
CHD CLA LK . 46.61 -58.32 50.89
NA CLA LK . 46.72 -53.56 52.94
C1A CLA LK . 47.59 -52.98 52.02
C2A CLA LK . 47.83 -51.51 52.35
C3A CLA LK . 47.09 -51.32 53.70
C4A CLA LK . 46.35 -52.64 53.87
CMA CLA LK . 48.04 -51.04 54.82
CAA CLA LK . 47.18 -50.66 51.28
CBA CLA LK . 45.67 -50.59 51.42
CGA CLA LK . 44.98 -51.73 50.72
O1A CLA LK . 44.86 -51.92 49.51
O2A CLA LK . 44.43 -52.65 51.57
NB CLA LK . 44.82 -55.14 54.53
C1B CLA LK . 44.67 -53.93 55.14
C2B CLA LK . 43.58 -54.01 56.14
C3B CLA LK . 43.10 -55.29 56.11
C4B CLA LK . 43.88 -56.03 55.09
CMB CLA LK . 43.19 -52.87 56.96
CAB CLA LK . 42.03 -55.90 56.87
CBB CLA LK . 40.76 -55.93 56.50
NC CLA LK . 45.35 -57.48 52.87
C1C CLA LK . 44.41 -58.02 53.70
C2C CLA LK . 44.16 -59.41 53.36
C3C CLA LK . 44.96 -59.70 52.26
C4C CLA LK . 45.70 -58.47 51.95
CMC CLA LK . 43.22 -60.29 54.04
CAC CLA LK . 45.05 -60.97 51.54
CBC CLA LK . 43.96 -61.11 50.50
ND CLA LK . 47.17 -55.99 51.37
C1D CLA LK . 47.30 -57.17 50.60
C2D CLA LK . 48.24 -56.91 49.50
C3D CLA LK . 48.60 -55.58 49.59
C4D CLA LK . 47.89 -55.05 50.76
CMD CLA LK . 48.65 -57.92 48.52
CAD CLA LK . 49.40 -54.51 49.04
OBD CLA LK . 50.20 -54.54 48.11
CBD CLA LK . 49.08 -53.23 49.87
CGD CLA LK . 50.30 -52.58 50.42
O1D CLA LK . 50.62 -52.49 51.61
O2D CLA LK . 51.13 -52.04 49.48
CED CLA LK . 50.53 -51.21 48.48
C1 CLA LK . 43.20 -52.28 52.23
C2 CLA LK . 42.39 -53.53 52.33
C3 CLA LK . 41.22 -53.58 52.99
C4 CLA LK . 40.63 -52.41 53.67
C5 CLA LK . 40.44 -54.86 53.06
MG CLA MK . 54.87 -61.39 47.75
CHA CLA MK . 58.30 -60.96 47.73
CHB CLA MK . 54.74 -60.51 44.47
CHC CLA MK . 51.50 -61.97 47.79
CHD CLA MK . 55.04 -62.19 51.20
NA CLA MK . 56.31 -60.84 46.35
C1A CLA MK . 57.70 -60.75 46.52
C2A CLA MK . 58.38 -60.34 45.22
C3A CLA MK . 57.22 -60.16 44.23
C4A CLA MK . 55.99 -60.54 45.06
CMA CLA MK . 57.13 -58.77 43.68
CAA CLA MK . 59.24 -61.48 44.71
CBA CLA MK . 58.55 -62.82 44.88
CGA CLA MK . 57.83 -63.29 43.65
O1A CLA MK . 58.29 -63.77 42.61
O2A CLA MK . 56.46 -63.17 43.76
NB CLA MK . 53.42 -61.35 46.37
C1B CLA MK . 53.54 -60.81 45.13
C2B CLA MK . 52.20 -60.58 44.54
C3B CLA MK . 51.28 -60.98 45.47
C4B CLA MK . 52.04 -61.49 46.64
CMB CLA MK . 52.01 -60.00 43.21
CAB CLA MK . 49.84 -60.97 45.42
CBB CLA MK . 49.12 -61.54 44.45
NC CLA MK . 53.53 -62.00 49.22
C1C CLA MK . 52.20 -62.20 49.00
C2C CLA MK . 51.56 -62.69 50.21
C3C CLA MK . 52.54 -62.70 51.20
C4C CLA MK . 53.78 -62.28 50.56
CMC CLA MK . 50.14 -63.03 50.33
CAC CLA MK . 52.36 -63.14 52.59
CBC CLA MK . 52.36 -64.64 52.74
ND CLA MK . 56.28 -61.49 49.19
C1D CLA MK . 56.21 -61.81 50.57
C2D CLA MK . 57.56 -61.69 51.16
C3D CLA MK . 58.41 -61.38 50.10
C4D CLA MK . 57.56 -61.27 48.91
CMD CLA MK . 57.84 -61.89 52.56
CAD CLA MK . 59.77 -61.07 49.70
OBD CLA MK . 60.79 -60.98 50.38
CBD CLA MK . 59.75 -60.85 48.16
CGD CLA MK . 60.39 -59.55 47.74
O1D CLA MK . 59.85 -58.45 47.66
O2D CLA MK . 61.71 -59.67 47.44
CED CLA MK . 62.10 -59.67 46.06
C1 CLA MK . 55.80 -63.88 44.83
C2 CLA MK . 55.10 -65.04 44.25
C3 CLA MK . 53.98 -64.95 43.51
C4 CLA MK . 53.31 -63.66 43.22
MG CLA NK . 51.32 -54.23 40.78
CHA CLA NK . 54.63 -54.85 41.60
CHB CLA NK . 52.29 -53.21 37.68
CHC CLA NK . 48.02 -53.91 39.91
CHD CLA NK . 50.36 -55.35 43.99
NA CLA NK . 53.17 -54.01 39.84
C1A CLA NK . 54.43 -54.36 40.34
C2A CLA NK . 55.52 -54.07 39.32
C3A CLA NK . 54.77 -53.32 38.19
C4A CLA NK . 53.30 -53.52 38.57
CMA CLA NK . 55.15 -51.86 38.15
CAA CLA NK . 56.10 -55.37 38.82
CBA CLA NK . 55.14 -56.15 37.93
CGA CLA NK . 54.33 -57.13 38.73
O1A CLA NK . 54.67 -58.23 39.17
O2A CLA NK . 53.05 -56.70 38.98
NB CLA NK . 50.34 -53.61 39.13
C1B CLA NK . 50.92 -53.35 37.94
C2B CLA NK . 49.87 -53.24 36.89
C3B CLA NK . 48.66 -53.43 37.50
C4B CLA NK . 48.95 -53.67 38.95
CMB CLA NK . 50.16 -52.95 35.49
CAB CLA NK . 47.33 -53.42 36.95
CBB CLA NK . 46.57 -54.50 36.80
NC CLA NK . 49.52 -54.51 41.80
C1C CLA NK . 48.30 -54.29 41.25
C2C CLA NK . 47.26 -54.57 42.23
C3C CLA NK . 47.91 -55.02 43.38
C4C CLA NK . 49.34 -54.97 43.10
CMC CLA NK . 45.82 -54.44 41.98
CAC CLA NK . 47.28 -55.42 44.65
CBC CLA NK . 46.88 -54.23 45.49
ND CLA NK . 52.22 -54.87 42.47
C1D CLA NK . 51.71 -55.32 43.71
C2D CLA NK . 52.85 -55.71 44.57
C3D CLA NK . 53.99 -55.56 43.81
C4D CLA NK . 53.54 -55.05 42.51
CMD CLA NK . 52.71 -56.18 45.96
CAD CLA NK . 55.43 -55.64 43.79
OBD CLA NK . 56.21 -55.93 44.68
CBD CLA NK . 55.87 -55.27 42.33
CGD CLA NK . 56.94 -54.22 42.30
O1D CLA NK . 57.69 -53.93 41.37
O2D CLA NK . 57.07 -53.52 43.46
CED CLA NK . 58.36 -53.53 44.09
C1 CLA NK . 51.98 -57.41 38.34
C2 CLA NK . 50.78 -57.25 39.20
C3 CLA NK . 49.55 -57.69 38.87
C4 CLA NK . 49.30 -58.41 37.61
C5 CLA NK . 48.40 -57.50 39.79
MG CLA OK . 45.96 -44.92 43.69
CHA CLA OK . 46.93 -47.81 45.33
CHB CLA OK . 45.31 -46.73 40.89
CHC CLA OK . 44.82 -42.05 42.17
CHD CLA OK . 46.52 -43.11 46.66
NA CLA OK . 46.16 -46.93 43.20
C1A CLA OK . 46.55 -47.99 44.02
C2A CLA OK . 46.53 -49.32 43.28
C3A CLA OK . 46.15 -48.91 41.83
C4A CLA OK . 45.84 -47.43 41.95
CMA CLA OK . 47.28 -49.17 40.87
CAA CLA OK . 45.48 -50.26 43.84
CBA CLA OK . 44.28 -49.51 44.38
CGA CLA OK . 43.16 -49.47 43.39
O1A CLA OK . 42.35 -50.34 43.11
O2A CLA OK . 43.08 -48.27 42.72
NB CLA OK . 45.20 -44.48 41.88
C1B CLA OK . 45.00 -45.36 40.87
C2B CLA OK . 44.40 -44.67 39.70
C3B CLA OK . 44.26 -43.34 40.05
C4B CLA OK . 44.78 -43.21 41.44
CMB CLA OK . 44.07 -45.35 38.45
CAB CLA OK . 43.75 -42.25 39.28
CBB CLA OK . 42.71 -41.49 39.62
NC CLA OK . 45.77 -42.93 44.30
C1C CLA OK . 45.30 -41.92 43.50
C2C CLA OK . 45.31 -40.67 44.24
C3C CLA OK . 45.75 -40.97 45.53
C4C CLA OK . 46.03 -42.40 45.55
CMC CLA OK . 44.89 -39.38 43.70
CAC CLA OK . 45.92 -40.03 46.65
CBC CLA OK . 47.35 -39.61 46.86
ND CLA OK . 46.71 -45.28 45.53
C1D CLA OK . 46.83 -44.45 46.67
C2D CLA OK . 47.35 -45.27 47.80
C3D CLA OK . 47.43 -46.56 47.33
C4D CLA OK . 46.98 -46.51 45.92
CMD CLA OK . 47.68 -44.74 49.12
CAD CLA OK . 47.82 -47.93 47.61
OBD CLA OK . 48.39 -48.40 48.58
CBD CLA OK . 47.36 -48.79 46.39
CGD CLA OK . 48.40 -49.77 45.90
O1D CLA OK . 48.22 -50.95 45.61
O2D CLA OK . 49.65 -49.27 45.79
CED CLA OK . 50.55 -50.00 44.95
C1 CLA OK . 42.87 -47.08 43.50
C2 CLA OK . 42.22 -46.09 42.60
C3 CLA OK . 42.11 -44.78 42.87
C4 CLA OK . 42.65 -44.17 44.11
C5 CLA OK . 41.44 -43.86 41.91
MG CLA PK . 45.97 -48.22 56.73
CHA CLA PK . 44.82 -49.72 59.63
CHB CLA PK . 42.86 -48.44 55.38
CHC CLA PK . 47.23 -47.04 53.77
CHD CLA PK . 49.21 -48.05 58.15
NA CLA PK . 44.14 -48.91 57.44
C1A CLA PK . 43.87 -49.53 58.67
C2A CLA PK . 42.37 -49.89 58.76
C3A CLA PK . 41.77 -49.25 57.49
C4A CLA PK . 43.00 -48.84 56.69
CMA CLA PK . 40.86 -50.18 56.73
CAA CLA PK . 41.69 -49.38 60.00
CBA CLA PK . 40.84 -50.47 60.62
CGA CLA PK . 40.33 -50.02 61.96
O1A CLA PK . 39.62 -49.04 62.19
O2A CLA PK . 40.74 -50.79 63.00
NB CLA PK . 45.20 -47.80 54.92
C1B CLA PK . 43.91 -48.03 54.55
C2B CLA PK . 43.75 -47.75 53.10
C3B CLA PK . 44.99 -47.36 52.64
C4B CLA PK . 45.92 -47.37 53.80
CMB CLA PK . 42.48 -47.90 52.42
CAB CLA PK . 45.44 -46.95 51.33
CBB CLA PK . 44.95 -47.38 50.16
NC CLA PK . 47.86 -47.59 56.11
C1C CLA PK . 48.15 -47.12 54.86
C2C CLA PK . 49.56 -46.78 54.76
C3C CLA PK . 50.12 -47.09 55.99
C4C CLA PK . 49.05 -47.61 56.83
CMC CLA PK . 50.20 -46.25 53.56
CAC CLA PK . 51.53 -46.93 56.38
CBC CLA PK . 51.74 -45.86 57.42
ND CLA PK . 46.84 -48.62 58.50
C1D CLA PK . 48.19 -48.55 58.94
C2D CLA PK . 48.28 -49.05 60.31
C3D CLA PK . 47.03 -49.52 60.62
C4D CLA PK . 46.17 -49.25 59.46
CMD CLA PK . 49.50 -49.06 61.12
CAD CLA PK . 46.19 -50.12 61.64
OBD CLA PK . 46.45 -50.39 62.81
CBD CLA PK . 44.80 -50.36 61.00
CGD CLA PK . 44.56 -51.84 60.93
O1D CLA PK . 45.23 -52.72 61.46
O2D CLA PK . 43.49 -52.21 60.20
CED CLA PK . 42.87 -53.45 60.56
C1 CLA PK . 40.48 -50.25 64.32
C2 CLA PK . 41.78 -50.06 65.03
C3 CLA PK . 42.71 -49.15 64.71
C4 CLA PK . 42.57 -48.18 63.60
C5 CLA PK . 43.97 -49.04 65.50
MG CLA QK . 29.65 -43.79 49.22
CHA CLA QK . 27.59 -46.56 49.16
CHB CLA QK . 31.97 -45.48 47.40
CHC CLA QK . 31.65 -41.02 49.33
CHD CLA QK . 27.25 -42.12 51.19
NA CLA QK . 29.74 -45.71 48.41
C1A CLA QK . 28.79 -46.73 48.52
C2A CLA QK . 29.25 -47.99 47.78
C3A CLA QK . 30.69 -47.63 47.33
C4A CLA QK . 30.82 -46.17 47.72
CMA CLA QK . 31.72 -48.50 47.99
CAA CLA QK . 28.40 -48.30 46.57
CBA CLA QK . 27.79 -47.06 45.95
CGA CLA QK . 27.84 -47.19 44.47
O1A CLA QK . 28.84 -47.12 43.74
O2A CLA QK . 26.61 -47.38 43.91
NB CLA QK . 31.52 -43.39 48.63
C1B CLA QK . 32.20 -44.13 47.72
C2B CLA QK . 33.25 -43.31 47.07
C3B CLA QK . 33.17 -42.06 47.60
C4B CLA QK . 32.07 -42.08 48.59
CMB CLA QK . 34.14 -43.83 46.03
CAB CLA QK . 33.93 -40.89 47.31
CBB CLA QK . 33.42 -39.78 46.79
NC CLA QK . 29.47 -41.92 50.10
C1C CLA QK . 30.42 -40.94 50.03
C2C CLA QK . 30.00 -39.78 50.79
C3C CLA QK . 28.74 -40.08 51.32
C4C CLA QK . 28.43 -41.44 50.89
CMC CLA QK . 30.76 -38.55 50.93
CAC CLA QK . 27.92 -39.23 52.18
CBC CLA QK . 26.68 -38.71 51.47
ND CLA QK . 27.77 -44.12 49.86
C1D CLA QK . 26.91 -43.37 50.71
C2D CLA QK . 25.68 -44.14 50.96
C3D CLA QK . 25.88 -45.38 50.36
C4D CLA QK . 27.22 -45.33 49.75
CMD CLA QK . 24.53 -43.62 51.69
CAD CLA QK . 25.33 -46.68 50.06
OBD CLA QK . 24.19 -47.11 50.23
CBD CLA QK . 26.46 -47.52 49.43
CGD CLA QK . 26.93 -48.54 50.42
O1D CLA QK . 28.10 -48.88 50.64
O2D CLA QK . 25.94 -49.12 51.14
CED CLA QK . 25.25 -50.22 50.53
C1 CLA QK . 26.35 -48.63 43.23
C2 CLA QK . 27.09 -48.58 41.94
C3 CLA QK . 26.82 -49.37 40.89
C4 CLA QK . 25.75 -50.39 40.91
C5 CLA QK . 27.62 -49.26 39.63
MG CLA RK . 27.19 -57.10 49.32
CHA CLA RK . 28.67 -54.17 48.20
CHB CLA RK . 30.26 -58.52 49.64
CHC CLA RK . 25.68 -59.94 50.50
CHD CLA RK . 24.04 -55.54 49.06
NA CLA RK . 29.14 -56.43 48.95
C1A CLA RK . 29.54 -55.18 48.51
C2A CLA RK . 31.06 -55.09 48.41
C3A CLA RK . 31.53 -56.50 48.84
C4A CLA RK . 30.23 -57.22 49.17
CMA CLA RK . 32.30 -57.20 47.75
CAA CLA RK . 31.56 -54.09 49.42
CBA CLA RK . 32.41 -53.01 48.80
CGA CLA RK . 33.84 -53.44 48.78
O1A CLA RK . 34.35 -54.33 48.11
O2A CLA RK . 34.65 -52.74 49.63
NB CLA RK . 27.85 -58.86 50.02
C1B CLA RK . 29.12 -59.29 49.96
C2B CLA RK . 29.19 -60.74 50.28
C3B CLA RK . 27.90 -61.15 50.53
C4B CLA RK . 27.03 -59.95 50.36
CMB CLA RK . 30.44 -61.50 50.28
CAB CLA RK . 27.38 -62.45 50.87
CBB CLA RK . 27.91 -63.28 51.78
NC CLA RK . 25.22 -57.64 49.69
C1C CLA RK . 24.82 -58.85 50.19
C2C CLA RK . 23.38 -58.88 50.35
C3C CLA RK . 22.91 -57.64 49.94
C4C CLA RK . 24.07 -56.86 49.54
CMC CLA RK . 22.61 -60.02 50.83
CAC CLA RK . 21.51 -57.18 49.92
CBC CLA RK . 20.93 -57.11 48.53
ND CLA RK . 26.44 -55.35 48.65
C1D CLA RK . 25.13 -54.82 48.64
C2D CLA RK . 25.17 -53.44 48.11
C3D CLA RK . 26.50 -53.16 47.90
C4D CLA RK . 27.25 -54.37 48.30
CMD CLA RK . 24.01 -52.60 47.87
CAD CLA RK . 27.45 -52.20 47.41
OBD CLA RK . 27.25 -51.14 46.83
CBD CLA RK . 28.87 -52.76 47.73
CGD CLA RK . 29.77 -52.68 46.54
O1D CLA RK . 30.33 -53.60 45.97
O2D CLA RK . 29.96 -51.41 46.09
CED CLA RK . 31.18 -51.12 45.42
C1 CLA RK . 34.09 -52.27 50.87
C2 CLA RK . 35.20 -51.76 51.72
C3 CLA RK . 36.01 -52.56 52.43
C4 CLA RK . 35.87 -54.03 52.41
C5 CLA RK . 37.11 -51.99 53.26
MG CLA SK . 20.94 -44.97 68.96
CHA CLA SK . 21.50 -46.82 71.83
CHB CLA SK . 18.22 -46.90 68.27
CHC CLA SK . 20.23 -42.91 66.30
CHD CLA SK . 23.68 -42.92 69.80
NA CLA SK . 20.07 -46.63 69.88
C1A CLA SK . 20.44 -47.24 71.09
C2A CLA SK . 19.52 -48.41 71.41
C3A CLA SK . 18.61 -48.52 70.17
C4A CLA SK . 18.97 -47.27 69.37
CMA CLA SK . 18.84 -49.79 69.40
CAA CLA SK . 18.70 -48.12 72.65
CBA CLA SK . 18.38 -46.65 72.74
CGA CLA SK . 18.16 -46.26 74.17
O1A CLA SK . 18.44 -46.92 75.17
O2A CLA SK . 17.57 -45.04 74.35
NB CLA SK . 19.52 -44.93 67.55
C1B CLA SK . 18.47 -45.78 67.47
C2B CLA SK . 17.55 -45.34 66.39
C3B CLA SK . 18.10 -44.21 65.82
C4B CLA SK . 19.36 -43.94 66.55
CMB CLA SK . 16.32 -46.06 66.06
CAB CLA SK . 17.62 -43.41 64.73
CBB CLA SK . 17.33 -42.12 64.82
NC CLA SK . 21.85 -43.29 68.15
C1C CLA SK . 21.41 -42.63 67.04
C2C CLA SK . 22.28 -41.51 66.75
C3C CLA SK . 23.24 -41.46 67.76
C4C CLA SK . 22.97 -42.59 68.64
CMC CLA SK . 22.11 -40.59 65.62
CAC CLA SK . 24.32 -40.46 67.89
CBC CLA SK . 25.72 -41.01 67.90
ND CLA SK . 22.39 -44.94 70.35
C1D CLA SK . 23.43 -44.01 70.61
C2D CLA SK . 24.14 -44.40 71.84
C3D CLA SK . 23.44 -45.49 72.34
C4D CLA SK . 22.35 -45.75 71.40
CMD CLA SK . 25.31 -43.72 72.38
CAD CLA SK . 23.38 -46.50 73.38
OBD CLA SK . 24.17 -46.75 74.28
CBD CLA SK . 22.05 -47.28 73.16
CGD CLA SK . 22.20 -48.78 73.25
O1D CLA SK . 21.34 -49.60 73.57
O2D CLA SK . 23.45 -49.23 72.97
CED CLA SK . 23.64 -50.64 73.05
C1 CLA SK . 17.00 -44.35 73.20
C2 CLA SK . 15.61 -44.85 73.05
C3 CLA SK . 15.11 -45.21 71.86
C4 CLA SK . 15.89 -45.16 70.60
C5 CLA SK . 13.71 -45.71 71.75
MG CLA TK . 27.55 -51.72 67.38
CHA CLA TK . 26.14 -54.84 67.84
CHB CLA TK . 25.59 -50.46 69.85
CHC CLA TK . 29.06 -48.68 66.95
CHD CLA TK . 29.56 -53.07 64.79
NA CLA TK . 26.11 -52.54 68.63
C1A CLA TK . 25.66 -53.87 68.67
C2A CLA TK . 24.58 -54.06 69.73
C3A CLA TK . 24.33 -52.62 70.24
C4A CLA TK . 25.42 -51.80 69.54
CMA CLA TK . 22.96 -52.14 69.85
CAA CLA TK . 25.05 -54.94 70.87
CBA CLA TK . 26.55 -54.90 71.09
CGA CLA TK . 27.13 -56.27 70.86
O1A CLA TK . 26.77 -57.35 71.34
O2A CLA TK . 28.19 -56.26 70.00
NB CLA TK . 27.34 -49.89 68.21
C1B CLA TK . 26.54 -49.61 69.26
C2B CLA TK . 26.81 -48.22 69.73
C3B CLA TK . 27.78 -47.71 68.92
C4B CLA TK . 28.14 -48.76 67.93
CMB CLA TK . 26.11 -47.61 70.86
CAB CLA TK . 28.39 -46.40 68.96
CBB CLA TK . 29.70 -46.17 68.99
NC CLA TK . 29.02 -51.00 66.08
C1C CLA TK . 29.48 -49.73 66.07
C2C CLA TK . 30.50 -49.57 65.04
C3C CLA TK . 30.65 -50.82 64.44
C4C CLA TK . 29.72 -51.71 65.10
CMC CLA TK . 31.21 -48.32 64.76
CAC CLA TK . 31.57 -51.18 63.36
CBC CLA TK . 32.97 -51.41 63.86
ND CLA TK . 27.84 -53.50 66.48
C1D CLA TK . 28.69 -53.92 65.43
C2D CLA TK . 28.45 -55.37 65.17
C3D CLA TK . 27.48 -55.76 66.06
C4D CLA TK . 27.14 -54.57 66.86
CMD CLA TK . 29.16 -56.15 64.17
CAD CLA TK . 26.67 -56.86 66.55
OBD CLA TK . 26.62 -58.02 66.17
CBD CLA TK . 25.78 -56.28 67.69
CGD CLA TK . 24.32 -56.38 67.38
O1D CLA TK . 23.62 -55.54 66.83
O2D CLA TK . 23.75 -57.55 67.79
CED CLA TK . 23.57 -57.74 69.19
C1 CLA TK . 28.64 -57.55 69.51
C2 CLA TK . 29.82 -57.28 68.65
C3 CLA TK . 30.15 -58.05 67.60
C4 CLA TK . 29.34 -59.23 67.22
C5 CLA TK . 31.35 -57.75 66.77
MG CLA UK . 36.75 -34.07 65.70
CHA CLA UK . 37.98 -30.87 66.11
CHB CLA UK . 39.24 -35.28 67.67
CHC CLA UK . 35.45 -37.22 65.32
CHD CLA UK . 34.18 -32.78 63.65
NA CLA UK . 38.34 -33.19 66.71
C1A CLA UK . 38.69 -31.83 66.77
C2A CLA UK . 39.92 -31.63 67.63
C3A CLA UK . 40.33 -33.06 68.06
C4A CLA UK . 39.23 -33.92 67.46
CMA CLA UK . 41.69 -33.41 67.52
CAA CLA UK . 39.57 -30.84 68.87
CBA CLA UK . 38.46 -31.53 69.64
CGA CLA UK . 38.36 -30.91 70.99
O1A CLA UK . 39.25 -30.61 71.77
O2A CLA UK . 37.06 -30.68 71.35
NB CLA UK . 37.24 -35.90 66.38
C1B CLA UK . 38.31 -36.20 67.16
C2B CLA UK . 38.37 -37.66 67.41
C3B CLA UK . 37.30 -38.22 66.74
C4B CLA UK . 36.57 -37.10 66.08
CMB CLA UK . 39.43 -38.25 68.22
CAB CLA UK . 36.86 -39.58 66.62
CBB CLA UK . 37.38 -40.64 67.24
NC CLA UK . 35.12 -34.84 64.66
C1C CLA UK . 34.77 -36.16 64.66
C2C CLA UK . 33.56 -36.35 63.85
C3C CLA UK . 33.20 -35.09 63.38
C4C CLA UK . 34.19 -34.15 63.89
CMC CLA UK . 32.89 -37.62 63.63
CAC CLA UK . 32.05 -34.75 62.53
CBC CLA UK . 30.77 -34.66 63.33
ND CLA UK . 36.18 -32.28 64.98
C1D CLA UK . 35.10 -31.89 64.15
C2D CLA UK . 35.17 -30.43 63.95
C3D CLA UK . 36.24 -29.99 64.69
C4D CLA UK . 36.84 -31.18 65.31
CMD CLA UK . 34.22 -29.67 63.14
CAD CLA UK . 37.02 -28.84 65.09
OBD CLA UK . 36.90 -27.66 64.79
CBD CLA UK . 38.16 -29.37 66.03
CGD CLA UK . 39.50 -29.01 65.46
O1D CLA UK . 39.76 -28.73 64.29
O2D CLA UK . 40.49 -28.97 66.38
CED CLA UK . 41.81 -29.29 65.94
C1 CLA UK . 36.81 -29.56 72.22
C2 CLA UK . 35.42 -29.12 71.95
C3 CLA UK . 34.36 -29.80 72.41
C4 CLA UK . 34.49 -31.03 73.23
C5 CLA UK . 32.97 -29.33 72.12
MG CLA VK . 41.44 -36.04 36.13
CHA CLA VK . 44.67 -35.86 34.91
CHB CLA VK . 40.32 -34.46 33.35
CHC CLA VK . 38.23 -36.47 37.26
CHD CLA VK . 42.66 -37.70 38.99
NA CLA VK . 42.37 -35.25 34.44
C1A CLA VK . 43.73 -35.30 34.11
C2A CLA VK . 44.00 -34.61 32.77
C3A CLA VK . 42.62 -33.98 32.44
C4A CLA VK . 41.68 -34.60 33.46
CMA CLA VK . 42.68 -32.48 32.55
CAA CLA VK . 44.40 -35.64 31.74
CBA CLA VK . 43.37 -36.75 31.63
CGA CLA VK . 43.85 -37.82 30.70
O1A CLA VK . 44.88 -38.50 30.79
O2A CLA VK . 43.01 -38.03 29.65
NB CLA VK . 39.62 -35.47 35.48
C1B CLA VK . 39.37 -35.00 34.24
C2B CLA VK . 37.93 -35.14 33.92
C3B CLA VK . 37.34 -35.72 35.02
C4B CLA VK . 38.41 -35.91 36.03
CMB CLA VK . 37.34 -34.74 32.65
CAB CLA VK . 35.97 -36.08 35.26
CBB CLA VK . 34.99 -35.20 35.50
NC CLA VK . 40.62 -36.87 37.86
C1C CLA VK . 39.27 -36.90 38.13
C2C CLA VK . 39.05 -37.53 39.42
C3C CLA VK . 40.29 -37.92 39.89
C4C CLA VK . 41.28 -37.50 38.90
CMC CLA VK . 37.74 -37.72 40.04
CAC CLA VK . 40.59 -38.58 41.17
CBC CLA VK . 40.86 -37.57 42.26
ND CLA VK . 43.22 -36.64 36.86
C1D CLA VK . 43.58 -37.31 38.05
C2D CLA VK . 45.05 -37.50 38.06
C3D CLA VK . 45.51 -36.97 36.87
C4D CLA VK . 44.33 -36.45 36.17
CMD CLA VK . 45.80 -38.14 39.14
CAD CLA VK . 46.68 -36.70 36.05
OBD CLA VK . 47.86 -36.91 36.27
CBD CLA VK . 46.16 -36.01 34.76
CGD CLA VK . 46.80 -34.67 34.54
O1D CLA VK . 46.28 -33.56 34.64
O2D CLA VK . 48.11 -34.74 34.18
CED CLA VK . 48.43 -34.54 32.81
C1 CLA VK . 42.98 -39.38 29.11
C2 CLA VK . 41.57 -39.83 29.13
C3 CLA VK . 41.18 -41.07 28.80
C4 CLA VK . 42.14 -42.12 28.39
C5 CLA VK . 39.74 -41.46 28.84
MG CLA WK . 17.19 -34.12 28.29
CHA CLA WK . 19.14 -31.58 29.59
CHB CLA WK . 14.43 -32.66 29.54
CHC CLA WK . 15.32 -36.62 26.88
CHD CLA WK . 20.14 -35.75 27.23
NA CLA WK . 16.87 -32.42 29.44
C1A CLA WK . 17.82 -31.50 29.91
C2A CLA WK . 17.14 -30.45 30.80
C3A CLA WK . 15.66 -30.92 30.87
C4A CLA WK . 15.63 -32.09 29.91
CMA CLA WK . 15.26 -31.34 32.27
CAA CLA WK . 17.26 -28.99 30.42
CBA CLA WK . 16.19 -28.59 29.44
CGA CLA WK . 16.30 -29.42 28.20
O1A CLA WK . 15.47 -30.19 27.70
O2A CLA WK . 17.53 -29.31 27.61
NB CLA WK . 15.25 -34.64 28.38
C1B CLA WK . 14.30 -33.72 28.64
C2B CLA WK . 13.08 -33.95 27.82
C3B CLA WK . 13.33 -35.06 27.07
C4B CLA WK . 14.70 -35.53 27.42
CMB CLA WK . 11.89 -33.09 27.90
CAB CLA WK . 12.51 -35.76 26.11
CBB CLA WK . 11.68 -35.20 25.23
NC CLA WK . 17.65 -35.87 27.26
C1C CLA WK . 16.73 -36.78 26.82
C2C CLA WK . 17.39 -37.92 26.22
C3C CLA WK . 18.75 -37.66 26.29
C4C CLA WK . 18.91 -36.39 26.97
CMC CLA WK . 16.71 -39.07 25.63
CAC CLA WK . 19.85 -38.51 25.84
CBC CLA WK . 20.28 -39.48 26.91
ND CLA WK . 19.16 -33.74 28.21
C1D CLA WK . 20.28 -34.51 27.81
C2D CLA WK . 21.50 -33.72 28.00
C3D CLA WK . 21.10 -32.53 28.54
C4D CLA WK . 19.64 -32.64 28.76
CMD CLA WK . 22.83 -34.14 27.58
CAD CLA WK . 21.48 -31.21 29.00
OBD CLA WK . 22.46 -30.55 28.74
CBD CLA WK . 20.31 -30.69 29.88
CGD CLA WK . 20.78 -30.79 31.28
O1D CLA WK . 20.75 -31.79 32.00
O2D CLA WK . 21.34 -29.65 31.76
CED CLA WK . 20.69 -28.41 31.48
C1 CLA WK . 18.05 -27.98 27.50
C2 CLA WK . 19.52 -28.11 27.60
C3 CLA WK . 20.28 -27.24 28.25
C4 CLA WK . 21.75 -27.40 28.31
C5 CLA WK . 19.68 -26.07 28.96
MG CLA XK . 7.34 -32.23 30.78
CHA CLA XK . 5.20 -32.65 28.11
CHB CLA XK . 9.31 -34.72 29.57
CHC CLA XK . 9.53 -31.67 33.35
CHD CLA XK . 5.28 -29.60 31.96
NA CLA XK . 7.23 -33.48 29.12
C1A CLA XK . 6.27 -33.49 28.11
C2A CLA XK . 6.56 -34.54 27.07
C3A CLA XK . 7.80 -35.27 27.63
C4A CLA XK . 8.15 -34.44 28.86
CMA CLA XK . 7.48 -36.70 28.00
CAA CLA XK . 6.91 -33.88 25.75
CBA CLA XK . 8.40 -33.95 25.47
CGA CLA XK . 8.88 -32.66 24.89
O1A CLA XK . 8.23 -31.78 24.35
O2A CLA XK . 10.23 -32.50 25.02
NB CLA XK . 9.09 -33.03 31.35
C1B CLA XK . 9.74 -34.04 30.71
C2B CLA XK . 10.99 -34.36 31.43
C3B CLA XK . 11.08 -33.52 32.50
C4B CLA XK . 9.86 -32.65 32.48
CMB CLA XK . 11.90 -35.42 31.00
CAB CLA XK . 12.12 -33.45 33.50
CBB CLA XK . 12.55 -32.36 34.14
NC CLA XK . 7.37 -30.89 32.38
C1C CLA XK . 8.37 -30.84 33.32
C2C CLA XK . 8.08 -29.80 34.29
C3C CLA XK . 6.88 -29.20 33.88
C4C CLA XK . 6.45 -29.90 32.69
CMC CLA XK . 8.91 -29.46 35.44
CAC CLA XK . 6.20 -28.08 34.54
CBC CLA XK . 4.98 -28.53 35.30
ND CLA XK . 5.60 -31.35 30.26
C1D CLA XK . 4.87 -30.27 30.82
C2D CLA XK . 3.66 -30.03 30.00
C3D CLA XK . 3.73 -30.93 28.96
C4D CLA XK . 4.97 -31.71 29.16
CMD CLA XK . 2.65 -29.03 30.30
CAD CLA XK . 3.09 -31.44 27.75
OBD CLA XK . 2.02 -31.14 27.25
CBD CLA XK . 4.04 -32.52 27.16
CGD CLA XK . 3.39 -33.86 27.08
O1D CLA XK . 3.59 -34.75 26.25
O2D CLA XK . 2.49 -34.09 28.08
CED CLA XK . 2.93 -34.90 29.16
C1 CLA XK . 10.86 -31.62 24.06
C2 CLA XK . 12.33 -31.80 24.20
C3 CLA XK . 13.23 -31.13 23.46
C4 CLA XK . 12.81 -30.16 22.42
C5 CLA XK . 14.69 -31.35 23.63
MG CLA YK . 28.06 -61.48 42.02
CHA CLA YK . 28.55 -64.66 43.24
CHB CLA YK . 27.30 -60.39 45.14
CHC CLA YK . 27.64 -58.34 40.75
CHD CLA YK . 28.62 -62.72 38.75
NA CLA YK . 27.97 -62.40 43.88
C1A CLA YK . 28.21 -63.74 44.19
C2A CLA YK . 28.02 -64.01 45.69
C3A CLA YK . 27.46 -62.66 46.22
C4A CLA YK . 27.60 -61.73 45.01
CMA CLA YK . 26.03 -62.78 46.66
CAA CLA YK . 29.31 -64.36 46.42
CBA CLA YK . 30.58 -64.12 45.64
CGA CLA YK . 31.04 -62.70 45.67
O1A CLA YK . 30.45 -61.68 45.32
O2A CLA YK . 32.30 -62.57 46.18
NB CLA YK . 27.47 -59.73 42.78
C1B CLA YK . 27.37 -59.45 44.11
C2B CLA YK . 27.32 -57.99 44.33
C3B CLA YK . 27.41 -57.40 43.08
C4B CLA YK . 27.51 -58.50 42.09
CMB CLA YK . 27.22 -57.37 45.65
CAB CLA YK . 27.44 -56.01 42.72
CBB CLA YK . 26.44 -55.15 42.96
NC CLA YK . 28.16 -60.68 40.10
C1C CLA YK . 27.95 -59.36 39.81
C2C CLA YK . 28.08 -59.14 38.38
C3C CLA YK . 28.34 -60.38 37.81
C4C CLA YK . 28.37 -61.35 38.89
CMC CLA YK . 27.95 -57.84 37.72
CAC CLA YK . 28.55 -60.68 36.38
CBC CLA YK . 29.98 -60.44 35.97
ND CLA YK . 28.67 -63.21 41.16
C1D CLA YK . 28.76 -63.62 39.80
C2D CLA YK . 29.05 -65.06 39.74
C3D CLA YK . 29.06 -65.51 41.04
C4D CLA YK . 28.73 -64.33 41.87
CMD CLA YK . 29.31 -65.82 38.52
CAD CLA YK . 29.24 -66.62 41.96
OBD CLA YK . 29.74 -67.71 41.75
CBD CLA YK . 28.71 -66.16 43.35
CGD CLA YK . 27.35 -66.71 43.65
O1D CLA YK . 27.04 -67.54 44.50
O2D CLA YK . 26.37 -66.19 42.83
CED CLA YK . 25.32 -65.41 43.42
C1 CLA YK . 33.38 -62.82 45.27
C2 CLA YK . 34.08 -64.04 45.74
C3 CLA YK . 34.90 -64.04 46.79
C4 CLA YK . 35.59 -65.28 47.25
C5 CLA YK . 35.18 -62.80 47.55
MG CLA ZK . 32.79 -70.86 41.22
CHA CLA ZK . 33.12 -73.34 43.63
CHB CLA ZK . 32.66 -68.50 43.66
CHC CLA ZK . 32.63 -68.43 38.80
CHD CLA ZK . 33.05 -73.34 38.72
NA CLA ZK . 32.86 -70.94 43.30
C1A CLA ZK . 33.00 -72.06 44.11
C2A CLA ZK . 33.02 -71.67 45.57
C3A CLA ZK . 32.72 -70.16 45.56
C4A CLA ZK . 32.75 -69.82 44.07
CMA CLA ZK . 31.36 -69.85 46.15
CAA CLA ZK . 34.44 -71.89 46.05
CBA CLA ZK . 34.51 -71.84 47.55
CGA CLA ZK . 34.73 -70.44 48.01
O1A CLA ZK . 34.48 -69.94 49.12
O2A CLA ZK . 35.25 -69.64 47.04
NB CLA ZK . 32.66 -68.85 41.22
C1B CLA ZK . 32.66 -68.06 42.32
C2B CLA ZK . 32.61 -66.64 41.92
C3B CLA ZK . 32.60 -66.60 40.55
C4B CLA ZK . 32.63 -68.02 40.09
CMB CLA ZK . 32.58 -65.55 42.90
CAB CLA ZK . 32.57 -65.49 39.65
CBB CLA ZK . 33.34 -64.40 39.74
NC CLA ZK . 32.78 -70.89 39.13
C1C CLA ZK . 32.68 -69.78 38.35
C2C CLA ZK . 32.70 -70.18 36.95
C3C CLA ZK . 32.85 -71.56 36.92
C4C CLA ZK . 32.90 -72.00 38.31
CMC CLA ZK . 32.61 -69.25 35.83
CAC CLA ZK . 32.94 -72.44 35.76
CBC CLA ZK . 34.35 -72.93 35.52
ND CLA ZK . 32.93 -72.87 41.12
C1D CLA ZK . 33.07 -73.77 40.03
C2D CLA ZK . 33.22 -75.14 40.55
C3D CLA ZK . 33.22 -75.04 41.92
C4D CLA ZK . 33.07 -73.61 42.23
CMD CLA ZK . 33.35 -76.34 39.72
CAD CLA ZK . 33.29 -75.76 43.18
OBD CLA ZK . 33.32 -76.97 43.40
CBD CLA ZK . 33.32 -74.68 44.31
CGD CLA ZK . 32.31 -75.01 45.37
O1D CLA ZK . 32.35 -75.97 46.15
O2D CLA ZK . 31.26 -74.16 45.46
CED CLA ZK . 30.54 -74.16 46.70
MG CLA AL . 20.34 -50.83 46.74
CHA CLA AL . 20.63 -53.74 44.87
CHB CLA AL . 22.96 -49.48 45.06
CHC CLA AL . 19.97 -47.95 48.57
CHD CLA AL . 17.64 -52.28 48.49
NA CLA AL . 21.57 -51.52 45.20
C1A CLA AL . 21.52 -52.76 44.55
C2A CLA AL . 22.60 -52.85 43.47
C3A CLA AL . 23.36 -51.51 43.61
C4A CLA AL . 22.58 -50.76 44.68
CMA CLA AL . 24.77 -51.75 44.06
CAA CLA AL . 21.97 -52.99 42.09
CBA CLA AL . 22.44 -51.93 41.12
CGA CLA AL . 22.50 -52.48 39.72
O1A CLA AL . 21.56 -52.80 38.98
O2A CLA AL . 23.77 -52.65 39.26
NB CLA AL . 21.23 -49.02 46.74
C1B CLA AL . 22.35 -48.70 46.06
C2B CLA AL . 22.89 -47.40 46.54
C3B CLA AL . 22.04 -46.96 47.53
C4B CLA AL . 20.98 -47.99 47.67
CMB CLA AL . 24.11 -46.82 45.99
CAB CLA AL . 22.04 -45.80 48.37
CBB CLA AL . 23.03 -44.91 48.50
NC CLA AL . 19.04 -50.23 48.25
C1C CLA AL . 19.07 -49.01 48.86
C2C CLA AL . 18.02 -48.92 49.85
C3C CLA AL . 17.36 -50.15 49.84
C4C CLA AL . 18.01 -50.96 48.83
CMC CLA AL . 17.75 -47.75 50.69
CAC CLA AL . 16.23 -50.54 50.68
CBC CLA AL . 16.60 -51.50 51.78
ND CLA AL . 19.38 -52.60 46.79
C1D CLA AL . 18.27 -53.06 47.53
C2D CLA AL . 17.95 -54.45 47.12
C3D CLA AL . 18.84 -54.76 46.12
C4D CLA AL . 19.69 -53.57 45.93
CMD CLA AL . 16.89 -55.27 47.71
CAD CLA AL . 19.29 -55.78 45.20
OBD CLA AL . 18.93 -56.94 45.08
CBD CLA AL . 20.40 -55.12 44.33
CGD CLA AL . 21.67 -55.93 44.34
O1D CLA AL . 21.96 -56.90 43.62
O2D CLA AL . 22.58 -55.53 45.27
CED CLA AL . 23.68 -56.39 45.52
C1 CLA AL . 23.91 -53.13 37.91
C2 CLA AL . 25.37 -53.19 37.62
C3 CLA AL . 25.87 -53.64 36.46
C4 CLA AL . 24.99 -54.11 35.35
C5 CLA AL . 27.34 -53.69 36.21
MG CLA BL . 21.88 -44.92 35.59
CHA CLA BL . 20.93 -47.91 37.03
CHB CLA BL . 23.71 -44.15 38.34
CHC CLA BL . 22.89 -42.05 34.03
CHD CLA BL . 19.85 -45.70 32.79
NA CLA BL . 22.25 -45.90 37.39
C1A CLA BL . 21.76 -47.13 37.80
C2A CLA BL . 22.27 -47.50 39.18
C3A CLA BL . 23.10 -46.26 39.60
C4A CLA BL . 23.04 -45.36 38.37
CMA CLA BL . 22.53 -45.57 40.80
CAA CLA BL . 23.15 -48.73 39.10
CBA CLA BL . 24.30 -48.52 38.13
CGA CLA BL . 23.98 -49.07 36.78
O1A CLA BL . 23.86 -50.25 36.44
O2A CLA BL . 23.79 -48.10 35.83
NB CLA BL . 23.08 -43.40 36.09
C1B CLA BL . 23.73 -43.25 37.27
C2B CLA BL . 24.46 -41.95 37.27
C3B CLA BL . 24.23 -41.37 36.05
C4B CLA BL . 23.36 -42.28 35.29
CMB CLA BL . 25.24 -41.46 38.41
CAB CLA BL . 24.71 -40.14 35.50
CBB CLA BL . 25.99 -39.91 35.20
NC CLA BL . 21.44 -44.04 33.74
C1C CLA BL . 21.98 -42.87 33.31
C2C CLA BL . 21.50 -42.55 31.98
C3C CLA BL . 20.61 -43.56 31.63
C4C CLA BL . 20.58 -44.50 32.75
CMC CLA BL . 21.88 -41.38 31.21
CAC CLA BL . 19.85 -43.69 30.38
CBC CLA BL . 20.42 -44.73 29.45
ND CLA BL . 20.65 -46.41 34.99
C1D CLA BL . 19.88 -46.60 33.82
C2D CLA BL . 19.17 -47.90 33.92
C3D CLA BL . 19.58 -48.45 35.11
C4D CLA BL . 20.48 -47.48 35.75
CMD CLA BL . 18.29 -48.45 32.90
CAD CLA BL . 19.47 -49.59 36.00
OBD CLA BL . 18.90 -50.65 35.83
CBD CLA BL . 20.29 -49.24 37.27
CGD CLA BL . 19.41 -49.18 38.48
O1D CLA BL . 19.72 -49.46 39.64
O2D CLA BL . 18.14 -48.76 38.21
CED CLA BL . 17.33 -48.35 39.31
C1 CLA BL . 23.53 -48.57 34.49
C2 CLA BL . 23.26 -47.38 33.64
C3 CLA BL . 24.21 -46.76 32.93
C4 CLA BL . 25.62 -47.22 32.92
C5 CLA BL . 23.88 -45.56 32.09
MG CLA CL . 30.37 -40.50 39.42
CHA CLA CL . 28.66 -43.22 40.70
CHB CLA CL . 31.83 -39.98 42.42
CHC CLA CL . 32.04 -37.81 38.07
CHD CLA CL . 28.90 -41.13 36.27
NA CLA CL . 30.23 -41.45 41.25
C1A CLA CL . 29.45 -42.57 41.59
C2A CLA CL . 29.66 -42.95 43.06
C3A CLA CL . 30.64 -41.87 43.58
C4A CLA CL . 30.93 -41.03 42.34
CMA CLA CL . 30.06 -41.07 44.70
CAA CLA CL . 30.29 -44.33 43.19
CBA CLA CL . 31.58 -44.41 42.41
CGA CLA CL . 31.31 -44.93 41.03
O1A CLA CL . 30.87 -46.02 40.68
O2A CLA CL . 31.60 -44.00 40.06
NB CLA CL . 31.61 -39.09 40.14
C1B CLA CL . 32.19 -39.13 41.35
C2B CLA CL . 33.30 -38.15 41.43
C3B CLA CL . 33.36 -37.54 40.21
C4B CLA CL . 32.29 -38.13 39.36
CMB CLA CL . 34.14 -37.96 42.60
CAB CLA CL . 34.28 -36.54 39.74
CBB CLA CL . 33.96 -35.41 39.09
NC CLA CL . 30.43 -39.63 37.52
C1C CLA CL . 31.18 -38.52 37.20
C2C CLA CL . 30.97 -38.18 35.80
C3C CLA CL . 30.10 -39.13 35.29
C4C CLA CL . 29.76 -40.02 36.38
CMC CLA CL . 31.60 -37.06 35.12
CAC CLA CL . 29.58 -39.21 33.91
CBC CLA CL . 30.27 -40.29 33.13
ND CLA CL . 29.14 -41.86 38.59
C1D CLA CL . 28.61 -42.00 37.29
C2D CLA CL . 27.72 -43.18 37.24
C3D CLA CL . 27.69 -43.68 38.53
C4D CLA CL . 28.58 -42.81 39.32
CMD CLA CL . 27.01 -43.64 36.04
CAD CLA CL . 27.15 -44.69 39.40
OBD CLA CL . 26.36 -45.59 39.15
CBD CLA CL . 27.75 -44.43 40.81
CGD CLA CL . 26.62 -44.22 41.78
O1D CLA CL . 25.42 -44.20 41.53
O2D CLA CL . 27.01 -44.06 43.07
CED CLA CL . 26.01 -44.15 44.09
C1 CLA CL . 32.09 -44.49 38.80
C2 CLA CL . 30.93 -44.60 37.88
MG CLA DL . 19.02 -10.71 86.75
CHA CLA DL . 16.68 -9.10 84.76
CHB CLA DL . 18.07 -8.79 89.39
CHC CLA DL . 21.15 -12.51 88.74
CHD CLA DL . 19.93 -12.70 83.97
NA CLA DL . 17.64 -9.16 86.99
C1A CLA DL . 16.74 -8.65 86.05
C2A CLA DL . 15.89 -7.54 86.64
C3A CLA DL . 16.47 -7.35 88.06
C4A CLA DL . 17.47 -8.51 88.18
CMA CLA DL . 17.17 -6.03 88.22
CAA CLA DL . 14.43 -7.94 86.68
CBA CLA DL . 14.06 -8.76 87.90
CGA CLA DL . 14.75 -10.09 87.94
O1A CLA DL . 15.33 -10.62 88.89
O2A CLA DL . 14.76 -10.75 86.75
NB CLA DL . 19.48 -10.69 88.70
C1B CLA DL . 19.00 -9.82 89.62
C2B CLA DL . 19.62 -10.08 90.94
C3B CLA DL . 20.49 -11.13 90.77
C4B CLA DL . 20.42 -11.52 89.33
CMB CLA DL . 19.29 -9.27 92.11
CAB CLA DL . 21.38 -11.79 91.69
CBB CLA DL . 21.30 -11.78 93.03
NC CLA DL . 20.34 -12.27 86.39
C1C CLA DL . 21.13 -12.85 87.35
C2C CLA DL . 21.92 -13.92 86.76
C3C CLA DL . 21.56 -13.99 85.43
C4C CLA DL . 20.57 -12.95 85.19
CMC CLA DL . 22.88 -14.76 87.49
CAC CLA DL . 22.09 -14.92 84.42
CBC CLA DL . 21.13 -16.04 84.11
ND CLA DL . 18.60 -10.79 84.77
C1D CLA DL . 19.00 -11.71 83.76
C2D CLA DL . 18.27 -11.40 82.51
C3D CLA DL . 17.37 -10.40 82.84
C4D CLA DL . 17.60 -10.09 84.27
CMD CLA DL . 18.47 -12.08 81.25
CAD CLA DL . 16.33 -9.50 82.36
OBD CLA DL . 15.94 -9.31 81.22
CBD CLA DL . 15.77 -8.76 83.60
CGD CLA DL . 15.60 -7.29 83.37
O1D CLA DL . 14.68 -6.72 82.77
O2D CLA DL . 16.56 -6.50 83.91
CED CLA DL . 16.17 -5.17 84.23
C1 CLA DL . 15.74 -11.80 86.65
C2 CLA DL . 15.38 -12.69 85.53
C3 CLA DL . 15.92 -13.91 85.39
C4 CLA DL . 16.92 -14.46 86.35
C5 CLA DL . 15.54 -14.80 84.26
MG CLA EL . 25.97 -13.95 84.84
CHA CLA EL . 26.81 -14.21 88.19
CHB CLA EL . 27.90 -16.65 84.13
CHC CLA EL . 25.19 -13.55 81.52
CHD CLA EL . 23.90 -11.19 85.64
NA CLA EL . 27.13 -15.23 86.00
C1A CLA EL . 27.36 -15.18 87.38
C2A CLA EL . 28.26 -16.33 87.84
C3A CLA EL . 28.52 -17.11 86.54
C4A CLA EL . 27.81 -16.29 85.47
CMA CLA EL . 29.99 -17.25 86.26
CAA CLA EL . 27.52 -17.21 88.82
CBA CLA EL . 28.46 -18.10 89.60
CGA CLA EL . 27.97 -19.52 89.56
O1A CLA EL . 27.45 -20.12 88.62
O2A CLA EL . 28.14 -20.18 90.74
NB CLA EL . 26.43 -14.93 83.15
C1B CLA EL . 27.29 -15.98 83.06
C2B CLA EL . 27.53 -16.31 81.63
C3B CLA EL . 26.77 -15.45 80.89
C4B CLA EL . 26.06 -14.56 81.84
CMB CLA EL . 28.41 -17.40 81.21
CAB CLA EL . 26.62 -15.33 79.46
CBB CLA EL . 27.62 -15.34 78.58
NC CLA EL . 24.76 -12.62 83.79
C1C CLA EL . 24.57 -12.65 82.44
C2C CLA EL . 23.67 -11.59 82.03
C3C CLA EL . 23.29 -10.92 83.20
C4C CLA EL . 23.98 -11.58 84.30
CMC CLA EL . 23.27 -11.31 80.66
CAC CLA EL . 22.40 -9.76 83.32
CBC CLA EL . 23.15 -8.46 83.33
ND CLA EL . 25.42 -12.91 86.49
C1D CLA EL . 24.57 -11.80 86.68
C2D CLA EL . 24.58 -11.43 88.10
C3D CLA EL . 25.45 -12.29 88.72
C4D CLA EL . 25.94 -13.20 87.67
CMD CLA EL . 23.81 -10.33 88.67
CAD CLA EL . 26.06 -12.70 89.97
OBD CLA EL . 25.92 -12.22 91.09
CBD CLA EL . 26.96 -13.93 89.65
CGD CLA EL . 28.40 -13.62 89.94
O1D CLA EL . 29.03 -12.61 89.61
O2D CLA EL . 29.06 -14.59 90.63
CED CLA EL . 28.65 -14.85 91.97
C1 CLA EL . 27.01 -20.24 91.64
C2 CLA EL . 27.44 -21.00 92.84
C3 CLA EL . 26.64 -21.85 93.48
C4 CLA EL . 25.25 -22.11 93.06
C5 CLA EL . 27.12 -22.60 94.68
MG CLA FL . 21.00 -25.45 74.81
CHA CLA FL . 24.27 -26.26 74.04
CHB CLA FL . 20.10 -28.69 74.37
CHC CLA FL . 17.82 -24.65 75.80
CHD CLA FL . 21.99 -22.10 75.32
NA CLA FL . 22.03 -27.17 74.24
C1A CLA FL . 23.40 -27.31 73.98
C2A CLA FL . 23.73 -28.74 73.61
C3A CLA FL . 22.36 -29.44 73.56
C4A CLA FL . 21.41 -28.37 74.09
CMA CLA FL . 21.99 -29.86 72.16
CAA CLA FL . 24.61 -29.37 74.69
CBA CLA FL . 23.83 -30.25 75.64
CGA CLA FL . 23.52 -29.51 76.90
O1A CLA FL . 23.84 -29.79 78.05
O2A CLA FL . 22.74 -28.40 76.70
NB CLA FL . 19.28 -26.47 75.03
C1B CLA FL . 19.13 -27.80 74.85
C2B CLA FL . 17.76 -28.21 75.26
C3B CLA FL . 17.11 -27.06 75.66
C4B CLA FL . 18.07 -25.95 75.51
CMB CLA FL . 17.28 -29.58 75.18
CAB CLA FL . 15.77 -26.89 76.14
CBB CLA FL . 15.40 -27.01 77.41
NC CLA FL . 20.07 -23.68 75.39
C1C CLA FL . 18.75 -23.57 75.73
C2C CLA FL . 18.44 -22.20 76.08
C3C CLA FL . 19.62 -21.48 75.97
C4C CLA FL . 20.65 -22.41 75.53
CMC CLA FL . 17.12 -21.72 76.49
CAC CLA FL . 19.81 -20.04 76.22
CBC CLA FL . 19.37 -19.19 75.07
ND CLA FL . 22.67 -24.34 74.61
C1D CLA FL . 22.96 -22.99 74.89
C2D CLA FL . 24.39 -22.74 74.66
C3D CLA FL . 24.94 -23.96 74.32
C4D CLA FL . 23.83 -24.93 74.33
CMD CLA FL . 25.06 -21.45 74.79
CAD CLA FL . 26.14 -24.67 73.94
OBD CLA FL . 27.26 -24.24 73.71
CBD CLA FL . 25.77 -26.18 73.85
CGD CLA FL . 26.20 -26.78 72.55
O1D CLA FL . 25.51 -27.22 71.65
O2D CLA FL . 27.55 -26.81 72.40
CED CLA FL . 28.06 -26.95 71.07
C1 CLA FL . 22.22 -27.75 77.87
C2 CLA FL . 23.17 -26.67 78.23
C3 CLA FL . 23.07 -25.94 79.36
C4 CLA FL . 21.99 -26.15 80.35
C5 CLA FL . 24.07 -24.87 79.65
MG CLA GL . 48.41 -47.90 32.43
CHA CLA GL . 48.94 -47.25 29.08
CHB CLA GL . 45.06 -47.66 31.96
CHC CLA GL . 47.91 -48.90 35.69
CHD CLA GL . 51.89 -48.34 32.86
NA CLA GL . 47.22 -47.45 30.79
C1A CLA GL . 47.63 -47.24 29.47
C2A CLA GL . 46.43 -46.97 28.57
C3A CLA GL . 45.23 -46.94 29.55
C4A CLA GL . 45.86 -47.37 30.87
CMA CLA GL . 44.61 -45.57 29.61
CAA CLA GL . 46.25 -48.11 27.57
CBA CLA GL . 45.46 -49.28 28.13
CGA CLA GL . 46.27 -50.00 29.17
O1A CLA GL . 47.46 -50.30 29.15
O2A CLA GL . 45.54 -50.31 30.29
NB CLA GL . 46.80 -48.22 33.59
C1B CLA GL . 45.52 -48.07 33.21
C2B CLA GL . 44.61 -48.44 34.34
C3B CLA GL . 45.40 -48.79 35.39
C4B CLA GL . 46.81 -48.64 34.94
CMB CLA GL . 43.15 -48.39 34.23
CAB CLA GL . 45.04 -49.20 36.72
CBB CLA GL . 45.32 -50.40 37.24
NC CLA GL . 49.68 -48.42 34.01
C1C CLA GL . 49.26 -48.77 35.26
C2C CLA GL . 50.39 -49.09 36.10
C3C CLA GL . 51.52 -48.97 35.29
C4C CLA GL . 51.06 -48.56 33.97
CMC CLA GL . 50.31 -49.47 37.50
CAC CLA GL . 52.90 -49.23 35.68
CBC CLA GL . 53.27 -50.66 35.36
ND CLA GL . 50.08 -47.63 31.34
C1D CLA GL . 51.45 -47.91 31.62
C2D CLA GL . 52.24 -47.66 30.40
C3D CLA GL . 51.33 -47.37 29.41
C4D CLA GL . 50.00 -47.42 30.04
CMD CLA GL . 53.69 -47.73 30.32
CAD CLA GL . 51.14 -46.97 28.03
OBD CLA GL . 51.98 -46.61 27.21
CBD CLA GL . 49.61 -47.07 27.74
CGD CLA GL . 49.06 -45.92 26.94
O1D CLA GL . 48.05 -45.92 26.23
O2D CLA GL . 49.79 -44.79 26.99
CED CLA GL . 49.87 -44.02 25.78
C1 CLA GL . 46.24 -50.95 31.37
C2 CLA GL . 46.26 -52.39 31.05
C3 CLA GL . 47.40 -53.09 30.97
C4 CLA GL . 48.73 -52.45 31.19
C5 CLA GL . 47.38 -54.55 30.64
C1 PQN HL . 21.49 -15.71 69.33
O1 PQN HL . 20.54 -16.24 68.72
C2 PQN HL . 21.35 -15.39 70.78
C2M PQN HL . 20.07 -15.72 71.50
C3 PQN HL . 22.49 -14.77 71.52
C4 PQN HL . 23.75 -14.45 70.81
O4 PQN HL . 24.70 -13.92 71.42
C5 PQN HL . 23.89 -14.77 69.36
C6 PQN HL . 25.06 -14.48 68.66
C7 PQN HL . 25.16 -14.78 67.31
C8 PQN HL . 24.11 -15.37 66.63
C9 PQN HL . 22.91 -15.68 67.27
C10 PQN HL . 22.76 -15.39 68.62
C11 PQN HL . 22.34 -14.45 72.99
C12 PQN HL . 22.87 -15.60 73.80
C13 PQN HL . 23.81 -15.40 74.73
C14 PQN HL . 24.35 -14.01 74.97
C15 PQN HL . 24.34 -16.55 75.54
C16 PQN HL . 24.22 -16.23 77.03
C17 PQN HL . 24.61 -17.43 77.89
C18 PQN HL . 23.47 -18.43 77.99
C19 PQN HL . 22.12 -17.71 78.03
C20 PQN HL . 23.66 -19.29 79.23
C21 PQN HL . 22.88 -20.59 79.11
C22 PQN HL . 22.12 -20.89 80.40
C23 PQN HL . 21.77 -22.37 80.50
C24 PQN HL . 21.23 -22.89 79.17
C25 PQN HL . 20.76 -22.58 81.62
C26 PQN HL . 19.39 -22.03 81.23
C27 PQN HL . 18.35 -23.15 81.20
C28 PQN HL . 17.79 -23.35 79.80
C29 PQN HL . 18.22 -24.69 79.24
C30 PQN HL . 16.27 -23.20 79.79
C1 BCR IL . 49.26 -70.21 62.78
C2 BCR IL . 48.83 -70.01 64.20
C3 BCR IL . 47.65 -69.09 64.25
C4 BCR IL . 46.46 -69.74 63.55
C5 BCR IL . 46.86 -70.42 62.30
C6 BCR IL . 48.13 -70.65 61.92
C7 BCR IL . 48.44 -71.32 60.67
C8 BCR IL . 48.37 -72.65 60.54
C9 BCR IL . 47.93 -73.30 59.32
C10 BCR IL . 48.79 -73.50 58.31
C11 BCR IL . 50.04 -72.81 58.11
C33 BCR IL . 45.72 -70.84 61.48
C31 BCR IL . 50.42 -71.18 62.77
C32 BCR IL . 49.76 -68.87 62.27
C34 BCR IL . 46.53 -73.73 59.23
C12 BCR IL . 50.04 -71.48 57.95
C13 BCR IL . 51.21 -70.65 58.05
C14 BCR IL . 51.08 -69.40 58.52
C15 BCR IL . 52.17 -68.60 59.03
C16 BCR IL . 52.95 -67.87 58.23
C17 BCR IL . 54.09 -67.21 58.81
C18 BCR IL . 54.90 -66.33 58.21
C19 BCR IL . 54.99 -66.33 56.75
C20 BCR IL . 55.81 -65.54 56.08
C21 BCR IL . 55.87 -65.61 54.64
C22 BCR IL . 56.82 -65.03 53.90
C23 BCR IL . 56.71 -64.99 52.45
C24 BCR IL . 57.74 -65.36 51.67
C25 BCR IL . 58.13 -64.95 50.32
C26 BCR IL . 57.30 -64.74 49.29
C27 BCR IL . 57.70 -64.36 47.92
C28 BCR IL . 59.14 -64.70 47.64
C29 BCR IL . 60.01 -64.26 48.79
C30 BCR IL . 59.61 -64.82 50.14
C35 BCR IL . 52.46 -71.10 57.42
C36 BCR IL . 55.57 -65.25 58.96
C37 BCR IL . 58.15 -64.80 54.50
C38 BCR IL . 55.84 -64.85 49.33
C39 BCR IL . 60.23 -64.03 51.27
C40 BCR IL . 60.27 -66.18 50.20
C1 BCR JL . 36.19 -59.61 78.91
C2 BCR JL . 34.99 -58.93 79.52
C3 BCR JL . 33.95 -58.67 78.47
C4 BCR JL . 33.47 -59.95 77.87
C5 BCR JL . 34.57 -60.90 77.59
C6 BCR JL . 35.82 -60.78 78.06
C7 BCR JL . 36.87 -61.74 77.73
C8 BCR JL . 36.98 -62.92 78.35
C9 BCR JL . 37.95 -63.93 77.98
C10 BCR JL . 38.53 -63.84 76.78
C11 BCR JL . 39.85 -64.35 76.49
C33 BCR JL . 34.17 -62.03 76.72
C31 BCR JL . 37.12 -60.00 80.03
C32 BCR JL . 36.88 -58.59 78.04
C34 BCR JL . 38.50 -64.77 79.06
C12 BCR JL . 39.98 -65.46 75.77
C13 BCR JL . 41.12 -66.33 75.78
C14 BCR JL . 41.34 -67.13 74.73
C15 BCR JL . 42.59 -67.79 74.47
C16 BCR JL . 42.75 -68.46 73.32
C17 BCR JL . 44.05 -69.00 72.99
C18 BCR JL . 44.35 -69.65 71.87
C19 BCR JL . 45.73 -70.03 71.61
C20 BCR JL . 46.12 -70.59 70.48
C21 BCR JL . 47.33 -71.39 70.47
C22 BCR JL . 48.30 -71.33 69.55
C23 BCR JL . 49.36 -72.34 69.60
C24 BCR JL . 50.55 -72.19 69.02
C25 BCR JL . 51.74 -72.97 69.33
C26 BCR JL . 52.49 -72.69 70.38
C27 BCR JL . 53.72 -73.42 70.78
C28 BCR JL . 54.41 -74.02 69.59
C29 BCR JL . 53.47 -74.68 68.61
C30 BCR JL . 52.07 -74.10 68.42
C35 BCR JL . 42.12 -66.21 76.87
C36 BCR JL . 43.34 -69.93 70.83
C37 BCR JL . 48.54 -70.10 68.78
C38 BCR JL . 52.21 -71.58 71.31
C39 BCR JL . 51.01 -75.18 68.56
C40 BCR JL . 52.05 -73.65 66.97
C1 BCR KL . 49.66 -69.19 73.68
C2 BCR KL . 49.92 -70.65 73.97
C3 BCR KL . 49.57 -70.96 75.41
C4 BCR KL . 48.10 -70.74 75.61
C5 BCR KL . 47.69 -69.40 75.12
C6 BCR KL . 48.38 -68.68 74.24
C7 BCR KL . 47.95 -67.36 73.79
C8 BCR KL . 47.01 -67.18 72.87
C9 BCR KL . 46.65 -65.87 72.36
C10 BCR KL . 45.37 -65.61 72.07
C11 BCR KL . 44.88 -64.31 71.67
C33 BCR KL . 46.43 -68.91 75.70
C31 BCR KL . 49.73 -69.03 72.17
C32 BCR KL . 50.81 -68.42 74.29
C34 BCR KL . 47.67 -64.81 72.38
C12 BCR KL . 43.56 -64.11 71.62
C13 BCR KL . 42.92 -62.83 71.41
C14 BCR KL . 41.61 -62.71 71.63
C15 BCR KL . 40.88 -61.48 71.48
C16 BCR KL . 39.55 -61.49 71.37
C17 BCR KL . 38.89 -60.24 71.09
C18 BCR KL . 37.66 -60.10 70.60
C19 BCR KL . 37.11 -58.77 70.44
C20 BCR KL . 35.94 -58.53 69.85
C21 BCR KL . 35.33 -57.23 69.97
C22 BCR KL . 34.02 -56.98 69.90
C23 BCR KL . 33.55 -55.61 69.94
C24 BCR KL . 32.25 -55.28 69.93
C25 BCR KL . 31.72 -53.93 69.76
C26 BCR KL . 31.56 -53.40 68.54
C27 BCR KL . 31.02 -52.06 68.23
C28 BCR KL . 30.32 -51.45 69.42
C29 BCR KL . 31.12 -51.69 70.66
C30 BCR KL . 31.34 -53.16 70.97
C35 BCR KL . 43.72 -61.68 70.96
C36 BCR KL . 36.84 -61.26 70.21
C37 BCR KL . 33.03 -58.07 70.02
C38 BCR KL . 31.91 -54.14 67.31
C39 BCR KL . 30.11 -53.78 71.58
C40 BCR KL . 32.43 -53.19 72.04
C1 BCR LL . 45.91 -39.99 51.83
C2 BCR LL . 46.82 -38.97 52.48
C3 BCR LL . 46.45 -37.59 52.00
C4 BCR LL . 45.04 -37.25 52.42
C5 BCR LL . 44.12 -38.40 52.27
C6 BCR LL . 44.48 -39.63 51.99
C7 BCR LL . 43.53 -40.73 51.87
C8 BCR LL . 43.13 -41.19 50.69
C9 BCR LL . 42.49 -42.47 50.49
C10 BCR LL . 42.87 -43.21 49.45
C11 BCR LL . 42.01 -44.16 48.79
C33 BCR LL . 42.70 -38.03 52.44
C31 BCR LL . 46.19 -41.33 52.46
C32 BCR LL . 46.27 -40.03 50.37
C34 BCR LL . 41.20 -42.70 51.15
C12 BCR LL . 42.48 -44.82 47.73
C13 BCR LL . 41.71 -45.77 46.95
C14 BCR LL . 40.48 -45.41 46.58
C15 BCR LL . 39.61 -46.24 45.79
C16 BCR LL . 38.29 -45.99 45.73
C17 BCR LL . 37.65 -45.86 44.45
C18 BCR LL . 37.59 -46.76 43.48
C19 BCR LL . 38.79 -47.01 42.70
C20 BCR LL . 38.94 -48.06 41.90
C21 BCR LL . 40.26 -48.42 41.46
C22 BCR LL . 40.63 -48.67 40.20
C23 BCR LL . 39.97 -49.76 39.50
C24 BCR LL . 40.66 -50.68 38.81
C25 BCR LL . 40.07 -51.78 38.06
C26 BCR LL . 39.79 -51.65 36.76
C27 BCR LL . 39.21 -52.69 35.89
C28 BCR LL . 39.51 -54.06 36.43
C29 BCR LL . 39.14 -54.11 37.90
C30 BCR LL . 39.83 -53.07 38.78
C35 BCR LL . 42.10 -47.18 46.94
C36 BCR LL . 36.32 -47.35 43.04
C37 BCR LL . 41.86 -48.08 39.63
C38 BCR LL . 40.02 -50.39 36.02
C39 BCR LL . 41.13 -53.59 39.35
C40 BCR LL . 38.89 -52.89 39.96
C1 BCR ML . 35.77 -37.15 50.19
C2 BCR ML . 36.19 -35.71 50.30
C3 BCR ML . 37.67 -35.56 50.03
C4 BCR ML . 38.48 -36.38 50.99
C5 BCR ML . 37.89 -37.71 51.26
C6 BCR ML . 36.67 -38.09 50.91
C7 BCR ML . 36.14 -39.41 51.22
C8 BCR ML . 36.42 -40.46 50.46
C9 BCR ML . 35.80 -41.76 50.67
C10 BCR ML . 36.30 -42.83 50.05
C11 BCR ML . 35.62 -44.10 50.01
C33 BCR ML . 38.80 -38.62 51.98
C31 BCR ML . 35.69 -37.48 48.72
C32 BCR ML . 34.39 -37.25 50.78
C34 BCR ML . 34.45 -41.79 51.26
C12 BCR ML . 36.08 -45.07 49.21
C13 BCR ML . 35.45 -46.36 49.05
C14 BCR ML . 35.92 -47.20 48.12
C15 BCR ML . 35.38 -48.50 47.83
C16 BCR ML . 36.02 -49.30 47.00
C17 BCR ML . 35.43 -50.55 46.59
C18 BCR ML . 35.96 -51.40 45.70
C19 BCR ML . 35.18 -52.53 45.24
C20 BCR ML . 35.51 -53.26 44.18
C21 BCR ML . 34.73 -54.42 43.86
C22 BCR ML . 34.83 -55.16 42.76
C23 BCR ML . 33.81 -56.17 42.52
C24 BCR ML . 33.91 -57.12 41.57
C25 BCR ML . 33.13 -58.33 41.54
C26 BCR ML . 33.43 -59.37 42.30
C27 BCR ML . 32.70 -60.65 42.36
C28 BCR ML . 31.29 -60.48 41.86
C29 BCR ML . 31.31 -59.75 40.55
C30 BCR ML . 31.95 -58.37 40.61
C35 BCR ML . 34.30 -46.72 49.90
C36 BCR ML . 37.26 -51.14 45.06
C37 BCR ML . 36.06 -55.18 41.95
C38 BCR ML . 34.58 -59.37 43.23
C39 BCR ML . 30.94 -57.31 40.99
C40 BCR ML . 32.38 -58.08 39.19
C1 BCR NL . 23.42 -38.85 77.28
C2 BCR NL . 24.59 -39.15 78.20
C3 BCR NL . 24.88 -37.96 79.06
C4 BCR NL . 23.70 -37.67 79.95
C5 BCR NL . 22.40 -37.78 79.23
C6 BCR NL . 22.25 -38.30 78.01
C7 BCR NL . 20.95 -38.38 77.35
C8 BCR NL . 20.46 -37.37 76.63
C9 BCR NL . 19.06 -37.24 76.28
C10 BCR NL . 18.66 -36.19 75.56
C11 BCR NL . 17.29 -35.90 75.22
C33 BCR NL . 21.26 -37.23 79.99
C31 BCR NL . 23.07 -40.14 76.57
C32 BCR NL . 23.91 -37.85 76.26
C34 BCR NL . 18.09 -38.13 76.94
C12 BCR NL . 16.95 -34.65 74.87
C13 BCR NL . 15.63 -34.23 74.47
C14 BCR NL . 15.35 -32.92 74.44
C15 BCR NL . 14.82 -32.19 75.56
C16 BCR NL . 13.50 -32.04 75.74
C17 BCR NL . 13.00 -30.73 76.03
C18 BCR NL . 12.00 -30.40 76.86
C19 BCR NL . 11.91 -29.01 77.28
C20 BCR NL . 11.16 -28.59 78.30
C21 BCR NL . 11.55 -27.41 79.02
C22 BCR NL . 10.91 -26.88 80.07
C23 BCR NL . 11.67 -26.25 81.13
C24 BCR NL . 11.25 -26.22 82.40
C25 BCR NL . 11.55 -25.19 83.38
C26 BCR NL . 10.70 -24.19 83.59
C27 BCR NL . 10.90 -23.09 84.56
C28 BCR NL . 11.79 -23.54 85.69
C29 BCR NL . 13.04 -24.15 85.13
C30 BCR NL . 12.83 -25.29 84.15
C35 BCR NL . 14.74 -35.19 73.79
C36 BCR NL . 11.22 -31.41 77.58
C37 BCR NL . 9.47 -27.13 80.27
C38 BCR NL . 9.44 -24.04 82.86
C39 BCR NL . 12.88 -26.63 84.86
C40 BCR NL . 14.06 -25.26 83.25
MG CLA OL . 7.58 -21.38 67.63
CHA CLA OL . 6.86 -24.68 66.89
CHB CLA OL . 6.41 -21.83 70.78
CHC CLA OL . 8.51 -18.16 68.37
CHD CLA OL . 8.73 -20.94 64.32
NA CLA OL . 6.73 -23.00 68.63
C1A CLA OL . 6.52 -24.30 68.15
C2A CLA OL . 5.86 -25.16 69.21
C3A CLA OL . 5.53 -24.16 70.34
C4A CLA OL . 6.27 -22.90 69.91
CMA CLA OL . 4.05 -23.90 70.43
CAA CLA OL . 6.79 -26.25 69.69
CBA CLA OL . 6.05 -27.57 69.89
CGA CLA OL . 5.31 -27.53 71.19
O1A CLA OL . 4.28 -26.93 71.47
O2A CLA OL . 5.90 -28.30 72.16
NB CLA OL . 7.40 -20.19 69.24
C1B CLA OL . 7.06 -20.63 70.48
C2B CLA OL . 7.48 -19.64 71.51
C3B CLA OL . 8.09 -18.60 70.83
C4B CLA OL . 8.03 -18.93 69.39
CMB CLA OL . 7.24 -19.86 72.94
CAB CLA OL . 8.67 -17.36 71.29
CBB CLA OL . 8.87 -16.99 72.56
NC CLA OL . 8.40 -19.82 66.52
C1C CLA OL . 8.67 -18.58 67.02
C2C CLA OL . 9.20 -17.72 65.97
C3C CLA OL . 9.31 -18.52 64.84
C4C CLA OL . 8.79 -19.84 65.19
CMC CLA OL . 9.59 -16.33 66.13
CAC CLA OL . 9.77 -18.12 63.51
CBC CLA OL . 8.63 -17.59 62.67
ND CLA OL . 7.77 -22.49 65.95
C1D CLA OL . 8.27 -22.19 64.67
C2D CLA OL . 8.20 -23.41 63.84
C3D CLA OL . 7.70 -24.40 64.64
C4D CLA OL . 7.43 -23.78 65.95
CMD CLA OL . 8.64 -23.49 62.45
CAD CLA OL . 7.30 -25.79 64.74
OBD CLA OL . 7.32 -26.67 63.89
CBD CLA OL . 6.76 -26.02 66.18
CGD CLA OL . 5.36 -26.56 66.19
O1D CLA OL . 5.01 -27.73 66.02
O2D CLA OL . 4.41 -25.61 66.43
CED CLA OL . 3.20 -26.03 67.08
C1 CLA OL . 6.43 -27.60 73.31
C2 CLA OL . 6.45 -28.58 74.42
C3 CLA OL . 7.57 -29.08 74.95
C4 CLA OL . 8.91 -28.71 74.45
C5 CLA OL . 7.52 -30.07 76.06
MG CLA PL . 13.34 -29.60 50.82
CHA CLA PL . 10.03 -29.13 51.74
CHB CLA PL . 12.34 -30.68 47.79
CHC CLA PL . 16.61 -29.66 49.84
CHD CLA PL . 14.34 -28.42 54.00
NA CLA PL . 11.47 -29.94 49.97
C1A CLA PL . 10.21 -29.67 50.50
C2A CLA PL . 9.11 -30.09 49.53
C3A CLA PL . 9.90 -30.87 48.45
C4A CLA PL . 11.34 -30.48 48.73
CMA CLA PL . 9.71 -32.36 48.61
CAA CLA PL . 8.39 -28.90 48.92
CBA CLA PL . 8.25 -29.06 47.43
CGA CLA PL . 7.13 -30.01 47.11
O1A CLA PL . 6.46 -30.69 47.87
O2A CLA PL . 6.90 -30.10 45.76
NB CLA PL . 14.30 -30.15 49.15
C1B CLA PL . 13.69 -30.36 47.96
C2B CLA PL . 14.67 -30.22 46.85
C3B CLA PL . 15.88 -29.93 47.43
C4B CLA PL . 15.67 -29.91 48.90
CMB CLA PL . 14.31 -30.39 45.45
CAB CLA PL . 17.17 -29.72 46.84
CBB CLA PL . 17.70 -30.45 45.86
NC CLA PL . 15.15 -29.22 51.79
C1C CLA PL . 16.37 -29.36 51.21
C2C CLA PL . 17.41 -29.05 52.17
C3C CLA PL . 16.77 -28.63 53.33
C4C CLA PL . 15.34 -28.76 53.09
CMC CLA PL . 18.84 -29.10 51.89
CAC CLA PL . 17.39 -28.21 54.60
CBC CLA PL . 17.97 -29.37 55.38
ND CLA PL . 12.45 -29.05 52.55
C1D CLA PL . 12.98 -28.52 53.75
C2D CLA PL . 11.87 -28.13 54.64
C3D CLA PL . 10.71 -28.33 53.91
C4D CLA PL . 11.14 -28.89 52.61
CMD CLA PL . 12.02 -27.58 55.98
CAD CLA PL . 9.27 -28.26 53.89
OBD CLA PL . 8.50 -27.96 54.79
CBD CLA PL . 8.81 -28.68 52.47
CGD CLA PL . 7.73 -29.73 52.52
O1D CLA PL . 7.61 -30.64 53.32
O2D CLA PL . 6.82 -29.60 51.52
CED CLA PL . 5.62 -30.36 51.62
C1 CLA PL . 5.66 -29.55 45.25
C2 CLA PL . 6.02 -28.61 44.15
C3 CLA PL . 5.10 -28.02 43.36
C4 CLA PL . 3.65 -28.25 43.53
C5 CLA PL . 5.51 -27.08 42.28
MG CLA QL . 34.83 -32.79 28.62
CHA CLA QL . 38.17 -31.94 28.36
CHB CLA QL . 33.96 -29.59 27.94
CHC CLA QL . 31.53 -33.70 28.87
CHD CLA QL . 35.78 -36.10 29.41
NA CLA QL . 35.91 -31.06 28.20
C1A CLA QL . 37.30 -30.91 28.14
C2A CLA QL . 37.69 -29.47 27.82
C3A CLA QL . 36.32 -28.75 27.73
C4A CLA QL . 35.31 -29.86 27.97
CMA CLA QL . 36.20 -27.68 28.78
CAA CLA QL . 38.45 -29.36 26.51
CBA CLA QL . 37.61 -28.71 25.43
CGA CLA QL . 37.16 -29.77 24.46
O1A CLA QL . 37.51 -29.92 23.29
O2A CLA QL . 36.25 -30.63 25.01
NB CLA QL . 33.08 -31.83 28.44
C1B CLA QL . 32.94 -30.52 28.15
C2B CLA QL . 31.49 -30.17 28.09
C3B CLA QL . 30.79 -31.33 28.36
C4B CLA QL . 31.80 -32.40 28.58
CMB CLA QL . 31.02 -28.82 27.81
CAB CLA QL . 29.38 -31.58 28.44
CBB CLA QL . 28.46 -31.05 27.63
NC CLA QL . 33.85 -34.58 29.05
C1C CLA QL . 32.49 -34.72 29.09
C2C CLA QL . 32.15 -36.10 29.41
C3C CLA QL . 33.35 -36.77 29.57
C4C CLA QL . 34.41 -35.81 29.35
CMC CLA QL . 30.78 -36.61 29.53
CAC CLA QL . 33.53 -38.19 29.91
CBC CLA QL . 33.80 -38.39 31.38
ND CLA QL . 36.53 -33.85 28.84
C1D CLA QL . 36.78 -35.19 29.18
C2D CLA QL . 38.23 -35.41 29.22
C3D CLA QL . 38.81 -34.19 28.91
C4D CLA QL . 37.71 -33.25 28.68
CMD CLA QL . 38.87 -36.68 29.54
CAD CLA QL . 40.05 -33.46 28.71
OBD CLA QL . 41.20 -33.86 28.78
CBD CLA QL . 39.67 -32.00 28.37
CGD CLA QL . 40.26 -31.04 29.36
O1D CLA QL . 40.53 -31.26 30.54
O2D CLA QL . 40.53 -29.81 28.86
CED CLA QL . 41.11 -28.85 29.74
C1 CLA QL . 35.43 -31.37 24.07
C2 CLA QL . 35.08 -32.65 24.73
C3 CLA QL . 33.84 -32.96 25.14
C4 CLA QL . 32.71 -32.02 24.98
C5 CLA QL . 33.56 -34.26 25.79
MG CLA RL . 25.39 -21.67 29.78
CHA CLA RL . 26.80 -24.54 31.07
CHB CLA RL . 26.28 -22.64 26.65
CHC CLA RL . 23.84 -18.86 28.54
CHD CLA RL . 24.42 -20.74 33.04
NA CLA RL . 26.40 -23.31 29.01
C1A CLA RL . 26.92 -24.42 29.72
C2A CLA RL . 27.57 -25.41 28.77
C3A CLA RL . 27.55 -24.67 27.42
C4A CLA RL . 26.67 -23.46 27.68
CMA CLA RL . 28.94 -24.26 26.98
CAA CLA RL . 26.75 -26.68 28.69
CBA CLA RL . 25.27 -26.40 28.71
CGA CLA RL . 24.71 -26.84 30.03
O1A CLA RL . 25.18 -27.67 30.80
O2A CLA RL . 23.53 -26.23 30.40
NB CLA RL . 25.19 -20.85 27.96
C1B CLA RL . 25.47 -21.48 26.80
C2B CLA RL . 24.81 -20.79 25.67
C3B CLA RL . 24.12 -19.72 26.19
C4B CLA RL . 24.36 -19.75 27.65
CMB CLA RL . 24.91 -21.24 24.28
CAB CLA RL . 23.30 -18.74 25.55
CBB CLA RL . 22.24 -19.04 24.80
NC CLA RL . 24.39 -20.06 30.66
C1C CLA RL . 23.86 -19.00 29.96
C2C CLA RL . 23.26 -18.06 30.88
C3C CLA RL . 23.37 -18.60 32.15
C4C CLA RL . 24.09 -19.86 32.00
CMC CLA RL . 22.62 -16.81 30.48
CAC CLA RL . 22.92 -18.02 33.41
CBC CLA RL . 21.54 -18.49 33.78
ND CLA RL . 25.54 -22.41 31.65
C1D CLA RL . 25.08 -21.94 32.90
C2D CLA RL . 25.45 -22.91 33.94
C3D CLA RL . 26.15 -23.91 33.30
C4D CLA RL . 26.17 -23.55 31.88
CMD CLA RL . 25.12 -22.75 35.35
CAD CLA RL . 26.87 -25.16 33.44
OBD CLA RL . 27.13 -25.79 34.46
CBD CLA RL . 27.28 -25.62 32.02
CGD CLA RL . 28.74 -25.94 31.83
O1D CLA RL . 29.68 -25.16 31.66
O2D CLA RL . 29.00 -27.27 31.84
CED CLA RL . 30.07 -27.74 32.66
C1 CLA RL . 23.46 -24.80 30.52
C2 CLA RL . 22.77 -24.22 29.34
C3 CLA RL . 21.65 -23.48 29.41
C4 CLA RL . 21.00 -23.17 30.70
C5 CLA RL . 21.01 -22.93 28.18
FE1 SF4 SL . 31.13 -11.26 57.30
FE2 SF4 SL . 29.58 -9.03 57.56
FE3 SF4 SL . 32.04 -9.11 58.75
FE4 SF4 SL . 30.00 -10.66 59.71
S1 SF4 SL . 30.11 -8.38 59.68
S2 SF4 SL . 32.15 -11.30 59.35
S3 SF4 SL . 28.92 -11.20 57.78
S4 SF4 SL . 31.59 -9.17 56.50
MG CLA TL . 3.53 -28.55 57.71
CHA CLA TL . 2.21 -25.38 58.06
CHB CLA TL . 6.61 -27.22 57.31
CHC CLA TL . 4.82 -31.72 57.72
CHD CLA TL . 0.29 -29.89 58.20
NA CLA TL . 4.26 -26.61 57.62
C1A CLA TL . 3.56 -25.42 57.82
C2A CLA TL . 4.47 -24.21 57.68
C3A CLA TL . 5.76 -24.84 57.12
C4A CLA TL . 5.56 -26.32 57.37
CMA CLA TL . 5.84 -24.56 55.64
CAA CLA TL . 4.71 -23.54 59.01
CBA CLA TL . 5.55 -22.29 58.82
CGA CLA TL . 5.64 -21.52 60.10
O1A CLA TL . 6.32 -20.52 60.34
O2A CLA TL . 4.84 -22.01 61.09
NB CLA TL . 5.37 -29.33 57.47
C1B CLA TL . 6.50 -28.61 57.51
C2B CLA TL . 7.67 -29.50 57.76
C3B CLA TL . 7.17 -30.77 57.88
C4B CLA TL . 5.69 -30.69 57.68
CMB CLA TL . 9.04 -29.03 57.85
CAB CLA TL . 7.86 -32.01 58.11
CBB CLA TL . 7.78 -33.10 57.33
NC CLA TL . 2.69 -30.46 57.85
C1C CLA TL . 3.40 -31.62 57.78
C2C CLA TL . 2.51 -32.76 57.87
C3C CLA TL . 1.23 -32.25 58.07
C4C CLA TL . 1.35 -30.80 58.05
CMC CLA TL . 2.94 -34.15 57.81
CAC CLA TL . -0.01 -33.00 58.23
CBC CLA TL . -0.66 -33.29 56.90
ND CLA TL . 1.65 -27.87 57.96
C1D CLA TL . 0.41 -28.52 58.17
C2D CLA TL . -0.64 -27.50 58.33
C3D CLA TL . -0.01 -26.28 58.31
C4D CLA TL . 1.42 -26.57 58.10
CMD CLA TL . -2.06 -27.80 58.50
CAD CLA TL . -0.15 -24.84 58.37
OBD CLA TL . -1.17 -24.16 58.47
CBD CLA TL . 1.28 -24.23 58.29
CGD CLA TL . 1.41 -23.22 57.20
O1D CLA TL . 0.95 -23.27 56.06
O2D CLA TL . 2.15 -22.13 57.55
CED CLA TL . 1.76 -21.42 58.71
C1 CLA TL . 5.01 -21.43 62.41
C2 CLA TL . 4.10 -22.16 63.32
C3 CLA TL . 4.05 -21.93 64.64
C4 CLA TL . 4.91 -20.91 65.29
C5 CLA TL . 3.12 -22.69 65.52
MG CLA UL . 20.12 -26.17 47.49
CHA CLA UL . 22.78 -26.81 45.39
CHB CLA UL . 17.98 -26.53 44.89
CHC CLA UL . 17.49 -26.02 49.70
CHD CLA UL . 22.37 -25.84 50.18
NA CLA UL . 20.38 -26.51 45.46
C1A CLA UL . 21.56 -26.80 44.77
C2A CLA UL . 21.28 -26.97 43.28
C3A CLA UL . 19.80 -26.56 43.15
C4A CLA UL . 19.32 -26.52 44.59
CMA CLA UL . 19.65 -25.22 42.48
CAA CLA UL . 21.41 -28.40 42.79
CBA CLA UL . 21.15 -28.43 41.29
CGA CLA UL . 19.78 -28.96 40.98
O1A CLA UL . 19.38 -30.12 41.02
O2A CLA UL . 18.89 -27.99 40.60
NB CLA UL . 18.12 -26.29 47.33
C1B CLA UL . 17.44 -26.48 46.19
C2B CLA UL . 15.99 -26.63 46.48
C3B CLA UL . 15.85 -26.49 47.84
C4B CLA UL . 17.20 -26.24 48.39
CMB CLA UL . 14.99 -26.83 45.44
CAB CLA UL . 14.67 -26.49 48.65
CBB CLA UL . 13.52 -25.89 48.32
NC CLA UL . 19.96 -25.86 49.54
C1C CLA UL . 18.79 -25.80 50.23
C2C CLA UL . 19.05 -25.58 51.64
C3C CLA UL . 20.43 -25.57 51.79
C4C CLA UL . 21.01 -25.76 50.47
CMC CLA UL . 18.03 -25.42 52.66
CAC CLA UL . 21.17 -25.37 53.04
CBC CLA UL . 21.25 -26.65 53.83
ND CLA UL . 22.12 -26.02 47.74
C1D CLA UL . 22.91 -25.98 48.92
C2D CLA UL . 24.33 -26.12 48.54
C3D CLA UL . 24.34 -26.45 47.21
C4D CLA UL . 22.93 -26.42 46.76
CMD CLA UL . 25.45 -26.00 49.47
CAD CLA UL . 25.15 -26.70 46.03
OBD CLA UL . 26.36 -26.59 45.88
CBD CLA UL . 24.17 -27.16 44.91
CGD CLA UL . 24.53 -26.64 43.56
O1D CLA UL . 24.98 -25.54 43.26
O2D CLA UL . 24.33 -27.57 42.57
CED CLA UL . 24.64 -27.20 41.23
C1 CLA UL . 17.52 -28.20 41.03
C2 CLA UL . 16.62 -27.68 39.99
C3 CLA UL . 15.29 -27.64 40.15
C4 CLA UL . 14.64 -28.14 41.39
C5 CLA UL . 14.39 -27.12 39.09
MG CLA VL . 8.41 2.55 37.80
CHA CLA VL . 10.80 4.57 36.33
CHB CLA VL . 6.28 5.19 37.91
CHC CLA VL . 6.03 0.51 39.17
CHD CLA VL . 10.71 -0.13 37.78
NA CLA VL . 8.54 4.54 37.20
C1A CLA VL . 9.62 5.19 36.60
C2A CLA VL . 9.31 6.65 36.32
C3A CLA VL . 7.90 6.83 36.92
C4A CLA VL . 7.52 5.43 37.36
CMA CLA VL . 7.92 7.75 38.11
CAA CLA VL . 9.26 6.89 34.82
CBA CLA VL . 8.55 5.76 34.11
CGA CLA VL . 8.67 5.93 32.62
O1A CLA VL . 9.57 6.47 31.97
O2A CLA VL . 7.61 5.39 31.95
NB CLA VL . 6.51 2.80 38.42
C1B CLA VL . 5.81 3.95 38.37
C2B CLA VL . 4.43 3.73 38.87
C3B CLA VL . 4.35 2.40 39.23
C4B CLA VL . 5.68 1.80 38.96
CMB CLA VL . 3.43 4.78 38.93
CAB CLA VL . 3.26 1.65 39.78
CBB CLA VL . 2.40 2.09 40.70
NC CLA VL . 8.38 0.55 38.36
C1C CLA VL . 7.29 -0.08 38.89
C2C CLA VL . 7.61 -1.48 39.14
C3C CLA VL . 8.93 -1.65 38.78
C4C CLA VL . 9.41 -0.37 38.28
CMC CLA VL . 6.67 -2.46 39.71
CAC CLA VL . 9.70 -2.90 38.86
CBC CLA VL . 10.17 -3.18 40.27
ND CLA VL . 10.30 2.21 37.19
C1D CLA VL . 11.14 1.07 37.26
C2D CLA VL . 12.45 1.42 36.69
C3D CLA VL . 12.37 2.73 36.30
C4D CLA VL . 11.02 3.19 36.65
CMD CLA VL . 13.57 0.48 36.57
CAD CLA VL . 13.06 3.86 35.70
OBD CLA VL . 14.20 3.92 35.24
CBD CLA VL . 12.09 5.07 35.74
CGD CLA VL . 12.62 6.18 36.58
O1D CLA VL . 12.11 6.67 37.58
O2D CLA VL . 13.82 6.66 36.16
CED CLA VL . 14.33 7.82 36.85
C1 CLA VL . 7.87 4.29 31.06
C2 CLA VL . 6.54 3.71 30.71
C3 CLA VL . 6.27 3.17 29.51
C4 CLA VL . 7.28 3.09 28.43
C5 CLA VL . 4.92 2.60 29.21
MG CLA WL . 3.97 8.33 48.34
CHA CLA WL . 1.19 8.98 50.31
CHB CLA WL . 2.06 6.41 46.29
CHC CLA WL . 6.72 7.82 46.37
CHD CLA WL . 5.91 10.30 50.53
NA CLA WL . 1.95 7.80 48.33
C1A CLA WL . 0.96 8.18 49.23
C2A CLA WL . -0.38 7.58 48.85
C3A CLA WL . -0.04 6.63 47.68
C4A CLA WL . 1.42 6.98 47.38
CMA CLA WL . -0.18 5.20 48.12
CAA CLA WL . -1.28 8.68 48.33
CBA CLA WL . -1.92 8.29 47.03
CGA CLA WL . -3.39 8.10 47.22
O1A CLA WL . -4.26 8.97 47.30
O2A CLA WL . -3.77 6.79 47.30
NB CLA WL . 4.33 7.26 46.68
C1B CLA WL . 3.39 6.63 45.94
C2B CLA WL . 4.00 6.15 44.67
C3B CLA WL . 5.31 6.54 44.68
C4B CLA WL . 5.54 7.27 45.96
CMB CLA WL . 3.24 5.42 43.65
CAB CLA WL . 6.34 6.37 43.70
CBB CLA WL . 6.24 6.73 42.42
NC CLA WL . 5.96 8.94 48.45
C1C CLA WL . 6.91 8.60 47.54
C2C CLA WL . 8.19 9.18 47.93
C3C CLA WL . 7.96 9.90 49.11
C4C CLA WL . 6.55 9.74 49.42
CMC CLA WL . 9.45 9.02 47.21
CAC CLA WL . 8.93 10.66 49.89
CBC CLA WL . 9.58 9.84 50.97
ND CLA WL . 3.68 9.45 50.00
C1D CLA WL . 4.57 10.17 50.82
C2D CLA WL . 3.83 10.72 51.98
C3D CLA WL . 2.52 10.31 51.81
C4D CLA WL . 2.49 9.50 50.59
CMD CLA WL . 4.41 11.54 53.03
CAD CLA WL . 1.18 10.33 52.35
OBD CLA WL . 0.76 10.91 53.34
CBD CLA WL . 0.31 9.44 51.44
CGD CLA WL . -0.22 8.28 52.23
O1D CLA WL . 0.13 7.93 53.35
O2D CLA WL . -1.19 7.56 51.62
CED CLA WL . -1.88 6.60 52.41
C1 CLA WL . -3.72 6.15 48.59
C2 CLA WL . -4.65 6.87 49.50
C3 CLA WL . -5.29 6.26 50.51
C4 CLA WL . -5.14 4.81 50.78
C5 CLA WL . -6.22 7.01 51.40
MG CLA XL . -0.46 0.32 45.86
CHA CLA XL . 2.71 0.26 44.49
CHB CLA XL . 0.79 1.78 48.66
CHC CLA XL . -3.64 0.43 47.16
CHD CLA XL . -1.71 -1.22 42.95
NA CLA XL . 1.45 0.91 46.45
C1A CLA XL . 2.65 0.81 45.73
C2A CLA XL . 3.82 1.36 46.53
C3A CLA XL . 3.19 1.76 47.88
C4A CLA XL . 1.69 1.48 47.67
CMA CLA XL . 3.73 0.94 49.02
CAA CLA XL . 4.42 2.59 45.87
CBA CLA XL . 5.53 3.17 46.71
CGA CLA XL . 6.79 2.38 46.54
O1A CLA XL . 7.30 1.94 45.50
O2A CLA XL . 7.44 2.16 47.72
NB CLA XL . -1.28 1.03 47.56
C1B CLA XL . -0.60 1.56 48.60
C2B CLA XL . -1.53 1.85 49.71
C3B CLA XL . -2.79 1.47 49.30
C4B CLA XL . -2.64 0.94 47.91
CMB CLA XL . -1.10 2.41 50.99
CAB CLA XL . -4.04 1.50 49.99
CBB CLA XL . -4.71 0.42 50.37
NC CLA XL . -2.32 -0.30 45.18
C1C CLA XL . -3.49 -0.16 45.87
C2C CLA XL . -4.60 -0.71 45.10
C3C CLA XL . -4.05 -1.16 43.91
C4C CLA XL . -2.62 -0.91 43.96
CMC CLA XL . -5.99 -0.74 45.53
CAC CLA XL . -4.76 -1.81 42.80
CBC CLA XL . -4.68 -3.31 42.89
ND CLA XL . 0.28 -0.42 44.14
C1D CLA XL . -0.35 -1.00 43.02
C2D CLA XL . 0.68 -1.29 41.99
C3D CLA XL . 1.87 -0.84 42.51
C4D CLA XL . 1.57 -0.28 43.84
CMD CLA XL . 0.41 -1.93 40.71
CAD CLA XL . 3.29 -0.68 42.30
OBD CLA XL . 3.97 -1.04 41.35
CBD CLA XL . 3.86 0.05 43.53
CGD CLA XL . 4.92 -0.75 44.20
O1D CLA XL . 4.78 -1.81 44.83
O2D CLA XL . 6.17 -0.22 44.09
CED CLA XL . 6.69 -0.05 42.77
C1 CLA XL . 8.23 0.96 47.83
C2 CLA XL . 7.30 -0.15 48.09
C3 CLA XL . 7.57 -1.16 48.93
C4 CLA XL . 8.84 -1.22 49.68
C5 CLA XL . 6.60 -2.27 49.15
MG CLA YL . -9.34 -7.96 31.15
CHA CLA YL . -9.50 -11.10 29.72
CHB CLA YL . -7.49 -9.23 33.70
CHC CLA YL . -9.08 -4.82 32.43
CHD CLA YL . -11.44 -6.75 28.59
NA CLA YL . -8.62 -9.87 31.61
C1A CLA YL . -8.81 -11.05 30.89
C2A CLA YL . -8.13 -12.22 31.57
C3A CLA YL . -7.69 -11.64 32.93
C4A CLA YL . -7.92 -10.14 32.74
CMA CLA YL . -8.51 -12.19 34.07
CAA CLA YL . -6.93 -12.65 30.74
CBA CLA YL . -5.98 -11.50 30.44
CGA CLA YL . -6.28 -10.85 29.12
O1A CLA YL . -6.07 -11.28 27.99
O2A CLA YL . -6.83 -9.61 29.24
NB CLA YL . -8.57 -7.19 32.84
C1B CLA YL . -7.65 -7.84 33.60
C2B CLA YL . -6.80 -6.88 34.33
C3B CLA YL . -7.22 -5.62 33.99
C4B CLA YL . -8.35 -5.81 33.03
CMB CLA YL . -5.72 -7.28 35.24
CAB CLA YL . -6.70 -4.35 34.41
CBB CLA YL . -6.37 -3.34 33.61
NC CLA YL . -10.14 -6.12 30.62
C1C CLA YL . -9.93 -4.97 31.31
C2C CLA YL . -10.67 -3.88 30.70
C3C CLA YL . -11.32 -4.41 29.59
C4C CLA YL . -11.00 -5.83 29.56
CMC CLA YL . -10.66 -2.50 31.17
CAC CLA YL . -12.19 -3.70 28.65
CBC CLA YL . -11.52 -3.49 27.32
ND CLA YL . -10.17 -8.65 29.45
C1D CLA YL . -11.06 -8.06 28.52
C2D CLA YL . -11.44 -9.08 27.51
C3D CLA YL . -10.83 -10.24 27.90
C4D CLA YL . -10.10 -9.94 29.14
CMD CLA YL . -12.29 -8.81 26.35
CAD CLA YL . -10.61 -11.65 27.60
OBD CLA YL . -10.91 -12.29 26.62
CBD CLA YL . -9.86 -12.25 28.82
CGD CLA YL . -10.75 -13.20 29.57
O1D CLA YL . -11.85 -12.97 30.08
O2D CLA YL . -10.23 -14.46 29.70
CED CLA YL . -10.90 -15.52 29.00
C1 CLA YL . -6.74 -8.71 28.12
C2 CLA YL . -6.58 -7.35 28.69
C3 CLA YL . -7.00 -6.23 28.08
C4 CLA YL . -7.68 -6.26 26.76
C5 CLA YL . -6.82 -4.90 28.71
MG CLA ZL . -9.23 -14.75 40.02
CHA CLA ZL . -11.31 -12.65 41.83
CHB CLA ZL . -8.07 -12.10 38.26
CHC CLA ZL . -7.07 -16.85 38.38
CHD CLA ZL . -10.45 -17.48 41.89
NA CLA ZL . -9.66 -12.71 40.05
C1A CLA ZL . -10.56 -12.03 40.87
C2A CLA ZL . -10.54 -10.54 40.55
C3A CLA ZL . -9.65 -10.43 39.30
C4A CLA ZL . -9.06 -11.83 39.18
CMA CLA ZL . -10.42 -10.06 38.07
CAA CLA ZL . -9.94 -9.77 41.72
CBA CLA ZL . -8.44 -9.96 41.84
CGA CLA ZL . -8.11 -11.30 42.43
O1A CLA ZL . -8.57 -11.80 43.45
O2A CLA ZL . -7.21 -12.01 41.70
NB CLA ZL . -7.93 -14.54 38.49
C1B CLA ZL . -7.47 -13.34 38.07
C2B CLA ZL . -6.16 -13.51 37.36
C3B CLA ZL . -5.88 -14.85 37.39
C4B CLA ZL . -7.00 -15.52 38.12
CMB CLA ZL . -5.43 -12.38 36.81
CAB CLA ZL . -4.76 -15.60 36.90
CBB CLA ZL . -3.89 -15.20 35.97
NC CLA ZL . -8.87 -16.80 40.09
C1C CLA ZL . -7.96 -17.45 39.31
C2C CLA ZL . -7.99 -18.87 39.60
C3C CLA ZL . -8.92 -19.05 40.61
C4C CLA ZL . -9.47 -17.74 40.91
CMC CLA ZL . -7.14 -19.88 38.95
CAC CLA ZL . -9.30 -20.31 41.26
CBC CLA ZL . -8.63 -20.50 42.60
ND CLA ZL . -10.49 -15.06 41.56
C1D CLA ZL . -10.92 -16.23 42.23
C2D CLA ZL . -11.90 -15.88 43.26
C3D CLA ZL . -12.07 -14.51 43.17
C4D CLA ZL . -11.20 -14.05 42.08
CMD CLA ZL . -12.53 -16.81 44.18
CAD CLA ZL . -12.75 -13.35 43.71
OBD CLA ZL . -13.50 -13.27 44.67
CBD CLA ZL . -12.34 -12.14 42.81
CGD CLA ZL . -13.56 -11.61 42.13
O1D CLA ZL . -14.73 -11.88 42.40
O2D CLA ZL . -13.33 -10.77 41.09
CED CLA ZL . -13.96 -11.06 39.85
C1 CLA ZL . -6.97 -13.37 42.15
C2 CLA ZL . -5.75 -13.84 41.45
C3 CLA ZL . -5.16 -15.02 41.73
C4 CLA ZL . -5.69 -15.93 42.77
C5 CLA ZL . -3.94 -15.46 40.99
MG CLA AM . -3.28 -22.94 34.54
CHA CLA AM . -5.69 -20.46 34.48
CHB CLA AM . -1.43 -21.19 32.30
CHC CLA AM . -0.78 -25.26 34.87
CHD CLA AM . -5.25 -24.73 36.86
NA CLA AM . -3.57 -21.14 33.53
C1A CLA AM . -4.61 -20.23 33.67
C2A CLA AM . -4.42 -19.03 32.76
C3A CLA AM . -3.11 -19.35 32.00
C4A CLA AM . -2.65 -20.64 32.65
CMA CLA AM . -3.33 -19.52 30.53
CAA CLA AM . -4.25 -17.75 33.56
CBA CLA AM . -4.24 -16.52 32.69
CGA CLA AM . -2.85 -16.04 32.45
O1A CLA AM . -1.97 -16.53 31.73
O2A CLA AM . -2.54 -14.90 33.14
NB CLA AM . -1.44 -23.15 33.79
C1B CLA AM . -0.89 -22.38 32.82
C2B CLA AM . 0.39 -22.97 32.35
C3B CLA AM . 0.59 -24.12 33.08
C4B CLA AM . -0.58 -24.25 34.00
CMB CLA AM . 1.20 -22.36 31.31
CAB CLA AM . 1.64 -25.08 33.03
CBB CLA AM . 2.94 -24.78 33.03
NC CLA AM . -3.08 -24.70 35.64
C1C CLA AM . -1.96 -25.49 35.63
C2C CLA AM . -2.13 -26.60 36.55
C3C CLA AM . -3.40 -26.48 37.11
C4C CLA AM . -3.99 -25.26 36.54
CMC CLA AM . -1.11 -27.62 36.79
CAC CLA AM . -4.01 -27.36 38.11
CBC CLA AM . -4.47 -28.69 37.56
ND CLA AM . -5.12 -22.80 35.36
C1D CLA AM . -5.78 -23.57 36.34
C2D CLA AM . -7.07 -22.94 36.67
C3D CLA AM . -7.09 -21.74 35.98
C4D CLA AM . -5.84 -21.69 35.21
CMD CLA AM . -8.06 -23.49 37.59
CAD CLA AM . -7.85 -20.56 35.66
OBD CLA AM . -9.00 -20.26 35.98
CBD CLA AM . -6.93 -19.64 34.80
CGD CLA AM . -7.63 -19.12 33.57
O1D CLA AM . -7.46 -19.44 32.41
O2D CLA AM . -8.56 -18.16 33.84
CED CLA AM . -8.81 -17.20 32.81
C1 CLA AM . -1.20 -14.40 33.01
C2 CLA AM . -0.91 -13.60 34.22
C3 CLA AM . 0.35 -13.37 34.66
C4 CLA AM . 1.53 -13.90 33.96
C5 CLA AM . 0.60 -12.56 35.89
MG CLA BM . 2.90 -24.05 26.68
CHA CLA BM . 2.97 -27.07 25.02
CHB CLA BM . 0.54 -22.92 24.52
CHC CLA BM . 2.74 -21.13 28.48
CHD CLA BM . 5.27 -25.31 28.98
NA CLA BM . 1.96 -24.87 25.02
C1A CLA BM . 2.12 -26.15 24.50
C2A CLA BM . 1.24 -26.37 23.27
C3A CLA BM . 0.58 -24.97 23.06
C4A CLA BM . 1.05 -24.18 24.29
CMA CLA BM . 1.02 -24.31 21.79
CAA CLA BM . 0.23 -27.46 23.55
CBA CLA BM . -1.06 -27.23 22.81
CGA CLA BM . -2.00 -26.52 23.72
O1A CLA BM . -1.73 -25.92 24.76
O2A CLA BM . -3.30 -26.54 23.28
NB CLA BM . 1.86 -22.33 26.51
C1B CLA BM . 0.89 -22.10 25.59
C2B CLA BM . 0.24 -20.78 25.89
C3B CLA BM . 0.85 -20.28 27.01
C4B CLA BM . 1.91 -21.25 27.41
CMB CLA BM . -0.85 -20.23 25.09
CAB CLA BM . 0.61 -19.05 27.71
CBB CLA BM . 0.03 -18.98 28.91
NC CLA BM . 3.88 -23.34 28.39
C1C CLA BM . 3.67 -22.10 28.93
C2C CLA BM . 4.50 -21.94 30.12
C3C CLA BM . 5.20 -23.14 30.28
C4C CLA BM . 4.79 -24.01 29.19
CMC CLA BM . 4.52 -20.72 30.93
CAC CLA BM . 6.15 -23.52 31.34
CBC CLA BM . 7.38 -22.66 31.46
ND CLA BM . 3.97 -25.73 26.94
C1D CLA BM . 4.90 -26.14 27.93
C2D CLA BM . 5.36 -27.51 27.63
C3D CLA BM . 4.66 -27.91 26.52
C4D CLA BM . 3.80 -26.78 26.14
CMD CLA BM . 6.35 -28.25 28.40
CAD CLA BM . 4.44 -28.97 25.54
OBD CLA BM . 5.00 -30.05 25.43
CBD CLA BM . 3.29 -28.48 24.61
CGD CLA BM . 3.66 -28.54 23.16
O1D CLA BM . 3.00 -29.01 22.23
O2D CLA BM . 4.88 -27.98 22.87
CED CLA BM . 5.51 -28.37 21.66
C1 CLA BM . -3.60 -25.98 21.98
C2 CLA BM . -3.82 -27.12 21.03
C3 CLA BM . -4.92 -27.88 21.03
C4 CLA BM . -6.04 -27.66 21.96
C5 CLA BM . -5.05 -28.99 20.05
MG CLA CM . -12.06 26.89 48.57
CHA CLA CM . -8.77 27.71 47.85
CHB CLA CM . -12.25 29.51 50.71
CHC CLA CM . -15.34 26.10 49.15
CHD CLA CM . -11.82 24.19 46.29
NA CLA CM . -10.70 28.35 49.18
C1A CLA CM . -9.37 28.53 48.77
C2A CLA CM . -8.74 29.74 49.46
C3A CLA CM . -9.86 30.23 50.41
C4A CLA CM . -11.04 29.31 50.10
CMA CLA CM . -9.46 30.14 51.86
CAA CLA CM . -8.38 30.81 48.45
CBA CLA CM . -9.21 32.06 48.60
CGA CLA CM . -10.45 31.99 47.75
O1A CLA CM . -11.21 32.90 47.42
O2A CLA CM . -10.74 30.73 47.32
NB CLA CM . -13.53 27.67 49.70
C1B CLA CM . -13.40 28.74 50.52
C2B CLA CM . -14.68 28.99 51.23
C3B CLA CM . -15.57 28.04 50.81
C4B CLA CM . -14.85 27.17 49.82
CMB CLA CM . -14.86 30.07 52.18
CAB CLA CM . -16.94 27.89 51.23
CBB CLA CM . -17.79 26.89 50.97
NC CLA CM . -13.32 25.40 47.87
C1C CLA CM . -14.64 25.26 48.24
C2C CLA CM . -15.23 24.12 47.55
C3C CLA CM . -14.23 23.59 46.74
C4C CLA CM . -13.05 24.39 46.94
CMC CLA CM . -16.61 23.68 47.71
CAC CLA CM . -14.34 22.42 45.84
CBC CLA CM . -14.25 21.11 46.59
ND CLA CM . -10.65 26.04 47.41
C1D CLA CM . -10.70 24.96 46.50
C2D CLA CM . -9.38 24.82 45.84
C3D CLA CM . -8.60 25.83 46.35
C4D CLA CM . -9.44 26.58 47.30
CMD CLA CM . -9.04 23.78 44.87
CAD CLA CM . -7.30 26.45 46.33
OBD CLA CM . -6.27 26.10 45.76
CBD CLA CM . -7.38 27.72 47.23
CGD CLA CM . -6.29 27.76 48.26
O1D CLA CM . -6.41 27.78 49.49
O2D CLA CM . -5.04 27.76 47.72
CED CLA CM . -3.98 28.33 48.49
MG CLA DM . -6.44 18.10 48.04
CHA CLA DM . -4.48 15.29 47.52
CHB CLA DM . -9.23 16.22 47.56
CHC CLA DM . -8.34 20.90 48.56
CHD CLA DM . -3.51 20.02 48.40
NA CLA DM . -6.77 16.08 47.64
C1A CLA DM . -5.83 15.07 47.46
C2A CLA DM . -6.50 13.73 47.17
C3A CLA DM . -8.00 14.09 47.13
C4A CLA DM . -8.02 15.56 47.48
CMA CLA DM . -8.61 13.83 45.77
CAA CLA DM . -6.21 12.75 48.28
CBA CLA DM . -6.40 11.33 47.81
CGA CLA DM . -7.82 10.91 48.07
O1A CLA DM . -8.76 11.61 48.44
O2A CLA DM . -8.03 9.59 47.82
NB CLA DM . -8.40 18.50 48.00
C1B CLA DM . -9.38 17.58 47.87
C2B CLA DM . -10.71 18.20 48.11
C3B CLA DM . -10.47 19.53 48.40
C4B CLA DM . -9.00 19.74 48.33
CMB CLA DM . -11.96 17.45 48.06
CAB CLA DM . -11.40 20.59 48.72
CBB CLA DM . -12.44 20.49 49.55
NC CLA DM . -6.00 20.09 48.43
C1C CLA DM . -6.92 21.06 48.61
C2C CLA DM . -6.26 22.34 48.87
C3C CLA DM . -4.89 22.09 48.81
C4C CLA DM . -4.73 20.68 48.54
CMC CLA DM . -6.95 23.60 49.11
CAC CLA DM . -3.81 23.07 48.98
CBC CLA DM . -3.09 22.96 50.31
ND CLA DM . -4.45 17.78 48.11
C1D CLA DM . -3.35 18.66 48.20
C2D CLA DM . -2.10 17.90 48.06
C3D CLA DM . -2.47 16.60 47.82
C4D CLA DM . -3.94 16.58 47.82
CMD CLA DM . -0.75 18.47 48.16
CAD CLA DM . -2.03 15.23 47.58
OBD CLA DM . -0.90 14.78 47.59
CBD CLA DM . -3.30 14.39 47.29
CGD CLA DM . -3.28 13.90 45.87
O1D CLA DM . -2.58 14.31 44.95
O2D CLA DM . -4.16 12.89 45.63
CED CLA DM . -4.77 12.87 44.34
C1 CLA DM . -9.40 9.17 47.68
C2 CLA DM . -9.93 8.92 49.05
C3 CLA DM . -11.24 8.90 49.31
C4 CLA DM . -12.25 9.12 48.26
C5 CLA DM . -11.74 8.65 50.69
MG CLA EM . -25.66 8.52 43.02
CHA CLA EM . -26.86 6.17 40.78
CHB CLA EM . -22.88 6.63 43.53
CHC CLA EM . -24.51 10.91 45.20
CHD CLA EM . -28.55 10.47 42.44
NA CLA EM . -25.01 6.69 42.26
C1A CLA EM . -25.65 5.86 41.33
C2A CLA EM . -24.83 4.61 41.05
C3A CLA EM . -23.61 4.77 41.98
C4A CLA EM . -23.83 6.12 42.65
CMA CLA EM . -23.53 3.65 42.99
CAA CLA EM . -24.39 4.60 39.61
CBA CLA EM . -23.51 5.80 39.35
CGA CLA EM . -23.99 6.57 38.16
O1A CLA EM . -24.57 6.15 37.15
O2A CLA EM . -23.71 7.91 38.26
NB CLA EM . -24.00 8.74 44.13
C1B CLA EM . -22.98 7.85 44.21
C2B CLA EM . -21.94 8.36 45.14
C3B CLA EM . -22.38 9.57 45.61
C4B CLA EM . -23.72 9.83 44.99
CMB CLA EM . -20.71 7.64 45.43
CAB CLA EM . -21.79 10.50 46.55
CBB CLA EM . -20.52 10.90 46.54
NC CLA EM . -26.41 10.35 43.69
C1C CLA EM . -25.77 11.16 44.59
C2C CLA EM . -26.57 12.35 44.84
C3C CLA EM . -27.72 12.23 44.05
C4C CLA EM . -27.60 10.97 43.34
CMC CLA EM . -26.20 13.43 45.75
CAC CLA EM . -28.83 13.18 43.96
CBC CLA EM . -30.02 12.78 44.80
ND CLA EM . -27.36 8.39 41.94
C1D CLA EM . -28.46 9.27 41.79
C2D CLA EM . -29.42 8.66 40.83
C3D CLA EM . -28.86 7.47 40.42
C4D CLA EM . -27.57 7.35 41.13
CMD CLA EM . -30.70 9.25 40.45
CAD CLA EM . -29.02 6.29 39.59
OBD CLA EM . -29.96 5.97 38.87
CBD CLA EM . -27.73 5.45 39.77
CGD CLA EM . -28.08 4.06 40.22
O1D CLA EM . -28.47 3.72 41.35
O2D CLA EM . -27.96 3.11 39.26
CED CLA EM . -27.87 3.52 37.90
C1 CLA EM . -23.77 8.68 37.05
C2 CLA EM . -23.73 10.10 37.45
C3 CLA EM . -24.20 11.10 36.69
C4 CLA EM . -24.81 10.84 35.36
C5 CLA EM . -24.13 12.50 37.15
MG CLA FM . -33.32 16.09 48.74
CHA CLA FM . -36.41 16.85 47.39
CHB CLA FM . -31.81 17.33 45.95
CHC CLA FM . -30.27 15.38 50.14
CHD CLA FM . -34.94 14.78 51.59
NA CLA FM . -34.02 16.94 46.97
C1A CLA FM . -35.35 17.18 46.60
C2A CLA FM . -35.42 17.83 45.22
C3A CLA FM . -33.95 17.86 44.75
C4A CLA FM . -33.18 17.35 45.96
CMA CLA FM . -33.71 16.99 43.54
CAA CLA FM . -35.98 19.23 45.33
CBA CLA FM . -34.91 20.26 45.65
CGA CLA FM . -34.41 20.11 47.05
O1A CLA FM . -35.06 19.92 48.09
O2A CLA FM . -33.06 20.15 47.14
NB CLA FM . -31.41 16.25 48.13
C1B CLA FM . -31.00 16.87 47.00
C2B CLA FM . -29.51 17.01 47.02
C3B CLA FM . -29.07 16.46 48.19
C4B CLA FM . -30.27 15.97 48.93
CMB CLA FM . -28.77 17.64 45.92
CAB CLA FM . -27.74 16.35 48.73
CBB CLA FM . -26.82 17.32 48.72
NC CLA FM . -32.73 15.23 50.54
C1C CLA FM . -31.43 15.02 50.91
C2C CLA FM . -31.37 14.39 52.22
C3C CLA FM . -32.69 14.23 52.64
C4C CLA FM . -33.54 14.76 51.58
CMC CLA FM . -30.14 14.03 52.91
CAC CLA FM . -33.14 13.64 53.90
CBC CLA FM . -33.48 14.68 54.94
ND CLA FM . -35.21 15.89 49.42
C1D CLA FM . -35.74 15.32 50.61
C2D CLA FM . -37.22 15.37 50.55
C3D CLA FM . -37.52 15.95 49.34
C4D CLA FM . -36.24 16.25 48.68
CMD CLA FM . -38.09 14.88 51.60
CAD CLA FM . -38.59 16.37 48.44
OBD CLA FM . -39.80 16.30 48.59
CBD CLA FM . -37.90 16.94 47.16
CGD CLA FM . -38.29 16.15 45.94
O1D CLA FM . -38.84 16.55 44.91
O2D CLA FM . -37.97 14.82 46.03
CED CLA FM . -36.84 14.34 45.29
MG CLA GM . -31.36 13.86 65.46
CHA CLA GM . -33.99 12.30 67.08
CHB CLA GM . -33.36 14.37 62.75
CHC CLA GM . -28.78 15.53 63.94
CHD CLA GM . -29.34 13.33 68.31
NA CLA GM . -33.34 13.37 65.01
C1A CLA GM . -34.28 12.73 65.82
C2A CLA GM . -35.62 12.55 65.09
C3A CLA GM . -35.33 13.09 63.68
C4A CLA GM . -33.91 13.66 63.80
CMA CLA GM . -35.39 11.99 62.64
CAA CLA GM . -36.75 13.31 65.76
CBA CLA GM . -36.40 14.75 66.04
CGA CLA GM . -37.63 15.50 66.48
O1A CLA GM . -38.63 15.79 65.81
O2A CLA GM . -37.59 15.86 67.79
NB CLA GM . -31.10 14.73 63.67
C1B CLA GM . -32.07 14.93 62.74
C2B CLA GM . -31.59 15.85 61.69
C3B CLA GM . -30.30 16.19 62.01
C4B CLA GM . -29.96 15.48 63.27
CMB CLA GM . -32.40 16.27 60.55
CAB CLA GM . -29.37 17.06 61.32
CBB CLA GM . -28.77 18.12 61.85
NC CLA GM . -29.40 14.30 66.01
C1C CLA GM . -28.51 14.97 65.22
C2C CLA GM . -27.22 15.09 65.91
C3C CLA GM . -27.40 14.50 67.16
C4C CLA GM . -28.77 14.00 67.21
CMC CLA GM . -26.04 15.74 65.35
CAC CLA GM . -26.38 14.38 68.22
CBC CLA GM . -25.73 13.01 68.23
ND CLA GM . -31.54 13.00 67.27
C1D CLA GM . -30.63 12.86 68.35
C2D CLA GM . -31.32 12.14 69.45
C3D CLA GM . -32.61 11.91 69.02
C4D CLA GM . -32.70 12.47 67.66
CMD CLA GM . -30.70 11.80 70.73
CAD CLA GM . -33.90 11.32 69.34
OBD CLA GM . -34.25 10.72 70.34
CBD CLA GM . -34.83 11.60 68.12
CGD CLA GM . -35.43 10.35 67.53
O1D CLA GM . -34.83 9.35 67.12
O2D CLA GM . -36.79 10.38 67.47
CED CLA GM . -37.52 10.39 68.69
C1 CLA GM . -37.90 14.85 68.77
C2 CLA GM . -37.34 15.31 70.06
C3 CLA GM . -37.29 14.53 71.16
C4 CLA GM . -37.80 13.14 71.15
C5 CLA GM . -36.73 15.03 72.44
MG CLA HM . -22.75 5.77 64.88
CHA CLA HM . -21.58 2.56 64.35
CHB CLA HM . -25.90 4.76 64.09
CHC CLA HM . -23.85 8.98 65.44
CHD CLA HM . -19.46 6.78 65.69
NA CLA HM . -23.58 3.94 64.33
C1A CLA HM . -22.93 2.71 64.18
C2A CLA HM . -23.91 1.62 63.78
C3A CLA HM . -25.26 2.36 63.67
C4A CLA HM . -24.91 3.79 64.07
CMA CLA HM . -25.81 2.31 62.27
CAA CLA HM . -24.01 0.57 64.88
CBA CLA HM . -25.41 0.03 65.05
CGA CLA HM . -25.98 0.41 66.38
O1A CLA HM . -27.10 0.22 66.83
O2A CLA HM . -25.06 1.06 67.17
NB CLA HM . -24.54 6.67 64.86
C1B CLA HM . -25.70 6.11 64.41
C2B CLA HM . -26.74 7.14 64.27
C3B CLA HM . -26.19 8.33 64.64
C4B CLA HM . -24.77 8.06 65.02
CMB CLA HM . -28.08 6.82 63.79
CAB CLA HM . -26.76 9.65 64.69
CBB CLA HM . -27.75 10.02 65.49
NC CLA HM . -21.82 7.55 65.46
C1C CLA HM . -22.47 8.74 65.64
C2C CLA HM . -21.51 9.75 66.07
C3C CLA HM . -20.27 9.14 66.14
C4C CLA HM . -20.47 7.75 65.76
CMC CLA HM . -21.86 11.15 66.36
CAC CLA HM . -19.00 9.76 66.53
CBC CLA HM . -18.11 10.07 65.36
ND CLA HM . -20.90 4.95 64.94
C1D CLA HM . -19.64 5.47 65.31
C2D CLA HM . -18.63 4.41 65.19
C3D CLA HM . -19.31 3.28 64.80
C4D CLA HM . -20.73 3.66 64.69
CMD CLA HM . -17.20 4.58 65.45
CAD CLA HM . -19.22 1.88 64.44
OBD CLA HM . -18.23 1.18 64.29
CBD CLA HM . -20.68 1.36 64.21
CGD CLA HM . -20.83 0.76 62.85
O1D CLA HM . -21.62 1.08 61.96
O2D CLA HM . -19.97 -0.28 62.59
CED CLA HM . -20.38 -1.24 61.63
C1 CLA HM . -24.92 0.55 68.52
C2 CLA HM . -25.75 1.40 69.40
C3 CLA HM . -25.37 2.63 69.80
C4 CLA HM . -24.08 3.22 69.39
C5 CLA HM . -26.24 3.44 70.69
MG CLA IM . -18.91 4.80 56.16
CHA CLA IM . -20.38 2.21 54.40
CHB CLA IM . -19.30 3.06 59.05
CHC CLA IM . -17.36 7.35 57.85
CHD CLA IM . -18.52 6.58 53.13
NA CLA IM . -19.73 2.94 56.62
C1A CLA IM . -20.28 1.99 55.74
C2A CLA IM . -20.76 0.75 56.51
C3A CLA IM . -20.45 1.09 57.98
C4A CLA IM . -19.78 2.46 57.90
CMA CLA IM . -21.67 1.10 58.85
CAA CLA IM . -20.00 -0.49 56.09
CBA CLA IM . -18.78 -0.70 56.97
CGA CLA IM . -17.70 0.25 56.56
O1A CLA IM . -17.23 0.42 55.44
O2A CLA IM . -17.24 1.04 57.58
NB CLA IM . -18.43 5.14 58.08
C1B CLA IM . -18.67 4.31 59.11
C2B CLA IM . -18.15 4.91 60.37
C3B CLA IM . -17.61 6.12 60.04
C4B CLA IM . -17.77 6.28 58.58
CMB CLA IM . -18.26 4.25 61.68
CAB CLA IM . -16.96 7.11 60.86
CBB CLA IM . -15.84 6.91 61.54
NC CLA IM . -18.10 6.63 55.58
C1C CLA IM . -17.50 7.51 56.44
C2C CLA IM . -17.04 8.67 55.70
C3C CLA IM . -17.37 8.46 54.37
C4C CLA IM . -18.04 7.18 54.31
CMC CLA IM . -16.36 9.82 56.31
CAC CLA IM . -17.12 9.35 53.24
CBC CLA IM . -15.91 8.91 52.45
ND CLA IM . -19.34 4.53 54.21
C1D CLA IM . -19.13 5.34 53.07
C2D CLA IM . -19.64 4.65 51.88
C3D CLA IM . -20.12 3.44 52.33
C4D CLA IM . -19.91 3.42 53.79
CMD CLA IM . -19.60 5.17 50.52
CAD CLA IM . -20.74 2.18 51.96
OBD CLA IM . -21.08 1.77 50.86
CBD CLA IM . -20.93 1.37 53.26
CGD CLA IM . -22.38 1.07 53.43
O1D CLA IM . -22.89 0.02 53.82
O2D CLA IM . -23.18 2.10 53.07
CED CLA IM . -24.56 1.81 52.84
C1 CLA IM . -16.08 0.60 58.33
C2 CLA IM . -15.36 1.82 58.77
C3 CLA IM . -14.81 1.96 60.00
C4 CLA IM . -14.89 0.91 61.04
C5 CLA IM . -14.10 3.22 60.38
MG CLA JM . -8.49 16.89 65.41
CHA CLA JM . -5.96 18.44 67.18
CHB CLA JM . -6.20 15.58 63.27
CHC CLA JM . -11.04 15.35 63.71
CHD CLA JM . -10.84 18.24 67.70
NA CLA JM . -6.42 17.01 65.27
C1A CLA JM . -5.54 17.70 66.11
C2A CLA JM . -4.10 17.50 65.67
C3A CLA JM . -4.22 16.64 64.39
C4A CLA JM . -5.71 16.37 64.29
CMA CLA JM . -3.66 17.33 63.18
CAA CLA JM . -3.40 16.68 66.75
CBA CLA JM . -4.22 15.44 67.09
CGA CLA JM . -3.72 14.72 68.31
O1A CLA JM . -2.64 14.85 68.87
O2A CLA JM . -4.62 13.83 68.80
NB CLA JM . -8.59 15.70 63.80
C1B CLA JM . -7.55 15.27 63.06
C2B CLA JM . -8.03 14.42 61.95
C3B CLA JM . -9.39 14.34 62.06
C4B CLA JM . -9.78 15.16 63.24
CMB CLA JM . -7.14 13.80 60.96
CAB CLA JM . -10.35 13.63 61.25
CBB CLA JM . -11.12 12.65 61.70
NC CLA JM . -10.56 16.83 65.66
C1C CLA JM . -11.41 16.14 64.85
C2C CLA JM . -12.78 16.30 65.30
C3C CLA JM . -12.72 17.11 66.43
C4C CLA JM . -11.33 17.43 66.66
CMC CLA JM . -13.96 15.72 64.65
CAC CLA JM . -13.85 17.57 67.24
CBC CLA JM . -14.31 18.93 66.80
ND CLA JM . -8.49 18.06 67.06
C1D CLA JM . -9.52 18.54 67.90
C2D CLA JM . -8.92 19.39 68.96
C3D CLA JM . -7.57 19.39 68.72
C4D CLA JM . -7.34 18.55 67.53
CMD CLA JM . -9.68 20.06 70.01
CAD CLA JM . -6.28 19.87 69.17
OBD CLA JM . -6.00 20.58 70.12
CBD CLA JM . -5.22 19.29 68.18
CGD CLA JM . -4.47 20.39 67.49
O1D CLA JM . -4.25 20.50 66.28
O2D CLA JM . -4.03 21.37 68.32
CED CLA JM . -4.57 22.68 68.17
C1 CLA JM . -4.08 12.65 69.43
C2 CLA JM . -5.22 11.74 69.68
C3 CLA JM . -5.13 10.62 70.43
C4 CLA JM . -3.86 10.20 71.08
C5 CLA JM . -6.33 9.75 70.65
MG CLA KM . -17.39 28.36 55.44
CHA CLA KM . -14.44 30.06 55.96
CHB CLA KM . -19.08 30.79 57.11
CHC CLA KM . -20.31 26.65 54.86
CHD CLA KM . -15.58 25.81 53.78
NA CLA KM . -16.82 30.13 56.39
C1A CLA KM . -15.54 30.66 56.50
C2A CLA KM . -15.55 31.97 57.29
C3A CLA KM . -17.02 32.10 57.73
C4A CLA KM . -17.72 30.93 57.03
CMA CLA KM . -17.16 32.00 59.22
CAA CLA KM . -15.10 33.16 56.46
CBA CLA KM . -15.71 33.17 55.07
CGA CLA KM . -15.01 34.22 54.26
O1A CLA KM . -13.81 34.33 54.02
O2A CLA KM . -15.87 35.14 53.73
NB CLA KM . -19.32 28.62 55.96
C1B CLA KM . -19.83 29.76 56.51
C2B CLA KM . -21.30 29.75 56.39
C3B CLA KM . -21.66 28.58 55.76
C4B CLA KM . -20.40 27.85 55.49
CMB CLA KM . -22.15 30.83 56.89
CAB CLA KM . -22.95 28.09 55.41
CBB CLA KM . -23.36 27.90 54.15
NC CLA KM . -17.84 26.55 54.51
C1C CLA KM . -19.11 26.03 54.41
C2C CLA KM . -19.06 24.74 53.73
C3C CLA KM . -17.73 24.52 53.40
C4C CLA KM . -16.97 25.65 53.91
CMC CLA KM . -20.22 23.90 53.45
CAC CLA KM . -17.18 23.35 52.71
CBC CLA KM . -17.32 23.45 51.21
ND CLA KM . -15.49 27.99 54.91
C1D CLA KM . -14.87 26.90 54.24
C2D CLA KM . -13.42 27.14 54.15
C3D CLA KM . -13.20 28.34 54.78
C4D CLA KM . -14.52 28.81 55.25
CMD CLA KM . -12.46 26.25 53.50
CAD CLA KM . -12.22 29.34 55.16
OBD CLA KM . -11.02 29.38 54.92
CBD CLA KM . -12.98 30.43 55.98
CGD CLA KM . -12.50 30.48 57.39
O1D CLA KM . -12.69 31.37 58.23
O2D CLA KM . -11.76 29.40 57.74
CED CLA KM . -12.42 28.34 58.42
C1 CLA KM . -16.57 35.98 54.68
C2 CLA KM . -17.25 37.05 53.90
MG CLA LM . -12.64 27.16 69.64
CHA CLA LM . -11.87 30.53 69.51
CHB CLA LM . -11.30 26.98 72.76
CHC CLA LM . -13.46 23.83 69.74
CHD CLA LM . -13.90 27.38 66.35
NA CLA LM . -11.76 28.56 70.92
C1A CLA LM . -11.54 29.92 70.70
C2A CLA LM . -10.89 30.58 71.89
C3A CLA LM . -10.70 29.42 72.89
C4A CLA LM . -11.31 28.22 72.17
CMA CLA LM . -9.24 29.20 73.21
CAA CLA LM . -11.90 31.57 72.45
CBA CLA LM . -11.37 32.41 73.59
CGA CLA LM . -12.56 33.05 74.26
O1A CLA LM . -13.60 33.46 73.74
O2A CLA LM . -12.42 33.15 75.60
NB CLA LM . -12.43 25.68 71.00
C1B CLA LM . -11.82 25.80 72.19
C2B CLA LM . -11.75 24.47 72.86
C3B CLA LM . -12.37 23.57 72.01
C4B CLA LM . -12.81 24.35 70.81
CMB CLA LM . -11.14 24.30 74.17
CAB CLA LM . -12.62 22.15 72.12
CBB CLA LM . -12.17 21.32 73.06
NC CLA LM . -13.56 25.86 68.29
C1C CLA LM . -13.81 24.55 68.56
C2C CLA LM . -14.49 23.94 67.41
C3C CLA LM . -14.58 24.93 66.43
C4C CLA LM . -13.99 26.14 67.00
CMC CLA LM . -14.94 22.56 67.34
CAC CLA LM . -15.19 24.81 65.10
CBC CLA LM . -16.56 25.43 65.05
ND CLA LM . -12.93 28.59 68.24
C1D CLA LM . -13.40 28.53 66.91
C2D CLA LM . -13.28 29.88 66.29
C3D CLA LM . -12.72 30.69 67.26
C4D CLA LM . -12.50 29.84 68.44
CMD CLA LM . -13.69 30.21 64.93
CAD CLA LM . -12.26 32.02 67.60
OBD CLA LM . -12.32 33.05 66.94
CBD CLA LM . -11.64 31.94 69.03
CGD CLA LM . -10.18 32.26 69.02
O1D CLA LM . -9.42 32.33 69.99
O2D CLA LM . -9.66 32.46 67.78
CED CLA LM . -8.75 33.55 67.64
MG CLA MM . -4.55 23.10 76.94
CHA CLA MM . -4.42 25.96 74.99
CHB CLA MM . -2.07 24.31 78.90
CHC CLA MM . -4.79 20.27 78.86
CHD CLA MM . -7.06 21.83 74.79
NA CLA MM . -3.44 24.87 76.93
C1A CLA MM . -3.53 25.93 76.03
C2A CLA MM . -2.53 27.03 76.40
C3A CLA MM . -1.73 26.41 77.56
C4A CLA MM . -2.46 25.11 77.85
CMA CLA MM . -0.30 26.17 77.21
CAA CLA MM . -3.26 28.27 76.87
CBA CLA MM . -4.12 28.00 78.08
CGA CLA MM . -5.51 27.57 77.67
O1A CLA MM . -6.36 28.23 77.08
O2A CLA MM . -5.79 26.29 78.04
NB CLA MM . -3.54 22.38 78.52
C1B CLA MM . -2.65 23.08 79.26
C2B CLA MM . -2.37 22.36 80.54
C3B CLA MM . -3.13 21.23 80.53
C4B CLA MM . -3.89 21.22 79.25
CMB CLA MM . -1.45 22.88 81.54
CAB CLA MM . -3.24 20.21 81.53
CBB CLA MM . -4.36 19.93 82.20
NC CLA MM . -5.72 21.38 76.84
C1C CLA MM . -5.65 20.35 77.74
C2C CLA MM . -6.60 19.31 77.36
C3C CLA MM . -7.23 19.75 76.21
C4C CLA MM . -6.66 21.04 75.88
CMC CLA MM . -6.82 18.08 78.12
CAC CLA MM . -8.28 19.04 75.45
CBC CLA MM . -7.70 18.08 74.45
ND CLA MM . -5.63 23.73 75.36
C1D CLA MM . -6.59 23.10 74.54
C2D CLA MM . -6.98 24.00 73.44
C3D CLA MM . -6.21 25.14 73.60
C4D CLA MM . -5.35 24.90 74.77
CMD CLA MM . -8.01 23.72 72.44
CAD CLA MM . -5.91 26.45 73.09
OBD CLA MM . -6.45 27.09 72.20
CBD CLA MM . -4.68 26.97 73.89
CGD CLA MM . -3.50 27.09 72.97
O1D CLA MM . -3.14 26.27 72.12
O2D CLA MM . -2.78 28.24 73.10
CED CLA MM . -3.45 29.44 73.47
C1 CLA MM . -7.17 25.87 77.91
C2 CLA MM . -7.21 24.44 78.30
C3 CLA MM . -7.16 24.02 79.58
C4 CLA MM . -7.05 24.97 80.71
C5 CLA MM . -7.21 22.58 79.91
MG CLA NM . 1.92 15.31 72.94
CHA CLA NM . -0.29 16.94 70.81
CHB CLA NM . -0.32 15.62 75.48
CHC CLA NM . 3.98 13.38 74.89
CHD CLA NM . 4.23 15.06 70.29
NA CLA NM . 0.05 16.20 73.11
C1A CLA NM . -0.71 16.79 72.09
C2A CLA NM . -2.04 17.29 72.65
C3A CLA NM . -1.87 17.14 74.17
C4A CLA NM . -0.65 16.24 74.29
CMA CLA NM . -1.64 18.50 74.77
CAA CLA NM . -3.16 16.43 72.13
CBA CLA NM . -4.39 16.64 72.98
CGA CLA NM . -5.60 16.24 72.20
O1A CLA NM . -5.95 16.59 71.08
O2A CLA NM . -6.39 15.35 72.89
NB CLA NM . 1.86 14.65 74.83
C1B CLA NM . 0.80 14.79 75.68
C2B CLA NM . 1.02 13.95 76.88
C3B CLA NM . 2.23 13.31 76.73
C4B CLA NM . 2.79 13.77 75.42
CMB CLA NM . 0.07 13.86 78.00
CAB CLA NM . 2.90 12.40 77.60
CBB CLA NM . 4.09 12.63 78.15
NC CLA NM . 3.80 14.44 72.66
C1C CLA NM . 4.47 13.71 73.59
C2C CLA NM . 5.75 13.25 73.06
C3C CLA NM . 5.82 13.71 71.75
C4C CLA NM . 4.58 14.46 71.50
CMC CLA NM . 6.73 12.46 73.79
CAC CLA NM . 6.93 13.51 70.81
CBC CLA NM . 6.68 12.37 69.85
ND CLA NM . 2.05 15.93 71.02
C1D CLA NM . 3.05 15.74 70.04
C2D CLA NM . 2.59 16.34 68.77
C3D CLA NM . 1.31 16.78 68.99
C4D CLA NM . 1.02 16.50 70.41
CMD CLA NM . 3.36 16.35 67.53
CAD CLA NM . 0.14 17.44 68.43
OBD CLA NM . -0.03 17.87 67.30
CBD CLA NM . -0.92 17.52 69.55
CGD CLA NM . -1.50 18.91 69.63
O1D CLA NM . -1.81 19.63 68.68
O2D CLA NM . -1.71 19.42 70.87
CED CLA NM . -2.93 20.14 71.07
MG CLA OM . -1.61 15.46 60.89
CHA CLA OM . -3.36 14.48 58.08
CHB CLA OM . -2.51 12.59 62.46
CHC CLA OM . -0.11 16.63 63.74
CHD CLA OM . -0.59 18.38 59.16
NA CLA OM . -2.72 13.80 60.32
C1A CLA OM . -3.39 13.58 59.11
C2A CLA OM . -4.09 12.21 59.11
C3A CLA OM . -3.67 11.59 60.47
C4A CLA OM . -2.91 12.72 61.14
CMA CLA OM . -4.83 11.13 61.30
CAA CLA OM . -3.55 11.35 57.98
CBA CLA OM . -3.99 9.92 58.08
CGA CLA OM . -5.29 9.74 57.37
O1A CLA OM . -5.68 10.24 56.32
O2A CLA OM . -6.13 8.89 58.03
NB CLA OM . -1.37 14.75 62.75
C1B CLA OM . -1.80 13.55 63.20
C2B CLA OM . -1.44 13.38 64.64
C3B CLA OM . -0.76 14.53 65.01
C4B CLA OM . -0.70 15.40 63.80
CMB CLA OM . -1.80 12.18 65.39
CAB CLA OM . -0.17 14.93 66.25
CBB CLA OM . 0.05 14.17 67.33
NC CLA OM . -0.54 17.18 61.35
C1C CLA OM . -0.03 17.46 62.60
C2C CLA OM . 0.64 18.76 62.58
C3C CLA OM . 0.53 19.24 61.28
C4C CLA OM . -0.21 18.25 60.51
CMC CLA OM . 1.28 19.37 63.74
CAC CLA OM . 1.04 20.52 60.78
CBC CLA OM . 0.04 21.64 60.94
ND CLA OM . -1.82 16.26 59.05
C1D CLA OM . -1.34 17.46 58.46
C2D CLA OM . -1.82 17.53 57.07
C3D CLA OM . -2.68 16.47 56.90
C4D CLA OM . -2.62 15.69 58.15
CMD CLA OM . -1.49 18.61 56.13
CAD CLA OM . -3.53 15.74 55.98
OBD CLA OM . -3.85 16.04 54.84
CBD CLA OM . -4.01 14.47 56.72
CGD CLA OM . -5.49 14.47 56.94
O1D CLA OM . -6.09 14.70 57.98
O2D CLA OM . -6.23 14.18 55.83
CED CLA OM . -7.53 13.62 56.06
C1 CLA OM . -7.07 9.49 58.95
C2 CLA OM . -7.46 8.44 59.91
C3 CLA OM . -8.31 8.66 60.93
C4 CLA OM . -8.92 9.99 61.17
C5 CLA OM . -8.68 7.58 61.88
MG CLA PM . -1.25 -2.51 68.43
CHA CLA PM . -4.54 -3.54 68.72
CHB CLA PM . -1.76 -0.19 70.85
CHC CLA PM . 2.01 -1.51 68.08
CHD CLA PM . -0.76 -4.95 65.91
NA CLA PM . -2.89 -2.00 69.61
C1A CLA PM . -4.17 -2.54 69.58
C2A CLA PM . -5.08 -1.85 70.61
C3A CLA PM . -4.15 -0.83 71.29
C4A CLA PM . -2.83 -1.01 70.55
CMA CLA PM . -4.67 0.57 71.16
CAA CLA PM . -5.60 -2.86 71.63
CBA CLA PM . -4.58 -3.16 72.70
CGA CLA PM . -5.28 -3.73 73.89
O1A CLA PM . -5.91 -4.78 73.98
O2A CLA PM . -5.17 -2.94 74.99
NB CLA PM . -0.10 -1.12 69.31
C1B CLA PM . -0.51 -0.23 70.24
C2B CLA PM . 0.60 0.71 70.57
C3B CLA PM . 1.67 0.35 69.78
C4B CLA PM . 1.25 -0.83 68.98
CMB CLA PM . 0.45 1.78 71.55
CAB CLA PM . 3.00 0.89 69.69
CBB CLA PM . 3.69 1.41 70.70
NC CLA PM . 0.33 -3.14 67.24
C1C CLA PM . 1.59 -2.61 67.28
C2C CLA PM . 2.45 -3.29 66.33
C3C CLA PM . 1.67 -4.24 65.69
C4C CLA PM . 0.33 -4.14 66.27
CMC CLA PM . 3.86 -2.99 66.12
CAC CLA PM . 2.08 -5.19 64.66
CBC CLA PM . 2.33 -6.57 65.24
ND CLA PM . -2.32 -3.97 67.53
C1D CLA PM . -2.01 -4.86 66.49
C2D CLA PM . -3.21 -5.67 66.17
C3D CLA PM . -4.21 -5.20 67.00
C4D CLA PM . -3.61 -4.14 67.82
CMD CLA PM . -3.27 -6.71 65.16
CAD CLA PM . -5.59 -5.34 67.42
OBD CLA PM . -6.43 -6.15 67.04
CBD CLA PM . -5.86 -4.24 68.48
CGD CLA PM . -6.88 -3.30 67.92
O1D CLA PM . -7.56 -3.46 66.90
O2D CLA PM . -7.07 -2.15 68.61
CED CLA PM . -6.93 -0.93 67.89
C1 CLA PM . -5.92 -3.37 76.15
MG CLA QM . -14.77 -1.43 70.02
CHA CLA QM . -11.36 -0.97 70.42
CHB CLA QM . -15.22 1.92 70.00
CHC CLA QM . -18.13 -1.96 69.60
CHD CLA QM . -14.25 -4.93 70.10
NA CLA QM . -13.48 0.20 70.18
C1A CLA QM . -12.09 0.19 70.35
C2A CLA QM . -11.52 1.61 70.44
C3A CLA QM . -12.79 2.49 70.38
C4A CLA QM . -13.92 1.48 70.17
CMA CLA QM . -12.98 3.28 71.65
CAA CLA QM . -10.59 1.93 69.30
CBA CLA QM . -9.82 3.21 69.54
CGA CLA QM . -9.05 3.57 68.30
O1A CLA QM . -9.26 3.16 67.16
O2A CLA QM . -8.01 4.42 68.50
NB CLA QM . -16.38 -0.24 69.94
C1B CLA QM . -16.33 1.10 69.79
C2B CLA QM . -17.66 1.61 69.35
C3B CLA QM . -18.48 0.52 69.23
C4B CLA QM . -17.69 -0.68 69.60
CMB CLA QM . -17.94 3.02 69.09
CAB CLA QM . -19.85 0.44 68.81
CBB CLA QM . -20.26 -0.10 67.66
NC CLA QM . -15.97 -3.14 69.87
C1C CLA QM . -17.33 -3.13 69.72
C2C CLA QM . -17.85 -4.48 69.69
C3C CLA QM . -16.74 -5.33 69.80
C4C CLA QM . -15.57 -4.47 69.93
CMC CLA QM . -19.25 -4.83 69.54
CAC CLA QM . -16.76 -6.79 69.81
CBC CLA QM . -16.89 -7.37 68.43
ND CLA QM . -13.21 -2.71 70.10
C1D CLA QM . -13.15 -4.12 70.19
C2D CLA QM . -11.73 -4.52 70.36
C3D CLA QM . -11.01 -3.35 70.43
C4D CLA QM . -11.99 -2.25 70.30
CMD CLA QM . -11.28 -5.90 70.44
CAD CLA QM . -9.70 -2.76 70.59
OBD CLA QM . -8.60 -3.30 70.66
CBD CLA QM . -9.90 -1.22 70.65
CGD CLA QM . -9.46 -0.68 71.98
O1D CLA QM . -10.10 -0.68 73.03
O2D CLA QM . -8.22 -0.15 71.99
CED CLA QM . -8.11 1.26 72.13
C1 CLA QM . -7.54 5.10 67.32
C2 CLA QM . -6.16 5.56 67.59
C3 CLA QM . -5.30 5.93 66.62
C4 CLA QM . -5.69 5.90 65.19
C5 CLA QM . -3.92 6.39 66.94
MG CLA RM . -5.73 -10.74 49.54
CHA CLA RM . -7.88 -10.03 46.92
CHB CLA RM . -7.96 -12.99 50.75
CHC CLA RM . -3.46 -11.59 51.95
CHD CLA RM . -3.41 -8.44 48.19
NA CLA RM . -7.64 -11.32 48.95
C1A CLA RM . -8.36 -10.93 47.82
C2A CLA RM . -9.73 -11.60 47.78
C3A CLA RM . -9.80 -12.36 49.12
C4A CLA RM . -8.37 -12.22 49.67
CMA CLA RM . -10.82 -11.75 50.06
CAA CLA RM . -9.85 -12.55 46.60
CBA CLA RM . -8.56 -13.29 46.34
CGA CLA RM . -8.48 -14.48 47.26
O1A CLA RM . -9.29 -15.40 47.36
O2A CLA RM . -7.38 -14.49 48.06
NB CLA RM . -5.72 -12.03 51.07
C1B CLA RM . -6.68 -12.94 51.33
C2B CLA RM . -6.21 -13.89 52.37
C3B CLA RM . -4.94 -13.52 52.71
C4B CLA RM . -4.62 -12.30 51.91
CMB CLA RM . -7.02 -15.00 52.88
CAB CLA RM . -4.06 -14.09 53.69
CBB CLA RM . -2.82 -14.52 53.44
NC CLA RM . -3.82 -10.06 50.03
C1C CLA RM . -3.10 -10.52 51.09
C2C CLA RM . -1.82 -9.82 51.16
C3C CLA RM . -1.77 -8.97 50.06
C4C CLA RM . -3.04 -9.13 49.36
CMC CLA RM . -0.80 -10.04 52.18
CAC CLA RM . -0.69 -8.05 49.68
CBC CLA RM . -0.65 -6.81 50.53
ND CLA RM . -5.67 -9.38 48.04
C1D CLA RM . -4.63 -8.56 47.55
C2D CLA RM . -5.07 -7.89 46.32
C3D CLA RM . -6.32 -8.41 46.03
C4D CLA RM . -6.63 -9.37 47.12
CMD CLA RM . -4.29 -6.92 45.57
CAD CLA RM . -7.46 -8.39 45.14
OBD CLA RM . -7.70 -7.65 44.21
CBD CLA RM . -8.42 -9.52 45.60
CGD CLA RM . -9.86 -9.09 45.67
O1D CLA RM . -10.81 -9.58 45.06
O2D CLA RM . -10.10 -8.03 46.48
CED CLA RM . -11.01 -7.06 46.00
C1 CLA RM . -6.16 -13.93 47.50
C2 CLA RM . -5.07 -14.86 47.86
C3 CLA RM . -3.80 -14.66 47.50
C4 CLA RM . -3.38 -13.49 46.69
C5 CLA RM . -2.75 -15.63 47.89
MG CLA SM . -10.60 -2.68 51.60
CHA CLA SM . -14.02 -3.17 51.32
CHB CLA SM . -10.08 -4.86 49.06
CHC CLA SM . -7.24 -1.99 51.80
CHD CLA SM . -11.21 -0.39 54.22
NA CLA SM . -11.87 -3.86 50.44
C1A CLA SM . -13.26 -3.91 50.46
C2A CLA SM . -13.79 -4.91 49.43
C3A CLA SM . -12.49 -5.57 48.89
C4A CLA SM . -11.38 -4.71 49.48
CMA CLA SM . -12.37 -6.99 49.36
CAA CLA SM . -14.58 -4.22 48.34
CBA CLA SM . -13.96 -4.40 46.97
CGA CLA SM . -13.01 -3.27 46.70
O1A CLA SM . -12.21 -3.15 45.77
O2A CLA SM . -13.10 -2.27 47.62
NB CLA SM . -8.96 -3.36 50.67
C1B CLA SM . -8.97 -4.14 49.55
C2B CLA SM . -7.62 -4.13 48.92
C3B CLA SM . -6.83 -3.33 49.69
C4B CLA SM . -7.66 -2.83 50.82
CMB CLA SM . -7.32 -4.87 47.70
CAB CLA SM . -5.44 -2.96 49.55
CBB CLA SM . -4.87 -2.55 48.41
NC CLA SM . -9.44 -1.45 52.82
C1C CLA SM . -8.08 -1.34 52.74
C2C CLA SM . -7.60 -0.40 53.75
C3C CLA SM . -8.73 0.08 54.41
C4C CLA SM . -9.88 -0.59 53.82
CMC CLA SM . -6.21 -0.03 53.95
CAC CLA SM . -8.79 1.07 55.49
CBC CLA SM . -8.86 2.47 54.95
ND CLA SM . -12.19 -1.93 52.58
C1D CLA SM . -12.29 -1.00 53.64
C2D CLA SM . -13.72 -0.82 53.99
C3D CLA SM . -14.43 -1.62 53.12
C4D CLA SM . -13.43 -2.29 52.27
CMD CLA SM . -14.19 0.05 55.05
CAD CLA SM . -15.73 -2.08 52.71
OBD CLA SM . -16.84 -1.78 53.13
CBD CLA SM . -15.51 -3.09 51.54
CGD CLA SM . -16.07 -4.45 51.86
O1D CLA SM . -16.06 -5.03 52.94
O2D CLA SM . -16.64 -5.06 50.79
CED CLA SM . -16.67 -6.50 50.80
C1 CLA SM . -12.93 -0.92 47.12
C2 CLA SM . -14.03 -0.68 46.15
C3 CLA SM . -14.15 0.47 45.46
C4 CLA SM . -13.20 1.59 45.60
C5 CLA SM . -15.27 0.66 44.49
MG CLA TM . 8.73 1.89 52.01
CHA CLA TM . 12.10 2.32 51.41
CHB CLA TM . 8.02 4.50 49.96
CHC CLA TM . 5.38 1.36 52.56
CHD CLA TM . 9.49 -0.85 54.09
NA CLA TM . 9.90 3.20 50.88
C1A CLA TM . 11.29 3.20 50.75
C2A CLA TM . 11.74 4.30 49.81
C3A CLA TM . 10.42 4.99 49.40
C4A CLA TM . 9.35 4.18 50.13
CMA CLA TM . 10.40 6.43 49.83
CAA CLA TM . 12.39 3.71 48.58
CBA CLA TM . 11.36 3.00 47.74
CGA CLA TM . 11.88 1.65 47.32
O1A CLA TM . 11.44 0.90 46.44
O2A CLA TM . 12.98 1.25 48.02
NB CLA TM . 7.03 2.70 51.32
C1B CLA TM . 6.95 3.84 50.57
C2B CLA TM . 5.54 4.30 50.50
C3B CLA TM . 4.79 3.42 51.23
C4B CLA TM . 5.72 2.40 51.77
CMB CLA TM . 5.16 5.51 49.77
CAB CLA TM . 3.39 3.37 51.53
CBB CLA TM . 2.40 3.84 50.77
NC CLA TM . 7.64 0.52 53.14
C1C CLA TM . 6.28 0.48 53.22
C2C CLA TM . 5.85 -0.63 54.06
C3C CLA TM . 7.02 -1.25 54.49
C4C CLA TM . 8.14 -0.54 53.91
CMC CLA TM . 4.47 -0.97 54.36
CAC CLA TM . 7.10 -2.43 55.36
CBC CLA TM . 6.97 -3.71 54.57
ND CLA TM . 10.37 1.00 52.75
C1D CLA TM . 10.55 -0.15 53.56
C2D CLA TM . 11.99 -0.40 53.71
C3D CLA TM . 12.64 0.53 52.93
C4D CLA TM . 11.58 1.35 52.31
CMD CLA TM . 12.56 -1.46 54.54
CAD CLA TM . 13.91 1.05 52.48
OBD CLA TM . 15.04 0.75 52.83
CBD CLA TM . 13.60 2.14 51.42
CGD CLA TM . 14.31 3.42 51.70
O1D CLA TM . 14.00 4.28 52.53
O2D CLA TM . 15.41 3.63 50.94
CED CLA TM . 16.68 3.25 51.50
C1 CLA TM . 12.91 -0.08 48.57
C2 CLA TM . 14.31 -0.52 48.86
C3 CLA TM . 14.59 -1.72 49.38
C4 CLA TM . 13.53 -2.70 49.72
C5 CLA TM . 16.00 -2.13 49.64
MG CLA UM . 8.83 7.86 80.94
CHA CLA UM . 9.99 10.85 82.23
CHB CLA UM . 10.45 6.18 83.42
CHC CLA UM . 7.51 4.94 79.73
CHD CLA UM . 7.23 9.65 78.34
NA CLA UM . 10.04 8.45 82.54
C1A CLA UM . 10.40 9.75 82.92
C2A CLA UM . 11.30 9.73 84.15
C3A CLA UM . 11.57 8.23 84.37
C4A CLA UM . 10.62 7.55 83.39
CMA CLA UM . 13.01 7.88 84.07
CAA CLA UM . 10.60 10.35 85.33
CBA CLA UM . 10.34 9.35 86.44
CGA CLA UM . 8.96 8.77 86.30
O1A CLA UM . 8.26 8.25 87.17
O2A CLA UM . 8.46 8.85 85.04
NB CLA UM . 8.99 5.92 81.44
C1B CLA UM . 9.61 5.44 82.55
C2B CLA UM . 9.29 4.01 82.73
C3B CLA UM . 8.45 3.65 81.69
C4B CLA UM . 8.26 4.86 80.85
CMB CLA UM . 9.80 3.19 83.83
CAB CLA UM . 7.84 2.39 81.39
CBB CLA UM . 6.53 2.17 81.34
NC CLA UM . 7.63 7.38 79.30
C1C CLA UM . 7.22 6.12 79.00
C2C CLA UM . 6.40 6.14 77.80
C3C CLA UM . 6.30 7.48 77.41
C4C CLA UM . 7.08 8.26 78.37
CMC CLA UM . 5.80 4.96 77.18
CAC CLA UM . 5.56 8.01 76.26
CBC CLA UM . 6.37 7.88 74.98
ND CLA UM . 8.63 9.77 80.36
C1D CLA UM . 7.95 10.37 79.26
C2D CLA UM . 8.15 11.85 79.33
C3D CLA UM . 8.91 12.08 80.46
C4D CLA UM . 9.19 10.77 81.05
CMD CLA UM . 7.61 12.80 78.38
CAD CLA UM . 9.57 13.07 81.28
OBD CLA UM . 9.61 14.29 81.13
CBD CLA UM . 10.28 12.32 82.44
CGD CLA UM . 11.76 12.55 82.47
O1D CLA UM . 12.49 12.61 83.48
O2D CLA UM . 12.34 12.68 81.25
CED CLA UM . 13.74 12.45 81.16
MG CLA VM . 10.92 -0.13 87.84
CHA CLA VM . 12.51 2.94 87.90
CHB CLA VM . 13.84 -1.65 88.62
CHC CLA VM . 9.27 -3.13 87.83
CHD CLA VM . 7.91 1.52 86.99
NA CLA VM . 12.85 0.56 88.20
C1A CLA VM . 13.32 1.88 88.18
C2A CLA VM . 14.82 1.94 88.49
C3A CLA VM . 15.23 0.45 88.61
C4A CLA VM . 13.89 -0.28 88.48
CMA CLA VM . 16.20 0.06 87.54
CAA CLA VM . 15.11 2.67 89.79
CBA CLA VM . 13.98 2.61 90.80
CGA CLA VM . 13.67 4.00 91.28
O1A CLA VM . 14.40 4.78 91.90
O2A CLA VM . 12.40 4.41 90.98
NB CLA VM . 11.48 -2.04 88.06
C1B CLA VM . 12.68 -2.43 88.54
C2B CLA VM . 12.61 -3.84 89.00
C3B CLA VM . 11.32 -4.27 88.77
C4B CLA VM . 10.59 -3.12 88.18
CMB CLA VM . 13.75 -4.55 89.57
CAB CLA VM . 10.69 -5.54 89.05
CBB CLA VM . 10.71 -6.15 90.23
NC CLA VM . 8.95 -0.70 87.46
C1C CLA VM . 8.50 -1.98 87.50
C2C CLA VM . 7.08 -2.02 87.17
C3C CLA VM . 6.69 -0.71 86.95
C4C CLA VM . 7.87 0.12 87.13
CMC CLA VM . 6.26 -3.23 87.11
CAC CLA VM . 5.36 -0.22 86.59
CBC CLA VM . 4.61 0.27 87.81
ND CLA VM . 10.27 1.77 87.60
C1D CLA VM . 9.02 2.30 87.21
C2D CLA VM . 9.12 3.77 87.09
C3D CLA VM . 10.45 4.06 87.35
C4D CLA VM . 11.12 2.78 87.64
CMD CLA VM . 8.02 4.66 86.76
CAD CLA VM . 11.44 5.11 87.48
OBD CLA VM . 11.31 6.33 87.39
CBD CLA VM . 12.80 4.42 87.76
CGD CLA VM . 13.77 4.69 86.66
O1D CLA VM . 13.51 5.03 85.51
O2D CLA VM . 15.08 4.55 87.00
CED CLA VM . 16.05 5.01 86.07
C1 CLA VM . 12.01 5.72 91.43
C2 CLA VM . 12.47 6.69 90.41
C3 CLA VM . 11.96 7.92 90.28
C4 CLA VM . 10.86 8.41 91.17
MG CLA WM . 7.95 -17.37 89.32
CHA CLA WM . 10.32 -14.99 88.44
CHB CLA WM . 9.87 -19.77 87.95
CHC CLA WM . 5.49 -19.61 90.03
CHD CLA WM . 5.92 -14.78 90.61
NA CLA WM . 9.82 -17.36 88.41
C1A CLA WM . 10.66 -16.27 88.12
C2A CLA WM . 11.94 -16.76 87.43
C3A CLA WM . 11.88 -18.29 87.61
C4A CLA WM . 10.42 -18.52 88.00
CMA CLA WM . 12.22 -19.01 86.34
CAA CLA WM . 13.23 -16.21 88.02
CBA CLA WM . 13.35 -16.43 89.52
CGA CLA WM . 14.76 -16.13 89.92
O1A CLA WM . 15.79 -16.32 89.27
O2A CLA WM . 14.87 -15.58 91.17
NB CLA WM . 7.79 -19.37 89.20
C1B CLA WM . 8.53 -20.05 88.30
C2B CLA WM . 7.74 -21.13 87.67
C3B CLA WM . 6.50 -21.11 88.24
C4B CLA WM . 6.53 -20.01 89.25
CMB CLA WM . 8.27 -22.03 86.63
CAB CLA WM . 5.38 -21.98 87.95
CBB CLA WM . 4.44 -22.41 88.80
NC CLA WM . 6.10 -17.23 90.27
C1C CLA WM . 5.28 -18.29 90.54
C2C CLA WM . 4.12 -17.87 91.30
C3C CLA WM . 4.18 -16.47 91.34
C4C CLA WM . 5.43 -16.08 90.70
CMC CLA WM . 3.07 -18.75 91.78
CAC CLA WM . 3.23 -15.57 92.00
CBC CLA WM . 3.83 -14.81 93.17
ND CLA WM . 8.02 -15.37 89.50
C1D CLA WM . 7.11 -14.42 90.03
C2D CLA WM . 7.70 -13.06 89.92
C3D CLA WM . 8.92 -13.24 89.33
C4D CLA WM . 9.08 -14.68 89.08
CMD CLA WM . 7.06 -11.84 90.38
CAD CLA WM . 10.13 -12.58 88.89
OBD CLA WM . 10.45 -11.41 89.03
CBD CLA WM . 11.02 -13.68 88.24
CGD CLA WM . 11.21 -13.45 86.77
O1D CLA WM . 12.28 -13.28 86.16
O2D CLA WM . 10.04 -13.41 86.08
CED CLA WM . 9.74 -14.50 85.19
C1 CLA WM . 15.34 -14.22 91.22
C2 CLA WM . 14.13 -13.38 91.40
C3 CLA WM . 14.16 -12.10 91.80
C4 CLA WM . 15.44 -11.41 92.12
C5 CLA WM . 12.91 -11.32 91.95
MG CLA XM . 4.70 -28.07 89.33
CHA CLA XM . 2.81 -30.44 91.02
CHB CLA XM . 3.79 -25.73 91.61
CHC CLA XM . 6.88 -25.90 87.87
CHD CLA XM . 5.53 -30.52 86.91
NA CLA XM . 3.44 -28.09 90.99
C1A CLA XM . 2.74 -29.17 91.54
C2A CLA XM . 1.92 -28.71 92.76
C3A CLA XM . 1.98 -27.18 92.65
C4A CLA XM . 3.15 -26.96 91.70
CMA CLA XM . 0.70 -26.59 92.10
CAA CLA XM . 2.49 -29.22 94.07
CBA CLA XM . 1.41 -29.74 95.00
CGA CLA XM . 0.16 -28.89 94.98
O1A CLA XM . -0.69 -28.80 94.10
O2A CLA XM . -0.01 -28.14 96.11
NB CLA XM . 5.17 -26.14 89.61
C1B CLA XM . 4.87 -25.46 90.75
C2B CLA XM . 5.87 -24.38 90.98
C3B CLA XM . 6.76 -24.42 89.92
C4B CLA XM . 6.30 -25.53 89.03
CMB CLA XM . 5.79 -23.46 92.12
CAB CLA XM . 7.91 -23.62 89.61
CBB CLA XM . 8.52 -22.72 90.40
NC CLA XM . 5.89 -28.17 87.63
C1C CLA XM . 6.67 -27.14 87.18
C2C CLA XM . 7.36 -27.52 85.96
C3C CLA XM . 7.03 -28.84 85.71
C4C CLA XM . 6.09 -29.25 86.76
CMC CLA XM . 8.27 -26.63 85.23
CAC CLA XM . 7.49 -29.69 84.60
CBC CLA XM . 7.05 -29.21 83.23
ND CLA XM . 4.28 -30.01 88.96
C1D CLA XM . 4.69 -30.90 87.93
C2D CLA XM . 4.13 -32.24 88.22
C3D CLA XM . 3.46 -32.13 89.41
C4D CLA XM . 3.54 -30.72 89.82
CMD CLA XM . 4.36 -33.42 87.39
CAD CLA XM . 2.69 -32.82 90.42
OBD CLA XM . 2.42 -34.01 90.53
CBD CLA XM . 2.20 -31.75 91.44
CGD CLA XM . 0.71 -31.73 91.32
O1D CLA XM . 0.04 -32.53 90.68
O2D CLA XM . 0.06 -30.72 91.96
CED CLA XM . -0.80 -29.92 91.16
C1 CLA XM . -1.09 -27.17 96.04
C2 CLA XM . -1.45 -26.80 97.43
C3 CLA XM . -2.52 -26.06 97.73
C4 CLA XM . -2.88 -25.69 99.13
C5 CLA XM . -3.42 -25.56 96.66
MG CLA YM . -18.73 0.53 77.27
CHA CLA YM . -21.99 1.37 76.44
CHB CLA YM . -18.07 -0.15 74.01
CHC CLA YM . -15.51 -0.25 78.15
CHD CLA YM . -19.51 1.10 80.67
NA CLA YM . -19.87 0.61 75.52
C1A CLA YM . -21.22 0.99 75.38
C2A CLA YM . -21.66 0.89 73.91
C3A CLA YM . -20.39 0.39 73.18
C4A CLA YM . -19.37 0.27 74.30
CMA CLA YM . -20.61 -0.93 72.48
CAA CLA YM . -22.10 2.23 73.35
CBA CLA YM . -23.58 2.23 72.97
CGA CLA YM . -23.97 0.95 72.30
O1A CLA YM . -23.41 0.36 71.39
O2A CLA YM . -25.13 0.41 72.79
NB CLA YM . -17.10 -0.08 76.27
C1B CLA YM . -17.03 -0.30 74.94
C2B CLA YM . -15.66 -0.72 74.57
C3B CLA YM . -14.91 -0.75 75.72
C4B CLA YM . -15.82 -0.35 76.83
CMB CLA YM . -15.27 -1.02 73.21
CAB CLA YM . -13.52 -1.11 75.83
CBB CLA YM . -12.81 -1.39 76.93
NC CLA YM . -17.70 0.47 79.09
C1C CLA YM . -16.38 0.13 79.20
C2C CLA YM . -15.97 0.21 80.61
C3C CLA YM . -17.11 0.55 81.33
C4C CLA YM . -18.19 0.72 80.36
CMC CLA YM . -14.62 -0.06 81.09
CAC CLA YM . -17.19 0.74 82.79
CBC CLA YM . -16.60 2.06 83.25
ND CLA YM . -20.33 1.12 78.36
C1D CLA YM . -20.51 1.30 79.76
C2D CLA YM . -21.90 1.75 80.00
C3D CLA YM . -22.50 1.81 78.77
C4D CLA YM . -21.49 1.39 77.77
CMD CLA YM . -22.44 2.05 81.32
CAD CLA YM . -23.72 2.11 78.04
OBD CLA YM . -24.80 2.52 78.45
CBD CLA YM . -23.44 1.80 76.54
CGD CLA YM . -24.36 0.76 75.98
O1D CLA YM . -25.49 0.91 75.52
O2D CLA YM . -23.84 -0.50 76.01
CED CLA YM . -24.60 -1.54 75.39
MG CLA ZM . -24.17 6.89 80.45
CHA CLA ZM . -26.69 8.35 78.55
CHB CLA ZM . -22.68 5.75 77.62
CHC CLA ZM . -21.63 5.59 82.37
CHD CLA ZM . -25.74 8.10 83.37
NA CLA ZM . -24.64 7.02 78.43
C1A CLA ZM . -25.73 7.68 77.83
C2A CLA ZM . -25.67 7.53 76.31
C3A CLA ZM . -24.45 6.62 76.06
C4A CLA ZM . -23.86 6.44 77.46
CMA CLA ZM . -24.80 5.29 75.44
CAA CLA ZM . -25.47 8.89 75.66
CBA CLA ZM . -24.00 9.30 75.64
CGA CLA ZM . -23.51 9.66 77.00
O1A CLA ZM . -24.06 10.34 77.88
O2A CLA ZM . -22.28 9.13 77.29
NB CLA ZM . -22.50 5.83 80.07
C1B CLA ZM . -22.03 5.52 78.84
C2B CLA ZM . -20.68 4.90 78.95
C3B CLA ZM . -20.38 4.85 80.28
C4B CLA ZM . -21.53 5.44 81.03
CMB CLA ZM . -19.92 4.47 77.78
CAB CLA ZM . -19.20 4.37 80.97
CBB CLA ZM . -17.94 4.53 80.55
NC CLA ZM . -23.78 6.83 82.50
C1C CLA ZM . -22.69 6.24 83.07
C2C CLA ZM . -22.74 6.38 84.52
C3C CLA ZM . -23.89 7.11 84.80
C4C CLA ZM . -24.55 7.39 83.54
CMC CLA ZM . -21.74 5.86 85.45
CAC CLA ZM . -24.37 7.51 86.13
CBC CLA ZM . -24.11 8.97 86.43
ND CLA ZM . -25.81 7.96 80.92
C1D CLA ZM . -26.34 8.40 82.17
C2D CLA ZM . -27.58 9.16 81.93
C3D CLA ZM . -27.74 9.19 80.55
C4D CLA ZM . -26.62 8.43 79.97
CMD CLA ZM . -28.41 9.76 82.96
CAD CLA ZM . -28.57 9.65 79.45
OBD CLA ZM . -29.60 10.33 79.50
CBD CLA ZM . -27.91 9.13 78.13
CGD CLA ZM . -28.88 8.34 77.28
O1D CLA ZM . -28.62 7.60 76.33
O2D CLA ZM . -30.19 8.49 77.61
CED CLA ZM . -31.16 8.27 76.59
MG CLA AN . -10.11 -9.41 72.00
CHA CLA AN . -12.21 -8.53 74.61
CHB CLA AN . -7.74 -7.28 73.18
CHC CLA AN . -8.09 -10.29 69.37
CHD CLA AN . -12.64 -11.56 70.76
NA CLA AN . -10.01 -8.14 73.65
C1A CLA AN . -10.99 -7.93 74.64
C2A CLA AN . -10.50 -6.91 75.67
C3A CLA AN . -9.08 -6.55 75.19
C4A CLA AN . -8.91 -7.38 73.92
CMA CLA AN . -8.95 -5.08 74.90
CAA CLA AN . -10.46 -7.50 77.07
CBA CLA AN . -9.75 -6.57 78.03
CGA CLA AN . -10.17 -6.83 79.43
O1A CLA AN . -10.40 -7.91 79.98
O2A CLA AN . -10.27 -5.69 80.18
NB CLA AN . -8.24 -8.95 71.44
C1B CLA AN . -7.48 -7.98 71.99
C2B CLA AN . -6.29 -7.70 71.13
C3B CLA AN . -6.38 -8.55 70.05
C4B CLA AN . -7.62 -9.35 70.24
CMB CLA AN . -5.30 -6.68 71.48
CAB CLA AN . -5.54 -8.73 68.90
CBB CLA AN . -4.37 -8.14 68.65
NC CLA AN . -10.32 -10.71 70.39
C1C CLA AN . -9.35 -10.94 69.45
C2C CLA AN . -9.83 -11.91 68.47
C3C CLA AN . -11.12 -12.25 68.84
C4C CLA AN . -11.41 -11.50 70.05
CMC CLA AN . -9.05 -12.38 67.32
CAC CLA AN . -12.02 -13.20 68.16
CBC CLA AN . -11.67 -14.65 68.41
ND CLA AN . -12.00 -9.94 72.48
C1D CLA AN . -12.92 -10.83 71.90
C2D CLA AN . -14.17 -10.84 72.69
C3D CLA AN . -13.95 -9.97 73.74
C4D CLA AN . -12.58 -9.45 73.58
CMD CLA AN . -15.36 -11.62 72.37
CAD CLA AN . -14.51 -9.36 74.93
OBD CLA AN . -15.63 -9.48 75.41
CBD CLA AN . -13.40 -8.44 75.53
CGD CLA AN . -13.86 -7.01 75.65
O1D CLA AN . -13.39 -6.13 76.35
O2D CLA AN . -14.92 -6.72 74.85
CED CLA AN . -14.74 -5.70 73.86
C1 CLA AN . -10.70 -5.84 81.55
C2 CLA AN . -10.07 -4.73 82.30
C3 CLA AN . -10.55 -4.25 83.46
C4 CLA AN . -11.77 -4.81 84.09
C5 CLA AN . -9.87 -3.14 84.17
MG CLA BN . -3.51 -10.34 83.02
CHA CLA BN . -6.75 -10.46 81.84
CHB CLA BN . -2.54 -8.70 80.19
CHC CLA BN . -0.34 -10.11 84.30
CHD CLA BN . -4.57 -12.01 85.94
NA CLA BN . -4.50 -9.70 81.31
C1A CLA BN . -5.86 -9.84 81.01
C2A CLA BN . -6.19 -9.20 79.67
C3A CLA BN . -4.83 -8.73 79.13
C4A CLA BN . -3.86 -9.05 80.29
CMA CLA BN . -4.44 -9.44 77.86
CAA CLA BN . -7.06 -7.99 79.95
CBA CLA BN . -6.44 -7.03 80.97
CGA CLA BN . -6.87 -7.34 82.38
O1A CLA BN . -8.00 -7.25 82.89
O2A CLA BN . -5.84 -7.76 83.18
NB CLA BN . -1.77 -9.57 82.37
C1B CLA BN . -1.58 -8.95 81.18
C2B CLA BN . -0.15 -8.54 81.06
C3B CLA BN . 0.48 -8.94 82.21
C4B CLA BN . -0.54 -9.59 83.07
CMB CLA BN . 0.38 -7.86 79.87
CAB CLA BN . 1.85 -8.77 82.61
CBB CLA BN . 2.50 -7.61 82.60
NC CLA BN . -2.62 -10.97 84.79
C1C CLA BN . -1.30 -10.76 85.12
C2C CLA BN . -1.04 -11.31 86.44
C3C CLA BN . -2.23 -11.86 86.90
C4C CLA BN . -3.22 -11.64 85.87
CMC CLA BN . 0.27 -11.27 87.10
CAC CLA BN . -2.46 -12.53 88.18
CBC CLA BN . -2.57 -14.03 88.04
ND CLA BN . -5.21 -11.12 83.76
C1D CLA BN . -5.52 -11.77 84.97
C2D CLA BN . -6.96 -12.13 84.98
C3D CLA BN . -7.47 -11.64 83.80
C4D CLA BN . -6.35 -11.01 83.09
CMD CLA BN . -7.63 -12.84 86.07
CAD CLA BN . -8.66 -11.51 82.98
OBD CLA BN . -9.80 -11.92 83.18
CBD CLA BN . -8.23 -10.72 81.71
CGD CLA BN . -8.48 -11.47 80.44
O1D CLA BN . -7.67 -12.10 79.77
O2D CLA BN . -9.77 -11.40 80.00
CED CLA BN . -9.99 -11.28 78.60
C1 CLA BN . -5.23 -6.77 84.03
C2 CLA BN . -3.97 -7.35 84.56
C3 CLA BN . -3.06 -6.63 85.23
C4 CLA BN . -3.25 -5.19 85.50
C5 CLA BN . -1.80 -7.24 85.74
MG CLA CN . 2.32 -2.53 78.19
CHA CLA CN . -0.78 -3.80 77.32
CHB CLA CN . 2.68 -1.25 75.06
CHC CLA CN . 5.44 -1.40 79.06
CHD CLA CN . 1.89 -3.84 81.44
NA CLA CN . 1.12 -2.54 76.48
C1A CLA CN . -0.14 -3.12 76.31
C2A CLA CN . -0.67 -2.88 74.90
C3A CLA CN . 0.43 -2.04 74.24
C4A CLA CN . 1.50 -1.93 75.32
CMA CLA CN . 0.95 -2.69 72.98
CAA CLA CN . -1.97 -2.12 74.93
CBA CLA CN . -1.75 -0.63 74.73
CGA CLA CN . -3.09 0.03 74.78
O1A CLA CN . -4.14 -0.34 74.28
O2A CLA CN . -3.07 1.20 75.48
NB CLA CN . 3.78 -1.54 77.23
C1B CLA CN . 3.73 -1.08 75.96
C2B CLA CN . 4.98 -0.35 75.65
C3B CLA CN . 5.77 -0.37 76.77
C4B CLA CN . 5.02 -1.14 77.80
CMB CLA CN . 5.23 0.27 74.35
CAB CLA CN . 7.07 0.18 76.98
CBB CLA CN . 7.43 0.98 78.00
NC CLA CN . 3.44 -2.61 79.94
C1C CLA CN . 4.70 -2.08 80.07
C2C CLA CN . 5.19 -2.32 81.41
C3C CLA CN . 4.20 -3.00 82.09
C4C CLA CN . 3.10 -3.18 81.15
CMC CLA CN . 6.50 -1.90 81.90
CAC CLA CN . 4.23 -3.47 83.48
CBC CLA CN . 3.50 -2.53 84.41
ND CLA CN . 0.92 -3.55 79.21
C1D CLA CN . 0.87 -4.02 80.54
C2D CLA CN . -0.42 -4.72 80.76
C3D CLA CN . -1.09 -4.66 79.56
C4D CLA CN . -0.21 -3.93 78.62
CMD CLA CN . -0.83 -5.32 82.02
CAD CLA CN . -2.29 -5.02 78.84
OBD CLA CN . -3.28 -5.61 79.24
CBD CLA CN . -2.12 -4.50 77.39
CGD CLA CN . -2.16 -5.66 76.44
O1D CLA CN . -2.11 -6.85 76.71
O2D CLA CN . -2.29 -5.31 75.13
CED CLA CN . -2.74 -6.31 74.22
C1 CLA CN . -4.12 2.15 75.18
C2 CLA CN . -5.23 1.89 76.14
MG CLA DN . 24.54 -14.18 31.64
CHA CLA DN . 24.36 -13.50 28.25
CHB CLA DN . 22.05 -11.95 32.23
CHC CLA DN . 24.71 -14.97 34.97
CHD CLA DN . 27.17 -16.46 30.97
NA CLA DN . 23.41 -12.93 30.41
C1A CLA DN . 23.47 -12.78 29.02
C2A CLA DN . 22.46 -11.76 28.54
C3A CLA DN . 21.83 -11.21 29.84
C4A CLA DN . 22.45 -12.09 30.92
CMA CLA DN . 22.15 -9.77 30.08
CAA CLA DN . 21.38 -12.41 27.68
CBA CLA DN . 21.12 -13.85 28.05
CGA CLA DN . 20.14 -13.95 29.16
O1A CLA DN . 19.54 -13.04 29.75
O2A CLA DN . 19.91 -15.24 29.55
NB CLA DN . 23.62 -13.52 33.29
C1B CLA DN . 22.55 -12.69 33.32
C2B CLA DN . 21.95 -12.65 34.67
C3B CLA DN . 22.69 -13.50 35.45
C4B CLA DN . 23.77 -14.07 34.59
CMB CLA DN . 20.79 -11.86 35.02
CAB CLA DN . 22.55 -13.84 36.84
CBB CLA DN . 23.43 -13.53 37.79
NC CLA DN . 25.73 -15.48 32.76
C1C CLA DN . 25.63 -15.63 34.11
C2C CLA DN . 26.62 -16.60 34.56
C3C CLA DN . 27.31 -17.03 33.44
C4C CLA DN . 26.75 -16.31 32.30
CMC CLA DN . 26.79 -17.01 35.95
CAC CLA DN . 28.42 -17.99 33.40
CBC CLA DN . 28.05 -19.30 32.74
ND CLA DN . 25.52 -14.92 30.03
C1D CLA DN . 26.61 -15.81 29.90
C2D CLA DN . 26.97 -15.93 28.47
C3D CLA DN . 26.11 -15.08 27.80
C4D CLA DN . 25.26 -14.46 28.81
CMD CLA DN . 28.01 -16.80 27.94
CAD CLA DN . 25.71 -14.57 26.50
OBD CLA DN . 26.10 -14.88 25.39
CBD CLA DN . 24.63 -13.49 26.77
CGD CLA DN . 25.13 -12.13 26.34
O1D CLA DN . 26.29 -11.76 26.30
O2D CLA DN . 24.14 -11.28 25.96
CED CLA DN . 23.35 -11.62 24.82
C1 CLA DN . 19.25 -16.11 28.61
C2 CLA DN . 19.34 -17.49 29.16
C3 CLA DN . 18.56 -18.51 28.75
C4 CLA DN . 17.51 -18.33 27.72
C5 CLA DN . 18.70 -19.87 29.33
MG CLA EN . 13.37 -17.69 42.64
CHA CLA EN . 12.93 -14.27 42.74
CHB CLA EN . 10.02 -18.13 42.76
CHC CLA EN . 13.88 -21.07 42.42
CHD CLA EN . 16.86 -17.18 42.48
NA CLA EN . 11.75 -16.39 42.76
C1A CLA EN . 11.76 -14.99 42.77
C2A CLA EN . 10.35 -14.44 42.85
C3A CLA EN . 9.46 -15.69 42.91
C4A CLA EN . 10.46 -16.83 42.80
CMA CLA EN . 8.67 -15.78 44.18
CAA CLA EN . 10.01 -13.62 41.63
CBA CLA EN . 10.56 -14.24 40.37
CGA CLA EN . 10.20 -13.38 39.20
O1A CLA EN . 9.14 -13.34 38.58
O2A CLA EN . 11.22 -12.56 38.82
NB CLA EN . 12.18 -19.29 42.56
C1B CLA EN . 10.83 -19.27 42.67
C2B CLA EN . 10.31 -20.66 42.69
C3B CLA EN . 11.38 -21.49 42.59
C4B CLA EN . 12.60 -20.64 42.52
CMB CLA EN . 8.88 -20.96 42.79
CAB CLA EN . 11.44 -22.93 42.58
CBB CLA EN . 12.02 -23.67 43.52
NC CLA EN . 15.07 -18.90 42.51
C1C CLA EN . 15.04 -20.26 42.43
C2C CLA EN . 16.40 -20.78 42.32
C3C CLA EN . 17.24 -19.68 42.33
C4C CLA EN . 16.41 -18.50 42.44
CMC CLA EN . 16.73 -22.20 42.22
CAC CLA EN . 18.71 -19.69 42.23
CBC CLA EN . 19.37 -20.05 43.53
ND CLA EN . 14.66 -16.13 42.71
C1D CLA EN . 16.07 -16.06 42.61
C2D CLA EN . 16.49 -14.65 42.65
C3D CLA EN . 15.31 -13.92 42.70
C4D CLA EN . 14.21 -14.89 42.72
CMD CLA EN . 17.86 -14.18 42.61
CAD CLA EN . 14.73 -12.59 42.78
OBD CLA EN . 15.28 -11.51 42.87
CBD CLA EN . 13.18 -12.78 42.72
CGD CLA EN . 12.48 -12.09 43.85
O1D CLA EN . 11.71 -12.57 44.67
O2D CLA EN . 12.78 -10.76 43.94
CED CLA EN . 12.96 -10.21 45.25
C1 CLA EN . 11.55 -12.54 37.41
C2 CLA EN . 12.60 -11.51 37.25
C3 CLA EN . 13.88 -11.70 37.61
C4 CLA EN . 14.36 -12.98 38.19
C5 CLA EN . 14.89 -10.62 37.42
C1 PQN FN . 22.78 -18.00 47.55
O1 PQN FN . 22.14 -18.79 48.27
C2 PQN FN . 22.88 -18.25 46.08
C2M PQN FN . 22.21 -19.46 45.48
C3 PQN FN . 23.65 -17.31 45.22
C4 PQN FN . 24.31 -16.12 45.80
O4 PQN FN . 24.95 -15.33 45.08
C5 PQN FN . 24.20 -15.87 47.27
C6 PQN FN . 24.82 -14.76 47.84
C7 PQN FN . 24.70 -14.55 49.21
C8 PQN FN . 23.99 -15.43 50.03
C9 PQN FN . 23.36 -16.55 49.50
C10 PQN FN . 23.45 -16.80 48.14
C11 PQN FN . 23.75 -17.58 43.73
C12 PQN FN . 22.56 -16.96 43.02
C13 PQN FN . 22.68 -16.53 41.76
C14 PQN FN . 23.99 -16.65 41.04
C15 PQN FN . 21.48 -15.91 41.06
C16 PQN FN . 20.73 -16.99 40.30
C17 PQN FN . 20.85 -16.78 38.80
C18 PQN FN . 19.51 -16.35 38.21
C19 PQN FN . 18.73 -15.48 39.20
C20 PQN FN . 18.70 -17.57 37.80
C21 PQN FN . 17.47 -17.18 36.99
C22 PQN FN . 17.76 -17.27 35.49
C23 PQN FN . 16.46 -17.36 34.69
C24 PQN FN . 16.15 -18.79 34.30
C25 PQN FN . 16.57 -16.46 33.46
C26 PQN FN . 15.32 -15.60 33.30
C27 PQN FN . 14.86 -15.57 31.85
C28 PQN FN . 13.39 -15.98 31.74
C29 PQN FN . 12.49 -14.88 32.28
C30 PQN FN . 13.02 -16.32 30.30
C1 BCR GN . -30.56 19.55 52.14
C2 BCR GN . -31.03 18.69 50.99
C3 BCR GN . -31.11 19.48 49.72
C4 BCR GN . -29.73 19.96 49.36
C5 BCR GN . -29.10 20.64 50.50
C6 BCR GN . -29.44 20.47 51.77
C7 BCR GN . -28.79 21.18 52.86
C8 BCR GN . -27.61 20.79 53.37
C9 BCR GN . -27.22 21.05 54.75
C10 BCR GN . -26.12 21.76 54.99
C11 BCR GN . -25.67 22.14 56.31
C33 BCR GN . -28.00 21.56 50.10
C31 BCR GN . -30.17 18.62 53.26
C32 BCR GN . -31.74 20.38 52.58
C34 BCR GN . -28.13 20.64 55.82
C12 BCR GN . -24.73 23.08 56.44
C13 BCR GN . -24.20 23.52 57.71
C14 BCR GN . -23.23 24.45 57.73
C15 BCR GN . -22.52 24.80 58.93
C16 BCR GN . -21.78 25.92 59.00
C17 BCR GN . -21.20 26.25 60.28
C18 BCR GN . -20.46 27.32 60.56
C19 BCR GN . -19.92 27.47 61.90
C20 BCR GN . -19.12 28.48 62.26
C21 BCR GN . -18.60 28.51 63.60
C22 BCR GN . -17.93 29.54 64.15
C23 BCR GN . -17.44 29.40 65.51
C24 BCR GN . -17.92 30.11 66.54
C25 BCR GN . -17.16 30.50 67.73
C26 BCR GN . -16.82 29.63 68.67
C27 BCR GN . -16.05 29.94 69.90
C28 BCR GN . -15.33 31.26 69.79
C29 BCR GN . -16.26 32.28 69.22
C30 BCR GN . -16.80 31.95 67.84
C35 BCR GN . -24.66 22.89 58.96
C36 BCR GN . -20.21 28.39 59.57
C37 BCR GN . -17.99 30.88 63.54
C38 BCR GN . -17.15 28.19 68.61
C39 BCR GN . -15.82 32.35 66.75
C40 BCR GN . -18.03 32.84 67.66
C1 BCR HN . -18.65 19.57 40.88
C2 BCR HN . -18.35 20.05 39.49
C3 BCR HN . -16.90 19.85 39.17
C4 BCR HN . -16.57 18.38 39.20
C5 BCR HN . -17.17 17.69 40.36
C6 BCR HN . -18.10 18.20 41.15
C7 BCR HN . -18.67 17.48 42.28
C8 BCR HN . -18.07 17.46 43.48
C9 BCR HN . -18.54 16.64 44.58
C10 BCR HN . -17.64 16.03 45.36
C11 BCR HN . -17.91 14.84 46.13
C33 BCR HN . -16.61 16.34 40.59
C31 BCR HN . -20.15 19.59 41.05
C32 BCR HN . -18.03 20.56 41.84
C34 BCR HN . -19.96 16.27 44.62
C12 BCR HN . -16.96 13.92 46.26
C13 BCR HN . -17.14 12.52 45.96
C14 BCR HN . -16.80 11.61 46.89
C15 BCR HN . -17.08 10.21 46.78
C16 BCR HN . -16.61 9.36 47.70
C17 BCR HN . -16.58 7.96 47.36
C18 BCR HN . -15.82 7.02 47.94
C19 BCR HN . -15.59 5.78 47.23
C20 BCR HN . -14.42 5.16 47.24
C21 BCR HN . -13.26 5.82 46.69
C22 BCR HN . -12.00 5.39 46.79
C23 BCR HN . -11.75 4.16 47.54
C24 BCR HN . -10.69 4.00 48.34
C25 BCR HN . -10.50 2.82 49.17
C26 BCR HN . -11.17 2.65 50.31
C27 BCR HN . -11.05 1.48 51.21
C28 BCR HN . -10.56 0.30 50.43
C29 BCR HN . -9.30 0.69 49.71
C30 BCR HN . -9.51 1.81 48.69
C35 BCR HN . -17.73 12.10 44.67
C36 BCR HN . -15.22 7.22 49.27
C37 BCR HN . -10.86 6.21 46.34
C38 BCR HN . -12.15 3.63 50.81
C39 BCR HN . -9.92 1.25 47.35
C40 BCR HN . -8.13 2.43 48.50
C1 BCR IN . -29.77 22.85 43.78
C2 BCR IN . -29.48 24.05 44.66
C3 BCR IN . -28.18 23.85 45.38
C4 BCR IN . -27.04 23.77 44.39
C5 BCR IN . -27.37 22.88 43.26
C6 BCR IN . -28.61 22.44 42.96
C7 BCR IN . -28.87 21.58 41.82
C8 BCR IN . -28.80 20.25 41.93
C9 BCR IN . -28.48 19.36 40.82
C10 BCR IN . -28.65 18.05 40.98
C11 BCR IN . -27.61 17.10 41.25
C33 BCR IN . -26.20 22.49 42.45
C31 BCR IN . -30.95 23.21 42.91
C32 BCR IN . -30.17 21.72 44.71
C34 BCR IN . -28.18 19.97 39.51
C12 BCR IN . -26.39 17.55 41.56
C13 BCR IN . -25.23 16.73 41.79
C14 BCR IN . -25.38 15.40 41.90
C15 BCR IN . -24.31 14.46 41.69
C16 BCR IN . -24.33 13.26 42.29
C17 BCR IN . -23.58 12.19 41.70
C18 BCR IN . -22.38 11.74 42.07
C19 BCR IN . -22.12 10.31 41.96
C20 BCR IN . -20.89 9.80 42.04
C21 BCR IN . -20.70 8.44 41.57
C22 BCR IN . -19.60 7.70 41.74
C23 BCR IN . -19.69 6.27 41.45
C24 BCR IN . -18.66 5.43 41.56
C25 BCR IN . -18.78 4.02 41.93
C26 BCR IN . -19.11 3.09 41.04
C27 BCR IN . -19.25 1.64 41.32
C28 BCR IN . -18.49 1.25 42.55
C29 BCR IN . -18.82 2.21 43.66
C30 BCR IN . -18.50 3.66 43.36
C35 BCR IN . -23.88 17.34 41.76
C36 BCR IN . -21.24 12.65 42.29
C37 BCR IN . -18.40 8.23 42.42
C38 BCR IN . -19.38 3.40 39.62
C39 BCR IN . -17.07 4.01 43.69
C40 BCR IN . -19.37 4.46 44.31
C1 BCR JN . -13.50 5.32 75.63
C2 BCR JN . -14.85 4.85 76.11
C3 BCR JN . -15.14 3.49 75.56
C4 BCR JN . -14.14 2.50 76.09
C5 BCR JN . -12.75 3.01 75.95
C6 BCR JN . -12.44 4.28 75.73
C7 BCR JN . -11.06 4.74 75.61
C8 BCR JN . -10.37 4.61 74.48
C9 BCR JN . -9.03 5.15 74.31
C10 BCR JN . -8.18 4.54 73.48
C11 BCR JN . -7.08 5.18 72.80
C33 BCR JN . -11.73 1.97 76.08
C31 BCR JN . -13.13 6.55 76.43
C32 BCR JN . -13.67 5.72 74.18
C34 BCR JN . -8.70 6.44 74.94
C12 BCR JN . -5.86 4.63 72.86
C13 BCR JN . -4.91 4.60 71.78
C14 BCR JN . -3.62 4.89 72.02
C15 BCR JN . -2.67 5.25 71.00
C16 BCR JN . -1.85 4.35 70.45
C17 BCR JN . -0.84 4.83 69.53
C18 BCR JN . -0.01 4.10 68.79
C19 BCR JN . 1.25 4.71 68.37
C20 BCR JN . 2.10 4.15 67.53
C21 BCR JN . 3.49 4.57 67.58
C22 BCR JN . 4.16 5.18 66.60
C23 BCR JN . 5.37 5.91 66.94
C24 BCR JN . 6.31 6.18 66.04
C25 BCR JN . 7.45 7.07 66.24
C26 BCR JN . 8.55 6.65 66.88
C27 BCR JN . 9.76 7.45 67.14
C28 BCR JN . 9.84 8.65 66.23
C29 BCR JN . 8.50 9.33 66.20
C30 BCR JN . 7.37 8.44 65.70
C35 BCR JN . -5.32 4.04 70.48
C36 BCR JN . -0.46 2.88 68.09
C37 BCR JN . 3.88 4.88 65.18
C38 BCR JN . 8.68 5.28 67.42
C39 BCR JN . 7.32 8.40 64.19
C40 BCR JN . 6.09 9.15 66.14
C1 BCR KN . 0.04 -19.69 37.44
C2 BCR KN . -1.41 -20.12 37.39
C3 BCR KN . -1.58 -21.39 38.19
C4 BCR KN . -1.27 -21.12 39.64
C5 BCR KN . -0.03 -20.32 39.80
C6 BCR KN . 0.58 -19.67 38.83
C7 BCR KN . 1.80 -18.89 39.04
C8 BCR KN . 3.00 -19.47 39.02
C9 BCR KN . 4.25 -18.74 38.94
C10 BCR KN . 5.40 -19.42 39.04
C11 BCR KN . 6.72 -18.85 39.05
C33 BCR KN . 0.48 -20.32 41.18
C31 BCR KN . 0.12 -18.32 36.81
C32 BCR KN . 0.82 -20.68 36.60
C34 BCR KN . 4.21 -17.31 38.61
C12 BCR KN . 7.74 -19.68 39.26
C13 BCR KN . 9.14 -19.31 39.36
C14 BCR KN . 10.04 -20.28 39.39
C15 BCR KN . 11.47 -20.09 39.35
C16 BCR KN . 12.24 -20.96 38.71
C17 BCR KN . 13.65 -21.02 39.02
C18 BCR KN . 14.61 -21.49 38.22
C19 BCR KN . 15.87 -21.89 38.81
C20 BCR KN . 16.92 -22.31 38.10
C21 BCR KN . 18.17 -22.54 38.76
C22 BCR KN . 19.39 -22.51 38.20
C23 BCR KN . 20.55 -22.33 39.04
C24 BCR KN . 21.80 -22.55 38.62
C25 BCR KN . 22.96 -21.80 39.05
C26 BCR KN . 23.36 -20.70 38.40
C27 BCR KN . 24.54 -19.86 38.73
C28 BCR KN . 25.12 -20.21 40.08
C29 BCR KN . 25.11 -21.70 40.28
C30 BCR KN . 23.74 -22.31 40.21
C35 BCR KN . 9.54 -17.90 39.18
C36 BCR KN . 14.55 -21.34 36.76
C37 BCR KN . 19.53 -22.31 36.74
C38 BCR KN . 22.64 -20.17 37.24
C39 BCR KN . 22.97 -22.10 41.50
C40 BCR KN . 23.96 -23.81 40.10
C1 BCR LN . 6.20 5.24 71.78
C2 BCR LN . 7.32 4.40 72.36
C3 BCR LN . 8.61 4.72 71.68
C4 BCR LN . 8.98 6.16 71.92
C5 BCR LN . 7.83 7.06 71.77
C6 BCR LN . 6.56 6.67 71.70
C7 BCR LN . 5.45 7.62 71.57
C8 BCR LN . 5.02 8.05 70.38
C9 BCR LN . 3.90 8.95 70.22
C10 BCR LN . 3.32 9.46 71.31
C11 BCR LN . 2.08 10.19 71.31
C33 BCR LN . 8.20 8.49 71.71
C31 BCR LN . 4.97 5.01 72.62
C32 BCR LN . 5.94 4.71 70.38
C34 BCR LN . 3.36 9.16 68.87
C12 BCR LN . 0.95 9.49 71.44
C13 BCR LN . -0.17 9.87 72.27
C14 BCR LN . -0.31 11.14 72.65
C15 BCR LN . -1.46 11.65 73.35
C16 BCR LN . -1.49 12.91 73.83
C17 BCR LN . -2.77 13.50 74.10
C18 BCR LN . -3.49 13.37 75.22
C19 BCR LN . -4.80 14.00 75.29
C20 BCR LN . -5.56 13.97 76.38
C21 BCR LN . -6.74 14.81 76.43
C22 BCR LN . -7.62 14.85 77.44
C23 BCR LN . -8.93 15.44 77.22
C24 BCR LN . -10.04 14.93 77.75
C25 BCR LN . -11.32 15.61 77.90
C26 BCR LN . -11.74 16.07 79.08
C27 BCR LN . -13.02 16.77 79.36
C28 BCR LN . -13.80 17.09 78.10
C29 BCR LN . -13.62 16.01 77.07
C30 BCR LN . -12.17 15.78 76.69
C35 BCR LN . -1.01 8.82 72.87
C36 BCR LN . -2.96 12.70 76.42
C37 BCR LN . -7.24 14.39 78.80
C38 BCR LN . -10.93 15.92 80.31
C39 BCR LN . -11.66 16.91 75.82
C40 BCR LN . -12.16 14.52 75.82
FE1 SF4 MN . 42.14 -2.99 52.45
FE2 SF4 MN . 43.36 -0.65 53.16
FE3 SF4 MN . 41.25 -1.58 54.63
FE4 SF4 MN . 40.84 -0.60 52.11
S1 SF4 MN . 41.58 0.56 53.93
S2 SF4 MN . 39.97 -2.52 52.99
S3 SF4 MN . 42.74 -1.28 51.06
S4 SF4 MN . 43.29 -2.57 54.38
FE1 SF4 NN . 48.33 3.55 61.60
FE2 SF4 NN . 49.78 3.31 63.91
FE3 SF4 NN . 47.13 2.63 63.88
FE4 SF4 NN . 47.87 5.26 63.68
S1 SF4 NN . 48.20 3.87 65.45
S2 SF4 NN . 46.31 4.17 62.43
S3 SF4 NN . 49.79 5.08 62.46
S4 SF4 NN . 48.82 1.63 62.72
C1 BCR ON . 6.68 -21.97 95.80
C2 BCR ON . 5.56 -22.77 96.42
C3 BCR ON . 5.15 -23.88 95.52
C4 BCR ON . 6.30 -24.83 95.31
C5 BCR ON . 7.56 -24.11 94.99
C6 BCR ON . 7.75 -22.81 95.20
C7 BCR ON . 9.02 -22.15 94.89
C8 BCR ON . 9.37 -21.79 93.67
C9 BCR ON . 10.66 -21.20 93.36
C10 BCR ON . 11.23 -21.41 92.17
C11 BCR ON . 12.56 -20.99 91.80
C33 BCR ON . 8.61 -24.97 94.42
C31 BCR ON . 7.26 -21.09 96.89
C32 BCR ON . 6.07 -21.09 94.73
C34 BCR ON . 11.37 -20.49 94.44
C12 BCR ON . 13.05 -21.37 90.62
C13 BCR ON . 14.19 -20.78 89.95
C14 BCR ON . 14.44 -21.11 88.68
C15 BCR ON . 15.32 -20.38 87.81
C16 BCR ON . 15.41 -20.66 86.50
C17 BCR ON . 16.17 -19.76 85.67
C18 BCR ON . 16.35 -19.86 84.35
C19 BCR ON . 16.99 -18.76 83.66
C20 BCR ON . 17.25 -18.76 82.35
C21 BCR ON . 17.88 -17.60 81.77
C22 BCR ON . 18.09 -17.40 80.47
C23 BCR ON . 18.87 -16.24 80.03
C24 BCR ON . 19.43 -16.18 78.84
C25 BCR ON . 19.81 -14.96 78.13
C26 BCR ON . 20.93 -14.30 78.41
C27 BCR ON . 21.40 -13.06 77.76
C28 BCR ON . 20.74 -12.86 76.42
C29 BCR ON . 19.26 -13.10 76.55
C30 BCR ON . 18.89 -14.48 77.04
C35 BCR ON . 14.91 -19.65 90.58
C36 BCR ON . 15.99 -21.06 83.58
C37 BCR ON . 17.38 -18.20 79.45
C38 BCR ON . 21.86 -14.73 79.47
C39 BCR ON . 18.87 -15.48 75.91
C40 BCR ON . 17.46 -14.35 77.53
MG CLA PN . 16.89 -22.16 97.27
CHA CLA PN . 17.67 -20.84 100.39
CHB CLA PN . 13.94 -23.29 98.50
CHC CLA PN . 16.02 -23.17 94.11
CHD CLA PN . 19.93 -20.88 96.01
NA CLA PN . 16.02 -22.13 99.17
C1A CLA PN . 16.49 -21.52 100.33
C2A CLA PN . 15.52 -21.75 101.48
C3A CLA PN . 14.51 -22.77 100.91
C4A CLA PN . 14.82 -22.74 99.42
CMA CLA PN . 14.70 -24.14 101.50
CAA CLA PN . 14.81 -20.46 101.83
CBA CLA PN . 14.08 -20.58 103.16
CGA CLA PN . 14.66 -19.58 104.12
O1A CLA PN . 15.84 -19.31 104.31
O2A CLA PN . 13.70 -18.94 104.85
NB CLA PN . 15.31 -23.12 96.47
C1B CLA PN . 14.13 -23.33 97.12
C2B CLA PN . 13.07 -23.63 96.14
C3B CLA PN . 13.65 -23.61 94.89
C4B CLA PN . 15.09 -23.29 95.09
CMB CLA PN . 11.69 -23.92 96.52
CAB CLA PN . 13.09 -23.84 93.59
CBB CLA PN . 12.45 -24.95 93.23
NC CLA PN . 17.86 -22.12 95.42
C1C CLA PN . 17.32 -22.64 94.27
C2C CLA PN . 18.27 -22.47 93.18
C3C CLA PN . 19.35 -21.77 93.70
C4C CLA PN . 19.09 -21.55 95.11
CMC CLA PN . 18.04 -22.94 91.81
CAC CLA PN . 20.57 -21.37 92.96
CBC CLA PN . 20.34 -20.16 92.08
ND CLA PN . 18.51 -21.20 98.00
C1D CLA PN . 19.68 -20.70 97.36
C2D CLA PN . 20.50 -19.97 98.36
C3D CLA PN . 19.77 -19.99 99.54
C4D CLA PN . 18.53 -20.75 99.26
CMD CLA PN . 21.78 -19.35 98.07
CAD CLA PN . 19.72 -19.59 100.94
OBD CLA PN . 20.56 -18.99 101.59
CBD CLA PN . 18.35 -20.07 101.50
CGD CLA PN . 18.49 -20.85 102.80
O1D CLA PN . 17.60 -21.41 103.44
O2D CLA PN . 19.75 -20.91 103.30
CED CLA PN . 19.92 -20.55 104.66
C1 BCR QN . -2.16 -8.45 32.86
C2 BCR QN . -3.51 -8.27 32.20
C3 BCR QN . -3.53 -6.97 31.44
C4 BCR QN . -2.52 -7.03 30.33
C5 BCR QN . -1.22 -7.59 30.77
C6 BCR QN . -1.03 -8.25 31.92
C7 BCR QN . 0.27 -8.78 32.30
C8 BCR QN . 0.74 -9.93 31.81
C9 BCR QN . 2.09 -10.41 32.03
C10 BCR QN . 2.53 -11.47 31.33
C11 BCR QN . 3.83 -12.06 31.46
C33 BCR QN . -0.12 -7.36 29.81
C31 BCR QN . -2.16 -9.83 33.49
C32 BCR QN . -2.07 -7.42 33.96
C34 BCR QN . 2.97 -9.66 32.94
C12 BCR QN . 4.23 -12.94 30.54
C13 BCR QN . 5.46 -13.71 30.56
C14 BCR QN . 5.70 -14.55 29.56
C15 BCR QN . 6.55 -15.71 29.65
C16 BCR QN . 6.69 -16.53 28.59
C17 BCR QN . 7.11 -17.89 28.79
C18 BCR QN . 7.36 -18.79 27.84
C19 BCR QN . 7.91 -20.08 28.22
C20 BCR QN . 8.24 -21.02 27.34
C21 BCR QN . 9.40 -21.84 27.60
C22 BCR QN . 9.53 -23.14 27.32
C23 BCR QN . 10.41 -23.95 28.16
C24 BCR QN . 10.90 -25.13 27.77
C25 BCR QN . 11.40 -26.17 28.67
C26 BCR QN . 12.58 -26.08 29.29
C27 BCR QN . 13.17 -27.07 30.20
C28 BCR QN . 12.14 -28.07 30.69
C29 BCR QN . 11.28 -28.50 29.54
C30 BCR QN . 10.54 -27.35 28.87
C35 BCR QN . 6.35 -13.66 31.74
C36 BCR QN . 7.42 -18.41 26.41
C37 BCR QN . 8.83 -23.76 26.18
C38 BCR QN . 13.48 -24.92 29.11
C39 BCR QN . 9.30 -26.97 29.67
C40 BCR QN . 10.04 -27.92 27.55
C1 BCR RN . 9.29 -28.32 90.48
C2 BCR RN . 7.89 -28.01 90.98
C3 BCR RN . 7.07 -29.27 91.03
C4 BCR RN . 7.66 -30.23 92.03
C5 BCR RN . 9.12 -30.38 91.82
C6 BCR RN . 9.87 -29.54 91.12
C7 BCR RN . 11.31 -29.74 90.94
C8 BCR RN . 11.80 -30.59 90.04
C9 BCR RN . 13.14 -31.11 90.07
C10 BCR RN . 13.35 -32.37 89.67
C11 BCR RN . 14.63 -33.03 89.71
C33 BCR RN . 9.68 -31.59 92.46
C31 BCR RN . 10.14 -27.10 90.76
C32 BCR RN . 9.20 -28.53 88.99
C34 BCR RN . 14.26 -30.17 90.31
C12 BCR RN . 14.89 -33.95 88.78
C13 BCR RN . 16.09 -34.75 88.72
C14 BCR RN . 16.76 -34.80 87.56
C15 BCR RN . 17.76 -35.78 87.25
C16 BCR RN . 18.51 -35.65 86.15
C17 BCR RN . 19.06 -36.85 85.58
C18 BCR RN . 20.24 -36.94 84.93
C19 BCR RN . 20.70 -38.27 84.57
C20 BCR RN . 21.97 -38.53 84.26
C21 BCR RN . 22.61 -39.66 84.89
C22 BCR RN . 23.87 -39.68 85.33
C23 BCR RN . 24.28 -40.73 86.25
C24 BCR RN . 25.40 -40.66 86.98
C25 BCR RN . 26.14 -41.80 87.51
C26 BCR RN . 25.74 -42.45 88.60
C27 BCR RN . 26.41 -43.62 89.22
C28 BCR RN . 27.39 -44.27 88.27
C29 BCR RN . 28.20 -43.21 87.58
C30 BCR RN . 27.38 -42.21 86.79
C35 BCR RN . 16.39 -35.71 89.80
C36 BCR RN . 21.21 -35.84 84.94
C37 BCR RN . 24.83 -38.61 84.97
C38 BCR RN . 24.52 -42.08 89.35
C39 BCR RN . 27.04 -42.76 85.41
C40 BCR RN . 28.30 -41.02 86.55
C1 BCR SN . 13.53 -41.49 96.80
C2 BCR SN . 12.59 -42.26 97.70
C3 BCR SN . 12.83 -43.72 97.57
C4 BCR SN . 14.22 -44.06 98.02
C5 BCR SN . 15.22 -43.13 97.47
C6 BCR SN . 14.94 -41.96 96.91
C7 BCR SN . 15.96 -41.07 96.37
C8 BCR SN . 16.40 -41.18 95.12
C9 BCR SN . 17.62 -40.58 94.62
C10 BCR SN . 17.63 -39.28 94.32
C11 BCR SN . 18.58 -38.65 93.46
C33 BCR SN . 16.62 -43.61 97.58
C31 BCR SN . 13.42 -40.03 97.16
C32 BCR SN . 13.04 -41.69 95.39
C34 BCR SN . 18.69 -41.48 94.17
C12 BCR SN . 18.66 -37.31 93.46
C13 BCR SN . 19.23 -36.49 92.41
C14 BCR SN . 20.08 -37.03 91.53
C15 BCR SN . 20.77 -36.26 90.54
C16 BCR SN . 21.80 -36.78 89.86
C17 BCR SN . 22.72 -35.87 89.21
C18 BCR SN . 23.84 -36.23 88.56
C19 BCR SN . 24.69 -35.21 87.99
C20 BCR SN . 25.85 -35.49 87.40
C21 BCR SN . 26.68 -34.42 86.91
C22 BCR SN . 27.89 -34.56 86.36
C23 BCR SN . 28.71 -33.37 86.18
C24 BCR SN . 29.94 -33.42 85.66
C25 BCR SN . 31.16 -32.93 86.30
C26 BCR SN . 32.14 -33.77 86.62
C27 BCR SN . 33.41 -33.37 87.25
C28 BCR SN . 33.82 -32.02 86.71
C29 BCR SN . 32.71 -31.03 86.95
C30 BCR SN . 31.30 -31.46 86.57
C35 BCR SN . 18.96 -35.04 92.40
C36 BCR SN . 24.24 -37.65 88.46
C37 BCR SN . 28.46 -35.89 86.06
C38 BCR SN . 32.06 -35.22 86.36
C39 BCR SN . 30.79 -30.68 85.37
C40 BCR SN . 30.45 -31.02 87.75
MG CLA TN . 54.08 -81.78 59.62
CHA CLA TN . 55.76 -84.12 57.69
CHB CLA TN . 57.04 -80.33 60.42
CHC CLA TN . 52.40 -79.63 61.68
CHD CLA TN . 51.03 -83.39 58.86
NA CLA TN . 56.05 -82.14 59.06
C1A CLA TN . 56.57 -83.17 58.24
C2A CLA TN . 58.08 -83.04 58.09
C3A CLA TN . 58.40 -81.71 58.81
C4A CLA TN . 57.08 -81.35 59.47
CMA CLA TN . 59.52 -81.85 59.82
CAA CLA TN . 58.49 -82.94 56.63
CBA CLA TN . 59.99 -83.02 56.47
CGA CLA TN . 60.55 -81.63 56.37
O1A CLA TN . 60.26 -80.75 55.57
O2A CLA TN . 61.50 -81.37 57.31
NB CLA TN . 54.60 -80.20 60.74
C1B CLA TN . 55.88 -79.93 61.10
C2B CLA TN . 55.90 -79.11 62.34
C3B CLA TN . 54.59 -78.91 62.71
C4B CLA TN . 53.75 -79.58 61.68
CMB CLA TN . 57.14 -78.67 62.98
CAB CLA TN . 54.02 -78.21 63.81
CBB CLA TN . 54.37 -76.98 64.19
NC CLA TN . 52.06 -81.51 60.10
C1C CLA TN . 51.60 -80.53 60.93
C2C CLA TN . 50.16 -80.58 61.01
C3C CLA TN . 49.75 -81.69 60.27
C4C CLA TN . 50.97 -82.27 59.70
CMC CLA TN . 49.35 -79.65 61.81
CAC CLA TN . 48.38 -82.18 60.08
CBC CLA TN . 47.51 -81.26 59.26
ND CLA TN . 53.46 -83.35 58.51
C1D CLA TN . 52.18 -83.92 58.30
C2D CLA TN . 52.32 -85.11 57.43
C3D CLA TN . 53.68 -85.24 57.19
C4D CLA TN . 54.34 -84.11 57.88
CMD CLA TN . 51.24 -85.98 56.99
CAD CLA TN . 54.70 -86.02 56.51
OBD CLA TN . 54.58 -87.01 55.81
CBD CLA TN . 56.06 -85.34 56.84
MG CLA UN . 42.52 -77.10 44.70
CHA CLA UN . 39.35 -75.84 45.26
CHB CLA UN . 41.22 -79.39 42.55
CHC CLA UN . 45.71 -78.17 44.01
CHD CLA UN . 43.84 -74.62 46.85
NA CLA UN . 40.59 -77.53 44.06
C1A CLA UN . 39.40 -76.88 44.38
C2A CLA UN . 38.21 -77.52 43.66
C3A CLA UN . 38.82 -78.73 42.94
C4A CLA UN . 40.32 -78.55 43.17
CMA CLA UN . 38.31 -80.02 43.50
CAA CLA UN . 37.76 -76.54 42.60
CBA CLA UN . 36.36 -76.04 42.82
CGA CLA UN . 36.26 -74.60 42.41
O1A CLA UN . 36.23 -74.12 41.27
O2A CLA UN . 36.19 -73.74 43.47
NB CLA UN . 43.32 -78.45 43.45
C1B CLA UN . 42.62 -79.35 42.72
C2B CLA UN . 43.54 -80.34 42.11
C3B CLA UN . 44.81 -80.01 42.51
C4B CLA UN . 44.68 -78.81 43.39
CMB CLA UN . 43.09 -81.45 41.27
CAB CLA UN . 46.06 -80.65 42.23
CBB CLA UN . 47.13 -80.06 41.69
NC CLA UN . 44.42 -76.53 45.35
C1C CLA UN . 45.58 -77.10 44.95
C2C CLA UN . 46.72 -76.46 45.56
C3C CLA UN . 46.21 -75.44 46.37
C4C CLA UN . 44.76 -75.49 46.22
CMC CLA UN . 48.11 -76.83 45.35
CAC CLA UN . 46.96 -74.48 47.20
CBC CLA UN . 47.60 -75.09 48.43
ND CLA UN . 41.82 -75.68 45.95
C1D CLA UN . 42.47 -74.71 46.73
C2D CLA UN . 41.44 -73.84 47.36
C3D CLA UN . 40.23 -74.25 46.85
C4D CLA UN . 40.52 -75.37 45.94
CMD CLA UN . 41.74 -72.76 48.30
CAD CLA UN . 38.79 -74.07 46.86
OBD CLA UN . 38.10 -73.36 47.60
CBD CLA UN . 38.20 -74.97 45.75
CGD CLA UN . 37.04 -75.78 46.23
O1D CLA UN . 35.85 -75.70 45.86
O2D CLA UN . 37.34 -76.67 47.21
CED CLA UN . 36.25 -77.23 47.95
C1 BCR VN . 5.55 -23.50 22.57
C2 BCR VN . 4.51 -22.65 21.89
C3 BCR VN . 5.17 -21.65 21.00
C4 BCR VN . 5.89 -22.38 19.89
C5 BCR VN . 6.72 -23.48 20.41
C6 BCR VN . 6.59 -24.00 21.63
C7 BCR VN . 7.45 -25.08 22.10
C8 BCR VN . 8.66 -24.86 22.61
C9 BCR VN . 9.45 -25.84 23.31
C10 BCR VN . 10.79 -25.72 23.32
C11 BCR VN . 11.70 -26.61 24.00
C33 BCR VN . 7.74 -23.95 19.46
C31 BCR VN . 4.83 -24.66 23.23
C32 BCR VN . 6.20 -22.65 23.64
C34 BCR VN . 8.75 -26.80 24.19
C12 BCR VN . 13.01 -26.33 23.96
C13 BCR VN . 14.08 -27.13 24.51
C14 BCR VN . 15.32 -26.89 24.06
C15 BCR VN . 16.50 -27.60 24.46
C16 BCR VN . 17.70 -27.13 24.10
C17 BCR VN . 18.89 -27.92 24.29
C18 BCR VN . 20.11 -27.43 24.54
C19 BCR VN . 21.27 -28.31 24.46
C20 BCR VN . 21.47 -29.37 25.25
C21 BCR VN . 22.81 -29.69 25.67
C22 BCR VN . 23.75 -30.29 24.94
C23 BCR VN . 24.44 -29.53 23.91
C24 BCR VN . 25.73 -29.69 23.61
C25 BCR VN . 26.47 -28.90 22.63
C26 BCR VN . 26.71 -29.35 21.41
C27 BCR VN . 27.46 -28.65 20.34
C28 BCR VN . 27.81 -27.23 20.71
C29 BCR VN . 28.12 -27.14 22.18
C30 BCR VN . 26.96 -27.57 23.05
C35 BCR VN . 13.87 -27.91 25.74
C36 BCR VN . 20.30 -26.05 25.01
C37 BCR VN . 24.31 -31.60 25.35
C38 BCR VN . 26.25 -30.68 20.95
C39 BCR VN . 25.84 -26.56 23.01
C40 BCR VN . 27.49 -27.61 24.48
MG CLA WN . 24.55 -28.35 17.27
CHA CLA WN . 26.48 -28.79 14.44
CHB CLA WN . 23.75 -31.65 17.23
CHC CLA WN . 22.72 -27.88 20.14
CHD CLA WN . 25.51 -24.95 17.33
NA CLA WN . 25.03 -29.93 16.01
C1A CLA WN . 25.88 -29.92 14.90
C2A CLA WN . 25.98 -31.31 14.28
C3A CLA WN . 25.05 -32.16 15.14
C4A CLA WN . 24.57 -31.20 16.22
CMA CLA WN . 23.91 -32.68 14.30
CAA CLA WN . 27.39 -31.84 14.40
CBA CLA WN . 27.50 -33.22 13.78
CGA CLA WN . 28.86 -33.45 13.19
O1A CLA WN . 29.81 -34.05 13.67
O2A CLA WN . 29.00 -32.89 11.94
NB CLA WN . 23.51 -29.55 18.50
C1B CLA WN . 23.21 -30.84 18.26
C2B CLA WN . 22.20 -31.33 19.23
C3B CLA WN . 21.91 -30.28 20.05
C4B CLA WN . 22.73 -29.12 19.59
CMB CLA WN . 21.70 -32.69 19.20
CAB CLA WN . 20.98 -30.16 21.14
CBB CLA WN . 20.27 -31.14 21.69
NC CLA WN . 24.17 -26.70 18.49
C1C CLA WN . 23.40 -26.73 19.62
C2C CLA WN . 23.37 -25.42 20.24
C3C CLA WN . 24.16 -24.59 19.44
C4C CLA WN . 24.66 -25.41 18.35
CMC CLA WN . 22.65 -25.08 21.46
CAC CLA WN . 24.45 -23.17 19.65
CBC CLA WN . 25.86 -22.96 20.17
ND CLA WN . 25.59 -27.08 16.10
C1D CLA WN . 25.95 -25.72 16.27
C2D CLA WN . 26.83 -25.31 15.16
C3D CLA WN . 27.01 -26.44 14.39
C4D CLA WN . 26.27 -27.52 15.06
CMD CLA WN . 27.33 -23.96 14.95
CAD CLA WN . 27.63 -27.01 13.21
OBD CLA WN . 28.24 -26.45 12.30
CBD CLA WN . 27.39 -28.54 13.27
CGD CLA WN . 26.77 -29.03 11.99
O1D CLA WN . 25.57 -29.14 11.75
O2D CLA WN . 27.67 -29.36 11.03
CED CLA WN . 27.24 -30.29 10.05
MG CLA XN . 17.40 -38.89 15.43
CHA CLA XN . 16.68 -41.01 12.56
CHB CLA XN . 14.71 -39.93 17.23
CHC CLA XN . 18.40 -36.89 18.08
CHD CLA XN . 20.42 -37.81 13.63
NA CLA XN . 15.83 -40.28 15.05
C1A CLA XN . 15.68 -41.11 13.82
C2A CLA XN . 14.38 -41.95 14.20
C3A CLA XN . 13.72 -41.32 15.44
C4A CLA XN . 14.85 -40.47 15.98
CMA CLA XN . 12.50 -40.51 15.14
CAA CLA XN . 14.53 -43.35 14.78
CBA CLA XN . 13.66 -44.38 14.09
CGA CLA XN . 13.21 -45.49 14.99
O1A CLA XN . 13.89 -46.23 15.70
O2A CLA XN . 11.85 -45.66 14.99
NB CLA XN . 16.67 -38.46 17.26
C1B CLA XN . 15.62 -39.07 17.86
C2B CLA XN . 15.53 -38.71 19.30
C3B CLA XN . 16.57 -37.84 19.53
C4B CLA XN . 17.30 -37.66 18.24
CMB CLA XN . 14.50 -39.21 20.20
CAB CLA XN . 16.98 -37.19 20.75
CBB CLA XN . 17.48 -37.83 21.80
NC CLA XN . 19.05 -37.56 15.78
C1C CLA XN . 19.22 -36.82 16.92
C2C CLA XN . 20.42 -36.01 16.82
C3C CLA XN . 21.01 -36.31 15.60
C4C CLA XN . 20.15 -37.28 14.94
CMC CLA XN . 20.89 -35.09 17.87
CAC CLA XN . 22.25 -35.74 15.05
CBC CLA XN . 22.00 -34.84 13.87
ND CLA XN . 18.40 -39.25 13.46
C1D CLA XN . 19.62 -38.72 12.91
C2D CLA XN . 19.85 -39.30 11.59
C3D CLA XN . 18.78 -40.14 11.34
C4D CLA XN . 17.90 -40.12 12.52
CMD CLA XN . 21.00 -39.02 10.73
CAD CLA XN . 18.22 -41.12 10.46
OBD CLA XN . 18.66 -41.56 9.40
CBD CLA XN . 16.90 -41.58 11.11
CGD CLA XN . 15.83 -41.22 10.10
O1D CLA XN . 15.31 -40.13 9.90
O2D CLA XN . 15.46 -42.27 9.32
CED CLA XN . 15.98 -42.32 8.00
C1 CLA XN . 11.06 -44.55 15.43
C2 CLA XN . 11.72 -44.05 16.68
C3 CLA XN . 11.30 -43.01 17.39
C4 CLA XN . 10.09 -42.24 17.04
C5 CLA XN . 12.05 -42.58 18.61
C1 BCR YN . 10.77 -6.20 33.77
C2 BCR YN . 10.30 -4.77 33.92
C3 BCR YN . 11.34 -3.94 34.62
C4 BCR YN . 12.58 -3.90 33.76
C5 BCR YN . 13.02 -5.27 33.42
C6 BCR YN . 12.22 -6.34 33.42
C7 BCR YN . 12.69 -7.69 33.10
C8 BCR YN . 12.99 -8.09 31.86
C9 BCR YN . 12.79 -9.43 31.36
C10 BCR YN . 13.81 -10.06 30.75
C11 BCR YN . 13.67 -10.94 29.61
C33 BCR YN . 14.45 -5.35 33.09
C31 BCR YN . 9.89 -6.85 32.72
C32 BCR YN . 10.52 -6.88 35.10
C34 BCR YN . 11.40 -9.87 31.12
C12 BCR YN . 14.70 -11.71 29.22
C13 BCR YN . 15.38 -11.63 27.95
C14 BCR YN . 16.05 -12.70 27.48
C15 BCR YN . 16.76 -12.73 26.24
C16 BCR YN . 17.66 -13.69 25.95
C17 BCR YN . 18.11 -13.84 24.60
C18 BCR YN . 19.12 -14.62 24.17
C19 BCR YN . 19.32 -14.84 22.74
C20 BCR YN . 20.41 -15.42 22.24
C21 BCR YN . 20.33 -16.18 21.01
C22 BCR YN . 21.33 -16.89 20.46
C23 BCR YN . 21.03 -17.90 19.45
C24 BCR YN . 21.69 -19.06 19.37
C25 BCR YN . 21.68 -20.02 18.26
C26 BCR YN . 22.80 -20.30 17.60
C27 BCR YN . 22.90 -21.27 16.49
C28 BCR YN . 21.96 -22.41 16.75
C29 BCR YN . 20.56 -21.87 16.93
C30 BCR YN . 20.39 -20.70 17.89
C35 BCR YN . 15.64 -10.29 27.35
C36 BCR YN . 19.98 -15.36 25.11
C37 BCR YN . 22.72 -16.75 20.93
C38 BCR YN . 24.09 -19.68 17.93
C39 BCR YN . 19.66 -21.12 19.15
C40 BCR YN . 19.46 -19.76 17.15
MG CLA ZN . 21.07 -51.78 -7.42
CHA CLA ZN . 18.00 -51.07 -8.86
CHB CLA ZN . 19.64 -51.63 -4.34
CHC CLA ZN . 24.08 -52.65 -6.05
CHD CLA ZN . 22.45 -52.04 -10.66
NA CLA ZN . 19.14 -51.36 -6.74
C1A CLA ZN . 18.00 -51.11 -7.50
C2A CLA ZN . 16.78 -50.87 -6.62
C3A CLA ZN . 17.38 -50.92 -5.19
C4A CLA ZN . 18.82 -51.33 -5.42
CMA CLA ZN . 17.30 -49.59 -4.48
CAA CLA ZN . 15.75 -51.95 -6.87
CBA CLA ZN . 14.95 -52.25 -5.63
CGA CLA ZN . 15.57 -53.41 -4.93
O1A CLA ZN . 16.70 -53.86 -5.12
O2A CLA ZN . 14.77 -53.99 -3.98
NB CLA ZN . 21.74 -52.05 -5.55
C1B CLA ZN . 20.99 -52.01 -4.42
C2B CLA ZN . 21.81 -52.44 -3.26
C3B CLA ZN . 23.06 -52.73 -3.74
C4B CLA ZN . 23.04 -52.47 -5.20
CMB CLA ZN . 21.28 -52.50 -1.89
CAB CLA ZN . 24.23 -53.18 -3.04
CBB CLA ZN . 24.72 -54.41 -3.12
NC CLA ZN . 22.94 -52.21 -8.22
C1C CLA ZN . 24.04 -52.52 -7.47
C2C CLA ZN . 25.17 -52.77 -8.35
C3C CLA ZN . 24.70 -52.63 -9.66
C4C CLA ZN . 23.30 -52.28 -9.56
CMC CLA ZN . 26.50 -53.13 -7.86
CAC CLA ZN . 25.44 -52.81 -10.92
CBC CLA ZN . 26.62 -51.92 -11.14
ND CLA ZN . 20.46 -51.53 -9.33
C1D CLA ZN . 21.12 -51.69 -10.57
C2D CLA ZN . 20.17 -51.41 -11.66
C3D CLA ZN . 18.96 -51.15 -11.06
C4D CLA ZN . 19.19 -51.26 -9.61
CMD CLA ZN . 20.50 -51.42 -13.08
CAD CLA ZN . 17.57 -50.80 -11.26
OBD CLA ZN . 16.97 -50.52 -12.28
CBD CLA ZN . 16.90 -50.81 -9.85
CGD CLA ZN . 16.19 -49.54 -9.53
O1D CLA ZN . 15.04 -49.40 -9.07
O2D CLA ZN . 16.92 -48.41 -9.77
CED CLA ZN . 16.23 -47.18 -9.92
C1 CLA ZN . 14.30 -53.15 -2.89
C2 CLA ZN . 12.87 -52.83 -3.15
C3 CLA ZN . 11.86 -53.70 -2.99
C4 CLA ZN . 12.08 -55.09 -2.54
C5 CLA ZN . 10.46 -53.28 -3.29
O1 LHG AO . 62.83 -54.55 -45.62
C1 LHG AO . 63.48 -55.67 -46.21
C2 LHG AO . 63.17 -56.89 -45.38
O2 LHG AO . 62.86 -58.01 -46.18
C3 LHG AO . 61.99 -56.68 -44.46
O3 LHG AO . 61.70 -58.02 -44.15
P LHG AO . 60.66 -58.37 -42.98
O4 LHG AO . 61.43 -58.98 -41.88
O5 LHG AO . 59.68 -57.25 -43.05
O6 LHG AO . 59.99 -59.68 -43.73
C4 LHG AO . 59.83 -60.85 -43.01
C5 LHG AO . 58.44 -61.35 -43.44
C6 LHG AO . 57.54 -60.21 -43.88
O7 LHG AO . 58.64 -62.20 -44.53
C7 LHG AO . 58.01 -63.40 -44.37
O9 LHG AO . 57.07 -63.55 -43.62
C8 LHG AO . 58.80 -64.48 -44.99
C9 LHG AO . 57.96 -65.73 -44.99
C10 LHG AO . 58.83 -66.93 -45.26
O8 LHG AO . 57.68 -60.18 -45.30
C23 LHG AO . 56.60 -59.74 -46.02
O10 LHG AO . 56.59 -58.61 -46.47
C24 LHG AO . 55.40 -60.66 -46.25
C11 LHG AO . 58.49 -67.22 -46.69
C12 LHG AO . 58.73 -68.66 -46.96
C13 LHG AO . 57.49 -69.42 -46.55
C14 LHG AO . 57.59 -70.89 -46.90
C15 LHG AO . 56.41 -71.18 -47.77
C16 LHG AO . 56.67 -70.65 -49.15
C17 LHG AO . 55.37 -70.35 -49.88
C18 LHG AO . 54.70 -71.69 -49.94
C19 LHG AO . 53.21 -71.63 -49.80
C20 LHG AO . 52.74 -71.52 -51.22
C21 LHG AO . 51.26 -71.74 -51.29
C22 LHG AO . 50.97 -72.69 -52.42
C25 LHG AO . 54.34 -60.15 -47.21
C26 LHG AO . 52.97 -60.80 -47.12
C27 LHG AO . 52.67 -60.79 -45.63
C28 LHG AO . 51.25 -61.09 -45.24
C29 LHG AO . 51.21 -62.59 -45.02
C30 LHG AO . 50.28 -63.07 -43.93
C31 LHG AO . 48.82 -63.13 -44.31
C32 LHG AO . 48.01 -64.15 -43.55
C33 LHG AO . 48.07 -65.44 -44.33
C34 LHG AO . 46.74 -66.09 -44.60
C35 LHG AO . 46.52 -67.29 -43.71
C36 LHG AO . 46.52 -68.53 -44.60
C37 LHG AO . 45.13 -69.09 -44.58
C38 LHG AO . 45.01 -70.43 -45.26
C1 BCR BO . 38.34 -47.59 -46.81
C2 BCR BO . 39.15 -46.44 -46.29
C3 BCR BO . 40.61 -46.78 -46.28
C4 BCR BO . 41.07 -47.03 -47.70
C5 BCR BO . 40.16 -47.97 -48.39
C6 BCR BO . 38.92 -48.23 -48.01
C7 BCR BO . 38.07 -49.17 -48.74
C8 BCR BO . 37.42 -48.83 -49.86
C9 BCR BO . 36.07 -49.30 -50.15
C10 BCR BO . 35.38 -48.72 -51.15
C11 BCR BO . 33.94 -48.81 -51.26
C33 BCR BO . 40.77 -48.60 -49.58
C31 BCR BO . 36.95 -47.06 -47.07
C32 BCR BO . 38.25 -48.62 -45.70
C34 BCR BO . 35.41 -50.14 -49.14
C12 BCR BO . 33.34 -48.41 -52.39
C13 BCR BO . 31.94 -48.65 -52.69
C14 BCR BO . 31.32 -47.89 -53.61
C15 BCR BO . 29.88 -47.85 -53.73
C16 BCR BO . 29.27 -47.11 -54.68
C17 BCR BO . 27.84 -46.96 -54.57
C18 BCR BO . 26.97 -46.70 -55.56
C19 BCR BO . 25.59 -47.14 -55.41
C20 BCR BO . 24.59 -46.72 -56.17
C21 BCR BO . 23.27 -47.27 -55.96
C22 BCR BO . 22.11 -46.66 -56.27
C23 BCR BO . 20.85 -47.40 -56.13
C24 BCR BO . 19.66 -46.81 -56.21
C25 BCR BO . 18.38 -47.50 -56.31
C26 BCR BO . 17.90 -47.94 -57.47
C27 BCR BO . 16.61 -48.64 -57.69
C28 BCR BO . 16.06 -49.19 -56.40
C29 BCR BO . 16.17 -48.15 -55.32
C30 BCR BO . 17.59 -47.69 -55.05
C35 BCR BO . 31.16 -49.57 -51.83
C36 BCR BO . 27.38 -46.06 -56.83
C37 BCR BO . 22.08 -45.25 -56.68
C38 BCR BO . 18.63 -47.76 -58.74
C39 BCR BO . 18.31 -48.64 -54.11
C40 BCR BO . 17.44 -46.37 -54.30
C1 BCR CO . 41.35 -75.72 -46.57
C2 BCR CO . 40.88 -74.83 -47.69
C3 BCR CO . 41.69 -73.58 -47.69
C4 BCR CO . 43.15 -73.89 -47.93
C5 BCR CO . 43.59 -75.15 -47.30
C6 BCR CO . 42.79 -76.00 -46.67
C7 BCR CO . 43.28 -77.24 -46.07
C8 BCR CO . 43.73 -77.29 -44.81
C9 BCR CO . 44.90 -78.05 -44.41
C10 BCR CO . 44.95 -78.54 -43.16
C11 BCR CO . 46.15 -78.60 -42.35
C33 BCR CO . 45.04 -75.39 -47.43
C31 BCR CO . 40.52 -76.99 -46.62
C32 BCR CO . 41.06 -74.98 -45.28
C34 BCR CO . 46.09 -78.01 -45.28
C12 BCR CO . 46.38 -79.68 -41.60
C13 BCR CO . 46.20 -79.75 -40.17
C14 BCR CO . 47.04 -80.52 -39.46
C15 BCR CO . 46.65 -81.24 -38.28
C16 BCR CO . 47.43 -81.24 -37.19
C17 BCR CO . 48.39 -82.30 -37.01
C18 BCR CO . 49.58 -82.18 -36.43
C19 BCR CO . 50.33 -83.38 -36.11
C20 BCR CO . 51.63 -83.38 -35.81
C21 BCR CO . 52.52 -84.23 -36.57
C22 BCR CO . 53.58 -84.89 -36.09
C23 BCR CO . 53.92 -86.15 -36.72
C24 BCR CO . 54.91 -86.96 -36.30
C25 BCR CO . 56.28 -87.03 -36.80
C26 BCR CO . 57.30 -87.00 -35.94
C27 BCR CO . 58.72 -87.08 -36.30
C28 BCR CO . 58.87 -87.95 -37.51
C29 BCR CO . 58.00 -87.43 -38.62
C30 BCR CO . 56.53 -87.19 -38.27
C35 BCR CO . 44.89 -79.37 -39.57
C36 BCR CO . 50.30 -80.89 -36.43
C37 BCR CO . 54.54 -84.23 -35.18
C38 BCR CO . 57.10 -86.86 -34.48
C39 BCR CO . 55.66 -88.28 -38.85
C40 BCR CO . 56.20 -85.91 -39.04
MG CLA DO . 56.02 -73.83 -26.06
CHA CLA DO . 59.27 -74.62 -25.23
CHB CLA DO . 55.78 -76.72 -27.82
CHC CLA DO . 52.65 -73.29 -26.39
CHD CLA DO . 56.31 -70.88 -24.17
NA CLA DO . 57.36 -75.36 -26.52
C1A CLA DO . 58.66 -75.53 -26.04
C2A CLA DO . 59.26 -76.80 -26.62
C3A CLA DO . 58.27 -77.18 -27.72
C4A CLA DO . 57.03 -76.39 -27.34
CMA CLA DO . 58.78 -76.80 -29.09
CAA CLA DO . 59.29 -77.88 -25.56
CBA CLA DO . 60.14 -79.06 -26.00
CGA CLA DO . 59.30 -80.20 -26.51
O1A CLA DO . 59.66 -81.37 -26.71
O2A CLA DO . 58.02 -79.88 -26.80
NB CLA DO . 54.50 -74.82 -26.91
C1B CLA DO . 54.61 -76.02 -27.54
C2B CLA DO . 53.26 -76.49 -27.94
C3B CLA DO . 52.37 -75.53 -27.54
C4B CLA DO . 53.15 -74.45 -26.90
CMB CLA DO . 53.08 -77.75 -28.67
CAB CLA DO . 50.94 -75.43 -27.69
CBB CLA DO . 50.14 -76.35 -28.24
NC CLA DO . 54.74 -72.29 -25.49
C1C CLA DO . 53.41 -72.25 -25.77
C2C CLA DO . 52.82 -71.04 -25.22
C3C CLA DO . 53.84 -70.38 -24.54
C4C CLA DO . 55.05 -71.17 -24.71
CMC CLA DO . 51.43 -70.65 -25.34
CAC CLA DO . 53.74 -69.11 -23.81
CBC CLA DO . 53.79 -67.92 -24.74
ND CLA DO . 57.49 -72.78 -25.17
C1D CLA DO . 57.45 -71.62 -24.36
C2D CLA DO . 58.79 -71.39 -23.78
C3D CLA DO . 59.53 -72.51 -24.09
C4D CLA DO . 58.66 -73.37 -24.91
CMD CLA DO . 59.16 -70.22 -22.99
CAD CLA DO . 60.83 -73.16 -24.03
OBD CLA DO . 61.91 -72.71 -23.66
CBD CLA DO . 60.63 -74.61 -24.57
CGD CLA DO . 61.74 -75.09 -25.46
O1D CLA DO . 62.03 -76.26 -25.72
O2D CLA DO . 62.49 -74.11 -26.00
CED CLA DO . 63.74 -74.50 -26.57
C1 CLA DO . 57.36 -80.66 -27.81
C2 CLA DO . 57.91 -80.24 -29.13
C3 CLA DO . 57.17 -80.25 -30.25
C4 CLA DO . 55.76 -80.66 -30.27
C5 CLA DO . 57.77 -79.82 -31.55
MG CLA EO . 35.25 -62.59 -27.99
CHA CLA EO . 34.75 -65.39 -26.03
CHB CLA EO . 32.35 -61.30 -26.84
CHC CLA EO . 36.01 -59.68 -29.62
CHD CLA EO . 38.30 -63.98 -29.10
NA CLA EO . 33.76 -63.30 -26.73
C1A CLA EO . 33.73 -64.48 -25.98
C2A CLA EO . 32.43 -64.61 -25.20
C3A CLA EO . 31.59 -63.45 -25.76
C4A CLA EO . 32.62 -62.60 -26.49
CMA CLA EO . 30.54 -63.95 -26.72
CAA CLA EO . 32.64 -64.45 -23.71
CBA CLA EO . 31.62 -63.52 -23.10
CGA CLA EO . 30.30 -64.20 -22.93
O1A CLA EO . 29.98 -65.34 -23.30
O2A CLA EO . 29.38 -63.41 -22.31
NB CLA EO . 34.30 -60.84 -28.26
C1B CLA EO . 33.24 -60.44 -27.53
C2B CLA EO . 33.11 -58.96 -27.58
C3B CLA EO . 34.14 -58.50 -28.36
C4B CLA EO . 34.91 -59.70 -28.82
CMB CLA EO . 32.05 -58.23 -26.90
CAB CLA EO . 34.49 -57.17 -28.77
CBB CLA EO . 33.63 -56.24 -29.17
NC CLA EO . 36.82 -61.99 -29.23
C1C CLA EO . 36.89 -60.78 -29.83
C2C CLA EO . 38.09 -60.70 -30.64
C3C CLA EO . 38.77 -61.90 -30.46
C4C CLA EO . 37.96 -62.70 -29.57
CMC CLA EO . 38.48 -59.54 -31.45
CAC CLA EO . 40.04 -62.30 -31.08
CBC CLA EO . 39.89 -62.67 -32.53
ND CLA EO . 36.26 -64.32 -27.78
C1D CLA EO . 37.54 -64.73 -28.25
C2D CLA EO . 37.86 -66.05 -27.65
C3D CLA EO . 36.82 -66.34 -26.78
C4D CLA EO . 35.87 -65.23 -26.89
CMD CLA EO . 39.07 -66.81 -27.93
CAD CLA EO . 36.27 -67.31 -25.86
OBD CLA EO . 36.68 -68.41 -25.55
CBD CLA EO . 34.98 -66.68 -25.27
CGD CLA EO . 33.81 -67.61 -25.35
O1D CLA EO . 33.56 -68.44 -26.23
O2D CLA EO . 32.96 -67.50 -24.29
CED CLA EO . 31.98 -68.52 -24.11
C1 CLA EO . 28.99 -63.78 -20.97
C2 CLA EO . 29.18 -62.60 -20.10
C3 CLA EO . 28.79 -62.55 -18.81
C4 CLA EO . 28.12 -63.69 -18.14
C5 CLA EO . 29.02 -61.33 -17.99
MG CLA FO . 62.78 -72.39 -51.68
CHA CLA FO . 65.05 -72.86 -49.11
CHB CLA FO . 60.32 -73.73 -49.74
CHC CLA FO . 60.54 -71.78 -54.21
CHD CLA FO . 65.38 -71.07 -53.67
NA CLA FO . 62.72 -73.17 -49.75
C1A CLA FO . 63.77 -73.26 -48.82
C2A CLA FO . 63.32 -73.90 -47.53
C3A CLA FO . 61.84 -74.26 -47.80
C4A CLA FO . 61.59 -73.68 -49.19
CMA CLA FO . 61.61 -75.75 -47.80
CAA CLA FO . 63.43 -72.92 -46.37
CBA CLA FO . 62.55 -73.35 -45.21
CGA CLA FO . 62.96 -74.71 -44.76
O1A CLA FO . 62.24 -75.68 -44.54
O2A CLA FO . 64.30 -74.85 -44.57
NB CLA FO . 60.81 -72.67 -51.92
C1B CLA FO . 59.98 -73.23 -51.01
C2B CLA FO . 58.60 -73.29 -51.56
C3B CLA FO . 58.64 -72.75 -52.82
C4B CLA FO . 60.06 -72.35 -53.07
CMB CLA FO . 57.47 -73.86 -50.83
CAB CLA FO . 57.61 -72.57 -53.80
CBB CLA FO . 56.83 -73.55 -54.26
NC CLA FO . 62.95 -71.59 -53.60
C1C CLA FO . 61.90 -71.44 -54.46
C2C CLA FO . 62.36 -70.84 -55.70
C3C CLA FO . 63.74 -70.64 -55.57
C4C CLA FO . 64.09 -71.10 -54.23
CMC CLA FO . 61.51 -70.54 -56.86
CAC CLA FO . 64.64 -70.06 -56.57
CBC CLA FO . 65.31 -68.77 -56.16
ND CLA FO . 64.77 -72.06 -51.52
C1D CLA FO . 65.71 -71.50 -52.41
C2D CLA FO . 67.04 -71.48 -51.75
C3D CLA FO . 66.83 -71.97 -50.48
C4D CLA FO . 65.40 -72.32 -50.39
CMD CLA FO . 68.27 -70.99 -52.36
CAD CLA FO . 67.45 -72.32 -49.21
OBD CLA FO . 68.61 -72.25 -48.88
CBD CLA FO . 66.31 -72.86 -48.29
CGD CLA FO . 66.60 -74.25 -47.80
O1D CLA FO . 66.26 -74.75 -46.72
O2D CLA FO . 67.30 -75.01 -48.67
CED CLA FO . 68.10 -76.07 -48.14
C1 CLA FO . 64.74 -75.10 -43.21
C2 CLA FO . 65.85 -76.07 -43.28
C3 CLA FO . 66.56 -76.46 -42.20
C4 CLA FO . 66.27 -75.94 -40.84
C5 CLA FO . 67.67 -77.45 -42.32
MG CLA GO . 58.05 -66.78 -58.73
CHA CLA GO . 61.04 -65.47 -59.91
CHB CLA GO . 56.57 -66.09 -61.70
CHC CLA GO . 55.16 -68.16 -57.53
CHD CLA GO . 59.63 -67.45 -55.64
NA CLA GO . 58.73 -65.91 -60.50
C1A CLA GO . 60.01 -65.43 -60.80
C2A CLA GO . 60.06 -64.87 -62.22
C3A CLA GO . 58.61 -65.02 -62.73
C4A CLA GO . 57.90 -65.73 -61.57
CMA CLA GO . 57.97 -63.68 -63.02
CAA CLA GO . 61.02 -65.67 -63.09
CBA CLA GO . 60.50 -65.85 -64.49
CGA CLA GO . 61.44 -66.71 -65.28
O1A CLA GO . 62.67 -66.71 -65.26
O2A CLA GO . 60.81 -67.58 -66.12
NB CLA GO . 56.21 -67.05 -59.46
C1B CLA GO . 55.81 -66.74 -60.72
C2B CLA GO . 54.41 -67.20 -60.92
C3B CLA GO . 54.01 -67.79 -59.76
C4B CLA GO . 55.14 -67.69 -58.80
CMB CLA GO . 53.69 -67.02 -62.19
CAB CLA GO . 52.76 -68.40 -59.40
CBB CLA GO . 51.56 -67.84 -59.57
NC CLA GO . 57.50 -67.64 -56.91
C1C CLA GO . 56.26 -68.13 -56.64
C2C CLA GO . 56.22 -68.65 -55.28
C3C CLA GO . 57.48 -68.47 -54.75
C4C CLA GO . 58.29 -67.83 -55.78
CMC CLA GO . 55.04 -69.25 -54.65
CAC CLA GO . 57.94 -68.83 -53.41
CBC CLA GO . 57.56 -67.78 -52.39
ND CLA GO . 59.89 -66.56 -57.91
C1D CLA GO . 60.39 -66.86 -56.61
C2D CLA GO . 61.80 -66.45 -56.56
C3D CLA GO . 62.11 -65.94 -57.80
C4D CLA GO . 60.88 -66.02 -58.60
CMD CLA GO . 62.66 -66.60 -55.38
CAD CLA GO . 63.13 -65.33 -58.62
OBD CLA GO . 64.31 -65.10 -58.36
CBD CLA GO . 62.48 -65.00 -60.00
CGD CLA GO . 62.55 -63.53 -60.33
O1D CLA GO . 61.64 -62.79 -60.68
O2D CLA GO . 63.80 -63.01 -60.21
CED CLA GO . 64.80 -63.48 -61.11
C1 CLA GO . 60.61 -68.92 -65.64
C2 CLA GO . 60.68 -69.81 -66.82
C3 CLA GO . 60.12 -71.02 -66.87
C4 CLA GO . 59.37 -71.58 -65.72
C5 CLA GO . 60.24 -71.87 -68.09
MG CLA HO . 49.17 -58.76 -60.48
CHA CLA HO . 45.88 -58.41 -61.48
CHB CLA HO . 48.90 -62.14 -60.82
CHC CLA HO . 52.46 -59.06 -59.55
CHD CLA HO . 49.39 -55.26 -60.11
NA CLA HO . 47.63 -60.03 -61.07
C1A CLA HO . 46.34 -59.69 -61.47
C2A CLA HO . 45.53 -60.94 -61.84
C3A CLA HO . 46.50 -62.10 -61.52
C4A CLA HO . 47.78 -61.40 -61.13
CMA CLA HO . 45.98 -62.93 -60.39
CAA CLA HO . 45.31 -60.91 -63.33
CBA CLA HO . 43.84 -60.82 -63.68
CGA CLA HO . 43.21 -62.18 -63.62
O1A CLA HO . 43.72 -63.28 -63.86
O2A CLA HO . 41.89 -62.12 -63.25
NB CLA HO . 50.43 -60.30 -60.23
C1B CLA HO . 50.14 -61.61 -60.42
C2B CLA HO . 51.33 -62.45 -60.13
C3B CLA HO . 52.35 -61.59 -59.77
C4B CLA HO . 51.79 -60.21 -59.82
CMB CLA HO . 51.32 -63.90 -60.25
CAB CLA HO . 53.70 -61.83 -59.40
CBB CLA HO . 54.51 -62.75 -59.93
NC CLA HO . 50.65 -57.40 -59.94
C1C CLA HO . 51.93 -57.75 -59.61
C2C CLA HO . 52.69 -56.55 -59.31
C3C CLA HO . 51.84 -55.47 -59.45
C4C CLA HO . 50.54 -56.01 -59.86
CMC CLA HO . 54.11 -56.55 -58.92
CAC CLA HO . 52.15 -54.04 -59.26
CBC CLA HO . 52.27 -53.67 -57.80
ND CLA HO . 47.97 -57.16 -60.73
C1D CLA HO . 48.17 -55.77 -60.52
C2D CLA HO . 46.91 -55.05 -60.79
C3D CLA HO . 46.00 -56.02 -61.16
C4D CLA HO . 46.71 -57.31 -61.11
CMD CLA HO . 46.69 -53.62 -60.68
CAD CLA HO . 44.64 -56.28 -61.57
OBD CLA HO . 43.72 -55.50 -61.73
CBD CLA HO . 44.52 -57.82 -61.79
CGD CLA HO . 43.45 -58.41 -60.90
O1D CLA HO . 43.24 -59.60 -60.66
O2D CLA HO . 42.65 -57.48 -60.30
CED CLA HO . 42.03 -57.87 -59.07
C1 CLA HO . 41.32 -63.35 -62.77
C2 CLA HO . 40.41 -63.84 -63.83
C3 CLA HO . 39.39 -64.68 -63.56
C4 CLA HO . 39.13 -65.17 -62.18
C5 CLA HO . 38.47 -65.16 -64.62
MG CLA IO . 46.35 -66.68 -57.45
CHA CLA IO . 49.65 -66.74 -56.38
CHB CLA IO . 46.20 -63.37 -56.76
CHC CLA IO . 43.10 -66.69 -58.51
CHD CLA IO . 46.56 -70.16 -58.12
NA CLA IO . 47.72 -65.30 -56.69
C1A CLA IO . 49.05 -65.52 -56.31
C2A CLA IO . 49.68 -64.23 -55.79
C3A CLA IO . 48.53 -63.21 -55.86
C4A CLA IO . 47.39 -64.00 -56.49
CMA CLA IO . 48.14 -62.72 -54.50
CAA CLA IO . 50.83 -63.78 -56.69
CBA CLA IO . 52.06 -63.43 -55.87
CGA CLA IO . 51.68 -62.50 -54.76
O1A CLA IO . 51.08 -61.42 -54.83
O2A CLA IO . 52.10 -62.93 -53.54
NB CLA IO . 44.91 -65.30 -57.57
C1B CLA IO . 45.05 -63.98 -57.33
C2B CLA IO . 43.83 -63.25 -57.74
C3B CLA IO . 42.95 -64.17 -58.23
C4B CLA IO . 43.63 -65.51 -58.14
CMB CLA IO . 43.66 -61.80 -57.60
CAB CLA IO . 41.62 -64.01 -58.75
CBB CLA IO . 40.51 -64.32 -58.08
NC CLA IO . 45.08 -68.16 -58.17
C1C CLA IO . 43.77 -67.94 -58.52
C2C CLA IO . 43.15 -69.19 -58.93
C3C CLA IO . 44.15 -70.16 -58.87
C4C CLA IO . 45.35 -69.50 -58.38
CMC CLA IO . 41.76 -69.32 -59.36
CAC CLA IO . 44.02 -71.59 -59.18
CBC CLA IO . 43.70 -72.41 -57.95
ND CLA IO . 47.74 -68.15 -57.33
C1D CLA IO . 47.69 -69.54 -57.63
C2D CLA IO . 49.00 -70.14 -57.33
C3D CLA IO . 49.80 -69.12 -56.86
C4D CLA IO . 48.96 -67.90 -56.87
CMD CLA IO . 49.33 -71.55 -57.52
CAD CLA IO . 51.10 -68.74 -56.36
OBD CLA IO . 52.10 -69.42 -56.22
CBD CLA IO . 51.03 -67.23 -56.01
CGD CLA IO . 51.28 -67.00 -54.56
O1D CLA IO . 50.71 -67.55 -53.61
O2D CLA IO . 52.25 -66.08 -54.30
CED CLA IO . 52.77 -66.02 -52.97
C1 CLA IO . 51.62 -62.24 -52.38
C2 CLA IO . 50.40 -62.94 -51.91
C3 CLA IO . 49.93 -62.85 -50.65
C4 CLA IO . 50.60 -62.04 -49.61
C5 CLA IO . 48.69 -63.58 -50.23
MG CLA JO . 46.15 -86.14 -61.99
CHA CLA JO . 46.10 -89.41 -60.81
CHB CLA JO . 46.30 -85.00 -58.78
CHC CLA JO . 46.27 -82.94 -63.20
CHD CLA JO . 45.96 -87.38 -65.28
NA CLA JO . 46.20 -87.07 -60.12
C1A CLA JO . 46.17 -88.45 -59.84
C2A CLA JO . 46.23 -88.71 -58.34
C3A CLA JO . 46.19 -87.29 -57.73
C4A CLA JO . 46.25 -86.37 -58.94
CMA CLA JO . 44.94 -87.07 -56.91
CAA CLA JO . 47.56 -89.36 -58.01
CBA CLA JO . 48.69 -88.69 -58.75
CGA CLA JO . 49.69 -89.68 -59.24
O1A CLA JO . 50.14 -90.67 -58.67
O2A CLA JO . 50.13 -89.42 -60.52
NB CLA JO . 46.30 -84.32 -61.15
C1B CLA JO . 46.32 -84.06 -59.82
C2B CLA JO . 46.35 -82.58 -59.59
C3B CLA JO . 46.36 -82.00 -60.84
C4B CLA JO . 46.31 -83.09 -61.85
CMB CLA JO . 46.38 -81.97 -58.27
CAB CLA JO . 46.38 -80.61 -61.19
CBB CLA JO . 45.45 -79.99 -61.93
NC CLA JO . 46.12 -85.32 -63.89
C1C CLA JO . 46.18 -83.98 -64.16
C2C CLA JO . 46.15 -83.76 -65.60
C3C CLA JO . 46.05 -85.01 -66.20
C4C CLA JO . 46.03 -85.99 -65.11
CMC CLA JO . 46.22 -82.45 -66.24
CAC CLA JO . 45.99 -85.30 -67.63
CBC CLA JO . 47.37 -85.47 -68.22
ND CLA JO . 46.02 -87.94 -62.90
C1D CLA JO . 45.96 -88.31 -64.27
C2D CLA JO . 45.90 -89.78 -64.37
C3D CLA JO . 45.94 -90.25 -63.06
C4D CLA JO . 46.03 -89.06 -62.20
CMD CLA JO . 45.81 -90.54 -65.61
CAD CLA JO . 45.94 -91.42 -62.20
OBD CLA JO . 45.86 -92.60 -62.50
CBD CLA JO . 46.05 -90.90 -60.74
CGD CLA JO . 44.88 -91.34 -59.92
O1D CLA JO . 44.87 -91.66 -58.73
O2D CLA JO . 43.71 -91.37 -60.61
CED CLA JO . 42.84 -90.24 -60.50
C1 CLA JO . 49.45 -90.06 -61.62
C2 CLA JO . 49.78 -91.51 -61.57
C3 CLA JO . 49.55 -92.35 -62.60
C4 CLA JO . 48.96 -91.90 -63.87
C5 CLA JO . 49.91 -93.79 -62.48
MG CLA KO . 39.79 -83.56 -51.90
CHA CLA KO . 37.78 -81.95 -54.21
CHB CLA KO . 42.45 -83.26 -53.99
CHC CLA KO . 41.78 -84.97 -49.48
CHD CLA KO . 37.00 -83.81 -49.74
NA CLA KO . 40.04 -82.75 -53.80
C1A CLA KO . 39.09 -82.11 -54.60
C2A CLA KO . 39.70 -81.65 -55.92
C3A CLA KO . 41.14 -82.21 -55.86
C4A CLA KO . 41.24 -82.77 -54.45
CMA CLA KO . 41.38 -83.27 -56.91
CAA CLA KO . 39.76 -80.14 -55.97
CBA CLA KO . 41.17 -79.64 -56.19
CGA CLA KO . 41.61 -78.74 -55.06
O1A CLA KO . 41.11 -78.61 -53.94
O2A CLA KO . 42.72 -78.00 -55.37
NB CLA KO . 41.74 -83.99 -51.75
C1B CLA KO . 42.67 -83.82 -52.72
C2B CLA KO . 43.99 -84.34 -52.26
C3B CLA KO . 43.80 -84.83 -51.00
C4B CLA KO . 42.37 -84.62 -50.64
CMB CLA KO . 45.20 -84.31 -53.08
CAB CLA KO . 44.74 -85.46 -50.09
CBB CLA KO . 45.43 -86.57 -50.36
NC CLA KO . 39.44 -84.29 -49.98
C1C CLA KO . 40.40 -84.83 -49.17
C2C CLA KO . 39.82 -85.20 -47.89
C3C CLA KO . 38.46 -84.88 -47.95
C4C CLA KO . 38.23 -84.30 -49.27
CMC CLA KO . 40.55 -85.81 -46.78
CAC CLA KO . 37.44 -85.06 -46.91
CBC CLA KO . 36.84 -86.45 -46.90
ND CLA KO . 37.81 -83.13 -51.94
C1D CLA KO . 36.78 -83.26 -50.98
C2D CLA KO . 35.53 -82.70 -51.53
C3D CLA KO . 35.85 -82.18 -52.77
C4D CLA KO . 37.29 -82.45 -52.96
CMD CLA KO . 34.25 -82.69 -50.84
CAD CLA KO . 35.37 -81.51 -53.95
OBD CLA KO . 34.24 -81.16 -54.24
CBD CLA KO . 36.60 -81.29 -54.88
CGD CLA KO . 36.34 -81.83 -56.25
O1D CLA KO . 36.47 -82.99 -56.65
O2D CLA KO . 35.90 -80.90 -57.14
CED CLA KO . 35.52 -81.38 -58.43
C1 CLA KO . 43.44 -77.45 -54.26
C2 CLA KO . 44.33 -78.53 -53.73
C3 CLA KO . 44.26 -78.97 -52.47
C4 CLA KO . 43.30 -78.43 -51.48
C5 CLA KO . 45.17 -80.06 -51.99
MG CLA LO . 46.83 -91.36 -48.13
CHA CLA LO . 45.44 -90.60 -51.21
CHB CLA LO . 49.72 -92.29 -49.66
CHC CLA LO . 48.19 -91.97 -45.05
CHD CLA LO . 43.77 -90.47 -46.58
NA CLA LO . 47.45 -91.44 -50.12
C1A CLA LO . 46.73 -91.07 -51.26
C2A CLA LO . 47.56 -91.28 -52.51
C3A CLA LO . 48.80 -92.02 -52.00
C4A CLA LO . 48.68 -91.90 -50.48
CMA CLA LO . 48.84 -93.45 -52.46
CAA CLA LO . 47.96 -89.93 -53.10
CBA CLA LO . 48.38 -88.94 -52.02
CGA CLA LO . 49.87 -88.92 -51.86
O1A CLA LO . 50.65 -89.85 -51.70
O2A CLA LO . 50.37 -87.66 -51.89
NB CLA LO . 48.59 -92.06 -47.47
C1B CLA LO . 49.68 -92.26 -48.25
C2B CLA LO . 50.88 -92.47 -47.39
C3B CLA LO . 50.46 -92.38 -46.09
C4B CLA LO . 48.99 -92.13 -46.12
CMB CLA LO . 52.22 -92.71 -47.93
CAB CLA LO . 51.22 -92.51 -44.87
CBB CLA LO . 51.29 -91.59 -43.90
NC CLA LO . 46.09 -91.25 -46.18
C1C CLA LO . 46.82 -91.57 -45.07
C2C CLA LO . 46.01 -91.40 -43.87
C3C CLA LO . 44.76 -90.95 -44.30
C4C CLA LO . 44.83 -90.87 -45.76
CMC CLA LO . 46.47 -91.65 -42.50
CAC CLA LO . 43.60 -90.63 -43.46
CBC CLA LO . 42.91 -91.87 -42.92
ND CLA LO . 45.02 -90.65 -48.69
C1D CLA LO . 43.84 -90.36 -47.96
C2D CLA LO . 42.79 -89.94 -48.90
C3D CLA LO . 43.35 -89.98 -50.16
C4D CLA LO . 44.74 -90.45 -49.97
CMD CLA LO . 41.44 -89.54 -48.51
CAD CLA LO . 43.16 -89.77 -51.58
OBD CLA LO . 42.18 -89.34 -52.18
CBD CLA LO . 44.47 -90.21 -52.30
CGD CLA LO . 44.19 -91.36 -53.22
O1D CLA LO . 44.09 -92.54 -52.92
O2D CLA LO . 44.01 -91.01 -54.52
CED CLA LO . 45.07 -90.31 -55.18
C1 CLA LO . 50.13 -86.90 -53.10
C2 CLA LO . 50.91 -87.55 -54.17
C3 CLA LO . 50.62 -87.39 -55.47
C4 CLA LO . 49.49 -86.54 -55.92
C5 CLA LO . 51.42 -88.07 -56.52
MG CLA MO . 49.82 -60.27 -79.24
CHA CLA MO . 51.70 -58.47 -81.54
CHB CLA MO . 49.01 -57.39 -77.65
CHC CLA MO . 47.86 -62.08 -77.08
CHD CLA MO . 50.70 -63.25 -80.91
NA CLA MO . 50.32 -58.26 -79.55
C1A CLA MO . 51.11 -57.71 -80.57
C2A CLA MO . 51.22 -56.20 -80.41
C3A CLA MO . 50.45 -55.91 -79.10
C4A CLA MO . 49.87 -57.28 -78.72
CMA CLA MO . 51.37 -55.38 -78.02
CAA CLA MO . 50.58 -55.44 -81.57
CBA CLA MO . 50.26 -54.01 -81.21
CGA CLA MO . 51.35 -53.07 -81.64
O1A CLA MO . 51.65 -51.97 -81.16
O2A CLA MO . 52.07 -53.53 -82.70
NB CLA MO . 48.70 -59.82 -77.63
C1B CLA MO . 48.40 -58.57 -77.21
C2B CLA MO . 47.32 -58.62 -76.19
C3B CLA MO . 46.99 -59.95 -76.02
C4B CLA MO . 47.87 -60.73 -76.93
CMB CLA MO . 46.77 -57.43 -75.53
CAB CLA MO . 46.01 -60.57 -75.17
CBB CLA MO . 44.72 -60.21 -75.08
NC CLA MO . 49.39 -62.30 -79.02
C1C CLA MO . 48.58 -62.82 -78.06
C2C CLA MO . 48.50 -64.27 -78.19
C3C CLA MO . 49.28 -64.61 -79.29
C4C CLA MO . 49.85 -63.36 -79.80
CMC CLA MO . 47.70 -65.12 -77.31
CAC CLA MO . 49.51 -65.95 -79.85
CBC CLA MO . 50.37 -66.85 -78.99
ND CLA MO . 50.92 -60.81 -80.84
C1D CLA MO . 51.21 -62.07 -81.41
C2D CLA MO . 52.09 -61.87 -82.58
C3D CLA MO . 52.30 -60.51 -82.69
C4D CLA MO . 51.56 -59.89 -81.57
CMD CLA MO . 52.60 -62.94 -83.43
CAD CLA MO . 52.96 -59.45 -83.41
OBD CLA MO . 53.69 -59.51 -84.40
CBD CLA MO . 52.59 -58.11 -82.70
CGD CLA MO . 53.83 -57.36 -82.28
O1D CLA MO . 54.89 -57.84 -81.86
O2D CLA MO . 53.72 -56.01 -82.38
CED CLA MO . 54.76 -55.21 -81.80
MG CLA NO . 62.45 -66.42 -68.39
CHA CLA NO . 63.76 -63.99 -66.32
CHB CLA NO . 65.53 -67.85 -68.66
CHC CLA NO . 61.04 -69.03 -70.13
CHD CLA NO . 59.29 -64.91 -68.09
NA CLA NO . 64.34 -65.95 -67.64
C1A CLA NO . 64.66 -64.92 -66.75
C2A CLA NO . 66.15 -64.94 -66.42
C3A CLA NO . 66.70 -66.08 -67.29
C4A CLA NO . 65.45 -66.70 -67.90
CMA CLA NO . 67.61 -65.51 -68.35
CAA CLA NO . 66.34 -65.27 -64.94
CBA CLA NO . 65.78 -66.62 -64.58
CGA CLA NO . 65.43 -66.66 -63.12
O1A CLA NO . 66.13 -66.35 -62.15
O2A CLA NO . 64.15 -67.11 -62.89
NB CLA NO . 63.12 -68.19 -69.11
C1B CLA NO . 64.44 -68.47 -69.29
C2B CLA NO . 64.60 -69.53 -70.31
C3B CLA NO . 63.35 -69.88 -70.74
C4B CLA NO . 62.39 -69.02 -69.98
CMB CLA NO . 65.90 -70.03 -70.75
CAB CLA NO . 62.93 -70.83 -71.72
CBB CLA NO . 62.23 -71.94 -71.46
NC CLA NO . 60.52 -66.87 -69.01
C1C CLA NO . 60.16 -68.00 -69.68
C2C CLA NO . 58.71 -68.04 -69.87
C3C CLA NO . 58.23 -66.84 -69.36
C4C CLA NO . 59.36 -66.13 -68.80
CMC CLA NO . 57.98 -69.12 -70.52
CAC CLA NO . 56.82 -66.42 -69.31
CBC CLA NO . 56.21 -66.71 -67.96
ND CLA NO . 61.70 -64.71 -67.64
C1D CLA NO . 60.37 -64.25 -67.54
C2D CLA NO . 60.35 -63.01 -66.74
C3D CLA NO . 61.63 -62.86 -66.24
C4D CLA NO . 62.41 -63.97 -66.80
CMD CLA NO . 59.17 -62.17 -66.50
CAD CLA NO . 62.53 -62.03 -65.46
OBD CLA NO . 62.35 -60.94 -64.96
CBD CLA NO . 63.88 -62.82 -65.36
CGD CLA NO . 65.07 -61.94 -65.61
O1D CLA NO . 65.85 -61.98 -66.58
O2D CLA NO . 65.28 -61.02 -64.64
CED CLA NO . 66.37 -60.11 -64.80
MG CLA OO . 41.78 -52.14 -82.10
CHA CLA OO . 44.82 -50.55 -81.54
CHB CLA OO . 40.43 -49.19 -83.10
CHC CLA OO . 38.82 -53.76 -82.71
CHD CLA OO . 43.26 -55.19 -81.11
NA CLA OO . 42.52 -50.19 -82.26
C1A CLA OO . 43.82 -49.73 -81.99
C2A CLA OO . 43.93 -48.23 -82.25
C3A CLA OO . 42.50 -47.82 -82.65
C4A CLA OO . 41.75 -49.15 -82.69
CMA CLA OO . 41.90 -46.84 -81.68
CAA CLA OO . 44.90 -47.93 -83.39
CBA CLA OO . 44.55 -48.72 -84.64
CGA CLA OO . 45.53 -49.83 -84.84
O1A CLA OO . 46.72 -49.89 -84.50
O2A CLA OO . 44.99 -50.90 -85.50
NB CLA OO . 39.98 -51.58 -82.76
C1B CLA OO . 39.63 -50.33 -83.16
C2B CLA OO . 38.23 -50.34 -83.68
C3B CLA OO . 37.77 -51.63 -83.57
C4B CLA OO . 38.87 -52.43 -82.98
CMB CLA OO . 37.59 -49.13 -84.19
CAB CLA OO . 36.49 -52.21 -83.91
CBB CLA OO . 35.79 -51.94 -85.01
NC CLA OO . 41.16 -54.12 -81.90
C1C CLA OO . 39.90 -54.55 -82.21
C2C CLA OO . 39.81 -55.99 -81.95
C3C CLA OO . 41.07 -56.40 -81.52
C4C CLA OO . 41.91 -55.21 -81.50
CMC CLA OO . 38.60 -56.79 -82.15
CAC CLA OO . 41.48 -57.76 -81.16
CBC CLA OO . 41.02 -58.18 -79.79
ND CLA OO . 43.57 -52.78 -81.42
C1D CLA OO . 44.05 -54.06 -81.07
C2D CLA OO . 45.47 -53.96 -80.68
C3D CLA OO . 45.81 -52.63 -80.82
C4D CLA OO . 44.61 -51.94 -81.30
CMD CLA OO . 46.29 -55.09 -80.23
CAD CLA OO . 46.86 -51.64 -80.70
OBD CLA OO . 48.01 -51.76 -80.30
CBD CLA OO . 46.26 -50.28 -81.18
CGD CLA OO . 46.40 -49.22 -80.13
O1D CLA OO . 46.44 -49.38 -78.91
O2D CLA OO . 46.51 -47.96 -80.62
CED CLA OO . 47.78 -47.53 -81.11
C1 CLA OO . 44.45 -51.96 -84.68
C2 CLA OO . 43.16 -52.35 -85.29
C3 CLA OO . 42.92 -53.60 -85.74
C4 CLA OO . 43.94 -54.68 -85.66
C5 CLA OO . 41.60 -53.95 -86.35
MG CLA PO . 43.54 -56.34 -73.05
CHA CLA PO . 44.83 -57.59 -70.09
CHB CLA PO . 41.28 -58.88 -73.16
CHC CLA PO . 42.29 -55.04 -75.98
CHD CLA PO . 45.96 -53.77 -72.95
NA CLA PO . 43.13 -57.95 -71.80
C1A CLA PO . 43.78 -58.31 -70.62
C2A CLA PO . 43.16 -59.56 -70.01
C3A CLA PO . 42.08 -59.97 -71.04
C4A CLA PO . 42.14 -58.85 -72.07
CMA CLA PO . 42.38 -61.32 -71.64
CAA CLA PO . 42.52 -59.22 -68.67
CBA CLA PO . 42.29 -60.45 -67.82
CGA CLA PO . 40.99 -61.09 -68.18
O1A CLA PO . 40.09 -60.66 -68.90
O2A CLA PO . 40.82 -62.31 -67.61
NB CLA PO . 42.12 -56.89 -74.35
C1B CLA PO . 41.25 -57.92 -74.19
C2B CLA PO . 40.21 -57.90 -75.26
C3B CLA PO . 40.49 -56.82 -76.05
C4B CLA PO . 41.70 -56.15 -75.48
CMB CLA PO . 39.13 -58.88 -75.35
CAB CLA PO . 39.79 -56.30 -77.20
CBB CLA PO . 38.48 -56.15 -77.31
NC CLA PO . 44.03 -54.70 -74.24
C1C CLA PO . 43.39 -54.35 -75.38
C2C CLA PO . 44.00 -53.16 -75.95
C3C CLA PO . 45.04 -52.80 -75.10
C4C CLA PO . 45.06 -53.77 -74.02
CMC CLA PO . 43.55 -52.51 -77.19
CAC CLA PO . 45.96 -51.66 -75.26
CBC CLA PO . 45.63 -50.50 -74.36
ND CLA PO . 44.97 -55.69 -71.79
C1D CLA PO . 45.93 -54.65 -71.90
C2D CLA PO . 46.83 -54.70 -70.73
C3D CLA PO . 46.44 -55.80 -70.00
C4D CLA PO . 45.30 -56.41 -70.72
CMD CLA PO . 47.91 -53.75 -70.46
CAD CLA PO . 46.68 -56.59 -68.81
OBD CLA PO . 47.45 -56.40 -67.89
CBD CLA PO . 45.72 -57.82 -68.90
CGD CLA PO . 46.56 -59.06 -69.05
O1D CLA PO . 47.79 -59.13 -69.00
O2D CLA PO . 45.86 -60.21 -69.26
CED CLA PO . 45.84 -61.15 -68.20
C1 CLA PO . 40.17 -63.32 -68.40
C2 CLA PO . 40.31 -64.59 -67.65
C3 CLA PO . 39.92 -65.78 -68.15
C4 CLA PO . 39.33 -65.92 -69.50
C5 CLA PO . 40.08 -67.02 -67.34
MG CLA QO . 30.09 -74.35 -78.85
CHA CLA QO . 30.65 -77.76 -79.05
CHB CLA QO . 31.13 -74.36 -75.62
CHC CLA QO . 29.50 -70.97 -78.72
CHD CLA QO . 28.97 -74.41 -82.21
NA CLA QO . 30.78 -75.84 -77.55
C1A CLA QO . 30.94 -77.21 -77.83
C2A CLA QO . 31.45 -77.96 -76.60
C3A CLA QO . 31.52 -76.86 -75.51
C4A CLA QO . 31.13 -75.59 -76.26
CMA CLA QO . 30.61 -77.15 -74.34
CAA CLA QO . 32.78 -78.64 -76.87
CBA CLA QO . 33.97 -77.86 -76.35
CGA CLA QO . 35.18 -78.23 -77.14
O1A CLA QO . 35.63 -79.35 -77.39
O2A CLA QO . 35.86 -77.14 -77.62
NB CLA QO . 30.14 -72.96 -77.40
C1B CLA QO . 30.80 -73.13 -76.22
C2B CLA QO . 31.18 -71.80 -75.65
C3B CLA QO . 30.72 -70.85 -76.52
C4B CLA QO . 30.06 -71.57 -77.64
CMB CLA QO . 31.90 -71.65 -74.40
CAB CLA QO . 30.82 -69.42 -76.48
CBB CLA QO . 31.97 -68.75 -76.56
NC CLA QO . 29.35 -72.96 -80.21
C1C CLA QO . 29.15 -71.63 -79.93
C2C CLA QO . 28.57 -70.95 -81.09
C3C CLA QO . 28.47 -71.91 -82.10
C4C CLA QO . 28.95 -73.16 -81.54
CMC CLA QO . 28.23 -69.53 -81.12
CAC CLA QO . 27.94 -71.70 -83.46
CBC CLA QO . 26.44 -71.61 -83.50
ND CLA QO . 29.98 -75.67 -80.37
C1D CLA QO . 29.45 -75.58 -81.68
C2D CLA QO . 29.51 -76.92 -82.32
C3D CLA QO . 30.00 -77.78 -81.36
C4D CLA QO . 30.22 -76.97 -80.16
CMD CLA QO . 29.13 -77.20 -83.70
CAD CLA QO . 30.39 -79.14 -81.06
OBD CLA QO . 30.49 -80.11 -81.81
CBD CLA QO . 30.71 -79.18 -79.54
CGD CLA QO . 29.71 -80.02 -78.79
O1D CLA QO . 28.82 -79.62 -78.03
O2D CLA QO . 29.83 -81.36 -79.01
CED CLA QO . 28.94 -82.22 -78.30
C1 CLA QO . 37.11 -77.27 -78.37
C2 CLA QO . 37.27 -76.09 -79.27
C3 CLA QO . 38.40 -75.35 -79.35
C4 CLA QO . 39.59 -75.63 -78.52
C5 CLA QO . 38.49 -74.19 -80.27
MG CLA RO . 22.38 -66.62 -86.40
CHA CLA RO . 21.07 -69.41 -87.97
CHB CLA RO . 24.99 -66.66 -88.55
CHC CLA RO . 23.80 -64.06 -84.62
CHD CLA RO . 19.73 -66.73 -84.08
NA CLA RO . 22.86 -67.78 -88.06
C1A CLA RO . 22.21 -68.91 -88.56
C2A CLA RO . 22.90 -69.43 -89.82
C3A CLA RO . 23.98 -68.36 -90.11
C4A CLA RO . 23.94 -67.52 -88.84
CMA CLA RO . 25.33 -68.95 -90.34
CAA CLA RO . 21.90 -69.43 -90.97
CBA CLA RO . 22.49 -69.99 -92.24
CGA CLA RO . 22.39 -71.48 -92.24
O1A CLA RO . 23.02 -72.30 -92.91
O2A CLA RO . 21.44 -71.94 -91.37
NB CLA RO . 24.01 -65.47 -86.63
C1B CLA RO . 25.06 -65.87 -87.40
C2B CLA RO . 26.33 -65.36 -86.85
C3B CLA RO . 26.02 -64.62 -85.74
C4B CLA RO . 24.53 -64.66 -85.61
CMB CLA RO . 27.62 -65.66 -87.49
CAB CLA RO . 26.87 -63.88 -84.84
CBB CLA RO . 26.93 -64.06 -83.52
NC CLA RO . 21.79 -65.51 -84.74
C1C CLA RO . 22.48 -64.45 -84.24
C2C CLA RO . 21.76 -63.85 -83.13
C3C CLA RO . 20.66 -64.68 -82.89
C4C CLA RO . 20.68 -65.71 -83.92
CMC CLA RO . 22.20 -62.67 -82.38
CAC CLA RO . 19.61 -64.50 -81.87
CBC CLA RO . 18.37 -63.86 -82.45
ND CLA RO . 20.69 -67.69 -86.12
C1D CLA RO . 19.73 -67.67 -85.08
C2D CLA RO . 18.78 -68.79 -85.29
C3D CLA RO . 19.26 -69.51 -86.37
C4D CLA RO . 20.47 -68.79 -86.84
CMD CLA RO . 17.63 -69.02 -84.42
CAD CLA RO . 19.06 -70.63 -87.27
OBD CLA RO . 18.17 -71.46 -87.34
CBD CLA RO . 20.29 -70.67 -88.23
CGD CLA RO . 21.12 -71.86 -87.87
O1D CLA RO . 20.85 -72.72 -87.02
O2D CLA RO . 22.30 -71.97 -88.53
CED CLA RO . 23.49 -72.05 -87.76
MG CLA SO . 32.67 -80.21 -84.97
CHA CLA SO . 32.82 -83.67 -85.11
CHB CLA SO . 33.73 -80.31 -81.75
CHC CLA SO . 32.56 -76.78 -84.90
CHD CLA SO . 31.48 -80.17 -88.30
NA CLA SO . 33.20 -81.76 -83.67
C1A CLA SO . 33.20 -83.14 -83.91
C2A CLA SO . 33.66 -83.92 -82.69
C3A CLA SO . 33.82 -82.83 -81.61
C4A CLA SO . 33.59 -81.53 -82.38
CMA CLA SO . 32.83 -83.00 -80.48
CAA CLA SO . 34.99 -84.60 -82.96
CBA CLA SO . 36.15 -83.85 -82.32
CGA CLA SO . 36.82 -82.96 -83.32
O1A CLA SO . 37.61 -83.26 -84.23
O2A CLA SO . 36.49 -81.64 -83.17
NB CLA SO . 33.00 -78.82 -83.57
C1B CLA SO . 33.53 -79.05 -82.35
C2B CLA SO . 33.89 -77.77 -81.70
C3B CLA SO . 33.57 -76.77 -82.58
C4B CLA SO . 33.00 -77.42 -83.78
CMB CLA SO . 34.48 -77.72 -80.39
CAB CLA SO . 33.73 -75.34 -82.45
CBB CLA SO . 32.78 -74.51 -82.01
NC CLA SO . 32.12 -78.75 -86.36
C1C CLA SO . 32.16 -77.40 -86.11
C2C CLA SO . 31.71 -76.67 -87.28
C3C CLA SO . 31.40 -77.63 -88.25
C4C CLA SO . 31.67 -78.94 -87.66
CMC CLA SO . 31.63 -75.21 -87.38
CAC CLA SO . 30.92 -77.37 -89.62
CBC CLA SO . 32.05 -77.16 -90.58
ND CLA SO . 32.34 -81.54 -86.45
C1D CLA SO . 31.78 -81.40 -87.75
C2D CLA SO . 31.62 -82.74 -88.35
C3D CLA SO . 32.03 -83.65 -87.40
C4D CLA SO . 32.43 -82.86 -86.22
CMD CLA SO . 31.13 -82.99 -89.70
CAD CLA SO . 32.24 -85.05 -87.06
OBD CLA SO . 32.11 -86.04 -87.77
CBD CLA SO . 32.66 -85.10 -85.57
CGD CLA SO . 31.60 -85.78 -84.74
O1D CLA SO . 30.40 -85.50 -84.69
O2D CLA SO . 32.06 -86.82 -83.99
CED CLA SO . 31.24 -87.26 -82.90
C1 CLA SO . 36.95 -80.72 -84.18
C2 CLA SO . 35.99 -80.78 -85.31
C3 CLA SO . 36.05 -79.94 -86.35
C4 CLA SO . 35.10 -80.00 -87.48
MG CLA TO . 14.15 -56.87 -75.83
CHA CLA TO . 11.28 -58.15 -74.34
CHB CLA TO . 13.37 -58.49 -78.72
CHC CLA TO . 16.98 -55.57 -77.25
CHD CLA TO . 14.88 -55.16 -72.82
NA CLA TO . 12.56 -58.09 -76.41
C1A CLA TO . 11.46 -58.52 -75.65
C2A CLA TO . 10.51 -59.35 -76.49
C3A CLA TO . 11.17 -59.39 -77.88
C4A CLA TO . 12.46 -58.60 -77.68
CMA CLA TO . 11.42 -60.80 -78.35
CAA CLA TO . 9.23 -58.56 -76.62
CBA CLA TO . 9.44 -57.23 -77.35
CGA CLA TO . 9.92 -56.14 -76.42
O1A CLA TO . 9.42 -55.75 -75.36
O2A CLA TO . 11.07 -55.53 -76.85
NB CLA TO . 14.96 -56.93 -77.67
C1B CLA TO . 14.58 -57.78 -78.65
C2B CLA TO . 15.65 -57.89 -79.68
C3B CLA TO . 16.67 -57.07 -79.27
C4B CLA TO . 16.24 -56.45 -77.99
CMB CLA TO . 15.54 -58.73 -80.86
CAB CLA TO . 17.95 -56.78 -79.87
CBB CLA TO . 18.12 -56.09 -81.00
NC CLA TO . 15.64 -55.59 -75.16
C1C CLA TO . 16.70 -55.16 -75.92
C2C CLA TO . 17.52 -54.24 -75.16
C3C CLA TO . 16.96 -54.15 -73.90
C4C CLA TO . 15.77 -54.98 -73.90
CMC CLA TO . 18.74 -53.59 -75.67
CAC CLA TO . 17.44 -53.32 -72.78
CBC CLA TO . 16.96 -51.89 -72.89
ND CLA TO . 13.37 -56.71 -73.98
C1D CLA TO . 13.76 -55.97 -72.84
C2D CLA TO . 12.80 -56.21 -71.75
C3D CLA TO . 11.83 -57.05 -72.26
C4D CLA TO . 12.21 -57.31 -73.66
CMD CLA TO . 12.91 -55.66 -70.41
CAD CLA TO . 10.60 -57.76 -72.00
OBD CLA TO . 9.96 -57.85 -70.95
CBD CLA TO . 10.20 -58.47 -73.33
CGD CLA TO . 10.01 -59.94 -73.13
O1D CLA TO . 10.86 -60.76 -72.72
O2D CLA TO . 8.77 -60.39 -73.42
CED CLA TO . 8.62 -61.40 -74.43
C1 CLA TO . 11.66 -54.57 -75.96
C2 CLA TO . 12.79 -53.94 -76.68
C3 CLA TO . 13.61 -53.02 -76.13
C4 CLA TO . 13.46 -52.56 -74.74
C5 CLA TO . 14.73 -52.43 -76.92
MG CLA UO . 18.51 -59.45 -65.92
CHA CLA UO . 19.33 -61.13 -63.01
CHB CLA UO . 16.45 -61.99 -66.80
CHC CLA UO . 17.79 -57.77 -68.81
CHD CLA UO . 20.67 -56.83 -64.95
NA CLA UO . 17.98 -61.25 -65.02
C1A CLA UO . 18.43 -61.78 -63.80
C2A CLA UO . 17.79 -63.14 -63.52
C3A CLA UO . 16.91 -63.39 -64.77
C4A CLA UO . 17.11 -62.13 -65.59
CMA CLA UO . 17.36 -64.64 -65.48
CAA CLA UO . 16.92 -63.10 -62.28
CBA CLA UO . 15.45 -63.29 -62.65
CGA CLA UO . 14.57 -62.58 -61.68
O1A CLA UO . 13.68 -63.05 -60.97
O2A CLA UO . 14.80 -61.24 -61.62
NB CLA UO . 17.30 -59.79 -67.48
C1B CLA UO . 16.58 -60.92 -67.68
C2B CLA UO . 15.93 -60.87 -69.03
C3B CLA UO . 16.31 -59.69 -69.62
C4B CLA UO . 17.20 -58.99 -68.65
CMB CLA UO . 15.09 -61.94 -69.55
CAB CLA UO . 15.99 -59.18 -70.92
CBB CLA UO . 15.66 -57.93 -71.19
NC CLA UO . 19.11 -57.61 -66.72
C1C CLA UO . 18.67 -57.11 -67.91
C2C CLA UO . 19.26 -55.81 -68.15
C3C CLA UO . 20.10 -55.55 -67.06
C4C CLA UO . 19.99 -56.69 -66.17
CMC CLA UO . 19.00 -54.97 -69.32
CAC CLA UO . 20.93 -54.33 -66.84
CBC CLA UO . 22.42 -54.58 -66.84
ND CLA UO . 19.74 -59.02 -64.40
C1D CLA UO . 20.57 -57.91 -64.11
C2D CLA UO . 21.28 -58.13 -62.83
C3D CLA UO . 20.83 -59.35 -62.38
C4D CLA UO . 19.87 -59.86 -63.37
CMD CLA UO . 22.24 -57.22 -62.23
CAD CLA UO . 20.93 -60.33 -61.32
OBD CLA UO . 21.61 -60.30 -60.30
CBD CLA UO . 19.96 -61.49 -61.68
CGD CLA UO . 20.71 -62.80 -61.73
O1D CLA UO . 21.68 -63.08 -62.43
O2D CLA UO . 20.20 -63.75 -60.89
CED CLA UO . 21.04 -64.86 -60.57
C1 CLA UO . 14.44 -60.48 -62.79
C2 CLA UO . 15.15 -59.18 -62.70
C3 CLA UO . 15.39 -58.41 -63.78
C4 CLA UO . 14.97 -58.81 -65.13
C5 CLA UO . 16.11 -57.11 -63.65
MG CLA VO . 26.98 -64.15 -66.66
CHA CLA VO . 26.78 -67.60 -66.41
CHB CLA VO . 24.43 -63.85 -64.45
CHC CLA VO . 27.36 -60.76 -66.80
CHD CLA VO . 29.68 -64.52 -68.94
NA CLA VO . 25.78 -65.52 -65.66
C1A CLA VO . 25.86 -66.91 -65.67
C2A CLA VO . 24.78 -67.53 -64.77
C3A CLA VO . 23.91 -66.32 -64.38
C4A CLA VO . 24.75 -65.13 -64.85
CMA CLA VO . 22.56 -66.38 -65.06
CAA CLA VO . 25.45 -68.08 -63.51
CBA CLA VO . 25.26 -67.14 -62.34
CGA CLA VO . 26.57 -66.76 -61.71
O1A CLA VO . 27.23 -67.40 -60.90
O2A CLA VO . 27.02 -65.54 -62.11
NB CLA VO . 25.98 -62.60 -65.89
C1B CLA VO . 25.13 -62.71 -64.84
C2B CLA VO . 25.03 -61.41 -64.12
C3B CLA VO . 25.86 -60.53 -64.77
C4B CLA VO . 26.47 -61.27 -65.91
CMB CLA VO . 24.19 -61.20 -62.94
CAB CLA VO . 26.15 -59.14 -64.50
CBB CLA VO . 27.36 -58.68 -64.15
NC CLA VO . 28.25 -62.89 -67.73
C1C CLA VO . 28.19 -61.52 -67.66
C2C CLA VO . 29.17 -60.94 -68.56
C3C CLA VO . 29.88 -61.99 -69.11
C4C CLA VO . 29.28 -63.22 -68.60
CMC CLA VO . 29.37 -59.51 -68.75
CAC CLA VO . 30.98 -61.91 -70.10
CBC CLA VO . 32.33 -61.81 -69.44
ND CLA VO . 28.04 -65.65 -67.49
C1D CLA VO . 29.12 -65.66 -68.43
C2D CLA VO . 29.47 -67.06 -68.71
C3D CLA VO . 28.62 -67.85 -67.95
C4D CLA VO . 27.74 -66.92 -67.23
CMD CLA VO . 30.54 -67.47 -69.62
CAD CLA VO . 28.23 -69.19 -67.59
OBD CLA VO . 28.70 -70.26 -67.95
CBD CLA VO . 27.02 -69.07 -66.62
CGD CLA VO . 25.82 -69.73 -67.21
O1D CLA VO . 25.29 -69.51 -68.30
O2D CLA VO . 25.30 -70.71 -66.43
CED CLA VO . 25.31 -72.05 -66.95
C1 CLA VO . 26.71 -64.40 -61.28
C2 CLA VO . 27.57 -63.27 -61.72
C3 CLA VO . 27.51 -62.05 -61.15
C4 CLA VO . 26.58 -61.73 -60.05
C5 CLA VO . 28.40 -60.94 -61.61
MG CLA WO . 33.22 -49.33 -83.31
CHA CLA WO . 35.26 -46.60 -82.79
CHB CLA WO . 31.58 -47.59 -85.70
CHC CLA WO . 31.39 -52.14 -83.99
CHD CLA WO . 35.07 -51.12 -80.90
NA CLA WO . 33.36 -47.37 -84.04
C1A CLA WO . 34.28 -46.39 -83.71
C2A CLA WO . 34.04 -45.10 -84.49
C3A CLA WO . 32.73 -45.39 -85.23
C4A CLA WO . 32.51 -46.88 -84.99
CMA CLA WO . 31.61 -44.55 -84.67
CAA CLA WO . 35.17 -44.79 -85.44
CBA CLA WO . 34.71 -44.82 -86.88
CGA CLA WO . 35.41 -45.93 -87.60
O1A CLA WO . 36.41 -45.87 -88.33
O2A CLA WO . 34.84 -47.15 -87.38
NB CLA WO . 31.70 -49.76 -84.55
C1B CLA WO . 31.28 -48.95 -85.56
C2B CLA WO . 30.42 -49.72 -86.49
C3B CLA WO . 30.36 -51.01 -86.02
C4B CLA WO . 31.17 -51.05 -84.77
CMB CLA WO . 29.83 -49.10 -87.68
CAB CLA WO . 29.70 -52.18 -86.52
CBB CLA WO . 29.07 -52.31 -87.69
NC CLA WO . 33.20 -51.26 -82.52
C1C CLA WO . 32.35 -52.24 -82.92
C2C CLA WO . 32.60 -53.45 -82.16
C3C CLA WO . 33.67 -53.18 -81.31
C4C CLA WO . 34.03 -51.79 -81.54
CMC CLA WO . 31.91 -54.72 -82.30
CAC CLA WO . 34.29 -54.10 -80.35
CBC CLA WO . 35.42 -54.87 -80.97
ND CLA WO . 34.74 -48.98 -82.04
C1D CLA WO . 35.42 -49.81 -81.13
C2D CLA WO . 36.53 -49.05 -80.52
C3D CLA WO . 36.51 -47.82 -81.15
C4D CLA WO . 35.39 -47.82 -82.09
CMD CLA WO . 37.44 -49.57 -79.52
CAD CLA WO . 37.16 -46.54 -81.25
OBD CLA WO . 38.16 -46.15 -80.69
CBD CLA WO . 36.39 -45.70 -82.32
CGD CLA WO . 35.90 -44.37 -81.83
O1D CLA WO . 35.55 -43.41 -82.51
O2D CLA WO . 35.87 -44.24 -80.48
CED CLA WO . 35.54 -42.94 -79.97
C1 CLA WO . 34.41 -47.87 -88.55
C2 CLA WO . 33.90 -49.19 -88.10
C3 CLA WO . 33.30 -50.04 -88.94
C4 CLA WO . 33.09 -49.72 -90.37
C5 CLA WO . 32.79 -51.36 -88.47
MG CLA XO . 31.35 -46.57 -66.34
CHA CLA XO . 32.44 -43.37 -65.57
CHB CLA XO . 34.16 -47.85 -64.92
CHC CLA XO . 30.11 -49.70 -66.90
CHD CLA XO . 28.43 -45.17 -67.76
NA CLA XO . 33.03 -45.72 -65.44
C1A CLA XO . 33.29 -44.37 -65.20
C2A CLA XO . 34.62 -44.19 -64.49
C3A CLA XO . 35.21 -45.62 -64.47
C4A CLA XO . 34.07 -46.48 -64.97
CMA CLA XO . 36.44 -45.74 -65.32
CAA CLA XO . 34.37 -43.71 -63.08
CBA CLA XO . 33.87 -44.83 -62.17
CGA CLA XO . 32.37 -45.00 -62.23
O1A CLA XO . 31.50 -44.24 -61.79
O2A CLA XO . 31.97 -46.14 -62.87
NB CLA XO . 32.02 -48.42 -66.00
C1B CLA XO . 33.16 -48.74 -65.35
C2B CLA XO . 33.23 -50.21 -65.15
C3B CLA XO . 32.09 -50.75 -65.70
C4B CLA XO . 31.31 -49.61 -66.26
CMB CLA XO . 34.34 -50.87 -64.48
CAB CLA XO . 31.66 -52.12 -65.78
CBB CLA XO . 30.89 -52.72 -64.87
NC CLA XO . 29.61 -47.29 -67.23
C1C CLA XO . 29.33 -48.62 -67.36
C2C CLA XO . 28.03 -48.78 -68.01
C3C CLA XO . 27.54 -47.50 -68.24
C4C CLA XO . 28.54 -46.57 -67.74
CMC CLA XO . 27.41 -50.07 -68.32
CAC CLA XO . 26.25 -47.15 -68.85
CBC CLA XO . 25.12 -47.18 -67.86
ND CLA XO . 30.60 -44.73 -66.71
C1D CLA XO . 29.37 -44.29 -67.27
C2D CLA XO . 29.32 -42.82 -67.23
C3D CLA XO . 30.47 -42.41 -66.59
C4D CLA XO . 31.22 -43.64 -66.27
CMD CLA XO . 28.22 -42.02 -67.75
CAD CLA XO . 31.25 -41.28 -66.13
OBD CLA XO . 31.04 -40.08 -66.24
CBD CLA XO . 32.50 -41.88 -65.40
CGD CLA XO . 33.79 -41.32 -65.94
O1D CLA XO . 34.65 -41.94 -66.56
O2D CLA XO . 33.98 -40.00 -65.69
CED CLA XO . 33.76 -39.54 -64.36
C1 CLA XO . 32.09 -47.37 -62.14
C2 CLA XO . 30.94 -48.22 -62.53
C3 CLA XO . 30.78 -49.49 -62.12
C4 CLA XO . 31.77 -50.16 -61.25
C5 CLA XO . 29.60 -50.28 -62.53
MG CLA YO . 27.85 -37.87 -73.58
CHA CLA YO . 29.56 -35.45 -75.37
CHB CLA YO . 26.57 -35.46 -71.55
CHC CLA YO . 26.08 -40.29 -71.92
CHD CLA YO . 29.30 -40.36 -75.63
NA CLA YO . 28.04 -35.80 -73.51
C1A CLA YO . 28.77 -34.97 -74.37
C2A CLA YO . 28.62 -33.50 -73.97
C3A CLA YO . 27.70 -33.56 -72.73
C4A CLA YO . 27.39 -35.04 -72.58
CMA CLA YO . 28.35 -32.97 -71.51
CAA CLA YO . 27.87 -32.75 -75.05
CBA CLA YO . 26.72 -33.58 -75.60
CGA CLA YO . 25.39 -33.28 -74.98
O1A CLA YO . 24.66 -32.31 -75.16
O2A CLA YO . 24.97 -34.25 -74.11
NB CLA YO . 26.50 -37.86 -72.09
C1B CLA YO . 26.23 -36.80 -71.30
C2B CLA YO . 25.53 -37.24 -70.08
C3B CLA YO . 25.37 -38.60 -70.17
C4B CLA YO . 25.99 -39.01 -71.46
CMB CLA YO . 25.11 -36.33 -69.01
CAB CLA YO . 24.77 -39.53 -69.27
CBB CLA YO . 23.51 -39.43 -68.81
NC CLA YO . 27.70 -39.94 -73.78
C1C CLA YO . 26.87 -40.72 -73.01
C2C CLA YO . 26.95 -42.10 -73.45
C3C CLA YO . 27.90 -42.15 -74.47
C4C CLA YO . 28.36 -40.78 -74.68
CMC CLA YO . 26.19 -43.20 -72.86
CAC CLA YO . 28.30 -43.34 -75.22
CBC CLA YO . 27.32 -43.70 -76.30
ND CLA YO . 29.18 -37.97 -75.09
C1D CLA YO . 29.69 -39.06 -75.84
C2D CLA YO . 30.66 -38.54 -76.83
C3D CLA YO . 30.64 -37.16 -76.71
C4D CLA YO . 29.70 -36.86 -75.62
CMD CLA YO . 31.43 -39.40 -77.72
CAD CLA YO . 31.20 -35.90 -77.16
OBD CLA YO . 32.06 -35.68 -78.01
CBD CLA YO . 30.47 -34.76 -76.37
CGD CLA YO . 31.43 -33.81 -75.71
O1D CLA YO . 31.95 -33.92 -74.59
O2D CLA YO . 31.72 -32.72 -76.47
CED CLA YO . 31.10 -31.47 -76.13
C1 CLA YO . 24.81 -35.59 -74.63
C2 CLA YO . 23.36 -35.85 -74.74
C3 CLA YO . 22.55 -36.08 -73.70
C4 CLA YO . 23.03 -36.08 -72.30
MG CLA ZO . 27.57 -34.03 -63.69
CHA CLA ZO . 28.95 -32.49 -66.48
CHB CLA ZO . 26.96 -30.98 -62.32
CHC CLA ZO . 25.96 -35.59 -61.11
CHD CLA ZO . 28.19 -37.17 -65.19
NA CLA ZO . 27.96 -32.07 -64.29
C1A CLA ZO . 28.52 -31.63 -65.50
C2A CLA ZO . 28.60 -30.12 -65.55
C3A CLA ZO . 28.19 -29.69 -64.12
C4A CLA ZO . 27.65 -30.99 -63.51
CMA CLA ZO . 29.36 -29.16 -63.35
CAA CLA ZO . 27.61 -29.59 -66.59
CBA CLA ZO . 26.16 -29.75 -66.15
CGA CLA ZO . 25.57 -31.04 -66.65
O1A CLA ZO . 25.18 -31.32 -67.78
O2A CLA ZO . 25.50 -32.01 -65.68
NB CLA ZO . 26.69 -33.41 -62.00
C1B CLA ZO . 26.43 -32.11 -61.68
C2B CLA ZO . 25.49 -32.06 -60.53
C3B CLA ZO . 25.20 -33.35 -60.19
C4B CLA ZO . 25.97 -34.23 -61.11
CMB CLA ZO . 25.03 -30.81 -59.95
CAB CLA ZO . 24.35 -33.85 -59.14
CBB CLA ZO . 23.18 -34.45 -59.35
NC CLA ZO . 27.21 -36.02 -63.21
C1C CLA ZO . 26.55 -36.42 -62.08
C2C CLA ZO . 26.48 -37.88 -62.05
C3C CLA ZO . 27.07 -38.34 -63.21
C4C CLA ZO . 27.53 -37.16 -63.94
CMC CLA ZO . 25.85 -38.65 -60.97
CAC CLA ZO . 27.25 -39.73 -63.64
CBC CLA ZO . 28.41 -40.40 -62.93
ND CLA ZO . 28.44 -34.74 -65.38
C1D CLA ZO . 28.61 -36.05 -65.87
C2D CLA ZO . 29.29 -35.98 -67.19
C3D CLA ZO . 29.44 -34.63 -67.48
C4D CLA ZO . 28.88 -33.91 -66.31
CMD CLA ZO . 29.68 -37.13 -68.00
CAD CLA ZO . 29.95 -33.65 -68.40
OBD CLA ZO . 30.58 -33.81 -69.43
CBD CLA ZO . 29.58 -32.25 -67.83
CGD CLA ZO . 30.75 -31.32 -67.75
O1D CLA ZO . 30.74 -30.09 -67.63
O2D CLA ZO . 31.96 -31.93 -67.83
CED CLA ZO . 32.84 -31.52 -68.89
C1 CLA ZO . 24.19 -32.40 -65.25
C2 CLA ZO . 24.31 -33.80 -64.75
C3 CLA ZO . 23.29 -34.47 -64.18
C4 CLA ZO . 21.96 -33.87 -63.99
C5 CLA ZO . 23.47 -35.88 -63.71
MG CLA AP . 33.68 -38.11 -55.32
CHA CLA AP . 32.93 -39.12 -58.55
CHB CLA AP . 30.53 -36.86 -55.00
CHC CLA AP . 34.41 -37.28 -52.07
CHD CLA AP . 36.88 -39.54 -55.67
NA CLA AP . 32.03 -37.98 -56.61
C1A CLA AP . 31.91 -38.48 -57.90
C2A CLA AP . 30.53 -38.20 -58.48
C3A CLA AP . 29.85 -37.35 -57.37
C4A CLA AP . 30.86 -37.39 -56.24
CMA CLA AP . 29.59 -35.95 -57.84
CAA CLA AP . 29.74 -39.48 -58.70
CBA CLA AP . 30.10 -40.55 -57.69
CGA CLA AP . 29.10 -40.58 -56.57
O1A CLA AP . 27.98 -41.09 -56.55
O2A CLA AP . 29.55 -39.94 -55.44
NB CLA AP . 32.65 -37.25 -53.81
C1B CLA AP . 31.37 -36.82 -53.88
C2B CLA AP . 30.96 -36.26 -52.56
C3B CLA AP . 32.05 -36.38 -51.72
C4B CLA AP . 33.14 -36.99 -52.52
CMB CLA AP . 29.64 -35.72 -52.30
CAB CLA AP . 32.19 -35.98 -50.35
CBB CLA AP . 32.49 -36.79 -49.34
NC CLA AP . 35.36 -38.31 -54.12
C1C CLA AP . 35.45 -37.89 -52.82
C2C CLA AP . 36.76 -38.19 -52.28
C3C CLA AP . 37.46 -38.87 -53.29
C4C CLA AP . 36.56 -38.95 -54.43
CMC CLA AP . 37.20 -37.86 -50.93
CAC CLA AP . 38.83 -39.40 -53.21
CBC CLA AP . 39.84 -38.49 -53.89
ND CLA AP . 34.77 -38.98 -56.79
C1D CLA AP . 36.06 -39.57 -56.77
C2D CLA AP . 36.32 -40.17 -58.10
C3D CLA AP . 35.17 -40.00 -58.84
C4D CLA AP . 34.22 -39.29 -57.95
CMD CLA AP . 37.58 -40.79 -58.49
CAD CLA AP . 34.50 -40.18 -60.11
OBD CLA AP . 34.95 -40.57 -61.18
CBD CLA AP . 33.01 -39.77 -59.91
CGD CLA AP . 32.46 -38.89 -61.01
O1D CLA AP . 31.37 -39.01 -61.58
O2D CLA AP . 33.27 -37.86 -61.39
CED CLA AP . 32.65 -36.78 -62.09
C1 CLA AP . 30.75 -40.44 -54.82
C2 CLA AP . 30.68 -40.06 -53.39
C3 CLA AP . 31.73 -40.10 -52.54
C4 CLA AP . 33.09 -40.52 -52.97
C5 CLA AP . 31.56 -39.71 -51.12
MG CLA BP . 38.68 -48.00 -62.93
CHA CLA BP . 38.78 -51.11 -64.44
CHB CLA BP . 36.49 -49.18 -60.63
CHC CLA BP . 38.37 -44.81 -61.68
CHD CLA BP . 40.93 -46.80 -65.37
NA CLA BP . 37.84 -49.87 -62.58
C1A CLA BP . 37.98 -51.04 -63.34
C2A CLA BP . 37.16 -52.18 -62.70
C3A CLA BP . 36.65 -51.58 -61.37
C4A CLA BP . 37.00 -50.10 -61.52
CMA CLA BP . 35.19 -51.80 -61.14
CAA CLA BP . 37.95 -53.44 -62.45
CBA CLA BP . 37.16 -54.66 -62.92
CGA CLA BP . 38.04 -55.87 -62.86
O1A CLA BP . 38.57 -56.34 -61.87
O2A CLA BP . 38.25 -56.47 -64.06
NB CLA BP . 37.65 -47.17 -61.44
C1B CLA BP . 36.75 -47.80 -60.65
C2B CLA BP . 36.06 -46.82 -59.77
C3B CLA BP . 36.59 -45.58 -60.07
C4B CLA BP . 37.62 -45.79 -61.13
CMB CLA BP . 35.04 -47.22 -58.82
CAB CLA BP . 36.32 -44.27 -59.53
CBB CLA BP . 35.16 -43.85 -59.04
NC CLA BP . 39.56 -46.16 -63.41
C1C CLA BP . 39.30 -45.00 -62.75
C2C CLA BP . 40.08 -43.91 -63.34
C3C CLA BP . 40.78 -44.46 -64.41
C4C CLA BP . 40.45 -45.88 -64.45
CMC CLA BP . 40.05 -42.53 -62.88
CAC CLA BP . 41.70 -43.76 -65.32
CBC CLA BP . 43.14 -44.18 -65.15
ND CLA BP . 39.76 -48.75 -64.47
C1D CLA BP . 40.62 -48.13 -65.42
C2D CLA BP . 41.07 -49.15 -66.39
C3D CLA BP . 40.39 -50.30 -66.07
C4D CLA BP . 39.57 -50.00 -64.89
CMD CLA BP . 42.02 -48.90 -67.47
CAD CLA BP . 40.20 -51.70 -66.37
OBD CLA BP . 40.77 -52.40 -67.20
CBD CLA BP . 39.09 -52.22 -65.43
CGD CLA BP . 37.90 -52.59 -66.25
O1D CLA BP . 37.84 -52.68 -67.47
O2D CLA BP . 36.77 -52.87 -65.54
CED CLA BP . 35.84 -53.76 -66.15
C1 CLA BP . 39.26 -57.50 -64.09
C2 CLA BP . 40.33 -57.10 -65.04
C3 CLA BP . 41.20 -56.08 -64.86
C4 CLA BP . 41.19 -55.20 -63.67
C5 CLA BP . 42.23 -55.77 -65.88
MG CLA CP . 30.90 -52.90 -46.88
CHA CLA CP . 28.04 -54.74 -47.48
CHB CLA CP . 29.62 -50.32 -48.69
CHC CLA CP . 33.77 -51.14 -46.27
CHD CLA CP . 32.22 -55.64 -45.10
NA CLA CP . 29.10 -52.60 -47.90
C1A CLA CP . 28.04 -53.49 -48.05
C2A CLA CP . 26.93 -52.88 -48.89
C3A CLA CP . 27.51 -51.52 -49.33
C4A CLA CP . 28.84 -51.45 -48.59
CMA CLA CP . 27.69 -51.44 -50.83
CAA CLA CP . 25.66 -52.64 -48.08
CBA CLA CP . 25.95 -52.39 -46.62
CGA CLA CP . 25.05 -51.32 -46.12
O1A CLA CP . 25.09 -50.12 -46.39
O2A CLA CP . 24.08 -51.79 -45.27
NB CLA CP . 31.63 -51.14 -47.51
C1B CLA CP . 30.87 -50.16 -48.05
C2B CLA CP . 31.51 -48.84 -47.87
C3B CLA CP . 32.68 -49.05 -47.19
C4B CLA CP . 32.77 -50.52 -46.95
CMB CLA CP . 30.91 -47.58 -48.34
CAB CLA CP . 33.66 -48.12 -46.74
CBB CLA CP . 33.95 -47.90 -45.46
NC CLA CP . 32.66 -53.32 -45.87
C1C CLA CP . 33.72 -52.46 -45.76
C2C CLA CP . 34.81 -53.09 -45.03
C3C CLA CP . 34.37 -54.36 -44.68
C4C CLA CP . 33.03 -54.51 -45.23
CMC CLA CP . 36.08 -52.44 -44.72
CAC CLA CP . 35.12 -55.38 -43.94
CBC CLA CP . 34.59 -55.62 -42.56
ND CLA CP . 30.26 -54.69 -46.21
C1D CLA CP . 30.92 -55.74 -45.53
C2D CLA CP . 30.00 -56.89 -45.41
C3D CLA CP . 28.87 -56.55 -46.12
C4D CLA CP . 29.11 -55.20 -46.65
CMD CLA CP . 30.32 -58.10 -44.65
CAD CLA CP . 27.53 -56.94 -46.54
OBD CLA CP . 26.85 -57.90 -46.21
CBD CLA CP . 27.05 -55.86 -47.54
CGD CLA CP . 27.06 -56.43 -48.92
O1D CLA CP . 27.42 -55.86 -49.95
O2D CLA CP . 26.64 -57.72 -49.01
CED CLA CP . 25.24 -57.94 -49.08
C1 CLA CP . 22.70 -51.70 -45.67
C2 CLA CP . 22.30 -50.27 -45.55
C3 CLA CP . 21.04 -49.83 -45.50
C4 CLA CP . 19.88 -50.76 -45.53
C5 CLA CP . 20.73 -48.38 -45.39
MG CLA DP . 20.43 -56.97 -54.42
CHA CLA DP . 22.49 -54.66 -52.89
CHB CLA DP . 20.85 -55.37 -57.38
CHC CLA DP . 18.44 -59.35 -55.91
CHD CLA DP . 20.10 -58.65 -51.33
NA CLA DP . 21.50 -55.28 -55.01
C1A CLA DP . 22.32 -54.47 -54.23
C2A CLA DP . 22.94 -53.35 -55.05
C3A CLA DP . 22.37 -53.59 -56.46
C4A CLA DP . 21.51 -54.83 -56.30
CMA CLA DP . 21.57 -52.41 -56.96
CAA CLA DP . 24.43 -53.56 -55.08
CBA CLA DP . 25.20 -52.35 -54.62
CGA CLA DP . 25.47 -51.45 -55.79
O1A CLA DP . 24.66 -50.77 -56.41
O2A CLA DP . 26.79 -51.38 -56.15
NB CLA DP . 19.84 -57.34 -56.30
C1B CLA DP . 20.02 -56.50 -57.35
C2B CLA DP . 19.19 -56.94 -58.50
C3B CLA DP . 18.50 -58.07 -58.09
C4B CLA DP . 18.90 -58.33 -56.68
CMB CLA DP . 19.17 -56.24 -59.77
CAB CLA DP . 17.56 -58.89 -58.78
CBB CLA DP . 17.70 -59.32 -60.05
NC CLA DP . 19.43 -58.67 -53.73
C1C CLA DP . 18.69 -59.50 -54.52
C2C CLA DP . 18.16 -60.60 -53.71
C3C CLA DP . 18.63 -60.41 -52.42
C4C CLA DP . 19.44 -59.19 -52.44
CMC CLA DP . 17.31 -61.66 -54.22
CAC CLA DP . 18.38 -61.26 -51.25
CBC CLA DP . 17.40 -60.65 -50.27
ND CLA DP . 20.99 -56.69 -52.51
C1D CLA DP . 20.83 -57.48 -51.34
C2D CLA DP . 21.52 -56.83 -50.22
C3D CLA DP . 22.15 -55.73 -50.75
C4D CLA DP . 21.83 -55.71 -52.19
CMD CLA DP . 21.52 -57.29 -48.83
CAD CLA DP . 22.96 -54.57 -50.48
OBD CLA DP . 23.30 -54.11 -49.40
CBD CLA DP . 23.32 -53.94 -51.85
CGD CLA DP . 23.08 -52.47 -51.86
O1D CLA DP . 22.33 -51.83 -52.59
O2D CLA DP . 23.81 -51.79 -50.93
CED CLA DP . 24.15 -50.44 -51.21
C1 CLA DP . 27.60 -52.56 -56.01
C2 CLA DP . 28.90 -52.33 -56.68
C3 CLA DP . 29.06 -52.42 -58.01
C4 CLA DP . 27.94 -52.77 -58.92
C5 CLA DP . 30.39 -52.18 -58.65
MG CLA EP . 37.63 -73.11 -50.48
CHA CLA EP . 38.16 -75.10 -53.27
CHB CLA EP . 34.74 -74.80 -49.86
CHC CLA EP . 37.30 -71.33 -47.57
CHD CLA EP . 40.69 -71.49 -51.12
NA CLA EP . 36.61 -74.66 -51.46
C1A CLA EP . 37.00 -75.37 -52.59
C2A CLA EP . 35.96 -76.43 -52.96
C3A CLA EP . 34.82 -76.18 -51.96
C4A CLA EP . 35.41 -75.14 -51.01
CMA CLA EP . 33.57 -75.69 -52.64
CAA CLA EP . 36.54 -77.81 -52.77
CBA CLA EP . 37.51 -77.84 -51.62
CGA CLA EP . 38.50 -78.95 -51.81
O1A CLA EP . 38.72 -79.59 -52.83
O2A CLA EP . 39.24 -79.26 -50.69
NB CLA EP . 36.28 -73.06 -49.00
C1B CLA EP . 35.19 -73.87 -48.90
C2B CLA EP . 34.52 -73.64 -47.60
C3B CLA EP . 35.23 -72.66 -46.94
C4B CLA EP . 36.36 -72.27 -47.83
CMB CLA EP . 33.31 -74.36 -47.21
CAB CLA EP . 34.99 -72.06 -45.66
CBB CLA EP . 35.85 -72.09 -44.65
NC CLA EP . 38.75 -71.61 -49.58
C1C CLA EP . 38.42 -71.01 -48.40
C2C CLA EP . 39.41 -70.01 -48.05
C3C CLA EP . 40.41 -70.08 -49.02
C4C CLA EP . 39.98 -71.10 -49.98
CMC CLA EP . 39.35 -69.16 -46.87
CAC CLA EP . 41.64 -69.27 -49.07
CBC CLA EP . 41.83 -68.42 -50.30
ND CLA EP . 39.04 -73.11 -51.93
C1D CLA EP . 40.27 -72.44 -52.04
C2D CLA EP . 40.98 -72.92 -53.25
C3D CLA EP . 40.20 -73.93 -53.76
C4D CLA EP . 39.03 -74.04 -52.88
CMD CLA EP . 42.25 -72.38 -53.72
CAD CLA EP . 40.04 -74.89 -54.83
OBD CLA EP . 40.69 -75.04 -55.85
CBD CLA EP . 38.81 -75.77 -54.46
CGD CLA EP . 37.85 -76.00 -55.60
O1D CLA EP . 37.09 -76.95 -55.77
O2D CLA EP . 37.87 -75.03 -56.55
CED CLA EP . 37.00 -75.21 -57.66
C1 CLA EP . 38.85 -78.71 -49.41
C2 CLA EP . 37.83 -79.62 -48.83
C3 CLA EP . 36.69 -79.17 -48.28
C4 CLA EP . 36.35 -77.74 -48.19
C5 CLA EP . 35.70 -80.13 -47.72
MG CLA FP . 34.63 -68.69 -58.43
CHA CLA FP . 32.07 -70.52 -59.87
CHB CLA FP . 36.11 -71.57 -57.41
CHC CLA FP . 37.19 -66.83 -57.13
CHD CLA FP . 33.03 -65.72 -59.51
NA CLA FP . 34.14 -70.71 -58.62
C1A CLA FP . 33.04 -71.28 -59.26
C2A CLA FP . 33.06 -72.80 -59.17
C3A CLA FP . 34.27 -73.07 -58.26
C4A CLA FP . 34.91 -71.70 -58.08
CMA CLA FP . 33.83 -73.64 -56.93
CAA CLA FP . 33.26 -73.46 -60.53
CBA CLA FP . 34.03 -72.58 -61.50
CGA CLA FP . 33.17 -72.26 -62.69
O1A CLA FP . 32.52 -73.04 -63.41
O2A CLA FP . 33.12 -70.93 -62.99
NB CLA FP . 36.30 -69.11 -57.41
C1B CLA FP . 36.78 -70.36 -57.17
C2B CLA FP . 38.15 -70.27 -56.59
C3B CLA FP . 38.47 -68.93 -56.51
C4B CLA FP . 37.29 -68.18 -57.02
CMB CLA FP . 38.94 -71.43 -56.21
CAB CLA FP . 39.66 -68.32 -56.01
CBB CLA FP . 40.39 -67.42 -56.66
NC CLA FP . 35.01 -66.64 -58.31
C1C CLA FP . 36.11 -66.10 -57.73
C2C CLA FP . 36.05 -64.65 -57.82
C3C CLA FP . 34.89 -64.34 -58.51
C4C CLA FP . 34.24 -65.60 -58.82
CMC CLA FP . 37.07 -63.74 -57.30
CAC CLA FP . 34.40 -63.00 -58.87
CBC CLA FP . 35.09 -62.46 -60.09
ND CLA FP . 32.97 -68.17 -59.45
C1D CLA FP . 32.42 -66.92 -59.83
C2D CLA FP . 31.15 -67.15 -60.56
C3D CLA FP . 30.96 -68.51 -60.59
C4D CLA FP . 32.12 -69.10 -59.89
CMD CLA FP . 30.30 -66.09 -61.10
CAD CLA FP . 30.12 -69.60 -61.03
OBD CLA FP . 29.05 -69.57 -61.63
CBD CLA FP . 30.81 -70.92 -60.57
CGD CLA FP . 29.96 -71.71 -59.62
O1D CLA FP . 29.96 -71.64 -58.39
O2D CLA FP . 29.12 -72.58 -60.23
CED CLA FP . 29.70 -73.75 -60.83
C1 CLA FP . 32.11 -70.50 -63.92
C2 CLA FP . 32.30 -69.04 -64.11
C3 CLA FP . 31.29 -68.21 -64.40
C4 CLA FP . 29.90 -68.69 -64.55
C5 CLA FP . 31.52 -66.75 -64.59
MG CLA GP . 50.09 -58.16 -51.43
CHA CLA GP . 53.11 -57.07 -50.19
CHB CLA GP . 51.35 -58.11 -54.58
CHC CLA GP . 47.08 -59.33 -52.61
CHD CLA GP . 48.80 -58.21 -48.14
NA CLA GP . 51.94 -57.66 -52.23
C1A CLA GP . 53.09 -57.23 -51.54
C2A CLA GP . 54.23 -56.97 -52.52
C3A CLA GP . 53.62 -57.26 -53.90
C4A CLA GP . 52.20 -57.72 -53.57
CMA CLA GP . 53.61 -56.02 -54.75
CAA CLA GP . 55.35 -57.96 -52.27
CBA CLA GP . 54.84 -59.38 -52.37
CGA CLA GP . 55.99 -60.31 -52.45
O1A CLA GP . 57.02 -60.20 -53.12
O2A CLA GP . 55.83 -61.41 -51.65
NB CLA GP . 49.36 -58.65 -53.24
C1B CLA GP . 50.04 -58.53 -54.41
C2B CLA GP . 49.15 -58.91 -55.55
C3B CLA GP . 47.94 -59.27 -55.00
C4B CLA GP . 48.06 -59.10 -53.53
CMB CLA GP . 49.63 -58.89 -56.93
CAB CLA GP . 46.71 -59.72 -55.61
CBB CLA GP . 46.51 -60.01 -56.89
NC CLA GP . 48.27 -58.67 -50.53
C1C CLA GP . 47.19 -59.13 -51.20
C2C CLA GP . 46.11 -59.41 -50.26
C3C CLA GP . 46.59 -59.08 -48.99
C4C CLA GP . 47.95 -58.62 -49.18
CMC CLA GP . 44.79 -59.92 -50.63
CAC CLA GP . 45.88 -59.21 -47.71
CBC CLA GP . 45.86 -60.62 -47.20
ND CLA GP . 50.72 -57.72 -49.58
C1D CLA GP . 50.09 -57.79 -48.31
C2D CLA GP . 51.05 -57.35 -47.28
C3D CLA GP . 52.23 -57.07 -47.94
C4D CLA GP . 51.97 -57.32 -49.37
CMD CLA GP . 50.75 -57.28 -45.86
CAD CLA GP . 53.60 -56.63 -47.81
OBD CLA GP . 54.23 -56.30 -46.81
CBD CLA GP . 54.21 -56.62 -49.25
CGD CLA GP . 54.70 -55.25 -49.58
O1D CLA GP . 54.35 -54.19 -49.08
O2D CLA GP . 55.66 -55.23 -50.55
CED CLA GP . 55.73 -54.08 -51.39
C1 CLA GP . 57.02 -61.99 -51.10
C2 CLA GP . 56.61 -62.67 -49.84
C3 CLA GP . 55.95 -63.84 -49.85
C4 CLA GP . 55.60 -64.54 -51.10
C5 CLA GP . 55.54 -64.49 -48.57
MG CLA HP . 33.90 -34.21 -43.45
CHA CLA HP . 34.66 -31.11 -44.80
CHB CLA HP . 32.99 -32.69 -40.54
CHC CLA HP . 32.92 -37.26 -42.25
CHD CLA HP . 34.84 -35.72 -46.50
NA CLA HP . 33.89 -32.22 -42.79
C1A CLA HP . 34.23 -31.07 -43.51
C2A CLA HP . 34.08 -29.82 -42.66
C3A CLA HP . 33.78 -30.39 -41.26
C4A CLA HP . 33.52 -31.87 -41.52
CMA CLA HP . 34.93 -30.17 -40.32
CAA CLA HP . 32.92 -28.98 -43.16
CBA CLA HP . 31.65 -29.80 -43.25
CGA CLA HP . 30.55 -29.00 -43.89
O1A CLA HP . 30.54 -28.48 -45.00
O2A CLA HP . 29.46 -28.85 -43.09
NB CLA HP . 33.20 -34.87 -41.68
C1B CLA HP . 32.73 -34.06 -40.71
C2B CLA HP . 31.85 -34.84 -39.79
C3B CLA HP . 31.82 -36.12 -40.26
C4B CLA HP . 32.69 -36.16 -41.47
CMB CLA HP . 31.18 -34.25 -38.63
CAB CLA HP . 31.14 -37.28 -39.78
CBB CLA HP . 31.48 -37.96 -38.68
NC CLA HP . 33.94 -36.13 -44.21
C1C CLA HP . 33.52 -37.24 -43.53
C2C CLA HP . 33.71 -38.43 -44.35
C3C CLA HP . 34.21 -38.00 -45.57
C4C CLA HP . 34.36 -36.55 -45.47
CMC CLA HP . 33.38 -39.79 -43.94
CAC CLA HP . 34.58 -38.82 -46.72
CBC CLA HP . 36.03 -39.24 -46.65
ND CLA HP . 34.61 -33.62 -45.24
C1D CLA HP . 34.96 -34.35 -46.41
C2D CLA HP . 35.43 -33.39 -47.43
C3D CLA HP . 35.33 -32.13 -46.87
C4D CLA HP . 34.82 -32.34 -45.51
CMD CLA HP . 35.89 -33.76 -48.76
CAD CLA HP . 35.54 -30.71 -47.05
OBD CLA HP . 35.99 -30.11 -48.02
CBD CLA HP . 35.09 -30.02 -45.74
CGD CLA HP . 36.18 -29.20 -45.14
O1D CLA HP . 36.82 -29.42 -44.11
O2D CLA HP . 36.47 -28.07 -45.84
CED CLA HP . 35.96 -26.84 -45.34
C1 CLA HP . 28.18 -28.73 -43.75
C2 CLA HP . 27.28 -29.77 -43.20
C3 CLA HP . 26.05 -30.02 -43.67
C4 CLA HP . 25.47 -29.26 -44.80
C5 CLA HP . 25.21 -31.09 -43.07
MG CLA IP . 29.27 -32.73 -34.12
CHA CLA IP . 31.10 -30.14 -35.47
CHB CLA IP . 30.81 -32.26 -31.14
CHC CLA IP . 27.41 -35.30 -32.82
CHD CLA IP . 27.74 -33.24 -37.26
NA CLA IP . 30.72 -31.40 -33.44
C1A CLA IP . 31.36 -30.38 -34.16
C2A CLA IP . 32.36 -29.64 -33.29
C3A CLA IP . 32.27 -30.38 -31.93
C4A CLA IP . 31.18 -31.42 -32.16
CMA CLA IP . 33.58 -31.02 -31.56
CAA CLA IP . 32.00 -28.18 -33.14
CBA CLA IP . 31.52 -27.86 -31.74
CGA CLA IP . 30.03 -27.65 -31.78
O1A CLA IP . 29.40 -26.60 -31.63
O2A CLA IP . 29.35 -28.81 -32.03
NB CLA IP . 29.12 -33.61 -32.32
C1B CLA IP . 29.84 -33.27 -31.23
C2B CLA IP . 29.47 -34.16 -30.09
C3B CLA IP . 28.51 -35.02 -30.56
C4B CLA IP . 28.27 -34.69 -31.99
CMB CLA IP . 30.08 -34.04 -28.78
CAB CLA IP . 27.79 -36.07 -29.90
CBB CLA IP . 27.34 -36.02 -28.65
NC CLA IP . 27.82 -34.02 -34.90
C1C CLA IP . 27.19 -34.99 -34.18
C2C CLA IP . 26.24 -35.69 -35.04
C3C CLA IP . 26.34 -35.12 -36.30
C4C CLA IP . 27.34 -34.08 -36.21
CMC CLA IP . 25.38 -36.78 -34.60
CAC CLA IP . 25.59 -35.49 -37.51
CBC CLA IP . 26.40 -36.39 -38.42
ND CLA IP . 29.33 -31.92 -35.96
C1D CLA IP . 28.66 -32.23 -37.16
C2D CLA IP . 29.13 -31.32 -38.22
C3D CLA IP . 30.06 -30.49 -37.62
C4D CLA IP . 30.15 -30.91 -36.22
CMD CLA IP . 28.66 -31.33 -39.60
CAD CLA IP . 30.98 -29.37 -37.80
OBD CLA IP . 31.22 -28.73 -38.81
CBD CLA IP . 31.68 -29.14 -36.43
CGD CLA IP . 33.16 -29.28 -36.56
O1D CLA IP . 33.79 -29.98 -37.36
O2D CLA IP . 33.87 -28.52 -35.69
CED CLA IP . 35.30 -28.60 -35.75
C1 CLA IP . 27.96 -28.82 -31.66
C2 CLA IP . 27.27 -29.75 -32.58
C3 CLA IP . 26.78 -30.94 -32.19
C4 CLA IP . 26.89 -31.43 -30.80
C5 CLA IP . 26.09 -31.83 -33.17
MG CLA JP . 20.87 -44.67 -24.11
CHA CLA JP . 24.22 -43.83 -24.12
CHB CLA JP . 21.49 -47.18 -21.95
CHC CLA JP . 17.53 -45.37 -24.07
CHD CLA JP . 20.32 -42.19 -26.57
NA CLA JP . 22.61 -45.41 -23.24
C1A CLA JP . 23.92 -44.94 -23.39
C2A CLA JP . 24.89 -45.86 -22.63
C3A CLA JP . 23.99 -47.00 -22.08
C4A CLA JP . 22.59 -46.53 -22.45
CMA CLA JP . 24.31 -48.33 -22.68
CAA CLA JP . 25.78 -45.24 -21.56
CBA CLA JP . 25.07 -45.20 -20.22
CGA CLA JP . 23.82 -44.38 -20.36
O1A CLA JP . 22.65 -44.72 -20.16
O2A CLA JP . 24.07 -43.10 -20.78
NB CLA JP . 19.74 -46.13 -23.31
C1B CLA JP . 20.17 -46.80 -22.22
C2B CLA JP . 19.04 -47.08 -21.29
C3B CLA JP . 17.91 -46.58 -21.88
C4B CLA JP . 18.35 -45.98 -23.18
CMB CLA JP . 19.21 -47.79 -20.03
CAB CLA JP . 16.54 -46.57 -21.46
CBB CLA JP . 16.11 -46.39 -20.21
NC CLA JP . 19.23 -43.93 -25.15
C1C CLA JP . 17.95 -44.40 -25.02
C2C CLA JP . 17.07 -43.72 -25.95
C3C CLA JP . 17.86 -42.79 -26.63
C4C CLA JP . 19.22 -42.96 -26.15
CMC CLA JP . 15.63 -43.96 -26.06
CAC CLA JP . 17.44 -41.88 -27.70
CBC CLA JP . 17.53 -42.54 -29.06
ND CLA JP . 21.91 -43.21 -25.02
C1D CLA JP . 21.59 -42.30 -26.06
C2D CLA JP . 22.77 -41.48 -26.37
C3D CLA JP . 23.77 -41.93 -25.52
C4D CLA JP . 23.21 -43.08 -24.80
CMD CLA JP . 22.77 -40.35 -27.28
CAD CLA JP . 25.11 -41.76 -25.05
OBD CLA JP . 25.85 -40.79 -25.11
CBD CLA JP . 25.51 -43.09 -24.35
CGD CLA JP . 26.42 -43.79 -25.29
O1D CLA JP . 26.10 -44.50 -26.23
O2D CLA JP . 27.73 -43.55 -25.06
CED CLA JP . 28.20 -43.58 -23.70
C1 CLA JP . 25.17 -42.44 -20.16
C2 CLA JP . 25.73 -41.54 -21.18
C3 CLA JP . 27.05 -41.33 -21.32
C4 CLA JP . 27.57 -40.41 -22.35
C5 CLA JP . 28.03 -42.05 -20.45
MG CLA KP . 19.59 -52.77 -17.85
CHA CLA KP . 16.90 -52.40 -15.71
CHB CLA KP . 17.92 -51.02 -20.23
CHC CLA KP . 22.34 -53.04 -19.86
CHD CLA KP . 21.28 -54.55 -15.30
NA CLA KP . 17.71 -51.89 -17.94
C1A CLA KP . 16.74 -51.82 -16.94
C2A CLA KP . 15.50 -51.06 -17.40
C3A CLA KP . 15.82 -50.76 -18.88
C4A CLA KP . 17.25 -51.24 -19.04
CMA CLA KP . 14.88 -51.48 -19.80
CAA CLA KP . 15.40 -49.77 -16.62
CBA CLA KP . 15.78 -48.57 -17.46
CGA CLA KP . 16.58 -47.61 -16.65
O1A CLA KP . 16.64 -47.51 -15.43
O2A CLA KP . 17.32 -46.75 -17.41
NB CLA KP . 20.05 -52.15 -19.68
C1B CLA KP . 19.24 -51.44 -20.50
C2B CLA KP . 19.93 -51.14 -21.79
C3B CLA KP . 21.18 -51.71 -21.70
C4B CLA KP . 21.27 -52.36 -20.36
CMB CLA KP . 19.31 -50.40 -22.88
CAB CLA KP . 22.21 -51.71 -22.70
CBB CLA KP . 23.52 -51.67 -22.50
NC CLA KP . 21.46 -53.67 -17.62
C1C CLA KP . 22.43 -53.66 -18.57
C2C CLA KP . 23.61 -54.37 -18.09
C3C CLA KP . 23.32 -54.78 -16.80
C4C CLA KP . 21.96 -54.33 -16.50
CMC CLA KP . 24.85 -54.56 -18.85
CAC CLA KP . 24.20 -55.52 -15.89
CBC CLA KP . 23.81 -56.97 -15.76
ND CLA KP . 19.21 -53.43 -15.96
C1D CLA KP . 19.99 -54.14 -15.02
C2D CLA KP . 19.20 -54.33 -13.79
C3D CLA KP . 17.99 -53.69 -14.00
C4D CLA KP . 18.06 -53.14 -15.37
CMD CLA KP . 19.68 -55.04 -12.61
CAD CLA KP . 16.69 -53.35 -13.46
OBD CLA KP . 16.18 -53.67 -12.39
CBD CLA KP . 15.98 -52.48 -14.53
CGD CLA KP . 14.70 -53.10 -15.01
O1D CLA KP . 13.68 -52.52 -15.40
O2D CLA KP . 14.73 -54.46 -15.02
CED CLA KP . 14.94 -55.09 -16.29
C1 CLA KP . 17.67 -45.48 -16.81
C2 CLA KP . 18.23 -44.63 -17.88
C3 CLA KP . 18.64 -43.37 -17.68
C4 CLA KP . 18.59 -42.74 -16.33
C5 CLA KP . 19.20 -42.54 -18.79
MG CLA LP . 13.52 -51.93 -54.91
CHA CLA LP . 12.14 -53.04 -57.86
CHB CLA LP . 15.75 -54.49 -54.99
CHC CLA LP . 14.88 -50.75 -52.00
CHD CLA LP . 11.01 -49.44 -54.74
NA CLA LP . 13.88 -53.49 -56.24
C1A CLA LP . 13.20 -53.79 -57.42
C2A CLA LP . 13.77 -55.03 -58.10
C3A CLA LP . 14.81 -55.55 -57.07
C4A CLA LP . 14.85 -54.43 -56.03
CMA CLA LP . 14.37 -56.85 -56.45
CAA CLA LP . 14.47 -54.75 -59.42
CBA CLA LP . 14.72 -53.28 -59.73
CGA CLA LP . 15.95 -52.75 -59.06
O1A CLA LP . 16.23 -52.71 -57.86
O2A CLA LP . 16.84 -52.24 -59.95
NB CLA LP . 14.96 -52.57 -53.67
C1B CLA LP . 15.87 -53.53 -53.98
C2B CLA LP . 17.03 -53.46 -53.03
C3B CLA LP . 16.78 -52.41 -52.19
C4B CLA LP . 15.48 -51.83 -52.58
CMB CLA LP . 18.17 -54.38 -53.11
CAB CLA LP . 17.58 -51.90 -51.11
CBB CLA LP . 17.92 -52.59 -50.02
NC CLA LP . 13.05 -50.35 -53.63
C1C CLA LP . 13.75 -50.05 -52.49
C2C CLA LP . 13.16 -48.90 -51.84
C3C CLA LP . 12.04 -48.54 -52.60
C4C CLA LP . 11.98 -49.47 -53.73
CMC CLA LP . 13.65 -48.29 -50.61
CAC CLA LP . 11.12 -47.43 -52.34
CBC CLA LP . 11.64 -46.12 -52.88
ND CLA LP . 12.05 -51.20 -56.10
C1D CLA LP . 11.02 -50.24 -55.86
C2D CLA LP . 10.08 -50.27 -57.00
C3D CLA LP . 10.51 -51.28 -57.84
C4D CLA LP . 11.69 -51.88 -57.18
CMD CLA LP . 8.96 -49.35 -57.17
CAD CLA LP . 10.30 -51.99 -59.08
OBD CLA LP . 9.61 -51.71 -60.04
CBD CLA LP . 11.20 -53.26 -59.01
CGD CLA LP . 10.41 -54.50 -58.68
O1D CLA LP . 10.17 -55.46 -59.40
O2D CLA LP . 9.91 -54.49 -57.40
CED CLA LP . 10.38 -55.47 -56.47
C1 CLA LP . 16.59 -50.88 -60.40
C2 CLA LP . 16.26 -50.97 -61.84
C3 CLA LP . 17.20 -51.17 -62.79
C4 CLA LP . 16.86 -51.24 -64.22
C5 CLA LP . 18.64 -51.30 -62.42
MG CLA MP . 8.31 -49.80 -63.81
CHA CLA MP . 8.03 -51.74 -66.68
CHB CLA MP . 11.32 -51.23 -63.14
CHC CLA MP . 8.60 -47.75 -61.06
CHD CLA MP . 5.23 -48.29 -64.61
NA CLA MP . 9.45 -51.26 -64.75
C1A CLA MP . 9.16 -51.94 -65.95
C2A CLA MP . 10.28 -52.90 -66.29
C3A CLA MP . 11.22 -52.84 -65.07
C4A CLA MP . 10.65 -51.68 -64.25
CMA CLA MP . 11.23 -54.13 -64.29
CAA CLA MP . 10.98 -52.33 -67.51
CBA CLA MP . 11.89 -53.35 -68.13
CGA CLA MP . 13.24 -53.28 -67.50
O1A CLA MP . 14.13 -54.15 -67.47
O2A CLA MP . 13.48 -52.08 -66.89
NB CLA MP . 9.70 -49.54 -62.37
C1B CLA MP . 10.88 -50.20 -62.30
C2B CLA MP . 11.66 -49.69 -61.14
C3B CLA MP . 10.89 -48.71 -60.54
C4B CLA MP . 9.63 -48.61 -61.31
CMB CLA MP . 12.97 -50.22 -60.77
CAB CLA MP . 11.17 -47.90 -59.39
CBB CLA MP . 12.32 -47.24 -59.16
NC CLA MP . 7.10 -48.34 -62.96
C1C CLA MP . 7.41 -47.64 -61.83
C2C CLA MP . 6.35 -46.69 -61.54
C3C CLA MP . 5.41 -46.82 -62.55
C4C CLA MP . 5.89 -47.86 -63.45
CMC CLA MP . 6.34 -45.79 -60.39
CAC CLA MP . 4.15 -46.08 -62.71
CBC CLA MP . 4.25 -45.04 -63.81
ND CLA MP . 6.87 -50.00 -65.21
C1D CLA MP . 5.67 -49.28 -65.45
C2D CLA MP . 5.04 -49.79 -66.69
C3D CLA MP . 5.89 -50.76 -67.18
C4D CLA MP . 7.03 -50.83 -66.25
CMD CLA MP . 3.77 -49.32 -67.24
CAD CLA MP . 6.11 -51.73 -68.23
OBD CLA MP . 5.39 -52.07 -69.16
CBD CLA MP . 7.53 -52.33 -67.99
CGD CLA MP . 7.49 -53.84 -68.03
O1D CLA MP . 7.26 -54.53 -69.02
O2D CLA MP . 7.72 -54.46 -66.85
CED CLA MP . 8.12 -55.83 -66.91
MG CLA NP . 20.64 -58.66 -44.93
CHA CLA NP . 17.62 -57.64 -46.30
CHB CLA NP . 21.73 -55.45 -44.93
CHC CLA NP . 23.58 -59.72 -43.51
CHD CLA NP . 19.47 -61.99 -44.98
NA CLA NP . 19.78 -56.85 -45.52
C1A CLA NP . 18.50 -56.63 -46.05
C2A CLA NP . 18.28 -55.15 -46.34
C3A CLA NP . 19.62 -54.50 -45.94
C4A CLA NP . 20.45 -55.66 -45.41
CMA CLA NP . 20.28 -53.90 -47.16
CAA CLA NP . 17.13 -54.62 -45.48
CBA CLA NP . 17.54 -53.41 -44.65
CGA CLA NP . 16.38 -52.48 -44.48
O1A CLA NP . 15.34 -52.63 -43.81
O2A CLA NP . 16.52 -51.31 -45.18
NB CLA NP . 22.30 -57.74 -44.25
C1B CLA NP . 22.60 -56.44 -44.44
C2B CLA NP . 24.02 -56.19 -44.09
C3B CLA NP . 24.55 -57.39 -43.68
C4B CLA NP . 23.46 -58.39 -43.79
CMB CLA NP . 24.62 -54.87 -44.21
CAB CLA NP . 25.86 -57.79 -43.24
CBB CLA NP . 26.98 -57.06 -43.29
NC CLA NP . 21.39 -60.51 -44.36
C1C CLA NP . 22.61 -60.71 -43.79
C2C CLA NP . 22.81 -62.13 -43.50
C3C CLA NP . 21.65 -62.78 -43.93
C4C CLA NP . 20.76 -61.75 -44.46
CMC CLA NP . 24.01 -62.70 -42.90
CAC CLA NP . 21.37 -64.21 -43.84
CBC CLA NP . 21.47 -64.91 -45.18
ND CLA NP . 19.00 -59.66 -45.57
C1D CLA NP . 18.64 -61.03 -45.50
C2D CLA NP . 17.28 -61.20 -46.07
C3D CLA NP . 16.86 -59.93 -46.42
C4D CLA NP . 17.95 -59.02 -46.06
CMD CLA NP . 16.59 -62.47 -46.23
CAD CLA NP . 15.80 -59.14 -47.01
OBD CLA NP . 14.74 -59.50 -47.52
CBD CLA NP . 16.22 -57.65 -46.88
CGD CLA NP . 16.18 -56.95 -48.20
O1D CLA NP . 15.21 -56.41 -48.74
O2D CLA NP . 17.37 -56.92 -48.86
CED CLA NP . 17.35 -56.51 -50.23
C1 CLA NP . 15.47 -50.33 -45.04
C2 CLA NP . 15.87 -49.15 -45.85
C3 CLA NP . 15.09 -48.06 -45.97
C4 CLA NP . 13.78 -47.94 -45.31
C5 CLA NP . 15.53 -46.90 -46.81
MG CLA OP . 19.20 -48.61 -37.28
CHA CLA OP . 17.49 -50.80 -39.31
CHB CLA OP . 22.06 -49.21 -39.02
CHC CLA OP . 20.79 -46.30 -35.32
CHD CLA OP . 16.23 -48.11 -35.41
NA CLA OP . 19.67 -49.82 -38.91
C1A CLA OP . 18.81 -50.66 -39.62
C2A CLA OP . 19.55 -51.37 -40.74
C3A CLA OP . 21.01 -50.89 -40.59
C4A CLA OP . 20.92 -49.89 -39.43
CMA CLA OP . 21.94 -52.02 -40.26
CAA CLA OP . 18.99 -50.92 -42.08
CBA CLA OP . 19.06 -49.42 -42.24
CGA CLA OP . 17.76 -48.77 -41.87
O1A CLA OP . 16.69 -48.81 -42.44
O2A CLA OP . 17.84 -48.04 -40.70
NB CLA OP . 21.06 -47.89 -37.20
C1B CLA OP . 22.10 -48.28 -37.97
C2B CLA OP . 23.33 -47.55 -37.55
C3B CLA OP . 22.97 -46.73 -36.52
C4B CLA OP . 21.52 -46.92 -36.28
CMB CLA OP . 24.64 -47.74 -38.15
CAB CLA OP . 23.74 -45.80 -35.75
CBB CLA OP . 24.25 -44.67 -36.24
NC CLA OP . 18.61 -47.44 -35.67
C1C CLA OP . 19.43 -46.55 -35.02
C2C CLA OP . 18.69 -45.88 -33.97
C3C CLA OP . 17.41 -46.41 -33.96
C4C CLA OP . 17.36 -47.39 -35.04
CMC CLA OP . 19.26 -44.85 -33.08
CAC CLA OP . 16.30 -46.05 -33.06
CBC CLA OP . 15.27 -45.18 -33.74
ND CLA OP . 17.29 -49.26 -37.30
C1D CLA OP . 16.17 -49.00 -36.46
C2D CLA OP . 15.01 -49.77 -36.96
C3D CLA OP . 15.45 -50.45 -38.07
C4D CLA OP . 16.88 -50.12 -38.23
CMD CLA OP . 13.68 -49.74 -36.37
CAD CLA OP . 15.10 -51.35 -39.14
OBD CLA OP . 14.00 -51.81 -39.44
CBD CLA OP . 16.40 -51.65 -39.93
CGD CLA OP . 16.77 -53.10 -39.85
O1D CLA OP . 17.36 -53.77 -40.70
O2D CLA OP . 16.39 -53.69 -38.69
CED CLA OP . 16.98 -54.95 -38.35
C1 CLA OP . 16.65 -47.36 -40.30
C2 CLA OP . 16.91 -46.71 -38.98
C3 CLA OP . 17.34 -45.45 -38.85
C4 CLA OP . 17.59 -44.58 -40.02
C5 CLA OP . 17.58 -44.87 -37.51
MG CLA PP . 28.02 -44.81 -41.05
CHA CLA PP . 26.08 -47.38 -42.38
CHB CLA PP . 30.68 -45.89 -42.83
CHC CLA PP . 29.86 -42.26 -39.70
CHD CLA PP . 25.18 -43.67 -39.29
NA CLA PP . 28.31 -46.40 -42.38
C1A CLA PP . 27.39 -47.37 -42.79
C2A CLA PP . 28.03 -48.34 -43.78
C3A CLA PP . 29.49 -47.85 -43.87
C4A CLA PP . 29.52 -46.62 -42.96
CMA CLA PP . 30.47 -48.91 -43.43
CAA CLA PP . 27.37 -48.25 -45.14
CBA CLA PP . 27.40 -46.83 -45.67
CGA CLA PP . 26.15 -46.11 -45.29
O1A CLA PP . 24.98 -46.36 -45.62
O2A CLA PP . 26.38 -45.07 -44.44
NB CLA PP . 29.94 -44.25 -41.16
C1B CLA PP . 30.83 -44.75 -42.04
C2B CLA PP . 32.04 -43.87 -42.08
C3B CLA PP . 31.81 -42.84 -41.20
C4B CLA PP . 30.47 -43.07 -40.60
CMB CLA PP . 33.18 -44.11 -42.95
CAB CLA PP . 32.64 -41.71 -40.90
CBB CLA PP . 32.94 -41.27 -39.68
NC CLA PP . 27.60 -43.27 -39.72
C1C CLA PP . 28.50 -42.35 -39.29
C2C CLA PP . 27.88 -41.43 -38.36
C3C CLA PP . 26.56 -41.81 -38.25
C4C CLA PP . 26.39 -42.97 -39.11
CMC CLA PP . 28.56 -40.31 -37.71
CAC CLA PP . 25.51 -41.19 -37.43
CBC CLA PP . 24.57 -40.36 -38.27
ND CLA PP . 26.07 -45.31 -40.89
C1D CLA PP . 25.01 -44.75 -40.12
C2D CLA PP . 23.78 -45.54 -40.34
C3D CLA PP . 24.14 -46.56 -41.19
C4D CLA PP . 25.58 -46.38 -41.49
CMD CLA PP . 22.49 -45.24 -39.75
CAD CLA PP . 23.69 -47.73 -41.91
OBD CLA PP . 22.58 -48.24 -41.94
CBD CLA PP . 24.92 -48.29 -42.68
CGD CLA PP . 25.15 -49.71 -42.25
O1D CLA PP . 24.52 -50.34 -41.40
O2D CLA PP . 26.15 -50.34 -42.92
CED CLA PP . 26.25 -51.75 -42.79
C1 CLA PP . 25.52 -43.91 -44.56
C2 CLA PP . 24.45 -44.07 -43.54
MG CLA QP . 71.40 -81.11 -33.47
CHA CLA QP . 70.46 -81.00 -30.14
CHB CLA QP . 73.87 -83.31 -32.69
CHC CLA QP . 72.10 -81.41 -36.80
CHD CLA QP . 68.78 -78.86 -34.23
NA CLA QP . 72.07 -81.95 -31.68
C1A CLA QP . 71.54 -81.79 -30.40
C2A CLA QP . 72.33 -82.60 -29.38
C3A CLA QP . 73.50 -83.18 -30.19
C4A CLA QP . 73.14 -82.80 -31.63
CMA CLA QP . 74.81 -82.59 -29.78
CAA CLA QP . 71.46 -83.69 -28.77
CBA CLA QP . 71.41 -84.96 -29.60
CGA CLA QP . 70.76 -84.74 -30.94
O1A CLA QP . 71.16 -85.13 -32.03
O2A CLA QP . 69.61 -84.00 -30.90
NB CLA QP . 72.70 -82.20 -34.55
C1B CLA QP . 73.65 -83.02 -34.04
C2B CLA QP . 74.47 -83.59 -35.13
C3B CLA QP . 73.97 -83.07 -36.31
C4B CLA QP . 72.85 -82.16 -35.94
CMB CLA QP . 75.57 -84.52 -34.88
CAB CLA QP . 74.39 -83.24 -37.68
CBB CLA QP . 75.12 -84.25 -38.18
NC CLA QP . 70.62 -80.24 -35.19
C1C CLA QP . 71.08 -80.50 -36.46
C2C CLA QP . 70.30 -79.72 -37.42
C3C CLA QP . 69.35 -79.02 -36.71
C4C CLA QP . 69.56 -79.35 -35.29
CMC CLA QP . 70.52 -79.75 -38.88
CAC CLA QP . 68.33 -78.10 -37.24
CBC CLA QP . 66.96 -78.74 -37.28
ND CLA QP . 70.06 -79.99 -32.46
C1D CLA QP . 68.99 -79.17 -32.90
C2D CLA QP . 68.20 -78.72 -31.73
C3D CLA QP . 68.73 -79.38 -30.64
C4D CLA QP . 69.86 -80.20 -31.16
CMD CLA QP . 67.09 -77.79 -31.79
CAD CLA QP . 68.68 -79.58 -29.21
OBD CLA QP . 68.01 -79.00 -28.36
CBD CLA QP . 69.68 -80.72 -28.87
CGD CLA QP . 70.54 -80.41 -27.68
O1D CLA QP . 70.22 -80.50 -26.49
O2D CLA QP . 71.80 -80.01 -27.96
CED CLA QP . 72.76 -80.27 -26.95
C1 CLA QP . 69.22 -83.45 -32.17
C2 CLA QP . 67.79 -83.05 -32.09
C3 CLA QP . 67.06 -82.80 -33.19
C4 CLA QP . 67.63 -82.91 -34.55
C5 CLA QP . 65.64 -82.41 -33.08
MG CLA RP . 70.86 -75.62 -39.12
CHA CLA RP . 72.91 -77.49 -41.20
CHB CLA RP . 69.32 -74.28 -41.84
CHC CLA RP . 68.95 -73.70 -37.02
CHD CLA RP . 72.43 -77.10 -36.32
NA CLA RP . 71.08 -75.88 -41.18
C1A CLA RP . 71.99 -76.71 -41.84
C2A CLA RP . 71.80 -76.63 -43.36
C3A CLA RP . 70.61 -75.66 -43.52
C4A CLA RP . 70.29 -75.23 -42.09
CMA CLA RP . 70.96 -74.48 -44.40
CAA CLA RP . 71.40 -77.99 -43.91
CBA CLA RP . 71.60 -78.06 -45.41
CGA CLA RP . 70.37 -78.62 -46.05
O1A CLA RP . 69.19 -78.41 -45.76
O2A CLA RP . 70.63 -79.46 -47.09
NB CLA RP . 69.39 -74.27 -39.38
C1B CLA RP . 68.96 -73.80 -40.57
C2B CLA RP . 68.00 -72.68 -40.35
C3B CLA RP . 67.89 -72.51 -39.00
C4B CLA RP . 68.77 -73.52 -38.35
CMB CLA RP . 67.35 -71.97 -41.45
CAB CLA RP . 67.10 -71.58 -38.24
CBB CLA RP . 67.01 -70.26 -38.49
NC CLA RP . 70.72 -75.46 -37.05
C1C CLA RP . 69.85 -74.61 -36.41
C2C CLA RP . 70.03 -74.75 -34.96
C3C CLA RP . 71.00 -75.72 -34.77
C4C CLA RP . 71.42 -76.16 -36.08
CMC CLA RP . 69.28 -73.99 -33.98
CAC CLA RP . 71.52 -76.21 -33.48
CBC CLA RP . 72.78 -75.48 -33.07
ND CLA RP . 72.31 -76.97 -38.76
C1D CLA RP . 72.86 -77.49 -37.57
C2D CLA RP . 73.93 -78.45 -37.91
C3D CLA RP . 74.02 -78.45 -39.28
C4D CLA RP . 72.98 -77.53 -39.76
CMD CLA RP . 74.73 -79.18 -36.93
CAD CLA RP . 74.68 -79.01 -40.45
OBD CLA RP . 75.60 -79.81 -40.50
CBD CLA RP . 74.00 -78.39 -41.70
CGD CLA RP . 74.98 -77.55 -42.49
O1D CLA RP . 75.77 -76.72 -42.05
O2D CLA RP . 74.94 -77.77 -43.82
CED CLA RP . 75.35 -79.05 -44.31
C1 CLA RP . 70.63 -80.88 -46.81
C2 CLA RP . 70.94 -81.57 -48.08
C3 CLA RP . 70.36 -82.73 -48.44
C4 CLA RP . 69.37 -83.41 -47.59
C5 CLA RP . 70.71 -83.39 -49.73
MG CLA SP . 54.91 -73.82 -39.73
CHA CLA SP . 55.25 -71.21 -41.97
CHB CLA SP . 51.98 -74.70 -41.20
CHC CLA SP . 54.76 -76.55 -37.65
CHD CLA SP . 58.01 -72.92 -38.28
NA CLA SP . 53.79 -73.02 -41.29
C1A CLA SP . 54.11 -71.94 -42.12
C2A CLA SP . 53.02 -71.70 -43.14
C3A CLA SP . 51.92 -72.71 -42.75
C4A CLA SP . 52.59 -73.55 -41.67
CMA CLA SP . 50.67 -72.04 -42.23
CAA CLA SP . 53.54 -71.98 -44.54
CBA CLA SP . 53.13 -73.34 -45.04
CGA CLA SP . 54.23 -74.34 -44.87
O1A CLA SP . 54.82 -74.99 -45.75
O2A CLA SP . 54.60 -74.52 -43.58
NB CLA SP . 53.61 -75.32 -39.47
C1B CLA SP . 52.49 -75.53 -40.20
C2B CLA SP . 51.86 -76.82 -39.80
C3B CLA SP . 52.65 -77.35 -38.80
C4B CLA SP . 53.77 -76.39 -38.57
CMB CLA SP . 50.64 -77.33 -40.40
CAB CLA SP . 52.50 -78.56 -38.05
CBB CLA SP . 52.98 -79.75 -38.44
NC CLA SP . 56.13 -74.56 -38.20
C1C CLA SP . 55.86 -75.67 -37.47
C2C CLA SP . 56.91 -75.90 -36.49
C3C CLA SP . 57.86 -74.89 -36.68
C4C CLA SP . 57.36 -74.05 -37.77
CMC CLA SP . 56.94 -77.00 -35.54
CAC CLA SP . 59.10 -74.70 -35.93
CBC CLA SP . 58.87 -74.02 -34.61
ND CLA SP . 56.28 -72.35 -39.93
C1D CLA SP . 57.54 -72.13 -39.30
C2D CLA SP . 58.17 -70.95 -39.92
C3D CLA SP . 57.33 -70.55 -40.93
C4D CLA SP . 56.18 -71.47 -40.91
CMD CLA SP . 59.44 -70.37 -39.50
CAD CLA SP . 57.10 -69.59 -41.99
OBD CLA SP . 57.74 -68.58 -42.28
CBD CLA SP . 55.81 -70.05 -42.74
CGD CLA SP . 54.84 -68.92 -42.88
O1D CLA SP . 53.71 -68.83 -42.38
O2D CLA SP . 55.28 -67.91 -43.66
CED CLA SP . 54.65 -66.64 -43.53
C1 CLA SP . 55.51 -75.61 -43.29
C2 CLA SP . 56.88 -75.02 -43.29
C3 CLA SP . 57.99 -75.76 -43.21
C4 CLA SP . 57.96 -77.24 -43.09
C5 CLA SP . 59.34 -75.11 -43.21
FE1 SF4 TP . 60.80 -51.75 -27.43
FE2 SF4 TP . 59.04 -52.17 -29.46
FE3 SF4 TP . 58.66 -53.40 -27.05
FE4 SF4 TP . 60.72 -54.18 -28.66
S1 SF4 TP . 58.50 -54.36 -29.11
S2 SF4 TP . 60.80 -53.79 -26.42
S3 SF4 TP . 61.32 -52.18 -29.60
S4 SF4 TP . 58.61 -51.16 -27.47
C1 PQN UP . 58.54 -68.28 -31.06
O1 PQN UP . 57.47 -68.67 -30.54
C2 PQN UP . 59.55 -69.27 -31.52
C2M PQN UP . 59.27 -70.75 -31.35
C3 PQN UP . 60.82 -68.83 -32.14
C4 PQN UP . 61.08 -67.37 -32.32
O4 PQN UP . 62.16 -66.98 -32.83
C5 PQN UP . 60.08 -66.37 -31.85
C6 PQN UP . 60.31 -65.01 -32.00
C7 PQN UP . 59.35 -64.10 -31.57
C8 PQN UP . 58.16 -64.53 -30.99
C9 PQN UP . 57.88 -65.88 -30.81
C10 PQN UP . 58.81 -66.83 -31.23
C11 PQN UP . 61.84 -69.83 -32.61
C12 PQN UP . 61.34 -70.52 -33.86
C13 PQN UP . 62.15 -70.67 -34.91
C14 PQN UP . 63.56 -70.17 -34.87
C15 PQN UP . 61.63 -71.37 -36.16
C16 PQN UP . 62.06 -72.83 -36.14
C17 PQN UP . 63.30 -73.04 -36.99
C18 PQN UP . 62.96 -73.72 -38.31
C19 PQN UP . 61.80 -73.02 -38.99
C20 PQN UP . 62.65 -75.19 -38.05
C21 PQN UP . 61.54 -75.68 -38.99
C22 PQN UP . 60.87 -76.94 -38.43
C23 PQN UP . 60.59 -77.95 -39.53
C24 PQN UP . 59.16 -78.46 -39.44
C25 PQN UP . 61.60 -79.09 -39.44
C26 PQN UP . 61.44 -80.05 -40.62
C27 PQN UP . 61.67 -81.49 -40.17
C28 PQN UP . 61.39 -82.46 -41.31
C29 PQN UP . 60.93 -83.81 -40.77
C30 PQN UP . 60.36 -81.88 -42.27
C1 BCR VP . 37.20 -76.38 -74.38
C2 BCR VP . 37.85 -76.68 -73.03
C3 BCR VP . 36.91 -76.84 -71.86
C4 BCR VP . 35.46 -77.02 -72.23
C5 BCR VP . 35.01 -76.16 -73.34
C6 BCR VP . 35.81 -75.86 -74.39
C7 BCR VP . 35.50 -75.02 -75.57
C8 BCR VP . 34.31 -74.56 -75.98
C9 BCR VP . 34.00 -74.12 -77.34
C10 BCR VP . 33.48 -72.92 -77.58
C11 BCR VP . 32.90 -72.60 -78.86
C33 BCR VP . 33.61 -75.74 -73.18
C31 BCR VP . 37.36 -77.63 -75.14
C32 BCR VP . 38.06 -75.46 -75.21
C34 BCR VP . 33.80 -75.14 -78.38
C12 BCR VP . 32.75 -71.33 -79.25
C13 BCR VP . 32.68 -70.92 -80.63
C14 BCR VP . 31.77 -70.02 -81.02
C15 BCR VP . 31.71 -69.46 -82.35
C16 BCR VP . 30.93 -68.41 -82.63
C17 BCR VP . 31.01 -67.76 -83.92
C18 BCR VP . 30.20 -66.80 -84.39
C19 BCR VP . 30.76 -65.79 -85.27
C20 BCR VP . 30.06 -64.72 -85.68
C21 BCR VP . 30.64 -63.81 -86.65
C22 BCR VP . 30.16 -63.52 -87.87
C23 BCR VP . 29.17 -62.44 -88.05
C24 BCR VP . 27.91 -62.70 -88.44
C25 BCR VP . 27.06 -62.03 -89.43
C26 BCR VP . 27.30 -62.05 -90.73
C27 BCR VP . 26.47 -61.42 -91.79
C28 BCR VP . 25.08 -61.14 -91.30
C29 BCR VP . 25.14 -60.51 -89.94
C30 BCR VP . 25.82 -61.38 -88.90
C35 BCR VP . 33.79 -71.27 -81.54
C36 BCR VP . 28.74 -66.89 -84.21
C37 BCR VP . 30.56 -64.32 -89.03
C38 BCR VP . 28.49 -62.70 -91.33
C39 BCR VP . 24.87 -62.45 -88.37
C40 BCR VP . 26.12 -60.45 -87.73
C1 BCR WP . 27.73 -53.96 -82.30
C2 BCR WP . 28.51 -55.24 -82.50
C3 BCR WP . 28.69 -55.91 -81.16
C4 BCR WP . 27.35 -56.33 -80.60
C5 BCR WP . 26.32 -55.28 -80.79
C6 BCR WP . 26.46 -54.20 -81.56
C7 BCR WP . 25.40 -53.21 -81.69
C8 BCR WP . 24.36 -53.38 -82.49
C9 BCR WP . 23.02 -52.93 -82.16
C10 BCR WP . 22.65 -51.67 -82.41
C11 BCR WP . 23.55 -50.55 -82.62
C33 BCR WP . 25.08 -55.55 -80.04
C31 BCR WP . 27.50 -53.35 -83.67
C32 BCR WP . 28.60 -53.02 -81.50
C34 BCR WP . 22.08 -53.91 -81.56
C12 BCR WP . 24.40 -50.21 -81.65
C13 BCR WP . 25.54 -49.33 -81.84
C14 BCR WP . 26.65 -49.54 -81.12
C15 BCR WP . 27.96 -49.03 -81.45
C16 BCR WP . 28.34 -47.80 -81.10
C17 BCR WP . 29.62 -47.33 -81.58
C18 BCR WP . 30.24 -46.19 -81.24
C19 BCR WP . 29.45 -45.10 -80.70
C20 BCR WP . 29.98 -43.92 -80.39
C21 BCR WP . 29.13 -42.86 -79.88
C22 BCR WP . 29.53 -41.58 -79.77
C23 BCR WP . 28.68 -40.61 -79.08
C24 BCR WP . 28.40 -39.44 -79.63
C25 BCR WP . 28.10 -38.13 -79.03
C26 BCR WP . 27.32 -37.92 -77.97
C27 BCR WP . 26.98 -36.60 -77.39
C28 BCR WP . 27.17 -35.49 -78.38
C29 BCR WP . 28.49 -35.65 -79.09
C30 BCR WP . 28.69 -36.97 -79.77
C35 BCR WP . 25.37 -48.12 -82.65
C36 BCR WP . 31.71 -46.09 -81.23
C37 BCR WP . 30.57 -41.08 -80.67
C38 BCR WP . 26.66 -38.96 -77.15
C39 BCR WP . 30.16 -37.22 -80.09
C40 BCR WP . 28.03 -36.81 -81.13
C1 BCR XP . 39.03 -72.47 -73.80
C2 BCR XP . 39.38 -73.61 -72.86
C3 BCR XP . 38.55 -73.52 -71.62
C4 BCR XP . 37.09 -73.63 -71.94
C5 BCR XP . 36.71 -72.86 -73.15
C6 BCR XP . 37.57 -72.33 -74.01
C7 BCR XP . 37.13 -71.55 -75.17
C8 BCR XP . 36.69 -72.13 -76.29
C9 BCR XP . 36.16 -71.38 -77.41
C10 BCR XP . 35.77 -70.12 -77.22
C11 BCR XP . 35.80 -69.11 -78.25
C33 BCR XP . 35.25 -72.71 -73.30
C31 BCR XP . 39.79 -72.71 -75.09
C32 BCR XP . 39.57 -71.21 -73.18
C34 BCR XP . 36.39 -71.93 -78.76
C12 BCR XP . 34.64 -68.70 -78.77
C13 BCR XP . 34.50 -68.08 -80.07
C14 BCR XP . 33.42 -67.32 -80.31
C15 BCR XP . 33.32 -66.41 -81.42
C16 BCR XP . 32.26 -65.59 -81.50
C17 BCR XP . 32.22 -64.57 -82.51
C18 BCR XP . 31.24 -63.69 -82.67
C19 BCR XP . 31.40 -62.63 -83.66
C20 BCR XP . 30.51 -61.66 -83.82
C21 BCR XP . 30.43 -60.98 -85.09
C22 BCR XP . 30.35 -59.65 -85.27
C23 BCR XP . 30.10 -59.15 -86.61
C24 BCR XP . 30.37 -57.91 -87.00
C25 BCR XP . 30.47 -57.46 -88.38
C26 BCR XP . 31.58 -57.64 -89.09
C27 BCR XP . 31.79 -57.23 -90.49
C28 BCR XP . 30.97 -56.01 -90.84
C29 BCR XP . 29.55 -56.07 -90.31
C30 BCR XP . 29.29 -56.77 -88.98
C35 BCR XP . 35.61 -68.17 -81.05
C36 BCR XP . 30.04 -63.68 -81.81
C37 BCR XP . 30.89 -58.72 -84.26
C38 BCR XP . 32.79 -58.31 -88.54
C39 BCR XP . 28.15 -57.77 -89.12
C40 BCR XP . 28.78 -55.67 -88.05
C1 BCR YP . 34.77 -61.30 -86.36
C2 BCR YP . 34.00 -61.61 -87.62
C3 BCR YP . 34.44 -62.92 -88.20
C4 BCR YP . 34.12 -64.02 -87.23
C5 BCR YP . 34.63 -63.71 -85.88
C6 BCR YP . 34.93 -62.48 -85.46
C7 BCR YP . 35.45 -62.22 -84.11
C8 BCR YP . 34.67 -62.17 -83.04
C9 BCR YP . 35.17 -61.82 -81.73
C10 BCR YP . 34.66 -62.43 -80.64
C11 BCR YP . 35.16 -62.25 -79.30
C33 BCR YP . 34.78 -64.89 -85.02
C31 BCR YP . 34.06 -60.16 -85.67
C32 BCR YP . 36.15 -60.83 -86.78
C34 BCR YP . 36.36 -60.96 -81.63
C12 BCR YP . 34.74 -63.08 -78.35
C13 BCR YP . 35.28 -63.12 -77.00
C14 BCR YP . 34.94 -64.15 -76.21
C15 BCR YP . 35.44 -64.31 -74.87
C16 BCR YP . 34.83 -65.15 -74.02
C17 BCR YP . 35.29 -65.16 -72.66
C18 BCR YP . 34.61 -65.64 -71.60
C19 BCR YP . 35.24 -65.65 -70.30
C20 BCR YP . 34.60 -65.99 -69.18
C21 BCR YP . 35.34 -66.25 -67.98
C22 BCR YP . 34.94 -67.04 -66.98
C23 BCR YP . 35.76 -67.14 -65.78
C24 BCR YP . 35.45 -67.96 -64.77
C25 BCR YP . 36.10 -67.96 -63.46
C26 BCR YP . 35.72 -67.11 -62.51
C27 BCR YP . 36.29 -67.01 -61.15
C28 BCR YP . 37.11 -68.23 -60.79
C29 BCR YP . 37.97 -68.62 -61.95
C30 BCR YP . 37.18 -68.95 -63.20
C35 BCR YP . 36.17 -62.05 -76.52
C36 BCR YP . 33.21 -66.10 -71.73
C37 BCR YP . 33.83 -67.99 -67.17
C38 BCR YP . 34.65 -66.12 -62.70
C39 BCR YP . 36.58 -70.34 -63.12
C40 BCR YP . 38.21 -68.98 -64.33
MG CLA ZP . 37.78 -74.25 -29.98
CHA CLA ZP . 37.14 -72.31 -32.79
CHB CLA ZP . 40.79 -72.75 -29.65
CHC CLA ZP . 38.22 -75.93 -27.05
CHD CLA ZP . 34.62 -75.77 -30.35
NA CLA ZP . 38.80 -72.82 -31.10
C1A CLA ZP . 38.36 -72.10 -32.22
C2A CLA ZP . 39.47 -71.15 -32.71
C3A CLA ZP . 40.70 -71.69 -31.95
C4A CLA ZP . 40.08 -72.45 -30.80
CMA CLA ZP . 41.45 -72.65 -32.83
CAA CLA ZP . 39.31 -69.68 -32.35
CBA CLA ZP . 37.91 -69.19 -32.07
CGA CLA ZP . 37.81 -67.72 -32.40
O1A CLA ZP . 38.46 -67.09 -33.23
O2A CLA ZP . 36.85 -67.06 -31.68
NB CLA ZP . 39.26 -74.37 -28.63
C1B CLA ZP . 40.30 -73.50 -28.57
C2B CLA ZP . 40.91 -73.52 -27.21
C3B CLA ZP . 40.19 -74.42 -26.47
C4B CLA ZP . 39.14 -74.99 -27.37
CMB CLA ZP . 42.05 -72.70 -26.83
CAB CLA ZP . 40.40 -74.81 -25.09
CBB CLA ZP . 39.95 -75.90 -24.45
NC CLA ZP . 36.66 -75.68 -28.95
C1C CLA ZP . 37.06 -76.27 -27.80
C2C CLA ZP . 36.09 -77.25 -27.36
C3C CLA ZP . 35.03 -77.16 -28.26
C4C CLA ZP . 35.40 -76.18 -29.26
CMC CLA ZP . 36.21 -78.08 -26.17
CAC CLA ZP . 33.80 -77.98 -28.25
CBC CLA ZP . 33.90 -79.17 -29.17
ND CLA ZP . 36.24 -74.19 -31.29
C1D CLA ZP . 34.98 -74.82 -31.28
C2D CLA ZP . 34.19 -74.32 -32.43
C3D CLA ZP . 34.98 -73.37 -33.05
C4D CLA ZP . 36.25 -73.31 -32.29
CMD CLA ZP . 32.83 -74.77 -32.75
CAD CLA ZP . 35.09 -72.43 -34.15
OBD CLA ZP . 34.32 -72.22 -35.08
CBD CLA ZP . 36.44 -71.68 -33.98
CGD CLA ZP . 37.24 -71.74 -35.24
O1D CLA ZP . 37.09 -72.51 -36.18
O2D CLA ZP . 38.24 -70.82 -35.32
CED CLA ZP . 37.87 -69.50 -35.72
C1 CLA ZP . 35.51 -67.58 -31.73
C2 CLA ZP . 34.60 -66.46 -31.43
C3 CLA ZP . 33.31 -66.65 -31.07
C4 CLA ZP . 32.71 -68.00 -30.95
C5 CLA ZP . 32.41 -65.49 -30.77
C1 BCR AQ . 51.85 -97.68 -54.29
C2 BCR AQ . 51.46 -99.11 -54.55
C3 BCR AQ . 50.42 -99.17 -55.64
C4 BCR AQ . 50.99 -98.63 -56.92
C5 BCR AQ . 51.73 -97.37 -56.72
C6 BCR AQ . 52.13 -96.92 -55.52
C7 BCR AQ . 52.86 -95.66 -55.38
C8 BCR AQ . 52.23 -94.50 -55.23
C9 BCR AQ . 52.85 -93.21 -55.40
C10 BCR AQ . 53.61 -92.72 -54.42
C11 BCR AQ . 53.93 -91.32 -54.27
C33 BCR AQ . 52.01 -96.63 -57.96
C31 BCR AQ . 53.05 -97.71 -53.38
C32 BCR AQ . 50.69 -97.04 -53.55
C34 BCR AQ . 52.37 -92.36 -56.51
C12 BCR AQ . 54.91 -90.99 -53.42
C13 BCR AQ . 55.12 -89.69 -52.82
C14 BCR AQ . 54.57 -88.61 -53.37
C15 BCR AQ . 54.82 -87.27 -52.90
C16 BCR AQ . 54.47 -86.21 -53.63
C17 BCR AQ . 55.09 -84.94 -53.36
C18 BCR AQ . 54.91 -83.82 -54.06
C19 BCR AQ . 55.63 -82.62 -53.68
C20 BCR AQ . 55.55 -81.48 -54.38
C21 BCR AQ . 56.37 -80.36 -53.99
C22 BCR AQ . 56.42 -79.18 -54.62
C23 BCR AQ . 57.49 -78.25 -54.29
C24 BCR AQ . 57.64 -77.07 -54.87
C25 BCR AQ . 58.85 -76.61 -55.57
C26 BCR AQ . 58.82 -76.36 -56.88
C27 BCR AQ . 59.97 -75.87 -57.66
C28 BCR AQ . 60.78 -74.94 -56.81
C29 BCR AQ . 61.19 -75.64 -55.54
C30 BCR AQ . 60.11 -76.40 -54.79
C35 BCR AQ . 56.04 -89.56 -51.67
C36 BCR AQ . 54.01 -83.76 -55.21
C37 BCR AQ . 55.53 -78.88 -55.76
C38 BCR AQ . 57.61 -76.55 -57.69
C39 BCR AQ . 59.77 -75.73 -53.47
C40 BCR AQ . 60.77 -77.72 -54.43
MG CLA BQ . 34.00 -38.00 -21.30
CHA CLA BQ . 33.24 -38.47 -24.66
CHB CLA BQ . 31.90 -35.33 -21.22
CHC CLA BQ . 34.66 -37.67 -17.95
CHD CLA BQ . 36.10 -40.83 -21.44
NA CLA BQ . 32.80 -37.06 -22.73
C1A CLA BQ . 32.62 -37.40 -24.07
C2A CLA BQ . 31.65 -36.46 -24.76
C3A CLA BQ . 31.40 -35.37 -23.68
C4A CLA BQ . 32.06 -35.95 -22.44
CMA CLA BQ . 32.01 -34.06 -24.09
CAA CLA BQ . 30.36 -37.17 -25.08
CBA CLA BQ . 29.96 -38.16 -23.99
CGA CLA BQ . 30.16 -39.55 -24.49
O1A CLA BQ . 30.19 -39.93 -25.66
O2A CLA BQ . 30.31 -40.49 -23.51
NB CLA BQ . 33.47 -36.68 -19.88
C1B CLA BQ . 32.47 -35.78 -20.01
C2B CLA BQ . 32.06 -35.29 -18.66
C3B CLA BQ . 32.83 -35.95 -17.75
C4B CLA BQ . 33.75 -36.83 -18.50
CMB CLA BQ . 31.00 -34.31 -18.46
CAB CLA BQ . 32.84 -35.88 -16.31
CBB CLA BQ . 31.76 -36.12 -15.55
NC CLA BQ . 35.23 -39.02 -19.97
C1C CLA BQ . 35.37 -38.69 -18.65
C2C CLA BQ . 36.32 -39.59 -18.02
C3C CLA BQ . 36.70 -40.52 -18.99
C4C CLA BQ . 36.00 -40.15 -20.21
CMC CLA BQ . 36.73 -39.52 -16.62
CAC CLA BQ . 37.65 -41.62 -18.83
CBC CLA BQ . 36.95 -42.90 -18.47
ND CLA BQ . 34.58 -39.36 -22.67
C1D CLA BQ . 35.43 -40.49 -22.59
C2D CLA BQ . 35.49 -41.14 -23.90
C3D CLA BQ . 34.70 -40.39 -24.74
C4D CLA BQ . 34.15 -39.30 -23.92
CMD CLA BQ . 36.26 -42.36 -24.18
CAD CLA BQ . 34.17 -40.23 -26.08
OBD CLA BQ . 34.41 -40.89 -27.08
CBD CLA BQ . 33.21 -39.01 -26.05
MG CLA CQ . 48.23 -77.42 -25.04
CHA CLA CQ . 45.16 -77.96 -26.57
CHB CLA CQ . 49.20 -80.54 -25.92
CHC CLA CQ . 51.31 -76.74 -23.71
CHD CLA CQ . 47.13 -74.19 -24.09
NA CLA CQ . 47.29 -78.99 -26.04
C1A CLA CQ . 46.02 -79.02 -26.61
C2A CLA CQ . 45.72 -80.39 -27.22
C3A CLA CQ . 46.95 -81.23 -26.79
C4A CLA CQ . 47.90 -80.20 -26.21
CMA CLA CQ . 46.57 -82.24 -25.76
CAA CLA CQ . 45.62 -80.29 -28.73
CBA CLA CQ . 44.50 -81.16 -29.26
CGA CLA CQ . 44.95 -82.58 -29.31
O1A CLA CQ . 45.12 -83.37 -28.39
O2A CLA CQ . 45.20 -83.01 -30.58
NB CLA CQ . 49.91 -78.47 -24.78
C1B CLA CQ . 50.16 -79.67 -25.37
C2B CLA CQ . 51.62 -79.94 -25.37
C3B CLA CQ . 52.23 -78.86 -24.74
C4B CLA CQ . 51.14 -77.93 -24.35
CMB CLA CQ . 52.18 -81.16 -25.95
CAB CLA CQ . 53.61 -78.58 -24.45
CBB CLA CQ . 54.67 -79.28 -24.82
NC CLA CQ . 49.04 -75.79 -24.03
C1C CLA CQ . 50.32 -75.74 -23.54
C2C CLA CQ . 50.54 -74.48 -22.86
C3C CLA CQ . 49.37 -73.74 -23.00
C4C CLA CQ . 48.43 -74.58 -23.73
CMC CLA CQ . 51.79 -74.09 -22.21
CAC CLA CQ . 49.10 -72.40 -22.47
CBC CLA CQ . 48.52 -72.48 -21.08
ND CLA CQ . 46.57 -76.29 -25.23
C1D CLA CQ . 46.26 -74.97 -24.82
C2D CLA CQ . 44.89 -74.63 -25.27
C3D CLA CQ . 44.43 -75.74 -25.98
C4D CLA CQ . 45.51 -76.74 -25.90
CMD CLA CQ . 44.23 -73.36 -25.02
CAD CLA CQ . 43.33 -76.32 -26.71
OBD CLA CQ . 42.25 -75.85 -26.99
CBD CLA CQ . 43.78 -77.76 -27.13
CGD CLA CQ . 42.81 -78.81 -26.66
O1D CLA CQ . 41.74 -79.12 -27.17
O2D CLA CQ . 43.21 -79.45 -25.53
CED CLA CQ . 42.80 -80.80 -25.34
C1 CLA CQ . 46.58 -83.35 -30.90
C2 CLA CQ . 46.52 -84.32 -32.03
C3 CLA CQ . 46.93 -84.01 -33.27
C4 CLA CQ . 47.48 -82.69 -33.62
C5 CLA CQ . 46.85 -85.02 -34.36
MG CLA DQ . 35.80 -74.33 -23.47
CHA CLA DQ . 37.71 -74.91 -20.64
CHB CLA DQ . 37.81 -71.72 -24.26
CHC CLA DQ . 34.11 -74.03 -26.41
CHD CLA DQ . 33.79 -77.11 -22.61
NA CLA DQ . 37.44 -73.43 -22.54
C1A CLA DQ . 38.10 -73.84 -21.38
C2A CLA DQ . 39.25 -72.90 -21.04
C3A CLA DQ . 39.03 -71.74 -22.04
C4A CLA DQ . 38.04 -72.32 -23.03
CMA CLA DQ . 38.43 -70.58 -21.30
CAA CLA DQ . 40.59 -73.57 -21.28
CBA CLA DQ . 41.71 -72.65 -20.87
CGA CLA DQ . 43.03 -73.37 -20.90
O1A CLA DQ . 44.16 -72.91 -20.74
O2A CLA DQ . 42.91 -74.71 -21.16
NB CLA DQ . 35.88 -73.06 -25.01
C1B CLA DQ . 36.90 -72.18 -25.23
C2B CLA DQ . 36.88 -71.73 -26.64
C3B CLA DQ . 35.84 -72.38 -27.25
C4B CLA DQ . 35.18 -73.22 -26.22
CMB CLA DQ . 37.85 -70.79 -27.19
CAB CLA DQ . 35.38 -72.30 -28.61
CBB CLA DQ . 34.15 -71.99 -29.00
NC CLA DQ . 34.19 -75.33 -24.31
C1C CLA DQ . 33.62 -75.01 -25.51
C2C CLA DQ . 32.49 -75.88 -25.78
C3C CLA DQ . 32.44 -76.80 -24.74
C4C CLA DQ . 33.51 -76.44 -23.81
CMC CLA DQ . 31.64 -75.79 -26.97
CAC CLA DQ . 31.47 -77.89 -24.56
CBC CLA DQ . 30.23 -77.42 -23.83
ND CLA DQ . 35.65 -75.66 -21.95
C1D CLA DQ . 34.79 -76.76 -21.73
C2D CLA DQ . 35.16 -77.41 -20.46
C3D CLA DQ . 36.28 -76.75 -20.00
C4D CLA DQ . 36.55 -75.68 -20.98
CMD CLA DQ . 34.46 -78.55 -19.88
CAD CLA DQ . 37.28 -76.64 -18.95
OBD CLA DQ . 37.39 -77.27 -17.92
CBD CLA DQ . 38.26 -75.50 -19.38
CGD CLA DQ . 38.41 -74.45 -18.32
O1D CLA DQ . 37.52 -73.95 -17.62
O2D CLA DQ . 39.69 -74.00 -18.18
CED CLA DQ . 40.69 -74.99 -17.92
C1 CLA DQ . 44.14 -75.43 -21.39
C2 CLA DQ . 43.77 -76.82 -21.71
C3 CLA DQ . 44.66 -77.76 -22.06
C4 CLA DQ . 46.11 -77.47 -22.15
C5 CLA DQ . 44.23 -79.15 -22.37
MG CLA EQ . 38.59 -55.38 -27.77
CHA CLA EQ . 38.04 -52.19 -28.97
CHB CLA EQ . 35.96 -55.03 -25.66
CHC CLA EQ . 38.85 -58.71 -26.97
CHD CLA EQ . 41.28 -55.72 -29.99
NA CLA EQ . 37.30 -53.82 -27.32
C1A CLA EQ . 37.19 -52.58 -27.96
C2A CLA EQ . 36.09 -51.73 -27.31
C3A CLA EQ . 35.70 -52.56 -26.07
C4A CLA EQ . 36.35 -53.91 -26.35
CMA CLA EQ . 36.21 -51.96 -24.80
CAA CLA EQ . 34.87 -51.53 -28.16
CBA CLA EQ . 33.88 -50.65 -27.43
CGA CLA EQ . 32.76 -51.44 -26.83
O1A CLA EQ . 31.80 -51.95 -27.40
O2A CLA EQ . 32.85 -51.61 -25.47
NB CLA EQ . 37.58 -56.64 -26.57
C1B CLA EQ . 36.50 -56.31 -25.82
C2B CLA EQ . 35.97 -57.53 -25.16
C3B CLA EQ . 36.77 -58.57 -25.53
C4B CLA EQ . 37.83 -58.02 -26.41
CMB CLA EQ . 34.81 -57.49 -24.27
CAB CLA EQ . 36.74 -59.96 -25.15
CBB CLA EQ . 36.50 -60.40 -23.91
NC CLA EQ . 39.91 -56.90 -28.30
C1C CLA EQ . 39.85 -58.18 -27.82
C2C CLA EQ . 40.93 -58.97 -28.40
C3C CLA EQ . 41.60 -58.14 -29.28
C4C CLA EQ . 40.94 -56.85 -29.23
CMC CLA EQ . 41.19 -60.37 -28.08
CAC CLA EQ . 42.74 -58.49 -30.11
CBC CLA EQ . 42.33 -59.24 -31.35
ND CLA EQ . 39.67 -54.17 -28.98
C1D CLA EQ . 40.69 -54.48 -29.90
C2D CLA EQ . 40.97 -53.27 -30.72
C3D CLA EQ . 39.98 -52.37 -30.40
C4D CLA EQ . 39.16 -53.00 -29.35
CMD CLA EQ . 42.06 -53.17 -31.69
CAD CLA EQ . 39.47 -51.03 -30.59
OBD CLA EQ . 39.97 -50.09 -31.19
CBD CLA EQ . 38.10 -50.98 -29.86
CGD CLA EQ . 37.84 -49.68 -29.17
O1D CLA EQ . 38.65 -48.95 -28.57
O2D CLA EQ . 36.55 -49.26 -29.28
CED CLA EQ . 36.17 -48.04 -28.67
C1 CLA EQ . 32.39 -52.88 -24.97
C2 CLA EQ . 31.78 -52.65 -23.63
C3 CLA EQ . 31.34 -53.67 -22.87
C4 CLA EQ . 31.43 -55.07 -23.30
C5 CLA EQ . 30.73 -53.41 -21.53
MG CLA FQ . 48.53 -51.28 2.90
CHA CLA FQ . 50.11 -48.26 3.41
CHB CLA FQ . 49.57 -52.35 5.95
CHC CLA FQ . 46.87 -54.24 2.39
CHD CLA FQ . 47.57 -50.20 -0.32
NA CLA FQ . 49.65 -50.41 4.42
C1A CLA FQ . 50.22 -49.14 4.44
C2A CLA FQ . 50.96 -48.90 5.76
C3A CLA FQ . 50.84 -50.25 6.49
C4A CLA FQ . 49.94 -51.07 5.58
CMA CLA FQ . 52.18 -50.92 6.63
CAA CLA FQ . 50.26 -47.81 6.55
CBA CLA FQ . 48.75 -47.98 6.50
CGA CLA FQ . 48.08 -46.81 7.15
O1A CLA FQ . 48.47 -45.64 7.23
O2A CLA FQ . 46.87 -47.14 7.70
NB CLA FQ . 48.27 -52.97 3.96
C1B CLA FQ . 48.76 -53.20 5.21
C2B CLA FQ . 48.31 -54.53 5.69
C3B CLA FQ . 47.55 -55.08 4.68
C4B CLA FQ . 47.51 -54.09 3.57
CMB CLA FQ . 48.69 -55.06 6.99
CAB CLA FQ . 46.87 -56.34 4.61
CBB CLA FQ . 47.35 -57.51 5.05
NC CLA FQ . 47.42 -52.07 1.32
C1C CLA FQ . 46.81 -53.30 1.34
C2C CLA FQ . 46.11 -53.51 0.08
C3C CLA FQ . 46.32 -52.38 -0.70
C4C CLA FQ . 47.15 -51.47 0.09
CMC CLA FQ . 45.34 -54.71 -0.23
CAC CLA FQ . 45.81 -52.14 -2.05
CBC CLA FQ . 46.61 -52.88 -3.09
ND CLA FQ . 48.72 -49.64 1.77
C1D CLA FQ . 48.30 -49.32 0.45
C2D CLA FQ . 48.78 -47.96 0.11
C3D CLA FQ . 49.45 -47.50 1.22
C4D CLA FQ . 49.41 -48.59 2.22
CMD CLA FQ . 48.51 -47.29 -1.15
CAD CLA FQ . 50.20 -46.41 1.81
OBD CLA FQ . 50.45 -45.30 1.36
CBD CLA FQ . 50.67 -46.88 3.21
CGD CLA FQ . 52.16 -46.92 3.30
O1D CLA FQ . 52.86 -47.90 3.56
O2D CLA FQ . 52.77 -45.72 3.09
CED CLA FQ . 54.18 -45.67 3.28
C1 CLA FQ . 45.68 -46.53 7.14
C2 CLA FQ . 44.53 -47.28 7.70
C3 CLA FQ . 43.34 -46.70 7.98
C4 CLA FQ . 43.10 -45.26 7.76
C5 CLA FQ . 42.22 -47.50 8.53
MG CLA GQ . 56.77 -60.81 5.27
CHA CLA GQ . 57.20 -63.98 6.60
CHB CLA GQ . 53.46 -60.98 5.94
CHC CLA GQ . 56.43 -57.63 4.05
CHD CLA GQ . 60.23 -60.71 4.54
NA CLA GQ . 55.55 -62.25 6.14
C1A CLA GQ . 55.92 -63.51 6.64
C2A CLA GQ . 54.71 -64.24 7.20
C3A CLA GQ . 53.53 -63.34 6.81
C4A CLA GQ . 54.21 -62.08 6.28
CMA CLA GQ . 52.71 -64.00 5.74
CAA CLA GQ . 54.84 -64.29 8.70
CBA CLA GQ . 53.54 -63.85 9.35
CGA CLA GQ . 52.90 -65.02 10.03
O1A CLA GQ . 53.20 -65.51 11.12
O2A CLA GQ . 51.86 -65.57 9.34
NB CLA GQ . 55.23 -59.56 5.00
C1B CLA GQ . 53.96 -59.78 5.43
C2B CLA GQ . 53.15 -58.54 5.26
C3B CLA GQ . 53.99 -57.59 4.72
C4B CLA GQ . 55.32 -58.23 4.55
CMB CLA GQ . 51.75 -58.46 5.63
CAB CLA GQ . 53.73 -56.23 4.37
CBB CLA GQ . 53.22 -55.32 5.20
NC CLA GQ . 58.10 -59.43 4.43
C1C CLA GQ . 57.74 -58.19 3.99
C2C CLA GQ . 58.91 -57.51 3.45
C3C CLA GQ . 59.98 -58.38 3.62
C4C CLA GQ . 59.47 -59.59 4.23
CMC CLA GQ . 58.90 -56.17 2.88
CAC CLA GQ . 61.38 -58.14 3.23
CBC CLA GQ . 61.68 -58.63 1.82
ND CLA GQ . 58.39 -61.98 5.54
C1D CLA GQ . 59.74 -61.85 5.15
C2D CLA GQ . 60.48 -63.08 5.52
C3D CLA GQ . 59.56 -63.92 6.09
C4D CLA GQ . 58.27 -63.20 6.06
CMD CLA GQ . 61.91 -63.29 5.29
CAD CLA GQ . 59.32 -65.21 6.70
OBD CLA GQ . 60.12 -66.09 6.95
CBD CLA GQ . 57.80 -65.30 7.00
CGD CLA GQ . 57.21 -66.42 6.21
O1D CLA GQ . 57.75 -67.06 5.30
O2D CLA GQ . 55.95 -66.77 6.55
CED CLA GQ . 55.44 -67.98 5.99
C1 CLA GQ . 52.18 -66.57 8.34
C2 CLA GQ . 52.81 -67.73 9.03
C3 CLA GQ . 52.69 -68.99 8.60
C4 CLA GQ . 51.88 -69.33 7.41
C5 CLA GQ . 53.33 -70.11 9.32
MG CLA HQ . 47.85 -63.45 3.49
CHA CLA HQ . 48.34 -60.33 2.08
CHB CLA HQ . 51.00 -64.34 2.60
CHC CLA HQ . 47.34 -66.50 4.98
CHD CLA HQ . 44.57 -62.48 4.37
NA CLA HQ . 49.40 -62.47 2.49
C1A CLA HQ . 49.42 -61.17 1.99
C2A CLA HQ . 50.75 -60.84 1.33
C3A CLA HQ . 51.53 -62.17 1.44
C4A CLA HQ . 50.59 -63.07 2.23
CMA CLA HQ . 51.83 -62.75 0.09
CAA CLA HQ . 51.48 -59.75 2.07
CBA CLA HQ . 52.84 -59.49 1.45
CGA CLA HQ . 52.71 -58.66 0.22
O1A CLA HQ . 52.02 -57.66 0.03
O2A CLA HQ . 53.51 -59.10 -0.80
NB CLA HQ . 48.97 -65.08 3.80
C1B CLA HQ . 50.22 -65.27 3.31
C2B CLA HQ . 50.67 -66.65 3.63
C3B CLA HQ . 49.64 -67.27 4.30
C4B CLA HQ . 48.54 -66.28 4.41
CMB CLA HQ . 51.97 -67.18 3.23
CAB CLA HQ . 49.55 -68.60 4.80
CBB CLA HQ . 48.71 -69.52 4.31
NC CLA HQ . 46.25 -64.32 4.48
C1C CLA HQ . 46.25 -65.59 5.00
C2C CLA HQ . 44.96 -65.87 5.61
C3C CLA HQ . 44.18 -64.74 5.45
C4C CLA HQ . 44.99 -63.77 4.74
CMC CLA HQ . 44.61 -67.13 6.26
CAC CLA HQ . 42.81 -64.54 5.89
CBC CLA HQ . 41.83 -64.82 4.78
ND CLA HQ . 46.65 -61.85 3.24
C1D CLA HQ . 45.34 -61.57 3.68
C2D CLA HQ . 44.97 -60.19 3.27
C3D CLA HQ . 46.09 -59.68 2.65
C4D CLA HQ . 47.10 -60.74 2.67
CMD CLA HQ . 43.68 -59.57 3.51
CAD CLA HQ . 46.67 -58.54 1.97
OBD CLA HQ . 46.16 -57.46 1.70
CBD CLA HQ . 48.13 -58.91 1.63
CGD CLA HQ . 48.38 -58.81 0.16
O1D CLA HQ . 47.94 -59.54 -0.72
O2D CLA HQ . 49.22 -57.79 -0.18
CED CLA HQ . 48.80 -56.46 0.16
C1 CLA HQ . 53.05 -58.86 -2.15
C2 CLA HQ . 52.00 -59.87 -2.45
C3 CLA HQ . 51.89 -60.47 -3.64
C4 CLA HQ . 52.80 -60.15 -4.76
C5 CLA HQ . 50.83 -61.48 -3.89
MG CLA IQ . 29.90 -60.39 9.18
CHA CLA IQ . 26.79 -60.05 7.72
CHB CLA IQ . 31.22 -61.19 6.16
CHC CLA IQ . 32.96 -60.57 10.65
CHD CLA IQ . 28.43 -59.78 12.33
NA CLA IQ . 29.10 -60.58 7.27
C1A CLA IQ . 27.78 -60.41 6.86
C2A CLA IQ . 27.62 -60.64 5.37
C3A CLA IQ . 28.99 -61.22 4.96
C4A CLA IQ . 29.85 -60.97 6.20
CMA CLA IQ . 28.91 -62.68 4.61
CAA CLA IQ . 27.34 -59.30 4.69
CBA CLA IQ . 28.39 -58.25 5.02
CGA CLA IQ . 27.98 -57.38 6.18
O1A CLA IQ . 27.11 -56.51 6.21
O2A CLA IQ . 28.69 -57.64 7.31
NB CLA IQ . 31.73 -60.95 8.56
C1B CLA IQ . 32.08 -60.99 7.25
C2B CLA IQ . 33.54 -60.77 7.09
C3B CLA IQ . 34.06 -60.59 8.35
C4B CLA IQ . 32.90 -60.70 9.30
CMB CLA IQ . 34.21 -60.75 5.80
CAB CLA IQ . 35.41 -60.32 8.73
CBB CLA IQ . 35.81 -59.33 9.54
NC CLA IQ . 30.56 -60.25 11.14
C1C CLA IQ . 31.86 -60.38 11.52
C2C CLA IQ . 31.99 -60.25 12.97
C3C CLA IQ . 30.70 -60.00 13.44
C4C CLA IQ . 29.81 -60.01 12.29
CMC CLA IQ . 33.23 -60.34 13.72
CAC CLA IQ . 30.30 -59.79 14.85
CBC CLA IQ . 29.97 -58.35 15.11
ND CLA IQ . 28.09 -59.87 9.91
C1D CLA IQ . 27.60 -59.69 11.23
C2D CLA IQ . 26.16 -59.42 11.18
C3D CLA IQ . 25.81 -59.49 9.85
C4D CLA IQ . 27.03 -59.83 9.12
CMD CLA IQ . 25.33 -59.11 12.35
CAD CLA IQ . 24.74 -59.38 8.88
OBD CLA IQ . 23.59 -58.99 9.03
CBD CLA IQ . 25.31 -59.86 7.51
CGD CLA IQ . 24.70 -61.16 7.10
O1D CLA IQ . 24.69 -62.22 7.73
O2D CLA IQ . 24.08 -61.12 5.88
CED CLA IQ . 22.67 -61.25 5.84
C1 CLA IQ . 28.73 -56.61 8.33
C2 CLA IQ . 30.08 -56.67 8.93
C3 CLA IQ . 30.34 -56.32 10.20
C4 CLA IQ . 29.29 -55.84 11.11
C5 CLA IQ . 31.73 -56.41 10.75
MG CLA JQ . 30.19 -67.86 0.89
CHA CLA JQ . 31.85 -70.20 2.85
CHB CLA JQ . 31.54 -65.36 2.72
CHC CLA JQ . 28.66 -65.61 -1.19
CHD CLA JQ . 28.81 -70.51 -0.99
NA CLA JQ . 31.47 -67.81 2.53
C1A CLA JQ . 32.04 -68.89 3.21
C2A CLA JQ . 32.93 -68.39 4.35
C3A CLA JQ . 32.66 -66.87 4.38
C4A CLA JQ . 31.84 -66.64 3.12
CMA CLA JQ . 31.90 -66.45 5.61
CAA CLA JQ . 34.39 -68.68 4.03
CBA CLA JQ . 34.95 -67.79 2.95
CGA CLA JQ . 34.47 -68.23 1.60
O1A CLA JQ . 34.50 -69.36 1.11
O2A CLA JQ . 33.92 -67.23 0.85
NB CLA JQ . 30.01 -65.86 0.87
C1B CLA JQ . 30.80 -65.03 1.57
C2B CLA JQ . 30.83 -63.68 0.96
C3B CLA JQ . 30.01 -63.74 -0.15
C4B CLA JQ . 29.49 -65.13 -0.22
CMB CLA JQ . 31.62 -62.58 1.51
CAB CLA JQ . 29.66 -62.77 -1.14
CBB CLA JQ . 29.79 -61.44 -1.02
NC CLA JQ . 28.93 -68.04 -0.76
C1C CLA JQ . 28.39 -66.98 -1.44
C2C CLA JQ . 27.54 -67.45 -2.52
C3C CLA JQ . 27.61 -68.84 -2.48
C4C CLA JQ . 28.48 -69.21 -1.37
CMC CLA JQ . 26.82 -66.60 -3.45
CAC CLA JQ . 26.93 -69.79 -3.37
CBC CLA JQ . 27.83 -70.32 -4.45
ND CLA JQ . 30.33 -69.88 0.82
C1D CLA JQ . 29.68 -70.86 0.01
C2D CLA JQ . 30.12 -72.20 0.44
C3D CLA JQ . 30.97 -72.00 1.50
C4D CLA JQ . 31.04 -70.54 1.72
CMD CLA JQ . 29.73 -73.44 -0.21
CAD CLA JQ . 31.82 -72.64 2.49
OBD CLA JQ . 32.11 -73.82 2.62
CBD CLA JQ . 32.34 -71.51 3.43
CGD CLA JQ . 31.80 -71.75 4.80
O1D CLA JQ . 31.28 -72.79 5.23
O2D CLA JQ . 31.92 -70.71 5.66
CED CLA JQ . 30.74 -70.29 6.35
C1 CLA JQ . 33.33 -67.62 -0.40
C2 CLA JQ . 33.09 -66.37 -1.18
C3 CLA JQ . 32.66 -66.38 -2.46
C4 CLA JQ . 32.39 -67.65 -3.19
C5 CLA JQ . 32.44 -65.12 -3.20
MG CLA KQ . 23.75 -61.38 -6.10
CHA CLA KQ . 24.45 -62.53 -2.91
CHB CLA KQ . 24.47 -58.22 -5.12
CHC CLA KQ . 23.32 -60.33 -9.34
CHD CLA KQ . 22.98 -64.68 -7.07
NA CLA KQ . 24.33 -60.54 -4.29
C1A CLA KQ . 24.61 -61.18 -3.08
C2A CLA KQ . 25.03 -60.18 -2.01
C3A CLA KQ . 24.91 -58.81 -2.72
C4A CLA KQ . 24.55 -59.19 -4.15
CMA CLA KQ . 23.86 -57.93 -2.10
CAA CLA KQ . 26.46 -60.42 -1.57
CBA CLA KQ . 26.83 -59.57 -0.37
CGA CLA KQ . 27.62 -58.36 -0.81
O1A CLA KQ . 27.23 -57.35 -1.38
O2A CLA KQ . 28.95 -58.46 -0.49
NB CLA KQ . 23.94 -59.62 -7.06
C1B CLA KQ . 24.15 -58.43 -6.46
C2B CLA KQ . 24.01 -57.34 -7.46
C3B CLA KQ . 23.69 -57.92 -8.66
C4B CLA KQ . 23.62 -59.39 -8.42
CMB CLA KQ . 24.18 -55.93 -7.11
CAB CLA KQ . 23.42 -57.34 -9.94
CBB CLA KQ . 24.17 -56.41 -10.53
NC CLA KQ . 23.20 -62.34 -7.87
C1C CLA KQ . 23.11 -61.71 -9.09
C2C CLA KQ . 22.78 -62.69 -10.11
C3C CLA KQ . 22.65 -63.92 -9.48
C4C CLA KQ . 22.93 -63.70 -8.07
CMC CLA KQ . 22.62 -62.35 -11.53
CAC CLA KQ . 22.34 -65.21 -10.12
CBC CLA KQ . 20.90 -65.36 -10.53
ND CLA KQ . 23.55 -63.18 -5.22
C1D CLA KQ . 23.28 -64.47 -5.75
C2D CLA KQ . 23.38 -65.46 -4.66
C3D CLA KQ . 23.82 -64.78 -3.55
C4D CLA KQ . 23.94 -63.37 -3.96
CMD CLA KQ . 23.09 -66.89 -4.81
CAD CLA KQ . 24.17 -64.85 -2.15
OBD CLA KQ . 24.08 -65.80 -1.37
CBD CLA KQ . 24.70 -63.45 -1.74
CGD CLA KQ . 24.08 -62.96 -0.45
O1D CLA KQ . 23.27 -62.06 -0.30
O2D CLA KQ . 24.53 -63.60 0.66
CED CLA KQ . 24.52 -62.87 1.89
C1 CLA KQ . 29.78 -57.35 -0.90
C2 CLA KQ . 31.17 -57.89 -1.03
C3 CLA KQ . 32.10 -57.31 -1.81
C4 CLA KQ . 31.82 -56.11 -2.61
C5 CLA KQ . 33.48 -57.88 -1.91
MG CLA LQ . 56.71 -59.36 24.29
CHA CLA LQ . 59.05 -57.54 26.08
CHB CLA LQ . 59.19 -60.60 22.32
CHC CLA LQ . 54.38 -61.29 22.70
CHD CLA LQ . 54.18 -58.02 26.37
NA CLA LQ . 58.78 -59.07 24.22
C1A CLA LQ . 59.57 -58.28 25.06
C2A CLA LQ . 61.03 -58.34 24.66
C3A CLA LQ . 60.99 -59.11 23.32
C4A CLA LQ . 59.56 -59.66 23.28
CMA CLA LQ . 61.25 -58.18 22.17
CAA CLA LQ . 61.85 -59.10 25.69
CBA CLA LQ . 61.10 -60.29 26.28
CGA CLA LQ . 61.98 -61.04 27.22
O1A CLA LQ . 63.18 -61.30 27.12
O2A CLA LQ . 61.31 -61.47 28.33
NB CLA LQ . 56.76 -60.62 22.73
C1B CLA LQ . 57.89 -61.13 22.20
C2B CLA LQ . 57.58 -62.37 21.43
C3B CLA LQ . 56.23 -62.57 21.54
C4B CLA LQ . 55.68 -61.46 22.35
CMB CLA LQ . 58.60 -63.16 20.74
CAB CLA LQ . 55.41 -63.62 21.00
CBB CLA LQ . 54.70 -64.48 21.73
NC CLA LQ . 54.65 -59.57 24.47
C1C CLA LQ . 53.90 -60.40 23.70
C2C CLA LQ . 52.49 -60.28 24.07
C3C CLA LQ . 52.42 -59.39 25.14
C4C CLA LQ . 53.79 -58.94 25.38
CMC CLA LQ . 51.39 -61.01 23.43
CAC CLA LQ . 51.24 -58.94 25.86
CBC CLA LQ . 50.82 -57.54 25.49
ND CLA LQ . 56.58 -58.12 25.88
C1D CLA LQ . 55.48 -57.63 26.63
C2D CLA LQ . 55.96 -56.67 27.63
C3D CLA LQ . 57.32 -56.61 27.47
C4D CLA LQ . 57.65 -57.51 26.36
CMD CLA LQ . 55.10 -55.97 28.59
CAD CLA LQ . 58.56 -56.00 27.91
OBD CLA LQ . 58.74 -55.15 28.78
CBD CLA LQ . 59.71 -56.59 27.04
CGD CLA LQ . 60.46 -55.51 26.32
O1D CLA LQ . 60.42 -55.23 25.12
O2D CLA LQ . 61.28 -54.78 27.11
CED CLA LQ . 62.21 -55.51 27.93
MG CLA MQ . 63.38 -68.53 27.59
CHA CLA MQ . 64.92 -65.64 26.44
CHB CLA MQ . 66.38 -69.71 28.63
CHC CLA MQ . 61.77 -71.29 28.82
CHD CLA MQ . 60.26 -67.21 26.52
NA CLA MQ . 65.32 -67.78 27.52
C1A CLA MQ . 65.76 -66.56 27.00
C2A CLA MQ . 67.28 -66.42 27.17
C3A CLA MQ . 67.72 -67.76 27.80
C4A CLA MQ . 66.39 -68.49 28.00
CMA CLA MQ . 68.64 -68.54 26.91
CAA CLA MQ . 67.62 -65.25 28.08
CBA CLA MQ . 68.24 -65.70 29.39
CGA CLA MQ . 67.19 -65.95 30.44
O1A CLA MQ . 67.33 -66.06 31.65
O2A CLA MQ . 65.93 -66.05 29.92
NB CLA MQ . 63.96 -70.18 28.56
C1B CLA MQ . 65.24 -70.49 28.88
C2B CLA MQ . 65.28 -71.82 29.54
C3B CLA MQ . 64.00 -72.29 29.60
C4B CLA MQ . 63.13 -71.25 28.97
CMB CLA MQ . 66.52 -72.44 30.00
CAB CLA MQ . 63.57 -73.55 30.17
CBB CLA MQ . 62.35 -74.11 30.10
NC CLA MQ . 61.39 -69.14 27.62
C1C CLA MQ . 60.96 -70.32 28.17
C2C CLA MQ . 59.51 -70.42 28.04
C3C CLA MQ . 59.09 -69.27 27.40
C4C CLA MQ . 60.27 -68.47 27.14
CMC CLA MQ . 58.71 -71.55 28.51
CAC CLA MQ . 57.71 -68.91 27.04
CBC CLA MQ . 57.24 -69.61 25.78
ND CLA MQ . 62.70 -66.89 26.63
C1D CLA MQ . 61.39 -66.46 26.28
C2D CLA MQ . 61.47 -65.13 25.65
C3D CLA MQ . 62.80 -64.78 25.67
C4D CLA MQ . 63.52 -65.90 26.30
CMD CLA MQ . 60.33 -64.40 25.14
CAD CLA MQ . 63.78 -63.78 25.31
OBD CLA MQ . 63.62 -62.73 24.68
CBD CLA MQ . 65.15 -64.26 25.86
CGD CLA MQ . 66.22 -64.25 24.81
O1D CLA MQ . 66.89 -65.20 24.40
O2D CLA MQ . 66.44 -63.01 24.28
CED CLA MQ . 67.72 -62.75 23.71
MG CLA NQ . 59.18 -65.90 18.39
CHA CLA NQ . 57.72 -64.70 15.49
CHB CLA NQ . 56.43 -67.77 18.99
CHC CLA NQ . 60.67 -67.06 21.24
CHD CLA NQ . 61.98 -63.84 17.77
NA CLA NQ . 57.38 -66.19 17.38
C1A CLA NQ . 56.96 -65.60 16.18
C2A CLA NQ . 55.58 -66.09 15.79
C3A CLA NQ . 55.17 -67.02 16.96
C4A CLA NQ . 56.42 -67.02 17.84
CMA CLA NQ . 53.97 -66.50 17.70
CAA CLA NQ . 55.63 -66.86 14.50
CBA CLA NQ . 54.28 -66.92 13.83
CGA CLA NQ . 53.54 -68.13 14.31
O1A CLA NQ . 53.85 -68.91 15.21
O2A CLA NQ . 52.38 -68.33 13.63
NB CLA NQ . 58.63 -67.12 19.87
C1B CLA NQ . 57.49 -67.86 19.89
C2B CLA NQ . 57.52 -68.82 21.02
C3B CLA NQ . 58.72 -68.63 21.67
C4B CLA NQ . 59.44 -67.55 20.95
CMB CLA NQ . 56.44 -69.76 21.29
CAB CLA NQ . 59.27 -69.29 22.82
CBB CLA NQ . 59.24 -70.61 23.05
NC CLA NQ . 61.00 -65.53 19.32
C1C CLA NQ . 61.41 -66.12 20.48
C2C CLA NQ . 62.73 -65.63 20.84
C3C CLA NQ . 63.10 -64.70 19.87
C4C CLA NQ . 62.01 -64.64 18.91
CMC CLA NQ . 63.49 -66.04 22.03
CAC CLA NQ . 64.35 -63.92 19.81
CBC CLA NQ . 65.31 -64.40 18.76
ND CLA NQ . 59.82 -64.65 16.93
C1D CLA NQ . 60.97 -63.82 16.83
C2D CLA NQ . 60.86 -63.00 15.61
C3D CLA NQ . 59.65 -63.33 15.03
C4D CLA NQ . 59.03 -64.33 15.92
CMD CLA NQ . 61.88 -62.07 15.14
CAD CLA NQ . 58.73 -63.10 13.94
OBD CLA NQ . 58.88 -62.42 12.93
CBD CLA NQ . 57.44 -63.90 14.24
CGD CLA NQ . 56.30 -62.96 14.48
O1D CLA NQ . 56.35 -61.75 14.71
O2D CLA NQ . 55.08 -63.55 14.42
CED CLA NQ . 54.08 -63.05 15.31
C1 CLA NQ . 51.42 -69.23 14.23
C2 CLA NQ . 51.81 -70.60 13.82
C3 CLA NQ . 51.40 -71.69 14.50
C4 CLA NQ . 50.53 -71.58 15.70
C5 CLA NQ . 51.81 -73.05 14.08
MG CLA OQ . 41.53 -77.01 25.55
CHA CLA OQ . 38.08 -76.64 25.58
CHB CLA OQ . 41.64 -75.83 22.37
CHC CLA OQ . 44.95 -77.35 25.60
CHD CLA OQ . 41.37 -78.21 28.88
NA CLA OQ . 40.07 -76.36 24.21
C1A CLA OQ . 38.69 -76.27 24.41
C2A CLA OQ . 37.99 -75.73 23.17
C3A CLA OQ . 39.14 -75.54 22.15
C4A CLA OQ . 40.38 -75.93 22.95
CMA CLA OQ . 38.95 -76.41 20.94
CAA CLA OQ . 37.35 -74.40 23.49
CBA CLA OQ . 38.41 -73.41 23.87
CGA CLA OQ . 38.08 -72.75 25.18
O1A CLA OQ . 36.97 -72.50 25.65
O2A CLA OQ . 39.19 -72.39 25.87
NB CLA OQ . 43.01 -76.64 24.24
C1B CLA OQ . 42.86 -76.16 22.99
C2B CLA OQ . 44.18 -76.04 22.33
C3B CLA OQ . 45.13 -76.46 23.23
C4B CLA OQ . 44.39 -76.86 24.46
CMB CLA OQ . 44.34 -75.54 20.97
CAB CLA OQ . 46.56 -76.57 23.12
CBB CLA OQ . 47.37 -75.63 22.63
NC CLA OQ . 42.90 -77.67 26.98
C1C CLA OQ . 44.25 -77.73 26.78
C2C CLA OQ . 44.90 -78.25 27.98
C3C CLA OQ . 43.90 -78.48 28.92
C4C CLA OQ . 42.64 -78.11 28.28
CMC CLA OQ . 46.35 -78.45 28.12
CAC CLA OQ . 44.04 -78.99 30.28
CBC CLA OQ . 43.74 -80.47 30.38
ND CLA OQ . 40.11 -77.40 26.93
C1D CLA OQ . 40.19 -77.89 28.27
C2D CLA OQ . 38.82 -77.96 28.82
C3D CLA OQ . 37.98 -77.50 27.83
C4D CLA OQ . 38.83 -77.16 26.69
CMD CLA OQ . 38.49 -78.45 30.15
CAD CLA OQ . 36.60 -77.23 27.46
OBD CLA OQ . 35.57 -77.40 28.09
CBD CLA OQ . 36.64 -76.63 26.03
CGD CLA OQ . 35.78 -77.44 25.11
O1D CLA OQ . 36.02 -78.56 24.65
O2D CLA OQ . 34.61 -76.83 24.77
CED CLA OQ . 34.14 -75.71 25.54
C1 CLA OQ . 39.02 -71.43 26.93
C2 CLA OQ . 40.29 -71.44 27.71
C3 CLA OQ . 40.36 -71.04 28.99
C4 CLA OQ . 39.17 -70.54 29.73
C5 CLA OQ . 41.65 -71.07 29.73
MG CLA PQ . 46.96 -84.94 33.06
CHA CLA PQ . 45.44 -85.93 36.00
CHB CLA PQ . 46.88 -81.70 34.11
CHC CLA PQ . 48.53 -84.01 30.15
CHD CLA PQ . 46.99 -88.31 31.99
NA CLA PQ . 46.26 -84.00 34.79
C1A CLA PQ . 45.67 -84.59 35.90
C2A CLA PQ . 45.31 -83.53 36.95
C3A CLA PQ . 45.68 -82.20 36.27
C4A CLA PQ . 46.34 -82.64 34.96
CMA CLA PQ . 44.47 -81.33 36.02
CAA CLA PQ . 46.15 -83.75 38.20
CBA CLA PQ . 47.50 -83.07 38.13
CGA CLA PQ . 48.39 -83.76 37.15
O1A CLA PQ . 48.58 -84.97 37.00
O2A CLA PQ . 49.03 -82.89 36.32
NB CLA PQ . 47.53 -83.18 32.25
C1B CLA PQ . 47.49 -81.98 32.88
C2B CLA PQ . 48.22 -80.97 32.07
C3B CLA PQ . 48.69 -81.61 30.95
C4B CLA PQ . 48.25 -83.03 31.06
CMB CLA PQ . 48.35 -79.57 32.50
CAB CLA PQ . 49.46 -81.11 29.85
CBB CLA PQ . 50.53 -80.32 29.96
NC CLA PQ . 47.62 -85.97 31.38
C1C CLA PQ . 48.24 -85.39 30.30
C2C CLA PQ . 48.55 -86.40 29.31
C3C CLA PQ . 48.12 -87.63 29.82
C4C CLA PQ . 47.55 -87.34 31.13
CMC CLA PQ . 49.21 -86.13 28.02
CAC CLA PQ . 48.23 -88.94 29.19
CBC CLA PQ . 49.43 -89.73 29.67
ND CLA PQ . 46.43 -86.74 33.80
C1D CLA PQ . 46.48 -88.04 33.23
C2D CLA PQ . 45.86 -88.99 34.20
C3D CLA PQ . 45.45 -88.23 35.27
C4D CLA PQ . 45.81 -86.83 34.97
CMD CLA PQ . 45.74 -90.42 33.97
CAD CLA PQ . 44.80 -88.23 36.57
OBD CLA PQ . 44.33 -89.17 37.19
CBD CLA PQ . 44.76 -86.76 37.06
CGD CLA PQ . 43.34 -86.29 37.25
O1D CLA PQ . 42.81 -85.86 38.27
O2D CLA PQ . 42.59 -86.37 36.11
CED CLA PQ . 42.29 -85.16 35.40
MG CLA QQ . 55.72 -95.96 23.57
CHA CLA QQ . 54.45 -99.17 23.44
CHB CLA QQ . 53.71 -95.29 26.22
CHC CLA QQ . 57.12 -92.83 23.76
CHD CLA QQ . 57.81 -96.72 20.82
NA CLA QQ . 54.29 -97.06 24.62
C1A CLA QQ . 53.92 -98.40 24.42
C2A CLA QQ . 52.82 -98.81 25.40
C3A CLA QQ . 52.51 -97.50 26.17
C4A CLA QQ . 53.57 -96.54 25.66
CMA CLA QQ . 51.11 -97.00 25.89
CAA CLA QQ . 53.25 -99.91 26.34
CBA CLA QQ . 54.59 -99.63 27.00
CGA CLA QQ . 54.85 -100.64 28.07
O1A CLA QQ . 54.27 -100.79 29.15
O2A CLA QQ . 55.88 -101.48 27.77
NB CLA QQ . 55.43 -94.34 24.73
C1B CLA QQ . 54.64 -94.32 25.83
C2B CLA QQ . 54.90 -93.06 26.60
C3B CLA QQ . 55.86 -92.37 25.91
C4B CLA QQ . 56.20 -93.16 24.71
CMB CLA QQ . 54.21 -92.73 27.84
CAB CLA QQ . 56.45 -91.09 26.22
CBB CLA QQ . 57.77 -90.88 26.37
NC CLA QQ . 57.17 -94.95 22.45
C1C CLA QQ . 57.56 -93.67 22.69
C2C CLA QQ . 58.57 -93.27 21.72
C3C CLA QQ . 58.79 -94.38 20.91
C4C CLA QQ . 57.91 -95.43 21.38
CMC CLA QQ . 59.21 -91.95 21.66
CAC CLA QQ . 59.73 -94.48 19.78
CBC CLA QQ . 59.04 -94.28 18.45
ND CLA QQ . 56.07 -97.53 22.35
C1D CLA QQ . 56.97 -97.72 21.27
C2D CLA QQ . 56.81 -99.09 20.75
C3D CLA QQ . 55.85 -99.69 21.55
C4D CLA QQ . 55.43 -98.68 22.53
CMD CLA QQ . 57.55 -99.64 19.62
CAD CLA QQ . 55.08 -100.90 21.80
OBD CLA QQ . 55.08 -101.96 21.19
CBD CLA QQ . 54.19 -100.61 23.05
CGD CLA QQ . 52.73 -100.82 22.79
O1D CLA QQ . 52.03 -100.30 21.92
O2D CLA QQ . 52.14 -101.68 23.66
CED CLA QQ . 52.54 -103.05 23.62
C1 CLA QQ . 55.59 -102.58 26.87
C2 CLA QQ . 56.88 -103.05 26.32
C3 CLA QQ . 56.97 -103.93 25.32
C4 CLA QQ . 55.77 -104.51 24.67
C5 CLA QQ . 58.29 -104.37 24.80
MG CLA RQ . 53.26 -91.15 13.04
CHA CLA RQ . 51.17 -90.55 10.35
CHB CLA RQ . 50.78 -92.90 14.57
CHC CLA RQ . 55.38 -91.73 15.69
CHD CLA RQ . 55.80 -89.32 11.41
NA CLA RQ . 51.30 -91.64 12.52
C1A CLA RQ . 50.61 -91.32 11.35
C2A CLA RQ . 49.19 -91.89 11.36
C3A CLA RQ . 49.10 -92.59 12.73
C4A CLA RQ . 50.49 -92.38 13.33
CMA CLA RQ . 48.03 -91.97 13.60
CAA CLA RQ . 49.05 -92.92 10.25
CBA CLA RQ . 48.17 -94.09 10.67
CGA CLA RQ . 48.97 -95.36 10.73
O1A CLA RQ . 48.61 -96.48 11.10
O2A CLA RQ . 50.26 -95.19 10.30
NB CLA RQ . 53.14 -92.19 14.76
C1B CLA RQ . 52.00 -92.75 15.25
C2B CLA RQ . 52.21 -93.18 16.66
C3B CLA RQ . 53.51 -92.85 16.98
C4B CLA RQ . 54.11 -92.22 15.78
CMB CLA RQ . 51.15 -93.80 17.44
CAB CLA RQ . 54.23 -93.04 18.21
CBB CLA RQ . 54.53 -94.22 18.73
NC CLA RQ . 55.23 -90.63 13.46
C1C CLA RQ . 55.90 -90.98 14.59
C2C CLA RQ . 57.26 -90.47 14.53
C3C CLA RQ . 57.39 -89.78 13.33
C4C CLA RQ . 56.11 -89.89 12.66
CMC CLA RQ . 58.28 -90.66 15.57
CAC CLA RQ . 58.58 -89.09 12.81
CBC CLA RQ . 58.50 -87.59 12.97
ND CLA RQ . 53.48 -90.10 11.34
C1D CLA RQ . 54.58 -89.41 10.78
C2D CLA RQ . 54.18 -88.84 9.48
C3D CLA RQ . 52.86 -89.21 9.29
C4D CLA RQ . 52.49 -90.02 10.45
CMD CLA RQ . 55.05 -88.03 8.63
CAD CLA RQ . 51.71 -89.14 8.42
OBD CLA RQ . 51.55 -88.49 7.39
CBD CLA RQ . 50.61 -90.04 9.05
CGD CLA RQ . 49.34 -89.29 9.28
O1D CLA RQ . 48.74 -89.13 10.34
O2D CLA RQ . 48.82 -88.71 8.16
CED CLA RQ . 47.42 -88.48 8.13
C1 CLA RQ . 50.72 -96.15 9.32
C2 CLA RQ . 51.48 -97.20 10.04
C3 CLA RQ . 52.74 -97.00 10.49
C4 CLA RQ . 53.47 -95.73 10.28
C5 CLA RQ . 53.46 -98.08 11.22
MG CLA SQ . 49.19 -82.50 13.58
CHA CLA SQ . 45.74 -82.68 13.42
CHB CLA SQ . 49.44 -85.13 11.46
CHC CLA SQ . 52.61 -82.20 13.69
CHD CLA SQ . 48.90 -79.75 15.79
NA CLA SQ . 47.80 -83.70 12.63
C1A CLA SQ . 46.40 -83.63 12.67
C2A CLA SQ . 45.75 -84.71 11.81
C3A CLA SQ . 46.97 -85.49 11.24
C4A CLA SQ . 48.17 -84.74 11.80
CMA CLA SQ . 46.96 -86.94 11.64
CAA CLA SQ . 44.95 -84.12 10.65
CBA CLA SQ . 45.82 -83.95 9.42
CGA CLA SQ . 46.71 -82.76 9.58
O1A CLA SQ . 46.38 -81.61 9.86
O2A CLA SQ . 48.05 -83.05 9.42
NB CLA SQ . 50.73 -83.48 12.75
C1B CLA SQ . 50.63 -84.53 11.90
C2B CLA SQ . 51.99 -84.98 11.49
C3B CLA SQ . 52.88 -84.16 12.12
C4B CLA SQ . 52.10 -83.19 12.92
CMB CLA SQ . 52.21 -86.10 10.58
CAB CLA SQ . 54.32 -84.14 12.08
CBB CLA SQ . 55.04 -83.89 10.97
NC CLA SQ . 50.51 -81.21 14.58
C1C CLA SQ . 51.86 -81.27 14.47
C2C CLA SQ . 52.46 -80.22 15.28
C3C CLA SQ . 51.42 -79.53 15.88
C4C CLA SQ . 50.18 -80.16 15.43
CMC CLA SQ . 53.90 -79.98 15.40
CAC CLA SQ . 51.51 -78.39 16.79
CBC CLA SQ . 51.25 -77.09 16.08
ND CLA SQ . 47.72 -81.44 14.46
C1D CLA SQ . 47.73 -80.33 15.35
C2D CLA SQ . 46.34 -79.95 15.66
C3D CLA SQ . 45.54 -80.81 14.94
C4D CLA SQ . 46.45 -81.72 14.21
CMD CLA SQ . 45.96 -78.87 16.55
CAD CLA SQ . 44.19 -81.19 14.61
OBD CLA SQ . 43.13 -80.70 14.98
CBD CLA SQ . 44.27 -82.40 13.64
CGD CLA SQ . 43.56 -83.55 14.25
O1D CLA SQ . 42.82 -84.37 13.69
O2D CLA SQ . 43.75 -83.66 15.59
CED CLA SQ . 42.83 -84.48 16.32
C1 CLA SQ . 48.64 -82.87 8.12
C2 CLA SQ . 50.06 -82.49 8.33
C3 CLA SQ . 51.08 -82.97 7.60
C4 CLA SQ . 50.90 -83.95 6.51
C5 CLA SQ . 52.49 -82.54 7.87
MG CLA TQ . 67.37 -79.92 11.77
CHA CLA TQ . 70.53 -79.20 10.57
CHB CLA TQ . 66.18 -77.07 10.35
CHC CLA TQ . 64.25 -80.71 12.95
CHD CLA TQ . 68.65 -82.90 13.19
NA CLA TQ . 68.24 -78.39 10.65
C1A CLA TQ . 69.58 -78.28 10.25
C2A CLA TQ . 69.78 -77.03 9.40
C3A CLA TQ . 68.40 -76.34 9.40
C4A CLA TQ . 67.52 -77.33 10.18
CMA CLA TQ . 68.43 -74.98 10.04
CAA CLA TQ . 70.10 -77.47 7.99
CBA CLA TQ . 69.08 -78.49 7.52
CGA CLA TQ . 69.48 -79.14 6.22
O1A CLA TQ . 70.34 -78.79 5.41
O2A CLA TQ . 68.75 -80.27 5.95
NB CLA TQ . 65.57 -79.04 11.67
C1B CLA TQ . 65.28 -77.88 11.04
C2B CLA TQ . 63.84 -77.57 11.20
C3B CLA TQ . 63.29 -78.58 11.92
C4B CLA TQ . 64.38 -79.55 12.24
CMB CLA TQ . 63.21 -76.37 10.64
CAB CLA TQ . 61.92 -78.78 12.35
CBB CLA TQ . 61.16 -79.80 11.97
NC CLA TQ . 66.61 -81.51 12.87
C1C CLA TQ . 65.30 -81.62 13.25
C2C CLA TQ . 65.11 -82.84 14.01
C3C CLA TQ . 66.34 -83.47 14.08
C4C CLA TQ . 67.28 -82.63 13.35
CMC CLA TQ . 63.84 -83.28 14.58
CAC CLA TQ . 66.67 -84.74 14.74
CBC CLA TQ . 67.20 -84.49 16.14
ND CLA TQ . 69.15 -80.88 11.90
C1D CLA TQ . 69.53 -82.10 12.51
C2D CLA TQ . 70.97 -82.30 12.29
C3D CLA TQ . 71.41 -81.22 11.57
C4D CLA TQ . 70.23 -80.37 11.35
CMD CLA TQ . 71.74 -83.45 12.79
CAD CLA TQ . 72.55 -80.58 10.94
OBD CLA TQ . 73.71 -80.96 10.87
CBD CLA TQ . 72.02 -79.27 10.28
CGD CLA TQ . 72.71 -78.07 10.87
O1D CLA TQ . 72.19 -77.03 11.30
O2D CLA TQ . 74.06 -78.19 10.94
CED CLA TQ . 74.68 -78.21 12.22
C1 CLA TQ . 68.49 -80.56 4.56
C2 CLA TQ . 67.51 -81.68 4.52
C3 CLA TQ . 67.19 -82.35 3.41
C4 CLA TQ . 67.79 -82.02 2.09
C5 CLA TQ . 66.20 -83.46 3.44
MG CLA UQ . 66.11 -76.79 29.05
CHA CLA UQ . 68.84 -74.85 28.20
CHB CLA UQ . 68.07 -78.68 31.07
CHC CLA UQ . 63.35 -78.64 29.88
CHD CLA UQ . 64.11 -74.83 26.88
NA CLA UQ . 68.14 -76.76 29.52
C1A CLA UQ . 69.12 -75.87 29.07
C2A CLA UQ . 70.48 -76.21 29.65
C3A CLA UQ . 70.22 -77.51 30.46
C4A CLA UQ . 68.70 -77.68 30.36
CMA CLA UQ . 70.95 -78.68 29.86
CAA CLA UQ . 71.05 -75.11 30.54
CBA CLA UQ . 70.01 -74.52 31.47
CGA CLA UQ . 70.58 -73.29 32.09
O1A CLA UQ . 71.02 -72.28 31.53
O2A CLA UQ . 70.58 -73.33 33.46
NB CLA UQ . 65.79 -78.41 30.18
C1B CLA UQ . 66.70 -78.94 31.05
C2B CLA UQ . 66.01 -79.87 31.99
C3B CLA UQ . 64.68 -79.86 31.66
C4B CLA UQ . 64.52 -78.94 30.50
CMB CLA UQ . 66.70 -80.60 33.04
CAB CLA UQ . 63.58 -80.57 32.25
CBB CLA UQ . 62.56 -79.98 32.89
NC CLA UQ . 64.11 -76.74 28.47
C1C CLA UQ . 63.16 -77.61 28.92
C2C CLA UQ . 61.88 -77.32 28.28
C3C CLA UQ . 62.08 -76.23 27.46
C4C CLA UQ . 63.50 -75.88 27.56
CMC CLA UQ . 60.64 -78.06 28.53
CAC CLA UQ . 61.09 -75.57 26.60
CBC CLA UQ . 60.25 -74.58 27.37
ND CLA UQ . 66.33 -75.18 27.85
C1D CLA UQ . 65.43 -74.49 27.00
C2D CLA UQ . 66.17 -73.38 26.33
C3D CLA UQ . 67.47 -73.48 26.77
C4D CLA UQ . 67.52 -74.62 27.69
CMD CLA UQ . 65.57 -72.43 25.40
CAD CLA UQ . 68.80 -72.91 26.69
OBD CLA UQ . 69.19 -71.92 26.08
CBD CLA UQ . 69.72 -73.81 27.57
CGD CLA UQ . 70.76 -74.50 26.74
O1D CLA UQ . 71.79 -75.06 27.12
O2D CLA UQ . 70.51 -74.43 25.41
CED CLA UQ . 69.86 -75.56 24.81
C1 CLA UQ . 71.42 -74.33 34.06
C2 CLA UQ . 71.44 -74.04 35.52
MG CLA VQ . 75.33 -83.93 19.59
CHA CLA VQ . 77.97 -82.72 21.48
CHB CLA VQ . 77.54 -85.29 17.38
CHC CLA VQ . 72.68 -85.14 17.78
CHD CLA VQ . 73.08 -82.39 21.84
NA CLA VQ . 77.42 -84.02 19.49
C1A CLA VQ . 78.34 -83.45 20.38
C2A CLA VQ . 79.77 -83.76 19.95
C3A CLA VQ . 79.59 -84.54 18.63
C4A CLA VQ . 78.08 -84.65 18.48
CMA CLA VQ . 80.22 -83.81 17.47
CAA CLA VQ . 80.36 -84.66 21.01
CBA CLA VQ . 81.82 -84.96 20.81
CGA CLA VQ . 82.15 -86.13 21.69
O1A CLA VQ . 81.72 -86.39 22.81
O2A CLA VQ . 83.06 -86.99 21.13
NB CLA VQ . 75.15 -85.01 17.91
C1B CLA VQ . 76.16 -85.44 17.13
C2B CLA VQ . 75.63 -86.11 15.91
C3B CLA VQ . 74.25 -86.08 16.01
C4B CLA VQ . 73.93 -85.38 17.29
CMB CLA VQ . 76.50 -86.67 14.88
CAB CLA VQ . 73.20 -86.57 15.15
CBB CLA VQ . 73.34 -87.09 13.93
NC CLA VQ . 73.27 -83.82 19.81
C1C CLA VQ . 72.37 -84.41 18.96
C2C CLA VQ . 71.01 -84.16 19.43
C3C CLA VQ . 71.12 -83.34 20.54
C4C CLA VQ . 72.54 -83.14 20.79
CMC CLA VQ . 69.80 -84.66 18.78
CAC CLA VQ . 70.02 -82.83 21.37
CBC CLA VQ . 69.86 -83.61 22.65
ND CLA VQ . 75.43 -82.87 21.30
C1D CLA VQ . 74.43 -82.25 22.10
C2D CLA VQ . 75.09 -81.49 23.19
C3D CLA VQ . 76.44 -81.67 23.01
C4D CLA VQ . 76.60 -82.50 21.81
CMD CLA VQ . 74.37 -80.74 24.22
CAD CLA VQ . 77.77 -81.36 23.51
OBD CLA VQ . 78.10 -80.74 24.51
CBD CLA VQ . 78.78 -81.97 22.50
CGD CLA VQ . 79.61 -80.92 21.83
O1D CLA VQ . 80.54 -81.09 21.03
O2D CLA VQ . 79.27 -79.65 22.16
CED CLA VQ . 80.34 -78.74 22.40
MG CLA WQ . 79.98 -84.39 8.94
CHA CLA WQ . 80.96 -82.42 11.62
CHB CLA WQ . 82.99 -83.90 7.47
CHC CLA WQ . 78.98 -86.43 6.37
CHD CLA WQ . 76.81 -84.78 10.46
NA CLA WQ . 81.69 -83.32 9.48
C1A CLA WQ . 81.89 -82.55 10.62
C2A CLA WQ . 83.29 -81.95 10.62
C3A CLA WQ . 83.86 -82.35 9.24
C4A CLA WQ . 82.79 -83.28 8.68
CMA CLA WQ . 84.08 -81.16 8.34
CAA CLA WQ . 84.14 -82.56 11.72
CBA CLA WQ . 84.28 -84.06 11.57
CGA CLA WQ . 83.18 -84.78 12.29
O1A CLA WQ . 82.94 -84.81 13.49
O2A CLA WQ . 82.35 -85.45 11.43
NB CLA WQ . 80.79 -84.96 7.19
C1B CLA WQ . 82.08 -84.77 6.84
C2B CLA WQ . 82.42 -85.61 5.67
C3B CLA WQ . 81.30 -86.33 5.34
C4B CLA WQ . 80.24 -85.93 6.32
CMB CLA WQ . 83.74 -85.63 5.04
CAB CLA WQ . 81.09 -87.31 4.32
CBB CLA WQ . 80.82 -88.59 4.53
NC CLA WQ . 78.22 -85.42 8.51
C1C CLA WQ . 78.03 -86.19 7.41
C2C CLA WQ . 76.69 -86.76 7.43
C3C CLA WQ . 76.07 -86.29 8.58
C4C CLA WQ . 77.03 -85.43 9.25
CMC CLA WQ . 76.15 -87.67 6.42
CAC CLA WQ . 74.71 -86.57 9.04
CBC CLA WQ . 73.69 -85.63 8.44
ND CLA WQ . 79.09 -83.88 10.68
C1D CLA WQ . 77.76 -84.06 11.15
C2D CLA WQ . 77.61 -83.38 12.45
C3D CLA WQ . 78.83 -82.78 12.70
C4D CLA WQ . 79.69 -83.07 11.54
CMD CLA WQ . 76.41 -83.41 13.29
CAD CLA WQ . 79.59 -81.96 13.62
OBD CLA WQ . 79.31 -81.59 14.75
CBD CLA WQ . 80.94 -81.62 12.90
CGD CLA WQ . 80.98 -80.14 12.64
O1D CLA WQ . 80.07 -79.43 12.20
O2D CLA WQ . 82.17 -79.55 12.93
CED CLA WQ . 82.96 -80.05 14.01
C1 CLA WQ . 81.41 -86.37 12.03
C2 CLA WQ . 80.60 -86.93 10.92
C3 CLA WQ . 81.06 -87.88 10.09
C4 CLA WQ . 82.42 -88.45 10.21
C5 CLA WQ . 80.20 -88.41 9.00
MG CLA XQ . 74.89 -78.54 1.31
CHA CLA XQ . 73.90 -78.22 4.63
CHB CLA XQ . 75.61 -81.82 1.85
CHC CLA XQ . 75.49 -78.88 -2.05
CHD CLA XQ . 74.16 -75.12 0.81
NA CLA XQ . 74.82 -79.77 2.99
C1A CLA XQ . 74.36 -79.46 4.27
C2A CLA XQ . 74.47 -80.65 5.18
C3A CLA XQ . 75.29 -81.66 4.37
C4A CLA XQ . 75.24 -81.08 2.96
CMA CLA XQ . 76.69 -81.68 4.91
CAA CLA XQ . 73.10 -81.20 5.49
CBA CLA XQ . 73.22 -82.60 6.04
CGA CLA XQ . 71.99 -82.94 6.81
O1A CLA XQ . 71.44 -82.31 7.72
O2A CLA XQ . 71.41 -84.11 6.41
NB CLA XQ . 75.47 -80.06 0.13
C1B CLA XQ . 75.61 -81.35 0.53
C2B CLA XQ . 75.78 -82.21 -0.67
C3B CLA XQ . 75.75 -81.39 -1.77
C4B CLA XQ . 75.56 -80.01 -1.27
CMB CLA XQ . 75.97 -83.67 -0.60
CAB CLA XQ . 75.89 -81.72 -3.16
CBB CLA XQ . 76.86 -81.28 -3.95
NC CLA XQ . 74.89 -77.22 -0.30
C1C CLA XQ . 75.18 -77.57 -1.60
C2C CLA XQ . 75.10 -76.40 -2.47
C3C CLA XQ . 74.69 -75.33 -1.66
C4C CLA XQ . 74.57 -75.86 -0.30
CMC CLA XQ . 75.35 -76.40 -3.91
CAC CLA XQ . 74.48 -73.94 -2.09
CBC CLA XQ . 73.03 -73.63 -2.33
ND CLA XQ . 74.30 -76.97 2.43
C1D CLA XQ . 74.00 -75.63 2.09
C2D CLA XQ . 73.51 -74.92 3.29
C3D CLA XQ . 73.41 -75.87 4.29
C4D CLA XQ . 73.92 -77.13 3.70
CMD CLA XQ . 73.14 -73.51 3.34
CAD CLA XQ . 73.08 -76.13 5.67
OBD CLA XQ . 72.66 -75.37 6.54
CBD CLA XQ . 73.33 -77.65 5.93
CGD CLA XQ . 74.12 -77.85 7.19
O1D CLA XQ . 73.96 -77.25 8.26
O2D CLA XQ . 75.10 -78.79 7.17
CED CLA XQ . 75.22 -79.63 8.31
MG CLA YQ . 66.65 -72.28 8.45
CHA CLA YQ . 63.63 -71.63 9.97
CHB CLA YQ . 65.14 -74.52 6.39
CHC CLA YQ . 69.73 -73.11 7.17
CHD CLA YQ . 68.16 -69.85 10.52
NA CLA YQ . 64.68 -72.92 8.21
C1A CLA YQ . 63.56 -72.56 8.96
C2A CLA YQ . 62.31 -73.26 8.44
C3A CLA YQ . 62.81 -74.06 7.22
C4A CLA YQ . 64.33 -73.84 7.26
CMA CLA YQ . 62.47 -75.52 7.27
CAA CLA YQ . 61.28 -72.24 8.00
CBA CLA YQ . 60.14 -72.87 7.25
CGA CLA YQ . 59.06 -73.27 8.20
O1A CLA YQ . 58.65 -72.68 9.20
O2A CLA YQ . 58.49 -74.47 7.85
NB CLA YQ . 67.31 -73.58 7.05
C1B CLA YQ . 66.53 -74.41 6.32
C2B CLA YQ . 67.38 -75.22 5.41
C3B CLA YQ . 68.68 -74.82 5.62
C4B CLA YQ . 68.65 -73.77 6.68
CMB CLA YQ . 66.81 -76.21 4.50
CAB CLA YQ . 69.93 -75.24 5.03
CBB CLA YQ . 70.10 -76.00 3.95
NC CLA YQ . 68.59 -71.59 8.78
C1C CLA YQ . 69.70 -72.07 8.15
C2C CLA YQ . 70.88 -71.39 8.65
C3C CLA YQ . 70.45 -70.45 9.57
C4C CLA YQ . 68.99 -70.59 9.65
CMC CLA YQ . 72.25 -71.67 8.21
CAC CLA YQ . 71.27 -69.51 10.34
CBC CLA YQ . 71.75 -70.11 11.64
ND CLA YQ . 66.08 -70.97 9.87
C1D CLA YQ . 66.80 -70.01 10.63
C2D CLA YQ . 65.86 -69.33 11.54
C3D CLA YQ . 64.65 -69.98 11.40
C4D CLA YQ . 64.83 -70.97 10.32
CMD CLA YQ . 66.22 -68.25 12.45
CAD CLA YQ . 63.26 -70.02 11.79
OBD CLA YQ . 62.68 -69.37 12.65
CBD CLA YQ . 62.58 -71.11 10.92
CGD CLA YQ . 62.08 -72.26 11.73
O1D CLA YQ . 62.59 -73.37 11.83
O2D CLA YQ . 60.94 -72.02 12.43
CED CLA YQ . 60.13 -73.16 12.73
C1 CLA YQ . 59.05 -75.65 8.46
C2 CLA YQ . 58.68 -76.79 7.59
C3 CLA YQ . 59.07 -78.05 7.85
C4 CLA YQ . 59.88 -78.40 9.03
C5 CLA YQ . 58.68 -79.17 6.95
MG CLA ZQ . 58.37 -80.62 -7.12
CHA CLA ZQ . 56.43 -83.24 -5.94
CHB CLA ZQ . 61.18 -82.29 -6.19
CHC CLA ZQ . 60.24 -77.98 -8.26
CHD CLA ZQ . 55.41 -78.92 -8.04
NA CLA ZQ . 58.71 -82.48 -6.24
C1A CLA ZQ . 57.78 -83.42 -5.81
C2A CLA ZQ . 58.47 -84.65 -5.23
C3A CLA ZQ . 59.97 -84.32 -5.37
C4A CLA ZQ . 59.98 -82.93 -5.98
CMA CLA ZQ . 60.68 -84.33 -4.04
CAA CLA ZQ . 58.13 -85.90 -6.01
CBA CLA ZQ . 58.95 -86.03 -7.26
CGA CLA ZQ . 58.93 -87.46 -7.71
O1A CLA ZQ . 57.98 -88.14 -8.08
O2A CLA ZQ . 60.17 -88.04 -7.69
NB CLA ZQ . 60.33 -80.22 -7.21
C1B CLA ZQ . 61.32 -81.00 -6.74
C2B CLA ZQ . 62.63 -80.32 -6.89
C3B CLA ZQ . 62.38 -79.11 -7.48
C4B CLA ZQ . 60.91 -79.02 -7.70
CMB CLA ZQ . 63.89 -80.94 -6.48
CAB CLA ZQ . 63.26 -78.05 -7.87
CBB CLA ZQ . 64.50 -78.20 -8.36
NC CLA ZQ . 57.90 -78.80 -8.02
C1C CLA ZQ . 58.83 -77.89 -8.43
C2C CLA ZQ . 58.16 -76.75 -9.04
C3C CLA ZQ . 56.80 -76.99 -8.96
C4C CLA ZQ . 56.64 -78.29 -8.31
CMC CLA ZQ . 58.84 -75.59 -9.60
CAC CLA ZQ . 55.71 -76.14 -9.44
CBC CLA ZQ . 55.17 -76.62 -10.76
ND CLA ZQ . 56.38 -80.96 -7.10
C1D CLA ZQ . 55.27 -80.16 -7.47
C2D CLA ZQ . 54.03 -80.89 -7.16
C3D CLA ZQ . 54.41 -82.07 -6.58
C4D CLA ZQ . 55.89 -82.06 -6.54
CMD CLA ZQ . 52.68 -80.38 -7.43
CAD CLA ZQ . 53.97 -83.32 -6.00
OBD CLA ZQ . 52.84 -83.78 -5.89
CBD CLA ZQ . 55.24 -84.07 -5.52
CGD CLA ZQ . 55.17 -84.20 -4.02
O1D CLA ZQ . 54.19 -83.95 -3.31
O2D CLA ZQ . 56.30 -84.62 -3.40
CED CLA ZQ . 56.81 -83.79 -2.36
C1 CLA ZQ . 60.22 -89.45 -7.99
MG CLA AR . 54.40 -90.71 1.19
CHA CLA AR . 56.38 -88.61 -0.72
CHB CLA AR . 56.59 -90.40 3.77
CHC CLA AR . 52.38 -92.77 3.05
CHD CLA AR . 52.18 -91.04 -1.54
NA CLA AR . 56.19 -89.66 1.45
C1A CLA AR . 56.85 -88.84 0.54
C2A CLA AR . 58.15 -88.27 1.12
C3A CLA AR . 58.21 -88.93 2.52
C4A CLA AR . 56.91 -89.72 2.62
CMA CLA AR . 59.41 -89.82 2.66
CAA CLA AR . 58.11 -86.77 1.25
CBA CLA AR . 59.48 -86.19 1.56
CGA CLA AR . 59.34 -84.72 1.83
O1A CLA AR . 58.33 -84.12 2.15
O2A CLA AR . 60.50 -84.01 1.70
NB CLA AR . 54.53 -91.53 3.02
C1B CLA AR . 55.41 -91.15 3.97
C2B CLA AR . 54.97 -91.64 5.31
C3B CLA AR . 53.79 -92.31 5.11
C4B CLA AR . 53.48 -92.25 3.65
CMB CLA AR . 55.71 -91.39 6.54
CAB CLA AR . 52.92 -92.95 6.05
CBB CLA AR . 51.71 -92.49 6.40
NC CLA AR . 52.62 -91.72 0.81
C1C CLA AR . 51.97 -92.52 1.71
C2C CLA AR . 50.78 -93.08 1.11
C3C CLA AR . 50.70 -92.57 -0.18
C4C CLA AR . 51.86 -91.72 -0.36
CMC CLA AR . 49.85 -93.99 1.79
CAC CLA AR . 49.66 -92.86 -1.18
CBC CLA AR . 48.41 -92.05 -0.93
ND CLA AR . 54.20 -89.94 -0.66
C1D CLA AR . 53.27 -90.21 -1.70
C2D CLA AR . 53.68 -89.44 -2.90
C3D CLA AR . 54.85 -88.80 -2.57
C4D CLA AR . 55.14 -89.17 -1.18
CMD CLA AR . 52.93 -89.43 -4.16
CAD CLA AR . 55.90 -87.92 -3.02
OBD CLA AR . 56.01 -87.33 -4.09
CBD CLA AR . 56.94 -87.82 -1.88
CGD CLA AR . 58.26 -88.38 -2.31
O1D CLA AR . 58.60 -89.57 -2.35
O2D CLA AR . 59.16 -87.45 -2.71
CED CLA AR . 60.29 -87.24 -1.87
C1 CLA AR . 60.51 -82.73 2.36
C2 CLA AR . 61.56 -81.90 1.73
C3 CLA AR . 61.62 -80.57 1.85
C4 CLA AR . 60.63 -79.81 2.64
C5 CLA AR . 62.70 -79.78 1.20
MG CLA BR . 39.91 -71.59 -2.35
CHA CLA BR . 38.03 -71.05 0.50
CHB CLA BR . 38.07 -74.36 -3.02
CHC CLA BR . 41.63 -71.93 -5.30
CHD CLA BR . 41.73 -68.66 -1.65
NA CLA BR . 38.37 -72.58 -1.35
C1A CLA BR . 37.70 -72.18 -0.19
C2A CLA BR . 36.62 -73.19 0.20
C3A CLA BR . 36.83 -74.33 -0.82
C4A CLA BR . 37.83 -73.74 -1.82
CMA CLA BR . 37.37 -75.59 -0.16
CAA CLA BR . 35.23 -72.60 0.11
CBA CLA BR . 35.10 -71.68 -1.08
CGA CLA BR . 34.81 -72.49 -2.31
O1A CLA BR . 33.89 -73.27 -2.49
O2A CLA BR . 35.72 -72.32 -3.31
NB CLA BR . 39.88 -72.91 -3.87
C1B CLA BR . 38.97 -73.91 -4.01
C2B CLA BR . 39.09 -74.51 -5.37
C3B CLA BR . 40.08 -73.83 -6.01
C4B CLA BR . 40.62 -72.81 -5.06
CMB CLA BR . 38.26 -75.61 -5.83
CAB CLA BR . 40.60 -74.02 -7.34
CBB CLA BR . 40.67 -73.08 -8.29
NC CLA BR . 41.47 -70.54 -3.25
C1C CLA BR . 42.05 -70.88 -4.43
C2C CLA BR . 43.11 -69.95 -4.75
C3C CLA BR . 43.10 -68.98 -3.76
C4C CLA BR . 42.07 -69.36 -2.81
CMC CLA BR . 43.96 -70.03 -5.94
CAC CLA BR . 43.99 -67.81 -3.64
CBC CLA BR . 45.38 -68.18 -3.16
ND CLA BR . 40.04 -70.25 -0.86
C1D CLA BR . 40.78 -69.04 -0.73
C2D CLA BR . 40.36 -68.34 0.50
C3D CLA BR . 39.31 -69.07 1.01
C4D CLA BR . 39.12 -70.23 0.11
CMD CLA BR . 40.96 -67.12 0.99
CAD CLA BR . 38.35 -69.21 2.08
OBD CLA BR . 38.24 -68.57 3.12
CBD CLA BR . 37.41 -70.39 1.71
CGD CLA BR . 37.15 -71.33 2.85
O1D CLA BR . 36.06 -71.63 3.34
O2D CLA BR . 38.27 -71.89 3.38
CED CLA BR . 38.30 -71.99 4.81
C1 CLA BR . 36.31 -71.00 -3.44
C2 CLA BR . 36.31 -70.69 -4.89
C3 CLA BR . 36.77 -69.53 -5.38
C4 CLA BR . 37.32 -68.46 -4.51
C5 CLA BR . 36.74 -69.27 -6.84
MG CLA CR . 44.76 -74.94 5.27
CHA CLA CR . 42.83 -77.14 7.13
CHB CLA CR . 42.00 -73.16 4.49
CHC CLA CR . 46.76 -72.68 3.63
CHD CLA CR . 47.62 -76.81 6.15
NA CLA CR . 42.74 -75.17 5.72
C1A CLA CR . 42.13 -76.14 6.52
C2A CLA CR . 40.62 -75.93 6.57
C3A CLA CR . 40.39 -74.79 5.55
C4A CLA CR . 41.79 -74.31 5.23
CMA CLA CR . 39.70 -75.29 4.31
CAA CLA CR . 40.16 -75.57 7.96
CBA CLA CR . 39.51 -74.21 8.02
CGA CLA CR . 40.55 -73.17 8.33
O1A CLA CR . 40.44 -71.94 8.29
O2A CLA CR . 41.74 -73.72 8.69
NB CLA CR . 44.43 -73.29 4.18
C1B CLA CR . 43.24 -72.63 4.12
C2B CLA CR . 43.45 -71.26 3.56
C3B CLA CR . 44.79 -71.14 3.31
C4B CLA CR . 45.43 -72.42 3.70
CMB CLA CR . 42.36 -70.32 3.36
CAB CLA CR . 45.55 -70.03 2.78
CBB CLA CR . 45.43 -68.76 3.18
NC CLA CR . 46.81 -74.81 4.92
C1C CLA CR . 47.41 -73.81 4.20
C2C CLA CR . 48.85 -74.04 4.15
C3C CLA CR . 49.09 -75.19 4.89
C4C CLA CR . 47.81 -75.67 5.36
CMC CLA CR . 49.80 -73.17 3.46
CAC CLA CR . 50.38 -75.83 5.16
CBC CLA CR . 51.04 -75.24 6.38
ND CLA CR . 45.20 -76.58 6.36
C1D CLA CR . 46.41 -77.25 6.62
C2D CLA CR . 46.14 -78.43 7.47
C3D CLA CR . 44.79 -78.43 7.71
C4D CLA CR . 44.24 -77.25 6.99
CMD CLA CR . 47.17 -79.35 7.94
CAD CLA CR . 43.68 -79.10 8.35
OBD CLA CR . 43.67 -80.10 9.05
CBD CLA CR . 42.40 -78.29 7.99
CGD CLA CR . 41.38 -79.13 7.28
O1D CLA CR . 41.59 -80.01 6.43
O2D CLA CR . 40.09 -78.87 7.64
CED CLA CR . 39.08 -79.15 6.68
C1 CLA CR . 42.48 -73.00 9.71
C2 CLA CR . 41.65 -73.01 10.93
C3 CLA CR . 42.01 -72.39 12.07
C4 CLA CR . 43.29 -71.65 12.20
C5 CLA CR . 41.14 -72.43 13.27
MG CLA DR . 56.29 -61.35 -3.50
CHA CLA DR . 57.66 -58.56 -5.02
CHB CLA DR . 56.67 -59.89 -0.47
CHC CLA DR . 54.83 -64.10 -2.06
CHD CLA DR . 55.85 -62.81 -6.68
NA CLA DR . 57.06 -59.52 -2.88
C1A CLA DR . 57.56 -58.48 -3.66
C2A CLA DR . 58.00 -57.31 -2.80
C3A CLA DR . 57.71 -57.79 -1.37
C4A CLA DR . 57.09 -59.17 -1.56
CMA CLA DR . 58.96 -57.85 -0.54
CAA CLA DR . 57.15 -56.09 -3.10
CBA CLA DR . 55.73 -56.31 -2.62
CGA CLA DR . 54.76 -55.90 -3.67
O1A CLA DR . 53.54 -55.71 -3.57
O2A CLA DR . 55.33 -55.73 -4.91
NB CLA DR . 55.76 -61.86 -1.64
C1B CLA DR . 56.10 -61.17 -0.52
C2B CLA DR . 55.80 -61.99 0.68
C3B CLA DR . 55.29 -63.18 0.24
C4B CLA DR . 55.25 -63.11 -1.24
CMB CLA DR . 56.09 -61.52 2.04
CAB CLA DR . 54.84 -64.36 0.95
CBB CLA DR . 54.32 -64.39 2.18
NC CLA DR . 55.51 -63.13 -4.24
C1C CLA DR . 54.95 -64.12 -3.47
C2C CLA DR . 54.47 -65.20 -4.31
C3C CLA DR . 54.77 -64.84 -5.63
C4C CLA DR . 55.40 -63.53 -5.58
CMC CLA DR . 53.83 -66.42 -3.83
CAC CLA DR . 54.47 -65.61 -6.84
CBC CLA DR . 53.05 -65.36 -7.30
ND CLA DR . 56.76 -60.92 -5.42
C1D CLA DR . 56.49 -61.59 -6.63
C2D CLA DR . 56.99 -60.76 -7.75
C3D CLA DR . 57.47 -59.60 -7.18
C4D CLA DR . 57.27 -59.73 -5.73
CMD CLA DR . 56.95 -61.17 -9.15
CAD CLA DR . 58.12 -58.33 -7.42
OBD CLA DR . 58.58 -57.87 -8.45
CBD CLA DR . 58.15 -57.58 -6.06
CGD CLA DR . 59.52 -57.08 -5.72
O1D CLA DR . 60.47 -57.73 -5.28
O2D CLA DR . 59.70 -55.75 -5.95
CED CLA DR . 60.27 -55.36 -7.19
C1 CLA DR . 54.68 -56.41 -6.00
C2 CLA DR . 55.11 -55.75 -7.27
C3 CLA DR . 54.67 -56.14 -8.48
C4 CLA DR . 53.73 -57.28 -8.64
C5 CLA DR . 55.12 -55.45 -9.71
MG CLA ER . 77.05 -80.90 -11.23
CHA CLA ER . 80.38 -80.51 -10.40
CHB CLA ER . 77.93 -81.88 -14.35
CHC CLA ER . 73.72 -81.45 -11.93
CHD CLA ER . 76.17 -79.81 -7.97
NA CLA ER . 78.87 -81.13 -12.20
C1A CLA ER . 80.16 -80.93 -11.69
C2A CLA ER . 81.22 -81.19 -12.73
C3A CLA ER . 80.40 -81.44 -14.02
C4A CLA ER . 78.96 -81.50 -13.51
CMA CLA ER . 80.58 -80.31 -15.00
CAA CLA ER . 82.05 -82.41 -12.37
CBA CLA ER . 81.86 -83.55 -13.34
CGA CLA ER . 80.80 -84.48 -12.85
O1A CLA ER . 80.62 -85.67 -13.14
O2A CLA ER . 79.93 -83.90 -11.97
NB CLA ER . 76.02 -81.49 -12.85
C1B CLA ER . 76.57 -81.96 -14.00
C2B CLA ER . 75.52 -82.56 -14.86
C3B CLA ER . 74.33 -82.45 -14.17
C4B CLA ER . 74.63 -81.76 -12.89
CMB CLA ER . 75.79 -83.15 -16.17
CAB CLA ER . 73.01 -82.87 -14.54
CBB CLA ER . 72.28 -83.75 -13.86
NC CLA ER . 75.27 -80.63 -10.15
C1C CLA ER . 74.03 -80.91 -10.64
C2C CLA ER . 73.02 -80.60 -9.64
C3C CLA ER . 73.70 -80.16 -8.51
C4C CLA ER . 75.12 -80.18 -8.84
CMC CLA ER . 71.57 -80.77 -9.84
CAC CLA ER . 73.12 -79.74 -7.23
CBC CLA ER . 72.63 -78.31 -7.29
ND CLA ER . 77.98 -80.28 -9.55
C1D CLA ER . 77.50 -79.86 -8.29
C2D CLA ER . 78.66 -79.51 -7.43
C3D CLA ER . 79.79 -79.76 -8.19
C4D CLA ER . 79.31 -80.23 -9.50
CMD CLA ER . 78.58 -79.02 -6.05
CAD CLA ER . 81.24 -79.72 -8.24
OBD CLA ER . 82.03 -79.37 -7.38
CBD CLA ER . 81.66 -80.21 -9.66
CGD CLA ER . 82.46 -79.19 -10.42
O1D CLA ER . 83.38 -79.40 -11.22
O2D CLA ER . 82.10 -77.90 -10.18
CED CLA ER . 82.47 -76.92 -11.15
MG CLA FR . 76.19 -85.84 -20.74
CHA CLA FR . 79.05 -84.25 -19.64
CHB CLA FR . 76.77 -84.70 -23.88
CHC CLA FR . 73.37 -87.49 -21.79
CHD CLA FR . 75.61 -86.98 -17.45
NA CLA FR . 77.68 -84.65 -21.59
C1A CLA FR . 78.80 -84.10 -20.97
C2A CLA FR . 79.65 -83.30 -21.96
C3A CLA FR . 78.83 -83.38 -23.27
C4A CLA FR . 77.68 -84.32 -22.92
CMA CLA FR . 78.34 -82.02 -23.70
CAA CLA FR . 81.03 -83.89 -22.16
CBA CLA FR . 81.09 -85.40 -21.92
CGA CLA FR . 82.22 -85.71 -20.99
O1A CLA FR . 83.42 -85.51 -21.15
O2A CLA FR . 81.81 -86.28 -19.81
NB CLA FR . 75.19 -85.96 -22.48
C1B CLA FR . 75.68 -85.56 -23.67
C2B CLA FR . 74.91 -86.19 -24.78
C3B CLA FR . 73.95 -86.97 -24.20
C4B CLA FR . 74.11 -86.84 -22.72
CMB CLA FR . 75.21 -85.95 -26.18
CAB CLA FR . 72.95 -87.82 -24.78
CBB CLA FR . 73.19 -88.75 -25.71
NC CLA FR . 74.75 -87.00 -19.78
C1C CLA FR . 73.67 -87.56 -20.41
C2C CLA FR . 72.87 -88.29 -19.44
C3C CLA FR . 73.51 -88.17 -18.21
C4C CLA FR . 74.69 -87.35 -18.44
CMC CLA FR . 71.63 -89.02 -19.75
CAC CLA FR . 73.09 -88.73 -16.92
CBC CLA FR . 73.82 -90.01 -16.62
ND CLA FR . 77.12 -85.77 -18.95
C1D CLA FR . 76.75 -86.25 -17.67
C2D CLA FR . 77.78 -85.83 -16.70
C3D CLA FR . 78.69 -85.07 -17.39
C4D CLA FR . 78.22 -85.04 -18.79
CMD CLA FR . 77.75 -86.18 -15.28
CAD CLA FR . 79.91 -84.30 -17.33
OBD CLA FR . 80.67 -84.11 -16.39
CBD CLA FR . 80.15 -83.71 -18.75
CGD CLA FR . 80.12 -82.21 -18.70
O1D CLA FR . 79.59 -81.50 -17.84
O2D CLA FR . 80.76 -81.60 -19.73
CED CLA FR . 80.95 -80.19 -19.62
C1 CLA FR . 82.83 -86.64 -18.86
C2 CLA FR . 83.13 -85.42 -18.07
C3 CLA FR . 83.71 -85.46 -16.86
C4 CLA FR . 84.11 -86.74 -16.22
MG CLA GR . 63.58 -91.96 -31.33
CHA CLA GR . 65.74 -89.31 -30.78
CHB CLA GR . 61.89 -90.11 -33.57
CHC CLA GR . 61.37 -94.54 -31.64
CHD CLA GR . 65.31 -93.79 -28.84
NA CLA GR . 63.85 -90.04 -32.08
C1A CLA GR . 64.80 -89.08 -31.73
C2A CLA GR . 64.60 -87.80 -32.56
C3A CLA GR . 63.58 -88.24 -33.63
C4A CLA GR . 63.04 -89.55 -33.07
CMA CLA GR . 62.49 -87.23 -33.83
CAA CLA GR . 65.86 -87.26 -33.21
CBA CLA GR . 66.60 -88.28 -34.04
CGA CLA GR . 67.63 -87.56 -34.85
O1A CLA GR . 67.56 -86.43 -35.34
O2A CLA GR . 68.77 -88.28 -35.05
NB CLA GR . 62.03 -92.34 -32.55
C1B CLA GR . 61.34 -91.31 -33.09
C2B CLA GR . 59.88 -91.59 -33.09
C3B CLA GR . 59.71 -92.83 -32.56
C4B CLA GR . 61.08 -93.35 -32.23
CMB CLA GR . 58.88 -90.64 -33.60
CAB CLA GR . 58.46 -93.54 -32.35
CBB CLA GR . 58.24 -94.85 -32.42
NC CLA GR . 63.44 -93.87 -30.48
C1C CLA GR . 62.50 -94.79 -30.82
C2C CLA GR . 62.75 -96.04 -30.13
C3C CLA GR . 63.79 -95.80 -29.23
C4C CLA GR . 64.23 -94.42 -29.47
CMC CLA GR . 61.96 -97.27 -30.30
CAC CLA GR . 64.42 -96.75 -28.31
CBC CLA GR . 65.86 -97.04 -28.63
ND CLA GR . 65.13 -91.69 -30.06
C1D CLA GR . 65.73 -92.51 -29.09
C2D CLA GR . 66.86 -91.79 -28.47
C3D CLA GR . 66.92 -90.57 -29.08
C4D CLA GR . 65.82 -90.55 -30.06
CMD CLA GR . 67.74 -92.34 -27.42
CAD CLA GR . 67.63 -89.33 -29.19
OBD CLA GR . 68.67 -89.00 -28.65
CBD CLA GR . 66.85 -88.45 -30.22
CGD CLA GR . 66.26 -87.24 -29.59
O1D CLA GR . 66.48 -86.06 -29.87
O2D CLA GR . 65.41 -87.53 -28.57
CED CLA GR . 64.01 -87.29 -28.78
C1 CLA GR . 69.98 -87.77 -34.42
C2 CLA GR . 70.16 -88.56 -33.19
C3 CLA GR . 71.31 -88.59 -32.50
C4 CLA GR . 72.51 -87.83 -32.93
C5 CLA GR . 71.43 -89.41 -31.26
MG CLA HR . 54.64 -96.06 -36.66
CHA CLA HR . 53.15 -98.96 -37.81
CHB CLA HR . 57.22 -97.89 -35.43
CHC CLA HR . 56.26 -93.15 -35.91
CHD CLA HR . 51.88 -94.20 -37.86
NA CLA HR . 55.05 -98.10 -36.58
C1A CLA HR . 54.31 -99.16 -37.12
C2A CLA HR . 54.98 -100.50 -36.81
C3A CLA HR . 56.04 -100.11 -35.74
C4A CLA HR . 56.14 -98.60 -35.92
CMA CLA HR . 55.60 -100.48 -34.34
CAA CLA HR . 55.62 -101.14 -38.03
CBA CLA HR . 55.33 -102.63 -38.10
CGA CLA HR . 55.40 -103.31 -36.75
O1A CLA HR . 54.60 -103.25 -35.82
O2A CLA HR . 56.50 -104.10 -36.60
NB CLA HR . 56.37 -95.61 -35.74
C1B CLA HR . 57.38 -96.49 -35.56
C2B CLA HR . 58.69 -95.80 -35.51
C3B CLA HR . 58.43 -94.45 -35.66
C4B CLA HR . 56.94 -94.31 -35.77
CMB CLA HR . 59.95 -96.50 -35.30
CAB CLA HR . 59.30 -93.30 -35.68
CBB CLA HR . 60.63 -93.29 -35.76
NC CLA HR . 54.11 -94.06 -36.77
C1C CLA HR . 54.91 -93.03 -36.35
C2C CLA HR . 54.23 -91.75 -36.53
C3C CLA HR . 53.01 -92.03 -37.13
C4C CLA HR . 52.92 -93.49 -37.27
CMC CLA HR . 54.82 -90.46 -36.18
CAC CLA HR . 51.96 -91.07 -37.55
CBC CLA HR . 51.35 -90.32 -36.39
ND CLA HR . 52.88 -96.43 -37.58
C1D CLA HR . 51.85 -95.58 -38.03
C2D CLA HR . 50.83 -96.39 -38.71
C3D CLA HR . 51.30 -97.68 -38.71
C4D CLA HR . 52.57 -97.66 -37.97
CMD CLA HR . 49.62 -95.84 -39.32
CAD CLA HR . 51.07 -99.05 -39.12
OBD CLA HR . 50.17 -99.50 -39.82
CBD CLA HR . 52.20 -99.92 -38.50
CGD CLA HR . 51.53 -100.83 -37.54
O1D CLA HR . 50.31 -100.97 -37.43
O2D CLA HR . 52.33 -101.55 -36.72
CED CLA HR . 52.10 -101.43 -35.33
C1 CLA HR . 56.70 -104.61 -35.26
C2 CLA HR . 57.61 -105.79 -35.35
C3 CLA HR . 57.85 -106.59 -34.31
C4 CLA HR . 58.75 -107.76 -34.41
C5 CLA HR . 57.21 -106.34 -32.98
MG CLA IR . 58.28 -98.23 2.00
CHA CLA IR . 57.03 -99.68 4.89
CHB CLA IR . 56.21 -95.57 2.46
CHC CLA IR . 59.57 -96.80 -0.84
CHD CLA IR . 60.30 -101.07 1.48
NA CLA IR . 56.86 -97.73 3.46
C1A CLA IR . 56.48 -98.46 4.59
C2A CLA IR . 55.39 -97.75 5.38
C3A CLA IR . 55.15 -96.45 4.57
C4A CLA IR . 56.14 -96.57 3.41
CMA CLA IR . 53.72 -96.33 4.09
CAA CLA IR . 55.84 -97.40 6.80
CBA CLA IR . 55.01 -98.13 7.85
CGA CLA IR . 53.55 -98.13 7.49
O1A CLA IR . 52.85 -97.20 7.11
O2A CLA IR . 52.97 -99.37 7.62
NB CLA IR . 57.95 -96.51 1.00
C1B CLA IR . 57.07 -95.56 1.35
C2B CLA IR . 57.14 -94.44 0.38
C3B CLA IR . 58.07 -94.75 -0.57
C4B CLA IR . 58.61 -96.09 -0.18
CMB CLA IR . 56.30 -93.25 0.48
CAB CLA IR . 58.47 -93.95 -1.70
CBB CLA IR . 59.19 -94.31 -2.77
NC CLA IR . 59.69 -98.84 0.60
C1C CLA IR . 60.08 -98.08 -0.48
C2C CLA IR . 61.09 -98.80 -1.24
C3C CLA IR . 61.28 -100.02 -0.61
C4C CLA IR . 60.39 -100.04 0.54
CMC CLA IR . 61.74 -98.28 -2.45
CAC CLA IR . 62.21 -101.09 -1.02
CBC CLA IR . 63.64 -100.79 -0.67
ND CLA IR . 58.65 -99.98 2.93
C1D CLA IR . 59.50 -101.07 2.60
C2D CLA IR . 59.37 -102.10 3.64
C3D CLA IR . 58.47 -101.61 4.57
C4D CLA IR . 58.03 -100.30 4.06
CMD CLA IR . 60.11 -103.36 3.65
CAD CLA IR . 57.75 -101.86 5.80
OBD CLA IR . 57.82 -102.82 6.57
CBD CLA IR . 56.80 -100.65 6.03
CGD CLA IR . 55.36 -101.07 6.09
O1D CLA IR . 54.73 -101.47 7.07
O2D CLA IR . 54.70 -100.96 4.91
CED CLA IR . 53.30 -101.21 4.91
MG CLA JR . 62.33 -103.04 8.36
CHA CLA JR . 61.23 -103.13 11.65
CHB CLA JR . 60.52 -100.22 7.82
CHC CLA JR . 63.56 -102.94 5.14
CHD CLA JR . 64.19 -105.98 8.96
NA CLA JR . 61.07 -101.89 9.55
C1A CLA JR . 60.74 -102.09 10.90
C2A CLA JR . 59.79 -100.99 11.39
C3A CLA JR . 59.52 -100.14 10.12
C4A CLA JR . 60.43 -100.78 9.08
CMA CLA JR . 58.08 -100.18 9.68
CAA CLA JR . 60.46 -100.15 12.45
CBA CLA JR . 61.36 -99.06 11.86
CGA CLA JR . 62.60 -99.65 11.25
O1A CLA JR . 63.35 -100.52 11.70
O2A CLA JR . 62.89 -99.11 10.02
NB CLA JR . 62.05 -101.84 6.77
C1B CLA JR . 61.33 -100.70 6.78
C2B CLA JR . 61.51 -99.97 5.49
C3B CLA JR . 62.37 -100.72 4.73
C4B CLA JR . 62.72 -101.92 5.54
CMB CLA JR . 60.86 -98.68 5.21
CAB CLA JR . 62.91 -100.51 3.42
CBB CLA JR . 63.31 -99.33 2.93
NC CLA JR . 63.61 -104.26 7.25
C1C CLA JR . 63.97 -104.03 5.95
C2C CLA JR . 64.88 -105.08 5.49
C3C CLA JR . 65.08 -105.93 6.57
C4C CLA JR . 64.28 -105.42 7.67
CMC CLA JR . 65.45 -105.15 4.15
CAC CLA JR . 65.92 -107.13 6.60
CBC CLA JR . 67.23 -106.91 7.33
ND CLA JR . 62.67 -104.31 9.89
C1D CLA JR . 63.46 -105.48 10.01
C2D CLA JR . 63.34 -106.00 11.38
C3D CLA JR . 62.52 -105.13 12.07
C4D CLA JR . 62.12 -104.10 11.09
CMD CLA JR . 64.03 -107.20 11.87
CAD CLA JR . 61.87 -104.83 13.33
OBD CLA JR . 61.95 -105.43 14.39
CBD CLA JR . 61.03 -103.53 13.11
CGD CLA JR . 59.58 -103.70 13.49
O1D CLA JR . 58.63 -102.98 13.22
O2D CLA JR . 59.34 -104.81 14.26
CED CLA JR . 58.19 -104.77 15.12
MG CLA KR . 51.83 -90.38 -7.89
CHA CLA KR . 53.06 -93.52 -7.08
CHB CLA KR . 54.98 -89.26 -8.35
CHC CLA KR . 50.55 -87.29 -8.65
CHD CLA KR . 48.55 -91.59 -7.33
NA CLA KR . 53.70 -91.28 -7.75
C1A CLA KR . 54.01 -92.60 -7.41
C2A CLA KR . 55.52 -92.83 -7.43
C3A CLA KR . 56.09 -91.46 -7.86
C4A CLA KR . 54.85 -90.59 -8.01
CMA CLA KR . 57.03 -90.90 -6.82
CAA CLA KR . 55.92 -93.90 -8.43
CBA CLA KR . 57.42 -93.94 -8.61
CGA CLA KR . 57.87 -95.28 -9.10
O1A CLA KR . 57.32 -96.02 -9.93
O2A CLA KR . 59.05 -95.68 -8.56
NB CLA KR . 52.61 -88.63 -8.49
C1B CLA KR . 53.93 -88.34 -8.50
C2B CLA KR . 54.13 -86.88 -8.69
C3B CLA KR . 52.88 -86.32 -8.78
C4B CLA KR . 51.90 -87.43 -8.64
CMB CLA KR . 55.47 -86.28 -8.74
CAB CLA KR . 52.44 -84.95 -8.94
CBB CLA KR . 53.21 -83.87 -9.16
NC CLA KR . 49.90 -89.60 -8.00
C1C CLA KR . 49.60 -88.31 -8.36
C2C CLA KR . 48.16 -88.11 -8.34
C3C CLA KR . 47.58 -89.31 -7.94
C4C CLA KR . 48.69 -90.25 -7.74
CMC CLA KR . 47.49 -86.85 -8.66
CAC CLA KR . 46.16 -89.59 -7.76
CBC CLA KR . 45.41 -89.80 -9.06
ND CLA KR . 50.94 -92.10 -7.31
C1D CLA KR . 49.58 -92.47 -7.12
C2D CLA KR . 49.52 -93.88 -6.68
C3D CLA KR . 50.82 -94.33 -6.65
C4D CLA KR . 51.66 -93.18 -7.06
CMD CLA KR . 48.28 -94.59 -6.37
CAD CLA KR . 51.70 -95.44 -6.37
OBD CLA KR . 51.41 -96.57 -5.98
CBD CLA KR . 53.15 -94.96 -6.66
CGD CLA KR . 54.03 -95.10 -5.46
O1D CLA KR . 55.26 -95.14 -5.42
O2D CLA KR . 53.35 -95.20 -4.29
CED CLA KR . 53.59 -94.18 -3.30
C1 CLA KR . 59.55 -96.98 -8.96
C2 CLA KR . 61.02 -96.89 -8.89
C3 CLA KR . 61.82 -97.95 -8.75
C4 CLA KR . 61.28 -99.33 -8.64
C5 CLA KR . 63.30 -97.80 -8.68
MG CLA LR . 60.19 -93.96 -17.01
CHA CLA LR . 58.09 -95.32 -14.64
CHB CLA LR . 60.15 -91.00 -15.32
CHC CLA LR . 62.41 -92.69 -19.29
CHD CLA LR . 60.24 -97.07 -18.68
NA CLA LR . 59.25 -93.29 -15.27
C1A CLA LR . 58.42 -94.02 -14.42
C2A CLA LR . 57.98 -93.19 -13.24
C3A CLA LR . 58.57 -91.79 -13.53
C4A CLA LR . 59.40 -92.02 -14.79
CMA CLA LR . 57.50 -90.75 -13.73
CAA CLA LR . 58.63 -93.76 -12.00
CBA CLA LR . 60.14 -93.89 -12.14
CGA CLA LR . 60.56 -95.25 -12.65
O1A CLA LR . 60.43 -96.35 -12.11
O2A CLA LR . 61.14 -95.19 -13.89
NB CLA LR . 61.09 -92.19 -17.26
C1B CLA LR . 60.94 -91.09 -16.48
C2B CLA LR . 61.74 -89.96 -17.02
C3B CLA LR . 62.39 -90.44 -18.14
C4B CLA LR . 61.98 -91.86 -18.31
CMB CLA LR . 61.78 -88.64 -16.39
CAB CLA LR . 63.30 -89.77 -19.02
CBB CLA LR . 64.39 -89.10 -18.61
NC CLA LR . 61.13 -94.74 -18.70
C1C CLA LR . 62.00 -94.05 -19.48
C2C CLA LR . 62.48 -94.91 -20.55
C3C CLA LR . 61.86 -96.14 -20.39
C4C CLA LR . 61.02 -96.03 -19.21
CMC CLA LR . 63.43 -94.49 -21.59
CAC CLA LR . 62.02 -97.34 -21.23
CBC CLA LR . 60.83 -97.56 -22.13
ND CLA LR . 59.36 -95.78 -16.80
C1D CLA LR . 59.46 -96.97 -17.55
C2D CLA LR . 58.60 -98.01 -16.94
C3D CLA LR . 58.07 -97.44 -15.81
C4D CLA LR . 58.56 -96.05 -15.76
CMD CLA LR . 58.44 -99.37 -17.44
CAD CLA LR . 57.20 -97.62 -14.66
OBD CLA LR . 56.54 -98.61 -14.33
CBD CLA LR . 57.21 -96.28 -13.87
CGD CLA LR . 55.85 -95.69 -13.71
O1D CLA LR . 55.36 -94.77 -14.37
O2D CLA LR . 55.11 -96.23 -12.70
CED CLA LR . 54.30 -95.34 -11.93
C1 CLA LR . 62.57 -95.22 -13.94
C2 CLA LR . 62.99 -94.85 -15.31
C3 CLA LR . 64.27 -94.58 -15.63
C4 CLA LR . 65.36 -94.65 -14.63
C5 CLA LR . 64.65 -94.21 -17.03
MG CLA MR . 65.39 -85.18 -13.25
CHA CLA MR . 62.72 -86.89 -11.87
CHB CLA MR . 64.67 -82.47 -11.33
CHC CLA MR . 68.00 -83.50 -14.71
CHD CLA MR . 66.14 -88.02 -15.20
NA CLA MR . 63.92 -84.77 -11.83
C1A CLA MR . 62.89 -85.61 -11.40
C2A CLA MR . 62.04 -84.92 -10.34
C3A CLA MR . 62.71 -83.54 -10.17
C4A CLA MR . 63.85 -83.58 -11.18
CMA CLA MR . 61.76 -82.41 -10.43
CAA CLA MR . 62.06 -85.68 -9.03
CBA CLA MR . 63.08 -85.13 -8.08
CGA CLA MR . 63.02 -85.95 -6.83
O1A CLA MR . 62.02 -86.37 -6.25
O2A CLA MR . 64.26 -86.23 -6.33
NB CLA MR . 66.18 -83.34 -13.07
C1B CLA MR . 65.75 -82.38 -12.22
C2B CLA MR . 66.61 -81.17 -12.34
C3B CLA MR . 67.55 -81.45 -13.30
C4B CLA MR . 67.29 -82.83 -13.78
CMB CLA MR . 66.41 -79.97 -11.54
CAB CLA MR . 68.62 -80.63 -13.79
CBB CLA MR . 69.91 -80.97 -13.88
NC CLA MR . 66.81 -85.68 -14.69
C1C CLA MR . 67.78 -84.84 -15.14
C2C CLA MR . 68.59 -85.50 -16.15
C3C CLA MR . 68.07 -86.79 -16.30
C4C CLA MR . 66.95 -86.89 -15.37
CMC CLA MR . 69.71 -84.89 -16.86
CAC CLA MR . 68.55 -87.84 -17.19
CBC CLA MR . 69.43 -88.84 -16.49
ND CLA MR . 64.68 -87.04 -13.50
C1D CLA MR . 65.08 -88.11 -14.34
C2D CLA MR . 64.18 -89.26 -14.12
C3D CLA MR . 63.25 -88.84 -13.20
C4D CLA MR . 63.60 -87.45 -12.84
CMD CLA MR . 64.30 -90.55 -14.79
CAD CLA MR . 62.09 -89.21 -12.41
OBD CLA MR . 61.48 -90.27 -12.38
CBD CLA MR . 61.70 -87.95 -11.57
CGD CLA MR . 60.32 -87.51 -11.94
O1D CLA MR . 59.65 -87.89 -12.91
O2D CLA MR . 59.77 -86.59 -11.11
CED CLA MR . 58.35 -86.43 -11.15
C1 CLA MR . 64.32 -86.56 -4.92
C2 CLA MR . 64.22 -88.04 -4.81
MG CLA NR . 39.89 -38.93 -15.84
CHA CLA NR . 38.37 -36.52 -13.88
CHB CLA NR . 40.76 -40.65 -13.04
CHC CLA NR . 41.30 -41.34 -17.83
CHD CLA NR . 38.99 -37.08 -18.71
NA CLA NR . 39.61 -38.60 -13.79
C1A CLA NR . 38.94 -37.54 -13.18
C2A CLA NR . 38.97 -37.70 -11.66
C3A CLA NR . 39.84 -38.95 -11.43
C4A CLA NR . 40.09 -39.46 -12.84
CMA CLA NR . 41.14 -38.66 -10.73
CAA CLA NR . 37.57 -37.93 -11.10
CBA CLA NR . 36.65 -38.62 -12.08
CGA CLA NR . 36.80 -40.10 -12.00
O1A CLA NR . 37.53 -40.76 -11.25
O2A CLA NR . 36.02 -40.76 -12.90
NB CLA NR . 40.91 -40.63 -15.49
C1B CLA NR . 41.06 -41.22 -14.28
C2B CLA NR . 41.61 -42.59 -14.44
C3B CLA NR . 41.77 -42.79 -15.80
C4B CLA NR . 41.33 -41.55 -16.49
CMB CLA NR . 41.89 -43.48 -13.33
CAB CLA NR . 42.26 -43.94 -16.49
CBB CLA NR . 43.39 -43.96 -17.20
NC CLA NR . 40.10 -39.16 -17.90
C1C CLA NR . 40.72 -40.22 -18.49
C2C CLA NR . 40.70 -40.05 -19.93
C3C CLA NR . 40.05 -38.85 -20.19
C4C CLA NR . 39.68 -38.29 -18.90
CMC CLA NR . 41.28 -40.99 -20.88
CAC CLA NR . 39.81 -38.24 -21.51
CBC CLA NR . 38.34 -38.26 -21.90
ND CLA NR . 38.86 -37.25 -16.27
C1D CLA NR . 38.60 -36.58 -17.50
C2D CLA NR . 37.86 -35.33 -17.22
C3D CLA NR . 37.71 -35.28 -15.85
C4D CLA NR . 38.38 -36.48 -15.31
CMD CLA NR . 37.37 -34.41 -18.23
CAD CLA NR . 37.17 -34.54 -14.73
OBD CLA NR . 36.48 -33.54 -14.73
CBD CLA NR . 37.64 -35.28 -13.43
CGD CLA NR . 38.55 -34.39 -12.64
O1D CLA NR . 39.29 -33.49 -13.09
O2D CLA NR . 38.53 -34.63 -11.31
CED CLA NR . 37.32 -34.41 -10.61
C1 CLA NR . 34.59 -40.69 -12.71
C2 CLA NR . 33.96 -41.26 -13.94
C3 CLA NR . 32.68 -41.69 -13.98
C4 CLA NR . 31.78 -41.62 -12.80
C5 CLA NR . 32.11 -42.25 -15.23
MG CLA OR . 39.02 -54.97 -15.91
CHA CLA OR . 41.31 -54.74 -13.33
CHB CLA OR . 37.37 -57.40 -14.22
CHC CLA OR . 36.71 -55.08 -18.44
CHD CLA OR . 40.75 -52.40 -17.61
NA CLA OR . 39.34 -55.93 -14.08
C1A CLA OR . 40.33 -55.67 -13.14
C2A CLA OR . 40.19 -56.60 -11.93
C3A CLA OR . 38.95 -57.45 -12.28
C4A CLA OR . 38.50 -56.91 -13.62
CMA CLA OR . 39.30 -58.92 -12.37
CAA CLA OR . 39.92 -55.80 -10.67
CBA CLA OR . 38.99 -54.65 -10.93
CGA CLA OR . 38.79 -53.90 -9.65
O1A CLA OR . 38.03 -54.17 -8.72
O2A CLA OR . 39.58 -52.79 -9.55
NB CLA OR . 37.34 -56.01 -16.24
C1B CLA OR . 36.85 -57.00 -15.46
C2B CLA OR . 35.66 -57.61 -16.10
C3B CLA OR . 35.46 -56.96 -17.28
C4B CLA OR . 36.53 -55.93 -17.41
CMB CLA OR . 34.92 -58.70 -15.49
CAB CLA OR . 34.47 -57.17 -18.29
CBB CLA OR . 34.72 -57.57 -19.53
NC CLA OR . 38.79 -53.95 -17.71
C1C CLA OR . 37.77 -54.15 -18.59
C2C CLA OR . 37.90 -53.25 -19.72
C3C CLA OR . 39.04 -52.49 -19.50
C4C CLA OR . 39.59 -52.92 -18.22
CMC CLA OR . 36.98 -53.20 -20.86
CAC CLA OR . 39.59 -51.43 -20.35
CBC CLA OR . 40.36 -51.98 -21.52
ND CLA OR . 40.69 -53.88 -15.66
C1D CLA OR . 41.27 -52.84 -16.42
C2D CLA OR . 42.47 -52.33 -15.71
C3D CLA OR . 42.53 -53.04 -14.54
C4D CLA OR . 41.40 -53.97 -14.53
CMD CLA OR . 43.36 -51.30 -16.22
CAD CLA OR . 43.26 -53.25 -13.31
OBD CLA OR . 44.32 -52.75 -12.95
CBD CLA OR . 42.46 -54.29 -12.47
CGD CLA OR . 43.31 -55.45 -12.03
O1D CLA OR . 43.11 -56.65 -12.22
O2D CLA OR . 44.42 -55.09 -11.34
CED CLA OR . 45.63 -55.80 -11.60
C1 CLA OR . 38.92 -51.57 -9.17
C2 CLA OR . 40.00 -50.55 -9.04
C3 CLA OR . 40.59 -49.97 -10.09
C4 CLA OR . 40.23 -50.29 -11.48
C5 CLA OR . 41.67 -48.96 -9.88
C1 PQN PR . 45.51 -52.17 -23.82
O1 PQN PR . 45.10 -53.26 -24.27
C2 PQN PR . 44.53 -51.10 -23.47
C2M PQN PR . 43.06 -51.34 -23.64
C3 PQN PR . 45.03 -49.80 -22.93
C4 PQN PR . 46.49 -49.56 -22.76
O4 PQN PR . 46.89 -48.47 -22.32
C5 PQN PR . 47.45 -50.64 -23.12
C6 PQN PR . 48.82 -50.44 -22.96
C7 PQN PR . 49.70 -51.45 -23.31
C8 PQN PR . 49.25 -52.68 -23.80
C9 PQN PR . 47.89 -52.92 -23.98
C10 PQN PR . 46.97 -51.93 -23.65
C11 PQN PR . 44.03 -48.72 -22.57
C12 PQN PR . 43.58 -48.90 -21.15
C13 PQN PR . 43.22 -47.85 -20.40
C14 PQN PR . 43.26 -46.47 -21.00
C15 PQN PR . 42.76 -48.04 -18.98
C16 PQN PR . 41.24 -48.20 -18.95
C17 PQN PR . 40.58 -47.02 -18.27
C18 PQN PR . 40.00 -47.42 -16.92
C19 PQN PR . 40.84 -48.50 -16.25
C20 PQN PR . 38.57 -47.89 -17.10
C21 PQN PR . 37.87 -48.07 -15.76
C22 PQN PR . 37.06 -46.82 -15.39
C23 PQN PR . 36.02 -47.14 -14.33
C24 PQN PR . 34.64 -47.32 -14.96
C25 PQN PR . 36.00 -46.03 -13.29
C26 PQN PR . 35.99 -46.61 -11.88
C27 PQN PR . 34.99 -45.88 -10.99
C28 PQN PR . 34.03 -46.86 -10.32
C29 PQN PR . 34.74 -47.67 -9.25
C30 PQN PR . 32.82 -46.14 -9.76
C1 BCR QR . 52.50 -84.88 32.37
C2 BCR QR . 51.03 -84.54 32.53
C3 BCR QR . 50.84 -83.55 33.63
C4 BCR QR . 51.55 -82.26 33.27
C5 BCR QR . 52.95 -82.52 32.89
C6 BCR QR . 53.41 -83.71 32.47
C7 BCR QR . 54.80 -83.92 32.11
C8 BCR QR . 55.32 -83.56 30.93
C9 BCR QR . 56.44 -84.22 30.31
C10 BCR QR . 57.54 -83.53 30.02
C11 BCR QR . 58.74 -84.11 29.47
C33 BCR QR . 53.82 -81.35 33.00
C31 BCR QR . 52.64 -85.59 31.04
C32 BCR QR . 52.85 -85.85 33.47
C34 BCR QR . 56.37 -85.69 30.14
C12 BCR QR . 59.87 -83.39 29.49
C13 BCR QR . 61.13 -83.86 28.96
C14 BCR QR . 62.20 -83.07 28.99
C15 BCR QR . 63.44 -83.37 28.32
C16 BCR QR . 64.58 -82.73 28.61
C17 BCR QR . 65.78 -83.19 27.96
C18 BCR QR . 67.01 -82.70 28.12
C19 BCR QR . 68.11 -83.27 27.37
C20 BCR QR . 69.35 -82.81 27.42
C21 BCR QR . 70.37 -83.41 26.58
C22 BCR QR . 71.67 -83.17 26.66
C23 BCR QR . 72.56 -83.82 25.71
C24 BCR QR . 73.45 -84.77 26.06
C25 BCR QR . 74.72 -85.02 25.40
C26 BCR QR . 74.79 -85.62 24.20
C27 BCR QR . 76.02 -85.94 23.45
C28 BCR QR . 77.19 -85.13 23.96
C29 BCR QR . 77.22 -85.16 25.46
C30 BCR QR . 75.96 -84.61 26.11
C35 BCR QR . 61.21 -85.18 28.30
C36 BCR QR . 67.31 -81.64 29.10
C37 BCR QR . 72.26 -82.52 27.85
C38 BCR QR . 73.60 -86.06 23.45
C39 BCR QR . 76.04 -83.10 26.23
C40 BCR QR . 75.98 -85.15 27.54
C1 BCR RR . 51.06 -68.78 29.70
C2 BCR RR . 50.73 -67.49 30.42
C3 BCR RR . 51.01 -66.32 29.52
C4 BCR RR . 50.12 -66.38 28.31
C5 BCR RR . 50.05 -67.74 27.73
C6 BCR RR . 50.48 -68.84 28.33
C7 BCR RR . 50.38 -70.17 27.72
C8 BCR RR . 51.29 -70.62 26.87
C9 BCR RR . 51.14 -71.87 26.14
C10 BCR RR . 51.53 -71.92 24.86
C11 BCR RR . 51.02 -72.88 23.91
C33 BCR RR . 49.47 -67.76 26.38
C31 BCR RR . 50.55 -69.91 30.57
C32 BCR RR . 52.57 -68.87 29.62
C34 BCR RR . 50.31 -72.93 26.73
C12 BCR RR . 50.83 -72.48 22.65
C13 BCR RR . 49.59 -72.65 21.92
C14 BCR RR . 49.63 -73.23 20.72
C15 BCR RR . 48.45 -73.59 19.97
C16 BCR RR . 48.55 -74.08 18.74
C17 BCR RR . 47.39 -74.07 17.89
C18 BCR RR . 47.38 -74.13 16.57
C19 BCR RR . 46.19 -73.69 15.85
C20 BCR RR . 46.24 -73.01 14.71
C21 BCR RR . 46.88 -71.72 14.69
C22 BCR RR . 47.15 -71.02 13.58
C23 BCR RR . 46.83 -71.60 12.30
C24 BCR RR . 47.61 -71.49 11.22
C25 BCR RR . 47.32 -72.16 9.95
C26 BCR RR . 47.56 -73.46 9.78
C27 BCR RR . 47.30 -74.23 8.56
C28 BCR RR . 46.23 -73.54 7.76
C29 BCR RR . 46.61 -72.11 7.56
C30 BCR RR . 46.74 -71.34 8.85
C35 BCR RR . 48.31 -72.20 22.51
C36 BCR RR . 48.52 -74.64 15.79
C37 BCR RR . 47.95 -69.77 13.63
C38 BCR RR . 48.14 -74.31 10.84
C39 BCR RR . 45.40 -70.75 9.27
C40 BCR RR . 47.64 -70.15 8.52
C1 BCR SR . 50.41 -77.80 37.53
C2 BCR SR . 51.88 -78.01 37.82
C3 BCR SR . 52.68 -77.68 36.60
C4 BCR SR . 52.54 -76.23 36.26
C5 BCR SR . 51.12 -75.79 36.31
C6 BCR SR . 50.14 -76.48 36.87
C7 BCR SR . 48.76 -76.01 36.91
C8 BCR SR . 47.91 -76.28 35.92
C9 BCR SR . 46.80 -75.43 35.56
C10 BCR SR . 45.87 -75.88 34.70
C11 BCR SR . 45.79 -75.54 33.31
C33 BCR SR . 50.87 -74.49 35.67
C31 BCR SR . 49.67 -77.91 38.85
C32 BCR SR . 49.97 -78.92 36.62
C34 BCR SR . 46.59 -74.18 36.33
C12 BCR SR . 46.80 -74.86 32.76
C13 BCR SR . 46.83 -74.38 31.39
C14 BCR SR . 45.89 -74.79 30.54
C15 BCR SR . 45.54 -74.09 29.32
C16 BCR SR . 45.03 -74.74 28.27
C17 BCR SR . 44.24 -74.01 27.33
C18 BCR SR . 44.64 -73.55 26.14
C19 BCR SR . 43.68 -73.54 25.06
C20 BCR SR . 43.86 -72.86 23.93
C21 BCR SR . 42.72 -72.63 23.07
C22 BCR SR . 42.75 -72.14 21.83
C23 BCR SR . 41.53 -72.24 21.03
C24 BCR SR . 41.43 -71.78 19.78
C25 BCR SR . 40.60 -72.37 18.74
C26 BCR SR . 39.29 -72.12 18.66
C27 BCR SR . 38.36 -72.66 17.65
C28 BCR SR . 39.11 -73.10 16.42
C29 BCR SR . 40.28 -73.95 16.82
C30 BCR SR . 41.26 -73.27 17.75
C35 BCR SR . 47.80 -73.34 31.00
C36 BCR SR . 45.89 -72.77 25.98
C37 BCR SR . 44.01 -71.72 21.19
C38 BCR SR . 38.58 -71.24 19.61
C39 BCR SR . 42.30 -72.47 16.98
C40 BCR SR . 42.02 -74.40 18.44
C1 BCR TR . 62.92 -92.66 2.76
C2 BCR TR . 62.29 -94.00 3.06
C3 BCR TR . 60.89 -94.05 2.53
C4 BCR TR . 60.91 -93.92 1.03
C5 BCR TR . 61.77 -92.80 0.60
C6 BCR TR . 62.67 -92.20 1.36
C7 BCR TR . 63.51 -91.10 0.88
C8 BCR TR . 63.07 -89.85 0.84
C9 BCR TR . 63.90 -88.72 0.47
C10 BCR TR . 63.34 -87.66 -0.13
C11 BCR TR . 63.88 -86.31 -0.09
C33 BCR TR . 61.53 -92.38 -0.79
C31 BCR TR . 64.39 -92.77 3.05
C32 BCR TR . 62.30 -91.67 3.73
C34 BCR TR . 65.31 -88.72 0.90
C12 BCR TR . 64.03 -85.64 -1.23
C13 BCR TR . 63.79 -84.22 -1.38
C14 BCR TR . 64.66 -83.47 -2.07
C15 BCR TR . 64.75 -82.04 -1.99
C16 BCR TR . 64.13 -81.25 -2.87
C17 BCR TR . 64.37 -79.83 -2.78
C18 BCR TR . 63.76 -78.86 -3.48
C19 BCR TR . 64.49 -77.61 -3.67
C20 BCR TR . 63.97 -76.53 -4.23
C21 BCR TR . 64.87 -75.55 -4.80
C22 BCR TR . 65.03 -74.29 -4.40
C23 BCR TR . 66.24 -73.58 -4.78
C24 BCR TR . 66.32 -72.25 -4.79
C25 BCR TR . 67.53 -71.47 -4.96
C26 BCR TR . 68.06 -71.25 -6.18
C27 BCR TR . 69.28 -70.48 -6.47
C28 BCR TR . 69.65 -69.57 -5.34
C29 BCR TR . 69.54 -70.32 -4.03
C30 BCR TR . 68.17 -70.90 -3.75
C35 BCR TR . 62.48 -83.67 -1.00
C36 BCR TR . 62.32 -78.88 -3.77
C37 BCR TR . 63.89 -73.52 -3.86
C38 BCR TR . 67.46 -71.80 -7.40
C39 BCR TR . 67.26 -69.85 -3.13
C40 BCR TR . 68.38 -71.95 -2.68
C1 BCR UR . 29.09 -60.63 -7.07
C2 BCR UR . 28.14 -61.65 -6.47
C3 BCR UR . 27.63 -62.57 -7.55
C4 BCR UR . 28.78 -63.34 -8.14
C5 BCR UR . 29.94 -62.48 -8.42
C6 BCR UR . 30.11 -61.25 -7.95
C7 BCR UR . 31.29 -60.45 -8.25
C8 BCR UR . 31.38 -59.72 -9.36
C9 BCR UR . 32.36 -58.68 -9.59
C10 BCR UR . 32.41 -58.11 -10.79
C11 BCR UR . 33.38 -57.12 -11.20
C33 BCR UR . 30.95 -63.12 -9.29
C31 BCR UR . 29.72 -59.88 -5.92
C32 BCR UR . 28.23 -59.67 -7.87
C34 BCR UR . 33.17 -58.22 -8.45
C12 BCR UR . 33.33 -56.73 -12.48
C13 BCR UR . 34.23 -55.78 -13.11
C14 BCR UR . 33.94 -55.36 -14.34
C15 BCR UR . 34.65 -54.34 -15.05
C16 BCR UR . 33.98 -53.51 -15.87
C17 BCR UR . 34.71 -52.79 -16.89
C18 BCR UR . 34.32 -51.65 -17.46
C19 BCR UR . 34.90 -51.29 -18.74
C20 BCR UR . 34.63 -50.14 -19.38
C21 BCR UR . 35.38 -49.81 -20.57
C22 BCR UR . 35.57 -48.59 -21.04
C23 BCR UR . 36.67 -48.37 -21.99
C24 BCR UR . 36.80 -47.27 -22.71
C25 BCR UR . 38.06 -46.64 -23.09
C26 BCR UR . 38.63 -45.72 -22.31
C27 BCR UR . 39.90 -45.01 -22.60
C28 BCR UR . 40.67 -45.64 -23.73
C29 BCR UR . 39.72 -46.05 -24.83
C30 BCR UR . 38.67 -47.04 -24.37
C35 BCR UR . 35.30 -55.14 -12.32
C36 BCR UR . 33.56 -50.63 -16.72
C37 BCR UR . 34.95 -47.41 -20.41
C38 BCR UR . 38.05 -45.28 -21.04
C39 BCR UR . 39.24 -48.45 -24.28
C40 BCR UR . 37.65 -47.08 -25.49
C1 BCR VR . 68.86 -76.59 -7.70
C2 BCR VR . 69.08 -76.41 -9.19
C3 BCR VR . 69.45 -74.99 -9.48
C4 BCR VR . 70.76 -74.65 -8.82
C5 BCR VR . 70.84 -75.16 -7.44
C6 BCR VR . 69.99 -76.04 -6.90
C7 BCR VR . 70.12 -76.53 -5.53
C8 BCR VR . 69.57 -75.90 -4.50
C9 BCR VR . 69.65 -76.38 -3.14
C10 BCR VR . 70.39 -77.46 -2.87
C11 BCR VR . 70.39 -78.18 -1.63
C33 BCR VR . 71.97 -74.62 -6.66
C31 BCR VR . 68.67 -78.07 -7.45
C32 BCR VR . 67.58 -75.87 -7.34
C34 BCR VR . 68.81 -75.74 -2.11
C12 BCR VR . 69.50 -79.16 -1.45
C13 BCR VR . 69.77 -80.44 -0.86
C14 BCR VR . 70.84 -80.57 -0.06
C15 BCR VR . 71.11 -81.76 0.70
C16 BCR VR . 72.26 -81.91 1.38
C17 BCR VR . 72.30 -82.86 2.45
C18 BCR VR . 72.55 -84.17 2.35
C19 BCR VR . 72.49 -85.00 3.54
C20 BCR VR . 72.77 -86.29 3.54
C21 BCR VR . 72.90 -86.99 4.80
C22 BCR VR . 73.15 -88.29 4.97
C23 BCR VR . 72.89 -88.92 6.25
C24 BCR VR . 72.37 -90.14 6.36
C25 BCR VR . 72.40 -90.99 7.55
C26 BCR VR . 73.23 -92.04 7.64
C27 BCR VR . 73.34 -92.97 8.78
C28 BCR VR . 72.53 -92.54 9.97
C29 BCR VR . 71.25 -91.88 9.54
C30 BCR VR . 71.48 -90.67 8.67
C35 BCR VR . 69.03 -81.62 -1.32
C36 BCR VR . 72.98 -84.80 1.08
C37 BCR VR . 73.75 -89.09 3.87
C38 BCR VR . 74.16 -92.39 6.55
C39 BCR VR . 71.99 -89.49 9.48
C40 BCR VR . 70.10 -90.27 8.15
FE1 SF4 WR . 66.89 -39.66 -27.90
FE2 SF4 WR . 69.47 -39.01 -27.33
FE3 SF4 WR . 68.70 -41.62 -27.31
FE4 SF4 WR . 67.82 -39.92 -25.35
S1 SF4 WR . 69.98 -40.56 -25.75
S2 SF4 WR . 66.58 -41.43 -26.51
S3 SF4 WR . 67.60 -38.00 -26.54
S4 SF4 WR . 68.73 -40.23 -29.10
FE1 SF4 XR . 79.27 -41.14 -30.93
FE2 SF4 XR . 81.00 -41.88 -32.91
FE3 SF4 XR . 79.36 -43.75 -31.77
FE4 SF4 XR . 81.44 -42.70 -30.34
S1 SF4 XR . 81.58 -43.98 -32.21
S2 SF4 XR . 79.30 -43.00 -29.62
S3 SF4 XR . 81.47 -40.55 -31.12
S4 SF4 XR . 78.73 -41.93 -32.99
C1 BCR YR . 63.48 -98.26 -36.32
C2 BCR YR . 62.81 -99.61 -36.44
C3 BCR YR . 61.32 -99.44 -36.58
C4 BCR YR . 61.02 -98.68 -37.84
C5 BCR YR . 61.88 -97.48 -37.99
C6 BCR YR . 62.99 -97.25 -37.29
C7 BCR YR . 63.81 -96.07 -37.49
C8 BCR YR . 63.51 -94.89 -36.96
C9 BCR YR . 64.30 -93.70 -37.21
C10 BCR YR . 63.70 -92.49 -37.22
C11 BCR YR . 64.34 -91.25 -37.59
C33 BCR YR . 61.37 -96.50 -38.98
C31 BCR YR . 64.96 -98.50 -36.51
C32 BCR YR . 63.24 -97.76 -34.91
C34 BCR YR . 65.71 -93.86 -37.59
C12 BCR YR . 63.60 -90.14 -37.67
C13 BCR YR . 64.12 -88.80 -37.69
C14 BCR YR . 63.26 -87.77 -37.56
C15 BCR YR . 63.66 -86.43 -37.24
C16 BCR YR . 62.74 -85.48 -36.96
C17 BCR YR . 63.22 -84.21 -36.46
C18 BCR YR . 62.48 -83.17 -36.11
C19 BCR YR . 63.14 -82.04 -35.47
C20 BCR YR . 62.50 -80.93 -35.09
C21 BCR YR . 63.26 -79.89 -34.44
C22 BCR YR . 62.74 -78.78 -33.90
C23 BCR YR . 63.64 -77.74 -33.42
C24 BCR YR . 63.23 -76.48 -33.22
C25 BCR YR . 63.85 -75.51 -32.33
C26 BCR YR . 64.95 -74.84 -32.68
C27 BCR YR . 65.65 -73.83 -31.86
C28 BCR YR . 64.76 -73.29 -30.78
C29 BCR YR . 64.04 -74.42 -30.09
C30 BCR YR . 63.19 -75.27 -31.02
C35 BCR YR . 65.57 -88.55 -37.61
C36 BCR YR . 61.05 -83.08 -36.40
C37 BCR YR . 61.29 -78.68 -33.61
C38 BCR YR . 65.63 -75.04 -33.98
C39 BCR YR . 61.83 -74.65 -31.23
C40 BCR YR . 62.96 -76.57 -30.26
C1 BCR ZR . 75.54 -90.02 -30.02
C2 BCR ZR . 75.52 -90.51 -31.45
C3 BCR ZR . 76.54 -89.83 -32.30
C4 BCR ZR . 77.90 -90.08 -31.73
C5 BCR ZR . 77.94 -89.58 -30.35
C6 BCR ZR . 76.87 -89.55 -29.54
C7 BCR ZR . 76.93 -89.03 -28.18
C8 BCR ZR . 77.33 -89.75 -27.13
C9 BCR ZR . 77.69 -89.17 -25.85
C10 BCR ZR . 76.99 -89.48 -24.76
C11 BCR ZR . 77.22 -88.93 -23.44
C33 BCR ZR . 79.26 -89.11 -29.91
C31 BCR ZR . 75.01 -91.15 -29.17
C32 BCR ZR . 74.57 -88.87 -29.93
C34 BCR ZR . 78.82 -88.21 -25.81
C12 BCR ZR . 76.30 -89.14 -22.49
C13 BCR ZR . 76.27 -90.27 -21.59
C14 BCR ZR . 75.12 -90.58 -20.98
C15 BCR ZR . 74.85 -91.87 -20.43
C16 BCR ZR . 73.67 -92.14 -19.86
C17 BCR ZR . 73.11 -93.45 -20.07
C18 BCR ZR . 72.33 -94.13 -19.22
C19 BCR ZR . 71.44 -95.14 -19.75
C20 BCR ZR . 70.89 -96.07 -18.99
C21 BCR ZR . 70.10 -97.13 -19.59
C22 BCR ZR . 69.61 -98.18 -18.95
C23 BCR ZR . 68.42 -98.85 -19.48
C24 BCR ZR . 67.72 -99.73 -18.76
C25 BCR ZR . 66.65 -100.57 -19.28
C26 BCR ZR . 66.90 -101.76 -19.82
C27 BCR ZR . 65.90 -102.71 -20.36
C28 BCR ZR . 64.53 -102.43 -19.80
C29 BCR ZR . 64.25 -100.95 -19.88
C30 BCR ZR . 65.25 -100.07 -19.14
C35 BCR ZR . 77.42 -91.19 -21.54
C36 BCR ZR . 72.60 -94.13 -17.76
C37 BCR ZR . 70.11 -98.56 -17.61
C38 BCR ZR . 68.27 -102.29 -19.97
C39 BCR ZR . 64.90 -99.96 -17.67
C40 BCR ZR . 65.08 -98.68 -19.73
MG CLA AS . 67.62 -92.10 -43.48
CHA CLA AS . 70.56 -93.52 -44.66
CHB CLA AS . 66.33 -95.19 -42.97
CHC CLA AS . 64.78 -90.63 -42.22
CHD CLA AS . 69.01 -88.89 -44.07
NA CLA AS . 68.35 -94.03 -43.79
C1A CLA AS . 69.60 -94.42 -44.28
C2A CLA AS . 69.71 -95.93 -44.32
C3A CLA AS . 68.32 -96.42 -43.86
C4A CLA AS . 67.60 -95.13 -43.49
CMA CLA AS . 67.60 -97.19 -44.92
CAA CLA AS . 70.77 -96.40 -43.35
CBA CLA AS . 71.12 -97.84 -43.60
CGA CLA AS . 72.61 -97.96 -43.65
O1A CLA AS . 73.38 -97.37 -44.39
O2A CLA AS . 73.10 -98.85 -42.73
NB CLA AS . 65.88 -92.78 -42.74
C1B CLA AS . 65.54 -94.08 -42.60
C2B CLA AS . 64.19 -94.19 -41.99
C3B CLA AS . 63.74 -92.91 -41.79
C4B CLA AS . 64.81 -91.99 -42.26
CMB CLA AS . 63.58 -95.48 -41.73
CAB CLA AS . 62.52 -92.39 -41.22
CBB CLA AS . 61.65 -93.08 -40.48
NC CLA AS . 67.02 -90.12 -43.21
C1C CLA AS . 65.81 -89.75 -42.66
C2C CLA AS . 65.72 -88.30 -42.61
C3C CLA AS . 66.91 -87.81 -43.13
C4C CLA AS . 67.72 -88.96 -43.50
CMC CLA AS . 64.57 -87.56 -42.09
CAC CLA AS . 67.29 -86.40 -43.28
CBC CLA AS . 68.30 -85.95 -42.26
ND CLA AS . 69.34 -91.33 -44.20
C1D CLA AS . 69.78 -89.98 -44.41
C2D CLA AS . 71.14 -90.01 -44.98
C3D CLA AS . 71.50 -91.34 -45.07
C4D CLA AS . 70.34 -92.12 -44.59
CMD CLA AS . 71.91 -88.82 -45.34
CAD CLA AS . 72.53 -92.28 -45.48
OBD CLA AS . 73.65 -92.05 -45.92
CBD CLA AS . 71.95 -93.71 -45.21
CGD CLA AS . 71.99 -94.56 -46.45
O1D CLA AS . 71.60 -95.72 -46.58
O2D CLA AS . 72.56 -93.94 -47.53
CED CLA AS . 73.80 -94.46 -48.01
C1 BCR BS . 34.00 -57.18 4.05
C2 BCR BS . 33.15 -57.53 5.25
C3 BCR BS . 33.58 -56.72 6.43
C4 BCR BS . 33.33 -55.26 6.15
C5 BCR BS . 33.76 -54.86 4.79
C6 BCR BS . 34.07 -55.72 3.81
C7 BCR BS . 34.50 -55.26 2.50
C8 BCR BS . 33.64 -54.85 1.57
C9 BCR BS . 34.02 -54.23 0.31
C10 BCR BS . 33.08 -53.67 -0.45
C11 BCR BS . 33.32 -53.05 -1.74
C33 BCR BS . 33.82 -53.40 4.59
C31 BCR BS . 33.44 -57.93 2.87
C32 BCR BS . 35.39 -57.70 4.33
C34 BCR BS . 35.46 -54.16 -0.03
C12 BCR BS . 32.35 -52.31 -2.28
C13 BCR BS . 32.37 -51.70 -3.59
C14 BCR BS . 31.31 -51.00 -3.99
C15 BCR BS . 30.94 -50.76 -5.36
C16 BCR BS . 29.83 -50.08 -5.64
C17 BCR BS . 29.21 -50.25 -6.94
C18 BCR BS . 28.14 -49.59 -7.38
C19 BCR BS . 27.73 -49.79 -8.76
C20 BCR BS . 26.70 -49.14 -9.32
C21 BCR BS . 26.81 -48.75 -10.71
C22 BCR BS . 25.82 -48.74 -11.61
C23 BCR BS . 26.13 -48.96 -13.01
C24 BCR BS . 25.33 -48.61 -14.01
C25 BCR BS . 25.36 -49.17 -15.36
C26 BCR BS . 26.30 -48.83 -16.25
C27 BCR BS . 26.42 -49.34 -17.63
C28 BCR BS . 25.59 -50.58 -17.85
C29 BCR BS . 24.24 -50.39 -17.22
C30 BCR BS . 24.30 -50.14 -15.72
C35 BCR BS . 33.49 -51.97 -4.52
C36 BCR BS . 27.58 -48.43 -6.66
C37 BCR BS . 24.42 -48.51 -11.20
C38 BCR BS . 27.38 -47.87 -15.94
C39 BCR BS . 24.50 -51.43 -14.95
C40 BCR BS . 22.92 -49.62 -15.35
C1 BCR CS . 55.90 -93.22 -40.32
C2 BCR CS . 55.86 -94.43 -39.43
C3 BCR CS . 54.67 -95.28 -39.77
C4 BCR CS . 54.80 -95.81 -41.17
C5 BCR CS . 55.14 -94.73 -42.11
C6 BCR CS . 55.64 -93.54 -41.75
C7 BCR CS . 55.96 -92.50 -42.73
C8 BCR CS . 55.02 -91.71 -43.25
C9 BCR CS . 55.20 -90.95 -44.46
C10 BCR CS . 54.16 -90.78 -45.28
C11 BCR CS . 54.20 -90.10 -46.55
C33 BCR CS . 54.88 -95.06 -43.52
C31 BCR CS . 57.27 -92.58 -40.15
C32 BCR CS . 54.86 -92.25 -39.83
C34 BCR CS . 56.44 -90.17 -44.63
C12 BCR CS . 53.11 -89.44 -46.95
C13 BCR CS . 52.98 -88.77 -48.22
C14 BCR CS . 52.54 -87.51 -48.22
C15 BCR CS . 52.06 -86.83 -49.39
C16 BCR CS . 51.81 -85.51 -49.35
C17 BCR CS . 50.85 -84.98 -50.27
C18 BCR CS . 50.87 -83.77 -50.83
C19 BCR CS . 49.90 -83.48 -51.86
C20 BCR CS . 50.03 -82.46 -52.72
C21 BCR CS . 49.86 -82.72 -54.12
C22 BCR CS . 50.60 -82.20 -55.11
C23 BCR CS . 50.53 -82.80 -56.43
C24 BCR CS . 51.45 -82.57 -57.38
C25 BCR CS . 51.23 -82.69 -58.82
C26 BCR CS . 51.25 -83.88 -59.42
C27 BCR CS . 51.04 -84.12 -60.87
C28 BCR CS . 50.42 -82.93 -61.56
C29 BCR CS . 51.10 -81.67 -61.09
C30 BCR CS . 51.02 -81.43 -59.58
C35 BCR CS . 53.05 -89.54 -49.48
C36 BCR CS . 52.06 -82.89 -50.70
C37 BCR CS . 51.53 -81.08 -54.86
C38 BCR CS . 51.46 -85.14 -58.70
C39 BCR CS . 49.69 -80.80 -59.20
C40 BCR CS . 52.09 -80.40 -59.28
C1 BCR DS . 25.67 -57.25 -85.20
C2 BCR DS . 27.00 -57.95 -84.99
C3 BCR DS . 26.91 -58.95 -83.88
C4 BCR DS . 25.93 -60.01 -84.27
C5 BCR DS . 24.67 -59.44 -84.78
C6 BCR DS . 24.51 -58.18 -85.21
C7 BCR DS . 23.18 -57.73 -85.68
C8 BCR DS . 22.81 -56.48 -85.96
C9 BCR DS . 22.17 -55.55 -85.04
C10 BCR DS . 22.42 -54.24 -85.15
C11 BCR DS . 23.58 -53.66 -85.80
C33 BCR DS . 23.54 -60.38 -84.75
C31 BCR DS . 25.85 -56.50 -86.51
C32 BCR DS . 25.53 -56.27 -84.06
C34 BCR DS . 20.97 -56.03 -84.32
C12 BCR DS . 23.90 -52.39 -85.55
C13 BCR DS . 25.13 -51.73 -85.92
C14 BCR DS . 25.70 -50.86 -85.07
C15 BCR DS . 26.69 -49.88 -85.43
C16 BCR DS . 27.73 -49.66 -84.61
C17 BCR DS . 28.42 -48.39 -84.56
C18 BCR DS . 28.03 -47.17 -84.94
C19 BCR DS . 27.56 -46.31 -83.89
C20 BCR DS . 28.10 -45.12 -83.67
C21 BCR DS . 27.22 -43.99 -83.75
C22 BCR DS . 27.55 -42.78 -83.30
C23 BCR DS . 26.66 -42.15 -82.36
C24 BCR DS . 26.90 -40.93 -81.92
C25 BCR DS . 25.96 -39.83 -81.82
C26 BCR DS . 25.23 -39.65 -80.72
C27 BCR DS . 24.26 -38.56 -80.47
C28 BCR DS . 24.04 -37.67 -81.67
C29 BCR DS . 25.24 -37.56 -82.58
C30 BCR DS . 25.87 -38.89 -82.96
C35 BCR DS . 25.58 -51.78 -87.33
C36 BCR DS . 28.74 -46.43 -85.99
C37 BCR DS . 28.91 -42.24 -83.45
C38 BCR DS . 25.30 -40.60 -79.60
C39 BCR DS . 27.23 -38.78 -83.66
C40 BCR DS . 24.90 -39.37 -84.02
MG CLA ES . 10.93 -45.74 -75.99
CHA CLA ES . 10.81 -48.09 -73.45
CHB CLA ES . 7.55 -45.38 -75.78
CHC CLA ES . 11.10 -43.27 -78.37
CHD CLA ES . 14.43 -46.09 -76.12
NA CLA ES . 9.45 -46.62 -74.82
C1A CLA ES . 9.60 -47.57 -73.80
C2A CLA ES . 8.26 -47.93 -73.17
C3A CLA ES . 7.25 -47.17 -74.03
C4A CLA ES . 8.12 -46.32 -74.94
CMA CLA ES . 6.36 -48.10 -74.82
CAA CLA ES . 8.22 -47.31 -71.79
CBA CLA ES . 8.13 -48.33 -70.69
CGA CLA ES . 8.94 -47.90 -69.50
O1A CLA ES . 8.68 -47.01 -68.68
O2A CLA ES . 10.10 -48.59 -69.35
NB CLA ES . 9.60 -44.50 -76.84
C1B CLA ES . 8.25 -44.56 -76.68
C2B CLA ES . 7.58 -43.64 -77.64
C3B CLA ES . 8.57 -43.04 -78.38
C4B CLA ES . 9.87 -43.59 -77.89
CMB CLA ES . 6.14 -43.49 -77.73
CAB CLA ES . 8.47 -42.09 -79.45
CBB CLA ES . 9.07 -40.90 -79.48
NC CLA ES . 12.49 -44.88 -77.07
C1C CLA ES . 12.32 -43.88 -78.00
C2C CLA ES . 13.61 -43.49 -78.53
C3C CLA ES . 14.58 -44.27 -77.90
C4C CLA ES . 13.85 -45.14 -76.97
CMC CLA ES . 13.80 -42.44 -79.55
CAC CLA ES . 16.03 -44.23 -78.09
CBC CLA ES . 16.50 -44.80 -79.41
ND CLA ES . 12.32 -46.93 -75.17
C1D CLA ES . 13.74 -46.92 -75.27
C2D CLA ES . 14.29 -47.94 -74.33
C3D CLA ES . 13.20 -48.44 -73.64
C4D CLA ES . 12.01 -47.74 -74.16
CMD CLA ES . 15.70 -48.28 -74.23
CAD CLA ES . 12.74 -49.39 -72.64
OBD CLA ES . 13.36 -50.28 -72.07
CBD CLA ES . 11.23 -49.09 -72.39
CGD CLA ES . 10.40 -50.34 -72.41
O1D CLA ES . 9.78 -50.84 -71.48
O2D CLA ES . 10.39 -50.98 -73.61
CED CLA ES . 9.90 -52.32 -73.63
MG CLA FS . 14.50 -16.04 -39.99
CHA CLA FS . 17.94 -16.02 -39.60
CHB CLA FS . 14.88 -14.99 -43.20
CHC CLA FS . 11.11 -16.29 -40.39
CHD CLA FS . 14.18 -17.12 -36.64
NA CLA FS . 16.15 -15.56 -41.17
C1A CLA FS . 17.50 -15.63 -40.83
C2A CLA FS . 18.39 -15.18 -41.98
C3A CLA FS . 17.37 -14.63 -43.00
C4A CLA FS . 16.03 -15.10 -42.46
CMA CLA FS . 17.44 -13.12 -43.05
CAA CLA FS . 19.16 -16.36 -42.55
CBA CLA FS . 18.34 -17.63 -42.60
CGA CLA FS . 19.11 -18.73 -43.25
O1A CLA FS . 19.86 -18.67 -44.23
O2A CLA FS . 18.95 -19.94 -42.64
NB CLA FS . 13.22 -15.60 -41.48
C1B CLA FS . 13.59 -15.38 -42.77
C2B CLA FS . 12.44 -15.59 -43.68
C3B CLA FS . 11.38 -15.96 -42.89
C4B CLA FS . 11.86 -15.96 -41.48
CMB CLA FS . 12.51 -15.43 -45.13
CAB CLA FS . 10.03 -16.29 -43.26
CBB CLA FS . 9.45 -17.48 -43.05
NC CLA FS . 12.93 -16.56 -38.73
C1C CLA FS . 11.62 -16.56 -39.09
C2C CLA FS . 10.78 -16.94 -37.95
C3C CLA FS . 11.66 -17.23 -36.90
C4C CLA FS . 13.00 -16.97 -37.39
CMC CLA FS . 9.33 -17.03 -37.98
CAC CLA FS . 11.30 -17.65 -35.55
CBC CLA FS . 11.45 -16.53 -34.54
ND CLA FS . 15.71 -16.51 -38.45
C1D CLA FS . 15.45 -16.92 -37.11
C2D CLA FS . 16.74 -17.05 -36.40
C3D CLA FS . 17.72 -16.72 -37.30
C4D CLA FS . 17.03 -16.39 -38.56
CMD CLA FS . 16.85 -17.44 -35.00
CAD CLA FS . 19.14 -16.53 -37.53
OBD CLA FS . 20.07 -16.66 -36.75
CBD CLA FS . 19.31 -16.09 -39.01
CGD CLA FS . 20.03 -14.76 -39.11
O1D CLA FS . 19.55 -13.67 -39.40
O2D CLA FS . 21.36 -14.84 -38.84
CED CLA FS . 22.13 -15.80 -39.56
C1 BCR GS . 20.73 -47.19 -7.80
C2 BCR GS . 20.45 -47.10 -6.32
C3 BCR GS . 20.92 -45.78 -5.79
C4 BCR GS . 20.15 -44.67 -6.45
C5 BCR GS . 20.01 -44.86 -7.90
C6 BCR GS . 20.28 -45.98 -8.55
C7 BCR GS . 20.12 -46.14 -10.00
C8 BCR GS . 21.02 -45.70 -10.87
C9 BCR GS . 20.88 -45.77 -12.32
C10 BCR GS . 21.41 -44.78 -13.05
C11 BCR GS . 21.44 -44.71 -14.48
C33 BCR GS . 19.54 -43.65 -8.61
C31 BCR GS . 20.05 -48.42 -8.31
C32 BCR GS . 22.23 -47.34 -7.95
C34 BCR GS . 20.61 -47.09 -12.90
C12 BCR GS . 21.87 -43.58 -15.05
C13 BCR GS . 22.50 -43.44 -16.34
C14 BCR GS . 23.11 -42.28 -16.63
C15 BCR GS . 22.99 -41.54 -17.86
C16 BCR GS . 23.63 -40.37 -18.01
C17 BCR GS . 23.74 -39.68 -19.28
C18 BCR GS . 24.81 -39.00 -19.70
C19 BCR GS . 24.81 -38.29 -20.97
C20 BCR GS . 24.43 -38.78 -22.15
C21 BCR GS . 25.14 -38.34 -23.33
C22 BCR GS . 24.80 -37.33 -24.16
C23 BCR GS . 25.32 -36.00 -23.85
C24 BCR GS . 25.73 -35.15 -24.79
C25 BCR GS . 26.01 -33.74 -24.54
C26 BCR GS . 25.06 -32.81 -24.62
C27 BCR GS . 25.23 -31.36 -24.40
C28 BCR GS . 26.55 -31.04 -23.75
C29 BCR GS . 27.63 -31.87 -24.38
C30 BCR GS . 27.41 -33.36 -24.22
C35 BCR GS . 22.92 -44.68 -17.04
C36 BCR GS . 26.06 -38.99 -18.91
C37 BCR GS . 24.41 -37.61 -25.55
C38 BCR GS . 23.65 -33.14 -24.94
C39 BCR GS . 27.76 -33.81 -22.82
C40 BCR GS . 28.40 -34.03 -25.16
MG CLA HS . 14.75 -20.79 -20.03
CHA CLA HS . 13.14 -19.43 -17.29
CHB CLA HS . 13.48 -23.83 -19.22
CHC CLA HS . 16.37 -22.09 -22.75
CHD CLA HS . 16.08 -17.61 -20.75
NA CLA HS . 13.49 -21.48 -18.51
C1A CLA HS . 12.93 -20.76 -17.46
C2A CLA HS . 12.08 -21.64 -16.56
C3A CLA HS . 12.27 -23.05 -17.16
C4A CLA HS . 13.13 -22.79 -18.40
CMA CLA HS . 12.95 -23.99 -16.19
CAA CLA HS . 10.62 -21.23 -16.63
CBA CLA HS . 9.75 -22.26 -17.33
CGA CLA HS . 9.67 -22.00 -18.80
O1A CLA HS . 9.06 -22.64 -19.65
O2A CLA HS . 10.36 -20.90 -19.21
NB CLA HS . 14.94 -22.62 -20.80
C1B CLA HS . 14.27 -23.72 -20.37
C2B CLA HS . 14.46 -24.85 -21.33
C3B CLA HS . 15.28 -24.37 -22.34
C4B CLA HS . 15.59 -22.94 -22.01
CMB CLA HS . 13.85 -26.16 -21.11
CAB CLA HS . 15.79 -25.00 -23.52
CBB CLA HS . 15.34 -26.12 -24.09
NC CLA HS . 16.00 -19.99 -21.48
C1C CLA HS . 16.57 -20.71 -22.49
C2C CLA HS . 17.41 -19.84 -23.31
C3C CLA HS . 17.31 -18.56 -22.75
C4C CLA HS . 16.43 -18.66 -21.60
CMC CLA HS . 18.19 -20.25 -24.47
CAC CLA HS . 17.98 -17.34 -23.23
CBC CLA HS . 17.02 -16.37 -23.87
ND CLA HS . 14.62 -18.91 -19.30
C1D CLA HS . 15.26 -17.71 -19.67
C2D CLA HS . 14.87 -16.64 -18.71
C3D CLA HS . 14.05 -17.25 -17.78
C4D CLA HS . 13.95 -18.66 -18.18
CMD CLA HS . 15.32 -15.26 -18.80
CAD CLA HS . 13.24 -17.08 -16.59
OBD CLA HS . 13.02 -16.05 -15.94
CBD CLA HS . 12.69 -18.47 -16.21
CGD CLA HS . 13.19 -18.96 -14.89
O1D CLA HS . 13.85 -19.98 -14.66
O2D CLA HS . 12.88 -18.15 -13.84
CED CLA HS . 13.94 -17.82 -12.93
C1 CLA HS . 10.03 -20.44 -20.54
C2 CLA HS . 11.12 -20.92 -21.45
C3 CLA HS . 11.89 -20.08 -22.15
C4 CLA HS . 11.73 -18.60 -22.09
C5 CLA HS . 12.96 -20.59 -23.05
MG CLA IS . 22.98 -30.74 -20.27
CHA CLA IS . 21.91 -27.47 -20.57
CHB CLA IS . 20.27 -31.77 -22.03
CHC CLA IS . 24.14 -33.96 -20.04
CHD CLA IS . 25.83 -29.58 -18.54
NA CLA IS . 21.36 -29.75 -21.14
C1A CLA IS . 21.10 -28.39 -21.17
C2A CLA IS . 19.82 -28.09 -21.92
C3A CLA IS . 19.29 -29.47 -22.32
C4A CLA IS . 20.37 -30.42 -21.81
CMA CLA IS . 17.98 -29.73 -21.63
CAA CLA IS . 20.11 -27.30 -23.19
CBA CLA IS . 18.83 -27.02 -23.94
CGA CLA IS . 18.91 -25.70 -24.67
O1A CLA IS . 19.16 -25.50 -25.86
O2A CLA IS . 18.67 -24.62 -23.87
NB CLA IS . 22.38 -32.52 -20.97
C1B CLA IS . 21.19 -32.74 -21.59
C2B CLA IS . 20.96 -34.21 -21.72
C3B CLA IS . 22.05 -34.83 -21.15
C4B CLA IS . 22.96 -33.76 -20.67
CMB CLA IS . 19.75 -34.74 -22.33
CAB CLA IS . 22.34 -36.22 -20.97
CBB CLA IS . 21.64 -37.26 -21.43
NC CLA IS . 24.67 -31.61 -19.42
C1C CLA IS . 24.95 -32.94 -19.44
C2C CLA IS . 26.22 -33.19 -18.79
C3C CLA IS . 26.70 -31.96 -18.36
C4C CLA IS . 25.73 -30.96 -18.77
CMC CLA IS . 26.83 -34.51 -18.62
CAC CLA IS . 27.95 -31.68 -17.65
CBC CLA IS . 28.99 -31.06 -18.56
ND CLA IS . 23.69 -28.99 -19.55
C1D CLA IS . 24.89 -28.64 -18.90
C2D CLA IS . 24.92 -27.19 -18.68
C3D CLA IS . 23.78 -26.69 -19.26
C4D CLA IS . 23.07 -27.85 -19.83
CMD CLA IS . 25.99 -26.48 -17.99
CAD CLA IS . 22.98 -25.51 -19.54
OBD CLA IS . 23.12 -24.36 -19.15
CBD CLA IS . 21.82 -25.96 -20.47
CGD CLA IS . 20.50 -25.55 -19.90
O1D CLA IS . 19.77 -26.19 -19.17
O2D CLA IS . 20.11 -24.30 -20.27
CED CLA IS . 18.71 -24.03 -20.24
MG CLA JS . 11.95 -36.63 -23.78
CHA CLA JS . 8.90 -35.49 -22.13
CHB CLA JS . 10.55 -39.48 -24.99
CHC CLA JS . 14.92 -37.40 -25.39
CHD CLA JS . 13.51 -33.51 -22.63
NA CLA JS . 9.98 -37.48 -23.65
C1A CLA JS . 8.82 -36.87 -22.94
C2A CLA JS . 7.71 -37.96 -23.27
C3A CLA JS . 8.37 -39.22 -23.84
C4A CLA JS . 9.73 -38.68 -24.23
CMA CLA JS . 8.47 -40.36 -22.87
CAA CLA JS . 6.75 -37.72 -24.45
CBA CLA JS . 5.29 -37.93 -24.08
CGA CLA JS . 4.46 -38.43 -25.22
O1A CLA JS . 4.34 -37.96 -26.35
O2A CLA JS . 3.76 -39.56 -24.90
NB CLA JS . 12.61 -38.17 -24.91
C1B CLA JS . 11.85 -39.17 -25.39
C2B CLA JS . 12.60 -39.97 -26.40
C3B CLA JS . 13.83 -39.38 -26.52
C4B CLA JS . 13.86 -38.24 -25.56
CMB CLA JS . 12.04 -41.13 -27.11
CAB CLA JS . 14.95 -39.71 -27.36
CBB CLA JS . 14.95 -39.56 -28.68
NC CLA JS . 13.87 -35.69 -23.94
C1C CLA JS . 14.93 -36.20 -24.61
C2C CLA JS . 16.08 -35.33 -24.50
C3C CLA JS . 15.66 -34.21 -23.78
C4C CLA JS . 14.27 -34.43 -23.42
CMC CLA JS . 17.40 -35.60 -25.10
CAC CLA JS . 16.48 -33.05 -23.41
CBC CLA JS . 16.77 -32.98 -21.93
ND CLA JS . 11.39 -34.83 -22.57
C1D CLA JS . 12.18 -33.66 -22.22
C2D CLA JS . 11.33 -32.75 -21.42
C3D CLA JS . 10.10 -33.36 -21.31
C4D CLA JS . 10.14 -34.64 -22.03
CMD CLA JS . 11.77 -31.45 -20.90
CAD CLA JS . 8.76 -33.21 -20.84
OBD CLA JS . 8.22 -32.27 -20.28
CBD CLA JS . 8.04 -34.54 -21.23
CGD CLA JS . 7.58 -35.12 -19.91
O1D CLA JS . 8.23 -35.75 -19.09
O2D CLA JS . 6.28 -34.84 -19.62
CED CLA JS . 6.02 -33.81 -18.68
C1 CLA JS . 4.49 -40.78 -24.70
C2 CLA JS . 5.63 -40.80 -25.65
C3 CLA JS . 6.61 -41.71 -25.63
C4 CLA JS . 6.64 -42.82 -24.67
C5 CLA JS . 7.73 -41.63 -26.62
C1 BCR KS . 41.77 -48.24 -3.36
C2 BCR KS . 42.65 -48.25 -2.13
C3 BCR KS . 44.04 -47.83 -2.50
C4 BCR KS . 44.03 -46.42 -2.99
C5 BCR KS . 42.95 -46.18 -3.96
C6 BCR KS . 41.90 -46.98 -4.15
C7 BCR KS . 40.85 -46.72 -5.14
C8 BCR KS . 39.90 -45.80 -4.95
C9 BCR KS . 38.72 -45.67 -5.80
C10 BCR KS . 38.51 -44.51 -6.44
C11 BCR KS . 37.21 -44.03 -6.88
C33 BCR KS . 43.12 -44.93 -4.73
C31 BCR KS . 40.35 -48.50 -2.91
C32 BCR KS . 42.23 -49.41 -4.22
C34 BCR KS . 37.66 -46.68 -5.67
C12 BCR KS . 37.14 -43.10 -7.83
C13 BCR KS . 36.51 -41.80 -7.68
C14 BCR KS . 35.95 -41.22 -8.74
C15 BCR KS . 35.55 -39.83 -8.79
C16 BCR KS . 34.47 -39.44 -9.48
C17 BCR KS . 34.16 -38.04 -9.62
C18 BCR KS . 33.16 -37.53 -10.35
C19 BCR KS . 32.92 -36.10 -10.34
C20 BCR KS . 32.25 -35.47 -11.32
C21 BCR KS . 31.47 -34.28 -11.02
C22 BCR KS . 31.09 -33.36 -11.91
C23 BCR KS . 29.67 -33.08 -12.10
C24 BCR KS . 29.13 -32.89 -13.31
C25 BCR KS . 27.96 -32.06 -13.62
C26 BCR KS . 28.11 -30.77 -13.93
C27 BCR KS . 27.02 -29.83 -14.26
C28 BCR KS . 25.75 -30.55 -14.64
C29 BCR KS . 25.50 -31.67 -13.66
C30 BCR KS . 26.61 -32.70 -13.63
C35 BCR KS . 36.70 -41.03 -6.44
C36 BCR KS . 32.27 -38.38 -11.14
C37 BCR KS . 32.07 -32.75 -12.84
C38 BCR KS . 29.42 -30.10 -13.94
C39 BCR KS . 26.51 -33.67 -14.79
C40 BCR KS . 26.35 -33.51 -12.36
C1 BCR LS . 23.98 -50.74 19.86
C2 BCR LS . 23.18 -50.84 21.16
C3 BCR LS . 24.07 -50.85 22.37
C4 BCR LS . 24.92 -49.61 22.38
C5 BCR LS . 25.72 -49.55 21.14
C6 BCR LS . 25.32 -50.09 19.99
C7 BCR LS . 26.13 -50.01 18.77
C8 BCR LS . 27.17 -50.81 18.54
C9 BCR LS . 27.79 -50.94 17.23
C10 BCR LS . 29.01 -51.46 17.09
C11 BCR LS . 29.82 -51.32 15.91
C33 BCR LS . 27.02 -48.88 21.30
C31 BCR LS . 23.10 -49.98 18.90
C32 BCR LS . 24.14 -52.15 19.34
C34 BCR LS . 27.01 -50.47 16.07
C12 BCR LS . 30.73 -52.26 15.59
C13 BCR LS . 31.93 -52.02 14.81
C14 BCR LS . 32.77 -53.03 14.58
C15 BCR LS . 34.08 -52.85 13.99
C16 BCR LS . 34.88 -53.91 13.75
C17 BCR LS . 36.26 -53.66 13.44
C18 BCR LS . 37.11 -54.50 12.84
C19 BCR LS . 38.43 -54.03 12.49
C20 BCR LS . 39.28 -54.72 11.74
C21 BCR LS . 40.66 -54.31 11.64
C22 BCR LS . 41.29 -54.01 10.49
C23 BCR LS . 42.70 -54.34 10.37
C24 BCR LS . 43.34 -54.43 9.20
C25 BCR LS . 44.24 -53.46 8.58
C26 BCR LS . 44.00 -52.98 7.36
C27 BCR LS . 44.82 -52.01 6.60
C28 BCR LS . 45.84 -51.35 7.47
C29 BCR LS . 46.46 -52.38 8.39
C30 BCR LS . 45.46 -53.02 9.32
C35 BCR LS . 32.31 -50.63 14.46
C36 BCR LS . 36.69 -55.83 12.38
C37 BCR LS . 40.69 -53.06 9.55
C38 BCR LS . 42.81 -53.40 6.58
C39 BCR LS . 45.11 -52.10 10.47
C40 BCR LS . 46.17 -54.21 9.95
#